data_9H4N
#
_entry.id   9H4N
#
_cell.length_a   1.00
_cell.length_b   1.00
_cell.length_c   1.00
_cell.angle_alpha   90.00
_cell.angle_beta   90.00
_cell.angle_gamma   90.00
#
_symmetry.space_group_name_H-M   'P 1'
#
loop_
_entity.id
_entity.type
_entity.pdbx_description
1 polymer 'Large ribosomal subunit protein uL30'
2 polymer 'Large ribosomal subunit protein eL8'
3 polymer 'Large ribosomal subunit protein uL6'
4 polymer 'Large ribosomal subunit protein uL16-like'
5 polymer 'Large ribosomal subunit protein uL5'
6 polymer 'Large ribosomal subunit protein eL13'
7 polymer '60S ribosomal protein L14'
8 polymer '60S ribosomal protein L15'
9 polymer '28S ribosomal RNA'
10 polymer '5S ribosomal RNA'
11 polymer '5.8S ribosomal RNA'
12 polymer 'Large ribosomal subunit protein uL2'
13 polymer 'Large ribosomal subunit protein uL3'
14 polymer 'Large ribosomal subunit protein uL4'
15 polymer 'Large ribosomal subunit protein uL18'
16 polymer '60S ribosomal protein L6'
17 polymer 'Large ribosomal subunit protein uL13'
18 polymer '60S ribosomal protein L17'
19 polymer 'Large ribosomal subunit protein eL18'
20 polymer 'Large ribosomal subunit protein eL19'
21 polymer 'Large ribosomal subunit protein eL20'
22 polymer 'Large ribosomal subunit protein eL21'
23 polymer 'Large ribosomal subunit protein eL22'
24 polymer '60S ribosomal protein L23'
25 polymer 'Large ribosomal subunit protein eL24'
26 polymer '60S ribosomal protein L23a'
27 polymer 'Large ribosomal subunit protein uL24'
28 polymer 'Large ribosomal subunit protein eL27'
29 polymer '60S ribosomal protein L27a'
30 polymer 'Large ribosomal subunit protein eL29'
31 polymer 'Large ribosomal subunit protein eL30'
32 polymer 'Large ribosomal subunit protein eL31'
33 polymer 'Large ribosomal subunit protein eL32'
34 polymer '60S ribosomal protein L35a'
35 polymer '60S ribosomal protein L34'
36 polymer 'Large ribosomal subunit protein uL29'
37 polymer 'Large ribosomal subunit protein eL36'
38 polymer 'Large ribosomal subunit protein eL37'
39 polymer '60S ribosomal protein L38'
40 polymer 'Large ribosomal subunit protein eL39'
41 polymer 'Large ribosomal subunit protein eL40'
42 polymer 'Small ribosomal subunit protein eS32'
43 polymer 'Large ribosomal subunit protein eL42'
44 polymer 'Large ribosomal subunit protein eL43'
45 polymer 'Large ribosomal subunit protein eL28'
46 polymer '18S ribosomal RNA'
47 polymer 'Transfer RNA'
48 polymer 'Small ribosomal subunit protein eS1'
49 polymer 'Small ribosomal subunit protein uS3'
50 polymer 'Small ribosomal subunit protein eS4'
51 polymer 'Small ribosomal subunit protein uS17'
52 polymer '40S ribosomal protein S17'
53 polymer 'Small ribosomal subunit protein uS2'
54 polymer '40S ribosomal protein S5'
55 polymer '40S ribosomal protein S10'
56 polymer 'Small ribosomal subunit protein uS19'
57 polymer 'Small ribosomal subunit protein uS9'
58 polymer 'Small ribosomal subunit protein uS13'
59 polymer 'Small ribosomal subunit protein eS19'
60 polymer '40S ribosomal protein S20'
61 polymer 'Small ribosomal subunit protein eS21'
62 polymer 'Small ribosomal subunit protein uS12'
63 polymer '40S ribosomal protein S28'
64 polymer 'Small ribosomal subunit protein uS14'
65 polymer 'Receptor of activated protein C kinase 1'
66 polymer 'Small ribosomal subunit protein uS5'
67 polymer '40S ribosomal protein S6'
68 polymer 'Small ribosomal subunit protein uS4'
69 polymer 'Small ribosomal subunit protein uS15'
70 polymer 'Small ribosomal subunit protein uS8'
71 polymer 'Small ribosomal subunit protein eS24'
72 polymer 'Small ribosomal subunit protein eS27-like'
73 polymer '40S ribosomal protein S30'
74 polymer 'Messenger RNA'
75 polymer 'Small ribosomal subunit protein eS26'
76 polymer 'Small ribosomal subunit protein uS11'
77 non-polymer 'ZINC ION'
78 non-polymer 'MAGNESIUM ION'
79 water water
#
loop_
_entity_poly.entity_id
_entity_poly.type
_entity_poly.pdbx_seq_one_letter_code
_entity_poly.pdbx_strand_id
1 'polypeptide(L)'
;ELKVKRLRKKFALKTLRKARRKLIYEKAKHYHKEYRQMYRTEIRMARMARKAGNFYVPAEPKLAFVIRIRGINGVSPKVR
KVLQLLRLRQIFNGTFVKLNKASINMLRIVEPYIAWGYPNLKSVNELIYKRGYGKINKKRIALTDNSLIARSLGKFGIIC
MEDLIHEIYTVGKRFKEANNFLWPFKLSSPRGGMKKKTTHFVEGGDAGNREDQINRLIRRMN
;
A1
2 'polypeptide(L)'
;VNPLFEKRPKNFGIGQDIQPKRDLTRFVKWPRYIRLQRQRAILYKRLKVPPAINQFTQALDRQTATQLLKLAHKYRPETK
QEKKQRLLARAEKKAAGKGDVPTKRPPVLRAGVNTVTTLVENKKAQLVVIAHDVDPIELVVFLPALCRKMGVPYCIIKGK
ARLGHLVHRKTCTTVAFTQVNSEDKGALAKLVEAIRTNYNDRYDEIRRHWGGNVLGPKSVARIAKLEKAKAK
;
B1
3 'polypeptide(L)'
;MKTILSNQTVDIPENVEITLKGRTVIVKGPRGTLRRDFNHINVELSLLGKKKKRLRVDKWWGNRKELATVRTICSHVQNM
IKGVTLGFRYKMRSVYAHFPINVVIQENGSLVEIRNFLGEKYIRRVRMRTGVACSVSQAQKDELILEGNDIELVSNSAAL
IQQATTVKNKDIRKFLDGIYVSEKGTVQQA
;
C1
4 'polypeptide(L)'
;GRRPARCYRYCKNKPYPKSRFCRGVPDAKIRIFDLGRKKAKVDEFPLCGHMVSDEYEQLSSEALEAARICANKYMVKSCG
KDGFHIRVRLHPFHVIRINKMLSCAGADRLQTGMRGAFGKPQGTVARVHIGQVIMSIRTKLQNKEHVIEALRRAKFKFPG
RQKIHISKKWGFTKFNADEFEDKVAAKRLIPDGCGVKYIPERGPLDKWRALHS
;
D1
5 'polypeptide(L)'
;QDQGEKENPMRELRIRKLCLNICVGESGDRLTRAAKVLEQLTGQTPVFSKARYTVRSFGIRRNEKIAVHCTVRGAKAEEI
LEKGLKVREYELRKNNFSDTGNFGFGIQEHIDLGIKYDPSIGIYGLDFYVVLGRPGFSIADKKRRTGCIGAKHRISKEEA
MRWFQQKYDGIILP
;
E1
6 'polypeptide(L)'
;APSRNGMILKPHFHKDWQQRVDTWFNQPARKIRRRKARQAKARRIAPRPASGPIRPIVRCPTVRYHTKVRAGRGFSLEEL
RVAGIHKKVARTIGISVDPRRRNKSTESLQANVQRLKEYRSKLILFPRKPSAPKKGDSSAEELKLATQLTGPVMPIRNVY
KKEKARVITEEEKNFKAFASLRMARANARLFGIRAKRAKEAAE
;
F1
7 'polypeptide(L)'
;VFRRYVEVGRVAYISFGPHAGKLVAIVDVIDQNRALVDGPCTRVRRQAMPFKCMQLTDFILKFPHSARQKYVRKAWEKAD
INTKWAATRWAKKIDARERKAKMTDFDRFKVMKAKKMRNRIIKTEVKKLQRAAILKASP
;
G1
8 'polypeptide(L)'
;GAYKYIQELWRKKQSDVMRFLLRVRCWQYRQLSALHRAPRPTRPDKARRLGYKAKQGYVIYRIRVRRGGRKRPVPKGATY
GKPVHHGVNQLKFARSLQSVAEERAGRHCGALRVLNSYWVGEDSTYKFFEVILIDPFHKAIRRNPDTQWITKPVHKHREM
RGLTSAGRKSRGLGKGHKFHHTIGGSRRAAWRRRNTLQLHRYR
;
H1
9 'polyribonucleotide'
;CGCGACCUCAGAUCAGACGUGGCGACCCGCUGAAUUUAAGCAUAUUAGUCAGCGGAGGAAAAGAAACUAACCAGGAUUCC
CUCAGUAACGGCGAGUGAACAGGGAAGAGCCCAGCGCCGAAUCCCCGCCGCGCGUCGCGGCGUGGGAAAUGUGGCGUACG
GAAGACCCACUCCCCGGCGCCGCUCGUGGGGGGCCCAAGUCCUUCUGAUCGAGGCCCAGCCCGUGGACGGUGUGAGGCCG
GUAGCGGCCCCCGGCGCGCCGGGCUCGGGUCUUCCCGGAGUCGGGUUGCUUGGGAAUGCAGCCCAAAGCGGGUGGUAAAC
UCCAUCUAAGGCUAAAUACCGGCACGAGACCGAUAGUCAACAAGUACCGUAAGGGAAAGUUGAAAAGAACUUUGAAGGGA
GAGUUCAAGAGGGCGUGAAACCGUUAAGAGGUAAACGGGUGGGGUCCGCGCAGUCCGCCCGGAGGAUUCAACCCGGCGGC
GUCCGGCCGUGCCGGUGGGCGGAUCUUGGGACCGCCCCCGGCCGGCGACCGGCCGCCGCCGGGCGCACUUCCACCGUGGC
GGUGCGCCGCGACCGGCUCCGGGACGGCCGGGAAGGCCCGGUGGGGAAGGUGGCUCGGGGGGGGCUCACCCCGAGUGUUA
CAGCCCUCCGGCCGCGCUUUUCGCCGAAUCCCGGGGCCGAGGAAGACCGUCGCCGCGCUCUCCCUCUCCCGGGUGGGGGC
CGGGCCGCCCCUCCCACGGCGCGACCGCUCCGGGGCGGACUGUCCCCAGUGCGCCCCGGGCGUCGUCGCGCCGUCGGGUC
CCGGGGGCGUCGGUCACGCGUGACGAAGCCGAGCGCACGGGGUCGGCGGCGAUGUCGGCUACCCACCCGACCCGUCUUGA
AACCCGGACCAAGGAGUCUAACGCGUGCGCGAGUCAGGGGCUCGUCCGAAAGCCGCCGUGGCGCAAUGAAGGUGAAGGGC
CCCGCCCGGGGGCCCGAGGUGGGAUCCCGAGGCCUCUCCAGUCCGCCGAGGGCGCACCACCGGCCCGUCUCGCCCGCCGC
GCCGGGGAGGUGGAGCACGAGCGUACGCGUUAG(2MG)ACCC(OMG)AAAGAUGGUGAACUAUGCUUGGGCAGGGCGAAG
CCAGAGGAAACUCUGGUGGAGGUCCGUAGCGGUCCUGACGUGCAAAUCGGUCGUCCGACCUGGGUAUAG(OMG)GGCGAA
AGACUAAUCGAACCAUCUAGUAGCUGGUUCCCUCCGAAGUUUCCCUCAGGAUAGCUGGCGCUCUCGCUACGCAGUUUUAU
CCGGUAAAGCGAAUGAUUAGAGGUCUUGGGGCAUCUCAACCUAUUCUCAAACUUUAAAUGGGUAAGAAGCCCGGCUCGCU
GGCGUGGAGCCGGGCGUGGAAUGCGAGUGCCUAGUGGGCCACUUUUGGGAAGCAGAACUGGCGCUGCGGGAUGAACCGAA
CGCCGGGUUAAAGCGCCCGAUGCCGACGCUCAUCAGACCCCAGAAAAGGUGUUGGUUGAUAUAGACAGCAGGACCUGCCG
AAUCAACUAGCCCUGAAAAUGGAUGGCGCUGGAGCGUCGGGCCCAUACCCGGCCGUCGCCGGCAGUCGGAACGGAACGGG
ACGGGAGCGUCGGGCCCCGCGGAGCCUACGCCGCGACGAGUAGGAGGGCCGCUGCGGUGAGCCUUGAAGCCUAGGGCGCG
GGCCCGGGUGGAGCCGCCGCAGGUGCAGAUCUUGGUGGUAGUA(OMG)(OMC)AAAUAUUCAAACGAGAACUUUGAAGGC
CGAAGUGGAGAAGGGUUCCAUGUGAACAG(OMC)A(OMG)UUGAACAUGGGUCAGUCGGUCCUGAGAGAUGGGCGAGUGC
CGUUCCGAAGGGACGGGCGAUGGCCUCCGUUGCCCUCGGCCGAUCGAAAGGGAGUCGGGUUCAGAUCCCCGAAUCCGGAG
UGGCGGAGAUGGGCGCCGCGAGGCGUCCAGUGCGGUAACGCGACCGAUCCCGGAGAAGCCGGCGGGAGCCUCGGGGAGAG
UUCUCUUUUCUUUGUGAAGGGCAGGGCGCCCUGGAAUGGGUUCGCCCCGAGAGAGGGGCCCGUGCCUUGGAAAGCGUCGC
GGUUCCGGCGGCGUCCGGUGAGCUCUCGCUGGCCCUUGAAAAUCCGGGGGAGAGGGUGUAAAUCUCGCGCCGGGCCGUAC
CCAUAUCCGCAGCAGGUCU(OMC)CAAGGUGAACAGCCUCUGGCAUGUUGGAACAAUGUAGGUAAGGGAAGUCGGCAAGC
(OMC)GGAUCCGUAACUUCGGGAUAAGGAUUGGCUCUAAGGGCUGGGCGGCCGGCGCCUAGCAGCCGACUUAGAACUGGU
GCGGACCAGGGGAAUCCGACUGUUUAAUUAAAACAAAGCAUCGCGAAGGCCCGCGGCGGGUGUUGACGCGAUGUGAUUUC
UGCC(OMC)AGUGCUCUGAAUGUCAAAGUGAAGAAAUUCAAUGAAGCGCGGGUAAACGGCGGGAGUAACUAUGACUCUCU
UAAGGUAGC(5MC)AAAUGCCUC(OMG)UCAUCUAAUUAGUGACGCGCAUGAAUGGAUGAACGAGAUUCCCACUGUCCCU
ACCUACUAUCCAGCGAAACCACAG(OMC)CAAGGGAACGGGCUUGG(OMC)GGAAUCAGCGGGGAAAGAAGAGCCUGUUG
AGCUUGACUCUAGUCUGGCACGGUGAAGAGACAUGAGAGGUGUAGAAUAAGUGGGAGGCCCGGCCGCCGGUGAAAUACCA
CUACUCUCAUCGUUUUUUCACUGACCCGGUGAGGCGGGGGGGCGAGCCCGGCUCUCGCUUCUGGCGCCAAGCGUCCGUCC
CGGCGGGCGGGCGCGACCCGCUCCGGGGACAGUGCCAGGUGGGGAGUUUGACCG(OMG)GGCGGUACACCUGUCAAACGG
UAACGCAGGUGUCCUAAGGCGAGCUCAGGGAGGACAGAAACCUCCCGUGGAGCAGAAGGGCAAAAGCUCGCUUGAUCUUG
AUUUUCAGGACGAAUACAGACCGUGAAAGCGGGGCCUCACGAUCCUUCUGACCUUUUUGGUUUUAAGCAGGAGAUGUCAG
AAAAGUUACCACAGGGAUAACUGGCUUGUGGCGGCCA(1MA)GCGUUCAUAGCGACGUCGCUUUUUGAUCCUU(5MC)GA
UGUCGGCUCUUCCUAUCAUUGUGAAGCAGAAUUUACCAAGCGUU(OMG)GAUUGUUCACCCACUAAUAGGGAACGUGAGC
UGGGUUUAGA(OMC)CGUCGUGAGACAGGUUAGUUUUACCCUACUGAUGAUGUGUUGUUGCCAUGGUAAUCCUGCCCAGU
ACGAGAGGAACCGCAGGUUCA(OMG)ACAUUUGGUGUAU(OMG)UGCUUGGCUGAGGAGCCAAUGGGGCGAAGCUACCAU
CUGUGGGAUUAUGACUGAACGCCUCUAAGUCAGAAUCCCGCCCAGGCGGAACGAUACGGCAGCGCCGAGGAGCCUCGGUU
GGCCCCGGAUAGCCGGGCCCCGUCCGUCCCGGCGUCGGGACCGGGGUCCGGU(OMG)C(2MG)GAGAGCCGUUCGUCUUG
GGAAACGGGGUGCGGCCGGAAAGGGGGCCGCCCUCUCGCCCGUCACGUUGACGCACGUUCGUGUGGAACCUGGCGCUAAA
CCAUUCGUAGACGACCUGCUUCUGGGUCGGGGUUUCGUACGUAGCAGAGCAGCUCCCUCGCUGCGAUCUAUUGAAAGUCA
GCCCUCGACACAAGGGUUUGU
;
A2
10 'polyribonucleotide'
;GUCUACGGCCAUACCACCCUGAACGCGCCCGAUCUCGUCUGAUCUCGGAAGCUAAGCAGGGUCGGGCCUGGUUAGUACUU
GGAUGGGAGACCGCCUGGGAAUACCGGGUGCUGUAGGCUU
;
B2
11 'polyribonucleotide'
;CGACUCUUAGCGGUGGAUCACUCGGCUCGUGCGUCGAUGAAGAACGCAGCUAGCUGCGAGAAUUAAUGUGAAUUGCAGGA
CACAUUGAUCAUCGACACUUCGAACGCACUUGCGGCCCCGGGUUCCUCCCGGGGCUACGCCUGUCUGAGCGUCGCU
;
C2
12 'polypeptide(L)'
;GRVIRGQRKGAGSVFRAHVKHRKGAARLRAVDFAERHGYIKGIVKDIIHDPGRGAPLAKVVFRDPYRFKKRTELFIAAEG
IHTGQFVYCGKKAQLNIGNVLPVGTMPEGTIVCCLEEKPGDRGKLARASGNYATVISHNPETKKTRVKLPSGSKKVISSA
NRAVVGVVAGGGRIDKPILKAGRAYHKYKAKRNCWPRVRGVAMNPVEHPFGGGNHQHIGKPSTIRRDAPAGRKVGLIAAR
RTGRLRGTKTV
;
D2
13 'polypeptide(L)'
;SHRKFSAPRHGSLGFLPRKRSSRHRGKVKSFPKDDASKPVHLTAFLGYKAGMTHIVREVDRPGSKVNKKEVVEAVTIVET
PPMVVVGIVGYVETPRGLRTFKTVFAEHISDECKRRFYKNWHKSKKKAFTKYCKKWQDDTGKKQLEKDFNSMKKYCQVIR
IIAHTQMRLLPLRQKKAHLMEIQVNGGTVAEKLDWARERLEQQVPVNQVFGQDEMIDVIGVTKGKGYKGVTSRWHTKKLP
RKTHRGLRKVACIGAWHPARVAFSVARAGQKGYHHRTEINKKIYKIGQGYLIKDGKLIKNNASTDYDLSDKSINPLGGFV
HYGEVTNDFIMLKGCVVGTKKRVLTLRKSLLVQTKRRALEKIDLKFIDTTSKFGHGRFQTMEEKKAFMGPLKKDRIAKEE
GA
;
E2
14 'polypeptide(L)'
;ACARPLISVYSEKGESSGKNVTLPAVFKAPIRPDIVNFVHTNLRKNNRQPYAVSELAGHQTSAESWGTGRAVARIPRVRG
GGTHRSGQGAFGNMCRGGRMFAPTKTWRRWHRRVNTTQKRYAICSALAASALPALVMSKGHRIEEVPELPLVVEDKVEGY
KKTKEAVQLLKKLKAWNDIKKVYASQRMRAGKGKMRNRRRIQRRGPCIIYNEDNGIIKAFRNIPGITLLNVSKLNILKLA
PGGHVGRFCIWTESAFRKLDELYGTWRKAASLKSNYNLPMHKMMNTDLSRILKSPEIQRALRAPRKKIHRRVLKKNPLKN
LRIMLKLNPYAKTMRRNTILRQARNHKLRVKKLEAAATA
;
F2
15 'polypeptide(L)'
;GFVKVVKNKAYFKRYQVRFRRRREGKTDYYARKRLVIQDKNKYNTPKYRMIVRVTNRDIICQIAYARIEGDMIVCAAYAH
ELPKYGVKVGLTNYAAAYCTGLLLARRLLNRFGMDKIYEGQVEVNGGEYNVESIDGQPGAFTCYLDAGLARTTTGNKVFG
ALKGAVDGGLSIPHSTKRFPGYDSESKEFNAEVHRKHIMGQNVADYMRYLMEEDEDAYKKQFSQYIKNNVTPDMMEEMYK
KAHAAIRENPVYEKKPKREVKKKRWNRPKMSLAQKKDRVAQKKASFLRAQERA
;
G2
16 'polypeptide(L)'
;KAKPHCSRNPVLVRGIGRYSRSAMYSRKALYKRKYLATVTKTVGGDKNGGTRVVKLRKMPRYYPTEDVPRKLLSHGKKPF
SQHVRRLRSSITPGTVLIILTGRHRGKRVVFLKQLDSGLLLVTGPLVINRVPLRRTHQKFVIATSTKVDISDVKIPKHLT
DAYFKKKQLREKYEITEQRKADQKAVDLQILPKIKAVPQLQGYLRSQFSLTNGMYPHKLVF
;
H2
17 'polypeptide(L)'
;EGQVLVLDGRGHLLGRLAAIVAKQVLLGRKVVVVRCEGINISGNFYRNKLKYLAFLRKRMNTNPSRGPYHFRAPSRIFWR
TVRGMLPHKTKRGQAALERLKVLDGIPPPYDKKKRMVVPAALKVVRLKPTRKFAYLGRLAHEVGWKYQAVTATLEEKRKE
KAKMHYRKKKQILRLRKQAEKNVEKKICKFTEVLKTNGLLV
;
I2
18 'polypeptide(L)'
;VRYSLDPENPTKSCKSRGSNLRVHFKNTRETAQAIKGMHIRKATKYLKDVTLKKQCVPFRRYNGGVGRCAQAKQWGWTQG
RWPKKSAEFLLHMLKNAESNAELKGLDVDSLVIEHIQVNKAPKMRRRTYRAHGRINPYMSSPCHIEMILTEKE
;
J2
19 'polypeptide(L)'
;VDIRHNKDRKVRRKEPKSQDIYLRLLVKLYRFLARRTNSTFNQVVLKRLFMSRTNRPPLSLSRMIRKMKLPGRENKTAVV
VGTVTDDVRILEVPKLKVCALRVSSRARSRILKAGGKILTFDQLALESPKGRGTVLLSGPRKGREVYRHFGKAPGTPHSH
TKPYVRSKGRKFERARGRRASRGYKN
;
K2
20 'polypeptide(L)'
;SMLRLQKRLASSVLRCGKKKVWLDPNETNEIANANSRQQIRKLIKDGLIIRKPVTVHSRARCRKNTLARRKGRHMGIGKR
KGTANARMPEKVTWMRRMRILRRLLRRYRESKKIDRHMYHSLYLKVKGNVFKNKRILMEHIHKLKADKARKKLLADQAEA
RRSK
;
L2
21 'polypeptide(L)'
;KASGTLREYKVVGRCLPTPKCHTPPLYRMRIFAPNHVVAKSRFWYFVSQLKKMKKSSGEIVYCGQVFEKSPLRVKNFGIW
LRYDSRSGTHNMYREYRDLTTAGAVTQCYRDMGARHRARAHSIQIMKVEEIAAGKCRRPAVKQFHDSKIKFPLPHRVLRR
QHKPRFTTKRPNTFF
;
M2
22 'polypeptide(L)'
;TNTKGKRRGTRYMFSRPFRKHGVVPLATYMRIYKKGDIVDIKGMGTVQKGMPHKCYHGKTGRVYNVTQHAVGIIVNKQVK
GKILAKRINVRIEHIKHSKSRDSFLKRVKENDQKKKEAKEKGTWVQLKRQPAPPREAHFVRTNGKEPELLEPIPYEFMA
;
N2
23 'polypeptide(L)'
;QVLKFTLDCTHPVEDGIMDAANFEQFLQERIKVNGKAGNLGGGVVTIERSKSKITVTSEVPFSKRYLKYLTKKYLKKNNL
RDWLRVVANSKESYELRYFQI
;
O2
24 'polypeptide(L)'
;AKFRISLGLPVGAVINCADNTGAKNLYIISVKGIKGRLNRLPAAGVGDMVMATVKKGKPELRKKVHPAVVIRQRKSYRRK
DGVFLYFEDNAGVIVNNKGEMKGSAITGPVAKECADLWPRIASNAGSIA
;
P2
25 'polypeptide(L)' MKVELCSFSGYKIYPGHGRRYARTDGKVFQFLNAKCESAFLSKRNPRQINWTVLYRRKHKKG Q2
26 'polypeptide(L)'
;KIRTSPTFRRPKTLRLRRQPKYPRKSAPRRNKLDHYAIIKFPLTTESAMKKIEDNNTLVFIVDVKANKHQIKQAVKKLYD
IDVAKVNTLIRPDGEKKAYVRLAPDYDALDVANKIGII
;
R2
27 'polypeptide(L)'
;MKFNPFVTSDRSKNRKRHFNAPSHIRRKIMSSPLSKELRQKYNVRSMPIRKDDEVQVVRGHYKGQQIGKVVQVYRKKYVI
YIERVQREKANGTTVHVGIHPSKVVITRLKLDKDRKKILERKAKSRQVGKEKGK
;
S2
28 'polypeptide(L)'
;GKFMKPGKVVLVLAGRYSGRKAVIVKNIDDGTSDRPYSHALVAGIDRYPRKVTAAMGKKKIAKRSKIKSFVKVYNYNHLM
PTRYSVDIPLDKTVVNKDVFRDPALKRKARREAKVKFEERYKTGKNKWFFQKLRF
;
T2
29 'polypeptide(L)'
;PSRLRKTRKLRGHVSHGHGRIGKHRKHPGGRGNAGGMHHHRINFDKYHPGYFGKVGMRHYHLKRNQSFCPTVNLDKLWTL
VSEQTRVNAAKNKTGVAPIIDVVRSGYYKVLGKGKLPKQPVIVKAKFFSRRAEEKIKGVGGACVLVA
;
U2
30 'polypeptide(L)'
;AKSKNHTTHNQSRKWHRNGIKKPRSQRYESLKGVDPKFLRNMRFAKKHNKKGLKKMQANNAKAVSARAEAIKALVKPQAI
KPKMPKGPKLKRLAFIAHPKLGKRIRSYMAKGQRLCQ
;
V2
31 'polypeptide(L)'
;SINSRLQLVMKSGKYVLGYKQTLKMIRQGKAKLVILANNCPALRKSEIEYYAMLAKTGVHHYSGNNIELGTACGKYYRVC
TLAIIDPGDSDIIR
;
W2
32 'polypeptide(L)'
;NEVVTREYTINIHKRIHGVGFKKRAPRALKEIRKFAMKEMGTPDVRIDTRLNKAVWAKGIRNVPYRIRVRLSRKRNEDED
SPNKLYTLVTYVPVTTFKNLQTVNVDE
;
X2
33 'polypeptide(L)'
;AALRPLVKPKIVKKRTKKFIRHQSDRYVKIKRNWRKPRGIDNRVRRRFKGQILMPNIGYGSNKKTKHMLPSGFRKFLVHN
VKELEVLLMCNKSYCAEIAHNVSSKNRKAIVERAAQLAIRVTNPNARL
;
Y2
34 'polypeptide(L)'
;SGRLWCKAIFAGYKRGLRNQREHTALLKIEGVYARDETEFYLGKRCAYVYKAKNNTVTPGGKPNKTRVIWGKVTRAHGNS
GMVRAKFRSNLPAKAIGHRIRVMLYPSRI
;
Z2
35 'polypeptide(L)'
;VQRLTYRRRLSYNTASNKTRLSRTPGNRIVYLYTKKVGKAPKSACGVCPGRLRGVRAVRPKVLMRLSKTQKHVSRAYGGS
MCAKCVRDRIKRAFLIEEQKIVVKVLKAQAQSQK
;
a2
36 'polypeptide(L)'
;IKARDLRGKKKEELLKQLDDLKVELSQLRVAKVTGGAASKLSKIRVVRKSIARVLTVINQTQKENLRKFYKGKKYKPLDL
RPKKTRAMRRRLTKHEEKLKTKKQQRKERLYPLRKYAVKA
;
b2
37 'polypeptide(L)'
;ALRYPMAVGLNKGHKVTKNVSKPRHSRRRGRLTKHTKFVRDMIREVCGFAPYERRAMELLKVSKDKRALKFIKKRVGTHI
RAKRKREELSNVLAAMRKAAAK
;
c2
38 'polypeptide(L)'
;TKGTSSFGKRRNKTHTLCRRCGSKAYHLQKSTCGKCGYPAKRKRKYNWSAKAKRRNTTGTGRMRHLKIVYRRFRHGFREG
TTPKPK
;
d2
39 'polypeptide(L)' PRKIEEIKDFLLTARRKDAKSVKIKKNKDNVKFKVRCSRYLYTLVITDKEKAEKLKQSLPPGLAVKDLK e2
40 'polypeptide(L)' SSHKTFRIKRFLAKKQKQNRPIPQWIRMKTGNKIRYNSKRRHWRRTKLGL f2
41 'polypeptide(L)' IIEPSLRQLAQKYNCDKMICRKCYARLHPRAVNCRKKKCGHTNNLRPKKKVK g2
42 'polypeptide(L)' MRAKWRKKRMRRLKRKRRKMRQRS h2
43 'polypeptide(L)'
;VNVPKTRRTFCKKCGKHQPHKVTQYKKGKDSLYAQGKRRYDRKQSGYGGQTKPIFRKKAKTTKKIVLRLECVEPNCRSKR
MLAIKRCKHFELGGDKKRKGQVI
;
i2
44 'polypeptide(L)'
;RTKKVGIVGKYGTRYGASLRKMVKKIEISQHAKYTCSFCGKTKMKRRAVGIWHCGSCMKTVAGGAWTYNTTSAVTVKSAI
RRLKELKDQ
;
j2
45 'polypeptide(L)'
;SAHLQWMVVRNCSSFLIKRNKQTYSTEPNNLKARNSFRYNGLIHRKTVGVEPAADGKGVVVVMKRRSGQRKPATSYVRTT
INKNARATLSSIRHMIRKNKYRPDLRMAAIRRASAILRSQKPVVV
;
k2
46 'polyribonucleotide'
;UACCUGGUUGAUCCUGCCAGUAGCAUAUGCUUGUCUCAAAGAUUAAGCCAUGCAUGUCUAAGUACGCACGGCCGGUACAG
UGAAACUGCGAAUGGCUCAUUAAAUCAGUUAUGGUUCCUUUGGUCGCUCGUACUUGGAUAACUGUGGUAAUUCUAGAGCU
AAUACAUGCCGACGGGCGCUGACCCCCCUUCCCGGGGGGGGAUGCGUGCAUUUAUCAGAUGGUGACUCUAGAUAACCUCG
GGCCGAUCGCACGCCCCCCGUGGCGGCGACGACCCAUUCGAACGUCUGCCCUAUCAACUUUCGAUGGUAGUCGCCGUGCC
UACCAUGGUGACCACGGGUGACGGGGAAUCAGGGUUCGAUUCCGGAGAGGGAGCCUGAGAAACGGCUACCACAUCCAAGG
AAGGCAGCAGGCGCGCAAAUUACCCACUCCCGACCCGGGGAGGUAGUGACGAAAAAUAACAAUACAGGACUCUUUCGAGG
CCCUGUAAUUGGAAUGAGUCCACUUUAAAUCCUUUAACGAGGAUCCAUUGGAGGGCAAGUCUGGUGCCAGCAGCCGCGGU
AAUUCCAGCUCCAAUAGCGUAUAUUAAAGUUGCUGCAGUUAAAAAGCUCGUAGUU(OMG)GAUCUUGGGAGCGGGCGUCC
CCGCCCUCUCGGCGGGGCCCGAAGCGUUUACUUUGAAAAAAUUAGAGUGUUCAAAGCAGGCCCGAGCCGCCUGGAUACCG
CAGCUAGGAAUAAUGGAAUAGGACCGCGGUUCUAUUUUGUUGGUUUUCGGAACUGAGGCCAUGAUUAAGAGGGACGGCCG
GGGGCAUUCGUAUUGCGCCGCUAGAGGUGAAAUUCUUGGACCGGCGCAAGACGGACCAGAGCGAAAGCAUUUGCCAAGAA
UGUUUUCAUUAAUCAAGAACGAAAGUCGGAGGUUCGAAGACGAUCAGAUACCGUCGUAGUUCCGACCAUAAACGAUGCCG
ACUGGCGAUGCGGCGGCGUUAUUCCCAUGACCCGCCGGGCAGCUUCCGGGAAACCAAAGUCUUUGGGUUCCGGGGGGAGU
AUGGUUGCAAAGCUGAAACUUAAAGGAAUUGACGGAAGGGCACCACCAGGAGUGGAGCCUGCGGCUUAAUUUGACCCAAC
ACGGGAAACCUCACCCGGCCCGGACACGGACAGGAUUGACAGAUUGAUAGCUCUUUCUCGAUUCCGUGGGUGGUGGUGCA
UGGCCGUUCUUAGUUGGUGGAGCGAUUUGUCUGGUUAAUUCCGAUAACGAACGAGACUCUGGCAUGCUAACUAGUUACGC
GACCCCCGAGCGGUCGGCGUCCCCCAACUUCUUAGAGGGACAAGUGGCGUUCAGCCACCCGAGAUUGAGCAAUAACAGGU
CUGUGAUGCCCUUAGAUGUCCGGGGCUGCACGCGCGCUACACUGACUGGCUCAGCGUGUGCCUACCCUGCGCCGGCAGGC
GCGGGUAACCCGUUGAACCCCAUUCGUGAUGGGGAUCGGGGAUUGCAAUUAUUCCCCAUGAACGAGGAAUUCCCAGUAAG
UGCGGGUCAUAAGCUUGCGUUGAUUAAGUCCCUGCCCUUUGUACACACCGCCCGUCGCUACUACCGAUUGGAUGGUUUAG
UGAGGCCCUCGGAUCGGCCCCGCCGGGGUGCCCUGGCGGAGCGCUGAGAAGACGGUCGAACUUGACUAUCUAGAGGAAGU
AAAAGUCGCAACAAGGUUUCCGUAGGUGAACCUGCGGAAGGAUCAUUA
;
m2
47 'polyribonucleotide' AGCAGAGUGGCGCAGCGGAAGCGUGCUGGGCCCAUAACCCAGAGGUCGAUGGAUCGAAACCAUCCUCUGCUACCA n2
48 'polypeptide(L)'
;VVDPFSKKDWYDVKAPAMFNIRNIGKTLVTRTQGTKIASDGLKGRVFEVSLADLQNDEVAFRKFKLITEDVQGKNCLTNF
HGMDLTRDKMCSMVKKWQTMIEAHVDVKTTDGYLLRLFCVGFTKKRNNQIRKTSYAQHQQVRQIRKKMMEIMTREVQTND
LKEVVNKLIPDSIGKDIEKACQSIYPLHDVFVRKVKMLKKPKFELGKLMELHGE
;
p2
49 'polypeptide(L)'
;AVQISKKRKFVADGIFKAELNEFLTRELAEDGYSGVEVRVTPTRTEIIILATRTQNVLGEKGRRIRELTAVVQKRFGFPE
GSVELYAEKVATRGLCAIAQAESLRYKLLGGLAVRRACYGVLRFIMESGAKGCEVVVSGKLRGQRAKSMKFVDGLMIHSG
DPVNYYVDTAVRHVLLRQGVLGIKVKIMLPWDPSGKIGPKKPLPDHVSIVEPKDEILPTTPISEQK
;
q2
50 'polypeptide(L)'
;ARGPKKHLKRVAAPKHWMLDKLTGVFAPRPSTGPHKLRECLPLIIFLRNRLKYALTGDEVKKICMQRFIKIDGKVRTDIT
YPAGFMDVISIDKTGENFRLIYDTKGRFAVHRITPEEAKYKLCKVRKIFVGTKGIPHLVTHDARTIRYPDPLIKVNDTIQ
IDLETGKITDFIKFDTGNLCMVTGGANLGRIGVITNRERHPGSFDVVHVKDANGNSFATRLSNIFVIGKGNKPWISLPRG
KGIRLTIAEERDKRLAAKQSSG
;
r2
51 'polypeptide(L)'
;ADIQTERAYQKQPTIFQNKKRVLLGETGKEKLPRYYKNIGLGFKTPKEAIEGTYIDKKCPFTGNVSIRGRILSGVVTKMK
MQRTIVIRRDYLHYIRKYNRFEKRHKNMSVHLSPCFRDVQIGDIVTVGECRPLSKTVRFNVLKVTKAAGTKKQ
;
w2
52 'polypeptide(L)'
;GRVRTKTVLGNDFAIIPSKKLRNKIAGYVTHLMKRIQRGPVRGISIKLQEEERERRDNYVPEVSALDQEIIEVDPDTKEM
LKLLDFGSLSNLQVTQPTVGMNFKTPRGAV
;
z2
53 'polypeptide(L)'
;GALDVLQMKEEDVLKFLAAGTHLGGTNLDFQMEQYIYKRKSDGIYIINLKRTWEKLLLAARAIVAIENPADVSVISSRNT
GQRAVLKFAAATGATPIAGRFTPGTFTNQIQAAFREPRLLVVTDPRADHQPLTEASYVNLPTIALCNTDSPLRYVDIAIP
CNNKGAHSVGLMWWMLAREVLRMRGTISREHPWEVMPDLYFYRDPEEIEKEEQA
;
o2
54 'polypeptide(L)'
;DIKLFGKPHSAGRYAAKRFRKAQCPIVERLTNSMMMHGRNNGKKLMTVRIVKHAFEIGPREDSTRIGRAGTVRRQAVDVS
PLRRVNQAIWLLCTGAREAAFRNIKTIAECLADELINAAKGSSNSYAIKKKDELERVAKSNR
;
s2
55 'polypeptide(L)' LMPEGVMVAKKDVHMPNLHVMKAMQSLKSRGYVKEQFAWRHFYWYPPEIVPATLRRSR v2
56 'polypeptide(L)'
;KKRTFRKFTYRGVDLDQLLDMSYEQLMQLYSARQRRRLNRGLRRKQHSLLKRLRKAKKEAPPMEKPEVVKTHLRDMIILP
EMVGSMVGVYNGKTFNQVEIKPEMIGHYLGEFSITYKPVKHGRPGIGATH
;
x2
57 'polypeptide(L)'
;SKGPLQSVQVFGRKKTATAVAHCKRGNGLIKVNGRPLEMIEPRTLQYKLLEPVLLLGKERFAGVDIRVRVKGGGHVAQIY
AIRQSISKALVAYYQKYVDEASKKEIKDILIQYDRTLLVADPRRCESKKFGGPGARARYQKSYR
;
y2
58 'polypeptide(L)'
;SLVIPEKFQHILRVLNTNIDGRRKIAFAITAIKGVGRRYAHVVLRKADIDLTKRAGELTEDEVERVITIMQNPRQYKIPD
WFLNRQKDVKDGKYSQVLANGLDNKLREDLERLKKIRAHRGLRHFWGLRVRGQHTKTTGRRGRT
;
A3
59 'polypeptide(L)'
;VTVKDVNQQEFVRALAAFLKKSGKLKVPEWVDTVKLAKHKELAPYDENWFYTRAASTARHLYLRGGAGVGSMTKIYGGRQ
RNGVRPSHFSRGSKSVARRVLQALEGLKMVEKDQDGGRKLTPQGQRDLDRIAGQVAAANKK
;
B3
60 'polypeptide(L)' LTSRNVKSLEEPGVEV C3
61 'polypeptide(L)'
;MQNDAGEFVDLYVPRKCSASNRIIAAKDHASIQMNVAEVDRTTGRFNGQFKTYGICGAIRRMGESDDSILRLAKADGIVS
KNF
;
D3
62 'polypeptide(L)'
;GKCRGLRTARKLRSHRRDQKWHDKQYKKAHLGTALKANPFGGASHAKGIVLEKVGVEAKQPNSAIRKCVRVQLIKNGKKI
TAFVPNDGCLNFIEENDEVLVAGFGRKGHAVGDIPGVRFKVVKVANVSLLALYKGKKERPR
;
E3
63 'polypeptide(L)' SQGQCTL G3
64 'polypeptide(L)' HQQLYWSHPRKFGQGSRSCRVCSNRHGLIRKYGLNMCRQCFRQYAKDIGFIKLD H3
65 'polypeptide(L)'
;KGHNGWVTQIATTPQFPDMILSASRDKTIIMWKLTRDETNYGIPQRALRGHSHFVSDVVISSDGQFALSGSWDGTLRLWD
LTTGTTTRRFVGHTKDVLSVAFSSDNRQIVSSCVRFSNTVTNALCFSPNRYWLCAATGPSCTSLAWSADGQTLFAGYTDN
LVRVWQVTI
;
I3
66 'polypeptide(L)'
;EWIPVTKLGRLVKDMKIKSLEEIYLFSLPIKESEIIDFFLGASLKDEVLKIMPVQKQTRAGQRTRFKAFVAIGDYNGHVG
LGVKCSKEVATAIRGAIILAKLSIVPVRRGYWGNKIGKPHTVPCKVTGRCGSVLVRLIPAPRGTGIVSAPVPKKLLMMAG
IDDCYTSARGCTATLGNFAKATFDAISKTYSYLTPDLWKETVFTKSPYQEFTDHLVKTHTRV
;
J3
67 'polypeptide(L)'
;MKLNISFPATGCLRTFYEKRMATEVAVVRISGGNDKQGFPMKQGVLTHGRVRLLLSKGHSCYRPRRTGERKRKSVRGCIV
DANLSVLNLVIVKGPKRASRIRKLFNLSKEDDVRQYVVRKPLNKEGKKPRTKAPKIQRLVTPRVLQHKRRRIALKKQRTK
KNKEEAAEYAKLLAKRMKEAKEKRQEQ
;
K3
68 'polypeptide(L)'
;PVARSWVCRKTYVTPRRPFEKSRLDQELKLIGEYGLRNKREVWRVKFTLAKIRKAARELLTLDEKDPRRLFEGNALLRRL
VRIGVLDEGKMKLDYILGLKIEDFLERRLQTQVFKLGLAKSIHHARVLIRQRHIRVRKQVVNIPSFIVRLDSQKHIDFSL
RSPYGGGRPGRVKRKNAKKGQGGAG
;
L3
69 'polypeptide(L)'
;GRMHAPGKGLSQSALPYRRSVPTWLKLTSDDVKEQIYKLAKKGLTPSQIGVILRDSHGVAQVRFVTGNKILRILKSKGLA
PDLPEDLYHLIKKAVAVRKHLERNRKDKDAKFRLILIESRIHRLARYYKTKRVLPPNWKYESSTASALVA
;
N3
70 'polypeptide(L)'
;VRMNVLADALKSINNAEKRGKRQVLIRPCSKVIVRFLTVMMKHGYIGEFEIIDDHRAGKIVVNLTGRLNKCGVISPRFDV
QLKDLEKWQNNLLPSRQFGFIVLTTSAGIMDHEEARRKHTGGKILGFFF
;
P3
71 'polypeptide(L)'
;NDTVTIRTRKFMTNRLLQRKQMVIDVLHPGKATVPKTEIREKLAKMYKTTPDVIFVFGFRTHFGGGKTTGFGMIYDSLDY
AKKNEPKHRLARHGLYEKKKTSRKQRKERKNRMKKVRGTAKANVGAGKK
;
Q3
72 'polypeptide(L)'
;PLARDLLHPSLEEEKKKHKKKRLVQSPNSYFMDVKCPGCYKITTVFSHAQTVVLCVGCSTVLCQPTGGKARLTEGCSFRR
KQH
;
S3
73 'polypeptide(L)' SLARAGKVRGQTPKVAKQEKKKKKTGRAKRRMQYNRPNANS T3
74 'polyribonucleotide' UUUUUUUUUU Bx
75 'polypeptide(L)'
;TKKRRNNGRAKKGRGHVQPIRCTNCARCVPKDKAIKKFVIRNIVEAAAVRDISEASVFDAYVLPKLYVKLHYCVSCAIHS
KVVRNRSREARKDRTPP
;
F3
76 'polypeptide(L)'
;GPQVAEGENVFGVCHIFASFNDTFVHVTDLSGKETICRVTGGMKVKADRDESSPYAAMLAAQDVAQRCKELGITALHIKL
RATGGNRTKTPGPGAQSALRALARSGMKIGRIEDVTPIPSDSTRRKGGRRGRR
;
O3
#
loop_
_chem_comp.id
_chem_comp.type
_chem_comp.name
_chem_comp.formula
1MA RNA linking 6-HYDRO-1-METHYLADENOSINE-5'-MONOPHOSPHATE 'C11 H16 N5 O7 P'
2MG RNA linking 2N-METHYLGUANOSINE-5'-MONOPHOSPHATE 'C11 H16 N5 O8 P'
5MC RNA linking 5-METHYLCYTIDINE-5'-MONOPHOSPHATE 'C10 H16 N3 O8 P'
A RNA linking ADENOSINE-5'-MONOPHOSPHATE 'C10 H14 N5 O7 P'
C RNA linking CYTIDINE-5'-MONOPHOSPHATE 'C9 H14 N3 O8 P'
G RNA linking GUANOSINE-5'-MONOPHOSPHATE 'C10 H14 N5 O8 P'
MG non-polymer 'MAGNESIUM ION' 'Mg 2'
OMC RNA linking O2'-METHYLYCYTIDINE-5'-MONOPHOSPHATE 'C10 H16 N3 O8 P'
OMG RNA linking O2'-METHYLGUANOSINE-5'-MONOPHOSPHATE 'C11 H16 N5 O8 P'
U RNA linking URIDINE-5'-MONOPHOSPHATE 'C9 H13 N2 O9 P'
ZN non-polymer 'ZINC ION' 'Zn 2'
#
# COMPACT_ATOMS: atom_id res chain seq x y z
N GLU A 1 124.10 -44.58 24.59
CA GLU A 1 123.86 -45.27 23.33
C GLU A 1 122.74 -44.60 22.55
N LEU A 2 121.99 -43.71 23.20
CA LEU A 2 120.92 -43.01 22.52
C LEU A 2 121.47 -42.07 21.44
N LYS A 3 122.60 -41.42 21.72
CA LYS A 3 123.17 -40.46 20.77
C LYS A 3 123.62 -41.16 19.49
N VAL A 4 124.28 -42.30 19.61
CA VAL A 4 124.80 -42.98 18.43
C VAL A 4 123.67 -43.53 17.56
N LYS A 5 122.60 -44.00 18.20
CA LYS A 5 121.44 -44.47 17.44
C LYS A 5 120.83 -43.35 16.62
N ARG A 6 120.70 -42.17 17.22
CA ARG A 6 120.15 -41.03 16.49
C ARG A 6 121.12 -40.53 15.43
N LEU A 7 122.42 -40.72 15.64
CA LEU A 7 123.41 -40.37 14.61
C LEU A 7 123.25 -41.24 13.38
N ARG A 8 123.04 -42.54 13.57
CA ARG A 8 122.80 -43.43 12.44
C ARG A 8 121.53 -43.03 11.70
N LYS A 9 120.44 -42.80 12.44
CA LYS A 9 119.16 -42.51 11.81
C LYS A 9 119.18 -41.16 11.10
N LYS A 10 119.79 -40.15 11.72
CA LYS A 10 119.80 -38.82 11.13
C LYS A 10 120.72 -38.74 9.92
N PHE A 11 121.89 -39.37 9.99
CA PHE A 11 122.78 -39.41 8.82
C PHE A 11 122.15 -40.23 7.69
N ALA A 12 121.47 -41.33 8.03
CA ALA A 12 120.73 -42.07 7.03
C ALA A 12 119.61 -41.23 6.43
N LEU A 13 118.95 -40.42 7.26
CA LEU A 13 117.89 -39.55 6.76
C LEU A 13 118.48 -38.40 5.94
N LYS A 14 119.74 -38.05 6.18
CA LYS A 14 120.37 -37.01 5.38
C LYS A 14 120.73 -37.51 3.98
N THR A 15 121.24 -38.74 3.89
CA THR A 15 121.48 -39.34 2.59
C THR A 15 120.18 -39.63 1.86
N LEU A 16 119.18 -40.15 2.59
CA LEU A 16 117.86 -40.33 2.00
C LEU A 16 117.29 -39.02 1.48
N ARG A 17 117.56 -37.92 2.19
CA ARG A 17 117.06 -36.63 1.76
C ARG A 17 117.71 -36.19 0.44
N LYS A 18 119.01 -36.47 0.29
CA LYS A 18 119.69 -36.14 -0.95
C LYS A 18 119.16 -36.95 -2.13
N ALA A 19 118.91 -38.24 -1.91
CA ALA A 19 118.41 -39.09 -2.98
C ALA A 19 117.04 -38.64 -3.46
N ARG A 20 116.16 -38.26 -2.52
CA ARG A 20 114.85 -37.76 -2.90
C ARG A 20 114.96 -36.45 -3.65
N ARG A 21 115.89 -35.58 -3.25
CA ARG A 21 116.10 -34.33 -3.95
C ARG A 21 116.58 -34.58 -5.38
N LYS A 22 117.47 -35.56 -5.56
CA LYS A 22 117.94 -35.89 -6.90
C LYS A 22 116.83 -36.51 -7.75
N LEU A 23 115.98 -37.33 -7.13
CA LEU A 23 114.89 -37.95 -7.87
C LEU A 23 113.93 -36.89 -8.43
N ILE A 24 113.43 -36.00 -7.56
CA ILE A 24 112.47 -35.01 -8.02
C ILE A 24 113.12 -34.04 -9.00
N TYR A 25 114.44 -33.91 -8.94
CA TYR A 25 115.15 -33.09 -9.90
C TYR A 25 115.08 -33.70 -11.30
N GLU A 26 115.30 -35.01 -11.40
CA GLU A 26 115.31 -35.65 -12.71
C GLU A 26 113.92 -35.82 -13.30
N LYS A 27 112.90 -35.95 -12.46
CA LYS A 27 111.55 -36.00 -13.01
C LYS A 27 111.16 -34.64 -13.58
N ALA A 28 111.59 -33.55 -12.94
CA ALA A 28 111.37 -32.23 -13.50
C ALA A 28 112.14 -32.06 -14.81
N LYS A 29 113.38 -32.54 -14.87
CA LYS A 29 114.13 -32.49 -16.11
C LYS A 29 113.48 -33.33 -17.19
N HIS A 30 112.96 -34.50 -16.81
CA HIS A 30 112.30 -35.38 -17.76
C HIS A 30 111.00 -34.77 -18.27
N TYR A 31 110.23 -34.12 -17.39
CA TYR A 31 108.99 -33.49 -17.82
C TYR A 31 109.25 -32.33 -18.76
N HIS A 32 110.36 -31.61 -18.56
CA HIS A 32 110.70 -30.51 -19.46
C HIS A 32 110.95 -31.03 -20.87
N LYS A 33 111.64 -32.16 -20.98
CA LYS A 33 111.83 -32.79 -22.29
C LYS A 33 110.51 -33.28 -22.87
N GLU A 34 109.64 -33.83 -22.03
CA GLU A 34 108.36 -34.33 -22.51
C GLU A 34 107.46 -33.19 -22.98
N TYR A 35 107.44 -32.08 -22.25
CA TYR A 35 106.59 -30.95 -22.63
C TYR A 35 107.02 -30.37 -23.97
N ARG A 36 108.33 -30.27 -24.20
CA ARG A 36 108.80 -29.65 -25.44
C ARG A 36 108.61 -30.56 -26.64
N GLN A 37 108.56 -31.87 -26.42
CA GLN A 37 108.27 -32.79 -27.51
C GLN A 37 106.80 -32.70 -27.94
N MET A 38 105.88 -32.54 -26.98
CA MET A 38 104.49 -32.34 -27.33
C MET A 38 104.29 -31.03 -28.08
N TYR A 39 104.99 -29.97 -27.67
CA TYR A 39 104.85 -28.68 -28.34
C TYR A 39 105.39 -28.75 -29.76
N ARG A 40 106.54 -29.39 -29.96
CA ARG A 40 107.12 -29.49 -31.29
C ARG A 40 106.34 -30.43 -32.19
N THR A 41 105.83 -31.53 -31.63
CA THR A 41 105.15 -32.53 -32.44
C THR A 41 103.90 -31.95 -33.09
N GLU A 42 103.12 -31.18 -32.33
CA GLU A 42 101.91 -30.59 -32.88
C GLU A 42 102.23 -29.64 -34.04
N ILE A 43 103.29 -28.84 -33.88
CA ILE A 43 103.73 -27.97 -34.95
C ILE A 43 104.18 -28.78 -36.15
N ARG A 44 104.92 -29.86 -35.91
CA ARG A 44 105.41 -30.69 -37.01
CA ARG A 44 105.41 -30.69 -37.01
C ARG A 44 104.26 -31.35 -37.77
N MET A 45 103.25 -31.83 -37.04
CA MET A 45 102.13 -32.50 -37.69
C MET A 45 101.37 -31.56 -38.62
N ALA A 46 101.18 -30.30 -38.20
CA ALA A 46 100.51 -29.33 -39.05
C ALA A 46 101.37 -28.98 -40.26
N ARG A 47 102.68 -28.83 -40.06
CA ARG A 47 103.59 -28.57 -41.16
C ARG A 47 103.56 -29.70 -42.17
N MET A 48 103.50 -30.93 -41.68
CA MET A 48 103.49 -32.12 -42.52
C MET A 48 102.25 -32.17 -43.39
N ALA A 49 101.09 -31.83 -42.82
CA ALA A 49 99.84 -31.87 -43.56
C ALA A 49 99.79 -30.77 -44.62
N ARG A 50 100.29 -29.58 -44.31
CA ARG A 50 100.20 -28.45 -45.23
C ARG A 50 101.07 -28.69 -46.47
N LYS A 51 102.19 -29.38 -46.30
CA LYS A 51 103.05 -29.69 -47.44
C LYS A 51 102.32 -30.59 -48.43
N ALA A 52 101.46 -31.48 -47.94
CA ALA A 52 100.71 -32.36 -48.82
C ALA A 52 99.40 -31.76 -49.29
N GLY A 53 99.06 -30.55 -48.85
CA GLY A 53 97.78 -29.96 -49.19
C GLY A 53 96.63 -30.43 -48.35
N ASN A 54 96.89 -31.22 -47.31
CA ASN A 54 95.86 -31.75 -46.43
C ASN A 54 95.79 -30.90 -45.17
N PHE A 55 94.95 -31.31 -44.22
CA PHE A 55 94.79 -30.61 -42.96
C PHE A 55 95.08 -31.55 -41.81
N TYR A 56 95.71 -31.04 -40.77
CA TYR A 56 95.96 -31.79 -39.55
C TYR A 56 95.03 -31.23 -38.48
N VAL A 57 94.00 -31.99 -38.12
CA VAL A 57 93.06 -31.61 -37.08
C VAL A 57 93.61 -32.12 -35.75
N PRO A 58 94.01 -31.24 -34.83
CA PRO A 58 94.55 -31.70 -33.56
C PRO A 58 93.49 -32.34 -32.68
N ALA A 59 93.94 -33.17 -31.75
CA ALA A 59 93.04 -33.78 -30.78
C ALA A 59 92.35 -32.70 -29.97
N GLU A 60 91.04 -32.80 -29.84
CA GLU A 60 90.31 -31.81 -29.07
C GLU A 60 90.70 -31.92 -27.59
N PRO A 61 90.79 -30.80 -26.90
CA PRO A 61 91.52 -30.78 -25.62
C PRO A 61 90.87 -31.65 -24.56
N LYS A 62 91.73 -32.20 -23.70
CA LYS A 62 91.31 -33.07 -22.62
C LYS A 62 91.17 -32.36 -21.29
N LEU A 63 91.65 -31.12 -21.20
CA LEU A 63 91.68 -30.37 -19.95
C LEU A 63 90.93 -29.06 -20.12
N ALA A 64 90.15 -28.70 -19.11
CA ALA A 64 89.45 -27.43 -19.06
C ALA A 64 89.66 -26.79 -17.70
N PHE A 65 89.72 -25.45 -17.69
CA PHE A 65 89.69 -24.68 -16.46
C PHE A 65 88.39 -23.88 -16.43
N VAL A 66 87.64 -24.03 -15.34
CA VAL A 66 86.31 -23.45 -15.22
C VAL A 66 86.31 -22.46 -14.08
N ILE A 67 85.87 -21.24 -14.35
CA ILE A 67 85.78 -20.18 -13.36
C ILE A 67 84.33 -19.78 -13.22
N ARG A 68 83.82 -19.85 -11.99
CA ARG A 68 82.49 -19.31 -11.73
C ARG A 68 82.54 -17.79 -11.83
N ILE A 69 81.66 -17.22 -12.64
CA ILE A 69 81.63 -15.78 -12.85
C ILE A 69 80.36 -15.14 -12.31
N ARG A 70 79.48 -15.89 -11.66
CA ARG A 70 78.22 -15.38 -11.16
C ARG A 70 78.11 -15.64 -9.67
N GLY A 71 77.26 -14.86 -9.02
CA GLY A 71 77.02 -14.99 -7.60
C GLY A 71 76.05 -16.11 -7.28
N ILE A 72 75.64 -16.15 -6.01
CA ILE A 72 74.84 -17.23 -5.47
C ILE A 72 73.40 -16.80 -5.22
N ASN A 73 72.97 -15.68 -5.80
CA ASN A 73 71.63 -15.16 -5.58
C ASN A 73 70.74 -15.55 -6.76
N GLY A 74 69.66 -16.27 -6.47
CA GLY A 74 68.69 -16.63 -7.48
C GLY A 74 69.20 -17.61 -8.53
N VAL A 75 69.71 -18.75 -8.08
CA VAL A 75 70.24 -19.79 -8.96
C VAL A 75 69.23 -20.92 -9.01
N SER A 76 68.95 -21.41 -10.21
CA SER A 76 68.00 -22.49 -10.39
C SER A 76 68.52 -23.77 -9.72
N PRO A 77 67.63 -24.67 -9.29
CA PRO A 77 68.07 -25.84 -8.52
C PRO A 77 69.03 -26.74 -9.28
N LYS A 78 68.84 -26.89 -10.59
CA LYS A 78 69.72 -27.79 -11.35
C LYS A 78 71.09 -27.17 -11.56
N VAL A 79 71.14 -25.88 -11.86
CA VAL A 79 72.41 -25.19 -12.00
C VAL A 79 73.15 -25.16 -10.67
N ARG A 80 72.41 -24.96 -9.57
CA ARG A 80 73.02 -24.99 -8.25
C ARG A 80 73.68 -26.33 -7.97
N LYS A 81 73.00 -27.42 -8.33
CA LYS A 81 73.56 -28.75 -8.06
C LYS A 81 74.83 -29.01 -8.85
N VAL A 82 74.83 -28.66 -10.14
CA VAL A 82 75.99 -28.92 -10.97
C VAL A 82 77.19 -28.10 -10.50
N LEU A 83 76.94 -26.88 -10.03
CA LEU A 83 78.03 -26.02 -9.60
C LEU A 83 78.74 -26.57 -8.37
N GLN A 84 77.98 -27.13 -7.43
CA GLN A 84 78.64 -27.73 -6.26
C GLN A 84 79.24 -29.10 -6.57
N LEU A 85 78.84 -29.74 -7.67
CA LEU A 85 79.56 -30.93 -8.12
C LEU A 85 80.88 -30.56 -8.77
N LEU A 86 80.96 -29.38 -9.37
CA LEU A 86 82.21 -28.85 -9.90
C LEU A 86 83.03 -28.13 -8.84
N ARG A 87 82.52 -28.05 -7.61
CA ARG A 87 83.19 -27.39 -6.49
C ARG A 87 83.33 -25.89 -6.69
N LEU A 88 82.45 -25.29 -7.50
CA LEU A 88 82.39 -23.85 -7.68
C LEU A 88 81.26 -23.30 -6.81
N ARG A 89 81.53 -23.21 -5.52
CA ARG A 89 80.56 -22.71 -4.56
C ARG A 89 80.66 -21.21 -4.34
N GLN A 90 81.68 -20.56 -4.90
CA GLN A 90 81.92 -19.15 -4.68
C GLN A 90 82.24 -18.50 -6.02
N ILE A 91 81.98 -17.20 -6.12
CA ILE A 91 82.32 -16.47 -7.34
C ILE A 91 83.84 -16.37 -7.47
N PHE A 92 84.32 -16.49 -8.70
CA PHE A 92 85.74 -16.43 -9.04
C PHE A 92 86.52 -17.58 -8.40
N ASN A 93 85.82 -18.66 -8.07
CA ASN A 93 86.48 -19.94 -7.77
C ASN A 93 86.74 -20.66 -9.08
N GLY A 94 87.87 -21.38 -9.14
CA GLY A 94 88.26 -22.07 -10.33
C GLY A 94 88.67 -23.51 -10.02
N THR A 95 88.61 -24.34 -11.06
CA THR A 95 89.01 -25.73 -10.93
C THR A 95 89.31 -26.28 -12.31
N PHE A 96 90.10 -27.35 -12.34
CA PHE A 96 90.35 -28.11 -13.56
C PHE A 96 89.26 -29.17 -13.71
N VAL A 97 88.82 -29.37 -14.94
CA VAL A 97 87.81 -30.38 -15.26
C VAL A 97 88.34 -31.24 -16.40
N LYS A 98 88.29 -32.55 -16.22
CA LYS A 98 88.60 -33.49 -17.29
C LYS A 98 87.46 -33.49 -18.30
N LEU A 99 87.80 -33.39 -19.58
CA LEU A 99 86.79 -33.24 -20.63
C LEU A 99 86.44 -34.61 -21.20
N ASN A 100 85.17 -34.97 -21.06
CA ASN A 100 84.53 -36.09 -21.74
C ASN A 100 83.06 -35.76 -21.88
N LYS A 101 82.29 -36.64 -22.51
CA LYS A 101 80.90 -36.31 -22.81
C LYS A 101 80.08 -36.15 -21.53
N ALA A 102 80.45 -36.86 -20.47
CA ALA A 102 79.76 -36.70 -19.20
C ALA A 102 79.96 -35.29 -18.63
N SER A 103 81.20 -34.81 -18.64
CA SER A 103 81.49 -33.51 -18.04
C SER A 103 81.06 -32.36 -18.94
N ILE A 104 81.18 -32.51 -20.26
CA ILE A 104 80.85 -31.42 -21.17
C ILE A 104 79.37 -31.08 -21.08
N ASN A 105 78.51 -32.09 -21.02
CA ASN A 105 77.08 -31.83 -20.89
C ASN A 105 76.75 -31.19 -19.54
N MET A 106 77.57 -31.46 -18.52
CA MET A 106 77.42 -30.75 -17.26
C MET A 106 77.79 -29.28 -17.41
N LEU A 107 78.82 -28.97 -18.20
CA LEU A 107 79.25 -27.59 -18.39
C LEU A 107 78.24 -26.81 -19.22
N ARG A 108 77.45 -27.51 -20.04
CA ARG A 108 76.43 -26.82 -20.83
C ARG A 108 75.27 -26.37 -19.95
N ILE A 109 75.01 -27.09 -18.86
CA ILE A 109 73.96 -26.73 -17.94
C ILE A 109 74.30 -25.41 -17.24
N VAL A 110 75.54 -25.25 -16.85
CA VAL A 110 75.96 -24.10 -16.05
C VAL A 110 76.63 -23.03 -16.91
N GLU A 111 76.35 -23.03 -18.22
CA GLU A 111 77.03 -22.11 -19.14
C GLU A 111 76.90 -20.64 -18.77
N PRO A 112 75.72 -20.10 -18.43
CA PRO A 112 75.65 -18.68 -18.06
C PRO A 112 76.37 -18.35 -16.78
N TYR A 113 76.79 -19.33 -16.01
CA TYR A 113 77.35 -19.12 -14.68
C TYR A 113 78.86 -19.30 -14.63
N ILE A 114 79.46 -19.77 -15.71
CA ILE A 114 80.88 -20.08 -15.74
C ILE A 114 81.52 -19.49 -16.99
N ALA A 115 82.84 -19.27 -16.92
CA ALA A 115 83.67 -18.94 -18.07
C ALA A 115 84.83 -19.90 -18.10
N TRP A 116 84.87 -20.77 -19.09
CA TRP A 116 85.84 -21.85 -19.12
C TRP A 116 86.54 -21.91 -20.47
N GLY A 117 87.63 -22.67 -20.48
CA GLY A 117 88.43 -22.81 -21.68
C GLY A 117 89.50 -23.85 -21.48
N TYR A 118 90.52 -23.78 -22.33
CA TYR A 118 91.60 -24.76 -22.36
C TYR A 118 92.89 -24.12 -21.83
N PRO A 119 93.33 -24.46 -20.62
CA PRO A 119 94.56 -23.86 -20.09
C PRO A 119 95.80 -24.39 -20.77
N ASN A 120 96.85 -23.57 -20.76
CA ASN A 120 98.14 -23.97 -21.29
C ASN A 120 99.08 -24.31 -20.14
N LEU A 121 100.32 -24.63 -20.50
CA LEU A 121 101.29 -25.09 -19.50
C LEU A 121 101.64 -23.96 -18.51
N LYS A 122 101.70 -22.73 -19.00
CA LYS A 122 101.98 -21.61 -18.09
C LYS A 122 100.82 -21.40 -17.12
N SER A 123 99.58 -21.57 -17.59
CA SER A 123 98.42 -21.35 -16.73
C SER A 123 98.38 -22.35 -15.58
N VAL A 124 98.59 -23.63 -15.88
CA VAL A 124 98.57 -24.65 -14.84
C VAL A 124 99.75 -24.46 -13.88
N ASN A 125 100.85 -23.89 -14.38
CA ASN A 125 102.00 -23.63 -13.53
C ASN A 125 101.73 -22.51 -12.54
N GLU A 126 101.21 -21.39 -13.02
CA GLU A 126 101.00 -20.23 -12.16
C GLU A 126 99.91 -20.49 -11.14
N LEU A 127 98.86 -21.21 -11.54
CA LEU A 127 97.77 -21.50 -10.62
C LEU A 127 98.23 -22.38 -9.47
N ILE A 128 98.97 -23.44 -9.78
CA ILE A 128 99.41 -24.38 -8.75
C ILE A 128 100.48 -23.75 -7.86
N TYR A 129 101.40 -23.00 -8.46
CA TYR A 129 102.50 -22.43 -7.69
C TYR A 129 102.05 -21.25 -6.83
N LYS A 130 101.22 -20.36 -7.35
CA LYS A 130 100.98 -19.10 -6.65
C LYS A 130 99.85 -19.24 -5.64
N ARG A 131 98.75 -19.88 -6.01
CA ARG A 131 97.63 -20.05 -5.09
C ARG A 131 97.09 -21.47 -5.14
N GLY A 132 98.00 -22.45 -5.07
CA GLY A 132 97.62 -23.84 -5.01
C GLY A 132 97.72 -24.38 -3.61
N TYR A 133 96.60 -24.85 -3.08
CA TYR A 133 96.50 -25.38 -1.72
C TYR A 133 96.01 -26.82 -1.78
N GLY A 134 96.35 -27.58 -0.74
CA GLY A 134 95.99 -28.98 -0.67
C GLY A 134 94.85 -29.22 0.30
N LYS A 135 94.13 -30.32 0.10
CA LYS A 135 93.07 -30.75 1.00
C LYS A 135 93.65 -31.87 1.85
N ILE A 136 94.32 -31.48 2.94
CA ILE A 136 95.00 -32.41 3.84
C ILE A 136 94.16 -32.52 5.09
N ASN A 137 93.55 -33.69 5.30
CA ASN A 137 92.71 -33.95 6.47
C ASN A 137 91.58 -32.92 6.57
N LYS A 138 90.92 -32.66 5.44
CA LYS A 138 89.80 -31.73 5.34
C LYS A 138 90.19 -30.30 5.68
N LYS A 139 91.47 -29.97 5.52
CA LYS A 139 91.97 -28.62 5.80
C LYS A 139 92.59 -28.04 4.54
N ARG A 140 92.52 -26.72 4.42
CA ARG A 140 93.13 -26.00 3.30
C ARG A 140 94.55 -25.61 3.71
N ILE A 141 95.53 -26.36 3.22
CA ILE A 141 96.92 -26.21 3.62
C ILE A 141 97.73 -25.75 2.41
N ALA A 142 98.49 -24.68 2.58
CA ALA A 142 99.33 -24.16 1.51
C ALA A 142 100.43 -25.14 1.17
N LEU A 143 100.70 -25.28 -0.13
CA LEU A 143 101.72 -26.20 -0.63
C LEU A 143 103.08 -25.52 -0.56
N THR A 144 103.70 -25.62 0.61
CA THR A 144 104.99 -24.97 0.86
C THR A 144 106.15 -25.93 0.72
N ASP A 145 105.94 -27.21 1.00
CA ASP A 145 106.97 -28.22 0.91
C ASP A 145 106.44 -29.40 0.10
N ASN A 146 107.36 -30.16 -0.49
CA ASN A 146 106.97 -31.34 -1.25
C ASN A 146 106.51 -32.48 -0.36
N SER A 147 106.78 -32.39 0.95
CA SER A 147 106.35 -33.45 1.85
C SER A 147 104.83 -33.52 1.96
N LEU A 148 104.15 -32.38 1.89
CA LEU A 148 102.70 -32.38 1.96
C LEU A 148 102.09 -33.15 0.80
N ILE A 149 102.67 -33.00 -0.39
CA ILE A 149 102.18 -33.74 -1.55
C ILE A 149 102.50 -35.22 -1.43
N ALA A 150 103.69 -35.55 -0.94
CA ALA A 150 104.10 -36.95 -0.87
C ALA A 150 103.28 -37.74 0.13
N ARG A 151 102.89 -37.10 1.24
CA ARG A 151 102.15 -37.82 2.27
C ARG A 151 100.73 -38.18 1.81
N SER A 152 100.12 -37.32 1.00
CA SER A 152 98.75 -37.54 0.56
C SER A 152 98.65 -38.20 -0.80
N LEU A 153 99.65 -38.00 -1.67
CA LEU A 153 99.58 -38.42 -3.06
C LEU A 153 100.73 -39.33 -3.46
N GLY A 154 101.61 -39.69 -2.54
CA GLY A 154 102.80 -40.43 -2.91
C GLY A 154 102.55 -41.87 -3.29
N LYS A 155 101.43 -42.44 -2.82
CA LYS A 155 101.09 -43.80 -3.20
C LYS A 155 100.78 -43.94 -4.67
N PHE A 156 100.33 -42.85 -5.32
CA PHE A 156 100.09 -42.83 -6.75
C PHE A 156 101.32 -42.48 -7.57
N GLY A 157 102.41 -42.10 -6.91
CA GLY A 157 103.62 -41.69 -7.60
C GLY A 157 103.82 -40.19 -7.70
N ILE A 158 103.01 -39.40 -7.00
CA ILE A 158 103.11 -37.94 -7.04
C ILE A 158 103.77 -37.51 -5.73
N ILE A 159 104.98 -36.97 -5.83
CA ILE A 159 105.80 -36.68 -4.65
C ILE A 159 106.32 -35.24 -4.64
N CYS A 160 106.02 -34.47 -5.66
CA CYS A 160 106.52 -33.10 -5.74
C CYS A 160 105.55 -32.26 -6.53
N MET A 161 105.75 -30.93 -6.49
CA MET A 161 104.88 -30.03 -7.21
C MET A 161 104.99 -30.22 -8.72
N GLU A 162 106.14 -30.70 -9.19
CA GLU A 162 106.31 -30.98 -10.61
C GLU A 162 105.47 -32.18 -11.05
N ASP A 163 105.39 -33.21 -10.19
CA ASP A 163 104.55 -34.36 -10.50
C ASP A 163 103.08 -33.96 -10.56
N LEU A 164 102.65 -33.08 -9.65
CA LEU A 164 101.25 -32.67 -9.62
C LEU A 164 100.91 -31.81 -10.83
N ILE A 165 101.86 -30.99 -11.30
CA ILE A 165 101.63 -30.18 -12.49
C ILE A 165 101.57 -31.06 -13.72
N HIS A 166 102.51 -32.01 -13.84
CA HIS A 166 102.46 -32.96 -14.93
C HIS A 166 101.18 -33.78 -14.88
N GLU A 167 100.70 -34.07 -13.68
CA GLU A 167 99.53 -34.92 -13.54
C GLU A 167 98.28 -34.20 -14.04
N ILE A 168 98.15 -32.92 -13.68
CA ILE A 168 97.01 -32.12 -14.12
C ILE A 168 97.10 -31.83 -15.61
N TYR A 169 98.26 -31.40 -16.08
CA TYR A 169 98.39 -30.94 -17.46
C TYR A 169 98.23 -32.08 -18.45
N THR A 170 99.14 -33.06 -18.39
CA THR A 170 99.04 -34.25 -19.22
C THR A 170 98.10 -35.25 -18.53
N VAL A 171 96.82 -34.89 -18.52
CA VAL A 171 95.79 -35.62 -17.79
C VAL A 171 95.80 -37.10 -18.19
N GLY A 172 95.88 -37.97 -17.21
CA GLY A 172 95.84 -39.39 -17.45
C GLY A 172 95.30 -40.16 -16.27
N LYS A 173 95.93 -41.28 -15.95
CA LYS A 173 95.56 -42.03 -14.76
C LYS A 173 95.80 -41.17 -13.54
N ARG A 174 94.98 -41.35 -12.50
CA ARG A 174 95.09 -40.62 -11.24
C ARG A 174 94.90 -39.11 -11.39
N PHE A 175 94.20 -38.64 -12.41
CA PHE A 175 93.85 -37.22 -12.46
C PHE A 175 92.78 -36.89 -11.44
N LYS A 176 91.89 -37.85 -11.17
CA LYS A 176 90.83 -37.66 -10.19
C LYS A 176 91.41 -37.37 -8.81
N GLU A 177 92.44 -38.13 -8.43
CA GLU A 177 93.02 -37.96 -7.10
C GLU A 177 93.86 -36.69 -7.01
N ALA A 178 94.64 -36.40 -8.05
CA ALA A 178 95.49 -35.21 -8.03
C ALA A 178 94.66 -33.94 -8.02
N ASN A 179 93.57 -33.92 -8.80
CA ASN A 179 92.76 -32.71 -8.91
C ASN A 179 91.89 -32.51 -7.67
N ASN A 180 91.33 -33.60 -7.13
CA ASN A 180 90.53 -33.48 -5.91
C ASN A 180 91.39 -33.11 -4.72
N PHE A 181 92.68 -33.44 -4.75
CA PHE A 181 93.58 -33.02 -3.69
C PHE A 181 93.70 -31.50 -3.65
N LEU A 182 93.71 -30.86 -4.82
CA LEU A 182 93.81 -29.42 -4.89
C LEU A 182 92.51 -28.78 -4.42
N TRP A 183 92.61 -27.88 -3.46
CA TRP A 183 91.45 -27.09 -3.05
C TRP A 183 91.02 -26.19 -4.20
N PRO A 184 89.71 -25.99 -4.39
CA PRO A 184 89.26 -25.10 -5.46
C PRO A 184 89.92 -23.73 -5.37
N PHE A 185 90.52 -23.31 -6.48
CA PHE A 185 91.31 -22.09 -6.49
C PHE A 185 90.44 -20.88 -6.20
N LYS A 186 90.94 -20.00 -5.35
CA LYS A 186 90.26 -18.76 -4.98
C LYS A 186 90.95 -17.62 -5.73
N LEU A 187 90.44 -17.33 -6.92
CA LEU A 187 90.99 -16.31 -7.79
C LEU A 187 90.43 -14.95 -7.40
N SER A 188 91.20 -13.91 -7.68
CA SER A 188 90.77 -12.54 -7.44
C SER A 188 89.85 -12.07 -8.56
N SER A 189 89.33 -10.86 -8.40
CA SER A 189 88.59 -10.23 -9.47
C SER A 189 89.50 -9.98 -10.66
N PRO A 190 88.99 -10.06 -11.87
CA PRO A 190 89.84 -9.86 -13.06
C PRO A 190 90.29 -8.40 -13.17
N ARG A 191 91.60 -8.20 -13.06
CA ARG A 191 92.16 -6.87 -13.21
C ARG A 191 91.98 -6.39 -14.64
N GLY A 192 91.43 -5.19 -14.79
CA GLY A 192 91.03 -4.69 -16.08
C GLY A 192 89.54 -4.81 -16.35
N GLY A 193 88.80 -5.52 -15.50
CA GLY A 193 87.38 -5.64 -15.67
C GLY A 193 86.97 -6.77 -16.59
N MET A 194 85.67 -6.88 -16.78
CA MET A 194 85.08 -7.85 -17.68
C MET A 194 84.30 -7.11 -18.76
N LYS A 195 83.91 -7.85 -19.81
CA LYS A 195 83.12 -7.26 -20.89
C LYS A 195 81.64 -7.25 -20.56
N LYS A 196 81.06 -8.43 -20.34
CA LYS A 196 79.66 -8.51 -19.94
C LYS A 196 79.43 -9.88 -19.31
N LYS A 197 79.19 -9.89 -18.00
CA LYS A 197 79.05 -11.14 -17.27
C LYS A 197 77.78 -11.88 -17.63
N THR A 198 76.76 -11.17 -18.12
CA THR A 198 75.44 -11.74 -18.36
C THR A 198 75.24 -12.26 -19.77
N THR A 199 76.25 -12.21 -20.62
CA THR A 199 76.12 -12.57 -22.01
C THR A 199 77.24 -13.54 -22.39
N HIS A 200 76.97 -14.40 -23.37
CA HIS A 200 77.96 -15.36 -23.81
C HIS A 200 79.15 -14.66 -24.46
N PHE A 201 80.29 -15.37 -24.45
CA PHE A 201 81.54 -14.83 -24.97
C PHE A 201 81.44 -14.50 -26.46
N VAL A 202 80.80 -15.36 -27.25
CA VAL A 202 80.69 -15.12 -28.68
C VAL A 202 79.76 -13.97 -29.02
N GLU A 203 79.03 -13.43 -28.05
CA GLU A 203 78.25 -12.22 -28.23
C GLU A 203 78.88 -11.01 -27.55
N GLY A 204 80.19 -11.01 -27.33
CA GLY A 204 80.84 -9.92 -26.64
C GLY A 204 80.76 -9.96 -25.14
N GLY A 205 80.36 -11.09 -24.57
CA GLY A 205 80.16 -11.24 -23.14
C GLY A 205 81.30 -12.00 -22.47
N ASP A 206 80.94 -12.85 -21.52
CA ASP A 206 81.93 -13.44 -20.62
C ASP A 206 81.74 -14.94 -20.45
N ALA A 207 80.51 -15.40 -20.62
CA ALA A 207 80.15 -16.77 -20.26
C ALA A 207 80.49 -17.74 -21.39
N GLY A 208 80.47 -19.02 -21.05
CA GLY A 208 80.66 -20.06 -22.04
C GLY A 208 82.12 -20.47 -22.20
N ASN A 209 82.39 -21.03 -23.38
CA ASN A 209 83.68 -21.62 -23.70
C ASN A 209 84.49 -20.65 -24.55
N ARG A 210 85.36 -19.89 -23.92
CA ARG A 210 86.43 -19.18 -24.63
C ARG A 210 87.60 -20.15 -24.68
N GLU A 211 87.80 -20.73 -25.87
CA GLU A 211 88.59 -21.95 -25.97
C GLU A 211 90.04 -21.74 -25.56
N ASP A 212 90.71 -20.76 -26.14
CA ASP A 212 92.10 -20.47 -25.80
C ASP A 212 92.27 -19.14 -25.09
N GLN A 213 91.27 -18.28 -25.11
CA GLN A 213 91.31 -16.99 -24.46
C GLN A 213 91.24 -17.09 -22.95
N ILE A 214 91.01 -18.28 -22.40
CA ILE A 214 90.93 -18.45 -20.95
C ILE A 214 92.26 -18.10 -20.30
N ASN A 215 93.36 -18.20 -21.05
CA ASN A 215 94.67 -17.90 -20.47
C ASN A 215 94.87 -16.40 -20.29
N ARG A 216 94.26 -15.59 -21.15
CA ARG A 216 94.24 -14.15 -20.90
C ARG A 216 93.48 -13.82 -19.63
N LEU A 217 92.36 -14.52 -19.39
CA LEU A 217 91.58 -14.26 -18.19
C LEU A 217 92.32 -14.72 -16.94
N ILE A 218 93.09 -15.81 -17.04
CA ILE A 218 93.82 -16.33 -15.89
C ILE A 218 94.94 -15.39 -15.49
N ARG A 219 95.61 -14.77 -16.47
CA ARG A 219 96.67 -13.82 -16.16
C ARG A 219 96.13 -12.64 -15.36
N ARG A 220 94.85 -12.33 -15.50
CA ARG A 220 94.29 -11.15 -14.87
C ARG A 220 93.61 -11.45 -13.54
N MET A 221 93.24 -12.71 -13.30
CA MET A 221 92.60 -13.09 -12.05
C MET A 221 93.55 -13.76 -11.08
N ASN A 222 94.61 -14.39 -11.58
CA ASN A 222 95.61 -15.00 -10.72
C ASN A 222 96.67 -14.00 -10.29
N VAL B 1 -61.37 -0.38 98.19
CA VAL B 1 -60.17 -0.42 97.37
C VAL B 1 -59.96 0.92 96.66
N ASN B 2 -58.73 1.18 96.22
CA ASN B 2 -58.40 2.45 95.61
C ASN B 2 -58.87 2.48 94.17
N PRO B 3 -59.75 3.42 93.79
CA PRO B 3 -60.19 3.49 92.40
C PRO B 3 -59.10 3.90 91.43
N LEU B 4 -58.00 4.48 91.93
CA LEU B 4 -56.92 4.89 91.04
C LEU B 4 -56.24 3.69 90.40
N PHE B 5 -56.22 2.54 91.09
CA PHE B 5 -55.57 1.37 90.56
C PHE B 5 -56.30 0.85 89.33
N GLU B 6 -55.54 0.39 88.35
CA GLU B 6 -56.13 -0.06 87.09
C GLU B 6 -55.25 -1.13 86.46
N LYS B 7 -55.86 -1.93 85.60
CA LYS B 7 -55.10 -2.85 84.77
C LYS B 7 -54.58 -2.13 83.54
N ARG B 8 -53.30 -2.34 83.23
CA ARG B 8 -52.66 -1.74 82.05
C ARG B 8 -52.05 -2.86 81.23
N PRO B 9 -52.87 -3.65 80.54
CA PRO B 9 -52.36 -4.81 79.82
C PRO B 9 -51.68 -4.42 78.53
N LYS B 10 -50.61 -5.13 78.22
CA LYS B 10 -49.86 -4.93 76.99
C LYS B 10 -49.92 -6.19 76.16
N ASN B 11 -50.31 -6.06 74.90
CA ASN B 11 -50.43 -7.20 74.01
C ASN B 11 -49.16 -7.34 73.18
N PHE B 12 -48.51 -8.49 73.27
CA PHE B 12 -47.26 -8.74 72.56
C PHE B 12 -47.51 -9.30 71.17
N GLY B 13 -48.36 -8.62 70.40
CA GLY B 13 -48.57 -8.99 69.01
C GLY B 13 -47.43 -8.50 68.13
N ILE B 14 -47.52 -8.84 66.85
CA ILE B 14 -46.50 -8.38 65.91
C ILE B 14 -46.65 -6.88 65.76
N GLY B 15 -45.56 -6.17 65.98
CA GLY B 15 -45.66 -4.73 66.08
C GLY B 15 -46.41 -4.36 67.36
N GLN B 16 -46.68 -3.07 67.46
CA GLN B 16 -47.60 -2.51 68.45
C GLN B 16 -47.19 -2.73 69.91
N ASP B 17 -46.03 -3.35 70.15
CA ASP B 17 -45.51 -3.48 71.50
C ASP B 17 -44.11 -4.10 71.43
N ILE B 18 -43.33 -3.85 72.47
CA ILE B 18 -41.97 -4.38 72.57
C ILE B 18 -42.00 -5.68 73.35
N GLN B 19 -41.35 -6.71 72.80
CA GLN B 19 -41.45 -8.05 73.35
C GLN B 19 -40.82 -8.11 74.74
N PRO B 20 -41.32 -9.00 75.60
CA PRO B 20 -40.72 -9.18 76.92
C PRO B 20 -39.42 -9.96 76.85
N LYS B 21 -38.73 -10.00 77.99
CA LYS B 21 -37.46 -10.73 78.11
C LYS B 21 -37.78 -12.19 78.42
N ARG B 22 -37.85 -12.99 77.36
CA ARG B 22 -38.16 -14.40 77.47
C ARG B 22 -36.90 -15.24 77.35
N ASP B 23 -37.05 -16.55 77.58
CA ASP B 23 -35.92 -17.46 77.53
C ASP B 23 -35.39 -17.61 76.11
N LEU B 24 -34.11 -17.32 75.93
CA LEU B 24 -33.45 -17.43 74.64
C LEU B 24 -32.41 -18.53 74.63
N THR B 25 -32.54 -19.50 75.55
CA THR B 25 -31.53 -20.54 75.71
C THR B 25 -31.40 -21.41 74.47
N ARG B 26 -32.42 -21.42 73.61
CA ARG B 26 -32.36 -22.24 72.41
C ARG B 26 -31.76 -21.50 71.22
N PHE B 27 -31.54 -20.19 71.35
CA PHE B 27 -31.03 -19.37 70.25
C PHE B 27 -29.76 -18.63 70.62
N VAL B 28 -29.01 -19.11 71.61
CA VAL B 28 -27.78 -18.45 72.02
C VAL B 28 -26.63 -18.89 71.13
N LYS B 29 -25.79 -17.94 70.74
CA LYS B 29 -24.55 -18.29 70.04
C LYS B 29 -23.55 -18.72 71.09
N TRP B 30 -23.52 -20.02 71.35
CA TRP B 30 -22.64 -20.60 72.35
C TRP B 30 -21.20 -20.58 71.87
N PRO B 31 -20.25 -20.56 72.79
CA PRO B 31 -18.83 -20.63 72.39
C PRO B 31 -18.51 -21.97 71.74
N ARG B 32 -17.37 -21.97 71.05
CA ARG B 32 -17.04 -23.05 70.12
C ARG B 32 -16.85 -24.38 70.83
N TYR B 33 -16.55 -24.37 72.13
CA TYR B 33 -16.33 -25.63 72.83
C TYR B 33 -17.63 -26.25 73.33
N ILE B 34 -18.62 -25.41 73.63
CA ILE B 34 -19.96 -25.92 73.95
C ILE B 34 -20.60 -26.53 72.71
N ARG B 35 -20.44 -25.86 71.57
CA ARG B 35 -20.92 -26.41 70.31
C ARG B 35 -20.26 -27.74 69.99
N LEU B 36 -18.95 -27.85 70.26
CA LEU B 36 -18.23 -29.09 69.98
C LEU B 36 -18.77 -30.23 70.82
N GLN B 37 -19.01 -30.00 72.11
CA GLN B 37 -19.53 -31.05 72.98
C GLN B 37 -20.90 -31.51 72.53
N ARG B 38 -21.81 -30.56 72.29
CA ARG B 38 -23.19 -30.91 71.98
C ARG B 38 -23.29 -31.62 70.63
N GLN B 39 -22.54 -31.14 69.63
CA GLN B 39 -22.55 -31.81 68.34
C GLN B 39 -21.95 -33.20 68.41
N ARG B 40 -21.01 -33.42 69.34
CA ARG B 40 -20.41 -34.74 69.47
C ARG B 40 -21.40 -35.74 70.03
N ALA B 41 -22.31 -35.28 70.90
CA ALA B 41 -23.36 -36.15 71.40
C ALA B 41 -24.37 -36.45 70.30
N ILE B 42 -24.64 -35.48 69.42
CA ILE B 42 -25.57 -35.70 68.32
C ILE B 42 -24.97 -36.68 67.32
N LEU B 43 -23.66 -36.60 67.10
CA LEU B 43 -23.01 -37.51 66.15
C LEU B 43 -23.08 -38.95 66.63
N TYR B 44 -23.02 -39.17 67.93
CA TYR B 44 -23.10 -40.53 68.46
C TYR B 44 -24.53 -41.07 68.36
N LYS B 45 -25.52 -40.18 68.30
CA LYS B 45 -26.90 -40.61 68.09
C LYS B 45 -27.26 -40.76 66.63
N ARG B 46 -26.55 -40.07 65.74
CA ARG B 46 -26.85 -40.03 64.32
C ARG B 46 -26.18 -41.18 63.55
N LEU B 47 -24.94 -41.50 63.89
CA LEU B 47 -24.17 -42.45 63.11
C LEU B 47 -24.45 -43.88 63.54
N LYS B 48 -24.06 -44.81 62.67
CA LYS B 48 -24.10 -46.24 62.96
C LYS B 48 -22.97 -46.58 63.91
N VAL B 49 -23.26 -46.63 65.20
CA VAL B 49 -22.23 -46.94 66.19
C VAL B 49 -21.96 -48.45 66.17
N PRO B 50 -20.71 -48.86 66.00
CA PRO B 50 -20.42 -50.30 65.99
C PRO B 50 -20.72 -50.92 67.32
N PRO B 51 -21.07 -52.20 67.35
CA PRO B 51 -21.51 -52.84 68.61
C PRO B 51 -20.46 -52.81 69.72
N ALA B 52 -19.18 -52.91 69.39
CA ALA B 52 -18.16 -52.92 70.44
C ALA B 52 -18.13 -51.60 71.20
N ILE B 53 -18.42 -50.49 70.53
CA ILE B 53 -18.51 -49.20 71.21
C ILE B 53 -19.90 -48.96 71.76
N ASN B 54 -20.92 -49.53 71.11
CA ASN B 54 -22.31 -49.34 71.53
C ASN B 54 -22.67 -50.16 72.76
N GLN B 55 -21.90 -51.20 73.09
CA GLN B 55 -22.24 -52.05 74.22
C GLN B 55 -22.06 -51.33 75.54
N PHE B 56 -21.36 -50.20 75.56
CA PHE B 56 -21.17 -49.43 76.77
C PHE B 56 -22.34 -48.51 77.05
N THR B 57 -23.26 -48.35 76.09
CA THR B 57 -24.51 -47.65 76.36
C THR B 57 -25.33 -48.40 77.41
N GLN B 58 -25.42 -49.71 77.27
CA GLN B 58 -26.07 -50.52 78.29
C GLN B 58 -25.25 -50.52 79.57
N ALA B 59 -25.93 -50.34 80.69
CA ALA B 59 -25.26 -50.21 81.99
C ALA B 59 -26.21 -50.67 83.08
N LEU B 60 -25.63 -50.89 84.27
CA LEU B 60 -26.43 -51.33 85.41
C LEU B 60 -27.44 -50.27 85.81
N ASP B 61 -28.58 -50.74 86.30
CA ASP B 61 -29.65 -49.85 86.75
C ASP B 61 -29.26 -49.23 88.10
N ARG B 62 -30.14 -48.36 88.61
CA ARG B 62 -29.83 -47.64 89.84
C ARG B 62 -29.69 -48.58 91.03
N GLN B 63 -30.65 -49.48 91.21
CA GLN B 63 -30.61 -50.37 92.37
C GLN B 63 -29.42 -51.31 92.30
N THR B 64 -29.11 -51.85 91.12
CA THR B 64 -27.99 -52.78 90.99
C THR B 64 -26.66 -52.05 91.14
N ALA B 65 -26.58 -50.80 90.66
CA ALA B 65 -25.34 -50.04 90.77
C ALA B 65 -25.04 -49.67 92.22
N THR B 66 -26.07 -49.24 92.96
CA THR B 66 -25.86 -48.88 94.36
C THR B 66 -25.48 -50.08 95.19
N GLN B 67 -26.10 -51.23 94.93
CA GLN B 67 -25.72 -52.45 95.65
C GLN B 67 -24.28 -52.85 95.35
N LEU B 68 -23.87 -52.73 94.09
CA LEU B 68 -22.50 -53.06 93.73
C LEU B 68 -21.51 -52.09 94.37
N LEU B 69 -21.86 -50.81 94.44
CA LEU B 69 -21.00 -49.84 95.09
C LEU B 69 -20.98 -50.02 96.61
N LYS B 70 -22.08 -50.51 97.18
CA LYS B 70 -22.07 -50.83 98.61
C LYS B 70 -21.12 -51.96 98.92
N LEU B 71 -21.13 -53.02 98.09
CA LEU B 71 -20.20 -54.11 98.27
C LEU B 71 -18.76 -53.65 98.05
N ALA B 72 -18.54 -52.82 97.03
CA ALA B 72 -17.20 -52.34 96.74
C ALA B 72 -16.71 -51.38 97.83
N HIS B 73 -17.64 -50.69 98.48
CA HIS B 73 -17.28 -49.80 99.59
C HIS B 73 -16.62 -50.58 100.72
N LYS B 74 -17.02 -51.84 100.91
CA LYS B 74 -16.50 -52.63 102.01
C LYS B 74 -15.09 -53.13 101.71
N TYR B 75 -14.63 -53.00 100.47
CA TYR B 75 -13.35 -53.55 100.05
C TYR B 75 -12.43 -52.49 99.46
N ARG B 76 -12.61 -51.24 99.87
CA ARG B 76 -11.83 -50.15 99.34
C ARG B 76 -10.36 -50.31 99.74
N PRO B 77 -9.42 -49.97 98.86
CA PRO B 77 -8.01 -49.97 99.23
C PRO B 77 -7.74 -48.94 100.32
N GLU B 78 -6.77 -49.25 101.16
CA GLU B 78 -6.45 -48.39 102.28
C GLU B 78 -5.88 -47.06 101.79
N THR B 79 -6.26 -45.99 102.47
CA THR B 79 -5.76 -44.67 102.15
C THR B 79 -4.31 -44.53 102.59
N LYS B 80 -3.71 -43.39 102.31
CA LYS B 80 -2.31 -43.18 102.69
C LYS B 80 -2.15 -43.18 104.20
N GLN B 81 -3.09 -42.57 104.92
CA GLN B 81 -3.03 -42.59 106.38
C GLN B 81 -3.20 -44.01 106.93
N GLU B 82 -4.13 -44.77 106.36
CA GLU B 82 -4.32 -46.15 106.81
C GLU B 82 -3.08 -46.99 106.53
N LYS B 83 -2.44 -46.78 105.39
CA LYS B 83 -1.21 -47.51 105.07
C LYS B 83 -0.11 -47.19 106.08
N LYS B 84 0.01 -45.91 106.45
CA LYS B 84 1.01 -45.51 107.44
C LYS B 84 0.69 -46.13 108.80
N GLN B 85 -0.59 -46.19 109.15
CA GLN B 85 -0.98 -46.82 110.41
C GLN B 85 -0.61 -48.30 110.42
N ARG B 86 -0.85 -49.00 109.31
CA ARG B 86 -0.53 -50.42 109.25
C ARG B 86 0.97 -50.66 109.31
N LEU B 87 1.75 -49.83 108.61
CA LEU B 87 3.20 -49.98 108.63
C LEU B 87 3.76 -49.77 110.02
N LEU B 88 3.25 -48.74 110.72
CA LEU B 88 3.67 -48.52 112.11
C LEU B 88 3.23 -49.66 113.01
N ALA B 89 2.01 -50.16 112.81
CA ALA B 89 1.50 -51.24 113.66
C ALA B 89 2.33 -52.51 113.50
N ARG B 90 2.68 -52.85 112.26
CA ARG B 90 3.47 -54.06 112.03
C ARG B 90 4.88 -53.91 112.60
N ALA B 91 5.47 -52.72 112.44
CA ALA B 91 6.81 -52.49 112.97
C ALA B 91 6.83 -52.57 114.50
N GLU B 92 5.80 -52.00 115.15
CA GLU B 92 5.73 -52.07 116.61
C GLU B 92 5.54 -53.50 117.08
N LYS B 93 4.70 -54.28 116.39
CA LYS B 93 4.51 -55.67 116.76
C LYS B 93 5.78 -56.48 116.59
N LYS B 94 6.50 -56.27 115.48
CA LYS B 94 7.74 -57.00 115.24
C LYS B 94 8.80 -56.63 116.28
N ALA B 95 8.91 -55.35 116.63
CA ALA B 95 9.89 -54.90 117.59
C ALA B 95 9.22 -54.15 118.74
N ARG B 105 -2.93 -60.98 103.94
CA ARG B 105 -3.54 -59.73 103.49
C ARG B 105 -5.04 -59.91 103.25
N PRO B 106 -5.84 -59.03 103.83
CA PRO B 106 -7.29 -59.10 103.62
C PRO B 106 -7.62 -58.82 102.18
N PRO B 107 -8.72 -59.38 101.67
CA PRO B 107 -9.11 -59.14 100.28
C PRO B 107 -9.44 -57.67 100.04
N VAL B 108 -9.20 -57.23 98.80
CA VAL B 108 -9.29 -55.83 98.44
C VAL B 108 -9.61 -55.73 96.95
N LEU B 109 -10.28 -54.64 96.59
CA LEU B 109 -10.50 -54.32 95.18
C LEU B 109 -9.16 -54.05 94.50
N ARG B 110 -9.13 -54.28 93.19
CA ARG B 110 -7.94 -54.05 92.39
CA ARG B 110 -7.94 -54.05 92.39
C ARG B 110 -8.31 -53.19 91.19
N ALA B 111 -7.61 -52.07 91.04
CA ALA B 111 -7.91 -51.07 90.04
C ALA B 111 -6.93 -51.13 88.89
N GLY B 112 -7.28 -50.44 87.82
CA GLY B 112 -6.42 -50.34 86.65
C GLY B 112 -6.79 -51.33 85.56
N VAL B 113 -6.84 -50.84 84.31
CA VAL B 113 -7.17 -51.73 83.20
C VAL B 113 -6.06 -52.73 82.97
N ASN B 114 -4.82 -52.37 83.30
CA ASN B 114 -3.71 -53.28 83.14
C ASN B 114 -3.72 -54.38 84.19
N THR B 115 -3.98 -54.02 85.45
CA THR B 115 -4.07 -55.02 86.50
C THR B 115 -5.24 -55.95 86.28
N VAL B 116 -6.40 -55.39 85.90
CA VAL B 116 -7.59 -56.20 85.74
C VAL B 116 -7.47 -57.11 84.53
N THR B 117 -6.92 -56.62 83.42
CA THR B 117 -6.77 -57.44 82.23
C THR B 117 -5.91 -58.67 82.53
N THR B 118 -4.84 -58.48 83.31
CA THR B 118 -4.01 -59.60 83.72
C THR B 118 -4.79 -60.58 84.59
N LEU B 119 -5.61 -60.06 85.52
CA LEU B 119 -6.38 -60.94 86.40
C LEU B 119 -7.39 -61.78 85.63
N VAL B 120 -8.05 -61.18 84.65
CA VAL B 120 -8.96 -61.95 83.80
C VAL B 120 -8.22 -62.99 82.99
N GLU B 121 -7.04 -62.63 82.47
CA GLU B 121 -6.25 -63.59 81.70
C GLU B 121 -5.80 -64.75 82.58
N ASN B 122 -5.70 -64.54 83.89
CA ASN B 122 -5.33 -65.60 84.81
C ASN B 122 -6.53 -66.25 85.49
N LYS B 123 -7.74 -65.82 85.16
CA LYS B 123 -8.98 -66.32 85.77
C LYS B 123 -9.01 -66.12 87.28
N LYS B 124 -8.27 -65.13 87.78
CA LYS B 124 -8.25 -64.82 89.21
C LYS B 124 -9.30 -63.83 89.63
N ALA B 125 -10.05 -63.26 88.69
CA ALA B 125 -11.07 -62.28 89.00
C ALA B 125 -12.43 -62.94 89.07
N GLN B 126 -13.24 -62.50 90.04
CA GLN B 126 -14.61 -62.96 90.19
C GLN B 126 -15.64 -62.01 89.63
N LEU B 127 -15.28 -60.73 89.47
CA LEU B 127 -16.21 -59.73 88.94
C LEU B 127 -15.39 -58.55 88.45
N VAL B 128 -15.74 -58.04 87.27
CA VAL B 128 -15.08 -56.87 86.70
C VAL B 128 -16.12 -55.79 86.48
N VAL B 129 -15.82 -54.58 86.93
CA VAL B 129 -16.69 -53.43 86.77
C VAL B 129 -16.00 -52.45 85.82
N ILE B 130 -16.67 -52.12 84.72
CA ILE B 130 -16.11 -51.27 83.68
C ILE B 130 -16.93 -50.00 83.60
N ALA B 131 -16.25 -48.85 83.69
CA ALA B 131 -16.92 -47.57 83.48
C ALA B 131 -17.36 -47.43 82.04
N HIS B 132 -18.51 -46.78 81.84
CA HIS B 132 -19.10 -46.69 80.51
C HIS B 132 -18.56 -45.53 79.69
N ASP B 133 -17.79 -44.62 80.28
CA ASP B 133 -17.30 -43.42 79.59
C ASP B 133 -15.80 -43.29 79.81
N VAL B 134 -15.02 -43.86 78.90
CA VAL B 134 -13.56 -43.70 78.89
C VAL B 134 -13.20 -42.91 77.65
N ASP B 135 -12.47 -41.80 77.85
CA ASP B 135 -12.28 -40.84 76.76
C ASP B 135 -11.60 -41.47 75.56
N PRO B 136 -10.47 -42.18 75.69
CA PRO B 136 -10.13 -43.17 74.66
C PRO B 136 -10.84 -44.48 74.94
N ILE B 137 -11.84 -44.82 74.14
CA ILE B 137 -12.62 -46.03 74.38
C ILE B 137 -11.80 -47.27 74.08
N GLU B 138 -10.67 -47.13 73.37
CA GLU B 138 -9.81 -48.26 73.06
C GLU B 138 -9.24 -48.90 74.32
N LEU B 139 -9.21 -48.17 75.43
CA LEU B 139 -8.71 -48.72 76.68
C LEU B 139 -9.57 -49.87 77.18
N VAL B 140 -10.85 -49.91 76.79
CA VAL B 140 -11.77 -50.87 77.36
C VAL B 140 -12.61 -51.59 76.32
N VAL B 141 -12.49 -51.19 75.04
CA VAL B 141 -13.41 -51.73 74.04
C VAL B 141 -13.17 -53.22 73.83
N PHE B 142 -12.01 -53.71 74.29
CA PHE B 142 -11.73 -55.13 74.20
C PHE B 142 -12.21 -55.90 75.43
N LEU B 143 -12.31 -55.22 76.57
CA LEU B 143 -12.41 -55.92 77.85
C LEU B 143 -13.67 -56.76 78.00
N PRO B 144 -14.88 -56.29 77.66
CA PRO B 144 -16.06 -57.15 77.79
C PRO B 144 -15.96 -58.44 77.00
N ALA B 145 -15.39 -58.40 75.79
CA ALA B 145 -15.26 -59.62 75.00
C ALA B 145 -14.21 -60.55 75.61
N LEU B 146 -13.15 -59.99 76.17
CA LEU B 146 -12.16 -60.81 76.85
C LEU B 146 -12.75 -61.49 78.08
N CYS B 147 -13.58 -60.76 78.83
CA CYS B 147 -14.20 -61.33 80.02
C CYS B 147 -15.13 -62.48 79.66
N ARG B 148 -15.87 -62.36 78.56
CA ARG B 148 -16.76 -63.44 78.15
C ARG B 148 -15.99 -64.68 77.77
N LYS B 149 -14.88 -64.51 77.04
CA LYS B 149 -14.12 -65.65 76.53
C LYS B 149 -13.55 -66.48 77.68
N MET B 150 -13.07 -65.81 78.72
CA MET B 150 -12.50 -66.50 79.87
C MET B 150 -13.53 -66.79 80.96
N GLY B 151 -14.79 -66.42 80.75
CA GLY B 151 -15.85 -66.80 81.65
C GLY B 151 -15.90 -66.05 82.97
N VAL B 152 -15.47 -64.80 83.00
CA VAL B 152 -15.59 -64.01 84.21
C VAL B 152 -16.76 -63.04 84.02
N PRO B 153 -17.59 -62.83 85.03
CA PRO B 153 -18.71 -61.89 84.87
C PRO B 153 -18.24 -60.44 84.88
N TYR B 154 -18.82 -59.64 84.00
CA TYR B 154 -18.48 -58.23 83.86
C TYR B 154 -19.77 -57.41 83.85
N CYS B 155 -19.71 -56.24 84.47
CA CYS B 155 -20.81 -55.29 84.44
C CYS B 155 -20.28 -53.95 83.96
N ILE B 156 -21.15 -53.21 83.27
CA ILE B 156 -20.85 -51.84 82.84
C ILE B 156 -21.59 -50.91 83.78
N ILE B 157 -20.86 -49.98 84.39
CA ILE B 157 -21.41 -49.09 85.41
C ILE B 157 -21.52 -47.69 84.84
N LYS B 158 -22.47 -46.92 85.37
CA LYS B 158 -22.76 -45.58 84.87
C LYS B 158 -21.96 -44.58 85.71
N GLY B 159 -20.70 -44.41 85.33
CA GLY B 159 -19.85 -43.44 85.96
C GLY B 159 -18.40 -43.86 85.99
N LYS B 160 -17.51 -42.93 85.64
CA LYS B 160 -16.08 -43.14 85.71
C LYS B 160 -15.46 -42.47 86.93
N ALA B 161 -16.07 -41.39 87.40
CA ALA B 161 -15.68 -40.79 88.66
C ALA B 161 -16.18 -41.60 89.85
N ARG B 162 -17.27 -42.34 89.67
CA ARG B 162 -17.79 -43.18 90.76
C ARG B 162 -16.79 -44.27 91.13
N LEU B 163 -16.20 -44.91 90.13
CA LEU B 163 -15.17 -45.91 90.39
C LEU B 163 -13.92 -45.27 90.95
N GLY B 164 -13.60 -44.05 90.52
CA GLY B 164 -12.48 -43.34 91.08
C GLY B 164 -12.66 -43.04 92.56
N HIS B 165 -13.90 -42.70 92.95
CA HIS B 165 -14.16 -42.43 94.35
C HIS B 165 -13.95 -43.65 95.22
N LEU B 166 -14.12 -44.85 94.65
CA LEU B 166 -13.85 -46.07 95.40
C LEU B 166 -12.38 -46.20 95.75
N VAL B 167 -11.50 -45.86 94.81
CA VAL B 167 -10.07 -46.05 94.98
C VAL B 167 -9.38 -44.75 95.42
N HIS B 168 -10.15 -43.78 95.91
CA HIS B 168 -9.62 -42.51 96.42
C HIS B 168 -8.80 -41.77 95.38
N ARG B 169 -9.28 -41.78 94.13
CA ARG B 169 -8.67 -41.04 93.05
C ARG B 169 -9.76 -40.35 92.25
N LYS B 170 -9.37 -39.50 91.31
CA LYS B 170 -10.34 -38.75 90.53
C LYS B 170 -11.10 -39.65 89.57
N THR B 171 -10.40 -40.58 88.93
CA THR B 171 -10.94 -41.33 87.81
C THR B 171 -10.36 -42.74 87.85
N CYS B 172 -11.22 -43.73 87.65
CA CYS B 172 -10.78 -45.10 87.51
C CYS B 172 -11.53 -45.72 86.32
N THR B 173 -10.85 -46.61 85.63
CA THR B 173 -11.38 -47.24 84.44
C THR B 173 -12.00 -48.60 84.73
N THR B 174 -11.31 -49.47 85.47
CA THR B 174 -11.85 -50.77 85.86
C THR B 174 -11.52 -51.04 87.31
N VAL B 175 -12.37 -51.84 87.94
CA VAL B 175 -12.19 -52.32 89.30
C VAL B 175 -12.63 -53.78 89.33
N ALA B 176 -11.86 -54.63 90.00
CA ALA B 176 -12.11 -56.06 89.99
C ALA B 176 -12.19 -56.61 91.41
N PHE B 177 -13.16 -57.48 91.63
CA PHE B 177 -13.23 -58.28 92.85
C PHE B 177 -12.39 -59.54 92.66
N THR B 178 -11.48 -59.81 93.59
CA THR B 178 -10.61 -60.98 93.51
C THR B 178 -10.94 -62.02 94.57
N GLN B 179 -11.05 -61.61 95.83
CA GLN B 179 -11.45 -62.48 96.91
C GLN B 179 -12.47 -61.76 97.78
N VAL B 180 -13.37 -62.51 98.39
CA VAL B 180 -14.42 -61.96 99.23
C VAL B 180 -14.55 -62.82 100.48
N ASN B 181 -14.65 -62.15 101.64
CA ASN B 181 -14.81 -62.86 102.90
C ASN B 181 -16.13 -63.63 102.91
N SER B 182 -16.16 -64.73 103.68
CA SER B 182 -17.33 -65.58 103.74
C SER B 182 -18.55 -64.87 104.33
N GLU B 183 -18.34 -63.74 105.01
CA GLU B 183 -19.46 -63.02 105.60
C GLU B 183 -20.39 -62.43 104.54
N ASP B 184 -19.85 -62.03 103.40
CA ASP B 184 -20.62 -61.36 102.37
C ASP B 184 -20.38 -61.98 101.00
N LYS B 185 -20.24 -63.31 100.94
CA LYS B 185 -20.29 -63.99 99.65
C LYS B 185 -21.70 -64.10 99.11
N GLY B 186 -22.72 -63.97 99.96
CA GLY B 186 -24.08 -64.03 99.49
C GLY B 186 -24.43 -62.85 98.60
N ALA B 187 -24.04 -61.64 99.01
CA ALA B 187 -24.30 -60.47 98.19
C ALA B 187 -23.55 -60.53 96.87
N LEU B 188 -22.31 -61.03 96.90
CA LEU B 188 -21.54 -61.21 95.69
C LEU B 188 -22.21 -62.22 94.76
N ALA B 189 -22.75 -63.29 95.32
CA ALA B 189 -23.35 -64.35 94.50
C ALA B 189 -24.60 -63.85 93.78
N LYS B 190 -25.50 -63.17 94.49
CA LYS B 190 -26.74 -62.73 93.86
C LYS B 190 -26.47 -61.68 92.78
N LEU B 191 -25.52 -60.77 93.04
CA LEU B 191 -25.14 -59.81 92.02
C LEU B 191 -24.56 -60.51 90.80
N VAL B 192 -23.67 -61.48 91.00
CA VAL B 192 -23.04 -62.17 89.89
C VAL B 192 -24.07 -62.86 89.02
N GLU B 193 -25.06 -63.51 89.64
CA GLU B 193 -26.10 -64.18 88.87
C GLU B 193 -26.89 -63.19 88.02
N ALA B 194 -27.22 -62.04 88.59
CA ALA B 194 -27.95 -61.02 87.84
C ALA B 194 -27.13 -60.48 86.67
N ILE B 195 -25.84 -60.23 86.92
CA ILE B 195 -24.98 -59.67 85.88
C ILE B 195 -24.74 -60.70 84.77
N ARG B 196 -24.52 -61.97 85.13
CA ARG B 196 -24.29 -62.99 84.11
C ARG B 196 -25.52 -63.16 83.22
N THR B 197 -26.72 -63.14 83.80
CA THR B 197 -27.92 -63.28 82.99
C THR B 197 -28.17 -62.05 82.12
N ASN B 198 -27.47 -60.95 82.38
CA ASN B 198 -27.67 -59.71 81.65
C ASN B 198 -26.61 -59.48 80.59
N TYR B 199 -25.36 -59.91 80.84
CA TYR B 199 -24.24 -59.61 79.96
C TYR B 199 -23.67 -60.86 79.29
N ASN B 200 -23.25 -61.85 80.08
CA ASN B 200 -22.56 -63.01 79.51
C ASN B 200 -23.53 -63.95 78.81
N ASP B 201 -24.75 -64.10 79.35
CA ASP B 201 -25.70 -65.06 78.79
C ASP B 201 -26.24 -64.63 77.43
N ARG B 202 -26.29 -63.33 77.14
CA ARG B 202 -26.77 -62.82 75.86
C ARG B 202 -25.63 -62.01 75.23
N TYR B 203 -24.78 -62.68 74.45
CA TYR B 203 -23.66 -62.01 73.81
C TYR B 203 -23.70 -62.05 72.29
N ASP B 204 -24.40 -63.02 71.70
CA ASP B 204 -24.64 -62.97 70.27
C ASP B 204 -25.46 -61.75 69.90
N GLU B 205 -26.43 -61.39 70.74
CA GLU B 205 -27.22 -60.19 70.49
C GLU B 205 -26.37 -58.92 70.62
N ILE B 206 -25.50 -58.86 71.62
CA ILE B 206 -24.67 -57.67 71.82
C ILE B 206 -23.73 -57.46 70.64
N ARG B 207 -23.10 -58.55 70.16
CA ARG B 207 -22.20 -58.43 69.02
C ARG B 207 -22.94 -57.97 67.77
N ARG B 208 -24.23 -58.28 67.68
CA ARG B 208 -25.04 -57.97 66.51
C ARG B 208 -25.97 -56.79 66.72
N HIS B 209 -25.78 -56.02 67.80
CA HIS B 209 -26.64 -54.88 68.11
C HIS B 209 -25.87 -53.60 67.81
N TRP B 210 -26.33 -52.87 66.78
CA TRP B 210 -25.69 -51.62 66.41
C TRP B 210 -26.29 -50.47 67.22
N GLY B 211 -25.74 -49.27 67.03
CA GLY B 211 -26.16 -48.12 67.81
C GLY B 211 -26.42 -46.92 66.94
N GLY B 212 -26.93 -45.87 67.56
CA GLY B 212 -27.28 -44.65 66.85
C GLY B 212 -28.31 -44.92 65.77
N ASN B 213 -28.06 -44.35 64.59
CA ASN B 213 -28.94 -44.47 63.43
C ASN B 213 -30.37 -44.04 63.80
N VAL B 214 -30.48 -42.84 64.34
CA VAL B 214 -31.77 -42.19 64.59
C VAL B 214 -31.69 -40.78 64.04
N LEU B 215 -32.77 -40.36 63.37
CA LEU B 215 -32.79 -39.04 62.77
C LEU B 215 -33.11 -37.99 63.82
N GLY B 216 -32.95 -36.73 63.45
CA GLY B 216 -33.23 -35.63 64.34
C GLY B 216 -34.71 -35.45 64.56
N PRO B 217 -35.07 -34.69 65.61
CA PRO B 217 -36.51 -34.48 65.89
C PRO B 217 -37.28 -33.90 64.73
N LYS B 218 -36.70 -32.97 63.97
CA LYS B 218 -37.42 -32.38 62.86
C LYS B 218 -37.51 -33.35 61.69
N SER B 219 -36.48 -34.17 61.49
CA SER B 219 -36.50 -35.14 60.40
C SER B 219 -37.58 -36.18 60.62
N VAL B 220 -37.63 -36.78 61.81
CA VAL B 220 -38.62 -37.81 62.09
C VAL B 220 -40.04 -37.26 62.02
N ALA B 221 -40.21 -35.97 62.33
CA ALA B 221 -41.52 -35.35 62.19
C ALA B 221 -41.93 -35.23 60.72
N ARG B 222 -40.97 -34.92 59.85
CA ARG B 222 -41.27 -34.73 58.43
C ARG B 222 -41.74 -36.04 57.78
N ILE B 223 -41.06 -37.15 58.10
CA ILE B 223 -41.49 -38.44 57.56
C ILE B 223 -42.84 -38.83 58.15
N ALA B 224 -43.08 -38.49 59.42
CA ALA B 224 -44.37 -38.80 60.03
C ALA B 224 -45.52 -38.09 59.30
N LYS B 225 -45.31 -36.83 58.92
CA LYS B 225 -46.33 -36.11 58.16
C LYS B 225 -46.55 -36.75 56.79
N LEU B 226 -45.45 -37.17 56.14
CA LEU B 226 -45.58 -37.83 54.84
C LEU B 226 -46.32 -39.15 54.95
N GLU B 227 -46.03 -39.92 56.01
CA GLU B 227 -46.72 -41.19 56.20
C GLU B 227 -48.20 -40.98 56.48
N LYS B 228 -48.53 -39.95 57.26
CA LYS B 228 -49.93 -39.64 57.52
C LYS B 228 -50.65 -39.25 56.23
N ALA B 229 -50.00 -38.47 55.39
CA ALA B 229 -50.59 -38.09 54.11
C ALA B 229 -50.79 -39.31 53.21
N LYS B 230 -49.80 -40.21 53.19
CA LYS B 230 -49.93 -41.43 52.38
C LYS B 230 -51.09 -42.30 52.86
N ALA B 231 -51.26 -42.41 54.18
CA ALA B 231 -52.40 -43.16 54.71
C ALA B 231 -53.72 -42.51 54.33
N LYS B 232 -53.78 -41.18 54.38
CA LYS B 232 -54.99 -40.44 54.01
C LYS B 232 -55.30 -40.61 52.52
N MET C 1 75.79 12.16 -47.97
CA MET C 1 76.68 12.46 -49.08
C MET C 1 77.15 13.90 -49.03
N LYS C 2 78.45 14.10 -48.91
CA LYS C 2 79.06 15.42 -48.90
C LYS C 2 79.86 15.56 -50.18
N THR C 3 79.36 16.36 -51.11
CA THR C 3 80.03 16.58 -52.39
C THR C 3 81.31 17.37 -52.18
N ILE C 4 82.37 16.96 -52.86
CA ILE C 4 83.68 17.57 -52.63
C ILE C 4 83.67 19.04 -53.03
N LEU C 5 83.20 19.34 -54.24
CA LEU C 5 83.26 20.70 -54.77
C LEU C 5 82.05 21.00 -55.63
N SER C 6 81.38 22.11 -55.33
CA SER C 6 80.31 22.65 -56.16
C SER C 6 80.62 24.10 -56.43
N ASN C 7 80.69 24.47 -57.71
CA ASN C 7 81.14 25.79 -58.10
C ASN C 7 80.23 26.35 -59.19
N GLN C 8 80.16 27.69 -59.23
CA GLN C 8 79.42 28.40 -60.28
C GLN C 8 80.09 29.75 -60.47
N THR C 9 79.97 30.28 -61.68
CA THR C 9 80.65 31.52 -62.06
C THR C 9 79.64 32.51 -62.62
N VAL C 10 79.87 33.79 -62.33
CA VAL C 10 79.08 34.89 -62.85
C VAL C 10 80.02 35.78 -63.67
N ASP C 11 79.61 36.09 -64.90
CA ASP C 11 80.39 36.98 -65.75
C ASP C 11 80.04 38.43 -65.44
N ILE C 12 81.07 39.25 -65.27
CA ILE C 12 80.92 40.66 -64.91
C ILE C 12 81.04 41.49 -66.18
N PRO C 13 80.05 42.32 -66.52
CA PRO C 13 80.16 43.18 -67.71
C PRO C 13 81.27 44.20 -67.56
N GLU C 14 81.52 44.93 -68.66
CA GLU C 14 82.60 45.89 -68.70
C GLU C 14 82.26 47.20 -67.98
N ASN C 15 80.98 47.50 -67.79
CA ASN C 15 80.57 48.73 -67.12
C ASN C 15 80.53 48.58 -65.60
N VAL C 16 80.81 47.40 -65.07
CA VAL C 16 80.63 47.10 -63.66
C VAL C 16 81.98 46.74 -63.05
N GLU C 17 82.27 47.30 -61.88
CA GLU C 17 83.43 46.91 -61.08
C GLU C 17 82.92 46.24 -59.80
N ILE C 18 83.36 45.01 -59.57
CA ILE C 18 83.01 44.26 -58.36
C ILE C 18 84.26 44.15 -57.48
N THR C 19 84.11 44.53 -56.22
CA THR C 19 85.17 44.39 -55.23
C THR C 19 84.68 43.49 -54.10
N LEU C 20 85.59 42.66 -53.58
CA LEU C 20 85.26 41.68 -52.56
C LEU C 20 86.02 42.03 -51.28
N LYS C 21 85.28 42.39 -50.23
CA LYS C 21 85.83 42.46 -48.87
C LYS C 21 85.36 41.21 -48.14
N GLY C 22 86.09 40.13 -48.33
CA GLY C 22 85.67 38.84 -47.81
C GLY C 22 84.42 38.34 -48.51
N ARG C 23 83.34 38.15 -47.74
CA ARG C 23 82.06 37.76 -48.29
C ARG C 23 81.13 38.95 -48.48
N THR C 24 81.66 40.17 -48.40
CA THR C 24 80.92 41.39 -48.71
C THR C 24 81.17 41.72 -50.18
N VAL C 25 80.09 41.91 -50.92
CA VAL C 25 80.17 42.17 -52.35
C VAL C 25 79.76 43.62 -52.61
N ILE C 26 80.61 44.37 -53.29
CA ILE C 26 80.32 45.73 -53.71
C ILE C 26 80.29 45.75 -55.23
N VAL C 27 79.14 46.11 -55.79
CA VAL C 27 78.95 46.21 -57.23
C VAL C 27 78.76 47.67 -57.59
N LYS C 28 79.60 48.17 -58.49
CA LYS C 28 79.59 49.57 -58.88
C LYS C 28 79.33 49.68 -60.37
N GLY C 29 78.32 50.46 -60.73
CA GLY C 29 77.94 50.62 -62.11
C GLY C 29 77.49 52.03 -62.42
N PRO C 30 77.05 52.26 -63.66
CA PRO C 30 76.66 53.62 -64.05
C PRO C 30 75.51 54.20 -63.23
N ARG C 31 74.61 53.37 -62.71
CA ARG C 31 73.48 53.87 -61.95
C ARG C 31 73.76 53.99 -60.45
N GLY C 32 74.91 53.53 -59.98
CA GLY C 32 75.24 53.65 -58.57
C GLY C 32 75.93 52.42 -58.06
N THR C 33 75.85 52.23 -56.73
CA THR C 33 76.56 51.17 -56.05
C THR C 33 75.61 50.36 -55.19
N LEU C 34 75.86 49.06 -55.08
CA LEU C 34 75.10 48.17 -54.24
C LEU C 34 76.05 47.34 -53.38
N ARG C 35 75.62 47.05 -52.15
CA ARG C 35 76.42 46.30 -51.20
C ARG C 35 75.57 45.18 -50.64
N ARG C 36 76.19 44.04 -50.36
CA ARG C 36 75.45 42.93 -49.77
C ARG C 36 76.41 42.03 -49.01
N ASP C 37 75.98 41.59 -47.84
CA ASP C 37 76.77 40.74 -46.97
C ASP C 37 76.33 39.29 -47.13
N PHE C 38 77.29 38.38 -47.28
CA PHE C 38 77.01 36.96 -47.39
C PHE C 38 77.71 36.19 -46.28
N ASN C 39 77.90 36.82 -45.12
CA ASN C 39 78.56 36.17 -44.01
C ASN C 39 77.75 35.01 -43.44
N HIS C 40 76.48 34.89 -43.80
CA HIS C 40 75.64 33.78 -43.35
C HIS C 40 75.82 32.54 -44.19
N ILE C 41 76.61 32.60 -45.25
CA ILE C 41 76.88 31.46 -46.13
C ILE C 41 78.37 31.22 -46.15
N ASN C 42 78.78 29.98 -45.87
CA ASN C 42 80.19 29.62 -45.79
C ASN C 42 80.66 29.15 -47.16
N VAL C 43 80.99 30.12 -48.00
CA VAL C 43 81.52 29.87 -49.34
C VAL C 43 82.74 30.77 -49.54
N GLU C 44 83.54 30.43 -50.54
CA GLU C 44 84.71 31.21 -50.89
C GLU C 44 84.42 31.96 -52.19
N LEU C 45 84.67 33.27 -52.18
CA LEU C 45 84.41 34.13 -53.33
C LEU C 45 85.73 34.59 -53.92
N SER C 46 85.87 34.45 -55.23
CA SER C 46 87.10 34.78 -55.92
C SER C 46 86.81 35.64 -57.14
N LEU C 47 87.76 36.51 -57.46
CA LEU C 47 87.73 37.31 -58.68
C LEU C 47 88.79 36.77 -59.63
N LEU C 48 88.38 36.46 -60.85
CA LEU C 48 89.26 35.82 -61.83
C LEU C 48 89.40 36.70 -63.05
N GLY C 49 90.63 36.87 -63.52
CA GLY C 49 90.88 37.58 -64.76
C GLY C 49 91.27 39.03 -64.60
N LYS C 50 92.06 39.54 -65.54
CA LYS C 50 92.39 40.97 -65.57
C LYS C 50 91.42 41.73 -66.46
N LYS C 51 91.12 41.19 -67.64
CA LYS C 51 90.05 41.70 -68.49
C LYS C 51 88.98 40.63 -68.60
N LYS C 52 87.73 41.07 -68.74
CA LYS C 52 86.57 40.18 -68.69
C LYS C 52 86.54 39.40 -67.37
N LYS C 53 86.39 40.15 -66.28
CA LYS C 53 86.46 39.57 -64.95
C LYS C 53 85.25 38.72 -64.64
N ARG C 54 85.46 37.72 -63.79
CA ARG C 54 84.42 36.78 -63.39
C ARG C 54 84.43 36.62 -61.88
N LEU C 55 83.27 36.29 -61.33
CA LEU C 55 83.12 35.98 -59.91
C LEU C 55 82.81 34.51 -59.78
N ARG C 56 83.65 33.79 -59.05
CA ARG C 56 83.49 32.35 -58.85
C ARG C 56 83.11 32.07 -57.41
N VAL C 57 82.08 31.25 -57.22
CA VAL C 57 81.61 30.84 -55.91
C VAL C 57 81.93 29.37 -55.72
N ASP C 58 82.59 29.04 -54.61
CA ASP C 58 82.99 27.68 -54.29
C ASP C 58 82.40 27.25 -52.97
N LYS C 59 81.90 26.01 -52.93
CA LYS C 59 81.51 25.35 -51.70
C LYS C 59 82.21 24.00 -51.64
N TRP C 60 82.91 23.74 -50.55
CA TRP C 60 83.63 22.49 -50.36
C TRP C 60 82.95 21.64 -49.31
N TRP C 61 82.87 20.33 -49.58
CA TRP C 61 82.35 19.36 -48.64
C TRP C 61 80.95 19.75 -48.13
N GLY C 62 80.10 20.17 -49.06
CA GLY C 62 78.77 20.58 -48.71
C GLY C 62 77.75 19.46 -48.85
N ASN C 63 76.75 19.49 -47.99
CA ASN C 63 75.64 18.57 -48.09
C ASN C 63 74.60 19.14 -49.07
N ARG C 64 73.49 18.43 -49.22
CA ARG C 64 72.48 18.82 -50.20
C ARG C 64 71.88 20.18 -49.85
N LYS C 65 71.68 20.45 -48.56
CA LYS C 65 71.05 21.71 -48.16
C LYS C 65 71.93 22.91 -48.48
N GLU C 66 73.23 22.80 -48.24
CA GLU C 66 74.12 23.94 -48.44
C GLU C 66 74.70 24.00 -49.85
N LEU C 67 74.45 23.00 -50.69
CA LEU C 67 74.77 23.16 -52.10
C LEU C 67 73.79 24.09 -52.80
N ALA C 68 72.63 24.34 -52.20
CA ALA C 68 71.63 25.22 -52.81
C ALA C 68 71.96 26.69 -52.61
N THR C 69 72.95 27.01 -51.78
CA THR C 69 73.33 28.40 -51.58
C THR C 69 74.28 28.90 -52.66
N VAL C 70 74.86 28.01 -53.47
CA VAL C 70 75.81 28.44 -54.50
C VAL C 70 75.10 29.24 -55.58
N ARG C 71 73.97 28.72 -56.09
CA ARG C 71 73.26 29.45 -57.13
C ARG C 71 72.49 30.63 -56.56
N THR C 72 72.10 30.56 -55.29
CA THR C 72 71.42 31.70 -54.67
C THR C 72 72.32 32.92 -54.63
N ILE C 73 73.59 32.74 -54.26
CA ILE C 73 74.53 33.84 -54.24
C ILE C 73 74.77 34.36 -55.65
N CYS C 74 74.93 33.45 -56.61
CA CYS C 74 75.18 33.87 -58.00
C CYS C 74 74.01 34.66 -58.54
N SER C 75 72.79 34.21 -58.28
CA SER C 75 71.60 34.91 -58.75
C SER C 75 71.48 36.28 -58.10
N HIS C 76 71.80 36.39 -56.81
CA HIS C 76 71.75 37.68 -56.15
C HIS C 76 72.76 38.65 -56.76
N VAL C 77 73.97 38.18 -57.06
CA VAL C 77 74.98 39.05 -57.64
C VAL C 77 74.58 39.47 -59.05
N GLN C 78 73.97 38.56 -59.82
CA GLN C 78 73.45 38.94 -61.12
C GLN C 78 72.33 39.97 -60.98
N ASN C 79 71.64 39.98 -59.84
CA ASN C 79 70.63 40.99 -59.61
C ASN C 79 71.24 42.35 -59.31
N MET C 80 72.33 42.38 -58.53
CA MET C 80 73.00 43.65 -58.26
C MET C 80 73.70 44.18 -59.50
N ILE C 81 74.15 43.30 -60.38
CA ILE C 81 74.74 43.75 -61.64
C ILE C 81 73.70 44.45 -62.49
N LYS C 82 72.55 43.82 -62.66
CA LYS C 82 71.48 44.42 -63.45
C LYS C 82 70.89 45.63 -62.73
N GLY C 83 70.98 45.66 -61.40
CA GLY C 83 70.50 46.81 -60.66
C GLY C 83 71.32 48.06 -60.91
N VAL C 84 72.63 47.91 -61.12
CA VAL C 84 73.48 49.08 -61.32
C VAL C 84 73.68 49.43 -62.79
N THR C 85 73.23 48.58 -63.72
CA THR C 85 73.33 48.87 -65.14
C THR C 85 71.98 49.23 -65.75
N LEU C 86 70.97 48.39 -65.54
CA LEU C 86 69.65 48.61 -66.10
C LEU C 86 68.63 49.15 -65.11
N GLY C 87 68.79 48.84 -63.83
CA GLY C 87 67.81 49.21 -62.83
C GLY C 87 66.61 48.27 -62.86
N PHE C 88 65.75 48.43 -61.86
CA PHE C 88 64.54 47.65 -61.74
C PHE C 88 63.34 48.58 -61.77
N ARG C 89 62.37 48.25 -62.61
CA ARG C 89 61.14 49.03 -62.73
C ARG C 89 59.96 48.09 -62.64
N TYR C 90 59.15 48.25 -61.61
CA TYR C 90 57.95 47.44 -61.40
C TYR C 90 56.74 48.31 -61.69
N LYS C 91 55.91 47.90 -62.64
CA LYS C 91 54.69 48.62 -62.95
C LYS C 91 53.52 47.93 -62.30
N MET C 92 52.60 48.73 -61.74
CA MET C 92 51.42 48.25 -61.05
C MET C 92 50.19 48.86 -61.69
N ARG C 93 49.06 48.17 -61.63
CA ARG C 93 47.80 48.68 -62.14
C ARG C 93 46.74 48.64 -61.07
N SER C 94 45.84 49.62 -61.11
CA SER C 94 44.70 49.70 -60.20
C SER C 94 43.49 49.08 -60.88
N VAL C 95 42.93 48.05 -60.25
CA VAL C 95 41.76 47.35 -60.75
C VAL C 95 40.59 47.66 -59.83
N TYR C 96 39.50 48.15 -60.41
CA TYR C 96 38.32 48.48 -59.63
C TYR C 96 37.08 48.31 -60.50
N ALA C 97 35.95 48.09 -59.85
CA ALA C 97 34.68 47.93 -60.54
C ALA C 97 33.85 49.21 -60.50
N HIS C 98 33.67 49.80 -59.32
CA HIS C 98 32.86 51.00 -59.17
C HIS C 98 33.65 52.19 -58.66
N PHE C 99 34.45 52.01 -57.61
CA PHE C 99 35.14 53.13 -56.98
C PHE C 99 36.54 53.26 -57.53
N PRO C 100 36.86 54.34 -58.24
CA PRO C 100 38.24 54.52 -58.73
C PRO C 100 39.23 54.62 -57.58
N ILE C 101 40.41 54.08 -57.79
CA ILE C 101 41.49 54.14 -56.81
C ILE C 101 42.34 55.35 -57.12
N ASN C 102 42.33 56.33 -56.22
CA ASN C 102 43.07 57.58 -56.40
C ASN C 102 44.42 57.47 -55.69
N VAL C 103 45.49 57.66 -56.45
CA VAL C 103 46.85 57.57 -55.92
C VAL C 103 47.52 58.91 -56.07
N VAL C 104 48.07 59.42 -54.98
CA VAL C 104 48.78 60.69 -54.95
C VAL C 104 50.17 60.43 -54.37
N ILE C 105 51.19 60.97 -55.04
CA ILE C 105 52.59 60.73 -54.68
C ILE C 105 53.12 61.95 -53.93
N GLN C 106 53.70 61.71 -52.76
CA GLN C 106 54.29 62.77 -51.95
C GLN C 106 55.76 62.47 -51.70
N GLU C 107 56.49 63.52 -51.30
CA GLU C 107 57.89 63.40 -50.87
C GLU C 107 58.75 62.73 -51.93
N ASN C 108 58.61 63.20 -53.17
CA ASN C 108 59.44 62.76 -54.29
C ASN C 108 59.43 61.25 -54.46
N GLY C 109 58.24 60.67 -54.39
CA GLY C 109 58.07 59.25 -54.60
C GLY C 109 58.25 58.37 -53.38
N SER C 110 58.36 58.96 -52.18
CA SER C 110 58.60 58.16 -50.99
C SER C 110 57.33 57.78 -50.26
N LEU C 111 56.24 58.52 -50.45
CA LEU C 111 54.98 58.24 -49.77
C LEU C 111 53.86 58.15 -50.78
N VAL C 112 53.05 57.11 -50.66
CA VAL C 112 51.96 56.83 -51.58
C VAL C 112 50.66 56.91 -50.80
N GLU C 113 49.77 57.81 -51.21
CA GLU C 113 48.47 57.96 -50.58
C GLU C 113 47.40 57.39 -51.49
N ILE C 114 46.67 56.40 -50.99
CA ILE C 114 45.64 55.72 -51.74
C ILE C 114 44.29 56.06 -51.11
N ARG C 115 43.41 56.67 -51.90
CA ARG C 115 42.11 57.12 -51.44
C ARG C 115 40.99 56.41 -52.17
N ASN C 116 39.87 56.28 -51.47
CA ASN C 116 38.58 55.84 -52.03
C ASN C 116 38.62 54.40 -52.52
N PHE C 117 39.54 53.60 -51.99
CA PHE C 117 39.60 52.17 -52.30
C PHE C 117 38.35 51.50 -51.76
N LEU C 118 37.54 50.94 -52.67
CA LEU C 118 36.24 50.35 -52.34
C LEU C 118 35.33 51.37 -51.66
N GLY C 119 35.58 52.65 -51.89
CA GLY C 119 34.68 53.69 -51.45
C GLY C 119 34.82 54.14 -50.01
N GLU C 120 35.79 53.62 -49.28
CA GLU C 120 35.86 53.99 -47.87
C GLU C 120 36.74 55.21 -47.67
N LYS C 121 36.59 55.85 -46.51
CA LYS C 121 37.17 57.14 -46.24
C LYS C 121 38.54 57.07 -45.57
N TYR C 122 39.03 55.87 -45.27
CA TYR C 122 40.32 55.70 -44.63
C TYR C 122 41.40 55.86 -45.68
N ILE C 123 42.35 56.75 -45.44
CA ILE C 123 43.43 56.99 -46.39
C ILE C 123 44.60 56.08 -46.04
N ARG C 124 45.00 55.24 -47.00
CA ARG C 124 46.15 54.36 -46.85
C ARG C 124 47.41 55.11 -47.26
N ARG C 125 48.38 55.17 -46.37
CA ARG C 125 49.66 55.80 -46.63
C ARG C 125 50.74 54.74 -46.56
N VAL C 126 51.35 54.44 -47.69
CA VAL C 126 52.39 53.42 -47.80
C VAL C 126 53.72 54.11 -48.01
N ARG C 127 54.71 53.74 -47.22
CA ARG C 127 56.04 54.34 -47.29
C ARG C 127 56.97 53.41 -48.07
N MET C 128 57.57 53.94 -49.13
CA MET C 128 58.49 53.14 -49.93
C MET C 128 59.80 52.93 -49.19
N ARG C 129 60.47 51.84 -49.52
CA ARG C 129 61.80 51.58 -48.98
C ARG C 129 62.78 52.62 -49.50
N THR C 130 63.85 52.83 -48.75
CA THR C 130 64.85 53.82 -49.13
C THR C 130 65.50 53.43 -50.45
N GLY C 131 65.60 54.40 -51.36
CA GLY C 131 66.12 54.15 -52.68
C GLY C 131 65.10 53.70 -53.70
N VAL C 132 63.83 53.72 -53.37
CA VAL C 132 62.75 53.36 -54.29
C VAL C 132 61.85 54.57 -54.47
N ALA C 133 61.59 54.92 -55.73
CA ALA C 133 60.77 56.08 -56.07
C ALA C 133 59.49 55.60 -56.76
N CYS C 134 58.35 56.14 -56.32
CA CYS C 134 57.06 55.82 -56.90
C CYS C 134 56.59 56.97 -57.78
N SER C 135 56.09 56.63 -58.96
CA SER C 135 55.64 57.60 -59.94
C SER C 135 54.30 57.18 -60.50
N VAL C 136 53.53 58.17 -60.96
CA VAL C 136 52.26 57.94 -61.63
C VAL C 136 52.51 57.99 -63.12
N SER C 137 52.15 56.92 -63.82
CA SER C 137 52.52 56.77 -65.22
C SER C 137 51.66 57.65 -66.13
N GLN C 138 52.29 58.15 -67.19
CA GLN C 138 51.60 58.91 -68.21
C GLN C 138 51.17 58.05 -69.41
N ALA C 139 51.73 56.85 -69.55
CA ALA C 139 51.34 56.00 -70.67
C ALA C 139 49.97 55.38 -70.45
N GLN C 140 49.66 54.96 -69.22
CA GLN C 140 48.39 54.35 -68.89
C GLN C 140 47.62 55.22 -67.91
N LYS C 141 46.30 54.99 -67.85
CA LYS C 141 45.44 55.87 -67.08
C LYS C 141 45.65 55.69 -65.57
N ASP C 142 45.68 54.45 -65.10
CA ASP C 142 45.87 54.18 -63.66
C ASP C 142 46.96 53.12 -63.53
N GLU C 143 48.21 53.57 -63.49
CA GLU C 143 49.33 52.66 -63.32
C GLU C 143 50.44 53.37 -62.58
N LEU C 144 50.99 52.68 -61.58
CA LEU C 144 52.11 53.18 -60.80
C LEU C 144 53.41 52.56 -61.30
N ILE C 145 54.51 53.25 -61.04
CA ILE C 145 55.84 52.82 -61.46
C ILE C 145 56.78 52.95 -60.28
N LEU C 146 57.39 51.84 -59.88
CA LEU C 146 58.43 51.84 -58.87
C LEU C 146 59.77 51.60 -59.53
N GLU C 147 60.76 52.42 -59.19
CA GLU C 147 62.09 52.34 -59.78
C GLU C 147 63.14 52.34 -58.68
N GLY C 148 64.23 51.62 -58.93
CA GLY C 148 65.30 51.53 -57.96
C GLY C 148 66.39 50.62 -58.46
N ASN C 149 67.41 50.42 -57.62
CA ASN C 149 68.53 49.56 -57.94
C ASN C 149 68.46 48.21 -57.27
N ASP C 150 68.07 48.15 -56.01
CA ASP C 150 67.95 46.89 -55.28
C ASP C 150 66.63 46.25 -55.65
N ILE C 151 66.70 45.02 -56.17
CA ILE C 151 65.49 44.33 -56.55
C ILE C 151 64.64 43.99 -55.32
N GLU C 152 65.29 43.67 -54.21
CA GLU C 152 64.54 43.35 -52.99
C GLU C 152 63.83 44.58 -52.43
N LEU C 153 64.45 45.75 -52.56
CA LEU C 153 63.81 46.97 -52.06
C LEU C 153 62.63 47.37 -52.93
N VAL C 154 62.77 47.25 -54.25
CA VAL C 154 61.69 47.64 -55.16
C VAL C 154 60.49 46.72 -55.00
N SER C 155 60.74 45.41 -54.96
CA SER C 155 59.62 44.46 -54.90
C SER C 155 58.98 44.43 -53.53
N ASN C 156 59.74 44.69 -52.47
CA ASN C 156 59.12 44.82 -51.15
C ASN C 156 58.21 46.05 -51.09
N SER C 157 58.62 47.15 -51.75
CA SER C 157 57.76 48.32 -51.81
C SER C 157 56.47 48.03 -52.56
N ALA C 158 56.56 47.28 -53.66
CA ALA C 158 55.36 46.90 -54.40
C ALA C 158 54.47 45.99 -53.56
N ALA C 159 55.06 45.08 -52.80
CA ALA C 159 54.28 44.23 -51.93
C ALA C 159 53.59 45.02 -50.83
N LEU C 160 54.20 46.13 -50.40
CA LEU C 160 53.62 46.94 -49.34
C LEU C 160 52.29 47.55 -49.79
N ILE C 161 52.22 48.03 -51.03
CA ILE C 161 50.99 48.67 -51.48
C ILE C 161 49.97 47.64 -51.97
N GLN C 162 50.44 46.50 -52.48
CA GLN C 162 49.51 45.48 -52.92
C GLN C 162 48.75 44.88 -51.74
N GLN C 163 49.43 44.67 -50.62
CA GLN C 163 48.76 44.17 -49.42
C GLN C 163 48.02 45.26 -48.68
N ALA C 164 48.34 46.52 -48.91
CA ALA C 164 47.58 47.61 -48.30
C ALA C 164 46.17 47.67 -48.85
N THR C 165 46.01 47.39 -50.14
CA THR C 165 44.70 47.41 -50.80
C THR C 165 44.15 45.98 -50.83
N THR C 166 43.79 45.49 -49.65
CA THR C 166 43.26 44.15 -49.49
C THR C 166 41.81 44.23 -49.03
N VAL C 167 40.97 43.38 -49.61
CA VAL C 167 39.54 43.37 -49.34
C VAL C 167 39.26 42.43 -48.18
N LYS C 168 38.46 42.89 -47.23
CA LYS C 168 38.10 42.11 -46.05
C LYS C 168 36.62 41.79 -46.03
N ASN C 169 36.30 40.66 -45.42
CA ASN C 169 34.89 40.25 -45.13
C ASN C 169 34.02 40.12 -46.38
N LYS C 170 34.62 40.07 -47.54
CA LYS C 170 33.86 39.95 -48.80
C LYS C 170 34.52 38.89 -49.66
N ASP C 171 33.77 38.28 -50.58
CA ASP C 171 34.33 37.29 -51.52
C ASP C 171 35.40 37.96 -52.41
N ILE C 172 36.66 37.58 -52.22
CA ILE C 172 37.80 38.20 -52.96
C ILE C 172 37.78 37.71 -54.41
N ARG C 173 37.07 36.61 -54.68
CA ARG C 173 36.91 36.13 -56.05
C ARG C 173 36.09 37.09 -56.90
N LYS C 174 35.10 37.74 -56.29
CA LYS C 174 34.20 38.60 -57.05
C LYS C 174 34.64 40.06 -57.08
N PHE C 175 35.08 40.59 -55.94
CA PHE C 175 35.33 42.02 -55.85
C PHE C 175 36.58 42.45 -56.61
N LEU C 176 37.69 41.72 -56.41
CA LEU C 176 38.88 41.85 -57.25
C LEU C 176 39.49 43.25 -57.24
N ASP C 177 39.14 44.06 -56.25
CA ASP C 177 39.63 45.43 -56.20
C ASP C 177 41.05 45.46 -55.63
N GLY C 178 41.85 46.38 -56.14
CA GLY C 178 43.16 46.60 -55.59
C GLY C 178 44.22 46.97 -56.61
N ILE C 179 45.43 47.22 -56.12
CA ILE C 179 46.58 47.51 -56.96
C ILE C 179 47.47 46.29 -57.01
N TYR C 180 47.79 45.83 -58.22
CA TYR C 180 48.55 44.61 -58.41
C TYR C 180 49.75 44.86 -59.32
N VAL C 181 50.85 44.17 -59.04
CA VAL C 181 52.03 44.23 -59.87
C VAL C 181 51.70 43.62 -61.24
N SER C 182 51.87 44.39 -62.29
CA SER C 182 51.51 43.91 -63.62
C SER C 182 52.70 43.33 -64.36
N GLU C 183 53.85 44.01 -64.32
CA GLU C 183 55.03 43.46 -64.97
C GLU C 183 56.27 43.93 -64.23
N LYS C 184 57.36 43.16 -64.38
CA LYS C 184 58.65 43.47 -63.79
C LYS C 184 59.66 43.63 -64.91
N GLY C 185 60.39 44.73 -64.87
CA GLY C 185 61.33 45.02 -65.94
C GLY C 185 62.46 45.88 -65.47
N THR C 186 62.99 46.68 -66.39
CA THR C 186 64.17 47.49 -66.15
C THR C 186 63.89 48.94 -66.52
N VAL C 187 64.62 49.85 -65.87
CA VAL C 187 64.46 51.27 -66.14
C VAL C 187 64.88 51.60 -67.55
N GLN C 188 66.02 51.08 -67.98
CA GLN C 188 66.49 51.22 -69.35
C GLN C 188 66.63 49.83 -69.98
N GLN C 189 66.31 49.74 -71.26
CA GLN C 189 66.31 48.47 -71.97
C GLN C 189 67.61 48.30 -72.73
N ALA C 190 68.26 47.16 -72.55
CA ALA C 190 69.50 46.85 -73.23
C ALA C 190 69.77 45.36 -73.23
N GLY D 1 26.28 -1.29 -31.30
CA GLY D 1 25.88 -2.67 -31.06
C GLY D 1 27.05 -3.62 -30.96
N ARG D 2 28.14 -3.30 -31.65
CA ARG D 2 29.35 -4.10 -31.67
C ARG D 2 30.50 -3.32 -31.05
N ARG D 3 31.31 -4.03 -30.26
CA ARG D 3 32.46 -3.41 -29.62
C ARG D 3 33.51 -3.02 -30.65
N PRO D 4 34.34 -2.02 -30.34
CA PRO D 4 35.47 -1.71 -31.23
C PRO D 4 36.39 -2.91 -31.39
N ALA D 5 36.95 -3.04 -32.60
CA ALA D 5 37.74 -4.21 -32.95
C ALA D 5 39.02 -4.33 -32.13
N ARG D 6 39.44 -3.28 -31.44
CA ARG D 6 40.63 -3.35 -30.61
C ARG D 6 40.41 -4.22 -29.38
N CYS D 7 39.17 -4.46 -28.98
CA CYS D 7 38.89 -5.33 -27.84
C CYS D 7 39.14 -6.79 -28.18
N TYR D 8 39.03 -7.16 -29.45
CA TYR D 8 39.23 -8.52 -29.94
C TYR D 8 40.26 -8.47 -31.06
N ARG D 9 41.53 -8.62 -30.70
CA ARG D 9 42.56 -8.50 -31.73
C ARG D 9 43.75 -9.44 -31.55
N TYR D 10 44.11 -9.85 -30.33
CA TYR D 10 45.44 -10.37 -30.06
C TYR D 10 45.51 -11.88 -29.88
N CYS D 11 44.48 -12.62 -30.27
CA CYS D 11 44.50 -14.09 -30.24
C CYS D 11 44.88 -14.61 -28.86
N LYS D 12 44.18 -14.12 -27.84
CA LYS D 12 44.56 -14.41 -26.46
C LYS D 12 43.95 -15.69 -25.91
N ASN D 13 43.02 -16.32 -26.62
CA ASN D 13 42.38 -17.53 -26.17
C ASN D 13 42.72 -18.70 -27.10
N LYS D 14 42.43 -19.90 -26.62
CA LYS D 14 42.48 -21.08 -27.47
C LYS D 14 41.35 -21.02 -28.49
N PRO D 15 41.51 -21.72 -29.62
CA PRO D 15 40.42 -21.75 -30.60
C PRO D 15 39.12 -22.20 -29.98
N TYR D 16 38.05 -21.50 -30.31
CA TYR D 16 36.73 -21.69 -29.72
C TYR D 16 35.69 -21.81 -30.83
N PRO D 17 35.72 -22.92 -31.57
CA PRO D 17 34.87 -23.03 -32.75
C PRO D 17 33.42 -23.35 -32.39
N LYS D 18 32.58 -23.22 -33.41
CA LYS D 18 31.17 -23.59 -33.29
C LYS D 18 31.06 -25.11 -33.26
N SER D 19 30.45 -25.64 -32.20
CA SER D 19 30.34 -27.08 -32.02
C SER D 19 29.17 -27.36 -31.09
N ARG D 20 29.04 -28.62 -30.65
CA ARG D 20 27.98 -28.97 -29.72
C ARG D 20 28.22 -28.38 -28.34
N PHE D 21 29.43 -27.90 -28.06
CA PHE D 21 29.73 -27.26 -26.81
C PHE D 21 29.46 -25.76 -26.83
N CYS D 22 29.51 -25.14 -28.00
CA CYS D 22 29.32 -23.71 -28.18
C CYS D 22 28.14 -23.52 -29.13
N ARG D 23 26.97 -23.25 -28.58
CA ARG D 23 25.75 -23.06 -29.36
C ARG D 23 25.26 -21.62 -29.22
N GLY D 24 24.37 -21.23 -30.13
CA GLY D 24 23.87 -19.88 -30.15
C GLY D 24 24.78 -18.87 -30.82
N VAL D 25 25.61 -19.31 -31.76
CA VAL D 25 26.59 -18.43 -32.38
C VAL D 25 25.92 -17.68 -33.53
N PRO D 26 25.97 -16.35 -33.53
CA PRO D 26 25.44 -15.60 -34.68
C PRO D 26 26.20 -15.92 -35.94
N ASP D 27 25.50 -15.85 -37.06
CA ASP D 27 26.12 -16.14 -38.35
C ASP D 27 27.15 -15.08 -38.70
N ALA D 28 28.22 -15.51 -39.35
CA ALA D 28 29.29 -14.60 -39.71
C ALA D 28 28.81 -13.61 -40.76
N LYS D 29 29.43 -12.43 -40.77
CA LYS D 29 29.03 -11.39 -41.71
C LYS D 29 29.41 -11.77 -43.15
N ILE D 30 30.50 -12.50 -43.33
CA ILE D 30 30.95 -12.90 -44.66
C ILE D 30 30.44 -14.32 -44.94
N ARG D 31 29.66 -14.47 -46.00
CA ARG D 31 29.17 -15.77 -46.43
C ARG D 31 29.60 -16.14 -47.84
N ILE D 32 30.09 -15.20 -48.63
CA ILE D 32 30.58 -15.44 -49.98
C ILE D 32 32.08 -15.19 -49.98
N PHE D 33 32.84 -16.17 -50.45
CA PHE D 33 34.30 -16.07 -50.46
C PHE D 33 34.89 -16.01 -51.86
N ASP D 34 34.17 -16.48 -52.88
CA ASP D 34 34.64 -16.47 -54.25
C ASP D 34 33.76 -15.53 -55.06
N LEU D 35 34.39 -14.63 -55.80
CA LEU D 35 33.68 -13.56 -56.48
C LEU D 35 34.31 -13.34 -57.85
N GLY D 36 33.57 -12.68 -58.73
CA GLY D 36 34.00 -12.51 -60.10
C GLY D 36 33.72 -13.73 -60.94
N ARG D 37 34.55 -13.98 -61.95
CA ARG D 37 34.35 -15.11 -62.85
C ARG D 37 35.03 -16.33 -62.27
N LYS D 38 34.29 -17.06 -61.43
CA LYS D 38 34.80 -18.28 -60.84
C LYS D 38 34.97 -19.40 -61.86
N LYS D 39 34.22 -19.35 -62.96
CA LYS D 39 34.21 -20.43 -63.93
C LYS D 39 35.35 -20.34 -64.93
N ALA D 40 36.21 -19.35 -64.81
CA ALA D 40 37.33 -19.20 -65.73
C ALA D 40 38.30 -20.36 -65.60
N LYS D 41 38.94 -20.71 -66.70
CA LYS D 41 39.90 -21.80 -66.72
C LYS D 41 41.26 -21.32 -66.20
N VAL D 42 42.18 -22.27 -66.04
CA VAL D 42 43.52 -21.93 -65.58
C VAL D 42 44.21 -21.00 -66.56
N ASP D 43 44.06 -21.25 -67.86
CA ASP D 43 44.88 -20.59 -68.86
C ASP D 43 44.51 -19.14 -69.10
N GLU D 44 43.40 -18.63 -68.56
CA GLU D 44 42.98 -17.27 -68.84
C GLU D 44 43.30 -16.28 -67.73
N PHE D 45 43.60 -16.74 -66.52
CA PHE D 45 43.95 -15.86 -65.40
C PHE D 45 45.29 -16.30 -64.83
N PRO D 46 46.39 -16.00 -65.53
CA PRO D 46 47.69 -16.48 -65.07
C PRO D 46 48.31 -15.70 -63.92
N LEU D 47 48.02 -14.41 -63.79
CA LEU D 47 48.63 -13.59 -62.76
C LEU D 47 47.85 -13.70 -61.45
N CYS D 48 48.57 -13.83 -60.34
CA CYS D 48 47.96 -13.96 -59.03
C CYS D 48 48.60 -12.96 -58.07
N GLY D 49 47.78 -12.32 -57.26
CA GLY D 49 48.27 -11.44 -56.21
C GLY D 49 47.67 -11.81 -54.88
N HIS D 50 48.46 -11.65 -53.83
CA HIS D 50 48.05 -11.99 -52.47
C HIS D 50 48.16 -10.78 -51.56
N MET D 51 47.22 -10.70 -50.62
CA MET D 51 47.36 -9.85 -49.44
C MET D 51 47.84 -10.73 -48.29
N VAL D 52 49.09 -10.56 -47.90
CA VAL D 52 49.73 -11.42 -46.90
C VAL D 52 49.73 -10.69 -45.58
N SER D 53 49.32 -11.39 -44.53
CA SER D 53 49.35 -10.82 -43.19
C SER D 53 50.80 -10.73 -42.68
N ASP D 54 51.07 -9.67 -41.93
CA ASP D 54 52.37 -9.47 -41.33
C ASP D 54 52.32 -9.43 -39.80
N GLU D 55 51.20 -9.84 -39.22
CA GLU D 55 51.03 -9.87 -37.78
C GLU D 55 50.31 -11.15 -37.38
N TYR D 56 50.41 -11.50 -36.10
CA TYR D 56 49.67 -12.62 -35.53
C TYR D 56 48.50 -12.05 -34.76
N GLU D 57 47.36 -11.92 -35.44
CA GLU D 57 46.16 -11.33 -34.87
C GLU D 57 44.96 -12.10 -35.38
N GLN D 58 43.77 -11.64 -35.01
CA GLN D 58 42.53 -12.21 -35.52
C GLN D 58 41.69 -11.12 -36.17
N LEU D 59 41.18 -11.40 -37.37
CA LEU D 59 40.42 -10.46 -38.17
C LEU D 59 38.95 -10.84 -38.15
N SER D 60 38.10 -9.84 -37.89
CA SER D 60 36.67 -10.09 -37.74
C SER D 60 36.03 -10.43 -39.09
N SER D 61 34.89 -11.12 -39.01
CA SER D 61 34.13 -11.43 -40.21
C SER D 61 33.63 -10.17 -40.89
N GLU D 62 33.33 -9.13 -40.09
CA GLU D 62 32.95 -7.84 -40.67
C GLU D 62 34.08 -7.23 -41.47
N ALA D 63 35.32 -7.34 -40.98
CA ALA D 63 36.46 -6.81 -41.71
C ALA D 63 36.68 -7.56 -43.01
N LEU D 64 36.54 -8.89 -42.98
CA LEU D 64 36.69 -9.68 -44.20
C LEU D 64 35.61 -9.33 -45.22
N GLU D 65 34.38 -9.12 -44.74
CA GLU D 65 33.30 -8.71 -45.63
C GLU D 65 33.57 -7.35 -46.26
N ALA D 66 34.03 -6.39 -45.45
CA ALA D 66 34.29 -5.05 -45.96
C ALA D 66 35.42 -5.05 -46.98
N ALA D 67 36.49 -5.79 -46.70
CA ALA D 67 37.63 -5.83 -47.62
C ALA D 67 37.24 -6.49 -48.94
N ARG D 68 36.46 -7.56 -48.88
CA ARG D 68 36.04 -8.25 -50.10
C ARG D 68 35.19 -7.35 -50.97
N ILE D 69 34.29 -6.58 -50.35
CA ILE D 69 33.39 -5.72 -51.12
C ILE D 69 34.19 -4.63 -51.83
N CYS D 70 35.13 -4.00 -51.12
CA CYS D 70 35.83 -2.86 -51.70
C CYS D 70 36.87 -3.31 -52.74
N ALA D 71 37.46 -4.48 -52.54
CA ALA D 71 38.35 -5.02 -53.56
C ALA D 71 37.57 -5.40 -54.82
N ASN D 72 36.37 -5.97 -54.65
CA ASN D 72 35.55 -6.34 -55.79
C ASN D 72 35.05 -5.11 -56.53
N LYS D 73 34.67 -4.05 -55.81
CA LYS D 73 34.12 -2.86 -56.44
C LYS D 73 35.15 -2.17 -57.32
N TYR D 74 36.41 -2.15 -56.87
CA TYR D 74 37.45 -1.54 -57.68
C TYR D 74 37.79 -2.39 -58.91
N MET D 75 37.87 -3.71 -58.76
CA MET D 75 38.33 -4.53 -59.86
C MET D 75 37.25 -4.68 -60.93
N VAL D 76 35.98 -4.50 -60.56
CA VAL D 76 34.92 -4.45 -61.56
C VAL D 76 35.03 -3.17 -62.38
N LYS D 77 35.27 -2.05 -61.70
CA LYS D 77 35.36 -0.76 -62.39
C LYS D 77 36.58 -0.70 -63.30
N SER D 78 37.69 -1.31 -62.90
CA SER D 78 38.93 -1.15 -63.64
C SER D 78 39.19 -2.29 -64.62
N CYS D 79 38.82 -3.52 -64.27
CA CYS D 79 39.10 -4.68 -65.11
C CYS D 79 37.85 -5.33 -65.68
N GLY D 80 36.68 -4.75 -65.46
CA GLY D 80 35.45 -5.35 -65.92
C GLY D 80 34.92 -6.40 -64.96
N LYS D 81 33.63 -6.72 -65.12
CA LYS D 81 32.97 -7.63 -64.20
C LYS D 81 33.31 -9.09 -64.45
N ASP D 82 33.93 -9.43 -65.57
CA ASP D 82 34.28 -10.81 -65.87
C ASP D 82 35.77 -10.95 -66.18
N GLY D 83 36.59 -10.05 -65.66
CA GLY D 83 38.00 -10.07 -65.95
C GLY D 83 38.89 -10.40 -64.77
N PHE D 84 38.32 -11.02 -63.75
CA PHE D 84 39.06 -11.34 -62.54
C PHE D 84 38.32 -12.42 -61.75
N HIS D 85 38.99 -12.94 -60.73
CA HIS D 85 38.40 -13.88 -59.80
C HIS D 85 39.04 -13.68 -58.43
N ILE D 86 38.23 -13.35 -57.44
CA ILE D 86 38.69 -13.04 -56.09
C ILE D 86 38.34 -14.21 -55.18
N ARG D 87 39.31 -14.67 -54.38
CA ARG D 87 39.10 -15.71 -53.40
C ARG D 87 39.59 -15.23 -52.04
N VAL D 88 38.71 -15.21 -51.05
CA VAL D 88 39.07 -14.85 -49.68
C VAL D 88 39.57 -16.10 -48.97
N ARG D 89 40.86 -16.14 -48.66
CA ARG D 89 41.51 -17.33 -48.10
C ARG D 89 41.54 -17.32 -46.57
N LEU D 90 40.40 -16.99 -45.95
CA LEU D 90 40.25 -16.90 -44.51
C LEU D 90 38.80 -17.16 -44.15
N HIS D 91 38.55 -18.10 -43.25
CA HIS D 91 37.19 -18.41 -42.84
C HIS D 91 37.05 -18.14 -41.35
N PRO D 92 36.08 -17.33 -40.94
CA PRO D 92 35.92 -17.05 -39.51
C PRO D 92 35.40 -18.25 -38.76
N PHE D 93 36.28 -18.89 -37.99
CA PHE D 93 35.92 -20.07 -37.23
C PHE D 93 36.04 -19.88 -35.73
N HIS D 94 36.73 -18.85 -35.27
CA HIS D 94 36.90 -18.59 -33.85
C HIS D 94 35.76 -17.72 -33.35
N VAL D 95 35.15 -18.13 -32.25
CA VAL D 95 34.01 -17.44 -31.67
C VAL D 95 34.50 -16.58 -30.51
N ILE D 96 34.16 -15.30 -30.53
CA ILE D 96 34.51 -14.38 -29.46
C ILE D 96 33.28 -14.18 -28.58
N ARG D 97 33.52 -14.02 -27.28
CA ARG D 97 32.46 -13.90 -26.29
C ARG D 97 32.38 -12.48 -25.76
N ILE D 98 31.25 -12.17 -25.14
CA ILE D 98 31.03 -10.88 -24.48
C ILE D 98 30.31 -11.13 -23.17
N ASN D 99 30.73 -10.42 -22.13
CA ASN D 99 30.05 -10.50 -20.84
C ASN D 99 28.86 -9.55 -20.82
N LYS D 100 27.95 -9.79 -19.86
CA LYS D 100 26.62 -9.22 -19.91
C LYS D 100 26.63 -7.70 -19.92
N MET D 101 25.68 -7.12 -20.67
CA MET D 101 25.61 -5.68 -20.86
C MET D 101 24.96 -5.06 -19.62
N LEU D 102 25.77 -4.55 -18.70
CA LEU D 102 25.26 -3.88 -17.52
C LEU D 102 26.18 -2.74 -17.11
N ASP D 108 19.04 -6.38 -9.21
CA ASP D 108 17.76 -6.87 -8.72
C ASP D 108 17.60 -8.36 -8.99
N ARG D 109 17.28 -8.71 -10.23
CA ARG D 109 17.04 -10.09 -10.63
C ARG D 109 18.26 -10.74 -11.28
N LEU D 110 19.40 -10.06 -11.33
CA LEU D 110 20.59 -10.60 -11.98
C LEU D 110 21.80 -10.43 -11.07
N GLN D 111 22.76 -11.34 -11.22
CA GLN D 111 23.99 -11.33 -10.42
C GLN D 111 25.03 -10.51 -11.18
N THR D 112 25.33 -9.32 -10.68
CA THR D 112 26.28 -8.43 -11.32
C THR D 112 27.71 -8.74 -10.87
N GLY D 113 28.67 -8.10 -11.53
CA GLY D 113 30.06 -8.25 -11.20
C GLY D 113 30.76 -9.28 -12.07
N MET D 114 31.88 -9.79 -11.54
CA MET D 114 32.64 -10.84 -12.18
C MET D 114 32.16 -12.23 -11.79
N ARG D 115 31.12 -12.34 -10.97
CA ARG D 115 30.55 -13.64 -10.65
C ARG D 115 29.89 -14.23 -11.90
N GLY D 116 30.22 -15.48 -12.20
CA GLY D 116 29.64 -16.15 -13.34
C GLY D 116 29.87 -15.41 -14.64
N ALA D 117 31.12 -15.00 -14.86
CA ALA D 117 31.43 -14.03 -15.90
C ALA D 117 31.72 -14.65 -17.27
N PHE D 118 31.56 -15.95 -17.43
CA PHE D 118 31.76 -16.55 -18.75
C PHE D 118 30.74 -15.99 -19.73
N GLY D 119 31.23 -15.58 -20.90
CA GLY D 119 30.43 -14.83 -21.82
C GLY D 119 29.58 -15.69 -22.76
N LYS D 120 28.77 -15.01 -23.51
CA LYS D 120 27.96 -15.53 -24.59
C LYS D 120 28.58 -15.19 -25.93
N PRO D 121 28.36 -16.01 -26.96
CA PRO D 121 28.94 -15.71 -28.28
C PRO D 121 28.46 -14.36 -28.80
N GLN D 122 29.40 -13.59 -29.34
CA GLN D 122 29.13 -12.27 -29.90
C GLN D 122 29.38 -12.21 -31.39
N GLY D 123 30.45 -12.83 -31.86
CA GLY D 123 30.76 -12.81 -33.27
C GLY D 123 31.85 -13.82 -33.58
N THR D 124 32.34 -13.75 -34.80
CA THR D 124 33.35 -14.69 -35.27
C THR D 124 34.52 -13.93 -35.90
N VAL D 125 35.73 -14.40 -35.58
CA VAL D 125 36.96 -13.83 -36.11
C VAL D 125 37.81 -14.97 -36.66
N ALA D 126 38.76 -14.61 -37.51
CA ALA D 126 39.67 -15.56 -38.14
C ALA D 126 41.08 -15.31 -37.63
N ARG D 127 41.69 -16.34 -37.05
CA ARG D 127 43.06 -16.22 -36.55
C ARG D 127 44.02 -16.35 -37.72
N VAL D 128 44.87 -15.36 -37.91
CA VAL D 128 45.81 -15.32 -39.02
C VAL D 128 47.23 -15.26 -38.47
N HIS D 129 48.13 -16.00 -39.11
CA HIS D 129 49.53 -16.06 -38.71
C HIS D 129 50.38 -15.17 -39.60
N ILE D 130 51.62 -14.95 -39.17
CA ILE D 130 52.55 -14.14 -39.96
C ILE D 130 52.87 -14.87 -41.25
N GLY D 131 52.77 -14.15 -42.37
CA GLY D 131 53.06 -14.73 -43.66
C GLY D 131 51.93 -15.52 -44.28
N GLN D 132 50.72 -15.39 -43.76
CA GLN D 132 49.56 -16.15 -44.24
C GLN D 132 48.72 -15.29 -45.18
N VAL D 133 48.30 -15.89 -46.29
CA VAL D 133 47.50 -15.19 -47.30
C VAL D 133 46.10 -14.94 -46.78
N ILE D 134 45.63 -13.71 -46.98
CA ILE D 134 44.29 -13.30 -46.59
C ILE D 134 43.34 -13.31 -47.79
N MET D 135 43.72 -12.67 -48.89
CA MET D 135 42.92 -12.62 -50.09
C MET D 135 43.80 -12.89 -51.29
N SER D 136 43.20 -13.44 -52.34
CA SER D 136 43.90 -13.74 -53.58
C SER D 136 43.04 -13.28 -54.75
N ILE D 137 43.68 -12.73 -55.78
CA ILE D 137 43.02 -12.32 -57.00
C ILE D 137 43.81 -12.84 -58.19
N ARG D 138 43.13 -13.51 -59.12
CA ARG D 138 43.76 -13.95 -60.36
C ARG D 138 43.13 -13.21 -61.53
N THR D 139 43.97 -12.79 -62.48
CA THR D 139 43.55 -11.96 -63.60
C THR D 139 44.55 -12.14 -64.73
N LYS D 140 44.35 -11.41 -65.82
CA LYS D 140 45.31 -11.40 -66.92
C LYS D 140 46.57 -10.65 -66.52
N LEU D 141 47.67 -10.97 -67.22
CA LEU D 141 48.97 -10.41 -66.89
C LEU D 141 49.03 -8.89 -67.02
N GLN D 142 48.11 -8.29 -67.79
CA GLN D 142 48.12 -6.85 -68.04
C GLN D 142 47.41 -6.06 -66.95
N ASN D 143 46.78 -6.73 -65.99
CA ASN D 143 46.04 -6.06 -64.92
C ASN D 143 46.81 -6.11 -63.60
N LYS D 144 48.14 -6.12 -63.67
CA LYS D 144 48.95 -6.18 -62.46
C LYS D 144 48.75 -4.95 -61.58
N GLU D 145 48.76 -3.77 -62.20
CA GLU D 145 48.63 -2.53 -61.43
C GLU D 145 47.26 -2.43 -60.78
N HIS D 146 46.23 -2.94 -61.43
CA HIS D 146 44.89 -2.88 -60.85
C HIS D 146 44.75 -3.85 -59.69
N VAL D 147 45.41 -5.01 -59.75
CA VAL D 147 45.38 -5.95 -58.64
C VAL D 147 46.06 -5.35 -57.42
N ILE D 148 47.20 -4.70 -57.62
CA ILE D 148 47.90 -4.07 -56.51
C ILE D 148 47.06 -2.95 -55.91
N GLU D 149 46.41 -2.16 -56.76
CA GLU D 149 45.58 -1.06 -56.26
C GLU D 149 44.38 -1.58 -55.48
N ALA D 150 43.73 -2.64 -55.98
CA ALA D 150 42.55 -3.16 -55.30
C ALA D 150 42.90 -3.73 -53.94
N LEU D 151 44.02 -4.46 -53.86
CA LEU D 151 44.43 -5.00 -52.57
C LEU D 151 44.93 -3.91 -51.64
N ARG D 152 45.50 -2.85 -52.19
CA ARG D 152 45.94 -1.73 -51.37
C ARG D 152 44.78 -1.07 -50.65
N ARG D 153 43.65 -0.90 -51.35
CA ARG D 153 42.49 -0.27 -50.74
C ARG D 153 41.83 -1.19 -49.71
N ALA D 154 41.93 -2.51 -49.91
CA ALA D 154 41.36 -3.44 -48.94
C ALA D 154 42.21 -3.54 -47.67
N LYS D 155 43.44 -3.02 -47.70
CA LYS D 155 44.28 -3.03 -46.51
C LYS D 155 43.67 -2.19 -45.39
N PHE D 156 43.08 -1.05 -45.75
CA PHE D 156 42.59 -0.11 -44.76
C PHE D 156 41.44 -0.66 -43.93
N LYS D 157 40.84 -1.78 -44.33
CA LYS D 157 39.79 -2.42 -43.57
C LYS D 157 40.32 -3.37 -42.52
N PHE D 158 41.62 -3.59 -42.46
CA PHE D 158 42.20 -4.52 -41.52
C PHE D 158 43.03 -3.81 -40.47
N PRO D 159 43.04 -4.31 -39.23
CA PRO D 159 43.73 -3.58 -38.15
C PRO D 159 45.24 -3.51 -38.30
N GLY D 160 45.89 -4.65 -38.54
CA GLY D 160 47.33 -4.70 -38.48
C GLY D 160 48.06 -4.26 -39.74
N ARG D 161 49.16 -4.95 -40.07
CA ARG D 161 49.96 -4.65 -41.22
C ARG D 161 49.88 -5.78 -42.24
N GLN D 162 49.70 -5.43 -43.51
CA GLN D 162 49.63 -6.39 -44.59
C GLN D 162 50.57 -5.98 -45.70
N LYS D 163 51.04 -6.97 -46.44
CA LYS D 163 51.94 -6.78 -47.56
C LYS D 163 51.30 -7.35 -48.82
N ILE D 164 51.49 -6.67 -49.94
CA ILE D 164 50.94 -7.10 -51.22
C ILE D 164 52.06 -7.78 -52.01
N HIS D 165 51.81 -9.02 -52.42
CA HIS D 165 52.82 -9.85 -53.07
C HIS D 165 52.25 -10.46 -54.34
N ILE D 166 53.00 -10.36 -55.43
CA ILE D 166 52.61 -10.99 -56.69
C ILE D 166 53.27 -12.37 -56.73
N SER D 167 52.45 -13.41 -56.85
CA SER D 167 52.93 -14.77 -56.71
C SER D 167 53.78 -15.19 -57.90
N LYS D 168 54.65 -16.18 -57.66
CA LYS D 168 55.43 -16.81 -58.71
C LYS D 168 54.72 -18.02 -59.30
N LYS D 169 53.51 -18.32 -58.86
CA LYS D 169 52.74 -19.45 -59.35
C LYS D 169 51.70 -18.99 -60.36
N TRP D 170 51.11 -19.97 -61.04
CA TRP D 170 50.13 -19.70 -62.09
C TRP D 170 48.74 -19.67 -61.47
N GLY D 171 48.15 -18.47 -61.41
CA GLY D 171 46.81 -18.33 -60.89
C GLY D 171 46.71 -18.82 -59.45
N PHE D 172 45.67 -19.61 -59.19
CA PHE D 172 45.42 -20.15 -57.86
C PHE D 172 46.06 -21.52 -57.67
N THR D 173 46.80 -22.03 -58.65
CA THR D 173 47.40 -23.35 -58.56
C THR D 173 48.69 -23.29 -57.74
N LYS D 174 49.25 -24.46 -57.46
CA LYS D 174 50.46 -24.59 -56.68
C LYS D 174 51.70 -24.80 -57.54
N PHE D 175 51.61 -24.55 -58.84
CA PHE D 175 52.68 -24.82 -59.77
C PHE D 175 53.24 -23.51 -60.31
N ASN D 176 54.56 -23.48 -60.49
CA ASN D 176 55.24 -22.26 -60.90
C ASN D 176 54.81 -21.83 -62.29
N ALA D 177 54.72 -20.52 -62.50
CA ALA D 177 54.24 -20.00 -63.77
C ALA D 177 55.25 -20.21 -64.89
N ASP D 178 56.53 -20.38 -64.54
CA ASP D 178 57.55 -20.56 -65.57
C ASP D 178 57.52 -21.98 -66.16
N GLU D 179 57.09 -22.95 -65.36
CA GLU D 179 57.03 -24.34 -65.79
C GLU D 179 55.63 -24.80 -66.15
N PHE D 180 54.61 -23.96 -65.97
CA PHE D 180 53.23 -24.41 -66.07
C PHE D 180 52.89 -24.86 -67.48
N GLU D 181 53.25 -24.06 -68.49
CA GLU D 181 52.89 -24.39 -69.87
C GLU D 181 53.59 -25.66 -70.33
N ASP D 182 54.85 -25.84 -69.96
CA ASP D 182 55.58 -27.04 -70.36
C ASP D 182 54.96 -28.29 -69.74
N LYS D 183 54.52 -28.20 -68.48
CA LYS D 183 53.88 -29.35 -67.83
C LYS D 183 52.55 -29.69 -68.49
N VAL D 184 51.81 -28.68 -68.93
CA VAL D 184 50.53 -28.94 -69.60
C VAL D 184 50.77 -29.60 -70.96
N ALA D 185 51.77 -29.13 -71.70
CA ALA D 185 52.09 -29.75 -72.99
C ALA D 185 52.57 -31.19 -72.81
N ALA D 186 53.41 -31.43 -71.81
CA ALA D 186 53.89 -32.77 -71.50
C ALA D 186 52.86 -33.63 -70.77
N LYS D 187 51.62 -33.16 -70.68
CA LYS D 187 50.49 -33.90 -70.11
C LYS D 187 50.67 -34.21 -68.63
N ARG D 188 51.62 -33.57 -67.96
CA ARG D 188 51.74 -33.72 -66.51
C ARG D 188 50.67 -32.92 -65.77
N LEU D 189 50.09 -31.92 -66.40
CA LEU D 189 49.06 -31.10 -65.76
C LEU D 189 47.84 -31.06 -66.68
N ILE D 190 46.72 -31.60 -66.20
CA ILE D 190 45.48 -31.67 -66.96
C ILE D 190 44.53 -30.62 -66.38
N PRO D 191 44.17 -29.58 -67.13
CA PRO D 191 43.25 -28.57 -66.59
C PRO D 191 41.89 -29.17 -66.24
N ASP D 192 41.32 -28.67 -65.15
CA ASP D 192 39.96 -29.07 -64.76
C ASP D 192 39.37 -27.95 -63.92
N GLY D 193 38.36 -27.28 -64.46
CA GLY D 193 37.75 -26.17 -63.76
C GLY D 193 38.72 -25.02 -63.56
N CYS D 194 38.57 -24.33 -62.44
CA CYS D 194 39.43 -23.20 -62.12
C CYS D 194 40.88 -23.63 -61.90
N GLY D 195 41.10 -24.87 -61.47
CA GLY D 195 42.42 -25.37 -61.16
C GLY D 195 42.91 -26.39 -62.17
N VAL D 196 43.90 -27.17 -61.73
CA VAL D 196 44.54 -28.17 -62.58
C VAL D 196 44.70 -29.46 -61.78
N LYS D 197 44.85 -30.57 -62.50
CA LYS D 197 45.11 -31.88 -61.92
C LYS D 197 46.54 -32.30 -62.21
N TYR D 198 47.17 -32.94 -61.24
CA TYR D 198 48.55 -33.40 -61.39
C TYR D 198 48.55 -34.91 -61.65
N ILE D 199 49.21 -35.31 -62.72
CA ILE D 199 49.23 -36.70 -63.17
C ILE D 199 50.62 -37.26 -62.89
N PRO D 200 50.76 -38.23 -61.99
CA PRO D 200 52.05 -38.89 -61.81
C PRO D 200 52.20 -40.11 -62.70
N GLU D 201 53.35 -40.79 -62.63
CA GLU D 201 53.57 -42.05 -63.33
C GLU D 201 53.36 -43.24 -62.40
N ARG D 202 52.43 -43.14 -61.46
CA ARG D 202 52.29 -44.08 -60.35
C ARG D 202 50.89 -44.64 -60.28
N GLY D 203 50.35 -45.08 -61.41
CA GLY D 203 49.05 -45.69 -61.43
C GLY D 203 48.96 -46.78 -62.48
N PRO D 204 47.75 -47.28 -62.74
CA PRO D 204 47.58 -48.24 -63.82
C PRO D 204 47.86 -47.60 -65.17
N LEU D 205 48.43 -48.40 -66.08
CA LEU D 205 48.80 -47.91 -67.40
C LEU D 205 47.59 -47.56 -68.27
N ASP D 206 46.38 -47.96 -67.87
CA ASP D 206 45.20 -47.61 -68.64
C ASP D 206 44.93 -46.11 -68.60
N LYS D 207 45.18 -45.47 -67.45
CA LYS D 207 45.05 -44.02 -67.37
C LYS D 207 46.05 -43.33 -68.28
N TRP D 208 47.29 -43.84 -68.34
CA TRP D 208 48.27 -43.30 -69.26
C TRP D 208 47.84 -43.49 -70.71
N ARG D 209 47.20 -44.62 -71.02
CA ARG D 209 46.71 -44.86 -72.36
C ARG D 209 45.61 -43.86 -72.73
N ALA D 210 44.70 -43.58 -71.79
CA ALA D 210 43.63 -42.63 -72.07
C ALA D 210 44.16 -41.23 -72.31
N LEU D 211 45.16 -40.82 -71.54
CA LEU D 211 45.71 -39.47 -71.68
C LEU D 211 46.37 -39.29 -73.04
N HIS D 212 47.09 -40.30 -73.51
CA HIS D 212 47.86 -40.20 -74.75
C HIS D 212 47.09 -40.70 -75.97
N SER D 213 45.82 -41.06 -75.82
CA SER D 213 45.02 -41.49 -76.97
C SER D 213 44.26 -40.32 -77.58
N GLN E 1 32.04 -77.69 -76.59
CA GLN E 1 33.44 -77.89 -76.92
C GLN E 1 34.13 -78.74 -75.86
N ASP E 2 35.45 -78.90 -76.01
CA ASP E 2 36.22 -79.65 -75.01
C ASP E 2 36.18 -78.95 -73.66
N GLN E 3 36.31 -77.62 -73.65
CA GLN E 3 36.23 -76.87 -72.40
C GLN E 3 34.84 -77.00 -71.78
N GLY E 4 33.79 -76.94 -72.59
CA GLY E 4 32.45 -77.07 -72.06
C GLY E 4 32.19 -78.43 -71.44
N GLU E 5 32.68 -79.50 -72.09
CA GLU E 5 32.48 -80.84 -71.55
C GLU E 5 33.24 -81.03 -70.24
N LYS E 6 34.49 -80.54 -70.16
CA LYS E 6 35.25 -80.67 -68.93
C LYS E 6 34.75 -79.74 -67.84
N GLU E 7 34.09 -78.64 -68.21
CA GLU E 7 33.52 -77.72 -67.23
C GLU E 7 32.11 -78.12 -66.81
N ASN E 8 31.51 -79.07 -67.52
CA ASN E 8 30.17 -79.54 -67.16
C ASN E 8 30.05 -80.03 -65.72
N PRO E 9 31.00 -80.77 -65.14
CA PRO E 9 30.78 -81.25 -63.76
C PRO E 9 30.68 -80.13 -62.73
N MET E 10 31.68 -79.25 -62.67
CA MET E 10 31.82 -78.31 -61.58
C MET E 10 31.33 -76.91 -61.91
N ARG E 11 31.39 -76.50 -63.17
CA ARG E 11 30.88 -75.19 -63.56
C ARG E 11 29.49 -75.36 -64.17
N GLU E 12 28.56 -75.83 -63.34
CA GLU E 12 27.22 -76.19 -63.79
C GLU E 12 26.19 -75.48 -62.91
N LEU E 13 25.19 -74.89 -63.56
CA LEU E 13 24.14 -74.19 -62.83
C LEU E 13 23.12 -75.15 -62.28
N ARG E 14 22.68 -74.90 -61.05
CA ARG E 14 21.65 -75.69 -60.41
C ARG E 14 20.96 -74.82 -59.37
N ILE E 15 19.79 -75.27 -58.93
CA ILE E 15 18.97 -74.50 -58.00
C ILE E 15 19.43 -74.82 -56.58
N ARG E 16 20.01 -73.82 -55.90
CA ARG E 16 20.44 -74.03 -54.52
C ARG E 16 19.24 -74.18 -53.60
N LYS E 17 18.27 -73.28 -53.71
CA LYS E 17 17.06 -73.37 -52.89
C LYS E 17 15.95 -72.58 -53.57
N LEU E 18 14.74 -72.88 -53.15
CA LEU E 18 13.55 -72.14 -53.56
C LEU E 18 12.92 -71.54 -52.30
N CYS E 19 12.68 -70.24 -52.31
CA CYS E 19 12.19 -69.52 -51.15
C CYS E 19 10.76 -69.08 -51.40
N LEU E 20 9.84 -69.60 -50.59
CA LEU E 20 8.41 -69.31 -50.71
C LEU E 20 7.99 -68.50 -49.49
N ASN E 21 7.39 -67.33 -49.73
CA ASN E 21 7.04 -66.40 -48.67
C ASN E 21 5.62 -65.90 -48.84
N ILE E 22 4.86 -65.90 -47.74
CA ILE E 22 3.52 -65.33 -47.69
C ILE E 22 3.53 -64.32 -46.56
N CYS E 23 3.33 -63.05 -46.91
CA CYS E 23 3.31 -61.97 -45.92
C CYS E 23 1.90 -61.43 -45.80
N VAL E 24 1.35 -61.46 -44.58
CA VAL E 24 0.06 -60.86 -44.27
C VAL E 24 0.21 -60.09 -42.97
N GLY E 25 -0.27 -58.84 -42.96
CA GLY E 25 -0.01 -57.96 -41.84
C GLY E 25 -0.70 -58.34 -40.55
N GLU E 26 -1.53 -59.38 -40.57
CA GLU E 26 -2.23 -59.82 -39.37
C GLU E 26 -1.47 -60.96 -38.70
N SER E 27 -2.02 -61.42 -37.58
CA SER E 27 -1.51 -62.57 -36.85
C SER E 27 -2.67 -63.52 -36.55
N GLY E 28 -2.41 -64.50 -35.69
CA GLY E 28 -3.45 -65.38 -35.22
C GLY E 28 -3.96 -66.37 -36.25
N ASP E 29 -5.26 -66.65 -36.21
CA ASP E 29 -5.84 -67.67 -37.08
C ASP E 29 -5.80 -67.27 -38.55
N ARG E 30 -5.54 -66.00 -38.86
CA ARG E 30 -5.42 -65.59 -40.25
C ARG E 30 -4.20 -66.22 -40.91
N LEU E 31 -3.03 -66.10 -40.28
CA LEU E 31 -1.83 -66.67 -40.87
C LEU E 31 -1.70 -68.16 -40.63
N THR E 32 -2.46 -68.73 -39.69
CA THR E 32 -2.49 -70.18 -39.56
C THR E 32 -3.01 -70.83 -40.82
N ARG E 33 -3.91 -70.15 -41.53
CA ARG E 33 -4.35 -70.63 -42.83
C ARG E 33 -3.21 -70.64 -43.82
N ALA E 34 -2.39 -69.58 -43.82
CA ALA E 34 -1.27 -69.50 -44.74
C ALA E 34 -0.24 -70.59 -44.47
N ALA E 35 -0.03 -70.92 -43.19
CA ALA E 35 0.92 -71.97 -42.84
C ALA E 35 0.48 -73.32 -43.39
N LYS E 36 -0.81 -73.62 -43.32
CA LYS E 36 -1.32 -74.87 -43.87
C LYS E 36 -1.20 -74.89 -45.39
N VAL E 37 -1.29 -73.72 -46.03
CA VAL E 37 -1.14 -73.63 -47.48
C VAL E 37 0.26 -74.06 -47.88
N LEU E 38 1.28 -73.54 -47.20
CA LEU E 38 2.65 -73.93 -47.48
C LEU E 38 2.89 -75.39 -47.07
N GLU E 39 2.21 -75.84 -46.03
CA GLU E 39 2.33 -77.23 -45.60
C GLU E 39 1.85 -78.18 -46.70
N GLN E 40 0.72 -77.85 -47.33
CA GLN E 40 0.19 -78.72 -48.37
C GLN E 40 1.02 -78.62 -49.64
N LEU E 41 1.56 -77.45 -49.95
CA LEU E 41 2.29 -77.27 -51.20
C LEU E 41 3.66 -77.94 -51.11
N THR E 42 4.36 -77.78 -50.00
CA THR E 42 5.74 -78.22 -49.89
C THR E 42 5.93 -79.50 -49.10
N GLY E 43 4.96 -79.87 -48.26
CA GLY E 43 5.14 -80.99 -47.37
C GLY E 43 5.99 -80.70 -46.16
N GLN E 44 6.38 -79.45 -45.96
CA GLN E 44 7.25 -79.05 -44.86
C GLN E 44 6.52 -78.06 -43.97
N THR E 45 6.82 -78.10 -42.68
CA THR E 45 6.23 -77.16 -41.74
C THR E 45 6.91 -75.80 -41.88
N PRO E 46 6.19 -74.74 -42.24
CA PRO E 46 6.83 -73.43 -42.37
C PRO E 46 7.12 -72.83 -41.02
N VAL E 47 7.78 -71.67 -41.05
CA VAL E 47 8.14 -70.92 -39.86
C VAL E 47 7.69 -69.47 -40.00
N PHE E 48 7.25 -68.89 -38.91
CA PHE E 48 6.70 -67.55 -38.88
C PHE E 48 7.81 -66.51 -38.75
N SER E 49 7.50 -65.30 -39.19
CA SER E 49 8.42 -64.16 -39.14
C SER E 49 7.75 -63.03 -38.38
N LYS E 50 8.51 -62.36 -37.53
CA LYS E 50 7.97 -61.28 -36.73
C LYS E 50 8.35 -59.92 -37.28
N ALA E 51 7.58 -58.91 -36.92
CA ALA E 51 7.85 -57.56 -37.38
C ALA E 51 9.05 -56.97 -36.64
N ARG E 52 9.96 -56.37 -37.41
CA ARG E 52 11.16 -55.77 -36.82
C ARG E 52 10.83 -54.50 -36.06
N TYR E 53 10.02 -53.63 -36.65
CA TYR E 53 9.64 -52.36 -36.05
C TYR E 53 8.12 -52.26 -36.01
N THR E 54 7.63 -51.22 -35.36
CA THR E 54 6.20 -50.96 -35.25
C THR E 54 5.84 -49.84 -36.22
N VAL E 55 4.90 -50.12 -37.12
CA VAL E 55 4.38 -49.14 -38.06
C VAL E 55 2.87 -49.08 -37.88
N ARG E 56 2.37 -47.91 -37.52
CA ARG E 56 0.95 -47.76 -37.21
C ARG E 56 0.10 -47.74 -38.48
N SER E 57 0.63 -47.23 -39.59
CA SER E 57 -0.14 -47.15 -40.82
C SER E 57 -0.34 -48.52 -41.46
N PHE E 58 0.54 -49.48 -41.16
CA PHE E 58 0.37 -50.84 -41.64
C PHE E 58 -0.34 -51.73 -40.63
N GLY E 59 -0.62 -51.23 -39.43
CA GLY E 59 -1.29 -52.01 -38.41
C GLY E 59 -0.50 -53.20 -37.90
N ILE E 60 0.81 -53.03 -37.75
CA ILE E 60 1.69 -54.10 -37.29
C ILE E 60 2.47 -53.63 -36.08
N ARG E 61 2.68 -54.53 -35.13
CA ARG E 61 3.42 -54.26 -33.91
C ARG E 61 4.73 -55.06 -33.90
N ARG E 62 5.71 -54.54 -33.17
CA ARG E 62 6.99 -55.21 -33.06
C ARG E 62 6.81 -56.57 -32.38
N ASN E 63 7.57 -57.56 -32.86
CA ASN E 63 7.55 -58.91 -32.33
C ASN E 63 6.20 -59.59 -32.49
N GLU E 64 5.43 -59.16 -33.49
CA GLU E 64 4.15 -59.76 -33.82
C GLU E 64 4.32 -60.60 -35.07
N LYS E 65 3.86 -61.86 -35.01
CA LYS E 65 3.99 -62.76 -36.15
C LYS E 65 3.19 -62.23 -37.32
N ILE E 66 3.89 -61.98 -38.43
CA ILE E 66 3.31 -61.37 -39.63
C ILE E 66 3.29 -62.35 -40.79
N ALA E 67 4.45 -62.84 -41.20
CA ALA E 67 4.58 -63.66 -42.39
C ALA E 67 4.88 -65.11 -42.04
N VAL E 68 4.78 -65.96 -43.05
CA VAL E 68 5.26 -67.34 -43.01
C VAL E 68 6.15 -67.53 -44.21
N HIS E 69 7.16 -68.40 -44.06
CA HIS E 69 8.05 -68.66 -45.18
C HIS E 69 8.65 -70.05 -45.03
N CYS E 70 9.17 -70.57 -46.13
CA CYS E 70 9.75 -71.90 -46.18
C CYS E 70 10.81 -71.93 -47.27
N THR E 71 11.82 -72.78 -47.06
CA THR E 71 12.87 -73.02 -48.04
C THR E 71 12.80 -74.47 -48.49
N VAL E 72 12.77 -74.68 -49.79
CA VAL E 72 12.69 -76.02 -50.38
C VAL E 72 13.93 -76.26 -51.23
N ARG E 73 14.58 -77.40 -51.02
CA ARG E 73 15.75 -77.77 -51.78
C ARG E 73 15.57 -79.17 -52.36
N GLY E 74 16.31 -79.46 -53.41
CA GLY E 74 16.31 -80.78 -54.02
C GLY E 74 15.39 -80.90 -55.21
N ALA E 75 14.96 -82.13 -55.50
CA ALA E 75 14.01 -82.34 -56.60
C ALA E 75 12.64 -81.79 -56.24
N LYS E 76 12.32 -81.69 -54.95
CA LYS E 76 11.07 -81.08 -54.54
C LYS E 76 11.00 -79.62 -54.96
N ALA E 77 12.11 -78.89 -54.83
CA ALA E 77 12.14 -77.50 -55.28
C ALA E 77 12.02 -77.42 -56.79
N GLU E 78 12.59 -78.39 -57.50
CA GLU E 78 12.48 -78.41 -58.96
C GLU E 78 11.03 -78.53 -59.40
N GLU E 79 10.26 -79.38 -58.73
CA GLU E 79 8.87 -79.61 -59.14
C GLU E 79 7.97 -78.46 -58.71
N ILE E 80 8.23 -77.83 -57.57
CA ILE E 80 7.40 -76.72 -57.13
C ILE E 80 7.63 -75.51 -58.02
N LEU E 81 8.88 -75.27 -58.43
CA LEU E 81 9.18 -74.18 -59.35
C LEU E 81 8.55 -74.42 -60.71
N GLU E 82 8.50 -75.67 -61.16
CA GLU E 82 7.85 -75.99 -62.42
C GLU E 82 6.38 -75.60 -62.39
N LYS E 83 5.70 -75.87 -61.27
CA LYS E 83 4.29 -75.51 -61.16
C LYS E 83 4.09 -74.01 -61.17
N GLY E 84 4.95 -73.28 -60.45
CA GLY E 84 4.83 -71.83 -60.43
C GLY E 84 5.10 -71.19 -61.77
N LEU E 85 6.11 -71.71 -62.48
CA LEU E 85 6.40 -71.23 -63.82
C LEU E 85 5.29 -71.58 -64.80
N LYS E 86 4.58 -72.68 -64.55
CA LYS E 86 3.42 -73.02 -65.37
C LYS E 86 2.34 -71.95 -65.28
N VAL E 87 2.06 -71.49 -64.05
CA VAL E 87 1.04 -70.47 -63.87
C VAL E 87 1.43 -69.20 -64.60
N ARG E 88 2.69 -68.81 -64.48
CA ARG E 88 3.24 -67.66 -65.19
C ARG E 88 3.45 -67.95 -66.67
N GLU E 89 3.11 -69.17 -67.12
CA GLU E 89 3.28 -69.65 -68.49
C GLU E 89 4.66 -69.31 -69.05
N TYR E 90 5.69 -69.57 -68.24
CA TYR E 90 7.09 -69.53 -68.67
C TYR E 90 7.46 -68.17 -69.25
N GLU E 91 7.11 -67.12 -68.53
CA GLU E 91 7.29 -65.76 -68.98
C GLU E 91 7.85 -64.91 -67.85
N LEU E 92 9.04 -64.35 -68.05
CA LEU E 92 9.63 -63.47 -67.06
C LEU E 92 10.14 -62.23 -67.78
N ARG E 93 10.39 -61.18 -67.00
CA ARG E 93 10.94 -59.95 -67.51
C ARG E 93 12.43 -59.89 -67.19
N LYS E 94 13.15 -59.04 -67.92
CA LYS E 94 14.56 -58.88 -67.65
C LYS E 94 14.81 -58.35 -66.24
N ASN E 95 13.97 -57.42 -65.78
CA ASN E 95 14.13 -56.86 -64.45
C ASN E 95 13.81 -57.85 -63.34
N ASN E 96 13.25 -59.01 -63.66
CA ASN E 96 13.03 -60.04 -62.66
C ASN E 96 14.32 -60.70 -62.18
N PHE E 97 15.41 -60.51 -62.90
CA PHE E 97 16.69 -61.13 -62.59
C PHE E 97 17.58 -60.12 -61.88
N SER E 98 18.18 -60.54 -60.77
CA SER E 98 19.09 -59.70 -60.01
C SER E 98 20.50 -59.77 -60.58
N ASP E 99 21.35 -58.87 -60.09
CA ASP E 99 22.75 -58.82 -60.51
C ASP E 99 23.58 -59.91 -59.87
N THR E 100 23.01 -60.65 -58.92
CA THR E 100 23.70 -61.74 -58.25
C THR E 100 23.35 -63.11 -58.82
N GLY E 101 22.59 -63.16 -59.91
CA GLY E 101 22.29 -64.41 -60.57
C GLY E 101 21.00 -65.07 -60.13
N ASN E 102 20.20 -64.42 -59.31
CA ASN E 102 18.93 -64.97 -58.84
C ASN E 102 17.76 -64.28 -59.52
N PHE E 103 16.56 -64.82 -59.33
CA PHE E 103 15.34 -64.22 -59.85
C PHE E 103 14.16 -64.70 -59.03
N GLY E 104 12.99 -64.15 -59.31
CA GLY E 104 11.78 -64.54 -58.60
C GLY E 104 10.56 -63.96 -59.28
N PHE E 105 9.40 -64.44 -58.86
CA PHE E 105 8.12 -64.04 -59.42
C PHE E 105 7.05 -64.23 -58.34
N GLY E 106 5.79 -64.00 -58.71
CA GLY E 106 4.70 -64.12 -57.76
C GLY E 106 3.50 -64.82 -58.37
N ILE E 107 2.86 -65.67 -57.57
CA ILE E 107 1.63 -66.35 -57.94
C ILE E 107 0.52 -65.84 -57.03
N GLN E 108 -0.59 -65.45 -57.66
CA GLN E 108 -1.71 -64.87 -56.92
C GLN E 108 -2.66 -65.91 -56.34
N GLU E 109 -2.79 -67.08 -56.94
CA GLU E 109 -3.72 -68.11 -56.48
C GLU E 109 -2.95 -69.37 -56.12
N HIS E 110 -2.97 -69.73 -54.84
CA HIS E 110 -2.31 -70.97 -54.42
C HIS E 110 -3.10 -72.17 -54.89
N ILE E 111 -4.43 -72.03 -55.00
CA ILE E 111 -5.28 -73.17 -55.33
C ILE E 111 -4.92 -73.72 -56.71
N ASP E 112 -4.73 -72.84 -57.68
CA ASP E 112 -4.48 -73.30 -59.05
C ASP E 112 -3.13 -73.99 -59.19
N LEU E 113 -2.22 -73.81 -58.24
CA LEU E 113 -0.92 -74.45 -58.32
C LEU E 113 -1.02 -75.97 -58.19
N GLY E 114 -1.38 -76.45 -56.99
CA GLY E 114 -1.41 -77.88 -56.75
C GLY E 114 -2.68 -78.47 -56.16
N ILE E 115 -3.47 -77.67 -55.46
CA ILE E 115 -4.43 -78.17 -54.50
C ILE E 115 -5.84 -77.71 -54.86
N LYS E 116 -6.80 -78.09 -54.02
CA LYS E 116 -8.19 -77.70 -54.18
C LYS E 116 -8.59 -76.74 -53.05
N TYR E 117 -9.47 -75.81 -53.38
CA TYR E 117 -9.94 -74.86 -52.37
C TYR E 117 -10.74 -75.59 -51.29
N ASP E 118 -10.51 -75.19 -50.04
CA ASP E 118 -11.25 -75.65 -48.88
C ASP E 118 -11.99 -74.47 -48.25
N PRO E 119 -13.20 -74.69 -47.72
CA PRO E 119 -13.95 -73.55 -47.15
C PRO E 119 -13.20 -72.84 -46.03
N SER E 120 -12.46 -73.57 -45.19
CA SER E 120 -11.80 -72.96 -44.06
C SER E 120 -10.57 -72.15 -44.44
N ILE E 121 -9.89 -72.52 -45.53
CA ILE E 121 -8.66 -71.82 -45.94
C ILE E 121 -9.02 -70.56 -46.73
N GLY E 122 -8.04 -69.70 -46.95
CA GLY E 122 -8.26 -68.39 -47.54
C GLY E 122 -8.01 -68.34 -49.02
N ILE E 123 -7.49 -67.19 -49.47
CA ILE E 123 -7.32 -66.90 -50.89
C ILE E 123 -5.91 -66.38 -51.12
N TYR E 124 -5.02 -66.62 -50.15
CA TYR E 124 -3.68 -66.05 -50.19
C TYR E 124 -2.90 -66.53 -51.42
N GLY E 125 -2.08 -65.63 -51.97
CA GLY E 125 -1.07 -65.99 -52.93
C GLY E 125 0.26 -66.25 -52.21
N LEU E 126 1.35 -66.10 -52.95
CA LEU E 126 2.67 -66.36 -52.40
C LEU E 126 3.73 -65.83 -53.35
N ASP E 127 4.98 -65.80 -52.87
CA ASP E 127 6.11 -65.27 -53.61
C ASP E 127 7.16 -66.37 -53.82
N PHE E 128 7.62 -66.50 -55.05
CA PHE E 128 8.70 -67.42 -55.39
C PHE E 128 10.01 -66.64 -55.56
N TYR E 129 11.10 -67.21 -55.05
CA TYR E 129 12.44 -66.71 -55.35
C TYR E 129 13.37 -67.90 -55.54
N VAL E 130 14.21 -67.82 -56.56
CA VAL E 130 15.12 -68.90 -56.92
C VAL E 130 16.54 -68.43 -56.64
N VAL E 131 17.27 -69.17 -55.82
CA VAL E 131 18.68 -68.91 -55.56
C VAL E 131 19.48 -69.89 -56.39
N LEU E 132 20.10 -69.40 -57.45
CA LEU E 132 20.91 -70.23 -58.32
C LEU E 132 22.32 -70.37 -57.75
N GLY E 133 23.01 -71.42 -58.15
CA GLY E 133 24.34 -71.67 -57.63
C GLY E 133 25.07 -72.68 -58.47
N ARG E 134 26.36 -72.80 -58.17
CA ARG E 134 27.27 -73.76 -58.75
C ARG E 134 27.75 -74.67 -57.63
N PRO E 135 28.35 -75.83 -57.96
CA PRO E 135 28.81 -76.75 -56.92
C PRO E 135 29.52 -76.13 -55.74
N GLY E 136 30.63 -75.42 -55.94
CA GLY E 136 31.43 -75.01 -54.80
C GLY E 136 30.97 -73.79 -54.04
N PHE E 137 29.65 -73.58 -53.95
CA PHE E 137 29.11 -72.38 -53.32
C PHE E 137 28.94 -72.53 -51.81
N SER E 138 29.16 -73.71 -51.26
CA SER E 138 28.95 -73.94 -49.83
C SER E 138 30.12 -73.50 -48.96
N ILE E 139 31.25 -73.13 -49.57
CA ILE E 139 32.41 -72.72 -48.78
C ILE E 139 32.14 -71.40 -48.05
N ALA E 140 31.20 -70.60 -48.52
CA ALA E 140 30.81 -69.39 -47.81
C ALA E 140 29.89 -69.66 -46.64
N ASP E 141 29.32 -70.87 -46.56
CA ASP E 141 28.42 -71.23 -45.47
C ASP E 141 29.05 -72.15 -44.43
N LYS E 142 30.16 -72.80 -44.76
CA LYS E 142 30.80 -73.71 -43.82
C LYS E 142 31.52 -72.94 -42.71
N LYS E 143 31.72 -73.61 -41.59
CA LYS E 143 32.29 -72.94 -40.42
C LYS E 143 33.81 -72.95 -40.46
N ARG E 144 34.42 -74.08 -40.78
CA ARG E 144 35.87 -74.21 -40.72
C ARG E 144 36.48 -73.88 -42.08
N ARG E 145 37.36 -72.88 -42.10
CA ARG E 145 38.07 -72.45 -43.32
C ARG E 145 37.09 -71.92 -44.37
N THR E 146 36.25 -70.98 -43.96
CA THR E 146 35.29 -70.36 -44.86
C THR E 146 35.98 -69.42 -45.84
N GLY E 147 35.39 -69.26 -47.01
CA GLY E 147 35.96 -68.39 -48.02
C GLY E 147 34.92 -67.91 -49.01
N CYS E 148 35.35 -66.95 -49.84
CA CYS E 148 34.52 -66.44 -50.92
C CYS E 148 34.65 -67.34 -52.14
N ILE E 149 33.66 -67.25 -53.02
CA ILE E 149 33.48 -68.23 -54.08
C ILE E 149 34.27 -67.86 -55.34
N GLY E 150 35.07 -66.81 -55.30
CA GLY E 150 35.84 -66.39 -56.45
C GLY E 150 35.00 -65.56 -57.41
N ALA E 151 35.71 -64.88 -58.32
CA ALA E 151 35.07 -63.92 -59.20
C ALA E 151 34.46 -64.58 -60.43
N LYS E 152 35.19 -65.49 -61.06
CA LYS E 152 34.69 -66.15 -62.26
C LYS E 152 33.68 -67.25 -61.96
N HIS E 153 33.63 -67.74 -60.73
CA HIS E 153 32.68 -68.77 -60.35
C HIS E 153 31.31 -68.21 -59.99
N ARG E 154 31.17 -66.89 -59.92
CA ARG E 154 29.89 -66.27 -59.61
C ARG E 154 28.98 -66.26 -60.84
N ILE E 155 27.69 -66.13 -60.58
CA ILE E 155 26.69 -66.10 -61.65
C ILE E 155 26.29 -64.66 -61.92
N SER E 156 26.25 -64.29 -63.19
CA SER E 156 25.89 -62.94 -63.57
C SER E 156 24.44 -62.87 -64.03
N LYS E 157 24.01 -61.65 -64.32
CA LYS E 157 22.62 -61.40 -64.70
C LYS E 157 22.33 -61.97 -66.09
N GLU E 158 23.37 -62.21 -66.88
CA GLU E 158 23.19 -62.77 -68.22
C GLU E 158 23.02 -64.28 -68.18
N GLU E 159 23.96 -64.99 -67.53
CA GLU E 159 23.90 -66.44 -67.54
C GLU E 159 22.72 -66.97 -66.73
N ALA E 160 22.15 -66.15 -65.85
CA ALA E 160 20.92 -66.52 -65.19
C ALA E 160 19.77 -66.63 -66.21
N MET E 161 19.69 -65.67 -67.13
CA MET E 161 18.66 -65.75 -68.17
C MET E 161 18.90 -66.94 -69.08
N ARG E 162 20.16 -67.19 -69.45
CA ARG E 162 20.47 -68.29 -70.35
C ARG E 162 20.04 -69.63 -69.77
N TRP E 163 20.18 -69.81 -68.46
CA TRP E 163 19.73 -71.05 -67.83
C TRP E 163 18.22 -71.16 -67.86
N PHE E 164 17.53 -70.03 -67.73
CA PHE E 164 16.07 -70.03 -67.79
C PHE E 164 15.58 -70.39 -69.19
N GLN E 165 16.25 -69.87 -70.22
CA GLN E 165 15.82 -70.13 -71.59
C GLN E 165 16.19 -71.55 -72.05
N GLN E 166 17.34 -72.07 -71.59
CA GLN E 166 17.75 -73.40 -72.03
C GLN E 166 16.97 -74.50 -71.35
N LYS E 167 16.67 -74.33 -70.07
CA LYS E 167 16.05 -75.41 -69.30
C LYS E 167 14.53 -75.43 -69.47
N TYR E 168 13.89 -74.29 -69.24
CA TYR E 168 12.43 -74.21 -69.25
C TYR E 168 11.86 -73.71 -70.57
N ASP E 169 12.71 -73.49 -71.58
CA ASP E 169 12.28 -72.92 -72.86
C ASP E 169 11.57 -71.59 -72.66
N GLY E 170 11.99 -70.82 -71.66
CA GLY E 170 11.30 -69.62 -71.29
C GLY E 170 11.57 -68.46 -72.23
N ILE E 171 10.81 -67.40 -72.03
CA ILE E 171 10.92 -66.18 -72.81
C ILE E 171 11.11 -65.02 -71.85
N ILE E 172 12.05 -64.13 -72.17
CA ILE E 172 12.26 -62.92 -71.39
C ILE E 172 11.85 -61.73 -72.23
N LEU E 173 11.03 -60.86 -71.67
CA LEU E 173 10.62 -59.66 -72.37
C LEU E 173 11.09 -58.42 -71.63
N PRO E 174 11.38 -57.32 -72.34
CA PRO E 174 11.90 -56.11 -71.69
C PRO E 174 10.84 -55.36 -70.90
N ALA F 1 43.51 -28.36 21.66
CA ALA F 1 44.01 -28.73 22.97
C ALA F 1 45.03 -29.89 22.92
N PRO F 2 44.70 -31.02 22.31
CA PRO F 2 45.69 -32.11 22.25
C PRO F 2 46.78 -31.81 21.25
N SER F 3 48.00 -32.24 21.60
CA SER F 3 49.18 -32.00 20.78
C SER F 3 49.95 -33.30 20.68
N ARG F 4 49.82 -33.97 19.53
CA ARG F 4 50.54 -35.21 19.21
C ARG F 4 50.20 -36.27 20.27
N ASN F 5 51.13 -37.19 20.51
CA ASN F 5 50.87 -38.28 21.44
C ASN F 5 50.76 -37.77 22.87
N GLY F 6 49.93 -38.45 23.65
CA GLY F 6 49.72 -38.07 25.02
C GLY F 6 48.66 -38.94 25.65
N MET F 7 48.33 -38.59 26.89
CA MET F 7 47.29 -39.27 27.64
C MET F 7 46.03 -38.42 27.69
N ILE F 8 44.89 -39.08 27.57
CA ILE F 8 43.61 -38.40 27.74
C ILE F 8 43.37 -38.25 29.23
N LEU F 9 43.68 -37.07 29.77
CA LEU F 9 43.58 -36.79 31.18
C LEU F 9 42.24 -36.15 31.49
N LYS F 10 41.67 -36.49 32.64
CA LYS F 10 40.40 -35.95 33.09
C LYS F 10 40.57 -35.46 34.52
N PRO F 11 41.17 -34.29 34.72
CA PRO F 11 41.35 -33.78 36.08
C PRO F 11 40.03 -33.27 36.65
N HIS F 12 39.87 -33.49 37.95
CA HIS F 12 38.63 -33.13 38.64
C HIS F 12 38.77 -31.76 39.31
N PHE F 13 39.06 -30.76 38.50
CA PHE F 13 39.24 -29.38 38.97
C PHE F 13 38.18 -28.48 38.35
N HIS F 14 36.94 -28.92 38.31
CA HIS F 14 35.84 -28.15 37.75
C HIS F 14 34.85 -27.70 38.82
N LYS F 15 35.21 -27.72 40.10
CA LYS F 15 34.21 -27.68 41.16
C LYS F 15 34.60 -26.73 42.28
N ASP F 16 35.38 -25.68 41.98
CA ASP F 16 35.77 -24.68 42.97
C ASP F 16 36.52 -25.32 44.14
N TRP F 17 37.57 -26.05 43.77
CA TRP F 17 38.35 -26.81 44.74
C TRP F 17 39.19 -25.93 45.64
N GLN F 18 39.48 -24.70 45.24
CA GLN F 18 40.38 -23.85 46.02
C GLN F 18 39.75 -23.43 47.34
N GLN F 19 38.42 -23.47 47.44
CA GLN F 19 37.77 -23.18 48.71
C GLN F 19 37.92 -24.34 49.69
N ARG F 20 38.11 -25.55 49.20
CA ARG F 20 38.27 -26.73 50.04
C ARG F 20 39.62 -27.36 49.73
N VAL F 21 40.66 -26.85 50.39
CA VAL F 21 42.01 -27.37 50.27
C VAL F 21 42.51 -27.65 51.67
N ASP F 22 42.90 -28.90 51.92
CA ASP F 22 43.38 -29.31 53.24
C ASP F 22 44.90 -29.30 53.25
N THR F 23 45.47 -28.31 53.91
CA THR F 23 46.91 -28.26 54.11
C THR F 23 47.27 -28.95 55.42
N TRP F 24 48.47 -29.53 55.45
CA TRP F 24 48.91 -30.36 56.56
C TRP F 24 50.06 -29.71 57.33
N PHE F 25 50.05 -28.38 57.44
CA PHE F 25 51.09 -27.71 58.21
C PHE F 25 50.95 -27.95 59.70
N ASN F 26 49.76 -28.36 60.16
CA ASN F 26 49.53 -28.73 61.54
C ASN F 26 49.79 -30.19 61.82
N GLN F 27 50.29 -30.94 60.83
CA GLN F 27 50.59 -32.35 61.03
C GLN F 27 51.63 -32.59 62.13
N PRO F 28 52.77 -31.90 62.17
CA PRO F 28 53.68 -32.12 63.31
C PRO F 28 53.06 -31.74 64.64
N ALA F 29 52.22 -30.72 64.66
CA ALA F 29 51.59 -30.29 65.91
C ALA F 29 50.65 -31.36 66.45
N ARG F 30 49.91 -32.03 65.55
CA ARG F 30 48.98 -33.05 66.00
C ARG F 30 49.69 -34.35 66.36
N LYS F 31 50.95 -34.51 65.97
CA LYS F 31 51.73 -35.66 66.43
C LYS F 31 52.18 -35.46 67.88
N ILE F 32 52.59 -34.25 68.24
CA ILE F 32 52.99 -33.98 69.63
C ILE F 32 51.78 -34.06 70.55
N ARG F 33 50.65 -33.50 70.11
CA ARG F 33 49.44 -33.50 70.93
C ARG F 33 48.92 -34.92 71.13
N ARG F 34 48.96 -35.75 70.08
CA ARG F 34 48.61 -37.15 70.24
C ARG F 34 49.58 -37.87 71.16
N ARG F 35 50.87 -37.53 71.08
CA ARG F 35 51.89 -38.17 71.90
C ARG F 35 51.72 -37.79 73.37
N LYS F 36 51.49 -36.51 73.65
CA LYS F 36 51.30 -36.07 75.03
C LYS F 36 50.01 -36.61 75.62
N ALA F 37 49.01 -36.85 74.79
CA ALA F 37 47.79 -37.50 75.27
C ALA F 37 48.05 -38.94 75.67
N ARG F 38 48.88 -39.65 74.90
CA ARG F 38 49.23 -41.01 75.24
C ARG F 38 50.01 -41.07 76.55
N GLN F 39 50.97 -40.16 76.73
CA GLN F 39 51.78 -40.17 77.93
C GLN F 39 50.96 -39.82 79.17
N ALA F 40 50.05 -38.85 79.04
CA ALA F 40 49.18 -38.50 80.16
C ALA F 40 48.24 -39.64 80.50
N LYS F 41 47.67 -40.29 79.50
CA LYS F 41 46.80 -41.44 79.74
C LYS F 41 47.54 -42.58 80.42
N ALA F 42 48.78 -42.83 79.99
CA ALA F 42 49.56 -43.90 80.58
C ALA F 42 49.82 -43.66 82.06
N ARG F 43 50.10 -42.40 82.43
CA ARG F 43 50.31 -42.07 83.84
C ARG F 43 49.01 -42.18 84.63
N ARG F 44 47.89 -41.75 84.03
CA ARG F 44 46.62 -41.76 84.74
C ARG F 44 46.15 -43.18 85.07
N ILE F 45 46.50 -44.15 84.22
CA ILE F 45 46.14 -45.54 84.43
C ILE F 45 47.39 -46.35 84.78
N ALA F 46 48.34 -45.68 85.46
CA ALA F 46 49.75 -46.11 85.52
C ALA F 46 50.01 -47.61 85.59
N PRO F 47 49.46 -48.38 86.54
CA PRO F 47 49.81 -49.82 86.56
C PRO F 47 49.24 -50.57 85.37
N ARG F 48 48.10 -50.15 84.86
CA ARG F 48 47.46 -50.81 83.73
C ARG F 48 48.30 -50.63 82.46
N PRO F 49 48.15 -51.54 81.50
CA PRO F 49 49.13 -51.62 80.40
C PRO F 49 49.21 -50.40 79.49
N ALA F 50 48.25 -49.47 79.54
CA ALA F 50 48.29 -48.24 78.76
C ALA F 50 48.23 -48.49 77.25
N SER F 51 47.97 -49.72 76.84
CA SER F 51 47.75 -50.04 75.43
C SER F 51 46.33 -50.55 75.19
N GLY F 52 45.44 -50.36 76.16
CA GLY F 52 44.09 -50.83 76.05
C GLY F 52 43.95 -52.27 76.53
N PRO F 53 42.73 -52.79 76.50
CA PRO F 53 42.51 -54.18 76.91
C PRO F 53 43.10 -55.19 75.93
N ILE F 54 43.18 -56.45 76.35
CA ILE F 54 43.69 -57.51 75.49
C ILE F 54 42.64 -57.85 74.43
N ARG F 55 43.04 -57.81 73.18
CA ARG F 55 42.19 -58.12 72.05
C ARG F 55 42.38 -59.57 71.62
N PRO F 56 41.37 -60.20 71.06
CA PRO F 56 41.50 -61.59 70.62
C PRO F 56 42.19 -61.71 69.26
N ILE F 57 42.47 -62.96 68.91
CA ILE F 57 43.01 -63.30 67.60
C ILE F 57 41.85 -63.47 66.63
N VAL F 58 42.00 -62.88 65.44
CA VAL F 58 40.93 -62.79 64.46
C VAL F 58 41.48 -63.03 63.07
N ARG F 59 40.71 -63.72 62.25
CA ARG F 59 41.07 -64.04 60.88
C ARG F 59 40.40 -63.06 59.92
N CYS F 60 41.16 -62.59 58.94
CA CYS F 60 40.65 -61.56 58.04
C CYS F 60 39.70 -62.15 57.02
N PRO F 61 38.54 -61.52 56.78
CA PRO F 61 37.43 -62.15 56.04
C PRO F 61 37.41 -61.91 54.53
N THR F 62 38.40 -62.47 53.83
CA THR F 62 38.38 -62.43 52.36
C THR F 62 39.50 -63.32 51.85
N VAL F 63 39.35 -63.77 50.60
CA VAL F 63 40.35 -64.66 50.00
C VAL F 63 41.72 -64.00 49.98
N ARG F 64 41.76 -62.69 49.71
CA ARG F 64 43.01 -61.96 49.68
C ARG F 64 43.72 -61.98 51.02
N TYR F 65 42.98 -62.10 52.13
CA TYR F 65 43.55 -61.89 53.45
C TYR F 65 43.26 -63.02 54.44
N HIS F 66 42.74 -64.16 54.00
CA HIS F 66 42.39 -65.19 54.98
C HIS F 66 43.59 -66.04 55.39
N THR F 67 44.79 -65.71 54.93
CA THR F 67 46.00 -66.34 55.42
C THR F 67 46.66 -65.55 56.53
N LYS F 68 46.08 -64.42 56.94
CA LYS F 68 46.64 -63.53 57.95
C LYS F 68 45.74 -63.47 59.17
N VAL F 69 46.34 -63.08 60.28
CA VAL F 69 45.66 -63.01 61.57
C VAL F 69 45.94 -61.64 62.17
N ARG F 70 44.88 -60.97 62.62
CA ARG F 70 45.02 -59.67 63.26
C ARG F 70 44.29 -59.64 64.59
N ALA F 71 44.20 -58.46 65.20
CA ALA F 71 43.47 -58.28 66.45
C ALA F 71 42.03 -57.92 66.19
N GLY F 72 41.12 -58.51 66.97
CA GLY F 72 39.71 -58.23 66.85
C GLY F 72 39.23 -57.19 67.84
N ARG F 73 37.93 -56.95 67.83
CA ARG F 73 37.36 -55.95 68.72
C ARG F 73 37.28 -56.45 70.15
N GLY F 74 36.88 -57.71 70.35
CA GLY F 74 36.77 -58.24 71.69
C GLY F 74 36.51 -59.72 71.69
N PHE F 75 36.78 -60.33 72.83
CA PHE F 75 36.52 -61.75 73.00
C PHE F 75 35.03 -62.02 73.01
N SER F 76 34.62 -63.07 72.31
CA SER F 76 33.22 -63.41 72.19
C SER F 76 32.70 -64.05 73.47
N LEU F 77 31.37 -64.07 73.60
CA LEU F 77 30.75 -64.61 74.81
C LEU F 77 31.00 -66.10 74.96
N GLU F 78 31.24 -66.80 73.84
CA GLU F 78 31.45 -68.23 73.90
C GLU F 78 32.84 -68.56 74.44
N GLU F 79 33.85 -67.81 74.02
CA GLU F 79 35.20 -68.07 74.54
C GLU F 79 35.37 -67.56 75.96
N LEU F 80 34.69 -66.47 76.30
CA LEU F 80 34.72 -66.00 77.69
C LEU F 80 34.09 -67.02 78.62
N ARG F 81 32.99 -67.64 78.19
CA ARG F 81 32.31 -68.64 79.00
C ARG F 81 33.16 -69.88 79.19
N VAL F 82 33.83 -70.34 78.14
CA VAL F 82 34.68 -71.52 78.25
C VAL F 82 35.86 -71.26 79.17
N ALA F 83 36.46 -70.07 79.06
CA ALA F 83 37.53 -69.69 79.97
C ALA F 83 37.04 -69.52 81.41
N GLY F 84 35.75 -69.25 81.60
CA GLY F 84 35.19 -69.11 82.93
C GLY F 84 35.30 -67.71 83.48
N ILE F 85 35.19 -66.71 82.61
CA ILE F 85 35.26 -65.31 82.99
C ILE F 85 33.91 -64.68 82.73
N HIS F 86 33.32 -64.08 83.77
CA HIS F 86 32.03 -63.44 83.64
C HIS F 86 32.11 -62.26 82.69
N LYS F 87 31.08 -62.08 81.87
CA LYS F 87 31.13 -61.05 80.84
C LYS F 87 31.07 -59.64 81.43
N LYS F 88 30.62 -59.50 82.67
CA LYS F 88 30.60 -58.19 83.33
C LYS F 88 31.82 -57.95 84.20
N VAL F 89 32.67 -58.96 84.38
CA VAL F 89 33.94 -58.76 85.09
C VAL F 89 35.13 -58.72 84.14
N ALA F 90 34.94 -59.12 82.88
CA ALA F 90 36.04 -59.09 81.93
C ALA F 90 36.51 -57.65 81.67
N ARG F 91 35.56 -56.72 81.53
CA ARG F 91 35.92 -55.34 81.24
C ARG F 91 36.73 -54.73 82.38
N THR F 92 36.41 -55.09 83.62
CA THR F 92 37.17 -54.59 84.76
C THR F 92 38.56 -55.21 84.84
N ILE F 93 38.68 -56.48 84.46
CA ILE F 93 39.97 -57.15 84.48
C ILE F 93 40.90 -56.57 83.42
N GLY F 94 40.36 -56.18 82.28
CA GLY F 94 41.16 -55.69 81.18
C GLY F 94 40.97 -56.53 79.94
N ILE F 95 39.81 -57.15 79.82
CA ILE F 95 39.47 -58.04 78.73
C ILE F 95 38.41 -57.36 77.88
N SER F 96 38.70 -57.13 76.61
CA SER F 96 37.71 -56.60 75.70
C SER F 96 36.68 -57.66 75.37
N VAL F 97 35.42 -57.24 75.23
CA VAL F 97 34.31 -58.14 75.00
C VAL F 97 33.57 -57.68 73.77
N ASP F 98 33.25 -58.63 72.88
CA ASP F 98 32.49 -58.36 71.66
C ASP F 98 31.26 -59.27 71.67
N PRO F 99 30.13 -58.79 72.21
CA PRO F 99 28.96 -59.66 72.32
C PRO F 99 28.37 -60.08 70.99
N ARG F 100 28.72 -59.43 69.90
CA ARG F 100 28.13 -59.70 68.60
C ARG F 100 29.02 -60.53 67.69
N ARG F 101 30.06 -61.18 68.21
CA ARG F 101 30.90 -62.06 67.41
C ARG F 101 30.52 -63.52 67.64
N ARG F 102 30.43 -64.27 66.55
CA ARG F 102 30.10 -65.68 66.56
C ARG F 102 31.36 -66.52 66.46
N ASN F 103 31.21 -67.83 66.65
CA ASN F 103 32.31 -68.80 66.59
C ASN F 103 31.92 -69.90 65.61
N LYS F 104 32.41 -69.81 64.39
CA LYS F 104 32.05 -70.80 63.39
C LYS F 104 32.79 -72.12 63.59
N SER F 105 34.04 -72.07 64.02
CA SER F 105 34.87 -73.25 64.18
C SER F 105 35.36 -73.37 65.61
N THR F 106 36.11 -74.43 65.87
CA THR F 106 36.60 -74.75 67.20
C THR F 106 38.07 -74.39 67.41
N GLU F 107 38.90 -74.43 66.37
CA GLU F 107 40.30 -74.07 66.53
C GLU F 107 40.43 -72.60 66.89
N SER F 108 39.66 -71.73 66.23
CA SER F 108 39.69 -70.31 66.55
C SER F 108 39.13 -70.05 67.95
N LEU F 109 38.14 -70.85 68.36
CA LEU F 109 37.62 -70.75 69.72
C LEU F 109 38.69 -71.15 70.74
N GLN F 110 39.40 -72.26 70.47
CA GLN F 110 40.39 -72.75 71.42
C GLN F 110 41.61 -71.85 71.47
N ALA F 111 41.98 -71.26 70.33
CA ALA F 111 43.11 -70.34 70.32
C ALA F 111 42.84 -69.12 71.17
N ASN F 112 41.62 -68.58 71.10
CA ASN F 112 41.28 -67.40 71.88
C ASN F 112 41.04 -67.75 73.35
N VAL F 113 40.60 -68.98 73.63
CA VAL F 113 40.47 -69.41 75.02
C VAL F 113 41.84 -69.51 75.68
N GLN F 114 42.79 -70.17 75.00
CA GLN F 114 44.14 -70.29 75.55
C GLN F 114 44.79 -68.91 75.70
N ARG F 115 44.45 -67.98 74.80
CA ARG F 115 44.94 -66.62 74.94
C ARG F 115 44.38 -65.98 76.20
N LEU F 116 43.12 -66.27 76.53
CA LEU F 116 42.52 -65.73 77.75
C LEU F 116 43.13 -66.35 79.01
N LYS F 117 43.43 -67.65 78.96
CA LYS F 117 44.04 -68.30 80.11
C LYS F 117 45.46 -67.80 80.36
N GLU F 118 46.20 -67.52 79.27
CA GLU F 118 47.55 -66.98 79.43
C GLU F 118 47.50 -65.57 80.02
N TYR F 119 46.51 -64.77 79.63
CA TYR F 119 46.37 -63.44 80.20
C TYR F 119 46.03 -63.50 81.69
N ARG F 120 45.14 -64.43 82.07
CA ARG F 120 44.71 -64.53 83.46
C ARG F 120 45.86 -64.95 84.37
N SER F 121 46.70 -65.88 83.90
CA SER F 121 47.86 -66.29 84.69
C SER F 121 48.88 -65.16 84.80
N LYS F 122 49.01 -64.36 83.74
CA LYS F 122 49.96 -63.26 83.70
C LYS F 122 49.44 -62.00 84.38
N LEU F 123 48.23 -62.04 84.93
CA LEU F 123 47.62 -60.83 85.47
C LEU F 123 47.90 -60.69 86.97
N ILE F 124 48.16 -59.46 87.38
CA ILE F 124 48.35 -59.09 88.77
C ILE F 124 47.12 -58.29 89.19
N LEU F 125 46.46 -58.73 90.25
CA LEU F 125 45.23 -58.11 90.73
C LEU F 125 45.48 -57.43 92.07
N PHE F 126 45.49 -56.12 92.07
CA PHE F 126 45.65 -55.30 93.26
C PHE F 126 44.35 -55.28 94.06
N PRO F 127 44.45 -55.34 95.38
CA PRO F 127 43.24 -55.28 96.21
C PRO F 127 42.59 -53.91 96.11
N ARG F 128 41.26 -53.90 96.30
CA ARG F 128 40.52 -52.64 96.26
C ARG F 128 41.00 -51.70 97.36
N LYS F 129 41.21 -52.22 98.56
CA LYS F 129 41.77 -51.46 99.66
C LYS F 129 43.16 -52.00 99.97
N PRO F 130 44.21 -51.20 99.82
CA PRO F 130 45.57 -51.72 100.02
C PRO F 130 45.83 -52.24 101.43
N SER F 131 45.22 -51.64 102.44
CA SER F 131 45.44 -52.09 103.81
C SER F 131 44.81 -53.45 104.08
N ALA F 132 43.65 -53.73 103.48
CA ALA F 132 42.90 -54.97 103.70
C ALA F 132 42.78 -55.72 102.39
N PRO F 133 43.66 -56.69 102.13
CA PRO F 133 43.56 -57.50 100.91
C PRO F 133 42.67 -58.72 101.10
N LYS F 134 42.07 -59.16 100.00
CA LYS F 134 41.19 -60.33 100.02
C LYS F 134 41.03 -60.86 98.61
N LYS F 135 41.43 -62.12 98.40
CA LYS F 135 41.30 -62.80 97.11
C LYS F 135 41.97 -62.03 95.97
N GLY F 136 43.15 -61.46 96.23
CA GLY F 136 43.86 -60.71 95.22
C GLY F 136 45.19 -61.33 94.82
N ASP F 137 46.29 -60.63 95.12
CA ASP F 137 47.64 -61.12 94.86
C ASP F 137 48.50 -60.86 96.08
N SER F 138 49.68 -61.49 96.10
CA SER F 138 50.56 -61.39 97.24
C SER F 138 51.43 -60.14 97.15
N SER F 139 52.05 -59.79 98.28
CA SER F 139 52.88 -58.60 98.34
C SER F 139 54.12 -58.74 97.46
N ALA F 140 54.63 -59.95 97.30
CA ALA F 140 55.85 -60.16 96.53
C ALA F 140 55.65 -59.77 95.07
N GLU F 141 54.51 -60.14 94.48
CA GLU F 141 54.26 -59.87 93.07
C GLU F 141 53.60 -58.52 92.83
N GLU F 142 53.18 -57.82 93.89
CA GLU F 142 52.40 -56.60 93.72
C GLU F 142 53.26 -55.34 93.77
N LEU F 143 53.97 -55.12 94.87
CA LEU F 143 54.75 -53.91 95.06
C LEU F 143 56.22 -54.08 94.66
N LYS F 144 56.60 -55.24 94.14
CA LYS F 144 57.99 -55.48 93.75
C LYS F 144 58.17 -55.79 92.27
N LEU F 145 57.18 -56.39 91.61
CA LEU F 145 57.33 -56.81 90.22
C LEU F 145 56.22 -56.28 89.32
N ALA F 146 55.51 -55.23 89.73
CA ALA F 146 54.47 -54.65 88.90
C ALA F 146 55.07 -53.56 88.02
N THR F 147 54.91 -53.70 86.71
CA THR F 147 55.41 -52.73 85.74
C THR F 147 54.36 -52.50 84.67
N GLN F 148 54.30 -51.29 84.13
CA GLN F 148 53.37 -50.96 83.07
C GLN F 148 53.89 -51.48 81.74
N LEU F 149 53.08 -52.28 81.05
CA LEU F 149 53.45 -52.81 79.76
C LEU F 149 53.57 -51.66 78.74
N THR F 150 54.53 -51.78 77.83
CA THR F 150 54.83 -50.72 76.88
C THR F 150 53.99 -50.82 75.62
N GLY F 151 54.11 -51.92 74.88
CA GLY F 151 53.39 -52.09 73.64
C GLY F 151 52.06 -52.77 73.85
N PRO F 152 51.47 -53.29 72.78
CA PRO F 152 50.25 -54.08 72.92
C PRO F 152 50.50 -55.34 73.73
N VAL F 153 49.48 -55.73 74.50
CA VAL F 153 49.59 -56.91 75.36
C VAL F 153 49.46 -58.16 74.51
N MET F 154 50.47 -59.04 74.60
CA MET F 154 50.54 -60.28 73.84
C MET F 154 50.45 -60.00 72.35
N PRO F 155 51.50 -59.44 71.75
CA PRO F 155 51.41 -59.02 70.34
C PRO F 155 51.04 -60.17 69.42
N ILE F 156 50.15 -59.88 68.49
CA ILE F 156 49.68 -60.86 67.51
C ILE F 156 50.54 -60.73 66.26
N ARG F 157 51.17 -61.82 65.87
CA ARG F 157 52.12 -61.81 64.76
C ARG F 157 51.80 -62.94 63.80
N ASN F 158 52.19 -62.74 62.54
CA ASN F 158 51.96 -63.73 61.49
C ASN F 158 53.25 -64.48 61.16
N GLU F 163 58.20 -77.06 57.47
CA GLU F 163 57.74 -78.37 57.05
C GLU F 163 58.92 -79.17 56.51
N LYS F 164 59.23 -80.27 57.18
CA LYS F 164 60.43 -81.05 56.88
C LYS F 164 60.32 -81.71 55.50
N ALA F 165 61.48 -81.88 54.88
CA ALA F 165 61.55 -82.51 53.57
C ALA F 165 61.31 -84.01 53.69
N ARG F 166 60.63 -84.58 52.70
CA ARG F 166 60.26 -85.99 52.71
C ARG F 166 60.43 -86.56 51.30
N VAL F 167 60.40 -87.88 51.23
CA VAL F 167 60.44 -88.59 49.96
C VAL F 167 59.06 -88.54 49.32
N ILE F 168 59.01 -88.16 48.05
CA ILE F 168 57.74 -88.13 47.33
C ILE F 168 57.31 -89.55 47.00
N THR F 169 56.08 -89.90 47.40
CA THR F 169 55.55 -91.23 47.17
C THR F 169 54.96 -91.31 45.77
N GLU F 170 54.78 -92.54 45.29
CA GLU F 170 54.29 -92.74 43.93
C GLU F 170 52.86 -92.25 43.75
N GLU F 171 52.07 -92.24 44.82
CA GLU F 171 50.66 -91.87 44.67
C GLU F 171 50.50 -90.38 44.38
N GLU F 172 51.18 -89.52 45.15
CA GLU F 172 51.11 -88.09 44.90
C GLU F 172 51.92 -87.68 43.68
N LYS F 173 52.92 -88.48 43.30
CA LYS F 173 53.64 -88.22 42.05
C LYS F 173 52.71 -88.36 40.85
N ASN F 174 51.84 -89.38 40.86
CA ASN F 174 50.85 -89.56 39.82
C ASN F 174 49.52 -88.91 40.17
N PHE F 175 49.57 -87.62 40.52
CA PHE F 175 48.39 -86.84 40.83
C PHE F 175 48.21 -85.74 39.78
N LYS F 176 47.03 -85.66 39.20
CA LYS F 176 46.74 -84.73 38.11
C LYS F 176 46.19 -83.44 38.72
N ALA F 177 47.09 -82.51 39.05
CA ALA F 177 46.68 -81.27 39.70
C ALA F 177 45.87 -80.40 38.76
N PHE F 178 46.35 -80.19 37.53
CA PHE F 178 45.62 -79.36 36.58
C PHE F 178 44.32 -80.03 36.16
N ALA F 179 44.35 -81.33 35.89
CA ALA F 179 43.15 -82.03 35.46
C ALA F 179 42.07 -82.00 36.52
N SER F 180 42.44 -82.22 37.79
CA SER F 180 41.45 -82.21 38.86
C SER F 180 40.82 -80.83 39.01
N LEU F 181 41.61 -79.77 38.88
CA LEU F 181 41.07 -78.42 38.99
C LEU F 181 40.07 -78.14 37.86
N ARG F 182 40.33 -78.70 36.68
CA ARG F 182 39.42 -78.48 35.55
C ARG F 182 38.11 -79.24 35.71
N MET F 183 38.19 -80.50 36.12
CA MET F 183 36.96 -81.27 36.35
C MET F 183 36.18 -80.72 37.54
N ALA F 184 36.87 -80.23 38.55
CA ALA F 184 36.19 -79.67 39.72
C ALA F 184 35.36 -78.45 39.33
N ARG F 185 35.92 -77.57 38.50
CA ARG F 185 35.18 -76.40 38.07
C ARG F 185 34.00 -76.78 37.19
N ALA F 186 34.15 -77.85 36.40
CA ALA F 186 33.04 -78.32 35.58
C ALA F 186 31.95 -78.96 36.42
N ASN F 187 32.35 -79.71 37.46
CA ASN F 187 31.36 -80.39 38.30
C ASN F 187 30.49 -79.39 39.06
N ALA F 188 31.10 -78.33 39.58
CA ALA F 188 30.32 -77.30 40.27
C ALA F 188 29.38 -76.60 39.30
N ARG F 189 29.86 -76.30 38.10
CA ARG F 189 29.04 -75.60 37.11
C ARG F 189 27.86 -76.45 36.66
N LEU F 190 28.08 -77.75 36.46
CA LEU F 190 27.09 -78.63 35.86
C LEU F 190 26.27 -79.39 36.89
N PHE F 191 26.47 -79.13 38.18
CA PHE F 191 25.83 -79.92 39.22
C PHE F 191 24.31 -79.81 39.15
N GLY F 192 23.80 -78.59 39.01
CA GLY F 192 22.35 -78.40 39.04
C GLY F 192 21.65 -79.00 37.84
N ILE F 193 22.21 -78.82 36.64
CA ILE F 193 21.51 -79.25 35.44
C ILE F 193 21.64 -80.76 35.24
N ARG F 194 22.70 -81.37 35.77
CA ARG F 194 22.82 -82.82 35.71
C ARG F 194 21.73 -83.48 36.54
N ALA F 195 21.44 -82.93 37.72
CA ALA F 195 20.40 -83.50 38.56
C ALA F 195 19.02 -83.31 37.95
N LYS F 196 18.78 -82.15 37.33
CA LYS F 196 17.48 -81.91 36.71
C LYS F 196 17.22 -82.87 35.55
N ARG F 197 18.24 -83.12 34.73
CA ARG F 197 18.08 -84.07 33.63
C ARG F 197 17.93 -85.49 34.14
N ALA F 198 18.59 -85.83 35.25
CA ALA F 198 18.40 -87.16 35.84
C ALA F 198 16.97 -87.32 36.37
N LYS F 199 16.43 -86.28 37.00
CA LYS F 199 15.05 -86.33 37.48
C LYS F 199 14.06 -86.44 36.32
N GLU F 200 14.29 -85.66 35.25
CA GLU F 200 13.41 -85.74 34.08
C GLU F 200 13.49 -87.11 33.42
N ALA F 201 14.69 -87.69 33.36
CA ALA F 201 14.84 -89.04 32.81
C ALA F 201 14.11 -90.06 33.67
N ALA F 202 14.12 -89.87 35.00
CA ALA F 202 13.39 -90.77 35.88
C ALA F 202 11.89 -90.72 35.62
N GLU F 203 11.36 -89.51 35.39
CA GLU F 203 9.94 -89.36 35.07
C GLU F 203 9.65 -89.87 33.66
N VAL G 1 90.31 31.74 -51.39
CA VAL G 1 90.72 32.14 -50.04
C VAL G 1 91.67 31.11 -49.46
N PHE G 2 91.57 29.87 -49.95
CA PHE G 2 92.43 28.81 -49.47
C PHE G 2 93.70 28.73 -50.31
N ARG G 3 94.80 28.39 -49.65
CA ARG G 3 96.09 28.18 -50.30
C ARG G 3 96.60 26.77 -50.18
N ARG G 4 96.49 26.16 -49.00
CA ARG G 4 96.89 24.78 -48.79
C ARG G 4 95.80 23.85 -49.29
N TYR G 5 96.19 22.78 -49.96
CA TYR G 5 95.24 21.83 -50.51
C TYR G 5 95.72 20.42 -50.25
N VAL G 6 94.81 19.56 -49.80
CA VAL G 6 95.05 18.13 -49.82
C VAL G 6 95.09 17.69 -51.28
N GLU G 7 96.25 17.26 -51.73
CA GLU G 7 96.44 16.81 -53.10
C GLU G 7 97.61 15.85 -53.11
N VAL G 8 97.73 15.10 -54.21
CA VAL G 8 98.83 14.15 -54.34
C VAL G 8 100.13 14.91 -54.49
N GLY G 9 101.07 14.64 -53.59
CA GLY G 9 102.32 15.35 -53.51
C GLY G 9 102.40 16.36 -52.39
N ARG G 10 101.28 16.73 -51.79
CA ARG G 10 101.31 17.68 -50.69
C ARG G 10 102.08 17.09 -49.52
N VAL G 11 103.01 17.87 -49.00
CA VAL G 11 103.79 17.47 -47.83
C VAL G 11 103.06 17.96 -46.59
N ALA G 12 102.90 17.08 -45.61
CA ALA G 12 102.15 17.38 -44.40
C ALA G 12 103.00 17.11 -43.18
N TYR G 13 102.70 17.80 -42.10
CA TYR G 13 103.40 17.67 -40.83
C TYR G 13 102.48 16.96 -39.85
N ILE G 14 102.98 15.90 -39.23
CA ILE G 14 102.18 15.13 -38.28
C ILE G 14 102.23 15.78 -36.91
N SER G 15 101.07 15.94 -36.30
CA SER G 15 100.94 16.68 -35.04
C SER G 15 100.93 15.76 -33.83
N PHE G 16 100.07 14.73 -33.83
CA PHE G 16 99.84 14.00 -32.59
C PHE G 16 99.73 12.49 -32.71
N GLY G 17 100.05 11.90 -33.85
CA GLY G 17 99.96 10.46 -33.98
C GLY G 17 101.10 9.74 -33.29
N PRO G 18 101.25 8.46 -33.57
CA PRO G 18 102.50 7.77 -33.21
C PRO G 18 103.71 8.36 -33.91
N HIS G 19 103.51 9.00 -35.05
CA HIS G 19 104.57 9.60 -35.86
C HIS G 19 104.59 11.11 -35.72
N ALA G 20 104.32 11.62 -34.51
CA ALA G 20 104.27 13.05 -34.30
C ALA G 20 105.62 13.70 -34.56
N GLY G 21 105.60 14.81 -35.29
CA GLY G 21 106.80 15.53 -35.63
C GLY G 21 107.50 15.10 -36.89
N LYS G 22 106.87 14.26 -37.70
CA LYS G 22 107.45 13.82 -38.96
C LYS G 22 106.78 14.54 -40.13
N LEU G 23 107.41 14.44 -41.30
CA LEU G 23 106.86 14.93 -42.54
C LEU G 23 106.48 13.76 -43.43
N VAL G 24 105.29 13.82 -44.03
CA VAL G 24 104.83 12.78 -44.93
C VAL G 24 104.39 13.42 -46.23
N ALA G 25 104.24 12.59 -47.26
CA ALA G 25 103.71 13.00 -48.54
C ALA G 25 102.41 12.27 -48.83
N ILE G 26 101.41 12.99 -49.30
CA ILE G 26 100.12 12.39 -49.61
C ILE G 26 100.23 11.65 -50.94
N VAL G 27 100.07 10.33 -50.90
CA VAL G 27 100.17 9.49 -52.08
C VAL G 27 98.81 9.24 -52.71
N ASP G 28 97.77 9.10 -51.90
CA ASP G 28 96.42 8.95 -52.40
C ASP G 28 95.43 9.39 -51.34
N VAL G 29 94.20 9.64 -51.78
CA VAL G 29 93.10 10.02 -50.90
C VAL G 29 92.13 8.85 -50.84
N ILE G 30 92.05 8.20 -49.68
CA ILE G 30 91.15 7.08 -49.52
C ILE G 30 89.70 7.56 -49.45
N ASP G 31 89.43 8.56 -48.61
CA ASP G 31 88.12 9.16 -48.49
C ASP G 31 88.30 10.51 -47.81
N GLN G 32 87.18 11.13 -47.43
CA GLN G 32 87.21 12.48 -46.89
C GLN G 32 87.93 12.57 -45.55
N ASN G 33 88.16 11.45 -44.87
CA ASN G 33 88.83 11.45 -43.59
C ASN G 33 90.23 10.88 -43.61
N ARG G 34 90.54 9.98 -44.54
CA ARG G 34 91.80 9.25 -44.52
C ARG G 34 92.54 9.43 -45.84
N ALA G 35 93.86 9.56 -45.73
CA ALA G 35 94.73 9.63 -46.90
C ALA G 35 95.87 8.64 -46.75
N LEU G 36 96.21 8.00 -47.85
CA LEU G 36 97.42 7.19 -47.90
C LEU G 36 98.64 8.09 -47.95
N VAL G 37 99.55 7.92 -46.99
CA VAL G 37 100.72 8.78 -46.87
C VAL G 37 101.97 7.92 -46.89
N ASP G 38 103.10 8.54 -47.20
CA ASP G 38 104.37 7.85 -47.25
C ASP G 38 105.48 8.81 -46.85
N GLY G 39 106.40 8.31 -46.02
CA GLY G 39 107.46 9.09 -45.46
C GLY G 39 108.85 8.53 -45.73
N PRO G 40 109.15 8.16 -46.97
CA PRO G 40 110.35 7.34 -47.23
C PRO G 40 111.64 7.97 -46.75
N CYS G 41 111.75 9.29 -46.74
CA CYS G 41 112.95 9.97 -46.28
C CYS G 41 112.84 10.46 -44.84
N THR G 42 111.77 10.11 -44.13
CA THR G 42 111.51 10.61 -42.79
C THR G 42 111.11 9.47 -41.84
N ARG G 43 111.47 8.24 -42.20
CA ARG G 43 111.25 7.07 -41.35
C ARG G 43 109.78 6.87 -41.00
N VAL G 44 108.90 7.07 -41.98
CA VAL G 44 107.49 6.75 -41.86
C VAL G 44 107.12 5.87 -43.04
N ARG G 45 106.72 4.63 -42.77
CA ARG G 45 106.37 3.75 -43.87
C ARG G 45 104.95 4.04 -44.34
N ARG G 46 104.65 3.56 -45.54
CA ARG G 46 103.36 3.83 -46.16
C ARG G 46 102.23 3.28 -45.31
N GLN G 47 101.22 4.10 -45.08
CA GLN G 47 100.08 3.72 -44.24
C GLN G 47 98.96 4.71 -44.48
N ALA G 48 97.83 4.44 -43.83
CA ALA G 48 96.68 5.34 -43.87
C ALA G 48 96.71 6.24 -42.64
N MET G 49 96.53 7.54 -42.85
CA MET G 49 96.50 8.47 -41.74
C MET G 49 95.28 9.37 -41.86
N PRO G 50 94.64 9.70 -40.75
CA PRO G 50 93.52 10.64 -40.79
C PRO G 50 94.02 12.04 -41.13
N PHE G 51 93.16 12.82 -41.78
CA PHE G 51 93.47 14.22 -42.02
C PHE G 51 93.52 15.03 -40.73
N LYS G 52 92.92 14.51 -39.65
CA LYS G 52 92.88 15.24 -38.39
C LYS G 52 94.25 15.37 -37.74
N CYS G 53 95.18 14.49 -38.06
CA CYS G 53 96.49 14.48 -37.44
C CYS G 53 97.57 15.15 -38.28
N MET G 54 97.22 15.74 -39.42
CA MET G 54 98.22 16.29 -40.32
C MET G 54 97.95 17.76 -40.59
N GLN G 55 99.03 18.53 -40.58
CA GLN G 55 99.01 19.97 -40.83
C GLN G 55 99.75 20.23 -42.13
N LEU G 56 99.04 20.67 -43.15
CA LEU G 56 99.62 20.81 -44.47
C LEU G 56 100.68 21.91 -44.49
N THR G 57 101.71 21.71 -45.32
CA THR G 57 102.79 22.66 -45.49
C THR G 57 102.71 23.27 -46.89
N ASP G 58 103.69 24.10 -47.24
CA ASP G 58 103.75 24.76 -48.53
C ASP G 58 104.35 23.89 -49.63
N PHE G 59 105.00 22.79 -49.29
CA PHE G 59 105.76 22.01 -50.26
C PHE G 59 104.84 21.01 -50.98
N ILE G 60 104.92 21.00 -52.31
CA ILE G 60 104.15 20.09 -53.14
C ILE G 60 105.11 19.33 -54.04
N LEU G 61 105.16 18.02 -53.89
CA LEU G 61 105.98 17.16 -54.72
C LEU G 61 105.21 16.77 -55.99
N LYS G 62 105.95 16.28 -56.98
CA LYS G 62 105.38 15.92 -58.27
C LYS G 62 105.53 14.42 -58.48
N PHE G 63 104.46 13.67 -58.21
CA PHE G 63 104.40 12.27 -58.56
C PHE G 63 102.94 11.87 -58.71
N PRO G 64 102.65 10.85 -59.53
CA PRO G 64 101.26 10.42 -59.71
C PRO G 64 100.74 9.69 -58.49
N HIS G 65 99.42 9.62 -58.40
CA HIS G 65 98.76 8.98 -57.26
C HIS G 65 99.07 7.48 -57.26
N SER G 66 99.21 6.93 -56.05
CA SER G 66 99.53 5.52 -55.81
C SER G 66 100.90 5.12 -56.35
N ALA G 67 101.77 6.08 -56.61
CA ALA G 67 103.13 5.75 -57.03
C ALA G 67 103.86 5.05 -55.90
N ARG G 68 104.77 4.16 -56.27
CA ARG G 68 105.47 3.35 -55.28
C ARG G 68 106.55 4.18 -54.59
N GLN G 69 107.18 3.56 -53.59
CA GLN G 69 108.04 4.30 -52.68
C GLN G 69 109.23 4.94 -53.38
N LYS G 70 109.76 4.28 -54.41
CA LYS G 70 110.97 4.77 -55.05
C LYS G 70 110.73 6.10 -55.76
N TYR G 71 109.52 6.30 -56.29
CA TYR G 71 109.22 7.54 -56.99
C TYR G 71 108.90 8.67 -56.00
N VAL G 72 108.30 8.33 -54.87
CA VAL G 72 108.12 9.32 -53.80
C VAL G 72 109.47 9.74 -53.26
N ARG G 73 110.41 8.79 -53.18
CA ARG G 73 111.74 9.10 -52.65
C ARG G 73 112.54 9.94 -53.62
N LYS G 74 112.44 9.65 -54.93
CA LYS G 74 113.17 10.45 -55.91
C LYS G 74 112.67 11.89 -55.90
N ALA G 75 111.36 12.09 -55.81
CA ALA G 75 110.82 13.44 -55.74
C ALA G 75 111.24 14.14 -54.46
N TRP G 76 111.22 13.43 -53.34
CA TRP G 76 111.58 14.03 -52.05
C TRP G 76 113.04 14.47 -52.05
N GLU G 77 113.92 13.66 -52.62
CA GLU G 77 115.34 13.99 -52.64
C GLU G 77 115.64 15.08 -53.67
N LYS G 78 114.95 15.06 -54.81
CA LYS G 78 115.19 16.07 -55.82
C LYS G 78 114.79 17.46 -55.33
N ALA G 79 113.66 17.56 -54.63
CA ALA G 79 113.24 18.84 -54.10
C ALA G 79 113.97 19.21 -52.82
N ASP G 80 114.69 18.26 -52.22
CA ASP G 80 115.46 18.47 -50.99
C ASP G 80 114.55 18.97 -49.87
N ILE G 81 113.48 18.20 -49.63
CA ILE G 81 112.44 18.63 -48.70
C ILE G 81 112.98 18.72 -47.28
N ASN G 82 113.97 17.88 -46.93
CA ASN G 82 114.50 17.90 -45.58
C ASN G 82 115.19 19.21 -45.26
N THR G 83 116.01 19.72 -46.18
CA THR G 83 116.73 20.96 -45.91
C THR G 83 115.82 22.17 -46.07
N LYS G 84 114.88 22.12 -47.01
CA LYS G 84 113.93 23.22 -47.15
C LYS G 84 113.05 23.35 -45.93
N TRP G 85 112.63 22.22 -45.35
CA TRP G 85 111.82 22.27 -44.14
C TRP G 85 112.59 22.90 -42.99
N ALA G 86 113.86 22.52 -42.83
CA ALA G 86 114.64 23.03 -41.71
C ALA G 86 114.91 24.52 -41.84
N ALA G 87 114.80 25.06 -43.06
CA ALA G 87 115.02 26.49 -43.27
C ALA G 87 113.77 27.32 -43.04
N THR G 88 112.61 26.70 -42.87
CA THR G 88 111.38 27.46 -42.69
C THR G 88 111.26 27.99 -41.28
N ARG G 89 110.39 28.99 -41.12
CA ARG G 89 110.13 29.55 -39.80
C ARG G 89 109.31 28.58 -38.95
N TRP G 90 108.50 27.74 -39.60
CA TRP G 90 107.74 26.73 -38.87
C TRP G 90 108.66 25.77 -38.14
N ALA G 91 109.71 25.29 -38.81
CA ALA G 91 110.64 24.37 -38.18
C ALA G 91 111.49 25.06 -37.13
N LYS G 92 111.86 26.32 -37.37
CA LYS G 92 112.67 27.05 -36.39
C LYS G 92 111.91 27.24 -35.09
N LYS G 93 110.61 27.52 -35.16
CA LYS G 93 109.81 27.62 -33.95
C LYS G 93 109.75 26.29 -33.21
N ILE G 94 109.65 25.18 -33.96
CA ILE G 94 109.60 23.86 -33.33
C ILE G 94 110.90 23.58 -32.59
N ASP G 95 112.04 23.90 -33.22
CA ASP G 95 113.32 23.61 -32.60
C ASP G 95 113.59 24.52 -31.40
N ALA G 96 113.11 25.77 -31.46
CA ALA G 96 113.23 26.66 -30.31
C ALA G 96 112.35 26.19 -29.15
N ARG G 97 111.15 25.70 -29.47
CA ARG G 97 110.25 25.23 -28.42
C ARG G 97 110.79 23.98 -27.74
N GLU G 98 111.51 23.13 -28.48
CA GLU G 98 112.03 21.90 -27.89
C GLU G 98 113.26 22.17 -27.03
N ARG G 99 114.10 23.11 -27.44
CA ARG G 99 115.32 23.40 -26.67
C ARG G 99 115.01 24.22 -25.41
N LYS G 100 113.94 25.01 -25.44
CA LYS G 100 113.52 25.70 -24.23
C LYS G 100 112.95 24.70 -23.21
N ALA G 101 112.31 23.64 -23.70
CA ALA G 101 111.79 22.61 -22.81
C ALA G 101 112.90 21.80 -22.18
N LYS G 102 114.07 21.75 -22.81
CA LYS G 102 115.22 21.02 -22.31
C LYS G 102 116.15 21.87 -21.45
N MET G 103 115.78 23.12 -21.16
CA MET G 103 116.64 24.00 -20.39
C MET G 103 116.84 23.46 -18.99
N THR G 104 118.10 23.44 -18.55
CA THR G 104 118.44 22.97 -17.22
C THR G 104 118.29 24.11 -16.22
N ASP G 105 118.51 23.78 -14.94
CA ASP G 105 118.43 24.78 -13.88
C ASP G 105 119.53 25.83 -14.05
N PHE G 106 120.74 25.40 -14.42
CA PHE G 106 121.84 26.33 -14.62
C PHE G 106 121.61 27.19 -15.85
N ASP G 107 121.03 26.62 -16.91
CA ASP G 107 120.70 27.41 -18.09
C ASP G 107 119.58 28.39 -17.77
N ARG G 108 118.66 28.01 -16.90
CA ARG G 108 117.62 28.94 -16.47
C ARG G 108 118.23 30.11 -15.72
N PHE G 109 119.25 29.85 -14.91
CA PHE G 109 119.95 30.91 -14.21
C PHE G 109 120.66 31.84 -15.19
N LYS G 110 121.28 31.27 -16.22
CA LYS G 110 122.04 32.09 -17.16
C LYS G 110 121.12 32.91 -18.07
N VAL G 111 119.94 32.37 -18.40
CA VAL G 111 118.96 33.14 -19.15
C VAL G 111 118.44 34.29 -18.30
N MET G 112 118.30 34.06 -17.00
CA MET G 112 117.87 35.13 -16.10
C MET G 112 118.87 36.28 -16.11
N LYS G 113 120.16 35.98 -16.06
CA LYS G 113 121.17 37.02 -16.06
C LYS G 113 121.19 37.78 -17.38
N ALA G 114 121.11 37.05 -18.50
CA ALA G 114 121.15 37.69 -19.80
C ALA G 114 119.90 38.53 -20.05
N LYS G 115 118.73 38.01 -19.66
CA LYS G 115 117.49 38.75 -19.87
C LYS G 115 117.44 39.99 -19.01
N LYS G 116 117.94 39.91 -17.77
CA LYS G 116 117.95 41.06 -16.89
C LYS G 116 118.79 42.19 -17.48
N MET G 117 120.00 41.85 -17.94
CA MET G 117 120.89 42.87 -18.47
C MET G 117 120.37 43.39 -19.80
N ARG G 118 119.81 42.51 -20.63
CA ARG G 118 119.34 42.92 -21.95
C ARG G 118 118.20 43.91 -21.86
N ASN G 119 117.26 43.67 -20.95
CA ASN G 119 116.08 44.51 -20.88
C ASN G 119 116.40 45.88 -20.29
N ARG G 120 117.46 45.98 -19.51
CA ARG G 120 117.89 47.27 -18.99
C ARG G 120 118.36 48.19 -20.12
N ILE G 121 119.11 47.62 -21.07
CA ILE G 121 119.64 48.41 -22.18
C ILE G 121 118.53 48.79 -23.14
N ILE G 122 117.61 47.87 -23.40
CA ILE G 122 116.50 48.17 -24.30
C ILE G 122 115.58 49.22 -23.69
N LYS G 123 115.31 49.11 -22.39
CA LYS G 123 114.44 50.07 -21.72
C LYS G 123 115.04 51.46 -21.75
N THR G 124 116.35 51.56 -21.59
CA THR G 124 117.02 52.87 -21.66
C THR G 124 116.85 53.49 -23.04
N GLU G 125 117.02 52.69 -24.09
CA GLU G 125 116.91 53.21 -25.45
C GLU G 125 115.47 53.58 -25.79
N VAL G 126 114.51 52.79 -25.31
CA VAL G 126 113.10 53.09 -25.58
C VAL G 126 112.72 54.43 -24.96
N LYS G 127 113.23 54.71 -23.77
CA LYS G 127 112.97 56.01 -23.14
C LYS G 127 113.61 57.15 -23.94
N LYS G 128 114.82 56.94 -24.44
CA LYS G 128 115.47 57.97 -25.24
C LYS G 128 114.69 58.27 -26.51
N LEU G 129 114.14 57.24 -27.16
CA LEU G 129 113.36 57.46 -28.36
C LEU G 129 112.01 58.06 -28.05
N GLN G 130 111.45 57.75 -26.87
CA GLN G 130 110.24 58.44 -26.43
C GLN G 130 110.48 59.94 -26.33
N ARG G 131 111.56 60.32 -25.65
CA ARG G 131 111.85 61.75 -25.46
C ARG G 131 112.12 62.43 -26.79
N ALA G 132 112.80 61.74 -27.71
CA ALA G 132 113.02 62.30 -29.04
C ALA G 132 111.70 62.47 -29.78
N ALA G 133 110.79 61.50 -29.66
CA ALA G 133 109.52 61.59 -30.35
C ALA G 133 108.65 62.70 -29.82
N ILE G 134 108.60 62.86 -28.48
CA ILE G 134 107.75 63.90 -27.89
C ILE G 134 108.35 65.28 -28.14
N LEU G 135 109.68 65.38 -28.15
CA LEU G 135 110.32 66.66 -28.42
C LEU G 135 110.14 67.06 -29.88
N LYS G 136 110.28 66.10 -30.80
CA LYS G 136 110.08 66.40 -32.21
C LYS G 136 108.62 66.74 -32.50
N ALA G 137 107.68 66.03 -31.86
CA ALA G 137 106.27 66.33 -32.06
C ALA G 137 105.88 67.69 -31.50
N SER G 138 106.35 68.00 -30.29
CA SER G 138 106.04 69.26 -29.61
C SER G 138 107.33 69.92 -29.15
N PRO G 139 108.02 70.65 -30.04
CA PRO G 139 109.25 71.36 -29.70
C PRO G 139 109.03 72.47 -28.68
N GLY H 1 -1.12 -57.59 79.63
CA GLY H 1 -1.51 -56.24 79.95
C GLY H 1 -2.45 -55.66 78.93
N ALA H 2 -3.16 -54.59 79.30
CA ALA H 2 -4.10 -53.96 78.38
C ALA H 2 -3.40 -53.23 77.25
N TYR H 3 -2.10 -52.93 77.38
CA TYR H 3 -1.42 -52.17 76.34
C TYR H 3 -1.24 -52.98 75.07
N LYS H 4 -1.05 -54.29 75.21
CA LYS H 4 -0.91 -55.14 74.02
C LYS H 4 -2.21 -55.18 73.22
N TYR H 5 -3.35 -55.23 73.91
CA TYR H 5 -4.63 -55.24 73.21
C TYR H 5 -4.85 -53.95 72.45
N ILE H 6 -4.50 -52.81 73.04
CA ILE H 6 -4.65 -51.53 72.36
C ILE H 6 -3.71 -51.46 71.15
N GLN H 7 -2.52 -52.04 71.27
CA GLN H 7 -1.57 -52.04 70.16
C GLN H 7 -2.12 -52.81 68.97
N GLU H 8 -2.67 -54.00 69.20
CA GLU H 8 -3.26 -54.76 68.11
C GLU H 8 -4.55 -54.12 67.62
N LEU H 9 -5.25 -53.43 68.53
CA LEU H 9 -6.50 -52.76 68.18
C LEU H 9 -6.25 -51.65 67.16
N TRP H 10 -5.19 -50.87 67.37
CA TRP H 10 -4.88 -49.78 66.47
C TRP H 10 -4.32 -50.26 65.14
N ARG H 11 -3.92 -51.53 65.04
CA ARG H 11 -3.44 -52.05 63.78
C ARG H 11 -4.58 -52.41 62.84
N LYS H 12 -5.79 -52.55 63.37
CA LYS H 12 -6.96 -52.87 62.55
C LYS H 12 -7.72 -51.59 62.24
N LYS H 13 -7.04 -50.70 61.53
CA LYS H 13 -7.61 -49.39 61.22
C LYS H 13 -8.77 -49.46 60.25
N GLN H 14 -8.90 -50.58 59.54
CA GLN H 14 -9.99 -50.78 58.59
C GLN H 14 -11.24 -51.34 59.25
N SER H 15 -11.17 -51.70 60.53
CA SER H 15 -12.30 -52.31 61.20
C SER H 15 -13.44 -51.32 61.39
N ASP H 16 -14.64 -51.85 61.59
CA ASP H 16 -15.80 -51.00 61.84
C ASP H 16 -15.62 -50.17 63.11
N VAL H 17 -14.91 -50.72 64.10
CA VAL H 17 -14.65 -49.98 65.33
C VAL H 17 -13.71 -48.82 65.08
N MET H 18 -12.61 -49.07 64.37
CA MET H 18 -11.58 -48.05 64.20
C MET H 18 -11.98 -47.02 63.16
N ARG H 19 -12.74 -47.41 62.13
CA ARG H 19 -13.24 -46.44 61.18
C ARG H 19 -14.19 -45.46 61.84
N PHE H 20 -15.01 -45.94 62.77
CA PHE H 20 -15.90 -45.05 63.50
C PHE H 20 -15.10 -44.09 64.38
N LEU H 21 -14.12 -44.63 65.11
CA LEU H 21 -13.33 -43.80 66.02
C LEU H 21 -12.53 -42.76 65.27
N LEU H 22 -11.89 -43.16 64.17
CA LEU H 22 -11.07 -42.23 63.41
C LEU H 22 -11.94 -41.16 62.74
N ARG H 23 -13.19 -41.50 62.41
CA ARG H 23 -14.07 -40.51 61.79
C ARG H 23 -14.48 -39.43 62.79
N VAL H 24 -14.89 -39.84 63.99
CA VAL H 24 -15.38 -38.88 64.96
C VAL H 24 -14.24 -38.03 65.52
N ARG H 25 -13.08 -38.65 65.74
CA ARG H 25 -11.93 -37.88 66.24
C ARG H 25 -11.43 -36.89 65.20
N CYS H 26 -11.36 -37.31 63.94
CA CYS H 26 -10.93 -36.40 62.88
C CYS H 26 -11.89 -35.24 62.72
N TRP H 27 -13.19 -35.50 62.85
CA TRP H 27 -14.18 -34.43 62.83
C TRP H 27 -13.94 -33.45 63.98
N GLN H 28 -13.70 -33.98 65.17
CA GLN H 28 -13.53 -33.13 66.34
C GLN H 28 -12.27 -32.28 66.24
N TYR H 29 -11.17 -32.87 65.78
CA TYR H 29 -9.93 -32.11 65.63
C TYR H 29 -10.05 -31.05 64.56
N ARG H 30 -10.97 -31.24 63.61
CA ARG H 30 -11.12 -30.27 62.53
C ARG H 30 -11.84 -29.01 63.02
N GLN H 31 -12.54 -29.11 64.15
CA GLN H 31 -13.23 -27.94 64.69
C GLN H 31 -12.33 -27.13 65.60
N LEU H 32 -11.17 -27.67 65.96
CA LEU H 32 -10.25 -26.99 66.85
C LEU H 32 -9.26 -26.13 66.06
N SER H 33 -8.27 -25.60 66.76
CA SER H 33 -7.23 -24.79 66.13
C SER H 33 -6.09 -25.69 65.63
N ALA H 34 -5.24 -25.12 64.79
CA ALA H 34 -4.14 -25.89 64.21
C ALA H 34 -3.12 -26.26 65.27
N LEU H 35 -3.05 -25.50 66.35
CA LEU H 35 -2.12 -25.76 67.44
C LEU H 35 -2.90 -25.71 68.74
N HIS H 36 -2.99 -26.85 69.42
CA HIS H 36 -3.92 -27.05 70.52
C HIS H 36 -3.27 -27.94 71.56
N ARG H 37 -3.40 -27.57 72.82
CA ARG H 37 -2.83 -28.31 73.93
C ARG H 37 -3.84 -29.38 74.37
N ALA H 38 -3.39 -30.61 74.39
CA ALA H 38 -4.25 -31.74 74.78
C ALA H 38 -4.06 -32.06 76.24
N PRO H 39 -5.14 -32.33 76.99
CA PRO H 39 -4.99 -32.70 78.40
C PRO H 39 -4.27 -34.02 78.60
N ARG H 40 -4.34 -34.94 77.66
CA ARG H 40 -3.76 -36.26 77.80
C ARG H 40 -3.55 -36.85 76.41
N PRO H 41 -2.68 -37.84 76.27
CA PRO H 41 -2.50 -38.49 74.97
C PRO H 41 -3.73 -39.27 74.54
N THR H 42 -4.05 -39.17 73.25
CA THR H 42 -5.13 -39.99 72.70
C THR H 42 -4.72 -41.46 72.62
N ARG H 43 -3.43 -41.72 72.42
CA ARG H 43 -2.88 -43.07 72.39
C ARG H 43 -1.87 -43.19 73.53
N PRO H 44 -2.32 -43.56 74.73
CA PRO H 44 -1.36 -43.72 75.83
C PRO H 44 -0.30 -44.78 75.58
N ASP H 45 -0.66 -45.86 74.87
CA ASP H 45 0.31 -46.90 74.58
C ASP H 45 1.32 -46.44 73.52
N LYS H 46 0.86 -45.71 72.51
CA LYS H 46 1.78 -45.21 71.50
C LYS H 46 2.70 -44.16 72.07
N ALA H 47 2.21 -43.35 73.01
CA ALA H 47 3.04 -42.31 73.61
C ALA H 47 4.17 -42.91 74.43
N ARG H 48 3.88 -43.91 75.26
CA ARG H 48 4.89 -44.44 76.16
C ARG H 48 6.00 -45.16 75.43
N ARG H 49 5.68 -45.92 74.39
CA ARG H 49 6.73 -46.56 73.61
C ARG H 49 7.52 -45.56 72.78
N LEU H 50 7.06 -44.31 72.69
CA LEU H 50 7.83 -43.23 72.09
C LEU H 50 8.57 -42.39 73.13
N GLY H 51 8.49 -42.75 74.41
CA GLY H 51 9.27 -42.09 75.43
C GLY H 51 8.45 -41.31 76.45
N TYR H 52 7.14 -41.22 76.24
CA TYR H 52 6.29 -40.46 77.13
C TYR H 52 6.10 -41.17 78.46
N LYS H 53 5.94 -40.38 79.52
CA LYS H 53 5.62 -40.89 80.85
C LYS H 53 4.60 -39.98 81.51
N ALA H 54 3.76 -40.58 82.35
CA ALA H 54 2.69 -39.87 83.05
C ALA H 54 3.29 -39.18 84.28
N LYS H 55 3.89 -38.02 84.05
CA LYS H 55 4.55 -37.27 85.11
C LYS H 55 4.41 -35.79 84.82
N GLN H 56 4.66 -34.98 85.85
CA GLN H 56 4.66 -33.54 85.68
C GLN H 56 5.88 -33.10 84.87
N GLY H 57 5.65 -32.31 83.83
CA GLY H 57 6.66 -31.93 82.87
C GLY H 57 6.45 -32.49 81.49
N TYR H 58 5.66 -33.55 81.36
CA TYR H 58 5.29 -34.10 80.05
C TYR H 58 3.97 -33.49 79.61
N VAL H 59 3.96 -32.90 78.41
CA VAL H 59 2.75 -32.31 77.87
C VAL H 59 2.54 -32.86 76.46
N ILE H 60 1.30 -32.78 75.99
CA ILE H 60 0.91 -33.26 74.68
C ILE H 60 0.27 -32.11 73.92
N TYR H 61 0.68 -31.93 72.68
CA TYR H 61 0.12 -30.92 71.80
C TYR H 61 -0.34 -31.57 70.51
N ARG H 62 -1.50 -31.16 70.01
CA ARG H 62 -2.01 -31.67 68.75
C ARG H 62 -1.79 -30.63 67.65
N ILE H 63 -1.21 -31.08 66.54
CA ILE H 63 -0.88 -30.20 65.42
C ILE H 63 -1.61 -30.67 64.19
N ARG H 64 -2.24 -29.73 63.48
CA ARG H 64 -2.92 -29.97 62.23
C ARG H 64 -2.07 -29.45 61.08
N VAL H 65 -1.84 -30.30 60.09
CA VAL H 65 -0.93 -29.99 58.99
C VAL H 65 -1.67 -30.15 57.67
N ARG H 66 -1.60 -29.12 56.82
CA ARG H 66 -2.12 -29.23 55.48
C ARG H 66 -1.36 -30.29 54.71
N ARG H 67 -2.07 -31.18 54.03
CA ARG H 67 -1.43 -32.29 53.36
C ARG H 67 -1.47 -32.11 51.84
N GLY H 68 -0.35 -32.48 51.21
CA GLY H 68 -0.11 -32.29 49.81
C GLY H 68 1.37 -32.09 49.57
N GLY H 69 1.72 -31.79 48.32
CA GLY H 69 3.09 -31.56 47.95
C GLY H 69 3.51 -30.12 48.17
N ARG H 70 4.66 -29.77 47.64
CA ARG H 70 5.21 -28.43 47.76
C ARG H 70 5.12 -27.73 46.41
N LYS H 71 4.32 -26.68 46.34
CA LYS H 71 4.31 -25.83 45.17
C LYS H 71 5.43 -24.82 45.26
N ARG H 72 6.15 -24.64 44.17
CA ARG H 72 7.28 -23.72 44.18
C ARG H 72 6.77 -22.29 44.30
N PRO H 73 7.25 -21.52 45.27
CA PRO H 73 6.73 -20.15 45.50
C PRO H 73 7.33 -19.13 44.55
N VAL H 74 7.05 -19.30 43.27
CA VAL H 74 7.54 -18.42 42.22
C VAL H 74 6.37 -17.64 41.65
N PRO H 75 6.51 -16.33 41.42
CA PRO H 75 5.39 -15.55 40.89
C PRO H 75 4.97 -16.01 39.50
N LYS H 76 3.68 -16.27 39.34
CA LYS H 76 3.09 -16.67 38.07
C LYS H 76 3.69 -17.95 37.52
N GLY H 77 4.28 -18.76 38.41
CA GLY H 77 4.87 -20.01 37.99
C GLY H 77 6.07 -19.88 37.07
N ALA H 78 6.75 -18.75 37.09
CA ALA H 78 7.85 -18.48 36.18
C ALA H 78 9.18 -18.69 36.92
N THR H 79 9.75 -19.88 36.77
CA THR H 79 11.10 -20.16 37.22
C THR H 79 12.05 -19.85 36.07
N TYR H 80 12.79 -18.75 36.19
CA TYR H 80 13.63 -18.26 35.12
C TYR H 80 14.90 -19.10 35.07
N GLY H 81 15.17 -19.69 33.92
CA GLY H 81 16.35 -20.49 33.76
C GLY H 81 16.10 -21.63 32.79
N LYS H 82 16.81 -22.70 33.00
CA LYS H 82 16.81 -23.83 32.09
C LYS H 82 15.59 -24.71 32.32
N PRO H 83 15.16 -25.46 31.29
CA PRO H 83 13.92 -26.24 31.41
C PRO H 83 13.91 -27.25 32.54
N VAL H 84 15.07 -27.77 32.95
CA VAL H 84 15.12 -28.78 33.99
C VAL H 84 14.65 -28.23 35.32
N HIS H 85 14.67 -26.91 35.51
CA HIS H 85 14.21 -26.27 36.73
C HIS H 85 12.87 -25.57 36.55
N HIS H 86 12.09 -25.97 35.55
CA HIS H 86 10.79 -25.37 35.29
C HIS H 86 9.67 -25.98 36.12
N GLY H 87 9.97 -26.99 36.93
CA GLY H 87 8.91 -27.66 37.68
C GLY H 87 8.31 -26.75 38.74
N VAL H 88 6.99 -26.73 38.80
CA VAL H 88 6.29 -25.92 39.78
C VAL H 88 5.30 -26.76 40.57
N ASN H 89 4.80 -27.84 39.96
CA ASN H 89 3.53 -28.40 40.40
C ASN H 89 3.59 -29.79 41.01
N GLN H 90 4.56 -30.62 40.64
CA GLN H 90 4.66 -31.95 41.23
C GLN H 90 5.95 -32.10 42.03
N LEU H 91 6.33 -31.05 42.75
CA LEU H 91 7.52 -31.07 43.58
C LEU H 91 7.16 -31.50 44.99
N LYS H 92 8.14 -32.07 45.68
CA LYS H 92 7.90 -32.67 46.99
C LYS H 92 8.88 -32.13 48.01
N PHE H 93 8.40 -31.94 49.23
CA PHE H 93 9.24 -31.52 50.33
C PHE H 93 10.14 -32.67 50.79
N ALA H 94 11.37 -32.34 51.18
CA ALA H 94 12.30 -33.36 51.61
C ALA H 94 11.89 -33.95 52.95
N ARG H 95 11.29 -33.16 53.82
CA ARG H 95 10.87 -33.63 55.13
C ARG H 95 9.40 -34.05 55.09
N SER H 96 9.02 -34.88 56.05
CA SER H 96 7.67 -35.44 56.09
C SER H 96 6.70 -34.44 56.69
N LEU H 97 5.40 -34.74 56.53
CA LEU H 97 4.38 -33.92 57.16
C LEU H 97 4.43 -34.04 58.67
N GLN H 98 4.92 -35.17 59.18
CA GLN H 98 5.08 -35.34 60.61
C GLN H 98 6.21 -34.47 61.16
N SER H 99 7.26 -34.28 60.35
CA SER H 99 8.37 -33.43 60.78
C SER H 99 7.93 -31.97 60.93
N VAL H 100 7.11 -31.48 60.02
CA VAL H 100 6.67 -30.09 60.10
C VAL H 100 5.67 -29.91 61.24
N ALA H 101 5.01 -30.98 61.68
CA ALA H 101 4.16 -30.91 62.86
C ALA H 101 5.01 -30.72 64.12
N GLU H 102 6.11 -31.45 64.23
CA GLU H 102 7.01 -31.30 65.36
C GLU H 102 7.67 -29.94 65.35
N GLU H 103 8.02 -29.43 64.16
CA GLU H 103 8.67 -28.13 64.06
C GLU H 103 7.76 -27.01 64.50
N ARG H 104 6.47 -27.11 64.19
CA ARG H 104 5.53 -26.05 64.55
C ARG H 104 5.18 -26.08 66.03
N ALA H 105 5.20 -27.26 66.64
CA ALA H 105 5.00 -27.34 68.08
C ALA H 105 6.19 -26.76 68.84
N GLY H 106 7.40 -27.03 68.37
CA GLY H 106 8.58 -26.52 69.05
C GLY H 106 8.73 -25.02 68.96
N ARG H 107 8.42 -24.45 67.79
CA ARG H 107 8.58 -23.01 67.60
C ARG H 107 7.64 -22.23 68.51
N HIS H 108 6.39 -22.69 68.64
CA HIS H 108 5.44 -22.03 69.52
C HIS H 108 5.85 -22.20 70.98
N CYS H 109 6.19 -23.42 71.36
CA CYS H 109 6.62 -23.73 72.73
C CYS H 109 8.15 -23.76 72.80
N GLY H 110 8.74 -22.57 72.75
CA GLY H 110 10.19 -22.45 72.78
C GLY H 110 10.83 -22.96 74.04
N ALA H 111 10.16 -22.83 75.18
CA ALA H 111 10.71 -23.26 76.45
C ALA H 111 10.63 -24.77 76.67
N LEU H 112 9.94 -25.50 75.80
CA LEU H 112 9.79 -26.94 75.93
C LEU H 112 10.72 -27.65 74.96
N ARG H 113 10.84 -28.96 75.14
CA ARG H 113 11.69 -29.80 74.31
C ARG H 113 10.84 -30.85 73.61
N VAL H 114 10.90 -30.86 72.27
CA VAL H 114 10.20 -31.88 71.50
C VAL H 114 10.88 -33.22 71.72
N LEU H 115 10.11 -34.22 72.14
CA LEU H 115 10.63 -35.56 72.35
C LEU H 115 10.29 -36.49 71.20
N ASN H 116 9.01 -36.62 70.87
CA ASN H 116 8.56 -37.48 69.78
C ASN H 116 7.14 -37.07 69.40
N SER H 117 6.60 -37.74 68.39
CA SER H 117 5.25 -37.47 67.93
C SER H 117 4.69 -38.72 67.27
N TYR H 118 3.37 -38.76 67.13
CA TYR H 118 2.72 -39.90 66.51
C TYR H 118 1.46 -39.46 65.77
N TRP H 119 0.98 -40.38 64.93
CA TRP H 119 -0.23 -40.16 64.14
C TRP H 119 -1.48 -40.39 64.98
N VAL H 120 -2.49 -39.54 64.80
CA VAL H 120 -3.77 -39.69 65.47
C VAL H 120 -4.92 -39.79 64.47
N GLY H 121 -4.93 -38.92 63.46
CA GLY H 121 -6.03 -38.86 62.53
C GLY H 121 -5.57 -38.48 61.14
N GLU H 122 -6.54 -38.35 60.23
CA GLU H 122 -6.25 -38.06 58.83
C GLU H 122 -7.53 -37.69 58.11
N ASP H 123 -7.44 -36.69 57.24
CA ASP H 123 -8.53 -36.21 56.42
C ASP H 123 -8.01 -36.10 54.99
N SER H 124 -8.86 -35.63 54.08
CA SER H 124 -8.40 -35.40 52.72
C SER H 124 -7.54 -34.15 52.62
N THR H 125 -7.73 -33.20 53.53
CA THR H 125 -6.98 -31.94 53.49
C THR H 125 -6.03 -31.75 54.66
N TYR H 126 -6.22 -32.47 55.77
CA TYR H 126 -5.40 -32.30 56.95
C TYR H 126 -4.87 -33.64 57.41
N LYS H 127 -3.73 -33.58 58.10
CA LYS H 127 -3.14 -34.70 58.80
C LYS H 127 -2.92 -34.26 60.24
N PHE H 128 -3.24 -35.14 61.19
CA PHE H 128 -3.21 -34.79 62.60
C PHE H 128 -2.14 -35.59 63.31
N PHE H 129 -1.33 -34.92 64.11
CA PHE H 129 -0.27 -35.54 64.89
C PHE H 129 -0.34 -35.02 66.31
N GLU H 130 0.27 -35.78 67.22
CA GLU H 130 0.34 -35.40 68.62
C GLU H 130 1.79 -35.48 69.07
N VAL H 131 2.30 -34.37 69.60
CA VAL H 131 3.71 -34.19 69.92
C VAL H 131 3.88 -34.22 71.43
N ILE H 132 4.92 -34.92 71.88
CA ILE H 132 5.26 -34.98 73.29
C ILE H 132 6.32 -33.94 73.58
N LEU H 133 6.10 -33.12 74.59
CA LEU H 133 7.02 -32.07 74.99
C LEU H 133 7.42 -32.28 76.44
N ILE H 134 8.65 -31.91 76.77
CA ILE H 134 9.16 -31.99 78.12
C ILE H 134 9.60 -30.60 78.57
N ASP H 135 9.12 -30.18 79.73
CA ASP H 135 9.59 -28.95 80.36
C ASP H 135 10.92 -29.25 81.02
N PRO H 136 12.03 -28.77 80.45
CA PRO H 136 13.35 -29.20 80.95
C PRO H 136 13.74 -28.58 82.28
N PHE H 137 12.93 -27.68 82.83
CA PHE H 137 13.25 -27.03 84.09
C PHE H 137 12.33 -27.45 85.22
N HIS H 138 11.46 -28.42 84.99
CA HIS H 138 10.67 -29.00 86.07
C HIS H 138 11.56 -29.91 86.92
N LYS H 139 11.34 -29.89 88.23
CA LYS H 139 12.19 -30.65 89.14
C LYS H 139 12.03 -32.15 88.95
N ALA H 140 10.84 -32.60 88.56
CA ALA H 140 10.64 -34.02 88.30
C ALA H 140 11.44 -34.50 87.10
N ILE H 141 11.90 -33.59 86.25
CA ILE H 141 12.65 -33.97 85.05
C ILE H 141 14.15 -33.90 85.28
N ARG H 142 14.63 -32.86 85.96
CA ARG H 142 16.07 -32.70 86.15
C ARG H 142 16.55 -33.19 87.51
N ARG H 143 15.71 -33.92 88.24
CA ARG H 143 16.16 -34.74 89.35
C ARG H 143 16.16 -36.22 89.00
N ASN H 144 15.61 -36.60 87.85
CA ASN H 144 15.59 -37.99 87.43
C ASN H 144 16.75 -38.21 86.46
N PRO H 145 17.74 -39.02 86.83
CA PRO H 145 18.89 -39.21 85.93
C PRO H 145 18.52 -39.76 84.57
N ASP H 146 17.47 -40.56 84.48
CA ASP H 146 17.09 -41.17 83.22
C ASP H 146 16.53 -40.17 82.22
N THR H 147 16.23 -38.94 82.64
CA THR H 147 15.72 -37.93 81.73
C THR H 147 16.45 -36.59 81.88
N GLN H 148 17.66 -36.60 82.44
CA GLN H 148 18.46 -35.39 82.55
C GLN H 148 19.14 -35.01 81.23
N TRP H 149 19.15 -35.90 80.25
CA TRP H 149 19.79 -35.56 78.98
C TRP H 149 19.03 -34.47 78.25
N ILE H 150 17.69 -34.49 78.33
CA ILE H 150 16.89 -33.49 77.65
C ILE H 150 17.11 -32.09 78.20
N THR H 151 17.64 -31.98 79.42
CA THR H 151 17.90 -30.67 80.02
C THR H 151 19.21 -30.05 79.55
N LYS H 152 20.09 -30.83 78.93
CA LYS H 152 21.36 -30.32 78.48
C LYS H 152 21.16 -29.36 77.32
N PRO H 153 21.99 -28.31 77.21
CA PRO H 153 21.76 -27.30 76.17
C PRO H 153 21.93 -27.82 74.75
N VAL H 154 22.58 -28.96 74.56
CA VAL H 154 22.77 -29.51 73.22
C VAL H 154 21.49 -30.12 72.66
N HIS H 155 20.43 -30.20 73.45
CA HIS H 155 19.17 -30.78 73.01
C HIS H 155 18.08 -29.73 72.86
N LYS H 156 18.46 -28.52 72.50
CA LYS H 156 17.50 -27.46 72.21
C LYS H 156 17.10 -27.54 70.75
N HIS H 157 15.80 -27.59 70.51
CA HIS H 157 15.23 -27.57 69.17
C HIS H 157 15.77 -28.73 68.32
N ARG H 158 15.64 -29.94 68.86
CA ARG H 158 15.99 -31.13 68.09
C ARG H 158 15.12 -31.25 66.84
N GLU H 159 13.88 -30.78 66.93
CA GLU H 159 12.96 -30.86 65.79
C GLU H 159 13.40 -29.96 64.64
N MET H 160 14.08 -28.86 64.93
CA MET H 160 14.56 -27.97 63.89
C MET H 160 15.90 -28.39 63.31
N ARG H 161 16.59 -29.34 63.94
CA ARG H 161 17.85 -29.85 63.43
C ARG H 161 17.74 -31.28 62.92
N GLY H 162 16.53 -31.82 62.82
CA GLY H 162 16.35 -33.17 62.34
C GLY H 162 16.91 -34.25 63.25
N LEU H 163 16.77 -34.07 64.57
CA LEU H 163 17.26 -35.03 65.54
C LEU H 163 16.16 -35.88 66.16
N THR H 164 14.90 -35.55 65.92
CA THR H 164 13.80 -36.40 66.34
C THR H 164 13.64 -37.56 65.36
N SER H 165 12.81 -38.53 65.75
CA SER H 165 12.66 -39.74 64.95
C SER H 165 12.09 -39.42 63.57
N ALA H 166 11.09 -38.55 63.49
CA ALA H 166 10.55 -38.14 62.21
C ALA H 166 11.58 -37.37 61.39
N GLY H 167 12.34 -36.49 62.04
CA GLY H 167 13.32 -35.70 61.31
C GLY H 167 14.47 -36.54 60.76
N ARG H 168 14.89 -37.55 61.50
CA ARG H 168 16.02 -38.37 61.08
C ARG H 168 15.71 -39.16 59.82
N LYS H 169 14.44 -39.52 59.63
CA LYS H 169 14.09 -40.38 58.51
C LYS H 169 14.35 -39.69 57.17
N SER H 170 14.30 -38.36 57.16
CA SER H 170 14.49 -37.64 55.90
C SER H 170 15.97 -37.43 55.60
N ARG H 171 16.84 -37.68 56.58
CA ARG H 171 18.26 -37.40 56.40
C ARG H 171 18.97 -38.52 55.66
N GLY H 172 18.33 -39.68 55.51
CA GLY H 172 18.92 -40.76 54.76
C GLY H 172 20.19 -41.32 55.37
N LEU H 173 20.16 -41.57 56.67
CA LEU H 173 21.29 -42.18 57.37
C LEU H 173 20.94 -43.57 57.87
N GLY H 174 21.96 -44.40 57.96
CA GLY H 174 21.78 -45.79 58.30
C GLY H 174 23.12 -46.51 58.18
N LYS H 175 23.04 -47.83 58.12
CA LYS H 175 24.21 -48.67 57.98
C LYS H 175 24.13 -49.50 56.71
N GLY H 176 25.23 -49.51 55.96
CA GLY H 176 25.38 -50.44 54.87
C GLY H 176 25.38 -49.77 53.51
N HIS H 177 25.11 -50.59 52.49
CA HIS H 177 25.26 -50.15 51.11
C HIS H 177 24.15 -49.22 50.65
N LYS H 178 22.97 -49.28 51.27
CA LYS H 178 21.91 -48.35 50.90
C LYS H 178 22.24 -46.93 51.34
N PHE H 179 23.11 -46.77 52.33
CA PHE H 179 23.41 -45.47 52.92
C PHE H 179 24.90 -45.20 52.84
N HIS H 180 25.34 -44.65 51.71
CA HIS H 180 26.71 -44.18 51.54
C HIS H 180 26.80 -42.67 51.37
N HIS H 181 25.68 -42.00 51.10
CA HIS H 181 25.68 -40.55 50.96
C HIS H 181 25.88 -39.85 52.31
N THR H 182 25.72 -40.57 53.42
CA THR H 182 25.85 -40.02 54.76
C THR H 182 26.84 -40.84 55.59
N ILE H 183 27.90 -41.34 54.97
CA ILE H 183 28.82 -42.26 55.64
C ILE H 183 29.78 -41.55 56.57
N GLY H 184 29.64 -40.23 56.74
CA GLY H 184 30.45 -39.50 57.69
C GLY H 184 29.64 -38.76 58.74
N GLY H 185 28.33 -39.00 58.77
CA GLY H 185 27.48 -38.36 59.76
C GLY H 185 26.31 -37.60 59.17
N SER H 186 26.50 -37.07 57.97
CA SER H 186 25.46 -36.31 57.29
C SER H 186 25.78 -36.25 55.81
N ARG H 187 24.82 -35.76 55.03
CA ARG H 187 25.05 -35.58 53.60
C ARG H 187 26.10 -34.51 53.34
N ARG H 188 26.06 -33.42 54.11
CA ARG H 188 27.05 -32.37 53.96
C ARG H 188 28.43 -32.82 54.44
N ALA H 189 28.46 -33.61 55.50
CA ALA H 189 29.74 -34.12 56.01
C ALA H 189 30.40 -35.03 54.99
N ALA H 190 29.62 -35.92 54.36
CA ALA H 190 30.18 -36.80 53.36
C ALA H 190 30.62 -36.03 52.12
N TRP H 191 29.82 -35.06 51.69
CA TRP H 191 30.17 -34.27 50.52
C TRP H 191 31.47 -33.50 50.73
N ARG H 192 31.63 -32.90 51.90
CA ARG H 192 32.83 -32.11 52.16
C ARG H 192 34.07 -32.99 52.17
N ARG H 193 33.97 -34.18 52.75
CA ARG H 193 35.13 -35.05 52.87
C ARG H 193 35.64 -35.52 51.52
N ARG H 194 34.72 -35.90 50.62
CA ARG H 194 35.11 -36.38 49.31
C ARG H 194 35.26 -35.27 48.27
N ASN H 195 35.05 -34.02 48.66
CA ASN H 195 35.28 -32.88 47.79
C ASN H 195 36.37 -31.96 48.32
N THR H 196 37.22 -32.45 49.21
CA THR H 196 38.33 -31.67 49.73
C THR H 196 39.66 -32.28 49.25
N LEU H 197 40.49 -31.45 48.65
CA LEU H 197 41.78 -31.90 48.10
C LEU H 197 42.81 -31.93 49.22
N GLN H 198 43.32 -33.11 49.53
CA GLN H 198 44.32 -33.28 50.57
C GLN H 198 45.71 -33.01 50.00
N LEU H 199 46.32 -31.91 50.43
CA LEU H 199 47.67 -31.55 50.01
C LEU H 199 48.59 -31.73 51.22
N HIS H 200 49.33 -32.83 51.22
CA HIS H 200 50.26 -33.09 52.30
C HIS H 200 51.50 -32.22 52.15
N ARG H 201 52.29 -32.18 53.21
CA ARG H 201 53.55 -31.44 53.15
C ARG H 201 54.54 -32.09 52.20
N TYR H 202 54.59 -33.42 52.18
CA TYR H 202 55.43 -34.16 51.26
C TYR H 202 54.54 -34.75 50.18
N ARG H 203 54.65 -34.21 48.97
CA ARG H 203 53.76 -34.59 47.89
C ARG H 203 54.52 -35.32 46.78
P 2MG I 1074 39.80 -20.61 38.69
OP1 2MG I 1074 41.02 -20.65 39.59
OP2 2MG I 1074 38.49 -20.11 39.26
O5' 2MG I 1074 40.13 -19.72 37.41
C5' 2MG I 1074 39.14 -18.90 36.83
C4' 2MG I 1074 39.73 -17.62 36.28
O4' 2MG I 1074 39.92 -16.67 37.35
C3' 2MG I 1074 41.06 -17.75 35.58
O3' 2MG I 1074 41.13 -16.83 34.50
C2' 2MG I 1074 42.08 -17.38 36.64
O2' 2MG I 1074 43.20 -16.68 36.15
C1' 2MG I 1074 41.29 -16.52 37.64
N9 2MG I 1074 41.48 -16.90 39.04
C8 2MG I 1074 40.51 -17.23 39.94
N7 2MG I 1074 40.98 -17.52 41.11
C5 2MG I 1074 42.33 -17.38 40.99
C6 2MG I 1074 43.37 -17.57 41.93
O6 2MG I 1074 43.27 -17.90 43.10
N1 2MG I 1074 44.62 -17.32 41.37
C2 2MG I 1074 44.84 -16.94 40.08
N2 2MG I 1074 46.11 -16.74 39.73
CM2 2MG I 1074 46.47 -16.33 38.39
N3 2MG I 1074 43.88 -16.76 39.21
C4 2MG I 1074 42.67 -17.00 39.71
P OMG I 1079 39.51 -6.83 33.42
OP1 OMG I 1079 38.66 -6.43 34.61
OP2 OMG I 1079 39.96 -8.28 33.27
O5' OMG I 1079 38.76 -6.41 32.09
C5' OMG I 1079 38.50 -5.05 31.79
C4' OMG I 1079 38.06 -4.88 30.37
O4' OMG I 1079 39.13 -5.24 29.45
C3' OMG I 1079 36.92 -5.76 29.93
O3' OMG I 1079 35.67 -5.35 30.43
C2' OMG I 1079 37.05 -5.73 28.41
O2' OMG I 1079 36.54 -4.52 27.90
CM2 OMG I 1079 35.70 -4.69 26.78
C1' OMG I 1079 38.57 -5.74 28.25
N9 OMG I 1079 39.05 -7.12 28.04
C8 OMG I 1079 39.52 -8.00 28.97
N7 OMG I 1079 39.84 -9.14 28.43
C5 OMG I 1079 39.55 -9.02 27.10
C6 OMG I 1079 39.68 -9.93 26.02
O6 OMG I 1079 40.09 -11.08 26.04
N1 OMG I 1079 39.26 -9.35 24.83
C2 OMG I 1079 38.79 -8.09 24.68
N2 OMG I 1079 38.43 -7.71 23.44
N3 OMG I 1079 38.66 -7.25 25.67
C4 OMG I 1079 39.06 -7.76 26.84
P OMG I 1182 12.23 -8.51 38.26
OP1 OMG I 1182 12.60 -8.99 39.67
OP2 OMG I 1182 13.07 -8.96 37.09
O5' OMG I 1182 10.72 -8.91 37.98
C5' OMG I 1182 10.38 -9.79 36.92
C4' OMG I 1182 9.15 -9.31 36.18
O4' OMG I 1182 9.53 -8.30 35.24
C3' OMG I 1182 8.47 -10.38 35.36
O3' OMG I 1182 7.12 -9.96 35.09
C2' OMG I 1182 9.27 -10.35 34.08
O2' OMG I 1182 8.61 -10.87 32.95
CM2 OMG I 1182 8.43 -12.26 33.02
C1' OMG I 1182 9.58 -8.85 33.93
N9 OMG I 1182 10.91 -8.57 33.39
C8 OMG I 1182 11.95 -8.00 34.10
N7 OMG I 1182 13.01 -7.85 33.39
C5 OMG I 1182 12.67 -8.33 32.15
C6 OMG I 1182 13.45 -8.41 30.96
O6 OMG I 1182 14.61 -8.07 30.78
N1 OMG I 1182 12.71 -8.98 29.92
C2 OMG I 1182 11.42 -9.40 30.01
N2 OMG I 1182 10.89 -9.91 28.89
N3 OMG I 1182 10.71 -9.32 31.10
C4 OMG I 1182 11.37 -8.78 32.13
P OMG I 1712 37.51 36.08 24.79
OP1 OMG I 1712 36.30 36.21 23.88
OP2 OMG I 1712 38.66 37.07 24.68
O5' OMG I 1712 36.99 36.11 26.30
C5' OMG I 1712 35.93 35.28 26.73
C4' OMG I 1712 36.08 34.89 28.18
O4' OMG I 1712 37.47 34.58 28.45
C3' OMG I 1712 35.74 35.97 29.18
O3' OMG I 1712 34.34 36.06 29.41
C2' OMG I 1712 36.53 35.55 30.41
O2' OMG I 1712 35.82 34.57 31.15
CM2 OMG I 1712 36.53 34.05 32.26
C1' OMG I 1712 37.77 34.88 29.79
N9 OMG I 1712 38.96 35.74 29.83
C8 OMG I 1712 39.61 36.29 28.75
N7 OMG I 1712 40.64 36.99 29.11
C5 OMG I 1712 40.68 36.90 30.48
C6 OMG I 1712 41.58 37.45 31.43
O6 OMG I 1712 42.55 38.16 31.24
N1 OMG I 1712 41.21 37.09 32.72
C2 OMG I 1712 40.17 36.30 33.06
N2 OMG I 1712 39.98 36.06 34.37
N3 OMG I 1712 39.33 35.80 32.19
C4 OMG I 1712 39.64 36.12 30.93
N1 OMC I 1713 37.00 38.69 33.83
C2 OMC I 1713 38.05 39.35 34.49
N3 OMC I 1713 39.02 39.92 33.74
C4 OMC I 1713 38.99 39.85 32.43
C5 OMC I 1713 37.94 39.20 31.73
C6 OMC I 1713 36.98 38.64 32.48
O2 OMC I 1713 38.06 39.39 35.71
N4 OMC I 1713 39.98 40.44 31.75
C1' OMC I 1713 35.91 38.06 34.60
C2' OMC I 1713 34.84 39.08 34.98
O2' OMC I 1713 34.27 38.70 36.23
CM2 OMC I 1713 34.93 39.27 37.33
C3' OMC I 1713 33.84 38.90 33.85
C4' OMC I 1713 33.90 37.39 33.62
O4' OMC I 1713 35.29 37.07 33.81
O3' OMC I 1713 32.55 39.39 34.13
C5' OMC I 1713 33.45 36.93 32.26
O5' OMC I 1713 34.00 37.74 31.25
P OMC I 1713 33.66 37.48 29.71
OP1 OMC I 1713 32.16 37.32 29.59
OP2 OMC I 1713 34.37 38.54 28.90
N1 OMC I 1770 38.05 43.08 41.85
C2 OMC I 1770 37.73 44.31 42.42
N3 OMC I 1770 36.48 44.50 42.91
C4 OMC I 1770 35.59 43.55 42.83
C5 OMC I 1770 35.86 42.28 42.25
C6 OMC I 1770 37.11 42.10 41.77
O2 OMC I 1770 38.57 45.19 42.48
N4 OMC I 1770 34.38 43.80 43.33
C1' OMC I 1770 39.39 42.81 41.28
C2' OMC I 1770 40.47 42.67 42.34
O2' OMC I 1770 41.67 43.20 41.83
CM2 OMC I 1770 41.58 44.50 41.31
C3' OMC I 1770 40.57 41.15 42.48
C4' OMC I 1770 40.31 40.68 41.05
O4' OMC I 1770 39.33 41.62 40.54
O3' OMC I 1770 41.82 40.72 42.98
C5' OMC I 1770 39.77 39.28 40.90
O5' OMC I 1770 40.59 38.33 41.55
P OMC I 1770 39.97 37.20 42.48
OP1 OMC I 1770 41.11 36.31 42.90
OP2 OMC I 1770 39.12 37.89 43.53
P OMG I 1772 43.20 44.13 49.52
OP1 OMG I 1772 44.39 44.93 50.04
OP2 OMG I 1772 43.19 42.61 49.60
O5' OMG I 1772 41.89 44.67 50.25
C5' OMG I 1772 41.82 45.99 50.77
C4' OMG I 1772 40.44 46.30 51.30
O4' OMG I 1772 39.46 46.02 50.27
C3' OMG I 1772 39.99 45.48 52.49
O3' OMG I 1772 40.41 46.04 53.72
C2' OMG I 1772 38.48 45.44 52.34
O2' OMG I 1772 37.90 46.65 52.80
CM2 OMG I 1772 36.50 46.72 52.63
C1' OMG I 1772 38.33 45.38 50.83
N9 OMG I 1772 38.28 44.00 50.31
C8 OMG I 1772 39.34 43.20 49.96
N7 OMG I 1772 38.95 42.04 49.52
C5 OMG I 1772 37.60 42.07 49.58
C6 OMG I 1772 36.64 41.08 49.22
O6 OMG I 1772 36.82 39.96 48.78
N1 OMG I 1772 35.34 41.55 49.44
C2 OMG I 1772 35.00 42.77 49.94
N2 OMG I 1772 33.70 43.02 50.06
N3 OMG I 1772 35.89 43.67 50.26
C4 OMG I 1772 37.16 43.28 50.06
N1 OMC I 2152 0.93 36.24 52.45
C2 OMC I 2152 1.99 37.09 52.83
N3 OMC I 2152 3.05 37.18 52.00
C4 OMC I 2152 3.12 36.48 50.90
C5 OMC I 2152 2.08 35.60 50.49
C6 OMC I 2152 1.02 35.51 51.31
O2 OMC I 2152 1.90 37.73 53.85
N4 OMC I 2152 4.20 36.62 50.14
C1' OMC I 2152 -0.28 36.06 53.30
C2' OMC I 2152 -1.27 37.22 53.20
O2' OMC I 2152 -1.91 37.37 54.45
CM2 OMC I 2152 -1.37 38.40 55.25
C3' OMC I 2152 -2.25 36.69 52.16
C4' OMC I 2152 -2.28 35.20 52.43
O4' OMC I 2152 -0.94 34.89 52.88
O3' OMC I 2152 -3.53 37.29 52.24
C5' OMC I 2152 -2.62 34.34 51.24
O5' OMC I 2152 -1.92 34.78 50.09
P OMC I 2152 -1.88 33.89 48.77
OP1 OMC I 2152 -3.30 33.85 48.20
OP2 OMC I 2152 -0.74 34.40 47.90
N1 OMC I 2209 -2.00 45.62 11.94
C2 OMC I 2209 -2.10 44.63 12.94
N3 OMC I 2209 -1.00 44.32 13.64
C4 OMC I 2209 0.16 44.90 13.41
C5 OMC I 2209 0.31 45.90 12.41
C6 OMC I 2209 -0.80 46.21 11.72
O2 OMC I 2209 -3.17 44.08 13.15
N4 OMC I 2209 1.20 44.53 14.15
C1' OMC I 2209 -3.13 46.03 11.09
C2' OMC I 2209 -4.19 46.85 11.82
O2' OMC I 2209 -5.47 46.45 11.34
CM2 OMC I 2209 -5.88 45.18 11.75
C3' OMC I 2209 -3.87 48.27 11.38
C4' OMC I 2209 -3.36 48.07 9.97
O4' OMC I 2209 -2.63 46.83 10.04
O3' OMC I 2209 -4.97 49.14 11.44
C5' OMC I 2209 -2.46 49.14 9.42
O5' OMC I 2209 -1.36 49.38 10.28
P OMC I 2209 -0.12 50.27 9.81
OP1 OMC I 2209 -0.65 51.61 9.36
OP2 OMC I 2209 0.94 50.20 10.88
N1 OMC I 2369 -18.74 -17.61 7.08
C2 OMC I 2369 -17.65 -17.21 7.86
N3 OMC I 2369 -17.79 -16.14 8.66
C4 OMC I 2369 -18.92 -15.49 8.73
C5 OMC I 2369 -20.06 -15.86 7.96
C6 OMC I 2369 -19.91 -16.93 7.16
O2 OMC I 2369 -16.60 -17.83 7.79
N4 OMC I 2369 -18.97 -14.44 9.55
C1' OMC I 2369 -18.64 -18.78 6.20
C2' OMC I 2369 -19.96 -19.35 5.72
O2' OMC I 2369 -20.59 -20.13 6.70
CM2 OMC I 2369 -21.95 -20.38 6.42
C3' OMC I 2369 -19.51 -20.12 4.48
C4' OMC I 2369 -18.39 -19.24 3.92
O4' OMC I 2369 -17.95 -18.40 5.02
O3' OMC I 2369 -18.95 -21.37 4.88
C5' OMC I 2369 -18.77 -18.37 2.76
O5' OMC I 2369 -19.98 -17.65 3.01
P OMC I 2369 -21.11 -17.55 1.90
OP1 OMC I 2369 -21.48 -18.96 1.47
OP2 OMC I 2369 -22.18 -16.60 2.41
P 5MC I 2450 -13.29 12.84 -6.25
OP1 5MC I 2450 -13.12 14.30 -5.88
OP2 5MC I 2450 -14.22 12.44 -7.38
O5' 5MC I 2450 -11.84 12.26 -6.57
C5' 5MC I 2450 -10.78 12.44 -5.66
C4' 5MC I 2450 -9.62 11.53 -5.99
O4' 5MC I 2450 -10.09 10.17 -6.13
C3' 5MC I 2450 -8.90 11.80 -7.29
O3' 5MC I 2450 -8.00 12.89 -7.20
C2' 5MC I 2450 -8.21 10.47 -7.57
O2' 5MC I 2450 -7.00 10.37 -6.86
C1' 5MC I 2450 -9.21 9.46 -6.97
N1 5MC I 2450 -10.00 8.77 -8.02
C2 5MC I 2450 -9.41 7.82 -8.85
O2 5MC I 2450 -8.22 7.56 -8.74
N3 5MC I 2450 -10.18 7.23 -9.77
C4 5MC I 2450 -11.45 7.51 -9.89
N4 5MC I 2450 -12.15 6.88 -10.83
C5 5MC I 2450 -12.11 8.48 -9.06
C6 5MC I 2450 -11.31 9.06 -8.14
CM5 5MC I 2450 -13.56 8.80 -9.18
P OMG I 2460 2.42 14.38 -14.72
OP1 OMG I 2460 1.47 15.42 -14.14
OP2 OMG I 2460 2.73 13.13 -13.93
O5' OMG I 2460 1.85 13.94 -16.15
C5' OMG I 2460 2.49 12.94 -16.91
C4' OMG I 2460 1.48 12.04 -17.58
O4' OMG I 2460 0.73 11.33 -16.57
C3' OMG I 2460 0.41 12.76 -18.38
O3' OMG I 2460 0.84 13.06 -19.70
C2' OMG I 2460 -0.78 11.79 -18.35
O2' OMG I 2460 -0.64 10.81 -19.34
CM2 OMG I 2460 -1.76 9.96 -19.45
C1' OMG I 2460 -0.59 11.13 -16.98
N9 OMG I 2460 -1.49 11.67 -15.94
C8 OMG I 2460 -1.10 12.11 -14.70
N7 OMG I 2460 -2.10 12.52 -13.98
C5 OMG I 2460 -3.20 12.35 -14.77
C6 OMG I 2460 -4.56 12.64 -14.51
O6 OMG I 2460 -5.06 13.10 -13.49
N1 OMG I 2460 -5.36 12.30 -15.60
C2 OMG I 2460 -4.92 11.78 -16.78
N2 OMG I 2460 -5.84 11.52 -17.71
N3 OMG I 2460 -3.66 11.52 -17.02
C4 OMG I 2460 -2.85 11.82 -16.00
N1 OMC I 2537 57.89 26.19 3.16
C2 OMC I 2537 58.47 26.13 1.89
N3 OMC I 2537 59.50 25.29 1.70
C4 OMC I 2537 59.98 24.55 2.67
C5 OMC I 2537 59.43 24.58 3.98
C6 OMC I 2537 58.39 25.42 4.16
O2 OMC I 2537 58.03 26.82 1.00
N4 OMC I 2537 61.01 23.75 2.39
C1' OMC I 2537 56.76 27.10 3.44
C2' OMC I 2537 55.44 26.61 2.86
O2' OMC I 2537 54.65 27.73 2.52
CM2 OMC I 2537 54.55 27.95 1.14
C3' OMC I 2537 54.84 25.87 4.05
C4' OMC I 2537 55.29 26.72 5.23
O4' OMC I 2537 56.59 27.21 4.84
O3' OMC I 2537 53.44 25.71 3.98
C5' OMC I 2537 55.40 26.00 6.53
O5' OMC I 2537 56.30 24.90 6.43
P OMC I 2537 57.38 24.62 7.56
OP1 OMC I 2537 58.39 23.63 6.98
OP2 OMC I 2537 57.85 25.94 8.11
N1 OMC I 2555 65.47 28.36 -1.59
C2 OMC I 2555 65.98 27.54 -0.57
N3 OMC I 2555 67.31 27.54 -0.38
C4 OMC I 2555 68.11 28.26 -1.12
C5 OMC I 2555 67.63 29.10 -2.15
C6 OMC I 2555 66.31 29.11 -2.34
O2 OMC I 2555 65.22 26.88 0.10
N4 OMC I 2555 69.41 28.20 -0.87
C1' OMC I 2555 64.01 28.44 -1.85
C2' OMC I 2555 63.31 29.37 -0.86
O2' OMC I 2555 62.00 28.89 -0.66
CM2 OMC I 2555 61.85 28.17 0.54
C3' OMC I 2555 63.32 30.67 -1.64
C4' OMC I 2555 63.08 30.21 -3.06
O4' OMC I 2555 63.80 28.95 -3.14
O3' OMC I 2555 62.37 31.62 -1.19
C5' OMC I 2555 63.56 31.13 -4.15
O5' OMC I 2555 63.02 30.77 -5.41
P OMC I 2555 63.98 30.36 -6.61
OP1 OMC I 2555 64.11 31.55 -7.54
OP2 OMC I 2555 65.23 29.71 -6.05
P OMG I 2799 31.51 -9.09 -3.86
OP1 OMG I 2799 30.21 -9.50 -4.53
OP2 OMG I 2799 31.92 -7.63 -3.84
O5' OMG I 2799 31.50 -9.63 -2.36
C5' OMG I 2799 32.56 -9.34 -1.47
C4' OMG I 2799 32.03 -8.84 -0.15
O4' OMG I 2799 31.70 -7.43 -0.27
C3' OMG I 2799 30.73 -9.48 0.32
O3' OMG I 2799 30.96 -10.70 1.01
C2' OMG I 2799 30.12 -8.40 1.20
O2' OMG I 2799 30.71 -8.41 2.49
CM2 OMG I 2799 30.62 -7.20 3.21
C1' OMG I 2799 30.55 -7.13 0.47
N9 OMG I 2799 29.52 -6.62 -0.44
C8 OMG I 2799 29.61 -6.54 -1.81
N7 OMG I 2799 28.57 -6.01 -2.35
C5 OMG I 2799 27.74 -5.71 -1.30
C6 OMG I 2799 26.45 -5.11 -1.29
O6 OMG I 2799 25.78 -4.72 -2.22
N1 OMG I 2799 25.98 -4.99 0.01
C2 OMG I 2799 26.62 -5.39 1.15
N2 OMG I 2799 25.99 -5.18 2.31
N3 OMG I 2799 27.81 -5.94 1.13
C4 OMG I 2799 28.31 -6.08 -0.11
P 1MA I 3018 35.30 4.44 -53.73
OP1 1MA I 3018 36.13 3.29 -54.26
OP2 1MA I 3018 35.37 5.80 -54.42
O5' 1MA I 3018 33.78 3.98 -53.69
C5' 1MA I 3018 33.44 2.64 -53.37
C4' 1MA I 3018 32.00 2.51 -52.95
O4' 1MA I 3018 31.90 2.70 -51.52
C3' 1MA I 3018 31.05 3.54 -53.52
O3' 1MA I 3018 30.62 3.23 -54.84
C2' 1MA I 3018 29.91 3.55 -52.51
O2' 1MA I 3018 28.94 2.56 -52.80
C1' 1MA I 3018 30.62 3.18 -51.20
N9 1MA I 3018 30.76 4.35 -50.32
C8 1MA I 3018 31.84 5.18 -50.17
N7 1MA I 3018 31.61 6.13 -49.32
C5 1MA I 3018 30.33 5.94 -48.90
C6 1MA I 3018 29.54 6.69 -47.96
N6 1MA I 3018 29.98 7.72 -47.35
N1 1MA I 3018 28.26 6.14 -47.82
CM1 1MA I 3018 27.34 6.79 -46.90
C2 1MA I 3018 27.85 5.04 -48.49
N3 1MA I 3018 28.53 4.34 -49.34
C4 1MA I 3018 29.78 4.84 -49.50
P 5MC I 3050 40.65 2.83 9.82
OP1 5MC I 3050 40.97 3.29 11.23
OP2 5MC I 3050 41.38 1.62 9.24
O5' 5MC I 3050 39.09 2.56 9.75
C5' 5MC I 3050 38.17 3.47 10.33
C4' 5MC I 3050 36.86 2.81 10.66
O4' 5MC I 3050 36.28 2.25 9.48
C3' 5MC I 3050 36.93 1.62 11.62
O3' 5MC I 3050 36.86 2.06 12.97
C2' 5MC I 3050 35.73 0.74 11.22
O2' 5MC I 3050 34.67 0.90 12.13
C1' 5MC I 3050 35.30 1.34 9.87
N1 5MC I 3050 35.10 0.33 8.80
C2 5MC I 3050 34.08 0.59 7.89
O2 5MC I 3050 33.41 1.59 8.00
N3 5MC I 3050 33.87 -0.29 6.90
C4 5MC I 3050 34.60 -1.38 6.79
N4 5MC I 3050 34.34 -2.20 5.78
C5 5MC I 3050 35.66 -1.68 7.70
C6 5MC I 3050 35.87 -0.79 8.69
CM5 5MC I 3050 36.47 -2.92 7.53
P OMG I 3097 21.67 35.87 -13.14
OP1 OMG I 3097 22.00 36.04 -11.66
OP2 OMG I 3097 21.47 34.48 -13.71
O5' OMG I 3097 20.34 36.69 -13.42
C5' OMG I 3097 20.24 38.07 -13.10
C4' OMG I 3097 18.85 38.59 -13.37
O4' OMG I 3097 18.63 38.64 -14.80
C3' OMG I 3097 17.72 37.72 -12.83
O3' OMG I 3097 17.40 38.04 -11.49
C2' OMG I 3097 16.58 37.97 -13.81
O2' OMG I 3097 15.91 39.18 -13.50
C1' OMG I 3097 17.35 38.15 -15.12
N9 OMG I 3097 17.51 36.89 -15.85
C8 OMG I 3097 18.66 36.15 -15.98
N7 OMG I 3097 18.48 35.09 -16.71
C5 OMG I 3097 17.17 35.12 -17.07
C6 OMG I 3097 16.41 34.20 -17.85
O6 OMG I 3097 16.77 33.18 -18.40
N1 OMG I 3097 15.09 34.64 -17.98
C2 OMG I 3097 14.57 35.77 -17.42
N2 OMG I 3097 13.27 36.01 -17.64
N3 OMG I 3097 15.28 36.60 -16.69
C4 OMG I 3097 16.55 36.23 -16.55
N1 OMC I 3139 1.04 7.67 7.84
C2 OMC I 3139 1.68 7.75 6.59
N3 OMC I 3139 2.89 7.16 6.46
C4 OMC I 3139 3.46 6.52 7.44
C5 OMC I 3139 2.84 6.42 8.72
C6 OMC I 3139 1.64 7.01 8.86
O2 OMC I 3139 1.15 8.34 5.67
N4 OMC I 3139 4.65 5.97 7.24
C1' OMC I 3139 -0.28 8.28 8.06
C2' OMC I 3139 -1.42 7.43 7.48
O2' OMC I 3139 -2.46 8.29 7.07
C3' OMC I 3139 -1.83 6.63 8.71
C4' OMC I 3139 -1.72 7.67 9.80
O4' OMC I 3139 -0.52 8.40 9.45
O3' OMC I 3139 -3.11 6.03 8.63
C5' OMC I 3139 -1.62 7.14 11.21
O5' OMC I 3139 -0.61 6.15 11.32
P OMC I 3139 -0.13 5.65 12.75
OP1 OMC I 3139 -1.32 5.01 13.44
OP2 OMC I 3139 1.16 4.87 12.58
P OMG I 3226 39.10 48.28 -7.05
OP1 OMG I 3226 39.89 47.50 -6.01
OP2 OMG I 3226 37.60 48.43 -6.91
O5' OMG I 3226 39.71 49.75 -7.16
C5' OMG I 3226 41.07 49.94 -7.46
C4' OMG I 3226 41.38 51.40 -7.69
O4' OMG I 3226 40.79 51.84 -8.94
C3' OMG I 3226 40.84 52.37 -6.66
O3' OMG I 3226 41.63 52.43 -5.49
C2' OMG I 3226 40.80 53.67 -7.44
O2' OMG I 3226 42.09 54.25 -7.53
C1' OMG I 3226 40.38 53.18 -8.82
N9 OMG I 3226 38.92 53.25 -8.99
C8 OMG I 3226 38.02 52.23 -8.84
N7 OMG I 3226 36.81 52.62 -9.07
C5 OMG I 3226 36.90 53.94 -9.39
C6 OMG I 3226 35.91 54.89 -9.73
O6 OMG I 3226 34.71 54.74 -9.83
N1 OMG I 3226 36.49 56.14 -9.97
C2 OMG I 3226 37.81 56.43 -9.90
N2 OMG I 3226 38.18 57.69 -10.17
N3 OMG I 3226 38.72 55.56 -9.59
C4 OMG I 3226 38.22 54.34 -9.34
P OMG I 3240 22.81 68.22 21.80
OP1 OMG I 3240 24.18 68.33 22.45
OP2 OMG I 3240 21.56 68.50 22.60
O5' OMG I 3240 22.80 69.16 20.50
C5' OMG I 3240 22.59 70.55 20.62
C4' OMG I 3240 22.00 71.13 19.36
O4' OMG I 3240 21.94 70.13 18.32
C3' OMG I 3240 20.58 71.62 19.46
O3' OMG I 3240 20.47 72.86 20.12
C2' OMG I 3240 20.13 71.64 18.01
O2' OMG I 3240 20.57 72.82 17.35
C1' OMG I 3240 20.89 70.45 17.42
N9 OMG I 3240 20.04 69.26 17.22
C8 OMG I 3240 20.19 68.04 17.85
N7 OMG I 3240 19.31 67.17 17.46
C5 OMG I 3240 18.56 67.83 16.52
C6 OMG I 3240 17.45 67.37 15.76
O6 OMG I 3240 16.92 66.27 15.76
N1 OMG I 3240 16.98 68.38 14.93
C2 OMG I 3240 17.49 69.64 14.84
N2 OMG I 3240 16.89 70.47 13.98
N3 OMG I 3240 18.50 70.06 15.55
C4 OMG I 3240 19.00 69.12 16.37
P OMG I 3409 102.01 28.76 -40.78
OP1 OMG I 3409 103.51 28.96 -40.99
OP2 OMG I 3409 101.08 28.76 -41.97
O5' OMG I 3409 101.80 27.41 -39.97
C5' OMG I 3409 102.61 27.09 -38.84
C4' OMG I 3409 101.83 27.15 -37.56
O4' OMG I 3409 100.43 26.91 -37.84
C3' OMG I 3409 102.23 26.09 -36.53
O3' OMG I 3409 101.96 26.58 -35.22
C2' OMG I 3409 101.27 24.96 -36.85
O2' OMG I 3409 101.06 24.06 -35.78
C1' OMG I 3409 100.01 25.71 -37.21
N9 OMG I 3409 99.15 25.00 -38.15
C8 OMG I 3409 99.31 24.93 -39.51
N7 OMG I 3409 98.39 24.21 -40.07
C5 OMG I 3409 97.60 23.79 -39.05
C6 OMG I 3409 96.43 22.97 -39.07
O6 OMG I 3409 95.89 22.46 -40.01
N1 OMG I 3409 95.94 22.78 -37.76
C2 OMG I 3409 96.47 23.31 -36.63
N2 OMG I 3409 95.85 23.02 -35.48
N3 OMG I 3409 97.54 24.06 -36.62
C4 OMG I 3409 98.05 24.26 -37.84
P 2MG I 3411 103.64 34.06 -35.63
OP1 2MG I 3411 103.66 35.43 -36.30
OP2 2MG I 3411 104.20 32.85 -36.33
O5' 2MG I 3411 104.39 34.20 -34.23
C5' 2MG I 3411 104.35 35.42 -33.51
C4' 2MG I 3411 105.66 35.69 -32.79
O4' 2MG I 3411 105.90 34.62 -31.84
C3' 2MG I 3411 106.89 35.76 -33.68
O3' 2MG I 3411 107.78 36.75 -33.16
C2' 2MG I 3411 107.52 34.38 -33.52
O2' 2MG I 3411 108.91 34.35 -33.73
C1' 2MG I 3411 107.16 34.04 -32.08
N9 2MG I 3411 107.04 32.62 -31.80
C8 2MG I 3411 106.02 31.77 -32.11
N7 2MG I 3411 106.21 30.57 -31.69
C5 2MG I 3411 107.42 30.61 -31.06
C6 2MG I 3411 108.15 29.59 -30.41
O6 2MG I 3411 107.87 28.41 -30.26
N1 2MG I 3411 109.36 30.09 -29.91
C2 2MG I 3411 109.80 31.37 -30.00
N2 2MG I 3411 110.97 31.65 -29.45
N3 2MG I 3411 109.12 32.32 -30.61
C4 2MG I 3411 107.96 31.88 -31.11
N GLY L 1 6.80 -9.96 27.16
CA GLY L 1 5.97 -8.79 27.29
C GLY L 1 5.65 -8.43 28.73
N ARG L 2 5.09 -7.25 28.92
CA ARG L 2 4.66 -6.79 30.23
C ARG L 2 3.20 -7.13 30.45
N VAL L 3 2.79 -7.16 31.71
CA VAL L 3 1.40 -7.46 32.04
C VAL L 3 0.52 -6.34 31.52
N ILE L 4 -0.72 -6.68 31.17
CA ILE L 4 -1.57 -5.82 30.39
C ILE L 4 -2.60 -5.14 31.29
N ARG L 5 -3.34 -4.21 30.71
CA ARG L 5 -4.22 -3.34 31.50
C ARG L 5 -5.28 -4.13 32.25
N GLY L 6 -5.89 -5.13 31.60
CA GLY L 6 -6.88 -5.94 32.27
C GLY L 6 -6.30 -6.74 33.41
N GLN L 7 -5.06 -7.20 33.26
CA GLN L 7 -4.39 -7.92 34.34
C GLN L 7 -4.15 -7.03 35.54
N ARG L 8 -3.76 -5.77 35.29
CA ARG L 8 -3.40 -4.88 36.39
C ARG L 8 -4.60 -4.53 37.26
N LYS L 9 -5.82 -4.65 36.73
CA LYS L 9 -7.00 -4.25 37.48
C LYS L 9 -7.22 -5.12 38.71
N GLY L 10 -6.96 -6.43 38.59
CA GLY L 10 -7.24 -7.33 39.69
C GLY L 10 -6.36 -7.09 40.91
N ALA L 11 -5.24 -6.40 40.75
CA ALA L 11 -4.41 -6.08 41.89
C ALA L 11 -5.09 -5.10 42.83
N GLY L 12 -6.01 -4.28 42.32
CA GLY L 12 -6.80 -3.41 43.16
C GLY L 12 -6.00 -2.37 43.92
N SER L 13 -5.21 -1.57 43.22
CA SER L 13 -4.44 -0.50 43.85
C SER L 13 -4.91 0.87 43.38
N VAL L 14 -4.89 1.09 42.06
CA VAL L 14 -5.39 2.34 41.48
C VAL L 14 -6.78 2.14 40.91
N PHE L 15 -7.21 0.90 40.69
CA PHE L 15 -8.49 0.57 40.09
C PHE L 15 -9.56 0.23 41.12
N ARG L 16 -9.31 0.48 42.40
CA ARG L 16 -10.33 0.25 43.41
C ARG L 16 -11.44 1.28 43.30
N ALA L 17 -12.62 0.90 43.82
CA ALA L 17 -13.79 1.76 43.76
C ALA L 17 -13.64 2.95 44.70
N HIS L 18 -14.21 4.07 44.29
CA HIS L 18 -14.18 5.31 45.06
C HIS L 18 -15.43 5.34 45.94
N VAL L 19 -15.23 5.14 47.25
CA VAL L 19 -16.36 4.89 48.15
C VAL L 19 -16.32 5.84 49.35
N LYS L 20 -15.64 6.98 49.21
CA LYS L 20 -15.52 7.89 50.33
C LYS L 20 -16.85 8.54 50.68
N HIS L 21 -17.58 9.01 49.68
CA HIS L 21 -18.79 9.79 49.90
C HIS L 21 -20.07 8.97 49.74
N ARG L 22 -19.95 7.65 49.68
CA ARG L 22 -21.12 6.80 49.55
C ARG L 22 -21.82 6.64 50.91
N LYS L 23 -23.12 6.42 50.85
CA LYS L 23 -23.96 6.47 52.05
C LYS L 23 -24.12 5.14 52.76
N GLY L 24 -23.62 4.05 52.19
CA GLY L 24 -23.77 2.74 52.79
C GLY L 24 -24.28 1.72 51.80
N ALA L 25 -24.35 0.48 52.24
CA ALA L 25 -24.83 -0.62 51.43
C ALA L 25 -26.35 -0.54 51.36
N ALA L 26 -26.88 -0.27 50.18
CA ALA L 26 -28.32 -0.24 50.00
C ALA L 26 -28.85 -1.66 49.99
N ARG L 27 -29.70 -1.99 50.95
CA ARG L 27 -30.21 -3.34 51.05
C ARG L 27 -31.47 -3.35 51.91
N LEU L 28 -32.21 -4.45 51.80
CA LEU L 28 -33.41 -4.70 52.60
C LEU L 28 -33.02 -4.87 54.07
N ARG L 29 -34.01 -5.10 54.93
CA ARG L 29 -33.72 -5.40 56.31
C ARG L 29 -33.59 -6.90 56.51
N ALA L 30 -32.85 -7.28 57.53
CA ALA L 30 -32.66 -8.70 57.83
C ALA L 30 -33.99 -9.34 58.18
N VAL L 31 -34.20 -10.55 57.66
CA VAL L 31 -35.44 -11.28 57.91
C VAL L 31 -35.55 -11.60 59.40
N ASP L 32 -36.74 -11.47 59.94
CA ASP L 32 -36.97 -11.66 61.36
C ASP L 32 -38.35 -12.27 61.56
N PHE L 33 -38.80 -12.29 62.80
CA PHE L 33 -40.11 -12.85 63.13
C PHE L 33 -41.24 -12.05 62.49
N ALA L 34 -41.14 -10.71 62.55
CA ALA L 34 -42.23 -9.87 62.06
C ALA L 34 -42.40 -10.02 60.55
N GLU L 35 -41.30 -10.10 59.81
CA GLU L 35 -41.40 -10.23 58.36
C GLU L 35 -41.74 -11.65 57.95
N ARG L 36 -41.47 -12.63 58.81
CA ARG L 36 -41.76 -14.02 58.48
C ARG L 36 -43.24 -14.35 58.68
N HIS L 37 -43.89 -13.71 59.66
CA HIS L 37 -45.26 -14.04 60.03
C HIS L 37 -46.27 -12.95 59.73
N GLY L 38 -45.96 -11.71 60.09
CA GLY L 38 -46.88 -10.62 59.85
C GLY L 38 -46.28 -9.53 58.99
N TYR L 39 -46.30 -8.30 59.49
CA TYR L 39 -45.66 -7.18 58.81
C TYR L 39 -45.13 -6.22 59.84
N ILE L 40 -44.31 -5.29 59.38
CA ILE L 40 -43.75 -4.23 60.21
C ILE L 40 -43.82 -2.92 59.43
N LYS L 41 -44.07 -1.83 60.14
CA LYS L 41 -44.31 -0.52 59.54
C LYS L 41 -43.08 0.36 59.73
N GLY L 42 -42.61 0.95 58.63
CA GLY L 42 -41.53 1.92 58.69
C GLY L 42 -41.95 3.21 57.99
N ILE L 43 -41.14 4.24 58.17
CA ILE L 43 -41.43 5.56 57.65
C ILE L 43 -40.25 6.04 56.81
N VAL L 44 -40.54 6.60 55.64
CA VAL L 44 -39.51 7.16 54.78
C VAL L 44 -39.15 8.54 55.28
N LYS L 45 -37.87 8.73 55.61
CA LYS L 45 -37.38 9.98 56.18
C LYS L 45 -36.72 10.87 55.15
N ASP L 46 -35.99 10.29 54.19
CA ASP L 46 -35.30 11.09 53.18
C ASP L 46 -35.03 10.24 51.96
N ILE L 47 -34.99 10.90 50.80
CA ILE L 47 -34.51 10.30 49.56
C ILE L 47 -33.19 10.96 49.23
N ILE L 48 -32.10 10.20 49.27
CA ILE L 48 -30.77 10.74 49.15
C ILE L 48 -30.10 10.21 47.89
N HIS L 49 -29.03 10.88 47.50
CA HIS L 49 -28.27 10.55 46.30
C HIS L 49 -26.98 9.85 46.70
N ASP L 50 -26.72 8.69 46.09
CA ASP L 50 -25.50 7.93 46.34
C ASP L 50 -24.53 8.15 45.20
N PRO L 51 -23.34 8.71 45.45
CA PRO L 51 -22.37 8.89 44.37
C PRO L 51 -22.00 7.58 43.72
N GLY L 52 -21.88 7.62 42.40
CA GLY L 52 -21.58 6.43 41.61
C GLY L 52 -22.76 5.54 41.33
N ARG L 53 -23.95 5.90 41.80
CA ARG L 53 -25.14 5.07 41.66
C ARG L 53 -26.28 5.93 41.13
N GLY L 54 -26.81 5.55 39.96
CA GLY L 54 -27.88 6.32 39.37
C GLY L 54 -29.16 6.27 40.17
N ALA L 55 -29.44 5.14 40.80
CA ALA L 55 -30.68 4.97 41.53
C ALA L 55 -30.62 5.74 42.86
N PRO L 56 -31.62 6.57 43.16
CA PRO L 56 -31.70 7.16 44.50
C PRO L 56 -31.99 6.12 45.56
N LEU L 57 -31.61 6.46 46.79
CA LEU L 57 -31.81 5.60 47.94
C LEU L 57 -32.77 6.23 48.92
N ALA L 58 -33.52 5.40 49.63
CA ALA L 58 -34.51 5.83 50.60
C ALA L 58 -34.03 5.48 52.00
N LYS L 59 -34.12 6.43 52.92
CA LYS L 59 -33.79 6.20 54.31
C LYS L 59 -35.08 5.90 55.07
N VAL L 60 -35.25 4.65 55.50
CA VAL L 60 -36.49 4.20 56.13
C VAL L 60 -36.21 3.85 57.58
N VAL L 61 -37.04 4.34 58.49
CA VAL L 61 -36.87 4.15 59.92
C VAL L 61 -37.94 3.19 60.42
N PHE L 62 -37.52 2.11 61.05
CA PHE L 62 -38.40 1.14 61.66
C PHE L 62 -38.32 1.24 63.18
N ARG L 63 -39.05 0.37 63.85
CA ARG L 63 -39.12 0.32 65.30
C ARG L 63 -38.77 -1.09 65.76
N ASP L 64 -37.75 -1.21 66.59
CA ASP L 64 -37.23 -2.52 66.97
C ASP L 64 -38.24 -3.26 67.84
N PRO L 65 -38.62 -4.49 67.48
CA PRO L 65 -39.62 -5.21 68.27
C PRO L 65 -39.10 -5.83 69.56
N TYR L 66 -37.80 -5.73 69.84
CA TYR L 66 -37.22 -6.37 71.01
C TYR L 66 -36.63 -5.41 72.02
N ARG L 67 -36.21 -4.21 71.62
CA ARG L 67 -35.79 -3.21 72.58
C ARG L 67 -36.20 -1.84 72.08
N PHE L 68 -36.25 -0.89 73.01
CA PHE L 68 -36.67 0.48 72.72
C PHE L 68 -35.56 1.17 71.93
N LYS L 69 -35.69 1.16 70.61
CA LYS L 69 -34.74 1.79 69.71
C LYS L 69 -35.33 1.81 68.31
N LYS L 70 -35.02 2.86 67.57
CA LYS L 70 -35.45 3.01 66.20
C LYS L 70 -34.31 2.62 65.27
N ARG L 71 -34.63 1.81 64.27
CA ARG L 71 -33.66 1.31 63.30
C ARG L 71 -33.74 2.14 62.03
N THR L 72 -32.60 2.29 61.37
CA THR L 72 -32.52 3.03 60.12
C THR L 72 -31.96 2.13 59.02
N GLU L 73 -32.68 2.02 57.92
CA GLU L 73 -32.32 1.16 56.80
C GLU L 73 -32.16 2.00 55.55
N LEU L 74 -31.29 1.53 54.65
CA LEU L 74 -31.04 2.17 53.37
C LEU L 74 -31.58 1.28 52.28
N PHE L 75 -32.72 1.65 51.71
CA PHE L 75 -33.35 0.88 50.66
C PHE L 75 -33.04 1.48 49.29
N ILE L 76 -33.24 0.68 48.26
CA ILE L 76 -33.32 1.19 46.90
C ILE L 76 -34.71 1.79 46.72
N ALA L 77 -34.77 3.04 46.30
CA ALA L 77 -36.03 3.77 46.23
C ALA L 77 -36.82 3.33 45.01
N ALA L 78 -37.96 2.70 45.24
CA ALA L 78 -38.89 2.42 44.15
C ALA L 78 -39.52 3.74 43.69
N GLU L 79 -39.72 3.85 42.38
CA GLU L 79 -40.18 5.10 41.80
C GLU L 79 -41.62 5.36 42.21
N GLY L 80 -41.83 6.47 42.93
CA GLY L 80 -43.14 6.86 43.42
C GLY L 80 -43.17 7.11 44.92
N ILE L 81 -42.28 6.45 45.67
CA ILE L 81 -42.27 6.64 47.11
C ILE L 81 -41.82 8.07 47.45
N HIS L 82 -42.31 8.55 48.59
CA HIS L 82 -42.10 9.92 49.00
C HIS L 82 -41.84 9.97 50.48
N THR L 83 -41.26 11.08 50.93
CA THR L 83 -40.99 11.25 52.35
C THR L 83 -42.30 11.36 53.12
N GLY L 84 -42.32 10.75 54.29
CA GLY L 84 -43.53 10.67 55.08
C GLY L 84 -44.41 9.48 54.78
N GLN L 85 -44.05 8.67 53.79
CA GLN L 85 -44.83 7.49 53.44
C GLN L 85 -44.51 6.36 54.39
N PHE L 86 -45.51 5.50 54.62
CA PHE L 86 -45.34 4.31 55.42
C PHE L 86 -45.14 3.11 54.51
N VAL L 87 -44.01 2.43 54.66
CA VAL L 87 -43.73 1.20 53.93
C VAL L 87 -43.86 0.04 54.89
N TYR L 88 -44.30 -1.10 54.35
CA TYR L 88 -44.62 -2.27 55.14
C TYR L 88 -43.81 -3.45 54.63
N CYS L 89 -43.21 -4.20 55.55
CA CYS L 89 -42.37 -5.34 55.20
C CYS L 89 -42.90 -6.57 55.93
N GLY L 90 -43.18 -7.62 55.17
CA GLY L 90 -43.64 -8.86 55.77
C GLY L 90 -44.39 -9.68 54.74
N LYS L 91 -44.83 -10.85 55.19
CA LYS L 91 -45.65 -11.71 54.35
C LYS L 91 -47.12 -11.30 54.35
N LYS L 92 -47.54 -10.48 55.31
CA LYS L 92 -48.90 -9.96 55.34
C LYS L 92 -49.00 -8.53 54.85
N ALA L 93 -47.92 -7.99 54.30
CA ALA L 93 -47.95 -6.65 53.74
C ALA L 93 -48.83 -6.62 52.48
N GLN L 94 -49.53 -5.52 52.29
CA GLN L 94 -50.41 -5.36 51.15
C GLN L 94 -49.59 -5.08 49.89
N LEU L 95 -50.21 -5.29 48.74
CA LEU L 95 -49.54 -5.16 47.45
C LEU L 95 -49.55 -3.70 47.02
N ASN L 96 -48.55 -2.97 47.49
CA ASN L 96 -48.40 -1.55 47.19
C ASN L 96 -46.98 -1.25 46.79
N ILE L 97 -46.80 -0.19 46.00
CA ILE L 97 -45.48 0.24 45.60
C ILE L 97 -44.69 0.67 46.82
N GLY L 98 -43.50 0.09 46.98
CA GLY L 98 -42.62 0.40 48.09
C GLY L 98 -42.61 -0.63 49.20
N ASN L 99 -43.58 -1.53 49.25
CA ASN L 99 -43.64 -2.54 50.29
C ASN L 99 -42.72 -3.71 49.96
N VAL L 100 -42.32 -4.44 51.00
CA VAL L 100 -41.47 -5.61 50.86
C VAL L 100 -42.30 -6.85 51.15
N LEU L 101 -42.42 -7.72 50.15
CA LEU L 101 -43.27 -8.90 50.22
C LEU L 101 -42.48 -10.10 49.69
N PRO L 102 -42.72 -11.29 50.23
CA PRO L 102 -42.23 -12.50 49.56
C PRO L 102 -42.89 -12.68 48.20
N VAL L 103 -42.11 -13.20 47.25
CA VAL L 103 -42.61 -13.37 45.89
C VAL L 103 -43.65 -14.47 45.81
N GLY L 104 -43.72 -15.35 46.79
CA GLY L 104 -44.77 -16.35 46.80
C GLY L 104 -46.15 -15.77 46.95
N THR L 105 -46.30 -14.77 47.83
CA THR L 105 -47.59 -14.12 48.03
C THR L 105 -47.93 -13.14 46.92
N MET L 106 -46.95 -12.73 46.13
CA MET L 106 -47.23 -11.85 45.01
C MET L 106 -47.97 -12.61 43.92
N PRO L 107 -48.93 -12.00 43.25
CA PRO L 107 -49.57 -12.64 42.09
C PRO L 107 -48.65 -12.62 40.87
N GLU L 108 -49.11 -13.28 39.82
CA GLU L 108 -48.35 -13.36 38.58
C GLU L 108 -48.52 -12.08 37.78
N GLY L 109 -47.43 -11.61 37.21
CA GLY L 109 -47.39 -10.33 36.55
C GLY L 109 -46.93 -9.19 37.43
N THR L 110 -46.69 -9.43 38.72
CA THR L 110 -46.24 -8.38 39.61
C THR L 110 -44.84 -7.91 39.24
N ILE L 111 -44.64 -6.61 39.31
CA ILE L 111 -43.35 -5.99 38.99
C ILE L 111 -42.62 -5.71 40.29
N VAL L 112 -41.39 -6.22 40.40
CA VAL L 112 -40.62 -6.17 41.63
C VAL L 112 -39.22 -5.63 41.33
N CYS L 113 -38.57 -5.17 42.40
CA CYS L 113 -37.19 -4.69 42.33
C CYS L 113 -36.53 -4.99 43.67
N CYS L 114 -35.20 -5.01 43.66
CA CYS L 114 -34.41 -5.39 44.82
C CYS L 114 -34.81 -6.79 45.30
N LEU L 115 -34.76 -7.73 44.37
CA LEU L 115 -35.17 -9.10 44.60
C LEU L 115 -34.02 -9.93 45.15
N GLU L 116 -34.34 -10.83 46.08
CA GLU L 116 -33.33 -11.67 46.70
C GLU L 116 -32.98 -12.82 45.77
N GLU L 117 -31.68 -13.06 45.58
CA GLU L 117 -31.26 -14.20 44.79
C GLU L 117 -31.47 -15.50 45.54
N LYS L 118 -31.17 -15.51 46.83
CA LYS L 118 -31.40 -16.63 47.73
C LYS L 118 -32.05 -16.12 49.00
N PRO L 119 -32.87 -16.93 49.66
CA PRO L 119 -33.61 -16.44 50.83
C PRO L 119 -32.66 -15.98 51.92
N GLY L 120 -33.05 -14.90 52.60
CA GLY L 120 -32.24 -14.34 53.66
C GLY L 120 -31.24 -13.30 53.23
N ASP L 121 -31.08 -13.08 51.93
CA ASP L 121 -30.21 -12.01 51.45
C ASP L 121 -30.91 -10.69 51.74
N ARG L 122 -30.38 -9.59 51.23
CA ARG L 122 -31.00 -8.29 51.45
C ARG L 122 -31.21 -7.56 50.13
N GLY L 123 -31.56 -8.28 49.07
CA GLY L 123 -31.75 -7.67 47.77
C GLY L 123 -30.51 -7.80 46.90
N LYS L 124 -30.62 -8.50 45.79
CA LYS L 124 -29.46 -8.78 44.96
C LYS L 124 -29.70 -8.55 43.48
N LEU L 125 -30.96 -8.65 43.05
CA LEU L 125 -31.31 -8.54 41.64
C LEU L 125 -32.22 -7.33 41.40
N ALA L 126 -32.12 -6.80 40.19
CA ALA L 126 -32.93 -5.66 39.73
C ALA L 126 -32.78 -4.46 40.66
N ARG L 127 -31.55 -4.00 40.77
CA ARG L 127 -31.19 -2.92 41.68
C ARG L 127 -30.79 -1.63 40.99
N ALA L 128 -30.44 -1.67 39.71
CA ALA L 128 -30.03 -0.47 38.99
C ALA L 128 -31.24 0.35 38.58
N SER L 129 -30.99 1.61 38.24
CA SER L 129 -32.06 2.56 37.99
C SER L 129 -32.91 2.14 36.79
N GLY L 130 -34.22 2.23 36.96
CA GLY L 130 -35.16 1.89 35.91
C GLY L 130 -35.29 0.41 35.61
N ASN L 131 -34.78 -0.46 36.47
CA ASN L 131 -34.82 -1.89 36.25
C ASN L 131 -35.85 -2.55 37.15
N TYR L 132 -36.31 -3.71 36.71
CA TYR L 132 -37.32 -4.45 37.45
C TYR L 132 -37.29 -5.91 37.01
N ALA L 133 -37.89 -6.76 37.83
CA ALA L 133 -38.12 -8.16 37.52
C ALA L 133 -39.62 -8.42 37.55
N THR L 134 -40.04 -9.48 36.86
CA THR L 134 -41.44 -9.84 36.78
C THR L 134 -41.64 -11.25 37.33
N VAL L 135 -42.71 -11.45 38.08
CA VAL L 135 -43.09 -12.77 38.57
C VAL L 135 -43.90 -13.44 37.46
N ILE L 136 -43.51 -14.65 37.10
CA ILE L 136 -44.17 -15.36 36.01
C ILE L 136 -45.18 -16.37 36.56
N SER L 137 -44.71 -17.30 37.38
CA SER L 137 -45.56 -18.36 37.89
C SER L 137 -44.98 -18.90 39.19
N HIS L 138 -45.84 -19.56 39.96
CA HIS L 138 -45.43 -20.19 41.20
C HIS L 138 -45.61 -21.69 41.08
N ASN L 139 -44.99 -22.41 42.02
CA ASN L 139 -45.16 -23.85 42.16
C ASN L 139 -45.27 -24.13 43.65
N PRO L 140 -46.48 -24.05 44.22
CA PRO L 140 -46.61 -24.20 45.68
C PRO L 140 -46.19 -25.56 46.21
N GLU L 141 -46.12 -26.58 45.36
CA GLU L 141 -45.67 -27.89 45.83
C GLU L 141 -44.19 -27.87 46.20
N THR L 142 -43.36 -27.34 45.31
CA THR L 142 -41.92 -27.27 45.55
C THR L 142 -41.48 -25.94 46.16
N LYS L 143 -42.40 -25.01 46.35
CA LYS L 143 -42.10 -23.68 46.91
C LYS L 143 -41.07 -22.94 46.05
N LYS L 144 -41.32 -22.89 44.75
CA LYS L 144 -40.46 -22.23 43.79
C LYS L 144 -41.26 -21.25 42.95
N THR L 145 -40.57 -20.22 42.46
CA THR L 145 -41.20 -19.17 41.67
C THR L 145 -40.28 -18.83 40.51
N ARG L 146 -40.86 -18.65 39.32
CA ARG L 146 -40.10 -18.23 38.16
C ARG L 146 -40.16 -16.71 38.02
N VAL L 147 -39.02 -16.10 37.72
CA VAL L 147 -38.90 -14.65 37.61
C VAL L 147 -38.12 -14.32 36.34
N LYS L 148 -38.60 -13.33 35.61
CA LYS L 148 -37.90 -12.77 34.46
C LYS L 148 -37.00 -11.64 34.94
N LEU L 149 -35.72 -11.76 34.67
CA LEU L 149 -34.72 -10.77 35.06
C LEU L 149 -34.60 -9.68 34.01
N PRO L 150 -34.04 -8.52 34.37
CA PRO L 150 -33.96 -7.42 33.39
C PRO L 150 -33.15 -7.74 32.15
N SER L 151 -32.29 -8.75 32.16
CA SER L 151 -31.57 -9.14 30.96
C SER L 151 -32.42 -9.96 30.01
N GLY L 152 -33.60 -10.39 30.43
CA GLY L 152 -34.43 -11.29 29.67
C GLY L 152 -34.32 -12.74 30.09
N SER L 153 -33.37 -13.08 30.96
CA SER L 153 -33.21 -14.44 31.41
C SER L 153 -34.31 -14.81 32.39
N LYS L 154 -34.52 -16.10 32.54
CA LYS L 154 -35.59 -16.65 33.37
C LYS L 154 -34.96 -17.50 34.47
N LYS L 155 -35.40 -17.29 35.71
CA LYS L 155 -34.75 -17.90 36.85
C LYS L 155 -35.79 -18.48 37.80
N VAL L 156 -35.51 -19.68 38.30
CA VAL L 156 -36.34 -20.32 39.30
C VAL L 156 -35.71 -20.04 40.66
N ILE L 157 -36.45 -19.35 41.52
CA ILE L 157 -35.98 -18.97 42.84
C ILE L 157 -36.93 -19.55 43.88
N SER L 158 -36.53 -19.47 45.14
CA SER L 158 -37.39 -19.86 46.24
C SER L 158 -38.47 -18.80 46.44
N SER L 159 -39.67 -19.27 46.80
CA SER L 159 -40.81 -18.38 46.96
C SER L 159 -40.73 -17.54 48.23
N ALA L 160 -39.79 -17.83 49.12
CA ALA L 160 -39.61 -17.02 50.31
C ALA L 160 -38.70 -15.82 50.08
N ASN L 161 -38.19 -15.65 48.86
CA ASN L 161 -37.42 -14.47 48.51
C ASN L 161 -38.30 -13.23 48.59
N ARG L 162 -37.72 -12.12 49.06
CA ARG L 162 -38.46 -10.88 49.20
C ARG L 162 -38.08 -9.89 48.10
N ALA L 163 -38.96 -8.92 47.90
CA ALA L 163 -38.74 -7.91 46.88
C ALA L 163 -39.58 -6.68 47.17
N VAL L 164 -39.22 -5.58 46.52
CA VAL L 164 -39.95 -4.34 46.63
C VAL L 164 -40.83 -4.20 45.41
N VAL L 165 -42.09 -3.84 45.62
CA VAL L 165 -43.04 -3.69 44.52
C VAL L 165 -42.77 -2.39 43.79
N GLY L 166 -42.53 -2.48 42.49
CA GLY L 166 -42.37 -1.33 41.63
C GLY L 166 -41.13 -1.46 40.77
N VAL L 167 -40.70 -0.33 40.24
CA VAL L 167 -39.47 -0.24 39.46
C VAL L 167 -38.52 0.69 40.19
N VAL L 168 -37.22 0.51 39.92
CA VAL L 168 -36.22 1.35 40.57
C VAL L 168 -36.28 2.76 39.99
N ALA L 169 -36.20 3.75 40.87
CA ALA L 169 -36.30 5.14 40.46
C ALA L 169 -35.05 5.57 39.70
N GLY L 170 -35.22 6.62 38.89
CA GLY L 170 -34.14 7.13 38.08
C GLY L 170 -34.06 6.53 36.69
N GLY L 171 -35.16 6.01 36.16
CA GLY L 171 -35.12 5.40 34.85
C GLY L 171 -34.97 6.43 33.74
N GLY L 172 -34.48 5.95 32.60
CA GLY L 172 -34.20 6.80 31.48
C GLY L 172 -32.87 7.51 31.53
N ARG L 173 -32.01 7.17 32.49
CA ARG L 173 -30.75 7.88 32.65
C ARG L 173 -29.87 7.74 31.40
N ILE L 174 -29.93 6.59 30.73
CA ILE L 174 -29.11 6.36 29.55
C ILE L 174 -29.67 7.02 28.30
N ASP L 175 -30.84 7.66 28.39
CA ASP L 175 -31.43 8.28 27.21
C ASP L 175 -30.71 9.55 26.82
N LYS L 176 -30.20 10.31 27.78
CA LYS L 176 -29.56 11.58 27.50
C LYS L 176 -28.11 11.36 27.09
N PRO L 177 -27.68 11.86 25.93
CA PRO L 177 -26.27 11.71 25.55
C PRO L 177 -25.36 12.49 26.50
N ILE L 178 -24.21 11.87 26.81
CA ILE L 178 -23.25 12.49 27.72
C ILE L 178 -22.68 13.77 27.12
N LEU L 179 -22.39 13.74 25.81
CA LEU L 179 -22.14 14.93 24.99
C LEU L 179 -20.78 15.56 25.25
N LYS L 180 -20.04 15.08 26.25
CA LYS L 180 -18.84 15.79 26.68
C LYS L 180 -17.83 14.78 27.22
N ALA L 181 -16.56 14.96 26.86
CA ALA L 181 -15.50 14.21 27.51
C ALA L 181 -15.47 14.52 28.99
N GLY L 182 -15.75 15.77 29.36
CA GLY L 182 -15.73 16.16 30.75
C GLY L 182 -16.84 15.51 31.56
N ARG L 183 -18.04 15.42 30.98
CA ARG L 183 -19.14 14.78 31.68
C ARG L 183 -18.87 13.29 31.88
N ALA L 184 -18.23 12.64 30.90
CA ALA L 184 -17.79 11.26 31.10
C ALA L 184 -16.74 11.19 32.20
N TYR L 185 -15.83 12.17 32.25
CA TYR L 185 -14.82 12.21 33.29
C TYR L 185 -15.44 12.31 34.67
N HIS L 186 -16.42 13.21 34.81
CA HIS L 186 -17.07 13.38 36.10
C HIS L 186 -17.91 12.16 36.48
N LYS L 187 -18.41 11.44 35.48
CA LYS L 187 -19.22 10.26 35.75
C LYS L 187 -18.37 9.17 36.42
N TYR L 188 -17.18 8.94 35.90
CA TYR L 188 -16.33 7.86 36.39
C TYR L 188 -15.39 8.30 37.50
N LYS L 189 -15.29 9.61 37.77
CA LYS L 189 -14.55 10.05 38.94
C LYS L 189 -15.23 9.61 40.23
N ALA L 190 -16.53 9.38 40.18
CA ALA L 190 -17.26 8.89 41.34
C ALA L 190 -17.36 7.38 41.40
N LYS L 191 -16.87 6.66 40.38
CA LYS L 191 -17.01 5.21 40.33
C LYS L 191 -15.69 4.47 40.52
N ARG L 192 -14.72 4.70 39.64
CA ARG L 192 -13.45 3.99 39.64
C ARG L 192 -12.60 4.53 38.49
N ASN L 193 -11.32 4.13 38.50
CA ASN L 193 -10.37 4.55 37.47
C ASN L 193 -10.45 3.60 36.30
N CYS L 194 -11.38 3.86 35.38
CA CYS L 194 -11.53 3.03 34.21
C CYS L 194 -11.85 3.79 32.93
N TRP L 195 -12.07 5.10 32.98
CA TRP L 195 -12.77 5.75 31.88
C TRP L 195 -11.95 5.91 30.61
N PRO L 196 -10.82 6.64 30.60
CA PRO L 196 -10.16 6.91 29.32
C PRO L 196 -9.53 5.63 28.79
N ARG L 197 -10.14 5.05 27.78
CA ARG L 197 -9.81 3.71 27.29
C ARG L 197 -8.95 3.85 26.05
N VAL L 198 -7.70 3.44 26.16
CA VAL L 198 -6.81 3.36 25.01
C VAL L 198 -7.08 2.06 24.26
N ARG L 199 -6.92 2.09 22.95
CA ARG L 199 -7.12 0.90 22.14
C ARG L 199 -5.85 0.07 22.10
N GLY L 200 -6.03 -1.25 22.11
CA GLY L 200 -4.88 -2.14 22.03
C GLY L 200 -4.14 -2.01 20.70
N VAL L 201 -4.86 -1.70 19.63
CA VAL L 201 -4.21 -1.48 18.34
C VAL L 201 -3.38 -0.21 18.37
N ALA L 202 -3.64 0.69 19.31
CA ALA L 202 -2.84 1.90 19.46
C ALA L 202 -1.65 1.68 20.39
N MET L 203 -1.54 0.51 21.00
CA MET L 203 -0.43 0.22 21.91
C MET L 203 0.72 -0.45 21.16
N ASN L 204 1.75 -0.78 21.90
CA ASN L 204 2.89 -1.54 21.41
C ASN L 204 2.68 -3.02 21.70
N PRO L 205 3.32 -3.90 20.92
CA PRO L 205 3.09 -5.34 21.12
C PRO L 205 3.52 -5.86 22.48
N VAL L 206 4.27 -5.07 23.24
CA VAL L 206 4.73 -5.52 24.55
C VAL L 206 3.63 -5.38 25.60
N GLU L 207 2.67 -4.47 25.41
CA GLU L 207 1.61 -4.29 26.39
C GLU L 207 0.25 -4.80 25.95
N HIS L 208 0.10 -5.24 24.70
CA HIS L 208 -1.19 -5.77 24.28
C HIS L 208 -1.02 -6.72 23.10
N PRO L 209 -1.82 -7.80 23.05
CA PRO L 209 -1.75 -8.70 21.90
C PRO L 209 -2.11 -8.05 20.58
N PHE L 210 -2.86 -6.95 20.59
CA PHE L 210 -3.26 -6.27 19.37
C PHE L 210 -2.31 -5.13 18.98
N GLY L 211 -1.26 -4.91 19.75
CA GLY L 211 -0.37 -3.79 19.47
C GLY L 211 0.66 -4.10 18.42
N GLY L 212 1.20 -3.04 17.84
CA GLY L 212 2.28 -3.15 16.87
C GLY L 212 1.79 -3.04 15.44
N GLY L 213 2.73 -3.24 14.54
CA GLY L 213 2.46 -3.20 13.12
C GLY L 213 2.68 -1.82 12.53
N ASN L 214 2.98 -1.80 11.24
CA ASN L 214 3.13 -0.53 10.53
C ASN L 214 1.79 0.07 10.14
N HIS L 215 0.73 -0.72 10.18
CA HIS L 215 -0.64 -0.23 10.14
C HIS L 215 -1.33 -0.58 11.45
N GLN L 216 -2.42 0.12 11.73
CA GLN L 216 -3.14 -0.04 12.99
C GLN L 216 -4.22 -1.09 12.77
N HIS L 217 -3.87 -2.35 13.02
CA HIS L 217 -4.76 -3.47 12.73
C HIS L 217 -4.56 -4.53 13.79
N ILE L 218 -5.60 -5.35 13.99
CA ILE L 218 -5.55 -6.38 15.01
C ILE L 218 -4.58 -7.49 14.63
N GLY L 219 -4.64 -7.94 13.38
CA GLY L 219 -3.72 -8.91 12.85
C GLY L 219 -4.10 -10.36 13.08
N LYS L 220 -4.95 -10.62 14.07
CA LYS L 220 -5.44 -11.95 14.38
C LYS L 220 -6.91 -11.83 14.74
N PRO L 221 -7.67 -12.92 14.64
CA PRO L 221 -9.10 -12.85 14.98
C PRO L 221 -9.31 -12.37 16.41
N SER L 222 -10.22 -11.40 16.56
CA SER L 222 -10.49 -10.84 17.88
C SER L 222 -11.38 -11.72 18.73
N THR L 223 -12.04 -12.71 18.15
CA THR L 223 -12.78 -13.70 18.93
C THR L 223 -11.79 -14.65 19.57
N ILE L 224 -11.85 -14.76 20.90
CA ILE L 224 -10.88 -15.53 21.66
C ILE L 224 -11.63 -16.60 22.44
N ARG L 225 -10.95 -17.70 22.71
CA ARG L 225 -11.57 -18.82 23.41
C ARG L 225 -11.75 -18.49 24.89
N ARG L 226 -12.54 -19.33 25.56
CA ARG L 226 -12.82 -19.12 26.97
C ARG L 226 -11.64 -19.50 27.86
N ASP L 227 -10.82 -20.45 27.42
CA ASP L 227 -9.73 -20.99 28.21
C ASP L 227 -8.41 -20.25 27.99
N ALA L 228 -8.42 -19.16 27.24
CA ALA L 228 -7.20 -18.41 26.99
C ALA L 228 -6.67 -17.81 28.29
N PRO L 229 -5.35 -17.74 28.45
CA PRO L 229 -4.78 -17.14 29.66
C PRO L 229 -5.19 -15.69 29.84
N ALA L 230 -4.83 -15.15 31.01
CA ALA L 230 -5.29 -13.82 31.39
C ALA L 230 -4.76 -12.74 30.46
N GLY L 231 -3.49 -12.80 30.11
CA GLY L 231 -2.93 -11.80 29.23
C GLY L 231 -3.29 -11.96 27.77
N ARG L 232 -3.99 -13.03 27.42
CA ARG L 232 -4.43 -13.29 26.06
C ARG L 232 -5.91 -13.06 25.84
N LYS L 233 -6.72 -13.09 26.90
CA LYS L 233 -8.17 -12.98 26.78
C LYS L 233 -8.54 -11.51 26.59
N VAL L 234 -8.37 -11.04 25.36
CA VAL L 234 -8.76 -9.70 24.94
C VAL L 234 -9.55 -9.82 23.65
N GLY L 235 -10.35 -8.79 23.39
CA GLY L 235 -11.23 -8.80 22.23
C GLY L 235 -12.64 -9.24 22.57
N LEU L 236 -13.16 -10.22 21.84
CA LEU L 236 -14.50 -10.74 22.06
C LEU L 236 -14.39 -12.13 22.67
N ILE L 237 -14.67 -12.23 23.96
CA ILE L 237 -14.44 -13.46 24.71
C ILE L 237 -15.58 -14.43 24.46
N ALA L 238 -15.27 -15.57 23.85
CA ALA L 238 -16.21 -16.65 23.62
C ALA L 238 -17.46 -16.17 22.88
N ALA L 239 -17.23 -15.47 21.78
CA ALA L 239 -18.32 -14.91 21.00
C ALA L 239 -19.05 -16.02 20.25
N ARG L 240 -20.34 -16.19 20.53
CA ARG L 240 -21.13 -17.16 19.79
C ARG L 240 -21.40 -16.68 18.37
N ARG L 241 -21.38 -15.36 18.16
CA ARG L 241 -21.56 -14.77 16.84
C ARG L 241 -20.98 -13.37 16.88
N THR L 242 -20.90 -12.74 15.72
CA THR L 242 -20.39 -11.38 15.59
C THR L 242 -21.18 -10.65 14.52
N GLY L 243 -21.05 -9.33 14.52
CA GLY L 243 -21.68 -8.50 13.51
C GLY L 243 -23.04 -8.00 13.94
N ARG L 244 -23.66 -7.24 13.03
CA ARG L 244 -24.98 -6.69 13.29
C ARG L 244 -26.00 -7.78 13.55
N LEU L 245 -26.77 -7.61 14.62
CA LEU L 245 -27.86 -8.52 14.94
C LEU L 245 -29.07 -8.23 14.07
N ARG L 246 -29.83 -9.28 13.75
CA ARG L 246 -31.09 -9.17 13.01
C ARG L 246 -32.17 -9.93 13.78
N GLY L 247 -32.80 -9.25 14.73
CA GLY L 247 -33.76 -9.86 15.62
C GLY L 247 -33.31 -9.80 17.06
N THR L 248 -33.83 -10.72 17.87
CA THR L 248 -33.49 -10.83 19.28
C THR L 248 -32.80 -12.16 19.53
N LYS L 249 -31.65 -12.13 20.19
CA LYS L 249 -30.86 -13.32 20.46
C LYS L 249 -30.95 -13.64 21.95
N THR L 250 -31.36 -14.87 22.26
CA THR L 250 -31.47 -15.31 23.65
C THR L 250 -31.29 -16.83 23.69
N VAL L 251 -30.98 -17.33 24.88
CA VAL L 251 -30.78 -18.75 25.09
C VAL L 251 -32.12 -19.45 25.28
N SER M 1 34.08 21.18 -8.86
CA SER M 1 33.38 21.42 -10.12
C SER M 1 33.41 22.90 -10.46
N HIS M 2 32.88 23.24 -11.63
CA HIS M 2 32.97 24.62 -12.12
C HIS M 2 31.97 25.52 -11.41
N ARG M 3 32.31 26.81 -11.38
CA ARG M 3 31.38 27.84 -10.95
C ARG M 3 30.12 27.77 -11.79
N LYS M 4 28.97 27.73 -11.12
CA LYS M 4 27.70 27.51 -11.83
C LYS M 4 27.42 28.63 -12.82
N PHE M 5 27.46 29.88 -12.36
CA PHE M 5 27.30 31.05 -13.21
C PHE M 5 28.56 31.90 -13.10
N SER M 6 29.02 32.40 -14.23
CA SER M 6 30.22 33.22 -14.25
C SER M 6 29.92 34.61 -13.69
N ALA M 7 30.92 35.17 -13.00
CA ALA M 7 30.87 36.53 -12.52
C ALA M 7 32.29 37.05 -12.44
N PRO M 8 32.53 38.29 -12.85
CA PRO M 8 33.88 38.85 -12.74
C PRO M 8 34.31 38.99 -11.29
N ARG M 9 35.61 38.87 -11.07
CA ARG M 9 36.18 38.94 -9.73
C ARG M 9 35.99 40.32 -9.12
N HIS M 10 35.89 40.37 -7.79
CA HIS M 10 35.72 41.61 -7.06
C HIS M 10 37.08 42.26 -6.84
N GLY M 11 37.24 43.48 -7.32
CA GLY M 11 38.46 44.22 -7.10
C GLY M 11 39.54 43.92 -8.12
N SER M 12 40.66 44.60 -7.95
CA SER M 12 41.78 44.51 -8.87
C SER M 12 43.04 44.10 -8.11
N LEU M 13 43.79 43.18 -8.70
CA LEU M 13 45.08 42.79 -8.14
C LEU M 13 46.20 43.72 -8.58
N GLY M 14 45.90 44.75 -9.38
CA GLY M 14 46.89 45.74 -9.74
C GLY M 14 47.20 46.74 -8.64
N PHE M 15 46.42 46.73 -7.57
CA PHE M 15 46.67 47.51 -6.36
C PHE M 15 46.82 46.57 -5.17
N LEU M 16 47.54 45.47 -5.40
CA LEU M 16 47.42 44.28 -4.55
C LEU M 16 47.82 44.49 -3.09
N PRO M 17 48.98 45.06 -2.76
CA PRO M 17 49.40 45.06 -1.36
C PRO M 17 48.43 45.76 -0.42
N ARG M 18 47.64 46.72 -0.91
CA ARG M 18 46.46 47.24 -0.22
C ARG M 18 46.77 47.57 1.24
N LYS M 19 47.93 48.15 1.46
CA LYS M 19 48.41 48.49 2.79
C LYS M 19 48.38 50.00 2.96
N ARG M 20 48.71 50.45 4.16
CA ARG M 20 48.95 51.87 4.37
C ARG M 20 50.15 52.31 3.54
N SER M 21 50.03 53.46 2.90
CA SER M 21 51.14 53.98 2.11
C SER M 21 52.30 54.32 3.04
N SER M 22 53.50 53.96 2.59
CA SER M 22 54.71 54.26 3.36
C SER M 22 55.07 55.73 3.34
N ARG M 23 54.41 56.52 2.51
CA ARG M 23 54.68 57.95 2.38
C ARG M 23 53.38 58.72 2.52
N HIS M 24 53.45 59.88 3.17
CA HIS M 24 52.30 60.76 3.24
C HIS M 24 52.19 61.68 2.04
N ARG M 25 53.32 62.09 1.49
CA ARG M 25 53.35 62.92 0.30
C ARG M 25 53.33 62.05 -0.95
N GLY M 26 52.54 62.48 -1.94
CA GLY M 26 52.47 61.73 -3.19
C GLY M 26 53.80 61.75 -3.91
N LYS M 27 54.11 60.65 -4.59
CA LYS M 27 55.39 60.44 -5.22
C LYS M 27 55.21 60.35 -6.73
N VAL M 28 56.06 61.08 -7.46
CA VAL M 28 56.12 60.94 -8.91
C VAL M 28 57.02 59.74 -9.22
N LYS M 29 56.43 58.68 -9.76
CA LYS M 29 57.18 57.48 -10.07
C LYS M 29 57.67 57.44 -11.50
N SER M 30 57.10 58.26 -12.38
CA SER M 30 57.63 58.41 -13.73
C SER M 30 57.37 59.84 -14.18
N PHE M 31 58.44 60.55 -14.45
CA PHE M 31 58.34 61.89 -15.00
C PHE M 31 58.11 61.81 -16.51
N PRO M 32 57.59 62.88 -17.11
CA PRO M 32 57.44 62.89 -18.57
C PRO M 32 58.77 62.67 -19.26
N LYS M 33 58.72 61.95 -20.37
CA LYS M 33 59.93 61.64 -21.13
C LYS M 33 60.58 62.91 -21.64
N ASP M 34 61.90 62.99 -21.50
CA ASP M 34 62.63 64.19 -21.84
C ASP M 34 62.72 64.35 -23.35
N ASP M 35 62.46 65.57 -23.83
CA ASP M 35 62.64 65.94 -25.23
C ASP M 35 63.55 67.15 -25.28
N ALA M 36 64.74 66.96 -25.86
CA ALA M 36 65.75 68.02 -25.84
C ALA M 36 65.40 69.20 -26.74
N SER M 37 64.48 69.02 -27.70
CA SER M 37 64.12 70.12 -28.58
C SER M 37 63.20 71.12 -27.92
N LYS M 38 62.51 70.73 -26.86
CA LYS M 38 61.57 71.61 -26.18
C LYS M 38 62.32 72.56 -25.24
N PRO M 39 61.74 73.72 -24.94
CA PRO M 39 62.38 74.64 -24.00
C PRO M 39 62.40 74.06 -22.59
N VAL M 40 63.23 74.67 -21.75
CA VAL M 40 63.43 74.21 -20.39
C VAL M 40 62.20 74.53 -19.55
N HIS M 41 61.67 73.53 -18.86
CA HIS M 41 60.45 73.69 -18.07
C HIS M 41 60.42 72.67 -16.94
N LEU M 42 59.58 72.94 -15.96
CA LEU M 42 59.33 72.01 -14.87
C LEU M 42 58.17 71.08 -15.22
N THR M 43 58.08 69.98 -14.49
CA THR M 43 57.14 68.91 -14.81
C THR M 43 56.16 68.59 -13.68
N ALA M 44 56.29 69.20 -12.51
CA ALA M 44 55.43 68.86 -11.39
C ALA M 44 55.34 70.05 -10.45
N PHE M 45 54.42 69.95 -9.49
CA PHE M 45 54.16 71.00 -8.52
C PHE M 45 53.47 70.36 -7.32
N LEU M 46 53.44 71.10 -6.21
CA LEU M 46 52.80 70.63 -4.99
C LEU M 46 51.70 71.59 -4.59
N GLY M 47 50.51 71.05 -4.35
CA GLY M 47 49.37 71.83 -3.91
C GLY M 47 48.71 71.19 -2.70
N TYR M 48 47.61 71.80 -2.28
CA TYR M 48 46.87 71.35 -1.11
C TYR M 48 45.38 71.40 -1.42
N LYS M 49 44.67 70.35 -1.06
CA LYS M 49 43.26 70.22 -1.40
C LYS M 49 42.43 71.02 -0.42
N ALA M 50 41.79 72.09 -0.91
CA ALA M 50 41.03 72.99 -0.06
C ALA M 50 39.57 72.55 0.04
N GLY M 51 38.94 72.27 -1.09
CA GLY M 51 37.56 71.81 -1.07
C GLY M 51 37.05 71.60 -2.48
N MET M 52 35.73 71.40 -2.56
CA MET M 52 35.04 71.20 -3.82
C MET M 52 33.91 72.22 -3.94
N THR M 53 33.61 72.60 -5.18
CA THR M 53 32.43 73.40 -5.50
C THR M 53 31.99 72.99 -6.91
N HIS M 54 30.98 73.67 -7.45
CA HIS M 54 30.53 73.36 -8.80
C HIS M 54 30.48 74.64 -9.61
N ILE M 55 30.68 74.49 -10.91
CA ILE M 55 30.76 75.62 -11.84
C ILE M 55 29.66 75.44 -12.87
N VAL M 56 29.43 76.48 -13.66
CA VAL M 56 28.51 76.47 -14.79
C VAL M 56 29.27 76.92 -16.03
N ARG M 57 29.22 76.11 -17.08
CA ARG M 57 29.88 76.44 -18.33
C ARG M 57 29.04 75.92 -19.49
N GLU M 58 29.30 76.48 -20.67
CA GLU M 58 28.67 76.03 -21.90
C GLU M 58 29.68 75.24 -22.73
N VAL M 59 29.27 74.07 -23.21
CA VAL M 59 30.18 73.14 -23.86
C VAL M 59 30.19 73.38 -25.36
N ASP M 60 31.25 72.91 -26.01
CA ASP M 60 31.48 73.14 -27.43
C ASP M 60 31.92 71.85 -28.13
N ARG M 61 31.15 70.78 -27.95
CA ARG M 61 31.34 69.58 -28.76
C ARG M 61 30.17 69.40 -29.71
N PRO M 62 30.38 69.56 -31.02
CA PRO M 62 29.25 69.78 -31.94
C PRO M 62 28.19 68.69 -31.97
N GLY M 63 28.57 67.41 -31.92
CA GLY M 63 27.59 66.37 -32.10
C GLY M 63 26.85 65.92 -30.87
N SER M 64 27.06 66.59 -29.74
CA SER M 64 26.49 66.16 -28.47
C SER M 64 25.13 66.79 -28.24
N LYS M 65 24.37 66.18 -27.32
CA LYS M 65 23.07 66.73 -26.94
C LYS M 65 23.21 67.95 -26.03
N VAL M 66 24.40 68.18 -25.48
CA VAL M 66 24.66 69.36 -24.66
C VAL M 66 25.48 70.40 -25.41
N ASN M 67 25.65 70.24 -26.72
CA ASN M 67 26.39 71.22 -27.51
C ASN M 67 25.68 72.56 -27.46
N LYS M 68 26.45 73.61 -27.19
CA LYS M 68 25.95 74.98 -27.04
C LYS M 68 24.93 75.10 -25.90
N LYS M 69 25.01 74.22 -24.92
CA LYS M 69 24.11 74.24 -23.79
C LYS M 69 24.90 74.30 -22.49
N GLU M 70 24.25 74.84 -21.48
CA GLU M 70 24.87 75.17 -20.22
C GLU M 70 24.83 73.94 -19.31
N VAL M 71 25.97 73.60 -18.72
CA VAL M 71 26.09 72.40 -17.88
C VAL M 71 26.68 72.79 -16.54
N VAL M 72 26.43 71.94 -15.55
CA VAL M 72 26.95 72.12 -14.20
C VAL M 72 27.95 70.99 -13.94
N GLU M 73 29.16 71.37 -13.53
CA GLU M 73 30.25 70.42 -13.36
C GLU M 73 30.91 70.62 -12.00
N ALA M 74 31.06 69.52 -11.26
CA ALA M 74 31.79 69.55 -10.01
C ALA M 74 33.27 69.79 -10.25
N VAL M 75 33.89 70.59 -9.40
CA VAL M 75 35.31 70.90 -9.48
C VAL M 75 35.93 70.81 -8.09
N THR M 76 37.26 70.72 -8.07
CA THR M 76 38.03 70.72 -6.85
C THR M 76 39.02 71.88 -6.90
N ILE M 77 39.22 72.54 -5.75
CA ILE M 77 40.12 73.67 -5.65
C ILE M 77 41.39 73.21 -4.95
N VAL M 78 42.52 73.41 -5.59
CA VAL M 78 43.83 73.03 -5.04
C VAL M 78 44.63 74.31 -4.85
N GLU M 79 44.88 74.68 -3.60
CA GLU M 79 45.64 75.88 -3.31
C GLU M 79 47.12 75.64 -3.55
N THR M 80 47.72 76.44 -4.42
CA THR M 80 49.10 76.25 -4.87
C THR M 80 49.87 77.56 -4.74
N PRO M 81 50.35 77.89 -3.55
CA PRO M 81 51.29 79.01 -3.41
C PRO M 81 52.60 78.68 -4.09
N PRO M 82 53.42 79.70 -4.41
CA PRO M 82 54.66 79.43 -5.16
C PRO M 82 55.62 78.56 -4.37
N MET M 83 56.43 77.81 -5.12
CA MET M 83 57.46 76.96 -4.56
C MET M 83 58.81 77.67 -4.61
N VAL M 84 59.69 77.32 -3.67
CA VAL M 84 61.01 77.93 -3.57
C VAL M 84 62.05 76.88 -3.92
N VAL M 85 62.87 77.18 -4.91
CA VAL M 85 63.94 76.29 -5.34
C VAL M 85 65.10 76.39 -4.36
N VAL M 86 65.50 75.25 -3.79
CA VAL M 86 66.59 75.22 -2.82
C VAL M 86 67.72 74.29 -3.21
N GLY M 87 67.60 73.50 -4.27
CA GLY M 87 68.66 72.58 -4.62
C GLY M 87 68.57 72.06 -6.03
N ILE M 88 69.64 71.39 -6.44
CA ILE M 88 69.75 70.74 -7.74
C ILE M 88 70.30 69.33 -7.52
N VAL M 89 69.72 68.34 -8.19
CA VAL M 89 70.17 66.97 -8.13
C VAL M 89 70.55 66.52 -9.54
N GLY M 90 71.67 65.82 -9.66
CA GLY M 90 72.08 65.24 -10.92
C GLY M 90 72.01 63.72 -10.83
N TYR M 91 71.68 63.09 -11.96
CA TYR M 91 71.57 61.65 -12.06
C TYR M 91 72.35 61.15 -13.26
N VAL M 92 72.96 59.97 -13.13
CA VAL M 92 73.64 59.31 -14.23
C VAL M 92 72.93 58.01 -14.53
N GLU M 93 72.89 57.63 -15.81
CA GLU M 93 72.31 56.36 -16.21
C GLU M 93 73.36 55.26 -16.14
N THR M 94 73.02 54.19 -15.44
CA THR M 94 73.90 53.04 -15.25
C THR M 94 73.14 51.79 -15.64
N PRO M 95 73.84 50.70 -15.97
CA PRO M 95 73.15 49.44 -16.24
C PRO M 95 72.43 48.86 -15.04
N ARG M 96 72.56 49.48 -13.87
CA ARG M 96 71.78 49.11 -12.70
C ARG M 96 70.66 50.10 -12.40
N GLY M 97 70.53 51.16 -13.18
CA GLY M 97 69.46 52.12 -13.04
C GLY M 97 70.01 53.53 -12.90
N LEU M 98 69.13 54.45 -12.51
CA LEU M 98 69.49 55.85 -12.33
C LEU M 98 70.10 56.02 -10.96
N ARG M 99 71.29 56.61 -10.89
CA ARG M 99 71.97 56.75 -9.61
C ARG M 99 72.23 58.21 -9.32
N THR M 100 72.01 58.60 -8.07
CA THR M 100 72.22 59.97 -7.62
C THR M 100 73.70 60.31 -7.69
N PHE M 101 74.04 61.32 -8.50
CA PHE M 101 75.44 61.64 -8.75
C PHE M 101 75.94 62.72 -7.79
N LYS M 102 75.28 63.88 -7.77
CA LYS M 102 75.64 64.96 -6.87
C LYS M 102 74.48 65.92 -6.72
N THR M 103 74.25 66.36 -5.49
CA THR M 103 73.25 67.38 -5.20
C THR M 103 73.92 68.61 -4.60
N VAL M 104 73.43 69.78 -5.00
CA VAL M 104 73.94 71.06 -4.52
C VAL M 104 72.77 71.86 -3.96
N PHE M 105 72.97 72.46 -2.81
CA PHE M 105 71.94 73.25 -2.14
C PHE M 105 72.28 74.74 -2.17
N ALA M 106 71.25 75.56 -1.98
CA ALA M 106 71.39 77.01 -2.01
C ALA M 106 72.03 77.53 -0.72
N GLU M 107 72.48 78.78 -0.77
CA GLU M 107 73.18 79.36 0.38
C GLU M 107 72.25 79.57 1.57
N HIS M 108 71.13 80.24 1.36
CA HIS M 108 70.16 80.47 2.42
C HIS M 108 68.93 79.61 2.20
N ILE M 109 68.60 78.81 3.21
CA ILE M 109 67.42 77.96 3.23
C ILE M 109 66.55 78.43 4.39
N SER M 110 65.26 78.64 4.12
CA SER M 110 64.37 79.20 5.13
C SER M 110 64.12 78.19 6.24
N ASP M 111 63.67 78.70 7.38
CA ASP M 111 63.41 77.84 8.54
C ASP M 111 62.30 76.84 8.26
N GLU M 112 61.31 77.19 7.45
CA GLU M 112 60.23 76.27 7.17
C GLU M 112 60.72 75.06 6.38
N CYS M 113 61.75 75.25 5.54
CA CYS M 113 62.34 74.11 4.83
C CYS M 113 63.25 73.31 5.74
N LYS M 114 63.93 73.96 6.69
CA LYS M 114 64.78 73.25 7.62
C LYS M 114 63.96 72.37 8.56
N ARG M 115 62.70 72.72 8.79
CA ARG M 115 61.83 71.93 9.65
C ARG M 115 61.63 70.51 9.14
N ARG M 116 61.72 70.31 7.83
CA ARG M 116 61.61 68.97 7.25
C ARG M 116 62.75 68.07 7.67
N PHE M 117 63.86 68.63 8.11
CA PHE M 117 65.05 67.87 8.47
C PHE M 117 65.05 67.44 9.93
N TYR M 118 64.01 67.73 10.68
CA TYR M 118 63.95 67.42 12.10
C TYR M 118 62.63 66.76 12.45
N LYS M 119 62.69 65.82 13.39
CA LYS M 119 61.50 65.22 13.97
C LYS M 119 61.00 65.98 15.19
N ASN M 120 61.88 66.71 15.86
CA ASN M 120 61.52 67.57 16.99
C ASN M 120 62.25 68.90 16.78
N TRP M 121 61.61 69.82 16.07
CA TRP M 121 62.18 71.14 15.82
C TRP M 121 62.28 71.96 17.10
N HIS M 122 61.40 71.69 18.06
CA HIS M 122 61.39 72.44 19.31
C HIS M 122 62.67 72.21 20.10
N LYS M 123 63.14 70.96 20.16
CA LYS M 123 64.34 70.63 20.92
C LYS M 123 65.62 70.81 20.12
N SER M 124 65.53 71.04 18.82
CA SER M 124 66.71 71.12 17.96
C SER M 124 67.43 72.45 18.15
N LYS M 125 68.74 72.44 17.85
CA LYS M 125 69.55 73.63 17.84
C LYS M 125 69.56 74.32 16.47
N LYS M 126 68.84 73.77 15.50
CA LYS M 126 68.69 74.35 14.17
C LYS M 126 70.04 74.51 13.48
N LYS M 127 70.85 73.45 13.53
CA LYS M 127 72.19 73.46 12.97
C LYS M 127 72.25 72.88 11.57
N ALA M 128 71.12 72.54 10.98
CA ALA M 128 71.12 71.98 9.63
C ALA M 128 71.66 72.98 8.63
N PHE M 129 72.57 72.54 7.78
CA PHE M 129 73.18 73.31 6.69
C PHE M 129 73.95 74.53 7.16
N THR M 130 74.32 74.60 8.44
CA THR M 130 75.08 75.75 8.92
C THR M 130 76.54 75.72 8.49
N LYS M 131 77.10 74.54 8.22
CA LYS M 131 78.43 74.44 7.66
C LYS M 131 78.41 74.42 6.14
N TYR M 132 77.36 73.87 5.53
CA TYR M 132 77.26 73.85 4.07
C TYR M 132 77.17 75.27 3.51
N CYS M 133 76.39 76.14 4.15
CA CYS M 133 76.18 77.48 3.63
C CYS M 133 77.48 78.27 3.61
N LYS M 134 78.38 77.99 4.56
CA LYS M 134 79.65 78.72 4.62
C LYS M 134 80.50 78.45 3.39
N LYS M 135 80.24 77.32 2.71
CA LYS M 135 80.97 77.00 1.49
C LYS M 135 80.61 77.93 0.35
N TRP M 136 79.40 78.49 0.38
CA TRP M 136 78.99 79.42 -0.68
C TRP M 136 79.71 80.75 -0.52
N GLN M 137 80.27 81.01 0.67
CA GLN M 137 80.90 82.30 0.95
C GLN M 137 82.42 82.22 0.82
N ASP M 138 83.01 81.11 1.25
CA ASP M 138 84.46 80.94 1.20
C ASP M 138 84.92 80.80 -0.24
N ASP M 139 86.15 81.27 -0.50
CA ASP M 139 86.70 81.23 -1.84
C ASP M 139 87.04 79.80 -2.27
N THR M 140 87.61 79.01 -1.35
CA THR M 140 87.88 77.61 -1.66
C THR M 140 86.59 76.83 -1.88
N GLY M 141 85.57 77.08 -1.05
CA GLY M 141 84.30 76.42 -1.22
C GLY M 141 83.60 76.81 -2.52
N LYS M 142 83.77 78.05 -2.95
CA LYS M 142 83.14 78.50 -4.20
C LYS M 142 83.73 77.75 -5.38
N LYS M 143 85.03 77.50 -5.38
CA LYS M 143 85.65 76.74 -6.46
C LYS M 143 85.11 75.31 -6.50
N GLN M 144 84.92 74.70 -5.33
CA GLN M 144 84.38 73.34 -5.30
C GLN M 144 82.96 73.30 -5.82
N LEU M 145 82.16 74.33 -5.55
CA LEU M 145 80.82 74.39 -6.10
C LEU M 145 80.84 74.46 -7.62
N GLU M 146 81.73 75.29 -8.17
CA GLU M 146 81.83 75.40 -9.62
C GLU M 146 82.29 74.10 -10.25
N LYS M 147 83.26 73.42 -9.63
CA LYS M 147 83.68 72.11 -10.12
C LYS M 147 82.55 71.11 -10.02
N ASP M 148 81.70 71.24 -9.02
CA ASP M 148 80.63 70.27 -8.82
C ASP M 148 79.50 70.48 -9.81
N PHE M 149 79.30 71.72 -10.25
CA PHE M 149 78.36 71.98 -11.33
C PHE M 149 78.92 71.52 -12.67
N ASN M 150 80.24 71.63 -12.85
CA ASN M 150 80.85 71.19 -14.10
C ASN M 150 80.82 69.67 -14.24
N SER M 151 81.06 68.94 -13.15
CA SER M 151 80.96 67.50 -13.19
C SER M 151 79.54 67.05 -13.48
N MET M 152 78.55 67.75 -12.92
CA MET M 152 77.16 67.47 -13.26
C MET M 152 76.89 67.74 -14.73
N LYS M 153 77.53 68.77 -15.29
CA LYS M 153 77.30 69.12 -16.68
C LYS M 153 77.79 68.03 -17.62
N LYS M 154 78.95 67.45 -17.34
CA LYS M 154 79.55 66.50 -18.27
C LYS M 154 79.24 65.04 -17.95
N TYR M 155 78.52 64.75 -16.87
CA TYR M 155 78.26 63.38 -16.50
C TYR M 155 76.79 63.04 -16.29
N CYS M 156 75.94 64.03 -16.04
CA CYS M 156 74.55 63.76 -15.69
C CYS M 156 73.65 63.80 -16.91
N GLN M 157 72.69 62.90 -16.95
CA GLN M 157 71.67 62.86 -17.99
C GLN M 157 70.32 63.42 -17.53
N VAL M 158 70.06 63.38 -16.23
CA VAL M 158 68.81 63.86 -15.65
C VAL M 158 69.15 64.91 -14.60
N ILE M 159 68.45 66.04 -14.66
CA ILE M 159 68.64 67.14 -13.72
C ILE M 159 67.31 67.43 -13.06
N ARG M 160 67.32 67.52 -11.73
CA ARG M 160 66.12 67.83 -10.98
C ARG M 160 66.38 68.99 -10.04
N ILE M 161 65.30 69.64 -9.63
CA ILE M 161 65.34 70.75 -8.68
C ILE M 161 64.67 70.28 -7.39
N ILE M 162 65.29 70.58 -6.26
CA ILE M 162 64.66 70.38 -4.97
C ILE M 162 63.93 71.67 -4.62
N ALA M 163 62.61 71.57 -4.46
CA ALA M 163 61.78 72.73 -4.18
C ALA M 163 60.85 72.38 -3.03
N HIS M 164 60.45 73.41 -2.27
CA HIS M 164 59.57 73.22 -1.13
C HIS M 164 58.43 74.23 -1.18
N THR M 165 57.32 73.86 -0.56
CA THR M 165 56.18 74.76 -0.45
C THR M 165 56.33 75.71 0.73
N GLN M 166 55.66 76.85 0.63
CA GLN M 166 55.67 77.86 1.67
C GLN M 166 54.42 77.71 2.51
N MET M 167 54.57 77.20 3.74
CA MET M 167 53.44 76.96 4.61
C MET M 167 53.10 78.14 5.50
N ARG M 168 53.87 79.23 5.42
CA ARG M 168 53.47 80.49 6.03
C ARG M 168 52.17 81.01 5.43
N LEU M 169 52.03 80.86 4.11
CA LEU M 169 50.90 81.41 3.39
C LEU M 169 49.65 80.53 3.46
N LEU M 170 49.76 79.35 4.01
CA LEU M 170 48.61 78.48 4.10
C LEU M 170 47.98 78.52 5.48
N PRO M 171 46.65 78.34 5.57
CA PRO M 171 45.95 78.38 6.85
C PRO M 171 45.95 77.05 7.59
N LEU M 172 47.10 76.41 7.68
CA LEU M 172 47.22 75.08 8.24
C LEU M 172 47.98 75.15 9.55
N ARG M 173 47.69 74.20 10.45
CA ARG M 173 48.43 74.11 11.69
C ARG M 173 49.90 73.82 11.45
N GLN M 174 50.18 72.98 10.46
CA GLN M 174 51.54 72.55 10.18
C GLN M 174 52.37 73.68 9.60
N LYS M 175 53.62 73.77 10.07
CA LYS M 175 54.57 74.78 9.64
C LYS M 175 55.76 74.19 8.89
N LYS M 176 55.82 72.87 8.74
CA LYS M 176 56.96 72.22 8.11
C LYS M 176 56.69 72.05 6.62
N ALA M 177 57.62 72.55 5.79
CA ALA M 177 57.43 72.53 4.35
C ALA M 177 57.62 71.12 3.79
N HIS M 178 56.93 70.85 2.69
CA HIS M 178 57.10 69.62 1.93
C HIS M 178 58.19 69.82 0.89
N LEU M 179 59.19 68.96 0.91
CA LEU M 179 60.25 68.99 -0.08
C LEU M 179 59.95 68.01 -1.20
N MET M 180 60.40 68.35 -2.40
CA MET M 180 60.15 67.49 -3.55
C MET M 180 61.22 67.72 -4.59
N GLU M 181 61.55 66.66 -5.32
CA GLU M 181 62.34 66.76 -6.53
C GLU M 181 61.41 66.90 -7.73
N ILE M 182 61.66 67.93 -8.54
CA ILE M 182 60.91 68.17 -9.76
C ILE M 182 61.87 68.11 -10.93
N GLN M 183 61.61 67.22 -11.87
CA GLN M 183 62.51 67.03 -12.99
C GLN M 183 62.43 68.20 -13.96
N VAL M 184 63.57 68.58 -14.52
CA VAL M 184 63.67 69.62 -15.53
C VAL M 184 63.76 68.96 -16.89
N ASN M 185 62.81 69.28 -17.77
CA ASN M 185 62.76 68.69 -19.09
C ASN M 185 63.03 69.74 -20.15
N GLY M 186 63.53 69.30 -21.29
CA GLY M 186 63.81 70.20 -22.39
C GLY M 186 65.24 70.71 -22.37
N GLY M 187 65.75 71.01 -23.55
CA GLY M 187 67.09 71.53 -23.68
C GLY M 187 68.15 70.48 -23.45
N THR M 188 69.38 70.96 -23.28
CA THR M 188 70.51 70.12 -22.96
C THR M 188 70.77 70.13 -21.46
N VAL M 189 71.63 69.22 -21.01
CA VAL M 189 71.99 69.18 -19.60
C VAL M 189 72.66 70.48 -19.17
N ALA M 190 73.47 71.07 -20.05
CA ALA M 190 74.06 72.37 -19.75
C ALA M 190 73.00 73.46 -19.61
N GLU M 191 72.02 73.47 -20.52
CA GLU M 191 70.95 74.46 -20.44
C GLU M 191 70.06 74.24 -19.23
N LYS M 192 69.81 72.98 -18.87
CA LYS M 192 69.06 72.69 -17.66
C LYS M 192 69.77 73.21 -16.43
N LEU M 193 71.09 73.00 -16.36
CA LEU M 193 71.85 73.45 -15.19
C LEU M 193 71.89 74.96 -15.10
N ASP M 194 72.06 75.64 -16.23
CA ASP M 194 72.07 77.10 -16.22
C ASP M 194 70.72 77.66 -15.80
N TRP M 195 69.64 77.06 -16.29
CA TRP M 195 68.29 77.44 -15.87
C TRP M 195 68.10 77.22 -14.37
N ALA M 196 68.57 76.07 -13.87
CA ALA M 196 68.42 75.76 -12.46
C ALA M 196 69.21 76.72 -11.59
N ARG M 197 70.45 77.03 -11.98
CA ARG M 197 71.34 77.82 -11.15
C ARG M 197 70.82 79.24 -10.97
N GLU M 198 70.30 79.84 -12.03
CA GLU M 198 69.91 81.24 -11.98
C GLU M 198 68.66 81.48 -11.14
N ARG M 199 67.73 80.52 -11.10
CA ARG M 199 66.56 80.65 -10.26
C ARG M 199 66.68 79.84 -8.98
N LEU M 200 67.90 79.45 -8.62
CA LEU M 200 68.16 78.92 -7.30
C LEU M 200 67.85 79.99 -6.27
N GLU M 201 67.19 79.60 -5.18
CA GLU M 201 66.71 80.47 -4.11
C GLU M 201 65.52 81.30 -4.51
N GLN M 202 64.99 81.12 -5.71
CA GLN M 202 63.93 81.97 -6.26
C GLN M 202 62.58 81.29 -6.12
N GLN M 203 61.54 81.98 -6.60
CA GLN M 203 60.17 81.56 -6.45
C GLN M 203 59.59 81.19 -7.80
N VAL M 204 58.93 80.04 -7.88
CA VAL M 204 58.31 79.53 -9.10
C VAL M 204 56.80 79.51 -8.89
N PRO M 205 56.05 80.42 -9.50
CA PRO M 205 54.59 80.36 -9.43
C PRO M 205 54.06 79.20 -10.27
N VAL M 206 52.82 78.81 -9.96
CA VAL M 206 52.24 77.65 -10.62
C VAL M 206 51.90 77.93 -12.07
N ASN M 207 51.73 79.21 -12.44
CA ASN M 207 51.40 79.53 -13.83
C ASN M 207 52.58 79.28 -14.77
N GLN M 208 53.80 79.18 -14.25
CA GLN M 208 54.95 78.85 -15.06
C GLN M 208 55.18 77.35 -15.20
N VAL M 209 54.37 76.54 -14.53
CA VAL M 209 54.43 75.10 -14.66
C VAL M 209 53.25 74.56 -15.46
N PHE M 210 52.05 75.00 -15.13
CA PHE M 210 50.84 74.53 -15.78
C PHE M 210 50.12 75.71 -16.45
N GLY M 211 49.30 75.38 -17.44
CA GLY M 211 48.51 76.37 -18.14
C GLY M 211 47.03 76.07 -18.14
N GLN M 212 46.25 76.96 -18.73
CA GLN M 212 44.80 76.83 -18.75
C GLN M 212 44.42 75.65 -19.63
N ASP M 213 43.26 75.05 -19.33
CA ASP M 213 42.64 73.91 -20.03
C ASP M 213 43.68 72.91 -20.54
N GLU M 214 44.53 72.44 -19.63
CA GLU M 214 45.42 71.33 -19.91
C GLU M 214 45.13 70.20 -18.93
N MET M 215 45.43 68.99 -19.37
CA MET M 215 45.03 67.78 -18.67
C MET M 215 46.22 67.23 -17.92
N ILE M 216 46.13 67.21 -16.59
CA ILE M 216 47.27 66.88 -15.73
C ILE M 216 46.96 65.62 -14.93
N ASP M 217 47.98 65.15 -14.21
CA ASP M 217 47.92 63.96 -13.38
C ASP M 217 47.99 64.37 -11.93
N VAL M 218 47.19 63.71 -11.09
CA VAL M 218 47.15 64.00 -9.66
C VAL M 218 47.60 62.77 -8.89
N ILE M 219 48.62 62.93 -8.06
CA ILE M 219 49.19 61.86 -7.26
C ILE M 219 48.99 62.21 -5.80
N GLY M 220 48.48 61.27 -5.02
CA GLY M 220 48.30 61.53 -3.61
C GLY M 220 47.91 60.26 -2.87
N VAL M 221 47.59 60.42 -1.60
CA VAL M 221 47.22 59.32 -0.72
C VAL M 221 45.72 59.41 -0.44
N THR M 222 45.05 58.28 -0.57
CA THR M 222 43.61 58.17 -0.41
C THR M 222 43.19 58.38 1.04
N LYS M 223 41.95 58.81 1.24
CA LYS M 223 41.40 58.96 2.58
C LYS M 223 41.48 57.65 3.36
N GLY M 224 41.94 57.74 4.59
CA GLY M 224 42.09 56.56 5.42
C GLY M 224 40.77 56.14 6.05
N LYS M 225 40.58 54.82 6.16
CA LYS M 225 39.35 54.29 6.72
C LYS M 225 39.59 53.15 7.70
N GLY M 226 40.84 52.83 8.01
CA GLY M 226 41.14 51.84 9.03
C GLY M 226 40.82 50.42 8.62
N TYR M 227 40.75 49.56 9.63
CA TYR M 227 40.41 48.15 9.44
C TYR M 227 39.01 48.01 8.88
N LYS M 228 38.86 47.20 7.85
CA LYS M 228 37.56 46.97 7.24
C LYS M 228 37.39 45.51 6.86
N GLY M 229 36.14 45.07 6.83
CA GLY M 229 35.81 43.73 6.40
C GLY M 229 35.83 43.60 4.90
N VAL M 230 35.67 42.35 4.44
CA VAL M 230 35.73 42.09 3.01
C VAL M 230 34.56 42.75 2.29
N THR M 231 33.47 43.04 3.01
CA THR M 231 32.29 43.62 2.37
C THR M 231 32.53 45.05 1.94
N SER M 232 33.29 45.81 2.73
CA SER M 232 33.61 47.19 2.38
C SER M 232 34.93 47.30 1.63
N ARG M 233 35.94 46.53 2.03
CA ARG M 233 37.25 46.61 1.40
C ARG M 233 37.20 46.12 -0.05
N TRP M 234 36.51 45.01 -0.30
CA TRP M 234 36.49 44.37 -1.61
C TRP M 234 35.12 44.30 -2.24
N HIS M 235 34.07 44.78 -1.57
CA HIS M 235 32.72 44.84 -2.13
C HIS M 235 32.22 43.46 -2.54
N THR M 236 32.29 42.51 -1.61
CA THR M 236 31.74 41.19 -1.82
C THR M 236 30.26 41.17 -1.45
N LYS M 237 29.55 40.16 -1.95
CA LYS M 237 28.13 40.04 -1.71
C LYS M 237 27.87 39.65 -0.25
N LYS M 238 26.94 40.35 0.39
CA LYS M 238 26.55 40.00 1.74
C LYS M 238 25.83 38.67 1.78
N LEU M 239 26.14 37.86 2.77
CA LEU M 239 25.50 36.56 2.94
C LEU M 239 24.08 36.74 3.47
N PRO M 240 23.23 35.74 3.30
CA PRO M 240 21.83 35.86 3.72
C PRO M 240 21.68 36.21 5.20
N ARG M 241 20.44 36.60 5.54
CA ARG M 241 20.13 37.04 6.90
C ARG M 241 20.33 35.93 7.92
N LYS M 242 19.94 34.70 7.57
CA LYS M 242 19.94 33.58 8.51
C LYS M 242 21.29 32.86 8.57
N THR M 243 22.37 33.55 8.22
CA THR M 243 23.70 32.95 8.26
C THR M 243 24.22 32.93 9.69
N HIS M 244 24.77 31.80 10.09
CA HIS M 244 25.41 31.67 11.38
C HIS M 244 26.84 32.18 11.33
N ARG M 245 27.26 32.85 12.41
CA ARG M 245 28.65 33.28 12.59
C ARG M 245 29.07 34.34 11.56
N GLY M 246 28.12 35.09 11.02
CA GLY M 246 28.57 36.22 10.20
C GLY M 246 28.03 36.28 8.79
N LEU M 247 27.56 37.47 8.42
CA LEU M 247 27.05 37.77 7.09
C LEU M 247 28.08 38.47 6.20
N ARG M 248 28.87 39.36 6.78
CA ARG M 248 29.77 40.23 6.00
C ARG M 248 31.13 39.55 5.83
N LYS M 249 31.12 38.47 5.05
CA LYS M 249 32.34 37.71 4.84
C LYS M 249 32.23 36.89 3.56
N VAL M 250 33.37 36.39 3.11
CA VAL M 250 33.43 35.48 1.98
C VAL M 250 33.22 34.06 2.47
N ALA M 251 32.25 33.36 1.89
CA ALA M 251 31.87 32.04 2.38
C ALA M 251 32.98 31.02 2.19
N CYS M 252 33.53 30.93 0.98
CA CYS M 252 34.58 29.99 0.65
C CYS M 252 35.84 30.76 0.28
N ILE M 253 36.91 30.58 1.06
CA ILE M 253 38.17 31.28 0.83
C ILE M 253 39.17 30.41 0.08
N GLY M 254 38.73 29.33 -0.52
CA GLY M 254 39.61 28.53 -1.35
C GLY M 254 39.16 27.10 -1.45
N ALA M 255 39.64 26.44 -2.49
CA ALA M 255 39.39 25.01 -2.68
C ALA M 255 40.31 24.18 -1.79
N TRP M 256 40.02 22.89 -1.72
CA TRP M 256 40.79 21.99 -0.87
C TRP M 256 42.21 21.83 -1.38
N HIS M 257 42.39 21.51 -2.67
CA HIS M 257 43.62 20.87 -3.12
C HIS M 257 44.84 21.77 -3.13
N PRO M 258 44.76 23.04 -3.58
CA PRO M 258 45.92 23.92 -3.41
C PRO M 258 46.33 24.10 -1.95
N ALA M 259 45.44 23.76 -1.01
CA ALA M 259 45.77 23.53 0.39
C ALA M 259 46.34 24.78 1.06
N ARG M 260 46.09 25.94 0.47
CA ARG M 260 46.54 27.21 1.01
C ARG M 260 45.51 28.26 0.60
N VAL M 261 45.45 29.33 1.37
CA VAL M 261 44.67 30.49 0.95
C VAL M 261 45.49 31.24 -0.10
N ALA M 262 44.88 31.48 -1.25
CA ALA M 262 45.57 32.21 -2.30
C ALA M 262 45.58 33.70 -2.00
N PHE M 263 46.56 34.38 -2.59
CA PHE M 263 46.69 35.83 -2.45
C PHE M 263 45.58 36.59 -3.15
N SER M 264 44.79 35.91 -3.97
CA SER M 264 43.73 36.53 -4.76
C SER M 264 42.37 36.46 -4.08
N VAL M 265 42.33 36.09 -2.80
CA VAL M 265 41.08 35.97 -2.08
C VAL M 265 40.90 37.19 -1.20
N ALA M 266 39.68 37.70 -1.17
CA ALA M 266 39.36 38.89 -0.39
C ALA M 266 39.48 38.60 1.09
N ARG M 267 40.26 39.41 1.80
CA ARG M 267 40.42 39.31 3.24
C ARG M 267 40.21 40.67 3.88
N ALA M 268 39.82 40.64 5.15
CA ALA M 268 39.65 41.87 5.91
C ALA M 268 41.00 42.47 6.26
N GLY M 269 41.07 43.79 6.24
CA GLY M 269 42.31 44.47 6.53
C GLY M 269 42.19 45.96 6.30
N GLN M 270 43.34 46.60 6.11
CA GLN M 270 43.40 48.05 5.96
C GLN M 270 42.72 48.51 4.69
N LYS M 271 41.84 49.51 4.81
CA LYS M 271 41.22 50.16 3.68
C LYS M 271 41.51 51.65 3.73
N GLY M 272 41.84 52.22 2.58
CA GLY M 272 42.20 53.61 2.51
C GLY M 272 43.66 53.86 2.80
N TYR M 273 44.03 55.14 2.72
CA TYR M 273 45.42 55.58 2.84
C TYR M 273 46.32 54.84 1.85
N HIS M 274 45.82 54.74 0.62
CA HIS M 274 46.53 54.09 -0.48
C HIS M 274 47.10 55.14 -1.41
N HIS M 275 48.30 54.90 -1.90
CA HIS M 275 48.90 55.78 -2.90
C HIS M 275 48.25 55.53 -4.25
N ARG M 276 47.73 56.59 -4.87
CA ARG M 276 47.04 56.47 -6.14
C ARG M 276 47.48 57.57 -7.10
N THR M 277 47.37 57.28 -8.39
CA THR M 277 47.71 58.22 -9.44
C THR M 277 46.60 58.22 -10.48
N GLU M 278 45.76 59.26 -10.47
CA GLU M 278 44.77 59.47 -11.52
C GLU M 278 45.36 60.42 -12.55
N ILE M 279 45.02 60.22 -13.82
CA ILE M 279 45.85 60.68 -14.91
C ILE M 279 45.24 61.80 -15.77
N ASN M 280 43.92 61.89 -15.91
CA ASN M 280 43.32 62.86 -16.83
C ASN M 280 42.42 63.81 -16.05
N LYS M 281 43.00 64.88 -15.51
CA LYS M 281 42.22 65.90 -14.80
C LYS M 281 42.48 67.24 -15.46
N LYS M 282 41.43 67.84 -16.00
CA LYS M 282 41.56 69.07 -16.76
C LYS M 282 41.63 70.28 -15.84
N ILE M 283 42.35 71.30 -16.26
CA ILE M 283 42.47 72.55 -15.50
C ILE M 283 41.39 73.50 -16.00
N TYR M 284 40.38 73.75 -15.19
CA TYR M 284 39.33 74.67 -15.56
C TYR M 284 39.72 76.13 -15.32
N LYS M 285 40.61 76.39 -14.38
CA LYS M 285 40.99 77.76 -14.05
C LYS M 285 42.31 77.75 -13.27
N ILE M 286 43.05 78.83 -13.40
CA ILE M 286 44.25 79.08 -12.59
C ILE M 286 44.03 80.42 -11.90
N GLY M 287 43.68 80.37 -10.62
CA GLY M 287 43.38 81.58 -9.89
C GLY M 287 44.60 82.43 -9.63
N GLN M 288 44.35 83.71 -9.35
CA GLN M 288 45.42 84.70 -9.22
C GLN M 288 45.86 84.97 -7.79
N GLY M 289 45.08 84.58 -6.79
CA GLY M 289 45.44 84.82 -5.41
C GLY M 289 45.30 86.28 -5.02
N TYR M 290 45.13 86.50 -3.72
CA TYR M 290 44.95 87.84 -3.19
C TYR M 290 46.21 88.67 -3.41
N LEU M 291 46.02 89.94 -3.78
CA LEU M 291 47.11 90.88 -3.92
C LEU M 291 46.62 92.27 -3.54
N ILE M 292 47.52 93.07 -2.99
CA ILE M 292 47.20 94.44 -2.60
C ILE M 292 47.68 95.38 -3.70
N LYS M 293 46.73 96.08 -4.31
CA LYS M 293 47.02 97.05 -5.36
C LYS M 293 46.39 98.38 -4.99
N ASP M 294 47.21 99.43 -4.93
CA ASP M 294 46.77 100.77 -4.58
C ASP M 294 46.06 100.81 -3.22
N GLY M 295 46.56 100.04 -2.27
CA GLY M 295 46.03 100.04 -0.92
C GLY M 295 44.74 99.27 -0.73
N LYS M 296 44.19 98.68 -1.80
CA LYS M 296 42.96 97.91 -1.72
C LYS M 296 43.23 96.46 -2.08
N LEU M 297 42.66 95.54 -1.31
CA LEU M 297 42.85 94.12 -1.52
C LEU M 297 41.94 93.63 -2.64
N ILE M 298 42.51 92.91 -3.59
CA ILE M 298 41.77 92.38 -4.74
C ILE M 298 41.33 90.97 -4.43
N LYS M 299 40.01 90.78 -4.33
CA LYS M 299 39.39 89.50 -4.00
C LYS M 299 38.77 88.85 -5.22
N ASN M 300 39.05 89.34 -6.41
CA ASN M 300 38.32 89.02 -7.63
C ASN M 300 38.50 87.58 -8.11
N ASN M 301 39.20 86.72 -7.37
CA ASN M 301 39.28 85.31 -7.71
C ASN M 301 37.88 84.74 -7.86
N ALA M 302 37.66 83.97 -8.92
CA ALA M 302 36.36 83.37 -9.20
C ALA M 302 35.30 84.44 -9.47
N SER M 303 35.61 85.38 -10.35
CA SER M 303 34.63 86.24 -10.99
C SER M 303 34.79 86.06 -12.50
N THR M 304 33.80 85.45 -13.12
CA THR M 304 33.87 85.17 -14.55
C THR M 304 33.58 86.43 -15.35
N ASP M 305 33.66 86.32 -16.67
CA ASP M 305 33.34 87.42 -17.56
C ASP M 305 31.85 87.49 -17.89
N TYR M 306 31.01 86.85 -17.09
CA TYR M 306 29.57 86.92 -17.23
C TYR M 306 28.83 87.32 -15.97
N ASP M 307 29.46 87.25 -14.79
CA ASP M 307 28.79 87.66 -13.57
C ASP M 307 29.35 88.92 -12.93
N LEU M 308 30.68 89.08 -12.90
CA LEU M 308 31.33 90.26 -12.33
C LEU M 308 30.83 90.55 -10.91
N SER M 309 30.74 89.49 -10.10
CA SER M 309 30.16 89.62 -8.77
C SER M 309 31.11 90.19 -7.74
N ASP M 310 32.40 90.32 -8.06
CA ASP M 310 33.42 90.75 -7.10
C ASP M 310 33.39 89.87 -5.85
N LYS M 311 33.47 88.56 -6.06
CA LYS M 311 33.58 87.61 -4.97
C LYS M 311 34.85 86.80 -5.12
N SER M 312 35.14 86.01 -4.11
CA SER M 312 36.33 85.18 -4.05
C SER M 312 35.95 83.72 -4.26
N ILE M 313 36.95 82.89 -4.53
CA ILE M 313 36.72 81.45 -4.62
C ILE M 313 36.24 80.90 -3.29
N ASN M 314 36.48 81.61 -2.21
CA ASN M 314 36.08 81.15 -0.88
C ASN M 314 34.56 81.13 -0.78
N PRO M 315 33.96 80.03 -0.33
CA PRO M 315 32.52 80.01 -0.09
C PRO M 315 32.17 80.83 1.13
N LEU M 316 30.89 81.13 1.27
CA LEU M 316 30.41 81.84 2.45
C LEU M 316 30.69 81.01 3.69
N GLY M 317 31.35 81.61 4.68
CA GLY M 317 31.76 80.91 5.87
C GLY M 317 33.07 80.15 5.75
N GLY M 318 33.69 80.15 4.57
CA GLY M 318 34.96 79.50 4.37
C GLY M 318 34.81 78.04 3.98
N PHE M 319 35.89 77.50 3.43
CA PHE M 319 35.95 76.06 3.16
C PHE M 319 35.86 75.30 4.48
N VAL M 320 35.14 74.20 4.47
CA VAL M 320 34.92 73.44 5.70
C VAL M 320 36.16 72.57 5.95
N HIS M 321 36.63 72.56 7.20
CA HIS M 321 37.83 71.82 7.59
C HIS M 321 39.04 72.25 6.76
N TYR M 322 39.11 73.54 6.47
CA TYR M 322 40.23 74.15 5.74
C TYR M 322 40.03 75.65 5.81
N GLY M 323 41.12 76.39 6.01
CA GLY M 323 40.98 77.83 6.15
C GLY M 323 40.58 78.55 4.88
N GLU M 324 40.84 79.85 4.83
CA GLU M 324 40.59 80.64 3.63
C GLU M 324 41.69 80.41 2.61
N VAL M 325 41.31 80.43 1.34
CA VAL M 325 42.24 80.29 0.23
C VAL M 325 42.61 81.70 -0.23
N THR M 326 43.84 82.11 0.06
CA THR M 326 44.31 83.45 -0.27
C THR M 326 45.43 83.46 -1.31
N ASN M 327 45.87 82.31 -1.79
CA ASN M 327 46.96 82.22 -2.73
C ASN M 327 46.43 81.79 -4.10
N ASP M 328 47.35 81.58 -5.04
CA ASP M 328 46.97 81.03 -6.33
C ASP M 328 46.38 79.64 -6.14
N PHE M 329 45.46 79.27 -7.01
CA PHE M 329 44.84 77.96 -6.92
C PHE M 329 44.64 77.40 -8.31
N ILE M 330 44.43 76.09 -8.36
CA ILE M 330 44.09 75.39 -9.59
C ILE M 330 42.70 74.79 -9.41
N MET M 331 41.82 75.04 -10.37
CA MET M 331 40.50 74.43 -10.38
C MET M 331 40.55 73.24 -11.33
N LEU M 332 40.31 72.05 -10.80
CA LEU M 332 40.30 70.83 -11.59
C LEU M 332 38.88 70.31 -11.70
N LYS M 333 38.55 69.79 -12.87
CA LYS M 333 37.25 69.12 -13.03
C LYS M 333 37.24 67.82 -12.24
N GLY M 334 36.15 67.59 -11.52
CA GLY M 334 35.97 66.35 -10.81
C GLY M 334 36.59 66.37 -9.42
N CYS M 335 36.78 65.16 -8.91
CA CYS M 335 37.30 64.94 -7.57
C CYS M 335 38.72 64.41 -7.63
N VAL M 336 39.45 64.61 -6.52
CA VAL M 336 40.82 64.14 -6.39
C VAL M 336 40.94 63.38 -5.07
N VAL M 337 42.02 62.61 -4.95
CA VAL M 337 42.24 61.81 -3.76
C VAL M 337 42.51 62.69 -2.54
N GLY M 338 42.33 62.10 -1.37
CA GLY M 338 42.81 62.66 -0.14
C GLY M 338 41.73 63.36 0.66
N THR M 339 42.03 63.61 1.93
CA THR M 339 41.20 64.43 2.78
C THR M 339 41.35 65.89 2.37
N LYS M 340 40.70 66.77 3.12
CA LYS M 340 41.03 68.17 3.02
C LYS M 340 42.36 68.41 3.72
N LYS M 341 43.07 69.44 3.26
CA LYS M 341 44.43 69.78 3.71
C LYS M 341 45.46 68.80 3.16
N ARG M 342 45.01 67.75 2.46
CA ARG M 342 45.93 66.75 1.96
C ARG M 342 46.81 67.32 0.87
N VAL M 343 48.11 67.08 0.97
CA VAL M 343 49.06 67.58 -0.01
C VAL M 343 48.97 66.72 -1.27
N LEU M 344 48.80 67.38 -2.41
CA LEU M 344 48.64 66.71 -3.69
C LEU M 344 49.82 67.00 -4.58
N THR M 345 50.16 66.02 -5.41
CA THR M 345 51.21 66.16 -6.41
C THR M 345 50.56 66.30 -7.77
N LEU M 346 50.85 67.40 -8.46
CA LEU M 346 50.37 67.64 -9.81
C LEU M 346 51.55 67.59 -10.77
N ARG M 347 51.48 66.68 -11.74
CA ARG M 347 52.53 66.57 -12.73
C ARG M 347 51.93 66.53 -14.12
N LYS M 348 52.75 66.90 -15.09
CA LYS M 348 52.33 66.95 -16.48
C LYS M 348 52.03 65.55 -17.00
N SER M 349 51.23 65.49 -18.05
CA SER M 349 50.78 64.21 -18.59
C SER M 349 51.93 63.45 -19.26
N LEU M 350 51.91 62.13 -19.12
CA LEU M 350 52.81 61.27 -19.87
C LEU M 350 52.28 60.95 -21.26
N LEU M 351 51.01 61.20 -21.52
CA LEU M 351 50.37 60.85 -22.78
C LEU M 351 50.33 62.05 -23.71
N VAL M 352 50.07 61.76 -24.98
CA VAL M 352 49.86 62.78 -26.01
C VAL M 352 48.38 63.10 -26.04
N GLN M 353 48.04 64.37 -25.88
CA GLN M 353 46.65 64.81 -25.75
C GLN M 353 46.14 65.20 -27.13
N THR M 354 45.24 64.37 -27.69
CA THR M 354 44.71 64.61 -29.03
C THR M 354 43.20 64.49 -29.15
N LYS M 355 42.52 63.90 -28.18
CA LYS M 355 41.07 63.77 -28.25
C LYS M 355 40.39 65.12 -28.09
N ARG M 356 39.14 65.20 -28.55
CA ARG M 356 38.39 66.45 -28.49
C ARG M 356 38.14 66.88 -27.05
N ARG M 357 37.86 65.93 -26.16
CA ARG M 357 37.59 66.27 -24.77
C ARG M 357 38.83 66.88 -24.11
N ALA M 358 40.01 66.38 -24.45
CA ALA M 358 41.24 66.88 -23.85
C ALA M 358 41.67 68.22 -24.45
N LEU M 359 41.35 68.47 -25.71
CA LEU M 359 41.78 69.69 -26.37
C LEU M 359 40.79 70.84 -26.27
N GLU M 360 39.57 70.59 -25.82
CA GLU M 360 38.55 71.63 -25.85
C GLU M 360 38.89 72.75 -24.86
N LYS M 361 38.53 73.98 -25.25
CA LYS M 361 38.81 75.15 -24.43
C LYS M 361 37.57 75.52 -23.65
N ILE M 362 37.69 75.57 -22.33
CA ILE M 362 36.56 75.76 -21.43
C ILE M 362 36.59 77.20 -20.92
N ASP M 363 35.39 77.75 -20.68
CA ASP M 363 35.22 79.13 -20.25
C ASP M 363 34.04 79.17 -19.28
N LEU M 364 34.33 79.39 -18.01
CA LEU M 364 33.29 79.35 -17.00
C LEU M 364 32.37 80.57 -17.10
N LYS M 365 31.08 80.33 -16.90
CA LYS M 365 30.08 81.38 -16.83
C LYS M 365 29.67 81.72 -15.40
N PHE M 366 29.83 80.79 -14.47
CA PHE M 366 29.44 81.02 -13.09
C PHE M 366 30.20 80.07 -12.19
N ILE M 367 30.49 80.52 -10.98
CA ILE M 367 31.21 79.72 -9.98
C ILE M 367 30.40 79.78 -8.69
N ASP M 368 30.01 78.61 -8.19
CA ASP M 368 29.22 78.55 -6.97
C ASP M 368 30.06 78.91 -5.76
N THR M 369 29.52 79.77 -4.91
CA THR M 369 30.22 80.28 -3.73
C THR M 369 29.31 80.24 -2.51
N THR M 370 28.16 79.58 -2.63
CA THR M 370 27.31 79.38 -1.47
C THR M 370 28.02 78.56 -0.41
N SER M 371 27.54 78.69 0.82
CA SER M 371 28.17 77.99 1.94
C SER M 371 28.08 76.49 1.77
N LYS M 372 29.19 75.79 2.03
CA LYS M 372 29.20 74.35 2.09
C LYS M 372 28.97 73.82 3.51
N PHE M 373 28.74 74.71 4.47
CA PHE M 373 28.46 74.33 5.85
C PHE M 373 26.98 74.07 6.08
N GLY M 374 26.25 73.74 5.02
CA GLY M 374 24.83 73.48 5.11
C GLY M 374 24.22 73.62 3.73
N HIS M 375 22.93 73.96 3.72
CA HIS M 375 22.24 74.23 2.46
C HIS M 375 22.30 75.74 2.19
N GLY M 376 23.49 76.18 1.81
CA GLY M 376 23.69 77.58 1.51
C GLY M 376 22.86 78.03 0.32
N ARG M 377 22.38 79.27 0.38
CA ARG M 377 21.53 79.80 -0.67
C ARG M 377 21.90 81.22 -1.06
N PHE M 378 22.99 81.76 -0.55
CA PHE M 378 23.46 83.10 -0.89
C PHE M 378 24.89 83.01 -1.38
N GLN M 379 25.17 83.65 -2.52
CA GLN M 379 26.52 83.61 -3.07
C GLN M 379 27.46 84.50 -2.27
N THR M 380 27.03 85.71 -1.92
CA THR M 380 27.86 86.67 -1.23
C THR M 380 27.15 87.14 0.02
N MET M 381 27.94 87.76 0.92
CA MET M 381 27.35 88.34 2.13
C MET M 381 26.51 89.56 1.80
N GLU M 382 26.92 90.34 0.80
CA GLU M 382 26.14 91.50 0.38
C GLU M 382 24.78 91.07 -0.17
N GLU M 383 24.74 89.97 -0.92
CA GLU M 383 23.48 89.45 -1.42
C GLU M 383 22.57 89.03 -0.27
N LYS M 384 23.13 88.40 0.76
CA LYS M 384 22.34 87.96 1.90
C LYS M 384 21.80 89.14 2.70
N LYS M 385 22.62 90.18 2.86
CA LYS M 385 22.17 91.35 3.61
C LYS M 385 21.07 92.10 2.87
N ALA M 386 21.15 92.16 1.53
CA ALA M 386 20.12 92.85 0.76
C ALA M 386 18.80 92.10 0.79
N PHE M 387 18.84 90.78 0.68
CA PHE M 387 17.62 89.98 0.69
C PHE M 387 16.98 89.97 2.09
N MET M 388 17.79 89.74 3.12
CA MET M 388 17.27 89.57 4.46
C MET M 388 16.75 90.89 5.04
N GLY M 389 17.53 91.96 4.90
CA GLY M 389 17.18 93.22 5.51
C GLY M 389 17.83 93.39 6.86
N PRO M 390 17.55 94.50 7.53
CA PRO M 390 18.13 94.72 8.86
C PRO M 390 17.66 93.68 9.87
N LEU M 391 18.56 93.28 10.74
CA LEU M 391 18.27 92.30 11.78
C LEU M 391 18.35 92.96 13.15
N LYS M 392 17.97 92.19 14.17
CA LYS M 392 17.98 92.70 15.54
C LYS M 392 19.39 93.02 16.00
N LYS M 393 20.38 92.25 15.56
CA LYS M 393 21.76 92.51 15.98
C LYS M 393 22.30 93.80 15.39
N ASP M 394 21.79 94.19 14.21
CA ASP M 394 22.19 95.48 13.64
C ASP M 394 21.53 96.63 14.37
N ARG M 395 20.25 96.50 14.71
CA ARG M 395 19.56 97.55 15.45
C ARG M 395 20.12 97.70 16.86
N ILE M 396 20.50 96.57 17.48
CA ILE M 396 21.12 96.62 18.79
C ILE M 396 22.44 97.38 18.73
N ALA M 397 23.24 97.12 17.70
CA ALA M 397 24.50 97.84 17.54
C ALA M 397 24.26 99.33 17.33
N LYS M 398 23.23 99.67 16.54
CA LYS M 398 22.90 101.08 16.34
C LYS M 398 22.48 101.74 17.65
N GLU M 399 21.70 101.03 18.47
CA GLU M 399 21.29 101.58 19.76
C GLU M 399 22.48 101.79 20.67
N GLU M 400 23.42 100.83 20.69
CA GLU M 400 24.61 100.97 21.52
C GLU M 400 25.47 102.14 21.07
N GLY M 401 25.61 102.32 19.76
CA GLY M 401 26.40 103.44 19.25
C GLY M 401 25.71 104.79 19.38
N ALA M 402 24.40 104.80 19.52
CA ALA M 402 23.65 106.04 19.65
C ALA M 402 22.70 105.99 20.85
N ALA N 1 92.88 -50.64 47.58
CA ALA N 1 93.15 -51.11 48.94
C ALA N 1 93.15 -49.94 49.91
N CYS N 2 92.61 -50.18 51.11
CA CYS N 2 92.51 -49.16 52.14
C CYS N 2 93.06 -49.70 53.45
N ALA N 3 93.80 -48.85 54.17
CA ALA N 3 94.34 -49.19 55.48
C ALA N 3 93.87 -48.14 56.47
N ARG N 4 93.24 -48.59 57.56
CA ARG N 4 92.67 -47.68 58.54
C ARG N 4 93.64 -47.48 59.70
N PRO N 5 94.12 -46.28 59.93
CA PRO N 5 95.13 -46.07 60.98
C PRO N 5 94.53 -46.12 62.39
N LEU N 6 95.43 -46.11 63.36
CA LEU N 6 95.08 -46.17 64.78
C LEU N 6 95.19 -44.77 65.36
N ILE N 7 94.07 -44.07 65.43
CA ILE N 7 94.10 -42.68 65.88
C ILE N 7 94.00 -42.66 67.40
N SER N 8 94.46 -41.56 67.99
CA SER N 8 94.71 -41.48 69.42
C SER N 8 93.63 -40.68 70.14
N VAL N 9 93.40 -41.03 71.40
CA VAL N 9 92.42 -40.38 72.25
C VAL N 9 93.15 -39.46 73.21
N TYR N 10 92.69 -38.21 73.32
CA TYR N 10 93.38 -37.18 74.06
C TYR N 10 92.65 -36.87 75.37
N SER N 11 93.41 -36.43 76.36
CA SER N 11 92.89 -36.18 77.69
C SER N 11 92.24 -34.79 77.76
N GLU N 12 91.66 -34.47 78.92
CA GLU N 12 91.15 -33.13 79.14
C GLU N 12 92.25 -32.08 79.17
N LYS N 13 93.50 -32.51 79.33
CA LYS N 13 94.64 -31.62 79.43
C LYS N 13 95.36 -31.42 78.10
N GLY N 14 94.82 -31.96 77.01
CA GLY N 14 95.42 -31.82 75.70
C GLY N 14 96.49 -32.85 75.41
N GLU N 15 96.88 -33.66 76.39
CA GLU N 15 97.90 -34.66 76.19
C GLU N 15 97.29 -35.92 75.60
N SER N 16 98.15 -36.87 75.26
CA SER N 16 97.73 -38.13 74.65
C SER N 16 97.59 -39.19 75.72
N SER N 17 96.38 -39.72 75.87
CA SER N 17 96.19 -40.89 76.69
C SER N 17 96.73 -42.12 75.96
N GLY N 18 96.85 -43.22 76.70
CA GLY N 18 97.29 -44.45 76.06
C GLY N 18 96.23 -45.14 75.25
N LYS N 19 95.01 -44.63 75.26
CA LYS N 19 93.90 -45.23 74.53
C LYS N 19 93.98 -44.89 73.05
N ASN N 20 93.70 -45.87 72.21
CA ASN N 20 93.63 -45.68 70.77
C ASN N 20 92.36 -46.32 70.25
N VAL N 21 91.80 -45.74 69.20
CA VAL N 21 90.65 -46.29 68.51
C VAL N 21 90.99 -46.40 67.03
N THR N 22 90.79 -47.58 66.46
CA THR N 22 90.95 -47.75 65.03
C THR N 22 89.94 -46.87 64.29
N LEU N 23 90.40 -46.23 63.23
CA LEU N 23 89.55 -45.32 62.49
C LEU N 23 88.33 -46.05 61.92
N PRO N 24 87.12 -45.63 62.24
CA PRO N 24 85.93 -46.30 61.69
C PRO N 24 85.88 -46.16 60.17
N ALA N 25 85.32 -47.18 59.53
CA ALA N 25 85.31 -47.26 58.08
C ALA N 25 84.48 -46.16 57.42
N VAL N 26 83.64 -45.47 58.19
CA VAL N 26 82.83 -44.41 57.62
C VAL N 26 83.68 -43.24 57.18
N PHE N 27 84.91 -43.12 57.69
CA PHE N 27 85.80 -42.05 57.29
C PHE N 27 86.52 -42.34 55.98
N LYS N 28 86.34 -43.54 55.43
CA LYS N 28 86.89 -43.88 54.12
C LYS N 28 85.79 -44.01 53.07
N ALA N 29 84.58 -43.52 53.36
CA ALA N 29 83.50 -43.52 52.39
C ALA N 29 83.77 -42.49 51.30
N PRO N 30 83.17 -42.66 50.13
CA PRO N 30 83.39 -41.68 49.05
C PRO N 30 82.91 -40.29 49.45
N ILE N 31 83.70 -39.29 49.07
CA ILE N 31 83.31 -37.89 49.27
C ILE N 31 82.56 -37.46 48.02
N ARG N 32 81.28 -37.13 48.19
CA ARG N 32 80.37 -36.83 47.08
C ARG N 32 79.71 -35.49 47.34
N PRO N 33 80.41 -34.39 47.09
CA PRO N 33 79.81 -33.07 47.37
C PRO N 33 78.58 -32.76 46.54
N ASP N 34 78.40 -33.43 45.40
CA ASP N 34 77.16 -33.27 44.64
C ASP N 34 75.98 -33.89 45.37
N ILE N 35 76.20 -35.03 46.04
CA ILE N 35 75.15 -35.64 46.84
C ILE N 35 74.88 -34.82 48.10
N VAL N 36 75.94 -34.36 48.76
CA VAL N 36 75.77 -33.57 49.98
C VAL N 36 75.05 -32.27 49.70
N ASN N 37 75.41 -31.61 48.60
CA ASN N 37 74.73 -30.37 48.21
C ASN N 37 73.27 -30.64 47.87
N PHE N 38 73.00 -31.74 47.17
CA PHE N 38 71.61 -32.04 46.80
C PHE N 38 70.77 -32.34 48.04
N VAL N 39 71.32 -33.11 48.99
CA VAL N 39 70.57 -33.44 50.19
C VAL N 39 70.39 -32.22 51.07
N HIS N 40 71.44 -31.38 51.18
CA HIS N 40 71.32 -30.15 51.95
C HIS N 40 70.30 -29.20 51.35
N THR N 41 70.27 -29.08 50.02
CA THR N 41 69.35 -28.17 49.36
C THR N 41 67.91 -28.56 49.65
N ASN N 42 67.59 -29.85 49.56
CA ASN N 42 66.22 -30.29 49.70
C ASN N 42 65.79 -30.42 51.15
N LEU N 43 66.71 -30.80 52.05
CA LEU N 43 66.35 -30.90 53.46
C LEU N 43 66.23 -29.54 54.13
N ARG N 44 66.97 -28.53 53.66
CA ARG N 44 66.87 -27.21 54.27
C ARG N 44 65.56 -26.51 53.96
N LYS N 45 64.77 -27.04 53.02
CA LYS N 45 63.46 -26.48 52.74
C LYS N 45 62.39 -26.96 53.71
N ASN N 46 62.70 -27.93 54.55
CA ASN N 46 61.68 -28.63 55.33
C ASN N 46 61.36 -27.94 56.65
N ASN N 47 62.11 -26.92 57.05
CA ASN N 47 61.80 -26.17 58.25
C ASN N 47 61.15 -24.82 57.93
N ARG N 48 60.83 -24.57 56.67
CA ARG N 48 60.24 -23.29 56.29
C ARG N 48 58.79 -23.21 56.73
N GLN N 49 58.36 -21.98 56.97
CA GLN N 49 56.99 -21.66 57.31
C GLN N 49 56.28 -21.03 56.13
N PRO N 50 55.03 -21.39 55.87
CA PRO N 50 54.33 -20.86 54.71
C PRO N 50 54.10 -19.36 54.82
N TYR N 51 54.15 -18.71 53.67
CA TYR N 51 53.74 -17.32 53.53
C TYR N 51 52.87 -17.18 52.29
N ALA N 52 51.89 -16.30 52.39
CA ALA N 52 50.98 -16.05 51.28
C ALA N 52 50.25 -14.75 51.55
N VAL N 53 49.85 -14.06 50.48
CA VAL N 53 49.06 -12.85 50.61
C VAL N 53 47.63 -13.22 50.97
N SER N 54 46.86 -12.25 51.46
CA SER N 54 45.47 -12.48 51.77
C SER N 54 44.66 -12.74 50.51
N GLU N 55 43.73 -13.69 50.60
CA GLU N 55 42.88 -14.01 49.45
C GLU N 55 41.93 -12.88 49.11
N LEU N 56 41.61 -12.00 50.06
CA LEU N 56 40.73 -10.88 49.80
C LEU N 56 41.45 -9.63 49.31
N ALA N 57 42.78 -9.64 49.29
CA ALA N 57 43.54 -8.44 48.98
C ALA N 57 43.26 -7.98 47.56
N GLY N 58 42.91 -6.70 47.41
CA GLY N 58 42.65 -6.11 46.12
C GLY N 58 41.29 -6.40 45.55
N HIS N 59 40.46 -7.20 46.21
CA HIS N 59 39.17 -7.59 45.67
C HIS N 59 38.01 -7.23 46.57
N GLN N 60 38.22 -6.41 47.60
CA GLN N 60 37.17 -6.03 48.50
C GLN N 60 36.36 -4.84 48.01
N THR N 61 36.80 -4.18 46.95
CA THR N 61 36.09 -3.05 46.39
C THR N 61 34.98 -3.53 45.45
N SER N 62 34.03 -2.64 45.20
CA SER N 62 33.05 -2.82 44.13
C SER N 62 33.47 -1.93 42.97
N ALA N 63 33.79 -2.54 41.84
CA ALA N 63 34.37 -1.80 40.73
C ALA N 63 33.98 -2.47 39.43
N GLU N 64 33.52 -1.65 38.48
CA GLU N 64 33.18 -2.12 37.15
C GLU N 64 33.82 -1.20 36.13
N SER N 65 34.08 -1.75 34.95
CA SER N 65 34.63 -0.95 33.86
C SER N 65 33.60 0.07 33.39
N TRP N 66 34.09 1.25 33.02
CA TRP N 66 33.22 2.27 32.44
C TRP N 66 32.82 1.93 31.01
N GLY N 67 33.51 1.00 30.37
CA GLY N 67 33.29 0.72 28.98
C GLY N 67 34.00 1.73 28.10
N THR N 68 33.85 1.53 26.80
CA THR N 68 34.43 2.45 25.85
C THR N 68 33.52 3.66 25.67
N GLY N 69 34.06 4.69 25.03
CA GLY N 69 33.32 5.90 24.78
C GLY N 69 33.55 7.01 25.77
N ARG N 70 34.34 6.78 26.82
CA ARG N 70 34.60 7.78 27.84
C ARG N 70 36.04 8.28 27.83
N ALA N 71 36.79 7.98 26.76
CA ALA N 71 38.16 8.46 26.57
C ALA N 71 39.10 7.99 27.68
N VAL N 72 38.80 6.87 28.31
CA VAL N 72 39.64 6.31 29.35
C VAL N 72 39.82 4.81 29.12
N ALA N 73 40.85 4.27 29.75
CA ALA N 73 41.13 2.83 29.64
C ALA N 73 40.01 2.02 30.28
N ARG N 74 39.85 0.80 29.78
CA ARG N 74 38.73 -0.06 30.15
C ARG N 74 38.97 -0.85 31.42
N ILE N 75 39.90 -0.42 32.26
CA ILE N 75 40.18 -1.06 33.54
C ILE N 75 38.98 -0.87 34.46
N PRO N 76 38.67 -1.81 35.34
CA PRO N 76 37.61 -1.58 36.32
C PRO N 76 37.92 -0.39 37.21
N ARG N 77 36.87 0.33 37.59
CA ARG N 77 37.02 1.56 38.34
C ARG N 77 36.07 1.60 39.52
N VAL N 78 36.55 2.16 40.63
CA VAL N 78 35.73 2.27 41.83
C VAL N 78 34.57 3.20 41.57
N ARG N 79 33.38 2.79 42.00
CA ARG N 79 32.17 3.58 41.81
C ARG N 79 31.92 4.48 43.00
N GLY N 80 30.86 5.28 42.90
CA GLY N 80 30.55 6.26 43.91
C GLY N 80 31.15 7.61 43.60
N GLY N 81 31.17 8.45 44.63
CA GLY N 81 31.74 9.78 44.49
C GLY N 81 32.14 10.33 45.84
N GLY N 82 32.68 11.55 45.82
CA GLY N 82 33.01 12.24 47.04
C GLY N 82 34.29 11.82 47.71
N THR N 83 35.19 11.13 47.01
CA THR N 83 36.49 10.78 47.57
C THR N 83 37.47 10.56 46.44
N HIS N 84 38.76 10.57 46.78
CA HIS N 84 39.80 10.34 45.78
C HIS N 84 39.65 8.97 45.12
N ARG N 85 39.08 8.00 45.84
CA ARG N 85 39.04 6.63 45.35
C ARG N 85 38.09 6.48 44.17
N SER N 86 37.10 7.36 44.03
CA SER N 86 36.11 7.23 42.98
C SER N 86 36.74 7.41 41.61
N GLY N 87 36.45 6.49 40.70
CA GLY N 87 36.99 6.52 39.36
C GLY N 87 38.38 5.95 39.21
N GLN N 88 38.99 5.48 40.29
CA GLN N 88 40.34 4.97 40.24
C GLN N 88 40.34 3.50 39.84
N GLY N 89 41.44 3.06 39.24
CA GLY N 89 41.54 1.69 38.79
C GLY N 89 41.55 0.71 39.94
N ALA N 90 41.14 -0.52 39.65
CA ALA N 90 41.06 -1.57 40.66
C ALA N 90 41.12 -2.93 39.98
N PHE N 91 41.23 -3.97 40.81
CA PHE N 91 41.13 -5.37 40.37
C PHE N 91 42.24 -5.76 39.41
N GLY N 92 43.35 -5.03 39.41
CA GLY N 92 44.38 -5.32 38.44
C GLY N 92 45.77 -5.29 39.00
N ASN N 93 46.64 -6.16 38.48
CA ASN N 93 48.03 -6.17 38.91
C ASN N 93 48.75 -4.90 38.50
N MET N 94 48.24 -4.17 37.52
CA MET N 94 48.85 -2.91 37.10
C MET N 94 48.28 -1.72 37.85
N CYS N 95 47.27 -1.91 38.70
CA CYS N 95 46.62 -0.81 39.39
C CYS N 95 47.12 -0.69 40.82
N ARG N 96 47.38 0.53 41.23
CA ARG N 96 47.64 0.81 42.64
C ARG N 96 46.42 0.43 43.47
N GLY N 97 46.66 -0.34 44.52
CA GLY N 97 45.59 -0.85 45.36
C GLY N 97 44.98 -2.15 44.90
N GLY N 98 45.36 -2.65 43.74
CA GLY N 98 44.83 -3.92 43.25
C GLY N 98 45.65 -5.09 43.73
N ARG N 99 45.16 -6.29 43.41
CA ARG N 99 45.83 -7.50 43.81
C ARG N 99 47.06 -7.75 42.93
N MET N 100 47.94 -8.62 43.41
CA MET N 100 49.12 -8.98 42.63
C MET N 100 48.75 -9.95 41.51
N PHE N 101 49.73 -10.23 40.65
CA PHE N 101 49.48 -10.99 39.43
C PHE N 101 48.95 -12.38 39.75
N ALA N 102 49.78 -13.22 40.38
CA ALA N 102 49.42 -14.58 40.74
C ALA N 102 49.57 -14.67 42.24
N PRO N 103 48.53 -14.34 43.00
CA PRO N 103 48.67 -14.23 44.46
C PRO N 103 49.26 -15.49 45.05
N THR N 104 50.24 -15.30 45.93
CA THR N 104 50.93 -16.42 46.53
C THR N 104 49.96 -17.23 47.38
N LYS N 105 50.12 -18.55 47.33
CA LYS N 105 49.20 -19.46 48.00
C LYS N 105 49.95 -20.34 48.99
N THR N 106 49.27 -20.66 50.09
CA THR N 106 49.88 -21.47 51.13
C THR N 106 50.13 -22.90 50.71
N TRP N 107 49.41 -23.41 49.71
CA TRP N 107 49.58 -24.79 49.28
C TRP N 107 50.66 -24.94 48.22
N ARG N 108 51.59 -24.01 48.15
CA ARG N 108 52.84 -24.25 47.44
C ARG N 108 53.61 -25.37 48.13
N ARG N 109 54.31 -26.18 47.34
CA ARG N 109 55.14 -27.24 47.88
C ARG N 109 56.32 -26.63 48.61
N TRP N 110 56.30 -26.67 49.94
CA TRP N 110 57.40 -26.18 50.74
C TRP N 110 58.41 -27.27 51.09
N HIS N 111 57.97 -28.51 51.14
CA HIS N 111 58.76 -29.60 51.72
C HIS N 111 59.18 -30.59 50.65
N ARG N 112 60.38 -31.13 50.83
CA ARG N 112 60.97 -32.12 49.94
C ARG N 112 61.33 -33.36 50.75
N ARG N 113 61.10 -34.54 50.18
CA ARG N 113 61.52 -35.78 50.80
C ARG N 113 62.69 -36.37 50.02
N VAL N 114 63.76 -36.69 50.73
CA VAL N 114 64.93 -37.32 50.15
C VAL N 114 64.94 -38.78 50.57
N ASN N 115 65.44 -39.64 49.69
CA ASN N 115 65.52 -41.06 50.00
C ASN N 115 66.41 -41.29 51.20
N THR N 116 66.05 -42.28 52.01
CA THR N 116 66.83 -42.57 53.22
C THR N 116 68.25 -42.98 52.87
N THR N 117 68.42 -43.76 51.79
CA THR N 117 69.75 -44.19 51.39
C THR N 117 70.61 -43.01 50.97
N GLN N 118 70.01 -42.05 50.24
CA GLN N 118 70.76 -40.87 49.84
C GLN N 118 71.11 -39.99 51.04
N LYS N 119 70.19 -39.87 52.00
CA LYS N 119 70.48 -39.09 53.20
C LYS N 119 71.61 -39.71 54.00
N ARG N 120 71.62 -41.04 54.10
CA ARG N 120 72.73 -41.73 54.76
C ARG N 120 74.03 -41.56 53.97
N TYR N 121 73.93 -41.56 52.65
CA TYR N 121 75.10 -41.33 51.81
C TYR N 121 75.71 -39.96 52.09
N ALA N 122 74.87 -38.94 52.21
CA ALA N 122 75.37 -37.58 52.44
C ALA N 122 76.09 -37.48 53.78
N ILE N 123 75.61 -38.20 54.80
CA ILE N 123 76.24 -38.15 56.11
C ILE N 123 77.61 -38.83 56.07
N CYS N 124 77.70 -39.96 55.38
CA CYS N 124 78.98 -40.65 55.26
C CYS N 124 80.00 -39.80 54.53
N SER N 125 79.57 -39.12 53.47
CA SER N 125 80.47 -38.24 52.74
C SER N 125 80.91 -37.05 53.59
N ALA N 126 80.00 -36.52 54.41
CA ALA N 126 80.35 -35.41 55.29
C ALA N 126 81.33 -35.86 56.37
N LEU N 127 81.15 -37.07 56.90
CA LEU N 127 82.07 -37.58 57.91
C LEU N 127 83.45 -37.83 57.32
N ALA N 128 83.51 -38.43 56.13
CA ALA N 128 84.80 -38.72 55.50
C ALA N 128 85.57 -37.44 55.20
N ALA N 129 84.87 -36.39 54.77
CA ALA N 129 85.53 -35.13 54.47
C ALA N 129 86.00 -34.42 55.74
N SER N 130 85.33 -34.66 56.86
CA SER N 130 85.72 -34.00 58.11
C SER N 130 87.02 -34.54 58.67
N ALA N 131 87.52 -35.66 58.15
CA ALA N 131 88.77 -36.23 58.60
C ALA N 131 89.95 -35.83 57.72
N LEU N 132 89.70 -35.08 56.64
CA LEU N 132 90.77 -34.60 55.79
C LEU N 132 91.10 -33.17 56.15
N PRO N 133 92.29 -32.89 56.68
CA PRO N 133 92.61 -31.51 57.11
C PRO N 133 92.54 -30.49 56.00
N ALA N 134 92.85 -30.87 54.76
CA ALA N 134 92.76 -29.91 53.67
C ALA N 134 91.34 -29.42 53.47
N LEU N 135 90.37 -30.33 53.55
CA LEU N 135 88.98 -29.93 53.36
C LEU N 135 88.48 -29.09 54.53
N VAL N 136 88.93 -29.40 55.75
CA VAL N 136 88.48 -28.63 56.91
C VAL N 136 89.07 -27.23 56.89
N MET N 137 90.36 -27.10 56.55
CA MET N 137 90.93 -25.77 56.38
C MET N 137 90.29 -25.01 55.23
N SER N 138 89.84 -25.72 54.20
CA SER N 138 89.14 -25.06 53.11
C SER N 138 87.79 -24.52 53.55
N LYS N 139 87.32 -24.94 54.74
CA LYS N 139 86.14 -24.33 55.32
C LYS N 139 86.49 -23.15 56.23
N GLY N 140 87.77 -22.88 56.43
CA GLY N 140 88.19 -21.76 57.26
C GLY N 140 88.09 -22.05 58.74
N HIS N 141 88.37 -23.29 59.11
CA HIS N 141 88.17 -23.75 60.48
C HIS N 141 89.42 -23.68 61.34
N ARG N 142 90.48 -23.03 60.87
CA ARG N 142 91.66 -22.72 61.70
C ARG N 142 92.18 -23.94 62.45
N ILE N 143 92.34 -25.05 61.73
CA ILE N 143 92.86 -26.28 62.34
C ILE N 143 94.38 -26.23 62.19
N GLU N 144 95.01 -25.56 63.14
CA GLU N 144 96.43 -25.64 63.36
C GLU N 144 96.66 -25.80 64.85
N GLU N 145 97.78 -26.40 65.21
CA GLU N 145 98.10 -26.76 66.59
C GLU N 145 97.13 -27.79 67.14
N VAL N 146 96.14 -28.19 66.35
CA VAL N 146 95.27 -29.31 66.73
C VAL N 146 96.05 -30.61 66.53
N PRO N 147 96.17 -31.46 67.55
CA PRO N 147 97.05 -32.63 67.42
C PRO N 147 96.63 -33.61 66.33
N GLU N 148 95.35 -33.95 66.26
CA GLU N 148 94.84 -34.85 65.23
C GLU N 148 93.49 -34.33 64.75
N LEU N 149 93.30 -34.31 63.44
CA LEU N 149 92.03 -33.80 62.92
C LEU N 149 90.84 -34.66 63.34
N PRO N 150 90.89 -35.99 63.26
CA PRO N 150 89.82 -36.75 63.92
C PRO N 150 90.03 -36.69 65.42
N LEU N 151 89.70 -35.52 65.99
CA LEU N 151 89.95 -35.26 67.39
C LEU N 151 89.05 -36.13 68.25
N VAL N 152 89.66 -36.93 69.11
CA VAL N 152 88.92 -37.77 70.05
C VAL N 152 89.41 -37.42 71.45
N VAL N 153 88.47 -37.05 72.32
CA VAL N 153 88.75 -36.71 73.69
C VAL N 153 87.97 -37.69 74.56
N GLU N 154 88.40 -37.85 75.81
CA GLU N 154 87.82 -38.84 76.70
C GLU N 154 86.34 -38.53 76.98
N ASP N 155 85.70 -39.42 77.74
CA ASP N 155 84.29 -39.31 78.10
C ASP N 155 84.04 -38.43 79.31
N LYS N 156 85.09 -37.94 79.98
CA LYS N 156 84.87 -37.00 81.07
C LYS N 156 84.24 -35.70 80.59
N VAL N 157 84.44 -35.36 79.32
CA VAL N 157 83.88 -34.12 78.78
C VAL N 157 82.35 -34.19 78.82
N GLU N 158 81.80 -35.39 78.65
CA GLU N 158 80.34 -35.54 78.71
C GLU N 158 79.80 -35.13 80.07
N GLY N 159 80.59 -35.30 81.12
CA GLY N 159 80.17 -34.92 82.45
C GLY N 159 80.42 -33.48 82.83
N TYR N 160 80.92 -32.65 81.90
CA TYR N 160 81.19 -31.26 82.20
C TYR N 160 79.90 -30.52 82.55
N LYS N 161 80.01 -29.55 83.45
CA LYS N 161 78.86 -28.82 83.94
C LYS N 161 79.02 -27.31 83.90
N LYS N 162 80.24 -26.79 83.88
CA LYS N 162 80.47 -25.35 83.87
C LYS N 162 81.06 -24.94 82.53
N THR N 163 80.66 -23.76 82.06
CA THR N 163 81.20 -23.24 80.80
C THR N 163 82.69 -22.95 80.91
N LYS N 164 83.19 -22.78 82.13
CA LYS N 164 84.63 -22.58 82.33
C LYS N 164 85.43 -23.79 81.87
N GLU N 165 84.96 -25.00 82.23
CA GLU N 165 85.66 -26.20 81.81
C GLU N 165 85.49 -26.46 80.33
N ALA N 166 84.37 -26.03 79.75
CA ALA N 166 84.19 -26.14 78.31
C ALA N 166 85.21 -25.27 77.56
N VAL N 167 85.46 -24.07 78.08
CA VAL N 167 86.42 -23.16 77.45
C VAL N 167 87.84 -23.66 77.67
N GLN N 168 88.15 -24.14 78.87
CA GLN N 168 89.49 -24.63 79.17
C GLN N 168 89.86 -25.83 78.30
N LEU N 169 88.89 -26.73 78.07
CA LEU N 169 89.15 -27.89 77.22
C LEU N 169 89.45 -27.46 75.78
N LEU N 170 88.67 -26.53 75.24
CA LEU N 170 88.92 -26.06 73.89
C LEU N 170 90.28 -25.39 73.80
N LYS N 171 90.68 -24.66 74.85
CA LYS N 171 92.00 -24.06 74.88
C LYS N 171 93.10 -25.11 74.88
N LYS N 172 92.88 -26.23 75.58
CA LYS N 172 93.90 -27.26 75.66
C LYS N 172 93.99 -28.08 74.38
N LEU N 173 92.88 -28.24 73.66
CA LEU N 173 92.91 -28.92 72.38
C LEU N 173 93.29 -27.98 71.24
N LYS N 174 93.65 -26.74 71.55
CA LYS N 174 94.00 -25.72 70.56
C LYS N 174 92.88 -25.51 69.56
N ALA N 175 91.64 -25.66 70.01
CA ALA N 175 90.46 -25.38 69.22
C ALA N 175 89.87 -24.02 69.55
N TRP N 176 90.54 -23.23 70.39
CA TRP N 176 90.02 -21.94 70.81
C TRP N 176 90.14 -20.88 69.74
N ASN N 177 91.12 -21.00 68.84
CA ASN N 177 91.23 -20.04 67.74
C ASN N 177 90.01 -20.09 66.84
N ASP N 178 89.30 -21.21 66.81
CA ASP N 178 88.06 -21.29 66.05
C ASP N 178 87.00 -20.38 66.66
N ILE N 179 86.92 -20.36 67.99
CA ILE N 179 85.95 -19.51 68.66
C ILE N 179 86.32 -18.04 68.48
N LYS N 180 87.61 -17.74 68.50
CA LYS N 180 88.05 -16.36 68.31
C LYS N 180 87.70 -15.85 66.92
N LYS N 181 87.80 -16.70 65.90
CA LYS N 181 87.37 -16.29 64.58
C LYS N 181 85.86 -16.12 64.51
N VAL N 182 85.11 -16.89 65.31
CA VAL N 182 83.67 -16.69 65.38
C VAL N 182 83.34 -15.35 66.03
N TYR N 183 84.08 -14.98 67.07
CA TYR N 183 83.90 -13.67 67.67
C TYR N 183 84.21 -12.55 66.68
N ALA N 184 85.28 -12.72 65.90
CA ALA N 184 85.66 -11.70 64.93
C ALA N 184 84.65 -11.61 63.79
N SER N 185 83.82 -12.63 63.61
CA SER N 185 82.84 -12.62 62.52
C SER N 185 81.47 -12.12 62.96
N GLN N 186 81.33 -11.63 64.19
CA GLN N 186 80.04 -11.14 64.64
C GLN N 186 79.80 -9.73 64.15
N ARG N 187 78.82 -9.59 63.27
CA ARG N 187 78.49 -8.29 62.67
C ARG N 187 77.00 -8.27 62.38
N MET N 188 76.54 -7.16 61.80
CA MET N 188 75.12 -6.97 61.55
C MET N 188 74.78 -7.37 60.12
N ARG N 189 73.71 -8.16 60.00
CA ARG N 189 73.27 -8.62 58.70
C ARG N 189 72.82 -7.46 57.82
N ALA N 190 73.15 -7.53 56.54
CA ALA N 190 72.77 -6.52 55.57
C ALA N 190 71.42 -6.86 54.96
N GLY N 191 70.44 -6.00 55.15
CA GLY N 191 69.17 -6.17 54.49
C GLY N 191 67.95 -6.11 55.38
N LYS N 192 66.82 -6.58 54.85
CA LYS N 192 65.54 -6.57 55.55
C LYS N 192 65.49 -7.59 56.68
N GLY N 193 66.43 -8.54 56.72
CA GLY N 193 66.41 -9.54 57.78
C GLY N 193 66.61 -8.95 59.15
N LYS N 194 67.11 -7.71 59.23
CA LYS N 194 67.23 -7.04 60.51
C LYS N 194 65.86 -6.73 61.11
N MET N 195 64.86 -6.46 60.27
CA MET N 195 63.51 -6.31 60.77
C MET N 195 62.76 -7.63 60.87
N ARG N 196 63.38 -8.73 60.44
CA ARG N 196 62.78 -10.05 60.48
C ARG N 196 63.37 -10.95 61.55
N ASN N 197 63.83 -10.37 62.67
CA ASN N 197 64.35 -11.11 63.82
C ASN N 197 65.61 -11.89 63.49
N ARG N 198 66.40 -11.42 62.53
CA ARG N 198 67.66 -12.04 62.14
C ARG N 198 68.76 -10.99 62.07
N ARG N 199 68.87 -10.17 63.12
CA ARG N 199 69.73 -8.99 63.05
C ARG N 199 71.21 -9.36 63.03
N ARG N 200 71.62 -10.35 63.81
CA ARG N 200 73.03 -10.67 63.99
C ARG N 200 73.41 -11.94 63.24
N ILE N 201 74.60 -11.94 62.64
CA ILE N 201 75.13 -13.10 61.95
C ILE N 201 76.56 -13.35 62.40
N GLN N 202 76.95 -14.62 62.37
CA GLN N 202 78.30 -15.04 62.75
C GLN N 202 78.60 -16.34 62.04
N ARG N 203 79.88 -16.69 61.99
CA ARG N 203 80.28 -17.92 61.33
C ARG N 203 80.17 -19.10 62.30
N ARG N 204 80.26 -20.30 61.74
CA ARG N 204 80.14 -21.52 62.52
C ARG N 204 81.47 -21.93 63.12
N GLY N 205 81.40 -22.53 64.31
CA GLY N 205 82.57 -23.07 64.95
C GLY N 205 82.55 -24.59 64.95
N PRO N 206 83.30 -25.19 65.86
CA PRO N 206 83.39 -26.66 65.90
C PRO N 206 82.07 -27.31 66.27
N CYS N 207 81.88 -28.53 65.76
CA CYS N 207 80.77 -29.39 66.14
C CYS N 207 81.29 -30.45 67.10
N ILE N 208 80.56 -30.65 68.19
CA ILE N 208 80.96 -31.61 69.23
C ILE N 208 80.00 -32.78 69.20
N ILE N 209 80.53 -33.98 68.99
CA ILE N 209 79.73 -35.18 68.88
C ILE N 209 79.88 -35.97 70.18
N TYR N 210 78.75 -36.23 70.84
CA TYR N 210 78.75 -36.94 72.12
C TYR N 210 77.88 -38.18 72.01
N ASN N 211 77.95 -39.00 73.05
CA ASN N 211 77.09 -40.18 73.20
C ASN N 211 76.01 -39.98 74.25
N GLU N 212 76.40 -39.59 75.46
CA GLU N 212 75.47 -39.31 76.55
C GLU N 212 75.61 -37.85 76.96
N ASP N 213 74.49 -37.27 77.40
CA ASP N 213 74.48 -35.83 77.68
C ASP N 213 75.26 -35.51 78.95
N ASN N 214 74.75 -35.97 80.10
CA ASN N 214 75.39 -35.79 81.40
C ASN N 214 75.84 -34.35 81.66
N GLY N 215 75.22 -33.38 81.00
CA GLY N 215 75.55 -31.98 81.20
C GLY N 215 76.45 -31.35 80.17
N ILE N 216 76.87 -32.09 79.15
CA ILE N 216 77.79 -31.53 78.15
C ILE N 216 77.10 -30.44 77.35
N ILE N 217 75.81 -30.58 77.08
CA ILE N 217 75.10 -29.59 76.28
C ILE N 217 75.07 -28.25 77.00
N LYS N 218 74.79 -28.26 78.31
CA LYS N 218 74.70 -27.02 79.06
C LYS N 218 76.06 -26.33 79.16
N ALA N 219 77.13 -27.10 79.35
CA ALA N 219 78.45 -26.50 79.51
C ALA N 219 78.92 -25.79 78.26
N PHE N 220 78.67 -26.38 77.08
CA PHE N 220 79.13 -25.80 75.82
C PHE N 220 78.10 -24.89 75.18
N ARG N 221 76.94 -24.71 75.81
CA ARG N 221 75.81 -24.03 75.18
C ARG N 221 76.11 -22.56 74.92
N ASN N 222 76.77 -21.89 75.86
CA ASN N 222 76.94 -20.45 75.78
C ASN N 222 78.09 -20.01 74.88
N ILE N 223 78.96 -20.92 74.48
CA ILE N 223 80.08 -20.55 73.62
C ILE N 223 79.59 -20.39 72.19
N PRO N 224 79.80 -19.23 71.57
CA PRO N 224 79.30 -19.02 70.20
C PRO N 224 79.99 -19.94 69.20
N GLY N 225 79.22 -20.33 68.19
CA GLY N 225 79.71 -21.16 67.11
C GLY N 225 79.61 -22.66 67.37
N ILE N 226 79.65 -23.06 68.64
CA ILE N 226 79.66 -24.48 68.96
C ILE N 226 78.28 -25.09 68.74
N THR N 227 78.26 -26.22 68.05
CA THR N 227 77.05 -27.01 67.86
C THR N 227 77.24 -28.38 68.50
N LEU N 228 76.26 -28.81 69.26
CA LEU N 228 76.27 -30.12 69.92
C LEU N 228 75.44 -31.10 69.13
N LEU N 229 76.00 -32.30 68.90
CA LEU N 229 75.34 -33.30 68.08
C LEU N 229 75.42 -34.65 68.74
N ASN N 230 74.29 -35.35 68.81
CA ASN N 230 74.26 -36.73 69.27
C ASN N 230 74.68 -37.64 68.11
N VAL N 231 75.55 -38.61 68.40
CA VAL N 231 76.07 -39.47 67.35
C VAL N 231 74.98 -40.33 66.74
N SER N 232 73.92 -40.62 67.50
CA SER N 232 72.82 -41.42 66.99
C SER N 232 71.79 -40.62 66.22
N LYS N 233 71.91 -39.30 66.18
CA LYS N 233 70.99 -38.42 65.47
C LYS N 233 71.75 -37.43 64.60
N LEU N 234 72.73 -37.92 63.84
CA LEU N 234 73.58 -37.04 63.06
C LEU N 234 72.77 -36.28 62.02
N ASN N 235 73.01 -34.96 61.96
CA ASN N 235 72.22 -34.06 61.15
C ASN N 235 73.10 -33.47 60.05
N ILE N 236 72.69 -33.68 58.79
CA ILE N 236 73.46 -33.16 57.66
C ILE N 236 73.44 -31.64 57.64
N LEU N 237 72.39 -31.03 58.20
CA LEU N 237 72.31 -29.58 58.22
C LEU N 237 73.34 -28.96 59.17
N LYS N 238 73.90 -29.75 60.09
CA LYS N 238 74.91 -29.27 61.00
C LYS N 238 76.28 -29.89 60.75
N LEU N 239 76.40 -30.88 59.88
CA LEU N 239 77.69 -31.43 59.50
C LEU N 239 78.22 -30.81 58.21
N ALA N 240 77.33 -30.38 57.31
CA ALA N 240 77.68 -29.62 56.13
C ALA N 240 76.90 -28.33 56.22
N PRO N 241 77.43 -27.34 56.94
CA PRO N 241 76.61 -26.17 57.32
C PRO N 241 75.97 -25.43 56.16
N GLY N 242 76.66 -25.30 55.03
CA GLY N 242 76.06 -24.61 53.89
C GLY N 242 76.07 -25.43 52.63
N GLY N 243 75.94 -26.74 52.78
CA GLY N 243 76.14 -27.66 51.68
C GLY N 243 77.58 -27.99 51.40
N HIS N 244 78.51 -27.43 52.17
CA HIS N 244 79.93 -27.63 51.98
C HIS N 244 80.43 -28.61 53.04
N VAL N 245 81.17 -29.61 52.60
CA VAL N 245 81.74 -30.58 53.53
C VAL N 245 83.02 -29.99 54.13
N GLY N 246 83.39 -30.51 55.30
CA GLY N 246 84.63 -30.10 55.91
C GLY N 246 84.49 -29.31 57.20
N ARG N 247 83.45 -29.57 57.97
CA ARG N 247 83.30 -28.93 59.27
C ARG N 247 84.15 -29.63 60.31
N PHE N 248 84.80 -28.83 61.16
CA PHE N 248 85.61 -29.37 62.24
C PHE N 248 84.72 -30.03 63.29
N CYS N 249 85.08 -31.26 63.66
CA CYS N 249 84.31 -32.05 64.62
C CYS N 249 85.22 -32.56 65.72
N ILE N 250 84.73 -32.50 66.96
CA ILE N 250 85.41 -33.05 68.12
C ILE N 250 84.54 -34.19 68.65
N TRP N 251 85.14 -35.35 68.82
CA TRP N 251 84.42 -36.56 69.21
C TRP N 251 84.82 -36.98 70.62
N THR N 252 83.85 -37.51 71.35
CA THR N 252 84.13 -38.28 72.56
C THR N 252 84.38 -39.72 72.14
N GLU N 253 85.15 -40.45 72.95
CA GLU N 253 85.51 -41.80 72.55
C GLU N 253 84.30 -42.72 72.48
N SER N 254 83.27 -42.47 73.29
CA SER N 254 82.06 -43.27 73.20
C SER N 254 81.36 -43.06 71.87
N ALA N 255 81.29 -41.81 71.40
CA ALA N 255 80.68 -41.54 70.09
C ALA N 255 81.54 -42.08 68.96
N PHE N 256 82.86 -42.07 69.14
CA PHE N 256 83.75 -42.59 68.09
C PHE N 256 83.56 -44.09 67.91
N ARG N 257 83.47 -44.84 69.02
CA ARG N 257 83.33 -46.28 68.91
C ARG N 257 81.92 -46.67 68.49
N LYS N 258 80.92 -45.88 68.86
CA LYS N 258 79.55 -46.14 68.43
C LYS N 258 79.41 -45.99 66.93
N LEU N 259 80.36 -45.31 66.30
CA LEU N 259 80.20 -44.90 64.91
C LEU N 259 80.39 -46.07 63.95
N ASP N 260 81.10 -47.11 64.38
CA ASP N 260 81.27 -48.29 63.54
C ASP N 260 80.01 -49.14 63.55
N GLU N 261 79.32 -49.21 64.69
CA GLU N 261 78.06 -49.92 64.75
C GLU N 261 76.96 -49.18 64.00
N LEU N 262 77.03 -47.85 63.96
CA LEU N 262 75.96 -47.07 63.36
C LEU N 262 75.95 -47.23 61.85
N TYR N 263 77.10 -47.10 61.19
CA TYR N 263 77.12 -47.13 59.73
C TYR N 263 77.79 -48.37 59.16
N GLY N 264 78.32 -49.24 60.00
CA GLY N 264 78.88 -50.49 59.53
C GLY N 264 80.21 -50.35 58.83
N THR N 265 80.94 -51.45 58.74
CA THR N 265 82.15 -51.53 57.95
C THR N 265 81.76 -51.98 56.54
N TRP N 266 82.74 -52.37 55.74
CA TRP N 266 82.36 -53.01 54.48
C TRP N 266 82.27 -54.51 54.60
N ARG N 267 82.73 -55.09 55.71
CA ARG N 267 82.54 -56.51 56.00
C ARG N 267 81.30 -56.75 56.85
N LYS N 268 80.88 -55.76 57.63
CA LYS N 268 79.73 -55.85 58.50
C LYS N 268 78.66 -54.87 58.05
N ALA N 269 77.41 -55.29 58.12
CA ALA N 269 76.32 -54.35 57.99
C ALA N 269 76.18 -53.55 59.28
N ALA N 270 75.45 -52.44 59.19
CA ALA N 270 75.20 -51.61 60.37
C ALA N 270 74.40 -52.41 61.39
N SER N 271 74.82 -52.32 62.66
CA SER N 271 74.13 -53.05 63.72
C SER N 271 72.95 -52.26 64.27
N LEU N 272 73.07 -50.94 64.34
CA LEU N 272 72.00 -50.12 64.90
C LEU N 272 70.99 -49.66 63.86
N LYS N 273 71.28 -49.84 62.58
CA LYS N 273 70.31 -49.61 61.53
C LYS N 273 70.09 -50.91 60.78
N SER N 274 68.82 -51.29 60.62
CA SER N 274 68.50 -52.52 59.90
C SER N 274 68.67 -52.31 58.40
N ASN N 275 69.41 -53.21 57.76
CA ASN N 275 69.63 -53.20 56.32
C ASN N 275 70.26 -51.87 55.86
N TYR N 276 71.48 -51.64 56.32
CA TYR N 276 72.31 -50.58 55.76
C TYR N 276 73.77 -51.00 55.76
N ASN N 277 74.48 -50.60 54.71
CA ASN N 277 75.91 -50.78 54.60
C ASN N 277 76.48 -49.59 53.86
N LEU N 278 77.79 -49.38 54.01
CA LEU N 278 78.43 -48.20 53.47
C LEU N 278 78.43 -48.22 51.94
N PRO N 279 78.37 -47.04 51.31
CA PRO N 279 78.47 -46.99 49.84
C PRO N 279 79.82 -47.46 49.35
N MET N 280 79.81 -48.04 48.16
CA MET N 280 81.00 -48.61 47.54
C MET N 280 81.69 -47.58 46.65
N HIS N 281 82.99 -47.75 46.48
CA HIS N 281 83.76 -46.86 45.60
C HIS N 281 83.66 -47.35 44.16
N LYS N 282 83.48 -46.41 43.24
CA LYS N 282 83.56 -46.73 41.82
C LYS N 282 84.98 -46.60 41.29
N MET N 283 85.93 -46.17 42.12
CA MET N 283 87.32 -45.99 41.70
C MET N 283 88.19 -46.26 42.91
N MET N 284 88.92 -47.38 42.88
CA MET N 284 89.67 -47.81 44.06
C MET N 284 90.81 -46.86 44.39
N ASN N 285 91.62 -46.52 43.39
CA ASN N 285 92.78 -45.65 43.57
C ASN N 285 92.50 -44.33 42.87
N THR N 286 92.42 -43.26 43.66
CA THR N 286 92.12 -41.94 43.13
C THR N 286 93.37 -41.14 42.81
N ASP N 287 94.55 -41.69 43.05
CA ASP N 287 95.81 -40.99 42.82
C ASP N 287 96.10 -41.05 41.32
N LEU N 288 95.68 -40.01 40.60
CA LEU N 288 95.86 -39.98 39.15
C LEU N 288 97.34 -39.97 38.79
N SER N 289 98.16 -39.22 39.53
CA SER N 289 99.57 -39.09 39.19
C SER N 289 100.27 -40.44 39.24
N ARG N 290 100.05 -41.21 40.30
CA ARG N 290 100.71 -42.51 40.43
C ARG N 290 100.23 -43.49 39.38
N ILE N 291 98.93 -43.49 39.09
CA ILE N 291 98.39 -44.39 38.06
C ILE N 291 98.99 -44.06 36.70
N LEU N 292 99.07 -42.77 36.38
CA LEU N 292 99.62 -42.35 35.09
C LEU N 292 101.13 -42.61 35.02
N LYS N 293 101.82 -42.51 36.14
CA LYS N 293 103.26 -42.71 36.18
C LYS N 293 103.66 -44.17 36.36
N SER N 294 102.69 -45.07 36.49
CA SER N 294 103.03 -46.47 36.67
C SER N 294 103.63 -47.03 35.38
N PRO N 295 104.59 -47.95 35.48
CA PRO N 295 105.20 -48.50 34.26
C PRO N 295 104.22 -49.22 33.35
N GLU N 296 103.14 -49.78 33.89
CA GLU N 296 102.18 -50.48 33.05
C GLU N 296 101.53 -49.53 32.06
N ILE N 297 101.07 -48.37 32.54
CA ILE N 297 100.45 -47.40 31.64
C ILE N 297 101.51 -46.76 30.75
N GLN N 298 102.68 -46.44 31.31
CA GLN N 298 103.71 -45.76 30.53
C GLN N 298 104.23 -46.63 29.38
N ARG N 299 104.28 -47.94 29.60
CA ARG N 299 104.79 -48.83 28.56
C ARG N 299 103.83 -48.92 27.38
N ALA N 300 102.53 -48.70 27.63
CA ALA N 300 101.53 -48.80 26.58
C ALA N 300 101.40 -47.52 25.76
N LEU N 301 102.20 -46.50 26.05
CA LEU N 301 101.99 -45.19 25.46
C LEU N 301 102.81 -45.01 24.19
N ARG N 302 102.33 -44.12 23.33
CA ARG N 302 103.09 -43.60 22.20
C ARG N 302 103.89 -42.38 22.65
N ALA N 303 104.92 -42.05 21.88
CA ALA N 303 105.77 -40.92 22.22
C ALA N 303 104.99 -39.62 22.13
N PRO N 304 105.20 -38.69 23.06
CA PRO N 304 104.44 -37.43 23.01
C PRO N 304 104.91 -36.53 21.89
N ARG N 305 103.98 -35.71 21.40
CA ARG N 305 104.23 -34.79 20.30
C ARG N 305 104.32 -33.38 20.87
N LYS N 306 105.53 -32.97 21.25
CA LYS N 306 105.73 -31.66 21.84
C LYS N 306 105.88 -30.56 20.79
N LYS N 307 106.32 -30.91 19.59
CA LYS N 307 106.60 -29.90 18.58
C LYS N 307 105.33 -29.11 18.23
N ILE N 308 105.44 -27.79 18.25
CA ILE N 308 104.34 -26.90 17.92
C ILE N 308 104.54 -26.42 16.50
N HIS N 309 103.61 -26.78 15.62
CA HIS N 309 103.67 -26.42 14.20
C HIS N 309 102.77 -25.22 13.98
N ARG N 310 103.36 -24.07 13.72
CA ARG N 310 102.61 -22.85 13.51
C ARG N 310 102.38 -22.61 12.02
N ARG N 311 101.44 -21.71 11.75
CA ARG N 311 101.06 -21.40 10.38
C ARG N 311 102.24 -20.86 9.59
N VAL N 312 102.45 -21.38 8.39
CA VAL N 312 103.54 -20.97 7.52
C VAL N 312 103.07 -19.84 6.63
N LEU N 313 103.80 -18.73 6.63
CA LEU N 313 103.53 -17.64 5.71
C LEU N 313 103.87 -18.09 4.30
N LYS N 314 102.86 -18.20 3.43
CA LYS N 314 103.08 -18.70 2.09
C LYS N 314 103.77 -17.64 1.26
N LYS N 315 104.94 -17.98 0.72
CA LYS N 315 105.69 -17.09 -0.15
C LYS N 315 105.53 -17.56 -1.59
N ASN N 316 105.36 -16.61 -2.50
CA ASN N 316 105.14 -16.93 -3.89
C ASN N 316 106.43 -17.46 -4.51
N PRO N 317 106.45 -18.71 -5.01
CA PRO N 317 107.67 -19.21 -5.65
C PRO N 317 107.93 -18.60 -7.02
N LEU N 318 106.93 -17.97 -7.63
CA LEU N 318 107.16 -17.28 -8.88
C LEU N 318 107.94 -15.98 -8.70
N LYS N 319 108.05 -15.51 -7.46
CA LYS N 319 108.84 -14.32 -7.14
C LYS N 319 110.01 -14.59 -6.21
N ASN N 320 109.88 -15.56 -5.31
CA ASN N 320 110.94 -15.88 -4.35
C ASN N 320 111.73 -17.06 -4.89
N LEU N 321 113.01 -16.82 -5.19
CA LEU N 321 113.81 -17.82 -5.90
C LEU N 321 114.00 -19.08 -5.08
N ARG N 322 114.34 -18.94 -3.81
CA ARG N 322 114.71 -20.11 -3.03
C ARG N 322 113.50 -20.79 -2.39
N ILE N 323 112.32 -20.18 -2.47
CA ILE N 323 111.09 -20.92 -2.25
C ILE N 323 110.80 -21.81 -3.46
N MET N 324 111.04 -21.30 -4.67
CA MET N 324 110.84 -22.10 -5.86
C MET N 324 111.81 -23.27 -5.92
N LEU N 325 113.06 -23.05 -5.50
CA LEU N 325 114.05 -24.13 -5.52
C LEU N 325 113.70 -25.22 -4.51
N LYS N 326 113.06 -24.85 -3.41
CA LYS N 326 112.61 -25.85 -2.44
C LYS N 326 111.58 -26.78 -3.06
N LEU N 327 110.66 -26.23 -3.85
CA LEU N 327 109.61 -27.03 -4.45
C LEU N 327 110.06 -27.70 -5.74
N ASN N 328 111.00 -27.09 -6.46
CA ASN N 328 111.46 -27.62 -7.74
C ASN N 328 112.91 -27.23 -7.91
N PRO N 329 113.85 -28.09 -7.47
CA PRO N 329 115.26 -27.74 -7.58
C PRO N 329 115.76 -27.57 -9.00
N TYR N 330 115.10 -28.20 -9.98
CA TYR N 330 115.51 -28.06 -11.37
C TYR N 330 115.27 -26.67 -11.92
N ALA N 331 114.49 -25.83 -11.23
CA ALA N 331 114.24 -24.48 -11.71
C ALA N 331 115.51 -23.65 -11.76
N LYS N 332 116.51 -23.98 -10.94
CA LYS N 332 117.77 -23.26 -11.02
C LYS N 332 118.48 -23.54 -12.33
N THR N 333 118.51 -24.80 -12.76
CA THR N 333 119.18 -25.13 -14.01
C THR N 333 118.46 -24.53 -15.20
N MET N 334 117.11 -24.58 -15.20
CA MET N 334 116.35 -23.93 -16.24
C MET N 334 116.61 -22.43 -16.27
N ARG N 335 116.67 -21.80 -15.10
CA ARG N 335 116.83 -20.35 -15.04
C ARG N 335 118.26 -19.94 -15.37
N ARG N 336 119.24 -20.78 -15.04
CA ARG N 336 120.61 -20.51 -15.46
C ARG N 336 120.76 -20.66 -16.96
N ASN N 337 120.15 -21.70 -17.53
CA ASN N 337 120.27 -21.94 -18.96
C ASN N 337 119.64 -20.83 -19.78
N THR N 338 118.50 -20.30 -19.31
CA THR N 338 117.83 -19.26 -20.08
C THR N 338 118.60 -17.95 -20.02
N ILE N 339 119.19 -17.62 -18.87
CA ILE N 339 119.95 -16.38 -18.75
C ILE N 339 121.17 -16.41 -19.65
N LEU N 340 121.88 -17.54 -19.66
CA LEU N 340 123.02 -17.70 -20.56
C LEU N 340 122.58 -17.76 -22.01
N ARG N 341 121.35 -18.22 -22.27
CA ARG N 341 120.89 -18.33 -23.64
C ARG N 341 120.52 -16.97 -24.24
N GLN N 342 119.87 -16.10 -23.46
CA GLN N 342 119.57 -14.77 -23.97
C GLN N 342 120.82 -13.89 -23.99
N ALA N 343 121.77 -14.15 -23.10
CA ALA N 343 123.03 -13.42 -23.16
C ALA N 343 123.77 -13.71 -24.45
N ARG N 344 123.81 -14.99 -24.86
CA ARG N 344 124.47 -15.35 -26.11
C ARG N 344 123.72 -14.79 -27.31
N ASN N 345 122.39 -14.86 -27.27
CA ASN N 345 121.59 -14.40 -28.41
C ASN N 345 121.73 -12.90 -28.60
N HIS N 346 121.78 -12.14 -27.50
CA HIS N 346 121.98 -10.69 -27.62
C HIS N 346 123.33 -10.37 -28.24
N LYS N 347 124.37 -11.09 -27.84
CA LYS N 347 125.70 -10.87 -28.42
C LYS N 347 125.72 -11.17 -29.91
N LEU N 348 125.06 -12.25 -30.32
CA LEU N 348 125.02 -12.59 -31.74
C LEU N 348 124.27 -11.53 -32.54
N ARG N 349 123.18 -11.00 -31.99
CA ARG N 349 122.45 -9.94 -32.68
C ARG N 349 123.28 -8.67 -32.79
N VAL N 350 124.02 -8.32 -31.74
CA VAL N 350 124.86 -7.14 -31.78
C VAL N 350 125.95 -7.30 -32.83
N LYS N 351 126.52 -8.51 -32.94
CA LYS N 351 127.51 -8.78 -33.97
C LYS N 351 126.90 -8.62 -35.37
N LYS N 352 125.66 -9.06 -35.55
CA LYS N 352 124.98 -8.86 -36.83
C LYS N 352 124.76 -7.38 -37.10
N LEU N 353 124.41 -6.60 -36.06
CA LEU N 353 124.23 -5.17 -36.24
C LEU N 353 125.53 -4.48 -36.63
N GLU N 354 126.65 -4.91 -36.04
CA GLU N 354 127.94 -4.35 -36.43
C GLU N 354 128.26 -4.66 -37.88
N ALA N 355 127.97 -5.90 -38.31
CA ALA N 355 128.19 -6.25 -39.71
C ALA N 355 127.30 -5.45 -40.64
N ALA N 356 126.04 -5.24 -40.25
CA ALA N 356 125.13 -4.45 -41.07
C ALA N 356 125.58 -3.00 -41.16
N ALA N 357 126.04 -2.43 -40.04
CA ALA N 357 126.48 -1.05 -40.05
C ALA N 357 127.72 -0.86 -40.93
N THR N 358 128.67 -1.79 -40.84
CA THR N 358 129.86 -1.70 -41.68
C THR N 358 129.51 -1.88 -43.16
N ALA N 359 128.60 -2.79 -43.46
CA ALA N 359 128.18 -3.04 -44.84
C ALA N 359 127.27 -1.91 -45.34
N GLY O 1 28.45 -43.85 -61.77
CA GLY O 1 28.50 -43.33 -60.42
C GLY O 1 27.14 -43.06 -59.83
N PHE O 2 26.70 -43.94 -58.93
CA PHE O 2 25.39 -43.81 -58.29
C PHE O 2 25.47 -43.78 -56.78
N VAL O 3 26.32 -44.62 -56.17
CA VAL O 3 26.32 -44.82 -54.72
C VAL O 3 27.73 -44.63 -54.19
N LYS O 4 27.83 -44.25 -52.93
CA LYS O 4 29.12 -44.00 -52.30
C LYS O 4 29.90 -45.30 -52.16
N VAL O 5 31.17 -45.27 -52.56
CA VAL O 5 32.01 -46.45 -52.51
C VAL O 5 32.46 -46.68 -51.07
N VAL O 6 32.18 -47.88 -50.56
CA VAL O 6 32.52 -48.21 -49.18
C VAL O 6 33.99 -48.57 -49.05
N LYS O 7 34.50 -49.42 -49.93
CA LYS O 7 35.90 -49.84 -49.89
C LYS O 7 36.72 -48.82 -50.68
N ASN O 8 36.84 -47.64 -50.10
CA ASN O 8 37.60 -46.55 -50.67
C ASN O 8 38.99 -46.51 -50.06
N LYS O 9 39.74 -45.46 -50.38
CA LYS O 9 41.13 -45.36 -49.92
C LYS O 9 41.20 -45.30 -48.40
N ALA O 10 40.31 -44.52 -47.78
CA ALA O 10 40.33 -44.39 -46.32
C ALA O 10 39.91 -45.67 -45.64
N TYR O 11 39.09 -46.48 -46.30
CA TYR O 11 38.69 -47.76 -45.74
C TYR O 11 39.89 -48.68 -45.56
N PHE O 12 40.78 -48.73 -46.56
CA PHE O 12 41.95 -49.58 -46.47
C PHE O 12 43.00 -48.99 -45.55
N LYS O 13 43.05 -47.67 -45.43
CA LYS O 13 44.09 -47.04 -44.63
C LYS O 13 43.97 -47.41 -43.16
N ARG O 14 42.74 -47.43 -42.63
CA ARG O 14 42.51 -47.76 -41.24
C ARG O 14 41.90 -49.14 -41.04
N TYR O 15 42.10 -50.03 -42.00
CA TYR O 15 41.70 -51.42 -41.85
C TYR O 15 42.73 -52.18 -41.03
N GLN O 16 42.26 -52.99 -40.10
CA GLN O 16 43.14 -53.84 -39.29
C GLN O 16 42.91 -55.29 -39.68
N VAL O 17 43.94 -55.91 -40.25
CA VAL O 17 43.83 -57.32 -40.60
C VAL O 17 43.75 -58.16 -39.33
N ARG O 18 43.03 -59.26 -39.43
CA ARG O 18 42.88 -60.19 -38.31
C ARG O 18 44.18 -60.96 -38.15
N PHE O 19 44.22 -61.85 -37.16
CA PHE O 19 45.33 -62.79 -37.09
C PHE O 19 45.30 -63.70 -38.31
N ARG O 20 46.49 -64.15 -38.74
CA ARG O 20 46.58 -64.89 -39.99
C ARG O 20 45.73 -66.15 -39.94
N ARG O 21 45.74 -66.85 -38.81
CA ARG O 21 44.99 -68.09 -38.71
C ARG O 21 43.53 -67.85 -38.32
N ARG O 22 43.17 -66.63 -37.94
CA ARG O 22 41.77 -66.27 -37.85
C ARG O 22 41.18 -66.05 -39.24
N ARG O 23 41.90 -65.33 -40.11
CA ARG O 23 41.39 -65.07 -41.45
C ARG O 23 41.60 -66.24 -42.39
N GLU O 24 42.31 -67.28 -41.95
CA GLU O 24 42.25 -68.57 -42.64
C GLU O 24 41.13 -69.45 -42.09
N GLY O 25 40.49 -69.04 -41.00
CA GLY O 25 39.42 -69.81 -40.40
C GLY O 25 39.86 -71.12 -39.78
N LYS O 26 41.04 -71.14 -39.15
CA LYS O 26 41.59 -72.36 -38.58
C LYS O 26 41.67 -72.34 -37.06
N THR O 27 41.92 -71.20 -36.46
CA THR O 27 42.14 -71.10 -35.02
C THR O 27 41.10 -70.17 -34.41
N ASP O 28 40.43 -70.65 -33.37
CA ASP O 28 39.51 -69.83 -32.59
C ASP O 28 40.28 -69.39 -31.35
N TYR O 29 40.72 -68.13 -31.36
CA TYR O 29 41.67 -67.65 -30.36
C TYR O 29 41.02 -67.47 -29.00
N TYR O 30 39.68 -67.44 -28.95
CA TYR O 30 38.99 -67.41 -27.67
C TYR O 30 39.26 -68.69 -26.88
N ALA O 31 39.17 -69.83 -27.55
CA ALA O 31 39.40 -71.11 -26.89
C ALA O 31 40.88 -71.39 -26.69
N ARG O 32 41.74 -70.94 -27.59
CA ARG O 32 43.16 -71.25 -27.47
C ARG O 32 43.77 -70.60 -26.23
N LYS O 33 43.36 -69.37 -25.91
CA LYS O 33 43.88 -68.72 -24.71
C LYS O 33 43.53 -69.51 -23.46
N ARG O 34 42.30 -70.01 -23.38
CA ARG O 34 41.86 -70.73 -22.20
C ARG O 34 42.36 -72.17 -22.17
N LEU O 35 43.07 -72.60 -23.21
CA LEU O 35 43.46 -73.99 -23.35
C LEU O 35 44.97 -74.21 -23.25
N VAL O 36 45.78 -73.27 -23.72
CA VAL O 36 47.23 -73.47 -23.81
C VAL O 36 48.00 -72.61 -22.82
N ILE O 37 47.34 -71.72 -22.08
CA ILE O 37 48.03 -70.79 -21.19
C ILE O 37 48.25 -71.49 -19.86
N GLN O 38 49.49 -71.49 -19.38
CA GLN O 38 49.82 -72.09 -18.11
C GLN O 38 49.74 -71.05 -17.00
N ASP O 39 49.38 -71.51 -15.80
CA ASP O 39 49.38 -70.65 -14.63
C ASP O 39 50.80 -70.14 -14.38
N LYS O 40 50.89 -68.88 -13.96
CA LYS O 40 52.20 -68.24 -13.83
C LYS O 40 53.02 -68.82 -12.70
N ASN O 41 52.40 -69.38 -11.68
CA ASN O 41 53.13 -70.06 -10.62
C ASN O 41 53.49 -71.50 -10.97
N LYS O 42 53.05 -71.98 -12.13
CA LYS O 42 53.58 -73.22 -12.72
C LYS O 42 54.60 -72.88 -13.80
N TYR O 43 55.72 -72.32 -13.35
CA TYR O 43 56.77 -71.83 -14.25
C TYR O 43 57.31 -72.97 -15.10
N ASN O 44 57.38 -72.75 -16.42
CA ASN O 44 57.98 -73.68 -17.36
C ASN O 44 57.30 -75.05 -17.41
N THR O 45 56.26 -75.26 -16.64
CA THR O 45 55.61 -76.56 -16.63
C THR O 45 54.77 -76.70 -17.90
N PRO O 46 55.05 -77.68 -18.76
CA PRO O 46 54.29 -77.78 -20.00
C PRO O 46 52.83 -78.12 -19.72
N LYS O 47 51.94 -77.47 -20.46
CA LYS O 47 50.52 -77.79 -20.45
C LYS O 47 50.21 -78.49 -21.76
N TYR O 48 49.86 -79.78 -21.67
CA TYR O 48 49.70 -80.64 -22.83
C TYR O 48 48.23 -80.64 -23.26
N ARG O 49 48.00 -80.65 -24.56
CA ARG O 49 46.68 -80.83 -25.13
C ARG O 49 46.75 -81.87 -26.24
N MET O 50 45.62 -82.48 -26.54
CA MET O 50 45.49 -83.47 -27.60
C MET O 50 44.68 -82.86 -28.73
N ILE O 51 45.35 -82.55 -29.83
CA ILE O 51 44.68 -82.01 -31.02
C ILE O 51 44.10 -83.17 -31.81
N VAL O 52 42.79 -83.11 -32.05
CA VAL O 52 42.11 -84.05 -32.93
C VAL O 52 41.47 -83.25 -34.06
N ARG O 53 41.93 -83.49 -35.28
CA ARG O 53 41.41 -82.83 -36.46
C ARG O 53 40.96 -83.88 -37.47
N VAL O 54 39.70 -83.83 -37.85
CA VAL O 54 39.15 -84.76 -38.81
C VAL O 54 39.02 -84.05 -40.14
N THR O 55 39.80 -84.48 -41.13
CA THR O 55 39.73 -83.96 -42.47
C THR O 55 38.78 -84.82 -43.30
N ASN O 56 38.72 -84.57 -44.60
CA ASN O 56 37.83 -85.36 -45.45
C ASN O 56 38.32 -86.78 -45.65
N ARG O 57 39.63 -87.00 -45.56
CA ARG O 57 40.20 -88.31 -45.84
C ARG O 57 41.16 -88.83 -44.79
N ASP O 58 41.30 -88.17 -43.64
CA ASP O 58 42.30 -88.56 -42.67
C ASP O 58 41.90 -88.02 -41.30
N ILE O 59 42.42 -88.64 -40.25
CA ILE O 59 42.26 -88.18 -38.88
C ILE O 59 43.66 -87.92 -38.32
N ILE O 60 43.86 -86.73 -37.76
CA ILE O 60 45.15 -86.31 -37.25
C ILE O 60 45.03 -86.16 -35.74
N CYS O 61 45.89 -86.85 -34.99
CA CYS O 61 45.96 -86.76 -33.55
C CYS O 61 47.38 -86.34 -33.15
N GLN O 62 47.48 -85.26 -32.39
CA GLN O 62 48.76 -84.73 -31.94
C GLN O 62 48.68 -84.37 -30.47
N ILE O 63 49.84 -84.41 -29.81
CA ILE O 63 49.97 -83.94 -28.44
C ILE O 63 50.97 -82.80 -28.43
N ALA O 64 50.57 -81.66 -27.89
CA ALA O 64 51.36 -80.44 -28.01
C ALA O 64 51.28 -79.60 -26.76
N TYR O 65 52.30 -78.79 -26.57
CA TYR O 65 52.32 -77.72 -25.57
C TYR O 65 52.82 -76.44 -26.24
N ALA O 66 52.48 -75.30 -25.65
CA ALA O 66 52.70 -74.02 -26.31
C ALA O 66 53.98 -73.36 -25.84
N ARG O 67 54.72 -72.80 -26.79
CA ARG O 67 55.90 -72.02 -26.50
C ARG O 67 55.81 -70.70 -27.26
N ILE O 68 56.68 -69.76 -26.90
CA ILE O 68 56.55 -68.40 -27.41
C ILE O 68 56.75 -68.37 -28.92
N GLU O 69 57.72 -69.10 -29.43
CA GLU O 69 57.95 -69.15 -30.87
C GLU O 69 57.14 -70.22 -31.58
N GLY O 70 56.38 -71.04 -30.85
CA GLY O 70 55.50 -71.99 -31.47
C GLY O 70 55.28 -73.25 -30.66
N ASP O 71 54.31 -74.06 -31.07
CA ASP O 71 54.01 -75.31 -30.40
C ASP O 71 55.05 -76.37 -30.75
N MET O 72 55.35 -77.22 -29.77
CA MET O 72 56.07 -78.47 -30.01
C MET O 72 55.06 -79.61 -30.06
N ILE O 73 55.16 -80.42 -31.10
CA ILE O 73 54.44 -81.69 -31.17
C ILE O 73 55.34 -82.75 -30.54
N VAL O 74 54.88 -83.33 -29.43
CA VAL O 74 55.68 -84.34 -28.74
C VAL O 74 55.38 -85.70 -29.33
N CYS O 75 54.23 -85.85 -29.96
CA CYS O 75 53.81 -87.12 -30.53
C CYS O 75 52.67 -86.87 -31.51
N ALA O 76 52.66 -87.62 -32.60
CA ALA O 76 51.62 -87.51 -33.61
C ALA O 76 51.27 -88.88 -34.15
N ALA O 77 49.97 -89.10 -34.38
CA ALA O 77 49.48 -90.32 -34.98
C ALA O 77 48.42 -89.96 -36.01
N TYR O 78 48.58 -90.47 -37.23
CA TYR O 78 47.66 -90.22 -38.31
C TYR O 78 46.84 -91.47 -38.58
N ALA O 79 45.71 -91.29 -39.26
CA ALA O 79 44.84 -92.41 -39.59
C ALA O 79 45.25 -93.12 -40.85
N HIS O 80 46.18 -92.57 -41.63
CA HIS O 80 46.62 -93.22 -42.86
C HIS O 80 47.72 -94.25 -42.62
N GLU O 81 48.21 -94.40 -41.39
CA GLU O 81 49.09 -95.51 -41.06
C GLU O 81 48.32 -96.71 -40.51
N LEU O 82 47.00 -96.63 -40.45
CA LEU O 82 46.21 -97.77 -40.02
C LEU O 82 46.29 -98.98 -40.95
N PRO O 83 46.52 -98.84 -42.27
CA PRO O 83 46.75 -100.05 -43.08
C PRO O 83 47.91 -100.89 -42.61
N LYS O 84 48.93 -100.29 -41.99
CA LYS O 84 50.02 -101.05 -41.42
C LYS O 84 49.57 -101.92 -40.26
N TYR O 85 48.43 -101.60 -39.65
CA TYR O 85 47.90 -102.37 -38.54
C TYR O 85 46.68 -103.21 -38.91
N GLY O 86 46.15 -103.06 -40.13
CA GLY O 86 45.08 -103.93 -40.58
C GLY O 86 43.88 -103.21 -41.16
N VAL O 87 43.64 -101.98 -40.73
CA VAL O 87 42.47 -101.21 -41.18
C VAL O 87 42.81 -100.60 -42.53
N LYS O 88 42.23 -101.14 -43.59
CA LYS O 88 42.51 -100.67 -44.94
C LYS O 88 41.49 -99.66 -45.44
N VAL O 89 40.24 -99.75 -44.97
CA VAL O 89 39.16 -98.90 -45.47
C VAL O 89 38.53 -98.18 -44.28
N GLY O 90 37.83 -97.08 -44.58
CA GLY O 90 37.18 -96.31 -43.55
C GLY O 90 38.17 -95.68 -42.59
N LEU O 91 39.03 -94.81 -43.09
CA LEU O 91 40.07 -94.19 -42.31
C LEU O 91 39.66 -92.85 -41.73
N THR O 92 38.36 -92.55 -41.74
CA THR O 92 37.86 -91.29 -41.20
C THR O 92 36.56 -91.52 -40.44
N ASN O 93 36.26 -92.76 -40.09
CA ASN O 93 35.05 -93.09 -39.36
C ASN O 93 35.36 -93.20 -37.87
N TYR O 94 34.30 -93.43 -37.07
CA TYR O 94 34.46 -93.42 -35.62
C TYR O 94 35.40 -94.50 -35.15
N ALA O 95 35.36 -95.68 -35.77
CA ALA O 95 36.25 -96.76 -35.38
C ALA O 95 37.70 -96.39 -35.65
N ALA O 96 37.98 -95.78 -36.80
CA ALA O 96 39.34 -95.35 -37.09
C ALA O 96 39.78 -94.23 -36.16
N ALA O 97 38.85 -93.39 -35.73
CA ALA O 97 39.17 -92.34 -34.77
C ALA O 97 39.62 -92.94 -33.45
N TYR O 98 38.96 -94.00 -33.01
CA TYR O 98 39.39 -94.68 -31.78
C TYR O 98 40.79 -95.26 -31.94
N CYS O 99 41.08 -95.84 -33.10
CA CYS O 99 42.39 -96.44 -33.31
C CYS O 99 43.50 -95.39 -33.35
N THR O 100 43.22 -94.25 -33.99
CA THR O 100 44.22 -93.20 -34.06
C THR O 100 44.52 -92.63 -32.67
N GLY O 101 43.48 -92.45 -31.85
CA GLY O 101 43.70 -92.03 -30.47
C GLY O 101 44.46 -93.06 -29.67
N LEU O 102 44.12 -94.35 -29.87
CA LEU O 102 44.84 -95.41 -29.17
C LEU O 102 46.30 -95.47 -29.59
N LEU O 103 46.56 -95.29 -30.89
CA LEU O 103 47.94 -95.28 -31.38
C LEU O 103 48.71 -94.10 -30.81
N LEU O 104 48.06 -92.94 -30.71
CA LEU O 104 48.72 -91.77 -30.13
C LEU O 104 49.06 -92.01 -28.66
N ALA O 105 48.18 -92.70 -27.93
CA ALA O 105 48.41 -92.94 -26.51
C ALA O 105 49.54 -93.94 -26.30
N ARG O 106 49.51 -95.06 -27.04
CA ARG O 106 50.55 -96.07 -26.89
C ARG O 106 51.90 -95.56 -27.36
N ARG O 107 51.90 -94.77 -28.44
CA ARG O 107 53.15 -94.23 -28.95
C ARG O 107 53.80 -93.29 -27.96
N LEU O 108 53.00 -92.46 -27.28
CA LEU O 108 53.55 -91.50 -26.33
C LEU O 108 54.05 -92.20 -25.07
N LEU O 109 53.28 -93.16 -24.55
CA LEU O 109 53.71 -93.87 -23.35
C LEU O 109 54.99 -94.66 -23.60
N ASN O 110 55.15 -95.18 -24.82
CA ASN O 110 56.37 -95.90 -25.16
C ASN O 110 57.59 -94.97 -25.13
N ARG O 111 57.44 -93.74 -25.63
CA ARG O 111 58.54 -92.80 -25.62
C ARG O 111 58.95 -92.43 -24.20
N PHE O 112 57.97 -92.26 -23.31
CA PHE O 112 58.24 -91.82 -21.95
C PHE O 112 58.64 -92.95 -21.02
N GLY O 113 58.57 -94.20 -21.46
CA GLY O 113 58.90 -95.32 -20.62
C GLY O 113 57.77 -95.83 -19.75
N MET O 114 56.55 -95.36 -19.96
CA MET O 114 55.41 -95.71 -19.13
C MET O 114 54.49 -96.74 -19.79
N ASP O 115 54.94 -97.38 -20.87
CA ASP O 115 54.07 -98.30 -21.59
C ASP O 115 53.69 -99.50 -20.73
N LYS O 116 54.64 -100.07 -20.00
CA LYS O 116 54.35 -101.23 -19.18
C LYS O 116 53.62 -100.86 -17.89
N ILE O 117 53.87 -99.66 -17.35
CA ILE O 117 53.25 -99.27 -16.10
C ILE O 117 51.76 -99.01 -16.30
N TYR O 118 51.40 -98.29 -17.36
CA TYR O 118 50.03 -97.87 -17.62
C TYR O 118 49.53 -98.59 -18.88
N GLU O 119 48.76 -99.65 -18.69
CA GLU O 119 48.25 -100.46 -19.78
C GLU O 119 46.87 -100.04 -20.26
N GLY O 120 46.28 -99.04 -19.63
CA GLY O 120 44.94 -98.60 -20.04
C GLY O 120 43.92 -99.69 -19.83
N GLN O 121 43.08 -99.93 -20.83
CA GLN O 121 42.02 -100.92 -20.75
C GLN O 121 42.02 -101.71 -22.06
N VAL O 122 42.56 -102.93 -22.01
CA VAL O 122 42.71 -103.73 -23.23
C VAL O 122 41.34 -104.26 -23.69
N GLU O 123 40.60 -104.86 -22.77
CA GLU O 123 39.27 -105.37 -23.10
C GLU O 123 38.32 -104.18 -23.29
N VAL O 124 37.91 -103.95 -24.53
CA VAL O 124 37.22 -102.72 -24.89
C VAL O 124 35.75 -102.83 -24.50
N ASN O 125 35.28 -101.88 -23.69
CA ASN O 125 33.87 -101.64 -23.46
C ASN O 125 33.62 -100.15 -23.55
N GLY O 126 32.38 -99.78 -23.82
CA GLY O 126 32.07 -98.37 -23.91
C GLY O 126 32.03 -97.65 -22.58
N GLY O 127 32.18 -98.37 -21.48
CA GLY O 127 32.00 -97.78 -20.17
C GLY O 127 33.09 -96.79 -19.81
N GLU O 128 32.78 -95.95 -18.84
CA GLU O 128 33.71 -94.91 -18.41
C GLU O 128 34.96 -95.53 -17.78
N TYR O 129 36.12 -95.08 -18.24
CA TYR O 129 37.39 -95.51 -17.71
C TYR O 129 38.31 -94.30 -17.56
N ASN O 130 39.00 -94.23 -16.42
CA ASN O 130 39.99 -93.20 -16.18
C ASN O 130 41.22 -93.84 -15.55
N VAL O 131 42.39 -93.46 -16.03
CA VAL O 131 43.64 -94.00 -15.51
C VAL O 131 43.95 -93.34 -14.18
N GLU O 132 44.28 -94.15 -13.18
CA GLU O 132 44.70 -93.67 -11.88
C GLU O 132 46.19 -93.92 -11.70
N SER O 133 46.91 -92.90 -11.22
CA SER O 133 48.35 -93.01 -11.07
C SER O 133 48.71 -94.03 -10.00
N ILE O 134 49.81 -94.74 -10.22
CA ILE O 134 50.27 -95.79 -9.33
C ILE O 134 51.34 -95.23 -8.40
N ASP O 135 51.20 -95.49 -7.11
CA ASP O 135 52.15 -94.98 -6.12
C ASP O 135 53.53 -95.59 -6.34
N GLY O 136 54.56 -94.77 -6.17
CA GLY O 136 55.93 -95.19 -6.38
C GLY O 136 56.36 -95.21 -7.83
N GLN O 137 55.42 -95.21 -8.74
CA GLN O 137 55.65 -95.19 -10.18
C GLN O 137 55.50 -93.79 -10.73
N PRO O 138 56.08 -93.51 -11.90
CA PRO O 138 55.85 -92.20 -12.53
C PRO O 138 54.38 -91.97 -12.80
N GLY O 139 53.93 -90.73 -12.61
CA GLY O 139 52.53 -90.43 -12.69
C GLY O 139 51.97 -90.55 -14.09
N ALA O 140 50.65 -90.49 -14.17
CA ALA O 140 49.97 -90.63 -15.45
C ALA O 140 50.03 -89.33 -16.24
N PHE O 141 50.24 -89.47 -17.56
CA PHE O 141 50.30 -88.31 -18.43
C PHE O 141 48.92 -87.67 -18.56
N THR O 142 48.84 -86.37 -18.30
CA THR O 142 47.58 -85.63 -18.31
C THR O 142 47.52 -84.73 -19.53
N CYS O 143 46.42 -84.79 -20.26
CA CYS O 143 46.23 -84.03 -21.49
C CYS O 143 44.80 -83.50 -21.49
N TYR O 144 44.58 -82.47 -22.30
CA TYR O 144 43.25 -81.88 -22.46
C TYR O 144 42.87 -81.86 -23.94
N LEU O 145 41.62 -82.23 -24.22
CA LEU O 145 41.17 -82.32 -25.59
C LEU O 145 41.05 -80.94 -26.23
N ASP O 146 41.53 -80.83 -27.46
CA ASP O 146 41.37 -79.63 -28.28
C ASP O 146 40.47 -80.01 -29.46
N ALA O 147 39.21 -79.60 -29.40
CA ALA O 147 38.25 -79.92 -30.44
C ALA O 147 38.26 -78.91 -31.59
N GLY O 148 39.02 -77.83 -31.46
CA GLY O 148 39.10 -76.86 -32.54
C GLY O 148 37.76 -76.21 -32.80
N LEU O 149 37.41 -76.11 -34.09
CA LEU O 149 36.14 -75.54 -34.51
C LEU O 149 35.06 -76.59 -34.72
N ALA O 150 35.34 -77.85 -34.36
CA ALA O 150 34.34 -78.89 -34.45
C ALA O 150 33.20 -78.63 -33.49
N ARG O 151 31.97 -78.86 -33.97
CA ARG O 151 30.80 -78.72 -33.13
C ARG O 151 30.72 -79.90 -32.19
N THR O 152 30.88 -79.64 -30.90
CA THR O 152 30.88 -80.70 -29.89
C THR O 152 29.44 -81.14 -29.65
N THR O 153 29.06 -82.23 -30.27
CA THR O 153 27.76 -82.87 -30.06
C THR O 153 28.01 -84.32 -29.71
N THR O 154 26.94 -85.00 -29.28
CA THR O 154 27.05 -86.42 -28.97
C THR O 154 27.48 -87.20 -30.20
N GLY O 155 28.47 -88.06 -30.02
CA GLY O 155 28.92 -88.91 -31.10
C GLY O 155 29.89 -88.27 -32.06
N ASN O 156 30.42 -87.10 -31.72
CA ASN O 156 31.44 -86.45 -32.52
C ASN O 156 32.71 -87.29 -32.50
N LYS O 157 33.38 -87.37 -33.65
CA LYS O 157 34.53 -88.25 -33.78
C LYS O 157 35.74 -87.77 -32.99
N VAL O 158 35.72 -86.53 -32.50
CA VAL O 158 36.80 -86.09 -31.62
C VAL O 158 36.76 -86.87 -30.32
N PHE O 159 35.56 -87.21 -29.85
CA PHE O 159 35.44 -87.99 -28.63
C PHE O 159 35.71 -89.47 -28.87
N GLY O 160 35.69 -89.89 -30.14
CA GLY O 160 36.15 -91.23 -30.45
C GLY O 160 37.64 -91.40 -30.23
N ALA O 161 38.42 -90.39 -30.65
CA ALA O 161 39.86 -90.43 -30.41
C ALA O 161 40.17 -90.19 -28.94
N LEU O 162 39.35 -89.37 -28.27
CA LEU O 162 39.52 -89.18 -26.84
C LEU O 162 39.32 -90.50 -26.09
N LYS O 163 38.33 -91.28 -26.50
CA LYS O 163 38.11 -92.58 -25.87
C LYS O 163 39.25 -93.54 -26.14
N GLY O 164 39.80 -93.51 -27.36
CA GLY O 164 40.94 -94.37 -27.65
C GLY O 164 42.17 -94.00 -26.85
N ALA O 165 42.38 -92.71 -26.61
CA ALA O 165 43.54 -92.26 -25.85
C ALA O 165 43.39 -92.59 -24.37
N VAL O 166 42.21 -92.39 -23.80
CA VAL O 166 41.99 -92.73 -22.40
C VAL O 166 42.01 -94.25 -22.21
N ASP O 167 41.64 -95.01 -23.24
CA ASP O 167 41.79 -96.45 -23.18
C ASP O 167 43.24 -96.87 -23.36
N GLY O 168 44.06 -96.00 -23.96
CA GLY O 168 45.46 -96.31 -24.12
C GLY O 168 46.29 -96.07 -22.87
N GLY O 169 45.83 -95.17 -22.00
CA GLY O 169 46.53 -94.92 -20.77
C GLY O 169 46.73 -93.46 -20.43
N LEU O 170 46.17 -92.56 -21.22
CA LEU O 170 46.30 -91.13 -20.96
C LEU O 170 45.18 -90.65 -20.06
N SER O 171 45.52 -89.69 -19.19
CA SER O 171 44.58 -89.11 -18.24
C SER O 171 44.03 -87.82 -18.85
N ILE O 172 42.88 -87.93 -19.49
CA ILE O 172 42.21 -86.80 -20.12
C ILE O 172 40.86 -86.61 -19.43
N PRO O 173 40.61 -85.46 -18.80
CA PRO O 173 39.32 -85.25 -18.15
C PRO O 173 38.18 -85.18 -19.17
N HIS O 174 37.08 -85.84 -18.85
CA HIS O 174 35.94 -85.90 -19.76
C HIS O 174 34.72 -86.41 -19.00
N SER O 175 33.58 -86.35 -19.68
CA SER O 175 32.34 -86.93 -19.20
C SER O 175 31.92 -88.04 -20.14
N THR O 176 31.15 -88.99 -19.61
CA THR O 176 30.63 -90.06 -20.45
C THR O 176 29.61 -89.57 -21.47
N LYS O 177 29.09 -88.36 -21.30
CA LYS O 177 28.29 -87.72 -22.32
C LYS O 177 29.15 -87.47 -23.56
N ARG O 178 28.48 -87.15 -24.66
CA ARG O 178 29.08 -86.89 -25.96
C ARG O 178 29.66 -88.15 -26.59
N PHE O 179 29.51 -89.28 -25.96
CA PHE O 179 29.79 -90.55 -26.59
C PHE O 179 28.54 -91.06 -27.29
N PRO O 180 28.69 -91.85 -28.35
CA PRO O 180 27.50 -92.23 -29.15
C PRO O 180 26.42 -92.94 -28.36
N GLY O 181 26.77 -93.62 -27.27
CA GLY O 181 25.77 -94.35 -26.51
C GLY O 181 24.95 -93.53 -25.52
N TYR O 182 25.18 -92.22 -25.45
CA TYR O 182 24.44 -91.38 -24.52
C TYR O 182 23.05 -91.06 -25.06
N ASP O 183 22.07 -90.99 -24.16
CA ASP O 183 20.68 -90.74 -24.52
C ASP O 183 20.24 -89.41 -23.93
N SER O 184 19.71 -88.52 -24.78
CA SER O 184 19.35 -87.18 -24.33
C SER O 184 18.05 -87.20 -23.52
N GLU O 185 17.07 -88.00 -23.95
CA GLU O 185 15.77 -87.98 -23.30
C GLU O 185 15.78 -88.65 -21.94
N SER O 186 16.66 -89.64 -21.74
CA SER O 186 16.72 -90.36 -20.48
C SER O 186 17.90 -89.95 -19.61
N LYS O 187 18.84 -89.16 -20.15
CA LYS O 187 20.03 -88.73 -19.42
C LYS O 187 20.82 -89.92 -18.88
N GLU O 188 20.94 -90.96 -19.69
CA GLU O 188 21.64 -92.17 -19.31
C GLU O 188 22.65 -92.52 -20.40
N PHE O 189 23.71 -93.21 -20.00
CA PHE O 189 24.75 -93.65 -20.93
C PHE O 189 24.69 -95.16 -21.06
N ASN O 190 24.60 -95.64 -22.30
CA ASN O 190 24.59 -97.07 -22.59
C ASN O 190 25.93 -97.43 -23.23
N ALA O 191 26.74 -98.18 -22.50
CA ALA O 191 28.09 -98.50 -22.96
C ALA O 191 28.08 -99.46 -24.14
N GLU O 192 26.98 -100.17 -24.38
CA GLU O 192 26.96 -101.13 -25.48
C GLU O 192 26.88 -100.45 -26.83
N VAL O 193 26.07 -99.39 -26.94
CA VAL O 193 25.99 -98.65 -28.19
C VAL O 193 27.32 -98.00 -28.52
N HIS O 194 27.99 -97.46 -27.50
CA HIS O 194 29.31 -96.88 -27.68
C HIS O 194 30.30 -97.95 -28.15
N ARG O 195 30.24 -99.14 -27.57
CA ARG O 195 31.14 -100.21 -27.97
C ARG O 195 30.88 -100.65 -29.40
N LYS O 196 29.61 -100.61 -29.84
CA LYS O 196 29.29 -100.95 -31.22
C LYS O 196 29.91 -99.96 -32.20
N HIS O 197 29.89 -98.67 -31.85
CA HIS O 197 30.49 -97.66 -32.72
C HIS O 197 32.01 -97.82 -32.80
N ILE O 198 32.62 -98.26 -31.70
CA ILE O 198 34.07 -98.43 -31.68
C ILE O 198 34.49 -99.56 -32.63
N MET O 199 33.67 -100.60 -32.74
CA MET O 199 33.94 -101.71 -33.64
C MET O 199 33.32 -101.53 -35.02
N GLY O 200 32.70 -100.40 -35.30
CA GLY O 200 32.17 -100.17 -36.63
C GLY O 200 30.93 -100.97 -36.96
N GLN O 201 30.17 -101.40 -35.96
CA GLN O 201 28.96 -102.15 -36.22
C GLN O 201 27.89 -101.29 -36.89
N ASN O 202 27.88 -99.99 -36.60
CA ASN O 202 26.94 -99.11 -37.29
C ASN O 202 27.26 -99.01 -38.77
N VAL O 203 28.52 -99.26 -39.15
CA VAL O 203 28.89 -99.31 -40.55
C VAL O 203 28.50 -100.66 -41.16
N ALA O 204 28.72 -101.74 -40.43
CA ALA O 204 28.35 -103.07 -40.92
C ALA O 204 26.85 -103.20 -41.08
N ASP O 205 26.09 -102.55 -40.20
CA ASP O 205 24.63 -102.56 -40.34
C ASP O 205 24.20 -101.84 -41.60
N TYR O 206 24.88 -100.75 -41.95
CA TYR O 206 24.56 -100.04 -43.19
C TYR O 206 24.86 -100.90 -44.40
N MET O 207 25.97 -101.62 -44.38
CA MET O 207 26.32 -102.51 -45.49
C MET O 207 25.25 -103.58 -45.68
N ARG O 208 24.83 -104.21 -44.58
CA ARG O 208 23.79 -105.24 -44.66
C ARG O 208 22.46 -104.65 -45.10
N TYR O 209 22.15 -103.44 -44.64
CA TYR O 209 20.92 -102.77 -45.04
C TYR O 209 20.92 -102.50 -46.55
N LEU O 210 22.08 -102.15 -47.09
CA LEU O 210 22.15 -101.80 -48.52
C LEU O 210 22.12 -103.05 -49.40
N MET O 211 22.75 -104.14 -48.97
CA MET O 211 22.70 -105.36 -49.77
C MET O 211 21.28 -105.88 -49.87
N GLU O 212 20.49 -105.76 -48.81
CA GLU O 212 19.11 -106.21 -48.85
C GLU O 212 18.25 -105.27 -49.68
N GLU O 213 18.49 -103.97 -49.61
CA GLU O 213 17.63 -103.00 -50.29
C GLU O 213 18.00 -102.85 -51.76
N ASP O 214 19.23 -102.41 -52.03
CA ASP O 214 19.66 -102.10 -53.40
C ASP O 214 21.12 -102.47 -53.56
N GLU O 215 21.41 -103.45 -54.41
CA GLU O 215 22.79 -103.84 -54.66
C GLU O 215 23.57 -102.72 -55.33
N ASP O 216 22.95 -102.04 -56.30
CA ASP O 216 23.64 -100.98 -57.02
C ASP O 216 24.06 -99.86 -56.09
N ALA O 217 23.18 -99.46 -55.18
CA ALA O 217 23.54 -98.43 -54.21
C ALA O 217 24.61 -98.94 -53.25
N TYR O 218 24.60 -100.24 -52.95
CA TYR O 218 25.60 -100.79 -52.05
C TYR O 218 27.00 -100.71 -52.65
N LYS O 219 27.12 -100.99 -53.96
CA LYS O 219 28.42 -100.87 -54.61
C LYS O 219 28.88 -99.42 -54.66
N LYS O 220 27.96 -98.50 -54.92
CA LYS O 220 28.32 -97.09 -55.00
C LYS O 220 28.85 -96.57 -53.67
N GLN O 221 28.19 -96.93 -52.57
CA GLN O 221 28.59 -96.41 -51.27
C GLN O 221 29.82 -97.14 -50.73
N PHE O 222 29.96 -98.42 -51.04
CA PHE O 222 31.12 -99.21 -50.64
C PHE O 222 31.74 -99.84 -51.87
N SER O 223 32.69 -99.14 -52.49
CA SER O 223 33.49 -99.68 -53.57
C SER O 223 34.85 -100.16 -53.11
N GLN O 224 35.54 -99.34 -52.31
CA GLN O 224 36.84 -99.73 -51.79
C GLN O 224 36.71 -100.80 -50.71
N TYR O 225 35.55 -100.90 -50.08
CA TYR O 225 35.28 -102.02 -49.17
C TYR O 225 35.26 -103.33 -49.93
N ILE O 226 34.62 -103.33 -51.11
CA ILE O 226 34.57 -104.54 -51.93
C ILE O 226 35.94 -104.83 -52.54
N LYS O 227 36.65 -103.79 -52.97
CA LYS O 227 37.97 -103.99 -53.56
C LYS O 227 38.95 -104.55 -52.54
N ASN O 228 38.74 -104.25 -51.26
CA ASN O 228 39.60 -104.74 -50.20
C ASN O 228 39.03 -105.95 -49.47
N ASN O 229 37.89 -106.47 -49.92
CA ASN O 229 37.29 -107.68 -49.36
C ASN O 229 37.02 -107.54 -47.87
N VAL O 230 36.44 -106.42 -47.48
CA VAL O 230 36.03 -106.18 -46.10
C VAL O 230 34.54 -106.47 -46.03
N THR O 231 34.19 -107.63 -45.52
CA THR O 231 32.83 -108.09 -45.34
C THR O 231 32.24 -107.53 -44.04
N PRO O 232 30.93 -107.30 -43.98
CA PRO O 232 30.32 -106.84 -42.73
C PRO O 232 30.55 -107.76 -41.55
N ASP O 233 30.72 -109.06 -41.77
CA ASP O 233 30.89 -109.99 -40.66
C ASP O 233 32.27 -109.92 -40.03
N MET O 234 33.28 -109.48 -40.77
CA MET O 234 34.65 -109.46 -40.28
C MET O 234 35.12 -108.08 -39.81
N MET O 235 34.22 -107.11 -39.70
CA MET O 235 34.62 -105.78 -39.25
C MET O 235 35.01 -105.77 -37.78
N GLU O 236 34.27 -106.49 -36.94
CA GLU O 236 34.59 -106.49 -35.51
C GLU O 236 35.94 -107.14 -35.25
N GLU O 237 36.24 -108.25 -35.92
CA GLU O 237 37.53 -108.90 -35.74
C GLU O 237 38.66 -108.07 -36.30
N MET O 238 38.41 -107.34 -37.40
CA MET O 238 39.45 -106.50 -37.98
C MET O 238 39.86 -105.38 -37.03
N TYR O 239 38.89 -104.76 -36.38
CA TYR O 239 39.21 -103.68 -35.44
C TYR O 239 39.82 -104.22 -34.16
N LYS O 240 39.38 -105.40 -33.72
CA LYS O 240 40.00 -106.03 -32.55
C LYS O 240 41.46 -106.39 -32.83
N LYS O 241 41.73 -106.94 -34.01
CA LYS O 241 43.11 -107.28 -34.38
C LYS O 241 43.96 -106.03 -34.51
N ALA O 242 43.39 -104.95 -35.04
CA ALA O 242 44.14 -103.70 -35.16
C ALA O 242 44.50 -103.15 -33.79
N HIS O 243 43.60 -103.27 -32.82
CA HIS O 243 43.89 -102.77 -31.48
C HIS O 243 45.08 -103.50 -30.87
N ALA O 244 45.13 -104.82 -31.04
CA ALA O 244 46.27 -105.58 -30.54
C ALA O 244 47.56 -105.20 -31.24
N ALA O 245 47.49 -104.98 -32.56
CA ALA O 245 48.69 -104.60 -33.31
C ALA O 245 49.24 -103.26 -32.84
N ILE O 246 48.36 -102.28 -32.59
CA ILE O 246 48.82 -100.99 -32.09
C ILE O 246 49.47 -101.15 -30.73
N ARG O 247 48.88 -101.95 -29.86
CA ARG O 247 49.42 -102.12 -28.52
C ARG O 247 50.75 -102.86 -28.54
N GLU O 248 50.94 -103.77 -29.50
CA GLU O 248 52.17 -104.56 -29.54
C GLU O 248 53.33 -103.76 -30.10
N ASN O 249 53.09 -102.93 -31.12
CA ASN O 249 54.14 -102.14 -31.76
C ASN O 249 53.58 -100.78 -32.13
N PRO O 250 53.64 -99.80 -31.22
CA PRO O 250 53.21 -98.44 -31.54
C PRO O 250 54.30 -97.53 -32.09
N VAL O 251 55.55 -97.98 -32.10
CA VAL O 251 56.65 -97.12 -32.52
C VAL O 251 56.51 -96.79 -34.00
N TYR O 252 56.83 -95.54 -34.34
CA TYR O 252 56.72 -95.07 -35.71
C TYR O 252 58.07 -95.08 -36.39
N GLU O 253 58.15 -95.68 -37.57
CA GLU O 253 59.35 -95.67 -38.39
C GLU O 253 59.20 -94.60 -39.46
N LYS O 254 60.05 -93.59 -39.41
CA LYS O 254 59.95 -92.47 -40.34
C LYS O 254 60.25 -92.92 -41.76
N LYS O 255 59.52 -92.37 -42.71
CA LYS O 255 59.78 -92.66 -44.11
C LYS O 255 61.15 -92.14 -44.50
N PRO O 256 61.98 -92.95 -45.15
CA PRO O 256 63.35 -92.51 -45.45
C PRO O 256 63.36 -91.37 -46.46
N LYS O 257 64.15 -90.35 -46.16
CA LYS O 257 64.26 -89.20 -47.04
C LYS O 257 65.04 -89.56 -48.28
N ARG O 258 64.54 -89.12 -49.43
CA ARG O 258 65.17 -89.37 -50.72
C ARG O 258 65.67 -88.06 -51.30
N GLU O 259 66.93 -88.05 -51.73
CA GLU O 259 67.47 -86.89 -52.43
C GLU O 259 66.88 -86.85 -53.85
N VAL O 260 66.45 -85.66 -54.25
CA VAL O 260 65.80 -85.47 -55.55
C VAL O 260 66.39 -84.23 -56.22
N LYS O 261 66.19 -84.15 -57.53
CA LYS O 261 66.62 -82.97 -58.28
C LYS O 261 65.67 -81.82 -58.02
N LYS O 262 66.22 -80.67 -57.66
CA LYS O 262 65.41 -79.49 -57.33
C LYS O 262 64.86 -78.90 -58.62
N LYS O 263 63.59 -79.17 -58.90
CA LYS O 263 62.90 -78.60 -60.05
C LYS O 263 61.82 -77.65 -59.57
N ARG O 264 61.85 -76.42 -60.08
CA ARG O 264 60.87 -75.42 -59.69
C ARG O 264 59.54 -75.70 -60.36
N TRP O 265 58.48 -75.77 -59.56
CA TRP O 265 57.12 -75.93 -60.08
C TRP O 265 56.34 -74.63 -60.03
N ASN O 266 56.95 -73.54 -59.59
CA ASN O 266 56.30 -72.26 -59.45
C ASN O 266 57.13 -71.18 -60.14
N ARG O 267 56.46 -70.10 -60.49
CA ARG O 267 57.12 -68.98 -61.15
C ARG O 267 57.93 -68.17 -60.15
N PRO O 268 59.20 -67.88 -60.43
CA PRO O 268 59.95 -66.95 -59.59
C PRO O 268 59.48 -65.52 -59.79
N LYS O 269 59.74 -64.69 -58.79
CA LYS O 269 59.35 -63.29 -58.85
C LYS O 269 60.16 -62.54 -59.91
N MET O 270 59.48 -61.69 -60.66
CA MET O 270 60.17 -60.84 -61.62
C MET O 270 60.95 -59.76 -60.91
N SER O 271 62.08 -59.38 -61.52
CA SER O 271 62.96 -58.37 -60.96
C SER O 271 62.49 -56.97 -61.35
N LEU O 272 63.17 -55.97 -60.79
CA LEU O 272 62.85 -54.58 -61.12
C LEU O 272 63.10 -54.29 -62.59
N ALA O 273 64.18 -54.86 -63.15
CA ALA O 273 64.49 -54.64 -64.55
C ALA O 273 63.39 -55.17 -65.45
N GLN O 274 62.86 -56.35 -65.13
CA GLN O 274 61.80 -56.94 -65.95
C GLN O 274 60.54 -56.09 -65.89
N LYS O 275 60.17 -55.65 -64.69
CA LYS O 275 58.95 -54.88 -64.52
C LYS O 275 59.04 -53.54 -65.23
N LYS O 276 60.19 -52.87 -65.15
CA LYS O 276 60.35 -51.59 -65.82
C LYS O 276 60.39 -51.77 -67.34
N ASP O 277 61.05 -52.83 -67.81
CA ASP O 277 61.12 -53.06 -69.25
C ASP O 277 59.75 -53.32 -69.83
N ARG O 278 58.91 -54.07 -69.12
CA ARG O 278 57.58 -54.41 -69.61
C ARG O 278 56.75 -53.16 -69.85
N VAL O 279 56.83 -52.19 -68.94
CA VAL O 279 56.12 -50.93 -69.14
C VAL O 279 56.70 -50.16 -70.33
N ALA O 280 58.00 -50.26 -70.56
CA ALA O 280 58.62 -49.56 -71.67
C ALA O 280 58.10 -50.08 -73.00
N GLN O 281 58.00 -51.40 -73.16
CA GLN O 281 57.54 -51.95 -74.43
C GLN O 281 56.03 -51.89 -74.57
N LYS O 282 55.29 -51.88 -73.45
CA LYS O 282 53.85 -51.68 -73.54
C LYS O 282 53.52 -50.26 -73.97
N LYS O 283 54.30 -49.29 -73.49
CA LYS O 283 54.12 -47.90 -73.94
C LYS O 283 54.47 -47.76 -75.41
N ALA O 284 55.58 -48.37 -75.83
CA ALA O 284 56.02 -48.25 -77.22
C ALA O 284 55.02 -48.90 -78.17
N SER O 285 54.45 -50.03 -77.78
CA SER O 285 53.47 -50.70 -78.64
C SER O 285 52.21 -49.85 -78.80
N PHE O 286 51.77 -49.19 -77.74
CA PHE O 286 50.59 -48.35 -77.83
C PHE O 286 50.83 -47.17 -78.77
N LEU O 287 52.00 -46.55 -78.68
CA LEU O 287 52.33 -45.44 -79.57
C LEU O 287 52.44 -45.92 -81.01
N ARG O 288 53.07 -47.08 -81.22
CA ARG O 288 53.22 -47.62 -82.57
C ARG O 288 51.87 -47.99 -83.17
N ALA O 289 51.00 -48.64 -82.39
CA ALA O 289 49.71 -49.06 -82.91
C ALA O 289 48.82 -47.86 -83.24
N GLN O 290 48.84 -46.83 -82.39
CA GLN O 290 48.03 -45.66 -82.65
C GLN O 290 48.59 -44.86 -83.84
N GLU O 291 49.88 -44.95 -84.09
CA GLU O 291 50.46 -44.28 -85.25
C GLU O 291 50.11 -45.02 -86.53
N ARG O 292 50.14 -46.35 -86.51
CA ARG O 292 49.78 -47.13 -87.68
C ARG O 292 48.33 -46.90 -88.11
N ALA O 293 47.42 -46.86 -87.14
CA ALA O 293 46.01 -46.63 -87.42
C ALA O 293 45.73 -45.14 -87.63
N LYS P 1 150.14 -22.63 4.61
CA LYS P 1 149.22 -22.22 5.66
C LYS P 1 147.80 -22.11 5.12
N ALA P 2 147.21 -20.93 5.23
CA ALA P 2 145.84 -20.66 4.77
C ALA P 2 145.88 -19.61 3.67
N LYS P 3 145.41 -19.98 2.48
CA LYS P 3 145.33 -19.08 1.34
C LYS P 3 143.94 -19.19 0.74
N PRO P 4 142.96 -18.49 1.30
CA PRO P 4 141.59 -18.61 0.81
C PRO P 4 141.41 -18.04 -0.59
N HIS P 5 141.15 -18.92 -1.55
CA HIS P 5 140.87 -18.50 -2.91
C HIS P 5 139.53 -17.79 -2.98
N CYS P 6 139.39 -16.92 -3.97
CA CYS P 6 138.10 -16.30 -4.22
C CYS P 6 137.12 -17.35 -4.76
N SER P 7 135.83 -17.01 -4.69
CA SER P 7 134.81 -17.92 -5.20
C SER P 7 135.04 -18.19 -6.67
N ARG P 8 135.07 -19.47 -7.04
CA ARG P 8 135.31 -19.88 -8.41
C ARG P 8 134.05 -19.88 -9.26
N ASN P 9 132.90 -19.55 -8.68
CA ASN P 9 131.63 -19.50 -9.40
C ASN P 9 131.23 -18.06 -9.61
N PRO P 10 131.42 -17.48 -10.80
CA PRO P 10 130.99 -16.10 -11.03
C PRO P 10 129.49 -15.95 -10.85
N VAL P 11 129.10 -14.81 -10.29
CA VAL P 11 127.69 -14.53 -10.02
C VAL P 11 127.04 -14.10 -11.33
N LEU P 12 126.18 -14.95 -11.87
CA LEU P 12 125.44 -14.61 -13.09
C LEU P 12 124.28 -13.67 -12.76
N VAL P 13 123.36 -14.13 -11.92
CA VAL P 13 122.33 -13.31 -11.32
C VAL P 13 122.36 -13.61 -9.83
N ARG P 14 121.95 -12.65 -9.01
CA ARG P 14 121.93 -12.84 -7.57
C ARG P 14 121.28 -14.17 -7.21
N GLY P 15 122.06 -15.04 -6.57
CA GLY P 15 121.58 -16.33 -6.15
C GLY P 15 121.78 -17.46 -7.14
N ILE P 16 122.23 -17.16 -8.35
CA ILE P 16 122.46 -18.16 -9.39
C ILE P 16 123.86 -17.98 -9.94
N GLY P 17 124.74 -18.92 -9.62
CA GLY P 17 126.07 -18.90 -10.18
C GLY P 17 126.08 -19.31 -11.64
N ARG P 18 127.23 -19.10 -12.27
CA ARG P 18 127.35 -19.34 -13.71
C ARG P 18 127.63 -20.80 -14.02
N TYR P 19 128.19 -21.55 -13.08
CA TYR P 19 128.63 -22.91 -13.34
C TYR P 19 127.76 -23.91 -12.58
N SER P 20 127.47 -25.03 -13.24
CA SER P 20 126.61 -26.04 -12.67
C SER P 20 127.34 -26.85 -11.61
N ARG P 21 126.68 -27.88 -11.11
CA ARG P 21 127.25 -28.69 -10.04
C ARG P 21 128.43 -29.51 -10.53
N SER P 22 128.34 -30.04 -11.76
CA SER P 22 129.44 -30.83 -12.30
C SER P 22 130.59 -29.93 -12.73
N ALA P 23 130.29 -28.75 -13.26
CA ALA P 23 131.34 -27.83 -13.69
C ALA P 23 132.21 -27.38 -12.52
N MET P 24 131.59 -27.08 -11.38
CA MET P 24 132.36 -26.64 -10.22
C MET P 24 133.12 -27.79 -9.59
N TYR P 25 132.63 -29.02 -9.74
CA TYR P 25 133.37 -30.19 -9.26
C TYR P 25 134.71 -30.29 -9.95
N SER P 26 134.74 -30.08 -11.26
CA SER P 26 135.99 -30.16 -12.01
C SER P 26 136.86 -28.92 -11.79
N ARG P 27 136.24 -27.75 -11.64
CA ARG P 27 137.01 -26.53 -11.47
C ARG P 27 137.73 -26.51 -10.13
N LYS P 28 137.22 -27.25 -9.15
CA LYS P 28 137.93 -27.44 -7.89
C LYS P 28 138.75 -28.72 -7.85
N ALA P 29 138.73 -29.52 -8.91
CA ALA P 29 139.53 -30.74 -9.01
C ALA P 29 139.27 -31.69 -7.85
N LEU P 30 137.99 -31.87 -7.52
CA LEU P 30 137.62 -32.74 -6.42
C LEU P 30 137.91 -34.21 -6.71
N TYR P 31 138.08 -34.57 -7.98
CA TYR P 31 138.53 -35.92 -8.34
C TYR P 31 139.95 -36.20 -7.85
N LYS P 32 140.75 -35.16 -7.61
CA LYS P 32 142.08 -35.39 -7.03
C LYS P 32 142.06 -35.41 -5.51
N ARG P 33 140.95 -35.05 -4.88
CA ARG P 33 140.88 -34.95 -3.43
C ARG P 33 140.24 -36.15 -2.75
N LYS P 34 140.09 -37.27 -3.46
CA LYS P 34 139.62 -38.49 -2.84
C LYS P 34 140.80 -39.40 -2.52
N TYR P 35 140.86 -39.89 -1.29
CA TYR P 35 141.97 -40.75 -0.87
C TYR P 35 141.60 -42.22 -1.02
N LEU P 36 136.66 -22.27 30.41
CA LEU P 36 136.94 -22.51 31.82
C LEU P 36 135.97 -21.71 32.70
N ALA P 37 135.08 -22.43 33.39
CA ALA P 37 134.07 -21.78 34.21
C ALA P 37 134.58 -21.42 35.59
N THR P 38 135.71 -21.97 36.03
CA THR P 38 136.25 -21.66 37.34
C THR P 38 137.76 -21.63 37.26
N VAL P 39 138.37 -20.86 38.14
CA VAL P 39 139.82 -20.67 38.19
C VAL P 39 140.27 -20.88 39.63
N THR P 40 141.35 -21.65 39.79
CA THR P 40 141.87 -21.95 41.11
C THR P 40 142.85 -20.86 41.54
N LYS P 41 142.48 -20.11 42.57
CA LYS P 41 143.19 -18.90 42.98
C LYS P 41 143.63 -19.01 44.43
N THR P 42 144.88 -18.64 44.70
CA THR P 42 145.43 -18.77 46.04
C THR P 42 144.87 -17.72 46.98
N VAL P 43 144.62 -18.13 48.23
CA VAL P 43 144.04 -17.20 49.20
C VAL P 43 145.09 -16.24 49.75
N GLY P 44 146.31 -16.71 49.95
CA GLY P 44 147.31 -15.88 50.58
C GLY P 44 147.11 -15.68 52.07
N GLY P 45 146.31 -16.54 52.71
CA GLY P 45 146.09 -16.45 54.13
C GLY P 45 146.61 -17.69 54.83
N ASP P 46 147.02 -17.49 56.09
CA ASP P 46 147.57 -18.57 56.88
C ASP P 46 146.47 -19.43 57.47
N LYS P 47 146.81 -20.70 57.72
CA LYS P 47 145.89 -21.66 58.35
C LYS P 47 144.58 -21.79 57.58
N ASN P 48 144.64 -21.56 56.27
CA ASN P 48 143.52 -21.79 55.37
C ASN P 48 143.76 -23.08 54.60
N GLY P 49 142.74 -23.51 53.87
CA GLY P 49 142.85 -24.73 53.09
C GLY P 49 143.83 -24.66 51.95
N GLY P 50 144.36 -23.47 51.67
CA GLY P 50 145.22 -23.25 50.53
C GLY P 50 144.50 -22.45 49.45
N THR P 51 144.89 -22.69 48.21
CA THR P 51 144.19 -22.08 47.10
C THR P 51 142.78 -22.66 46.99
N ARG P 52 141.85 -21.85 46.48
CA ARG P 52 140.46 -22.27 46.33
C ARG P 52 139.93 -21.89 44.96
N VAL P 53 138.94 -22.66 44.49
CA VAL P 53 138.32 -22.45 43.20
C VAL P 53 137.28 -21.34 43.31
N VAL P 54 137.24 -20.45 42.33
CA VAL P 54 136.28 -19.36 42.28
C VAL P 54 135.63 -19.35 40.91
N LYS P 55 134.34 -19.06 40.86
CA LYS P 55 133.57 -19.10 39.62
C LYS P 55 133.52 -17.71 38.99
N LEU P 56 133.90 -17.64 37.72
CA LEU P 56 133.90 -16.35 37.03
C LEU P 56 132.49 -15.82 36.88
N ARG P 57 131.51 -16.69 36.71
CA ARG P 57 130.11 -16.31 36.70
C ARG P 57 129.43 -16.79 37.97
N LYS P 58 128.64 -15.91 38.57
CA LYS P 58 127.92 -16.22 39.81
C LYS P 58 126.43 -16.20 39.54
N MET P 59 125.69 -16.99 40.31
CA MET P 59 124.25 -17.05 40.15
C MET P 59 123.63 -15.70 40.49
N PRO P 60 122.51 -15.35 39.87
CA PRO P 60 121.88 -14.06 40.17
C PRO P 60 121.48 -13.97 41.63
N ARG P 61 121.68 -12.79 42.22
CA ARG P 61 121.26 -12.54 43.58
C ARG P 61 119.81 -12.10 43.70
N TYR P 62 119.15 -11.82 42.58
CA TYR P 62 117.75 -11.45 42.59
C TYR P 62 117.10 -11.91 41.29
N TYR P 63 115.92 -12.51 41.42
CA TYR P 63 115.14 -12.95 40.29
C TYR P 63 113.86 -12.13 40.26
N PRO P 64 113.49 -11.56 39.11
CA PRO P 64 112.23 -10.81 39.03
C PRO P 64 111.04 -11.74 39.16
N THR P 65 109.88 -11.13 39.44
CA THR P 65 108.66 -11.90 39.58
C THR P 65 108.27 -12.59 38.28
N GLU P 66 108.38 -11.90 37.15
CA GLU P 66 108.07 -12.49 35.85
C GLU P 66 109.17 -12.16 34.85
N ASP P 67 109.26 -13.00 33.83
CA ASP P 67 110.19 -12.82 32.71
C ASP P 67 109.42 -12.98 31.41
N VAL P 68 110.01 -12.48 30.33
CA VAL P 68 109.42 -12.59 29.00
C VAL P 68 110.04 -13.78 28.29
N PRO P 69 109.27 -14.53 27.51
CA PRO P 69 109.85 -15.61 26.71
C PRO P 69 110.75 -15.05 25.62
N ARG P 70 111.76 -15.83 25.26
CA ARG P 70 112.70 -15.40 24.25
C ARG P 70 112.08 -15.49 22.86
N LYS P 71 112.58 -14.65 21.96
CA LYS P 71 112.03 -14.51 20.62
C LYS P 71 112.41 -15.69 19.73
N LEU P 72 111.60 -15.90 18.70
CA LEU P 72 111.95 -16.84 17.65
C LEU P 72 113.11 -16.30 16.81
N LEU P 73 113.69 -17.17 16.00
CA LEU P 73 114.85 -16.78 15.19
C LEU P 73 114.42 -16.38 13.79
N SER P 74 115.03 -15.31 13.29
CA SER P 74 114.76 -14.78 11.96
C SER P 74 116.06 -14.77 11.16
N HIS P 75 115.97 -14.31 9.92
CA HIS P 75 117.14 -14.13 9.08
C HIS P 75 116.94 -12.95 8.16
N GLY P 76 118.04 -12.33 7.75
CA GLY P 76 118.02 -11.20 6.86
C GLY P 76 117.83 -9.87 7.52
N LYS P 77 117.60 -9.84 8.83
CA LYS P 77 117.38 -8.59 9.56
C LYS P 77 118.71 -8.14 10.15
N LYS P 78 119.58 -7.66 9.27
CA LYS P 78 120.92 -7.22 9.63
C LYS P 78 120.87 -5.86 10.33
N PRO P 79 121.90 -5.54 11.11
CA PRO P 79 121.96 -4.21 11.72
C PRO P 79 122.24 -3.13 10.68
N PHE P 80 122.04 -1.88 11.08
CA PHE P 80 122.19 -0.76 10.16
C PHE P 80 123.61 -0.66 9.62
N SER P 81 124.61 -1.04 10.42
CA SER P 81 126.00 -0.99 9.97
C SER P 81 126.26 -1.91 8.77
N GLN P 82 125.51 -3.00 8.65
CA GLN P 82 125.75 -3.98 7.61
C GLN P 82 124.78 -3.87 6.44
N HIS P 83 123.90 -2.88 6.43
CA HIS P 83 123.01 -2.69 5.29
C HIS P 83 123.80 -2.25 4.06
N VAL P 84 123.33 -2.67 2.90
CA VAL P 84 123.91 -2.24 1.63
C VAL P 84 123.51 -0.80 1.38
N ARG P 85 124.47 0.02 0.97
CA ARG P 85 124.25 1.45 0.75
C ARG P 85 124.04 1.69 -0.73
N ARG P 86 122.91 2.31 -1.08
CA ARG P 86 122.60 2.62 -2.46
C ARG P 86 122.75 4.11 -2.72
N LEU P 87 123.16 4.44 -3.94
CA LEU P 87 123.32 5.82 -4.37
C LEU P 87 122.55 6.03 -5.66
N ARG P 88 121.71 7.06 -5.68
CA ARG P 88 120.96 7.40 -6.88
C ARG P 88 121.91 7.73 -8.02
N SER P 89 121.61 7.19 -9.20
CA SER P 89 122.53 7.28 -10.33
C SER P 89 122.79 8.71 -10.77
N SER P 90 121.84 9.62 -10.54
CA SER P 90 122.03 11.01 -10.92
C SER P 90 123.03 11.75 -10.04
N ILE P 91 123.46 11.15 -8.94
CA ILE P 91 124.37 11.78 -8.00
C ILE P 91 125.74 11.14 -8.17
N THR P 92 126.66 11.87 -8.79
CA THR P 92 128.05 11.48 -8.98
C THR P 92 128.92 12.61 -8.45
N PRO P 93 130.18 12.32 -8.12
CA PRO P 93 131.03 13.37 -7.53
C PRO P 93 131.12 14.60 -8.43
N GLY P 94 130.99 15.77 -7.80
CA GLY P 94 130.98 17.03 -8.51
C GLY P 94 129.60 17.53 -8.90
N THR P 95 128.57 16.72 -8.75
CA THR P 95 127.22 17.14 -9.11
C THR P 95 126.73 18.23 -8.17
N VAL P 96 126.11 19.25 -8.75
CA VAL P 96 125.48 20.30 -7.96
C VAL P 96 124.13 19.81 -7.46
N LEU P 97 123.93 19.88 -6.15
CA LEU P 97 122.71 19.41 -5.52
C LEU P 97 121.96 20.60 -4.93
N ILE P 98 120.64 20.51 -4.92
CA ILE P 98 119.78 21.50 -4.27
C ILE P 98 119.28 20.90 -2.97
N ILE P 99 119.57 21.58 -1.86
CA ILE P 99 119.09 21.12 -0.57
C ILE P 99 117.64 21.53 -0.40
N LEU P 100 116.80 20.57 0.01
CA LEU P 100 115.37 20.81 0.07
C LEU P 100 114.83 21.02 1.48
N THR P 101 115.50 20.51 2.51
CA THR P 101 114.86 20.39 3.80
C THR P 101 115.65 20.89 5.00
N GLY P 102 116.94 21.18 4.86
CA GLY P 102 117.71 21.60 6.01
C GLY P 102 117.41 23.03 6.43
N ARG P 103 118.27 23.56 7.29
CA ARG P 103 118.31 25.00 7.49
C ARG P 103 118.86 25.71 6.26
N HIS P 104 119.62 25.01 5.44
CA HIS P 104 120.08 25.53 4.15
C HIS P 104 119.12 25.17 3.02
N ARG P 105 117.83 25.46 3.24
CA ARG P 105 116.83 25.21 2.22
C ARG P 105 117.09 26.06 0.98
N GLY P 106 117.03 25.43 -0.18
CA GLY P 106 117.20 26.11 -1.44
C GLY P 106 118.64 26.37 -1.85
N LYS P 107 119.60 26.01 -1.01
CA LYS P 107 121.00 26.25 -1.35
C LYS P 107 121.46 25.26 -2.41
N ARG P 108 122.46 25.66 -3.18
CA ARG P 108 123.05 24.82 -4.22
C ARG P 108 124.48 24.47 -3.81
N VAL P 109 124.74 23.19 -3.57
CA VAL P 109 126.00 22.73 -3.03
C VAL P 109 126.66 21.78 -4.03
N VAL P 110 127.89 21.39 -3.72
CA VAL P 110 128.67 20.48 -4.55
C VAL P 110 128.80 19.16 -3.81
N PHE P 111 128.41 18.07 -4.45
CA PHE P 111 128.54 16.74 -3.88
C PHE P 111 129.97 16.25 -4.03
N LEU P 112 130.48 15.62 -2.97
CA LEU P 112 131.86 15.12 -2.95
C LEU P 112 131.94 13.60 -2.95
N LYS P 113 131.31 12.95 -1.98
CA LYS P 113 131.42 11.51 -1.81
C LYS P 113 130.27 11.02 -0.94
N GLN P 114 130.08 9.70 -0.96
CA GLN P 114 129.13 9.04 -0.08
C GLN P 114 129.87 8.44 1.09
N LEU P 115 129.38 8.71 2.30
CA LEU P 115 130.00 8.20 3.52
C LEU P 115 129.52 6.77 3.80
N ASP P 116 130.02 6.19 4.89
CA ASP P 116 129.75 4.79 5.19
C ASP P 116 128.33 4.55 5.67
N SER P 117 127.57 5.59 6.00
CA SER P 117 126.17 5.44 6.35
C SER P 117 125.24 5.71 5.18
N GLY P 118 125.79 5.99 4.00
CA GLY P 118 125.00 6.40 2.87
C GLY P 118 124.69 7.88 2.83
N LEU P 119 125.06 8.62 3.87
CA LEU P 119 124.90 10.07 3.85
C LEU P 119 125.92 10.68 2.90
N LEU P 120 125.47 11.69 2.15
CA LEU P 120 126.32 12.38 1.19
C LEU P 120 127.13 13.43 1.92
N LEU P 121 128.45 13.41 1.72
CA LEU P 121 129.30 14.50 2.14
C LEU P 121 129.30 15.56 1.05
N VAL P 122 128.78 16.74 1.37
CA VAL P 122 128.71 17.83 0.41
C VAL P 122 129.41 19.05 0.97
N THR P 123 129.86 19.91 0.07
CA THR P 123 130.24 21.28 0.43
C THR P 123 129.94 22.18 -0.75
N GLY P 124 129.04 23.13 -0.55
CA GLY P 124 129.02 24.30 -1.39
C GLY P 124 130.00 25.24 -0.76
N PRO P 125 131.13 25.51 -1.42
CA PRO P 125 132.27 26.11 -0.72
C PRO P 125 131.87 27.28 0.14
N LEU P 126 132.37 27.28 1.37
CA LEU P 126 131.85 28.17 2.42
C LEU P 126 131.98 29.64 2.02
N VAL P 127 132.92 29.97 1.14
CA VAL P 127 133.05 31.35 0.67
C VAL P 127 131.98 31.77 -0.32
N ILE P 128 131.16 30.83 -0.79
CA ILE P 128 130.17 31.09 -1.81
C ILE P 128 128.75 31.10 -1.25
N ASN P 129 128.41 30.11 -0.43
CA ASN P 129 127.03 30.03 0.05
C ASN P 129 126.93 29.72 1.54
N ARG P 130 128.03 29.77 2.29
CA ARG P 130 128.02 29.56 3.74
C ARG P 130 127.50 28.17 4.12
N VAL P 131 127.76 27.18 3.27
CA VAL P 131 127.48 25.78 3.58
C VAL P 131 128.83 25.10 3.81
N PRO P 132 129.12 24.66 5.02
CA PRO P 132 130.41 24.04 5.30
C PRO P 132 130.42 22.58 4.84
N LEU P 133 131.48 21.86 5.20
CA LEU P 133 131.51 20.43 4.98
C LEU P 133 130.44 19.77 5.84
N ARG P 134 129.34 19.37 5.22
CA ARG P 134 128.18 18.88 5.94
C ARG P 134 127.68 17.59 5.29
N ARG P 135 127.02 16.79 6.10
CA ARG P 135 126.33 15.59 5.64
C ARG P 135 124.93 15.97 5.19
N THR P 136 124.38 15.18 4.27
CA THR P 136 123.02 15.38 3.81
C THR P 136 122.45 14.04 3.38
N HIS P 137 121.12 13.96 3.37
CA HIS P 137 120.43 12.76 2.93
C HIS P 137 120.09 12.89 1.45
N GLN P 138 120.40 11.84 0.68
CA GLN P 138 120.12 11.86 -0.75
C GLN P 138 118.64 11.93 -1.05
N LYS P 139 117.80 11.45 -0.14
CA LYS P 139 116.36 11.54 -0.34
C LYS P 139 115.83 12.95 -0.18
N PHE P 140 116.64 13.88 0.30
CA PHE P 140 116.21 15.25 0.58
C PHE P 140 117.02 16.26 -0.22
N VAL P 141 117.56 15.82 -1.36
CA VAL P 141 118.27 16.69 -2.29
C VAL P 141 117.74 16.44 -3.69
N ILE P 142 117.96 17.41 -4.56
CA ILE P 142 117.67 17.28 -5.98
C ILE P 142 118.99 17.38 -6.74
N ALA P 143 119.27 16.38 -7.56
CA ALA P 143 120.51 16.34 -8.32
C ALA P 143 120.30 17.03 -9.66
N THR P 144 121.10 18.06 -9.92
CA THR P 144 121.02 18.80 -11.17
C THR P 144 121.94 18.18 -12.22
N SER P 145 121.91 18.74 -13.42
CA SER P 145 122.76 18.27 -14.51
C SER P 145 124.11 18.96 -14.55
N THR P 146 124.33 19.96 -13.70
CA THR P 146 125.61 20.67 -13.67
C THR P 146 126.60 19.89 -12.83
N LYS P 147 127.80 19.70 -13.37
CA LYS P 147 128.85 18.94 -12.71
C LYS P 147 130.16 19.72 -12.75
N VAL P 148 130.99 19.49 -11.75
CA VAL P 148 132.34 20.01 -11.68
C VAL P 148 133.30 18.84 -11.75
N ASP P 149 134.36 18.98 -12.55
CA ASP P 149 135.39 17.97 -12.61
C ASP P 149 136.07 17.87 -11.25
N ILE P 150 135.79 16.80 -10.51
CA ILE P 150 136.24 16.68 -9.13
C ILE P 150 137.32 15.62 -8.97
N SER P 151 137.47 14.71 -9.93
CA SER P 151 138.61 13.82 -9.94
C SER P 151 139.90 14.63 -9.80
N ASP P 152 140.86 14.04 -9.08
CA ASP P 152 142.10 14.71 -8.67
C ASP P 152 141.82 15.82 -7.65
N VAL P 153 140.89 15.54 -6.73
CA VAL P 153 140.71 16.33 -5.52
C VAL P 153 140.86 15.38 -4.34
N LYS P 154 141.75 15.72 -3.40
CA LYS P 154 142.06 14.85 -2.29
C LYS P 154 141.20 15.23 -1.09
N ILE P 155 140.16 14.45 -0.84
CA ILE P 155 139.32 14.61 0.35
C ILE P 155 140.07 13.93 1.51
N PRO P 156 140.32 14.63 2.61
CA PRO P 156 141.04 14.00 3.73
C PRO P 156 140.33 12.75 4.21
N LYS P 157 141.13 11.72 4.54
CA LYS P 157 140.58 10.42 4.89
C LYS P 157 139.86 10.42 6.22
N HIS P 158 140.11 11.41 7.08
CA HIS P 158 139.48 11.48 8.39
C HIS P 158 138.11 12.15 8.35
N LEU P 159 137.66 12.58 7.19
CA LEU P 159 136.30 13.10 7.05
C LEU P 159 135.36 11.91 6.95
N THR P 160 134.99 11.36 8.10
CA THR P 160 134.16 10.17 8.20
C THR P 160 132.88 10.54 8.93
N ASP P 161 132.00 9.55 9.11
CA ASP P 161 130.76 9.80 9.84
C ASP P 161 131.04 10.13 11.29
N ALA P 162 132.05 9.50 11.88
CA ALA P 162 132.45 9.85 13.25
C ALA P 162 132.97 11.27 13.33
N TYR P 163 133.48 11.81 12.22
CA TYR P 163 133.96 13.18 12.21
C TYR P 163 132.81 14.17 12.28
N PHE P 164 131.68 13.84 11.66
CA PHE P 164 130.55 14.75 11.55
C PHE P 164 129.46 14.48 12.56
N LYS P 165 129.54 13.38 13.30
CA LYS P 165 128.53 13.07 14.29
C LYS P 165 128.51 14.13 15.39
N LYS P 166 127.31 14.49 15.83
CA LYS P 166 127.14 15.49 16.86
C LYS P 166 127.67 14.98 18.20
N LYS P 167 128.07 15.92 19.05
CA LYS P 167 128.53 15.61 20.39
C LYS P 167 127.51 16.09 21.41
N GLN P 168 127.30 15.30 22.45
CA GLN P 168 126.35 15.67 23.49
C GLN P 168 126.89 16.82 24.34
N LEU P 169 125.98 17.48 25.04
CA LEU P 169 126.30 18.63 25.88
C LEU P 169 126.02 18.29 27.35
N ARG P 170 126.23 19.27 28.21
CA ARG P 170 126.04 19.14 29.66
C ARG P 170 126.86 17.97 30.22
N GLU P 171 127.88 26.42 26.37
CA GLU P 171 126.91 25.38 26.08
C GLU P 171 126.62 25.32 24.58
N LYS P 172 126.80 26.45 23.90
CA LYS P 172 126.52 26.52 22.49
C LYS P 172 127.60 25.83 21.67
N TYR P 173 127.27 25.50 20.43
CA TYR P 173 128.20 24.86 19.52
C TYR P 173 129.32 25.81 19.12
N GLU P 174 130.53 25.27 18.98
CA GLU P 174 131.70 26.04 18.63
C GLU P 174 132.44 25.36 17.50
N ILE P 175 132.88 26.14 16.52
CA ILE P 175 133.67 25.61 15.42
C ILE P 175 135.09 25.39 15.88
N THR P 176 135.61 24.19 15.66
CA THR P 176 136.97 23.84 16.06
C THR P 176 137.95 24.20 14.96
N GLU P 177 139.23 24.29 15.34
CA GLU P 177 140.26 24.61 14.36
C GLU P 177 140.38 23.53 13.30
N GLN P 178 140.08 22.28 13.66
CA GLN P 178 140.13 21.20 12.68
C GLN P 178 139.03 21.36 11.63
N ARG P 179 137.85 21.80 12.05
CA ARG P 179 136.78 22.06 11.10
C ARG P 179 137.17 23.19 10.14
N LYS P 180 137.79 24.25 10.68
CA LYS P 180 138.22 25.36 9.83
C LYS P 180 139.34 24.94 8.89
N ALA P 181 140.32 24.18 9.40
CA ALA P 181 141.44 23.76 8.57
C ALA P 181 140.98 22.81 7.47
N ASP P 182 140.11 21.86 7.82
CA ASP P 182 139.62 20.91 6.81
C ASP P 182 138.79 21.61 5.74
N GLN P 183 138.05 22.65 6.13
CA GLN P 183 137.30 23.44 5.15
C GLN P 183 138.25 24.08 4.14
N LYS P 184 139.37 24.61 4.62
CA LYS P 184 140.31 25.29 3.74
C LYS P 184 141.00 24.32 2.79
N ALA P 185 141.30 23.11 3.27
CA ALA P 185 142.00 22.13 2.45
C ALA P 185 141.15 21.71 1.25
N VAL P 186 139.86 21.48 1.48
CA VAL P 186 138.98 21.05 0.39
C VAL P 186 138.61 22.24 -0.49
N ASP P 187 138.30 23.38 0.12
CA ASP P 187 137.87 24.55 -0.66
C ASP P 187 139.00 25.07 -1.54
N LEU P 188 140.25 24.84 -1.13
CA LEU P 188 141.38 25.29 -1.95
C LEU P 188 141.43 24.55 -3.28
N GLN P 189 141.12 23.25 -3.27
CA GLN P 189 141.15 22.47 -4.50
C GLN P 189 139.85 22.56 -5.29
N ILE P 190 138.75 22.91 -4.64
CA ILE P 190 137.44 22.90 -5.30
C ILE P 190 137.19 24.23 -6.00
N LEU P 191 137.72 25.32 -5.46
CA LEU P 191 137.46 26.65 -6.01
C LEU P 191 137.97 26.84 -7.44
N PRO P 192 139.21 26.48 -7.78
CA PRO P 192 139.67 26.71 -9.17
C PRO P 192 138.81 26.02 -10.22
N LYS P 193 138.26 24.86 -9.88
CA LYS P 193 137.46 24.13 -10.85
C LYS P 193 136.02 24.62 -10.90
N ILE P 194 135.63 25.47 -9.94
CA ILE P 194 134.34 26.16 -10.04
C ILE P 194 134.49 27.44 -10.85
N LYS P 195 135.56 28.20 -10.60
CA LYS P 195 135.81 29.43 -11.34
C LYS P 195 136.16 29.16 -12.79
N ALA P 196 136.54 27.92 -13.13
CA ALA P 196 136.78 27.58 -14.53
C ALA P 196 135.50 27.61 -15.33
N VAL P 197 134.40 27.15 -14.76
CA VAL P 197 133.11 27.21 -15.44
C VAL P 197 132.54 28.62 -15.29
N PRO P 198 132.20 29.29 -16.38
CA PRO P 198 131.65 30.65 -16.28
C PRO P 198 130.29 30.65 -15.62
N GLN P 199 130.08 31.64 -14.75
CA GLN P 199 128.85 31.91 -14.02
C GLN P 199 128.44 30.78 -13.09
N LEU P 200 129.29 29.77 -12.88
CA LEU P 200 128.98 28.74 -11.89
C LEU P 200 129.08 29.31 -10.48
N GLN P 201 129.92 30.32 -10.28
CA GLN P 201 130.05 30.93 -8.97
C GLN P 201 128.75 31.57 -8.51
N GLY P 202 128.11 32.36 -9.38
CA GLY P 202 126.86 32.98 -9.01
C GLY P 202 125.70 32.01 -8.97
N TYR P 203 125.81 30.90 -9.69
CA TYR P 203 124.81 29.85 -9.61
C TYR P 203 124.79 29.23 -8.22
N LEU P 204 125.97 29.03 -7.63
CA LEU P 204 126.04 28.43 -6.30
C LEU P 204 125.69 29.44 -5.20
N ARG P 205 125.76 30.74 -5.50
CA ARG P 205 125.33 31.75 -4.55
C ARG P 205 123.81 31.87 -4.51
N SER P 206 123.16 31.69 -5.65
CA SER P 206 121.72 31.86 -5.72
C SER P 206 121.00 30.68 -5.08
N GLN P 207 119.73 30.90 -4.77
CA GLN P 207 118.91 29.92 -4.08
C GLN P 207 117.73 29.52 -4.96
N PHE P 208 117.40 28.23 -4.92
CA PHE P 208 116.34 27.69 -5.74
C PHE P 208 114.98 28.01 -5.14
N SER P 209 114.01 28.27 -6.00
CA SER P 209 112.65 28.57 -5.57
C SER P 209 111.71 28.27 -6.71
N LEU P 210 110.43 28.18 -6.38
CA LEU P 210 109.37 27.96 -7.36
C LEU P 210 108.60 29.26 -7.56
N THR P 211 108.49 29.68 -8.82
CA THR P 211 107.76 30.88 -9.19
C THR P 211 106.48 30.50 -9.95
N ASN P 212 105.77 31.52 -10.43
CA ASN P 212 104.50 31.28 -11.10
C ASN P 212 104.70 30.51 -12.40
N GLY P 213 103.88 29.48 -12.60
CA GLY P 213 103.95 28.68 -13.81
C GLY P 213 105.06 27.67 -13.86
N MET P 214 105.80 27.48 -12.77
CA MET P 214 106.93 26.56 -12.73
C MET P 214 106.47 25.28 -12.05
N TYR P 215 106.45 24.18 -12.79
CA TYR P 215 105.97 22.91 -12.28
C TYR P 215 107.10 21.90 -12.32
N PRO P 216 107.44 21.25 -11.20
CA PRO P 216 108.63 20.40 -11.16
C PRO P 216 108.59 19.23 -12.13
N HIS P 217 107.41 18.68 -12.42
CA HIS P 217 107.32 17.58 -13.37
C HIS P 217 107.62 18.02 -14.80
N LYS P 218 107.56 19.32 -15.07
CA LYS P 218 107.92 19.84 -16.39
C LYS P 218 109.31 20.44 -16.42
N LEU P 219 109.88 20.76 -15.26
CA LEU P 219 111.24 21.28 -15.20
C LEU P 219 112.25 20.16 -15.41
N VAL P 220 113.45 20.55 -15.84
CA VAL P 220 114.53 19.60 -16.12
C VAL P 220 115.59 19.75 -15.05
N PHE P 221 115.87 18.65 -14.35
CA PHE P 221 116.91 18.63 -13.33
C PHE P 221 117.94 17.55 -13.64
N GLU Q 1 96.54 28.94 -13.49
CA GLU Q 1 97.04 29.90 -12.52
C GLU Q 1 96.09 30.02 -11.34
N GLY Q 2 96.06 31.17 -10.69
CA GLY Q 2 95.19 31.41 -9.54
C GLY Q 2 94.68 32.82 -9.51
N GLN Q 3 94.74 33.44 -8.35
CA GLN Q 3 94.28 34.84 -8.14
C GLN Q 3 92.80 34.90 -8.55
N VAL Q 4 92.38 35.93 -9.26
CA VAL Q 4 91.01 36.05 -9.73
C VAL Q 4 90.98 35.77 -11.22
N LEU Q 5 90.13 34.83 -11.63
CA LEU Q 5 89.99 34.45 -13.03
C LEU Q 5 88.89 35.31 -13.65
N VAL Q 6 89.28 36.23 -14.54
CA VAL Q 6 88.36 37.12 -15.21
C VAL Q 6 88.08 36.58 -16.61
N LEU Q 7 86.82 36.27 -16.89
CA LEU Q 7 86.41 35.63 -18.12
C LEU Q 7 85.56 36.60 -18.93
N ASP Q 8 85.87 36.72 -20.21
CA ASP Q 8 85.02 37.47 -21.13
C ASP Q 8 83.94 36.54 -21.65
N GLY Q 9 82.68 36.84 -21.32
CA GLY Q 9 81.60 35.96 -21.68
C GLY Q 9 81.13 36.04 -23.11
N ARG Q 10 81.70 36.94 -23.91
CA ARG Q 10 81.27 37.09 -25.29
C ARG Q 10 81.72 35.90 -26.13
N GLY Q 11 80.80 35.33 -26.90
CA GLY Q 11 81.11 34.23 -27.78
C GLY Q 11 81.07 32.87 -27.14
N HIS Q 12 80.85 32.79 -25.84
CA HIS Q 12 80.76 31.50 -25.16
C HIS Q 12 79.32 31.00 -25.16
N LEU Q 13 79.20 29.70 -24.90
CA LEU Q 13 77.89 29.06 -24.79
C LEU Q 13 77.52 28.95 -23.32
N LEU Q 14 76.24 29.14 -23.02
CA LEU Q 14 75.79 29.37 -21.66
C LEU Q 14 76.14 28.20 -20.74
N GLY Q 15 75.60 27.01 -21.04
CA GLY Q 15 75.79 25.88 -20.14
C GLY Q 15 77.22 25.39 -20.08
N ARG Q 16 77.93 25.41 -21.20
CA ARG Q 16 79.30 24.91 -21.21
C ARG Q 16 80.22 25.81 -20.41
N LEU Q 17 80.01 27.13 -20.48
CA LEU Q 17 80.76 28.04 -19.63
C LEU Q 17 80.35 27.89 -18.17
N ALA Q 18 79.07 27.67 -17.92
CA ALA Q 18 78.57 27.56 -16.55
C ALA Q 18 79.14 26.33 -15.87
N ALA Q 19 79.26 25.21 -16.59
CA ALA Q 19 79.80 24.00 -16.00
C ALA Q 19 81.26 24.18 -15.60
N ILE Q 20 82.03 24.88 -16.42
CA ILE Q 20 83.44 25.11 -16.10
C ILE Q 20 83.59 26.09 -14.95
N VAL Q 21 82.78 27.15 -14.94
CA VAL Q 21 82.83 28.12 -13.85
C VAL Q 21 82.40 27.47 -12.54
N ALA Q 22 81.39 26.59 -12.59
CA ALA Q 22 80.91 25.94 -11.39
C ALA Q 22 81.99 25.08 -10.74
N LYS Q 23 82.78 24.38 -11.56
CA LYS Q 23 83.82 23.52 -11.01
C LYS Q 23 84.98 24.35 -10.46
N GLN Q 24 85.35 25.42 -11.16
CA GLN Q 24 86.44 26.28 -10.68
C GLN Q 24 86.08 26.91 -9.34
N VAL Q 25 84.84 27.34 -9.20
CA VAL Q 25 84.43 28.03 -7.98
C VAL Q 25 84.28 27.03 -6.83
N LEU Q 26 84.05 25.75 -7.15
CA LEU Q 26 84.06 24.71 -6.12
C LEU Q 26 85.48 24.34 -5.73
N LEU Q 27 86.44 24.62 -6.61
CA LEU Q 27 87.84 24.32 -6.32
C LEU Q 27 88.52 25.43 -5.54
N GLY Q 28 87.78 26.49 -5.17
CA GLY Q 28 88.32 27.57 -4.39
C GLY Q 28 88.66 28.83 -5.17
N ARG Q 29 88.66 28.79 -6.50
CA ARG Q 29 89.03 29.95 -7.29
C ARG Q 29 87.93 31.01 -7.28
N LYS Q 30 88.34 32.26 -7.21
CA LYS Q 30 87.44 33.38 -7.44
C LYS Q 30 87.32 33.62 -8.94
N VAL Q 31 86.09 33.74 -9.43
CA VAL Q 31 85.81 33.89 -10.84
C VAL Q 31 84.99 35.16 -11.04
N VAL Q 32 85.34 35.92 -12.07
CA VAL Q 32 84.59 37.08 -12.50
C VAL Q 32 84.23 36.87 -13.97
N VAL Q 33 82.95 36.96 -14.30
CA VAL Q 33 82.48 36.85 -15.67
C VAL Q 33 81.91 38.19 -16.08
N VAL Q 34 82.46 38.79 -17.13
CA VAL Q 34 82.01 40.07 -17.61
C VAL Q 34 81.30 39.88 -18.95
N ARG Q 35 80.48 40.86 -19.31
CA ARG Q 35 79.80 40.88 -20.60
C ARG Q 35 78.91 39.64 -20.77
N CYS Q 36 78.08 39.38 -19.76
CA CYS Q 36 77.16 38.27 -19.82
C CYS Q 36 76.09 38.45 -20.89
N GLU Q 37 75.93 39.67 -21.43
CA GLU Q 37 74.98 39.87 -22.52
C GLU Q 37 75.52 39.35 -23.85
N GLY Q 38 76.81 39.10 -23.96
CA GLY Q 38 77.39 38.50 -25.13
C GLY Q 38 77.38 36.99 -25.16
N ILE Q 39 76.84 36.37 -24.13
CA ILE Q 39 76.79 34.91 -24.07
C ILE Q 39 75.76 34.40 -25.08
N ASN Q 40 76.12 33.33 -25.79
CA ASN Q 40 75.26 32.73 -26.79
C ASN Q 40 74.64 31.44 -26.26
N ILE Q 41 73.46 31.11 -26.77
CA ILE Q 41 72.79 29.84 -26.49
C ILE Q 41 72.46 29.18 -27.82
N SER Q 42 72.64 27.86 -27.88
CA SER Q 42 72.42 27.13 -29.13
C SER Q 42 70.92 27.05 -29.45
N GLY Q 43 70.63 27.03 -30.74
CA GLY Q 43 69.25 27.04 -31.20
C GLY Q 43 68.76 28.44 -31.53
N ASN Q 44 67.83 28.48 -32.47
CA ASN Q 44 67.32 29.76 -32.95
C ASN Q 44 66.72 30.58 -31.80
N PHE Q 45 66.60 31.88 -32.02
CA PHE Q 45 66.17 32.79 -30.96
C PHE Q 45 64.77 32.46 -30.48
N TYR Q 46 63.86 32.14 -31.40
CA TYR Q 46 62.47 31.90 -31.01
C TYR Q 46 62.35 30.71 -30.09
N ARG Q 47 63.08 29.63 -30.37
CA ARG Q 47 63.05 28.44 -29.53
C ARG Q 47 63.56 28.75 -28.13
N ASN Q 48 64.64 29.55 -28.04
CA ASN Q 48 65.18 29.90 -26.73
C ASN Q 48 64.30 30.91 -26.01
N LYS Q 49 63.62 31.77 -26.75
CA LYS Q 49 62.67 32.69 -26.12
C LYS Q 49 61.48 31.92 -25.56
N LEU Q 50 61.04 30.88 -26.26
CA LEU Q 50 59.95 30.05 -25.75
C LEU Q 50 60.34 29.35 -24.46
N LYS Q 51 61.61 28.93 -24.35
CA LYS Q 51 62.09 28.27 -23.14
C LYS Q 51 62.01 29.19 -21.94
N TYR Q 52 62.40 30.46 -22.12
CA TYR Q 52 62.34 31.40 -21.01
C TYR Q 52 60.90 31.76 -20.65
N LEU Q 53 60.02 31.86 -21.64
CA LEU Q 53 58.62 32.18 -21.34
C LEU Q 53 57.94 31.05 -20.57
N ALA Q 54 58.28 29.80 -20.88
CA ALA Q 54 57.80 28.68 -20.08
C ALA Q 54 58.32 28.77 -18.65
N PHE Q 55 59.57 29.22 -18.49
CA PHE Q 55 60.11 29.46 -17.16
C PHE Q 55 59.35 30.57 -16.45
N LEU Q 56 58.96 31.62 -17.18
CA LEU Q 56 58.17 32.70 -16.58
C LEU Q 56 56.81 32.21 -16.10
N ARG Q 57 56.25 31.21 -16.77
CA ARG Q 57 54.94 30.71 -16.38
C ARG Q 57 55.01 29.96 -15.06
N LYS Q 58 56.15 29.38 -14.74
CA LYS Q 58 56.32 28.66 -13.47
C LYS Q 58 56.31 29.64 -12.32
N ARG Q 59 55.33 29.51 -11.43
CA ARG Q 59 55.08 30.51 -10.40
C ARG Q 59 54.10 29.92 -9.40
N MET Q 60 54.37 30.14 -8.12
CA MET Q 60 53.51 29.63 -7.05
C MET Q 60 52.19 30.40 -7.07
N ASN Q 61 51.12 29.73 -7.50
CA ASN Q 61 49.88 30.45 -7.77
C ASN Q 61 49.17 30.90 -6.51
N THR Q 62 49.52 30.34 -5.35
CA THR Q 62 48.97 30.83 -4.10
C THR Q 62 49.62 32.16 -3.69
N ASN Q 63 50.95 32.26 -3.84
CA ASN Q 63 51.66 33.50 -3.53
C ASN Q 63 52.89 33.58 -4.42
N PRO Q 64 52.76 34.20 -5.59
CA PRO Q 64 53.92 34.28 -6.50
C PRO Q 64 55.08 35.10 -5.97
N SER Q 65 54.87 35.97 -4.98
CA SER Q 65 56.00 36.67 -4.39
C SER Q 65 56.92 35.71 -3.66
N ARG Q 66 56.37 34.60 -3.16
CA ARG Q 66 57.20 33.51 -2.67
C ARG Q 66 57.79 32.70 -3.81
N GLY Q 67 57.10 32.65 -4.94
CA GLY Q 67 57.44 31.74 -6.02
C GLY Q 67 58.81 31.96 -6.60
N PRO Q 68 59.17 31.13 -7.59
CA PRO Q 68 60.50 31.26 -8.20
C PRO Q 68 60.69 32.64 -8.79
N TYR Q 69 61.89 33.19 -8.59
CA TYR Q 69 62.22 34.53 -9.04
C TYR Q 69 62.89 34.46 -10.39
N HIS Q 70 62.34 35.18 -11.35
CA HIS Q 70 62.81 35.17 -12.73
C HIS Q 70 63.61 36.45 -12.97
N PHE Q 71 64.92 36.33 -12.83
CA PHE Q 71 65.80 37.46 -13.10
C PHE Q 71 66.00 37.65 -14.59
N ARG Q 72 65.87 38.90 -15.04
CA ARG Q 72 65.86 39.23 -16.46
C ARG Q 72 67.19 39.78 -16.97
N ALA Q 73 68.08 40.21 -16.11
CA ALA Q 73 69.38 40.66 -16.59
C ALA Q 73 70.22 39.46 -17.01
N PRO Q 74 70.99 39.59 -18.10
CA PRO Q 74 71.78 38.44 -18.56
C PRO Q 74 72.80 37.93 -17.55
N SER Q 75 73.35 38.83 -16.72
CA SER Q 75 74.29 38.39 -15.70
C SER Q 75 73.60 37.52 -14.66
N ARG Q 76 72.37 37.89 -14.27
CA ARG Q 76 71.64 37.08 -13.31
C ARG Q 76 71.10 35.80 -13.95
N ILE Q 77 70.83 35.83 -15.26
CA ILE Q 77 70.48 34.61 -15.97
C ILE Q 77 71.64 33.63 -15.94
N PHE Q 78 72.85 34.13 -16.20
CA PHE Q 78 74.03 33.28 -16.10
C PHE Q 78 74.26 32.82 -14.67
N TRP Q 79 74.03 33.71 -13.70
CA TRP Q 79 74.21 33.36 -12.31
C TRP Q 79 73.30 32.20 -11.90
N ARG Q 80 72.10 32.15 -12.47
CA ARG Q 80 71.16 31.08 -12.14
C ARG Q 80 71.52 29.77 -12.82
N THR Q 81 72.15 29.82 -13.99
CA THR Q 81 72.59 28.57 -14.62
C THR Q 81 73.74 27.94 -13.86
N VAL Q 82 74.66 28.76 -13.35
CA VAL Q 82 75.72 28.24 -12.48
C VAL Q 82 75.11 27.76 -11.17
N ARG Q 83 74.07 28.43 -10.70
CA ARG Q 83 73.42 28.05 -9.45
C ARG Q 83 72.84 26.64 -9.54
N GLY Q 84 72.31 26.27 -10.70
CA GLY Q 84 71.76 24.94 -10.87
C GLY Q 84 72.84 23.88 -10.98
N MET Q 85 74.09 24.29 -11.15
CA MET Q 85 75.20 23.37 -11.18
C MET Q 85 75.92 23.28 -9.84
N LEU Q 86 75.42 23.93 -8.81
CA LEU Q 86 76.11 23.95 -7.52
C LEU Q 86 75.21 23.38 -6.45
N PRO Q 87 75.80 22.80 -5.40
CA PRO Q 87 75.01 22.37 -4.23
C PRO Q 87 74.69 23.56 -3.32
N HIS Q 88 73.79 24.42 -3.81
CA HIS Q 88 73.55 25.72 -3.22
C HIS Q 88 72.71 25.67 -1.94
N LYS Q 89 72.23 24.50 -1.54
CA LYS Q 89 71.56 24.35 -0.26
C LYS Q 89 72.48 23.94 0.87
N THR Q 90 73.76 23.74 0.58
CA THR Q 90 74.77 23.44 1.60
C THR Q 90 75.70 24.63 1.77
N LYS Q 91 76.42 24.63 2.89
CA LYS Q 91 77.34 25.73 3.18
C LYS Q 91 78.46 25.79 2.16
N ARG Q 92 78.94 24.64 1.69
CA ARG Q 92 80.01 24.60 0.71
C ARG Q 92 79.55 25.21 -0.62
N GLY Q 93 78.33 24.90 -1.04
CA GLY Q 93 77.80 25.48 -2.26
C GLY Q 93 77.57 26.97 -2.15
N GLN Q 94 77.10 27.43 -0.99
CA GLN Q 94 76.90 28.87 -0.79
C GLN Q 94 78.22 29.62 -0.84
N ALA Q 95 79.26 29.09 -0.19
CA ALA Q 95 80.56 29.74 -0.19
C ALA Q 95 81.16 29.79 -1.58
N ALA Q 96 81.01 28.71 -2.34
CA ALA Q 96 81.48 28.70 -3.72
C ALA Q 96 80.73 29.72 -4.57
N LEU Q 97 79.42 29.82 -4.35
CA LEU Q 97 78.61 30.77 -5.10
C LEU Q 97 79.02 32.20 -4.80
N GLU Q 98 79.43 32.48 -3.57
CA GLU Q 98 79.89 33.81 -3.20
C GLU Q 98 81.20 34.16 -3.90
N ARG Q 99 81.93 33.14 -4.36
CA ARG Q 99 83.17 33.37 -5.08
C ARG Q 99 82.92 33.74 -6.54
N LEU Q 100 81.67 33.64 -7.00
CA LEU Q 100 81.34 34.02 -8.37
C LEU Q 100 80.80 35.44 -8.42
N LYS Q 101 81.29 36.20 -9.38
CA LYS Q 101 80.81 37.56 -9.63
C LYS Q 101 80.51 37.71 -11.11
N VAL Q 102 79.29 38.15 -11.41
CA VAL Q 102 78.81 38.27 -12.78
C VAL Q 102 78.45 39.73 -13.05
N LEU Q 103 78.73 40.17 -14.27
CA LEU Q 103 78.58 41.57 -14.63
C LEU Q 103 78.06 41.70 -16.06
N ASP Q 104 77.18 42.68 -16.26
CA ASP Q 104 76.78 43.09 -17.60
C ASP Q 104 77.63 44.26 -18.03
N GLY Q 105 78.24 44.15 -19.20
CA GLY Q 105 79.24 45.10 -19.61
C GLY Q 105 80.55 44.85 -18.86
N ILE Q 106 81.44 45.83 -18.94
CA ILE Q 106 82.73 45.73 -18.28
C ILE Q 106 82.92 46.94 -17.37
N PRO Q 107 82.42 46.88 -16.15
CA PRO Q 107 82.44 48.03 -15.23
C PRO Q 107 83.85 48.42 -14.82
N PRO Q 108 84.01 49.50 -14.04
CA PRO Q 108 85.33 50.13 -13.87
C PRO Q 108 86.43 49.17 -13.42
N PRO Q 109 86.19 48.23 -12.47
CA PRO Q 109 87.34 47.41 -12.02
C PRO Q 109 88.03 46.64 -13.16
N TYR Q 110 87.30 46.24 -14.19
CA TYR Q 110 87.79 45.20 -15.08
C TYR Q 110 87.89 45.51 -16.56
N ASP Q 111 87.80 46.75 -17.04
CA ASP Q 111 88.21 46.83 -18.43
C ASP Q 111 89.72 46.98 -18.52
N LYS Q 112 90.35 47.60 -17.54
CA LYS Q 112 91.80 47.75 -17.57
C LYS Q 112 92.47 46.54 -16.98
N LYS Q 113 92.06 45.38 -17.48
CA LYS Q 113 92.57 44.08 -17.10
C LYS Q 113 92.42 43.15 -18.30
N LYS Q 114 93.24 42.12 -18.36
CA LYS Q 114 93.16 41.16 -19.45
C LYS Q 114 92.11 40.09 -19.12
N ARG Q 115 91.19 39.87 -20.05
CA ARG Q 115 90.14 38.87 -19.88
C ARG Q 115 90.57 37.55 -20.52
N MET Q 116 90.10 36.46 -19.93
CA MET Q 116 90.40 35.12 -20.40
C MET Q 116 89.20 34.54 -21.15
N VAL Q 117 89.46 33.49 -21.90
CA VAL Q 117 88.48 32.82 -22.72
C VAL Q 117 88.62 31.32 -22.51
N VAL Q 118 87.48 30.63 -22.45
CA VAL Q 118 87.47 29.18 -22.30
C VAL Q 118 87.16 28.56 -23.65
N PRO Q 119 88.14 27.99 -24.34
CA PRO Q 119 87.90 27.44 -25.68
C PRO Q 119 86.89 26.30 -25.71
N ALA Q 120 86.75 25.55 -24.62
CA ALA Q 120 85.77 24.47 -24.57
C ALA Q 120 84.33 24.96 -24.52
N ALA Q 121 84.12 26.27 -24.34
CA ALA Q 121 82.79 26.84 -24.32
C ALA Q 121 82.54 27.81 -25.46
N LEU Q 122 83.54 28.10 -26.29
CA LEU Q 122 83.36 29.06 -27.37
C LEU Q 122 82.44 28.49 -28.45
N LYS Q 123 81.62 29.37 -29.03
CA LYS Q 123 80.68 28.96 -30.06
C LYS Q 123 81.39 28.57 -31.34
N VAL Q 124 82.48 29.27 -31.68
CA VAL Q 124 83.23 28.96 -32.89
C VAL Q 124 83.84 27.56 -32.82
N VAL Q 125 83.97 27.02 -31.62
CA VAL Q 125 84.59 25.71 -31.43
C VAL Q 125 83.53 24.61 -31.31
N ARG Q 126 82.46 24.86 -30.57
CA ARG Q 126 81.53 23.81 -30.18
C ARG Q 126 80.27 23.73 -31.04
N LEU Q 127 79.99 24.73 -31.86
CA LEU Q 127 78.82 24.73 -32.72
C LEU Q 127 79.25 24.63 -34.17
N LYS Q 128 78.53 23.82 -34.94
CA LYS Q 128 78.73 23.79 -36.38
C LYS Q 128 78.35 25.14 -36.97
N PRO Q 129 79.08 25.61 -37.99
CA PRO Q 129 78.85 26.97 -38.50
C PRO Q 129 77.47 27.19 -39.09
N THR Q 130 76.74 26.14 -39.46
CA THR Q 130 75.42 26.29 -40.04
C THR Q 130 74.29 26.22 -39.03
N ARG Q 131 74.59 26.03 -37.75
CA ARG Q 131 73.56 25.95 -36.73
C ARG Q 131 73.23 27.33 -36.18
N LYS Q 132 71.95 27.57 -35.99
CA LYS Q 132 71.46 28.85 -35.49
C LYS Q 132 71.66 28.96 -33.99
N PHE Q 133 71.78 30.20 -33.51
CA PHE Q 133 72.00 30.46 -32.10
C PHE Q 133 71.31 31.75 -31.71
N ALA Q 134 71.23 31.97 -30.40
CA ALA Q 134 70.60 33.15 -29.82
C ALA Q 134 71.62 33.96 -29.03
N TYR Q 135 71.29 35.23 -28.84
CA TYR Q 135 72.08 36.13 -28.01
C TYR Q 135 71.38 36.34 -26.68
N LEU Q 136 72.12 36.19 -25.59
CA LEU Q 136 71.53 36.37 -24.27
C LEU Q 136 71.09 37.81 -24.06
N GLY Q 137 71.78 38.76 -24.67
CA GLY Q 137 71.40 40.17 -24.54
C GLY Q 137 70.04 40.46 -25.16
N ARG Q 138 69.84 39.99 -26.39
CA ARG Q 138 68.54 40.19 -27.03
C ARG Q 138 67.45 39.41 -26.33
N LEU Q 139 67.74 38.17 -25.92
CA LEU Q 139 66.74 37.36 -25.24
C LEU Q 139 66.32 37.99 -23.92
N ALA Q 140 67.28 38.54 -23.17
CA ALA Q 140 66.96 39.23 -21.93
C ALA Q 140 66.08 40.46 -22.18
N HIS Q 141 66.41 41.21 -23.23
CA HIS Q 141 65.65 42.42 -23.54
C HIS Q 141 64.20 42.10 -23.89
N GLU Q 142 63.96 40.96 -24.53
CA GLU Q 142 62.61 40.60 -24.95
C GLU Q 142 61.78 40.05 -23.79
N VAL Q 143 62.42 39.70 -22.68
CA VAL Q 143 61.67 39.18 -21.54
C VAL Q 143 61.65 40.13 -20.35
N GLY Q 144 62.12 41.37 -20.52
CA GLY Q 144 61.91 42.37 -19.50
C GLY Q 144 63.13 43.11 -18.99
N TRP Q 145 64.30 42.86 -19.58
CA TRP Q 145 65.52 43.53 -19.14
C TRP Q 145 65.47 45.00 -19.54
N LYS Q 146 65.72 45.88 -18.57
CA LYS Q 146 65.48 47.31 -18.78
C LYS Q 146 66.65 48.02 -19.41
N TYR Q 147 67.88 47.57 -19.18
CA TYR Q 147 69.07 48.34 -19.56
C TYR Q 147 69.88 47.56 -20.57
N GLN Q 148 69.48 47.64 -21.83
CA GLN Q 148 70.32 47.15 -22.92
C GLN Q 148 70.85 48.28 -23.78
N ALA Q 149 70.05 49.33 -23.97
CA ALA Q 149 70.55 50.53 -24.64
C ALA Q 149 71.61 51.22 -23.80
N VAL Q 150 71.39 51.35 -22.50
CA VAL Q 150 72.34 52.04 -21.64
C VAL Q 150 73.65 51.28 -21.57
N THR Q 151 73.59 49.96 -21.43
CA THR Q 151 74.81 49.16 -21.42
C THR Q 151 75.48 49.19 -22.78
N ALA Q 152 74.73 49.47 -23.84
CA ALA Q 152 75.31 49.57 -25.17
C ALA Q 152 76.10 50.85 -25.34
N THR Q 153 75.60 51.98 -24.82
CA THR Q 153 76.33 53.24 -24.93
C THR Q 153 77.58 53.23 -24.06
N LEU Q 154 77.51 52.60 -22.89
CA LEU Q 154 78.68 52.51 -22.04
C LEU Q 154 79.72 51.56 -22.62
N GLU Q 155 79.27 50.52 -23.30
CA GLU Q 155 80.22 49.65 -24.00
C GLU Q 155 80.93 50.42 -25.10
N GLU Q 156 80.19 51.24 -25.86
CA GLU Q 156 80.79 52.00 -26.95
C GLU Q 156 81.83 52.98 -26.44
N LYS Q 157 81.54 53.66 -25.33
CA LYS Q 157 82.52 54.58 -24.74
C LYS Q 157 83.76 53.84 -24.29
N ARG Q 158 83.59 52.64 -23.73
CA ARG Q 158 84.73 51.85 -23.29
C ARG Q 158 85.61 51.42 -24.46
N LYS Q 159 84.98 51.04 -25.57
CA LYS Q 159 85.75 50.56 -26.72
C LYS Q 159 86.55 51.68 -27.37
N GLU Q 160 86.04 52.92 -27.29
CA GLU Q 160 86.82 54.05 -27.79
C GLU Q 160 88.07 54.26 -26.95
N LYS Q 161 87.93 54.24 -25.62
CA LYS Q 161 89.08 54.44 -24.73
C LYS Q 161 90.06 53.29 -24.81
N ALA Q 162 89.56 52.07 -24.96
CA ALA Q 162 90.45 50.92 -25.13
C ALA Q 162 91.22 51.03 -26.43
N LYS Q 163 90.65 51.70 -27.43
CA LYS Q 163 91.32 51.84 -28.72
C LYS Q 163 92.49 52.80 -28.64
N MET Q 164 92.36 53.88 -27.85
CA MET Q 164 93.50 54.79 -27.68
C MET Q 164 94.60 54.13 -26.87
N HIS Q 165 94.25 53.33 -25.87
CA HIS Q 165 95.28 52.66 -25.10
C HIS Q 165 96.05 51.66 -25.96
N TYR Q 166 95.39 51.08 -26.96
CA TYR Q 166 96.06 50.08 -27.77
C TYR Q 166 97.00 50.72 -28.79
N ARG Q 167 96.67 51.92 -29.26
CA ARG Q 167 97.58 52.59 -30.18
C ARG Q 167 98.85 53.03 -29.48
N LYS Q 168 98.72 53.50 -28.24
CA LYS Q 168 99.89 53.84 -27.44
C LYS Q 168 100.76 52.61 -27.19
N LYS Q 169 100.11 51.47 -26.95
CA LYS Q 169 100.86 50.23 -26.77
C LYS Q 169 101.57 49.83 -28.06
N LYS Q 170 100.94 50.04 -29.21
CA LYS Q 170 101.57 49.71 -30.48
C LYS Q 170 102.77 50.60 -30.76
N GLN Q 171 102.67 51.89 -30.42
CA GLN Q 171 103.79 52.79 -30.63
C GLN Q 171 104.97 52.43 -29.74
N ILE Q 172 104.69 52.00 -28.52
CA ILE Q 172 105.76 51.52 -27.63
C ILE Q 172 106.41 50.28 -28.22
N LEU Q 173 105.59 49.37 -28.76
CA LEU Q 173 106.13 48.13 -29.31
C LEU Q 173 107.02 48.38 -30.50
N ARG Q 174 106.63 49.31 -31.38
CA ARG Q 174 107.46 49.60 -32.55
C ARG Q 174 108.68 50.42 -32.17
N LEU Q 175 108.61 51.19 -31.09
CA LEU Q 175 109.80 51.85 -30.58
C LEU Q 175 110.79 50.82 -30.01
N ARG Q 176 110.26 49.75 -29.40
CA ARG Q 176 111.12 48.73 -28.82
C ARG Q 176 111.83 47.94 -29.91
N LYS Q 177 111.17 47.74 -31.05
CA LYS Q 177 111.84 47.11 -32.19
C LYS Q 177 112.98 47.99 -32.71
N GLN Q 178 112.75 49.31 -32.77
CA GLN Q 178 113.79 50.22 -33.23
C GLN Q 178 114.92 50.30 -32.21
N ALA Q 179 114.59 50.23 -30.92
CA ALA Q 179 115.63 50.20 -29.88
C ALA Q 179 116.49 48.94 -30.01
N GLU Q 180 115.88 47.80 -30.34
CA GLU Q 180 116.64 46.57 -30.49
C GLU Q 180 117.69 46.70 -31.57
N LYS Q 181 117.32 47.30 -32.71
CA LYS Q 181 118.27 47.48 -33.79
C LYS Q 181 119.37 48.48 -33.39
N ASN Q 182 119.02 49.47 -32.58
CA ASN Q 182 119.97 50.53 -32.25
C ASN Q 182 121.08 50.03 -31.33
N VAL Q 183 120.75 49.12 -30.42
CA VAL Q 183 121.71 48.64 -29.43
C VAL Q 183 122.13 47.21 -29.71
N GLU Q 184 122.02 46.76 -30.97
CA GLU Q 184 122.36 45.38 -31.30
C GLU Q 184 123.82 45.06 -31.00
N LYS Q 185 124.70 46.05 -31.13
CA LYS Q 185 126.11 45.80 -30.90
C LYS Q 185 126.40 45.54 -29.43
N LYS Q 186 125.65 46.17 -28.53
CA LYS Q 186 125.90 46.07 -27.10
C LYS Q 186 124.98 45.09 -26.39
N ILE Q 187 124.08 44.41 -27.11
CA ILE Q 187 123.24 43.40 -26.51
C ILE Q 187 123.37 42.06 -27.24
N CYS Q 188 124.35 41.94 -28.13
CA CYS Q 188 124.46 40.75 -28.96
C CYS Q 188 124.75 39.50 -28.12
N LYS Q 189 125.61 39.62 -27.11
CA LYS Q 189 125.94 38.48 -26.27
C LYS Q 189 124.71 37.99 -25.52
N PHE Q 190 123.93 38.92 -24.95
CA PHE Q 190 122.74 38.53 -24.21
C PHE Q 190 121.67 37.95 -25.13
N THR Q 191 121.58 38.46 -26.36
CA THR Q 191 120.66 37.86 -27.33
C THR Q 191 121.11 36.47 -27.73
N GLU Q 192 122.43 36.26 -27.84
CA GLU Q 192 122.95 34.95 -28.20
C GLU Q 192 122.59 33.91 -27.16
N VAL Q 193 122.65 34.28 -25.89
CA VAL Q 193 122.28 33.37 -24.81
C VAL Q 193 120.82 32.99 -24.92
N LEU Q 194 119.97 33.98 -25.18
CA LEU Q 194 118.53 33.71 -25.26
C LEU Q 194 118.21 32.79 -26.43
N LYS Q 195 118.82 33.03 -27.59
CA LYS Q 195 118.55 32.21 -28.77
C LYS Q 195 118.95 30.77 -28.54
N THR Q 196 120.10 30.55 -27.90
CA THR Q 196 120.57 29.19 -27.67
C THR Q 196 119.61 28.40 -26.79
N ASN Q 197 118.85 29.10 -25.95
CA ASN Q 197 117.98 28.44 -24.98
C ASN Q 197 116.51 28.43 -25.38
N GLY Q 198 116.18 28.82 -26.60
CA GLY Q 198 114.83 28.69 -27.10
C GLY Q 198 113.99 29.94 -27.03
N LEU Q 199 114.45 30.98 -26.36
CA LEU Q 199 113.81 32.27 -26.37
C LEU Q 199 114.37 33.08 -27.54
N LEU Q 200 113.50 33.77 -28.25
CA LEU Q 200 113.91 34.67 -29.33
C LEU Q 200 114.53 33.91 -30.49
N VAL Q 201 113.83 32.88 -30.96
CA VAL Q 201 114.22 32.19 -32.18
C VAL Q 201 113.01 32.04 -33.09
N VAL R 1 70.00 32.12 54.77
CA VAL R 1 69.96 30.86 54.04
C VAL R 1 70.96 30.88 52.89
N ARG R 2 70.66 30.15 51.83
CA ARG R 2 71.54 30.04 50.68
C ARG R 2 70.97 30.78 49.48
N TYR R 3 71.77 31.66 48.90
CA TYR R 3 71.40 32.37 47.69
C TYR R 3 71.96 31.66 46.47
N SER R 4 71.36 31.95 45.31
CA SER R 4 71.80 31.32 44.08
C SER R 4 73.24 31.67 43.76
N LEU R 5 73.64 32.91 44.03
CA LEU R 5 74.98 33.37 43.75
C LEU R 5 75.61 33.90 45.03
N ASP R 6 76.93 33.86 45.08
CA ASP R 6 77.65 34.48 46.17
C ASP R 6 78.23 35.81 45.71
N PRO R 7 78.14 36.84 46.54
CA PRO R 7 78.70 38.15 46.15
C PRO R 7 80.20 38.06 45.96
N GLU R 8 80.71 38.95 45.09
CA GLU R 8 82.15 38.99 44.82
C GLU R 8 82.95 39.14 46.11
N ASN R 9 82.51 40.05 46.99
CA ASN R 9 83.07 40.16 48.33
C ASN R 9 81.92 40.52 49.26
N PRO R 10 81.66 39.70 50.28
CA PRO R 10 80.46 39.92 51.11
C PRO R 10 80.48 41.21 51.90
N THR R 11 81.66 41.80 52.14
CA THR R 11 81.73 43.02 52.95
C THR R 11 81.02 44.18 52.28
N LYS R 12 81.16 44.32 50.96
CA LYS R 12 80.60 45.43 50.22
C LYS R 12 79.25 45.10 49.58
N SER R 13 78.49 44.18 50.16
CA SER R 13 77.24 43.73 49.59
C SER R 13 76.16 43.65 50.66
N CYS R 14 74.91 43.70 50.22
CA CYS R 14 73.75 43.48 51.07
C CYS R 14 72.77 42.58 50.34
N LYS R 15 72.05 41.75 51.10
CA LYS R 15 71.10 40.81 50.55
C LYS R 15 69.71 41.08 51.10
N SER R 16 68.70 40.67 50.34
CA SER R 16 67.31 40.74 50.77
C SER R 16 66.50 39.79 49.92
N ARG R 17 65.59 39.06 50.55
CA ARG R 17 64.79 38.07 49.84
C ARG R 17 63.37 38.06 50.39
N GLY R 18 62.52 37.29 49.72
CA GLY R 18 61.16 37.07 50.16
C GLY R 18 60.65 35.78 49.57
N SER R 19 59.72 35.14 50.28
CA SER R 19 59.22 33.84 49.88
C SER R 19 57.70 33.85 49.87
N ASN R 20 57.14 33.09 48.92
CA ASN R 20 55.69 32.92 48.78
C ASN R 20 54.98 34.27 48.67
N LEU R 21 55.42 35.07 47.70
CA LEU R 21 54.85 36.38 47.45
C LEU R 21 53.75 36.27 46.42
N ARG R 22 52.57 36.81 46.74
CA ARG R 22 51.38 36.66 45.90
C ARG R 22 51.41 37.69 44.76
N VAL R 23 52.41 37.55 43.90
CA VAL R 23 52.51 38.29 42.65
C VAL R 23 52.70 37.28 41.53
N HIS R 24 52.37 37.72 40.32
CA HIS R 24 52.49 36.84 39.16
C HIS R 24 53.96 36.63 38.82
N PHE R 25 54.35 35.36 38.72
CA PHE R 25 55.76 35.03 38.48
C PHE R 25 56.22 35.55 37.13
N LYS R 26 55.39 35.41 36.09
CA LYS R 26 55.77 35.84 34.75
C LYS R 26 55.94 37.35 34.69
N ASN R 27 55.05 38.10 35.34
CA ASN R 27 55.18 39.56 35.37
C ASN R 27 56.42 39.99 36.15
N THR R 28 56.71 39.33 37.26
CA THR R 28 57.82 39.76 38.11
C THR R 28 59.17 39.41 37.49
N ARG R 29 59.25 38.32 36.74
CA ARG R 29 60.50 37.96 36.08
C ARG R 29 60.92 39.03 35.08
N GLU R 30 59.97 39.52 34.29
CA GLU R 30 60.30 40.57 33.34
C GLU R 30 60.67 41.87 34.04
N THR R 31 59.96 42.21 35.12
CA THR R 31 60.28 43.44 35.85
C THR R 31 61.66 43.36 36.49
N ALA R 32 62.01 42.20 37.05
CA ALA R 32 63.33 42.04 37.65
C ALA R 32 64.43 42.12 36.60
N GLN R 33 64.19 41.56 35.42
CA GLN R 33 65.18 41.62 34.34
C GLN R 33 65.44 43.06 33.91
N ALA R 34 64.38 43.87 33.84
CA ALA R 34 64.55 45.29 33.51
C ALA R 34 65.30 46.01 34.62
N ILE R 35 65.10 45.58 35.87
CA ILE R 35 65.76 46.22 37.00
C ILE R 35 67.23 45.82 37.12
N LYS R 36 67.59 44.65 36.59
CA LYS R 36 68.91 44.07 36.83
C LYS R 36 70.03 44.98 36.31
N GLY R 37 71.06 45.14 37.12
CA GLY R 37 72.23 45.90 36.74
C GLY R 37 72.12 47.39 36.95
N MET R 38 70.96 47.89 37.35
CA MET R 38 70.73 49.33 37.44
C MET R 38 71.09 49.83 38.84
N HIS R 39 71.48 51.10 38.91
CA HIS R 39 71.75 51.73 40.19
C HIS R 39 70.48 51.78 41.03
N ILE R 40 70.66 51.79 42.36
CA ILE R 40 69.52 51.64 43.26
C ILE R 40 68.58 52.84 43.18
N ARG R 41 69.13 54.05 43.00
CA ARG R 41 68.28 55.22 42.86
C ARG R 41 67.56 55.23 41.51
N LYS R 42 68.24 54.77 40.46
CA LYS R 42 67.61 54.73 39.15
C LYS R 42 66.59 53.60 39.07
N ALA R 43 66.82 52.52 39.82
CA ALA R 43 65.84 51.43 39.85
C ALA R 43 64.60 51.84 40.65
N THR R 44 64.78 52.60 41.73
CA THR R 44 63.63 53.08 42.49
C THR R 44 62.80 54.06 41.67
N LYS R 45 63.48 54.97 40.97
CA LYS R 45 62.77 55.91 40.11
C LYS R 45 62.05 55.21 38.98
N TYR R 46 62.70 54.20 38.39
CA TYR R 46 62.08 53.46 37.28
C TYR R 46 60.83 52.72 37.72
N LEU R 47 60.88 52.07 38.89
CA LEU R 47 59.74 51.27 39.33
C LEU R 47 58.54 52.14 39.69
N LYS R 48 58.79 53.33 40.25
CA LYS R 48 57.71 54.27 40.46
C LYS R 48 57.09 54.71 39.14
N ASP R 49 57.92 54.89 38.11
CA ASP R 49 57.40 55.28 36.81
C ASP R 49 56.56 54.16 36.19
N VAL R 50 56.90 52.92 36.49
CA VAL R 50 56.10 51.80 36.01
C VAL R 50 54.71 51.84 36.65
N THR R 51 54.65 52.24 37.92
CA THR R 51 53.36 52.42 38.58
C THR R 51 52.54 53.54 37.95
N LEU R 52 53.17 54.62 37.54
CA LEU R 52 52.48 55.76 36.95
C LEU R 52 52.31 55.64 35.44
N LYS R 53 52.75 54.53 34.84
CA LYS R 53 52.67 54.29 33.41
C LYS R 53 53.43 55.36 32.62
N LYS R 54 54.61 55.73 33.13
CA LYS R 54 55.52 56.60 32.42
C LYS R 54 56.69 55.85 31.79
N GLN R 55 57.11 54.74 32.39
CA GLN R 55 58.07 53.83 31.77
C GLN R 55 57.52 52.41 31.87
N CYS R 56 57.84 51.60 30.88
CA CYS R 56 57.26 50.27 30.74
C CYS R 56 58.31 49.19 30.91
N VAL R 57 57.85 48.01 31.29
CA VAL R 57 58.69 46.82 31.36
C VAL R 57 58.60 46.08 30.04
N PRO R 58 59.70 45.84 29.34
CA PRO R 58 59.64 45.05 28.11
C PRO R 58 59.35 43.59 28.42
N PHE R 59 58.33 43.04 27.77
CA PHE R 59 57.97 41.64 27.95
C PHE R 59 58.61 40.85 26.81
N ARG R 60 59.74 40.20 27.11
CA ARG R 60 60.57 39.55 26.11
C ARG R 60 60.31 38.06 26.01
N ARG R 61 60.23 37.35 27.13
CA ARG R 61 60.03 35.90 27.09
C ARG R 61 58.55 35.53 27.21
N TYR R 62 57.89 35.97 28.28
CA TYR R 62 56.46 35.72 28.46
C TYR R 62 55.68 36.86 27.82
N ASN R 63 55.54 36.77 26.51
CA ASN R 63 55.05 37.87 25.68
C ASN R 63 53.84 37.49 24.83
N GLY R 64 53.28 36.30 25.02
CA GLY R 64 52.16 35.85 24.22
C GLY R 64 50.88 36.62 24.48
N GLY R 65 50.44 37.40 23.51
CA GLY R 65 49.27 38.23 23.65
C GLY R 65 49.51 39.58 24.29
N VAL R 66 50.75 39.92 24.61
CA VAL R 66 51.05 41.22 25.19
C VAL R 66 50.95 42.29 24.13
N GLY R 67 50.34 43.41 24.48
CA GLY R 67 50.16 44.51 23.55
C GLY R 67 51.46 45.22 23.24
N ARG R 68 51.37 46.17 22.33
CA ARG R 68 52.53 46.89 21.82
C ARG R 68 52.36 48.38 22.13
N CYS R 69 53.41 48.98 22.69
CA CYS R 69 53.33 50.35 23.18
C CYS R 69 54.58 51.11 22.77
N ALA R 70 54.45 52.45 22.77
CA ALA R 70 55.53 53.32 22.33
C ALA R 70 56.73 53.29 23.28
N GLN R 71 56.50 53.09 24.58
CA GLN R 71 57.58 53.13 25.55
C GLN R 71 58.52 51.94 25.46
N ALA R 72 58.19 50.92 24.65
CA ALA R 72 59.03 49.75 24.52
C ALA R 72 60.23 49.97 23.61
N LYS R 73 60.24 51.04 22.81
CA LYS R 73 61.41 51.31 21.97
C LYS R 73 62.64 51.63 22.79
N GLN R 74 62.45 52.20 23.99
CA GLN R 74 63.60 52.49 24.85
C GLN R 74 64.38 51.23 25.18
N TRP R 75 63.73 50.08 25.12
CA TRP R 75 64.36 48.80 25.37
C TRP R 75 64.64 48.00 24.10
N GLY R 76 64.57 48.63 22.94
CA GLY R 76 64.77 47.91 21.70
C GLY R 76 63.75 46.84 21.44
N TRP R 77 62.52 47.02 21.91
CA TRP R 77 61.49 46.00 21.89
C TRP R 77 60.18 46.62 21.41
N THR R 78 59.20 45.76 21.17
CA THR R 78 57.89 46.18 20.69
C THR R 78 56.78 45.97 21.71
N GLN R 79 56.88 44.93 22.53
CA GLN R 79 55.86 44.57 23.51
C GLN R 79 56.29 45.03 24.89
N GLY R 80 55.44 45.79 25.57
CA GLY R 80 55.70 46.22 26.92
C GLY R 80 54.42 46.42 27.68
N ARG R 81 54.55 46.33 29.01
CA ARG R 81 53.42 46.49 29.90
C ARG R 81 53.87 47.26 31.13
N TRP R 82 52.96 47.45 32.07
CA TRP R 82 53.18 48.24 33.27
C TRP R 82 52.75 47.45 34.49
N PRO R 83 53.49 46.40 34.85
CA PRO R 83 53.04 45.57 35.97
C PRO R 83 53.18 46.29 37.30
N LYS R 84 52.04 46.75 37.82
CA LYS R 84 52.04 47.59 39.02
C LYS R 84 52.32 46.78 40.27
N LYS R 85 51.70 45.62 40.41
CA LYS R 85 51.89 44.80 41.60
C LYS R 85 53.33 44.29 41.70
N SER R 86 53.91 43.89 40.57
CA SER R 86 55.30 43.45 40.58
C SER R 86 56.23 44.60 40.96
N ALA R 87 55.94 45.80 40.46
CA ALA R 87 56.77 46.96 40.77
C ALA R 87 56.66 47.35 42.24
N GLU R 88 55.47 47.21 42.83
CA GLU R 88 55.32 47.51 44.25
C GLU R 88 56.06 46.49 45.10
N PHE R 89 55.97 45.20 44.76
CA PHE R 89 56.66 44.19 45.53
C PHE R 89 58.17 44.34 45.44
N LEU R 90 58.67 44.69 44.26
CA LEU R 90 60.12 44.90 44.10
C LEU R 90 60.56 46.20 44.75
N LEU R 91 59.66 47.18 44.87
CA LEU R 91 59.99 48.40 45.60
C LEU R 91 60.11 48.14 47.09
N HIS R 92 59.23 47.29 47.63
CA HIS R 92 59.33 46.94 49.04
C HIS R 92 60.63 46.22 49.34
N MET R 93 61.06 45.33 48.44
CA MET R 93 62.26 44.54 48.70
C MET R 93 63.52 45.36 48.50
N LEU R 94 63.48 46.35 47.59
CA LEU R 94 64.60 47.27 47.46
C LEU R 94 64.77 48.11 48.72
N LYS R 95 63.67 48.55 49.32
CA LYS R 95 63.75 49.30 50.56
C LYS R 95 64.34 48.44 51.67
N ASN R 96 63.99 47.16 51.71
CA ASN R 96 64.57 46.25 52.70
C ASN R 96 66.06 46.09 52.49
N ALA R 97 66.50 45.96 51.24
CA ALA R 97 67.92 45.81 50.96
C ALA R 97 68.69 47.08 51.31
N GLU R 98 68.09 48.23 51.07
CA GLU R 98 68.72 49.50 51.43
C GLU R 98 68.87 49.64 52.95
N SER R 99 67.88 49.16 53.71
CA SER R 99 67.98 49.22 55.15
C SER R 99 69.05 48.26 55.68
N ASN R 100 69.24 47.13 55.01
CA ASN R 100 70.31 46.21 55.39
C ASN R 100 71.67 46.81 55.10
N ALA R 101 71.79 47.57 54.00
CA ALA R 101 73.05 48.24 53.70
C ALA R 101 73.39 49.27 54.77
N GLU R 102 72.38 50.02 55.24
CA GLU R 102 72.63 51.01 56.28
C GLU R 102 73.05 50.34 57.58
N LEU R 103 72.46 49.19 57.88
CA LEU R 103 72.75 48.50 59.14
C LEU R 103 74.21 48.06 59.22
N LYS R 104 74.77 47.56 58.13
CA LYS R 104 76.12 47.06 58.12
C LYS R 104 77.15 48.09 57.65
N GLY R 105 76.74 49.33 57.43
CA GLY R 105 77.69 50.41 57.19
C GLY R 105 78.16 50.58 55.76
N LEU R 106 77.25 50.50 54.80
CA LEU R 106 77.56 50.70 53.39
C LEU R 106 76.85 51.94 52.89
N ASP R 107 77.53 52.71 52.05
CA ASP R 107 76.92 53.90 51.49
C ASP R 107 75.90 53.50 50.44
N VAL R 108 74.68 54.05 50.55
CA VAL R 108 73.57 53.62 49.73
C VAL R 108 73.51 54.36 48.40
N ASP R 109 74.34 55.37 48.20
CA ASP R 109 74.34 56.14 46.97
C ASP R 109 75.24 55.52 45.89
N SER R 110 75.87 54.39 46.17
CA SER R 110 76.72 53.71 45.21
C SER R 110 76.34 52.24 45.09
N LEU R 111 75.07 51.92 45.32
CA LEU R 111 74.61 50.54 45.39
C LEU R 111 74.05 50.12 44.04
N VAL R 112 74.53 48.98 43.52
CA VAL R 112 74.11 48.46 42.23
C VAL R 112 73.48 47.10 42.44
N ILE R 113 72.35 46.86 41.77
CA ILE R 113 71.67 45.57 41.81
C ILE R 113 72.46 44.63 40.91
N GLU R 114 73.33 43.81 41.51
CA GLU R 114 74.19 42.93 40.74
C GLU R 114 73.58 41.56 40.51
N HIS R 115 72.66 41.13 41.36
CA HIS R 115 72.01 39.84 41.21
C HIS R 115 70.54 40.00 41.60
N ILE R 116 69.67 39.48 40.75
CA ILE R 116 68.25 39.43 41.05
C ILE R 116 67.65 38.26 40.29
N GLN R 117 66.87 37.45 41.00
CA GLN R 117 66.25 36.28 40.40
C GLN R 117 64.91 36.02 41.06
N VAL R 118 63.96 35.55 40.27
CA VAL R 118 62.65 35.17 40.75
C VAL R 118 62.44 33.70 40.44
N ASN R 119 61.86 32.98 41.39
CA ASN R 119 61.62 31.56 41.28
C ASN R 119 60.14 31.28 41.50
N LYS R 120 59.64 30.21 40.89
CA LYS R 120 58.25 29.84 41.09
C LYS R 120 58.05 29.29 42.49
N ALA R 121 57.17 29.91 43.25
CA ALA R 121 56.75 29.42 44.55
C ALA R 121 55.66 28.37 44.38
N PRO R 122 55.41 27.56 45.40
CA PRO R 122 54.32 26.58 45.31
C PRO R 122 52.98 27.25 45.03
N LYS R 123 52.19 26.61 44.16
CA LYS R 123 50.93 27.18 43.72
C LYS R 123 49.86 27.01 44.78
N MET R 124 48.86 27.89 44.73
CA MET R 124 47.69 27.83 45.60
C MET R 124 46.46 27.50 44.77
N ARG R 125 45.58 26.69 45.33
CA ARG R 125 44.49 26.08 44.58
C ARG R 125 43.14 26.71 44.92
N ARG R 126 42.44 27.17 43.89
CA ARG R 126 41.02 27.51 43.96
C ARG R 126 40.31 26.83 42.80
N ARG R 127 39.01 27.07 42.62
CA ARG R 127 38.27 26.39 41.58
C ARG R 127 37.37 27.35 40.84
N THR R 128 37.09 27.01 39.58
CA THR R 128 36.11 27.69 38.76
C THR R 128 35.13 26.67 38.21
N TYR R 129 33.90 27.10 37.98
CA TYR R 129 32.84 26.20 37.53
C TYR R 129 32.60 26.39 36.04
N ARG R 130 32.68 25.29 35.28
CA ARG R 130 32.95 25.40 33.86
C ARG R 130 31.96 24.65 32.97
N ALA R 131 30.67 24.81 33.24
CA ALA R 131 29.60 24.28 32.41
C ALA R 131 29.57 22.76 32.36
N HIS R 132 28.40 22.21 32.06
CA HIS R 132 28.17 20.77 32.02
C HIS R 132 28.64 20.11 33.31
N GLY R 133 28.46 20.83 34.41
CA GLY R 133 28.78 20.29 35.72
C GLY R 133 30.24 19.93 35.92
N ARG R 134 31.13 20.80 35.47
CA ARG R 134 32.57 20.56 35.58
C ARG R 134 33.24 21.63 36.44
N ILE R 135 34.32 21.23 37.11
CA ILE R 135 35.12 22.13 37.92
C ILE R 135 36.55 22.07 37.39
N ASN R 136 37.12 23.23 37.11
CA ASN R 136 38.46 23.35 36.57
C ASN R 136 39.37 24.03 37.60
N PRO R 137 40.67 23.77 37.55
CA PRO R 137 41.58 24.47 38.47
C PRO R 137 41.63 25.97 38.21
N TYR R 138 41.79 26.72 39.30
CA TYR R 138 41.91 28.18 39.29
C TYR R 138 43.07 28.50 40.21
N MET R 139 44.29 28.50 39.65
CA MET R 139 45.52 28.49 40.43
C MET R 139 46.21 29.85 40.39
N SER R 140 46.89 30.16 41.50
CA SER R 140 47.78 31.30 41.58
C SER R 140 49.21 30.86 41.29
N SER R 141 50.05 31.83 40.92
CA SER R 141 51.45 31.58 40.56
C SER R 141 52.35 32.53 41.35
N PRO R 142 52.53 32.27 42.64
CA PRO R 142 53.39 33.14 43.46
C PRO R 142 54.87 32.87 43.15
N CYS R 143 55.72 33.68 43.76
CA CYS R 143 57.14 33.58 43.46
C CYS R 143 58.00 33.95 44.67
N HIS R 144 59.19 33.35 44.72
CA HIS R 144 60.28 33.79 45.58
C HIS R 144 61.15 34.77 44.81
N ILE R 145 61.68 35.77 45.51
CA ILE R 145 62.57 36.75 44.92
C ILE R 145 63.76 36.95 45.85
N GLU R 146 64.96 37.02 45.28
CA GLU R 146 66.15 37.37 46.02
C GLU R 146 66.96 38.38 45.22
N MET R 147 67.61 39.31 45.92
CA MET R 147 68.45 40.30 45.28
C MET R 147 69.70 40.52 46.11
N ILE R 148 70.82 40.75 45.42
CA ILE R 148 72.08 41.11 46.05
C ILE R 148 72.52 42.45 45.47
N LEU R 149 72.76 43.43 46.32
CA LEU R 149 73.24 44.74 45.94
C LEU R 149 74.69 44.88 46.37
N THR R 150 75.50 45.50 45.51
CA THR R 150 76.93 45.64 45.76
C THR R 150 77.36 47.09 45.58
N GLU R 151 78.21 47.56 46.48
CA GLU R 151 78.83 48.87 46.33
C GLU R 151 79.69 48.90 45.07
N LYS R 152 79.46 49.91 44.23
CA LYS R 152 80.20 50.02 42.97
C LYS R 152 80.13 51.46 42.50
N GLU R 153 81.28 52.12 42.44
CA GLU R 153 81.35 53.47 41.90
C GLU R 153 82.79 53.86 41.58
N VAL S 1 80.52 -19.39 1.11
CA VAL S 1 79.45 -18.94 0.24
C VAL S 1 78.80 -20.14 -0.46
N ASP S 2 77.47 -20.13 -0.51
CA ASP S 2 76.66 -21.20 -1.08
C ASP S 2 76.87 -22.51 -0.33
N ILE S 3 76.62 -22.46 0.99
CA ILE S 3 76.70 -23.62 1.85
C ILE S 3 75.56 -23.55 2.86
N ARG S 4 75.33 -24.67 3.55
CA ARG S 4 74.32 -24.76 4.59
C ARG S 4 75.00 -24.94 5.94
N HIS S 5 74.40 -24.35 6.97
CA HIS S 5 74.98 -24.29 8.30
C HIS S 5 74.18 -25.04 9.34
N ASN S 6 73.07 -25.67 8.95
CA ASN S 6 72.17 -26.28 9.91
C ASN S 6 72.71 -27.58 10.49
N LYS S 7 73.76 -28.15 9.90
CA LYS S 7 74.36 -29.38 10.38
C LYS S 7 75.84 -29.21 10.69
N ASP S 8 76.32 -27.98 10.85
CA ASP S 8 77.72 -27.76 11.13
C ASP S 8 78.10 -28.23 12.53
N ARG S 9 77.25 -27.94 13.51
CA ARG S 9 77.52 -28.32 14.89
C ARG S 9 77.02 -29.73 15.14
N LYS S 10 77.94 -30.66 15.35
CA LYS S 10 77.58 -32.03 15.69
C LYS S 10 77.13 -32.09 17.14
N VAL S 11 76.04 -32.81 17.39
CA VAL S 11 75.45 -32.91 18.72
C VAL S 11 75.91 -34.22 19.34
N ARG S 12 76.91 -34.15 20.21
CA ARG S 12 77.40 -35.32 20.93
C ARG S 12 78.00 -34.87 22.24
N ARG S 13 78.13 -35.82 23.16
CA ARG S 13 78.71 -35.55 24.47
C ARG S 13 80.23 -35.50 24.37
N LYS S 14 80.82 -34.39 24.81
CA LYS S 14 82.26 -34.28 24.91
C LYS S 14 82.73 -34.34 26.36
N GLU S 15 81.81 -34.47 27.30
CA GLU S 15 82.10 -34.62 28.72
C GLU S 15 80.84 -35.15 29.39
N PRO S 16 80.98 -35.77 30.57
CA PRO S 16 79.79 -36.21 31.30
C PRO S 16 79.03 -35.01 31.86
N LYS S 17 77.70 -35.03 31.67
CA LYS S 17 76.86 -34.02 32.28
C LYS S 17 76.88 -34.11 33.80
N SER S 18 77.38 -35.22 34.33
CA SER S 18 77.45 -35.43 35.77
C SER S 18 78.50 -34.53 36.41
N GLN S 19 78.32 -34.27 37.71
CA GLN S 19 79.32 -33.59 38.52
C GLN S 19 80.00 -34.54 39.49
N ASP S 20 79.77 -35.85 39.36
CA ASP S 20 80.38 -36.84 40.22
C ASP S 20 81.89 -36.84 40.05
N ILE S 21 82.61 -36.48 41.11
CA ILE S 21 84.05 -36.27 41.00
C ILE S 21 84.78 -37.58 40.74
N TYR S 22 84.23 -38.71 41.19
CA TYR S 22 84.87 -39.99 40.93
C TYR S 22 84.74 -40.40 39.47
N LEU S 23 83.59 -40.13 38.85
CA LEU S 23 83.46 -40.35 37.42
C LEU S 23 84.36 -39.37 36.64
N ARG S 24 84.54 -38.17 37.18
CA ARG S 24 85.39 -37.18 36.52
C ARG S 24 86.86 -37.60 36.57
N LEU S 25 87.25 -38.36 37.60
CA LEU S 25 88.63 -38.83 37.66
C LEU S 25 88.88 -39.97 36.68
N LEU S 26 87.88 -40.84 36.49
CA LEU S 26 88.01 -41.89 35.49
C LEU S 26 87.98 -41.30 34.08
N VAL S 27 87.22 -40.23 33.88
CA VAL S 27 87.22 -39.55 32.59
C VAL S 27 88.57 -38.90 32.34
N LYS S 28 89.19 -38.35 33.39
CA LYS S 28 90.55 -37.82 33.26
C LYS S 28 91.53 -38.93 32.90
N LEU S 29 91.37 -40.11 33.49
CA LEU S 29 92.29 -41.20 33.24
C LEU S 29 92.14 -41.74 31.82
N TYR S 30 90.90 -41.97 31.39
CA TYR S 30 90.67 -42.57 30.08
C TYR S 30 90.71 -41.55 28.96
N ARG S 31 90.67 -40.25 29.27
CA ARG S 31 90.97 -39.24 28.27
C ARG S 31 92.43 -39.30 27.87
N PHE S 32 93.30 -39.51 28.85
CA PHE S 32 94.72 -39.69 28.58
C PHE S 32 94.97 -40.97 27.79
N LEU S 33 94.27 -42.05 28.14
CA LEU S 33 94.50 -43.33 27.48
C LEU S 33 94.02 -43.31 26.03
N ALA S 34 92.89 -42.64 25.77
CA ALA S 34 92.39 -42.57 24.41
C ALA S 34 93.32 -41.74 23.52
N ARG S 35 94.04 -40.79 24.11
CA ARG S 35 94.91 -39.92 23.34
C ARG S 35 96.26 -40.57 23.06
N ARG S 36 96.92 -41.08 24.10
CA ARG S 36 98.29 -41.53 23.98
C ARG S 36 98.41 -43.01 23.63
N THR S 37 97.30 -43.68 23.38
CA THR S 37 97.31 -45.09 22.99
C THR S 37 96.48 -45.25 21.72
N ASN S 38 96.92 -46.13 20.83
CA ASN S 38 96.20 -46.40 19.59
C ASN S 38 95.01 -47.32 19.78
N SER S 39 94.70 -47.72 21.00
CA SER S 39 93.61 -48.66 21.24
C SER S 39 92.27 -48.00 20.99
N THR S 40 91.42 -48.68 20.22
CA THR S 40 90.04 -48.24 20.05
C THR S 40 89.17 -48.66 21.22
N PHE S 41 89.64 -49.60 22.04
CA PHE S 41 88.91 -49.94 23.26
C PHE S 41 88.83 -48.75 24.21
N ASN S 42 89.95 -48.03 24.37
CA ASN S 42 89.95 -46.89 25.27
C ASN S 42 89.07 -45.77 24.75
N GLN S 43 88.93 -45.67 23.43
CA GLN S 43 88.04 -44.66 22.85
C GLN S 43 86.58 -45.01 23.13
N VAL S 44 86.21 -46.29 22.99
CA VAL S 44 84.82 -46.68 23.23
C VAL S 44 84.46 -46.50 24.70
N VAL S 45 85.36 -46.87 25.60
CA VAL S 45 85.10 -46.70 27.03
C VAL S 45 84.92 -45.23 27.38
N LEU S 46 85.74 -44.36 26.79
CA LEU S 46 85.64 -42.93 27.06
C LEU S 46 84.28 -42.38 26.63
N LYS S 47 83.77 -42.82 25.48
CA LYS S 47 82.47 -42.36 25.03
C LYS S 47 81.37 -42.79 26.00
N ARG S 48 81.45 -44.03 26.49
CA ARG S 48 80.38 -44.54 27.35
C ARG S 48 80.42 -43.92 28.75
N LEU S 49 81.58 -43.42 29.17
CA LEU S 49 81.64 -42.71 30.44
C LEU S 49 80.89 -41.38 30.36
N PHE S 50 80.82 -40.78 29.18
CA PHE S 50 80.08 -39.53 29.02
C PHE S 50 78.58 -39.78 29.03
N MET S 51 78.16 -40.97 28.60
CA MET S 51 76.78 -41.19 28.21
C MET S 51 75.84 -41.18 29.41
N SER S 52 74.57 -40.87 29.14
CA SER S 52 73.56 -40.72 30.17
C SER S 52 73.17 -42.08 30.74
N ARG S 53 72.27 -42.08 31.73
CA ARG S 53 71.90 -43.33 32.37
C ARG S 53 71.00 -44.18 31.48
N THR S 54 70.09 -43.54 30.75
CA THR S 54 69.27 -44.29 29.81
C THR S 54 70.11 -44.94 28.72
N ASN S 55 71.25 -44.37 28.40
CA ASN S 55 72.19 -44.96 27.45
C ASN S 55 73.19 -45.90 28.10
N ARG S 56 73.10 -46.10 29.42
CA ARG S 56 73.93 -47.09 30.12
C ARG S 56 72.98 -48.00 30.89
N PRO S 57 72.26 -48.88 30.20
CA PRO S 57 71.29 -49.72 30.88
C PRO S 57 71.98 -50.75 31.75
N PRO S 58 71.34 -51.22 32.81
CA PRO S 58 71.96 -52.24 33.66
C PRO S 58 72.17 -53.53 32.88
N LEU S 59 73.26 -54.22 33.19
CA LEU S 59 73.56 -55.51 32.58
C LEU S 59 73.28 -56.62 33.58
N SER S 60 72.37 -57.51 33.22
CA SER S 60 72.00 -58.62 34.09
C SER S 60 73.15 -59.60 34.20
N LEU S 61 73.24 -60.24 35.37
CA LEU S 61 74.27 -61.26 35.58
C LEU S 61 74.06 -62.44 34.64
N SER S 62 72.82 -62.80 34.38
CA SER S 62 72.53 -63.91 33.49
C SER S 62 73.01 -63.63 32.07
N ARG S 63 72.83 -62.39 31.60
CA ARG S 63 73.23 -62.08 30.22
C ARG S 63 74.74 -62.05 30.08
N MET S 64 75.45 -61.56 31.10
CA MET S 64 76.91 -61.57 31.06
C MET S 64 77.44 -62.99 31.05
N ILE S 65 76.83 -63.90 31.82
CA ILE S 65 77.21 -65.30 31.78
C ILE S 65 76.94 -65.89 30.41
N ARG S 66 75.80 -65.54 29.81
CA ARG S 66 75.49 -65.95 28.45
C ARG S 66 76.59 -65.53 27.49
N LYS S 67 77.00 -64.26 27.55
CA LYS S 67 77.93 -63.74 26.55
C LYS S 67 79.37 -64.16 26.82
N MET S 68 79.69 -64.52 28.06
CA MET S 68 81.05 -64.93 28.39
C MET S 68 81.25 -66.43 28.28
N LYS S 69 80.18 -67.18 27.99
CA LYS S 69 80.26 -68.62 27.75
C LYS S 69 80.46 -68.95 26.27
N LEU S 70 80.40 -67.96 25.39
CA LEU S 70 80.62 -68.19 23.98
C LEU S 70 82.07 -68.63 23.75
N PRO S 71 82.33 -69.41 22.70
CA PRO S 71 83.67 -69.98 22.52
C PRO S 71 84.74 -68.92 22.35
N GLY S 72 85.92 -69.18 22.92
CA GLY S 72 87.03 -68.28 22.85
C GLY S 72 87.02 -67.16 23.87
N ARG S 73 85.99 -67.08 24.71
CA ARG S 73 85.86 -66.01 25.68
C ARG S 73 86.40 -66.38 27.05
N GLU S 74 87.03 -67.55 27.18
CA GLU S 74 87.55 -67.99 28.45
C GLU S 74 88.74 -67.15 28.88
N ASN S 75 88.83 -66.91 30.19
CA ASN S 75 89.91 -66.13 30.79
C ASN S 75 90.00 -64.72 30.21
N LYS S 76 88.85 -64.14 29.90
CA LYS S 76 88.76 -62.76 29.46
C LYS S 76 87.96 -61.96 30.49
N THR S 77 88.17 -60.66 30.50
CA THR S 77 87.55 -59.77 31.47
C THR S 77 86.32 -59.13 30.84
N ALA S 78 85.16 -59.31 31.47
CA ALA S 78 83.94 -58.67 31.01
C ALA S 78 83.90 -57.23 31.50
N VAL S 79 83.81 -56.30 30.56
CA VAL S 79 83.85 -54.87 30.87
C VAL S 79 82.46 -54.29 30.62
N VAL S 80 81.90 -53.66 31.63
CA VAL S 80 80.59 -53.01 31.55
C VAL S 80 80.75 -51.58 32.01
N VAL S 81 80.41 -50.63 31.14
CA VAL S 81 80.30 -49.23 31.55
C VAL S 81 78.86 -49.05 32.00
N GLY S 82 78.60 -49.42 33.24
CA GLY S 82 77.24 -49.44 33.76
C GLY S 82 77.17 -50.27 35.02
N THR S 83 75.95 -50.70 35.34
CA THR S 83 75.67 -51.44 36.56
C THR S 83 75.47 -52.92 36.24
N VAL S 84 76.05 -53.78 37.06
CA VAL S 84 75.85 -55.21 36.96
C VAL S 84 74.82 -55.61 38.02
N THR S 85 73.66 -56.08 37.57
CA THR S 85 72.58 -56.46 38.46
C THR S 85 72.51 -57.98 38.59
N ASP S 86 71.86 -58.42 39.65
CA ASP S 86 71.71 -59.84 39.93
C ASP S 86 70.45 -60.38 39.25
N ASP S 87 70.55 -61.59 38.72
CA ASP S 87 69.41 -62.30 38.16
C ASP S 87 69.12 -63.50 39.06
N VAL S 88 67.89 -63.54 39.60
CA VAL S 88 67.51 -64.64 40.49
C VAL S 88 67.06 -65.87 39.73
N ARG S 89 66.86 -65.77 38.42
CA ARG S 89 66.51 -66.92 37.60
C ARG S 89 67.73 -67.74 37.21
N ILE S 90 68.93 -67.30 37.53
CA ILE S 90 70.15 -68.07 37.38
C ILE S 90 70.53 -68.63 38.73
N LEU S 91 70.78 -69.95 38.79
CA LEU S 91 71.06 -70.62 40.05
C LEU S 91 72.53 -70.96 40.24
N GLU S 92 73.29 -71.14 39.16
CA GLU S 92 74.72 -71.41 39.25
C GLU S 92 75.48 -70.29 38.57
N VAL S 93 76.44 -69.71 39.27
CA VAL S 93 77.28 -68.63 38.77
C VAL S 93 78.70 -69.17 38.64
N PRO S 94 79.30 -69.16 37.46
CA PRO S 94 80.70 -69.54 37.32
C PRO S 94 81.63 -68.44 37.80
N LYS S 95 82.93 -68.68 37.65
CA LYS S 95 83.92 -67.67 38.02
C LYS S 95 84.09 -66.68 36.87
N LEU S 96 83.91 -65.39 37.19
CA LEU S 96 84.01 -64.34 36.19
C LEU S 96 84.86 -63.20 36.73
N LYS S 97 85.65 -62.62 35.83
CA LYS S 97 86.35 -61.36 36.09
C LYS S 97 85.55 -60.25 35.43
N VAL S 98 84.90 -59.42 36.22
CA VAL S 98 84.01 -58.38 35.72
C VAL S 98 84.51 -57.03 36.20
N CYS S 99 84.61 -56.08 35.27
CA CYS S 99 84.84 -54.68 35.57
C CYS S 99 83.58 -53.90 35.27
N ALA S 100 83.15 -53.08 36.24
CA ALA S 100 81.94 -52.30 36.07
C ALA S 100 82.04 -51.04 36.92
N LEU S 101 81.24 -50.03 36.57
CA LEU S 101 81.15 -48.83 37.38
C LEU S 101 80.46 -49.14 38.71
N ARG S 102 79.33 -49.85 38.65
CA ARG S 102 78.57 -50.22 39.83
C ARG S 102 78.22 -51.69 39.75
N VAL S 103 78.23 -52.36 40.90
CA VAL S 103 77.73 -53.72 41.03
C VAL S 103 76.80 -53.75 42.23
N SER S 104 75.60 -54.29 42.03
CA SER S 104 74.66 -54.42 43.14
C SER S 104 75.21 -55.39 44.18
N SER S 105 74.77 -55.21 45.42
CA SER S 105 75.35 -55.95 46.53
C SER S 105 75.17 -57.46 46.37
N ARG S 106 73.98 -57.88 45.93
CA ARG S 106 73.76 -59.32 45.76
C ARG S 106 74.55 -59.86 44.59
N ALA S 107 74.69 -59.08 43.52
CA ALA S 107 75.52 -59.52 42.39
C ALA S 107 76.98 -59.66 42.82
N ARG S 108 77.48 -58.71 43.60
CA ARG S 108 78.87 -58.76 44.04
C ARG S 108 79.11 -59.96 44.95
N SER S 109 78.14 -60.27 45.82
CA SER S 109 78.26 -61.44 46.68
C SER S 109 78.27 -62.73 45.89
N ARG S 110 77.41 -62.85 44.88
CA ARG S 110 77.35 -64.07 44.09
C ARG S 110 78.61 -64.24 43.24
N ILE S 111 79.14 -63.15 42.70
CA ILE S 111 80.34 -63.23 41.88
C ILE S 111 81.54 -63.61 42.74
N LEU S 112 81.65 -63.01 43.94
CA LEU S 112 82.79 -63.30 44.80
C LEU S 112 82.70 -64.68 45.42
N LYS S 113 81.49 -65.14 45.76
CA LYS S 113 81.33 -66.47 46.33
C LYS S 113 81.69 -67.55 45.30
N ALA S 114 81.53 -67.24 44.01
CA ALA S 114 81.86 -68.20 42.97
C ALA S 114 83.35 -68.27 42.69
N GLY S 115 84.15 -67.38 43.26
CA GLY S 115 85.57 -67.32 43.00
C GLY S 115 85.99 -66.27 42.00
N GLY S 116 85.07 -65.44 41.53
CA GLY S 116 85.37 -64.41 40.57
C GLY S 116 85.99 -63.18 41.20
N LYS S 117 86.32 -62.22 40.36
CA LYS S 117 86.97 -60.99 40.76
C LYS S 117 86.22 -59.80 40.19
N ILE S 118 86.06 -58.75 40.98
CA ILE S 118 85.43 -57.51 40.56
C ILE S 118 86.50 -56.42 40.53
N LEU S 119 86.55 -55.69 39.42
CA LEU S 119 87.51 -54.62 39.23
C LEU S 119 86.80 -53.31 38.95
N THR S 120 87.45 -52.21 39.31
CA THR S 120 87.04 -50.89 38.87
C THR S 120 87.81 -50.51 37.62
N PHE S 121 87.45 -49.37 37.03
CA PHE S 121 88.06 -48.99 35.76
C PHE S 121 89.49 -48.48 35.94
N ASP S 122 89.85 -48.07 37.16
CA ASP S 122 91.24 -47.71 37.41
C ASP S 122 92.12 -48.94 37.55
N GLN S 123 91.59 -50.02 38.11
CA GLN S 123 92.35 -51.27 38.14
C GLN S 123 92.39 -51.93 36.78
N LEU S 124 91.36 -51.72 35.94
CA LEU S 124 91.39 -52.24 34.59
C LEU S 124 92.46 -51.53 33.76
N ALA S 125 92.65 -50.24 33.99
CA ALA S 125 93.71 -49.51 33.29
C ALA S 125 95.08 -50.03 33.69
N LEU S 126 95.28 -50.35 34.96
CA LEU S 126 96.57 -50.84 35.42
C LEU S 126 96.83 -52.25 34.90
N GLU S 127 95.78 -53.07 34.79
CA GLU S 127 95.96 -54.46 34.35
C GLU S 127 96.01 -54.55 32.84
N SER S 128 95.08 -53.88 32.16
CA SER S 128 95.01 -53.87 30.70
C SER S 128 94.90 -52.44 30.22
N PRO S 129 96.01 -51.72 30.12
CA PRO S 129 95.95 -50.34 29.59
C PRO S 129 95.43 -50.28 28.16
N LYS S 130 95.73 -51.30 27.35
CA LYS S 130 95.27 -51.35 25.97
C LYS S 130 93.84 -51.84 25.85
N GLY S 131 93.35 -52.61 26.81
CA GLY S 131 92.10 -53.32 26.65
C GLY S 131 92.25 -54.71 26.05
N ARG S 132 93.38 -55.35 26.27
CA ARG S 132 93.61 -56.69 25.73
C ARG S 132 92.92 -57.75 26.58
N GLY S 133 92.37 -58.76 25.91
CA GLY S 133 91.67 -59.83 26.60
C GLY S 133 90.43 -59.39 27.32
N THR S 134 89.59 -58.57 26.68
CA THR S 134 88.36 -58.10 27.28
C THR S 134 87.19 -58.37 26.36
N VAL S 135 86.01 -58.44 26.95
CA VAL S 135 84.75 -58.52 26.21
C VAL S 135 83.93 -57.31 26.64
N LEU S 136 83.69 -56.40 25.70
CA LEU S 136 83.01 -55.15 25.99
C LEU S 136 81.51 -55.36 25.81
N LEU S 137 80.78 -55.42 26.92
CA LEU S 137 79.38 -55.75 26.92
C LEU S 137 78.53 -54.52 27.20
N SER S 138 77.25 -54.63 26.89
CA SER S 138 76.29 -53.56 27.09
C SER S 138 74.93 -54.15 27.39
N GLY S 139 74.16 -53.45 28.22
CA GLY S 139 72.81 -53.84 28.51
C GLY S 139 71.89 -53.53 27.35
N PRO S 140 70.67 -54.06 27.37
CA PRO S 140 69.73 -53.80 26.29
C PRO S 140 69.26 -52.35 26.28
N ARG S 141 69.65 -51.59 25.25
CA ARG S 141 69.38 -50.16 25.26
C ARG S 141 67.90 -49.87 24.98
N LYS S 142 67.25 -50.70 24.18
CA LYS S 142 65.83 -50.52 23.92
C LYS S 142 64.97 -51.39 24.82
N GLY S 143 65.55 -51.96 25.86
CA GLY S 143 64.81 -52.75 26.81
C GLY S 143 64.26 -51.93 27.96
N ARG S 144 63.51 -50.88 27.64
CA ARG S 144 62.79 -50.14 28.67
C ARG S 144 61.47 -49.64 28.09
N GLU S 145 60.59 -49.21 28.99
CA GLU S 145 59.17 -49.12 28.69
C GLU S 145 58.85 -48.07 27.65
N VAL S 146 59.64 -47.01 27.55
CA VAL S 146 59.32 -45.92 26.64
C VAL S 146 59.31 -46.38 25.20
N TYR S 147 60.08 -47.42 24.88
CA TYR S 147 60.18 -47.88 23.50
C TYR S 147 58.97 -48.69 23.07
N ARG S 148 58.11 -49.09 24.00
CA ARG S 148 56.87 -49.74 23.59
C ARG S 148 55.89 -48.71 23.03
N HIS S 149 56.03 -47.46 23.43
CA HIS S 149 55.17 -46.37 22.97
C HIS S 149 55.68 -45.69 21.71
N PHE S 150 56.92 -45.92 21.31
CA PHE S 150 57.51 -45.20 20.19
C PHE S 150 57.17 -45.87 18.87
N GLY S 151 57.15 -45.06 17.80
CA GLY S 151 57.10 -45.56 16.45
C GLY S 151 55.79 -45.24 15.75
N LYS S 152 55.36 -46.16 14.90
CA LYS S 152 54.15 -45.97 14.13
C LYS S 152 52.95 -45.85 15.07
N ALA S 153 52.06 -44.92 14.76
CA ALA S 153 51.02 -44.52 15.70
C ALA S 153 50.02 -45.66 15.91
N PRO S 154 49.44 -45.77 17.12
CA PRO S 154 48.58 -46.93 17.42
C PRO S 154 47.35 -47.02 16.55
N GLY S 155 46.82 -45.90 16.08
CA GLY S 155 45.60 -45.87 15.33
C GLY S 155 45.75 -46.01 13.83
N THR S 156 46.95 -46.37 13.36
CA THR S 156 47.55 -46.64 12.07
C THR S 156 47.63 -48.15 11.84
N PRO S 157 47.25 -48.59 10.60
CA PRO S 157 46.92 -50.00 10.34
C PRO S 157 47.77 -51.10 10.97
N HIS S 158 49.06 -51.17 10.68
CA HIS S 158 49.88 -52.32 11.05
C HIS S 158 50.79 -51.99 12.22
N SER S 159 50.28 -51.22 13.16
CA SER S 159 51.05 -50.75 14.29
C SER S 159 50.74 -51.59 15.53
N HIS S 160 51.80 -52.01 16.22
CA HIS S 160 51.70 -52.75 17.46
C HIS S 160 52.30 -51.98 18.61
N THR S 161 52.16 -50.66 18.59
CA THR S 161 52.78 -49.81 19.60
C THR S 161 51.78 -49.43 20.68
N LYS S 162 52.26 -49.40 21.91
CA LYS S 162 51.39 -49.26 23.07
C LYS S 162 50.87 -47.83 23.18
N PRO S 163 49.57 -47.64 23.31
CA PRO S 163 49.03 -46.29 23.54
C PRO S 163 49.31 -45.83 24.96
N TYR S 164 49.25 -44.52 25.15
CA TYR S 164 49.34 -43.94 26.48
C TYR S 164 47.96 -44.00 27.11
N VAL S 165 47.82 -44.89 28.09
CA VAL S 165 46.53 -45.25 28.67
C VAL S 165 46.60 -45.04 30.17
N ARG S 166 45.59 -44.37 30.72
CA ARG S 166 45.60 -44.04 32.15
C ARG S 166 45.37 -45.29 33.00
N SER S 167 44.40 -46.12 32.64
CA SER S 167 44.11 -47.36 33.36
C SER S 167 43.70 -48.43 32.36
N LYS S 168 43.91 -49.68 32.75
CA LYS S 168 43.80 -50.83 31.86
C LYS S 168 42.52 -51.59 32.18
N GLY S 169 41.67 -51.78 31.18
CA GLY S 169 40.41 -52.46 31.40
C GLY S 169 39.60 -52.50 30.12
N ARG S 170 38.39 -53.03 30.25
CA ARG S 170 37.49 -53.15 29.10
C ARG S 170 36.97 -51.80 28.62
N LYS S 171 36.95 -50.78 29.47
CA LYS S 171 36.34 -49.51 29.17
C LYS S 171 37.34 -48.46 28.72
N PHE S 172 38.58 -48.84 28.49
CA PHE S 172 39.66 -47.89 28.24
C PHE S 172 40.26 -48.15 26.86
N GLU S 173 39.79 -47.40 25.87
CA GLU S 173 40.29 -47.43 24.51
C GLU S 173 40.30 -48.85 23.93
N ARG S 174 39.10 -49.42 23.82
CA ARG S 174 38.95 -50.75 23.25
C ARG S 174 37.81 -50.87 22.26
N ALA S 175 37.00 -49.82 22.03
CA ALA S 175 35.80 -50.01 21.23
C ALA S 175 35.94 -49.63 19.75
N ARG S 176 36.13 -48.34 19.44
CA ARG S 176 35.98 -47.85 18.07
C ARG S 176 37.35 -47.56 17.48
N GLY S 177 37.72 -48.34 16.47
CA GLY S 177 39.06 -48.34 15.94
C GLY S 177 39.87 -49.54 16.36
N ARG S 178 39.41 -50.28 17.36
CA ARG S 178 40.05 -51.52 17.79
C ARG S 178 39.16 -52.73 17.55
N ARG S 179 38.15 -52.60 16.71
CA ARG S 179 37.11 -53.61 16.61
C ARG S 179 36.26 -53.39 15.36
N ALA S 180 36.07 -54.45 14.57
CA ALA S 180 35.24 -54.32 13.37
C ALA S 180 33.77 -54.08 13.72
N SER S 181 33.34 -54.48 14.91
CA SER S 181 31.96 -54.28 15.32
C SER S 181 31.69 -52.86 15.79
N ARG S 182 32.71 -52.08 16.06
CA ARG S 182 32.58 -50.67 16.44
C ARG S 182 33.38 -49.85 15.44
N GLY S 183 32.75 -49.49 14.33
CA GLY S 183 33.39 -48.66 13.34
C GLY S 183 34.35 -49.42 12.44
N TYR S 184 35.54 -49.72 12.96
CA TYR S 184 36.58 -50.31 12.13
C TYR S 184 37.67 -50.88 13.02
N LYS S 185 38.53 -51.68 12.41
CA LYS S 185 39.71 -52.24 13.08
C LYS S 185 40.80 -52.34 12.03
N ASN S 186 41.81 -51.50 12.15
CA ASN S 186 42.91 -51.54 11.18
C ASN S 186 44.11 -52.31 11.71
N SER T 1 33.66 56.29 61.67
CA SER T 1 33.72 54.83 61.53
C SER T 1 32.41 54.28 60.99
N MET T 2 32.26 52.96 61.06
CA MET T 2 31.04 52.32 60.58
C MET T 2 29.88 52.60 61.52
N LEU T 3 28.73 52.98 60.93
CA LEU T 3 27.55 53.33 61.70
C LEU T 3 26.35 52.49 61.27
N ARG T 4 26.59 51.26 60.87
CA ARG T 4 25.51 50.39 60.43
C ARG T 4 24.56 50.06 61.57
N LEU T 5 25.11 49.85 62.76
CA LEU T 5 24.27 49.52 63.92
C LEU T 5 23.39 50.71 64.32
N GLN T 6 23.95 51.92 64.25
CA GLN T 6 23.22 53.10 64.70
C GLN T 6 22.12 53.48 63.72
N LYS T 7 22.33 53.27 62.43
CA LYS T 7 21.29 53.52 61.45
C LYS T 7 20.15 52.51 61.59
N ARG T 8 20.48 51.29 62.03
CA ARG T 8 19.46 50.29 62.26
C ARG T 8 18.70 50.56 63.55
N LEU T 9 19.40 51.02 64.58
CA LEU T 9 18.77 51.27 65.87
C LEU T 9 17.86 52.49 65.82
N ALA T 10 18.33 53.57 65.19
CA ALA T 10 17.51 54.77 65.06
C ALA T 10 16.30 54.51 64.17
N SER T 11 16.44 53.60 63.22
CA SER T 11 15.32 53.24 62.36
C SER T 11 14.20 52.57 63.16
N SER T 12 14.57 51.70 64.10
CA SER T 12 13.55 51.01 64.89
C SER T 12 12.97 51.92 65.96
N VAL T 13 13.79 52.79 66.55
CA VAL T 13 13.30 53.71 67.55
C VAL T 13 12.41 54.79 66.96
N LEU T 14 12.79 55.37 65.82
CA LEU T 14 12.00 56.40 65.18
C LEU T 14 10.80 55.87 64.41
N ARG T 15 10.67 54.54 64.31
CA ARG T 15 9.57 53.90 63.58
C ARG T 15 9.52 54.34 62.13
N CYS T 16 10.69 54.49 61.51
CA CYS T 16 10.80 54.85 60.10
C CYS T 16 11.77 53.89 59.43
N GLY T 17 11.92 54.03 58.12
CA GLY T 17 12.91 53.26 57.41
C GLY T 17 14.31 53.82 57.57
N LYS T 18 15.30 53.02 57.18
CA LYS T 18 16.67 53.49 57.26
C LYS T 18 16.98 54.60 56.25
N LYS T 19 16.13 54.78 55.23
CA LYS T 19 16.35 55.88 54.30
C LYS T 19 15.88 57.21 54.85
N LYS T 20 15.06 57.20 55.90
CA LYS T 20 14.59 58.41 56.54
C LYS T 20 15.41 58.79 57.76
N VAL T 21 16.44 58.03 58.09
CA VAL T 21 17.27 58.29 59.26
C VAL T 21 18.44 59.16 58.84
N TRP T 22 18.66 60.24 59.61
CA TRP T 22 19.73 61.19 59.33
C TRP T 22 20.69 61.20 60.51
N LEU T 23 21.94 60.85 60.26
CA LEU T 23 23.00 60.97 61.25
C LEU T 23 23.88 62.17 60.89
N ASP T 24 24.15 63.01 61.87
CA ASP T 24 24.91 64.23 61.64
C ASP T 24 26.31 63.88 61.17
N PRO T 25 26.74 64.33 59.98
CA PRO T 25 28.07 63.98 59.48
C PRO T 25 29.21 64.62 60.27
N ASN T 26 28.95 65.67 61.04
CA ASN T 26 29.97 66.31 61.84
C ASN T 26 30.06 65.76 63.26
N GLU T 27 29.21 64.81 63.62
CA GLU T 27 29.21 64.20 64.95
C GLU T 27 29.37 62.68 64.89
N THR T 28 30.21 62.20 63.99
CA THR T 28 30.35 60.76 63.79
C THR T 28 30.89 60.07 65.03
N ASN T 29 31.86 60.68 65.71
CA ASN T 29 32.48 60.05 66.88
C ASN T 29 31.46 59.83 67.99
N GLU T 30 30.61 60.83 68.24
CA GLU T 30 29.64 60.70 69.32
C GLU T 30 28.56 59.67 68.99
N ILE T 31 28.13 59.62 67.74
CA ILE T 31 27.12 58.65 67.32
C ILE T 31 27.66 57.23 67.38
N ALA T 32 28.93 57.06 67.03
CA ALA T 32 29.53 55.73 67.05
C ALA T 32 29.59 55.15 68.47
N ASN T 33 29.60 56.03 69.47
CA ASN T 33 29.65 55.57 70.85
C ASN T 33 28.32 54.94 71.27
N ALA T 34 27.22 55.37 70.65
CA ALA T 34 25.89 54.90 71.01
C ALA T 34 25.66 53.47 70.52
N ASN T 35 25.73 52.49 71.44
CA ASN T 35 25.51 51.11 71.09
C ASN T 35 24.22 50.56 71.69
N SER T 36 23.44 51.39 72.37
CA SER T 36 22.19 50.96 72.98
C SER T 36 21.05 51.81 72.43
N ARG T 37 19.85 51.22 72.47
CA ARG T 37 18.65 51.94 72.07
C ARG T 37 18.43 53.19 72.90
N GLN T 38 18.91 53.18 74.14
CA GLN T 38 18.69 54.31 75.04
C GLN T 38 19.61 55.48 74.70
N GLN T 39 20.83 55.19 74.26
CA GLN T 39 21.73 56.25 73.80
C GLN T 39 21.28 56.78 72.45
N ILE T 40 20.68 55.93 71.62
CA ILE T 40 20.06 56.40 70.38
C ILE T 40 18.93 57.36 70.71
N ARG T 41 18.17 57.07 71.76
CA ARG T 41 17.09 57.96 72.18
C ARG T 41 17.62 59.31 72.64
N LYS T 42 18.75 59.31 73.34
CA LYS T 42 19.35 60.58 73.77
C LYS T 42 19.84 61.39 72.58
N LEU T 43 20.43 60.72 71.59
CA LEU T 43 20.92 61.43 70.41
C LEU T 43 19.77 62.02 69.60
N ILE T 44 18.64 61.33 69.58
CA ILE T 44 17.46 61.87 68.90
C ILE T 44 16.98 63.14 69.61
N LYS T 45 17.01 63.14 70.94
CA LYS T 45 16.57 64.30 71.70
C LYS T 45 17.59 65.43 71.62
N ASP T 46 18.87 65.10 71.43
CA ASP T 46 19.90 66.11 71.25
C ASP T 46 19.95 66.67 69.83
N GLY T 47 19.20 66.09 68.90
CA GLY T 47 19.20 66.54 67.52
C GLY T 47 20.29 65.95 66.65
N LEU T 48 21.14 65.08 67.21
CA LEU T 48 22.19 64.46 66.41
C LEU T 48 21.63 63.41 65.46
N ILE T 49 20.46 62.86 65.76
CA ILE T 49 19.76 61.94 64.88
C ILE T 49 18.39 62.51 64.59
N ILE T 50 18.04 62.61 63.31
CA ILE T 50 16.84 63.30 62.86
C ILE T 50 16.09 62.38 61.89
N ARG T 51 14.76 62.39 61.98
CA ARG T 51 13.91 61.71 61.02
C ARG T 51 13.59 62.67 59.88
N LYS T 52 14.05 62.34 58.68
CA LYS T 52 13.83 63.21 57.53
C LYS T 52 12.37 63.19 57.11
N PRO T 53 11.87 64.29 56.54
CA PRO T 53 10.50 64.32 56.05
C PRO T 53 10.33 63.43 54.83
N VAL T 54 9.09 63.02 54.59
CA VAL T 54 8.79 62.20 53.43
C VAL T 54 8.95 63.04 52.15
N THR T 55 9.33 62.38 51.07
CA THR T 55 9.43 63.06 49.79
C THR T 55 8.03 63.38 49.28
N VAL T 56 7.87 64.59 48.74
CA VAL T 56 6.54 65.08 48.39
C VAL T 56 6.01 64.34 47.18
N HIS T 57 4.73 63.98 47.24
CA HIS T 57 3.98 63.47 46.09
C HIS T 57 2.68 64.27 46.06
N SER T 58 2.73 65.43 45.42
CA SER T 58 1.57 66.32 45.38
C SER T 58 0.49 65.75 44.49
N ARG T 59 -0.76 66.02 44.86
CA ARG T 59 -1.92 65.71 44.03
C ARG T 59 -2.48 66.95 43.34
N ALA T 60 -1.71 68.05 43.34
CA ALA T 60 -2.20 69.29 42.76
C ALA T 60 -2.48 69.13 41.27
N ARG T 61 -1.60 68.43 40.55
CA ARG T 61 -1.79 68.25 39.12
C ARG T 61 -3.00 67.38 38.82
N CYS T 62 -3.14 66.26 39.54
CA CYS T 62 -4.26 65.38 39.30
C CYS T 62 -5.57 66.01 39.75
N ARG T 63 -5.53 66.85 40.78
CA ARG T 63 -6.74 67.54 41.20
C ARG T 63 -7.17 68.58 40.16
N LYS T 64 -6.21 69.25 39.53
CA LYS T 64 -6.54 70.19 38.48
C LYS T 64 -7.15 69.50 37.27
N ASN T 65 -6.61 68.34 36.90
CA ASN T 65 -7.14 67.60 35.76
C ASN T 65 -8.50 66.97 36.08
N THR T 66 -8.73 66.59 37.34
CA THR T 66 -10.04 66.06 37.73
C THR T 66 -11.10 67.15 37.65
N LEU T 67 -10.75 68.38 38.01
CA LEU T 67 -11.69 69.49 37.89
C LEU T 67 -12.07 69.74 36.44
N ALA T 68 -11.10 69.68 35.53
CA ALA T 68 -11.39 69.82 34.11
C ALA T 68 -12.19 68.63 33.60
N ARG T 69 -11.88 67.42 34.09
CA ARG T 69 -12.60 66.23 33.65
C ARG T 69 -14.05 66.25 34.13
N ARG T 70 -14.32 66.85 35.28
CA ARG T 70 -15.70 66.98 35.74
C ARG T 70 -16.49 67.93 34.85
N LYS T 71 -15.80 68.87 34.21
CA LYS T 71 -16.46 69.76 33.26
C LYS T 71 -16.68 69.10 31.91
N GLY T 72 -16.00 67.99 31.64
CA GLY T 72 -16.19 67.27 30.40
C GLY T 72 -14.94 67.17 29.54
N ARG T 73 -13.82 67.68 30.04
CA ARG T 73 -12.60 67.73 29.27
C ARG T 73 -11.78 66.44 29.43
N HIS T 74 -10.98 66.15 28.40
CA HIS T 74 -10.20 64.92 28.31
C HIS T 74 -11.08 63.68 28.37
N MET T 75 -12.30 63.76 27.82
CA MET T 75 -13.24 62.64 27.84
C MET T 75 -13.91 62.46 26.48
N GLY T 76 -13.17 62.66 25.40
CA GLY T 76 -13.70 62.52 24.07
C GLY T 76 -13.38 61.16 23.47
N ILE T 77 -13.64 61.06 22.17
CA ILE T 77 -13.48 59.78 21.46
C ILE T 77 -12.03 59.32 21.50
N GLY T 78 -11.09 60.25 21.45
CA GLY T 78 -9.68 59.93 21.50
C GLY T 78 -9.13 59.66 22.87
N LYS T 79 -9.95 59.77 23.92
CA LYS T 79 -9.51 59.50 25.28
C LYS T 79 -10.22 58.31 25.89
N ARG T 80 -10.91 57.50 25.10
CA ARG T 80 -11.63 56.34 25.59
C ARG T 80 -10.96 55.07 25.10
N LYS T 81 -10.60 54.21 26.05
CA LYS T 81 -9.95 52.94 25.74
C LYS T 81 -10.84 51.75 25.99
N GLY T 82 -11.65 51.76 27.04
CA GLY T 82 -12.61 50.71 27.26
C GLY T 82 -13.91 50.95 26.52
N THR T 83 -14.70 49.89 26.42
CA THR T 83 -16.01 50.00 25.78
C THR T 83 -16.95 50.84 26.65
N ALA T 84 -18.08 51.22 26.06
CA ALA T 84 -19.09 51.96 26.81
C ALA T 84 -19.57 51.15 28.01
N ASN T 85 -19.65 49.83 27.86
CA ASN T 85 -20.07 48.98 28.97
C ASN T 85 -18.98 48.82 30.02
N ALA T 86 -17.71 48.77 29.60
CA ALA T 86 -16.62 48.74 30.57
C ALA T 86 -16.56 50.03 31.37
N ARG T 87 -16.79 51.16 30.73
CA ARG T 87 -16.74 52.45 31.42
C ARG T 87 -17.95 52.63 32.32
N MET T 88 -19.14 52.30 31.82
CA MET T 88 -20.39 52.47 32.54
C MET T 88 -21.32 51.30 32.21
N PRO T 89 -21.40 50.29 33.07
CA PRO T 89 -22.17 49.10 32.73
C PRO T 89 -23.64 49.40 32.50
N GLU T 90 -24.21 48.75 31.50
CA GLU T 90 -25.63 48.94 31.18
C GLU T 90 -26.51 48.40 32.29
N LYS T 91 -26.03 47.40 33.03
CA LYS T 91 -26.84 46.83 34.10
C LYS T 91 -26.98 47.80 35.27
N VAL T 92 -25.90 48.52 35.61
CA VAL T 92 -26.00 49.49 36.68
C VAL T 92 -26.90 50.66 36.28
N THR T 93 -26.82 51.06 35.02
CA THR T 93 -27.69 52.13 34.53
C THR T 93 -29.16 51.71 34.62
N TRP T 94 -29.46 50.47 34.22
CA TRP T 94 -30.82 49.98 34.30
C TRP T 94 -31.28 49.82 35.74
N MET T 95 -30.43 49.23 36.58
CA MET T 95 -30.80 48.97 37.96
C MET T 95 -31.01 50.26 38.73
N ARG T 96 -30.18 51.27 38.45
CA ARG T 96 -30.39 52.58 39.06
C ARG T 96 -31.69 53.20 38.59
N ARG T 97 -32.02 53.03 37.30
CA ARG T 97 -33.25 53.62 36.76
C ARG T 97 -34.49 53.01 37.41
N MET T 98 -34.49 51.68 37.59
CA MET T 98 -35.64 51.03 38.23
C MET T 98 -35.82 51.50 39.66
N ARG T 99 -34.72 51.68 40.39
CA ARG T 99 -34.83 52.11 41.78
C ARG T 99 -35.40 53.51 41.88
N ILE T 100 -35.10 54.38 40.91
CA ILE T 100 -35.69 55.72 40.91
C ILE T 100 -37.17 55.66 40.60
N LEU T 101 -37.54 54.90 39.57
CA LEU T 101 -38.92 54.92 39.09
C LEU T 101 -39.85 54.12 40.01
N ARG T 102 -39.35 53.03 40.58
CA ARG T 102 -40.14 52.29 41.55
C ARG T 102 -40.31 53.07 42.84
N ARG T 103 -39.28 53.83 43.24
CA ARG T 103 -39.40 54.67 44.42
C ARG T 103 -40.43 55.77 44.20
N LEU T 104 -40.45 56.37 43.01
CA LEU T 104 -41.44 57.40 42.72
C LEU T 104 -42.85 56.84 42.72
N LEU T 105 -43.05 55.65 42.14
CA LEU T 105 -44.37 55.06 42.14
C LEU T 105 -44.85 54.75 43.56
N ARG T 106 -43.94 54.31 44.42
CA ARG T 106 -44.31 54.01 45.80
C ARG T 106 -44.72 55.27 46.54
N ARG T 107 -44.03 56.39 46.30
CA ARG T 107 -44.39 57.64 46.95
C ARG T 107 -45.74 58.15 46.46
N TYR T 108 -46.03 57.99 45.16
CA TYR T 108 -47.31 58.43 44.63
C TYR T 108 -48.46 57.61 45.22
N ARG T 109 -48.24 56.30 45.41
CA ARG T 109 -49.26 55.47 46.03
C ARG T 109 -49.48 55.84 47.49
N GLU T 110 -48.41 56.12 48.22
CA GLU T 110 -48.53 56.44 49.63
C GLU T 110 -49.29 57.75 49.84
N SER T 111 -49.01 58.75 49.02
CA SER T 111 -49.66 60.04 49.10
C SER T 111 -50.99 60.09 48.35
N LYS T 112 -51.49 58.94 47.89
CA LYS T 112 -52.80 58.79 47.28
C LYS T 112 -52.96 59.59 45.99
N LYS T 113 -51.86 59.87 45.30
CA LYS T 113 -51.97 60.48 43.97
C LYS T 113 -52.44 59.47 42.95
N ILE T 114 -51.97 58.23 43.05
CA ILE T 114 -52.46 57.12 42.24
C ILE T 114 -52.88 56.01 43.19
N ASP T 115 -53.81 55.19 42.73
CA ASP T 115 -54.33 54.10 43.54
C ASP T 115 -53.56 52.81 43.24
N ARG T 116 -54.01 51.72 43.86
CA ARG T 116 -53.32 50.44 43.71
C ARG T 116 -53.36 49.95 42.27
N HIS T 117 -54.47 50.19 41.58
CA HIS T 117 -54.63 49.67 40.22
C HIS T 117 -53.82 50.46 39.21
N MET T 118 -53.65 51.77 39.45
CA MET T 118 -52.75 52.54 38.60
C MET T 118 -51.29 52.23 38.94
N TYR T 119 -51.01 51.96 40.21
CA TYR T 119 -49.65 51.60 40.60
C TYR T 119 -49.20 50.33 39.92
N HIS T 120 -50.09 49.33 39.85
CA HIS T 120 -49.68 48.02 39.35
C HIS T 120 -49.46 48.03 37.84
N SER T 121 -50.32 48.74 37.11
CA SER T 121 -50.12 48.84 35.67
C SER T 121 -48.86 49.64 35.34
N LEU T 122 -48.61 50.70 36.10
CA LEU T 122 -47.42 51.51 35.87
C LEU T 122 -46.15 50.79 36.28
N TYR T 123 -46.24 49.92 37.29
CA TYR T 123 -45.08 49.14 37.70
C TYR T 123 -44.61 48.22 36.59
N LEU T 124 -45.55 47.57 35.90
CA LEU T 124 -45.18 46.61 34.87
C LEU T 124 -44.72 47.33 33.60
N LYS T 125 -45.22 48.54 33.36
CA LYS T 125 -44.73 49.32 32.24
C LYS T 125 -43.32 49.84 32.50
N VAL T 126 -43.01 50.16 33.75
CA VAL T 126 -41.65 50.52 34.12
C VAL T 126 -40.71 49.34 33.91
N LYS T 127 -41.16 48.14 34.26
CA LYS T 127 -40.37 46.95 34.04
C LYS T 127 -40.21 46.65 32.55
N GLY T 128 -41.17 47.07 31.74
CA GLY T 128 -41.15 46.85 30.31
C GLY T 128 -40.44 47.89 29.50
N ASN T 129 -39.76 48.84 30.15
CA ASN T 129 -38.94 49.86 29.50
C ASN T 129 -39.81 50.76 28.60
N VAL T 130 -40.76 51.44 29.25
CA VAL T 130 -41.62 52.37 28.55
C VAL T 130 -41.18 53.80 28.84
N PHE T 131 -40.74 54.05 30.07
CA PHE T 131 -40.41 55.40 30.52
C PHE T 131 -38.90 55.54 30.66
N LYS T 132 -38.34 56.55 29.99
CA LYS T 132 -36.90 56.72 29.97
C LYS T 132 -36.38 57.29 31.29
N ASN T 133 -37.17 58.13 31.95
CA ASN T 133 -36.69 58.83 33.13
C ASN T 133 -37.88 59.25 33.99
N LYS T 134 -37.56 59.90 35.11
CA LYS T 134 -38.58 60.30 36.07
C LYS T 134 -39.51 61.36 35.49
N ARG T 135 -38.96 62.29 34.70
CA ARG T 135 -39.78 63.35 34.13
C ARG T 135 -40.83 62.81 33.19
N ILE T 136 -40.47 61.83 32.36
CA ILE T 136 -41.41 61.24 31.41
C ILE T 136 -42.53 60.52 32.17
N LEU T 137 -42.17 59.78 33.22
CA LEU T 137 -43.16 59.04 33.99
C LEU T 137 -44.11 59.99 34.72
N MET T 138 -43.61 61.12 35.20
CA MET T 138 -44.47 62.11 35.84
C MET T 138 -45.50 62.68 34.88
N GLU T 139 -45.08 62.99 33.65
CA GLU T 139 -46.01 63.54 32.67
C GLU T 139 -47.08 62.54 32.28
N HIS T 140 -46.70 61.26 32.16
CA HIS T 140 -47.66 60.22 31.81
C HIS T 140 -48.73 60.06 32.88
N ILE T 141 -48.32 60.14 34.16
CA ILE T 141 -49.29 60.06 35.24
C ILE T 141 -50.27 61.22 35.16
N HIS T 142 -49.77 62.42 34.84
CA HIS T 142 -50.63 63.58 34.73
C HIS T 142 -51.62 63.45 33.58
N LYS T 143 -51.19 62.87 32.47
CA LYS T 143 -52.12 62.62 31.36
C LYS T 143 -53.20 61.64 31.78
N LEU T 144 -52.84 60.59 32.53
CA LEU T 144 -53.83 59.64 33.00
C LEU T 144 -54.82 60.29 33.96
N LYS T 145 -54.32 61.15 34.86
CA LYS T 145 -55.21 61.83 35.80
C LYS T 145 -56.19 62.73 35.07
N ALA T 146 -55.73 63.43 34.03
CA ALA T 146 -56.63 64.25 33.24
C ALA T 146 -57.67 63.40 32.52
N ASP T 147 -57.24 62.26 31.96
CA ASP T 147 -58.17 61.39 31.26
C ASP T 147 -59.22 60.81 32.20
N LYS T 148 -58.80 60.36 33.38
CA LYS T 148 -59.74 59.84 34.36
C LYS T 148 -60.72 60.92 34.82
N ALA T 149 -60.22 62.14 35.02
CA ALA T 149 -61.10 63.24 35.39
C ALA T 149 -62.09 63.57 34.27
N ARG T 150 -61.62 63.55 33.03
CA ARG T 150 -62.51 63.83 31.90
C ARG T 150 -63.60 62.77 31.78
N LYS T 151 -63.24 61.49 31.97
CA LYS T 151 -64.24 60.44 31.90
C LYS T 151 -65.32 60.63 32.95
N LYS T 152 -64.99 61.22 34.09
CA LYS T 152 -66.01 61.57 35.07
C LYS T 152 -66.73 62.86 34.68
N LEU T 153 -66.08 63.73 33.92
CA LEU T 153 -66.72 64.98 33.51
C LEU T 153 -67.83 64.71 32.51
N LEU T 154 -67.54 63.93 31.45
CA LEU T 154 -68.58 63.60 30.50
C LEU T 154 -69.58 62.61 31.08
N ALA T 155 -69.15 61.81 32.06
CA ALA T 155 -70.11 60.92 32.73
C ALA T 155 -71.13 61.73 33.51
N ASP T 156 -70.67 62.72 34.27
CA ASP T 156 -71.59 63.58 35.02
C ASP T 156 -72.42 64.43 34.07
N GLN T 157 -71.83 64.86 32.96
CA GLN T 157 -72.59 65.59 31.94
C GLN T 157 -73.66 64.72 31.32
N ALA T 158 -73.32 63.47 31.00
CA ALA T 158 -74.31 62.57 30.41
C ALA T 158 -75.42 62.23 31.39
N GLU T 159 -75.07 62.00 32.66
CA GLU T 159 -76.08 61.76 33.68
C GLU T 159 -76.97 62.98 33.86
N ALA T 160 -76.39 64.17 33.86
CA ALA T 160 -77.18 65.39 33.99
C ALA T 160 -78.12 65.57 32.80
N ARG T 161 -77.63 65.30 31.58
CA ARG T 161 -78.47 65.43 30.41
C ARG T 161 -79.60 64.41 30.43
N ARG T 162 -79.30 63.17 30.79
CA ARG T 162 -80.33 62.13 30.80
C ARG T 162 -81.37 62.40 31.89
N SER T 163 -80.93 62.87 33.06
CA SER T 163 -81.85 63.19 34.14
C SER T 163 -82.59 64.50 33.93
N LYS T 164 -82.16 65.31 32.97
CA LYS T 164 -82.83 66.58 32.69
C LYS T 164 -84.09 66.37 31.86
N LYS U 1 76.23 -11.03 -32.87
CA LYS U 1 77.59 -10.84 -32.34
C LYS U 1 77.90 -9.36 -32.16
N ALA U 2 79.08 -9.09 -31.62
CA ALA U 2 79.61 -7.74 -31.47
C ALA U 2 80.80 -7.58 -32.41
N SER U 3 81.46 -6.43 -32.29
CA SER U 3 82.55 -6.11 -33.20
C SER U 3 83.64 -5.32 -32.48
N GLY U 4 84.87 -5.49 -32.97
CA GLY U 4 85.97 -4.57 -32.69
C GLY U 4 86.41 -4.00 -34.03
N THR U 5 87.62 -4.32 -34.46
CA THR U 5 88.01 -4.17 -35.86
C THR U 5 88.15 -5.58 -36.42
N LEU U 6 87.25 -5.96 -37.32
CA LEU U 6 87.09 -7.36 -37.69
C LEU U 6 88.28 -7.87 -38.49
N ARG U 7 88.50 -9.17 -38.40
CA ARG U 7 89.46 -9.90 -39.20
C ARG U 7 88.71 -10.87 -40.10
N GLU U 8 89.37 -11.30 -41.16
CA GLU U 8 88.82 -12.30 -42.06
C GLU U 8 89.39 -13.67 -41.70
N TYR U 9 88.51 -14.66 -41.58
CA TYR U 9 88.91 -16.01 -41.24
C TYR U 9 88.41 -16.98 -42.31
N LYS U 10 89.31 -17.83 -42.78
CA LYS U 10 88.94 -18.94 -43.63
C LYS U 10 88.69 -20.15 -42.74
N VAL U 11 87.44 -20.59 -42.67
CA VAL U 11 87.04 -21.70 -41.81
C VAL U 11 86.58 -22.83 -42.70
N VAL U 12 87.26 -23.96 -42.62
CA VAL U 12 86.93 -25.16 -43.38
C VAL U 12 86.47 -26.22 -42.40
N GLY U 13 85.29 -26.80 -42.66
CA GLY U 13 84.74 -27.83 -41.79
C GLY U 13 84.08 -28.92 -42.60
N ARG U 14 83.59 -29.92 -41.88
CA ARG U 14 82.94 -31.07 -42.51
C ARG U 14 82.12 -31.81 -41.47
N CYS U 15 81.35 -32.78 -41.95
CA CYS U 15 80.66 -33.72 -41.07
C CYS U 15 81.62 -34.81 -40.61
N LEU U 16 81.29 -35.41 -39.48
CA LEU U 16 82.10 -36.52 -38.99
C LEU U 16 81.88 -37.75 -39.88
N PRO U 17 82.92 -38.51 -40.16
CA PRO U 17 82.76 -39.71 -40.99
C PRO U 17 81.77 -40.69 -40.37
N THR U 18 80.99 -41.30 -41.24
CA THR U 18 79.87 -42.19 -40.90
C THR U 18 79.97 -43.43 -41.77
N PRO U 19 79.47 -44.58 -41.30
CA PRO U 19 79.41 -45.76 -42.17
C PRO U 19 78.71 -45.50 -43.50
N LYS U 20 77.67 -44.67 -43.52
CA LYS U 20 77.03 -44.31 -44.78
C LYS U 20 77.96 -43.51 -45.67
N CYS U 21 78.70 -42.56 -45.10
CA CYS U 21 79.57 -41.66 -45.87
C CYS U 21 80.93 -41.60 -45.19
N HIS U 22 81.91 -42.32 -45.75
CA HIS U 22 83.24 -42.37 -45.14
C HIS U 22 84.04 -41.11 -45.39
N THR U 23 83.81 -40.41 -46.51
CA THR U 23 84.54 -39.20 -46.86
C THR U 23 83.55 -38.08 -47.15
N PRO U 24 83.02 -37.45 -46.10
CA PRO U 24 82.10 -36.35 -46.33
C PRO U 24 82.80 -35.16 -46.96
N PRO U 25 82.08 -34.35 -47.72
CA PRO U 25 82.71 -33.21 -48.39
C PRO U 25 83.21 -32.16 -47.41
N LEU U 26 84.25 -31.44 -47.82
CA LEU U 26 84.76 -30.30 -47.08
C LEU U 26 84.09 -29.01 -47.56
N TYR U 27 83.74 -28.15 -46.62
CA TYR U 27 83.09 -26.89 -46.91
C TYR U 27 83.92 -25.73 -46.34
N ARG U 28 84.01 -24.66 -47.11
CA ARG U 28 84.81 -23.49 -46.77
C ARG U 28 83.94 -22.25 -46.76
N MET U 29 84.15 -21.38 -45.77
CA MET U 29 83.53 -20.07 -45.77
C MET U 29 84.54 -19.01 -45.33
N ARG U 30 84.26 -17.78 -45.74
CA ARG U 30 85.00 -16.62 -45.30
C ARG U 30 84.13 -15.85 -44.30
N ILE U 31 84.60 -15.80 -43.06
CA ILE U 31 83.83 -15.25 -41.94
C ILE U 31 84.59 -14.07 -41.38
N PHE U 32 83.89 -12.96 -41.14
CA PHE U 32 84.47 -11.77 -40.56
C PHE U 32 84.01 -11.66 -39.12
N ALA U 33 84.93 -11.89 -38.19
CA ALA U 33 84.63 -11.95 -36.78
C ALA U 33 85.75 -11.28 -35.99
N PRO U 34 85.45 -10.82 -34.77
CA PRO U 34 86.52 -10.25 -33.94
C PRO U 34 87.63 -11.22 -33.60
N ASN U 35 87.31 -12.50 -33.35
CA ASN U 35 88.33 -13.48 -33.00
C ASN U 35 87.92 -14.84 -33.57
N HIS U 36 88.85 -15.80 -33.50
CA HIS U 36 88.62 -17.10 -34.10
C HIS U 36 87.55 -17.89 -33.36
N VAL U 37 87.31 -17.58 -32.09
CA VAL U 37 86.27 -18.28 -31.35
C VAL U 37 84.89 -17.90 -31.89
N VAL U 38 84.71 -16.61 -32.18
CA VAL U 38 83.46 -16.15 -32.77
C VAL U 38 83.35 -16.61 -34.22
N ALA U 39 84.49 -16.75 -34.91
CA ALA U 39 84.47 -17.21 -36.29
C ALA U 39 83.92 -18.63 -36.42
N LYS U 40 84.33 -19.52 -35.51
CA LYS U 40 83.85 -20.90 -35.56
C LYS U 40 82.36 -20.98 -35.25
N SER U 41 81.90 -20.18 -34.28
CA SER U 41 80.47 -20.15 -33.98
C SER U 41 79.67 -19.62 -35.18
N ARG U 42 80.20 -18.62 -35.87
CA ARG U 42 79.50 -18.08 -37.03
C ARG U 42 79.50 -19.08 -38.19
N PHE U 43 80.55 -19.89 -38.31
CA PHE U 43 80.59 -20.92 -39.34
C PHE U 43 79.45 -21.92 -39.13
N TRP U 44 79.24 -22.34 -37.89
CA TRP U 44 78.19 -23.31 -37.60
C TRP U 44 76.80 -22.70 -37.77
N TYR U 45 76.70 -21.38 -37.62
CA TYR U 45 75.41 -20.72 -37.82
C TYR U 45 74.98 -20.80 -39.29
N PHE U 46 75.92 -20.59 -40.21
CA PHE U 46 75.58 -20.57 -41.62
C PHE U 46 75.47 -21.99 -42.19
N VAL U 47 76.45 -22.84 -41.89
CA VAL U 47 76.49 -24.17 -42.50
C VAL U 47 75.35 -25.04 -41.98
N SER U 48 74.79 -24.71 -40.81
CA SER U 48 73.65 -25.46 -40.31
C SER U 48 72.37 -25.06 -41.04
N GLN U 49 72.26 -23.80 -41.45
CA GLN U 49 71.09 -23.36 -42.20
C GLN U 49 71.25 -23.55 -43.69
N LEU U 50 72.38 -24.08 -44.16
CA LEU U 50 72.61 -24.33 -45.57
C LEU U 50 72.71 -25.82 -45.88
N LYS U 51 73.49 -26.56 -45.09
CA LYS U 51 73.87 -27.92 -45.42
C LYS U 51 73.45 -28.95 -44.38
N LYS U 52 72.59 -28.57 -43.43
CA LYS U 52 72.02 -29.48 -42.45
C LYS U 52 73.13 -30.16 -41.62
N MET U 53 74.10 -29.35 -41.22
CA MET U 53 75.26 -29.85 -40.49
C MET U 53 75.36 -29.10 -39.17
N LYS U 54 75.21 -29.80 -38.07
CA LYS U 54 75.33 -29.23 -36.74
C LYS U 54 76.74 -29.46 -36.19
N LYS U 55 77.08 -28.67 -35.18
CA LYS U 55 78.40 -28.75 -34.58
C LYS U 55 78.66 -30.10 -33.93
N SER U 56 77.62 -30.68 -33.31
CA SER U 56 77.78 -31.96 -32.63
C SER U 56 78.03 -33.10 -33.61
N SER U 57 77.61 -32.94 -34.85
CA SER U 57 77.81 -33.96 -35.87
C SER U 57 78.94 -33.64 -36.84
N GLY U 58 79.69 -32.57 -36.58
CA GLY U 58 80.77 -32.18 -37.47
C GLY U 58 82.05 -31.82 -36.76
N GLU U 59 82.98 -31.19 -37.47
CA GLU U 59 84.22 -30.74 -36.89
C GLU U 59 84.80 -29.62 -37.76
N ILE U 60 85.60 -28.77 -37.14
CA ILE U 60 86.28 -27.68 -37.84
C ILE U 60 87.64 -28.22 -38.27
N VAL U 61 87.80 -28.43 -39.57
CA VAL U 61 89.05 -28.96 -40.10
C VAL U 61 90.16 -27.91 -40.03
N TYR U 62 89.81 -26.65 -40.29
CA TYR U 62 90.80 -25.58 -40.35
C TYR U 62 90.13 -24.26 -39.98
N CYS U 63 90.90 -23.37 -39.36
CA CYS U 63 90.44 -22.02 -39.06
C CYS U 63 91.66 -21.12 -38.92
N GLY U 64 91.91 -20.31 -39.95
CA GLY U 64 93.02 -19.40 -39.93
C GLY U 64 92.62 -18.04 -40.48
N GLN U 65 93.42 -17.04 -40.14
CA GLN U 65 93.16 -15.67 -40.56
C GLN U 65 93.69 -15.45 -41.97
N VAL U 66 92.91 -14.74 -42.79
CA VAL U 66 93.30 -14.41 -44.15
C VAL U 66 93.89 -13.00 -44.13
N PHE U 67 95.19 -12.89 -44.36
CA PHE U 67 95.85 -11.60 -44.39
C PHE U 67 95.56 -10.87 -45.69
N GLU U 68 95.58 -9.54 -45.61
CA GLU U 68 95.32 -8.72 -46.78
C GLU U 68 96.51 -8.77 -47.73
N LYS U 69 96.23 -9.00 -49.02
CA LYS U 69 97.30 -9.20 -49.98
C LYS U 69 97.98 -7.89 -50.36
N SER U 70 97.22 -6.81 -50.45
CA SER U 70 97.75 -5.50 -50.84
C SER U 70 97.30 -4.43 -49.84
N PRO U 71 97.81 -4.47 -48.61
CA PRO U 71 97.35 -3.51 -47.60
C PRO U 71 97.79 -2.08 -47.85
N LEU U 72 98.65 -1.82 -48.83
CA LEU U 72 99.06 -0.47 -49.18
C LEU U 72 98.45 0.02 -50.49
N ARG U 73 97.44 -0.67 -51.00
CA ARG U 73 96.75 -0.29 -52.22
C ARG U 73 95.31 0.08 -51.88
N VAL U 74 94.85 1.21 -52.41
CA VAL U 74 93.48 1.66 -52.17
C VAL U 74 92.56 0.94 -53.14
N LYS U 75 91.47 0.40 -52.61
CA LYS U 75 90.55 -0.43 -53.40
C LYS U 75 89.12 0.00 -53.14
N ASN U 76 88.24 -0.41 -54.06
CA ASN U 76 86.80 -0.29 -53.88
C ASN U 76 86.23 -1.67 -53.63
N PHE U 77 85.33 -1.77 -52.66
CA PHE U 77 84.73 -3.04 -52.28
C PHE U 77 83.22 -2.97 -52.45
N GLY U 78 82.66 -3.99 -53.09
CA GLY U 78 81.23 -4.19 -53.10
C GLY U 78 80.85 -5.23 -52.06
N ILE U 79 79.87 -4.89 -51.23
CA ILE U 79 79.37 -5.78 -50.21
C ILE U 79 77.94 -6.14 -50.58
N TRP U 80 77.65 -7.42 -50.69
CA TRP U 80 76.29 -7.93 -50.79
C TRP U 80 75.89 -8.46 -49.42
N LEU U 81 74.81 -7.93 -48.87
CA LEU U 81 74.38 -8.29 -47.53
C LEU U 81 72.87 -8.45 -47.52
N ARG U 82 72.39 -9.08 -46.47
CA ARG U 82 70.96 -9.14 -46.15
C ARG U 82 70.82 -8.86 -44.66
N TYR U 83 69.82 -8.06 -44.30
CA TYR U 83 69.66 -7.67 -42.92
C TYR U 83 68.17 -7.62 -42.59
N ASP U 84 67.88 -7.77 -41.30
CA ASP U 84 66.52 -7.75 -40.79
C ASP U 84 66.20 -6.37 -40.25
N SER U 85 65.17 -5.75 -40.79
CA SER U 85 64.66 -4.49 -40.26
C SER U 85 63.59 -4.79 -39.22
N ARG U 86 62.97 -3.74 -38.67
CA ARG U 86 61.87 -3.96 -37.73
C ARG U 86 60.66 -4.60 -38.39
N SER U 87 60.52 -4.44 -39.71
CA SER U 87 59.44 -5.07 -40.47
C SER U 87 60.03 -5.52 -41.81
N GLY U 88 60.43 -6.78 -41.87
CA GLY U 88 60.91 -7.38 -43.09
C GLY U 88 62.42 -7.51 -43.13
N THR U 89 62.88 -8.31 -44.09
CA THR U 89 64.29 -8.47 -44.37
C THR U 89 64.57 -8.03 -45.80
N HIS U 90 65.77 -7.51 -46.03
CA HIS U 90 66.10 -6.83 -47.27
C HIS U 90 67.46 -7.27 -47.76
N ASN U 91 67.68 -7.12 -49.06
CA ASN U 91 68.98 -7.35 -49.68
C ASN U 91 69.57 -6.00 -50.08
N MET U 92 70.83 -5.77 -49.70
CA MET U 92 71.49 -4.50 -49.99
C MET U 92 72.84 -4.74 -50.64
N TYR U 93 73.20 -3.86 -51.56
CA TYR U 93 74.53 -3.77 -52.14
C TYR U 93 75.12 -2.43 -51.77
N ARG U 94 76.35 -2.42 -51.25
CA ARG U 94 76.99 -1.20 -50.77
C ARG U 94 78.43 -1.15 -51.25
N GLU U 95 78.99 0.07 -51.27
CA GLU U 95 80.39 0.27 -51.67
C GLU U 95 81.16 0.97 -50.56
N TYR U 96 82.44 0.60 -50.44
CA TYR U 96 83.36 1.25 -49.52
C TYR U 96 84.73 1.30 -50.16
N ARG U 97 85.50 2.32 -49.77
CA ARG U 97 86.91 2.44 -50.15
C ARG U 97 87.75 2.14 -48.92
N ASP U 98 88.74 1.27 -49.08
CA ASP U 98 89.56 0.84 -47.95
C ASP U 98 90.85 0.26 -48.47
N LEU U 99 91.78 0.03 -47.55
CA LEU U 99 93.02 -0.67 -47.87
C LEU U 99 92.92 -2.17 -47.66
N THR U 100 92.01 -2.64 -46.81
CA THR U 100 91.88 -4.06 -46.50
C THR U 100 90.42 -4.50 -46.62
N THR U 101 90.24 -5.77 -46.95
CA THR U 101 88.90 -6.33 -47.07
C THR U 101 88.18 -6.32 -45.73
N ALA U 102 88.89 -6.67 -44.65
CA ALA U 102 88.29 -6.69 -43.33
C ALA U 102 87.86 -5.29 -42.90
N GLY U 103 88.70 -4.28 -43.19
CA GLY U 103 88.35 -2.93 -42.84
C GLY U 103 87.11 -2.42 -43.56
N ALA U 104 86.93 -2.83 -44.81
CA ALA U 104 85.72 -2.47 -45.54
C ALA U 104 84.49 -3.07 -44.89
N VAL U 105 84.59 -4.31 -44.42
CA VAL U 105 83.46 -4.97 -43.78
C VAL U 105 83.16 -4.32 -42.44
N THR U 106 84.19 -3.92 -41.69
CA THR U 106 83.96 -3.18 -40.44
C THR U 106 83.28 -1.85 -40.72
N GLN U 107 83.66 -1.19 -41.82
CA GLN U 107 82.97 0.03 -42.23
C GLN U 107 81.49 -0.23 -42.48
N CYS U 108 81.18 -1.39 -43.06
CA CYS U 108 79.79 -1.69 -43.39
C CYS U 108 78.95 -1.93 -42.15
N TYR U 109 79.52 -2.59 -41.14
CA TYR U 109 78.78 -2.78 -39.89
C TYR U 109 78.51 -1.46 -39.20
N ARG U 110 79.49 -0.56 -39.18
CA ARG U 110 79.27 0.77 -38.62
C ARG U 110 78.22 1.53 -39.41
N ASP U 111 78.25 1.39 -40.74
CA ASP U 111 77.35 2.16 -41.59
C ASP U 111 75.93 1.62 -41.51
N MET U 112 75.77 0.31 -41.36
CA MET U 112 74.44 -0.25 -41.15
C MET U 112 73.86 0.17 -39.81
N GLY U 113 74.68 0.21 -38.77
CA GLY U 113 74.22 0.70 -37.49
C GLY U 113 73.87 2.17 -37.52
N ALA U 114 74.65 2.96 -38.26
CA ALA U 114 74.40 4.39 -38.32
C ALA U 114 73.13 4.72 -39.10
N ARG U 115 72.95 4.11 -40.27
CA ARG U 115 71.88 4.52 -41.18
C ARG U 115 70.60 3.72 -41.02
N HIS U 116 70.67 2.51 -40.47
CA HIS U 116 69.50 1.65 -40.38
C HIS U 116 69.25 1.08 -39.00
N ARG U 117 70.06 1.46 -38.00
CA ARG U 117 69.93 0.94 -36.64
C ARG U 117 69.99 -0.58 -36.63
N ALA U 118 70.71 -1.15 -37.58
CA ALA U 118 70.87 -2.59 -37.66
C ALA U 118 72.00 -3.05 -36.75
N ARG U 119 71.73 -4.03 -35.92
CA ARG U 119 72.73 -4.64 -35.07
C ARG U 119 73.40 -5.79 -35.81
N ALA U 120 74.56 -6.20 -35.29
CA ALA U 120 75.37 -7.17 -36.02
C ALA U 120 74.69 -8.52 -36.11
N HIS U 121 73.91 -8.90 -35.09
CA HIS U 121 73.24 -10.20 -35.12
C HIS U 121 72.19 -10.26 -36.22
N SER U 122 71.72 -9.11 -36.69
CA SER U 122 70.69 -9.06 -37.71
C SER U 122 71.25 -8.91 -39.13
N ILE U 123 72.55 -9.03 -39.30
CA ILE U 123 73.18 -8.83 -40.60
C ILE U 123 73.85 -10.12 -41.04
N GLN U 124 73.66 -10.49 -42.30
CA GLN U 124 74.38 -11.58 -42.94
C GLN U 124 75.12 -11.03 -44.14
N ILE U 125 76.43 -11.21 -44.16
CA ILE U 125 77.27 -10.73 -45.26
C ILE U 125 77.59 -11.90 -46.16
N MET U 126 77.12 -11.85 -47.40
CA MET U 126 77.21 -12.99 -48.30
C MET U 126 78.27 -12.87 -49.38
N LYS U 127 78.71 -11.65 -49.72
CA LYS U 127 79.72 -11.52 -50.76
C LYS U 127 80.47 -10.20 -50.56
N VAL U 128 81.80 -10.29 -50.63
CA VAL U 128 82.66 -9.12 -50.60
C VAL U 128 83.72 -9.27 -51.68
N GLU U 129 83.70 -8.40 -52.68
CA GLU U 129 84.66 -8.50 -53.76
C GLU U 129 85.19 -7.12 -54.10
N GLU U 130 86.40 -7.09 -54.64
CA GLU U 130 87.05 -5.86 -55.05
C GLU U 130 86.56 -5.46 -56.43
N ILE U 131 86.13 -4.21 -56.55
CA ILE U 131 85.50 -3.68 -57.75
C ILE U 131 86.43 -2.66 -58.38
N ALA U 132 86.54 -2.71 -59.71
CA ALA U 132 87.28 -1.70 -60.44
C ALA U 132 86.55 -0.37 -60.37
N ALA U 133 87.30 0.71 -60.62
CA ALA U 133 86.71 2.05 -60.53
C ALA U 133 85.60 2.24 -61.55
N GLY U 134 85.66 1.55 -62.70
CA GLY U 134 84.66 1.71 -63.72
C GLY U 134 83.33 1.04 -63.40
N LYS U 135 83.33 0.06 -62.49
CA LYS U 135 82.12 -0.68 -62.14
C LYS U 135 81.51 -0.23 -60.81
N CYS U 136 81.98 0.88 -60.25
CA CYS U 136 81.37 1.42 -59.05
C CYS U 136 80.07 2.13 -59.39
N ARG U 137 79.13 2.12 -58.45
CA ARG U 137 77.79 2.64 -58.69
C ARG U 137 77.33 3.72 -57.71
N ARG U 138 77.99 3.88 -56.59
CA ARG U 138 77.53 4.86 -55.61
C ARG U 138 78.30 6.16 -55.79
N PRO U 139 77.61 7.30 -55.87
CA PRO U 139 78.33 8.58 -56.06
C PRO U 139 79.31 8.91 -54.96
N ALA U 140 79.05 8.46 -53.73
CA ALA U 140 79.96 8.76 -52.62
C ALA U 140 81.34 8.18 -52.85
N VAL U 141 81.42 7.00 -53.49
CA VAL U 141 82.69 6.37 -53.78
C VAL U 141 83.29 6.88 -55.09
N LYS U 142 82.43 7.21 -56.05
CA LYS U 142 82.90 7.59 -57.38
C LYS U 142 83.62 8.93 -57.39
N GLN U 143 83.35 9.80 -56.40
CA GLN U 143 83.94 11.13 -56.42
C GLN U 143 85.41 11.12 -56.06
N PHE U 144 85.92 10.00 -55.55
CA PHE U 144 87.34 9.87 -55.25
C PHE U 144 88.11 9.21 -56.38
N HIS U 145 87.43 8.89 -57.49
CA HIS U 145 88.10 8.40 -58.70
C HIS U 145 88.40 9.62 -59.58
N ASP U 146 89.46 10.33 -59.20
CA ASP U 146 89.85 11.55 -59.88
C ASP U 146 91.35 11.69 -59.68
N SER U 147 92.12 11.59 -60.77
CA SER U 147 93.57 11.55 -60.67
C SER U 147 94.17 12.86 -60.17
N LYS U 148 93.42 13.95 -60.24
CA LYS U 148 93.86 15.25 -59.74
C LYS U 148 92.98 15.70 -58.58
N ILE U 149 92.67 14.77 -57.67
CA ILE U 149 91.84 15.10 -56.52
C ILE U 149 92.53 16.18 -55.70
N LYS U 150 91.76 17.17 -55.28
CA LYS U 150 92.31 18.36 -54.64
C LYS U 150 91.20 19.06 -53.89
N PHE U 151 91.34 19.17 -52.57
CA PHE U 151 90.37 19.89 -51.76
C PHE U 151 91.07 20.49 -50.56
N PRO U 152 90.60 21.62 -50.05
CA PRO U 152 91.16 22.16 -48.81
C PRO U 152 90.51 21.55 -47.58
N LEU U 153 90.94 22.01 -46.40
CA LEU U 153 90.33 21.63 -45.13
C LEU U 153 89.79 22.90 -44.50
N PRO U 154 88.52 23.24 -44.75
CA PRO U 154 88.06 24.63 -44.52
C PRO U 154 88.08 25.12 -43.09
N HIS U 155 87.36 24.42 -42.20
CA HIS U 155 86.99 24.94 -40.89
C HIS U 155 87.43 23.93 -39.85
N ARG U 156 88.69 24.02 -39.42
CA ARG U 156 89.27 23.02 -38.53
C ARG U 156 88.89 23.34 -37.09
N VAL U 157 88.11 22.48 -36.47
CA VAL U 157 87.70 22.67 -35.09
C VAL U 157 88.92 22.44 -34.19
N LEU U 158 89.11 23.34 -33.23
CA LEU U 158 90.18 23.17 -32.25
C LEU U 158 89.89 21.96 -31.38
N ARG U 159 90.66 20.89 -31.56
CA ARG U 159 90.45 19.69 -30.76
C ARG U 159 91.25 19.68 -29.48
N ARG U 160 92.29 20.51 -29.38
CA ARG U 160 93.05 20.61 -28.14
C ARG U 160 92.40 21.58 -27.17
N GLN U 161 91.11 21.42 -26.94
CA GLN U 161 90.47 22.14 -25.85
C GLN U 161 90.92 21.55 -24.53
N HIS U 162 90.81 22.35 -23.48
CA HIS U 162 91.21 22.00 -22.11
C HIS U 162 92.70 21.84 -21.91
N LYS U 163 93.53 22.03 -22.93
CA LYS U 163 94.95 21.86 -22.67
C LYS U 163 95.46 23.08 -21.91
N PRO U 164 95.26 24.32 -22.40
CA PRO U 164 95.32 25.46 -21.48
C PRO U 164 94.06 25.58 -20.63
N ARG U 165 92.90 25.43 -21.27
CA ARG U 165 91.57 25.48 -20.67
C ARG U 165 91.20 26.91 -20.26
N PHE U 166 92.18 27.81 -20.28
CA PHE U 166 91.97 29.22 -20.00
C PHE U 166 93.09 29.95 -20.73
N THR U 167 92.73 30.74 -21.74
CA THR U 167 93.73 31.38 -22.58
C THR U 167 93.29 32.80 -22.90
N THR U 168 94.26 33.66 -23.18
CA THR U 168 93.97 35.02 -23.60
C THR U 168 93.51 35.09 -25.05
N LYS U 169 94.09 34.28 -25.91
CA LYS U 169 93.84 34.34 -27.35
C LYS U 169 92.68 33.44 -27.73
N ARG U 170 91.76 33.95 -28.53
CA ARG U 170 90.72 33.12 -29.09
C ARG U 170 91.30 32.29 -30.24
N PRO U 171 90.82 31.06 -30.42
CA PRO U 171 91.41 30.19 -31.44
C PRO U 171 91.11 30.67 -32.85
N ASN U 172 92.04 30.40 -33.75
CA ASN U 172 91.88 30.65 -35.17
C ASN U 172 91.66 29.34 -35.88
N THR U 173 90.58 29.25 -36.64
CA THR U 173 90.31 28.07 -37.47
C THR U 173 90.24 28.51 -38.93
N PHE U 174 91.39 28.75 -39.53
CA PHE U 174 91.44 28.90 -40.98
C PHE U 174 92.43 27.93 -41.61
N PHE U 175 93.68 27.99 -41.16
CA PHE U 175 94.80 27.20 -41.69
C PHE U 175 94.70 26.88 -43.18
N THR V 1 37.32 -28.04 -7.97
CA THR V 1 38.33 -29.06 -8.06
C THR V 1 37.86 -30.18 -8.98
N ASN V 2 38.74 -31.11 -9.32
CA ASN V 2 38.37 -32.21 -10.19
C ASN V 2 38.05 -33.45 -9.37
N THR V 3 37.59 -34.49 -10.05
CA THR V 3 37.14 -35.70 -9.40
C THR V 3 38.33 -36.55 -8.93
N LYS V 4 38.03 -37.51 -8.07
CA LYS V 4 38.99 -38.50 -7.61
C LYS V 4 38.78 -39.85 -8.29
N GLY V 5 38.14 -39.85 -9.45
CA GLY V 5 37.85 -41.10 -10.14
C GLY V 5 39.12 -41.81 -10.55
N LYS V 6 39.05 -43.14 -10.54
CA LYS V 6 40.25 -43.95 -10.76
C LYS V 6 40.79 -43.83 -12.17
N ARG V 7 39.94 -43.71 -13.18
CA ARG V 7 40.39 -43.64 -14.56
C ARG V 7 40.21 -42.26 -15.17
N ARG V 8 40.28 -41.21 -14.36
CA ARG V 8 40.18 -39.86 -14.89
C ARG V 8 41.48 -39.49 -15.60
N GLY V 9 41.36 -39.01 -16.83
CA GLY V 9 42.54 -38.65 -17.60
C GLY V 9 43.31 -39.80 -18.19
N THR V 10 42.71 -40.97 -18.32
CA THR V 10 43.33 -42.11 -18.97
C THR V 10 42.78 -42.34 -20.38
N ARG V 11 42.26 -41.28 -21.01
CA ARG V 11 41.63 -41.41 -22.33
C ARG V 11 42.60 -41.96 -23.36
N TYR V 12 43.86 -41.55 -23.29
CA TYR V 12 44.86 -41.98 -24.26
C TYR V 12 45.82 -43.02 -23.72
N MET V 13 46.08 -43.02 -22.41
CA MET V 13 47.11 -43.91 -21.87
C MET V 13 46.64 -45.35 -21.80
N PHE V 14 45.33 -45.58 -21.72
CA PHE V 14 44.78 -46.92 -21.68
C PHE V 14 44.11 -47.33 -22.99
N SER V 15 44.18 -46.48 -24.00
CA SER V 15 43.67 -46.84 -25.32
C SER V 15 44.69 -47.70 -26.06
N ARG V 16 44.17 -48.56 -26.91
CA ARG V 16 45.01 -49.39 -27.74
C ARG V 16 45.61 -48.57 -28.87
N PRO V 17 46.80 -48.94 -29.33
CA PRO V 17 47.41 -48.22 -30.46
C PRO V 17 46.62 -48.42 -31.74
N PHE V 18 46.86 -47.53 -32.69
CA PHE V 18 46.12 -47.53 -33.95
C PHE V 18 46.34 -48.83 -34.70
N ARG V 19 45.23 -49.43 -35.15
CA ARG V 19 45.26 -50.70 -35.88
C ARG V 19 45.98 -51.79 -35.11
N LYS V 20 45.82 -51.77 -33.78
CA LYS V 20 46.36 -52.80 -32.91
C LYS V 20 45.35 -53.18 -31.84
N HIS V 21 44.07 -53.11 -32.17
CA HIS V 21 43.00 -53.51 -31.27
C HIS V 21 42.80 -55.02 -31.38
N GLY V 22 41.71 -55.52 -30.81
CA GLY V 22 41.34 -56.91 -30.98
C GLY V 22 41.96 -57.88 -30.00
N VAL V 23 42.26 -59.08 -30.48
CA VAL V 23 42.72 -60.16 -29.62
C VAL V 23 44.12 -59.85 -29.10
N VAL V 24 44.32 -60.08 -27.80
CA VAL V 24 45.66 -59.93 -27.21
C VAL V 24 46.55 -61.05 -27.75
N PRO V 25 47.72 -60.73 -28.27
CA PRO V 25 48.63 -61.80 -28.73
C PRO V 25 49.02 -62.70 -27.57
N LEU V 26 49.15 -63.99 -27.88
CA LEU V 26 49.23 -65.02 -26.85
C LEU V 26 50.61 -65.15 -26.22
N ALA V 27 51.66 -64.59 -26.84
CA ALA V 27 52.98 -64.68 -26.25
C ALA V 27 53.11 -63.82 -25.00
N THR V 28 52.22 -62.83 -24.85
CA THR V 28 52.24 -62.03 -23.63
C THR V 28 51.82 -62.86 -22.43
N TYR V 29 50.91 -63.81 -22.63
CA TYR V 29 50.55 -64.73 -21.56
C TYR V 29 51.59 -65.82 -21.36
N MET V 30 52.48 -66.02 -22.33
CA MET V 30 53.50 -67.05 -22.23
C MET V 30 54.80 -66.54 -21.62
N ARG V 31 54.95 -65.23 -21.40
CA ARG V 31 56.14 -64.72 -20.75
C ARG V 31 56.17 -65.18 -19.30
N ILE V 32 57.35 -65.55 -18.82
CA ILE V 32 57.50 -66.18 -17.51
C ILE V 32 58.22 -65.20 -16.59
N TYR V 33 57.59 -64.88 -15.46
CA TYR V 33 58.08 -63.91 -14.51
C TYR V 33 58.42 -64.62 -13.21
N LYS V 34 59.68 -64.56 -12.81
CA LYS V 34 60.14 -65.17 -11.57
C LYS V 34 60.23 -64.10 -10.48
N LYS V 35 60.42 -64.57 -9.25
CA LYS V 35 60.59 -63.66 -8.13
C LYS V 35 61.94 -62.98 -8.20
N GLY V 36 61.92 -61.65 -8.29
CA GLY V 36 63.13 -60.85 -8.27
C GLY V 36 63.44 -60.13 -9.57
N ASP V 37 62.66 -60.33 -10.63
CA ASP V 37 62.98 -59.70 -11.90
C ASP V 37 62.15 -58.43 -12.14
N ILE V 38 62.71 -57.55 -12.97
CA ILE V 38 62.23 -56.18 -13.11
C ILE V 38 61.28 -56.09 -14.30
N VAL V 39 60.12 -55.48 -14.08
CA VAL V 39 59.05 -55.43 -15.08
C VAL V 39 58.59 -54.00 -15.27
N ASP V 40 58.22 -53.66 -16.50
CA ASP V 40 57.62 -52.38 -16.83
C ASP V 40 56.10 -52.51 -16.77
N ILE V 41 55.45 -51.54 -16.15
CA ILE V 41 54.00 -51.52 -16.00
C ILE V 41 53.41 -50.62 -17.08
N LYS V 42 52.49 -51.17 -17.87
CA LYS V 42 51.86 -50.43 -18.96
C LYS V 42 50.44 -50.98 -19.11
N GLY V 43 49.47 -50.28 -18.52
CA GLY V 43 48.08 -50.70 -18.56
C GLY V 43 47.49 -50.83 -19.94
N MET V 44 46.80 -51.94 -20.19
CA MET V 44 46.12 -52.20 -21.45
C MET V 44 44.62 -52.16 -21.22
N GLY V 45 43.91 -51.33 -21.99
CA GLY V 45 42.49 -51.17 -21.82
C GLY V 45 41.64 -52.32 -22.31
N THR V 46 42.22 -53.23 -23.08
CA THR V 46 41.47 -54.40 -23.54
C THR V 46 41.10 -55.31 -22.37
N VAL V 47 41.98 -55.41 -21.38
CA VAL V 47 41.73 -56.21 -20.19
C VAL V 47 41.46 -55.25 -19.03
N GLN V 48 40.26 -55.34 -18.47
CA GLN V 48 39.86 -54.45 -17.38
C GLN V 48 40.11 -55.04 -15.99
N LYS V 49 40.57 -56.29 -15.91
CA LYS V 49 40.86 -56.90 -14.63
C LYS V 49 42.33 -56.78 -14.30
N GLY V 50 42.61 -56.61 -13.01
CA GLY V 50 43.99 -56.47 -12.55
C GLY V 50 44.69 -55.25 -13.11
N MET V 51 43.95 -54.20 -13.39
CA MET V 51 44.51 -53.04 -14.06
C MET V 51 45.28 -52.17 -13.07
N PRO V 52 46.53 -51.83 -13.37
CA PRO V 52 47.28 -50.91 -12.51
C PRO V 52 46.67 -49.52 -12.55
N HIS V 53 46.85 -48.81 -11.43
CA HIS V 53 46.43 -47.42 -11.37
C HIS V 53 47.30 -46.57 -12.29
N LYS V 54 46.75 -45.43 -12.70
CA LYS V 54 47.40 -44.59 -13.70
C LYS V 54 48.75 -44.08 -13.22
N CYS V 55 48.95 -43.95 -11.91
CA CYS V 55 50.21 -43.44 -11.39
C CYS V 55 51.34 -44.46 -11.51
N TYR V 56 51.03 -45.71 -11.82
CA TYR V 56 52.04 -46.74 -12.01
C TYR V 56 52.32 -47.03 -13.47
N HIS V 57 51.54 -46.46 -14.39
CA HIS V 57 51.81 -46.58 -15.81
C HIS V 57 53.10 -45.85 -16.15
N GLY V 58 54.00 -46.53 -16.83
CA GLY V 58 55.32 -45.99 -17.07
C GLY V 58 56.31 -46.19 -15.94
N LYS V 59 55.94 -46.91 -14.89
CA LYS V 59 56.82 -47.17 -13.77
C LYS V 59 57.40 -48.57 -13.86
N THR V 60 58.55 -48.75 -13.22
CA THR V 60 59.30 -50.00 -13.26
C THR V 60 59.56 -50.48 -11.85
N GLY V 61 59.30 -51.76 -11.60
CA GLY V 61 59.50 -52.36 -10.30
C GLY V 61 59.96 -53.80 -10.41
N ARG V 62 60.05 -54.52 -9.30
CA ARG V 62 60.49 -55.91 -9.33
C ARG V 62 59.45 -56.82 -8.71
N VAL V 63 59.40 -58.04 -9.22
CA VAL V 63 58.39 -59.02 -8.84
C VAL V 63 58.74 -59.59 -7.46
N TYR V 64 57.77 -59.58 -6.56
CA TYR V 64 57.91 -60.21 -5.26
C TYR V 64 56.95 -61.36 -5.05
N ASN V 65 55.93 -61.50 -5.89
CA ASN V 65 54.95 -62.57 -5.75
C ASN V 65 54.46 -62.97 -7.13
N VAL V 66 54.19 -64.26 -7.30
CA VAL V 66 53.67 -64.80 -8.54
C VAL V 66 52.40 -65.58 -8.23
N THR V 67 51.31 -65.22 -8.90
CA THR V 67 50.04 -65.91 -8.75
C THR V 67 49.61 -66.52 -10.07
N GLN V 68 48.37 -67.02 -10.12
CA GLN V 68 47.91 -67.75 -11.30
C GLN V 68 47.86 -66.86 -12.54
N HIS V 69 47.33 -65.65 -12.39
CA HIS V 69 47.22 -64.72 -13.51
C HIS V 69 47.92 -63.40 -13.28
N ALA V 70 48.35 -63.09 -12.07
CA ALA V 70 48.86 -61.77 -11.74
C ALA V 70 50.26 -61.89 -11.14
N VAL V 71 50.84 -60.73 -10.85
CA VAL V 71 52.17 -60.62 -10.27
C VAL V 71 52.16 -59.45 -9.29
N GLY V 72 52.72 -59.68 -8.10
CA GLY V 72 52.95 -58.60 -7.16
C GLY V 72 54.25 -57.90 -7.48
N ILE V 73 54.22 -56.57 -7.45
CA ILE V 73 55.37 -55.74 -7.81
C ILE V 73 55.63 -54.72 -6.71
N ILE V 74 56.91 -54.53 -6.40
CA ILE V 74 57.36 -53.49 -5.49
C ILE V 74 57.79 -52.29 -6.32
N VAL V 75 56.97 -51.24 -6.32
CA VAL V 75 57.16 -50.09 -7.20
C VAL V 75 57.33 -48.85 -6.36
N ASN V 76 58.30 -48.01 -6.72
CA ASN V 76 58.53 -46.76 -6.02
C ASN V 76 57.55 -45.70 -6.49
N LYS V 77 56.93 -45.02 -5.54
CA LYS V 77 55.98 -43.95 -5.84
C LYS V 77 56.35 -42.72 -5.01
N GLN V 78 56.42 -41.57 -5.66
CA GLN V 78 56.72 -40.32 -4.97
C GLN V 78 55.45 -39.68 -4.47
N VAL V 79 55.41 -39.36 -3.18
CA VAL V 79 54.23 -38.82 -2.53
C VAL V 79 54.68 -37.60 -1.72
N LYS V 80 54.55 -36.42 -2.30
CA LYS V 80 54.66 -35.15 -1.58
C LYS V 80 55.99 -35.03 -0.82
N GLY V 81 57.07 -35.46 -1.44
CA GLY V 81 58.38 -35.31 -0.85
C GLY V 81 58.97 -36.54 -0.20
N LYS V 82 58.29 -37.67 -0.25
CA LYS V 82 58.84 -38.95 0.21
C LYS V 82 58.55 -40.01 -0.83
N ILE V 83 59.50 -40.93 -1.00
CA ILE V 83 59.37 -42.04 -1.94
C ILE V 83 59.14 -43.30 -1.12
N LEU V 84 58.05 -44.00 -1.41
CA LEU V 84 57.70 -45.21 -0.70
C LEU V 84 57.53 -46.37 -1.67
N ALA V 85 57.87 -47.56 -1.19
CA ALA V 85 57.82 -48.78 -1.98
C ALA V 85 56.44 -49.41 -1.83
N LYS V 86 55.57 -49.16 -2.81
CA LYS V 86 54.23 -49.72 -2.82
C LYS V 86 54.25 -51.15 -3.35
N ARG V 87 53.29 -51.94 -2.90
CA ARG V 87 53.08 -53.30 -3.39
C ARG V 87 51.74 -53.34 -4.10
N ILE V 88 51.76 -53.68 -5.39
CA ILE V 88 50.56 -53.70 -6.22
C ILE V 88 50.47 -55.04 -6.95
N ASN V 89 49.24 -55.49 -7.15
CA ASN V 89 48.97 -56.72 -7.89
C ASN V 89 48.45 -56.34 -9.27
N VAL V 90 49.16 -56.80 -10.30
CA VAL V 90 48.85 -56.46 -11.69
C VAL V 90 48.76 -57.75 -12.49
N ARG V 91 47.69 -57.90 -13.25
CA ARG V 91 47.58 -59.05 -14.14
C ARG V 91 48.66 -59.00 -15.21
N ILE V 92 48.91 -60.16 -15.81
CA ILE V 92 50.09 -60.34 -16.65
C ILE V 92 50.04 -59.46 -17.89
N GLU V 93 48.84 -59.17 -18.40
CA GLU V 93 48.69 -58.41 -19.63
C GLU V 93 49.26 -57.00 -19.51
N HIS V 94 49.31 -56.44 -18.32
CA HIS V 94 49.70 -55.04 -18.13
C HIS V 94 51.19 -54.89 -17.81
N ILE V 95 51.99 -55.95 -17.93
CA ILE V 95 53.41 -55.90 -17.62
C ILE V 95 54.21 -56.58 -18.73
N LYS V 96 55.51 -56.29 -18.75
CA LYS V 96 56.45 -56.94 -19.64
C LYS V 96 57.84 -56.82 -19.04
N HIS V 97 58.74 -57.70 -19.49
CA HIS V 97 60.10 -57.70 -18.98
C HIS V 97 60.83 -56.41 -19.36
N SER V 98 61.69 -55.96 -18.45
CA SER V 98 62.46 -54.75 -18.63
C SER V 98 63.82 -55.08 -19.23
N LYS V 99 64.13 -54.50 -20.38
CA LYS V 99 65.34 -54.84 -21.11
C LYS V 99 66.61 -54.22 -20.52
N SER V 100 66.48 -53.25 -19.62
CA SER V 100 67.67 -52.67 -19.01
C SER V 100 68.39 -53.70 -18.14
N ARG V 101 67.65 -54.52 -17.42
CA ARG V 101 68.27 -55.55 -16.59
C ARG V 101 68.94 -56.61 -17.44
N ASP V 102 68.33 -56.99 -18.56
CA ASP V 102 68.90 -58.01 -19.42
C ASP V 102 70.24 -57.56 -19.99
N SER V 103 70.36 -56.28 -20.34
CA SER V 103 71.62 -55.77 -20.86
C SER V 103 72.73 -55.85 -19.81
N PHE V 104 72.41 -55.52 -18.56
CA PHE V 104 73.42 -55.53 -17.52
C PHE V 104 73.87 -56.96 -17.21
N LEU V 105 72.95 -57.91 -17.19
CA LEU V 105 73.31 -59.30 -16.94
C LEU V 105 74.23 -59.83 -18.02
N LYS V 106 74.02 -59.40 -19.27
CA LYS V 106 74.95 -59.78 -20.34
C LYS V 106 76.34 -59.20 -20.09
N ARG V 107 76.41 -57.93 -19.67
CA ARG V 107 77.72 -57.31 -19.45
C ARG V 107 78.48 -57.98 -18.32
N VAL V 108 77.78 -58.46 -17.30
CA VAL V 108 78.42 -59.21 -16.24
C VAL V 108 79.04 -60.49 -16.80
N LYS V 109 78.32 -61.15 -17.71
CA LYS V 109 78.84 -62.38 -18.30
C LYS V 109 80.10 -62.12 -19.11
N GLU V 110 80.08 -61.14 -20.01
CA GLU V 110 81.25 -60.88 -20.82
C GLU V 110 82.41 -60.36 -19.98
N ASN V 111 82.12 -59.76 -18.83
CA ASN V 111 83.20 -59.30 -17.96
C ASN V 111 83.89 -60.47 -17.28
N ASP V 112 83.10 -61.40 -16.75
CA ASP V 112 83.67 -62.52 -16.02
C ASP V 112 84.51 -63.39 -16.95
N GLN V 113 84.00 -63.62 -18.18
CA GLN V 113 84.71 -64.45 -19.15
C GLN V 113 85.95 -63.73 -19.67
N LYS V 114 85.92 -62.40 -19.71
CA LYS V 114 87.10 -61.66 -20.13
C LYS V 114 88.15 -61.65 -19.05
N LYS V 115 87.73 -61.72 -17.79
CA LYS V 115 88.69 -61.90 -16.71
C LYS V 115 89.37 -63.26 -16.83
N LYS V 116 88.59 -64.31 -17.10
CA LYS V 116 89.17 -65.65 -17.24
C LYS V 116 90.11 -65.73 -18.43
N GLU V 117 89.73 -65.13 -19.56
CA GLU V 117 90.60 -65.12 -20.72
C GLU V 117 91.87 -64.32 -20.45
N ALA V 118 91.75 -63.19 -19.76
CA ALA V 118 92.91 -62.37 -19.45
C ALA V 118 93.87 -63.08 -18.52
N LYS V 119 93.35 -63.75 -17.49
CA LYS V 119 94.22 -64.47 -16.56
C LYS V 119 94.92 -65.63 -17.25
N GLU V 120 94.21 -66.34 -18.14
CA GLU V 120 94.82 -67.47 -18.84
C GLU V 120 95.82 -67.01 -19.89
N LYS V 121 95.63 -65.83 -20.46
CA LYS V 121 96.54 -65.28 -21.46
C LYS V 121 97.59 -64.34 -20.87
N GLY V 122 97.55 -64.11 -19.56
CA GLY V 122 98.51 -63.23 -18.93
C GLY V 122 98.48 -61.80 -19.42
N THR V 123 97.31 -61.27 -19.74
CA THR V 123 97.16 -59.92 -20.23
C THR V 123 96.17 -59.14 -19.37
N TRP V 124 96.06 -57.85 -19.63
CA TRP V 124 95.15 -56.97 -18.93
C TRP V 124 94.18 -56.34 -19.93
N VAL V 125 92.90 -56.36 -19.59
CA VAL V 125 91.85 -55.86 -20.47
C VAL V 125 90.99 -54.87 -19.71
N GLN V 126 90.46 -53.88 -20.42
CA GLN V 126 89.62 -52.86 -19.83
C GLN V 126 88.21 -53.41 -19.61
N LEU V 127 87.71 -53.25 -18.38
CA LEU V 127 86.38 -53.73 -18.03
C LEU V 127 85.41 -52.63 -17.62
N LYS V 128 85.91 -51.49 -17.15
CA LYS V 128 85.04 -50.38 -16.80
C LYS V 128 84.63 -49.62 -18.04
N ARG V 129 83.37 -49.21 -18.09
CA ARG V 129 82.93 -48.31 -19.14
C ARG V 129 83.56 -46.94 -18.95
N GLN V 130 83.73 -46.24 -20.06
CA GLN V 130 84.33 -44.91 -20.04
C GLN V 130 83.45 -43.95 -20.84
N PRO V 131 83.35 -42.70 -20.42
CA PRO V 131 82.59 -41.73 -21.21
C PRO V 131 83.32 -41.43 -22.52
N ALA V 132 82.55 -40.98 -23.51
CA ALA V 132 83.09 -40.69 -24.83
C ALA V 132 84.28 -39.75 -24.73
N PRO V 133 85.48 -40.22 -25.05
CA PRO V 133 86.67 -39.39 -24.90
C PRO V 133 86.72 -38.30 -25.95
N PRO V 134 87.53 -37.27 -25.74
CA PRO V 134 87.74 -36.29 -26.81
C PRO V 134 88.33 -36.95 -28.05
N ARG V 135 87.89 -36.47 -29.21
CA ARG V 135 88.33 -37.02 -30.48
C ARG V 135 89.84 -36.89 -30.64
N GLU V 136 90.47 -37.95 -31.14
CA GLU V 136 91.91 -37.98 -31.32
C GLU V 136 92.33 -37.16 -32.53
N ALA V 137 93.62 -36.81 -32.56
CA ALA V 137 94.17 -36.08 -33.69
C ALA V 137 94.20 -36.96 -34.93
N HIS V 138 93.94 -36.35 -36.08
CA HIS V 138 93.89 -37.09 -37.33
C HIS V 138 94.15 -36.14 -38.49
N PHE V 139 94.41 -36.73 -39.65
CA PHE V 139 94.60 -35.99 -40.88
C PHE V 139 93.34 -36.07 -41.73
N VAL V 140 93.06 -35.00 -42.46
CA VAL V 140 91.95 -34.95 -43.39
C VAL V 140 92.52 -34.64 -44.77
N ARG V 141 92.35 -35.57 -45.70
CA ARG V 141 92.89 -35.40 -47.05
C ARG V 141 91.92 -34.64 -47.93
N THR V 142 92.46 -33.72 -48.72
CA THR V 142 91.67 -32.97 -49.69
C THR V 142 91.54 -33.67 -51.02
N ASN V 143 92.41 -34.63 -51.31
CA ASN V 143 92.37 -35.40 -52.57
C ASN V 143 92.44 -34.49 -53.79
N GLY V 144 93.20 -33.40 -53.67
CA GLY V 144 93.34 -32.47 -54.77
C GLY V 144 92.07 -31.74 -55.14
N LYS V 145 91.08 -31.74 -54.25
CA LYS V 145 89.79 -31.10 -54.50
C LYS V 145 89.61 -29.99 -53.49
N GLU V 146 89.43 -28.77 -53.97
CA GLU V 146 89.28 -27.63 -53.09
C GLU V 146 87.94 -27.72 -52.35
N PRO V 147 87.88 -27.29 -51.10
CA PRO V 147 86.59 -27.26 -50.40
C PRO V 147 85.62 -26.33 -51.11
N GLU V 148 84.35 -26.73 -51.14
CA GLU V 148 83.33 -25.94 -51.80
C GLU V 148 83.01 -24.71 -50.97
N LEU V 149 82.95 -23.55 -51.62
CA LEU V 149 82.75 -22.29 -50.91
C LEU V 149 81.25 -22.05 -50.72
N LEU V 150 80.81 -22.08 -49.46
CA LEU V 150 79.43 -21.78 -49.14
C LEU V 150 79.27 -20.28 -48.86
N GLU V 151 78.05 -19.80 -49.08
CA GLU V 151 77.74 -18.38 -48.91
C GLU V 151 76.27 -18.24 -48.58
N PRO V 152 75.88 -17.33 -47.68
CA PRO V 152 74.46 -17.13 -47.38
C PRO V 152 73.67 -16.71 -48.61
N ILE V 153 72.44 -17.20 -48.70
CA ILE V 153 71.60 -16.98 -49.87
C ILE V 153 70.81 -15.69 -49.71
N PRO V 154 70.44 -15.01 -50.79
CA PRO V 154 69.62 -13.81 -50.67
C PRO V 154 68.22 -14.13 -50.17
N TYR V 155 67.60 -13.14 -49.55
CA TYR V 155 66.26 -13.30 -49.02
C TYR V 155 65.23 -13.21 -50.13
N GLU V 156 64.23 -14.09 -50.06
CA GLU V 156 63.12 -14.09 -51.00
C GLU V 156 61.82 -14.24 -50.24
N PHE V 157 60.87 -13.36 -50.50
CA PHE V 157 59.55 -13.41 -49.86
C PHE V 157 58.66 -14.34 -50.66
N MET V 158 58.38 -15.51 -50.11
CA MET V 158 57.52 -16.49 -50.77
C MET V 158 56.07 -16.17 -50.46
N ALA V 159 55.16 -17.05 -50.89
CA ALA V 159 53.73 -16.85 -50.64
C ALA V 159 53.40 -17.03 -49.17
N GLN W 1 -18.79 85.24 68.81
CA GLN W 1 -18.65 84.52 67.55
C GLN W 1 -17.58 85.16 66.68
N VAL W 2 -16.80 86.06 67.27
CA VAL W 2 -15.68 86.70 66.59
C VAL W 2 -14.41 85.91 66.90
N LEU W 3 -13.45 85.99 65.98
CA LEU W 3 -12.19 85.27 66.11
C LEU W 3 -11.05 86.27 66.30
N LYS W 4 -10.28 86.08 67.35
CA LYS W 4 -9.15 86.94 67.67
C LYS W 4 -7.87 86.15 67.54
N PHE W 5 -6.99 86.59 66.64
CA PHE W 5 -5.69 85.98 66.43
C PHE W 5 -4.63 87.06 66.55
N THR W 6 -3.53 86.73 67.24
CA THR W 6 -2.50 87.72 67.52
C THR W 6 -1.17 87.24 66.98
N LEU W 7 -0.26 88.20 66.79
CA LEU W 7 1.08 87.95 66.28
C LEU W 7 2.08 88.67 67.16
N ASP W 8 3.06 87.92 67.66
CA ASP W 8 4.09 88.46 68.54
C ASP W 8 5.36 88.69 67.73
N CYS W 9 5.87 89.93 67.79
CA CYS W 9 7.10 90.29 67.10
C CYS W 9 8.07 90.98 68.05
N THR W 10 8.00 90.66 69.35
CA THR W 10 8.77 91.38 70.34
C THR W 10 10.27 91.21 70.13
N HIS W 11 10.72 89.97 69.97
CA HIS W 11 12.15 89.73 69.78
C HIS W 11 12.70 90.36 68.51
N PRO W 12 12.10 90.20 67.34
CA PRO W 12 12.67 90.84 66.14
C PRO W 12 12.72 92.35 66.20
N VAL W 13 11.74 93.00 66.83
CA VAL W 13 11.75 94.46 66.89
C VAL W 13 12.74 94.95 67.94
N GLU W 14 12.96 94.18 69.01
CA GLU W 14 13.99 94.55 69.97
C GLU W 14 15.37 94.55 69.32
N ASP W 15 15.63 93.57 68.47
CA ASP W 15 16.89 93.52 67.73
C ASP W 15 16.93 94.52 66.58
N GLY W 16 15.79 95.09 66.20
CA GLY W 16 15.74 96.08 65.14
C GLY W 16 15.70 95.52 63.74
N ILE W 17 15.56 94.21 63.56
CA ILE W 17 15.54 93.62 62.23
C ILE W 17 14.15 93.56 61.62
N MET W 18 13.14 94.03 62.33
CA MET W 18 11.76 93.91 61.88
C MET W 18 11.02 95.22 62.11
N ASP W 19 10.19 95.61 61.16
CA ASP W 19 9.40 96.84 61.23
C ASP W 19 7.94 96.43 61.45
N ALA W 20 7.40 96.77 62.63
CA ALA W 20 6.03 96.43 62.94
C ALA W 20 5.04 97.20 62.07
N ALA W 21 5.36 98.47 61.78
CA ALA W 21 4.48 99.26 60.91
C ALA W 21 4.45 98.70 59.50
N ASN W 22 5.59 98.22 59.00
CA ASN W 22 5.64 97.63 57.67
C ASN W 22 4.82 96.34 57.61
N PHE W 23 4.71 95.64 58.75
CA PHE W 23 3.89 94.44 58.79
C PHE W 23 2.40 94.77 58.68
N GLU W 24 1.97 95.86 59.32
CA GLU W 24 0.57 96.25 59.26
C GLU W 24 0.13 96.48 57.83
N GLN W 25 0.91 97.23 57.05
CA GLN W 25 0.52 97.51 55.68
C GLN W 25 0.62 96.29 54.79
N PHE W 26 1.56 95.39 55.09
CA PHE W 26 1.64 94.15 54.33
C PHE W 26 0.41 93.29 54.54
N LEU W 27 -0.03 93.14 55.78
CA LEU W 27 -1.23 92.36 56.06
C LEU W 27 -2.48 93.10 55.58
N GLN W 28 -2.47 94.42 55.62
CA GLN W 28 -3.61 95.19 55.15
C GLN W 28 -3.80 95.01 53.64
N GLU W 29 -2.71 95.03 52.88
CA GLU W 29 -2.80 94.91 51.43
C GLU W 29 -2.99 93.46 51.01
N ARG W 30 -2.06 92.58 51.38
CA ARG W 30 -2.06 91.19 50.94
C ARG W 30 -2.82 90.33 51.94
N ILE W 31 -4.16 90.48 51.90
CA ILE W 31 -5.05 89.66 52.71
C ILE W 31 -6.36 89.53 51.94
N LYS W 32 -6.99 88.37 52.05
CA LYS W 32 -8.12 88.02 51.20
C LYS W 32 -9.33 87.67 52.03
N VAL W 33 -10.48 88.24 51.67
CA VAL W 33 -11.79 87.82 52.17
C VAL W 33 -12.64 87.49 50.95
N ASN W 34 -13.16 86.26 50.93
CA ASN W 34 -13.91 85.74 49.78
C ASN W 34 -13.09 85.80 48.50
N GLY W 35 -11.77 85.60 48.62
CA GLY W 35 -10.90 85.50 47.46
C GLY W 35 -10.48 86.81 46.84
N LYS W 36 -10.75 87.94 47.49
CA LYS W 36 -10.42 89.25 46.94
C LYS W 36 -9.46 89.96 47.89
N ALA W 37 -8.31 90.38 47.36
CA ALA W 37 -7.30 91.05 48.16
C ALA W 37 -7.59 92.53 48.25
N GLY W 38 -7.14 93.14 49.35
CA GLY W 38 -7.39 94.54 49.61
C GLY W 38 -8.77 94.78 50.17
N ASN W 39 -8.96 96.00 50.70
CA ASN W 39 -10.20 96.49 51.28
C ASN W 39 -10.60 95.77 52.56
N LEU W 40 -9.81 94.78 53.01
CA LEU W 40 -10.09 94.04 54.24
C LEU W 40 -11.48 93.40 54.20
N GLY W 41 -11.92 93.01 53.01
CA GLY W 41 -13.23 92.42 52.87
C GLY W 41 -14.37 93.34 53.24
N GLY W 42 -14.31 94.59 52.78
CA GLY W 42 -15.33 95.55 53.14
C GLY W 42 -15.39 95.89 54.60
N GLY W 43 -14.25 95.91 55.28
CA GLY W 43 -14.21 96.24 56.69
C GLY W 43 -14.63 95.12 57.62
N VAL W 44 -14.90 93.92 57.11
CA VAL W 44 -15.32 92.82 57.96
C VAL W 44 -14.17 92.38 58.86
N VAL W 45 -12.97 92.28 58.31
CA VAL W 45 -11.77 91.97 59.09
C VAL W 45 -11.04 93.29 59.37
N THR W 46 -10.44 93.36 60.56
CA THR W 46 -9.71 94.54 60.98
C THR W 46 -8.38 94.13 61.61
N ILE W 47 -7.41 95.03 61.53
CA ILE W 47 -6.07 94.81 62.05
C ILE W 47 -5.71 95.94 62.99
N GLU W 48 -5.18 95.60 64.16
CA GLU W 48 -4.72 96.58 65.12
C GLU W 48 -3.32 96.19 65.58
N ARG W 49 -2.55 97.20 65.98
CA ARG W 49 -1.19 96.97 66.47
C ARG W 49 -1.00 97.72 67.78
N SER W 50 -0.23 97.12 68.68
CA SER W 50 0.09 97.75 69.96
C SER W 50 1.37 97.10 70.49
N LYS W 51 2.47 97.85 70.49
CA LYS W 51 3.75 97.39 71.02
C LYS W 51 4.20 96.11 70.33
N SER W 52 4.21 96.13 68.99
CA SER W 52 4.64 95.00 68.18
C SER W 52 3.82 93.74 68.48
N LYS W 53 2.51 93.92 68.58
CA LYS W 53 1.56 92.83 68.81
C LYS W 53 0.39 93.06 67.85
N ILE W 54 0.51 92.51 66.64
CA ILE W 54 -0.50 92.72 65.61
C ILE W 54 -1.65 91.73 65.85
N THR W 55 -2.83 92.26 66.13
CA THR W 55 -4.02 91.46 66.37
C THR W 55 -4.96 91.60 65.18
N VAL W 56 -5.51 90.47 64.73
CA VAL W 56 -6.45 90.44 63.62
C VAL W 56 -7.76 89.87 64.16
N THR W 57 -8.84 90.62 63.96
CA THR W 57 -10.16 90.21 64.42
C THR W 57 -11.12 90.18 63.23
N SER W 58 -11.99 89.18 63.22
CA SER W 58 -12.98 89.04 62.18
C SER W 58 -14.20 88.31 62.75
N GLU W 59 -15.33 88.46 62.07
CA GLU W 59 -16.54 87.72 62.39
C GLU W 59 -16.83 86.61 61.39
N VAL W 60 -16.36 86.73 60.16
CA VAL W 60 -16.51 85.67 59.16
C VAL W 60 -15.52 84.56 59.50
N PRO W 61 -15.72 83.33 59.00
CA PRO W 61 -14.74 82.28 59.22
C PRO W 61 -13.35 82.69 58.73
N PHE W 62 -12.39 82.70 59.65
CA PHE W 62 -11.03 83.12 59.37
C PHE W 62 -10.09 82.20 60.12
N SER W 63 -9.13 81.61 59.42
CA SER W 63 -8.21 80.66 60.00
C SER W 63 -6.85 81.30 60.23
N LYS W 64 -6.23 80.98 61.37
CA LYS W 64 -4.94 81.58 61.70
C LYS W 64 -3.79 80.94 60.94
N ARG W 65 -3.98 79.74 60.40
CA ARG W 65 -2.97 79.17 59.51
C ARG W 65 -2.83 80.00 58.24
N TYR W 66 -3.88 80.72 57.88
CA TYR W 66 -3.80 81.67 56.79
C TYR W 66 -2.82 82.79 57.13
N LEU W 67 -2.83 83.22 58.39
CA LEU W 67 -1.90 84.24 58.84
C LEU W 67 -0.46 83.72 58.88
N LYS W 68 -0.29 82.45 59.25
CA LYS W 68 1.06 81.88 59.21
C LYS W 68 1.59 81.82 57.78
N TYR W 69 0.70 81.60 56.82
CA TYR W 69 1.08 81.66 55.42
C TYR W 69 1.49 83.07 55.02
N LEU W 70 0.81 84.08 55.57
CA LEU W 70 1.09 85.46 55.21
C LEU W 70 2.38 85.97 55.87
N THR W 71 2.61 85.60 57.13
CA THR W 71 3.81 86.08 57.81
C THR W 71 5.06 85.41 57.25
N LYS W 72 4.96 84.17 56.80
CA LYS W 72 6.09 83.52 56.16
C LYS W 72 6.45 84.21 54.85
N LYS W 73 5.44 84.63 54.08
CA LYS W 73 5.72 85.37 52.86
C LYS W 73 6.35 86.72 53.15
N TYR W 74 5.94 87.37 54.25
CA TYR W 74 6.55 88.63 54.65
C TYR W 74 8.01 88.43 55.01
N LEU W 75 8.32 87.36 55.75
CA LEU W 75 9.70 87.12 56.16
C LEU W 75 10.59 86.80 54.98
N LYS W 76 10.08 86.01 54.02
CA LYS W 76 10.89 85.68 52.85
C LYS W 76 11.16 86.91 52.00
N LYS W 77 10.19 87.81 51.90
CA LYS W 77 10.37 89.03 51.13
C LYS W 77 11.44 89.91 51.77
N ASN W 78 11.61 89.83 53.09
CA ASN W 78 12.55 90.65 53.81
C ASN W 78 13.81 89.90 54.21
N ASN W 79 14.00 88.67 53.71
CA ASN W 79 15.19 87.86 53.96
C ASN W 79 15.39 87.61 55.45
N LEU W 80 14.36 87.05 56.08
CA LEU W 80 14.36 86.79 57.51
C LEU W 80 14.06 85.35 57.87
N ARG W 81 13.76 84.48 56.89
CA ARG W 81 13.49 83.09 57.20
C ARG W 81 14.73 82.36 57.71
N ASP W 82 15.92 82.93 57.51
CA ASP W 82 17.15 82.30 57.98
C ASP W 82 17.42 82.55 59.46
N TRP W 83 16.73 83.50 60.08
CA TRP W 83 16.90 83.80 61.49
C TRP W 83 15.62 83.72 62.31
N LEU W 84 14.45 83.75 61.67
CA LEU W 84 13.18 83.85 62.37
C LEU W 84 12.29 82.68 61.97
N ARG W 85 11.49 82.20 62.92
CA ARG W 85 10.48 81.19 62.63
C ARG W 85 9.20 81.52 63.38
N VAL W 86 8.07 81.09 62.83
CA VAL W 86 6.76 81.39 63.37
C VAL W 86 6.27 80.15 64.12
N VAL W 87 6.03 80.31 65.42
CA VAL W 87 5.67 79.20 66.29
C VAL W 87 4.39 79.55 67.03
N ALA W 88 3.44 78.62 67.06
CA ALA W 88 2.20 78.81 67.79
C ALA W 88 2.48 78.66 69.28
N ASN W 89 2.54 79.79 69.98
CA ASN W 89 2.76 79.76 71.43
C ASN W 89 1.45 79.63 72.22
N SER W 90 0.31 79.69 71.56
CA SER W 90 -0.98 79.54 72.22
C SER W 90 -2.00 79.12 71.17
N LYS W 91 -3.25 78.98 71.62
CA LYS W 91 -4.30 78.55 70.71
C LYS W 91 -4.60 79.60 69.65
N GLU W 92 -4.44 80.88 70.01
CA GLU W 92 -4.83 81.97 69.13
C GLU W 92 -3.69 82.92 68.77
N SER W 93 -2.43 82.54 69.05
CA SER W 93 -1.33 83.45 68.81
C SER W 93 -0.15 82.71 68.17
N TYR W 94 0.59 83.44 67.34
CA TYR W 94 1.87 83.02 66.80
C TYR W 94 2.95 83.93 67.35
N GLU W 95 4.19 83.45 67.36
CA GLU W 95 5.31 84.20 67.91
C GLU W 95 6.54 83.99 67.05
N LEU W 96 7.33 85.05 66.89
CA LEU W 96 8.53 85.01 66.08
C LEU W 96 9.74 84.78 66.97
N ARG W 97 10.47 83.69 66.72
CA ARG W 97 11.59 83.30 67.56
C ARG W 97 12.78 82.94 66.68
N TYR W 98 13.95 82.86 67.30
CA TYR W 98 15.19 82.58 66.60
C TYR W 98 15.51 81.09 66.65
N PHE W 99 16.45 80.68 65.82
CA PHE W 99 16.93 79.30 65.78
C PHE W 99 18.11 79.15 66.73
N GLN W 100 18.03 78.17 67.62
CA GLN W 100 19.09 77.91 68.58
C GLN W 100 20.21 77.10 67.93
N ILE W 101 21.34 77.04 68.60
CA ILE W 101 22.49 76.28 68.12
C ILE W 101 22.30 74.80 68.39
N ALA X 1 22.82 61.55 -28.58
CA ALA X 1 22.86 60.35 -27.76
C ALA X 1 22.32 60.62 -26.35
N LYS X 2 21.69 59.59 -25.78
CA LYS X 2 21.07 59.73 -24.47
C LYS X 2 22.11 59.52 -23.36
N PHE X 3 22.14 60.44 -22.42
CA PHE X 3 23.04 60.31 -21.29
C PHE X 3 22.47 59.34 -20.26
N ARG X 4 23.35 58.83 -19.40
CA ARG X 4 22.93 57.87 -18.39
C ARG X 4 21.99 58.53 -17.38
N ILE X 5 20.99 57.77 -16.96
CA ILE X 5 19.94 58.25 -16.08
C ILE X 5 19.79 57.28 -14.91
N SER X 6 19.56 57.82 -13.72
CA SER X 6 19.29 57.00 -12.55
C SER X 6 18.11 56.08 -12.82
N LEU X 7 18.34 54.77 -12.75
CA LEU X 7 17.29 53.80 -12.97
C LEU X 7 16.46 53.61 -11.70
N GLY X 8 15.15 53.50 -11.88
CA GLY X 8 14.26 53.36 -10.74
C GLY X 8 13.31 52.19 -10.83
N LEU X 9 13.18 51.58 -12.00
CA LEU X 9 12.16 50.57 -12.26
C LEU X 9 12.82 49.24 -12.63
N PRO X 10 13.09 48.38 -11.66
CA PRO X 10 13.64 47.06 -11.97
C PRO X 10 12.52 46.10 -12.38
N VAL X 11 12.93 44.89 -12.76
CA VAL X 11 11.97 43.88 -13.21
C VAL X 11 11.04 43.54 -12.06
N GLY X 12 9.74 43.54 -12.33
CA GLY X 12 8.72 43.33 -11.33
C GLY X 12 7.96 44.58 -10.96
N ALA X 13 8.42 45.75 -11.38
CA ALA X 13 7.72 47.00 -11.09
C ALA X 13 6.45 47.09 -11.93
N VAL X 14 5.39 47.60 -11.31
CA VAL X 14 4.12 47.85 -11.97
C VAL X 14 3.92 49.35 -12.07
N ILE X 15 3.76 49.85 -13.29
CA ILE X 15 3.65 51.27 -13.55
C ILE X 15 2.31 51.55 -14.23
N ASN X 16 1.90 52.81 -14.16
CA ASN X 16 0.66 53.23 -14.81
C ASN X 16 0.82 53.25 -16.32
N CYS X 17 -0.28 53.08 -17.02
CA CYS X 17 -0.30 53.16 -18.48
C CYS X 17 -0.97 54.49 -18.85
N ALA X 18 -0.22 55.36 -19.52
CA ALA X 18 -0.66 56.71 -19.81
C ALA X 18 -1.34 56.86 -21.15
N ASP X 19 -1.44 55.80 -21.94
CA ASP X 19 -2.10 55.89 -23.24
C ASP X 19 -3.59 55.63 -23.06
N ASN X 20 -4.30 55.49 -24.17
CA ASN X 20 -5.74 55.22 -24.16
C ASN X 20 -6.07 53.89 -24.83
N THR X 21 -5.22 52.89 -24.63
CA THR X 21 -5.42 51.57 -25.21
C THR X 21 -6.33 50.68 -24.38
N GLY X 22 -6.66 51.09 -23.15
CA GLY X 22 -7.45 50.29 -22.25
C GLY X 22 -6.67 49.62 -21.15
N ALA X 23 -5.35 49.52 -21.28
CA ALA X 23 -4.51 49.01 -20.21
C ALA X 23 -4.38 50.04 -19.10
N LYS X 24 -4.43 49.55 -17.86
CA LYS X 24 -4.26 50.40 -16.69
C LYS X 24 -2.95 50.14 -15.94
N ASN X 25 -2.25 49.04 -16.27
CA ASN X 25 -1.02 48.66 -15.61
C ASN X 25 -0.02 48.18 -16.64
N LEU X 26 1.26 48.27 -16.29
CA LEU X 26 2.34 47.67 -17.05
C LEU X 26 3.29 47.00 -16.07
N TYR X 27 3.37 45.68 -16.14
CA TYR X 27 4.23 44.90 -15.26
C TYR X 27 5.51 44.56 -16.01
N ILE X 28 6.61 45.20 -15.62
CA ILE X 28 7.85 45.12 -16.36
C ILE X 28 8.47 43.75 -16.13
N ILE X 29 8.72 43.03 -17.22
CA ILE X 29 9.36 41.72 -17.14
C ILE X 29 10.79 41.74 -17.67
N SER X 30 11.16 42.72 -18.48
CA SER X 30 12.53 42.78 -18.97
C SER X 30 12.79 44.16 -19.54
N VAL X 31 14.07 44.43 -19.81
CA VAL X 31 14.52 45.72 -20.36
C VAL X 31 15.46 45.44 -21.53
N LYS X 32 15.24 46.12 -22.67
CA LYS X 32 16.27 46.20 -23.71
C LYS X 32 17.61 46.78 -23.26
N GLY X 33 18.66 46.35 -23.97
CA GLY X 33 20.02 46.84 -23.82
C GLY X 33 20.74 46.28 -22.62
N ILE X 34 20.13 45.34 -21.92
CA ILE X 34 20.64 44.88 -20.64
C ILE X 34 21.37 43.57 -20.86
N LYS X 35 22.70 43.62 -20.77
CA LYS X 35 23.49 42.40 -20.70
C LYS X 35 23.36 41.77 -19.33
N GLY X 36 23.56 42.56 -18.28
CA GLY X 36 23.31 42.15 -16.91
C GLY X 36 24.54 41.59 -16.25
N ARG X 37 24.39 41.40 -14.94
CA ARG X 37 25.44 40.83 -14.10
C ARG X 37 24.74 39.92 -13.09
N LEU X 38 25.51 39.00 -12.52
CA LEU X 38 24.95 38.03 -11.59
C LEU X 38 24.21 38.71 -10.46
N ASN X 39 22.96 38.28 -10.23
CA ASN X 39 22.08 38.73 -9.15
C ASN X 39 21.50 40.12 -9.38
N ARG X 40 21.91 40.81 -10.44
CA ARG X 40 21.46 42.18 -10.67
C ARG X 40 20.18 42.18 -11.50
N LEU X 41 19.15 42.83 -10.99
CA LEU X 41 17.89 42.92 -11.71
C LEU X 41 18.02 43.92 -12.86
N PRO X 42 17.52 43.58 -14.05
CA PRO X 42 17.42 44.57 -15.10
C PRO X 42 16.55 45.74 -14.65
N ALA X 43 17.01 46.96 -14.96
CA ALA X 43 16.33 48.15 -14.50
C ALA X 43 16.17 49.13 -15.65
N ALA X 44 15.09 49.91 -15.59
CA ALA X 44 14.73 50.84 -16.65
C ALA X 44 14.47 52.22 -16.07
N GLY X 45 14.69 53.23 -16.89
CA GLY X 45 14.37 54.60 -16.55
C GLY X 45 13.54 55.25 -17.64
N VAL X 46 13.47 56.58 -17.65
CA VAL X 46 12.67 57.28 -18.65
C VAL X 46 13.37 57.17 -20.00
N GLY X 47 12.62 56.73 -21.01
CA GLY X 47 13.14 56.57 -22.35
C GLY X 47 13.51 55.16 -22.73
N ASP X 48 13.34 54.19 -21.84
CA ASP X 48 13.80 52.83 -22.07
C ASP X 48 12.69 51.93 -22.59
N MET X 49 13.06 51.06 -23.52
CA MET X 49 12.15 50.06 -24.05
C MET X 49 12.08 48.88 -23.07
N VAL X 50 10.87 48.41 -22.79
CA VAL X 50 10.66 47.27 -21.92
C VAL X 50 9.60 46.36 -22.51
N MET X 51 9.68 45.09 -22.12
CA MET X 51 8.58 44.16 -22.20
C MET X 51 7.77 44.29 -20.93
N ALA X 52 6.45 44.46 -21.06
CA ALA X 52 5.53 44.53 -19.94
C ALA X 52 4.37 43.60 -20.23
N THR X 53 3.61 43.30 -19.18
CA THR X 53 2.33 42.65 -19.34
C THR X 53 1.27 43.49 -18.65
N VAL X 54 0.06 43.45 -19.17
CA VAL X 54 -1.05 44.23 -18.65
C VAL X 54 -1.71 43.42 -17.54
N LYS X 55 -1.68 43.95 -16.32
CA LYS X 55 -2.26 43.25 -15.19
C LYS X 55 -3.71 43.64 -14.95
N LYS X 56 -4.03 44.93 -14.93
CA LYS X 56 -5.40 45.41 -15.01
C LYS X 56 -5.60 46.12 -16.33
N GLY X 57 -6.65 45.75 -17.05
CA GLY X 57 -6.94 46.38 -18.31
C GLY X 57 -7.96 45.58 -19.08
N LYS X 58 -8.14 45.97 -20.34
CA LYS X 58 -9.09 45.29 -21.21
C LYS X 58 -8.59 43.88 -21.53
N PRO X 59 -9.49 42.90 -21.66
CA PRO X 59 -9.06 41.51 -21.77
C PRO X 59 -8.23 41.20 -23.02
N GLU X 60 -8.44 41.90 -24.12
CA GLU X 60 -7.76 41.52 -25.36
C GLU X 60 -6.28 41.84 -25.37
N LEU X 61 -5.73 42.39 -24.29
CA LEU X 61 -4.30 42.62 -24.19
C LEU X 61 -3.76 42.30 -22.81
N ARG X 62 -4.37 41.34 -22.11
CA ARG X 62 -4.00 41.05 -20.73
C ARG X 62 -2.93 39.96 -20.60
N LYS X 63 -3.03 38.89 -21.35
CA LYS X 63 -2.17 37.71 -21.18
C LYS X 63 -1.07 37.63 -22.23
N LYS X 64 -0.53 38.78 -22.63
CA LYS X 64 0.51 38.84 -23.64
C LYS X 64 1.65 39.74 -23.16
N VAL X 65 2.76 39.64 -23.90
CA VAL X 65 3.93 40.48 -23.68
C VAL X 65 3.88 41.61 -24.69
N HIS X 66 3.96 42.84 -24.19
CA HIS X 66 3.90 44.03 -25.02
C HIS X 66 5.20 44.81 -24.91
N PRO X 67 5.64 45.47 -25.98
CA PRO X 67 6.64 46.53 -25.85
C PRO X 67 6.05 47.77 -25.22
N ALA X 68 6.87 48.46 -24.43
CA ALA X 68 6.44 49.68 -23.77
C ALA X 68 7.64 50.58 -23.55
N VAL X 69 7.36 51.85 -23.32
CA VAL X 69 8.39 52.85 -23.09
C VAL X 69 8.02 53.65 -21.86
N VAL X 70 8.96 53.76 -20.92
CA VAL X 70 8.77 54.52 -19.70
C VAL X 70 8.85 56.01 -20.01
N ILE X 71 7.84 56.76 -19.59
CA ILE X 71 7.77 58.19 -19.86
C ILE X 71 7.83 59.03 -18.59
N ARG X 72 7.53 58.47 -17.42
CA ARG X 72 7.60 59.17 -16.16
C ARG X 72 8.14 58.23 -15.10
N GLN X 73 8.86 58.78 -14.12
CA GLN X 73 9.38 57.98 -13.02
C GLN X 73 9.48 58.82 -11.76
N ARG X 74 9.39 58.14 -10.62
CA ARG X 74 9.48 58.78 -9.31
C ARG X 74 10.90 58.92 -8.81
N LYS X 75 11.82 58.08 -9.28
CA LYS X 75 13.22 58.21 -8.91
C LYS X 75 13.81 59.46 -9.56
N SER X 76 14.30 60.37 -8.73
CA SER X 76 14.90 61.59 -9.24
C SER X 76 16.20 61.27 -9.95
N TYR X 77 16.41 61.91 -11.10
CA TYR X 77 17.61 61.72 -11.90
C TYR X 77 18.18 63.08 -12.26
N ARG X 78 19.49 63.09 -12.53
CA ARG X 78 20.22 64.33 -12.75
C ARG X 78 20.34 64.60 -14.24
N ARG X 79 19.58 65.57 -14.72
CA ARG X 79 19.85 66.15 -16.02
C ARG X 79 21.15 66.94 -15.96
N LYS X 80 21.86 66.96 -17.09
CA LYS X 80 22.97 67.90 -17.20
C LYS X 80 22.41 69.31 -17.17
N ASP X 81 23.24 70.24 -16.67
CA ASP X 81 22.87 71.54 -16.09
C ASP X 81 22.42 71.35 -14.65
N GLY X 82 22.63 70.16 -14.08
CA GLY X 82 22.48 69.97 -12.65
C GLY X 82 21.08 70.13 -12.11
N VAL X 83 20.09 69.58 -12.79
CA VAL X 83 18.70 69.64 -12.37
C VAL X 83 18.26 68.21 -12.01
N PHE X 84 17.85 68.02 -10.77
CA PHE X 84 17.30 66.74 -10.32
C PHE X 84 15.78 66.79 -10.46
N LEU X 85 15.23 65.89 -11.26
CA LEU X 85 13.81 65.91 -11.59
C LEU X 85 13.17 64.57 -11.26
N TYR X 86 12.00 64.61 -10.65
CA TYR X 86 11.22 63.39 -10.45
C TYR X 86 9.75 63.72 -10.71
N PHE X 87 8.98 62.67 -11.00
CA PHE X 87 7.57 62.79 -11.31
C PHE X 87 6.73 62.24 -10.17
N GLU X 88 5.43 62.51 -10.24
CA GLU X 88 4.52 62.06 -9.20
C GLU X 88 4.26 60.56 -9.27
N ASP X 89 4.41 59.96 -10.44
CA ASP X 89 4.17 58.55 -10.61
C ASP X 89 5.05 58.00 -11.72
N ASN X 90 5.18 56.68 -11.77
CA ASN X 90 5.82 56.00 -12.87
C ASN X 90 4.77 55.68 -13.93
N ALA X 91 5.13 55.90 -15.19
CA ALA X 91 4.16 55.70 -16.27
C ALA X 91 4.87 55.23 -17.52
N GLY X 92 4.11 54.56 -18.39
CA GLY X 92 4.61 54.16 -19.69
C GLY X 92 3.46 54.00 -20.66
N VAL X 93 3.81 53.86 -21.93
CA VAL X 93 2.85 53.68 -23.00
C VAL X 93 3.23 52.44 -23.80
N ILE X 94 2.22 51.77 -24.34
CA ILE X 94 2.45 50.57 -25.14
C ILE X 94 2.77 50.98 -26.57
N VAL X 95 3.87 50.46 -27.10
CA VAL X 95 4.35 50.75 -28.44
C VAL X 95 4.68 49.42 -29.13
N ASN X 96 5.09 49.51 -30.39
CA ASN X 96 5.58 48.35 -31.11
C ASN X 96 7.10 48.38 -31.15
N ASN X 97 7.69 47.44 -31.90
CA ASN X 97 9.14 47.35 -31.97
C ASN X 97 9.76 48.58 -32.62
N LYS X 98 9.09 49.16 -33.61
CA LYS X 98 9.61 50.34 -34.29
C LYS X 98 9.42 51.62 -33.50
N GLY X 99 8.68 51.59 -32.40
CA GLY X 99 8.48 52.76 -31.57
C GLY X 99 7.16 53.46 -31.73
N GLU X 100 6.36 53.10 -32.73
CA GLU X 100 5.06 53.73 -32.92
C GLU X 100 4.11 53.34 -31.81
N MET X 101 3.32 54.31 -31.36
CA MET X 101 2.42 54.10 -30.23
C MET X 101 1.20 53.28 -30.64
N LYS X 102 0.81 52.36 -29.77
CA LYS X 102 -0.44 51.62 -29.99
C LYS X 102 -1.65 52.50 -29.73
N GLY X 103 -1.51 53.49 -28.84
CA GLY X 103 -2.55 54.44 -28.57
C GLY X 103 -2.46 55.66 -29.47
N SER X 104 -3.28 56.66 -29.15
CA SER X 104 -3.32 57.90 -29.90
C SER X 104 -3.15 59.14 -29.04
N ALA X 105 -3.21 59.02 -27.72
CA ALA X 105 -3.10 60.15 -26.83
C ALA X 105 -2.43 59.72 -25.54
N ILE X 106 -1.68 60.63 -24.93
CA ILE X 106 -0.97 60.37 -23.68
C ILE X 106 -1.52 61.29 -22.61
N THR X 107 -1.84 60.72 -21.46
CA THR X 107 -2.29 61.49 -20.30
C THR X 107 -1.07 61.92 -19.48
N GLY X 108 -1.00 63.21 -19.17
CA GLY X 108 0.04 63.73 -18.31
C GLY X 108 1.30 64.09 -19.07
N PRO X 109 2.32 64.51 -18.33
CA PRO X 109 3.57 64.96 -18.97
C PRO X 109 4.45 63.80 -19.39
N VAL X 110 5.38 64.10 -20.28
CA VAL X 110 6.34 63.13 -20.79
C VAL X 110 7.73 63.71 -20.61
N ALA X 111 8.65 62.91 -20.08
CA ALA X 111 9.99 63.39 -19.82
C ALA X 111 10.70 63.77 -21.12
N LYS X 112 11.59 64.75 -21.02
CA LYS X 112 12.31 65.22 -22.19
C LYS X 112 13.23 64.13 -22.76
N GLU X 113 13.72 63.24 -21.90
CA GLU X 113 14.59 62.17 -22.36
C GLU X 113 13.86 61.20 -23.28
N CYS X 114 12.65 60.80 -22.91
CA CYS X 114 11.91 59.88 -23.77
C CYS X 114 11.36 60.57 -25.00
N ALA X 115 11.05 61.87 -24.91
CA ALA X 115 10.54 62.59 -26.07
C ALA X 115 11.57 62.66 -27.18
N ASP X 116 12.83 62.91 -26.82
CA ASP X 116 13.87 63.05 -27.84
C ASP X 116 14.21 61.71 -28.48
N LEU X 117 14.15 60.63 -27.70
CA LEU X 117 14.46 59.31 -28.23
C LEU X 117 13.35 58.80 -29.14
N TRP X 118 12.10 59.10 -28.81
CA TRP X 118 10.94 58.57 -29.51
C TRP X 118 10.07 59.71 -30.03
N PRO X 119 10.27 60.14 -31.28
CA PRO X 119 9.47 61.26 -31.80
C PRO X 119 7.97 60.97 -31.86
N ARG X 120 7.57 59.73 -32.14
CA ARG X 120 6.15 59.40 -32.21
C ARG X 120 5.48 59.56 -30.85
N ILE X 121 6.16 59.18 -29.77
CA ILE X 121 5.61 59.38 -28.44
C ILE X 121 5.52 60.86 -28.12
N ALA X 122 6.52 61.64 -28.53
CA ALA X 122 6.53 63.06 -28.22
C ALA X 122 5.38 63.79 -28.90
N SER X 123 5.04 63.40 -30.13
CA SER X 123 3.98 64.06 -30.86
C SER X 123 2.61 63.86 -30.21
N ASN X 124 2.45 62.79 -29.43
CA ASN X 124 1.21 62.54 -28.73
C ASN X 124 1.18 63.15 -27.33
N ALA X 125 2.25 63.82 -26.91
CA ALA X 125 2.34 64.30 -25.54
C ALA X 125 1.75 65.69 -25.39
N GLY X 126 0.90 65.86 -24.37
CA GLY X 126 0.35 67.17 -24.09
C GLY X 126 1.41 68.15 -23.62
N SER X 127 2.32 67.70 -22.78
CA SER X 127 3.39 68.54 -22.27
C SER X 127 4.66 67.72 -22.14
N ILE X 128 5.80 68.41 -22.16
CA ILE X 128 7.10 67.80 -21.93
C ILE X 128 7.68 68.44 -20.67
N ALA X 129 8.00 67.60 -19.69
CA ALA X 129 8.55 68.08 -18.43
C ALA X 129 10.05 67.84 -18.37
N MET Y 1 21.79 80.48 -18.32
CA MET Y 1 21.88 80.45 -16.85
C MET Y 1 20.70 81.18 -16.23
N LYS Y 2 19.57 80.48 -16.11
CA LYS Y 2 18.37 81.02 -15.50
C LYS Y 2 18.30 80.61 -14.04
N VAL Y 3 17.85 81.54 -13.20
CA VAL Y 3 17.71 81.30 -11.77
C VAL Y 3 16.22 81.21 -11.44
N GLU Y 4 15.82 80.16 -10.75
CA GLU Y 4 14.42 79.91 -10.42
C GLU Y 4 14.09 80.48 -9.05
N LEU Y 5 12.80 80.45 -8.73
CA LEU Y 5 12.32 80.78 -7.39
C LEU Y 5 11.61 79.56 -6.80
N CYS Y 6 11.85 79.33 -5.51
CA CYS Y 6 11.27 78.17 -4.85
C CYS Y 6 9.75 78.28 -4.83
N SER Y 7 9.09 77.14 -5.04
CA SER Y 7 7.63 77.11 -5.11
C SER Y 7 6.97 77.16 -3.75
N PHE Y 8 7.73 76.95 -2.68
CA PHE Y 8 7.21 77.02 -1.33
C PHE Y 8 7.76 78.21 -0.54
N SER Y 9 9.06 78.47 -0.65
CA SER Y 9 9.68 79.52 0.15
C SER Y 9 9.87 80.84 -0.61
N GLY Y 10 9.85 80.81 -1.95
CA GLY Y 10 10.10 82.01 -2.70
C GLY Y 10 11.55 82.42 -2.77
N TYR Y 11 12.46 81.60 -2.24
CA TYR Y 11 13.87 81.91 -2.26
C TYR Y 11 14.46 81.73 -3.65
N LYS Y 12 15.66 82.25 -3.82
CA LYS Y 12 16.37 82.22 -5.09
C LYS Y 12 17.10 80.88 -5.22
N ILE Y 13 16.82 80.15 -6.30
CA ILE Y 13 17.41 78.83 -6.53
C ILE Y 13 18.50 78.97 -7.57
N TYR Y 14 19.70 78.56 -7.21
CA TYR Y 14 20.86 78.64 -8.09
C TYR Y 14 21.07 77.31 -8.80
N PRO Y 15 21.79 77.32 -9.94
CA PRO Y 15 21.69 76.19 -10.89
C PRO Y 15 21.88 74.80 -10.31
N GLY Y 16 22.81 74.60 -9.38
CA GLY Y 16 23.10 73.25 -8.95
C GLY Y 16 22.44 72.80 -7.66
N HIS Y 17 21.31 73.39 -7.29
CA HIS Y 17 20.70 73.14 -6.00
C HIS Y 17 19.25 72.67 -6.18
N GLY Y 18 18.78 71.90 -5.20
CA GLY Y 18 17.39 71.57 -5.09
C GLY Y 18 16.91 70.52 -6.08
N ARG Y 19 15.58 70.32 -6.08
CA ARG Y 19 14.95 69.36 -6.95
C ARG Y 19 13.75 70.00 -7.64
N ARG Y 20 13.41 69.45 -8.80
CA ARG Y 20 12.23 69.83 -9.56
C ARG Y 20 11.21 68.71 -9.49
N TYR Y 21 9.93 69.08 -9.40
CA TYR Y 21 8.84 68.13 -9.19
C TYR Y 21 7.77 68.37 -10.24
N ALA Y 22 7.51 67.36 -11.06
CA ALA Y 22 6.51 67.44 -12.12
C ALA Y 22 5.33 66.56 -11.73
N ARG Y 23 4.14 67.13 -11.73
CA ARG Y 23 2.95 66.40 -11.33
C ARG Y 23 2.28 65.75 -12.53
N THR Y 24 1.37 64.81 -12.24
CA THR Y 24 0.66 64.10 -13.29
C THR Y 24 -0.25 65.05 -14.08
N ASP Y 25 -0.70 66.14 -13.47
CA ASP Y 25 -1.56 67.10 -14.14
C ASP Y 25 -0.80 68.13 -14.96
N GLY Y 26 0.53 68.07 -14.96
CA GLY Y 26 1.33 68.91 -15.83
C GLY Y 26 1.96 70.12 -15.21
N LYS Y 27 1.88 70.29 -13.90
CA LYS Y 27 2.49 71.43 -13.23
C LYS Y 27 3.88 71.07 -12.71
N VAL Y 28 4.81 72.00 -12.85
CA VAL Y 28 6.21 71.79 -12.47
C VAL Y 28 6.55 72.78 -11.36
N PHE Y 29 7.11 72.26 -10.27
CA PHE Y 29 7.49 73.04 -9.11
C PHE Y 29 8.98 72.91 -8.86
N GLN Y 30 9.55 73.93 -8.22
CA GLN Y 30 10.96 73.97 -7.86
C GLN Y 30 11.07 74.08 -6.36
N PHE Y 31 12.02 73.35 -5.78
CA PHE Y 31 12.22 73.35 -4.33
C PHE Y 31 13.67 73.63 -4.02
N LEU Y 32 13.90 74.57 -3.10
CA LEU Y 32 15.26 74.93 -2.72
C LEU Y 32 15.96 73.78 -2.00
N ASN Y 33 15.24 73.08 -1.13
CA ASN Y 33 15.81 71.96 -0.39
C ASN Y 33 14.68 71.02 0.00
N ALA Y 34 15.04 69.97 0.75
CA ALA Y 34 14.07 68.98 1.17
C ALA Y 34 13.18 69.50 2.30
N LYS Y 35 13.62 70.55 3.00
CA LYS Y 35 12.74 71.18 3.99
C LYS Y 35 11.54 71.83 3.33
N CYS Y 36 11.79 72.57 2.25
CA CYS Y 36 10.68 73.16 1.49
C CYS Y 36 9.90 72.10 0.74
N GLU Y 37 10.61 71.09 0.22
CA GLU Y 37 9.97 70.02 -0.53
C GLU Y 37 9.02 69.22 0.36
N SER Y 38 9.44 68.92 1.59
CA SER Y 38 8.61 68.14 2.49
C SER Y 38 7.38 68.93 2.95
N ALA Y 39 7.54 70.23 3.18
CA ALA Y 39 6.41 71.06 3.57
C ALA Y 39 5.37 71.14 2.47
N PHE Y 40 5.82 71.24 1.22
CA PHE Y 40 4.90 71.27 0.09
C PHE Y 40 4.14 69.95 -0.06
N LEU Y 41 4.85 68.83 0.09
CA LEU Y 41 4.22 67.52 -0.02
C LEU Y 41 3.32 67.22 1.17
N SER Y 42 3.48 67.93 2.28
CA SER Y 42 2.58 67.84 3.41
C SER Y 42 1.35 68.72 3.26
N LYS Y 43 1.20 69.38 2.10
CA LYS Y 43 0.09 70.29 1.82
C LYS Y 43 0.05 71.45 2.81
N ARG Y 44 1.21 71.83 3.34
CA ARG Y 44 1.28 72.98 4.23
C ARG Y 44 1.17 74.26 3.43
N ASN Y 45 0.52 75.26 4.04
CA ASN Y 45 0.32 76.53 3.37
C ASN Y 45 1.50 77.44 3.67
N PRO Y 46 2.27 77.87 2.66
CA PRO Y 46 3.43 78.74 2.93
C PRO Y 46 3.06 80.04 3.62
N ARG Y 47 1.83 80.54 3.43
CA ARG Y 47 1.41 81.77 4.08
C ARG Y 47 1.32 81.63 5.60
N GLN Y 48 1.34 80.42 6.12
CA GLN Y 48 1.27 80.17 7.56
C GLN Y 48 2.61 79.77 8.17
N ILE Y 49 3.68 79.68 7.38
CA ILE Y 49 5.00 79.33 7.88
C ILE Y 49 5.83 80.59 7.94
N ASN Y 50 6.43 80.85 9.11
CA ASN Y 50 6.97 82.17 9.41
C ASN Y 50 8.10 82.60 8.48
N TRP Y 51 8.92 81.65 8.03
CA TRP Y 51 10.17 81.99 7.36
C TRP Y 51 10.05 82.06 5.84
N THR Y 52 8.86 81.91 5.28
CA THR Y 52 8.68 82.00 3.85
C THR Y 52 8.56 83.45 3.42
N VAL Y 53 8.80 83.69 2.14
CA VAL Y 53 8.63 85.04 1.59
C VAL Y 53 7.15 85.41 1.57
N LEU Y 54 6.28 84.45 1.25
CA LEU Y 54 4.85 84.73 1.18
C LEU Y 54 4.29 85.17 2.52
N TYR Y 55 4.74 84.54 3.61
CA TYR Y 55 4.30 84.92 4.94
C TYR Y 55 4.73 86.34 5.27
N ARG Y 56 5.97 86.69 4.95
CA ARG Y 56 6.49 88.01 5.27
C ARG Y 56 5.81 89.10 4.46
N ARG Y 57 5.47 88.79 3.21
CA ARG Y 57 4.72 89.74 2.38
C ARG Y 57 3.30 89.93 2.91
N LYS Y 58 2.67 88.84 3.36
CA LYS Y 58 1.32 88.94 3.90
C LYS Y 58 1.29 89.72 5.20
N HIS Y 59 2.28 89.50 6.06
CA HIS Y 59 2.37 90.18 7.35
C HIS Y 59 3.05 91.53 7.25
N LYS Y 60 3.51 91.92 6.07
CA LYS Y 60 4.17 93.21 5.84
C LYS Y 60 5.37 93.39 6.77
N LYS Y 61 6.26 92.40 6.77
CA LYS Y 61 7.44 92.44 7.62
C LYS Y 61 8.60 93.20 6.99
N GLY Y 62 8.52 93.52 5.70
CA GLY Y 62 9.58 94.24 5.03
C GLY Y 62 9.12 95.51 4.35
N LYS Z 1 -30.32 -20.44 85.91
CA LYS Z 1 -30.86 -19.09 85.89
C LYS Z 1 -31.78 -18.87 84.68
N ILE Z 2 -31.63 -17.71 84.05
CA ILE Z 2 -32.41 -17.32 82.88
C ILE Z 2 -31.46 -16.66 81.89
N ARG Z 3 -31.64 -16.94 80.61
CA ARG Z 3 -30.87 -16.30 79.55
C ARG Z 3 -31.83 -15.43 78.72
N THR Z 4 -31.60 -14.12 78.74
CA THR Z 4 -32.46 -13.18 78.05
C THR Z 4 -31.78 -12.52 76.86
N SER Z 5 -30.51 -12.84 76.61
CA SER Z 5 -29.79 -12.33 75.47
C SER Z 5 -29.26 -13.49 74.66
N PRO Z 6 -29.26 -13.39 73.32
CA PRO Z 6 -28.71 -14.48 72.50
C PRO Z 6 -27.19 -14.52 72.47
N THR Z 7 -26.52 -13.63 73.20
CA THR Z 7 -25.07 -13.53 73.19
C THR Z 7 -24.51 -14.12 74.48
N PHE Z 8 -23.57 -15.05 74.33
CA PHE Z 8 -22.83 -15.61 75.45
C PHE Z 8 -21.62 -14.72 75.70
N ARG Z 9 -21.47 -14.23 76.91
CA ARG Z 9 -20.34 -13.41 77.30
C ARG Z 9 -19.45 -14.18 78.26
N ARG Z 10 -18.16 -13.88 78.23
CA ARG Z 10 -17.24 -14.54 79.13
C ARG Z 10 -17.56 -14.14 80.57
N PRO Z 11 -17.85 -15.08 81.46
CA PRO Z 11 -18.19 -14.73 82.83
C PRO Z 11 -17.01 -14.08 83.55
N LYS Z 12 -17.32 -13.17 84.46
CA LYS Z 12 -16.29 -12.51 85.24
C LYS Z 12 -15.86 -13.42 86.39
N THR Z 13 -14.55 -13.43 86.66
CA THR Z 13 -13.95 -14.32 87.63
C THR Z 13 -13.17 -13.51 88.65
N LEU Z 14 -12.52 -14.21 89.56
CA LEU Z 14 -11.76 -13.56 90.63
C LEU Z 14 -10.34 -13.30 90.18
N ARG Z 15 -9.83 -12.10 90.47
CA ARG Z 15 -8.47 -11.72 90.14
C ARG Z 15 -7.76 -11.31 91.42
N LEU Z 16 -6.81 -12.13 91.85
CA LEU Z 16 -6.07 -11.86 93.07
C LEU Z 16 -4.98 -10.82 92.83
N ARG Z 17 -4.71 -10.05 93.87
CA ARG Z 17 -3.60 -9.10 93.86
C ARG Z 17 -2.28 -9.85 94.04
N ARG Z 18 -1.21 -9.23 93.56
CA ARG Z 18 0.09 -9.88 93.63
C ARG Z 18 0.62 -9.88 95.06
N GLN Z 19 1.08 -11.04 95.51
CA GLN Z 19 1.67 -11.21 96.83
C GLN Z 19 2.99 -11.95 96.65
N PRO Z 20 4.03 -11.27 96.18
CA PRO Z 20 5.29 -11.96 95.88
C PRO Z 20 5.97 -12.48 97.14
N LYS Z 21 6.69 -13.59 96.96
CA LYS Z 21 7.50 -14.15 98.02
C LYS Z 21 8.85 -13.47 98.16
N TYR Z 22 9.22 -12.62 97.20
CA TYR Z 22 10.47 -11.87 97.27
C TYR Z 22 10.35 -10.66 96.36
N PRO Z 23 10.92 -9.52 96.73
CA PRO Z 23 10.99 -8.40 95.79
C PRO Z 23 12.02 -8.66 94.70
N ARG Z 24 11.66 -8.30 93.47
CA ARG Z 24 12.53 -8.57 92.34
C ARG Z 24 13.79 -7.71 92.39
N LYS Z 25 13.71 -6.52 92.95
CA LYS Z 25 14.86 -5.68 93.21
C LYS Z 25 14.99 -5.47 94.71
N SER Z 26 16.23 -5.52 95.20
CA SER Z 26 16.46 -5.53 96.65
C SER Z 26 16.07 -4.22 97.30
N ALA Z 27 16.38 -3.09 96.66
CA ALA Z 27 16.15 -1.79 97.25
C ALA Z 27 15.60 -0.83 96.21
N PRO Z 28 14.82 0.16 96.63
CA PRO Z 28 14.41 1.22 95.69
C PRO Z 28 15.62 1.99 95.19
N ARG Z 29 15.58 2.39 93.93
CA ARG Z 29 16.70 3.12 93.36
C ARG Z 29 16.77 4.52 93.94
N ARG Z 30 17.98 4.96 94.25
CA ARG Z 30 18.18 6.30 94.80
C ARG Z 30 17.80 7.34 93.77
N ASN Z 31 17.06 8.36 94.22
CA ASN Z 31 16.57 9.41 93.35
C ASN Z 31 17.74 10.33 93.00
N LYS Z 32 18.30 10.16 91.81
CA LYS Z 32 19.38 11.03 91.35
C LYS Z 32 18.84 12.22 90.57
N LEU Z 33 17.84 12.88 91.14
CA LEU Z 33 17.33 14.16 90.66
C LEU Z 33 16.98 15.03 91.86
N ASP Z 34 17.86 15.05 92.86
CA ASP Z 34 17.63 15.86 94.04
C ASP Z 34 17.80 17.34 93.71
N HIS Z 35 17.68 18.18 94.74
CA HIS Z 35 17.74 19.63 94.53
C HIS Z 35 19.10 20.05 93.99
N TYR Z 36 20.17 19.36 94.40
CA TYR Z 36 21.50 19.72 93.92
C TYR Z 36 21.69 19.35 92.46
N ALA Z 37 21.04 18.28 92.01
CA ALA Z 37 21.15 17.90 90.60
C ALA Z 37 20.32 18.79 89.72
N ILE Z 38 19.20 19.31 90.24
CA ILE Z 38 18.32 20.15 89.44
C ILE Z 38 19.01 21.45 89.06
N ILE Z 39 19.61 22.13 90.04
CA ILE Z 39 20.28 23.40 89.82
C ILE Z 39 21.76 23.12 89.59
N LYS Z 40 22.25 23.46 88.40
CA LYS Z 40 23.63 23.21 88.05
C LYS Z 40 24.52 24.41 88.38
N PHE Z 41 24.20 25.58 87.81
CA PHE Z 41 24.94 26.79 88.12
C PHE Z 41 24.13 28.00 87.64
N PRO Z 42 24.27 29.15 88.27
CA PRO Z 42 23.63 30.36 87.77
C PRO Z 42 24.29 30.88 86.50
N LEU Z 43 23.52 31.68 85.76
CA LEU Z 43 24.09 32.44 84.66
C LEU Z 43 24.49 33.82 85.15
N THR Z 44 25.61 34.32 84.62
CA THR Z 44 26.17 35.59 85.05
C THR Z 44 26.39 36.54 83.87
N THR Z 45 25.61 36.38 82.81
CA THR Z 45 25.76 37.19 81.62
C THR Z 45 25.16 38.58 81.83
N GLU Z 46 25.37 39.47 80.86
CA GLU Z 46 24.79 40.80 80.93
C GLU Z 46 23.27 40.73 80.89
N SER Z 47 22.72 39.86 80.05
CA SER Z 47 21.27 39.68 80.02
C SER Z 47 20.78 39.11 81.34
N ALA Z 48 21.54 38.21 81.95
CA ALA Z 48 21.14 37.63 83.23
C ALA Z 48 21.09 38.70 84.33
N MET Z 49 22.09 39.57 84.37
CA MET Z 49 22.12 40.58 85.43
C MET Z 49 20.99 41.59 85.26
N LYS Z 50 20.59 41.85 84.02
CA LYS Z 50 19.48 42.76 83.77
C LYS Z 50 18.17 42.18 84.28
N LYS Z 51 18.02 40.86 84.26
CA LYS Z 51 16.83 40.24 84.83
C LYS Z 51 16.85 40.29 86.35
N ILE Z 52 18.04 40.18 86.95
CA ILE Z 52 18.15 40.24 88.40
C ILE Z 52 17.78 41.63 88.90
N GLU Z 53 18.23 42.68 88.19
CA GLU Z 53 18.03 44.04 88.67
C GLU Z 53 16.67 44.59 88.24
N ASP Z 54 16.32 44.44 86.97
CA ASP Z 54 15.11 45.07 86.43
C ASP Z 54 13.89 44.15 86.41
N ASN Z 55 14.03 42.89 86.80
CA ASN Z 55 12.92 41.95 86.72
C ASN Z 55 12.72 41.10 87.97
N ASN Z 56 13.64 41.14 88.94
CA ASN Z 56 13.56 40.33 90.15
C ASN Z 56 13.59 38.84 89.86
N THR Z 57 14.26 38.44 88.77
CA THR Z 57 14.35 37.04 88.38
C THR Z 57 15.80 36.58 88.37
N LEU Z 58 16.04 35.41 88.96
CA LEU Z 58 17.32 34.73 88.88
C LEU Z 58 17.32 33.80 87.68
N VAL Z 59 18.49 33.64 87.07
CA VAL Z 59 18.65 32.80 85.88
C VAL Z 59 19.60 31.67 86.22
N PHE Z 60 19.13 30.44 86.03
CA PHE Z 60 19.89 29.25 86.35
C PHE Z 60 20.02 28.35 85.13
N ILE Z 61 21.04 27.51 85.14
CA ILE Z 61 21.13 26.37 84.24
C ILE Z 61 20.72 25.14 85.03
N VAL Z 62 19.74 24.41 84.51
CA VAL Z 62 19.13 23.30 85.24
C VAL Z 62 19.23 22.04 84.38
N ASP Z 63 18.87 20.91 85.00
CA ASP Z 63 18.85 19.64 84.29
C ASP Z 63 17.73 19.62 83.27
N VAL Z 64 18.00 18.99 82.12
CA VAL Z 64 17.00 18.91 81.06
C VAL Z 64 15.79 18.11 81.50
N LYS Z 65 15.97 17.16 82.40
CA LYS Z 65 14.87 16.34 82.91
C LYS Z 65 14.31 16.93 84.20
N ALA Z 66 13.89 18.19 84.12
CA ALA Z 66 13.38 18.90 85.28
C ALA Z 66 12.28 19.86 84.83
N ASN Z 67 11.09 19.70 85.39
CA ASN Z 67 9.99 20.58 85.04
C ASN Z 67 9.93 21.76 86.01
N LYS Z 68 8.99 22.67 85.74
CA LYS Z 68 8.93 23.92 86.49
C LYS Z 68 8.59 23.68 87.96
N HIS Z 69 7.85 22.61 88.24
CA HIS Z 69 7.53 22.29 89.63
C HIS Z 69 8.77 21.83 90.39
N GLN Z 70 9.61 21.01 89.76
CA GLN Z 70 10.84 20.57 90.40
C GLN Z 70 11.84 21.72 90.52
N ILE Z 71 11.89 22.59 89.53
CA ILE Z 71 12.80 23.73 89.56
C ILE Z 71 12.40 24.69 90.69
N LYS Z 72 11.09 24.95 90.81
CA LYS Z 72 10.62 25.86 91.85
C LYS Z 72 10.89 25.31 93.24
N GLN Z 73 10.65 24.01 93.44
CA GLN Z 73 10.88 23.40 94.75
C GLN Z 73 12.36 23.39 95.09
N ALA Z 74 13.22 23.11 94.11
CA ALA Z 74 14.66 23.07 94.36
C ALA Z 74 15.21 24.44 94.71
N VAL Z 75 14.85 25.47 93.94
CA VAL Z 75 15.36 26.82 94.21
C VAL Z 75 14.93 27.27 95.60
N LYS Z 76 13.71 26.90 96.00
CA LYS Z 76 13.24 27.22 97.34
C LYS Z 76 14.03 26.49 98.41
N LYS Z 77 14.44 25.25 98.13
CA LYS Z 77 15.02 24.41 99.17
C LYS Z 77 16.44 24.84 99.53
N LEU Z 78 17.29 25.08 98.52
CA LEU Z 78 18.69 25.37 98.80
C LEU Z 78 19.00 26.86 98.88
N TYR Z 79 18.02 27.74 98.65
CA TYR Z 79 18.24 29.17 98.75
C TYR Z 79 17.26 29.86 99.68
N ASP Z 80 16.28 29.14 100.22
CA ASP Z 80 15.36 29.66 101.24
C ASP Z 80 14.60 30.90 100.74
N ILE Z 81 14.06 30.82 99.53
CA ILE Z 81 13.39 31.93 98.90
C ILE Z 81 12.06 31.45 98.33
N ASP Z 82 11.15 32.39 98.10
CA ASP Z 82 9.84 32.11 97.54
C ASP Z 82 9.81 32.48 96.07
N VAL Z 83 9.22 31.61 95.26
CA VAL Z 83 9.21 31.76 93.81
C VAL Z 83 7.80 32.11 93.37
N ALA Z 84 7.69 33.14 92.52
CA ALA Z 84 6.42 33.53 91.95
C ALA Z 84 6.06 32.68 90.74
N LYS Z 85 6.96 32.61 89.76
CA LYS Z 85 6.75 31.77 88.59
C LYS Z 85 8.11 31.40 88.01
N VAL Z 86 8.09 30.36 87.18
CA VAL Z 86 9.29 29.83 86.53
C VAL Z 86 9.02 29.75 85.04
N ASN Z 87 9.97 30.23 84.24
CA ASN Z 87 9.93 30.09 82.79
C ASN Z 87 11.11 29.25 82.33
N THR Z 88 10.90 28.44 81.32
CA THR Z 88 11.86 27.43 80.92
C THR Z 88 12.20 27.54 79.44
N LEU Z 89 13.45 27.27 79.13
CA LEU Z 89 14.02 27.37 77.80
C LEU Z 89 15.07 26.28 77.65
N ILE Z 90 15.16 25.70 76.47
CA ILE Z 90 16.26 24.80 76.14
C ILE Z 90 17.11 25.46 75.09
N ARG Z 91 18.39 25.68 75.42
CA ARG Z 91 19.31 26.41 74.58
C ARG Z 91 19.82 25.53 73.44
N PRO Z 92 20.33 26.15 72.37
CA PRO Z 92 20.94 25.35 71.30
C PRO Z 92 22.16 24.58 71.76
N ASP Z 93 22.77 24.95 72.87
CA ASP Z 93 23.82 24.14 73.46
C ASP Z 93 23.28 22.79 73.92
N GLY Z 94 22.06 22.78 74.44
CA GLY Z 94 21.43 21.56 74.89
C GLY Z 94 20.99 21.59 76.33
N GLU Z 95 21.44 22.59 77.08
CA GLU Z 95 21.10 22.71 78.49
C GLU Z 95 19.84 23.54 78.68
N LYS Z 96 19.20 23.33 79.82
CA LYS Z 96 17.95 23.99 80.16
C LYS Z 96 18.23 25.26 80.96
N LYS Z 97 17.58 26.35 80.58
CA LYS Z 97 17.70 27.62 81.27
C LYS Z 97 16.36 27.96 81.92
N ALA Z 98 16.40 28.30 83.20
CA ALA Z 98 15.20 28.63 83.97
C ALA Z 98 15.26 30.10 84.38
N TYR Z 99 14.18 30.82 84.08
CA TYR Z 99 14.00 32.19 84.55
C TYR Z 99 13.08 32.15 85.76
N VAL Z 100 13.66 32.35 86.95
CA VAL Z 100 12.96 32.16 88.21
C VAL Z 100 12.67 33.54 88.79
N ARG Z 101 11.44 34.01 88.61
CA ARG Z 101 11.01 35.27 89.21
C ARG Z 101 10.65 35.04 90.68
N LEU Z 102 11.23 35.83 91.56
CA LEU Z 102 11.01 35.66 92.99
C LEU Z 102 9.76 36.40 93.45
N ALA Z 103 9.33 36.07 94.67
CA ALA Z 103 8.18 36.75 95.26
C ALA Z 103 8.53 38.21 95.54
N PRO Z 104 7.53 39.09 95.58
CA PRO Z 104 7.81 40.51 95.82
C PRO Z 104 8.50 40.79 97.14
N ASP Z 105 8.30 39.94 98.16
CA ASP Z 105 8.96 40.15 99.44
C ASP Z 105 10.48 40.01 99.31
N TYR Z 106 10.92 39.05 98.50
CA TYR Z 106 12.35 38.80 98.34
C TYR Z 106 12.94 39.68 97.25
N ASP Z 107 14.21 40.03 97.43
CA ASP Z 107 14.94 40.89 96.51
C ASP Z 107 15.97 40.03 95.79
N ALA Z 108 15.97 40.10 94.45
CA ALA Z 108 16.86 39.26 93.66
C ALA Z 108 18.32 39.64 93.85
N LEU Z 109 18.60 40.93 94.00
CA LEU Z 109 19.98 41.37 94.17
C LEU Z 109 20.55 40.87 95.49
N ASP Z 110 19.75 40.92 96.56
CA ASP Z 110 20.22 40.41 97.85
C ASP Z 110 20.44 38.91 97.80
N VAL Z 111 19.55 38.17 97.14
CA VAL Z 111 19.72 36.73 96.99
C VAL Z 111 20.96 36.43 96.16
N ALA Z 112 21.18 37.21 95.09
CA ALA Z 112 22.35 37.01 94.25
C ALA Z 112 23.64 37.27 95.01
N ASN Z 113 23.64 38.25 95.92
CA ASN Z 113 24.81 38.50 96.74
C ASN Z 113 25.11 37.30 97.65
N LYS Z 114 24.07 36.73 98.25
CA LYS Z 114 24.28 35.60 99.15
C LYS Z 114 24.75 34.37 98.40
N ILE Z 115 24.24 34.15 97.19
CA ILE Z 115 24.71 33.03 96.37
C ILE Z 115 26.14 33.27 95.92
N GLY Z 116 26.48 34.51 95.58
CA GLY Z 116 27.82 34.86 95.16
C GLY Z 116 27.97 35.16 93.68
N ILE Z 117 26.87 35.35 92.95
CA ILE Z 117 26.96 35.60 91.51
C ILE Z 117 27.26 37.05 91.17
N ILE Z 118 27.27 37.93 92.17
CA ILE Z 118 27.64 39.33 91.95
C ILE Z 118 28.29 39.89 93.21
N MET AA 1 70.86 -18.54 75.84
CA MET AA 1 69.82 -18.26 74.87
C MET AA 1 68.45 -18.54 75.48
N LYS AA 2 67.48 -17.71 75.15
CA LYS AA 2 66.14 -17.84 75.73
C LYS AA 2 65.51 -19.16 75.31
N PHE AA 3 64.90 -19.85 76.27
CA PHE AA 3 64.22 -21.11 76.02
C PHE AA 3 62.74 -21.06 76.34
N ASN AA 4 62.27 -20.04 77.03
CA ASN AA 4 60.88 -19.97 77.45
C ASN AA 4 59.99 -19.76 76.23
N PRO AA 5 59.06 -20.66 75.94
CA PRO AA 5 58.16 -20.46 74.78
C PRO AA 5 57.15 -19.35 74.99
N PHE AA 6 57.10 -18.74 76.17
CA PHE AA 6 56.15 -17.69 76.47
C PHE AA 6 56.81 -16.32 76.58
N VAL AA 7 58.12 -16.24 76.37
CA VAL AA 7 58.85 -14.98 76.36
C VAL AA 7 59.21 -14.68 74.91
N THR AA 8 58.91 -13.46 74.46
CA THR AA 8 59.15 -13.09 73.07
C THR AA 8 60.53 -12.50 72.88
N SER AA 9 61.15 -12.86 71.76
CA SER AA 9 62.40 -12.25 71.32
C SER AA 9 62.15 -11.29 70.16
N ASP AA 10 60.89 -11.05 69.82
CA ASP AA 10 60.52 -10.24 68.67
C ASP AA 10 60.89 -8.78 68.91
N ARG AA 11 61.43 -8.14 67.87
CA ARG AA 11 61.83 -6.74 67.98
C ARG AA 11 60.62 -5.84 68.21
N SER AA 12 59.59 -5.97 67.38
CA SER AA 12 58.43 -5.09 67.47
C SER AA 12 57.71 -5.27 68.80
N LYS AA 13 57.58 -6.52 69.25
CA LYS AA 13 56.86 -6.77 70.50
C LYS AA 13 57.62 -6.24 71.71
N ASN AA 14 58.94 -6.39 71.72
CA ASN AA 14 59.73 -5.87 72.85
C ASN AA 14 59.76 -4.35 72.84
N ARG AA 15 59.84 -3.73 71.66
CA ARG AA 15 59.83 -2.28 71.59
C ARG AA 15 58.46 -1.70 71.93
N LYS AA 16 57.38 -2.37 71.49
CA LYS AA 16 56.05 -1.92 71.81
C LYS AA 16 55.80 -1.95 73.32
N ARG AA 17 56.20 -3.05 73.98
CA ARG AA 17 56.03 -3.13 75.43
C ARG AA 17 56.83 -2.06 76.15
N HIS AA 18 58.04 -1.77 75.66
CA HIS AA 18 58.87 -0.75 76.28
C HIS AA 18 58.23 0.63 76.17
N PHE AA 19 57.67 0.95 75.00
CA PHE AA 19 57.28 2.32 74.70
C PHE AA 19 55.87 2.67 75.15
N ASN AA 20 55.02 1.70 75.47
CA ASN AA 20 53.77 2.00 76.14
C ASN AA 20 53.63 1.15 77.38
N ALA AA 21 54.71 1.02 78.13
CA ALA AA 21 54.65 0.35 79.42
C ALA AA 21 53.88 1.22 80.42
N PRO AA 22 53.18 0.60 81.36
CA PRO AA 22 52.55 1.37 82.44
C PRO AA 22 53.59 2.01 83.33
N SER AA 23 53.12 2.94 84.16
CA SER AA 23 54.03 3.77 84.96
C SER AA 23 54.86 2.94 85.93
N HIS AA 24 54.26 1.94 86.55
CA HIS AA 24 54.99 1.15 87.55
C HIS AA 24 55.99 0.20 86.90
N ILE AA 25 55.80 -0.12 85.61
CA ILE AA 25 56.81 -0.89 84.90
C ILE AA 25 57.93 0.03 84.42
N ARG AA 26 57.59 1.28 84.10
CA ARG AA 26 58.61 2.26 83.74
C ARG AA 26 59.50 2.60 84.92
N ARG AA 27 59.05 2.33 86.14
CA ARG AA 27 59.88 2.59 87.32
C ARG AA 27 61.06 1.63 87.37
N LYS AA 28 60.81 0.33 87.19
CA LYS AA 28 61.89 -0.64 87.19
C LYS AA 28 62.71 -0.61 85.91
N ILE AA 29 62.13 -0.14 84.80
CA ILE AA 29 62.91 0.05 83.59
C ILE AA 29 63.93 1.16 83.79
N MET AA 30 63.55 2.20 84.53
CA MET AA 30 64.42 3.35 84.80
C MET AA 30 65.22 3.09 86.08
N SER AA 31 66.04 2.05 86.04
CA SER AA 31 66.94 1.74 87.14
C SER AA 31 68.35 2.20 86.81
N SER AA 32 69.11 2.50 87.85
CA SER AA 32 70.46 2.99 87.71
C SER AA 32 71.40 2.17 88.60
N PRO AA 33 72.66 2.03 88.20
CA PRO AA 33 73.61 1.30 89.05
C PRO AA 33 73.92 2.07 90.33
N LEU AA 34 74.16 1.31 91.39
CA LEU AA 34 74.68 1.90 92.61
C LEU AA 34 76.19 2.08 92.50
N SER AA 35 76.72 2.94 93.35
CA SER AA 35 78.16 3.18 93.37
C SER AA 35 78.89 1.92 93.85
N LYS AA 36 80.21 1.91 93.65
CA LYS AA 36 81.01 0.79 94.13
C LYS AA 36 80.97 0.71 95.65
N GLU AA 37 81.00 1.86 96.34
CA GLU AA 37 80.90 1.86 97.79
C GLU AA 37 79.53 1.36 98.25
N LEU AA 38 78.46 1.79 97.58
CA LEU AA 38 77.13 1.34 97.95
C LEU AA 38 76.90 -0.13 97.61
N ARG AA 39 77.45 -0.59 96.49
CA ARG AA 39 77.36 -2.00 96.14
C ARG AA 39 78.11 -2.87 97.15
N GLN AA 40 79.14 -2.32 97.79
CA GLN AA 40 79.84 -3.05 98.84
C GLN AA 40 79.04 -3.07 100.14
N LYS AA 41 78.37 -1.96 100.47
CA LYS AA 41 77.62 -1.89 101.71
C LYS AA 41 76.38 -2.80 101.67
N TYR AA 42 75.45 -2.50 100.76
CA TYR AA 42 74.35 -3.38 100.45
C TYR AA 42 74.77 -4.27 99.29
N ASN AA 43 74.49 -5.57 99.39
CA ASN AA 43 74.87 -6.51 98.34
C ASN AA 43 73.89 -6.43 97.17
N VAL AA 44 73.77 -5.22 96.63
CA VAL AA 44 72.84 -4.89 95.56
C VAL AA 44 73.59 -4.18 94.46
N ARG AA 45 73.26 -4.50 93.21
CA ARG AA 45 73.95 -3.92 92.06
C ARG AA 45 73.25 -2.67 91.53
N SER AA 46 71.92 -2.67 91.48
CA SER AA 46 71.19 -1.56 90.90
C SER AA 46 69.87 -1.37 91.64
N MET AA 47 69.36 -0.15 91.59
CA MET AA 47 68.09 0.21 92.19
C MET AA 47 67.34 1.12 91.24
N PRO AA 48 66.01 1.06 91.24
CA PRO AA 48 65.22 2.02 90.45
C PRO AA 48 65.44 3.44 90.95
N ILE AA 49 65.64 4.37 90.03
CA ILE AA 49 65.93 5.75 90.40
C ILE AA 49 64.71 6.37 91.05
N ARG AA 50 64.95 7.32 91.93
CA ARG AA 50 63.90 7.95 92.72
C ARG AA 50 64.29 9.40 92.97
N LYS AA 51 63.29 10.24 93.21
CA LYS AA 51 63.53 11.63 93.51
C LYS AA 51 64.30 11.78 94.83
N ASP AA 52 65.13 12.83 94.88
CA ASP AA 52 66.02 13.12 96.01
C ASP AA 52 67.10 12.06 96.18
N ASP AA 53 67.56 11.52 95.05
CA ASP AA 53 68.70 10.60 95.01
C ASP AA 53 69.92 11.35 94.51
N GLU AA 54 71.05 11.14 95.17
CA GLU AA 54 72.30 11.78 94.79
C GLU AA 54 73.01 10.91 93.77
N VAL AA 55 73.21 11.44 92.57
CA VAL AA 55 73.78 10.70 91.45
C VAL AA 55 74.86 11.54 90.78
N GLN AA 56 75.69 10.87 89.99
CA GLN AA 56 76.66 11.53 89.13
C GLN AA 56 76.53 10.97 87.73
N VAL AA 57 76.79 11.83 86.74
CA VAL AA 57 76.62 11.47 85.33
C VAL AA 57 77.94 10.91 84.81
N VAL AA 58 77.87 9.74 84.18
CA VAL AA 58 79.05 9.03 83.72
C VAL AA 58 79.16 8.99 82.20
N ARG AA 59 78.16 9.49 81.49
CA ARG AA 59 78.20 9.52 80.03
C ARG AA 59 77.59 10.83 79.54
N GLY AA 60 77.95 11.21 78.33
CA GLY AA 60 77.37 12.37 77.71
C GLY AA 60 78.16 13.64 77.93
N HIS AA 61 77.53 14.76 77.59
CA HIS AA 61 78.19 16.06 77.68
C HIS AA 61 78.43 16.47 79.13
N TYR AA 62 77.54 16.09 80.03
CA TYR AA 62 77.60 16.50 81.41
C TYR AA 62 78.25 15.46 82.31
N LYS AA 63 79.10 14.61 81.76
CA LYS AA 63 79.82 13.64 82.57
C LYS AA 63 80.78 14.36 83.50
N GLY AA 64 81.04 13.75 84.64
CA GLY AA 64 81.97 14.34 85.60
C GLY AA 64 81.86 13.66 86.93
N GLN AA 65 82.59 14.21 87.90
CA GLN AA 65 82.58 13.70 89.27
C GLN AA 65 81.65 14.49 90.19
N GLN AA 66 80.91 15.45 89.65
CA GLN AA 66 80.01 16.24 90.47
C GLN AA 66 78.83 15.40 90.92
N ILE AA 67 78.38 15.61 92.15
CA ILE AA 67 77.24 14.91 92.71
C ILE AA 67 76.05 15.86 92.73
N GLY AA 68 74.94 15.41 92.15
CA GLY AA 68 73.74 16.21 92.10
C GLY AA 68 72.55 15.45 92.64
N LYS AA 69 71.47 16.17 92.86
CA LYS AA 69 70.26 15.60 93.43
C LYS AA 69 69.19 15.47 92.35
N VAL AA 70 68.56 14.30 92.29
CA VAL AA 70 67.47 14.09 91.34
C VAL AA 70 66.27 14.92 91.78
N VAL AA 71 65.78 15.77 90.88
CA VAL AA 71 64.68 16.68 91.18
C VAL AA 71 63.41 16.32 90.46
N GLN AA 72 63.46 15.46 89.45
CA GLN AA 72 62.29 15.10 88.68
C GLN AA 72 62.56 13.79 87.97
N VAL AA 73 61.62 12.85 88.07
CA VAL AA 73 61.68 11.59 87.35
C VAL AA 73 60.53 11.59 86.36
N TYR AA 74 60.79 12.05 85.15
CA TYR AA 74 59.79 12.15 84.09
C TYR AA 74 59.68 10.78 83.42
N ARG AA 75 58.87 9.91 84.01
CA ARG AA 75 58.80 8.53 83.54
C ARG AA 75 58.20 8.46 82.15
N LYS AA 76 57.32 9.40 81.79
CA LYS AA 76 56.75 9.42 80.46
C LYS AA 76 57.82 9.66 79.40
N LYS AA 77 58.78 10.53 79.70
CA LYS AA 77 59.88 10.82 78.79
C LYS AA 77 61.07 9.90 79.00
N TYR AA 78 61.05 9.05 80.02
CA TYR AA 78 62.13 8.10 80.30
C TYR AA 78 63.44 8.81 80.66
N VAL AA 79 63.34 9.97 81.29
CA VAL AA 79 64.51 10.75 81.66
C VAL AA 79 64.35 11.23 83.10
N ILE AA 80 65.47 11.64 83.70
CA ILE AA 80 65.48 12.23 85.03
C ILE AA 80 66.21 13.57 84.94
N TYR AA 81 65.92 14.43 85.91
CA TYR AA 81 66.54 15.75 85.98
C TYR AA 81 67.43 15.81 87.21
N ILE AA 82 68.61 16.38 87.05
CA ILE AA 82 69.59 16.51 88.12
C ILE AA 82 69.83 17.99 88.35
N GLU AA 83 70.36 18.31 89.52
CA GLU AA 83 70.42 19.69 89.98
C GLU AA 83 71.20 20.59 89.03
N ARG AA 84 72.42 20.21 88.69
CA ARG AA 84 73.31 21.08 87.93
C ARG AA 84 73.35 20.78 86.44
N VAL AA 85 72.72 19.70 85.99
CA VAL AA 85 72.74 19.32 84.58
C VAL AA 85 71.68 20.18 83.89
N GLN AA 86 72.11 21.31 83.34
CA GLN AA 86 71.19 22.26 82.75
C GLN AA 86 71.89 23.07 81.68
N ARG AA 87 71.10 23.76 80.89
CA ARG AA 87 71.58 24.65 79.85
C ARG AA 87 70.69 25.88 79.79
N GLU AA 88 71.07 26.84 78.98
CA GLU AA 88 70.34 28.10 78.86
C GLU AA 88 69.63 28.17 77.51
N LYS AA 89 68.36 28.53 77.54
CA LYS AA 89 67.62 28.78 76.32
C LYS AA 89 68.10 30.07 75.67
N ALA AA 90 67.49 30.40 74.53
CA ALA AA 90 67.80 31.67 73.87
C ALA AA 90 67.42 32.85 74.75
N ASN AA 91 66.27 32.77 75.42
CA ASN AA 91 65.78 33.88 76.23
C ASN AA 91 66.76 34.20 77.36
N GLY AA 92 67.29 33.17 78.01
CA GLY AA 92 68.21 33.37 79.11
C GLY AA 92 67.88 32.49 80.30
N THR AA 93 66.66 31.97 80.32
CA THR AA 93 66.25 31.06 81.37
C THR AA 93 67.02 29.74 81.26
N THR AA 94 66.91 28.92 82.30
CA THR AA 94 67.65 27.68 82.41
C THR AA 94 66.68 26.51 82.45
N VAL AA 95 66.97 25.48 81.67
CA VAL AA 95 66.15 24.27 81.59
C VAL AA 95 67.03 23.07 81.90
N HIS AA 96 66.44 22.09 82.57
CA HIS AA 96 67.16 20.85 82.85
C HIS AA 96 67.30 20.01 81.59
N VAL AA 97 68.41 19.28 81.51
CA VAL AA 97 68.66 18.35 80.42
C VAL AA 97 68.34 16.95 80.91
N GLY AA 98 67.42 16.27 80.23
CA GLY AA 98 67.01 14.95 80.64
C GLY AA 98 68.13 13.94 80.43
N ILE AA 99 68.42 13.16 81.47
CA ILE AA 99 69.44 12.12 81.43
C ILE AA 99 68.77 10.78 81.69
N HIS AA 100 69.05 9.81 80.83
CA HIS AA 100 68.54 8.46 81.06
C HIS AA 100 69.19 7.87 82.31
N PRO AA 101 68.41 7.26 83.21
CA PRO AA 101 68.99 6.77 84.47
C PRO AA 101 70.01 5.67 84.29
N SER AA 102 70.05 5.00 83.14
CA SER AA 102 71.09 4.00 82.90
C SER AA 102 72.47 4.63 82.74
N LYS AA 103 72.56 5.94 82.65
CA LYS AA 103 73.82 6.65 82.44
C LYS AA 103 74.27 7.44 83.68
N VAL AA 104 73.70 7.14 84.84
CA VAL AA 104 74.06 7.80 86.09
C VAL AA 104 74.39 6.73 87.13
N VAL AA 105 75.10 7.15 88.16
CA VAL AA 105 75.51 6.26 89.25
C VAL AA 105 75.02 6.86 90.57
N ILE AA 106 74.28 6.07 91.34
CA ILE AA 106 73.77 6.51 92.63
C ILE AA 106 74.90 6.51 93.64
N THR AA 107 75.19 7.67 94.22
CA THR AA 107 76.17 7.79 95.28
C THR AA 107 75.55 7.84 96.67
N ARG AA 108 74.29 8.24 96.78
CA ARG AA 108 73.55 8.19 98.04
C ARG AA 108 72.08 8.07 97.71
N LEU AA 109 71.41 7.08 98.30
CA LEU AA 109 70.01 6.82 98.05
C LEU AA 109 69.16 7.30 99.23
N LYS AA 110 68.03 7.93 98.91
CA LYS AA 110 67.08 8.30 99.95
C LYS AA 110 66.55 7.04 100.63
N LEU AA 111 66.53 7.06 101.96
CA LEU AA 111 66.28 5.86 102.75
C LEU AA 111 64.95 6.00 103.47
N ASP AA 112 64.08 5.01 103.28
CA ASP AA 112 62.80 4.94 103.96
C ASP AA 112 62.43 3.47 104.09
N LYS AA 113 61.28 3.21 104.70
CA LYS AA 113 60.91 1.84 105.03
C LYS AA 113 60.77 0.99 103.77
N ASP AA 114 60.15 1.54 102.73
CA ASP AA 114 60.00 0.79 101.49
C ASP AA 114 61.34 0.56 100.80
N ARG AA 115 62.24 1.54 100.84
CA ARG AA 115 63.53 1.38 100.18
C ARG AA 115 64.42 0.38 100.92
N LYS AA 116 64.39 0.41 102.26
CA LYS AA 116 65.12 -0.59 103.03
C LYS AA 116 64.61 -1.98 102.75
N LYS AA 117 63.30 -2.13 102.59
CA LYS AA 117 62.69 -3.44 102.39
C LYS AA 117 63.14 -4.07 101.07
N ILE AA 118 63.19 -3.28 100.00
CA ILE AA 118 63.57 -3.84 98.71
C ILE AA 118 65.08 -3.96 98.57
N LEU AA 119 65.85 -3.18 99.33
CA LEU AA 119 67.28 -3.41 99.41
C LEU AA 119 67.58 -4.76 100.06
N GLU AA 120 66.81 -5.10 101.11
CA GLU AA 120 67.04 -6.37 101.80
C GLU AA 120 66.56 -7.54 100.96
N ARG AA 121 65.49 -7.35 100.18
CA ARG AA 121 65.02 -8.42 99.31
C ARG AA 121 66.04 -8.75 98.24
N LYS AA 122 66.67 -7.72 97.66
CA LYS AA 122 67.63 -7.94 96.59
C LYS AA 122 68.92 -8.55 97.11
N ALA AA 123 69.28 -8.25 98.37
CA ALA AA 123 70.45 -8.86 98.97
C ALA AA 123 70.18 -10.30 99.37
N LYS AA 124 68.99 -10.57 99.91
CA LYS AA 124 68.65 -11.94 100.30
C LYS AA 124 68.58 -12.86 99.09
N SER AA 125 67.98 -12.38 98.00
CA SER AA 125 67.87 -13.20 96.81
C SER AA 125 69.24 -13.50 96.21
N ARG AA 126 70.13 -12.50 96.19
CA ARG AA 126 71.47 -12.71 95.66
C ARG AA 126 72.28 -13.66 96.54
N GLN AA 127 72.15 -13.52 97.86
CA GLN AA 127 72.88 -14.38 98.78
C GLN AA 127 72.43 -15.84 98.63
N VAL AA 128 71.14 -16.05 98.39
CA VAL AA 128 70.65 -17.40 98.13
C VAL AA 128 71.27 -17.95 96.85
N GLY AA 129 71.35 -17.13 95.81
CA GLY AA 129 71.96 -17.58 94.57
C GLY AA 129 73.42 -17.95 94.71
N LYS AA 130 74.17 -17.14 95.47
CA LYS AA 130 75.58 -17.46 95.71
C LYS AA 130 75.73 -18.76 96.49
N GLU AA 131 74.88 -18.97 97.50
CA GLU AA 131 74.93 -20.21 98.26
C GLU AA 131 74.57 -21.41 97.40
N LYS AA 132 73.58 -21.25 96.52
CA LYS AA 132 73.20 -22.34 95.63
C LYS AA 132 74.33 -22.71 94.68
N GLY AA 133 75.03 -21.70 94.16
CA GLY AA 133 76.16 -21.98 93.29
C GLY AA 133 77.30 -22.67 94.01
N LYS AA 134 77.52 -22.31 95.27
CA LYS AA 134 78.57 -22.92 96.07
C LYS AA 134 78.21 -24.34 96.46
N GLY BA 1 -74.12 23.25 66.82
CA GLY BA 1 -73.88 24.67 67.08
C GLY BA 1 -72.62 24.91 67.87
N LYS BA 2 -72.67 25.91 68.76
CA LYS BA 2 -71.51 26.24 69.58
C LYS BA 2 -71.17 25.08 70.49
N PHE BA 3 -69.87 24.89 70.74
CA PHE BA 3 -69.42 23.82 71.61
C PHE BA 3 -68.32 24.24 72.59
N MET BA 4 -67.85 25.49 72.53
CA MET BA 4 -66.85 25.96 73.49
C MET BA 4 -67.49 26.45 74.78
N LYS BA 5 -68.33 25.61 75.36
CA LYS BA 5 -69.04 25.94 76.59
C LYS BA 5 -68.17 25.65 77.81
N PRO BA 6 -68.52 26.20 78.97
CA PRO BA 6 -67.83 25.83 80.19
C PRO BA 6 -67.94 24.34 80.48
N GLY BA 7 -66.88 23.78 81.05
CA GLY BA 7 -66.81 22.38 81.38
C GLY BA 7 -66.11 21.53 80.33
N LYS BA 8 -65.96 22.02 79.11
CA LYS BA 8 -65.30 21.24 78.08
C LYS BA 8 -63.80 21.14 78.36
N VAL BA 9 -63.22 20.00 78.00
CA VAL BA 9 -61.79 19.79 78.12
C VAL BA 9 -61.13 20.21 76.82
N VAL BA 10 -60.05 20.96 76.93
CA VAL BA 10 -59.31 21.45 75.78
C VAL BA 10 -57.85 21.06 75.94
N LEU BA 11 -57.15 20.97 74.82
CA LEU BA 11 -55.71 20.76 74.79
C LEU BA 11 -55.04 22.07 74.41
N VAL BA 12 -54.07 22.50 75.21
CA VAL BA 12 -53.35 23.74 74.91
C VAL BA 12 -52.34 23.48 73.80
N LEU BA 13 -52.42 24.26 72.74
CA LEU BA 13 -51.60 24.04 71.56
C LEU BA 13 -50.30 24.83 71.56
N ALA BA 14 -50.21 25.91 72.33
CA ALA BA 14 -49.04 26.78 72.26
C ALA BA 14 -48.65 27.24 73.66
N GLY BA 15 -47.40 27.64 73.79
CA GLY BA 15 -46.91 28.24 75.02
C GLY BA 15 -46.20 27.26 75.93
N ARG BA 16 -46.15 27.63 77.22
CA ARG BA 16 -45.57 26.76 78.22
C ARG BA 16 -46.35 25.46 78.35
N TYR BA 17 -47.67 25.56 78.45
CA TYR BA 17 -48.52 24.42 78.71
C TYR BA 17 -48.97 23.74 77.44
N SER BA 18 -48.17 23.83 76.38
CA SER BA 18 -48.43 23.13 75.14
C SER BA 18 -48.47 21.63 75.39
N GLY BA 19 -49.61 21.01 75.06
CA GLY BA 19 -49.83 19.60 75.31
C GLY BA 19 -50.57 19.28 76.60
N ARG BA 20 -50.81 20.27 77.44
CA ARG BA 20 -51.47 20.06 78.71
C ARG BA 20 -52.99 20.13 78.53
N LYS BA 21 -53.70 19.47 79.43
CA LYS BA 21 -55.16 19.43 79.40
C LYS BA 21 -55.73 20.43 80.38
N ALA BA 22 -56.75 21.15 79.94
CA ALA BA 22 -57.39 22.20 80.73
C ALA BA 22 -58.90 22.11 80.52
N VAL BA 23 -59.63 22.88 81.32
CA VAL BA 23 -61.08 22.94 81.24
C VAL BA 23 -61.49 24.40 81.08
N ILE BA 24 -62.47 24.65 80.21
CA ILE BA 24 -62.97 25.99 79.99
C ILE BA 24 -63.83 26.42 81.17
N VAL BA 25 -63.38 27.45 81.89
CA VAL BA 25 -64.17 28.01 82.99
C VAL BA 25 -65.16 29.04 82.45
N LYS BA 26 -64.68 30.02 81.69
CA LYS BA 26 -65.54 31.00 81.06
C LYS BA 26 -65.15 31.10 79.59
N ASN BA 27 -66.13 31.43 78.75
CA ASN BA 27 -65.91 31.55 77.33
C ASN BA 27 -66.43 32.88 76.84
N ILE BA 28 -65.66 33.52 75.95
CA ILE BA 28 -66.00 34.81 75.38
C ILE BA 28 -65.89 34.65 73.87
N ASP BA 29 -67.00 34.32 73.23
CA ASP BA 29 -66.97 34.09 71.79
C ASP BA 29 -66.78 35.38 71.02
N ASP BA 30 -67.18 36.50 71.59
CA ASP BA 30 -66.97 37.80 70.97
C ASP BA 30 -65.65 38.38 71.45
N GLY BA 31 -65.36 39.61 71.02
CA GLY BA 31 -64.12 40.26 71.37
C GLY BA 31 -64.32 41.35 72.40
N THR BA 32 -63.70 41.16 73.57
CA THR BA 32 -63.59 42.21 74.57
C THR BA 32 -62.65 43.29 74.04
N SER BA 33 -62.91 44.53 74.44
CA SER BA 33 -62.07 45.64 74.00
C SER BA 33 -60.60 45.40 74.31
N ASP BA 34 -60.31 44.74 75.43
CA ASP BA 34 -58.93 44.45 75.80
C ASP BA 34 -58.27 43.51 74.79
N ARG BA 35 -58.98 42.44 74.41
CA ARG BA 35 -58.49 41.49 73.41
C ARG BA 35 -59.59 41.24 72.39
N PRO BA 36 -59.46 41.74 71.16
CA PRO BA 36 -60.56 41.69 70.20
C PRO BA 36 -60.79 40.34 69.54
N TYR BA 37 -60.18 39.26 70.03
CA TYR BA 37 -60.38 37.92 69.50
C TYR BA 37 -61.18 37.09 70.48
N SER BA 38 -61.69 35.96 69.99
CA SER BA 38 -62.42 35.03 70.86
C SER BA 38 -61.45 34.27 71.75
N HIS BA 39 -61.75 34.23 73.04
CA HIS BA 39 -60.84 33.67 74.01
C HIS BA 39 -61.63 32.99 75.12
N ALA BA 40 -60.92 32.25 75.97
CA ALA BA 40 -61.56 31.53 77.05
C ALA BA 40 -60.62 31.45 78.24
N LEU BA 41 -61.17 31.60 79.43
CA LEU BA 41 -60.42 31.40 80.66
C LEU BA 41 -60.45 29.92 81.00
N VAL BA 42 -59.28 29.30 81.12
CA VAL BA 42 -59.16 27.87 81.34
C VAL BA 42 -58.37 27.62 82.62
N ALA BA 43 -58.66 26.50 83.24
CA ALA BA 43 -57.89 25.99 84.38
C ALA BA 43 -57.38 24.61 84.01
N GLY BA 44 -56.08 24.39 84.14
CA GLY BA 44 -55.50 23.14 83.70
C GLY BA 44 -54.45 22.56 84.62
N ILE BA 45 -53.79 21.49 84.16
CA ILE BA 45 -52.82 20.75 84.96
C ILE BA 45 -51.44 21.02 84.40
N ASP BA 46 -50.56 21.55 85.24
CA ASP BA 46 -49.16 21.75 84.90
C ASP BA 46 -48.34 20.48 85.18
N ARG BA 47 -48.54 19.88 86.34
CA ARG BA 47 -47.88 18.63 86.72
C ARG BA 47 -48.96 17.59 87.01
N TYR BA 48 -49.04 16.57 86.18
CA TYR BA 48 -49.98 15.49 86.39
C TYR BA 48 -49.54 14.62 87.56
N PRO BA 49 -50.48 14.00 88.26
CA PRO BA 49 -50.11 13.04 89.31
C PRO BA 49 -49.40 11.84 88.72
N ARG BA 50 -48.48 11.29 89.50
CA ARG BA 50 -47.76 10.10 89.08
C ARG BA 50 -48.62 8.86 89.29
N LYS BA 51 -48.35 7.83 88.48
CA LYS BA 51 -49.12 6.60 88.55
C LYS BA 51 -48.86 5.89 89.87
N VAL BA 52 -49.92 5.32 90.43
CA VAL BA 52 -49.87 4.68 91.74
C VAL BA 52 -50.32 3.24 91.59
N THR BA 53 -49.56 2.33 92.18
CA THR BA 53 -49.84 0.91 92.11
C THR BA 53 -50.16 0.40 93.50
N ALA BA 54 -50.71 -0.82 93.56
CA ALA BA 54 -51.08 -1.41 94.83
C ALA BA 54 -49.87 -1.69 95.73
N ALA BA 55 -48.67 -1.71 95.16
CA ALA BA 55 -47.48 -2.02 95.93
C ALA BA 55 -46.94 -0.82 96.70
N MET BA 56 -47.41 0.38 96.41
CA MET BA 56 -46.92 1.56 97.10
C MET BA 56 -47.68 1.79 98.41
N GLY BA 57 -46.98 2.37 99.37
CA GLY BA 57 -47.60 2.67 100.64
C GLY BA 57 -48.51 3.88 100.58
N LYS BA 58 -49.26 4.08 101.66
CA LYS BA 58 -50.22 5.17 101.73
C LYS BA 58 -49.53 6.53 101.67
N LYS BA 59 -48.40 6.67 102.36
CA LYS BA 59 -47.66 7.93 102.31
C LYS BA 59 -47.11 8.19 100.91
N LYS BA 60 -46.64 7.13 100.24
CA LYS BA 60 -46.13 7.29 98.89
C LYS BA 60 -47.25 7.64 97.90
N ILE BA 61 -48.42 7.03 98.07
CA ILE BA 61 -49.54 7.35 97.19
C ILE BA 61 -49.99 8.79 97.39
N ALA BA 62 -50.04 9.25 98.64
CA ALA BA 62 -50.43 10.63 98.91
C ALA BA 62 -49.44 11.61 98.29
N LYS BA 63 -48.14 11.32 98.38
CA LYS BA 63 -47.14 12.22 97.83
C LYS BA 63 -47.14 12.19 96.31
N ARG BA 64 -47.53 11.07 95.71
CA ARG BA 64 -47.58 10.96 94.26
C ARG BA 64 -48.91 11.40 93.66
N SER BA 65 -49.90 11.73 94.48
CA SER BA 65 -51.21 12.15 93.98
C SER BA 65 -51.38 13.66 94.05
N LYS BA 66 -50.31 14.41 93.85
CA LYS BA 66 -50.35 15.86 93.97
C LYS BA 66 -50.30 16.53 92.61
N ILE BA 67 -51.11 17.56 92.45
CA ILE BA 67 -51.36 18.22 91.17
C ILE BA 67 -50.88 19.66 91.28
N LYS BA 68 -50.19 20.13 90.24
CA LYS BA 68 -49.90 21.54 90.07
C LYS BA 68 -50.79 22.08 88.96
N SER BA 69 -51.37 23.25 89.18
CA SER BA 69 -52.39 23.79 88.28
C SER BA 69 -51.93 25.10 87.67
N PHE BA 70 -52.65 25.52 86.63
CA PHE BA 70 -52.44 26.82 86.02
C PHE BA 70 -53.79 27.41 85.61
N VAL BA 71 -53.86 28.73 85.63
CA VAL BA 71 -55.02 29.47 85.19
C VAL BA 71 -54.58 30.46 84.11
N LYS BA 72 -55.24 30.42 82.96
CA LYS BA 72 -54.83 31.22 81.83
C LYS BA 72 -56.03 31.60 80.99
N VAL BA 73 -55.84 32.64 80.16
CA VAL BA 73 -56.75 32.97 79.07
C VAL BA 73 -56.05 32.61 77.77
N TYR BA 74 -56.76 31.95 76.87
CA TYR BA 74 -56.18 31.50 75.62
C TYR BA 74 -57.04 31.94 74.43
N ASN BA 75 -56.36 32.32 73.37
CA ASN BA 75 -57.00 32.41 72.06
C ASN BA 75 -57.52 31.04 71.66
N TYR BA 76 -58.71 31.02 71.07
CA TYR BA 76 -59.29 29.76 70.60
C TYR BA 76 -58.37 29.05 69.63
N ASN BA 77 -57.61 29.82 68.84
CA ASN BA 77 -56.71 29.24 67.86
C ASN BA 77 -55.58 28.46 68.52
N HIS BA 78 -55.40 28.63 69.82
CA HIS BA 78 -54.40 27.88 70.57
C HIS BA 78 -55.01 26.81 71.47
N LEU BA 79 -56.26 26.44 71.21
CA LEU BA 79 -56.94 25.38 71.93
C LEU BA 79 -57.43 24.33 70.96
N MET BA 80 -57.41 23.07 71.40
CA MET BA 80 -57.97 21.97 70.62
C MET BA 80 -59.11 21.39 71.42
N PRO BA 81 -60.36 21.66 71.05
CA PRO BA 81 -61.49 21.15 71.83
C PRO BA 81 -61.56 19.63 71.78
N THR BA 82 -61.96 19.04 72.89
CA THR BA 82 -62.10 17.60 73.01
C THR BA 82 -63.53 17.23 73.35
N ARG BA 83 -63.93 16.06 72.89
CA ARG BA 83 -65.25 15.53 73.19
C ARG BA 83 -65.46 15.36 74.69
N TYR BA 84 -64.40 15.02 75.41
CA TYR BA 84 -64.49 14.82 76.84
C TYR BA 84 -64.86 16.12 77.54
N SER BA 85 -65.62 15.98 78.62
CA SER BA 85 -66.06 17.13 79.40
C SER BA 85 -65.94 16.78 80.87
N VAL BA 86 -65.54 17.76 81.68
CA VAL BA 86 -65.33 17.59 83.11
C VAL BA 86 -66.14 18.66 83.85
N ASP BA 87 -67.04 18.22 84.70
CA ASP BA 87 -67.88 19.11 85.50
C ASP BA 87 -67.33 19.15 86.93
N ILE BA 88 -66.33 19.99 87.13
CA ILE BA 88 -65.82 20.33 88.46
C ILE BA 88 -66.35 21.71 88.82
N PRO BA 89 -66.97 21.89 89.97
CA PRO BA 89 -67.52 23.19 90.36
C PRO BA 89 -66.46 24.18 90.84
N LEU BA 90 -65.73 24.75 89.88
CA LEU BA 90 -64.74 25.77 90.20
C LEU BA 90 -65.44 27.05 90.63
N ASP BA 91 -64.95 27.64 91.71
CA ASP BA 91 -65.57 28.86 92.25
C ASP BA 91 -65.33 30.01 91.28
N LYS BA 92 -66.41 30.53 90.70
CA LYS BA 92 -66.26 31.61 89.73
C LYS BA 92 -65.74 32.90 90.37
N THR BA 93 -65.99 33.08 91.68
CA THR BA 93 -65.54 34.30 92.34
C THR BA 93 -64.05 34.27 92.64
N VAL BA 94 -63.38 33.13 92.49
CA VAL BA 94 -61.95 33.04 92.67
C VAL BA 94 -61.22 32.92 91.34
N VAL BA 95 -61.81 32.21 90.38
CA VAL BA 95 -61.25 32.08 89.04
C VAL BA 95 -61.97 33.07 88.15
N ASN BA 96 -61.33 34.21 87.88
CA ASN BA 96 -61.90 35.30 87.11
C ASN BA 96 -60.89 35.77 86.08
N LYS BA 97 -61.31 36.76 85.27
CA LYS BA 97 -60.38 37.49 84.44
C LYS BA 97 -59.56 38.49 85.27
N ASP BA 98 -60.13 38.99 86.36
CA ASP BA 98 -59.46 39.97 87.21
C ASP BA 98 -58.29 39.37 87.96
N VAL BA 99 -58.13 38.05 87.92
CA VAL BA 99 -57.11 37.38 88.72
C VAL BA 99 -55.71 37.71 88.21
N PHE BA 100 -55.61 38.28 87.00
CA PHE BA 100 -54.32 38.49 86.36
C PHE BA 100 -53.68 39.81 86.73
N ARG BA 101 -54.45 40.79 87.20
CA ARG BA 101 -53.84 42.05 87.62
C ARG BA 101 -53.15 41.95 88.97
N ASP BA 102 -53.49 40.95 89.77
CA ASP BA 102 -52.99 40.83 91.14
C ASP BA 102 -52.30 39.48 91.32
N PRO BA 103 -51.01 39.46 91.68
CA PRO BA 103 -50.35 38.18 91.94
C PRO BA 103 -50.98 37.37 93.06
N ALA BA 104 -51.47 38.05 94.10
CA ALA BA 104 -52.06 37.34 95.24
C ALA BA 104 -53.32 36.60 94.83
N LEU BA 105 -54.15 37.21 94.01
CA LEU BA 105 -55.38 36.57 93.54
C LEU BA 105 -55.07 35.40 92.61
N LYS BA 106 -54.04 35.54 91.77
CA LYS BA 106 -53.63 34.44 90.91
C LYS BA 106 -53.26 33.21 91.73
N ARG BA 107 -52.59 33.40 92.86
CA ARG BA 107 -52.28 32.29 93.74
C ARG BA 107 -53.55 31.67 94.30
N LYS BA 108 -54.56 32.48 94.57
CA LYS BA 108 -55.84 31.96 95.06
C LYS BA 108 -56.52 31.11 93.99
N ALA BA 109 -56.54 31.58 92.75
CA ALA BA 109 -57.16 30.83 91.67
C ALA BA 109 -56.39 29.55 91.38
N ARG BA 110 -55.07 29.61 91.48
CA ARG BA 110 -54.27 28.40 91.30
C ARG BA 110 -54.53 27.39 92.41
N ARG BA 111 -54.67 27.86 93.65
CA ARG BA 111 -54.86 26.94 94.77
C ARG BA 111 -56.24 26.30 94.73
N GLU BA 112 -57.26 27.06 94.33
CA GLU BA 112 -58.61 26.52 94.30
C GLU BA 112 -58.76 25.46 93.21
N ALA BA 113 -58.26 25.75 92.01
CA ALA BA 113 -58.29 24.75 90.94
C ALA BA 113 -57.45 23.54 91.31
N LYS BA 114 -56.37 23.76 92.06
CA LYS BA 114 -55.57 22.66 92.56
C LYS BA 114 -56.38 21.78 93.51
N VAL BA 115 -57.02 22.38 94.50
CA VAL BA 115 -57.73 21.59 95.53
C VAL BA 115 -58.86 20.80 94.90
N LYS BA 116 -59.64 21.43 94.03
CA LYS BA 116 -60.77 20.74 93.40
C LYS BA 116 -60.30 19.57 92.56
N PHE BA 117 -59.21 19.74 91.80
CA PHE BA 117 -58.73 18.68 90.94
C PHE BA 117 -58.26 17.48 91.75
N GLU BA 118 -57.63 17.71 92.90
CA GLU BA 118 -57.19 16.61 93.74
C GLU BA 118 -58.37 15.80 94.25
N GLU BA 119 -59.46 16.48 94.63
CA GLU BA 119 -60.66 15.78 95.07
C GLU BA 119 -61.24 14.92 93.95
N ARG BA 120 -61.33 15.48 92.74
CA ARG BA 120 -61.88 14.72 91.61
C ARG BA 120 -60.94 13.60 91.21
N TYR BA 121 -59.63 13.80 91.35
CA TYR BA 121 -58.68 12.76 90.96
C TYR BA 121 -58.78 11.55 91.86
N LYS BA 122 -58.89 11.78 93.18
CA LYS BA 122 -58.90 10.68 94.13
C LYS BA 122 -60.13 9.80 93.95
N THR BA 123 -61.23 10.38 93.50
CA THR BA 123 -62.48 9.63 93.38
C THR BA 123 -62.51 8.69 92.18
N GLY BA 124 -61.58 8.84 91.26
CA GLY BA 124 -61.45 7.93 90.14
C GLY BA 124 -62.21 8.30 88.89
N LYS BA 125 -63.04 9.33 88.92
CA LYS BA 125 -63.76 9.76 87.74
C LYS BA 125 -62.90 10.71 86.92
N ASN BA 126 -63.28 10.87 85.65
CA ASN BA 126 -62.54 11.68 84.68
C ASN BA 126 -61.10 11.20 84.57
N LYS BA 127 -60.94 9.90 84.29
CA LYS BA 127 -59.60 9.31 84.24
C LYS BA 127 -58.78 9.92 83.11
N TRP BA 128 -59.44 10.28 82.01
CA TRP BA 128 -58.72 10.81 80.86
C TRP BA 128 -58.12 12.18 81.15
N PHE BA 129 -58.79 12.99 81.97
CA PHE BA 129 -58.33 14.36 82.19
C PHE BA 129 -57.03 14.39 82.97
N PHE BA 130 -56.77 13.35 83.76
CA PHE BA 130 -55.61 13.32 84.64
C PHE BA 130 -54.47 12.47 84.08
N GLN BA 131 -54.65 11.84 82.92
CA GLN BA 131 -53.53 11.23 82.22
C GLN BA 131 -52.80 12.27 81.39
N LYS BA 132 -51.49 12.09 81.26
CA LYS BA 132 -50.70 13.01 80.44
C LYS BA 132 -50.70 12.54 78.99
N LEU BA 133 -51.04 13.46 78.09
CA LEU BA 133 -51.05 13.17 76.66
C LEU BA 133 -49.62 12.88 76.21
N ARG BA 134 -49.45 11.76 75.51
CA ARG BA 134 -48.13 11.31 75.09
C ARG BA 134 -47.89 11.76 73.65
N PHE BA 135 -47.15 12.84 73.49
CA PHE BA 135 -46.83 13.36 72.16
C PHE BA 135 -45.33 13.56 72.03
N PRO CA 1 63.27 -23.85 40.60
CA PRO CA 1 64.06 -22.62 40.52
C PRO CA 1 63.62 -21.73 39.37
N SER CA 2 63.10 -20.55 39.69
CA SER CA 2 62.60 -19.64 38.67
C SER CA 2 63.71 -18.99 37.87
N ARG CA 3 64.95 -19.04 38.34
CA ARG CA 3 66.05 -18.43 37.61
C ARG CA 3 66.60 -19.32 36.52
N LEU CA 4 66.12 -20.56 36.41
CA LEU CA 4 66.55 -21.48 35.37
C LEU CA 4 65.48 -21.68 34.30
N ARG CA 5 64.50 -20.81 34.21
CA ARG CA 5 63.33 -21.03 33.38
C ARG CA 5 63.30 -20.05 32.21
N LYS CA 6 62.46 -20.39 31.22
CA LYS CA 6 62.44 -19.68 29.94
C LYS CA 6 61.99 -18.23 30.08
N THR CA 7 61.14 -17.95 31.08
CA THR CA 7 60.63 -16.60 31.24
C THR CA 7 61.75 -15.59 31.48
N ARG CA 8 62.82 -16.01 32.14
CA ARG CA 8 63.93 -15.11 32.40
C ARG CA 8 64.59 -14.67 31.11
N LYS CA 9 64.67 -15.56 30.13
CA LYS CA 9 65.29 -15.25 28.84
C LYS CA 9 64.31 -14.69 27.83
N LEU CA 10 63.04 -14.56 28.20
CA LEU CA 10 62.01 -14.00 27.33
C LEU CA 10 61.69 -12.55 27.68
N ARG CA 11 62.48 -11.93 28.53
CA ARG CA 11 62.29 -10.52 28.86
C ARG CA 11 62.88 -9.65 27.76
N GLY CA 12 62.06 -8.75 27.20
CA GLY CA 12 62.46 -7.89 26.12
C GLY CA 12 61.95 -8.32 24.77
N HIS CA 13 61.51 -9.56 24.63
CA HIS CA 13 60.89 -10.04 23.40
C HIS CA 13 59.38 -9.85 23.52
N VAL CA 14 58.81 -9.07 22.61
CA VAL CA 14 57.47 -8.53 22.82
C VAL CA 14 56.45 -9.65 22.92
N SER CA 15 56.58 -10.66 22.07
CA SER CA 15 55.75 -11.84 22.16
C SER CA 15 56.51 -12.89 22.95
N HIS CA 16 55.86 -13.47 23.94
CA HIS CA 16 56.53 -14.32 24.92
C HIS CA 16 56.72 -15.73 24.38
N GLY CA 17 57.31 -15.83 23.19
CA GLY CA 17 57.48 -17.11 22.53
C GLY CA 17 56.23 -17.67 21.89
N HIS CA 18 55.15 -16.91 21.84
CA HIS CA 18 53.86 -17.40 21.38
C HIS CA 18 53.46 -16.83 20.02
N GLY CA 19 54.28 -16.00 19.41
CA GLY CA 19 54.03 -15.55 18.05
C GLY CA 19 53.32 -14.22 17.99
N ARG CA 20 53.54 -13.51 16.88
CA ARG CA 20 52.86 -12.25 16.62
C ARG CA 20 51.56 -12.44 15.86
N ILE CA 21 51.47 -13.44 14.99
CA ILE CA 21 50.28 -13.64 14.16
C ILE CA 21 49.19 -14.34 14.96
N GLY CA 22 49.45 -15.56 15.41
CA GLY CA 22 48.44 -16.33 16.09
C GLY CA 22 48.19 -15.92 17.53
N LYS CA 23 49.17 -15.26 18.15
CA LYS CA 23 49.06 -14.78 19.52
C LYS CA 23 48.90 -15.92 20.51
N HIS CA 24 48.73 -15.58 21.78
CA HIS CA 24 48.37 -16.54 22.83
C HIS CA 24 47.00 -16.14 23.34
N ARG CA 25 45.95 -16.80 22.85
CA ARG CA 25 44.59 -16.52 23.24
C ARG CA 25 44.13 -17.51 24.30
N LYS CA 26 42.88 -17.34 24.74
CA LYS CA 26 42.40 -18.04 25.92
C LYS CA 26 42.28 -19.54 25.68
N HIS CA 27 41.44 -19.92 24.72
CA HIS CA 27 41.27 -21.32 24.34
C HIS CA 27 40.94 -21.37 22.86
N PRO CA 28 41.94 -21.27 21.99
CA PRO CA 28 41.66 -21.29 20.55
C PRO CA 28 40.93 -22.55 20.11
N GLY CA 29 41.32 -23.72 20.60
CA GLY CA 29 40.51 -24.89 20.37
C GLY CA 29 39.35 -24.89 21.34
N GLY CA 30 38.95 -26.06 21.83
CA GLY CA 30 37.98 -26.15 22.89
C GLY CA 30 38.64 -26.09 24.25
N ARG CA 31 37.90 -26.58 25.25
CA ARG CA 31 38.43 -26.79 26.59
C ARG CA 31 38.50 -28.29 26.87
N GLY CA 32 39.63 -28.73 27.42
CA GLY CA 32 39.78 -30.14 27.75
C GLY CA 32 39.74 -31.00 26.52
N ASN CA 33 39.01 -32.11 26.63
CA ASN CA 33 38.87 -33.06 25.52
C ASN CA 33 37.64 -32.72 24.70
N ALA CA 34 37.54 -31.45 24.31
CA ALA CA 34 36.42 -30.97 23.53
C ALA CA 34 36.69 -31.21 22.06
N GLY CA 35 35.64 -31.59 21.34
CA GLY CA 35 35.78 -31.81 19.91
C GLY CA 35 36.50 -33.06 19.53
N GLY CA 36 36.57 -34.05 20.42
CA GLY CA 36 37.23 -35.30 20.10
C GLY CA 36 36.61 -36.04 18.93
N MET CA 37 35.37 -35.73 18.60
CA MET CA 37 34.70 -36.34 17.45
C MET CA 37 34.55 -35.40 16.27
N HIS CA 38 34.81 -34.10 16.44
CA HIS CA 38 34.49 -33.14 15.38
C HIS CA 38 35.71 -32.45 14.78
N HIS CA 39 36.50 -31.74 15.58
CA HIS CA 39 37.66 -31.04 15.04
C HIS CA 39 38.97 -31.54 15.62
N HIS CA 40 38.92 -32.52 16.53
CA HIS CA 40 40.10 -33.23 17.00
C HIS CA 40 40.02 -34.71 16.66
N ARG CA 41 39.27 -35.07 15.62
CA ARG CA 41 39.12 -36.48 15.24
C ARG CA 41 40.18 -36.86 14.20
N ILE CA 42 41.41 -36.48 14.48
CA ILE CA 42 42.57 -37.08 13.84
C ILE CA 42 43.50 -37.47 14.98
N ASN CA 43 43.65 -36.56 15.94
CA ASN CA 43 44.42 -36.85 17.14
C ASN CA 43 43.84 -38.04 17.89
N PHE CA 44 42.50 -38.09 17.99
CA PHE CA 44 41.87 -39.17 18.73
C PHE CA 44 41.96 -40.49 17.98
N ASP CA 45 41.83 -40.46 16.66
CA ASP CA 45 41.94 -41.69 15.88
C ASP CA 45 43.37 -42.15 15.72
N LYS CA 46 44.32 -41.23 15.62
CA LYS CA 46 45.72 -41.57 15.41
C LYS CA 46 46.36 -42.14 16.67
N TYR CA 47 46.03 -41.57 17.83
CA TYR CA 47 46.75 -41.89 19.05
C TYR CA 47 45.90 -42.59 20.10
N HIS CA 48 44.58 -42.55 19.98
CA HIS CA 48 43.69 -43.22 20.93
C HIS CA 48 42.63 -44.02 20.21
N PRO CA 49 43.01 -45.07 19.47
CA PRO CA 49 42.01 -45.96 18.90
C PRO CA 49 41.23 -46.67 20.00
N GLY CA 50 39.93 -46.81 19.79
CA GLY CA 50 39.04 -47.43 20.76
C GLY CA 50 38.46 -46.50 21.79
N TYR CA 51 38.75 -45.20 21.72
CA TYR CA 51 38.34 -44.29 22.79
C TYR CA 51 36.82 -44.20 22.90
N PHE CA 52 36.13 -44.06 21.78
CA PHE CA 52 34.67 -43.93 21.80
C PHE CA 52 34.01 -45.28 21.64
N GLY CA 53 32.85 -45.44 22.27
CA GLY CA 53 32.05 -46.64 22.13
C GLY CA 53 32.00 -47.45 23.41
N LYS CA 54 31.19 -48.49 23.36
CA LYS CA 54 30.98 -49.41 24.47
C LYS CA 54 31.36 -50.82 24.06
N VAL CA 55 32.07 -51.51 24.95
CA VAL CA 55 32.46 -52.89 24.72
C VAL CA 55 32.31 -53.66 26.03
N GLY CA 56 31.76 -54.87 25.94
CA GLY CA 56 31.69 -55.75 27.08
C GLY CA 56 30.43 -55.56 27.90
N MET CA 57 30.38 -56.29 29.00
CA MET CA 57 29.23 -56.28 29.90
C MET CA 57 29.59 -55.69 31.25
N ARG CA 58 28.65 -54.92 31.80
CA ARG CA 58 28.87 -54.28 33.08
C ARG CA 58 28.84 -55.31 34.20
N HIS CA 59 29.44 -54.91 35.33
CA HIS CA 59 29.44 -55.74 36.53
C HIS CA 59 29.29 -54.81 37.72
N TYR CA 60 28.09 -54.74 38.28
CA TYR CA 60 27.86 -53.88 39.42
C TYR CA 60 28.50 -54.45 40.68
N HIS CA 61 28.97 -53.54 41.55
CA HIS CA 61 29.53 -53.89 42.85
C HIS CA 61 30.68 -54.90 42.69
N LEU CA 62 31.71 -54.48 41.98
CA LEU CA 62 32.89 -55.30 41.82
C LEU CA 62 33.79 -55.17 43.04
N LYS CA 63 34.07 -56.28 43.69
CA LYS CA 63 35.01 -56.33 44.81
C LYS CA 63 36.22 -57.15 44.40
N ARG CA 64 37.34 -56.45 44.21
CA ARG CA 64 38.55 -57.03 43.64
C ARG CA 64 39.20 -58.05 44.56
N ASN CA 65 38.74 -58.16 45.79
CA ASN CA 65 39.40 -59.03 46.76
C ASN CA 65 39.21 -60.50 46.41
N GLN CA 66 38.08 -60.88 45.82
CA GLN CA 66 37.86 -62.27 45.46
C GLN CA 66 38.54 -62.67 44.16
N SER CA 67 38.82 -61.72 43.28
CA SER CA 67 39.60 -62.00 42.08
C SER CA 67 41.10 -61.97 42.33
N PHE CA 68 41.50 -61.87 43.59
CA PHE CA 68 42.91 -61.84 43.96
C PHE CA 68 43.55 -63.20 43.77
N CYS CA 69 44.52 -63.27 42.86
CA CYS CA 69 45.23 -64.51 42.60
C CYS CA 69 46.63 -64.19 42.12
N PRO CA 70 47.54 -63.85 43.03
CA PRO CA 70 48.92 -63.55 42.60
C PRO CA 70 49.60 -64.78 42.04
N THR CA 71 50.49 -64.54 41.08
CA THR CA 71 51.10 -65.61 40.31
C THR CA 71 52.61 -65.61 40.51
N VAL CA 72 53.21 -66.79 40.37
CA VAL CA 72 54.65 -66.96 40.41
C VAL CA 72 55.05 -67.96 39.34
N ASN CA 73 56.14 -67.66 38.64
CA ASN CA 73 56.64 -68.52 37.59
C ASN CA 73 57.64 -69.51 38.16
N LEU CA 74 57.94 -70.54 37.34
CA LEU CA 74 58.86 -71.58 37.78
C LEU CA 74 60.30 -71.09 37.84
N ASP CA 75 60.65 -70.06 37.06
CA ASP CA 75 62.00 -69.53 37.09
C ASP CA 75 62.29 -68.74 38.35
N LYS CA 76 61.28 -68.40 39.14
CA LYS CA 76 61.47 -67.78 40.44
C LYS CA 76 61.03 -68.68 41.59
N LEU CA 77 60.75 -69.95 41.31
CA LEU CA 77 60.18 -70.82 42.34
C LEU CA 77 61.19 -71.09 43.46
N TRP CA 78 62.46 -71.25 43.12
CA TRP CA 78 63.47 -71.56 44.12
C TRP CA 78 63.99 -70.35 44.86
N THR CA 79 63.54 -69.14 44.52
CA THR CA 79 63.89 -67.97 45.30
C THR CA 79 63.01 -67.81 46.53
N LEU CA 80 61.94 -68.59 46.65
CA LEU CA 80 61.06 -68.53 47.80
C LEU CA 80 61.57 -69.31 49.00
N VAL CA 81 62.69 -70.02 48.85
CA VAL CA 81 63.35 -70.70 49.94
C VAL CA 81 64.82 -70.31 49.91
N SER CA 82 65.51 -70.57 51.01
CA SER CA 82 66.90 -70.14 51.13
C SER CA 82 67.79 -70.92 50.16
N GLU CA 83 68.94 -70.32 49.85
CA GLU CA 83 69.90 -70.94 48.95
C GLU CA 83 70.44 -72.24 49.53
N GLN CA 84 70.62 -72.30 50.84
CA GLN CA 84 71.13 -73.50 51.48
C GLN CA 84 70.16 -74.66 51.33
N THR CA 85 68.87 -74.37 51.26
CA THR CA 85 67.88 -75.45 51.06
C THR CA 85 68.09 -76.14 49.72
N ARG CA 86 68.34 -75.38 48.66
CA ARG CA 86 68.48 -76.00 47.35
C ARG CA 86 69.79 -76.77 47.26
N VAL CA 87 70.86 -76.23 47.83
CA VAL CA 87 72.16 -76.87 47.72
C VAL CA 87 72.18 -78.18 48.51
N ASN CA 88 71.66 -78.15 49.74
CA ASN CA 88 71.60 -79.37 50.53
C ASN CA 88 70.71 -80.42 49.89
N ALA CA 89 69.58 -80.00 49.31
CA ALA CA 89 68.67 -80.96 48.69
C ALA CA 89 69.31 -81.63 47.49
N ALA CA 90 70.05 -80.86 46.68
CA ALA CA 90 70.72 -81.43 45.51
C ALA CA 90 71.81 -82.40 45.93
N LYS CA 91 72.56 -82.07 46.98
CA LYS CA 91 73.66 -82.93 47.41
C LYS CA 91 73.16 -84.21 48.08
N ASN CA 92 71.93 -84.23 48.56
CA ASN CA 92 71.40 -85.43 49.20
C ASN CA 92 71.18 -86.52 48.17
N LYS CA 93 71.52 -87.76 48.56
CA LYS CA 93 71.51 -88.88 47.63
C LYS CA 93 70.15 -89.56 47.52
N THR CA 94 69.37 -89.57 48.61
CA THR CA 94 68.06 -90.21 48.59
C THR CA 94 67.06 -89.37 47.80
N GLY CA 95 65.82 -89.83 47.77
CA GLY CA 95 64.74 -89.19 47.04
C GLY CA 95 64.01 -88.11 47.80
N VAL CA 96 64.56 -87.63 48.92
CA VAL CA 96 63.88 -86.62 49.71
C VAL CA 96 63.85 -85.30 48.95
N ALA CA 97 62.73 -84.59 49.04
CA ALA CA 97 62.52 -83.36 48.29
C ALA CA 97 62.01 -82.26 49.21
N PRO CA 98 62.61 -81.08 49.15
CA PRO CA 98 62.12 -79.96 49.96
C PRO CA 98 60.75 -79.49 49.48
N ILE CA 99 60.03 -78.83 50.38
CA ILE CA 99 58.69 -78.32 50.10
C ILE CA 99 58.75 -76.79 50.06
N ILE CA 100 58.28 -76.22 48.96
CA ILE CA 100 58.08 -74.79 48.82
C ILE CA 100 56.59 -74.54 48.95
N ASP CA 101 56.19 -73.89 50.04
CA ASP CA 101 54.79 -73.50 50.24
C ASP CA 101 54.62 -72.13 49.62
N VAL CA 102 54.10 -72.10 48.39
CA VAL CA 102 54.01 -70.86 47.63
C VAL CA 102 53.04 -69.88 48.30
N VAL CA 103 52.00 -70.39 48.94
CA VAL CA 103 51.04 -69.51 49.62
C VAL CA 103 51.69 -68.79 50.79
N ARG CA 104 52.68 -69.40 51.43
CA ARG CA 104 53.37 -68.74 52.54
C ARG CA 104 54.14 -67.51 52.06
N SER CA 105 54.53 -67.49 50.79
CA SER CA 105 55.24 -66.34 50.23
C SER CA 105 54.32 -65.34 49.57
N GLY CA 106 53.00 -65.56 49.62
CA GLY CA 106 52.05 -64.61 49.09
C GLY CA 106 51.65 -64.81 47.65
N TYR CA 107 51.82 -66.01 47.11
CA TYR CA 107 51.36 -66.33 45.76
C TYR CA 107 50.38 -67.49 45.84
N TYR CA 108 49.36 -67.43 44.99
CA TYR CA 108 48.32 -68.45 44.96
C TYR CA 108 48.47 -69.40 43.77
N LYS CA 109 48.70 -68.86 42.58
CA LYS CA 109 48.80 -69.65 41.35
C LYS CA 109 50.26 -69.75 40.91
N VAL CA 110 50.65 -70.95 40.47
CA VAL CA 110 51.99 -71.20 39.95
C VAL CA 110 51.89 -71.36 38.45
N LEU CA 111 52.56 -70.47 37.71
CA LEU CA 111 52.67 -70.56 36.26
C LEU CA 111 53.99 -71.20 35.88
N GLY CA 112 54.11 -71.56 34.61
CA GLY CA 112 55.22 -72.39 34.18
C GLY CA 112 56.15 -71.77 33.16
N LYS CA 113 56.46 -70.49 33.31
CA LYS CA 113 57.46 -69.87 32.45
C LYS CA 113 58.84 -70.16 33.00
N GLY CA 114 59.74 -70.63 32.13
CA GLY CA 114 61.09 -70.92 32.54
C GLY CA 114 61.38 -72.39 32.61
N LYS CA 115 62.37 -72.77 33.41
CA LYS CA 115 62.76 -74.16 33.57
C LYS CA 115 63.22 -74.38 35.00
N LEU CA 116 63.20 -75.64 35.41
CA LEU CA 116 63.56 -76.03 36.75
C LEU CA 116 64.89 -76.77 36.75
N PRO CA 117 65.66 -76.66 37.82
CA PRO CA 117 66.82 -77.54 37.99
C PRO CA 117 66.38 -78.99 38.18
N LYS CA 118 67.28 -79.90 37.83
CA LYS CA 118 67.02 -81.33 37.95
C LYS CA 118 67.13 -81.73 39.43
N GLN CA 119 66.11 -81.36 40.19
CA GLN CA 119 66.09 -81.44 41.64
C GLN CA 119 64.65 -81.57 42.12
N PRO CA 120 64.23 -82.75 42.58
CA PRO CA 120 62.81 -82.94 42.91
C PRO CA 120 62.37 -82.02 44.04
N VAL CA 121 61.11 -81.59 43.96
CA VAL CA 121 60.59 -80.60 44.90
C VAL CA 121 59.09 -80.77 45.00
N ILE CA 122 58.56 -80.59 46.21
CA ILE CA 122 57.12 -80.59 46.47
C ILE CA 122 56.66 -79.14 46.53
N VAL CA 123 55.69 -78.79 45.69
CA VAL CA 123 55.20 -77.42 45.59
C VAL CA 123 53.74 -77.39 45.99
N LYS CA 124 53.42 -76.52 46.95
CA LYS CA 124 52.07 -76.34 47.45
C LYS CA 124 51.53 -75.01 46.93
N ALA CA 125 50.35 -75.04 46.31
CA ALA CA 125 49.74 -73.83 45.79
C ALA CA 125 48.24 -74.08 45.63
N LYS CA 126 47.50 -72.97 45.51
CA LYS CA 126 46.07 -73.08 45.31
C LYS CA 126 45.72 -73.51 43.89
N PHE CA 127 46.40 -72.96 42.89
CA PHE CA 127 46.15 -73.30 41.50
C PHE CA 127 47.47 -73.56 40.80
N PHE CA 128 47.44 -74.45 39.82
CA PHE CA 128 48.60 -74.77 39.01
C PHE CA 128 48.24 -74.61 37.55
N SER CA 129 49.24 -74.25 36.75
CA SER CA 129 49.10 -74.23 35.31
C SER CA 129 49.48 -75.60 34.75
N ARG CA 130 48.95 -75.90 33.56
CA ARG CA 130 49.17 -77.21 32.97
C ARG CA 130 50.64 -77.46 32.68
N ARG CA 131 51.34 -76.46 32.14
CA ARG CA 131 52.76 -76.62 31.88
C ARG CA 131 53.58 -76.57 33.16
N ALA CA 132 53.10 -75.84 34.17
CA ALA CA 132 53.80 -75.80 35.45
C ALA CA 132 53.78 -77.17 36.12
N GLU CA 133 52.64 -77.85 36.08
CA GLU CA 133 52.53 -79.17 36.69
C GLU CA 133 53.37 -80.20 35.92
N GLU CA 134 53.43 -80.06 34.60
CA GLU CA 134 54.21 -81.00 33.79
C GLU CA 134 55.70 -80.84 34.04
N LYS CA 135 56.16 -79.61 34.27
CA LYS CA 135 57.58 -79.39 34.50
C LYS CA 135 58.00 -79.81 35.90
N ILE CA 136 57.10 -79.69 36.88
CA ILE CA 136 57.40 -80.14 38.23
C ILE CA 136 57.50 -81.67 38.27
N LYS CA 137 56.60 -82.34 37.54
CA LYS CA 137 56.68 -83.80 37.44
C LYS CA 137 57.92 -84.25 36.70
N GLY CA 138 58.27 -83.58 35.60
CA GLY CA 138 59.41 -83.99 34.82
C GLY CA 138 60.71 -83.93 35.59
N VAL CA 139 60.81 -82.99 36.53
CA VAL CA 139 61.99 -82.90 37.37
C VAL CA 139 61.95 -83.98 38.46
N GLY CA 140 60.75 -84.41 38.85
CA GLY CA 140 60.62 -85.50 39.79
C GLY CA 140 59.85 -85.12 41.04
N GLY CA 141 59.15 -83.99 40.97
CA GLY CA 141 58.43 -83.46 42.11
C GLY CA 141 56.94 -83.74 42.05
N ALA CA 142 56.21 -83.09 42.95
CA ALA CA 142 54.78 -83.26 43.09
C ALA CA 142 54.11 -81.91 43.27
N CYS CA 143 52.86 -81.83 42.84
CA CYS CA 143 52.03 -80.64 42.99
C CYS CA 143 50.94 -80.95 44.01
N VAL CA 144 50.89 -80.17 45.09
CA VAL CA 144 49.95 -80.38 46.19
C VAL CA 144 49.01 -79.20 46.25
N LEU CA 145 47.72 -79.47 46.22
CA LEU CA 145 46.70 -78.43 46.22
C LEU CA 145 46.31 -78.05 47.63
N VAL CA 146 46.22 -76.74 47.87
CA VAL CA 146 45.90 -76.18 49.17
C VAL CA 146 44.70 -75.25 49.02
N ALA CA 147 43.74 -75.37 49.92
CA ALA CA 147 42.56 -74.51 49.90
C ALA CA 147 42.76 -73.33 50.84
N ALA DA 1 37.06 -12.01 3.24
CA ALA DA 1 36.05 -12.95 2.79
C ALA DA 1 36.67 -14.04 1.93
N LYS DA 2 37.01 -13.69 0.70
CA LYS DA 2 37.61 -14.64 -0.24
C LYS DA 2 39.11 -14.76 0.02
N SER DA 3 39.63 -15.96 -0.19
CA SER DA 3 41.03 -16.26 0.07
C SER DA 3 41.57 -17.13 -1.05
N LYS DA 4 42.84 -17.50 -0.95
CA LYS DA 4 43.45 -18.38 -1.92
C LYS DA 4 42.89 -19.79 -1.78
N ASN DA 5 42.87 -20.53 -2.89
CA ASN DA 5 42.26 -21.84 -2.93
C ASN DA 5 43.29 -22.96 -2.76
N HIS DA 6 44.28 -23.02 -3.65
CA HIS DA 6 45.26 -24.09 -3.61
C HIS DA 6 46.54 -23.62 -4.27
N THR DA 7 47.67 -24.10 -3.77
CA THR DA 7 48.94 -23.90 -4.45
C THR DA 7 49.94 -24.95 -3.99
N THR DA 8 50.83 -25.32 -4.91
CA THR DA 8 51.97 -26.16 -4.61
C THR DA 8 53.27 -25.36 -4.62
N HIS DA 9 53.17 -24.04 -4.54
CA HIS DA 9 54.33 -23.18 -4.47
C HIS DA 9 55.10 -23.43 -3.17
N ASN DA 10 56.43 -23.40 -3.26
CA ASN DA 10 57.33 -23.55 -2.13
C ASN DA 10 57.30 -24.97 -1.55
N GLN DA 11 56.47 -25.85 -2.12
CA GLN DA 11 56.39 -27.21 -1.62
C GLN DA 11 57.62 -28.01 -1.99
N SER DA 12 58.10 -27.88 -3.23
CA SER DA 12 59.28 -28.60 -3.66
C SER DA 12 60.51 -28.13 -2.90
N ARG DA 13 60.53 -26.86 -2.49
CA ARG DA 13 61.63 -26.37 -1.68
C ARG DA 13 61.62 -27.00 -0.29
N LYS DA 14 60.43 -27.20 0.28
CA LYS DA 14 60.33 -27.86 1.58
C LYS DA 14 60.77 -29.32 1.50
N TRP DA 15 60.42 -30.01 0.40
CA TRP DA 15 60.74 -31.43 0.30
C TRP DA 15 62.25 -31.66 0.24
N HIS DA 16 62.95 -30.85 -0.53
CA HIS DA 16 64.36 -31.08 -0.78
C HIS DA 16 65.25 -30.60 0.35
N ARG DA 17 64.68 -29.89 1.33
CA ARG DA 17 65.47 -29.43 2.47
C ARG DA 17 66.01 -30.60 3.28
N ASN DA 18 65.18 -31.62 3.48
CA ASN DA 18 65.63 -32.86 4.10
C ASN DA 18 65.82 -33.98 3.10
N GLY DA 19 65.60 -33.74 1.83
CA GLY DA 19 65.88 -34.70 0.78
C GLY DA 19 64.71 -35.61 0.49
N ILE DA 20 64.63 -36.05 -0.76
CA ILE DA 20 63.66 -37.07 -1.16
C ILE DA 20 64.37 -38.41 -1.01
N LYS DA 21 64.28 -38.97 0.18
CA LYS DA 21 65.04 -40.17 0.51
C LYS DA 21 64.40 -41.40 -0.11
N LYS DA 22 65.18 -42.16 -0.86
CA LYS DA 22 64.70 -43.44 -1.36
C LYS DA 22 64.51 -44.41 -0.19
N PRO DA 23 63.58 -45.35 -0.29
CA PRO DA 23 63.36 -46.29 0.81
C PRO DA 23 64.59 -47.16 1.05
N ARG DA 24 64.81 -47.49 2.32
CA ARG DA 24 65.95 -48.31 2.69
C ARG DA 24 65.84 -49.71 2.10
N SER DA 25 66.97 -50.27 1.70
CA SER DA 25 67.03 -51.62 1.15
C SER DA 25 67.64 -52.56 2.17
N GLN DA 26 66.97 -53.68 2.40
CA GLN DA 26 67.47 -54.73 3.26
C GLN DA 26 67.73 -55.99 2.43
N ARG DA 27 68.72 -56.77 2.85
CA ARG DA 27 69.01 -58.01 2.12
C ARG DA 27 67.84 -58.97 2.20
N TYR DA 28 67.13 -58.98 3.33
CA TYR DA 28 65.95 -59.82 3.51
C TYR DA 28 64.73 -58.92 3.61
N GLU DA 29 63.69 -59.24 2.85
CA GLU DA 29 62.47 -58.45 2.79
C GLU DA 29 61.31 -59.22 3.40
N SER DA 30 60.20 -58.52 3.57
CA SER DA 30 59.02 -59.11 4.18
C SER DA 30 58.34 -60.08 3.23
N LEU DA 31 57.87 -61.20 3.79
CA LEU DA 31 57.05 -62.15 3.06
C LEU DA 31 55.57 -61.81 3.12
N LYS DA 32 55.25 -60.56 3.44
CA LYS DA 32 53.87 -60.13 3.60
C LYS DA 32 53.24 -59.91 2.24
N GLY DA 33 52.15 -60.63 1.97
CA GLY DA 33 51.41 -60.49 0.73
C GLY DA 33 51.66 -61.57 -0.28
N VAL DA 34 52.71 -62.38 -0.13
CA VAL DA 34 52.98 -63.43 -1.10
C VAL DA 34 52.04 -64.59 -0.82
N ASP DA 35 51.93 -65.51 -1.78
CA ASP DA 35 50.83 -66.47 -1.83
C ASP DA 35 50.80 -67.30 -0.56
N PRO DA 36 49.67 -67.34 0.18
CA PRO DA 36 49.63 -68.11 1.43
C PRO DA 36 49.93 -69.58 1.24
N LYS DA 37 49.46 -70.17 0.14
CA LYS DA 37 49.79 -71.56 -0.16
C LYS DA 37 51.29 -71.72 -0.37
N PHE DA 38 51.94 -70.69 -0.92
CA PHE DA 38 53.38 -70.72 -1.08
C PHE DA 38 54.10 -70.60 0.25
N LEU DA 39 53.57 -69.80 1.17
CA LEU DA 39 54.17 -69.72 2.51
C LEU DA 39 54.14 -71.06 3.21
N ARG DA 40 52.99 -71.75 3.12
CA ARG DA 40 52.81 -72.99 3.87
C ARG DA 40 53.84 -74.02 3.46
N ASN DA 41 54.15 -74.09 2.17
CA ASN DA 41 55.16 -75.04 1.72
C ASN DA 41 56.56 -74.65 2.16
N MET DA 42 56.89 -73.36 2.06
CA MET DA 42 58.24 -72.92 2.41
C MET DA 42 58.54 -73.16 3.87
N ARG DA 43 57.55 -73.00 4.75
CA ARG DA 43 57.74 -73.33 6.16
C ARG DA 43 57.98 -74.82 6.35
N PHE DA 44 57.24 -75.66 5.62
CA PHE DA 44 57.45 -77.09 5.70
C PHE DA 44 58.83 -77.47 5.17
N ALA DA 45 59.29 -76.78 4.12
CA ALA DA 45 60.62 -77.03 3.59
C ALA DA 45 61.71 -76.67 4.60
N LYS DA 46 61.54 -75.53 5.29
CA LYS DA 46 62.51 -75.13 6.29
C LYS DA 46 62.45 -76.04 7.51
N LYS DA 47 61.25 -76.51 7.85
CA LYS DA 47 61.06 -77.32 9.06
C LYS DA 47 61.85 -78.62 8.98
N HIS DA 48 61.91 -79.21 7.79
CA HIS DA 48 62.54 -80.51 7.61
C HIS DA 48 63.95 -80.44 7.04
N ASN DA 49 64.57 -79.26 7.04
CA ASN DA 49 65.95 -79.16 6.58
C ASN DA 49 66.90 -79.92 7.48
N LYS DA 50 66.50 -80.19 8.73
CA LYS DA 50 67.35 -80.93 9.65
C LYS DA 50 67.62 -82.34 9.13
N LYS DA 51 66.62 -82.98 8.54
CA LYS DA 51 66.82 -84.26 7.91
C LYS DA 51 67.78 -84.10 6.72
N GLY DA 52 68.62 -85.11 6.51
CA GLY DA 52 69.65 -84.99 5.51
C GLY DA 52 70.87 -84.20 5.93
N LEU DA 53 70.97 -83.85 7.21
CA LEU DA 53 72.17 -83.18 7.71
C LEU DA 53 73.38 -84.10 7.63
N LYS DA 54 73.18 -85.40 7.84
CA LYS DA 54 74.28 -86.35 7.71
C LYS DA 54 74.79 -86.39 6.27
N LYS DA 55 73.89 -86.43 5.30
CA LYS DA 55 74.30 -86.42 3.91
C LYS DA 55 75.00 -85.12 3.54
N MET DA 56 74.53 -84.00 4.09
CA MET DA 56 75.16 -82.72 3.84
C MET DA 56 76.57 -82.69 4.40
N GLN DA 57 76.76 -83.23 5.60
CA GLN DA 57 78.09 -83.21 6.24
C GLN DA 57 79.07 -84.10 5.49
N ALA DA 58 78.63 -85.28 5.05
CA ALA DA 58 79.51 -86.18 4.32
C ALA DA 58 79.91 -85.58 2.98
N ASN DA 59 78.95 -84.99 2.27
CA ASN DA 59 79.25 -84.38 0.98
C ASN DA 59 80.15 -83.16 1.14
N ASN DA 60 79.92 -82.36 2.17
CA ASN DA 60 80.76 -81.19 2.42
C ASN DA 60 82.17 -81.60 2.81
N ALA DA 61 82.30 -82.66 3.61
CA ALA DA 61 83.63 -83.14 4.01
C ALA DA 61 84.40 -83.66 2.81
N LYS DA 62 83.73 -84.34 1.89
CA LYS DA 62 84.41 -84.82 0.68
C LYS DA 62 84.91 -83.67 -0.17
N ALA DA 63 84.10 -82.61 -0.31
CA ALA DA 63 84.53 -81.44 -1.06
C ALA DA 63 85.71 -80.75 -0.37
N VAL DA 64 85.68 -80.69 0.96
CA VAL DA 64 86.78 -80.08 1.71
C VAL DA 64 88.06 -80.88 1.51
N SER DA 65 87.96 -82.21 1.56
CA SER DA 65 89.13 -83.05 1.30
C SER DA 65 89.64 -82.86 -0.12
N ALA DA 66 88.72 -82.75 -1.09
CA ALA DA 66 89.13 -82.56 -2.48
C ALA DA 66 89.83 -81.23 -2.68
N ARG DA 67 89.31 -80.16 -2.08
CA ARG DA 67 89.95 -78.85 -2.21
C ARG DA 67 91.26 -78.80 -1.44
N ALA DA 68 91.38 -79.56 -0.34
CA ALA DA 68 92.65 -79.66 0.35
C ALA DA 68 93.70 -80.34 -0.52
N GLU DA 69 93.30 -81.39 -1.25
CA GLU DA 69 94.21 -82.03 -2.19
C GLU DA 69 94.60 -81.09 -3.31
N ALA DA 70 93.66 -80.28 -3.81
CA ALA DA 70 93.98 -79.32 -4.85
C ALA DA 70 94.97 -78.28 -4.35
N ILE DA 71 94.80 -77.81 -3.10
CA ILE DA 71 95.75 -76.86 -2.53
C ILE DA 71 97.13 -77.49 -2.40
N LYS DA 72 97.19 -78.74 -1.95
CA LYS DA 72 98.47 -79.42 -1.84
C LYS DA 72 99.13 -79.60 -3.20
N ALA DA 73 98.33 -79.83 -4.24
CA ALA DA 73 98.87 -80.01 -5.58
C ALA DA 73 99.53 -78.75 -6.12
N LEU DA 74 99.25 -77.59 -5.53
CA LEU DA 74 99.84 -76.33 -5.92
C LEU DA 74 100.84 -75.87 -4.87
N VAL DA 75 101.90 -75.20 -5.32
CA VAL DA 75 102.97 -74.73 -4.46
C VAL DA 75 103.00 -73.21 -4.51
N LYS DA 76 102.97 -72.58 -3.34
CA LYS DA 76 103.03 -71.13 -3.28
C LYS DA 76 104.43 -70.65 -3.64
N PRO DA 77 104.60 -69.82 -4.66
CA PRO DA 77 105.93 -69.36 -5.04
C PRO DA 77 106.45 -68.30 -4.08
N GLN DA 78 107.78 -68.22 -4.01
CA GLN DA 78 108.47 -67.23 -3.19
C GLN DA 78 109.25 -66.30 -4.11
N ALA DA 79 109.01 -65.00 -3.99
CA ALA DA 79 109.68 -64.03 -4.83
C ALA DA 79 111.08 -63.73 -4.28
N ILE DA 80 111.86 -62.99 -5.05
CA ILE DA 80 113.20 -62.59 -4.67
C ILE DA 80 113.18 -61.12 -4.30
N LYS DA 81 114.18 -60.72 -3.52
CA LYS DA 81 114.32 -59.32 -3.16
C LYS DA 81 114.61 -58.49 -4.42
N PRO DA 82 113.91 -57.38 -4.61
CA PRO DA 82 114.14 -56.56 -5.82
C PRO DA 82 115.57 -56.06 -5.86
N LYS DA 83 116.13 -56.05 -7.06
CA LYS DA 83 117.49 -55.59 -7.30
C LYS DA 83 117.46 -54.21 -7.95
N MET DA 84 118.62 -53.60 -8.03
CA MET DA 84 118.73 -52.27 -8.63
C MET DA 84 118.41 -52.34 -10.11
N PRO DA 85 117.46 -51.56 -10.61
CA PRO DA 85 117.22 -51.52 -12.05
C PRO DA 85 118.42 -50.94 -12.79
N LYS DA 86 118.53 -51.30 -14.07
CA LYS DA 86 119.65 -50.89 -14.88
C LYS DA 86 119.31 -49.75 -15.83
N GLY DA 87 118.35 -49.94 -16.72
CA GLY DA 87 118.15 -49.04 -17.83
C GLY DA 87 117.61 -47.67 -17.47
N PRO DA 88 116.35 -47.60 -17.05
CA PRO DA 88 115.71 -46.28 -16.90
C PRO DA 88 116.29 -45.53 -15.71
N LYS DA 89 116.73 -44.29 -15.96
CA LYS DA 89 117.35 -43.49 -14.91
C LYS DA 89 116.34 -43.17 -13.81
N LEU DA 90 115.10 -42.86 -14.19
CA LEU DA 90 114.08 -42.57 -13.19
C LEU DA 90 113.77 -43.79 -12.34
N LYS DA 91 113.73 -44.97 -12.97
CA LYS DA 91 113.51 -46.20 -12.22
C LYS DA 91 114.68 -46.48 -11.28
N ARG DA 92 115.90 -46.25 -11.75
CA ARG DA 92 117.07 -46.49 -10.91
C ARG DA 92 117.11 -45.52 -9.74
N LEU DA 93 116.73 -44.26 -9.98
CA LEU DA 93 116.79 -43.25 -8.93
C LEU DA 93 115.64 -43.42 -7.93
N ALA DA 94 114.50 -43.92 -8.38
CA ALA DA 94 113.43 -44.24 -7.45
C ALA DA 94 113.80 -45.40 -6.54
N PHE DA 95 114.55 -46.36 -7.07
CA PHE DA 95 115.04 -47.47 -6.25
C PHE DA 95 116.04 -46.98 -5.20
N ILE DA 96 116.95 -46.10 -5.60
CA ILE DA 96 117.91 -45.55 -4.65
C ILE DA 96 117.19 -44.72 -3.59
N ALA DA 97 116.17 -43.97 -4.00
CA ALA DA 97 115.44 -43.11 -3.08
C ALA DA 97 114.48 -43.87 -2.18
N HIS DA 98 114.26 -45.16 -2.42
CA HIS DA 98 113.38 -45.94 -1.57
C HIS DA 98 114.02 -46.12 -0.20
N PRO DA 99 113.34 -45.78 0.89
CA PRO DA 99 114.00 -45.82 2.21
C PRO DA 99 114.47 -47.20 2.61
N LYS DA 100 113.84 -48.26 2.11
CA LYS DA 100 114.21 -49.62 2.50
C LYS DA 100 115.20 -50.24 1.53
N LEU DA 101 114.83 -50.35 0.25
CA LEU DA 101 115.68 -51.05 -0.70
C LEU DA 101 116.92 -50.26 -1.11
N GLY DA 102 116.97 -48.97 -0.83
CA GLY DA 102 118.12 -48.18 -1.20
C GLY DA 102 119.13 -47.95 -0.10
N LYS DA 103 118.94 -48.53 1.08
CA LYS DA 103 119.77 -48.19 2.23
C LYS DA 103 121.23 -48.54 2.01
N ARG DA 104 121.50 -49.72 1.44
CA ARG DA 104 122.88 -50.17 1.28
C ARG DA 104 123.58 -49.41 0.16
N ILE DA 105 122.89 -49.16 -0.95
CA ILE DA 105 123.49 -48.46 -2.08
C ILE DA 105 123.80 -47.02 -1.71
N ARG DA 106 122.93 -46.39 -0.93
CA ARG DA 106 123.16 -45.02 -0.52
C ARG DA 106 124.39 -44.89 0.36
N SER DA 107 124.64 -45.88 1.22
CA SER DA 107 125.82 -45.86 2.06
C SER DA 107 127.10 -45.91 1.21
N TYR DA 108 127.11 -46.74 0.18
CA TYR DA 108 128.28 -46.84 -0.68
C TYR DA 108 128.50 -45.56 -1.47
N MET DA 109 127.42 -44.98 -2.00
CA MET DA 109 127.56 -43.74 -2.75
C MET DA 109 128.02 -42.60 -1.87
N ALA DA 110 127.47 -42.50 -0.66
CA ALA DA 110 127.89 -41.44 0.27
C ALA DA 110 129.34 -41.61 0.67
N LYS DA 111 129.78 -42.84 0.91
CA LYS DA 111 131.18 -43.10 1.22
C LYS DA 111 132.08 -42.70 0.07
N GLY DA 112 131.55 -42.72 -1.16
CA GLY DA 112 132.34 -42.31 -2.30
C GLY DA 112 132.46 -40.81 -2.45
N GLN DA 113 131.44 -40.08 -2.01
CA GLN DA 113 131.47 -38.62 -2.11
C GLN DA 113 132.31 -37.96 -1.01
N ARG DA 114 132.78 -38.73 -0.03
CA ARG DA 114 133.60 -38.15 1.01
C ARG DA 114 134.91 -37.62 0.43
N LEU DA 115 135.32 -36.45 0.88
CA LEU DA 115 136.52 -35.80 0.41
C LEU DA 115 137.50 -35.63 1.55
N CYS DA 116 138.79 -35.75 1.23
CA CYS DA 116 139.88 -35.60 2.19
C CYS DA 116 139.74 -36.61 3.33
N GLN DA 117 139.72 -37.89 2.94
CA GLN DA 117 139.59 -38.98 3.91
C GLN DA 117 140.93 -39.67 4.17
N SER EA 1 -72.69 17.08 39.83
CA SER EA 1 -73.68 18.11 40.07
C SER EA 1 -73.35 18.90 41.33
N ILE EA 2 -72.37 18.40 42.09
CA ILE EA 2 -71.90 19.15 43.26
C ILE EA 2 -71.24 20.44 42.81
N ASN EA 3 -70.58 20.43 41.66
CA ASN EA 3 -69.93 21.63 41.15
C ASN EA 3 -70.94 22.67 40.69
N SER EA 4 -72.08 22.22 40.16
CA SER EA 4 -73.11 23.17 39.75
C SER EA 4 -73.80 23.79 40.97
N ARG EA 5 -74.01 22.99 42.03
CA ARG EA 5 -74.58 23.53 43.25
C ARG EA 5 -73.61 24.51 43.92
N LEU EA 6 -72.32 24.20 43.91
CA LEU EA 6 -71.33 25.12 44.47
C LEU EA 6 -71.30 26.42 43.70
N GLN EA 7 -71.53 26.36 42.39
CA GLN EA 7 -71.54 27.57 41.58
C GLN EA 7 -72.67 28.50 41.98
N LEU EA 8 -73.80 27.93 42.44
CA LEU EA 8 -74.93 28.77 42.82
C LEU EA 8 -74.80 29.28 44.26
N VAL EA 9 -73.94 28.64 45.07
CA VAL EA 9 -73.63 29.19 46.38
C VAL EA 9 -72.77 30.44 46.24
N MET EA 10 -71.90 30.47 45.24
CA MET EA 10 -71.01 31.61 45.06
C MET EA 10 -71.76 32.85 44.61
N LYS EA 11 -72.76 32.67 43.74
CA LYS EA 11 -73.52 33.82 43.25
C LYS EA 11 -74.48 34.36 44.30
N SER EA 12 -75.11 33.47 45.07
CA SER EA 12 -76.26 33.82 45.90
C SER EA 12 -76.02 33.64 47.39
N GLY EA 13 -75.24 32.65 47.80
CA GLY EA 13 -75.10 32.31 49.20
C GLY EA 13 -73.93 33.01 49.87
N LYS EA 14 -73.61 32.52 51.06
CA LYS EA 14 -72.53 33.03 51.89
C LYS EA 14 -71.55 31.90 52.19
N TYR EA 15 -70.26 32.21 52.21
CA TYR EA 15 -69.22 31.21 52.34
C TYR EA 15 -67.93 31.84 52.84
N VAL EA 16 -67.05 31.00 53.36
CA VAL EA 16 -65.68 31.38 53.68
C VAL EA 16 -64.73 30.39 53.02
N LEU EA 17 -63.69 30.91 52.39
CA LEU EA 17 -62.66 30.08 51.78
C LEU EA 17 -61.40 30.12 52.62
N GLY EA 18 -60.69 28.99 52.63
CA GLY EA 18 -59.47 28.86 53.40
C GLY EA 18 -59.69 28.28 54.78
N TYR EA 19 -58.65 27.62 55.27
CA TYR EA 19 -58.67 26.78 56.46
C TYR EA 19 -58.89 27.56 57.75
N LYS EA 20 -58.31 28.74 57.90
CA LYS EA 20 -58.43 29.47 59.15
C LYS EA 20 -59.84 30.02 59.34
N GLN EA 21 -60.50 30.41 58.25
CA GLN EA 21 -61.82 31.00 58.35
C GLN EA 21 -62.88 29.95 58.64
N THR EA 22 -62.71 28.74 58.11
CA THR EA 22 -63.68 27.68 58.40
C THR EA 22 -63.61 27.23 59.84
N LEU EA 23 -62.42 27.13 60.42
CA LEU EA 23 -62.31 26.78 61.83
C LEU EA 23 -63.02 27.80 62.70
N LYS EA 24 -62.93 29.08 62.35
CA LYS EA 24 -63.64 30.11 63.07
C LYS EA 24 -65.14 29.95 62.93
N MET EA 25 -65.61 29.60 61.74
CA MET EA 25 -67.05 29.44 61.51
C MET EA 25 -67.58 28.20 62.22
N ILE EA 26 -66.79 27.12 62.26
CA ILE EA 26 -67.23 25.91 62.93
C ILE EA 26 -67.34 26.16 64.44
N ARG EA 27 -66.36 26.85 65.02
CA ARG EA 27 -66.35 27.03 66.46
C ARG EA 27 -67.36 28.07 66.93
N GLN EA 28 -68.03 28.76 66.01
CA GLN EA 28 -69.10 29.67 66.36
C GLN EA 28 -70.43 29.34 65.70
N GLY EA 29 -70.58 28.13 65.17
CA GLY EA 29 -71.88 27.59 64.79
C GLY EA 29 -72.43 28.07 63.47
N LYS EA 30 -71.67 28.81 62.69
CA LYS EA 30 -72.17 29.34 61.43
C LYS EA 30 -71.92 28.44 60.23
N ALA EA 31 -71.28 27.29 60.42
CA ALA EA 31 -70.95 26.43 59.30
C ALA EA 31 -72.01 25.36 59.10
N LYS EA 32 -72.52 25.27 57.88
CA LYS EA 32 -73.54 24.29 57.52
C LYS EA 32 -72.98 23.14 56.71
N LEU EA 33 -72.04 23.41 55.81
CA LEU EA 33 -71.33 22.38 55.08
C LEU EA 33 -69.85 22.75 55.01
N VAL EA 34 -68.99 21.74 55.03
CA VAL EA 34 -67.54 21.93 54.90
C VAL EA 34 -67.06 21.02 53.77
N ILE EA 35 -66.27 21.58 52.86
CA ILE EA 35 -65.76 20.86 51.70
C ILE EA 35 -64.25 20.82 51.77
N LEU EA 36 -63.68 19.62 51.63
CA LEU EA 36 -62.25 19.40 51.70
C LEU EA 36 -61.75 18.89 50.35
N ALA EA 37 -60.64 19.44 49.88
CA ALA EA 37 -60.00 18.93 48.68
C ALA EA 37 -59.36 17.57 48.96
N ASN EA 38 -59.11 16.82 47.88
CA ASN EA 38 -58.57 15.47 48.04
C ASN EA 38 -57.09 15.46 48.44
N ASN EA 39 -56.37 16.56 48.23
CA ASN EA 39 -54.97 16.64 48.63
C ASN EA 39 -54.78 17.46 49.89
N CYS EA 40 -55.85 17.65 50.65
CA CYS EA 40 -55.75 18.27 51.95
C CYS EA 40 -54.80 17.47 52.83
N PRO EA 41 -54.00 18.12 53.66
CA PRO EA 41 -53.12 17.37 54.58
C PRO EA 41 -53.94 16.45 55.47
N ALA EA 42 -53.39 15.26 55.74
CA ALA EA 42 -54.14 14.24 56.46
C ALA EA 42 -54.48 14.70 57.87
N LEU EA 43 -53.54 15.36 58.55
CA LEU EA 43 -53.79 15.86 59.89
C LEU EA 43 -54.87 16.94 59.88
N ARG EA 44 -54.82 17.84 58.91
CA ARG EA 44 -55.82 18.90 58.82
C ARG EA 44 -57.19 18.33 58.48
N LYS EA 45 -57.23 17.34 57.57
CA LYS EA 45 -58.49 16.70 57.23
C LYS EA 45 -59.11 16.04 58.44
N SER EA 46 -58.31 15.37 59.26
CA SER EA 46 -58.82 14.72 60.46
C SER EA 46 -59.30 15.75 61.47
N GLU EA 47 -58.58 16.86 61.61
CA GLU EA 47 -58.98 17.90 62.57
C GLU EA 47 -60.31 18.53 62.20
N ILE EA 48 -60.51 18.81 60.90
CA ILE EA 48 -61.76 19.40 60.46
C ILE EA 48 -62.93 18.44 60.70
N GLU EA 49 -62.72 17.15 60.43
CA GLU EA 49 -63.77 16.16 60.69
C GLU EA 49 -64.11 16.09 62.18
N TYR EA 50 -63.12 16.31 63.03
CA TYR EA 50 -63.39 16.32 64.47
C TYR EA 50 -64.13 17.59 64.89
N TYR EA 51 -63.74 18.72 64.32
CA TYR EA 51 -64.44 19.97 64.62
C TYR EA 51 -65.89 19.90 64.16
N ALA EA 52 -66.11 19.30 62.99
CA ALA EA 52 -67.46 19.15 62.47
C ALA EA 52 -68.30 18.17 63.30
N MET EA 53 -67.65 17.15 63.87
CA MET EA 53 -68.39 16.22 64.73
C MET EA 53 -68.87 16.92 66.00
N LEU EA 54 -68.04 17.79 66.56
CA LEU EA 54 -68.41 18.50 67.77
C LEU EA 54 -69.49 19.54 67.48
N ALA EA 55 -69.40 20.20 66.32
CA ALA EA 55 -70.35 21.22 65.91
C ALA EA 55 -71.56 20.64 65.19
N LYS EA 56 -71.60 19.34 64.97
CA LYS EA 56 -72.70 18.65 64.30
C LYS EA 56 -73.01 19.27 62.94
N THR EA 57 -72.01 19.23 62.06
CA THR EA 57 -72.15 19.73 60.70
C THR EA 57 -71.52 18.71 59.75
N GLY EA 58 -71.92 18.80 58.48
CA GLY EA 58 -71.51 17.80 57.52
C GLY EA 58 -70.18 18.13 56.86
N VAL EA 59 -69.46 17.08 56.50
CA VAL EA 59 -68.21 17.18 55.77
C VAL EA 59 -68.36 16.46 54.44
N HIS EA 60 -68.11 17.15 53.35
CA HIS EA 60 -68.09 16.59 52.02
C HIS EA 60 -66.66 16.58 51.52
N HIS EA 61 -66.24 15.44 50.97
CA HIS EA 61 -64.90 15.31 50.40
C HIS EA 61 -65.01 15.51 48.89
N TYR EA 62 -64.55 16.67 48.43
CA TYR EA 62 -64.61 17.01 47.02
C TYR EA 62 -63.74 16.05 46.22
N SER EA 63 -64.19 15.72 45.02
CA SER EA 63 -63.51 14.71 44.22
C SER EA 63 -62.09 15.14 43.83
N GLY EA 64 -61.91 16.41 43.48
CA GLY EA 64 -60.63 16.91 43.04
C GLY EA 64 -59.82 17.58 44.14
N ASN EA 65 -58.69 18.16 43.73
CA ASN EA 65 -57.71 18.74 44.62
C ASN EA 65 -57.99 20.22 44.85
N ASN EA 66 -57.03 20.93 45.46
CA ASN EA 66 -57.24 22.33 45.76
C ASN EA 66 -57.23 23.20 44.51
N ILE EA 67 -56.51 22.78 43.47
CA ILE EA 67 -56.52 23.54 42.22
C ILE EA 67 -57.89 23.46 41.55
N GLU EA 68 -58.54 22.29 41.63
CA GLU EA 68 -59.82 22.10 40.97
C GLU EA 68 -60.98 22.56 41.85
N LEU EA 69 -60.86 22.48 43.18
CA LEU EA 69 -61.91 23.01 44.03
C LEU EA 69 -62.00 24.52 43.93
N GLY EA 70 -60.85 25.20 43.92
CA GLY EA 70 -60.85 26.65 43.74
C GLY EA 70 -61.45 27.08 42.42
N THR EA 71 -61.13 26.35 41.35
CA THR EA 71 -61.74 26.62 40.05
C THR EA 71 -63.25 26.42 40.11
N ALA EA 72 -63.70 25.43 40.88
CA ALA EA 72 -65.13 25.20 41.01
C ALA EA 72 -65.81 26.33 41.79
N CYS EA 73 -65.05 27.05 42.61
CA CYS EA 73 -65.60 28.20 43.32
C CYS EA 73 -65.49 29.50 42.54
N GLY EA 74 -65.01 29.45 41.29
CA GLY EA 74 -64.87 30.63 40.49
C GLY EA 74 -63.62 31.44 40.77
N LYS EA 75 -62.74 30.93 41.62
CA LYS EA 75 -61.56 31.66 42.04
C LYS EA 75 -60.35 31.29 41.18
N TYR EA 76 -59.41 32.22 41.10
CA TYR EA 76 -58.16 31.99 40.39
C TYR EA 76 -57.04 31.59 41.32
N TYR EA 77 -57.37 30.87 42.38
CA TYR EA 77 -56.39 30.40 43.35
C TYR EA 77 -56.88 29.09 43.96
N ARG EA 78 -55.95 28.38 44.59
CA ARG EA 78 -56.28 27.09 45.18
C ARG EA 78 -57.08 27.27 46.46
N VAL EA 79 -58.06 26.39 46.65
CA VAL EA 79 -58.86 26.34 47.87
C VAL EA 79 -58.84 24.92 48.40
N CYS EA 80 -58.43 24.76 49.65
CA CYS EA 80 -58.36 23.45 50.28
C CYS EA 80 -59.50 23.17 51.26
N THR EA 81 -59.91 24.17 52.02
CA THR EA 81 -61.00 24.03 52.98
C THR EA 81 -61.96 25.20 52.83
N LEU EA 82 -63.25 24.90 52.69
CA LEU EA 82 -64.26 25.94 52.55
C LEU EA 82 -65.49 25.55 53.33
N ALA EA 83 -66.16 26.55 53.89
CA ALA EA 83 -67.36 26.35 54.67
C ALA EA 83 -68.50 27.20 54.09
N ILE EA 84 -69.68 26.60 54.01
CA ILE EA 84 -70.88 27.24 53.48
C ILE EA 84 -71.68 27.76 54.66
N ILE EA 85 -71.91 29.06 54.69
CA ILE EA 85 -72.66 29.68 55.79
C ILE EA 85 -74.15 29.76 55.46
N ASP EA 86 -74.47 30.27 54.28
CA ASP EA 86 -75.87 30.41 53.84
C ASP EA 86 -75.95 29.81 52.44
N PRO EA 87 -76.74 28.76 52.23
CA PRO EA 87 -76.79 28.14 50.90
C PRO EA 87 -77.34 29.04 49.81
N GLY EA 88 -78.56 29.53 49.99
CA GLY EA 88 -79.27 30.20 48.90
C GLY EA 88 -79.75 29.27 47.81
N ASP EA 89 -79.49 27.97 47.94
CA ASP EA 89 -79.84 26.99 46.90
C ASP EA 89 -80.02 25.64 47.57
N SER EA 90 -80.16 24.60 46.75
CA SER EA 90 -80.52 23.26 47.23
C SER EA 90 -79.31 22.40 47.53
N ASP EA 91 -78.30 22.96 48.20
CA ASP EA 91 -77.17 22.19 48.71
C ASP EA 91 -77.40 21.74 50.15
N ILE EA 92 -78.55 22.09 50.74
CA ILE EA 92 -78.83 21.72 52.12
C ILE EA 92 -78.99 20.22 52.27
N ILE EA 93 -79.41 19.53 51.19
CA ILE EA 93 -79.77 18.12 51.29
C ILE EA 93 -78.58 17.29 51.75
N ARG EA 94 -77.41 17.53 51.18
CA ARG EA 94 -76.22 16.77 51.53
C ARG EA 94 -74.95 17.53 51.15
N ASN FA 1 53.27 84.42 42.69
CA ASN FA 1 51.96 84.40 43.33
C ASN FA 1 51.39 82.98 43.33
N GLU FA 2 51.16 82.46 44.54
CA GLU FA 2 50.66 81.10 44.73
C GLU FA 2 49.16 81.07 45.01
N VAL FA 3 48.72 81.80 46.01
CA VAL FA 3 47.29 81.89 46.32
C VAL FA 3 46.66 82.87 45.33
N VAL FA 4 45.78 82.37 44.49
CA VAL FA 4 45.16 83.18 43.44
C VAL FA 4 43.79 82.59 43.12
N THR FA 5 42.83 83.47 42.88
CA THR FA 5 41.48 83.09 42.49
C THR FA 5 41.15 83.70 41.14
N ARG FA 6 40.58 82.89 40.25
CA ARG FA 6 40.15 83.35 38.94
C ARG FA 6 38.82 82.73 38.60
N GLU FA 7 38.07 83.40 37.74
CA GLU FA 7 36.76 82.94 37.30
C GLU FA 7 36.83 82.56 35.82
N TYR FA 8 36.26 81.42 35.49
CA TYR FA 8 36.31 80.87 34.14
C TYR FA 8 34.92 80.44 33.68
N THR FA 9 34.75 80.38 32.37
CA THR FA 9 33.63 79.68 31.76
C THR FA 9 34.19 78.43 31.10
N ILE FA 10 33.65 77.28 31.46
CA ILE FA 10 34.04 76.00 30.88
C ILE FA 10 32.93 75.56 29.93
N ASN FA 11 33.30 75.31 28.67
CA ASN FA 11 32.37 74.78 27.68
C ASN FA 11 32.30 73.28 27.86
N ILE FA 12 31.34 72.84 28.68
CA ILE FA 12 31.12 71.41 28.87
C ILE FA 12 30.65 70.76 27.59
N HIS FA 13 29.95 71.51 26.73
CA HIS FA 13 29.37 70.94 25.51
C HIS FA 13 30.44 70.36 24.60
N LYS FA 14 31.54 71.09 24.40
CA LYS FA 14 32.57 70.62 23.49
C LYS FA 14 33.53 69.63 24.13
N ARG FA 15 33.47 69.47 25.45
CA ARG FA 15 34.27 68.45 26.12
C ARG FA 15 33.47 67.19 26.38
N ILE FA 16 32.16 67.22 26.15
CA ILE FA 16 31.30 66.06 26.32
C ILE FA 16 30.93 65.45 24.96
N HIS FA 17 31.12 66.18 23.87
CA HIS FA 17 30.61 65.78 22.57
C HIS FA 17 31.05 64.38 22.19
N GLY FA 18 30.07 63.53 21.89
CA GLY FA 18 30.30 62.18 21.43
C GLY FA 18 30.18 61.10 22.48
N VAL FA 19 30.13 61.45 23.76
CA VAL FA 19 30.15 60.44 24.81
C VAL FA 19 28.73 59.93 25.04
N GLY FA 20 28.65 58.71 25.58
CA GLY FA 20 27.37 58.05 25.71
C GLY FA 20 26.48 58.67 26.77
N PHE FA 21 25.20 58.31 26.69
CA PHE FA 21 24.19 58.92 27.56
C PHE FA 21 24.47 58.63 29.03
N LYS FA 22 24.85 57.40 29.36
CA LYS FA 22 25.10 57.01 30.74
C LYS FA 22 26.44 57.50 31.27
N LYS FA 23 27.18 58.29 30.50
CA LYS FA 23 28.50 58.73 30.90
C LYS FA 23 28.73 60.23 30.75
N ARG FA 24 27.73 60.99 30.32
CA ARG FA 24 27.94 62.41 30.04
C ARG FA 24 28.23 63.20 31.31
N ALA FA 25 27.38 63.06 32.33
CA ALA FA 25 27.64 63.74 33.59
C ALA FA 25 28.88 63.22 34.29
N PRO FA 26 29.13 61.91 34.40
CA PRO FA 26 30.39 61.46 35.00
C PRO FA 26 31.63 61.95 34.29
N ARG FA 27 31.59 62.04 32.96
CA ARG FA 27 32.75 62.50 32.21
C ARG FA 27 32.94 64.00 32.34
N ALA FA 28 31.84 64.74 32.50
CA ALA FA 28 31.94 66.20 32.66
C ALA FA 28 32.68 66.56 33.94
N LEU FA 29 32.59 65.73 34.96
CA LEU FA 29 33.34 65.98 36.19
C LEU FA 29 34.84 65.78 35.96
N LYS FA 30 35.21 64.74 35.23
CA LYS FA 30 36.63 64.52 34.92
C LYS FA 30 37.17 65.60 34.00
N GLU FA 31 36.32 66.19 33.17
CA GLU FA 31 36.77 67.27 32.31
C GLU FA 31 37.02 68.55 33.09
N ILE FA 32 36.23 68.79 34.14
CA ILE FA 32 36.47 69.95 35.00
C ILE FA 32 37.76 69.77 35.78
N ARG FA 33 38.05 68.55 36.21
CA ARG FA 33 39.32 68.27 36.89
C ARG FA 33 40.49 68.50 35.95
N LYS FA 34 40.37 68.06 34.69
CA LYS FA 34 41.42 68.30 33.72
C LYS FA 34 41.59 69.79 33.45
N PHE FA 35 40.49 70.53 33.37
CA PHE FA 35 40.57 71.97 33.14
C PHE FA 35 41.28 72.66 34.30
N ALA FA 36 40.96 72.27 35.54
CA ALA FA 36 41.59 72.91 36.69
C ALA FA 36 43.07 72.59 36.75
N MET FA 37 43.45 71.37 36.36
CA MET FA 37 44.86 70.98 36.39
C MET FA 37 45.67 71.76 35.35
N LYS FA 38 45.11 71.99 34.17
CA LYS FA 38 45.84 72.71 33.14
C LYS FA 38 45.98 74.19 33.47
N GLU FA 39 44.91 74.81 33.96
CA GLU FA 39 44.95 76.23 34.30
C GLU FA 39 45.86 76.48 35.49
N MET FA 40 45.55 75.88 36.62
CA MET FA 40 46.42 75.92 37.80
C MET FA 40 47.13 74.58 37.90
N GLY FA 41 48.46 74.63 37.94
CA GLY FA 41 49.28 73.43 37.74
C GLY FA 41 49.21 72.41 38.85
N THR FA 42 48.32 72.55 39.80
CA THR FA 42 48.24 71.62 40.91
C THR FA 42 47.59 70.31 40.45
N PRO FA 43 48.21 69.16 40.71
CA PRO FA 43 47.52 67.88 40.43
C PRO FA 43 46.43 67.55 41.42
N ASP FA 44 46.36 68.25 42.56
CA ASP FA 44 45.32 68.02 43.55
C ASP FA 44 44.19 69.00 43.31
N VAL FA 45 43.12 68.52 42.68
CA VAL FA 45 41.95 69.35 42.37
C VAL FA 45 40.78 68.82 43.17
N ARG FA 46 40.13 69.71 43.92
CA ARG FA 46 38.98 69.37 44.75
C ARG FA 46 37.77 70.12 44.22
N ILE FA 47 36.67 69.41 44.04
CA ILE FA 47 35.46 69.95 43.45
C ILE FA 47 34.41 70.09 44.54
N ASP FA 48 33.85 71.29 44.68
CA ASP FA 48 32.83 71.54 45.68
C ASP FA 48 31.55 70.77 45.37
N THR FA 49 30.85 70.38 46.43
CA THR FA 49 29.63 69.58 46.26
C THR FA 49 28.54 70.37 45.55
N ARG FA 50 28.55 71.70 45.67
CA ARG FA 50 27.57 72.51 44.97
C ARG FA 50 27.83 72.50 43.47
N LEU FA 51 29.11 72.44 43.07
CA LEU FA 51 29.43 72.31 41.66
C LEU FA 51 29.07 70.93 41.14
N ASN FA 52 29.19 69.91 41.98
CA ASN FA 52 28.73 68.58 41.61
C ASN FA 52 27.23 68.56 41.37
N LYS FA 53 26.47 69.27 42.19
CA LYS FA 53 25.03 69.36 42.00
C LYS FA 53 24.68 70.09 40.71
N ALA FA 54 25.43 71.13 40.38
CA ALA FA 54 25.15 71.92 39.17
C ALA FA 54 25.30 71.07 37.92
N VAL FA 55 26.34 70.24 37.88
CA VAL FA 55 26.56 69.39 36.70
C VAL FA 55 25.48 68.32 36.57
N TRP FA 56 24.98 67.79 37.69
CA TRP FA 56 24.00 66.72 37.69
C TRP FA 56 22.57 67.24 37.76
N ALA FA 57 22.36 68.56 37.65
CA ALA FA 57 21.06 69.15 37.94
C ALA FA 57 19.98 68.65 36.99
N LYS FA 58 20.35 68.33 35.75
CA LYS FA 58 19.41 67.83 34.77
C LYS FA 58 19.65 66.35 34.43
N GLY FA 59 20.26 65.61 35.34
CA GLY FA 59 20.46 64.20 35.13
C GLY FA 59 21.83 63.85 34.57
N ILE FA 60 21.90 62.62 34.07
CA ILE FA 60 23.15 62.07 33.58
C ILE FA 60 23.35 62.30 32.08
N ARG FA 61 22.32 62.77 31.37
CA ARG FA 61 22.39 62.95 29.93
C ARG FA 61 22.48 64.41 29.52
N ASN FA 62 21.60 65.26 30.06
CA ASN FA 62 21.50 66.64 29.61
C ASN FA 62 22.29 67.55 30.55
N VAL FA 63 23.61 67.45 30.42
CA VAL FA 63 24.51 68.30 31.21
C VAL FA 63 24.44 69.73 30.69
N PRO FA 64 24.56 70.75 31.55
CA PRO FA 64 24.60 72.13 31.05
C PRO FA 64 25.73 72.34 30.04
N TYR FA 65 25.42 73.12 29.01
CA TYR FA 65 26.39 73.38 27.95
C TYR FA 65 27.57 74.19 28.47
N ARG FA 66 27.32 75.18 29.31
CA ARG FA 66 28.37 76.02 29.86
C ARG FA 66 28.20 76.12 31.37
N ILE FA 67 29.33 76.10 32.08
CA ILE FA 67 29.35 76.25 33.52
C ILE FA 67 30.34 77.36 33.87
N ARG FA 68 30.01 78.15 34.88
CA ARG FA 68 30.88 79.22 35.36
C ARG FA 68 31.44 78.80 36.71
N VAL FA 69 32.76 78.66 36.77
CA VAL FA 69 33.42 78.12 37.95
C VAL FA 69 34.42 79.14 38.46
N ARG FA 70 34.84 78.93 39.70
CA ARG FA 70 35.86 79.76 40.35
C ARG FA 70 36.98 78.85 40.81
N LEU FA 71 38.17 79.04 40.24
CA LEU FA 71 39.34 78.26 40.59
C LEU FA 71 40.14 79.00 41.65
N SER FA 72 40.55 78.30 42.71
CA SER FA 72 41.17 78.93 43.86
C SER FA 72 42.36 78.09 44.31
N ARG FA 73 43.57 78.55 44.00
CA ARG FA 73 44.78 77.89 44.47
C ARG FA 73 45.06 78.26 45.91
N LYS FA 74 45.17 77.25 46.77
CA LYS FA 74 45.40 77.47 48.19
C LYS FA 74 46.52 76.56 48.66
N ARG FA 75 47.03 76.85 49.85
CA ARG FA 75 48.09 76.04 50.43
C ARG FA 75 47.53 74.75 51.01
N ASN FA 76 48.25 73.65 50.79
CA ASN FA 76 47.90 72.36 51.35
C ASN FA 76 48.55 72.12 52.71
N GLU FA 77 49.24 73.13 53.25
CA GLU FA 77 49.92 72.96 54.54
C GLU FA 77 48.96 72.66 55.67
N ASP FA 78 47.66 72.93 55.49
CA ASP FA 78 46.67 72.56 56.49
C ASP FA 78 46.60 71.04 56.64
N GLU FA 79 46.78 70.30 55.55
CA GLU FA 79 46.79 68.84 55.60
C GLU FA 79 48.19 68.26 55.66
N ASP FA 80 49.22 69.05 55.33
CA ASP FA 80 50.61 68.58 55.31
C ASP FA 80 50.78 67.40 54.36
N SER FA 81 50.03 67.39 53.26
CA SER FA 81 50.07 66.30 52.30
C SER FA 81 51.35 66.37 51.46
N PRO FA 82 51.70 65.28 50.79
CA PRO FA 82 52.86 65.33 49.89
C PRO FA 82 52.78 66.39 48.81
N ASN FA 83 51.57 66.74 48.36
CA ASN FA 83 51.38 67.80 47.40
C ASN FA 83 51.26 69.13 48.13
N LYS FA 84 52.09 70.10 47.74
CA LYS FA 84 52.18 71.34 48.50
C LYS FA 84 51.00 72.27 48.28
N LEU FA 85 50.40 72.24 47.10
CA LEU FA 85 49.37 73.21 46.73
C LEU FA 85 48.18 72.47 46.14
N TYR FA 86 46.99 73.00 46.37
CA TYR FA 86 45.77 72.38 45.86
C TYR FA 86 44.84 73.46 45.31
N THR FA 87 43.93 73.03 44.44
CA THR FA 87 42.96 73.91 43.81
C THR FA 87 41.55 73.49 44.18
N LEU FA 88 40.74 74.46 44.60
CA LEU FA 88 39.34 74.24 44.92
C LEU FA 88 38.49 74.85 43.82
N VAL FA 89 37.53 74.08 43.31
CA VAL FA 89 36.64 74.53 42.24
C VAL FA 89 35.25 74.71 42.84
N THR FA 90 34.72 75.92 42.73
CA THR FA 90 33.40 76.25 43.23
C THR FA 90 32.50 76.67 42.08
N TYR FA 91 31.20 76.69 42.35
CA TYR FA 91 30.20 76.99 41.35
C TYR FA 91 29.77 78.45 41.43
N VAL FA 92 29.74 79.11 40.29
CA VAL FA 92 29.30 80.50 40.18
C VAL FA 92 27.98 80.53 39.42
N PRO FA 93 26.86 80.85 40.07
CA PRO FA 93 25.59 80.94 39.34
C PRO FA 93 25.50 82.24 38.55
N VAL FA 94 25.22 82.10 37.25
CA VAL FA 94 25.10 83.24 36.36
C VAL FA 94 23.78 83.14 35.61
N THR FA 95 23.30 84.29 35.15
CA THR FA 95 22.09 84.33 34.34
C THR FA 95 22.38 84.21 32.85
N THR FA 96 23.49 84.76 32.39
CA THR FA 96 23.88 84.70 30.99
C THR FA 96 25.38 84.46 30.90
N PHE FA 97 25.78 83.75 29.85
CA PHE FA 97 27.19 83.50 29.58
C PHE FA 97 27.76 84.42 28.51
N LYS FA 98 26.98 85.35 28.00
CA LYS FA 98 27.45 86.25 26.96
C LYS FA 98 28.44 87.26 27.53
N ASN FA 99 29.54 87.46 26.81
CA ASN FA 99 30.57 88.46 27.14
C ASN FA 99 31.20 88.20 28.50
N LEU FA 100 31.30 86.94 28.90
CA LEU FA 100 31.91 86.57 30.18
C LEU FA 100 33.37 86.21 29.96
N GLN FA 101 34.26 87.09 30.39
CA GLN FA 101 35.69 86.89 30.26
C GLN FA 101 36.25 86.16 31.48
N THR FA 102 37.48 85.68 31.34
CA THR FA 102 38.21 85.16 32.49
C THR FA 102 38.66 86.33 33.35
N VAL FA 103 38.28 86.30 34.62
CA VAL FA 103 38.39 87.47 35.48
C VAL FA 103 39.18 87.11 36.73
N ASN FA 104 40.14 87.96 37.07
CA ASN FA 104 40.87 87.85 38.33
C ASN FA 104 39.98 88.30 39.48
N VAL FA 105 40.01 87.55 40.57
CA VAL FA 105 39.17 87.80 41.73
C VAL FA 105 40.06 88.09 42.92
N ASP FA 106 39.78 89.19 43.62
CA ASP FA 106 40.50 89.56 44.82
C ASP FA 106 39.52 89.95 45.91
N GLU FA 107 39.94 89.77 47.16
CA GLU FA 107 39.12 90.10 48.31
C GLU FA 107 39.92 90.92 49.32
N ALA GA 1 109.28 5.13 42.18
CA ALA GA 1 108.76 5.95 41.08
C ALA GA 1 107.55 5.29 40.43
N ALA GA 2 107.35 5.56 39.15
CA ALA GA 2 106.23 4.99 38.39
C ALA GA 2 106.59 3.57 38.01
N LEU GA 3 105.95 2.60 38.67
CA LEU GA 3 106.18 1.20 38.34
C LEU GA 3 105.65 0.89 36.96
N ARG GA 4 106.42 0.15 36.18
CA ARG GA 4 106.06 -0.15 34.81
C ARG GA 4 105.83 -1.64 34.62
N PRO GA 5 104.99 -2.03 33.67
CA PRO GA 5 104.68 -3.45 33.49
C PRO GA 5 105.84 -4.18 32.81
N LEU GA 6 105.73 -5.51 32.82
CA LEU GA 6 106.72 -6.34 32.16
C LEU GA 6 106.78 -6.06 30.66
N VAL GA 7 105.61 -5.91 30.04
CA VAL GA 7 105.52 -5.55 28.63
C VAL GA 7 104.48 -4.46 28.48
N LYS GA 8 104.65 -3.62 27.47
CA LYS GA 8 103.71 -2.55 27.15
C LYS GA 8 103.35 -2.65 25.67
N PRO GA 9 102.43 -3.53 25.32
CA PRO GA 9 102.02 -3.65 23.91
C PRO GA 9 101.14 -2.48 23.49
N LYS GA 10 101.08 -2.28 22.18
CA LYS GA 10 100.21 -1.26 21.61
C LYS GA 10 98.77 -1.75 21.68
N ILE GA 11 97.95 -1.10 22.49
CA ILE GA 11 96.55 -1.49 22.65
C ILE GA 11 95.77 -0.92 21.47
N VAL GA 12 95.03 -1.80 20.79
CA VAL GA 12 94.23 -1.43 19.64
C VAL GA 12 92.76 -1.60 20.00
N LYS GA 13 92.01 -0.51 19.93
CA LYS GA 13 90.57 -0.53 20.18
C LYS GA 13 89.84 -0.42 18.85
N LYS GA 14 88.92 -1.35 18.61
CA LYS GA 14 88.12 -1.31 17.40
C LYS GA 14 87.09 -0.19 17.44
N ARG GA 15 86.68 0.23 18.63
CA ARG GA 15 85.73 1.32 18.78
C ARG GA 15 85.91 1.93 20.16
N THR GA 16 86.05 3.25 20.20
CA THR GA 16 86.14 3.98 21.45
C THR GA 16 84.81 4.54 21.91
N LYS GA 17 83.92 4.89 20.97
CA LYS GA 17 82.61 5.40 21.32
C LYS GA 17 81.75 4.32 21.95
N LYS GA 18 80.75 4.76 22.70
CA LYS GA 18 79.79 3.85 23.32
C LYS GA 18 78.61 3.60 22.39
N PHE GA 19 78.12 2.36 22.42
CA PHE GA 19 76.90 2.02 21.72
C PHE GA 19 75.72 2.58 22.51
N ILE GA 20 74.97 3.49 21.91
CA ILE GA 20 73.85 4.14 22.58
C ILE GA 20 72.55 3.50 22.10
N ARG GA 21 71.58 3.45 22.99
CA ARG GA 21 70.27 2.90 22.66
C ARG GA 21 69.57 3.79 21.64
N HIS GA 22 68.72 3.17 20.83
CA HIS GA 22 67.97 3.90 19.83
C HIS GA 22 66.97 4.85 20.49
N GLN GA 23 66.87 6.06 19.96
CA GLN GA 23 66.00 7.13 20.47
C GLN GA 23 66.30 7.51 21.91
N SER GA 24 67.45 7.11 22.46
CA SER GA 24 67.83 7.64 23.76
C SER GA 24 68.12 9.13 23.70
N ASP GA 25 68.38 9.65 22.51
CA ASP GA 25 68.55 11.08 22.31
C ASP GA 25 67.22 11.83 22.35
N ARG GA 26 66.13 11.17 22.00
CA ARG GA 26 64.84 11.84 21.91
C ARG GA 26 64.05 11.84 23.22
N TYR GA 27 64.36 10.95 24.16
CA TYR GA 27 63.58 10.84 25.37
C TYR GA 27 64.50 10.78 26.59
N VAL GA 28 64.00 11.32 27.69
CA VAL GA 28 64.70 11.18 28.97
C VAL GA 28 64.37 9.83 29.59
N LYS GA 29 63.16 9.32 29.38
CA LYS GA 29 62.79 8.01 29.89
C LYS GA 29 63.63 6.89 29.29
N ILE GA 30 64.15 7.09 28.08
CA ILE GA 30 65.01 6.10 27.44
C ILE GA 30 66.45 6.39 27.82
N LYS GA 31 67.00 5.58 28.73
CA LYS GA 31 68.39 5.71 29.10
C LYS GA 31 69.28 5.25 27.94
N ARG GA 32 70.55 5.66 28.00
CA ARG GA 32 71.50 5.34 26.94
C ARG GA 32 72.00 3.90 27.00
N ASN GA 33 71.62 3.14 28.03
CA ASN GA 33 72.04 1.75 28.14
C ASN GA 33 71.50 0.94 26.97
N TRP GA 34 72.36 0.10 26.39
CA TRP GA 34 72.02 -0.55 25.13
C TRP GA 34 70.88 -1.54 25.29
N ARG GA 35 69.93 -1.49 24.37
CA ARG GA 35 68.87 -2.48 24.22
C ARG GA 35 68.79 -2.87 22.76
N LYS GA 36 68.67 -4.16 22.50
CA LYS GA 36 68.51 -4.60 21.12
C LYS GA 36 67.09 -4.32 20.65
N PRO GA 37 66.91 -3.55 19.58
CA PRO GA 37 65.54 -3.20 19.14
C PRO GA 37 64.88 -4.38 18.45
N ARG GA 38 63.83 -4.91 19.07
CA ARG GA 38 62.98 -5.92 18.45
C ARG GA 38 61.70 -5.22 17.99
N GLY GA 39 61.80 -4.59 16.84
CA GLY GA 39 60.64 -3.96 16.22
C GLY GA 39 60.53 -4.44 14.79
N ILE GA 40 59.30 -4.68 14.36
CA ILE GA 40 59.09 -5.25 13.03
C ILE GA 40 59.56 -4.29 11.95
N ASP GA 41 59.38 -2.99 12.15
CA ASP GA 41 59.79 -1.98 11.18
C ASP GA 41 61.05 -1.23 11.60
N ASN GA 42 61.71 -1.64 12.67
CA ASN GA 42 62.86 -0.89 13.17
C ASN GA 42 64.00 -0.90 12.16
N ARG GA 43 64.53 0.28 11.87
CA ARG GA 43 65.58 0.39 10.85
C ARG GA 43 66.97 0.26 11.46
N VAL GA 44 67.11 0.46 12.77
CA VAL GA 44 68.37 0.14 13.43
C VAL GA 44 68.59 -1.36 13.47
N ARG GA 45 67.53 -2.11 13.75
CA ARG GA 45 67.61 -3.57 13.74
C ARG GA 45 67.89 -4.08 12.34
N ARG GA 46 67.36 -3.42 11.32
CA ARG GA 46 67.52 -3.86 9.95
C ARG GA 46 68.82 -3.37 9.31
N ARG GA 47 69.57 -2.51 9.99
CA ARG GA 47 70.90 -2.06 9.54
C ARG GA 47 70.82 -1.14 8.33
N PHE GA 48 69.88 -0.20 8.34
CA PHE GA 48 69.87 0.80 7.28
C PHE GA 48 71.12 1.68 7.37
N LYS GA 49 71.33 2.46 6.32
CA LYS GA 49 72.50 3.32 6.25
C LYS GA 49 72.35 4.52 7.19
N GLY GA 50 73.46 4.95 7.77
CA GLY GA 50 73.49 6.17 8.55
C GLY GA 50 72.78 6.11 9.88
N GLN GA 51 72.61 4.93 10.43
CA GLN GA 51 71.84 4.73 11.66
C GLN GA 51 72.75 4.36 12.81
N ILE GA 52 72.14 4.19 13.98
CA ILE GA 52 72.86 3.78 15.18
C ILE GA 52 73.36 2.35 15.01
N LEU GA 53 74.63 2.14 15.28
CA LEU GA 53 75.24 0.83 15.10
C LEU GA 53 74.87 -0.10 16.26
N MET GA 54 74.67 -1.36 15.93
CA MET GA 54 74.38 -2.40 16.91
C MET GA 54 75.66 -3.11 17.29
N PRO GA 55 75.92 -3.33 18.58
CA PRO GA 55 77.08 -4.13 18.97
C PRO GA 55 76.99 -5.57 18.51
N ASN GA 56 78.14 -6.13 18.17
CA ASN GA 56 78.26 -7.52 17.78
C ASN GA 56 79.65 -8.01 18.16
N ILE GA 57 79.83 -9.33 18.08
CA ILE GA 57 81.05 -9.96 18.57
C ILE GA 57 82.27 -9.56 17.76
N GLY GA 58 82.08 -8.97 16.57
CA GLY GA 58 83.21 -8.57 15.77
C GLY GA 58 83.99 -7.42 16.37
N TYR GA 59 83.38 -6.66 17.27
CA TYR GA 59 84.04 -5.54 17.93
C TYR GA 59 84.93 -5.97 19.08
N GLY GA 60 84.95 -7.26 19.42
CA GLY GA 60 85.71 -7.69 20.59
C GLY GA 60 87.19 -7.41 20.44
N SER GA 61 87.83 -7.08 21.56
CA SER GA 61 89.22 -6.68 21.54
C SER GA 61 90.15 -7.88 21.58
N ASN GA 62 91.41 -7.63 21.26
CA ASN GA 62 92.45 -8.66 21.32
C ASN GA 62 92.51 -9.25 22.72
N LYS GA 63 92.62 -10.58 22.78
CA LYS GA 63 92.75 -11.27 24.05
C LYS GA 63 94.08 -11.01 24.73
N LYS GA 64 95.07 -10.49 24.01
CA LYS GA 64 96.34 -10.15 24.62
C LYS GA 64 96.28 -8.83 25.37
N THR GA 65 95.34 -7.96 25.02
CA THR GA 65 95.20 -6.65 25.64
C THR GA 65 93.82 -6.45 26.25
N LYS GA 66 93.01 -7.49 26.34
CA LYS GA 66 91.69 -7.40 26.96
C LYS GA 66 91.83 -7.01 28.43
N HIS GA 67 90.99 -6.08 28.86
CA HIS GA 67 90.93 -5.57 30.23
C HIS GA 67 92.22 -4.87 30.65
N MET GA 68 93.02 -4.41 29.70
CA MET GA 68 94.28 -3.75 30.01
C MET GA 68 94.07 -2.25 30.19
N LEU GA 69 94.65 -1.69 31.24
CA LEU GA 69 94.64 -0.26 31.45
C LEU GA 69 95.63 0.42 30.50
N PRO GA 70 95.48 1.72 30.28
CA PRO GA 70 96.47 2.42 29.44
C PRO GA 70 97.89 2.34 29.94
N SER GA 71 98.09 2.08 31.23
CA SER GA 71 99.44 1.92 31.76
C SER GA 71 100.05 0.57 31.42
N GLY GA 72 99.25 -0.39 30.96
CA GLY GA 72 99.73 -1.73 30.69
C GLY GA 72 99.42 -2.73 31.77
N PHE GA 73 98.91 -2.30 32.90
CA PHE GA 73 98.55 -3.19 33.99
C PHE GA 73 97.10 -3.63 33.87
N ARG GA 74 96.73 -4.61 34.68
CA ARG GA 74 95.35 -5.01 34.85
C ARG GA 74 94.95 -4.82 36.31
N LYS GA 75 93.74 -4.33 36.52
CA LYS GA 75 93.29 -3.83 37.81
C LYS GA 75 92.72 -4.95 38.66
N PHE GA 76 93.04 -4.93 39.95
CA PHE GA 76 92.50 -5.88 40.92
C PHE GA 76 92.03 -5.11 42.15
N LEU GA 77 90.74 -5.26 42.47
CA LEU GA 77 90.15 -4.53 43.59
C LEU GA 77 90.59 -5.14 44.92
N VAL GA 78 90.89 -4.26 45.88
CA VAL GA 78 91.50 -4.66 47.14
C VAL GA 78 90.80 -3.92 48.27
N HIS GA 79 90.52 -4.64 49.36
CA HIS GA 79 89.84 -4.06 50.52
C HIS GA 79 90.71 -3.93 51.76
N ASN GA 80 91.79 -4.70 51.86
CA ASN GA 80 92.63 -4.65 53.05
C ASN GA 80 94.05 -5.07 52.65
N VAL GA 81 94.96 -5.02 53.63
CA VAL GA 81 96.36 -5.32 53.38
C VAL GA 81 96.54 -6.77 52.98
N LYS GA 82 95.79 -7.68 53.60
CA LYS GA 82 95.94 -9.09 53.32
C LYS GA 82 95.59 -9.42 51.87
N GLU GA 83 94.53 -8.80 51.35
CA GLU GA 83 94.17 -9.02 49.95
C GLU GA 83 95.23 -8.45 49.00
N LEU GA 84 96.01 -7.47 49.48
CA LEU GA 84 97.07 -6.90 48.66
C LEU GA 84 98.21 -7.88 48.46
N GLU GA 85 98.47 -8.72 49.47
CA GLU GA 85 99.57 -9.66 49.39
C GLU GA 85 99.36 -10.74 48.33
N VAL GA 86 98.14 -10.87 47.80
CA VAL GA 86 97.88 -11.86 46.77
C VAL GA 86 98.53 -11.45 45.45
N LEU GA 87 98.87 -10.17 45.31
CA LEU GA 87 99.54 -9.66 44.12
C LEU GA 87 101.05 -9.60 44.27
N LEU GA 88 101.63 -10.33 45.23
CA LEU GA 88 103.09 -10.33 45.39
C LEU GA 88 103.79 -10.89 44.15
N MET GA 89 103.28 -11.99 43.61
CA MET GA 89 103.97 -12.72 42.55
C MET GA 89 103.42 -12.41 41.17
N CYS GA 90 102.59 -11.38 41.05
CA CYS GA 90 102.08 -10.94 39.75
C CYS GA 90 102.04 -9.42 39.69
N ASN GA 91 103.08 -8.79 40.24
CA ASN GA 91 103.11 -7.34 40.38
C ASN GA 91 103.62 -6.62 39.13
N LYS GA 92 104.09 -7.35 38.12
CA LYS GA 92 104.51 -6.75 36.86
C LYS GA 92 103.42 -6.77 35.81
N SER GA 93 102.30 -7.43 36.08
CA SER GA 93 101.17 -7.43 35.18
C SER GA 93 99.87 -6.97 35.84
N TYR GA 94 99.83 -6.87 37.15
CA TYR GA 94 98.59 -6.56 37.87
C TYR GA 94 98.84 -5.44 38.86
N CYS GA 95 97.83 -4.60 39.03
CA CYS GA 95 97.90 -3.45 39.93
C CYS GA 95 96.71 -3.49 40.87
N ALA GA 96 96.85 -2.79 41.99
CA ALA GA 96 95.83 -2.80 43.04
C ALA GA 96 95.03 -1.52 43.02
N GLU GA 97 93.71 -1.65 43.04
CA GLU GA 97 92.81 -0.51 43.23
C GLU GA 97 92.12 -0.67 44.57
N ILE GA 98 92.27 0.34 45.44
CA ILE GA 98 91.62 0.31 46.73
C ILE GA 98 90.15 0.65 46.57
N ALA GA 99 89.29 -0.10 47.25
CA ALA GA 99 87.86 0.09 47.13
C ALA GA 99 87.43 1.44 47.73
N HIS GA 100 86.30 1.94 47.25
CA HIS GA 100 85.83 3.26 47.66
C HIS GA 100 85.43 3.28 49.13
N ASN GA 101 85.07 2.13 49.68
CA ASN GA 101 84.54 2.05 51.04
C ASN GA 101 85.63 1.91 52.09
N VAL GA 102 86.89 1.83 51.70
CA VAL GA 102 87.98 1.72 52.66
C VAL GA 102 88.24 3.09 53.26
N SER GA 103 88.40 3.13 54.59
CA SER GA 103 88.53 4.38 55.33
C SER GA 103 89.87 5.05 55.03
N SER GA 104 90.07 6.21 55.65
CA SER GA 104 91.30 6.96 55.44
C SER GA 104 92.48 6.35 56.17
N LYS GA 105 92.27 5.86 57.41
CA LYS GA 105 93.36 5.21 58.12
C LYS GA 105 93.84 3.97 57.40
N ASN GA 106 92.90 3.17 56.87
CA ASN GA 106 93.28 1.91 56.25
C ASN GA 106 93.91 2.12 54.88
N ARG GA 107 93.60 3.22 54.20
CA ARG GA 107 94.24 3.50 52.91
C ARG GA 107 95.72 3.76 53.08
N LYS GA 108 96.10 4.45 54.15
CA LYS GA 108 97.51 4.72 54.39
C LYS GA 108 98.31 3.43 54.57
N ALA GA 109 97.73 2.45 55.27
CA ALA GA 109 98.41 1.18 55.45
C ALA GA 109 98.54 0.42 54.14
N ILE GA 110 97.48 0.43 53.32
CA ILE GA 110 97.52 -0.31 52.06
C ILE GA 110 98.50 0.34 51.09
N VAL GA 111 98.55 1.67 51.07
CA VAL GA 111 99.48 2.36 50.18
C VAL GA 111 100.91 2.16 50.65
N GLU GA 112 101.14 2.20 51.96
CA GLU GA 112 102.50 1.99 52.48
C GLU GA 112 102.97 0.57 52.23
N ARG GA 113 102.10 -0.42 52.45
CA ARG GA 113 102.46 -1.81 52.22
C ARG GA 113 102.68 -2.10 50.75
N ALA GA 114 101.84 -1.52 49.88
CA ALA GA 114 102.00 -1.74 48.45
C ALA GA 114 103.28 -1.10 47.93
N ALA GA 115 103.69 0.03 48.53
CA ALA GA 115 104.91 0.70 48.10
C ALA GA 115 106.12 -0.19 48.30
N GLN GA 116 106.19 -0.89 49.43
CA GLN GA 116 107.33 -1.75 49.72
C GLN GA 116 107.22 -3.13 49.10
N LEU GA 117 106.07 -3.47 48.51
CA LEU GA 117 105.92 -4.71 47.77
C LEU GA 117 106.03 -4.52 46.27
N ALA GA 118 106.34 -3.30 45.82
CA ALA GA 118 106.44 -2.97 44.40
C ALA GA 118 105.12 -3.25 43.67
N ILE GA 119 104.01 -3.01 44.34
CA ILE GA 119 102.69 -3.17 43.76
C ILE GA 119 102.13 -1.80 43.44
N ARG GA 120 101.86 -1.56 42.16
CA ARG GA 120 101.33 -0.27 41.74
C ARG GA 120 99.88 -0.11 42.18
N VAL GA 121 99.55 1.08 42.67
CA VAL GA 121 98.21 1.42 43.12
C VAL GA 121 97.61 2.40 42.12
N THR GA 122 96.41 2.09 41.62
CA THR GA 122 95.74 2.96 40.67
C THR GA 122 95.36 4.28 41.32
N ASN GA 123 94.90 4.25 42.57
CA ASN GA 123 94.39 5.42 43.28
C ASN GA 123 95.06 5.56 44.64
N PRO GA 124 96.35 5.94 44.66
CA PRO GA 124 97.03 6.10 45.95
C PRO GA 124 96.79 7.43 46.63
N ASN GA 125 96.32 8.45 45.92
CA ASN GA 125 96.15 9.78 46.47
C ASN GA 125 94.73 10.05 46.94
N ALA GA 126 93.85 9.06 46.89
CA ALA GA 126 92.48 9.26 47.31
C ALA GA 126 92.38 9.51 48.81
N ARG GA 127 91.51 10.44 49.20
CA ARG GA 127 91.20 10.71 50.60
C ARG GA 127 92.45 11.08 51.38
N LEU GA 128 93.33 11.87 50.78
CA LEU GA 128 94.57 12.28 51.46
C LEU GA 128 94.35 13.55 52.27
N SER HA 1 114.13 31.92 0.66
CA SER HA 1 114.08 32.97 -0.34
C SER HA 1 112.91 32.78 -1.28
N GLY HA 2 112.29 31.60 -1.25
CA GLY HA 2 111.18 31.34 -2.14
C GLY HA 2 110.47 30.05 -1.80
N ARG HA 3 109.33 29.87 -2.47
CA ARG HA 3 108.48 28.70 -2.23
C ARG HA 3 109.20 27.42 -2.62
N LEU HA 4 109.07 26.41 -1.77
CA LEU HA 4 109.68 25.10 -2.00
C LEU HA 4 108.64 23.98 -2.06
N TRP HA 5 107.38 24.33 -2.27
CA TRP HA 5 106.32 23.35 -2.34
C TRP HA 5 105.42 23.65 -3.54
N CYS HA 6 104.76 22.62 -4.03
CA CYS HA 6 103.84 22.75 -5.15
C CYS HA 6 102.43 22.98 -4.61
N LYS HA 7 101.66 23.78 -5.35
CA LYS HA 7 100.32 24.12 -4.94
C LYS HA 7 99.33 23.03 -5.30
N ALA HA 8 98.57 22.57 -4.32
CA ALA HA 8 97.52 21.60 -4.53
C ALA HA 8 96.26 22.07 -3.83
N ILE HA 9 95.12 21.55 -4.25
CA ILE HA 9 93.83 21.91 -3.70
C ILE HA 9 93.15 20.63 -3.23
N PHE HA 10 92.63 20.66 -2.01
CA PHE HA 10 91.91 19.53 -1.45
C PHE HA 10 90.50 19.52 -2.06
N ALA HA 11 90.31 18.71 -3.10
CA ALA HA 11 89.05 18.69 -3.82
C ALA HA 11 87.95 17.98 -3.04
N GLY HA 12 88.30 16.95 -2.29
CA GLY HA 12 87.31 16.20 -1.54
C GLY HA 12 87.87 14.86 -1.14
N TYR HA 13 87.03 14.07 -0.50
CA TYR HA 13 87.42 12.74 -0.05
C TYR HA 13 87.21 11.73 -1.17
N LYS HA 14 87.90 10.60 -1.06
CA LYS HA 14 87.67 9.48 -1.95
C LYS HA 14 86.29 8.90 -1.66
N ARG HA 15 85.47 8.77 -2.70
CA ARG HA 15 84.06 8.50 -2.46
C ARG HA 15 83.42 7.88 -3.70
N GLY HA 16 82.25 7.30 -3.48
CA GLY HA 16 81.29 7.05 -4.52
C GLY HA 16 80.31 8.20 -4.59
N LEU HA 17 79.12 7.93 -5.12
CA LEU HA 17 78.11 8.99 -5.13
C LEU HA 17 77.48 9.20 -3.77
N ARG HA 18 77.29 8.13 -2.99
CA ARG HA 18 76.58 8.22 -1.71
C ARG HA 18 77.34 7.57 -0.57
N ASN HA 19 78.63 7.30 -0.75
CA ASN HA 19 79.48 6.78 0.31
C ASN HA 19 80.81 7.51 0.26
N GLN HA 20 81.21 8.09 1.39
CA GLN HA 20 82.43 8.89 1.46
C GLN HA 20 83.42 8.20 2.39
N ARG HA 21 84.60 7.88 1.86
CA ARG HA 21 85.69 7.29 2.63
C ARG HA 21 86.69 8.39 2.95
N GLU HA 22 86.82 8.69 4.24
CA GLU HA 22 87.52 9.88 4.70
C GLU HA 22 88.99 9.64 5.01
N HIS HA 23 89.45 8.38 5.00
CA HIS HA 23 90.86 8.10 5.20
C HIS HA 23 91.70 8.41 3.98
N THR HA 24 91.08 8.69 2.84
CA THR HA 24 91.78 9.05 1.62
C THR HA 24 91.24 10.38 1.11
N ALA HA 25 92.14 11.29 0.80
CA ALA HA 25 91.81 12.60 0.24
C ALA HA 25 92.21 12.65 -1.22
N LEU HA 26 91.47 13.44 -2.00
CA LEU HA 26 91.76 13.66 -3.41
C LEU HA 26 92.30 15.07 -3.60
N LEU HA 27 93.40 15.20 -4.33
CA LEU HA 27 94.10 16.45 -4.51
C LEU HA 27 94.20 16.80 -5.99
N LYS HA 28 94.11 18.09 -6.29
CA LYS HA 28 94.38 18.60 -7.63
C LYS HA 28 95.64 19.45 -7.56
N ILE HA 29 96.70 18.99 -8.19
CA ILE HA 29 97.97 19.71 -8.20
C ILE HA 29 98.00 20.65 -9.40
N GLU HA 30 98.40 21.90 -9.14
CA GLU HA 30 98.46 22.90 -10.20
C GLU HA 30 99.44 22.48 -11.28
N GLY HA 31 99.01 22.62 -12.53
CA GLY HA 31 99.85 22.29 -13.67
C GLY HA 31 99.87 20.83 -14.05
N VAL HA 32 99.16 19.96 -13.33
CA VAL HA 32 99.12 18.53 -13.62
C VAL HA 32 97.70 18.19 -14.02
N TYR HA 33 97.46 18.00 -15.32
CA TYR HA 33 96.12 17.77 -15.82
C TYR HA 33 96.06 16.54 -16.72
N ALA HA 34 96.88 15.53 -16.43
CA ALA HA 34 96.85 14.27 -17.14
C ALA HA 34 97.37 13.19 -16.21
N ARG HA 35 96.94 11.95 -16.45
CA ARG HA 35 97.40 10.84 -15.63
C ARG HA 35 98.90 10.64 -15.73
N ASP HA 36 99.46 10.82 -16.93
CA ASP HA 36 100.87 10.55 -17.14
C ASP HA 36 101.78 11.59 -16.52
N GLU HA 37 101.24 12.73 -16.07
CA GLU HA 37 102.07 13.74 -15.42
C GLU HA 37 102.10 13.58 -13.90
N THR HA 38 101.33 12.66 -13.34
CA THR HA 38 101.26 12.48 -11.90
C THR HA 38 102.37 11.58 -11.36
N GLU HA 39 103.21 11.02 -12.23
CA GLU HA 39 104.24 10.09 -11.77
C GLU HA 39 105.25 10.78 -10.87
N PHE HA 40 105.62 12.02 -11.20
CA PHE HA 40 106.63 12.73 -10.42
C PHE HA 40 106.21 12.90 -8.97
N TYR HA 41 104.91 13.06 -8.72
CA TYR HA 41 104.41 13.41 -7.40
C TYR HA 41 104.07 12.20 -6.56
N LEU HA 42 104.24 10.98 -7.06
CA LEU HA 42 103.92 9.79 -6.28
C LEU HA 42 104.92 9.63 -5.15
N GLY HA 43 104.41 9.45 -3.94
CA GLY HA 43 105.23 9.33 -2.76
C GLY HA 43 105.68 10.64 -2.15
N LYS HA 44 105.35 11.77 -2.78
CA LYS HA 44 105.77 13.06 -2.26
C LYS HA 44 105.02 13.38 -0.96
N ARG HA 45 105.75 13.95 -0.01
CA ARG HA 45 105.12 14.39 1.24
C ARG HA 45 104.23 15.60 0.98
N CYS HA 46 103.06 15.60 1.61
CA CYS HA 46 102.13 16.71 1.50
C CYS HA 46 101.73 17.18 2.89
N ALA HA 47 101.40 18.46 3.00
CA ALA HA 47 101.16 19.09 4.29
C ALA HA 47 99.89 19.94 4.21
N TYR HA 48 99.08 19.85 5.25
CA TYR HA 48 97.95 20.76 5.44
C TYR HA 48 98.31 21.72 6.56
N VAL HA 49 98.69 22.93 6.20
CA VAL HA 49 99.13 23.95 7.15
C VAL HA 49 97.96 24.88 7.42
N TYR HA 50 97.62 25.05 8.70
CA TYR HA 50 96.51 25.88 9.12
C TYR HA 50 96.91 26.62 10.40
N LYS HA 51 96.00 27.46 10.88
CA LYS HA 51 96.24 28.27 12.07
C LYS HA 51 95.12 28.09 13.07
N ALA HA 52 95.50 28.05 14.35
CA ALA HA 52 94.53 27.96 15.44
C ALA HA 52 94.74 29.09 16.43
N LYS HA 53 94.05 29.03 17.57
CA LYS HA 53 94.08 30.10 18.56
C LYS HA 53 95.21 29.95 19.56
N ASN HA 54 95.45 28.75 20.07
CA ASN HA 54 96.49 28.53 21.05
C ASN HA 54 97.84 28.28 20.38
N ASN HA 55 98.90 28.63 21.08
CA ASN HA 55 100.25 28.39 20.58
C ASN HA 55 100.63 26.93 20.74
N THR HA 56 101.42 26.44 19.79
CA THR HA 56 101.98 25.10 19.84
C THR HA 56 103.45 25.17 19.48
N VAL HA 57 104.22 24.19 19.96
CA VAL HA 57 105.65 24.17 19.71
C VAL HA 57 105.92 23.99 18.22
N THR HA 58 106.97 24.67 17.75
CA THR HA 58 107.40 24.59 16.36
C THR HA 58 108.78 23.96 16.31
N PRO HA 59 108.99 22.90 15.53
CA PRO HA 59 110.33 22.35 15.37
C PRO HA 59 111.33 23.38 14.88
N GLY HA 60 112.38 23.60 15.65
CA GLY HA 60 113.37 24.61 15.31
C GLY HA 60 112.87 26.03 15.34
N GLY HA 61 112.08 26.37 16.36
CA GLY HA 61 111.56 27.73 16.45
C GLY HA 61 110.74 27.92 17.70
N LYS HA 62 110.23 29.14 17.85
CA LYS HA 62 109.40 29.52 18.98
C LYS HA 62 107.95 29.09 18.74
N PRO HA 63 107.17 28.93 19.82
CA PRO HA 63 105.76 28.59 19.65
C PRO HA 63 105.01 29.65 18.88
N ASN HA 64 104.08 29.21 18.03
CA ASN HA 64 103.27 30.09 17.20
C ASN HA 64 101.92 29.42 16.99
N LYS HA 65 101.16 29.94 16.03
CA LYS HA 65 99.78 29.50 15.83
C LYS HA 65 99.64 28.52 14.66
N THR HA 66 100.74 28.00 14.13
CA THR HA 66 100.68 27.16 12.94
C THR HA 66 100.67 25.68 13.31
N ARG HA 67 99.69 24.97 12.77
CA ARG HA 67 99.54 23.53 12.98
C ARG HA 67 99.51 22.85 11.63
N VAL HA 68 100.01 21.61 11.58
CA VAL HA 68 100.19 20.88 10.33
C VAL HA 68 99.66 19.46 10.49
N ILE HA 69 98.94 19.00 9.47
CA ILE HA 69 98.61 17.59 9.31
C ILE HA 69 99.45 17.06 8.15
N TRP HA 70 100.26 16.05 8.42
CA TRP HA 70 101.16 15.50 7.42
C TRP HA 70 100.51 14.35 6.66
N GLY HA 71 101.00 14.12 5.45
CA GLY HA 71 100.53 13.03 4.63
C GLY HA 71 101.47 12.78 3.49
N LYS HA 72 101.10 11.84 2.62
CA LYS HA 72 101.87 11.54 1.43
C LYS HA 72 100.93 11.25 0.27
N VAL HA 73 101.41 11.51 -0.94
CA VAL HA 73 100.67 11.17 -2.15
C VAL HA 73 100.80 9.68 -2.38
N THR HA 74 99.67 8.99 -2.49
CA THR HA 74 99.69 7.53 -2.60
C THR HA 74 99.68 7.05 -4.05
N ARG HA 75 98.72 7.52 -4.84
CA ARG HA 75 98.62 7.07 -6.22
C ARG HA 75 97.81 8.06 -7.01
N ALA HA 76 97.76 7.85 -8.33
CA ALA HA 76 96.96 8.70 -9.20
C ALA HA 76 95.48 8.41 -9.02
N HIS HA 77 94.66 9.37 -9.44
CA HIS HA 77 93.21 9.25 -9.40
C HIS HA 77 92.64 9.76 -10.71
N GLY HA 78 91.77 8.95 -11.32
CA GLY HA 78 91.24 9.34 -12.61
C GLY HA 78 92.33 9.34 -13.67
N ASN HA 79 92.02 9.95 -14.79
CA ASN HA 79 93.01 10.16 -15.84
C ASN HA 79 93.09 11.62 -16.24
N SER HA 80 93.01 12.52 -15.24
CA SER HA 80 92.99 13.95 -15.48
C SER HA 80 93.97 14.68 -14.57
N GLY HA 81 94.94 13.97 -14.00
CA GLY HA 81 95.97 14.57 -13.20
C GLY HA 81 95.69 14.63 -11.72
N MET HA 82 94.49 14.26 -11.30
CA MET HA 82 94.18 14.22 -9.88
C MET HA 82 94.93 13.07 -9.22
N VAL HA 83 95.28 13.27 -7.95
CA VAL HA 83 95.96 12.25 -7.16
C VAL HA 83 95.17 12.04 -5.88
N ARG HA 84 95.44 10.94 -5.21
CA ARG HA 84 94.90 10.71 -3.88
C ARG HA 84 96.04 10.60 -2.88
N ALA HA 85 95.77 11.07 -1.67
CA ALA HA 85 96.77 11.17 -0.61
C ALA HA 85 96.20 10.67 0.70
N LYS HA 86 97.08 10.13 1.54
CA LYS HA 86 96.71 9.63 2.85
C LYS HA 86 97.41 10.48 3.90
N PHE HA 87 96.64 11.10 4.78
CA PHE HA 87 97.16 11.96 5.83
C PHE HA 87 97.09 11.21 7.16
N ARG HA 88 98.01 11.57 8.06
CA ARG HA 88 98.11 10.86 9.34
C ARG HA 88 96.81 10.96 10.13
N SER HA 89 96.19 12.11 10.14
CA SER HA 89 94.82 12.26 10.62
C SER HA 89 93.96 12.66 9.44
N ASN HA 90 92.74 12.11 9.40
CA ASN HA 90 91.83 12.45 8.33
C ASN HA 90 91.60 13.96 8.30
N LEU HA 91 91.60 14.52 7.09
CA LEU HA 91 91.50 15.97 6.95
C LEU HA 91 90.14 16.47 7.42
N PRO HA 92 90.09 17.67 7.99
CA PRO HA 92 88.79 18.27 8.30
C PRO HA 92 88.07 18.71 7.03
N ALA HA 93 86.74 18.66 7.09
CA ALA HA 93 85.93 19.01 5.92
C ALA HA 93 86.00 20.49 5.59
N LYS HA 94 86.37 21.33 6.56
CA LYS HA 94 86.49 22.77 6.29
C LYS HA 94 87.64 23.08 5.33
N ALA HA 95 88.52 22.13 5.08
CA ALA HA 95 89.68 22.33 4.23
C ALA HA 95 89.40 22.08 2.76
N ILE HA 96 88.15 21.73 2.40
CA ILE HA 96 87.83 21.45 1.00
C ILE HA 96 87.83 22.75 0.22
N GLY HA 97 88.58 22.78 -0.87
CA GLY HA 97 88.77 23.98 -1.64
C GLY HA 97 89.93 24.85 -1.19
N HIS HA 98 90.72 24.39 -0.23
CA HIS HA 98 91.82 25.15 0.33
C HIS HA 98 93.15 24.52 -0.06
N ARG HA 99 94.23 25.20 0.30
CA ARG HA 99 95.56 24.88 -0.19
C ARG HA 99 96.18 23.75 0.61
N ILE HA 100 96.78 22.80 -0.12
CA ILE HA 100 97.59 21.75 0.45
C ILE HA 100 98.94 21.77 -0.26
N ARG HA 101 100.02 21.75 0.51
CA ARG HA 101 101.36 21.83 -0.04
C ARG HA 101 101.88 20.44 -0.38
N VAL HA 102 102.61 20.34 -1.50
CA VAL HA 102 103.34 19.14 -1.87
C VAL HA 102 104.82 19.49 -1.87
N MET HA 103 105.57 18.91 -0.95
CA MET HA 103 106.81 19.50 -0.46
C MET HA 103 108.07 19.10 -1.24
N LEU HA 104 107.95 18.22 -2.23
CA LEU HA 104 109.08 17.72 -3.01
C LEU HA 104 110.09 16.94 -2.19
N TYR HA 105 109.84 16.72 -0.89
CA TYR HA 105 110.89 16.22 -0.01
C TYR HA 105 111.45 14.87 -0.47
N PRO HA 106 110.68 13.77 -0.46
CA PRO HA 106 111.35 12.50 -0.84
C PRO HA 106 111.59 12.47 -2.34
N SER HA 107 112.85 12.67 -2.71
CA SER HA 107 113.21 12.96 -4.09
C SER HA 107 113.75 11.73 -4.79
N ARG HA 108 113.30 11.53 -6.03
CA ARG HA 108 113.78 10.45 -6.88
C ARG HA 108 114.48 10.94 -8.14
N ILE HA 109 114.43 12.24 -8.42
CA ILE HA 109 115.06 12.79 -9.60
C ILE HA 109 116.40 13.44 -9.23
N VAL IA 1 0.21 53.41 52.70
CA VAL IA 1 -0.77 52.54 53.32
C VAL IA 1 -0.06 51.40 54.04
N GLN IA 2 -0.36 51.23 55.32
CA GLN IA 2 0.27 50.19 56.11
C GLN IA 2 -0.19 48.82 55.66
N ARG IA 3 0.74 47.89 55.52
CA ARG IA 3 0.44 46.52 55.13
C ARG IA 3 0.63 45.58 56.31
N LEU IA 4 -0.11 44.47 56.27
CA LEU IA 4 -0.29 43.60 57.43
C LEU IA 4 0.49 42.32 57.27
N THR IA 5 0.73 41.68 58.41
CA THR IA 5 1.36 40.37 58.48
C THR IA 5 0.56 39.48 59.41
N TYR IA 6 0.66 38.18 59.20
CA TYR IA 6 0.05 37.22 60.11
C TYR IA 6 0.72 37.27 61.48
N ARG IA 7 -0.08 37.13 62.52
CA ARG IA 7 0.42 37.08 63.89
C ARG IA 7 0.78 35.66 64.33
N ARG IA 8 0.54 34.66 63.50
CA ARG IA 8 0.80 33.27 63.85
C ARG IA 8 1.57 32.59 62.74
N ARG IA 9 2.01 31.36 63.02
CA ARG IA 9 2.87 30.64 62.08
C ARG IA 9 2.11 29.98 60.94
N LEU IA 10 0.78 30.04 60.95
CA LEU IA 10 -0.01 29.54 59.83
C LEU IA 10 -0.06 30.60 58.75
N SER IA 11 0.51 30.30 57.60
CA SER IA 11 0.65 31.26 56.51
C SER IA 11 -0.38 31.06 55.41
N TYR IA 12 -1.36 30.19 55.63
CA TYR IA 12 -2.32 29.82 54.59
C TYR IA 12 -3.71 30.31 54.96
N ASN IA 13 -4.48 30.72 53.95
CA ASN IA 13 -5.83 31.23 54.13
C ASN IA 13 -6.81 30.08 54.33
N THR IA 14 -6.67 29.41 55.47
CA THR IA 14 -7.52 28.27 55.80
C THR IA 14 -8.77 28.74 56.53
N ALA IA 15 -9.64 27.78 56.87
CA ALA IA 15 -10.86 28.10 57.58
C ALA IA 15 -10.61 28.49 59.04
N SER IA 16 -9.44 28.15 59.58
CA SER IA 16 -9.07 28.52 60.93
C SER IA 16 -8.01 29.61 60.97
N ASN IA 17 -7.82 30.34 59.86
CA ASN IA 17 -6.87 31.44 59.80
C ASN IA 17 -7.56 32.74 59.40
N LYS IA 18 -8.87 32.81 59.61
CA LYS IA 18 -9.63 33.99 59.23
C LYS IA 18 -9.39 35.13 60.22
N THR IA 19 -9.28 36.34 59.68
CA THR IA 19 -8.88 37.51 60.44
C THR IA 19 -9.76 38.69 60.08
N ARG IA 20 -9.71 39.72 60.93
CA ARG IA 20 -10.35 40.99 60.67
C ARG IA 20 -9.38 42.10 61.06
N LEU IA 21 -9.71 43.32 60.65
CA LEU IA 21 -8.85 44.47 60.89
C LEU IA 21 -9.33 45.24 62.11
N SER IA 22 -8.40 45.56 63.01
CA SER IA 22 -8.71 46.34 64.20
C SER IA 22 -7.68 47.44 64.35
N ARG IA 23 -8.14 48.62 64.76
CA ARG IA 23 -7.27 49.76 64.99
C ARG IA 23 -6.99 49.87 66.49
N THR IA 24 -5.71 49.85 66.84
CA THR IA 24 -5.27 49.80 68.23
C THR IA 24 -5.19 51.20 68.82
N PRO IA 25 -5.14 51.30 70.16
CA PRO IA 25 -4.85 52.60 70.79
C PRO IA 25 -3.49 53.17 70.42
N GLY IA 26 -2.58 52.35 69.90
CA GLY IA 26 -1.33 52.84 69.35
C GLY IA 26 -1.44 53.34 67.93
N ASN IA 27 -2.66 53.48 67.42
CA ASN IA 27 -2.92 53.96 66.06
C ASN IA 27 -2.25 53.06 65.01
N ARG IA 28 -2.29 51.75 65.25
CA ARG IA 28 -1.80 50.77 64.30
C ARG IA 28 -2.94 49.84 63.92
N ILE IA 29 -2.88 49.32 62.70
CA ILE IA 29 -3.85 48.35 62.22
C ILE IA 29 -3.24 46.97 62.35
N VAL IA 30 -3.93 46.08 63.04
CA VAL IA 30 -3.45 44.72 63.29
C VAL IA 30 -4.55 43.73 62.92
N TYR IA 31 -4.14 42.48 62.75
CA TYR IA 31 -5.07 41.39 62.52
C TYR IA 31 -5.61 40.87 63.85
N LEU IA 32 -6.91 40.60 63.89
CA LEU IA 32 -7.53 39.88 64.98
C LEU IA 32 -8.17 38.62 64.44
N TYR IA 33 -7.83 37.48 65.03
CA TYR IA 33 -8.32 36.20 64.55
C TYR IA 33 -9.73 35.96 65.06
N THR IA 34 -10.64 35.65 64.16
CA THR IA 34 -12.07 35.59 64.46
C THR IA 34 -12.53 34.15 64.69
N LYS IA 35 -13.51 34.01 65.57
CA LYS IA 35 -14.15 32.73 65.80
C LYS IA 35 -15.05 32.37 64.62
N LYS IA 36 -15.25 31.08 64.43
CA LYS IA 36 -16.17 30.62 63.41
C LYS IA 36 -17.60 31.00 63.78
N VAL IA 37 -18.43 31.22 62.75
CA VAL IA 37 -19.82 31.58 62.98
C VAL IA 37 -20.59 30.34 63.42
N GLY IA 38 -21.28 30.46 64.55
CA GLY IA 38 -22.13 29.39 65.01
C GLY IA 38 -23.47 29.34 64.31
N LYS IA 39 -24.15 28.22 64.45
CA LYS IA 39 -25.47 28.01 63.91
C LYS IA 39 -26.43 27.57 65.00
N ALA IA 40 -27.64 28.10 64.96
CA ALA IA 40 -28.68 27.72 65.89
C ALA IA 40 -29.16 26.29 65.58
N PRO IA 41 -29.76 25.61 66.55
CA PRO IA 41 -30.22 24.24 66.30
C PRO IA 41 -31.27 24.16 65.21
N LYS IA 42 -31.20 23.09 64.42
CA LYS IA 42 -32.20 22.73 63.45
C LYS IA 42 -33.23 21.81 64.10
N SER IA 43 -34.49 21.98 63.71
CA SER IA 43 -35.57 21.26 64.37
C SER IA 43 -35.48 19.77 64.14
N ALA IA 44 -35.87 18.99 65.14
CA ALA IA 44 -35.86 17.53 65.08
C ALA IA 44 -36.93 16.97 64.15
N CYS IA 45 -37.86 17.79 63.69
CA CYS IA 45 -38.93 17.30 62.83
C CYS IA 45 -38.39 16.82 61.49
N GLY IA 46 -37.41 17.51 60.94
CA GLY IA 46 -36.84 17.15 59.67
C GLY IA 46 -37.49 17.76 58.45
N VAL IA 47 -38.55 18.56 58.65
CA VAL IA 47 -39.23 19.20 57.52
C VAL IA 47 -39.09 20.71 57.53
N CYS IA 48 -38.73 21.34 58.65
CA CYS IA 48 -38.63 22.79 58.69
C CYS IA 48 -37.25 23.22 58.24
N PRO IA 49 -37.12 24.06 57.21
CA PRO IA 49 -35.79 24.45 56.74
C PRO IA 49 -35.08 25.44 57.66
N GLY IA 50 -35.82 26.28 58.38
CA GLY IA 50 -35.20 27.30 59.18
C GLY IA 50 -34.70 26.80 60.51
N ARG IA 51 -33.88 27.62 61.15
CA ARG IA 51 -33.32 27.30 62.45
C ARG IA 51 -34.33 27.57 63.55
N LEU IA 52 -34.00 27.11 64.76
CA LEU IA 52 -34.84 27.31 65.92
C LEU IA 52 -34.66 28.73 66.45
N ARG IA 53 -35.68 29.21 67.14
CA ARG IA 53 -35.68 30.55 67.71
C ARG IA 53 -35.40 30.49 69.21
N GLY IA 54 -34.79 31.55 69.71
CA GLY IA 54 -34.54 31.70 71.13
C GLY IA 54 -33.28 31.02 71.64
N VAL IA 55 -32.46 30.46 70.77
CA VAL IA 55 -31.25 29.75 71.16
C VAL IA 55 -30.07 30.47 70.52
N ARG IA 56 -29.00 30.67 71.28
CA ARG IA 56 -27.83 31.36 70.77
C ARG IA 56 -27.11 30.53 69.72
N ALA IA 57 -26.67 31.21 68.67
CA ALA IA 57 -25.93 30.58 67.57
C ALA IA 57 -24.44 30.70 67.90
N VAL IA 58 -23.92 29.72 68.62
CA VAL IA 58 -22.54 29.69 69.06
C VAL IA 58 -21.93 28.36 68.68
N ARG IA 59 -20.61 28.29 68.75
CA ARG IA 59 -19.91 27.04 68.51
C ARG IA 59 -20.21 26.04 69.62
N PRO IA 60 -20.22 24.74 69.31
CA PRO IA 60 -20.71 23.76 70.29
C PRO IA 60 -19.96 23.73 71.60
N LYS IA 61 -18.64 23.94 71.60
CA LYS IA 61 -17.93 23.80 72.87
C LYS IA 61 -18.14 24.98 73.79
N VAL IA 62 -18.52 26.14 73.24
CA VAL IA 62 -18.84 27.29 74.09
C VAL IA 62 -20.21 27.12 74.73
N LEU IA 63 -21.03 26.21 74.19
CA LEU IA 63 -22.40 26.00 74.63
C LEU IA 63 -22.49 25.54 76.07
N MET IA 64 -21.42 24.97 76.62
CA MET IA 64 -21.46 24.43 77.96
C MET IA 64 -21.16 25.47 79.03
N ARG IA 65 -20.74 26.67 78.66
CA ARG IA 65 -20.53 27.74 79.62
C ARG IA 65 -21.64 28.79 79.59
N LEU IA 66 -22.74 28.52 78.89
CA LEU IA 66 -23.93 29.35 78.92
C LEU IA 66 -24.93 28.78 79.92
N SER IA 67 -25.85 29.64 80.35
CA SER IA 67 -26.93 29.18 81.21
C SER IA 67 -27.96 28.41 80.39
N LYS IA 68 -28.81 27.67 81.10
CA LYS IA 68 -29.78 26.81 80.42
C LYS IA 68 -30.82 27.63 79.67
N THR IA 69 -31.18 28.80 80.19
CA THR IA 69 -32.20 29.62 79.54
C THR IA 69 -31.74 30.11 78.17
N GLN IA 70 -30.44 30.27 77.97
CA GLN IA 70 -29.92 30.68 76.67
C GLN IA 70 -29.89 29.53 75.67
N LYS IA 71 -30.17 28.30 76.12
CA LYS IA 71 -30.06 27.12 75.29
C LYS IA 71 -31.40 26.44 75.02
N HIS IA 72 -32.50 27.00 75.51
CA HIS IA 72 -33.79 26.36 75.33
C HIS IA 72 -34.90 27.40 75.32
N VAL IA 73 -36.09 26.95 74.95
CA VAL IA 73 -37.31 27.75 74.97
C VAL IA 73 -38.28 27.07 75.93
N SER IA 74 -39.01 27.88 76.71
CA SER IA 74 -39.89 27.35 77.75
C SER IA 74 -41.13 26.71 77.15
N ARG IA 75 -41.01 25.44 76.77
CA ARG IA 75 -42.06 24.69 76.09
C ARG IA 75 -41.61 23.25 75.99
N ALA IA 76 -42.57 22.34 75.86
CA ALA IA 76 -42.25 20.96 75.57
C ALA IA 76 -41.50 20.87 74.25
N TYR IA 77 -40.42 20.09 74.24
CA TYR IA 77 -39.50 20.03 73.11
C TYR IA 77 -38.95 21.42 72.80
N GLY IA 78 -38.55 22.14 73.84
CA GLY IA 78 -38.21 23.54 73.74
C GLY IA 78 -37.09 23.88 72.78
N GLY IA 79 -35.88 23.47 73.09
CA GLY IA 79 -34.73 23.81 72.27
C GLY IA 79 -34.38 22.77 71.24
N SER IA 80 -35.27 21.81 71.02
CA SER IA 80 -35.04 20.75 70.05
C SER IA 80 -36.08 20.67 68.94
N MET IA 81 -37.29 21.14 69.16
CA MET IA 81 -38.33 21.11 68.14
C MET IA 81 -38.97 22.49 68.02
N CYS IA 82 -39.43 22.79 66.80
CA CYS IA 82 -40.12 24.04 66.55
C CYS IA 82 -41.52 24.01 67.15
N ALA IA 83 -42.10 25.20 67.30
CA ALA IA 83 -43.46 25.29 67.83
C ALA IA 83 -44.49 24.69 66.88
N LYS IA 84 -44.29 24.88 65.57
CA LYS IA 84 -45.29 24.46 64.60
C LYS IA 84 -45.44 22.94 64.59
N CYS IA 85 -44.33 22.21 64.65
CA CYS IA 85 -44.40 20.75 64.63
C CYS IA 85 -44.73 20.19 66.00
N VAL IA 86 -44.44 20.91 67.07
CA VAL IA 86 -44.90 20.49 68.39
C VAL IA 86 -46.43 20.56 68.46
N ARG IA 87 -47.00 21.62 67.86
CA ARG IA 87 -48.44 21.73 67.77
C ARG IA 87 -49.04 20.60 66.95
N ASP IA 88 -48.38 20.23 65.86
CA ASP IA 88 -48.92 19.21 64.97
C ASP IA 88 -48.89 17.83 65.64
N ARG IA 89 -47.88 17.57 66.47
CA ARG IA 89 -47.80 16.26 67.12
C ARG IA 89 -48.77 16.15 68.28
N ILE IA 90 -49.09 17.28 68.93
CA ILE IA 90 -50.13 17.27 69.95
C ILE IA 90 -51.47 16.88 69.33
N LYS IA 91 -51.78 17.48 68.19
CA LYS IA 91 -53.02 17.17 67.50
C LYS IA 91 -52.99 15.80 66.85
N ARG IA 92 -51.83 15.38 66.35
CA ARG IA 92 -51.71 14.08 65.72
C ARG IA 92 -51.82 12.97 66.75
N ALA IA 93 -51.23 13.17 67.92
CA ALA IA 93 -51.36 12.19 68.99
C ALA IA 93 -52.80 12.09 69.48
N PHE IA 94 -53.46 13.23 69.66
CA PHE IA 94 -54.81 13.23 70.20
C PHE IA 94 -55.80 12.61 69.20
N LEU IA 95 -55.69 12.99 67.93
CA LEU IA 95 -56.68 12.56 66.95
C LEU IA 95 -56.53 11.07 66.61
N ILE IA 96 -55.30 10.54 66.62
CA ILE IA 96 -55.13 9.13 66.35
C ILE IA 96 -55.65 8.29 67.51
N GLU IA 97 -55.39 8.74 68.76
CA GLU IA 97 -55.94 8.06 69.92
C GLU IA 97 -57.47 8.10 69.91
N GLU IA 98 -58.05 9.20 69.46
CA GLU IA 98 -59.50 9.27 69.35
C GLU IA 98 -60.03 8.26 68.34
N GLN IA 99 -59.33 8.10 67.22
CA GLN IA 99 -59.77 7.15 66.20
C GLN IA 99 -59.65 5.72 66.71
N LYS IA 100 -58.65 5.45 67.55
CA LYS IA 100 -58.46 4.10 68.08
C LYS IA 100 -59.60 3.71 69.01
N ILE IA 101 -60.05 4.63 69.86
CA ILE IA 101 -61.18 4.36 70.73
C ILE IA 101 -62.44 4.12 69.90
N VAL IA 102 -62.63 4.92 68.85
CA VAL IA 102 -63.79 4.76 67.98
C VAL IA 102 -63.75 3.39 67.28
N VAL IA 103 -62.58 3.01 66.78
CA VAL IA 103 -62.46 1.72 66.09
C VAL IA 103 -62.71 0.57 67.05
N LYS IA 104 -62.16 0.65 68.27
CA LYS IA 104 -62.36 -0.41 69.24
C LYS IA 104 -63.83 -0.52 69.65
N VAL IA 105 -64.50 0.61 69.83
CA VAL IA 105 -65.93 0.58 70.17
C VAL IA 105 -66.75 0.03 69.02
N LEU IA 106 -66.40 0.42 67.78
CA LEU IA 106 -67.14 -0.06 66.62
C LEU IA 106 -66.98 -1.56 66.44
N LYS IA 107 -65.77 -2.08 66.67
CA LYS IA 107 -65.55 -3.52 66.52
C LYS IA 107 -66.13 -4.29 67.69
N ALA IA 108 -66.19 -3.68 68.88
CA ALA IA 108 -66.82 -4.33 70.02
C ALA IA 108 -68.34 -4.38 69.86
N GLN IA 109 -68.93 -3.29 69.40
CA GLN IA 109 -70.37 -3.27 69.17
C GLN IA 109 -70.75 -4.20 68.03
N ALA IA 110 -69.97 -4.22 66.96
CA ALA IA 110 -70.25 -5.13 65.85
C ALA IA 110 -70.13 -6.59 66.29
N GLN IA 111 -69.13 -6.90 67.10
CA GLN IA 111 -68.97 -8.27 67.60
C GLN IA 111 -70.14 -8.67 68.49
N SER IA 112 -70.58 -7.76 69.36
CA SER IA 112 -71.70 -8.06 70.24
C SER IA 112 -72.99 -8.27 69.46
N GLN IA 113 -73.23 -7.45 68.44
CA GLN IA 113 -74.46 -7.56 67.65
C GLN IA 113 -74.41 -8.69 66.64
N LYS IA 114 -73.24 -9.24 66.36
CA LYS IA 114 -73.11 -10.34 65.42
C LYS IA 114 -72.63 -11.61 66.12
N ILE JA 1 39.22 12.97 102.42
CA ILE JA 1 38.50 12.02 103.26
C ILE JA 1 38.80 10.60 102.80
N LYS JA 2 38.71 9.64 103.72
CA LYS JA 2 39.09 8.27 103.44
C LYS JA 2 37.90 7.34 103.65
N ALA JA 3 37.77 6.36 102.77
CA ALA JA 3 36.66 5.42 102.85
C ALA JA 3 36.73 4.59 104.12
N ARG JA 4 37.94 4.21 104.54
CA ARG JA 4 38.07 3.37 105.73
C ARG JA 4 37.62 4.10 106.99
N ASP JA 5 37.78 5.42 107.04
CA ASP JA 5 37.31 6.18 108.19
C ASP JA 5 35.80 6.38 108.17
N LEU JA 6 35.16 6.16 107.03
CA LEU JA 6 33.72 6.35 106.92
C LEU JA 6 32.94 5.11 107.35
N ARG JA 7 33.63 3.96 107.48
CA ARG JA 7 32.92 2.71 107.74
C ARG JA 7 32.46 2.60 109.19
N GLY JA 8 33.17 3.23 110.11
CA GLY JA 8 32.76 3.22 111.50
C GLY JA 8 31.85 4.38 111.82
N LYS JA 9 30.80 4.56 111.02
CA LYS JA 9 29.91 5.70 111.15
C LYS JA 9 28.48 5.24 110.92
N LYS JA 10 27.54 6.07 111.36
CA LYS JA 10 26.11 5.81 111.22
C LYS JA 10 25.60 6.42 109.93
N LYS JA 11 24.39 6.00 109.54
CA LYS JA 11 23.82 6.46 108.28
C LYS JA 11 23.52 7.96 108.32
N GLU JA 12 23.11 8.47 109.49
CA GLU JA 12 22.74 9.87 109.58
C GLU JA 12 23.95 10.79 109.37
N GLU JA 13 25.09 10.45 109.96
CA GLU JA 13 26.26 11.30 109.79
C GLU JA 13 26.89 11.14 108.42
N LEU JA 14 26.71 9.98 107.78
CA LEU JA 14 27.13 9.83 106.40
C LEU JA 14 26.26 10.69 105.47
N LEU JA 15 24.97 10.79 105.78
CA LEU JA 15 24.10 11.66 104.99
C LEU JA 15 24.42 13.13 105.24
N LYS JA 16 24.79 13.47 106.47
CA LYS JA 16 25.19 14.85 106.76
C LYS JA 16 26.45 15.22 106.02
N GLN JA 17 27.44 14.33 105.99
CA GLN JA 17 28.67 14.60 105.26
C GLN JA 17 28.43 14.72 103.76
N LEU JA 18 27.55 13.88 103.22
CA LEU JA 18 27.22 13.96 101.81
C LEU JA 18 26.55 15.29 101.48
N ASP JA 19 25.71 15.79 102.38
CA ASP JA 19 25.03 17.06 102.15
C ASP JA 19 26.01 18.23 102.13
N ASP JA 20 26.99 18.23 103.03
CA ASP JA 20 27.96 19.31 103.05
C ASP JA 20 28.85 19.30 101.81
N LEU JA 21 29.13 18.12 101.27
CA LEU JA 21 29.95 18.03 100.07
C LEU JA 21 29.20 18.55 98.85
N LYS JA 22 27.90 18.26 98.76
CA LYS JA 22 27.11 18.78 97.65
C LYS JA 22 26.94 20.29 97.73
N VAL JA 23 26.75 20.81 98.94
CA VAL JA 23 26.66 22.26 99.12
C VAL JA 23 27.96 22.93 98.69
N GLU JA 24 29.10 22.35 99.10
CA GLU JA 24 30.39 22.90 98.71
C GLU JA 24 30.61 22.81 97.21
N LEU JA 25 30.20 21.70 96.60
CA LEU JA 25 30.37 21.55 95.16
C LEU JA 25 29.51 22.53 94.39
N SER JA 26 28.33 22.84 94.92
CA SER JA 26 27.48 23.86 94.29
C SER JA 26 28.13 25.23 94.38
N GLN JA 27 28.82 25.51 95.49
CA GLN JA 27 29.50 26.79 95.64
C GLN JA 27 30.67 26.91 94.68
N LEU JA 28 31.40 25.82 94.46
CA LEU JA 28 32.55 25.87 93.57
C LEU JA 28 32.13 26.05 92.12
N ARG JA 29 31.00 25.46 91.72
CA ARG JA 29 30.52 25.64 90.36
C ARG JA 29 30.06 27.07 90.13
N VAL JA 30 29.61 27.76 91.19
CA VAL JA 30 29.35 29.18 91.10
C VAL JA 30 30.64 29.95 90.85
N ALA JA 31 31.70 29.59 91.57
CA ALA JA 31 32.99 30.25 91.36
C ALA JA 31 33.52 30.01 89.96
N LYS JA 32 33.19 28.86 89.37
CA LYS JA 32 33.67 28.55 88.03
C LYS JA 32 33.07 29.49 87.00
N VAL JA 33 31.80 29.86 87.15
CA VAL JA 33 31.16 30.72 86.16
C VAL JA 33 31.38 32.20 86.44
N THR JA 34 31.95 32.56 87.59
CA THR JA 34 32.18 33.96 87.95
C THR JA 34 33.66 34.31 88.01
N GLY JA 35 34.50 33.60 87.26
CA GLY JA 35 35.92 33.92 87.20
C GLY JA 35 36.64 33.76 88.52
N GLY JA 36 36.42 32.63 89.21
CA GLY JA 36 37.05 32.38 90.48
C GLY JA 36 38.51 31.97 90.34
N ALA JA 37 39.14 31.77 91.49
CA ALA JA 37 40.56 31.46 91.54
C ALA JA 37 40.82 30.06 90.99
N ALA JA 38 42.06 29.86 90.52
CA ALA JA 38 42.46 28.54 90.03
C ALA JA 38 42.47 27.52 91.16
N SER JA 39 42.70 27.96 92.40
CA SER JA 39 42.67 27.03 93.52
C SER JA 39 41.27 26.49 93.77
N LYS JA 40 40.24 27.28 93.48
CA LYS JA 40 38.87 26.81 93.67
C LYS JA 40 38.44 25.85 92.56
N LEU JA 41 38.88 26.11 91.32
CA LEU JA 41 38.53 25.22 90.22
C LEU JA 41 39.14 23.83 90.42
N SER JA 42 40.37 23.76 90.92
CA SER JA 42 41.02 22.47 91.14
C SER JA 42 40.35 21.68 92.26
N LYS JA 43 39.60 22.33 93.13
CA LYS JA 43 38.90 21.63 94.20
C LYS JA 43 37.62 20.95 93.73
N ILE JA 44 37.15 21.25 92.52
CA ILE JA 44 35.94 20.60 92.01
C ILE JA 44 36.18 19.11 91.83
N ARG JA 45 37.34 18.74 91.31
CA ARG JA 45 37.68 17.32 91.16
C ARG JA 45 37.76 16.64 92.50
N VAL JA 46 38.31 17.33 93.51
CA VAL JA 46 38.48 16.73 94.83
C VAL JA 46 37.12 16.49 95.50
N VAL JA 47 36.24 17.50 95.47
CA VAL JA 47 34.95 17.36 96.13
C VAL JA 47 34.08 16.34 95.41
N ARG JA 48 34.16 16.29 94.08
CA ARG JA 48 33.41 15.30 93.32
C ARG JA 48 33.79 13.89 93.72
N LYS JA 49 35.08 13.65 93.96
CA LYS JA 49 35.54 12.30 94.28
C LYS JA 49 35.23 11.93 95.73
N SER JA 50 35.03 12.91 96.61
CA SER JA 50 34.58 12.61 97.96
C SER JA 50 33.12 12.20 97.98
N ILE JA 51 32.28 12.85 97.16
CA ILE JA 51 30.87 12.46 97.06
C ILE JA 51 30.77 11.03 96.58
N ALA JA 52 31.59 10.66 95.58
CA ALA JA 52 31.62 9.28 95.12
C ALA JA 52 32.06 8.35 96.24
N ARG JA 53 33.03 8.77 97.04
CA ARG JA 53 33.54 7.93 98.12
C ARG JA 53 32.49 7.69 99.18
N VAL JA 54 31.74 8.74 99.56
CA VAL JA 54 30.72 8.60 100.59
C VAL JA 54 29.55 7.76 100.07
N LEU JA 55 29.08 8.03 98.86
CA LEU JA 55 27.98 7.28 98.29
C LEU JA 55 28.35 5.81 98.11
N THR JA 56 29.64 5.54 97.87
CA THR JA 56 30.09 4.15 97.77
C THR JA 56 29.93 3.44 99.11
N VAL JA 57 30.23 4.12 100.21
CA VAL JA 57 30.16 3.50 101.52
C VAL JA 57 28.70 3.24 101.92
N ILE JA 58 27.82 4.20 101.64
CA ILE JA 58 26.41 4.03 101.96
C ILE JA 58 25.82 2.87 101.17
N ASN JA 59 26.10 2.84 99.86
CA ASN JA 59 25.54 1.79 99.01
C ASN JA 59 26.12 0.43 99.37
N GLN JA 60 27.41 0.36 99.69
CA GLN JA 60 28.01 -0.91 100.05
C GLN JA 60 27.47 -1.43 101.38
N THR JA 61 27.30 -0.55 102.36
CA THR JA 61 26.73 -0.96 103.64
C THR JA 61 25.29 -1.42 103.47
N GLN JA 62 24.51 -0.71 102.65
CA GLN JA 62 23.12 -1.08 102.44
C GLN JA 62 23.01 -2.43 101.74
N LYS JA 63 23.86 -2.67 100.74
CA LYS JA 63 23.82 -3.95 100.03
C LYS JA 63 24.27 -5.08 100.94
N GLU JA 64 25.30 -4.85 101.77
CA GLU JA 64 25.77 -5.87 102.68
C GLU JA 64 24.69 -6.25 103.69
N ASN JA 65 23.96 -5.26 104.20
CA ASN JA 65 22.88 -5.54 105.14
C ASN JA 65 21.77 -6.34 104.47
N LEU JA 66 21.46 -6.03 103.22
CA LEU JA 66 20.44 -6.79 102.50
C LEU JA 66 20.87 -8.23 102.28
N ARG JA 67 22.15 -8.45 101.99
CA ARG JA 67 22.63 -9.81 101.79
C ARG JA 67 22.54 -10.61 103.08
N LYS JA 68 22.81 -9.97 104.22
CA LYS JA 68 22.70 -10.65 105.50
C LYS JA 68 21.24 -10.95 105.84
N PHE JA 69 20.33 -10.04 105.51
CA PHE JA 69 18.92 -10.24 105.80
C PHE JA 69 18.34 -11.39 105.01
N TYR JA 70 18.74 -11.53 103.75
CA TYR JA 70 18.21 -12.56 102.86
C TYR JA 70 19.01 -13.86 102.93
N LYS JA 71 20.05 -13.92 103.75
CA LYS JA 71 20.81 -15.15 103.89
C LYS JA 71 19.94 -16.25 104.48
N GLY JA 72 19.92 -17.41 103.83
CA GLY JA 72 19.13 -18.54 104.27
C GLY JA 72 17.71 -18.54 103.75
N LYS JA 73 17.23 -17.43 103.21
CA LYS JA 73 15.90 -17.38 102.64
C LYS JA 73 15.84 -18.18 101.35
N LYS JA 74 14.70 -18.82 101.10
CA LYS JA 74 14.57 -19.63 99.90
C LYS JA 74 14.54 -18.76 98.65
N TYR JA 75 14.00 -17.55 98.75
CA TYR JA 75 13.89 -16.64 97.64
C TYR JA 75 14.61 -15.34 97.97
N LYS JA 76 15.53 -14.93 97.10
CA LYS JA 76 16.30 -13.72 97.23
C LYS JA 76 15.99 -12.82 96.05
N PRO JA 77 16.20 -11.50 96.19
CA PRO JA 77 16.08 -10.63 95.03
C PRO JA 77 17.10 -10.98 93.96
N LEU JA 78 16.73 -10.70 92.71
CA LEU JA 78 17.63 -11.02 91.59
C LEU JA 78 18.93 -10.23 91.67
N ASP JA 79 18.92 -9.09 92.36
CA ASP JA 79 20.14 -8.34 92.57
C ASP JA 79 21.12 -9.10 93.45
N LEU JA 80 20.62 -9.95 94.33
CA LEU JA 80 21.45 -10.62 95.31
C LEU JA 80 21.88 -12.02 94.89
N ARG JA 81 21.06 -12.73 94.12
CA ARG JA 81 21.44 -14.08 93.73
C ARG JA 81 22.54 -14.01 92.67
N PRO JA 82 23.48 -14.96 92.71
CA PRO JA 82 24.74 -14.79 91.97
C PRO JA 82 24.54 -14.65 90.47
N LYS JA 83 25.36 -13.78 89.89
CA LYS JA 83 25.36 -13.49 88.45
C LYS JA 83 26.65 -14.04 87.88
N LYS JA 84 26.57 -15.16 87.18
CA LYS JA 84 27.73 -15.77 86.54
C LYS JA 84 27.64 -15.68 85.04
N THR JA 85 26.60 -16.28 84.46
CA THR JA 85 26.33 -16.35 83.04
C THR JA 85 24.96 -16.99 82.90
N ARG JA 86 24.18 -16.52 81.94
CA ARG JA 86 22.85 -17.10 81.71
C ARG JA 86 22.95 -18.61 81.51
N ALA JA 87 23.95 -19.07 80.77
CA ALA JA 87 24.09 -20.48 80.50
C ALA JA 87 24.44 -21.27 81.76
N MET JA 88 25.29 -20.72 82.62
CA MET JA 88 25.66 -21.43 83.84
C MET JA 88 24.51 -21.49 84.84
N ARG JA 89 23.62 -20.51 84.80
CA ARG JA 89 22.47 -20.52 85.69
C ARG JA 89 21.39 -21.48 85.20
N ARG JA 90 21.44 -21.89 83.94
CA ARG JA 90 20.51 -22.89 83.43
C ARG JA 90 20.96 -24.30 83.76
N ARG JA 91 22.26 -24.50 83.99
CA ARG JA 91 22.79 -25.85 84.08
C ARG JA 91 22.50 -26.46 85.45
N LEU JA 92 22.58 -27.79 85.50
CA LEU JA 92 22.22 -28.53 86.69
C LEU JA 92 23.14 -28.20 87.85
N THR JA 93 22.60 -28.32 89.06
CA THR JA 93 23.41 -28.13 90.26
C THR JA 93 24.36 -29.31 90.44
N LYS JA 94 25.30 -29.14 91.37
CA LYS JA 94 26.31 -30.17 91.60
C LYS JA 94 25.66 -31.45 92.13
N HIS JA 95 24.62 -31.33 92.95
CA HIS JA 95 23.97 -32.51 93.50
C HIS JA 95 23.26 -33.31 92.42
N GLU JA 96 22.42 -32.64 91.61
CA GLU JA 96 21.67 -33.36 90.59
C GLU JA 96 22.58 -33.88 89.49
N GLU JA 97 23.79 -33.34 89.38
CA GLU JA 97 24.72 -33.83 88.37
C GLU JA 97 25.32 -35.18 88.77
N LYS JA 98 25.42 -35.45 90.07
CA LYS JA 98 25.97 -36.71 90.55
C LYS JA 98 24.90 -37.72 90.96
N LEU JA 99 23.62 -37.41 90.71
CA LEU JA 99 22.56 -38.35 91.00
C LEU JA 99 22.63 -39.54 90.06
N LYS JA 100 22.45 -40.72 90.64
CA LYS JA 100 22.55 -41.98 89.91
C LYS JA 100 21.31 -42.83 90.15
N THR JA 101 20.90 -43.56 89.13
CA THR JA 101 19.81 -44.51 89.29
C THR JA 101 20.27 -45.71 90.12
N LYS JA 102 19.29 -46.42 90.69
CA LYS JA 102 19.63 -47.61 91.46
C LYS JA 102 20.29 -48.66 90.60
N LYS JA 103 19.94 -48.71 89.31
CA LYS JA 103 20.59 -49.63 88.39
C LYS JA 103 22.06 -49.27 88.18
N GLN JA 104 22.37 -47.98 88.05
CA GLN JA 104 23.75 -47.56 87.91
C GLN JA 104 24.55 -47.85 89.17
N GLN JA 105 23.95 -47.61 90.34
CA GLN JA 105 24.65 -47.85 91.60
C GLN JA 105 24.98 -49.33 91.79
N ARG JA 106 24.05 -50.21 91.43
CA ARG JA 106 24.31 -51.64 91.51
C ARG JA 106 25.47 -52.04 90.61
N LYS JA 107 25.53 -51.46 89.41
CA LYS JA 107 26.61 -51.79 88.48
C LYS JA 107 27.96 -51.38 89.05
N GLU JA 108 28.03 -50.21 89.67
CA GLU JA 108 29.30 -49.75 90.23
C GLU JA 108 29.73 -50.60 91.40
N ARG JA 109 28.78 -51.02 92.24
CA ARG JA 109 29.13 -51.84 93.40
C ARG JA 109 29.50 -53.26 93.00
N LEU JA 110 28.73 -53.87 92.10
CA LEU JA 110 28.96 -55.27 91.75
C LEU JA 110 30.20 -55.44 90.88
N TYR JA 111 30.40 -54.57 89.89
CA TYR JA 111 31.51 -54.68 88.95
C TYR JA 111 32.28 -53.37 88.93
N PRO JA 112 33.06 -53.09 89.97
CA PRO JA 112 33.89 -51.89 89.97
C PRO JA 112 35.13 -52.07 89.10
N LEU JA 113 35.66 -50.93 88.65
CA LEU JA 113 36.92 -50.96 87.92
C LEU JA 113 38.04 -51.39 88.85
N ARG JA 114 38.93 -52.24 88.35
CA ARG JA 114 39.98 -52.84 89.16
C ARG JA 114 41.34 -52.30 88.74
N LYS JA 115 42.26 -52.31 89.69
CA LYS JA 115 43.65 -51.95 89.44
C LYS JA 115 44.43 -53.23 89.17
N TYR JA 116 45.07 -53.29 88.00
CA TYR JA 116 45.71 -54.52 87.56
C TYR JA 116 46.95 -54.20 86.74
N ALA JA 117 47.82 -55.20 86.61
CA ALA JA 117 49.03 -55.12 85.81
C ALA JA 117 49.27 -56.46 85.13
N VAL JA 118 50.02 -56.43 84.03
CA VAL JA 118 50.40 -57.63 83.29
C VAL JA 118 51.92 -57.72 83.29
N LYS JA 119 52.45 -58.85 83.75
CA LYS JA 119 53.90 -58.97 83.75
C LYS JA 119 54.42 -59.22 82.34
N ALA JA 120 55.70 -58.90 82.16
CA ALA JA 120 56.38 -59.18 80.91
C ALA JA 120 56.69 -60.67 80.81
N ALA KA 1 48.54 -87.79 48.33
CA ALA KA 1 47.25 -88.46 48.39
C ALA KA 1 46.44 -88.21 47.12
N LEU KA 2 45.36 -88.96 46.95
CA LEU KA 2 44.47 -88.81 45.82
C LEU KA 2 43.42 -87.73 46.03
N ARG KA 3 43.32 -87.18 47.25
CA ARG KA 3 42.36 -86.15 47.57
C ARG KA 3 43.07 -84.99 48.23
N TYR KA 4 42.67 -83.77 47.86
CA TYR KA 4 43.28 -82.57 48.40
C TYR KA 4 42.22 -81.51 48.63
N PRO KA 5 42.42 -80.62 49.60
CA PRO KA 5 41.57 -79.43 49.70
C PRO KA 5 41.83 -78.50 48.53
N MET KA 6 40.77 -77.90 48.01
CA MET KA 6 40.86 -77.08 46.81
C MET KA 6 40.00 -75.83 46.96
N ALA KA 7 40.41 -74.77 46.29
CA ALA KA 7 39.69 -73.50 46.32
C ALA KA 7 38.51 -73.46 45.36
N VAL KA 8 38.35 -74.48 44.52
CA VAL KA 8 37.24 -74.56 43.58
C VAL KA 8 36.58 -75.92 43.73
N GLY KA 9 35.34 -76.01 43.25
CA GLY KA 9 34.58 -77.23 43.31
C GLY KA 9 33.44 -77.13 44.31
N LEU KA 10 32.71 -78.24 44.43
CA LEU KA 10 31.58 -78.29 45.34
C LEU KA 10 32.05 -78.24 46.79
N ASN KA 11 33.01 -79.09 47.15
CA ASN KA 11 33.55 -79.12 48.51
C ASN KA 11 34.80 -78.25 48.62
N LYS KA 12 34.64 -76.98 48.28
CA LYS KA 12 35.74 -76.04 48.30
C LYS KA 12 35.88 -75.39 49.67
N GLY KA 13 37.11 -75.05 50.02
CA GLY KA 13 37.36 -74.33 51.25
C GLY KA 13 38.37 -74.99 52.16
N HIS KA 14 39.09 -74.18 52.92
CA HIS KA 14 40.00 -74.68 53.93
C HIS KA 14 39.22 -75.52 54.94
N LYS KA 15 39.73 -76.72 55.22
CA LYS KA 15 39.01 -77.66 56.06
C LYS KA 15 39.03 -77.22 57.51
N VAL KA 16 37.86 -77.26 58.16
CA VAL KA 16 37.70 -76.79 59.53
C VAL KA 16 36.53 -77.55 60.15
N THR KA 17 36.61 -77.75 61.47
CA THR KA 17 35.56 -78.46 62.19
C THR KA 17 34.54 -77.45 62.73
N LYS KA 18 33.26 -77.74 62.51
CA LYS KA 18 32.20 -76.79 62.82
C LYS KA 18 31.85 -76.83 64.30
N ASN KA 19 31.78 -75.66 64.91
CA ASN KA 19 31.33 -75.52 66.29
C ASN KA 19 29.83 -75.32 66.32
N VAL KA 20 29.13 -76.22 67.02
CA VAL KA 20 27.67 -76.20 67.11
C VAL KA 20 27.28 -75.52 68.41
N SER KA 21 26.40 -74.53 68.32
CA SER KA 21 25.97 -73.80 69.49
C SER KA 21 24.49 -73.45 69.34
N LYS KA 22 23.86 -73.14 70.47
CA LYS KA 22 22.47 -72.73 70.45
C LYS KA 22 22.32 -71.42 69.68
N PRO KA 23 21.31 -71.30 68.83
CA PRO KA 23 21.14 -70.06 68.07
C PRO KA 23 20.97 -68.85 68.98
N ARG KA 24 21.52 -67.72 68.53
CA ARG KA 24 21.45 -66.49 69.30
C ARG KA 24 20.00 -66.05 69.46
N HIS KA 25 19.73 -65.35 70.56
CA HIS KA 25 18.35 -64.98 70.87
C HIS KA 25 17.78 -63.98 69.86
N SER KA 26 18.63 -63.29 69.10
CA SER KA 26 18.13 -62.36 68.11
C SER KA 26 17.36 -63.06 66.99
N ARG KA 27 17.66 -64.33 66.72
CA ARG KA 27 17.00 -65.08 65.67
C ARG KA 27 15.59 -65.52 66.05
N ARG KA 28 15.19 -65.36 67.31
CA ARG KA 28 13.86 -65.76 67.76
C ARG KA 28 12.78 -64.78 67.34
N ARG KA 29 13.16 -63.56 66.97
CA ARG KA 29 12.20 -62.50 66.68
C ARG KA 29 11.16 -62.96 65.67
N GLY KA 30 9.90 -62.64 65.95
CA GLY KA 30 8.83 -62.96 65.03
C GLY KA 30 8.25 -64.35 65.16
N ARG KA 31 8.21 -64.91 66.37
CA ARG KA 31 7.55 -66.18 66.61
C ARG KA 31 6.21 -65.96 67.30
N LEU KA 32 5.29 -66.89 67.07
CA LEU KA 32 3.93 -66.83 67.60
C LEU KA 32 3.90 -67.53 68.95
N THR KA 33 3.90 -66.73 70.02
CA THR KA 33 3.70 -67.27 71.35
C THR KA 33 2.21 -67.59 71.55
N LYS KA 34 1.94 -68.36 72.61
CA LYS KA 34 0.56 -68.70 72.94
C LYS KA 34 -0.23 -67.46 73.35
N HIS KA 35 0.38 -66.58 74.14
CA HIS KA 35 -0.32 -65.39 74.60
C HIS KA 35 -0.55 -64.40 73.46
N THR KA 36 0.42 -64.26 72.57
CA THR KA 36 0.27 -63.34 71.45
C THR KA 36 -0.78 -63.84 70.46
N LYS KA 37 -0.85 -65.15 70.26
CA LYS KA 37 -1.90 -65.71 69.43
C LYS KA 37 -3.28 -65.48 70.05
N PHE KA 38 -3.36 -65.55 71.38
CA PHE KA 38 -4.63 -65.31 72.07
C PHE KA 38 -5.08 -63.87 71.92
N VAL KA 39 -4.17 -62.92 72.16
CA VAL KA 39 -4.51 -61.50 72.04
C VAL KA 39 -4.90 -61.18 70.60
N ARG KA 40 -4.19 -61.74 69.63
CA ARG KA 40 -4.49 -61.50 68.23
C ARG KA 40 -5.87 -62.05 67.86
N ASP KA 41 -6.21 -63.23 68.38
CA ASP KA 41 -7.51 -63.82 68.10
C ASP KA 41 -8.64 -63.01 68.74
N MET KA 42 -8.40 -62.48 69.94
CA MET KA 42 -9.40 -61.65 70.61
C MET KA 42 -9.71 -60.40 69.80
N ILE KA 43 -8.67 -59.74 69.30
CA ILE KA 43 -8.86 -58.50 68.54
C ILE KA 43 -9.59 -58.78 67.23
N ARG KA 44 -9.32 -59.94 66.64
CA ARG KA 44 -10.02 -60.32 65.41
C ARG KA 44 -11.51 -60.50 65.66
N GLU KA 45 -11.87 -61.09 66.79
CA GLU KA 45 -13.28 -61.26 67.13
C GLU KA 45 -13.95 -59.92 67.40
N VAL KA 46 -13.26 -59.01 68.10
CA VAL KA 46 -13.81 -57.70 68.40
C VAL KA 46 -13.92 -56.82 67.16
N CYS KA 47 -12.92 -56.85 66.28
CA CYS KA 47 -12.84 -55.94 65.14
C CYS KA 47 -13.53 -56.50 63.90
N GLY KA 48 -13.05 -57.63 63.39
CA GLY KA 48 -13.58 -58.18 62.15
C GLY KA 48 -12.56 -58.22 61.04
N PHE KA 49 -12.97 -57.85 59.83
CA PHE KA 49 -12.10 -57.89 58.67
C PHE KA 49 -12.19 -56.57 57.91
N ALA KA 50 -11.13 -56.29 57.15
CA ALA KA 50 -11.11 -55.14 56.27
C ALA KA 50 -12.02 -55.38 55.07
N PRO KA 51 -12.46 -54.32 54.40
CA PRO KA 51 -13.28 -54.53 53.20
C PRO KA 51 -12.61 -55.37 52.12
N TYR KA 52 -11.31 -55.23 51.93
CA TYR KA 52 -10.63 -56.02 50.91
C TYR KA 52 -10.53 -57.48 51.32
N GLU KA 53 -10.46 -57.75 52.62
CA GLU KA 53 -10.46 -59.14 53.09
C GLU KA 53 -11.82 -59.79 52.85
N ARG KA 54 -12.90 -59.05 53.05
CA ARG KA 54 -14.23 -59.58 52.76
C ARG KA 54 -14.40 -59.86 51.28
N ARG KA 55 -13.94 -58.95 50.42
CA ARG KA 55 -14.07 -59.14 48.99
C ARG KA 55 -13.30 -60.36 48.52
N ALA KA 56 -12.10 -60.58 49.08
CA ALA KA 56 -11.33 -61.76 48.74
C ALA KA 56 -12.03 -63.03 49.20
N MET KA 57 -12.63 -62.99 50.39
CA MET KA 57 -13.35 -64.16 50.90
C MET KA 57 -14.59 -64.45 50.05
N GLU KA 58 -15.20 -63.43 49.47
CA GLU KA 58 -16.28 -63.64 48.54
C GLU KA 58 -15.80 -64.38 47.31
N LEU KA 59 -14.61 -64.03 46.82
CA LEU KA 59 -14.04 -64.73 45.66
C LEU KA 59 -13.69 -66.17 46.02
N LEU KA 60 -13.16 -66.40 47.22
CA LEU KA 60 -12.77 -67.74 47.62
C LEU KA 60 -13.98 -68.63 47.85
N LYS KA 61 -15.11 -68.03 48.24
CA LYS KA 61 -16.34 -68.81 48.42
C LYS KA 61 -16.80 -69.42 47.11
N VAL KA 62 -16.69 -68.66 46.01
CA VAL KA 62 -17.08 -69.15 44.69
C VAL KA 62 -15.88 -69.76 43.99
N SER KA 63 -14.79 -69.97 44.74
CA SER KA 63 -13.65 -70.77 44.29
C SER KA 63 -12.93 -70.15 43.08
N LYS KA 64 -12.76 -68.83 43.10
CA LYS KA 64 -11.89 -68.17 42.14
C LYS KA 64 -10.57 -67.87 42.84
N ASP KA 65 -9.78 -68.92 43.04
CA ASP KA 65 -8.51 -68.78 43.75
C ASP KA 65 -7.53 -67.92 42.96
N LYS KA 66 -7.53 -68.05 41.64
CA LYS KA 66 -6.62 -67.27 40.81
C LYS KA 66 -6.98 -65.78 40.85
N ARG KA 67 -8.27 -65.46 40.69
CA ARG KA 67 -8.71 -64.07 40.75
C ARG KA 67 -8.48 -63.49 42.14
N ALA KA 68 -8.73 -64.28 43.19
CA ALA KA 68 -8.54 -63.80 44.55
C ALA KA 68 -7.08 -63.47 44.82
N LEU KA 69 -6.16 -64.30 44.34
CA LEU KA 69 -4.74 -64.05 44.56
C LEU KA 69 -4.30 -62.76 43.87
N LYS KA 70 -4.77 -62.52 42.65
CA LYS KA 70 -4.38 -61.32 41.93
C LYS KA 70 -5.06 -60.08 42.52
N PHE KA 71 -6.17 -60.27 43.23
CA PHE KA 71 -6.79 -59.15 43.93
C PHE KA 71 -6.00 -58.79 45.18
N ILE KA 72 -5.55 -59.81 45.93
CA ILE KA 72 -4.79 -59.55 47.15
C ILE KA 72 -3.41 -58.99 46.82
N LYS KA 73 -2.80 -59.47 45.73
CA LYS KA 73 -1.50 -58.97 45.32
C LYS KA 73 -1.55 -57.49 44.98
N LYS KA 74 -2.67 -57.04 44.40
CA LYS KA 74 -2.82 -55.62 44.10
C LYS KA 74 -3.12 -54.82 45.36
N ARG KA 75 -3.49 -55.49 46.45
CA ARG KA 75 -3.82 -54.78 47.68
C ARG KA 75 -2.63 -54.67 48.63
N VAL KA 76 -1.91 -55.77 48.84
CA VAL KA 76 -0.76 -55.75 49.76
C VAL KA 76 0.52 -55.46 48.99
N GLY KA 77 0.61 -55.94 47.76
CA GLY KA 77 1.73 -55.55 46.91
C GLY KA 77 2.66 -56.66 46.49
N THR KA 78 2.99 -57.57 47.41
CA THR KA 78 4.00 -58.59 47.16
C THR KA 78 3.35 -59.96 47.06
N HIS KA 79 3.83 -60.76 46.11
CA HIS KA 79 3.26 -62.08 45.86
C HIS KA 79 3.36 -62.98 47.09
N ILE KA 80 4.50 -62.95 47.78
CA ILE KA 80 4.68 -63.84 48.93
C ILE KA 80 3.79 -63.41 50.09
N ARG KA 81 3.52 -62.11 50.21
CA ARG KA 81 2.57 -61.65 51.22
C ARG KA 81 1.15 -61.98 50.82
N ALA KA 82 0.84 -61.88 49.53
CA ALA KA 82 -0.50 -62.20 49.05
C ALA KA 82 -0.82 -63.67 49.23
N LYS KA 83 0.19 -64.54 49.06
CA LYS KA 83 -0.03 -65.97 49.15
C LYS KA 83 -0.45 -66.37 50.56
N ARG KA 84 0.21 -65.83 51.58
CA ARG KA 84 -0.12 -66.21 52.95
C ARG KA 84 -1.42 -65.56 53.41
N LYS KA 85 -1.77 -64.40 52.85
CA LYS KA 85 -3.06 -63.80 53.16
C LYS KA 85 -4.21 -64.63 52.59
N ARG KA 86 -4.02 -65.18 51.39
CA ARG KA 86 -5.03 -66.07 50.82
C ARG KA 86 -5.14 -67.37 51.62
N GLU KA 87 -4.01 -67.88 52.10
CA GLU KA 87 -4.04 -69.07 52.94
C GLU KA 87 -4.73 -68.80 54.27
N GLU KA 88 -4.57 -67.59 54.81
CA GLU KA 88 -5.23 -67.24 56.06
C GLU KA 88 -6.74 -67.07 55.87
N LEU KA 89 -7.14 -66.40 54.79
CA LEU KA 89 -8.56 -66.24 54.52
C LEU KA 89 -9.20 -67.56 54.13
N SER KA 90 -8.44 -68.48 53.55
CA SER KA 90 -8.95 -69.81 53.26
C SER KA 90 -9.22 -70.57 54.56
N ASN KA 91 -8.36 -70.39 55.56
CA ASN KA 91 -8.56 -71.07 56.84
C ASN KA 91 -9.78 -70.54 57.56
N VAL KA 92 -10.03 -69.23 57.47
CA VAL KA 92 -11.23 -68.66 58.09
C VAL KA 92 -12.48 -69.23 57.45
N LEU KA 93 -12.49 -69.32 56.12
CA LEU KA 93 -13.64 -69.88 55.42
C LEU KA 93 -13.80 -71.36 55.73
N ALA KA 94 -12.69 -72.08 55.89
CA ALA KA 94 -12.77 -73.49 56.25
C ALA KA 94 -13.34 -73.69 57.64
N ALA KA 95 -12.87 -72.91 58.62
CA ALA KA 95 -13.39 -73.03 59.97
C ALA KA 95 -14.85 -72.57 60.04
N MET KA 96 -15.21 -71.60 59.21
CA MET KA 96 -16.61 -71.17 59.16
C MET KA 96 -17.51 -72.27 58.60
N ARG KA 97 -17.01 -73.04 57.64
CA ARG KA 97 -17.79 -74.15 57.09
C ARG KA 97 -17.92 -75.29 58.09
N LYS KA 98 -16.86 -75.56 58.86
CA LYS KA 98 -16.92 -76.64 59.84
C LYS KA 98 -17.87 -76.29 60.99
N ALA KA 99 -17.83 -75.05 61.46
CA ALA KA 99 -18.76 -74.62 62.50
C ALA KA 99 -20.19 -74.61 61.99
N ALA KA 100 -20.40 -74.13 60.76
CA ALA KA 100 -21.75 -74.07 60.20
C ALA KA 100 -22.33 -75.46 60.02
N ALA KA 101 -21.50 -76.42 59.61
CA ALA KA 101 -21.95 -77.81 59.52
C ALA KA 101 -22.33 -78.35 60.90
N LYS KA 102 -21.57 -77.99 61.92
CA LYS KA 102 -21.86 -78.39 63.29
C LYS KA 102 -23.18 -77.78 63.78
N THR LA 1 13.70 19.49 31.33
CA THR LA 1 13.08 19.65 32.64
C THR LA 1 13.78 18.78 33.67
N LYS LA 2 14.04 17.52 33.33
CA LYS LA 2 14.83 16.66 34.21
C LYS LA 2 16.23 17.22 34.36
N GLY LA 3 16.76 17.16 35.57
CA GLY LA 3 18.04 17.77 35.82
C GLY LA 3 17.95 18.86 36.86
N THR LA 4 18.57 20.01 36.59
CA THR LA 4 18.69 21.05 37.61
C THR LA 4 17.32 21.57 38.06
N SER LA 5 16.38 21.71 37.12
CA SER LA 5 15.06 22.20 37.48
C SER LA 5 14.34 21.26 38.44
N SER LA 6 14.45 19.95 38.21
CA SER LA 6 13.75 18.98 39.05
C SER LA 6 14.37 18.88 40.43
N PHE LA 7 15.67 19.18 40.56
CA PHE LA 7 16.29 19.12 41.88
C PHE LA 7 15.80 20.23 42.79
N GLY LA 8 15.18 21.27 42.24
CA GLY LA 8 14.67 22.33 43.06
C GLY LA 8 13.48 21.93 43.90
N LYS LA 9 12.77 20.89 43.49
CA LYS LA 9 11.59 20.42 44.19
C LYS LA 9 11.90 19.46 45.34
N ARG LA 10 13.17 19.13 45.56
CA ARG LA 10 13.55 18.19 46.61
C ARG LA 10 13.55 18.93 47.94
N ARG LA 11 12.43 18.82 48.66
CA ARG LA 11 12.29 19.45 49.96
C ARG LA 11 11.60 18.56 50.99
N ASN LA 12 11.27 17.33 50.66
CA ASN LA 12 10.71 16.38 51.61
C ASN LA 12 11.81 15.46 52.10
N LYS LA 13 11.46 14.44 52.88
CA LYS LA 13 12.45 13.53 53.44
C LYS LA 13 11.85 12.13 53.47
N THR LA 14 12.44 11.22 52.69
CA THR LA 14 11.94 9.85 52.69
C THR LA 14 12.37 9.08 53.94
N HIS LA 15 13.50 9.45 54.54
CA HIS LA 15 14.07 8.70 55.65
C HIS LA 15 14.35 9.61 56.82
N THR LA 16 14.35 9.04 58.02
CA THR LA 16 14.64 9.75 59.25
C THR LA 16 15.61 8.90 60.05
N LEU LA 17 16.09 9.43 61.17
CA LEU LA 17 17.00 8.67 62.02
C LEU LA 17 16.28 7.47 62.63
N CYS LA 18 16.99 6.36 62.75
CA CYS LA 18 16.42 5.14 63.30
C CYS LA 18 16.70 5.07 64.81
N ARG LA 19 15.76 4.51 65.54
CA ARG LA 19 15.87 4.40 66.99
C ARG LA 19 16.60 3.14 67.44
N ARG LA 20 17.04 2.29 66.52
CA ARG LA 20 17.77 1.07 66.89
C ARG LA 20 19.20 1.07 66.40
N CYS LA 21 19.43 1.38 65.14
CA CYS LA 21 20.77 1.37 64.58
C CYS LA 21 21.40 2.76 64.46
N GLY LA 22 20.58 3.81 64.39
CA GLY LA 22 21.09 5.16 64.37
C GLY LA 22 21.35 5.75 63.00
N SER LA 23 21.14 4.99 61.93
CA SER LA 23 21.34 5.56 60.61
C SER LA 23 20.05 6.21 60.12
N LYS LA 24 20.20 7.09 59.14
CA LYS LA 24 19.07 7.79 58.53
C LYS LA 24 18.46 6.94 57.42
N ALA LA 25 18.02 5.75 57.80
CA ALA LA 25 17.42 4.81 56.86
C ALA LA 25 16.02 4.38 57.30
N TYR LA 26 15.41 5.09 58.24
CA TYR LA 26 14.06 4.75 58.70
C TYR LA 26 13.04 5.36 57.75
N HIS LA 27 12.41 4.52 56.95
CA HIS LA 27 11.39 4.97 56.02
C HIS LA 27 10.16 5.43 56.79
N LEU LA 28 9.69 6.65 56.51
CA LEU LA 28 8.57 7.18 57.26
C LEU LA 28 7.25 6.55 56.84
N GLN LA 29 7.03 6.39 55.53
CA GLN LA 29 5.75 5.86 55.07
C GLN LA 29 5.63 4.37 55.30
N LYS LA 30 6.72 3.62 55.15
CA LYS LA 30 6.69 2.19 55.40
C LYS LA 30 6.96 1.82 56.85
N SER LA 31 7.41 2.77 57.67
CA SER LA 31 7.68 2.55 59.09
C SER LA 31 8.63 1.37 59.31
N THR LA 32 9.66 1.28 58.47
CA THR LA 32 10.64 0.21 58.58
C THR LA 32 12.00 0.77 58.20
N CYS LA 33 13.05 0.17 58.75
CA CYS LA 33 14.40 0.63 58.51
C CYS LA 33 15.04 -0.18 57.39
N GLY LA 34 15.60 0.53 56.41
CA GLY LA 34 16.30 -0.14 55.32
C GLY LA 34 17.68 -0.63 55.66
N LYS LA 35 18.18 -0.30 56.85
CA LYS LA 35 19.50 -0.71 57.30
C LYS LA 35 19.44 -1.88 58.28
N CYS LA 36 18.57 -1.81 59.28
CA CYS LA 36 18.47 -2.85 60.29
C CYS LA 36 17.11 -3.53 60.37
N GLY LA 37 16.11 -3.04 59.64
CA GLY LA 37 14.77 -3.59 59.73
C GLY LA 37 14.20 -3.47 61.12
N TYR LA 38 14.14 -2.24 61.65
CA TYR LA 38 13.94 -2.06 63.08
C TYR LA 38 12.69 -2.71 63.62
N PRO LA 39 11.49 -2.46 63.09
CA PRO LA 39 10.30 -3.04 63.74
C PRO LA 39 10.32 -4.56 63.75
N ALA LA 40 11.03 -5.18 62.81
CA ALA LA 40 11.29 -6.61 62.88
C ALA LA 40 12.21 -6.92 64.05
N LYS LA 41 11.91 -8.00 64.76
CA LYS LA 41 12.66 -8.34 65.96
C LYS LA 41 14.10 -8.72 65.65
N ARG LA 42 14.35 -9.31 64.49
CA ARG LA 42 15.69 -9.68 64.08
C ARG LA 42 16.30 -8.59 63.21
N LYS LA 43 17.60 -8.39 63.36
CA LYS LA 43 18.28 -7.35 62.60
C LYS LA 43 18.50 -7.80 61.16
N ARG LA 44 18.53 -6.82 60.27
CA ARG LA 44 18.70 -7.08 58.84
C ARG LA 44 20.18 -7.35 58.56
N LYS LA 45 20.48 -8.53 58.04
CA LYS LA 45 21.86 -8.93 57.80
C LYS LA 45 21.90 -9.90 56.62
N TYR LA 46 22.88 -9.73 55.75
CA TYR LA 46 22.99 -10.54 54.55
C TYR LA 46 24.43 -10.93 54.31
N ASN LA 47 24.61 -12.12 53.73
CA ASN LA 47 25.93 -12.64 53.41
C ASN LA 47 26.50 -12.09 52.11
N TRP LA 48 25.68 -11.49 51.26
CA TRP LA 48 26.24 -10.90 50.05
C TRP LA 48 26.97 -9.59 50.33
N SER LA 49 26.81 -9.02 51.52
CA SER LA 49 27.54 -7.81 51.90
C SER LA 49 28.42 -8.16 53.09
N ALA LA 50 29.67 -8.53 52.81
CA ALA LA 50 30.64 -8.74 53.87
C ALA LA 50 31.11 -7.42 54.47
N LYS LA 51 31.19 -6.37 53.64
CA LYS LA 51 31.54 -5.05 54.15
C LYS LA 51 30.50 -4.53 55.13
N ALA LA 52 29.21 -4.74 54.82
CA ALA LA 52 28.15 -4.24 55.68
C ALA LA 52 28.20 -4.88 57.05
N LYS LA 53 28.43 -6.19 57.12
CA LYS LA 53 28.51 -6.86 58.41
C LYS LA 53 29.69 -6.33 59.23
N ARG LA 54 30.84 -6.14 58.58
CA ARG LA 54 32.02 -5.69 59.29
C ARG LA 54 31.81 -4.31 59.90
N ARG LA 55 30.96 -3.49 59.28
CA ARG LA 55 30.71 -2.14 59.79
C ARG LA 55 29.94 -2.18 61.10
N ASN LA 56 29.07 -3.17 61.27
CA ASN LA 56 28.14 -3.20 62.40
C ASN LA 56 28.16 -4.53 63.15
N THR LA 57 29.33 -5.18 63.23
CA THR LA 57 29.42 -6.43 63.95
C THR LA 57 29.79 -6.20 65.41
N THR LA 58 29.78 -7.29 66.18
CA THR LA 58 30.27 -7.24 67.55
C THR LA 58 31.74 -6.83 67.56
N GLY LA 59 32.09 -5.87 68.39
CA GLY LA 59 33.42 -5.32 68.44
C GLY LA 59 33.57 -3.94 67.82
N THR LA 60 32.56 -3.46 67.11
CA THR LA 60 32.59 -2.12 66.56
C THR LA 60 32.12 -1.06 67.55
N GLY LA 61 31.50 -1.47 68.65
CA GLY LA 61 31.04 -0.53 69.65
C GLY LA 61 31.79 -0.63 70.95
N ARG LA 62 31.17 -0.18 72.04
CA ARG LA 62 31.83 -0.17 73.34
C ARG LA 62 32.11 -1.58 73.84
N MET LA 63 31.19 -2.50 73.62
CA MET LA 63 31.22 -3.82 74.25
C MET LA 63 31.27 -3.67 75.77
N ARG LA 64 30.28 -2.95 76.31
CA ARG LA 64 30.27 -2.61 77.72
C ARG LA 64 30.25 -3.86 78.59
N HIS LA 65 29.42 -4.83 78.23
CA HIS LA 65 29.30 -6.05 79.03
C HIS LA 65 30.32 -7.09 78.62
N LEU LA 66 30.58 -7.22 77.32
CA LEU LA 66 31.39 -8.32 76.83
C LEU LA 66 32.85 -8.19 77.26
N LYS LA 67 33.34 -6.97 77.43
CA LYS LA 67 34.74 -6.79 77.78
C LYS LA 67 35.00 -7.15 79.23
N ILE LA 68 34.02 -6.94 80.12
CA ILE LA 68 34.17 -7.42 81.49
C ILE LA 68 34.00 -8.93 81.56
N VAL LA 69 33.12 -9.51 80.73
CA VAL LA 69 32.96 -10.95 80.71
C VAL LA 69 34.27 -11.62 80.29
N TYR LA 70 35.00 -11.01 79.37
CA TYR LA 70 36.31 -11.54 78.96
C TYR LA 70 37.28 -11.53 80.13
N ARG LA 71 37.27 -10.46 80.92
CA ARG LA 71 38.14 -10.37 82.08
C ARG LA 71 37.71 -11.35 83.17
N ARG LA 72 36.40 -11.50 83.36
CA ARG LA 72 35.89 -12.34 84.43
C ARG LA 72 36.10 -13.82 84.13
N PHE LA 73 36.20 -14.16 82.84
CA PHE LA 73 36.43 -15.56 82.46
C PHE LA 73 37.78 -16.04 82.95
N ARG LA 74 38.76 -15.13 83.02
CA ARG LA 74 40.12 -15.53 83.34
C ARG LA 74 40.25 -16.00 84.79
N HIS LA 75 39.23 -15.76 85.61
CA HIS LA 75 39.26 -16.16 87.01
C HIS LA 75 38.09 -17.07 87.38
N GLY LA 76 37.44 -17.67 86.41
CA GLY LA 76 36.36 -18.61 86.67
C GLY LA 76 35.04 -17.97 87.01
N PHE LA 77 34.85 -16.69 86.70
CA PHE LA 77 33.62 -15.96 87.00
C PHE LA 77 33.31 -15.98 88.51
N ARG LA 78 34.34 -15.76 89.32
CA ARG LA 78 34.15 -15.75 90.76
C ARG LA 78 33.31 -14.55 91.19
N GLU LA 79 32.62 -14.71 92.32
CA GLU LA 79 31.69 -13.71 92.80
C GLU LA 79 31.41 -13.98 94.27
N GLY LA 80 31.15 -12.91 95.02
CA GLY LA 80 30.80 -13.02 96.41
C GLY LA 80 31.97 -13.09 97.36
N THR LA 81 33.19 -12.99 96.85
CA THR LA 81 34.40 -13.00 97.66
C THR LA 81 35.22 -11.76 97.34
N THR LA 82 36.04 -11.35 98.29
CA THR LA 82 36.91 -10.21 98.17
C THR LA 82 38.34 -10.63 98.50
N PRO LA 83 39.33 -9.89 98.02
CA PRO LA 83 40.71 -10.19 98.42
C PRO LA 83 40.91 -10.03 99.91
N LYS LA 84 41.91 -10.73 100.42
CA LYS LA 84 42.18 -10.71 101.85
C LYS LA 84 42.53 -9.29 102.30
N PRO LA 85 41.92 -8.78 103.37
CA PRO LA 85 42.24 -7.43 103.84
C PRO LA 85 43.66 -7.36 104.40
N LYS LA 86 44.18 -6.14 104.40
CA LYS LA 86 45.52 -5.86 104.90
C LYS LA 86 45.68 -6.22 106.37
N PRO MA 1 -13.73 45.01 82.79
CA PRO MA 1 -14.12 46.16 83.60
C PRO MA 1 -15.62 46.32 83.68
N ARG MA 2 -16.12 46.63 84.87
CA ARG MA 2 -17.54 46.80 85.10
C ARG MA 2 -17.83 48.24 85.48
N LYS MA 3 -18.95 48.77 85.00
CA LYS MA 3 -19.37 50.12 85.32
C LYS MA 3 -20.51 50.04 86.32
N ILE MA 4 -20.34 50.69 87.47
CA ILE MA 4 -21.35 50.74 88.51
C ILE MA 4 -21.98 52.12 88.51
N GLU MA 5 -23.32 52.15 88.56
CA GLU MA 5 -24.08 53.38 88.42
C GLU MA 5 -24.70 53.85 89.74
N GLU MA 6 -24.32 53.23 90.86
CA GLU MA 6 -24.89 53.57 92.15
C GLU MA 6 -23.78 53.75 93.16
N ILE MA 7 -23.93 54.74 94.04
CA ILE MA 7 -22.96 54.97 95.10
C ILE MA 7 -23.02 53.85 96.13
N LYS MA 8 -24.23 53.39 96.46
CA LYS MA 8 -24.39 52.34 97.45
C LYS MA 8 -23.68 51.06 97.01
N ASP MA 9 -23.80 50.72 95.73
CA ASP MA 9 -23.09 49.55 95.21
C ASP MA 9 -21.59 49.74 95.27
N PHE MA 10 -21.13 50.97 95.02
CA PHE MA 10 -19.68 51.23 95.06
C PHE MA 10 -19.12 51.02 96.46
N LEU MA 11 -19.85 51.46 97.49
CA LEU MA 11 -19.37 51.26 98.85
C LEU MA 11 -19.32 49.79 99.21
N LEU MA 12 -20.29 49.00 98.73
CA LEU MA 12 -20.26 47.57 98.96
C LEU MA 12 -19.05 46.93 98.30
N THR MA 13 -18.75 47.34 97.06
CA THR MA 13 -17.59 46.80 96.37
C THR MA 13 -16.29 47.19 97.05
N ALA MA 14 -16.23 48.43 97.56
CA ALA MA 14 -15.01 48.89 98.21
C ALA MA 14 -14.75 48.13 99.52
N ARG MA 15 -15.81 47.79 100.24
CA ARG MA 15 -15.67 47.10 101.52
C ARG MA 15 -15.50 45.60 101.38
N ARG MA 16 -15.47 45.08 100.16
CA ARG MA 16 -15.14 43.68 99.94
C ARG MA 16 -13.72 43.39 100.42
N LYS MA 17 -13.53 42.23 101.06
CA LYS MA 17 -12.20 41.82 101.46
C LYS MA 17 -11.32 41.51 100.26
N ASP MA 18 -11.92 41.36 99.09
CA ASP MA 18 -11.17 41.14 97.87
C ASP MA 18 -10.55 42.45 97.37
N ALA MA 19 -11.21 43.58 97.61
CA ALA MA 19 -10.76 44.86 97.09
C ALA MA 19 -9.35 45.19 97.55
N LYS MA 20 -8.55 45.72 96.62
CA LYS MA 20 -7.13 45.98 96.85
C LYS MA 20 -6.81 47.46 96.93
N SER MA 21 -7.34 48.28 96.03
CA SER MA 21 -7.01 49.69 96.03
C SER MA 21 -8.16 50.49 95.41
N VAL MA 22 -8.22 51.76 95.79
CA VAL MA 22 -9.13 52.73 95.18
C VAL MA 22 -8.29 53.78 94.50
N LYS MA 23 -8.48 53.94 93.20
CA LYS MA 23 -7.78 54.95 92.41
C LYS MA 23 -8.77 56.02 91.98
N ILE MA 24 -8.53 57.24 92.43
CA ILE MA 24 -9.36 58.39 92.09
C ILE MA 24 -8.70 59.14 90.95
N LYS MA 25 -9.46 59.40 89.89
CA LYS MA 25 -8.99 60.20 88.77
C LYS MA 25 -9.91 61.38 88.56
N LYS MA 26 -9.32 62.55 88.30
CA LYS MA 26 -10.07 63.76 88.00
C LYS MA 26 -9.92 64.07 86.52
N ASN MA 27 -11.04 64.19 85.83
CA ASN MA 27 -11.07 64.57 84.43
C ASN MA 27 -11.66 65.97 84.31
N LYS MA 28 -11.80 66.43 83.06
CA LYS MA 28 -12.35 67.77 82.84
C LYS MA 28 -13.83 67.81 83.17
N ASP MA 29 -14.55 66.70 83.00
CA ASP MA 29 -15.99 66.67 83.18
C ASP MA 29 -16.46 65.84 84.37
N ASN MA 30 -15.72 64.81 84.76
CA ASN MA 30 -16.18 63.89 85.80
C ASN MA 30 -14.99 63.48 86.66
N VAL MA 31 -15.30 62.77 87.75
CA VAL MA 31 -14.31 62.14 88.60
C VAL MA 31 -14.65 60.66 88.67
N LYS MA 32 -13.64 59.81 88.46
CA LYS MA 32 -13.84 58.37 88.38
C LYS MA 32 -13.20 57.69 89.58
N PHE MA 33 -14.01 56.91 90.31
CA PHE MA 33 -13.55 56.11 91.44
C PHE MA 33 -13.42 54.68 90.97
N LYS MA 34 -12.21 54.14 91.02
CA LYS MA 34 -11.92 52.80 90.52
C LYS MA 34 -11.45 51.91 91.66
N VAL MA 35 -12.17 50.82 91.88
CA VAL MA 35 -11.82 49.82 92.89
C VAL MA 35 -11.36 48.56 92.18
N ARG MA 36 -10.15 48.12 92.49
CA ARG MA 36 -9.55 46.95 91.86
C ARG MA 36 -9.84 45.73 92.73
N CYS MA 37 -10.56 44.78 92.18
CA CYS MA 37 -10.86 43.51 92.85
C CYS MA 37 -10.16 42.37 92.12
N SER MA 38 -10.46 41.15 92.54
CA SER MA 38 -9.80 39.99 91.96
C SER MA 38 -10.10 39.86 90.47
N ARG MA 39 -11.36 40.01 90.11
CA ARG MA 39 -11.79 39.72 88.75
C ARG MA 39 -12.04 40.97 87.91
N TYR MA 40 -12.67 41.99 88.49
CA TYR MA 40 -13.06 43.17 87.73
C TYR MA 40 -12.53 44.43 88.40
N LEU MA 41 -12.29 45.45 87.57
CA LEU MA 41 -12.02 46.79 88.02
C LEU MA 41 -13.30 47.60 87.91
N TYR MA 42 -13.89 47.93 89.06
CA TYR MA 42 -15.17 48.60 89.12
C TYR MA 42 -14.97 50.11 89.12
N THR MA 43 -15.60 50.78 88.17
CA THR MA 43 -15.47 52.22 88.00
C THR MA 43 -16.81 52.89 88.28
N LEU MA 44 -16.78 53.97 89.03
CA LEU MA 44 -17.95 54.81 89.29
C LEU MA 44 -17.66 56.21 88.77
N VAL MA 45 -18.54 56.72 87.91
CA VAL MA 45 -18.37 58.02 87.28
C VAL MA 45 -19.33 59.00 87.93
N ILE MA 46 -18.78 60.07 88.51
CA ILE MA 46 -19.55 61.09 89.22
C ILE MA 46 -19.28 62.43 88.55
N THR MA 47 -20.35 63.12 88.15
CA THR MA 47 -20.24 64.39 87.45
C THR MA 47 -20.39 65.61 88.35
N ASP MA 48 -20.58 65.42 89.65
CA ASP MA 48 -20.73 66.52 90.60
C ASP MA 48 -19.53 66.49 91.55
N LYS MA 49 -18.82 67.62 91.64
CA LYS MA 49 -17.65 67.68 92.51
C LYS MA 49 -18.04 67.65 93.98
N GLU MA 50 -19.23 68.18 94.31
CA GLU MA 50 -19.67 68.15 95.70
C GLU MA 50 -19.85 66.71 96.20
N LYS MA 51 -20.44 65.85 95.36
CA LYS MA 51 -20.58 64.45 95.73
C LYS MA 51 -19.23 63.72 95.69
N ALA MA 52 -18.30 64.21 94.87
CA ALA MA 52 -17.01 63.57 94.75
C ALA MA 52 -16.21 63.68 96.06
N GLU MA 53 -16.20 64.86 96.67
CA GLU MA 53 -15.47 65.04 97.92
C GLU MA 53 -16.12 64.25 99.05
N LYS MA 54 -17.44 64.09 99.00
CA LYS MA 54 -18.13 63.27 99.99
C LYS MA 54 -17.68 61.81 99.91
N LEU MA 55 -17.51 61.30 98.69
CA LEU MA 55 -17.12 59.90 98.53
C LEU MA 55 -15.73 59.64 99.10
N LYS MA 56 -14.83 60.61 98.98
CA LYS MA 56 -13.49 60.43 99.54
C LYS MA 56 -13.54 60.26 101.04
N GLN MA 57 -14.40 61.04 101.71
CA GLN MA 57 -14.51 60.94 103.16
C GLN MA 57 -15.12 59.62 103.60
N SER MA 58 -16.06 59.09 102.80
CA SER MA 58 -16.76 57.87 103.15
C SER MA 58 -16.06 56.61 102.66
N LEU MA 59 -14.86 56.73 102.08
CA LEU MA 59 -14.13 55.57 101.63
C LEU MA 59 -13.73 54.71 102.83
N PRO MA 60 -13.77 53.38 102.71
CA PRO MA 60 -13.50 52.54 103.88
C PRO MA 60 -12.06 52.68 104.34
N PRO MA 61 -11.81 52.59 105.64
CA PRO MA 61 -10.44 52.72 106.15
C PRO MA 61 -9.61 51.51 105.78
N GLY MA 62 -8.29 51.72 105.76
CA GLY MA 62 -7.35 50.65 105.49
C GLY MA 62 -7.12 50.40 104.01
N LEU MA 63 -8.15 50.59 103.19
CA LEU MA 63 -8.01 50.35 101.76
C LEU MA 63 -7.10 51.41 101.14
N ALA MA 64 -6.15 50.95 100.33
CA ALA MA 64 -5.19 51.86 99.71
C ALA MA 64 -5.89 52.83 98.79
N VAL MA 65 -5.48 54.08 98.83
CA VAL MA 65 -6.04 55.13 97.99
C VAL MA 65 -4.91 55.79 97.22
N LYS MA 66 -5.05 55.84 95.90
CA LYS MA 66 -4.08 56.49 95.04
C LYS MA 66 -4.77 57.52 94.17
N ASP MA 67 -4.20 58.72 94.14
CA ASP MA 67 -4.70 59.82 93.32
C ASP MA 67 -3.87 59.91 92.05
N LEU MA 68 -4.52 59.79 90.90
CA LEU MA 68 -3.84 59.79 89.61
C LEU MA 68 -3.65 61.24 89.15
N LYS MA 69 -2.66 61.89 89.75
CA LYS MA 69 -2.34 63.27 89.41
C LYS MA 69 -1.05 63.34 88.60
N SER NA 1 13.76 24.11 60.16
CA SER NA 1 12.71 25.09 60.40
C SER NA 1 12.58 25.37 61.89
N SER NA 2 11.77 26.37 62.23
CA SER NA 2 11.51 26.64 63.64
C SER NA 2 10.83 25.44 64.30
N HIS NA 3 9.84 24.87 63.63
CA HIS NA 3 9.20 23.65 64.12
C HIS NA 3 10.18 22.50 64.04
N LYS NA 4 10.71 22.07 65.18
CA LYS NA 4 11.60 20.92 65.22
C LYS NA 4 11.29 20.10 66.45
N THR NA 5 11.65 18.83 66.38
CA THR NA 5 11.43 17.91 67.50
C THR NA 5 12.57 18.03 68.51
N PHE NA 6 12.34 17.43 69.68
CA PHE NA 6 13.37 17.42 70.70
C PHE NA 6 14.57 16.57 70.28
N ARG NA 7 14.32 15.45 69.60
CA ARG NA 7 15.41 14.58 69.16
C ARG NA 7 16.32 15.30 68.17
N ILE NA 8 15.72 16.04 67.22
CA ILE NA 8 16.50 16.76 66.23
C ILE NA 8 17.29 17.88 66.88
N LYS NA 9 16.67 18.60 67.81
CA LYS NA 9 17.35 19.71 68.47
C LYS NA 9 18.56 19.23 69.27
N ARG NA 10 18.42 18.11 69.97
CA ARG NA 10 19.53 17.55 70.72
C ARG NA 10 20.64 17.06 69.79
N PHE NA 11 20.27 16.58 68.60
CA PHE NA 11 21.25 16.20 67.60
C PHE NA 11 22.00 17.41 67.06
N LEU NA 12 21.29 18.51 66.83
CA LEU NA 12 21.94 19.72 66.34
C LEU NA 12 22.78 20.37 67.43
N ALA NA 13 22.38 20.21 68.69
CA ALA NA 13 23.16 20.75 69.79
C ALA NA 13 24.53 20.09 69.87
N LYS NA 14 24.58 18.78 69.67
CA LYS NA 14 25.85 18.07 69.77
C LYS NA 14 26.80 18.45 68.64
N LYS NA 15 26.29 18.54 67.42
CA LYS NA 15 27.13 18.95 66.30
C LYS NA 15 27.64 20.38 66.48
N GLN NA 16 26.84 21.22 67.13
CA GLN NA 16 27.28 22.59 67.40
C GLN NA 16 28.44 22.62 68.39
N LYS NA 17 28.39 21.76 69.41
CA LYS NA 17 29.38 21.82 70.48
C LYS NA 17 30.70 21.19 70.05
N GLN NA 18 30.67 20.29 69.06
CA GLN NA 18 31.86 19.62 68.58
C GLN NA 18 32.49 20.29 67.36
N ASN NA 19 31.98 21.45 66.96
CA ASN NA 19 32.52 22.22 65.84
C ASN NA 19 33.54 23.27 66.28
N ARG NA 20 34.29 23.02 67.35
CA ARG NA 20 35.24 23.97 67.93
C ARG NA 20 36.67 23.67 67.50
N PRO NA 21 37.54 24.68 67.48
CA PRO NA 21 38.96 24.43 67.19
C PRO NA 21 39.67 23.70 68.32
N ILE NA 22 40.79 23.09 67.97
CA ILE NA 22 41.64 22.37 68.92
C ILE NA 22 42.19 23.37 69.94
N PRO NA 23 42.26 23.01 71.21
CA PRO NA 23 42.90 23.91 72.19
C PRO NA 23 44.39 24.06 71.93
N GLN NA 24 44.96 25.18 72.36
CA GLN NA 24 46.36 25.48 72.08
C GLN NA 24 47.32 24.63 72.88
N TRP NA 25 46.96 24.20 74.08
CA TRP NA 25 47.91 23.45 74.89
C TRP NA 25 48.06 22.01 74.43
N ILE NA 26 47.15 21.51 73.59
CA ILE NA 26 47.26 20.14 73.09
C ILE NA 26 48.53 19.98 72.26
N ARG NA 27 48.92 21.03 71.55
CA ARG NA 27 50.13 20.98 70.75
C ARG NA 27 51.37 20.77 71.61
N MET NA 28 51.31 21.16 72.88
CA MET NA 28 52.47 21.06 73.74
C MET NA 28 52.58 19.71 74.44
N LYS NA 29 51.56 18.86 74.34
CA LYS NA 29 51.59 17.58 75.02
C LYS NA 29 52.64 16.66 74.40
N THR NA 30 53.29 15.87 75.25
CA THR NA 30 54.37 15.00 74.80
C THR NA 30 53.83 13.96 73.83
N GLY NA 31 54.50 13.81 72.69
CA GLY NA 31 54.03 12.89 71.69
C GLY NA 31 52.73 13.30 71.03
N ASN NA 32 52.56 14.59 70.75
CA ASN NA 32 51.34 15.06 70.11
C ASN NA 32 51.49 15.04 68.59
N LYS NA 33 50.42 14.64 67.90
CA LYS NA 33 50.41 14.58 66.45
C LYS NA 33 49.30 15.41 65.82
N ILE NA 34 48.44 16.03 66.62
CA ILE NA 34 47.32 16.80 66.07
C ILE NA 34 47.75 18.25 65.90
N ARG NA 35 47.53 18.78 64.70
CA ARG NA 35 47.87 20.16 64.39
C ARG NA 35 46.65 21.07 64.25
N TYR NA 36 45.52 20.52 63.83
CA TYR NA 36 44.28 21.27 63.71
C TYR NA 36 43.13 20.28 63.75
N ASN NA 37 41.93 20.80 63.95
CA ASN NA 37 40.73 19.95 63.93
C ASN NA 37 40.37 19.68 62.48
N SER NA 38 40.60 18.45 62.03
CA SER NA 38 40.32 18.04 60.66
C SER NA 38 38.86 17.68 60.45
N LYS NA 39 38.03 17.75 61.50
CA LYS NA 39 36.62 17.45 61.41
C LYS NA 39 35.75 18.70 61.52
N ARG NA 40 36.31 19.86 61.24
CA ARG NA 40 35.53 21.09 61.23
C ARG NA 40 34.51 21.06 60.10
N ARG NA 41 33.28 21.44 60.41
CA ARG NA 41 32.18 21.40 59.47
C ARG NA 41 31.60 22.80 59.31
N HIS NA 42 31.47 23.25 58.07
CA HIS NA 42 30.82 24.51 57.78
C HIS NA 42 29.40 24.26 57.30
N TRP NA 43 28.48 25.12 57.73
CA TRP NA 43 27.06 24.91 57.43
C TRP NA 43 26.78 25.00 55.94
N ARG NA 44 27.41 25.93 55.24
CA ARG NA 44 27.15 26.10 53.82
C ARG NA 44 27.88 25.08 52.96
N ARG NA 45 29.03 24.59 53.40
CA ARG NA 45 29.83 23.70 52.57
C ARG NA 45 29.35 22.25 52.66
N THR NA 46 29.25 21.73 53.87
CA THR NA 46 28.90 20.33 54.10
C THR NA 46 27.62 20.26 54.93
N LYS NA 47 26.71 19.39 54.51
CA LYS NA 47 25.43 19.26 55.19
C LYS NA 47 25.43 18.06 56.14
N LEU NA 48 24.56 18.12 57.13
CA LEU NA 48 24.51 17.11 58.17
C LEU NA 48 23.83 15.84 57.68
N GLY NA 49 24.19 14.72 58.31
CA GLY NA 49 23.60 13.45 57.94
C GLY NA 49 22.10 13.43 58.09
N LEU NA 50 21.57 14.21 59.02
CA LEU NA 50 20.14 14.39 59.18
C LEU NA 50 19.54 14.97 57.89
N ILE OA 1 32.73 48.66 -65.58
CA ILE OA 1 33.13 47.30 -65.26
C ILE OA 1 34.65 47.19 -65.17
N ILE OA 2 35.14 45.96 -65.21
CA ILE OA 2 36.58 45.68 -65.22
C ILE OA 2 36.94 45.13 -66.59
N GLU OA 3 38.01 45.66 -67.17
CA GLU OA 3 38.49 45.16 -68.45
C GLU OA 3 38.93 43.70 -68.28
N PRO OA 4 38.78 42.89 -69.34
CA PRO OA 4 39.21 41.49 -69.22
C PRO OA 4 40.69 41.33 -68.88
N SER OA 5 41.55 42.22 -69.38
CA SER OA 5 42.98 42.12 -69.07
C SER OA 5 43.23 42.37 -67.59
N LEU OA 6 42.56 43.37 -67.01
CA LEU OA 6 42.74 43.66 -65.59
C LEU OA 6 42.11 42.57 -64.73
N ARG OA 7 41.01 41.98 -65.19
CA ARG OA 7 40.39 40.89 -64.44
C ARG OA 7 41.31 39.69 -64.35
N GLN OA 8 42.05 39.40 -65.43
CA GLN OA 8 43.01 38.31 -65.40
C GLN OA 8 44.14 38.60 -64.44
N LEU OA 9 44.56 39.86 -64.34
CA LEU OA 9 45.62 40.23 -63.41
C LEU OA 9 45.20 40.00 -61.97
N ALA OA 10 43.98 40.44 -61.62
CA ALA OA 10 43.50 40.26 -60.25
C ALA OA 10 43.18 38.81 -59.96
N GLN OA 11 42.73 38.06 -60.96
CA GLN OA 11 42.43 36.65 -60.75
C GLN OA 11 43.69 35.82 -60.53
N LYS OA 12 44.83 36.31 -61.03
CA LYS OA 12 46.09 35.62 -60.79
C LYS OA 12 46.48 35.68 -59.32
N TYR OA 13 46.11 36.76 -58.63
CA TYR OA 13 46.46 36.92 -57.23
C TYR OA 13 45.38 36.48 -56.27
N ASN OA 14 44.14 36.33 -56.74
CA ASN OA 14 43.02 36.01 -55.87
C ASN OA 14 42.33 34.70 -56.20
N CYS OA 15 42.47 34.18 -57.42
CA CYS OA 15 41.66 33.04 -57.86
C CYS OA 15 42.46 31.81 -58.26
N ASP OA 16 43.49 31.95 -59.08
CA ASP OA 16 44.26 30.78 -59.54
C ASP OA 16 45.22 30.35 -58.45
N LYS OA 17 44.74 29.47 -57.57
CA LYS OA 17 45.51 28.96 -56.45
C LYS OA 17 45.13 27.51 -56.22
N MET OA 18 45.98 26.81 -55.49
CA MET OA 18 45.65 25.51 -54.94
C MET OA 18 45.31 25.67 -53.47
N ILE OA 19 44.41 24.81 -52.98
CA ILE OA 19 43.97 24.85 -51.60
C ILE OA 19 44.22 23.49 -50.96
N CYS OA 20 44.90 23.49 -49.82
CA CYS OA 20 45.15 22.25 -49.09
C CYS OA 20 43.86 21.77 -48.45
N ARG OA 21 43.48 20.53 -48.70
CA ARG OA 21 42.29 19.99 -48.09
C ARG OA 21 42.48 19.69 -46.61
N LYS OA 22 43.71 19.72 -46.10
CA LYS OA 22 43.96 19.42 -44.70
C LYS OA 22 44.03 20.67 -43.83
N CYS OA 23 44.58 21.77 -44.34
CA CYS OA 23 44.77 22.97 -43.55
C CYS OA 23 44.29 24.24 -44.25
N TYR OA 24 43.69 24.14 -45.43
CA TYR OA 24 43.03 25.22 -46.15
C TYR OA 24 43.99 26.28 -46.68
N ALA OA 25 45.30 26.05 -46.61
CA ALA OA 25 46.26 27.06 -47.02
C ALA OA 25 46.13 27.39 -48.50
N ARG OA 26 46.45 28.63 -48.84
CA ARG OA 26 46.36 29.14 -50.20
C ARG OA 26 47.73 29.02 -50.86
N LEU OA 27 47.84 28.13 -51.84
CA LEU OA 27 49.10 27.77 -52.46
C LEU OA 27 49.14 28.21 -53.91
N HIS OA 28 50.33 28.14 -54.50
CA HIS OA 28 50.48 28.51 -55.90
C HIS OA 28 49.86 27.44 -56.80
N PRO OA 29 49.44 27.82 -58.01
CA PRO OA 29 48.62 26.90 -58.82
C PRO OA 29 49.32 25.61 -59.22
N ARG OA 30 50.64 25.57 -59.26
CA ARG OA 30 51.35 24.34 -59.62
C ARG OA 30 51.87 23.60 -58.40
N ALA OA 31 51.32 23.85 -57.22
CA ALA OA 31 51.77 23.17 -56.02
C ALA OA 31 51.37 21.70 -56.04
N VAL OA 32 52.25 20.85 -55.53
CA VAL OA 32 51.97 19.44 -55.36
C VAL OA 32 51.88 19.07 -53.88
N ASN OA 33 52.69 19.70 -53.04
CA ASN OA 33 52.65 19.51 -51.60
C ASN OA 33 52.42 20.83 -50.90
N CYS OA 34 51.64 20.78 -49.83
CA CYS OA 34 51.42 21.97 -49.03
C CYS OA 34 52.70 22.37 -48.31
N ARG OA 35 52.86 23.69 -48.11
CA ARG OA 35 54.05 24.22 -47.48
C ARG OA 35 53.92 24.33 -45.97
N LYS OA 36 52.77 24.00 -45.41
CA LYS OA 36 52.52 24.20 -43.99
C LYS OA 36 52.88 22.94 -43.21
N LYS OA 37 53.67 23.12 -42.16
CA LYS OA 37 54.05 21.99 -41.30
C LYS OA 37 52.86 21.46 -40.51
N LYS OA 38 51.82 22.27 -40.30
CA LYS OA 38 50.71 21.87 -39.46
C LYS OA 38 49.99 20.63 -40.01
N CYS OA 39 49.95 20.49 -41.33
CA CYS OA 39 49.32 19.34 -41.96
C CYS OA 39 50.34 18.29 -42.43
N GLY OA 40 51.62 18.52 -42.19
CA GLY OA 40 52.63 17.55 -42.59
C GLY OA 40 53.00 17.58 -44.05
N HIS OA 41 52.84 18.72 -44.72
CA HIS OA 41 53.19 18.87 -46.13
C HIS OA 41 52.45 17.86 -47.00
N THR OA 42 51.14 17.74 -46.79
CA THR OA 42 50.35 16.76 -47.51
C THR OA 42 50.24 17.12 -48.98
N ASN OA 43 50.10 16.09 -49.81
CA ASN OA 43 49.86 16.25 -51.24
C ASN OA 43 48.38 16.14 -51.57
N ASN OA 44 47.51 16.30 -50.57
CA ASN OA 44 46.07 16.19 -50.75
C ASN OA 44 45.54 17.60 -51.01
N LEU OA 45 45.73 18.07 -52.25
CA LEU OA 45 45.37 19.42 -52.64
C LEU OA 45 44.22 19.40 -53.63
N ARG OA 46 43.48 20.49 -53.67
CA ARG OA 46 42.40 20.71 -54.61
C ARG OA 46 42.47 22.13 -55.12
N PRO OA 47 42.01 22.39 -56.35
CA PRO OA 47 42.03 23.76 -56.87
C PRO OA 47 41.05 24.66 -56.11
N LYS OA 48 41.39 25.94 -56.05
CA LYS OA 48 40.48 26.92 -55.46
C LYS OA 48 39.27 27.10 -56.36
N LYS OA 49 38.08 27.07 -55.76
CA LYS OA 49 36.86 27.06 -56.55
C LYS OA 49 36.59 28.43 -57.15
N LYS OA 50 35.88 28.43 -58.27
CA LYS OA 50 35.64 29.61 -59.06
C LYS OA 50 34.19 30.07 -58.93
N VAL OA 51 33.99 31.39 -59.01
CA VAL OA 51 32.66 31.95 -58.87
C VAL OA 51 31.81 31.59 -60.09
N LYS OA 52 30.49 31.65 -59.90
CA LYS OA 52 29.54 31.32 -60.96
C LYS OA 52 28.27 32.16 -60.83
N MET PA 1 -42.52 4.20 -21.31
CA MET PA 1 -42.68 4.83 -20.02
C MET PA 1 -44.06 4.63 -19.41
N ARG PA 2 -44.12 3.70 -18.47
CA ARG PA 2 -45.19 3.69 -17.49
C ARG PA 2 -45.12 4.96 -16.66
N ALA PA 3 -46.28 5.46 -16.24
CA ALA PA 3 -46.35 6.78 -15.61
C ALA PA 3 -45.52 6.83 -14.33
N LYS PA 4 -45.65 5.82 -13.47
CA LYS PA 4 -45.00 5.89 -12.16
C LYS PA 4 -43.48 5.75 -12.26
N TRP PA 5 -43.00 4.79 -13.05
CA TRP PA 5 -41.57 4.55 -13.09
C TRP PA 5 -40.83 5.53 -13.99
N ARG PA 6 -41.55 6.28 -14.84
CA ARG PA 6 -40.96 7.48 -15.40
C ARG PA 6 -40.75 8.54 -14.33
N LYS PA 7 -41.70 8.66 -13.40
CA LYS PA 7 -41.55 9.58 -12.27
C LYS PA 7 -40.37 9.17 -11.39
N LYS PA 8 -40.21 7.86 -11.16
CA LYS PA 8 -39.08 7.40 -10.36
C LYS PA 8 -37.76 7.73 -11.04
N ARG PA 9 -37.69 7.57 -12.36
CA ARG PA 9 -36.45 7.85 -13.07
C ARG PA 9 -36.14 9.35 -13.05
N MET PA 10 -37.17 10.18 -13.20
CA MET PA 10 -36.96 11.62 -13.14
C MET PA 10 -36.48 12.05 -11.76
N ARG PA 11 -37.03 11.42 -10.70
CA ARG PA 11 -36.55 11.71 -9.36
C ARG PA 11 -35.09 11.33 -9.18
N ARG PA 12 -34.70 10.17 -9.71
CA ARG PA 12 -33.33 9.70 -9.54
C ARG PA 12 -32.36 10.51 -10.39
N LEU PA 13 -32.83 11.04 -11.52
CA LEU PA 13 -32.01 11.97 -12.29
C LEU PA 13 -31.90 13.31 -11.55
N LYS PA 14 -32.95 13.68 -10.82
CA LYS PA 14 -32.90 14.92 -10.04
C LYS PA 14 -31.95 14.78 -8.85
N ARG PA 15 -31.98 13.64 -8.16
CA ARG PA 15 -31.10 13.44 -7.02
C ARG PA 15 -29.63 13.46 -7.44
N LYS PA 16 -29.33 12.85 -8.58
CA LYS PA 16 -27.98 12.92 -9.12
C LYS PA 16 -27.61 14.37 -9.47
N ARG PA 17 -28.57 15.12 -10.01
CA ARG PA 17 -28.30 16.52 -10.34
C ARG PA 17 -27.97 17.34 -9.11
N ARG PA 18 -28.68 17.11 -8.01
CA ARG PA 18 -28.44 17.87 -6.79
C ARG PA 18 -27.06 17.61 -6.23
N LYS PA 19 -26.62 16.35 -6.25
CA LYS PA 19 -25.30 16.03 -5.73
C LYS PA 19 -24.20 16.64 -6.59
N MET PA 20 -24.42 16.75 -7.90
CA MET PA 20 -23.44 17.38 -8.77
C MET PA 20 -23.31 18.87 -8.45
N ARG PA 21 -24.42 19.55 -8.19
CA ARG PA 21 -24.36 20.96 -7.83
C ARG PA 21 -23.77 21.16 -6.44
N GLN PA 22 -24.04 20.24 -5.52
CA GLN PA 22 -23.50 20.35 -4.17
C GLN PA 22 -21.98 20.24 -4.17
N ARG PA 23 -21.43 19.31 -4.95
CA ARG PA 23 -19.99 19.14 -4.99
C ARG PA 23 -19.30 20.26 -5.77
N SER PA 24 -20.06 21.00 -6.58
CA SER PA 24 -19.50 22.06 -7.40
C SER PA 24 -19.70 23.43 -6.77
N VAL QA 1 13.08 -54.34 -8.39
CA VAL QA 1 13.74 -55.60 -8.66
C VAL QA 1 12.80 -56.76 -8.34
N ASN QA 2 13.08 -57.93 -8.91
CA ASN QA 2 12.29 -59.13 -8.69
C ASN QA 2 13.22 -60.23 -8.21
N VAL QA 3 12.94 -60.77 -7.03
CA VAL QA 3 13.74 -61.81 -6.41
C VAL QA 3 12.89 -63.06 -6.30
N PRO QA 4 13.35 -64.22 -6.77
CA PRO QA 4 12.54 -65.43 -6.67
C PRO QA 4 12.34 -65.87 -5.22
N LYS QA 5 11.24 -66.59 -5.00
CA LYS QA 5 10.86 -67.00 -3.66
C LYS QA 5 11.76 -68.09 -3.10
N THR QA 6 12.57 -68.73 -3.94
CA THR QA 6 13.47 -69.77 -3.48
C THR QA 6 14.82 -69.61 -4.17
N ARG QA 7 15.87 -70.05 -3.48
CA ARG QA 7 17.22 -69.98 -4.03
C ARG QA 7 18.10 -70.99 -3.29
N ARG QA 8 19.06 -71.55 -4.02
CA ARG QA 8 20.01 -72.51 -3.46
C ARG QA 8 21.29 -71.77 -3.09
N THR QA 9 21.55 -71.64 -1.79
CA THR QA 9 22.74 -70.97 -1.30
C THR QA 9 23.38 -71.80 -0.19
N PHE QA 10 24.55 -71.37 0.24
CA PHE QA 10 25.25 -72.03 1.32
C PHE QA 10 24.44 -71.95 2.61
N CYS QA 11 24.49 -73.01 3.41
CA CYS QA 11 23.91 -73.03 4.73
C CYS QA 11 25.03 -73.26 5.74
N LYS QA 12 25.15 -72.36 6.71
CA LYS QA 12 26.24 -72.46 7.67
C LYS QA 12 26.06 -73.66 8.60
N LYS QA 13 24.83 -73.96 8.99
CA LYS QA 13 24.58 -75.13 9.84
C LYS QA 13 24.79 -76.42 9.07
N CYS QA 14 24.21 -76.53 7.87
CA CYS QA 14 24.35 -77.75 7.09
C CYS QA 14 25.76 -77.92 6.55
N GLY QA 15 26.50 -76.82 6.40
CA GLY QA 15 27.83 -76.86 5.85
C GLY QA 15 27.90 -76.99 4.35
N LYS QA 16 26.78 -76.86 3.64
CA LYS QA 16 26.76 -77.05 2.19
C LYS QA 16 25.59 -76.28 1.59
N HIS QA 17 25.52 -76.30 0.27
CA HIS QA 17 24.45 -75.61 -0.44
C HIS QA 17 23.12 -76.34 -0.25
N GLN QA 18 22.08 -75.58 0.06
CA GLN QA 18 20.76 -76.11 0.31
C GLN QA 18 19.73 -75.17 -0.29
N PRO QA 19 18.54 -75.66 -0.63
CA PRO QA 19 17.45 -74.76 -1.01
C PRO QA 19 16.98 -73.95 0.19
N HIS QA 20 16.63 -72.69 -0.07
CA HIS QA 20 16.18 -71.76 0.95
C HIS QA 20 14.89 -71.09 0.50
N LYS QA 21 14.00 -70.84 1.45
CA LYS QA 21 12.87 -69.96 1.22
C LYS QA 21 13.28 -68.52 1.49
N VAL QA 22 12.87 -67.61 0.62
CA VAL QA 22 13.27 -66.22 0.68
C VAL QA 22 12.05 -65.39 1.06
N THR QA 23 12.20 -64.59 2.11
CA THR QA 23 11.17 -63.67 2.58
C THR QA 23 11.81 -62.30 2.77
N GLN QA 24 10.97 -61.29 3.00
CA GLN QA 24 11.43 -59.93 3.20
C GLN QA 24 11.45 -59.63 4.69
N TYR QA 25 12.60 -59.23 5.20
CA TYR QA 25 12.75 -58.93 6.62
C TYR QA 25 12.05 -57.63 6.96
N LYS QA 26 11.35 -57.64 8.08
CA LYS QA 26 10.68 -56.46 8.61
C LYS QA 26 11.11 -56.27 10.06
N LYS QA 27 11.36 -55.01 10.43
CA LYS QA 27 11.85 -54.71 11.77
C LYS QA 27 10.81 -55.08 12.82
N GLY QA 28 11.25 -55.78 13.86
CA GLY QA 28 10.39 -56.10 14.97
C GLY QA 28 10.10 -54.89 15.84
N LYS QA 29 9.11 -55.06 16.71
CA LYS QA 29 8.68 -53.97 17.58
C LYS QA 29 9.65 -53.77 18.73
N ASP QA 30 9.64 -52.56 19.27
CA ASP QA 30 10.53 -52.23 20.38
C ASP QA 30 10.14 -53.02 21.63
N SER QA 31 11.17 -53.37 22.42
CA SER QA 31 10.97 -54.30 23.53
C SER QA 31 10.32 -53.65 24.73
N LEU QA 32 10.59 -52.36 24.97
CA LEU QA 32 10.13 -51.60 26.12
C LEU QA 32 10.85 -52.04 27.39
N TYR QA 33 11.68 -53.08 27.29
CA TYR QA 33 12.51 -53.52 28.40
C TYR QA 33 13.95 -53.74 27.96
N ALA QA 34 14.32 -53.27 26.78
CA ALA QA 34 15.72 -53.17 26.42
C ALA QA 34 16.39 -52.08 27.27
N GLN QA 35 17.69 -52.26 27.51
CA GLN QA 35 18.40 -51.35 28.40
C GLN QA 35 18.36 -49.91 27.89
N GLY QA 36 18.46 -49.73 26.57
CA GLY QA 36 18.42 -48.40 26.01
C GLY QA 36 17.06 -47.75 26.16
N LYS QA 37 15.99 -48.53 26.03
CA LYS QA 37 14.66 -48.00 26.26
C LYS QA 37 14.43 -47.67 27.72
N ARG QA 38 14.94 -48.52 28.62
CA ARG QA 38 14.81 -48.25 30.05
C ARG QA 38 15.57 -46.98 30.43
N ARG QA 39 16.79 -46.82 29.91
CA ARG QA 39 17.58 -45.62 30.22
C ARG QA 39 16.93 -44.38 29.65
N TYR QA 40 16.41 -44.46 28.43
CA TYR QA 40 15.74 -43.31 27.82
C TYR QA 40 14.51 -42.90 28.61
N ASP QA 41 13.74 -43.88 29.08
CA ASP QA 41 12.56 -43.59 29.88
C ASP QA 41 12.92 -42.93 31.20
N ARG QA 42 14.00 -43.39 31.84
CA ARG QA 42 14.43 -42.80 33.09
C ARG QA 42 14.90 -41.36 32.89
N LYS QA 43 15.58 -41.10 31.78
CA LYS QA 43 16.00 -39.74 31.46
C LYS QA 43 14.81 -38.86 31.13
N GLN QA 44 13.80 -39.41 30.47
CA GLN QA 44 12.69 -38.61 29.97
C GLN QA 44 11.71 -38.25 31.08
N SER QA 45 11.79 -38.93 32.22
CA SER QA 45 10.88 -38.65 33.32
C SER QA 45 11.36 -37.43 34.11
N GLY QA 46 10.42 -36.56 34.44
CA GLY QA 46 10.71 -35.37 35.22
C GLY QA 46 10.43 -34.10 34.45
N TYR QA 47 11.28 -33.11 34.66
CA TYR QA 47 11.02 -31.76 34.18
C TYR QA 47 12.06 -31.25 33.17
N GLY QA 48 13.05 -32.06 32.80
CA GLY QA 48 14.07 -31.58 31.89
C GLY QA 48 13.53 -31.27 30.50
N GLY QA 49 12.61 -32.09 29.99
CA GLY QA 49 12.14 -31.96 28.63
C GLY QA 49 12.70 -33.05 27.75
N GLN QA 50 12.83 -32.79 26.46
CA GLN QA 50 13.46 -33.75 25.55
C GLN QA 50 14.95 -33.79 25.82
N THR QA 51 15.47 -35.00 26.04
CA THR QA 51 16.84 -35.17 26.48
C THR QA 51 17.76 -35.75 25.42
N LYS QA 52 17.23 -36.17 24.28
CA LYS QA 52 17.99 -36.78 23.21
C LYS QA 52 17.53 -36.19 21.88
N PRO QA 53 18.38 -36.25 20.85
CA PRO QA 53 18.00 -35.65 19.56
C PRO QA 53 16.81 -36.34 18.92
N ILE QA 54 16.07 -35.58 18.12
CA ILE QA 54 15.03 -36.10 17.25
C ILE QA 54 15.43 -35.78 15.83
N PHE QA 55 15.72 -36.81 15.04
CA PHE QA 55 16.23 -36.61 13.69
C PHE QA 55 15.14 -36.06 12.77
N ARG QA 56 15.46 -35.01 12.02
CA ARG QA 56 14.49 -34.34 11.16
C ARG QA 56 14.96 -34.11 9.73
N LYS QA 57 16.25 -34.26 9.43
CA LYS QA 57 16.76 -33.96 8.10
C LYS QA 57 16.84 -35.23 7.25
N LYS QA 58 15.66 -35.79 6.97
CA LYS QA 58 15.58 -37.04 6.23
C LYS QA 58 15.96 -36.82 4.77
N ALA QA 59 16.84 -37.71 4.26
CA ALA QA 59 17.37 -37.55 2.92
C ALA QA 59 17.16 -38.79 2.07
N LYS QA 60 17.19 -39.97 2.70
CA LYS QA 60 16.98 -41.21 1.96
C LYS QA 60 15.53 -41.31 1.51
N THR QA 61 15.32 -41.71 0.27
CA THR QA 61 13.99 -41.99 -0.24
C THR QA 61 13.70 -43.47 -0.38
N THR QA 62 14.73 -44.31 -0.49
CA THR QA 62 14.59 -45.75 -0.59
C THR QA 62 15.21 -46.41 0.64
N LYS QA 63 15.28 -47.74 0.64
CA LYS QA 63 15.78 -48.47 1.80
C LYS QA 63 16.47 -49.73 1.30
N LYS QA 64 17.53 -50.13 1.99
CA LYS QA 64 18.18 -51.39 1.64
C LYS QA 64 17.26 -52.55 1.94
N ILE QA 65 17.15 -53.49 1.00
CA ILE QA 65 16.22 -54.61 1.13
C ILE QA 65 16.96 -55.80 1.71
N VAL QA 66 16.45 -56.31 2.82
CA VAL QA 66 17.07 -57.41 3.54
C VAL QA 66 16.22 -58.65 3.35
N LEU QA 67 16.84 -59.73 2.91
CA LEU QA 67 16.15 -60.99 2.64
C LEU QA 67 16.44 -61.96 3.77
N ARG QA 68 15.39 -62.59 4.27
CA ARG QA 68 15.50 -63.66 5.26
C ARG QA 68 15.50 -64.99 4.52
N LEU QA 69 16.61 -65.72 4.61
CA LEU QA 69 16.74 -67.04 4.00
C LEU QA 69 16.58 -68.10 5.07
N GLU QA 70 15.63 -69.00 4.87
CA GLU QA 70 15.35 -70.09 5.81
C GLU QA 70 15.62 -71.41 5.12
N CYS QA 71 16.47 -72.24 5.73
CA CYS QA 71 16.82 -73.53 5.16
C CYS QA 71 15.61 -74.46 5.21
N VAL QA 72 15.41 -75.22 4.12
CA VAL QA 72 14.27 -76.12 4.02
C VAL QA 72 14.54 -77.50 4.61
N GLU QA 73 15.75 -77.76 5.06
CA GLU QA 73 16.04 -79.03 5.72
C GLU QA 73 15.26 -79.08 7.02
N PRO QA 74 14.40 -80.09 7.23
CA PRO QA 74 13.53 -80.07 8.42
C PRO QA 74 14.29 -80.09 9.73
N ASN QA 75 15.44 -80.75 9.79
CA ASN QA 75 16.20 -80.80 11.04
C ASN QA 75 17.00 -79.53 11.27
N CYS QA 76 17.23 -78.74 10.23
CA CYS QA 76 18.08 -77.56 10.35
C CYS QA 76 17.28 -76.29 10.60
N ARG QA 77 16.39 -75.93 9.67
CA ARG QA 77 15.57 -74.72 9.69
C ARG QA 77 16.32 -73.52 10.26
N SER QA 78 17.53 -73.28 9.78
CA SER QA 78 18.31 -72.14 10.22
C SER QA 78 18.06 -70.95 9.31
N LYS QA 79 18.32 -69.75 9.84
CA LYS QA 79 18.03 -68.53 9.14
C LYS QA 79 19.29 -67.69 8.98
N ARG QA 80 19.28 -66.86 7.93
CA ARG QA 80 20.36 -65.91 7.70
C ARG QA 80 19.77 -64.65 7.09
N MET QA 81 20.50 -63.55 7.24
CA MET QA 81 20.05 -62.26 6.76
C MET QA 81 20.98 -61.81 5.63
N LEU QA 82 20.39 -61.54 4.47
CA LEU QA 82 21.16 -61.22 3.27
C LEU QA 82 20.61 -59.96 2.64
N ALA QA 83 21.41 -58.89 2.67
CA ALA QA 83 20.98 -57.60 2.17
C ALA QA 83 21.35 -57.43 0.70
N ILE QA 84 20.47 -56.77 -0.04
CA ILE QA 84 20.75 -56.38 -1.42
C ILE QA 84 20.73 -54.87 -1.50
N LYS QA 85 20.98 -54.32 -2.68
CA LYS QA 85 21.13 -52.89 -2.83
C LYS QA 85 19.77 -52.18 -2.73
N ARG QA 86 19.84 -50.86 -2.66
CA ARG QA 86 18.62 -50.05 -2.59
C ARG QA 86 17.81 -50.17 -3.86
N CYS QA 87 16.49 -50.24 -3.70
CA CYS QA 87 15.57 -50.23 -4.82
C CYS QA 87 14.29 -49.55 -4.40
N LYS QA 88 13.69 -48.80 -5.32
CA LYS QA 88 12.41 -48.14 -5.04
C LYS QA 88 11.27 -49.14 -4.99
N HIS QA 89 11.25 -50.09 -5.93
CA HIS QA 89 10.21 -51.11 -6.01
C HIS QA 89 10.85 -52.48 -5.82
N PHE QA 90 10.28 -53.28 -4.94
CA PHE QA 90 10.76 -54.62 -4.67
C PHE QA 90 9.60 -55.61 -4.77
N GLU QA 91 9.81 -56.67 -5.53
CA GLU QA 91 8.80 -57.70 -5.74
C GLU QA 91 9.43 -59.06 -5.50
N LEU QA 92 8.75 -59.90 -4.74
CA LEU QA 92 9.21 -61.23 -4.42
C LEU QA 92 8.35 -62.23 -5.19
N GLY QA 93 8.99 -63.04 -6.02
CA GLY QA 93 8.28 -64.02 -6.81
C GLY QA 93 7.38 -63.44 -7.89
N GLY QA 94 7.78 -62.34 -8.50
CA GLY QA 94 7.04 -61.82 -9.64
C GLY QA 94 7.28 -62.64 -10.88
N ASP QA 95 6.50 -62.36 -11.91
CA ASP QA 95 6.62 -63.11 -13.16
C ASP QA 95 7.96 -62.81 -13.82
N LYS QA 96 8.50 -63.83 -14.50
CA LYS QA 96 9.79 -63.71 -15.17
C LYS QA 96 9.59 -63.15 -16.56
N LYS QA 97 10.41 -62.17 -16.93
CA LYS QA 97 10.31 -61.54 -18.23
C LYS QA 97 10.70 -62.49 -19.34
N ARG QA 98 10.08 -62.33 -20.51
CA ARG QA 98 10.42 -63.09 -21.70
C ARG QA 98 10.55 -62.15 -22.87
N LYS QA 99 11.38 -62.55 -23.85
CA LYS QA 99 11.78 -61.67 -24.94
C LYS QA 99 10.90 -61.77 -26.18
N GLY QA 100 10.14 -62.85 -26.32
CA GLY QA 100 9.31 -63.01 -27.49
C GLY QA 100 7.95 -62.33 -27.43
N GLN QA 101 7.63 -61.66 -26.33
CA GLN QA 101 6.32 -61.07 -26.16
C GLN QA 101 6.12 -59.87 -27.08
N VAL QA 102 4.87 -59.66 -27.48
CA VAL QA 102 4.49 -58.48 -28.26
C VAL QA 102 4.26 -57.32 -27.31
N ILE QA 103 4.90 -56.19 -27.61
CA ILE QA 103 4.81 -55.02 -26.74
C ILE QA 103 3.41 -54.42 -26.79
N ARG RA 1 -35.46 35.07 20.13
CA ARG RA 1 -34.02 35.28 20.01
C ARG RA 1 -33.40 34.25 19.07
N THR RA 2 -33.84 33.01 19.18
CA THR RA 2 -33.38 31.94 18.30
C THR RA 2 -34.55 31.40 17.50
N LYS RA 3 -34.23 30.73 16.39
CA LYS RA 3 -35.26 30.14 15.55
C LYS RA 3 -35.66 28.76 16.07
N LYS RA 4 -34.67 27.88 16.27
CA LYS RA 4 -34.96 26.51 16.66
C LYS RA 4 -34.10 25.95 17.77
N VAL RA 5 -32.97 26.59 18.10
CA VAL RA 5 -32.04 25.95 19.03
C VAL RA 5 -32.58 25.96 20.46
N GLY RA 6 -33.35 26.97 20.85
CA GLY RA 6 -33.95 26.97 22.17
C GLY RA 6 -32.92 26.94 23.27
N ILE RA 7 -33.06 25.96 24.17
CA ILE RA 7 -32.22 25.89 25.36
C ILE RA 7 -30.82 25.38 25.07
N VAL RA 8 -30.60 24.72 23.93
CA VAL RA 8 -29.29 24.14 23.66
C VAL RA 8 -28.45 25.12 22.86
N GLY RA 9 -28.83 26.40 22.89
CA GLY RA 9 -27.98 27.43 22.34
C GLY RA 9 -26.71 27.66 23.15
N LYS RA 10 -26.66 27.14 24.37
CA LYS RA 10 -25.47 27.24 25.19
C LYS RA 10 -24.34 26.36 24.67
N TYR RA 11 -24.64 25.38 23.82
CA TYR RA 11 -23.62 24.50 23.27
C TYR RA 11 -23.06 24.99 21.95
N GLY RA 12 -23.62 26.04 21.37
CA GLY RA 12 -23.09 26.58 20.13
C GLY RA 12 -23.11 25.54 19.01
N THR RA 13 -21.96 25.37 18.37
CA THR RA 13 -21.78 24.39 17.31
C THR RA 13 -21.01 23.16 17.80
N ARG RA 14 -20.83 23.02 19.10
CA ARG RA 14 -19.80 22.14 19.64
C ARG RA 14 -20.15 20.67 19.60
N TYR RA 15 -21.39 20.30 19.26
CA TYR RA 15 -21.77 18.90 19.12
C TYR RA 15 -22.71 18.81 17.91
N GLY RA 16 -23.08 17.58 17.56
CA GLY RA 16 -23.92 17.40 16.40
C GLY RA 16 -25.28 18.03 16.56
N ALA RA 17 -25.92 18.32 15.43
CA ALA RA 17 -27.27 18.89 15.45
C ALA RA 17 -28.26 17.89 16.04
N SER RA 18 -28.11 16.61 15.71
CA SER RA 18 -29.04 15.61 16.22
C SER RA 18 -28.83 15.36 17.71
N LEU RA 19 -27.58 15.37 18.16
CA LEU RA 19 -27.31 15.20 19.59
C LEU RA 19 -27.83 16.40 20.38
N ARG RA 20 -27.73 17.60 19.82
CA ARG RA 20 -28.26 18.77 20.49
C ARG RA 20 -29.79 18.76 20.49
N LYS RA 21 -30.40 18.20 19.45
CA LYS RA 21 -31.85 18.10 19.39
C LYS RA 21 -32.37 17.10 20.42
N MET RA 22 -31.69 15.96 20.57
CA MET RA 22 -32.12 14.96 21.54
C MET RA 22 -32.01 15.49 22.96
N VAL RA 23 -30.91 16.19 23.27
CA VAL RA 23 -30.72 16.70 24.62
C VAL RA 23 -31.61 17.91 24.88
N LYS RA 24 -32.14 18.54 23.81
CA LYS RA 24 -33.03 19.67 23.99
C LYS RA 24 -34.30 19.26 24.70
N LYS RA 25 -34.90 18.13 24.29
CA LYS RA 25 -36.10 17.64 24.94
C LYS RA 25 -35.85 17.28 26.39
N ILE RA 26 -34.73 16.62 26.66
CA ILE RA 26 -34.43 16.15 28.01
C ILE RA 26 -34.10 17.31 28.94
N GLU RA 27 -33.41 18.33 28.42
CA GLU RA 27 -32.99 19.44 29.27
C GLU RA 27 -34.17 20.35 29.62
N ILE RA 28 -35.19 20.39 28.77
CA ILE RA 28 -36.39 21.14 29.11
C ILE RA 28 -37.13 20.46 30.25
N SER RA 29 -37.24 19.13 30.19
CA SER RA 29 -37.99 18.39 31.20
C SER RA 29 -37.23 18.29 32.50
N GLN RA 30 -35.89 18.25 32.45
CA GLN RA 30 -35.10 18.10 33.65
C GLN RA 30 -34.99 19.40 34.44
N HIS RA 31 -35.24 20.54 33.81
CA HIS RA 31 -35.17 21.83 34.49
C HIS RA 31 -36.52 22.47 34.69
N ALA RA 32 -37.60 21.84 34.22
CA ALA RA 32 -38.93 22.38 34.43
C ALA RA 32 -39.37 22.18 35.87
N LYS RA 33 -40.24 23.06 36.33
CA LYS RA 33 -40.90 22.93 37.62
C LYS RA 33 -42.32 22.46 37.43
N TYR RA 34 -42.67 21.36 38.10
CA TYR RA 34 -43.95 20.71 37.96
C TYR RA 34 -44.85 21.09 39.13
N THR RA 35 -46.15 20.80 38.99
CA THR RA 35 -47.09 21.05 40.07
C THR RA 35 -47.01 19.90 41.06
N CYS RA 36 -46.87 20.24 42.35
CA CYS RA 36 -46.84 19.23 43.38
C CYS RA 36 -48.23 18.64 43.57
N SER RA 37 -48.30 17.31 43.59
CA SER RA 37 -49.57 16.65 43.82
C SER RA 37 -49.99 16.67 45.29
N PHE RA 38 -49.07 17.04 46.19
CA PHE RA 38 -49.37 17.02 47.61
C PHE RA 38 -49.89 18.36 48.11
N CYS RA 39 -49.28 19.46 47.71
CA CYS RA 39 -49.71 20.78 48.13
C CYS RA 39 -50.35 21.60 47.02
N GLY RA 40 -50.21 21.19 45.76
CA GLY RA 40 -50.81 21.89 44.65
C GLY RA 40 -49.99 23.02 44.09
N LYS RA 41 -48.83 23.32 44.66
CA LYS RA 41 -48.01 24.44 44.22
C LYS RA 41 -46.98 23.97 43.20
N THR RA 42 -46.73 24.80 42.19
CA THR RA 42 -45.86 24.45 41.06
C THR RA 42 -44.39 24.70 41.42
N LYS RA 43 -43.89 23.91 42.37
CA LYS RA 43 -42.55 24.08 42.90
C LYS RA 43 -41.76 22.78 42.94
N MET RA 44 -42.15 21.77 42.16
CA MET RA 44 -41.48 20.48 42.21
C MET RA 44 -40.29 20.50 41.27
N LYS RA 45 -39.12 20.81 41.82
CA LYS RA 45 -37.86 20.84 41.09
C LYS RA 45 -37.10 19.54 41.29
N ARG RA 46 -35.98 19.42 40.59
CA ARG RA 46 -35.14 18.24 40.65
C ARG RA 46 -33.89 18.53 41.46
N ARG RA 47 -33.67 17.74 42.50
CA ARG RA 47 -32.43 17.84 43.26
C ARG RA 47 -31.30 17.13 42.54
N ALA RA 48 -31.45 15.82 42.32
CA ALA RA 48 -30.48 15.05 41.57
C ALA RA 48 -31.23 14.10 40.64
N VAL RA 49 -30.50 13.20 39.98
CA VAL RA 49 -31.14 12.25 39.09
C VAL RA 49 -32.07 11.35 39.90
N GLY RA 50 -33.34 11.33 39.54
CA GLY RA 50 -34.32 10.52 40.21
C GLY RA 50 -34.87 11.11 41.50
N ILE RA 51 -34.42 12.29 41.91
CA ILE RA 51 -34.84 12.92 43.16
C ILE RA 51 -35.53 14.23 42.84
N TRP RA 52 -36.77 14.37 43.27
CA TRP RA 52 -37.59 15.55 43.02
C TRP RA 52 -38.08 16.11 44.34
N HIS RA 53 -37.93 17.41 44.52
CA HIS RA 53 -38.23 18.08 45.78
C HIS RA 53 -39.21 19.21 45.56
N CYS RA 54 -40.10 19.40 46.53
CA CYS RA 54 -41.00 20.55 46.55
C CYS RA 54 -40.51 21.54 47.60
N GLY RA 55 -40.35 22.79 47.18
CA GLY RA 55 -39.80 23.80 48.07
C GLY RA 55 -40.84 24.47 48.96
N SER RA 56 -42.09 24.02 48.91
CA SER RA 56 -43.12 24.60 49.77
C SER RA 56 -43.51 23.64 50.89
N CYS RA 57 -43.87 22.40 50.53
CA CYS RA 57 -44.22 21.40 51.52
C CYS RA 57 -43.05 20.50 51.91
N MET RA 58 -41.88 20.72 51.32
CA MET RA 58 -40.65 20.01 51.67
C MET RA 58 -40.81 18.49 51.52
N LYS RA 59 -41.43 18.07 50.43
CA LYS RA 59 -41.61 16.66 50.13
C LYS RA 59 -40.62 16.24 49.06
N THR RA 60 -39.93 15.13 49.31
CA THR RA 60 -38.99 14.54 48.35
C THR RA 60 -39.58 13.25 47.79
N VAL RA 61 -39.58 13.14 46.48
CA VAL RA 61 -40.17 12.01 45.77
C VAL RA 61 -39.14 11.39 44.84
N ALA RA 62 -39.12 10.07 44.81
CA ALA RA 62 -38.32 9.35 43.82
C ALA RA 62 -39.07 9.32 42.50
N GLY RA 63 -38.46 9.86 41.45
CA GLY RA 63 -39.06 9.95 40.14
C GLY RA 63 -38.09 9.50 39.07
N GLY RA 64 -38.28 10.05 37.87
CA GLY RA 64 -37.42 9.70 36.76
C GLY RA 64 -36.12 10.47 36.74
N ALA RA 65 -35.28 10.10 35.77
CA ALA RA 65 -33.98 10.74 35.64
C ALA RA 65 -34.12 12.19 35.20
N TRP RA 66 -34.97 12.45 34.21
CA TRP RA 66 -35.19 13.78 33.67
C TRP RA 66 -36.62 14.26 33.78
N THR RA 67 -37.58 13.36 33.85
CA THR RA 67 -38.97 13.72 34.01
C THR RA 67 -39.45 13.27 35.38
N TYR RA 68 -40.48 13.94 35.89
CA TYR RA 68 -40.99 13.64 37.22
C TYR RA 68 -41.61 12.26 37.29
N ASN RA 69 -42.35 11.87 36.25
CA ASN RA 69 -42.99 10.56 36.17
C ASN RA 69 -42.59 9.86 34.88
N THR RA 70 -42.05 8.66 35.01
CA THR RA 70 -41.74 7.83 33.87
C THR RA 70 -42.98 7.04 33.45
N THR RA 71 -43.10 6.76 32.15
CA THR RA 71 -44.25 6.02 31.66
C THR RA 71 -44.28 4.61 32.23
N SER RA 72 -43.10 4.03 32.46
CA SER RA 72 -43.04 2.70 33.06
C SER RA 72 -43.59 2.72 34.48
N ALA RA 73 -43.37 3.81 35.20
CA ALA RA 73 -43.88 3.91 36.56
C ALA RA 73 -45.40 3.98 36.58
N VAL RA 74 -46.00 4.75 35.68
CA VAL RA 74 -47.45 4.90 35.66
C VAL RA 74 -48.12 3.57 35.33
N THR RA 75 -47.58 2.85 34.34
CA THR RA 75 -48.17 1.56 33.97
C THR RA 75 -48.06 0.56 35.11
N VAL RA 76 -46.93 0.54 35.81
CA VAL RA 76 -46.73 -0.42 36.89
C VAL RA 76 -47.66 -0.09 38.06
N LYS RA 77 -47.82 1.19 38.38
CA LYS RA 77 -48.71 1.56 39.47
C LYS RA 77 -50.16 1.19 39.15
N SER RA 78 -50.58 1.39 37.91
CA SER RA 78 -51.93 1.01 37.51
C SER RA 78 -52.10 -0.50 37.49
N ALA RA 79 -51.04 -1.23 37.12
CA ALA RA 79 -51.12 -2.69 37.08
C ALA RA 79 -51.15 -3.28 38.48
N ILE RA 80 -50.39 -2.71 39.40
CA ILE RA 80 -50.37 -3.21 40.78
C ILE RA 80 -51.72 -2.98 41.44
N ARG RA 81 -52.36 -1.85 41.15
CA ARG RA 81 -53.70 -1.60 41.67
C ARG RA 81 -54.69 -2.63 41.15
N ARG RA 82 -54.58 -3.00 39.87
CA ARG RA 82 -55.46 -4.03 39.33
C ARG RA 82 -55.21 -5.39 39.98
N LEU RA 83 -53.94 -5.73 40.21
CA LEU RA 83 -53.62 -7.01 40.80
C LEU RA 83 -54.06 -7.06 42.26
N LYS RA 84 -53.94 -5.94 42.97
CA LYS RA 84 -54.40 -5.88 44.35
C LYS RA 84 -55.91 -6.00 44.44
N GLU RA 85 -56.63 -5.35 43.53
CA GLU RA 85 -58.10 -5.40 43.56
C GLU RA 85 -58.60 -6.80 43.21
N LEU RA 86 -57.90 -7.49 42.31
CA LEU RA 86 -58.29 -8.86 41.99
C LEU RA 86 -58.11 -9.78 43.18
N LYS RA 87 -57.04 -9.56 43.96
CA LYS RA 87 -56.84 -10.35 45.17
C LYS RA 87 -57.94 -10.12 46.19
N ASP RA 88 -58.34 -8.85 46.38
CA ASP RA 88 -59.35 -8.54 47.38
C ASP RA 88 -60.74 -8.99 46.93
N GLN RA 89 -61.10 -8.72 45.67
CA GLN RA 89 -62.43 -9.04 45.17
C GLN RA 89 -62.36 -9.90 43.92
N SER SA 1 93.50 -38.33 48.87
CA SER SA 1 94.33 -38.21 47.67
C SER SA 1 94.27 -36.78 47.13
N ALA SA 2 95.37 -36.33 46.54
CA ALA SA 2 95.46 -34.94 46.10
C ALA SA 2 94.43 -34.62 45.02
N HIS SA 3 94.25 -35.52 44.07
CA HIS SA 3 93.30 -35.26 42.99
C HIS SA 3 91.86 -35.33 43.48
N LEU SA 4 91.59 -36.18 44.46
CA LEU SA 4 90.24 -36.28 45.02
C LEU SA 4 89.88 -35.00 45.77
N GLN SA 5 90.81 -34.50 46.60
CA GLN SA 5 90.54 -33.27 47.33
C GLN SA 5 90.51 -32.06 46.42
N TRP SA 6 91.30 -32.08 45.35
CA TRP SA 6 91.30 -30.97 44.41
C TRP SA 6 89.96 -30.83 43.74
N MET SA 7 89.28 -31.95 43.46
CA MET SA 7 87.96 -31.87 42.86
C MET SA 7 86.91 -31.35 43.82
N VAL SA 8 87.24 -31.25 45.11
CA VAL SA 8 86.30 -30.71 46.08
C VAL SA 8 86.52 -29.22 46.26
N VAL SA 9 87.79 -28.79 46.30
CA VAL SA 9 88.14 -27.41 46.57
C VAL SA 9 88.45 -26.63 45.30
N ARG SA 10 88.20 -27.21 44.13
CA ARG SA 10 88.55 -26.56 42.87
C ARG SA 10 87.80 -25.25 42.69
N ASN SA 11 86.50 -25.24 43.02
CA ASN SA 11 85.68 -24.05 42.92
C ASN SA 11 85.00 -23.69 44.23
N CYS SA 12 85.21 -24.46 45.30
CA CYS SA 12 84.54 -24.25 46.56
C CYS SA 12 85.60 -24.25 47.67
N SER SA 13 86.00 -23.07 48.10
CA SER SA 13 86.99 -22.94 49.16
C SER SA 13 86.83 -21.59 49.82
N SER SA 14 87.34 -21.49 51.05
CA SER SA 14 87.37 -20.22 51.75
C SER SA 14 88.54 -19.34 51.32
N PHE SA 15 89.52 -19.92 50.64
CA PHE SA 15 90.68 -19.17 50.16
C PHE SA 15 90.52 -18.70 48.72
N LEU SA 16 89.41 -18.99 48.08
CA LEU SA 16 89.23 -18.69 46.67
C LEU SA 16 88.73 -17.26 46.49
N ILE SA 17 89.46 -16.49 45.68
CA ILE SA 17 89.08 -15.12 45.34
C ILE SA 17 88.81 -15.08 43.84
N LYS SA 18 87.59 -14.68 43.48
CA LYS SA 18 87.22 -14.42 42.09
C LYS SA 18 86.86 -12.95 41.97
N ARG SA 19 87.57 -12.23 41.11
CA ARG SA 19 87.42 -10.79 41.03
C ARG SA 19 88.06 -10.25 39.77
N ASN SA 20 87.33 -9.43 39.02
CA ASN SA 20 87.77 -8.81 37.76
C ASN SA 20 88.62 -9.75 36.92
N LYS SA 21 88.01 -10.86 36.54
CA LYS SA 21 88.51 -11.80 35.54
C LYS SA 21 89.75 -12.57 36.00
N GLN SA 22 90.08 -12.56 37.29
CA GLN SA 22 91.23 -13.30 37.78
C GLN SA 22 90.87 -14.05 39.04
N THR SA 23 91.64 -15.10 39.32
CA THR SA 23 91.41 -16.00 40.44
C THR SA 23 92.67 -16.09 41.28
N TYR SA 24 92.49 -16.07 42.61
CA TYR SA 24 93.61 -16.18 43.53
C TYR SA 24 93.24 -17.14 44.64
N SER SA 25 94.28 -17.62 45.33
CA SER SA 25 94.10 -18.52 46.47
C SER SA 25 94.97 -18.01 47.60
N THR SA 26 94.40 -17.92 48.80
CA THR SA 26 95.07 -17.28 49.93
C THR SA 26 95.48 -18.27 51.01
N GLU SA 27 95.55 -19.57 50.70
CA GLU SA 27 96.06 -20.50 51.71
C GLU SA 27 97.55 -20.24 51.93
N PRO SA 28 98.06 -20.56 53.13
CA PRO SA 28 99.36 -20.02 53.55
C PRO SA 28 100.58 -20.60 52.84
N ASN SA 29 100.47 -21.70 52.12
CA ASN SA 29 101.67 -22.33 51.52
C ASN SA 29 101.55 -22.38 50.01
N ASN SA 30 100.87 -21.42 49.42
CA ASN SA 30 100.63 -21.38 47.98
C ASN SA 30 101.57 -20.34 47.40
N LEU SA 31 102.66 -20.80 46.80
CA LEU SA 31 103.50 -19.91 46.00
C LEU SA 31 102.72 -19.46 44.78
N LYS SA 32 102.81 -18.16 44.47
CA LYS SA 32 102.11 -17.50 43.37
C LYS SA 32 100.64 -17.27 43.68
N ALA SA 33 100.15 -17.84 44.77
CA ALA SA 33 98.79 -17.59 45.28
C ALA SA 33 97.73 -17.75 44.20
N ARG SA 34 97.84 -18.81 43.39
CA ARG SA 34 96.90 -19.03 42.31
C ARG SA 34 96.11 -20.32 42.54
N ASN SA 35 94.83 -20.27 42.18
CA ASN SA 35 93.98 -21.45 42.31
C ASN SA 35 94.37 -22.46 41.26
N SER SA 36 95.24 -23.40 41.61
CA SER SA 36 95.71 -24.41 40.69
C SER SA 36 96.00 -25.68 41.47
N PHE SA 37 95.86 -26.82 40.80
CA PHE SA 37 96.23 -28.08 41.42
C PHE SA 37 97.70 -28.09 41.79
N ARG SA 38 98.55 -27.50 40.96
CA ARG SA 38 99.98 -27.60 41.17
C ARG SA 38 100.44 -26.78 42.36
N TYR SA 39 99.78 -25.65 42.63
CA TYR SA 39 100.27 -24.71 43.62
C TYR SA 39 99.46 -24.72 44.90
N ASN SA 40 98.39 -25.51 44.97
CA ASN SA 40 97.59 -25.58 46.18
C ASN SA 40 98.44 -26.11 47.34
N GLY SA 41 98.44 -25.38 48.44
CA GLY SA 41 99.26 -25.69 49.59
C GLY SA 41 98.65 -26.58 50.65
N LEU SA 42 97.46 -27.13 50.40
CA LEU SA 42 96.79 -27.96 51.40
C LEU SA 42 96.60 -29.40 50.95
N ILE SA 43 96.57 -29.66 49.65
CA ILE SA 43 96.14 -30.96 49.13
C ILE SA 43 97.28 -31.93 48.82
N HIS SA 44 98.53 -31.52 48.98
CA HIS SA 44 99.66 -32.37 48.63
C HIS SA 44 100.31 -32.94 49.88
N ARG SA 45 101.03 -34.05 49.69
CA ARG SA 45 101.77 -34.65 50.79
C ARG SA 45 103.05 -33.90 51.09
N LYS SA 46 103.56 -33.14 50.13
CA LYS SA 46 104.75 -32.34 50.31
C LYS SA 46 104.55 -31.00 49.62
N THR SA 47 104.58 -29.92 50.39
CA THR SA 47 104.46 -28.56 49.87
C THR SA 47 105.61 -27.72 50.41
N VAL SA 48 105.90 -26.64 49.69
CA VAL SA 48 106.94 -25.68 50.07
C VAL SA 48 106.28 -24.32 50.23
N GLY SA 49 106.56 -23.65 51.33
CA GLY SA 49 106.09 -22.30 51.56
C GLY SA 49 107.23 -21.40 51.95
N VAL SA 50 107.17 -20.17 51.44
CA VAL SA 50 108.17 -19.15 51.72
C VAL SA 50 107.45 -17.93 52.24
N GLU SA 51 107.69 -17.58 53.50
CA GLU SA 51 107.07 -16.46 54.17
C GLU SA 51 108.15 -15.57 54.75
N PRO SA 52 107.86 -14.28 54.95
CA PRO SA 52 108.82 -13.42 55.64
C PRO SA 52 109.00 -13.85 57.09
N ALA SA 53 110.18 -13.57 57.63
CA ALA SA 53 110.50 -13.96 58.99
C ALA SA 53 109.59 -13.25 59.98
N ALA SA 54 109.62 -13.71 61.23
CA ALA SA 54 108.79 -13.11 62.27
C ALA SA 54 109.17 -11.65 62.48
N ASP SA 55 110.47 -11.37 62.49
CA ASP SA 55 110.97 -9.99 62.46
C ASP SA 55 111.09 -9.56 61.00
N GLY SA 56 111.76 -8.44 60.76
CA GLY SA 56 111.78 -7.88 59.42
C GLY SA 56 112.91 -8.32 58.52
N LYS SA 57 113.68 -9.34 58.88
CA LYS SA 57 114.83 -9.73 58.08
C LYS SA 57 114.92 -11.25 57.97
N GLY SA 58 114.98 -11.74 56.75
CA GLY SA 58 115.14 -13.15 56.47
C GLY SA 58 113.87 -13.77 55.90
N VAL SA 59 114.01 -15.03 55.50
CA VAL SA 59 112.94 -15.81 54.90
C VAL SA 59 112.75 -17.08 55.72
N VAL SA 60 111.51 -17.41 56.04
CA VAL SA 60 111.16 -18.66 56.70
C VAL SA 60 110.64 -19.62 55.64
N VAL SA 61 111.27 -20.79 55.54
CA VAL SA 61 110.89 -21.80 54.58
C VAL SA 61 110.18 -22.92 55.30
N VAL SA 62 108.96 -23.23 54.87
CA VAL SA 62 108.11 -24.23 55.49
C VAL SA 62 108.10 -25.47 54.60
N MET SA 63 108.24 -26.63 55.21
CA MET SA 63 108.25 -27.90 54.51
C MET SA 63 107.35 -28.89 55.24
N LYS SA 64 106.53 -29.61 54.48
CA LYS SA 64 105.63 -30.59 55.06
C LYS SA 64 106.35 -31.91 55.25
N ARG SA 65 106.34 -32.43 56.48
CA ARG SA 65 106.94 -33.72 56.75
C ARG SA 65 106.06 -34.85 56.20
N ARG SA 66 106.70 -35.98 55.90
CA ARG SA 66 106.01 -37.10 55.28
C ARG SA 66 104.96 -37.69 56.21
N SER SA 67 105.31 -37.90 57.47
CA SER SA 67 104.39 -38.51 58.42
C SER SA 67 103.43 -37.48 58.99
N GLY SA 68 102.38 -37.97 59.63
CA GLY SA 68 101.42 -37.11 60.29
C GLY SA 68 100.65 -36.22 59.34
N GLN SA 69 100.19 -36.77 58.23
CA GLN SA 69 99.37 -36.01 57.30
C GLN SA 69 98.02 -35.64 57.90
N ARG SA 70 97.59 -36.37 58.93
CA ARG SA 70 96.37 -36.06 59.67
C ARG SA 70 96.65 -35.38 60.99
N LYS SA 71 97.88 -34.94 61.22
CA LYS SA 71 98.30 -34.27 62.45
C LYS SA 71 98.73 -32.85 62.10
N PRO SA 72 97.81 -31.89 62.10
CA PRO SA 72 98.17 -30.52 61.70
C PRO SA 72 99.23 -29.88 62.57
N ALA SA 73 99.31 -30.24 63.86
CA ALA SA 73 100.20 -29.54 64.78
C ALA SA 73 101.66 -29.76 64.44
N THR SA 74 102.01 -30.96 63.97
CA THR SA 74 103.39 -31.32 63.70
C THR SA 74 103.65 -31.58 62.22
N SER SA 75 102.80 -31.06 61.34
CA SER SA 75 102.93 -31.37 59.92
C SER SA 75 103.95 -30.49 59.21
N TYR SA 76 104.38 -29.40 59.82
CA TYR SA 76 105.19 -28.40 59.12
C TYR SA 76 106.46 -28.11 59.91
N VAL SA 77 107.59 -28.14 59.20
CA VAL SA 77 108.90 -27.82 59.75
C VAL SA 77 109.31 -26.48 59.15
N ARG SA 78 109.65 -25.51 60.00
CA ARG SA 78 109.98 -24.16 59.53
C ARG SA 78 111.43 -23.83 59.84
N THR SA 79 112.12 -23.33 58.84
CA THR SA 79 113.53 -22.95 58.94
C THR SA 79 113.68 -21.48 58.59
N THR SA 80 114.34 -20.73 59.46
CA THR SA 80 114.60 -19.31 59.24
C THR SA 80 115.97 -19.16 58.60
N ILE SA 81 116.00 -18.65 57.38
CA ILE SA 81 117.23 -18.41 56.64
C ILE SA 81 117.45 -16.91 56.58
N ASN SA 82 118.49 -16.43 57.25
CA ASN SA 82 118.79 -15.00 57.35
C ASN SA 82 120.27 -14.81 56.99
N LYS SA 83 120.55 -14.68 55.70
CA LYS SA 83 121.89 -14.39 55.21
C LYS SA 83 121.74 -13.53 53.96
N ASN SA 84 122.83 -13.39 53.21
CA ASN SA 84 122.81 -12.55 52.02
C ASN SA 84 121.93 -13.17 50.94
N ALA SA 85 121.59 -12.36 49.95
CA ALA SA 85 120.58 -12.75 48.96
C ALA SA 85 121.02 -13.98 48.17
N ARG SA 86 122.29 -14.01 47.73
CA ARG SA 86 122.76 -15.12 46.91
C ARG SA 86 122.82 -16.42 47.72
N ALA SA 87 123.20 -16.33 48.99
CA ALA SA 87 123.23 -17.52 49.83
C ALA SA 87 121.83 -18.02 50.17
N THR SA 88 120.89 -17.09 50.39
CA THR SA 88 119.52 -17.49 50.67
C THR SA 88 118.91 -18.25 49.49
N LEU SA 89 119.16 -17.78 48.27
CA LEU SA 89 118.65 -18.47 47.09
C LEU SA 89 119.26 -19.86 46.96
N SER SA 90 120.56 -19.98 47.26
CA SER SA 90 121.23 -21.27 47.14
C SER SA 90 120.68 -22.27 48.15
N SER SA 91 120.36 -21.81 49.36
CA SER SA 91 119.83 -22.71 50.38
C SER SA 91 118.46 -23.23 50.00
N ILE SA 92 117.59 -22.35 49.49
CA ILE SA 92 116.27 -22.78 49.06
C ILE SA 92 116.37 -23.70 47.86
N ARG SA 93 117.32 -23.42 46.97
CA ARG SA 93 117.52 -24.26 45.80
C ARG SA 93 117.98 -25.66 46.20
N HIS SA 94 118.84 -25.76 47.20
CA HIS SA 94 119.36 -27.05 47.62
C HIS SA 94 118.30 -27.85 48.38
N MET SA 95 117.45 -27.16 49.15
CA MET SA 95 116.41 -27.87 49.89
C MET SA 95 115.40 -28.50 48.96
N ILE SA 96 115.08 -27.84 47.86
CA ILE SA 96 114.09 -28.38 46.93
C ILE SA 96 114.72 -29.39 45.98
N ARG SA 97 115.93 -29.11 45.49
CA ARG SA 97 116.51 -29.92 44.43
C ARG SA 97 117.31 -31.11 44.95
N LYS SA 98 118.15 -30.90 45.96
CA LYS SA 98 118.98 -31.99 46.46
C LYS SA 98 118.16 -33.04 47.17
N ASN SA 99 117.05 -32.65 47.80
CA ASN SA 99 116.15 -33.60 48.43
C ASN SA 99 115.15 -34.22 47.45
N LYS SA 100 115.10 -33.72 46.21
CA LYS SA 100 114.06 -34.09 45.26
C LYS SA 100 112.68 -33.80 45.85
N TYR SA 101 112.61 -32.79 46.70
CA TYR SA 101 111.39 -32.40 47.39
C TYR SA 101 110.68 -31.38 46.53
N ARG SA 102 109.76 -31.85 45.69
CA ARG SA 102 108.92 -30.99 44.87
C ARG SA 102 109.74 -30.12 43.92
N PRO SA 103 110.55 -30.72 43.03
CA PRO SA 103 111.36 -29.91 42.12
C PRO SA 103 110.54 -29.04 41.19
N ASP SA 104 109.27 -29.38 41.03
CA ASP SA 104 108.32 -28.57 40.27
C ASP SA 104 108.20 -27.16 40.82
N LEU SA 105 108.46 -26.97 42.10
CA LEU SA 105 108.24 -25.68 42.77
C LEU SA 105 109.53 -24.90 43.00
N ARG SA 106 110.65 -25.30 42.39
CA ARG SA 106 111.94 -24.71 42.72
C ARG SA 106 111.99 -23.23 42.34
N MET SA 107 111.68 -22.92 41.09
CA MET SA 107 111.75 -21.53 40.65
C MET SA 107 110.74 -20.66 41.36
N ALA SA 108 109.53 -21.17 41.60
CA ALA SA 108 108.52 -20.40 42.29
C ALA SA 108 108.95 -20.04 43.70
N ALA SA 109 109.61 -20.96 44.39
CA ALA SA 109 110.16 -20.66 45.71
C ALA SA 109 111.24 -19.60 45.65
N ILE SA 110 112.09 -19.67 44.62
CA ILE SA 110 113.22 -18.74 44.51
C ILE SA 110 112.72 -17.34 44.18
N ARG SA 111 111.74 -17.24 43.27
CA ARG SA 111 111.17 -15.93 42.95
C ARG SA 111 110.48 -15.32 44.15
N ARG SA 112 109.76 -16.13 44.93
CA ARG SA 112 109.09 -15.60 46.11
C ARG SA 112 110.09 -15.14 47.17
N ALA SA 113 111.21 -15.84 47.28
CA ALA SA 113 112.25 -15.42 48.20
C ALA SA 113 112.86 -14.08 47.79
N SER SA 114 113.07 -13.88 46.49
CA SER SA 114 113.61 -12.61 46.03
C SER SA 114 112.63 -11.47 46.27
N ALA SA 115 111.35 -11.72 46.08
CA ALA SA 115 110.35 -10.69 46.35
C ALA SA 115 110.32 -10.32 47.83
N ILE SA 116 110.45 -11.31 48.71
CA ILE SA 116 110.43 -11.04 50.15
C ILE SA 116 111.69 -10.31 50.59
N LEU SA 117 112.85 -10.76 50.08
CA LEU SA 117 114.11 -10.11 50.44
C LEU SA 117 114.16 -8.68 49.90
N ARG SA 118 113.66 -8.48 48.68
CA ARG SA 118 113.60 -7.12 48.13
C ARG SA 118 112.67 -6.24 48.95
N SER SA 119 111.53 -6.79 49.39
CA SER SA 119 110.58 -6.00 50.16
C SER SA 119 111.11 -5.63 51.54
N GLN SA 120 112.15 -6.32 52.00
CA GLN SA 120 112.69 -6.04 53.33
C GLN SA 120 113.78 -4.97 53.27
N LYS SA 121 114.44 -4.82 52.14
CA LYS SA 121 115.45 -3.78 52.00
C LYS SA 121 114.78 -2.40 51.99
N PRO SA 122 115.46 -1.37 52.51
CA PRO SA 122 114.80 -0.07 52.70
C PRO SA 122 114.33 0.55 51.39
N VAL SA 123 113.22 1.27 51.48
CA VAL SA 123 112.62 1.95 50.34
C VAL SA 123 113.08 3.40 50.35
N VAL SA 124 113.74 3.82 49.28
CA VAL SA 124 114.28 5.16 49.14
C VAL SA 124 113.61 5.84 47.96
N VAL SA 125 113.08 7.03 48.19
CA VAL SA 125 112.41 7.79 47.14
C VAL SA 125 113.41 8.72 46.46
P OMG TA 616 -75.68 44.08 -6.62
OP1 OMG TA 616 -77.09 43.96 -7.20
OP2 OMG TA 616 -74.85 45.33 -6.89
O5' OMG TA 616 -75.78 43.88 -5.04
C5' OMG TA 616 -77.03 43.92 -4.38
C4' OMG TA 616 -77.25 42.71 -3.51
O4' OMG TA 616 -75.97 42.19 -3.05
C3' OMG TA 616 -78.04 42.94 -2.23
O3' OMG TA 616 -79.44 42.89 -2.42
C2' OMG TA 616 -77.50 41.86 -1.30
O2' OMG TA 616 -78.02 40.58 -1.66
CM2 OMG TA 616 -78.22 39.72 -0.55
C1' OMG TA 616 -76.02 41.89 -1.68
N9 OMG TA 616 -75.30 42.95 -0.96
C8 OMG TA 616 -74.43 43.85 -1.54
N7 OMG TA 616 -73.92 44.68 -0.68
C5 OMG TA 616 -74.45 44.32 0.52
C6 OMG TA 616 -74.24 44.87 1.82
O6 OMG TA 616 -73.53 45.81 2.15
N1 OMG TA 616 -75.00 44.19 2.77
C2 OMG TA 616 -75.83 43.14 2.54
N2 OMG TA 616 -76.48 42.61 3.59
N3 OMG TA 616 -76.01 42.63 1.35
C4 OMG TA 616 -75.32 43.25 0.38
N VAL VA 1 -43.46 -51.62 22.97
CA VAL VA 1 -43.58 -53.03 23.32
C VAL VA 1 -44.63 -53.21 24.40
N VAL VA 2 -44.67 -52.27 25.35
CA VAL VA 2 -45.59 -52.32 26.48
C VAL VA 2 -46.75 -51.39 26.19
N ASP VA 3 -47.96 -51.93 26.18
CA ASP VA 3 -49.16 -51.14 25.92
C ASP VA 3 -49.61 -50.44 27.19
N PRO VA 4 -49.79 -49.11 27.17
CA PRO VA 4 -50.12 -48.38 28.40
C PRO VA 4 -51.57 -48.49 28.83
N PHE VA 5 -52.34 -49.42 28.26
CA PHE VA 5 -53.74 -49.58 28.65
C PHE VA 5 -53.91 -50.41 29.92
N SER VA 6 -52.83 -50.97 30.46
CA SER VA 6 -52.90 -51.74 31.69
C SER VA 6 -52.41 -50.98 32.92
N LYS VA 7 -51.56 -49.97 32.72
CA LYS VA 7 -51.01 -49.18 33.82
C LYS VA 7 -51.98 -48.14 34.36
N LYS VA 8 -53.24 -48.20 33.95
CA LYS VA 8 -54.24 -47.20 34.32
C LYS VA 8 -55.50 -47.92 34.78
N ASP VA 9 -56.35 -47.17 35.49
CA ASP VA 9 -57.62 -47.70 35.96
C ASP VA 9 -58.73 -46.68 35.69
N TRP VA 10 -59.95 -47.19 35.53
CA TRP VA 10 -61.11 -46.37 35.19
C TRP VA 10 -61.93 -46.08 36.44
N TYR VA 11 -62.39 -44.84 36.57
CA TYR VA 11 -63.28 -44.42 37.64
C TYR VA 11 -64.59 -43.91 37.06
N ASP VA 12 -65.68 -44.11 37.81
CA ASP VA 12 -66.99 -43.64 37.37
C ASP VA 12 -67.25 -42.24 37.91
N VAL VA 13 -67.78 -41.38 37.05
CA VAL VA 13 -68.03 -39.97 37.36
C VAL VA 13 -69.48 -39.81 37.80
N LYS VA 14 -69.69 -39.12 38.92
CA LYS VA 14 -71.02 -38.83 39.42
C LYS VA 14 -71.15 -37.33 39.62
N ALA VA 15 -72.16 -36.74 38.99
CA ALA VA 15 -72.44 -35.33 39.13
C ALA VA 15 -73.12 -35.08 40.46
N PRO VA 16 -73.34 -33.82 40.85
CA PRO VA 16 -74.20 -33.56 42.01
C PRO VA 16 -75.57 -34.18 41.77
N ALA VA 17 -76.16 -34.69 42.85
CA ALA VA 17 -77.42 -35.45 42.75
C ALA VA 17 -78.63 -34.53 42.67
N MET VA 18 -78.60 -33.55 41.76
CA MET VA 18 -79.69 -32.61 41.55
C MET VA 18 -80.10 -32.61 40.09
N PHE VA 19 -79.62 -33.60 39.33
CA PHE VA 19 -79.94 -33.79 37.93
C PHE VA 19 -80.68 -35.11 37.77
N ASN VA 20 -80.93 -35.49 36.52
CA ASN VA 20 -81.73 -36.67 36.27
C ASN VA 20 -80.88 -37.93 36.09
N ILE VA 21 -79.76 -37.83 35.38
CA ILE VA 21 -78.88 -38.97 35.16
C ILE VA 21 -77.58 -38.69 35.93
N ARG VA 22 -77.34 -39.47 36.98
CA ARG VA 22 -76.13 -39.29 37.77
C ARG VA 22 -74.90 -39.78 37.00
N ASN VA 23 -75.00 -40.96 36.40
CA ASN VA 23 -73.89 -41.53 35.66
C ASN VA 23 -73.63 -40.72 34.39
N ILE VA 24 -72.37 -40.36 34.17
CA ILE VA 24 -71.96 -39.59 33.01
C ILE VA 24 -71.01 -40.38 32.12
N GLY VA 25 -70.01 -41.03 32.71
CA GLY VA 25 -69.08 -41.83 31.93
C GLY VA 25 -67.98 -42.36 32.82
N LYS VA 26 -67.07 -43.11 32.20
CA LYS VA 26 -65.93 -43.68 32.89
C LYS VA 26 -64.66 -43.08 32.30
N THR VA 27 -63.85 -42.46 33.15
CA THR VA 27 -62.60 -41.82 32.73
C THR VA 27 -61.41 -42.55 33.34
N LEU VA 28 -60.50 -42.97 32.48
CA LEU VA 28 -59.27 -43.64 32.92
C LEU VA 28 -58.33 -42.63 33.56
N VAL VA 29 -57.45 -43.15 34.43
CA VAL VA 29 -56.45 -42.33 35.10
C VAL VA 29 -55.31 -43.25 35.50
N THR VA 30 -54.09 -42.69 35.54
CA THR VA 30 -52.92 -43.49 35.86
C THR VA 30 -52.91 -43.89 37.33
N ARG VA 31 -52.20 -44.97 37.62
CA ARG VA 31 -52.02 -45.39 39.00
C ARG VA 31 -50.98 -44.51 39.69
N THR VA 32 -51.01 -44.52 41.02
CA THR VA 32 -50.11 -43.67 41.79
C THR VA 32 -48.66 -44.03 41.55
N GLN VA 33 -48.34 -45.33 41.57
CA GLN VA 33 -46.99 -45.85 41.35
C GLN VA 33 -45.97 -45.28 42.33
N GLY VA 34 -46.43 -44.68 43.43
CA GLY VA 34 -45.55 -44.14 44.44
C GLY VA 34 -45.01 -42.76 44.16
N THR VA 35 -45.32 -42.18 43.01
CA THR VA 35 -44.84 -40.85 42.63
C THR VA 35 -45.95 -39.83 42.49
N LYS VA 36 -46.95 -40.11 41.66
CA LYS VA 36 -48.07 -39.19 41.44
C LYS VA 36 -49.28 -39.62 42.26
N ILE VA 37 -50.28 -38.75 42.29
CA ILE VA 37 -51.51 -38.97 43.02
C ILE VA 37 -52.68 -38.99 42.03
N ALA VA 38 -53.47 -40.06 42.07
CA ALA VA 38 -54.61 -40.17 41.17
C ALA VA 38 -55.76 -39.26 41.59
N SER VA 39 -55.89 -39.00 42.88
CA SER VA 39 -56.98 -38.15 43.36
C SER VA 39 -56.75 -36.69 43.00
N ASP VA 40 -55.53 -36.19 43.24
CA ASP VA 40 -55.20 -34.83 42.84
C ASP VA 40 -55.18 -34.68 41.33
N GLY VA 41 -54.71 -35.72 40.62
CA GLY VA 41 -54.70 -35.66 39.17
C GLY VA 41 -56.11 -35.57 38.59
N LEU VA 42 -57.04 -36.34 39.15
CA LEU VA 42 -58.43 -36.25 38.70
C LEU VA 42 -59.07 -34.93 39.12
N LYS VA 43 -58.58 -34.33 40.20
CA LYS VA 43 -59.02 -32.99 40.57
C LYS VA 43 -58.57 -31.99 39.51
N GLY VA 44 -59.43 -31.01 39.22
CA GLY VA 44 -59.16 -30.06 38.18
C GLY VA 44 -59.62 -30.46 36.80
N ARG VA 45 -60.06 -31.71 36.62
CA ARG VA 45 -60.64 -32.13 35.35
C ARG VA 45 -62.03 -31.52 35.20
N VAL VA 46 -62.41 -31.25 33.95
CA VAL VA 46 -63.72 -30.69 33.64
C VAL VA 46 -64.37 -31.53 32.56
N PHE VA 47 -65.55 -32.07 32.85
CA PHE VA 47 -66.33 -32.82 31.89
C PHE VA 47 -67.48 -31.94 31.41
N GLU VA 48 -67.62 -31.83 30.09
CA GLU VA 48 -68.74 -31.10 29.51
C GLU VA 48 -69.91 -32.04 29.29
N VAL VA 49 -71.06 -31.67 29.85
CA VAL VA 49 -72.23 -32.53 29.98
C VAL VA 49 -73.44 -31.68 29.64
N SER VA 50 -73.93 -31.81 28.41
CA SER VA 50 -75.07 -31.03 27.99
C SER VA 50 -76.33 -31.48 28.71
N LEU VA 51 -77.36 -30.62 28.69
CA LEU VA 51 -78.64 -30.97 29.30
C LEU VA 51 -79.33 -32.11 28.58
N ALA VA 52 -78.90 -32.44 27.35
CA ALA VA 52 -79.50 -33.54 26.62
C ALA VA 52 -79.30 -34.87 27.34
N ASP VA 53 -78.11 -35.09 27.89
CA ASP VA 53 -77.84 -36.29 28.68
C ASP VA 53 -77.75 -36.04 30.17
N LEU VA 54 -77.75 -34.77 30.61
CA LEU VA 54 -77.85 -34.48 32.03
C LEU VA 54 -79.28 -34.63 32.52
N GLN VA 55 -80.26 -34.35 31.66
CA GLN VA 55 -81.68 -34.55 31.92
C GLN VA 55 -82.25 -35.49 30.87
N ASN VA 56 -83.57 -35.67 30.88
CA ASN VA 56 -84.24 -36.48 29.88
C ASN VA 56 -85.34 -35.73 29.12
N ASP VA 57 -85.76 -34.55 29.59
CA ASP VA 57 -86.81 -33.79 28.94
C ASP VA 57 -86.44 -32.31 28.89
N GLU VA 58 -85.16 -32.02 28.68
CA GLU VA 58 -84.66 -30.65 28.65
C GLU VA 58 -84.09 -30.35 27.26
N VAL VA 59 -83.49 -29.16 27.13
CA VAL VA 59 -82.98 -28.71 25.84
C VAL VA 59 -81.68 -29.44 25.52
N ALA VA 60 -81.41 -29.59 24.23
CA ALA VA 60 -80.20 -30.26 23.75
C ALA VA 60 -79.15 -29.29 23.23
N PHE VA 61 -79.33 -27.98 23.47
CA PHE VA 61 -78.40 -26.98 22.99
C PHE VA 61 -77.79 -26.17 24.14
N ARG VA 62 -77.73 -26.76 25.33
CA ARG VA 62 -77.14 -26.11 26.51
C ARG VA 62 -76.09 -27.04 27.09
N LYS VA 63 -74.83 -26.62 27.03
CA LYS VA 63 -73.72 -27.42 27.53
C LYS VA 63 -73.37 -26.99 28.95
N PHE VA 64 -73.27 -27.96 29.85
CA PHE VA 64 -72.89 -27.71 31.24
C PHE VA 64 -71.53 -28.33 31.50
N LYS VA 65 -70.60 -27.52 32.00
CA LYS VA 65 -69.25 -27.99 32.31
C LYS VA 65 -69.07 -28.03 33.82
N LEU VA 66 -68.44 -29.10 34.31
CA LEU VA 66 -68.37 -29.40 35.74
C LEU VA 66 -66.92 -29.57 36.18
N ILE VA 67 -66.56 -28.95 37.31
CA ILE VA 67 -65.22 -29.01 37.88
C ILE VA 67 -65.19 -30.07 38.99
N THR VA 68 -64.21 -30.96 38.92
CA THR VA 68 -64.05 -31.99 39.93
C THR VA 68 -63.61 -31.36 41.25
N GLU VA 69 -64.08 -31.93 42.36
CA GLU VA 69 -63.72 -31.42 43.67
C GLU VA 69 -63.10 -32.47 44.59
N ASP VA 70 -63.59 -33.72 44.56
CA ASP VA 70 -63.01 -34.77 45.40
C ASP VA 70 -63.30 -36.13 44.78
N VAL VA 71 -62.56 -37.13 45.25
CA VAL VA 71 -62.61 -38.49 44.73
C VAL VA 71 -62.90 -39.42 45.90
N GLN VA 72 -63.92 -40.26 45.74
CA GLN VA 72 -64.34 -41.20 46.78
C GLN VA 72 -64.00 -42.62 46.33
N GLY VA 73 -62.77 -43.04 46.58
CA GLY VA 73 -62.37 -44.39 46.18
C GLY VA 73 -62.41 -44.53 44.67
N LYS VA 74 -63.22 -45.48 44.22
CA LYS VA 74 -63.40 -45.72 42.79
C LYS VA 74 -64.31 -44.69 42.13
N ASN VA 75 -64.90 -43.78 42.92
CA ASN VA 75 -65.84 -42.79 42.44
C ASN VA 75 -65.14 -41.45 42.22
N CYS VA 76 -65.68 -40.65 41.30
CA CYS VA 76 -65.19 -39.30 41.02
C CYS VA 76 -66.37 -38.33 41.05
N LEU VA 77 -66.24 -37.27 41.84
CA LEU VA 77 -67.31 -36.29 42.00
C LEU VA 77 -67.03 -35.02 41.20
N THR VA 78 -68.09 -34.28 40.90
CA THR VA 78 -68.01 -33.06 40.10
C THR VA 78 -68.93 -31.99 40.68
N ASN VA 79 -68.91 -30.82 40.05
CA ASN VA 79 -69.67 -29.66 40.49
C ASN VA 79 -69.77 -28.66 39.34
N PHE VA 80 -70.97 -28.15 39.11
CA PHE VA 80 -71.19 -27.18 38.03
C PHE VA 80 -70.23 -26.01 38.13
N HIS VA 81 -69.62 -25.65 37.00
CA HIS VA 81 -68.65 -24.57 36.97
C HIS VA 81 -68.86 -23.56 35.85
N GLY VA 82 -69.77 -23.82 34.91
CA GLY VA 82 -69.99 -22.93 33.79
C GLY VA 82 -70.79 -23.61 32.71
N MET VA 83 -71.35 -22.80 31.82
CA MET VA 83 -72.22 -23.31 30.77
C MET VA 83 -72.11 -22.42 29.53
N ASP VA 84 -72.39 -23.01 28.36
CA ASP VA 84 -72.38 -22.27 27.11
C ASP VA 84 -73.33 -22.91 26.11
N LEU VA 85 -74.21 -22.10 25.53
CA LEU VA 85 -75.06 -22.57 24.45
C LEU VA 85 -74.22 -22.93 23.23
N THR VA 86 -74.69 -23.89 22.46
CA THR VA 86 -73.91 -24.40 21.34
C THR VA 86 -73.74 -23.32 20.27
N ARG VA 87 -72.55 -23.30 19.66
CA ARG VA 87 -72.29 -22.30 18.63
C ARG VA 87 -73.03 -22.61 17.34
N ASP VA 88 -73.45 -23.87 17.15
CA ASP VA 88 -74.28 -24.21 16.00
C ASP VA 88 -75.70 -23.68 16.18
N LYS VA 89 -76.18 -23.63 17.44
CA LYS VA 89 -77.33 -22.80 17.77
C LYS VA 89 -77.00 -21.33 17.66
N MET VA 90 -75.79 -20.93 18.04
CA MET VA 90 -75.48 -19.50 18.08
C MET VA 90 -75.59 -18.87 16.70
N CYS VA 91 -74.92 -19.45 15.71
CA CYS VA 91 -74.95 -18.95 14.35
C CYS VA 91 -76.32 -19.07 13.69
N SER VA 92 -77.22 -19.90 14.24
CA SER VA 92 -78.50 -20.15 13.58
C SER VA 92 -79.59 -19.17 13.99
N MET VA 93 -79.54 -18.60 15.19
CA MET VA 93 -80.59 -17.68 15.60
C MET VA 93 -80.22 -16.22 15.34
N VAL VA 94 -78.96 -15.96 14.97
CA VAL VA 94 -78.58 -14.65 14.44
C VAL VA 94 -78.79 -14.65 12.94
N LYS VA 95 -79.56 -13.67 12.45
CA LYS VA 95 -79.93 -13.59 11.05
C LYS VA 95 -79.76 -12.14 10.60
N LYS VA 96 -80.23 -11.82 9.41
CA LYS VA 96 -80.07 -10.48 8.86
C LYS VA 96 -81.27 -9.60 9.21
N TRP VA 97 -81.00 -8.28 9.23
CA TRP VA 97 -82.03 -7.24 9.40
C TRP VA 97 -82.62 -7.23 10.80
N GLN VA 98 -81.85 -7.70 11.79
CA GLN VA 98 -82.33 -7.72 13.16
C GLN VA 98 -81.32 -7.03 14.07
N THR VA 99 -81.67 -6.94 15.36
CA THR VA 99 -80.85 -6.25 16.35
C THR VA 99 -80.59 -7.18 17.53
N MET VA 100 -79.36 -7.12 18.04
CA MET VA 100 -78.96 -7.91 19.20
C MET VA 100 -78.55 -6.97 20.33
N ILE VA 101 -78.74 -7.41 21.56
CA ILE VA 101 -78.38 -6.65 22.75
C ILE VA 101 -77.64 -7.56 23.70
N GLU VA 102 -76.45 -7.16 24.12
CA GLU VA 102 -75.69 -7.88 25.13
C GLU VA 102 -75.73 -7.14 26.46
N ALA VA 103 -75.30 -7.83 27.50
CA ALA VA 103 -75.07 -7.21 28.81
C ALA VA 103 -74.22 -8.17 29.64
N HIS VA 104 -73.07 -7.71 30.11
CA HIS VA 104 -72.19 -8.52 30.94
C HIS VA 104 -72.10 -7.89 32.32
N VAL VA 105 -72.23 -8.71 33.36
CA VAL VA 105 -72.27 -8.22 34.74
C VAL VA 105 -71.58 -9.25 35.63
N ASP VA 106 -70.84 -8.75 36.62
CA ASP VA 106 -70.18 -9.60 37.61
C ASP VA 106 -70.92 -9.50 38.93
N VAL VA 107 -71.51 -10.60 39.37
CA VAL VA 107 -72.28 -10.66 40.61
C VAL VA 107 -71.73 -11.76 41.49
N LYS VA 108 -71.62 -11.50 42.79
CA LYS VA 108 -71.12 -12.46 43.75
C LYS VA 108 -72.27 -12.93 44.64
N THR VA 109 -72.37 -14.25 44.82
CA THR VA 109 -73.41 -14.83 45.65
C THR VA 109 -72.96 -14.83 47.12
N THR VA 110 -73.89 -15.25 48.00
CA THR VA 110 -73.56 -15.32 49.42
C THR VA 110 -72.57 -16.43 49.72
N ASP VA 111 -72.55 -17.49 48.90
CA ASP VA 111 -71.61 -18.58 49.11
C ASP VA 111 -70.17 -18.19 48.83
N GLY VA 112 -69.93 -17.02 48.24
CA GLY VA 112 -68.60 -16.57 47.90
C GLY VA 112 -68.16 -16.84 46.48
N TYR VA 113 -69.06 -17.31 45.62
CA TYR VA 113 -68.73 -17.59 44.23
C TYR VA 113 -68.99 -16.35 43.38
N LEU VA 114 -67.93 -15.84 42.75
CA LEU VA 114 -68.04 -14.73 41.83
C LEU VA 114 -68.45 -15.25 40.47
N LEU VA 115 -69.49 -14.66 39.88
CA LEU VA 115 -70.02 -15.12 38.61
C LEU VA 115 -70.13 -13.96 37.63
N ARG VA 116 -69.64 -14.17 36.42
CA ARG VA 116 -69.81 -13.22 35.31
C ARG VA 116 -70.87 -13.76 34.37
N LEU VA 117 -72.02 -13.09 34.33
CA LEU VA 117 -73.15 -13.53 33.51
C LEU VA 117 -73.26 -12.67 32.27
N PHE VA 118 -73.48 -13.32 31.13
CA PHE VA 118 -73.74 -12.67 29.86
C PHE VA 118 -75.17 -12.96 29.45
N CYS VA 119 -75.93 -11.92 29.13
CA CYS VA 119 -77.29 -12.08 28.64
C CYS VA 119 -77.42 -11.51 27.23
N VAL VA 120 -78.30 -12.14 26.44
CA VAL VA 120 -78.45 -11.84 25.03
C VAL VA 120 -79.94 -11.66 24.72
N GLY VA 121 -80.25 -10.61 23.99
CA GLY VA 121 -81.61 -10.35 23.57
C GLY VA 121 -81.65 -9.97 22.11
N PHE VA 122 -82.78 -10.29 21.47
CA PHE VA 122 -83.01 -9.97 20.07
C PHE VA 122 -84.41 -9.40 19.88
N THR VA 123 -84.50 -8.30 19.14
CA THR VA 123 -85.77 -7.63 18.92
C THR VA 123 -86.68 -8.47 18.06
N LYS VA 124 -87.96 -8.51 18.42
CA LYS VA 124 -88.94 -9.36 17.76
C LYS VA 124 -89.77 -8.55 16.79
N LYS VA 125 -89.89 -9.05 15.55
CA LYS VA 125 -90.77 -8.44 14.57
C LYS VA 125 -92.16 -9.04 14.70
N ARG VA 126 -93.18 -8.19 14.75
CA ARG VA 126 -94.53 -8.64 15.01
C ARG VA 126 -95.07 -9.44 13.82
N ASN VA 127 -96.18 -10.16 14.08
CA ASN VA 127 -96.74 -11.04 13.07
C ASN VA 127 -97.19 -10.28 11.83
N ASN VA 128 -97.89 -9.16 12.02
CA ASN VA 128 -98.38 -8.35 10.92
C ASN VA 128 -97.32 -7.45 10.33
N GLN VA 129 -96.21 -7.25 11.03
CA GLN VA 129 -95.21 -6.27 10.63
C GLN VA 129 -94.64 -6.61 9.26
N ILE VA 130 -94.32 -5.57 8.48
CA ILE VA 130 -93.93 -5.75 7.09
C ILE VA 130 -92.66 -4.98 6.78
N ARG VA 131 -92.26 -4.08 7.68
CA ARG VA 131 -91.06 -3.31 7.44
C ARG VA 131 -89.82 -4.20 7.47
N LYS VA 132 -88.87 -3.89 6.59
CA LYS VA 132 -87.68 -4.73 6.43
C LYS VA 132 -86.81 -4.71 7.68
N THR VA 133 -86.65 -3.55 8.31
CA THR VA 133 -85.82 -3.42 9.50
C THR VA 133 -86.68 -3.19 10.74
N SER VA 134 -86.13 -3.61 11.88
CA SER VA 134 -86.83 -3.56 13.17
C SER VA 134 -85.91 -3.04 14.25
N TYR VA 135 -85.08 -2.05 13.92
CA TYR VA 135 -84.05 -1.59 14.84
C TYR VA 135 -84.67 -0.95 16.08
N ALA VA 136 -83.89 -1.00 17.17
CA ALA VA 136 -84.18 -0.25 18.38
C ALA VA 136 -83.12 0.83 18.53
N GLN VA 137 -83.54 2.01 18.97
CA GLN VA 137 -82.64 3.14 19.01
C GLN VA 137 -81.55 2.93 20.06
N HIS VA 138 -80.50 3.77 19.98
CA HIS VA 138 -79.46 3.72 20.99
C HIS VA 138 -80.03 3.95 22.38
N GLN VA 139 -81.13 4.70 22.46
CA GLN VA 139 -81.72 5.03 23.76
C GLN VA 139 -82.52 3.86 24.32
N GLN VA 140 -83.18 3.10 23.44
CA GLN VA 140 -83.90 1.92 23.88
C GLN VA 140 -82.94 0.78 24.22
N VAL VA 141 -81.84 0.65 23.48
CA VAL VA 141 -80.88 -0.41 23.75
C VAL VA 141 -80.21 -0.19 25.11
N ARG VA 142 -79.91 1.06 25.44
CA ARG VA 142 -79.23 1.34 26.71
C ARG VA 142 -80.11 0.97 27.90
N GLN VA 143 -81.40 1.30 27.83
CA GLN VA 143 -82.29 0.95 28.93
C GLN VA 143 -82.63 -0.54 28.94
N ILE VA 144 -82.67 -1.17 27.78
CA ILE VA 144 -82.85 -2.63 27.73
C ILE VA 144 -81.64 -3.33 28.33
N ARG VA 145 -80.43 -2.88 27.98
CA ARG VA 145 -79.22 -3.44 28.56
C ARG VA 145 -79.19 -3.23 30.07
N LYS VA 146 -79.59 -2.03 30.52
CA LYS VA 146 -79.67 -1.77 31.95
C LYS VA 146 -80.67 -2.69 32.63
N LYS VA 147 -81.76 -3.04 31.92
CA LYS VA 147 -82.74 -3.95 32.49
C LYS VA 147 -82.15 -5.34 32.72
N MET VA 148 -81.37 -5.84 31.75
CA MET VA 148 -80.72 -7.13 31.94
C MET VA 148 -79.65 -7.04 33.03
N MET VA 149 -79.03 -5.87 33.21
CA MET VA 149 -78.08 -5.67 34.29
C MET VA 149 -78.76 -5.81 35.64
N GLU VA 150 -79.92 -5.17 35.81
CA GLU VA 150 -80.59 -5.17 37.11
C GLU VA 150 -81.27 -6.49 37.40
N ILE VA 151 -81.91 -7.10 36.39
CA ILE VA 151 -82.62 -8.35 36.60
C ILE VA 151 -81.66 -9.46 36.99
N MET VA 152 -80.52 -9.54 36.29
CA MET VA 152 -79.54 -10.58 36.60
C MET VA 152 -78.93 -10.39 37.98
N THR VA 153 -78.70 -9.13 38.37
CA THR VA 153 -78.14 -8.86 39.69
C THR VA 153 -79.10 -9.33 40.79
N ARG VA 154 -80.40 -9.05 40.62
CA ARG VA 154 -81.38 -9.47 41.62
C ARG VA 154 -81.48 -10.98 41.71
N GLU VA 155 -81.42 -11.68 40.56
CA GLU VA 155 -81.65 -13.11 40.53
C GLU VA 155 -80.41 -13.93 40.91
N VAL VA 156 -79.26 -13.29 41.10
CA VAL VA 156 -78.02 -14.00 41.38
C VAL VA 156 -77.45 -13.63 42.74
N GLN VA 157 -77.48 -12.35 43.11
CA GLN VA 157 -76.83 -11.90 44.33
C GLN VA 157 -77.46 -12.54 45.57
N THR VA 158 -78.78 -12.62 45.61
CA THR VA 158 -79.50 -13.10 46.78
C THR VA 158 -79.65 -14.62 46.80
N ASN VA 159 -79.22 -15.33 45.75
CA ASN VA 159 -79.35 -16.77 45.67
C ASN VA 159 -77.98 -17.43 45.68
N ASP VA 160 -77.92 -18.63 46.26
CA ASP VA 160 -76.68 -19.39 46.36
C ASP VA 160 -76.34 -20.00 45.00
N LEU VA 161 -75.19 -20.69 44.94
CA LEU VA 161 -74.86 -21.49 43.76
C LEU VA 161 -75.86 -22.61 43.56
N LYS VA 162 -76.38 -23.15 44.67
CA LYS VA 162 -77.49 -24.09 44.61
C LYS VA 162 -78.69 -23.50 43.88
N GLU VA 163 -79.13 -22.31 44.27
CA GLU VA 163 -80.36 -21.76 43.73
C GLU VA 163 -80.15 -21.24 42.30
N VAL VA 164 -79.00 -20.62 42.04
CA VAL VA 164 -78.76 -20.01 40.74
C VAL VA 164 -78.69 -21.07 39.65
N VAL VA 165 -77.98 -22.17 39.90
CA VAL VA 165 -77.91 -23.23 38.90
C VAL VA 165 -79.27 -23.88 38.69
N ASN VA 166 -80.05 -23.99 39.77
CA ASN VA 166 -81.42 -24.50 39.64
C ASN VA 166 -82.30 -23.55 38.85
N LYS VA 167 -81.98 -22.25 38.88
CA LYS VA 167 -82.73 -21.29 38.09
C LYS VA 167 -82.33 -21.34 36.62
N LEU VA 168 -81.05 -21.61 36.35
CA LEU VA 168 -80.57 -21.67 34.97
C LEU VA 168 -80.89 -22.98 34.29
N ILE VA 169 -81.21 -24.03 35.04
CA ILE VA 169 -81.53 -25.32 34.41
C ILE VA 169 -82.75 -25.22 33.49
N PRO VA 170 -83.86 -24.61 33.88
CA PRO VA 170 -84.94 -24.34 32.90
C PRO VA 170 -84.76 -23.05 32.14
N ASP VA 171 -83.63 -22.35 32.31
CA ASP VA 171 -83.38 -21.06 31.67
C ASP VA 171 -84.49 -20.07 32.01
N SER VA 172 -84.88 -20.05 33.29
CA SER VA 172 -85.98 -19.18 33.72
C SER VA 172 -85.58 -17.72 33.68
N ILE VA 173 -84.30 -17.42 33.88
CA ILE VA 173 -83.84 -16.04 33.83
C ILE VA 173 -83.97 -15.48 32.42
N GLY VA 174 -83.69 -16.30 31.41
CA GLY VA 174 -83.85 -15.86 30.04
C GLY VA 174 -85.29 -15.58 29.67
N LYS VA 175 -86.22 -16.38 30.21
CA LYS VA 175 -87.63 -16.13 29.95
C LYS VA 175 -88.13 -14.91 30.74
N ASP VA 176 -87.63 -14.73 31.97
CA ASP VA 176 -88.04 -13.58 32.77
C ASP VA 176 -87.60 -12.28 32.12
N ILE VA 177 -86.36 -12.24 31.59
CA ILE VA 177 -85.87 -11.03 30.95
C ILE VA 177 -86.69 -10.69 29.72
N GLU VA 178 -87.01 -11.70 28.91
CA GLU VA 178 -87.78 -11.46 27.69
C GLU VA 178 -89.18 -10.93 28.00
N LYS VA 179 -89.85 -11.52 29.00
CA LYS VA 179 -91.21 -11.09 29.34
C LYS VA 179 -91.20 -9.70 29.94
N ALA VA 180 -90.21 -9.40 30.79
CA ALA VA 180 -90.13 -8.06 31.39
C ALA VA 180 -89.79 -7.02 30.33
N CYS VA 181 -89.01 -7.40 29.32
CA CYS VA 181 -88.65 -6.47 28.26
C CYS VA 181 -89.73 -6.33 27.20
N GLN VA 182 -90.80 -7.12 27.27
CA GLN VA 182 -91.90 -6.97 26.31
C GLN VA 182 -92.55 -5.60 26.40
N SER VA 183 -92.36 -4.89 27.52
CA SER VA 183 -92.92 -3.54 27.64
C SER VA 183 -92.24 -2.57 26.68
N ILE VA 184 -90.91 -2.56 26.66
CA ILE VA 184 -90.19 -1.63 25.80
C ILE VA 184 -90.08 -2.18 24.38
N TYR VA 185 -89.69 -3.44 24.25
CA TYR VA 185 -89.64 -4.09 22.95
C TYR VA 185 -89.76 -5.60 23.15
N PRO VA 186 -90.85 -6.22 22.70
CA PRO VA 186 -90.95 -7.68 22.80
C PRO VA 186 -89.80 -8.35 22.07
N LEU VA 187 -89.29 -9.43 22.66
CA LEU VA 187 -88.09 -10.10 22.18
C LEU VA 187 -88.41 -11.57 21.91
N HIS VA 188 -87.71 -12.14 20.92
CA HIS VA 188 -88.04 -13.48 20.46
C HIS VA 188 -87.06 -14.55 20.88
N ASP VA 189 -85.76 -14.28 20.84
CA ASP VA 189 -84.73 -15.27 21.23
C ASP VA 189 -83.94 -14.70 22.39
N VAL VA 190 -84.34 -15.03 23.61
CA VAL VA 190 -83.72 -14.51 24.83
C VAL VA 190 -83.34 -15.67 25.72
N PHE VA 191 -82.04 -15.81 25.97
CA PHE VA 191 -81.50 -16.76 26.94
C PHE VA 191 -80.27 -16.13 27.59
N VAL VA 192 -79.58 -16.91 28.41
CA VAL VA 192 -78.34 -16.49 29.05
C VAL VA 192 -77.19 -17.03 28.21
N ARG VA 193 -76.33 -16.13 27.71
CA ARG VA 193 -75.32 -16.57 26.75
C ARG VA 193 -74.24 -17.41 27.42
N LYS VA 194 -73.70 -16.95 28.56
CA LYS VA 194 -72.66 -17.65 29.27
C LYS VA 194 -72.71 -17.29 30.75
N VAL VA 195 -72.23 -18.21 31.59
CA VAL VA 195 -71.94 -17.95 32.99
C VAL VA 195 -70.59 -18.57 33.33
N LYS VA 196 -69.67 -17.76 33.85
CA LYS VA 196 -68.35 -18.20 34.24
C LYS VA 196 -68.06 -17.75 35.66
N MET VA 197 -67.27 -18.54 36.39
CA MET VA 197 -66.87 -18.04 37.70
C MET VA 197 -65.52 -17.32 37.62
N LEU VA 198 -65.22 -16.59 38.68
CA LEU VA 198 -63.95 -15.87 38.80
C LEU VA 198 -63.15 -16.29 40.03
N LYS VA 199 -63.79 -16.49 41.17
CA LYS VA 199 -63.13 -16.93 42.38
C LYS VA 199 -63.94 -18.02 43.05
N LYS VA 200 -63.25 -18.83 43.85
CA LYS VA 200 -63.88 -19.89 44.62
C LYS VA 200 -63.42 -19.82 46.07
N PRO VA 201 -64.26 -20.25 47.00
CA PRO VA 201 -63.83 -20.39 48.39
C PRO VA 201 -62.98 -21.65 48.55
N LYS VA 202 -62.55 -21.91 49.78
CA LYS VA 202 -61.78 -23.10 50.06
C LYS VA 202 -62.63 -24.34 49.81
N PHE VA 203 -62.04 -25.32 49.12
CA PHE VA 203 -62.76 -26.56 48.84
C PHE VA 203 -63.08 -27.29 50.14
N GLU VA 204 -64.32 -27.74 50.26
CA GLU VA 204 -64.81 -28.38 51.48
C GLU VA 204 -65.44 -29.72 51.12
N LEU VA 205 -65.00 -30.79 51.79
CA LEU VA 205 -65.60 -32.10 51.54
C LEU VA 205 -67.03 -32.17 52.02
N GLY VA 206 -67.37 -31.44 53.09
CA GLY VA 206 -68.74 -31.46 53.60
C GLY VA 206 -69.74 -30.92 52.59
N LYS VA 207 -69.39 -29.81 51.94
CA LYS VA 207 -70.29 -29.23 50.94
C LYS VA 207 -70.49 -30.18 49.76
N LEU VA 208 -69.41 -30.77 49.26
CA LEU VA 208 -69.51 -31.66 48.12
C LEU VA 208 -70.31 -32.92 48.45
N MET VA 209 -70.06 -33.50 49.63
CA MET VA 209 -70.82 -34.69 50.03
C MET VA 209 -72.30 -34.36 50.21
N GLU VA 210 -72.61 -33.18 50.75
CA GLU VA 210 -74.01 -32.78 50.89
C GLU VA 210 -74.69 -32.65 49.54
N LEU VA 211 -74.01 -32.04 48.56
CA LEU VA 211 -74.59 -31.89 47.24
C LEU VA 211 -74.81 -33.24 46.57
N HIS VA 212 -73.84 -34.16 46.71
CA HIS VA 212 -73.92 -35.44 46.05
C HIS VA 212 -74.84 -36.43 46.76
N GLY VA 213 -75.21 -36.15 48.02
CA GLY VA 213 -76.05 -37.05 48.77
C GLY VA 213 -77.46 -36.55 48.97
N GLU VA 214 -77.73 -35.33 48.52
CA GLU VA 214 -79.06 -34.74 48.68
C GLU VA 214 -80.00 -35.25 47.59
N ALA WA 1 -63.61 -43.89 -93.98
CA ALA WA 1 -64.19 -43.92 -92.65
C ALA WA 1 -65.28 -44.97 -92.54
N VAL WA 2 -65.12 -46.06 -93.29
CA VAL WA 2 -66.11 -47.14 -93.27
C VAL WA 2 -65.97 -48.02 -92.03
N GLN WA 3 -64.87 -47.90 -91.27
CA GLN WA 3 -64.64 -48.68 -90.07
C GLN WA 3 -64.29 -47.72 -88.94
N ILE WA 4 -65.32 -47.18 -88.29
CA ILE WA 4 -65.15 -46.28 -87.14
C ILE WA 4 -66.15 -46.68 -86.07
N SER WA 5 -65.70 -46.73 -84.82
CA SER WA 5 -66.60 -46.99 -83.70
C SER WA 5 -67.28 -45.71 -83.24
N LYS WA 6 -68.48 -45.86 -82.68
CA LYS WA 6 -69.25 -44.69 -82.25
C LYS WA 6 -68.55 -43.94 -81.13
N LYS WA 7 -68.01 -44.66 -80.16
CA LYS WA 7 -67.44 -44.00 -78.98
C LYS WA 7 -66.28 -43.10 -79.36
N ARG WA 8 -65.38 -43.59 -80.22
CA ARG WA 8 -64.25 -42.76 -80.64
C ARG WA 8 -64.68 -41.74 -81.69
N LYS WA 9 -65.77 -41.99 -82.41
CA LYS WA 9 -66.27 -41.01 -83.36
C LYS WA 9 -66.83 -39.79 -82.64
N PHE WA 10 -67.62 -40.00 -81.59
CA PHE WA 10 -68.17 -38.88 -80.83
C PHE WA 10 -67.12 -38.21 -79.99
N VAL WA 11 -66.08 -38.95 -79.58
CA VAL WA 11 -64.97 -38.36 -78.84
C VAL WA 11 -64.15 -37.43 -79.73
N ALA WA 12 -63.86 -37.86 -80.96
CA ALA WA 12 -63.20 -36.98 -81.90
C ALA WA 12 -64.14 -35.86 -82.37
N ASP WA 13 -65.45 -36.11 -82.33
CA ASP WA 13 -66.41 -35.09 -82.75
C ASP WA 13 -66.59 -34.02 -81.67
N GLY WA 14 -66.61 -34.41 -80.40
CA GLY WA 14 -66.73 -33.44 -79.34
C GLY WA 14 -65.54 -32.49 -79.29
N ILE WA 15 -64.34 -33.03 -79.48
CA ILE WA 15 -63.14 -32.20 -79.59
C ILE WA 15 -63.12 -31.49 -80.94
N PHE WA 16 -63.88 -31.96 -81.92
CA PHE WA 16 -63.96 -31.30 -83.21
C PHE WA 16 -64.68 -29.97 -83.10
N LYS WA 17 -65.85 -29.95 -82.45
CA LYS WA 17 -66.56 -28.70 -82.22
C LYS WA 17 -65.85 -27.84 -81.18
N ALA WA 18 -65.17 -28.47 -80.22
CA ALA WA 18 -64.39 -27.71 -79.25
C ALA WA 18 -63.19 -27.02 -79.91
N GLU WA 19 -62.52 -27.72 -80.83
CA GLU WA 19 -61.37 -27.14 -81.52
C GLU WA 19 -61.78 -25.93 -82.34
N LEU WA 20 -62.91 -26.01 -83.04
CA LEU WA 20 -63.38 -24.87 -83.82
C LEU WA 20 -63.92 -23.77 -82.91
N ASN WA 21 -64.58 -24.13 -81.82
CA ASN WA 21 -65.12 -23.13 -80.89
C ASN WA 21 -64.00 -22.31 -80.26
N GLU WA 22 -62.92 -22.98 -79.85
CA GLU WA 22 -61.78 -22.26 -79.26
C GLU WA 22 -61.05 -21.46 -80.33
N PHE WA 23 -60.87 -22.03 -81.52
CA PHE WA 23 -60.16 -21.33 -82.59
C PHE WA 23 -60.90 -20.08 -83.02
N LEU WA 24 -62.24 -20.16 -83.12
CA LEU WA 24 -63.01 -18.98 -83.49
C LEU WA 24 -63.08 -17.97 -82.36
N THR WA 25 -62.90 -18.42 -81.11
CA THR WA 25 -62.73 -17.48 -80.01
C THR WA 25 -61.44 -16.68 -80.17
N ARG WA 26 -60.34 -17.35 -80.54
CA ARG WA 26 -59.08 -16.67 -80.76
C ARG WA 26 -59.12 -15.80 -82.01
N GLU WA 27 -59.85 -16.25 -83.05
CA GLU WA 27 -59.85 -15.56 -84.33
C GLU WA 27 -60.71 -14.30 -84.29
N LEU WA 28 -62.00 -14.46 -83.98
CA LEU WA 28 -62.94 -13.34 -84.04
C LEU WA 28 -63.01 -12.61 -82.70
N ALA WA 29 -61.88 -12.11 -82.21
CA ALA WA 29 -61.88 -11.32 -80.99
C ALA WA 29 -62.60 -10.00 -81.19
N GLU WA 30 -62.39 -9.36 -82.34
CA GLU WA 30 -62.99 -8.07 -82.64
C GLU WA 30 -64.33 -8.18 -83.38
N ASP WA 31 -64.78 -9.39 -83.68
CA ASP WA 31 -66.07 -9.60 -84.32
C ASP WA 31 -67.19 -9.90 -83.33
N GLY WA 32 -66.91 -9.87 -82.04
CA GLY WA 32 -67.92 -10.19 -81.04
C GLY WA 32 -68.36 -11.65 -81.06
N TYR WA 33 -67.41 -12.57 -81.20
CA TYR WA 33 -67.73 -13.99 -81.29
C TYR WA 33 -68.30 -14.50 -79.97
N SER WA 34 -69.30 -15.38 -80.07
CA SER WA 34 -69.95 -15.98 -78.91
C SER WA 34 -69.82 -17.49 -78.89
N GLY WA 35 -70.09 -18.16 -80.01
CA GLY WA 35 -70.01 -19.61 -80.06
C GLY WA 35 -70.40 -20.10 -81.44
N VAL WA 36 -70.40 -21.42 -81.58
CA VAL WA 36 -70.74 -22.05 -82.85
C VAL WA 36 -71.68 -23.24 -82.61
N GLU WA 37 -72.63 -23.40 -83.52
CA GLU WA 37 -73.50 -24.57 -83.59
C GLU WA 37 -73.19 -25.31 -84.90
N VAL WA 38 -73.03 -26.62 -84.82
CA VAL WA 38 -72.63 -27.43 -85.96
C VAL WA 38 -73.78 -28.36 -86.33
N ARG WA 39 -74.20 -28.29 -87.59
CA ARG WA 39 -75.17 -29.23 -88.14
C ARG WA 39 -74.44 -30.21 -89.04
N VAL WA 40 -74.64 -31.51 -88.80
CA VAL WA 40 -73.91 -32.56 -89.50
C VAL WA 40 -74.90 -33.30 -90.40
N THR WA 41 -74.60 -33.31 -91.71
CA THR WA 41 -75.36 -34.05 -92.69
C THR WA 41 -74.41 -34.81 -93.59
N PRO WA 42 -74.83 -35.98 -94.10
CA PRO WA 42 -73.94 -36.75 -94.98
C PRO WA 42 -73.56 -36.01 -96.26
N THR WA 43 -74.45 -35.15 -96.78
CA THR WA 43 -74.17 -34.49 -98.06
C THR WA 43 -73.23 -33.31 -97.89
N ARG WA 44 -73.63 -32.32 -97.10
CA ARG WA 44 -72.82 -31.11 -96.93
C ARG WA 44 -73.20 -30.44 -95.62
N THR WA 45 -72.29 -30.46 -94.66
CA THR WA 45 -72.55 -29.89 -93.35
C THR WA 45 -72.46 -28.37 -93.40
N GLU WA 46 -73.19 -27.72 -92.48
CA GLU WA 46 -73.18 -26.27 -92.35
C GLU WA 46 -72.86 -25.89 -90.92
N ILE WA 47 -72.14 -24.78 -90.76
CA ILE WA 47 -71.69 -24.28 -89.46
C ILE WA 47 -72.00 -22.80 -89.37
N ILE WA 48 -72.59 -22.38 -88.26
CA ILE WA 48 -73.04 -21.01 -88.06
C ILE WA 48 -72.19 -20.34 -87.00
N ILE WA 49 -71.85 -19.07 -87.24
CA ILE WA 49 -71.02 -18.27 -86.35
C ILE WA 49 -71.92 -17.23 -85.69
N LEU WA 50 -72.01 -17.27 -84.36
CA LEU WA 50 -72.84 -16.34 -83.61
C LEU WA 50 -71.98 -15.15 -83.17
N ALA WA 51 -72.28 -13.98 -83.70
CA ALA WA 51 -71.52 -12.78 -83.39
C ALA WA 51 -72.41 -11.56 -83.53
N THR WA 52 -72.02 -10.48 -82.87
CA THR WA 52 -72.80 -9.24 -82.91
C THR WA 52 -72.43 -8.36 -84.09
N ARG WA 53 -71.15 -8.28 -84.43
CA ARG WA 53 -70.69 -7.47 -85.56
C ARG WA 53 -70.60 -8.35 -86.81
N THR WA 54 -71.78 -8.77 -87.28
CA THR WA 54 -71.84 -9.61 -88.46
C THR WA 54 -71.36 -8.88 -89.71
N GLN WA 55 -71.56 -7.56 -89.77
CA GLN WA 55 -71.07 -6.80 -90.91
C GLN WA 55 -69.55 -6.86 -91.01
N ASN WA 56 -68.87 -6.73 -89.87
CA ASN WA 56 -67.41 -6.86 -89.86
C ASN WA 56 -66.98 -8.30 -90.10
N VAL WA 57 -67.85 -9.27 -89.79
CA VAL WA 57 -67.53 -10.67 -90.05
C VAL WA 57 -67.37 -10.91 -91.55
N LEU WA 58 -68.28 -10.34 -92.35
CA LEU WA 58 -68.18 -10.48 -93.80
C LEU WA 58 -66.96 -9.74 -94.33
N GLY WA 59 -66.79 -8.48 -93.94
CA GLY WA 59 -65.67 -7.68 -94.38
C GLY WA 59 -65.85 -7.07 -95.75
N GLU WA 60 -65.71 -7.89 -96.80
CA GLU WA 60 -65.89 -7.42 -98.18
C GLU WA 60 -66.38 -8.62 -98.98
N LYS WA 61 -67.69 -8.66 -99.23
CA LYS WA 61 -68.34 -9.77 -99.92
C LYS WA 61 -67.94 -11.12 -99.32
N GLY WA 62 -67.90 -11.16 -97.99
CA GLY WA 62 -67.49 -12.37 -97.30
C GLY WA 62 -66.05 -12.77 -97.53
N ARG WA 63 -65.12 -11.80 -97.49
CA ARG WA 63 -63.71 -12.12 -97.63
C ARG WA 63 -63.24 -12.99 -96.47
N ARG WA 64 -63.67 -12.66 -95.25
CA ARG WA 64 -63.27 -13.46 -94.09
C ARG WA 64 -64.01 -14.80 -94.08
N ILE WA 65 -65.25 -14.83 -94.55
CA ILE WA 65 -66.00 -16.08 -94.60
C ILE WA 65 -65.38 -17.03 -95.63
N ARG WA 66 -65.07 -16.52 -96.82
CA ARG WA 66 -64.49 -17.36 -97.86
C ARG WA 66 -63.10 -17.86 -97.47
N GLU WA 67 -62.29 -17.02 -96.84
CA GLU WA 67 -60.98 -17.46 -96.40
C GLU WA 67 -61.09 -18.45 -95.25
N LEU WA 68 -62.20 -18.41 -94.50
CA LEU WA 68 -62.37 -19.34 -93.39
C LEU WA 68 -62.77 -20.73 -93.87
N THR WA 69 -63.58 -20.80 -94.93
CA THR WA 69 -63.95 -22.09 -95.49
C THR WA 69 -62.73 -22.81 -96.08
N ALA WA 70 -61.75 -22.04 -96.57
CA ALA WA 70 -60.57 -22.64 -97.17
C ALA WA 70 -59.65 -23.26 -96.12
N VAL WA 71 -59.42 -22.54 -95.00
CA VAL WA 71 -58.53 -23.06 -93.97
C VAL WA 71 -59.18 -24.26 -93.27
N VAL WA 72 -60.49 -24.21 -93.05
CA VAL WA 72 -61.18 -25.33 -92.42
C VAL WA 72 -61.10 -26.56 -93.30
N GLN WA 73 -61.33 -26.39 -94.61
CA GLN WA 73 -61.23 -27.51 -95.55
C GLN WA 73 -59.82 -28.06 -95.60
N LYS WA 74 -58.81 -27.18 -95.64
CA LYS WA 74 -57.42 -27.64 -95.75
C LYS WA 74 -56.96 -28.33 -94.46
N ARG WA 75 -57.38 -27.85 -93.30
CA ARG WA 75 -56.90 -28.34 -92.02
C ARG WA 75 -57.66 -29.59 -91.58
N PHE WA 76 -58.98 -29.49 -91.48
CA PHE WA 76 -59.80 -30.52 -90.85
C PHE WA 76 -60.08 -31.72 -91.77
N GLY WA 77 -59.33 -31.84 -92.86
CA GLY WA 77 -59.48 -33.01 -93.73
C GLY WA 77 -60.84 -33.13 -94.39
N PHE WA 78 -61.40 -32.01 -94.85
CA PHE WA 78 -62.69 -32.05 -95.53
C PHE WA 78 -62.51 -31.76 -97.02
N PRO WA 79 -63.30 -32.42 -97.88
CA PRO WA 79 -63.17 -32.16 -99.32
C PRO WA 79 -63.73 -30.82 -99.73
N GLU WA 80 -63.60 -30.49 -101.02
CA GLU WA 80 -64.08 -29.20 -101.52
C GLU WA 80 -65.60 -29.16 -101.51
N GLY WA 81 -66.16 -28.08 -100.98
CA GLY WA 81 -67.60 -27.89 -100.97
C GLY WA 81 -68.37 -28.71 -99.96
N SER WA 82 -67.68 -29.36 -99.02
CA SER WA 82 -68.35 -30.20 -98.04
C SER WA 82 -68.75 -29.44 -96.77
N VAL WA 83 -68.16 -28.28 -96.53
CA VAL WA 83 -68.44 -27.49 -95.33
C VAL WA 83 -68.72 -26.06 -95.76
N GLU WA 84 -69.87 -25.52 -95.34
CA GLU WA 84 -70.26 -24.15 -95.60
C GLU WA 84 -70.52 -23.41 -94.30
N LEU WA 85 -70.16 -22.13 -94.28
CA LEU WA 85 -70.25 -21.32 -93.09
C LEU WA 85 -71.22 -20.16 -93.28
N TYR WA 86 -71.93 -19.81 -92.22
CA TYR WA 86 -72.87 -18.70 -92.22
C TYR WA 86 -72.63 -17.85 -90.98
N ALA WA 87 -73.12 -16.62 -91.03
CA ALA WA 87 -72.98 -15.68 -89.93
C ALA WA 87 -74.36 -15.26 -89.43
N GLU WA 88 -74.51 -15.25 -88.10
CA GLU WA 88 -75.77 -14.88 -87.45
C GLU WA 88 -75.51 -13.82 -86.39
N LYS WA 89 -76.60 -13.20 -85.94
CA LYS WA 89 -76.55 -12.16 -84.93
C LYS WA 89 -77.18 -12.65 -83.64
N VAL WA 90 -76.58 -12.27 -82.51
CA VAL WA 90 -77.10 -12.65 -81.20
C VAL WA 90 -78.46 -11.99 -80.99
N ALA WA 91 -79.46 -12.79 -80.63
CA ALA WA 91 -80.81 -12.27 -80.44
C ALA WA 91 -80.88 -11.31 -79.27
N THR WA 92 -80.33 -11.71 -78.12
CA THR WA 92 -80.31 -10.89 -76.90
C THR WA 92 -78.86 -10.76 -76.47
N ARG WA 93 -78.21 -9.69 -76.93
CA ARG WA 93 -76.78 -9.50 -76.69
C ARG WA 93 -76.47 -9.37 -75.21
N GLY WA 94 -77.32 -8.66 -74.46
CA GLY WA 94 -77.04 -8.44 -73.05
C GLY WA 94 -77.05 -9.73 -72.24
N LEU WA 95 -77.90 -10.67 -72.62
CA LEU WA 95 -77.99 -11.95 -71.92
C LEU WA 95 -76.96 -12.95 -72.40
N CYS WA 96 -76.17 -12.60 -73.41
CA CYS WA 96 -75.01 -13.41 -73.83
C CYS WA 96 -73.81 -12.93 -73.03
N ALA WA 97 -73.49 -13.65 -71.95
CA ALA WA 97 -72.44 -13.21 -71.03
C ALA WA 97 -71.09 -13.06 -71.71
N ILE WA 98 -70.87 -13.73 -72.84
CA ILE WA 98 -69.64 -13.54 -73.60
C ILE WA 98 -69.56 -12.12 -74.15
N ALA WA 99 -70.70 -11.59 -74.60
CA ALA WA 99 -70.69 -10.27 -75.23
C ALA WA 99 -70.23 -9.19 -74.27
N GLN WA 100 -70.83 -9.14 -73.08
CA GLN WA 100 -70.43 -8.13 -72.10
C GLN WA 100 -68.98 -8.28 -71.69
N ALA WA 101 -68.43 -9.49 -71.82
CA ALA WA 101 -67.01 -9.70 -71.53
C ALA WA 101 -66.13 -9.10 -72.62
N GLU WA 102 -66.46 -9.33 -73.88
CA GLU WA 102 -65.62 -8.83 -74.97
C GLU WA 102 -65.78 -7.33 -75.17
N SER WA 103 -66.86 -6.74 -74.65
CA SER WA 103 -66.95 -5.29 -74.57
C SER WA 103 -66.07 -4.74 -73.45
N LEU WA 104 -66.07 -5.41 -72.29
CA LEU WA 104 -65.18 -5.04 -71.19
C LEU WA 104 -63.71 -5.20 -71.57
N ARG WA 105 -63.36 -6.27 -72.29
CA ARG WA 105 -61.96 -6.49 -72.63
C ARG WA 105 -61.42 -5.33 -73.46
N TYR WA 106 -62.19 -4.87 -74.45
CA TYR WA 106 -61.74 -3.77 -75.27
C TYR WA 106 -61.81 -2.44 -74.53
N LYS WA 107 -62.66 -2.36 -73.50
CA LYS WA 107 -62.64 -1.18 -72.63
C LYS WA 107 -61.38 -1.16 -71.76
N LEU WA 108 -60.96 -2.33 -71.28
CA LEU WA 108 -59.69 -2.41 -70.56
C LEU WA 108 -58.51 -2.10 -71.47
N LEU WA 109 -58.56 -2.57 -72.71
CA LEU WA 109 -57.51 -2.24 -73.66
C LEU WA 109 -57.47 -0.74 -73.94
N GLY WA 110 -58.64 -0.10 -74.03
CA GLY WA 110 -58.67 1.34 -74.20
C GLY WA 110 -58.15 2.10 -72.99
N GLY WA 111 -58.49 1.63 -71.79
CA GLY WA 111 -58.04 2.26 -70.57
C GLY WA 111 -59.15 2.92 -69.78
N LEU WA 112 -60.34 2.33 -69.82
CA LEU WA 112 -61.49 2.88 -69.11
C LEU WA 112 -61.41 2.53 -67.62
N ALA WA 113 -62.23 3.23 -66.83
CA ALA WA 113 -62.22 3.05 -65.40
C ALA WA 113 -62.68 1.66 -65.02
N VAL WA 114 -62.08 1.10 -63.95
CA VAL WA 114 -62.42 -0.25 -63.52
C VAL WA 114 -63.86 -0.30 -63.02
N ARG WA 115 -64.24 0.65 -62.16
CA ARG WA 115 -65.57 0.62 -61.56
C ARG WA 115 -66.64 1.10 -62.54
N ARG WA 116 -66.32 2.13 -63.33
CA ARG WA 116 -67.32 2.72 -64.21
C ARG WA 116 -67.72 1.76 -65.34
N ALA WA 117 -66.76 1.01 -65.86
CA ALA WA 117 -67.07 0.05 -66.93
C ALA WA 117 -67.77 -1.19 -66.38
N CYS WA 118 -67.46 -1.56 -65.13
CA CYS WA 118 -68.19 -2.66 -64.50
C CYS WA 118 -69.63 -2.28 -64.23
N TYR WA 119 -69.87 -1.05 -63.78
CA TYR WA 119 -71.24 -0.58 -63.60
C TYR WA 119 -71.91 -0.27 -64.94
N GLY WA 120 -71.13 0.10 -65.95
CA GLY WA 120 -71.71 0.39 -67.25
C GLY WA 120 -72.16 -0.87 -67.99
N VAL WA 121 -71.29 -1.88 -68.02
CA VAL WA 121 -71.67 -3.19 -68.57
C VAL WA 121 -72.79 -3.82 -67.73
N LEU WA 122 -72.76 -3.59 -66.41
CA LEU WA 122 -73.87 -3.95 -65.51
C LEU WA 122 -75.18 -3.28 -65.92
N ARG WA 123 -75.18 -1.95 -66.06
CA ARG WA 123 -76.43 -1.19 -66.21
C ARG WA 123 -77.12 -1.48 -67.54
N PHE WA 124 -76.39 -2.14 -68.45
CA PHE WA 124 -76.82 -2.45 -69.83
C PHE WA 124 -77.68 -3.70 -69.88
N ILE WA 125 -77.71 -4.42 -68.77
CA ILE WA 125 -78.33 -5.72 -68.73
C ILE WA 125 -79.79 -5.61 -68.32
N MET WA 126 -80.08 -4.81 -67.30
CA MET WA 126 -81.47 -4.67 -66.88
C MET WA 126 -82.28 -3.90 -67.92
N GLU WA 127 -81.65 -2.92 -68.60
CA GLU WA 127 -82.35 -2.25 -69.69
C GLU WA 127 -82.68 -3.21 -70.83
N SER WA 128 -81.82 -4.19 -71.12
CA SER WA 128 -82.19 -5.28 -72.02
C SER WA 128 -83.22 -6.20 -71.39
N GLY WA 129 -83.11 -6.42 -70.08
CA GLY WA 129 -84.01 -7.29 -69.34
C GLY WA 129 -83.37 -8.56 -68.81
N ALA WA 130 -83.09 -8.59 -67.50
CA ALA WA 130 -82.51 -9.77 -66.88
C ALA WA 130 -82.94 -9.84 -65.42
N LYS WA 131 -82.86 -11.04 -64.85
CA LYS WA 131 -83.18 -11.22 -63.43
C LYS WA 131 -81.98 -10.95 -62.54
N GLY WA 132 -80.78 -11.31 -62.98
CA GLY WA 132 -79.60 -11.10 -62.17
C GLY WA 132 -78.33 -11.20 -62.99
N CYS WA 133 -77.25 -10.64 -62.45
CA CYS WA 133 -75.93 -10.71 -63.08
C CYS WA 133 -74.88 -10.50 -62.00
N GLU WA 134 -73.68 -11.04 -62.25
CA GLU WA 134 -72.55 -10.89 -61.34
C GLU WA 134 -71.27 -10.96 -62.15
N VAL WA 135 -70.54 -9.85 -62.21
CA VAL WA 135 -69.27 -9.76 -62.93
C VAL WA 135 -68.17 -9.46 -61.93
N VAL WA 136 -67.13 -10.29 -61.95
CA VAL WA 136 -66.00 -10.17 -61.02
C VAL WA 136 -64.73 -9.98 -61.82
N VAL WA 137 -63.94 -8.98 -61.47
CA VAL WA 137 -62.64 -8.71 -62.08
C VAL WA 137 -61.58 -8.81 -61.00
N SER WA 138 -60.56 -9.62 -61.25
CA SER WA 138 -59.48 -9.82 -60.29
C SER WA 138 -58.14 -9.67 -60.99
N GLY WA 139 -57.17 -9.12 -60.25
CA GLY WA 139 -55.83 -8.96 -60.78
C GLY WA 139 -55.20 -7.64 -60.40
N LYS WA 140 -54.16 -7.26 -61.13
CA LYS WA 140 -53.33 -6.11 -60.79
C LYS WA 140 -53.54 -4.99 -61.79
N LEU WA 141 -53.57 -3.76 -61.29
CA LEU WA 141 -53.83 -2.59 -62.12
C LEU WA 141 -53.06 -1.40 -61.55
N ARG WA 142 -51.97 -1.04 -62.24
CA ARG WA 142 -51.18 0.14 -61.93
C ARG WA 142 -50.77 0.14 -60.45
N GLY WA 143 -50.37 -1.04 -59.98
CA GLY WA 143 -49.96 -1.15 -58.59
C GLY WA 143 -49.50 -2.56 -58.25
N GLN WA 144 -49.31 -2.78 -56.95
CA GLN WA 144 -48.84 -4.07 -56.48
C GLN WA 144 -50.00 -4.88 -55.91
N ARG WA 145 -49.83 -6.20 -55.94
CA ARG WA 145 -50.74 -7.22 -55.39
C ARG WA 145 -51.98 -7.23 -56.29
N ALA WA 146 -52.90 -8.19 -56.12
CA ALA WA 146 -54.01 -8.37 -57.06
C ALA WA 146 -55.29 -8.35 -56.28
N LYS WA 147 -56.23 -7.50 -56.67
CA LYS WA 147 -57.45 -7.30 -55.90
C LYS WA 147 -58.67 -7.82 -56.65
N SER WA 148 -59.60 -8.43 -55.92
CA SER WA 148 -60.79 -9.00 -56.54
C SER WA 148 -62.01 -8.28 -56.00
N MET WA 149 -62.86 -7.80 -56.91
CA MET WA 149 -64.10 -7.16 -56.55
C MET WA 149 -65.22 -7.69 -57.43
N LYS WA 150 -66.44 -7.65 -56.89
CA LYS WA 150 -67.62 -8.19 -57.53
C LYS WA 150 -68.66 -7.09 -57.71
N PHE WA 151 -69.52 -7.27 -58.70
CA PHE WA 151 -70.61 -6.35 -58.99
C PHE WA 151 -71.85 -7.16 -59.37
N VAL WA 152 -72.73 -7.34 -58.40
CA VAL WA 152 -73.91 -8.19 -58.56
C VAL WA 152 -75.14 -7.46 -58.02
N ASP WA 153 -76.22 -7.53 -58.79
CA ASP WA 153 -77.55 -7.18 -58.32
C ASP WA 153 -78.60 -8.12 -58.89
N GLY WA 154 -79.77 -8.13 -58.25
CA GLY WA 154 -80.90 -8.95 -58.66
C GLY WA 154 -80.83 -10.37 -58.13
N LEU WA 155 -81.88 -11.13 -58.44
CA LEU WA 155 -81.92 -12.53 -58.05
C LEU WA 155 -80.85 -13.31 -58.81
N MET WA 156 -79.93 -13.91 -58.06
CA MET WA 156 -78.69 -14.44 -58.60
C MET WA 156 -78.34 -15.69 -57.81
N ILE WA 157 -78.73 -16.87 -58.32
CA ILE WA 157 -78.61 -18.14 -57.60
C ILE WA 157 -77.42 -18.92 -58.15
N HIS WA 158 -76.52 -19.32 -57.25
CA HIS WA 158 -75.35 -20.10 -57.63
C HIS WA 158 -75.49 -21.59 -57.37
N SER WA 159 -76.35 -21.99 -56.44
CA SER WA 159 -76.39 -23.36 -55.94
C SER WA 159 -77.60 -24.08 -56.51
N GLY WA 160 -77.34 -25.23 -57.14
CA GLY WA 160 -78.42 -26.09 -57.61
C GLY WA 160 -78.32 -26.54 -59.05
N ASP WA 161 -79.07 -27.59 -59.38
CA ASP WA 161 -79.25 -27.96 -60.78
C ASP WA 161 -79.77 -26.84 -61.67
N PRO WA 162 -80.72 -26.00 -61.24
CA PRO WA 162 -81.20 -24.93 -62.15
C PRO WA 162 -80.08 -24.02 -62.62
N VAL WA 163 -79.02 -23.85 -61.81
CA VAL WA 163 -77.90 -23.00 -62.21
C VAL WA 163 -77.14 -23.57 -63.39
N ASN WA 164 -77.34 -24.85 -63.71
CA ASN WA 164 -76.61 -25.44 -64.84
C ASN WA 164 -77.04 -24.82 -66.17
N TYR WA 165 -78.34 -24.76 -66.43
CA TYR WA 165 -78.85 -24.29 -67.71
C TYR WA 165 -79.38 -22.87 -67.68
N TYR WA 166 -79.78 -22.37 -66.51
CA TYR WA 166 -80.21 -20.98 -66.41
C TYR WA 166 -79.03 -20.01 -66.38
N VAL WA 167 -77.80 -20.50 -66.21
CA VAL WA 167 -76.63 -19.65 -66.07
C VAL WA 167 -75.67 -19.92 -67.21
N ASP WA 168 -75.21 -18.84 -67.85
CA ASP WA 168 -74.16 -18.89 -68.86
C ASP WA 168 -72.95 -18.13 -68.34
N THR WA 169 -71.78 -18.78 -68.38
CA THR WA 169 -70.57 -18.25 -67.78
C THR WA 169 -69.44 -18.25 -68.79
N ALA WA 170 -68.60 -17.21 -68.74
CA ALA WA 170 -67.45 -17.09 -69.63
C ALA WA 170 -66.19 -16.86 -68.81
N VAL WA 171 -65.14 -17.61 -69.13
CA VAL WA 171 -63.80 -17.38 -68.59
C VAL WA 171 -62.99 -16.63 -69.63
N ARG WA 172 -62.53 -15.42 -69.29
CA ARG WA 172 -61.73 -14.64 -70.20
C ARG WA 172 -60.63 -13.92 -69.45
N HIS WA 173 -59.53 -13.68 -70.15
CA HIS WA 173 -58.40 -12.93 -69.63
C HIS WA 173 -58.15 -11.73 -70.53
N VAL WA 174 -57.50 -10.72 -69.95
CA VAL WA 174 -57.15 -9.51 -70.69
C VAL WA 174 -55.63 -9.38 -70.63
N LEU WA 175 -55.01 -9.34 -71.80
CA LEU WA 175 -53.56 -9.35 -71.93
C LEU WA 175 -53.04 -7.93 -72.09
N LEU WA 176 -53.04 -7.20 -70.99
CA LEU WA 176 -52.64 -5.80 -71.03
C LEU WA 176 -51.12 -5.69 -71.18
N ARG WA 177 -50.64 -4.44 -71.15
CA ARG WA 177 -49.24 -4.16 -71.45
C ARG WA 177 -48.29 -4.74 -70.42
N GLN WA 178 -48.73 -4.92 -69.18
CA GLN WA 178 -47.80 -5.22 -68.09
C GLN WA 178 -48.33 -6.22 -67.07
N GLY WA 179 -49.38 -6.96 -67.35
CA GLY WA 179 -49.91 -7.88 -66.36
C GLY WA 179 -50.85 -8.89 -66.96
N VAL WA 180 -51.64 -9.53 -66.09
CA VAL WA 180 -52.67 -10.47 -66.47
C VAL WA 180 -53.92 -10.15 -65.66
N LEU WA 181 -55.06 -9.98 -66.34
CA LEU WA 181 -56.32 -9.68 -65.70
C LEU WA 181 -57.38 -10.73 -66.07
N GLY WA 182 -58.42 -10.81 -65.24
CA GLY WA 182 -59.46 -11.81 -65.44
C GLY WA 182 -60.89 -11.30 -65.36
N ILE WA 183 -61.73 -11.75 -66.28
CA ILE WA 183 -63.16 -11.42 -66.31
C ILE WA 183 -63.95 -12.71 -66.23
N LYS WA 184 -64.87 -12.78 -65.26
CA LYS WA 184 -65.85 -13.85 -65.18
C LYS WA 184 -67.24 -13.23 -65.11
N VAL WA 185 -68.13 -13.68 -65.99
CA VAL WA 185 -69.47 -13.11 -66.11
C VAL WA 185 -70.48 -14.22 -65.88
N LYS WA 186 -71.39 -14.00 -64.92
CA LYS WA 186 -72.52 -14.88 -64.67
C LYS WA 186 -73.81 -14.08 -64.86
N ILE WA 187 -74.69 -14.57 -65.72
CA ILE WA 187 -75.91 -13.85 -66.06
C ILE WA 187 -77.09 -14.80 -65.97
N MET WA 188 -78.17 -14.33 -65.35
CA MET WA 188 -79.41 -15.08 -65.27
C MET WA 188 -80.15 -15.05 -66.61
N LEU WA 189 -81.02 -16.04 -66.81
CA LEU WA 189 -81.91 -16.10 -67.96
C LEU WA 189 -83.36 -15.98 -67.50
N PRO WA 190 -84.28 -15.59 -68.39
CA PRO WA 190 -85.66 -15.34 -67.96
C PRO WA 190 -86.33 -16.59 -67.39
N TRP WA 191 -87.28 -16.36 -66.49
CA TRP WA 191 -88.05 -17.42 -65.84
C TRP WA 191 -88.76 -18.30 -66.86
N ASP WA 192 -89.73 -17.73 -67.58
CA ASP WA 192 -90.49 -18.46 -68.60
C ASP WA 192 -91.00 -17.48 -69.64
N PRO WA 193 -90.13 -17.06 -70.57
CA PRO WA 193 -90.56 -16.16 -71.64
C PRO WA 193 -91.19 -16.87 -72.83
N SER WA 194 -91.20 -18.21 -72.83
CA SER WA 194 -91.68 -19.01 -73.95
C SER WA 194 -91.02 -18.59 -75.27
N GLY WA 195 -89.72 -18.32 -75.20
CA GLY WA 195 -88.97 -17.91 -76.36
C GLY WA 195 -87.50 -18.22 -76.18
N LYS WA 196 -86.72 -17.83 -77.18
CA LYS WA 196 -85.28 -18.09 -77.18
C LYS WA 196 -84.52 -17.26 -76.16
N ILE WA 197 -85.14 -16.24 -75.56
CA ILE WA 197 -84.45 -15.43 -74.57
C ILE WA 197 -84.15 -16.24 -73.32
N GLY WA 198 -85.06 -17.14 -72.95
CA GLY WA 198 -84.85 -18.01 -71.82
C GLY WA 198 -84.92 -19.48 -72.21
N PRO WA 199 -84.57 -20.37 -71.28
CA PRO WA 199 -84.63 -21.81 -71.57
C PRO WA 199 -86.04 -22.37 -71.60
N LYS WA 200 -87.06 -21.59 -71.21
CA LYS WA 200 -88.47 -21.97 -71.16
C LYS WA 200 -88.74 -23.05 -70.10
N LYS WA 201 -87.72 -23.53 -69.41
CA LYS WA 201 -87.94 -24.53 -68.37
C LYS WA 201 -88.60 -23.86 -67.17
N PRO WA 202 -89.76 -24.35 -66.72
CA PRO WA 202 -90.29 -23.88 -65.44
C PRO WA 202 -89.33 -24.19 -64.31
N LEU WA 203 -89.21 -23.26 -63.38
CA LEU WA 203 -88.39 -23.48 -62.20
C LEU WA 203 -88.99 -24.58 -61.34
N PRO WA 204 -88.21 -25.60 -60.94
CA PRO WA 204 -88.73 -26.57 -59.97
C PRO WA 204 -89.13 -25.95 -58.64
N ASP WA 205 -88.38 -24.94 -58.17
CA ASP WA 205 -88.69 -24.33 -56.89
C ASP WA 205 -89.88 -23.38 -56.96
N HIS WA 206 -90.06 -22.68 -58.08
CA HIS WA 206 -91.14 -21.70 -58.18
C HIS WA 206 -92.49 -22.39 -58.23
N VAL WA 207 -93.41 -21.90 -57.40
CA VAL WA 207 -94.78 -22.43 -57.34
C VAL WA 207 -95.72 -21.31 -57.76
N SER WA 208 -96.52 -21.56 -58.79
CA SER WA 208 -97.47 -20.60 -59.32
C SER WA 208 -98.88 -21.13 -59.08
N ILE WA 209 -99.72 -20.34 -58.42
CA ILE WA 209 -101.08 -20.72 -58.08
C ILE WA 209 -102.04 -19.87 -58.91
N VAL WA 210 -102.95 -20.53 -59.62
CA VAL WA 210 -103.93 -19.84 -60.45
C VAL WA 210 -105.02 -19.28 -59.54
N GLU WA 211 -105.34 -18.01 -59.72
CA GLU WA 211 -106.36 -17.36 -58.91
C GLU WA 211 -107.73 -17.92 -59.26
N PRO WA 212 -108.49 -18.42 -58.30
CA PRO WA 212 -109.81 -18.97 -58.61
C PRO WA 212 -110.77 -17.89 -59.08
N LYS WA 213 -111.69 -18.28 -59.96
CA LYS WA 213 -112.69 -17.36 -60.48
C LYS WA 213 -113.81 -17.15 -59.45
N ASP WA 214 -114.33 -15.94 -59.41
CA ASP WA 214 -115.41 -15.61 -58.50
C ASP WA 214 -116.67 -16.37 -58.90
N GLU WA 215 -117.37 -16.92 -57.90
CA GLU WA 215 -118.59 -17.68 -58.13
C GLU WA 215 -119.62 -17.28 -57.08
N ILE WA 216 -120.89 -17.46 -57.44
CA ILE WA 216 -122.01 -17.16 -56.56
C ILE WA 216 -122.78 -18.45 -56.32
N LEU WA 217 -122.97 -18.79 -55.05
CA LEU WA 217 -123.72 -20.00 -54.72
C LEU WA 217 -125.18 -19.84 -55.15
N PRO WA 218 -125.76 -20.85 -55.80
CA PRO WA 218 -127.16 -20.71 -56.25
C PRO WA 218 -128.15 -20.70 -55.10
N THR WA 219 -128.80 -19.56 -54.90
CA THR WA 219 -129.81 -19.46 -53.84
C THR WA 219 -131.00 -20.36 -54.12
N THR WA 220 -131.41 -20.45 -55.39
CA THR WA 220 -132.52 -21.30 -55.80
C THR WA 220 -132.06 -22.21 -56.93
N PRO WA 221 -132.60 -23.42 -57.02
CA PRO WA 221 -132.24 -24.32 -58.12
C PRO WA 221 -132.62 -23.72 -59.47
N ILE WA 222 -131.77 -23.96 -60.47
CA ILE WA 222 -131.97 -23.47 -61.82
C ILE WA 222 -131.89 -24.65 -62.78
N SER WA 223 -132.90 -24.80 -63.62
CA SER WA 223 -132.96 -25.86 -64.63
C SER WA 223 -132.90 -25.22 -66.01
N GLU WA 224 -131.94 -25.67 -66.83
CA GLU WA 224 -131.74 -25.15 -68.17
C GLU WA 224 -132.07 -26.23 -69.19
N GLN WA 225 -132.92 -25.89 -70.15
CA GLN WA 225 -133.32 -26.81 -71.21
C GLN WA 225 -132.58 -26.44 -72.50
N LYS WA 226 -131.88 -27.42 -73.08
CA LYS WA 226 -131.15 -27.20 -74.31
C LYS WA 226 -131.40 -28.32 -75.31
N ALA XA 1 -39.90 74.29 -26.06
CA ALA XA 1 -39.65 75.57 -26.71
C ALA XA 1 -38.86 76.49 -25.80
N ARG XA 2 -37.93 77.25 -26.39
CA ARG XA 2 -37.07 78.17 -25.65
C ARG XA 2 -37.63 79.58 -25.59
N GLY XA 3 -38.81 79.82 -26.13
CA GLY XA 3 -39.38 81.15 -26.12
C GLY XA 3 -40.55 81.31 -27.08
N PRO XA 4 -40.83 82.55 -27.48
CA PRO XA 4 -41.98 82.80 -28.34
C PRO XA 4 -41.75 82.27 -29.75
N LYS XA 5 -42.63 81.36 -30.17
CA LYS XA 5 -42.57 80.78 -31.50
C LYS XA 5 -42.86 81.85 -32.54
N LYS XA 6 -42.08 81.84 -33.62
CA LYS XA 6 -42.09 82.92 -34.60
C LYS XA 6 -42.63 82.47 -35.96
N HIS XA 7 -43.47 81.43 -36.00
CA HIS XA 7 -44.04 80.97 -37.25
C HIS XA 7 -45.42 80.38 -37.02
N LEU XA 8 -46.26 80.45 -38.05
CA LEU XA 8 -47.54 79.77 -38.09
C LEU XA 8 -47.59 78.91 -39.35
N LYS XA 9 -48.21 77.75 -39.24
CA LYS XA 9 -48.27 76.80 -40.35
C LYS XA 9 -49.60 76.90 -41.08
N ARG XA 10 -49.69 76.22 -42.21
CA ARG XA 10 -50.93 76.22 -42.99
C ARG XA 10 -52.07 75.61 -42.18
N VAL XA 11 -51.79 74.52 -41.47
CA VAL XA 11 -52.79 73.91 -40.61
C VAL XA 11 -52.89 74.63 -39.26
N ALA XA 12 -51.83 75.32 -38.84
CA ALA XA 12 -51.88 76.07 -37.59
C ALA XA 12 -52.80 77.28 -37.66
N ALA XA 13 -53.27 77.65 -38.85
CA ALA XA 13 -54.21 78.74 -38.97
C ALA XA 13 -55.53 78.40 -38.28
N PRO XA 14 -56.23 79.39 -37.74
CA PRO XA 14 -57.57 79.12 -37.18
C PRO XA 14 -58.52 78.63 -38.26
N LYS XA 15 -59.51 77.82 -37.82
CA LYS XA 15 -60.42 77.19 -38.76
C LYS XA 15 -61.23 78.21 -39.54
N HIS XA 16 -61.76 79.24 -38.85
CA HIS XA 16 -62.57 80.24 -39.54
C HIS XA 16 -61.78 81.06 -40.53
N TRP XA 17 -60.45 81.02 -40.46
CA TRP XA 17 -59.60 81.58 -41.50
C TRP XA 17 -59.76 80.72 -42.75
N MET XA 18 -60.17 81.33 -43.84
CA MET XA 18 -60.35 80.61 -45.10
C MET XA 18 -59.03 80.57 -45.88
N LEU XA 19 -58.11 79.69 -45.46
CA LEU XA 19 -56.81 79.58 -46.09
C LEU XA 19 -56.67 78.20 -46.73
N ASP XA 20 -56.07 78.18 -47.92
CA ASP XA 20 -55.93 76.94 -48.67
C ASP XA 20 -54.84 76.06 -48.08
N LYS XA 21 -54.91 74.76 -48.41
CA LYS XA 21 -54.01 73.77 -47.84
C LYS XA 21 -52.80 73.47 -48.73
N LEU XA 22 -52.96 73.55 -50.05
CA LEU XA 22 -51.93 73.11 -50.98
C LEU XA 22 -51.10 74.26 -51.54
N THR XA 23 -51.19 75.45 -50.96
CA THR XA 23 -50.42 76.58 -51.45
C THR XA 23 -49.08 76.75 -50.74
N GLY XA 24 -49.05 76.55 -49.43
CA GLY XA 24 -47.80 76.71 -48.70
C GLY XA 24 -47.84 76.03 -47.36
N VAL XA 25 -46.67 75.64 -46.86
CA VAL XA 25 -46.57 75.01 -45.55
C VAL XA 25 -46.68 76.02 -44.41
N PHE XA 26 -46.39 77.28 -44.66
CA PHE XA 26 -46.56 78.33 -43.67
C PHE XA 26 -47.89 79.05 -43.90
N ALA XA 27 -48.15 80.03 -43.05
CA ALA XA 27 -49.29 80.92 -43.14
C ALA XA 27 -48.79 82.32 -42.80
N PRO XA 28 -49.54 83.36 -43.17
CA PRO XA 28 -49.14 84.69 -42.72
C PRO XA 28 -49.40 84.82 -41.23
N ARG XA 29 -48.34 84.74 -40.44
CA ARG XA 29 -48.50 84.77 -38.99
C ARG XA 29 -48.92 86.16 -38.57
N PRO XA 30 -50.06 86.31 -37.88
CA PRO XA 30 -50.42 87.64 -37.36
C PRO XA 30 -49.49 88.02 -36.21
N SER XA 31 -48.91 89.20 -36.31
CA SER XA 31 -48.02 89.65 -35.26
C SER XA 31 -48.81 90.34 -34.15
N THR XA 32 -48.12 90.66 -33.07
CA THR XA 32 -48.77 91.11 -31.84
C THR XA 32 -49.48 92.44 -32.05
N GLY XA 33 -50.55 92.65 -31.28
CA GLY XA 33 -51.33 93.86 -31.37
C GLY XA 33 -52.47 93.94 -30.37
N PRO XA 34 -53.50 94.72 -30.70
CA PRO XA 34 -54.61 94.92 -29.75
C PRO XA 34 -55.53 93.72 -29.61
N HIS XA 35 -55.30 92.64 -30.35
CA HIS XA 35 -56.18 91.48 -30.32
C HIS XA 35 -55.38 90.19 -30.17
N LYS XA 36 -56.00 89.21 -29.50
CA LYS XA 36 -55.46 87.86 -29.54
C LYS XA 36 -55.51 87.33 -30.96
N LEU XA 37 -54.41 86.75 -31.41
CA LEU XA 37 -54.32 86.34 -32.81
C LEU XA 37 -55.35 85.28 -33.17
N ARG XA 38 -55.80 84.48 -32.19
CA ARG XA 38 -56.71 83.39 -32.47
C ARG XA 38 -58.08 83.88 -32.94
N GLU XA 39 -58.37 85.17 -32.78
CA GLU XA 39 -59.64 85.77 -33.21
C GLU XA 39 -59.39 87.10 -33.90
N CYS XA 40 -58.34 87.18 -34.71
CA CYS XA 40 -58.00 88.38 -35.46
C CYS XA 40 -57.92 88.06 -36.94
N LEU XA 41 -57.48 89.04 -37.73
CA LEU XA 41 -57.28 88.81 -39.16
C LEU XA 41 -56.16 89.71 -39.68
N PRO XA 42 -55.16 89.14 -40.35
CA PRO XA 42 -54.10 89.98 -40.93
C PRO XA 42 -54.60 90.77 -42.13
N LEU XA 43 -53.84 91.80 -42.50
CA LEU XA 43 -54.22 92.63 -43.63
C LEU XA 43 -54.14 91.84 -44.95
N ILE XA 44 -53.15 90.95 -45.06
CA ILE XA 44 -53.01 90.17 -46.29
C ILE XA 44 -54.23 89.28 -46.51
N ILE XA 45 -54.67 88.61 -45.44
CA ILE XA 45 -55.82 87.71 -45.57
C ILE XA 45 -57.09 88.50 -45.88
N PHE XA 46 -57.22 89.70 -45.31
CA PHE XA 46 -58.39 90.52 -45.57
C PHE XA 46 -58.46 90.94 -47.05
N LEU XA 47 -57.32 91.26 -47.65
CA LEU XA 47 -57.29 91.79 -49.00
C LEU XA 47 -57.12 90.71 -50.06
N ARG XA 48 -56.04 89.93 -49.95
CA ARG XA 48 -55.70 88.94 -50.98
C ARG XA 48 -56.75 87.83 -51.05
N ASN XA 49 -57.06 87.21 -49.92
CA ASN XA 49 -57.95 86.05 -49.92
C ASN XA 49 -59.42 86.43 -50.09
N ARG XA 50 -59.85 87.55 -49.51
CA ARG XA 50 -61.26 87.93 -49.49
C ARG XA 50 -61.61 88.91 -50.59
N LEU XA 51 -60.96 90.08 -50.60
CA LEU XA 51 -61.28 91.12 -51.57
C LEU XA 51 -60.68 90.87 -52.94
N LYS XA 52 -59.71 89.95 -53.04
CA LYS XA 52 -59.06 89.58 -54.30
C LYS XA 52 -58.36 90.77 -54.95
N TYR XA 53 -58.11 91.83 -54.19
CA TYR XA 53 -57.41 92.98 -54.74
C TYR XA 53 -56.00 92.63 -55.18
N ALA XA 54 -55.32 91.76 -54.43
CA ALA XA 54 -53.98 91.32 -54.75
C ALA XA 54 -53.94 89.81 -54.81
N LEU XA 55 -53.02 89.28 -55.62
CA LEU XA 55 -52.93 87.84 -55.84
C LEU XA 55 -51.74 87.19 -55.15
N THR XA 56 -50.72 87.96 -54.78
CA THR XA 56 -49.55 87.42 -54.11
C THR XA 56 -49.28 88.20 -52.83
N GLY XA 57 -48.65 87.54 -51.87
CA GLY XA 57 -48.28 88.21 -50.64
C GLY XA 57 -47.34 89.37 -50.86
N ASP XA 58 -46.49 89.29 -51.89
CA ASP XA 58 -45.62 90.40 -52.23
C ASP XA 58 -46.41 91.62 -52.69
N GLU XA 59 -47.46 91.39 -53.49
CA GLU XA 59 -48.28 92.50 -53.96
C GLU XA 59 -49.04 93.17 -52.82
N VAL XA 60 -49.42 92.39 -51.81
CA VAL XA 60 -50.06 92.99 -50.63
C VAL XA 60 -49.07 93.89 -49.90
N LYS XA 61 -47.80 93.49 -49.86
CA LYS XA 61 -46.76 94.37 -49.31
C LYS XA 61 -46.58 95.61 -50.18
N LYS XA 62 -46.79 95.48 -51.50
CA LYS XA 62 -46.60 96.61 -52.39
C LYS XA 62 -47.60 97.73 -52.09
N ILE XA 63 -48.87 97.37 -51.90
CA ILE XA 63 -49.89 98.38 -51.62
C ILE XA 63 -49.77 98.91 -50.19
N CYS XA 64 -49.17 98.13 -49.28
CA CYS XA 64 -49.06 98.58 -47.89
C CYS XA 64 -48.07 99.74 -47.76
N MET XA 65 -46.90 99.63 -48.37
CA MET XA 65 -45.96 100.76 -48.38
C MET XA 65 -46.37 101.82 -49.41
N GLN XA 66 -47.33 101.50 -50.28
CA GLN XA 66 -48.01 102.57 -51.02
C GLN XA 66 -48.93 103.37 -50.11
N ARG XA 67 -49.23 102.83 -48.91
CA ARG XA 67 -49.96 103.54 -47.88
C ARG XA 67 -51.38 103.88 -48.33
N PHE XA 68 -52.04 102.92 -48.97
CA PHE XA 68 -53.44 103.06 -49.36
C PHE XA 68 -54.39 102.36 -48.38
N ILE XA 69 -53.88 101.72 -47.34
CA ILE XA 69 -54.69 100.97 -46.40
C ILE XA 69 -54.64 101.68 -45.05
N LYS XA 70 -55.82 101.94 -44.48
CA LYS XA 70 -55.94 102.63 -43.21
C LYS XA 70 -56.82 101.80 -42.29
N ILE XA 71 -56.50 101.82 -40.99
CA ILE XA 71 -57.28 101.13 -39.98
C ILE XA 71 -57.50 102.09 -38.82
N ASP XA 72 -58.77 102.34 -38.48
CA ASP XA 72 -59.14 103.20 -37.36
C ASP XA 72 -58.55 104.61 -37.52
N GLY XA 73 -58.50 105.08 -38.76
CA GLY XA 73 -57.94 106.39 -39.04
C GLY XA 73 -56.44 106.47 -38.99
N LYS XA 74 -55.74 105.35 -38.87
CA LYS XA 74 -54.30 105.31 -38.74
C LYS XA 74 -53.74 104.38 -39.81
N VAL XA 75 -52.71 104.84 -40.52
CA VAL XA 75 -52.07 104.06 -41.57
C VAL XA 75 -51.00 103.19 -40.93
N ARG XA 76 -51.17 101.87 -41.02
CA ARG XA 76 -50.25 100.91 -40.44
C ARG XA 76 -49.59 100.09 -41.53
N THR XA 77 -48.26 100.02 -41.49
CA THR XA 77 -47.50 99.31 -42.53
C THR XA 77 -47.45 97.81 -42.30
N ASP XA 78 -47.86 97.34 -41.12
CA ASP XA 78 -47.76 95.92 -40.81
C ASP XA 78 -48.72 95.11 -41.68
N ILE XA 79 -48.17 94.25 -42.53
CA ILE XA 79 -49.00 93.38 -43.37
C ILE XA 79 -49.76 92.38 -42.51
N THR XA 80 -49.18 91.98 -41.37
CA THR XA 80 -49.78 91.00 -40.49
C THR XA 80 -50.36 91.65 -39.23
N TYR XA 81 -50.78 92.91 -39.34
CA TYR XA 81 -51.40 93.58 -38.20
C TYR XA 81 -52.71 92.90 -37.82
N PRO XA 82 -52.97 92.71 -36.53
CA PRO XA 82 -54.20 92.00 -36.10
C PRO XA 82 -55.45 92.87 -36.19
N ALA XA 83 -56.07 92.89 -37.37
CA ALA XA 83 -57.36 93.54 -37.55
C ALA XA 83 -58.41 92.65 -36.88
N GLY XA 84 -58.73 93.00 -35.64
CA GLY XA 84 -59.61 92.20 -34.80
C GLY XA 84 -61.04 92.67 -34.86
N PHE XA 85 -61.78 92.40 -33.79
CA PHE XA 85 -63.21 92.66 -33.78
C PHE XA 85 -63.49 94.14 -33.59
N MET XA 86 -64.49 94.65 -34.32
CA MET XA 86 -64.71 96.09 -34.45
C MET XA 86 -63.45 96.81 -34.93
N ASP XA 87 -62.98 96.46 -36.13
CA ASP XA 87 -61.96 97.23 -36.84
C ASP XA 87 -62.50 97.63 -38.21
N VAL XA 88 -62.33 98.90 -38.57
CA VAL XA 88 -62.79 99.43 -39.85
C VAL XA 88 -61.59 99.73 -40.72
N ILE XA 89 -61.56 99.15 -41.91
CA ILE XA 89 -60.50 99.37 -42.89
C ILE XA 89 -61.09 100.19 -44.03
N SER XA 90 -60.56 101.39 -44.24
CA SER XA 90 -61.06 102.32 -45.25
C SER XA 90 -59.97 102.55 -46.28
N ILE XA 91 -60.30 102.32 -47.55
CA ILE XA 91 -59.40 102.54 -48.67
C ILE XA 91 -59.89 103.77 -49.42
N ASP XA 92 -59.12 104.86 -49.34
CA ASP XA 92 -59.54 106.13 -49.93
C ASP XA 92 -59.40 106.14 -51.45
N LYS XA 93 -58.50 105.33 -52.01
CA LYS XA 93 -58.33 105.32 -53.46
C LYS XA 93 -59.58 104.83 -54.16
N THR XA 94 -60.21 103.77 -53.63
CA THR XA 94 -61.46 103.27 -54.17
C THR XA 94 -62.69 103.86 -53.47
N GLY XA 95 -62.49 104.57 -52.36
CA GLY XA 95 -63.61 105.15 -51.64
C GLY XA 95 -64.56 104.13 -51.05
N GLU XA 96 -64.02 103.05 -50.49
CA GLU XA 96 -64.81 102.01 -49.87
C GLU XA 96 -64.49 101.93 -48.38
N ASN XA 97 -65.49 101.55 -47.58
CA ASN XA 97 -65.34 101.42 -46.14
C ASN XA 97 -65.96 100.10 -45.70
N PHE XA 98 -65.22 99.33 -44.92
CA PHE XA 98 -65.65 98.01 -44.48
C PHE XA 98 -65.61 97.93 -42.95
N ARG XA 99 -66.68 97.40 -42.37
CA ARG XA 99 -66.76 97.11 -40.95
C ARG XA 99 -66.56 95.62 -40.74
N LEU XA 100 -65.57 95.25 -39.95
CA LEU XA 100 -65.20 93.85 -39.75
C LEU XA 100 -65.99 93.29 -38.58
N ILE XA 101 -67.00 92.47 -38.89
CA ILE XA 101 -67.86 91.83 -37.90
C ILE XA 101 -68.14 90.41 -38.35
N TYR XA 102 -68.68 89.61 -37.42
CA TYR XA 102 -69.02 88.23 -37.72
C TYR XA 102 -70.35 88.14 -38.45
N ASP XA 103 -70.48 87.11 -39.29
CA ASP XA 103 -71.70 86.84 -40.03
C ASP XA 103 -72.50 85.74 -39.32
N THR XA 104 -73.56 85.27 -39.97
CA THR XA 104 -74.38 84.20 -39.42
C THR XA 104 -73.64 82.87 -39.33
N LYS XA 105 -72.51 82.72 -40.03
CA LYS XA 105 -71.79 81.47 -40.07
C LYS XA 105 -70.55 81.48 -39.19
N GLY XA 106 -70.46 82.42 -38.24
CA GLY XA 106 -69.32 82.47 -37.35
C GLY XA 106 -68.03 82.77 -38.06
N ARG XA 107 -68.07 83.69 -39.03
CA ARG XA 107 -66.93 83.98 -39.90
C ARG XA 107 -66.64 85.47 -39.89
N PHE XA 108 -65.37 85.81 -40.08
CA PHE XA 108 -64.90 87.19 -39.98
C PHE XA 108 -65.16 87.86 -41.33
N ALA XA 109 -66.43 88.16 -41.58
CA ALA XA 109 -66.88 88.61 -42.89
C ALA XA 109 -66.55 90.08 -43.10
N VAL XA 110 -66.63 90.50 -44.37
CA VAL XA 110 -66.38 91.88 -44.77
C VAL XA 110 -67.72 92.50 -45.11
N HIS XA 111 -68.06 93.60 -44.44
CA HIS XA 111 -69.35 94.26 -44.59
C HIS XA 111 -69.11 95.72 -44.98
N ARG XA 112 -69.60 96.11 -46.16
CA ARG XA 112 -69.46 97.49 -46.59
C ARG XA 112 -70.37 98.40 -45.77
N ILE XA 113 -69.84 99.56 -45.39
CA ILE XA 113 -70.57 100.55 -44.61
C ILE XA 113 -70.35 101.93 -45.24
N THR XA 114 -71.22 102.86 -44.87
CA THR XA 114 -71.07 104.24 -45.30
C THR XA 114 -69.92 104.92 -44.55
N PRO XA 115 -69.27 105.91 -45.18
CA PRO XA 115 -68.20 106.63 -44.46
C PRO XA 115 -68.67 107.26 -43.17
N GLU XA 116 -69.89 107.79 -43.13
CA GLU XA 116 -70.39 108.41 -41.91
C GLU XA 116 -70.49 107.40 -40.77
N GLU XA 117 -70.92 106.17 -41.09
CA GLU XA 117 -70.93 105.12 -40.09
C GLU XA 117 -69.52 104.75 -39.64
N ALA XA 118 -68.57 104.76 -40.58
CA ALA XA 118 -67.19 104.39 -40.25
C ALA XA 118 -66.52 105.41 -39.32
N LYS XA 119 -67.03 106.65 -39.30
CA LYS XA 119 -66.40 107.68 -38.47
C LYS XA 119 -66.47 107.33 -36.99
N TYR XA 120 -67.55 106.69 -36.55
CA TYR XA 120 -67.67 106.23 -35.18
C TYR XA 120 -67.47 104.72 -35.13
N LYS XA 121 -67.47 104.19 -33.92
CA LYS XA 121 -67.23 102.77 -33.71
C LYS XA 121 -67.94 102.30 -32.46
N LEU XA 122 -67.55 101.12 -31.99
CA LEU XA 122 -68.12 100.54 -30.79
C LEU XA 122 -67.09 99.61 -30.15
N CYS XA 123 -66.94 99.72 -28.83
CA CYS XA 123 -65.94 98.95 -28.09
C CYS XA 123 -66.55 98.45 -26.79
N LYS XA 124 -65.97 97.38 -26.26
CA LYS XA 124 -66.42 96.76 -25.02
C LYS XA 124 -65.35 96.83 -23.96
N VAL XA 125 -65.72 97.27 -22.77
CA VAL XA 125 -64.78 97.39 -21.66
C VAL XA 125 -64.56 96.02 -21.02
N ARG XA 126 -63.43 95.89 -20.32
CA ARG XA 126 -63.06 94.67 -19.62
C ARG XA 126 -62.87 94.84 -18.13
N LYS XA 127 -62.30 95.98 -17.71
CA LYS XA 127 -61.92 96.17 -16.32
C LYS XA 127 -61.80 97.65 -16.03
N ILE XA 128 -61.95 98.01 -14.76
CA ILE XA 128 -61.82 99.38 -14.29
C ILE XA 128 -60.77 99.40 -13.18
N PHE XA 129 -59.81 100.33 -13.28
CA PHE XA 129 -58.76 100.47 -12.28
C PHE XA 129 -58.51 101.94 -12.02
N VAL XA 130 -58.19 102.26 -10.77
CA VAL XA 130 -57.88 103.63 -10.36
C VAL XA 130 -56.37 103.78 -10.44
N GLY XA 131 -55.88 104.28 -11.57
CA GLY XA 131 -54.46 104.38 -11.82
C GLY XA 131 -53.82 105.54 -11.11
N THR XA 132 -52.97 106.27 -11.83
CA THR XA 132 -52.19 107.33 -11.23
C THR XA 132 -53.08 108.45 -10.67
N LYS XA 133 -52.67 108.97 -9.51
CA LYS XA 133 -53.26 110.16 -8.90
C LYS XA 133 -54.76 110.03 -8.66
N GLY XA 134 -55.21 108.82 -8.32
CA GLY XA 134 -56.57 108.62 -7.85
C GLY XA 134 -57.67 109.00 -8.83
N ILE XA 135 -57.52 108.61 -10.09
CA ILE XA 135 -58.56 108.83 -11.10
C ILE XA 135 -58.80 107.51 -11.82
N PRO XA 136 -60.01 107.26 -12.32
CA PRO XA 136 -60.29 105.97 -12.96
C PRO XA 136 -59.88 105.95 -14.43
N HIS XA 137 -59.74 104.73 -14.95
CA HIS XA 137 -59.46 104.48 -16.35
C HIS XA 137 -60.15 103.19 -16.75
N LEU XA 138 -60.35 103.02 -18.06
CA LEU XA 138 -60.97 101.81 -18.59
C LEU XA 138 -60.00 101.09 -19.51
N VAL XA 139 -59.89 99.78 -19.31
CA VAL XA 139 -59.17 98.90 -20.21
C VAL XA 139 -60.19 98.00 -20.89
N THR XA 140 -60.17 97.97 -22.22
CA THR XA 140 -61.20 97.35 -23.02
C THR XA 140 -60.72 96.02 -23.58
N HIS XA 141 -61.53 95.44 -24.46
CA HIS XA 141 -61.10 94.30 -25.25
C HIS XA 141 -60.22 94.71 -26.42
N ASP XA 142 -60.25 95.99 -26.80
CA ASP XA 142 -59.45 96.53 -27.89
C ASP XA 142 -58.12 97.09 -27.40
N ALA XA 143 -57.82 96.97 -26.11
CA ALA XA 143 -56.57 97.46 -25.53
C ALA XA 143 -56.41 98.96 -25.76
N ARG XA 144 -57.54 99.66 -25.85
CA ARG XA 144 -57.55 101.11 -26.01
C ARG XA 144 -57.92 101.70 -24.65
N THR XA 145 -56.92 101.83 -23.78
CA THR XA 145 -57.12 102.34 -22.43
C THR XA 145 -57.52 103.81 -22.51
N ILE XA 146 -58.55 104.20 -21.78
CA ILE XA 146 -59.14 105.53 -21.89
C ILE XA 146 -59.06 106.20 -20.52
N ARG XA 147 -58.58 107.44 -20.51
CA ARG XA 147 -58.50 108.22 -19.29
C ARG XA 147 -59.79 109.00 -19.07
N TYR XA 148 -60.15 109.17 -17.79
CA TYR XA 148 -61.31 109.93 -17.35
C TYR XA 148 -62.60 109.43 -17.98
N PRO XA 149 -63.07 108.24 -17.63
CA PRO XA 149 -64.34 107.75 -18.16
C PRO XA 149 -65.52 108.27 -17.34
N ASP XA 150 -66.71 108.02 -17.87
CA ASP XA 150 -67.93 108.33 -17.12
C ASP XA 150 -68.05 107.40 -15.93
N PRO XA 151 -68.26 107.92 -14.72
CA PRO XA 151 -68.33 107.03 -13.55
C PRO XA 151 -69.49 106.04 -13.59
N LEU XA 152 -70.55 106.33 -14.34
CA LEU XA 152 -71.66 105.40 -14.46
C LEU XA 152 -71.29 104.13 -15.21
N ILE XA 153 -70.16 104.13 -15.92
CA ILE XA 153 -69.74 102.94 -16.67
C ILE XA 153 -69.21 101.89 -15.72
N LYS XA 154 -69.68 100.65 -15.90
CA LYS XA 154 -69.25 99.50 -15.10
C LYS XA 154 -68.61 98.47 -16.02
N VAL XA 155 -68.30 97.30 -15.44
CA VAL XA 155 -67.69 96.22 -16.21
C VAL XA 155 -68.67 95.68 -17.23
N ASN XA 156 -68.13 95.16 -18.34
CA ASN XA 156 -68.90 94.52 -19.40
C ASN XA 156 -69.90 95.49 -20.05
N ASP XA 157 -69.55 96.77 -20.08
CA ASP XA 157 -70.35 97.77 -20.78
C ASP XA 157 -69.72 98.08 -22.14
N THR XA 158 -70.50 98.76 -22.98
CA THR XA 158 -70.10 99.07 -24.35
C THR XA 158 -70.03 100.57 -24.52
N ILE XA 159 -68.88 101.06 -25.00
CA ILE XA 159 -68.62 102.48 -25.13
C ILE XA 159 -68.36 102.80 -26.60
N GLN XA 160 -69.03 103.84 -27.10
CA GLN XA 160 -68.80 104.31 -28.46
C GLN XA 160 -67.55 105.20 -28.49
N ILE XA 161 -66.68 104.95 -29.46
CA ILE XA 161 -65.42 105.68 -29.61
C ILE XA 161 -65.28 106.12 -31.06
N ASP XA 162 -64.95 107.39 -31.26
CA ASP XA 162 -64.71 107.91 -32.60
C ASP XA 162 -63.28 107.61 -33.03
N LEU XA 163 -63.06 107.57 -34.35
CA LEU XA 163 -61.74 107.29 -34.87
C LEU XA 163 -60.75 108.39 -34.51
N GLU XA 164 -61.13 109.65 -34.78
CA GLU XA 164 -60.20 110.76 -34.57
C GLU XA 164 -60.18 111.21 -33.11
N THR XA 165 -61.35 111.36 -32.50
CA THR XA 165 -61.40 111.83 -31.11
C THR XA 165 -60.86 110.79 -30.14
N GLY XA 166 -61.27 109.53 -30.30
CA GLY XA 166 -60.83 108.48 -29.39
C GLY XA 166 -61.32 108.66 -27.97
N LYS XA 167 -62.60 109.03 -27.81
CA LYS XA 167 -63.15 109.27 -26.48
C LYS XA 167 -64.47 108.54 -26.30
N ILE XA 168 -65.17 108.82 -25.20
CA ILE XA 168 -66.45 108.19 -24.88
C ILE XA 168 -67.57 109.10 -25.36
N THR XA 169 -68.43 108.58 -26.23
CA THR XA 169 -69.57 109.30 -26.76
C THR XA 169 -70.88 108.84 -26.15
N ASP XA 170 -71.17 107.54 -26.22
CA ASP XA 170 -72.40 106.99 -25.65
C ASP XA 170 -72.10 105.63 -25.07
N PHE XA 171 -72.47 105.42 -23.80
CA PHE XA 171 -72.22 104.17 -23.10
C PHE XA 171 -73.55 103.50 -22.77
N ILE XA 172 -73.53 102.16 -22.79
CA ILE XA 172 -74.69 101.36 -22.48
C ILE XA 172 -74.29 100.26 -21.50
N LYS XA 173 -75.08 100.09 -20.45
CA LYS XA 173 -74.81 99.10 -19.43
C LYS XA 173 -75.15 97.70 -19.94
N PHE XA 174 -74.94 96.71 -19.07
CA PHE XA 174 -75.31 95.32 -19.36
C PHE XA 174 -76.60 95.01 -18.61
N ASP XA 175 -77.63 94.61 -19.35
CA ASP XA 175 -78.94 94.37 -18.78
C ASP XA 175 -79.72 93.44 -19.69
N THR XA 176 -80.84 92.93 -19.18
CA THR XA 176 -81.72 92.10 -19.99
C THR XA 176 -82.45 92.95 -21.03
N GLY XA 177 -82.87 92.29 -22.11
CA GLY XA 177 -83.60 92.96 -23.17
C GLY XA 177 -82.73 93.72 -24.16
N ASN XA 178 -81.42 93.62 -24.05
CA ASN XA 178 -80.49 94.35 -24.91
C ASN XA 178 -79.94 93.43 -25.98
N LEU XA 179 -79.81 93.96 -27.19
CA LEU XA 179 -79.27 93.18 -28.31
C LEU XA 179 -77.80 92.86 -28.06
N CYS XA 180 -77.40 91.64 -28.41
CA CYS XA 180 -76.02 91.21 -28.19
C CYS XA 180 -75.63 90.18 -29.24
N MET XA 181 -74.33 90.05 -29.45
CA MET XA 181 -73.76 89.13 -30.44
C MET XA 181 -72.68 88.30 -29.77
N VAL XA 182 -72.63 87.01 -30.10
CA VAL XA 182 -71.72 86.08 -29.44
C VAL XA 182 -70.33 86.21 -30.07
N THR XA 183 -69.31 86.27 -29.22
CA THR XA 183 -67.93 86.46 -29.63
C THR XA 183 -67.06 85.27 -29.21
N GLY XA 184 -67.55 84.06 -29.45
CA GLY XA 184 -66.76 82.87 -29.22
C GLY XA 184 -67.63 81.65 -29.12
N GLY XA 185 -66.95 80.50 -29.03
CA GLY XA 185 -67.64 79.24 -28.86
C GLY XA 185 -68.43 78.82 -30.09
N ALA XA 186 -69.36 77.89 -29.85
CA ALA XA 186 -70.18 77.36 -30.94
C ALA XA 186 -71.15 78.41 -31.49
N ASN XA 187 -71.71 79.25 -30.62
CA ASN XA 187 -72.70 80.23 -31.02
C ASN XA 187 -72.08 81.50 -31.61
N LEU XA 188 -70.81 81.46 -31.99
CA LEU XA 188 -70.15 82.63 -32.56
C LEU XA 188 -70.88 83.10 -33.81
N GLY XA 189 -71.23 84.38 -33.84
CA GLY XA 189 -71.89 84.97 -34.99
C GLY XA 189 -73.41 85.02 -34.95
N ARG XA 190 -74.01 85.02 -33.76
CA ARG XA 190 -75.46 85.05 -33.62
C ARG XA 190 -75.90 86.30 -32.86
N ILE XA 191 -77.00 86.90 -33.32
CA ILE XA 191 -77.54 88.13 -32.76
C ILE XA 191 -78.88 87.80 -32.11
N GLY XA 192 -79.04 88.23 -30.85
CA GLY XA 192 -80.27 87.96 -30.13
C GLY XA 192 -80.44 88.92 -28.97
N VAL XA 193 -81.54 88.72 -28.24
CA VAL XA 193 -81.90 89.56 -27.11
C VAL XA 193 -81.74 88.77 -25.82
N ILE XA 194 -81.02 89.35 -24.85
CA ILE XA 194 -80.77 88.70 -23.57
C ILE XA 194 -82.11 88.53 -22.85
N THR XA 195 -82.52 87.29 -22.63
CA THR XA 195 -83.76 87.02 -21.91
C THR XA 195 -83.49 86.69 -20.45
N ASN XA 196 -82.34 86.07 -20.15
CA ASN XA 196 -82.04 85.61 -18.81
C ASN XA 196 -80.53 85.68 -18.58
N ARG XA 197 -80.14 85.67 -17.31
CA ARG XA 197 -78.73 85.58 -16.93
C ARG XA 197 -78.63 84.95 -15.55
N GLU XA 198 -77.71 83.99 -15.41
CA GLU XA 198 -77.48 83.30 -14.15
C GLU XA 198 -76.01 83.40 -13.78
N ARG XA 199 -75.74 83.48 -12.48
CA ARG XA 199 -74.40 83.70 -11.98
C ARG XA 199 -73.92 82.50 -11.16
N HIS XA 200 -72.60 82.36 -11.09
CA HIS XA 200 -71.96 81.28 -10.35
C HIS XA 200 -70.73 81.82 -9.62
N PRO XA 201 -70.74 81.83 -8.28
CA PRO XA 201 -69.60 82.39 -7.51
C PRO XA 201 -68.40 81.45 -7.46
N GLY XA 202 -67.58 81.52 -8.50
CA GLY XA 202 -66.40 80.67 -8.57
C GLY XA 202 -66.16 80.09 -9.95
N SER XA 203 -67.05 80.41 -10.88
CA SER XA 203 -66.94 79.91 -12.25
C SER XA 203 -67.57 80.94 -13.17
N PHE XA 204 -67.71 80.57 -14.45
CA PHE XA 204 -68.29 81.46 -15.44
C PHE XA 204 -69.81 81.56 -15.24
N ASP XA 205 -70.38 82.63 -15.79
CA ASP XA 205 -71.82 82.85 -15.76
C ASP XA 205 -72.41 82.53 -17.12
N VAL XA 206 -73.73 82.32 -17.13
CA VAL XA 206 -74.44 81.93 -18.35
C VAL XA 206 -75.51 82.97 -18.62
N VAL XA 207 -75.49 83.52 -19.84
CA VAL XA 207 -76.49 84.48 -20.30
C VAL XA 207 -77.31 83.80 -21.38
N HIS XA 208 -78.61 83.67 -21.14
CA HIS XA 208 -79.53 83.04 -22.09
C HIS XA 208 -80.04 84.11 -23.04
N VAL XA 209 -79.79 83.91 -24.34
CA VAL XA 209 -80.08 84.89 -25.37
C VAL XA 209 -81.08 84.26 -26.34
N LYS XA 210 -82.15 85.01 -26.64
CA LYS XA 210 -83.23 84.53 -27.48
C LYS XA 210 -83.40 85.53 -28.64
N ASP XA 211 -83.20 85.05 -29.86
CA ASP XA 211 -83.15 85.90 -31.03
C ASP XA 211 -84.57 86.20 -31.53
N ALA XA 212 -84.66 86.91 -32.66
CA ALA XA 212 -85.98 87.32 -33.16
C ALA XA 212 -86.80 86.14 -33.65
N ASN XA 213 -86.15 85.06 -34.08
CA ASN XA 213 -86.86 83.90 -34.63
C ASN XA 213 -87.24 82.88 -33.58
N GLY XA 214 -86.95 83.14 -32.31
CA GLY XA 214 -87.32 82.23 -31.24
C GLY XA 214 -86.29 81.15 -30.93
N ASN XA 215 -85.20 81.07 -31.69
CA ASN XA 215 -84.14 80.10 -31.45
C ASN XA 215 -83.35 80.58 -30.23
N SER XA 216 -83.72 80.07 -29.06
CA SER XA 216 -83.02 80.42 -27.84
C SER XA 216 -81.74 79.62 -27.70
N PHE XA 217 -80.79 80.18 -26.95
CA PHE XA 217 -79.51 79.54 -26.71
C PHE XA 217 -78.90 80.13 -25.44
N ALA XA 218 -77.82 79.52 -24.98
CA ALA XA 218 -77.11 79.95 -23.78
C ALA XA 218 -75.65 80.18 -24.13
N THR XA 219 -75.03 81.14 -23.45
CA THR XA 219 -73.68 81.55 -23.78
C THR XA 219 -72.97 82.03 -22.51
N ARG XA 220 -71.64 81.96 -22.55
CA ARG XA 220 -70.82 82.42 -21.45
C ARG XA 220 -70.73 83.95 -21.45
N LEU XA 221 -70.36 84.50 -20.30
CA LEU XA 221 -70.24 85.96 -20.18
C LEU XA 221 -69.14 86.51 -21.06
N SER XA 222 -68.00 85.82 -21.13
CA SER XA 222 -66.86 86.32 -21.90
C SER XA 222 -67.16 86.38 -23.39
N ASN XA 223 -68.17 85.67 -23.87
CA ASN XA 223 -68.56 85.70 -25.27
C ASN XA 223 -69.76 86.59 -25.53
N ILE XA 224 -70.19 87.39 -24.56
CA ILE XA 224 -71.29 88.33 -24.78
C ILE XA 224 -70.70 89.66 -25.26
N PHE XA 225 -71.27 90.18 -26.35
CA PHE XA 225 -70.85 91.48 -26.89
C PHE XA 225 -72.11 92.31 -27.11
N VAL XA 226 -72.23 93.41 -26.37
CA VAL XA 226 -73.39 94.28 -26.48
C VAL XA 226 -73.15 95.33 -27.56
N ILE XA 227 -74.12 95.49 -28.45
CA ILE XA 227 -74.02 96.43 -29.57
C ILE XA 227 -75.01 97.58 -29.44
N GLY XA 228 -76.30 97.25 -29.31
CA GLY XA 228 -77.34 98.25 -29.32
C GLY XA 228 -78.22 98.19 -28.09
N LYS XA 229 -79.15 99.14 -28.01
CA LYS XA 229 -80.09 99.26 -26.91
C LYS XA 229 -81.41 98.63 -27.30
N GLY XA 230 -81.98 97.82 -26.40
CA GLY XA 230 -83.25 97.18 -26.65
C GLY XA 230 -83.21 96.20 -27.80
N ASN XA 231 -83.89 96.52 -28.91
CA ASN XA 231 -83.96 95.65 -30.08
C ASN XA 231 -83.44 96.33 -31.33
N LYS XA 232 -82.59 97.35 -31.18
CA LYS XA 232 -82.05 98.08 -32.33
C LYS XA 232 -80.55 98.28 -32.16
N PRO XA 233 -79.73 97.66 -33.00
CA PRO XA 233 -78.28 97.89 -32.92
C PRO XA 233 -77.91 99.28 -33.38
N TRP XA 234 -76.84 99.81 -32.80
CA TRP XA 234 -76.36 101.14 -33.15
C TRP XA 234 -75.72 101.19 -34.53
N ILE XA 235 -75.35 100.04 -35.09
CA ILE XA 235 -74.62 99.98 -36.36
C ILE XA 235 -75.36 99.05 -37.31
N SER XA 236 -74.94 99.10 -38.58
CA SER XA 236 -75.56 98.26 -39.60
C SER XA 236 -75.17 96.80 -39.40
N LEU XA 237 -75.97 95.92 -39.99
CA LEU XA 237 -75.79 94.49 -39.83
C LEU XA 237 -75.72 93.81 -41.20
N PRO XA 238 -75.01 92.68 -41.30
CA PRO XA 238 -74.92 91.98 -42.59
C PRO XA 238 -76.17 91.20 -42.92
N ARG XA 239 -76.12 90.44 -44.02
CA ARG XA 239 -77.27 89.66 -44.45
C ARG XA 239 -77.64 88.60 -43.43
N GLY XA 240 -78.94 88.45 -43.19
CA GLY XA 240 -79.46 87.45 -42.28
C GLY XA 240 -79.67 87.90 -40.85
N LYS XA 241 -79.33 89.15 -40.52
CA LYS XA 241 -79.49 89.72 -39.17
C LYS XA 241 -78.68 88.93 -38.14
N GLY XA 242 -77.70 88.16 -38.59
CA GLY XA 242 -76.95 87.31 -37.69
C GLY XA 242 -77.76 86.19 -37.09
N ILE XA 243 -78.64 85.57 -37.87
CA ILE XA 243 -79.51 84.49 -37.41
C ILE XA 243 -79.02 83.20 -38.04
N ARG XA 244 -78.72 82.20 -37.20
CA ARG XA 244 -78.22 80.92 -37.67
C ARG XA 244 -79.40 80.04 -38.05
N LEU XA 245 -79.58 79.81 -39.35
CA LEU XA 245 -80.64 78.95 -39.84
C LEU XA 245 -80.15 77.51 -39.93
N THR XA 246 -81.09 76.58 -39.84
CA THR XA 246 -80.76 75.16 -39.78
C THR XA 246 -80.24 74.67 -41.14
N ILE XA 247 -79.72 73.44 -41.13
CA ILE XA 247 -79.17 72.84 -42.35
C ILE XA 247 -80.28 72.64 -43.38
N ALA XA 248 -81.44 72.15 -42.94
CA ALA XA 248 -82.54 71.91 -43.87
C ALA XA 248 -83.11 73.22 -44.41
N GLU XA 249 -83.27 74.23 -43.54
CA GLU XA 249 -83.78 75.52 -43.99
C GLU XA 249 -82.83 76.18 -44.98
N GLU XA 250 -81.53 76.15 -44.69
CA GLU XA 250 -80.55 76.80 -45.55
C GLU XA 250 -80.53 76.17 -46.94
N ARG XA 251 -80.65 74.84 -47.01
CA ARG XA 251 -80.68 74.18 -48.31
C ARG XA 251 -81.98 74.45 -49.04
N ASP XA 252 -83.07 74.68 -48.30
CA ASP XA 252 -84.34 75.02 -48.93
C ASP XA 252 -84.26 76.37 -49.63
N LYS XA 253 -83.65 77.37 -48.98
CA LYS XA 253 -83.48 78.67 -49.61
C LYS XA 253 -82.45 78.59 -50.74
N ARG XA 254 -81.42 77.76 -50.57
CA ARG XA 254 -80.41 77.60 -51.61
C ARG XA 254 -81.02 77.00 -52.88
N LEU XA 255 -81.85 75.96 -52.72
CA LEU XA 255 -82.50 75.35 -53.88
C LEU XA 255 -83.52 76.28 -54.50
N ALA XA 256 -84.25 77.05 -53.66
CA ALA XA 256 -85.20 78.01 -54.19
C ALA XA 256 -84.51 79.10 -55.00
N ALA XA 257 -83.36 79.58 -54.51
CA ALA XA 257 -82.60 80.58 -55.26
C ALA XA 257 -82.07 80.00 -56.57
N LYS XA 258 -81.60 78.74 -56.53
CA LYS XA 258 -81.10 78.11 -57.76
C LYS XA 258 -82.22 77.93 -58.78
N GLN XA 259 -83.40 77.51 -58.33
CA GLN XA 259 -84.52 77.30 -59.24
C GLN XA 259 -85.02 78.63 -59.81
N SER XA 260 -85.09 79.67 -58.98
CA SER XA 260 -85.54 80.97 -59.46
C SER XA 260 -84.55 81.57 -60.46
N SER XA 261 -83.25 81.43 -60.20
CA SER XA 261 -82.25 81.95 -61.13
C SER XA 261 -82.28 81.18 -62.46
N GLY XA 262 -82.43 79.86 -62.39
CA GLY XA 262 -82.46 79.04 -63.58
C GLY XA 262 -83.82 79.03 -64.27
N ALA YA 1 -51.26 76.92 26.33
CA ALA YA 1 -52.16 78.00 25.95
C ALA YA 1 -51.38 79.21 25.45
N ASP YA 2 -50.06 79.15 25.58
CA ASP YA 2 -49.20 80.25 25.14
C ASP YA 2 -49.13 80.28 23.63
N ILE YA 3 -49.33 81.47 23.06
CA ILE YA 3 -49.33 81.67 21.62
C ILE YA 3 -47.88 81.74 21.14
N GLN YA 4 -46.95 81.91 22.08
CA GLN YA 4 -45.53 82.10 21.75
C GLN YA 4 -44.78 80.83 22.15
N THR YA 5 -44.76 79.85 21.24
CA THR YA 5 -44.02 78.62 21.42
C THR YA 5 -42.91 78.43 20.41
N GLU YA 6 -42.90 79.22 19.34
CA GLU YA 6 -41.95 79.08 18.25
C GLU YA 6 -40.67 79.87 18.55
N ARG YA 7 -39.70 79.77 17.64
CA ARG YA 7 -38.43 80.48 17.83
C ARG YA 7 -38.64 81.99 17.84
N ALA YA 8 -39.47 82.50 16.92
CA ALA YA 8 -39.82 83.91 16.89
C ALA YA 8 -41.34 84.05 16.94
N TYR YA 9 -41.81 85.02 17.71
CA TYR YA 9 -43.24 85.24 17.87
C TYR YA 9 -43.86 85.65 16.55
N GLN YA 10 -44.88 84.91 16.10
CA GLN YA 10 -45.57 85.23 14.86
C GLN YA 10 -46.53 86.39 15.08
N LYS YA 11 -46.59 87.29 14.09
CA LYS YA 11 -47.43 88.47 14.16
C LYS YA 11 -48.30 88.55 12.91
N GLN YA 12 -49.56 88.89 13.10
CA GLN YA 12 -50.43 89.14 11.96
C GLN YA 12 -50.03 90.46 11.32
N PRO YA 13 -49.68 90.48 10.03
CA PRO YA 13 -49.18 91.72 9.42
C PRO YA 13 -50.21 92.86 9.42
N THR YA 14 -51.50 92.54 9.31
CA THR YA 14 -52.51 93.59 9.19
C THR YA 14 -52.75 94.29 10.51
N ILE YA 15 -52.81 93.54 11.61
CA ILE YA 15 -53.21 94.11 12.89
C ILE YA 15 -52.04 94.86 13.53
N PHE YA 16 -52.37 95.72 14.49
CA PHE YA 16 -51.39 96.48 15.26
C PHE YA 16 -51.67 96.21 16.74
N GLN YA 17 -51.08 95.13 17.27
CA GLN YA 17 -51.26 94.77 18.68
C GLN YA 17 -50.69 95.82 19.62
N ASN YA 18 -49.86 96.72 19.12
CA ASN YA 18 -49.12 97.69 19.92
C ASN YA 18 -49.86 99.02 19.83
N LYS YA 19 -50.40 99.48 20.96
CA LYS YA 19 -51.18 100.71 21.00
C LYS YA 19 -50.82 101.49 22.26
N LYS YA 20 -51.01 102.81 22.17
CA LYS YA 20 -50.77 103.66 23.32
C LYS YA 20 -51.84 103.46 24.39
N ARG YA 21 -51.57 103.97 25.58
CA ARG YA 21 -52.43 103.75 26.74
C ARG YA 21 -52.84 105.09 27.33
N VAL YA 22 -53.97 105.08 28.04
CA VAL YA 22 -54.54 106.28 28.63
C VAL YA 22 -54.39 106.23 30.14
N LEU YA 23 -54.66 107.37 30.79
CA LEU YA 23 -54.55 107.46 32.24
C LEU YA 23 -55.64 106.63 32.91
N LEU YA 24 -55.29 106.01 34.05
CA LEU YA 24 -56.20 105.19 34.83
C LEU YA 24 -56.80 104.06 33.99
N GLY YA 25 -55.92 103.20 33.52
CA GLY YA 25 -56.32 102.07 32.70
C GLY YA 25 -55.20 101.68 31.75
N GLU YA 26 -55.47 100.63 30.98
CA GLU YA 26 -54.51 100.12 30.02
C GLU YA 26 -55.25 99.43 28.88
N THR YA 27 -54.56 99.31 27.75
CA THR YA 27 -55.14 98.63 26.60
C THR YA 27 -55.15 97.11 26.76
N GLY YA 28 -54.48 96.58 27.78
CA GLY YA 28 -54.47 95.14 28.00
C GLY YA 28 -55.79 94.58 28.47
N LYS YA 29 -56.67 95.43 29.01
CA LYS YA 29 -57.98 94.95 29.45
C LYS YA 29 -58.80 94.41 28.28
N GLU YA 30 -58.78 95.12 27.15
CA GLU YA 30 -59.49 94.68 25.96
C GLU YA 30 -58.61 93.75 25.14
N LYS YA 31 -59.25 92.81 24.44
CA LYS YA 31 -58.51 91.87 23.62
C LYS YA 31 -57.92 92.56 22.40
N LEU YA 32 -56.89 91.93 21.84
CA LEU YA 32 -56.23 92.48 20.67
C LEU YA 32 -57.17 92.46 19.47
N PRO YA 33 -57.04 93.41 18.56
CA PRO YA 33 -57.83 93.36 17.32
C PRO YA 33 -57.47 92.12 16.50
N ARG YA 34 -58.49 91.51 15.92
CA ARG YA 34 -58.31 90.30 15.11
C ARG YA 34 -58.79 90.57 13.69
N TYR YA 35 -57.95 90.25 12.71
CA TYR YA 35 -58.26 90.46 11.31
C TYR YA 35 -58.74 89.15 10.70
N TYR YA 36 -59.94 89.17 10.15
CA TYR YA 36 -60.53 88.03 9.47
C TYR YA 36 -61.47 88.53 8.39
N LYS YA 37 -61.84 87.62 7.49
CA LYS YA 37 -62.71 87.98 6.38
C LYS YA 37 -63.40 86.72 5.86
N ASN YA 38 -64.71 86.79 5.66
CA ASN YA 38 -65.48 85.67 5.19
C ASN YA 38 -65.28 85.48 3.68
N ILE YA 39 -65.75 84.36 3.17
CA ILE YA 39 -65.62 84.02 1.77
C ILE YA 39 -67.01 83.84 1.16
N GLY YA 40 -67.05 83.77 -0.16
CA GLY YA 40 -68.30 83.56 -0.88
C GLY YA 40 -68.77 82.13 -0.86
N LEU YA 41 -69.68 81.78 -1.78
CA LEU YA 41 -70.24 80.43 -1.88
C LEU YA 41 -70.89 79.98 -0.56
N GLY YA 42 -71.31 80.93 0.25
CA GLY YA 42 -71.88 80.57 1.54
C GLY YA 42 -70.89 80.06 2.55
N PHE YA 43 -69.59 80.38 2.37
CA PHE YA 43 -68.56 79.90 3.29
C PHE YA 43 -68.48 80.87 4.46
N LYS YA 44 -69.50 80.82 5.30
CA LYS YA 44 -69.58 81.71 6.45
C LYS YA 44 -68.54 81.32 7.49
N THR YA 45 -67.84 82.31 8.01
CA THR YA 45 -66.73 82.05 8.91
C THR YA 45 -67.23 81.48 10.22
N PRO YA 46 -66.82 80.27 10.60
CA PRO YA 46 -67.36 79.66 11.82
C PRO YA 46 -66.95 80.41 13.08
N LYS YA 47 -67.69 80.14 14.16
CA LYS YA 47 -67.57 80.91 15.39
C LYS YA 47 -66.14 80.91 15.94
N GLU YA 48 -65.50 79.74 15.99
CA GLU YA 48 -64.19 79.64 16.60
C GLU YA 48 -63.13 80.41 15.80
N ALA YA 49 -63.41 80.66 14.52
CA ALA YA 49 -62.47 81.40 13.69
C ALA YA 49 -62.44 82.88 14.06
N ILE YA 50 -63.60 83.46 14.42
CA ILE YA 50 -63.62 84.87 14.79
C ILE YA 50 -63.06 85.08 16.18
N GLU YA 51 -63.61 84.38 17.17
CA GLU YA 51 -63.32 84.64 18.57
C GLU YA 51 -62.08 83.92 19.09
N GLY YA 52 -61.43 83.11 18.25
CA GLY YA 52 -60.23 82.43 18.68
C GLY YA 52 -59.06 83.38 18.85
N THR YA 53 -58.13 82.98 19.72
CA THR YA 53 -56.91 83.74 19.97
C THR YA 53 -55.72 83.22 19.18
N TYR YA 54 -55.91 82.19 18.36
CA TYR YA 54 -54.83 81.61 17.58
C TYR YA 54 -54.39 82.58 16.48
N ILE YA 55 -53.15 82.40 16.03
CA ILE YA 55 -52.59 83.16 14.91
C ILE YA 55 -52.02 82.16 13.91
N ASP YA 56 -52.45 82.28 12.65
CA ASP YA 56 -52.00 81.37 11.60
C ASP YA 56 -51.94 82.13 10.28
N LYS YA 57 -50.75 82.14 9.66
CA LYS YA 57 -50.61 82.73 8.33
C LYS YA 57 -51.35 81.94 7.27
N LYS YA 58 -51.61 80.66 7.50
CA LYS YA 58 -52.10 79.74 6.49
C LYS YA 58 -53.57 79.35 6.71
N CYS YA 59 -54.27 80.06 7.57
CA CYS YA 59 -55.67 79.77 7.86
C CYS YA 59 -56.58 80.31 6.75
N PRO YA 60 -57.71 79.64 6.48
CA PRO YA 60 -58.64 80.15 5.47
C PRO YA 60 -59.23 81.51 5.78
N PHE YA 61 -59.18 81.96 7.03
CA PHE YA 61 -59.85 83.19 7.44
C PHE YA 61 -58.90 84.28 7.89
N THR YA 62 -57.89 83.95 8.70
CA THR YA 62 -56.93 84.93 9.20
C THR YA 62 -55.61 84.90 8.42
N GLY YA 63 -55.66 84.56 7.13
CA GLY YA 63 -54.45 84.50 6.33
C GLY YA 63 -54.56 85.16 4.97
N ASN YA 64 -53.56 84.93 4.13
CA ASN YA 64 -53.48 85.48 2.78
C ASN YA 64 -54.19 84.61 1.76
N VAL YA 65 -54.78 83.49 2.18
CA VAL YA 65 -55.22 82.46 1.26
C VAL YA 65 -56.49 82.88 0.52
N SER YA 66 -56.51 82.61 -0.79
CA SER YA 66 -57.70 82.74 -1.62
C SER YA 66 -58.01 81.38 -2.21
N ILE YA 67 -59.22 80.89 -1.95
CA ILE YA 67 -59.63 79.56 -2.41
C ILE YA 67 -60.28 79.71 -3.78
N ARG YA 68 -59.71 79.04 -4.78
CA ARG YA 68 -60.18 79.12 -6.15
C ARG YA 68 -59.80 77.83 -6.87
N GLY YA 69 -60.24 77.73 -8.13
CA GLY YA 69 -59.88 76.60 -8.97
C GLY YA 69 -60.87 75.44 -9.02
N ARG YA 70 -61.23 74.91 -7.85
CA ARG YA 70 -62.11 73.75 -7.79
C ARG YA 70 -62.49 73.52 -6.34
N ILE YA 71 -63.73 73.12 -6.11
CA ILE YA 71 -64.25 72.87 -4.76
C ILE YA 71 -64.59 71.38 -4.66
N LEU YA 72 -63.95 70.68 -3.72
CA LEU YA 72 -64.07 69.24 -3.61
C LEU YA 72 -64.35 68.82 -2.17
N SER YA 73 -64.34 67.51 -1.89
CA SER YA 73 -64.61 67.01 -0.55
C SER YA 73 -63.91 65.67 -0.36
N GLY YA 74 -63.97 65.17 0.88
CA GLY YA 74 -63.33 63.91 1.21
C GLY YA 74 -63.65 63.50 2.63
N VAL YA 75 -63.10 62.36 3.04
CA VAL YA 75 -63.39 61.78 4.34
C VAL YA 75 -62.16 61.93 5.23
N VAL YA 76 -62.32 61.56 6.50
CA VAL YA 76 -61.26 61.68 7.50
C VAL YA 76 -60.89 60.30 8.00
N THR YA 77 -59.60 59.96 7.90
CA THR YA 77 -59.09 58.68 8.38
C THR YA 77 -58.04 58.82 9.47
N LYS YA 78 -57.02 59.64 9.25
CA LYS YA 78 -55.90 59.77 10.18
C LYS YA 78 -55.71 61.24 10.50
N MET YA 79 -55.14 61.51 11.68
CA MET YA 79 -54.89 62.89 12.09
C MET YA 79 -53.52 63.07 12.72
N LYS YA 80 -52.57 62.17 12.47
CA LYS YA 80 -51.27 62.24 13.13
C LYS YA 80 -50.35 63.11 12.29
N MET YA 81 -50.24 64.38 12.67
CA MET YA 81 -49.54 65.40 11.92
C MET YA 81 -49.42 66.64 12.80
N GLN YA 82 -48.94 67.74 12.21
CA GLN YA 82 -49.03 69.06 12.81
C GLN YA 82 -49.87 69.92 11.87
N ARG YA 83 -51.16 70.06 12.21
CA ARG YA 83 -52.12 70.84 11.43
C ARG YA 83 -52.29 70.28 10.02
N THR YA 84 -52.50 68.98 9.93
CA THR YA 84 -52.77 68.31 8.65
C THR YA 84 -53.61 67.07 8.92
N ILE YA 85 -54.64 66.89 8.10
CA ILE YA 85 -55.50 65.70 8.15
C ILE YA 85 -55.44 65.04 6.78
N VAL YA 86 -55.20 63.74 6.76
CA VAL YA 86 -55.10 63.00 5.51
C VAL YA 86 -56.48 62.51 5.11
N ILE YA 87 -56.86 62.76 3.85
CA ILE YA 87 -58.19 62.48 3.34
C ILE YA 87 -58.06 61.63 2.09
N ARG YA 88 -59.16 60.95 1.74
CA ARG YA 88 -59.21 60.07 0.58
C ARG YA 88 -60.59 60.16 -0.04
N ARG YA 89 -60.65 60.12 -1.37
CA ARG YA 89 -61.91 60.24 -2.09
C ARG YA 89 -62.10 59.06 -3.04
N ASP YA 90 -63.28 58.46 -3.00
CA ASP YA 90 -63.64 57.38 -3.92
C ASP YA 90 -64.14 57.95 -5.24
N TYR YA 91 -63.83 57.25 -6.33
CA TYR YA 91 -64.33 57.61 -7.65
C TYR YA 91 -64.19 56.38 -8.54
N LEU YA 92 -65.21 56.15 -9.37
CA LEU YA 92 -65.33 54.93 -10.16
C LEU YA 92 -65.01 55.23 -11.63
N HIS YA 93 -63.88 54.69 -12.11
CA HIS YA 93 -63.45 54.85 -13.48
C HIS YA 93 -64.13 53.80 -14.36
N TYR YA 94 -64.50 54.19 -15.57
CA TYR YA 94 -65.23 53.32 -16.48
C TYR YA 94 -64.31 52.73 -17.54
N ILE YA 95 -64.37 51.42 -17.73
CA ILE YA 95 -63.60 50.75 -18.77
C ILE YA 95 -64.56 50.33 -19.88
N ARG YA 96 -64.23 50.70 -21.12
CA ARG YA 96 -65.14 50.52 -22.24
C ARG YA 96 -65.23 49.05 -22.64
N LYS YA 97 -64.09 48.36 -22.71
CA LYS YA 97 -64.07 46.99 -23.24
C LYS YA 97 -64.98 46.07 -22.44
N TYR YA 98 -64.91 46.12 -21.12
CA TYR YA 98 -65.70 45.24 -20.25
C TYR YA 98 -66.92 45.93 -19.65
N ASN YA 99 -67.26 47.11 -20.15
CA ASN YA 99 -68.56 47.76 -19.91
C ASN YA 99 -68.88 47.83 -18.42
N ARG YA 100 -67.84 47.99 -17.61
CA ARG YA 100 -68.00 48.01 -16.16
C ARG YA 100 -67.03 49.07 -15.63
N PHE YA 101 -66.79 49.05 -14.32
CA PHE YA 101 -66.04 50.10 -13.66
C PHE YA 101 -65.02 49.49 -12.70
N GLU YA 102 -64.13 50.34 -12.21
CA GLU YA 102 -63.16 49.97 -11.18
C GLU YA 102 -63.19 51.01 -10.07
N LYS YA 103 -63.24 50.55 -8.83
CA LYS YA 103 -63.22 51.44 -7.67
C LYS YA 103 -61.81 51.99 -7.53
N ARG YA 104 -61.69 53.31 -7.41
CA ARG YA 104 -60.42 53.98 -7.37
C ARG YA 104 -60.42 55.09 -6.32
N HIS YA 105 -59.24 55.39 -5.78
CA HIS YA 105 -59.09 56.42 -4.78
C HIS YA 105 -57.69 57.00 -4.85
N LYS YA 106 -57.59 58.33 -4.74
CA LYS YA 106 -56.31 59.03 -4.73
C LYS YA 106 -56.30 59.97 -3.53
N ASN YA 107 -55.73 59.50 -2.42
CA ASN YA 107 -55.72 60.27 -1.18
C ASN YA 107 -54.72 61.41 -1.25
N MET YA 108 -55.04 62.50 -0.55
CA MET YA 108 -54.20 63.69 -0.51
C MET YA 108 -54.16 64.23 0.90
N SER YA 109 -53.18 65.10 1.15
CA SER YA 109 -53.01 65.76 2.44
C SER YA 109 -53.51 67.19 2.36
N VAL YA 110 -54.32 67.59 3.33
CA VAL YA 110 -54.88 68.94 3.41
C VAL YA 110 -54.41 69.59 4.71
N HIS YA 111 -54.09 70.87 4.64
CA HIS YA 111 -53.69 71.63 5.81
C HIS YA 111 -54.92 72.25 6.46
N LEU YA 112 -55.14 71.92 7.73
CA LEU YA 112 -56.33 72.35 8.46
C LEU YA 112 -55.97 73.45 9.44
N SER YA 113 -56.78 74.52 9.43
CA SER YA 113 -56.56 75.62 10.36
C SER YA 113 -56.88 75.18 11.78
N PRO YA 114 -56.20 75.72 12.79
CA PRO YA 114 -56.44 75.29 14.17
C PRO YA 114 -57.81 75.70 14.72
N CYS YA 115 -58.57 76.54 14.02
CA CYS YA 115 -59.86 76.97 14.55
C CYS YA 115 -60.82 75.79 14.67
N PHE YA 116 -60.84 74.91 13.69
CA PHE YA 116 -61.68 73.71 13.75
C PHE YA 116 -61.12 72.76 14.80
N ARG YA 117 -61.96 72.40 15.78
CA ARG YA 117 -61.54 71.51 16.86
C ARG YA 117 -62.31 70.19 16.88
N ASP YA 118 -63.56 70.18 16.44
CA ASP YA 118 -64.43 69.00 16.57
C ASP YA 118 -64.44 68.23 15.25
N VAL YA 119 -63.41 67.40 15.08
CA VAL YA 119 -63.31 66.48 13.95
C VAL YA 119 -62.93 65.11 14.50
N GLN YA 120 -63.73 64.09 14.16
CA GLN YA 120 -63.46 62.71 14.56
C GLN YA 120 -63.27 61.85 13.32
N ILE YA 121 -62.96 60.58 13.54
CA ILE YA 121 -62.59 59.67 12.45
C ILE YA 121 -63.87 59.15 11.80
N GLY YA 122 -63.95 59.26 10.47
CA GLY YA 122 -65.08 58.80 9.72
C GLY YA 122 -66.12 59.84 9.39
N ASP YA 123 -65.73 61.10 9.23
CA ASP YA 123 -66.65 62.17 8.87
C ASP YA 123 -66.10 62.91 7.67
N ILE YA 124 -67.00 63.56 6.94
CA ILE YA 124 -66.66 64.27 5.72
C ILE YA 124 -66.11 65.65 6.06
N VAL YA 125 -65.14 66.10 5.26
CA VAL YA 125 -64.58 67.44 5.36
C VAL YA 125 -64.45 68.00 3.95
N THR YA 126 -64.97 69.20 3.73
CA THR YA 126 -64.94 69.85 2.43
C THR YA 126 -63.70 70.71 2.33
N VAL YA 127 -62.91 70.51 1.27
CA VAL YA 127 -61.65 71.20 1.07
C VAL YA 127 -61.64 71.81 -0.32
N GLY YA 128 -60.80 72.82 -0.50
CA GLY YA 128 -60.73 73.53 -1.76
C GLY YA 128 -59.29 73.78 -2.16
N GLU YA 129 -59.07 73.76 -3.48
CA GLU YA 129 -57.73 73.97 -4.03
C GLU YA 129 -57.26 75.38 -3.71
N CYS YA 130 -55.96 75.50 -3.43
CA CYS YA 130 -55.35 76.78 -3.09
C CYS YA 130 -53.98 76.84 -3.76
N ARG YA 131 -53.17 77.81 -3.33
CA ARG YA 131 -51.82 77.95 -3.83
C ARG YA 131 -50.96 76.76 -3.39
N PRO YA 132 -49.86 76.50 -4.11
CA PRO YA 132 -48.91 75.48 -3.66
C PRO YA 132 -48.13 75.93 -2.43
N LEU YA 133 -48.83 76.03 -1.30
CA LEU YA 133 -48.19 76.53 -0.08
C LEU YA 133 -47.19 75.53 0.46
N SER YA 134 -47.37 74.24 0.18
CA SER YA 134 -46.43 73.19 0.52
C SER YA 134 -45.98 72.49 -0.76
N LYS YA 135 -45.11 71.48 -0.60
CA LYS YA 135 -44.69 70.70 -1.75
C LYS YA 135 -45.76 69.70 -2.18
N THR YA 136 -46.51 69.16 -1.21
CA THR YA 136 -47.56 68.18 -1.47
C THR YA 136 -48.95 68.71 -1.22
N VAL YA 137 -49.16 69.49 -0.16
CA VAL YA 137 -50.49 69.99 0.17
C VAL YA 137 -50.80 71.19 -0.70
N ARG YA 138 -51.93 71.12 -1.41
CA ARG YA 138 -52.43 72.23 -2.22
C ARG YA 138 -53.89 72.51 -1.95
N PHE YA 139 -54.40 72.10 -0.78
CA PHE YA 139 -55.80 72.25 -0.44
C PHE YA 139 -55.91 72.78 0.99
N ASN YA 140 -57.03 73.43 1.29
CA ASN YA 140 -57.31 73.93 2.64
C ASN YA 140 -58.72 73.54 3.04
N VAL YA 141 -58.89 73.21 4.32
CA VAL YA 141 -60.19 72.83 4.85
C VAL YA 141 -61.07 74.07 4.97
N LEU YA 142 -62.30 73.96 4.46
CA LEU YA 142 -63.26 75.06 4.48
C LEU YA 142 -64.51 74.74 5.28
N LYS YA 143 -64.91 73.47 5.38
CA LYS YA 143 -66.11 73.08 6.10
C LYS YA 143 -65.88 71.74 6.78
N VAL YA 144 -66.56 71.54 7.91
CA VAL YA 144 -66.51 70.29 8.66
C VAL YA 144 -67.92 69.74 8.80
N THR YA 145 -68.11 68.49 8.42
CA THR YA 145 -69.42 67.83 8.51
C THR YA 145 -69.27 66.48 9.18
N LYS YA 146 -70.24 66.13 10.02
CA LYS YA 146 -70.20 64.85 10.73
C LYS YA 146 -70.83 63.74 9.89
N ALA YA 147 -70.67 62.52 10.38
CA ALA YA 147 -71.26 61.34 9.75
C ALA YA 147 -71.64 60.37 10.87
N ALA YA 148 -72.91 60.42 11.28
CA ALA YA 148 -73.42 59.61 12.39
C ALA YA 148 -72.59 59.81 13.66
N GLY YA 149 -72.22 61.07 13.92
CA GLY YA 149 -71.45 61.40 15.10
C GLY YA 149 -72.27 62.06 16.19
N THR YA 150 -71.76 63.15 16.75
CA THR YA 150 -72.39 63.97 17.78
C THR YA 150 -72.74 63.19 19.04
N LYS YA 151 -72.26 61.95 19.17
CA LYS YA 151 -72.50 61.16 20.37
C LYS YA 151 -71.38 60.12 20.47
N LYS YA 152 -70.40 60.38 21.32
CA LYS YA 152 -69.24 59.52 21.49
C LYS YA 152 -69.24 58.98 22.92
N GLN YA 153 -69.13 57.66 23.05
CA GLN YA 153 -69.09 57.01 24.35
C GLN YA 153 -67.93 56.03 24.45
N GLY ZA 1 -84.12 -35.09 -39.51
CA GLY ZA 1 -85.28 -34.26 -39.26
C GLY ZA 1 -86.11 -34.00 -40.51
N ARG ZA 2 -87.41 -33.79 -40.33
CA ARG ZA 2 -88.32 -33.61 -41.46
C ARG ZA 2 -89.21 -32.39 -41.28
N VAL ZA 3 -88.63 -31.24 -40.93
CA VAL ZA 3 -89.41 -30.02 -40.83
C VAL ZA 3 -89.69 -29.48 -42.23
N ARG ZA 4 -90.83 -28.79 -42.38
CA ARG ZA 4 -91.23 -28.29 -43.68
C ARG ZA 4 -90.30 -27.19 -44.18
N THR ZA 5 -90.18 -27.11 -45.50
CA THR ZA 5 -89.42 -26.07 -46.18
C THR ZA 5 -90.27 -24.81 -46.28
N LYS ZA 6 -89.60 -23.67 -46.50
CA LYS ZA 6 -90.32 -22.41 -46.68
C LYS ZA 6 -91.28 -22.48 -47.87
N THR ZA 7 -90.87 -23.15 -48.94
CA THR ZA 7 -91.75 -23.28 -50.09
C THR ZA 7 -93.00 -24.09 -49.76
N VAL ZA 8 -92.89 -25.03 -48.82
CA VAL ZA 8 -94.00 -25.88 -48.42
C VAL ZA 8 -95.15 -25.05 -47.87
N LEU ZA 9 -110.99 -29.50 -50.81
CA LEU ZA 9 -109.83 -29.90 -50.03
C LEU ZA 9 -110.21 -30.12 -48.57
N GLY ZA 10 -110.29 -31.38 -48.16
CA GLY ZA 10 -110.71 -31.72 -46.81
C GLY ZA 10 -109.64 -32.42 -46.00
N ASN ZA 11 -109.77 -33.74 -45.83
CA ASN ZA 11 -108.84 -34.54 -45.03
C ASN ZA 11 -108.49 -35.84 -45.73
N ASP ZA 12 -108.36 -35.82 -47.05
CA ASP ZA 12 -108.00 -37.00 -47.84
C ASP ZA 12 -106.79 -36.68 -48.71
N PHE ZA 13 -105.83 -37.59 -48.75
CA PHE ZA 13 -104.61 -37.38 -49.53
C PHE ZA 13 -104.93 -37.06 -50.99
N ALA ZA 14 -101.87 -25.75 -58.39
CA ALA ZA 14 -100.66 -25.02 -58.73
C ALA ZA 14 -99.80 -25.81 -59.71
N ILE ZA 15 -98.76 -25.16 -60.25
CA ILE ZA 15 -97.87 -25.78 -61.21
C ILE ZA 15 -96.55 -26.09 -60.48
N ILE ZA 16 -96.33 -27.35 -60.16
CA ILE ZA 16 -95.12 -27.78 -59.47
C ILE ZA 16 -94.50 -28.96 -60.21
N PRO ZA 17 -93.40 -28.77 -60.94
CA PRO ZA 17 -92.76 -29.87 -61.64
C PRO ZA 17 -91.91 -30.77 -60.76
N SER ZA 18 -91.85 -30.50 -59.45
CA SER ZA 18 -91.17 -31.37 -58.49
C SER ZA 18 -92.22 -32.21 -57.77
N LYS ZA 19 -92.16 -33.53 -57.95
CA LYS ZA 19 -93.18 -34.41 -57.39
C LYS ZA 19 -93.06 -34.51 -55.87
N LYS ZA 20 -91.84 -34.64 -55.36
CA LYS ZA 20 -91.67 -34.75 -53.91
C LYS ZA 20 -92.04 -33.45 -53.22
N LEU ZA 21 -91.72 -32.31 -53.82
CA LEU ZA 21 -92.09 -31.02 -53.23
C LEU ZA 21 -93.60 -30.83 -53.24
N ARG ZA 22 -94.25 -31.20 -54.35
CA ARG ZA 22 -95.70 -31.09 -54.41
C ARG ZA 22 -96.36 -32.01 -53.40
N ASN ZA 23 -95.85 -33.24 -53.25
CA ASN ZA 23 -96.39 -34.16 -52.27
C ASN ZA 23 -96.02 -33.76 -50.85
N LYS ZA 24 -94.87 -33.09 -50.67
CA LYS ZA 24 -94.56 -32.54 -49.36
C LYS ZA 24 -95.52 -31.42 -48.98
N ILE ZA 25 -95.88 -30.56 -49.94
CA ILE ZA 25 -96.96 -29.60 -49.69
C ILE ZA 25 -98.25 -30.33 -49.39
N ALA ZA 26 -98.51 -31.43 -50.12
CA ALA ZA 26 -99.70 -32.23 -49.88
C ALA ZA 26 -99.70 -32.85 -48.48
N GLY ZA 27 -98.53 -33.27 -47.99
CA GLY ZA 27 -98.45 -33.74 -46.62
C GLY ZA 27 -98.81 -32.64 -45.63
N TYR ZA 28 -98.35 -31.42 -45.89
CA TYR ZA 28 -98.74 -30.25 -45.09
C TYR ZA 28 -100.15 -29.79 -45.42
N VAL ZA 29 -100.71 -30.26 -46.53
CA VAL ZA 29 -102.09 -29.92 -46.87
C VAL ZA 29 -103.07 -30.67 -45.97
N THR ZA 30 -103.01 -32.01 -45.98
CA THR ZA 30 -103.91 -32.82 -45.15
C THR ZA 30 -103.73 -32.53 -43.66
N HIS ZA 31 -102.57 -32.01 -43.28
CA HIS ZA 31 -102.35 -31.60 -41.89
C HIS ZA 31 -103.04 -30.28 -41.60
N LEU ZA 32 -103.33 -29.49 -42.64
CA LEU ZA 32 -103.75 -28.12 -42.39
C LEU ZA 32 -105.25 -28.01 -42.09
N MET ZA 33 -106.09 -28.50 -42.99
CA MET ZA 33 -107.51 -28.57 -42.63
C MET ZA 33 -107.81 -29.64 -41.60
N LYS ZA 34 -106.84 -30.52 -41.31
CA LYS ZA 34 -106.91 -31.28 -40.08
C LYS ZA 34 -106.89 -30.34 -38.89
N ARG ZA 35 -106.06 -29.29 -38.97
CA ARG ZA 35 -105.96 -28.35 -37.86
C ARG ZA 35 -107.17 -27.43 -37.78
N ILE ZA 36 -107.62 -26.89 -38.92
CA ILE ZA 36 -108.71 -25.92 -38.83
C ILE ZA 36 -110.01 -26.58 -38.40
N GLN ZA 37 -110.25 -27.83 -38.81
CA GLN ZA 37 -111.46 -28.52 -38.39
C GLN ZA 37 -111.41 -28.85 -36.90
N ARG ZA 38 -110.21 -28.99 -36.33
CA ARG ZA 38 -110.08 -29.14 -34.89
C ARG ZA 38 -110.26 -27.81 -34.17
N GLY ZA 39 -109.74 -26.73 -34.75
CA GLY ZA 39 -109.87 -25.41 -34.17
C GLY ZA 39 -109.27 -24.34 -35.07
N PRO ZA 40 -109.52 -23.07 -34.74
CA PRO ZA 40 -108.99 -21.98 -35.58
C PRO ZA 40 -107.47 -21.95 -35.57
N VAL ZA 41 -106.89 -21.57 -36.71
CA VAL ZA 41 -105.46 -21.47 -36.88
C VAL ZA 41 -105.14 -20.09 -37.48
N ARG ZA 42 -103.86 -19.87 -37.78
CA ARG ZA 42 -103.44 -18.61 -38.38
C ARG ZA 42 -104.10 -18.41 -39.75
N GLY ZA 43 -104.17 -19.46 -40.55
CA GLY ZA 43 -104.86 -19.39 -41.82
C GLY ZA 43 -106.36 -19.27 -41.63
N ILE ZA 44 -106.91 -18.09 -41.95
CA ILE ZA 44 -108.31 -17.79 -41.69
C ILE ZA 44 -108.98 -17.43 -43.02
N SER ZA 45 -110.12 -18.05 -43.30
CA SER ZA 45 -110.94 -17.73 -44.45
C SER ZA 45 -112.12 -16.89 -44.02
N ILE ZA 46 -112.69 -16.16 -44.99
CA ILE ZA 46 -113.81 -15.27 -44.69
C ILE ZA 46 -115.03 -16.06 -44.21
N LYS ZA 47 -115.33 -17.18 -44.88
CA LYS ZA 47 -116.49 -17.98 -44.50
C LYS ZA 47 -116.34 -18.58 -43.11
N LEU ZA 48 -115.15 -19.10 -42.80
CA LEU ZA 48 -114.93 -19.68 -41.48
C LEU ZA 48 -114.94 -18.59 -40.40
N GLN ZA 49 -114.40 -17.42 -40.70
CA GLN ZA 49 -114.42 -16.32 -39.72
C GLN ZA 49 -115.84 -15.89 -39.40
N GLU ZA 50 -116.70 -15.79 -40.42
CA GLU ZA 50 -118.09 -15.43 -40.19
C GLU ZA 50 -118.82 -16.51 -39.40
N GLU ZA 51 -118.51 -17.78 -39.67
CA GLU ZA 51 -119.13 -18.86 -38.92
C GLU ZA 51 -118.73 -18.82 -37.45
N GLU ZA 52 -117.46 -18.51 -37.17
CA GLU ZA 52 -117.01 -18.38 -35.78
C GLU ZA 52 -117.67 -17.19 -35.11
N ARG ZA 53 -117.87 -16.09 -35.84
CA ARG ZA 53 -118.56 -14.94 -35.29
C ARG ZA 53 -120.00 -15.29 -34.90
N GLU ZA 54 -120.67 -16.07 -35.76
CA GLU ZA 54 -122.04 -16.49 -35.44
C GLU ZA 54 -122.07 -17.42 -34.25
N ARG ZA 55 -121.04 -18.26 -34.09
CA ARG ZA 55 -120.98 -19.14 -32.93
C ARG ZA 55 -120.90 -18.34 -31.64
N ARG ZA 56 -120.09 -17.27 -31.64
CA ARG ZA 56 -119.96 -16.44 -30.45
C ARG ZA 56 -121.25 -15.69 -30.15
N ASP ZA 57 -121.90 -15.17 -31.20
CA ASP ZA 57 -123.15 -14.43 -30.99
C ASP ZA 57 -124.29 -15.34 -30.54
N ASN ZA 58 -124.24 -16.61 -30.92
CA ASN ZA 58 -125.31 -17.54 -30.58
C ASN ZA 58 -125.42 -17.75 -29.08
N TYR ZA 59 -124.27 -17.87 -28.40
CA TYR ZA 59 -124.26 -18.20 -26.98
C TYR ZA 59 -124.51 -16.93 -26.17
N VAL ZA 60 -125.72 -16.80 -25.62
CA VAL ZA 60 -126.08 -15.71 -24.72
C VAL ZA 60 -126.77 -16.35 -23.52
N PRO ZA 61 -126.30 -16.12 -22.30
CA PRO ZA 61 -126.94 -16.76 -21.14
C PRO ZA 61 -128.37 -16.27 -20.94
N GLU ZA 62 -129.21 -17.18 -20.43
CA GLU ZA 62 -130.61 -16.86 -20.21
C GLU ZA 62 -130.76 -15.82 -19.10
N VAL ZA 63 -130.27 -16.15 -17.91
CA VAL ZA 63 -130.28 -15.22 -16.76
C VAL ZA 63 -128.90 -14.59 -16.66
N SER ZA 64 -128.87 -13.26 -16.65
CA SER ZA 64 -127.59 -12.55 -16.62
C SER ZA 64 -126.89 -12.78 -15.29
N ALA ZA 65 -125.63 -13.24 -15.36
CA ALA ZA 65 -124.85 -13.41 -14.14
C ALA ZA 65 -124.52 -12.08 -13.49
N LEU ZA 66 -124.57 -10.99 -14.26
CA LEU ZA 66 -124.35 -9.66 -13.69
C LEU ZA 66 -125.44 -9.28 -12.70
N ASP ZA 67 -126.67 -9.71 -12.96
CA ASP ZA 67 -127.78 -9.40 -12.06
C ASP ZA 67 -127.54 -10.04 -10.69
N GLN ZA 68 -127.73 -9.25 -9.65
CA GLN ZA 68 -127.55 -9.70 -8.27
C GLN ZA 68 -128.80 -9.39 -7.47
N GLU ZA 69 -129.27 -10.38 -6.71
CA GLU ZA 69 -130.43 -10.14 -5.83
C GLU ZA 69 -130.07 -9.14 -4.73
N ILE ZA 70 -128.96 -9.39 -4.04
CA ILE ZA 70 -128.44 -8.47 -3.03
C ILE ZA 70 -126.97 -8.23 -3.35
N ILE ZA 71 -126.56 -6.96 -3.36
CA ILE ZA 71 -125.20 -6.56 -3.71
C ILE ZA 71 -124.48 -6.15 -2.43
N GLU ZA 72 -123.37 -6.80 -2.14
CA GLU ZA 72 -122.56 -6.46 -0.97
C GLU ZA 72 -121.78 -5.19 -1.24
N VAL ZA 73 -121.95 -4.19 -0.38
CA VAL ZA 73 -121.27 -2.90 -0.50
C VAL ZA 73 -120.58 -2.58 0.82
N ASP ZA 74 -119.97 -1.41 0.87
CA ASP ZA 74 -119.21 -0.94 2.00
C ASP ZA 74 -119.71 0.44 2.43
N PRO ZA 75 -119.49 0.84 3.68
CA PRO ZA 75 -119.89 2.20 4.09
C PRO ZA 75 -119.23 3.30 3.27
N ASP ZA 76 -118.03 3.06 2.75
CA ASP ZA 76 -117.36 4.08 1.94
C ASP ZA 76 -118.11 4.31 0.63
N THR ZA 77 -118.44 3.23 -0.09
CA THR ZA 77 -119.16 3.38 -1.35
C THR ZA 77 -120.62 3.74 -1.11
N LYS ZA 78 -121.17 3.40 0.05
CA LYS ZA 78 -122.53 3.80 0.38
C LYS ZA 78 -122.62 5.31 0.57
N GLU ZA 79 -121.65 5.90 1.27
CA GLU ZA 79 -121.63 7.34 1.43
C GLU ZA 79 -121.39 8.04 0.10
N MET ZA 80 -120.53 7.47 -0.75
CA MET ZA 80 -120.31 8.02 -2.08
C MET ZA 80 -121.60 7.99 -2.89
N LEU ZA 81 -122.37 6.90 -2.78
CA LEU ZA 81 -123.67 6.85 -3.43
C LEU ZA 81 -124.61 7.93 -2.88
N LYS ZA 82 -124.57 8.16 -1.57
CA LYS ZA 82 -125.41 9.19 -0.97
C LYS ZA 82 -125.06 10.57 -1.50
N LEU ZA 83 -123.76 10.85 -1.66
CA LEU ZA 83 -123.35 12.12 -2.26
C LEU ZA 83 -123.84 12.25 -3.69
N LEU ZA 84 -123.97 11.11 -4.39
CA LEU ZA 84 -124.47 11.10 -5.76
C LEU ZA 84 -125.98 11.07 -5.84
N ASP ZA 85 -126.69 11.22 -4.72
CA ASP ZA 85 -128.15 11.18 -4.67
C ASP ZA 85 -128.70 9.82 -5.12
N PHE ZA 86 -128.05 8.75 -4.65
CA PHE ZA 86 -128.54 7.40 -4.92
C PHE ZA 86 -128.43 6.49 -3.70
N GLY ZA 87 -128.40 7.05 -2.49
CA GLY ZA 87 -128.40 6.23 -1.29
C GLY ZA 87 -129.73 5.62 -0.94
N SER ZA 88 -130.80 6.03 -1.62
CA SER ZA 88 -132.13 5.48 -1.37
C SER ZA 88 -132.31 4.08 -1.94
N LEU ZA 89 -131.37 3.60 -2.76
CA LEU ZA 89 -131.48 2.27 -3.33
C LEU ZA 89 -131.45 1.21 -2.23
N SER ZA 90 -132.38 0.25 -2.30
CA SER ZA 90 -132.51 -0.78 -1.29
C SER ZA 90 -131.96 -2.13 -1.73
N ASN ZA 91 -131.42 -2.23 -2.94
CA ASN ZA 91 -130.87 -3.49 -3.44
C ASN ZA 91 -129.38 -3.62 -3.10
N LEU ZA 92 -129.06 -3.46 -1.82
CA LEU ZA 92 -127.67 -3.55 -1.37
C LEU ZA 92 -127.65 -3.85 0.13
N GLN ZA 93 -126.51 -4.37 0.59
CA GLN ZA 93 -126.30 -4.66 2.00
C GLN ZA 93 -124.94 -4.13 2.41
N VAL ZA 94 -124.91 -3.40 3.53
CA VAL ZA 94 -123.69 -2.78 4.01
C VAL ZA 94 -123.01 -3.71 5.01
N THR ZA 95 -121.72 -3.97 4.81
CA THR ZA 95 -120.94 -4.82 5.69
C THR ZA 95 -119.85 -4.00 6.36
N GLN ZA 96 -119.47 -4.42 7.56
CA GLN ZA 96 -118.45 -3.70 8.31
C GLN ZA 96 -117.08 -3.96 7.72
N PRO ZA 97 -116.32 -2.93 7.37
CA PRO ZA 97 -114.98 -3.15 6.80
C PRO ZA 97 -114.03 -3.76 7.82
N THR ZA 98 -113.07 -4.52 7.31
CA THR ZA 98 -112.07 -5.15 8.16
C THR ZA 98 -111.11 -4.11 8.72
N VAL ZA 99 -110.47 -4.46 9.83
CA VAL ZA 99 -109.54 -3.58 10.51
C VAL ZA 99 -108.15 -4.22 10.51
N GLY ZA 100 -107.15 -3.42 10.84
CA GLY ZA 100 -105.77 -3.85 10.88
C GLY ZA 100 -104.96 -3.50 9.65
N MET ZA 101 -105.63 -3.21 8.53
CA MET ZA 101 -104.97 -2.83 7.28
C MET ZA 101 -103.87 -3.81 6.89
N ASN ZA 102 -104.21 -5.10 6.98
CA ASN ZA 102 -103.29 -6.17 6.59
C ASN ZA 102 -103.43 -6.44 5.10
N PHE ZA 103 -103.05 -5.44 4.30
CA PHE ZA 103 -103.14 -5.52 2.86
C PHE ZA 103 -101.83 -5.12 2.16
N LYS ZA 104 -100.80 -4.79 2.93
CA LYS ZA 104 -99.52 -4.34 2.38
C LYS ZA 104 -98.55 -5.51 2.40
N THR ZA 105 -98.00 -5.83 1.23
CA THR ZA 105 -97.10 -6.97 1.10
C THR ZA 105 -95.81 -6.71 1.88
N PRO ZA 106 -95.26 -7.71 2.56
CA PRO ZA 106 -93.97 -7.53 3.22
C PRO ZA 106 -92.89 -7.12 2.22
N ARG ZA 107 -92.06 -6.16 2.63
CA ARG ZA 107 -91.08 -5.58 1.72
C ARG ZA 107 -89.90 -6.52 1.51
N GLY ZA 108 -89.59 -7.35 2.50
CA GLY ZA 108 -88.48 -8.27 2.37
C GLY ZA 108 -88.81 -9.46 1.47
N ALA ZA 109 -87.78 -10.25 1.20
CA ALA ZA 109 -87.94 -11.43 0.35
C ALA ZA 109 -88.80 -12.48 1.05
N VAL ZA 110 -89.76 -13.03 0.32
CA VAL ZA 110 -90.68 -14.04 0.83
C VAL ZA 110 -91.39 -13.56 2.09
N GLY AB 1 -122.20 15.32 -20.15
CA GLY AB 1 -123.61 15.49 -20.43
C GLY AB 1 -124.38 16.12 -19.28
N ALA AB 2 -124.64 17.43 -19.40
CA ALA AB 2 -125.35 18.15 -18.35
C ALA AB 2 -126.85 18.18 -18.54
N LEU AB 3 -127.37 17.62 -19.64
CA LEU AB 3 -128.80 17.67 -19.90
C LEU AB 3 -129.56 16.74 -18.97
N ASP AB 4 -130.81 17.10 -18.69
CA ASP AB 4 -131.64 16.30 -17.79
C ASP AB 4 -132.08 14.98 -18.41
N VAL AB 5 -132.33 14.96 -19.73
CA VAL AB 5 -132.68 13.71 -20.40
C VAL AB 5 -131.51 12.73 -20.38
N LEU AB 6 -130.30 13.23 -20.15
CA LEU AB 6 -129.12 12.39 -20.04
C LEU AB 6 -128.64 12.22 -18.60
N GLN AB 7 -129.47 12.58 -17.62
CA GLN AB 7 -129.04 12.54 -16.24
C GLN AB 7 -129.01 11.10 -15.72
N MET AB 8 -128.58 10.96 -14.47
CA MET AB 8 -128.35 9.66 -13.88
C MET AB 8 -129.67 8.92 -13.63
N LYS AB 9 -129.63 7.61 -13.77
CA LYS AB 9 -130.76 6.74 -13.47
C LYS AB 9 -130.33 5.71 -12.43
N GLU AB 10 -131.23 4.78 -12.11
CA GLU AB 10 -131.00 3.83 -11.01
C GLU AB 10 -130.49 2.48 -11.47
N GLU AB 11 -131.00 1.93 -12.58
CA GLU AB 11 -130.57 0.60 -13.01
C GLU AB 11 -129.08 0.59 -13.33
N ASP AB 12 -128.53 1.73 -13.75
CA ASP AB 12 -127.11 1.82 -14.04
C ASP AB 12 -126.28 1.69 -12.76
N VAL AB 13 -126.77 2.24 -11.66
CA VAL AB 13 -126.06 2.13 -10.39
C VAL AB 13 -125.93 0.66 -9.97
N LEU AB 14 -127.01 -0.11 -10.15
CA LEU AB 14 -126.98 -1.53 -9.81
C LEU AB 14 -125.94 -2.28 -10.64
N LYS AB 15 -125.87 -1.98 -11.94
CA LYS AB 15 -124.94 -2.67 -12.82
C LYS AB 15 -123.49 -2.36 -12.43
N PHE AB 16 -123.21 -1.09 -12.14
CA PHE AB 16 -121.85 -0.70 -11.75
C PHE AB 16 -121.45 -1.36 -10.43
N LEU AB 17 -122.37 -1.41 -9.47
CA LEU AB 17 -122.07 -2.05 -8.19
C LEU AB 17 -121.84 -3.54 -8.35
N ALA AB 18 -122.65 -4.21 -9.17
CA ALA AB 18 -122.54 -5.65 -9.30
C ALA AB 18 -121.28 -6.04 -10.07
N ALA AB 19 -120.97 -5.34 -11.16
CA ALA AB 19 -119.78 -5.67 -11.94
C ALA AB 19 -118.50 -5.35 -11.19
N GLY AB 20 -118.52 -4.31 -10.36
CA GLY AB 20 -117.33 -3.90 -9.65
C GLY AB 20 -116.46 -2.96 -10.46
N THR AB 21 -117.09 -1.97 -11.10
CA THR AB 21 -116.33 -0.96 -11.84
C THR AB 21 -115.70 0.07 -10.92
N HIS AB 22 -116.25 0.22 -9.71
CA HIS AB 22 -115.91 1.32 -8.82
C HIS AB 22 -114.85 0.97 -7.79
N LEU AB 23 -114.20 -0.19 -7.89
CA LEU AB 23 -113.13 -0.47 -6.93
C LEU AB 23 -111.76 -0.20 -7.53
N GLY AB 24 -111.57 -0.49 -8.82
CA GLY AB 24 -110.28 -0.28 -9.46
C GLY AB 24 -109.16 -1.10 -8.86
N GLY AB 25 -108.22 -0.43 -8.20
CA GLY AB 25 -107.10 -1.11 -7.56
C GLY AB 25 -106.52 -0.30 -6.42
N THR AB 26 -105.28 -0.60 -6.04
CA THR AB 26 -104.60 0.12 -4.97
C THR AB 26 -103.67 1.20 -5.48
N ASN AB 27 -103.07 1.03 -6.66
CA ASN AB 27 -102.11 1.98 -7.19
C ASN AB 27 -102.86 3.20 -7.71
N LEU AB 28 -102.55 4.36 -7.15
CA LEU AB 28 -103.19 5.61 -7.54
C LEU AB 28 -102.26 6.43 -8.42
N ASP AB 29 -102.82 6.99 -9.50
CA ASP AB 29 -102.08 7.80 -10.45
C ASP AB 29 -102.30 9.27 -10.13
N PHE AB 30 -101.23 10.06 -10.24
CA PHE AB 30 -101.29 11.47 -9.87
C PHE AB 30 -102.26 12.24 -10.77
N GLN AB 31 -102.32 11.87 -12.06
CA GLN AB 31 -103.24 12.52 -12.98
C GLN AB 31 -104.62 11.89 -12.99
N MET AB 32 -104.85 10.87 -12.15
CA MET AB 32 -106.13 10.20 -12.06
C MET AB 32 -106.81 10.44 -10.72
N GLU AB 33 -106.11 11.11 -9.78
CA GLU AB 33 -106.64 11.35 -8.44
C GLU AB 33 -107.96 12.11 -8.46
N GLN AB 34 -108.16 13.00 -9.44
CA GLN AB 34 -109.38 13.80 -9.47
C GLN AB 34 -110.62 12.95 -9.71
N TYR AB 35 -110.45 11.70 -10.14
CA TYR AB 35 -111.55 10.78 -10.36
C TYR AB 35 -111.78 9.83 -9.19
N ILE AB 36 -111.10 10.05 -8.06
CA ILE AB 36 -111.21 9.19 -6.88
C ILE AB 36 -111.93 9.97 -5.80
N TYR AB 37 -112.93 9.34 -5.17
CA TYR AB 37 -113.56 9.92 -4.00
C TYR AB 37 -112.67 9.75 -2.78
N LYS AB 38 -112.37 8.51 -2.42
CA LYS AB 38 -111.47 8.19 -1.32
C LYS AB 38 -111.02 6.74 -1.47
N ARG AB 39 -110.41 6.19 -0.42
CA ARG AB 39 -109.91 4.82 -0.43
C ARG AB 39 -110.50 4.03 0.73
N LYS AB 40 -110.58 2.72 0.53
CA LYS AB 40 -111.12 1.80 1.54
C LYS AB 40 -110.03 1.50 2.58
N SER AB 41 -110.29 0.51 3.43
CA SER AB 41 -109.30 0.02 4.37
C SER AB 41 -108.32 -0.98 3.74
N ASP AB 42 -108.62 -1.48 2.54
CA ASP AB 42 -107.74 -2.37 1.82
C ASP AB 42 -106.91 -1.65 0.76
N GLY AB 43 -106.89 -0.33 0.79
CA GLY AB 43 -106.20 0.41 -0.24
C GLY AB 43 -106.94 0.50 -1.56
N ILE AB 44 -108.16 -0.01 -1.63
CA ILE AB 44 -108.97 0.04 -2.84
C ILE AB 44 -109.60 1.42 -2.92
N TYR AB 45 -109.25 2.17 -3.96
CA TYR AB 45 -109.74 3.53 -4.15
C TYR AB 45 -111.08 3.48 -4.89
N ILE AB 46 -112.14 3.95 -4.24
CA ILE AB 46 -113.47 3.89 -4.83
C ILE AB 46 -113.61 4.98 -5.88
N ILE AB 47 -113.94 4.57 -7.10
CA ILE AB 47 -114.06 5.48 -8.23
C ILE AB 47 -115.43 6.12 -8.20
N ASN AB 48 -115.47 7.46 -8.28
CA ASN AB 48 -116.71 8.21 -8.21
C ASN AB 48 -117.55 7.90 -9.44
N LEU AB 49 -118.77 7.41 -9.22
CA LEU AB 49 -119.60 6.93 -10.32
C LEU AB 49 -120.14 8.07 -11.18
N LYS AB 50 -120.23 9.28 -10.64
CA LYS AB 50 -120.59 10.42 -11.48
C LYS AB 50 -119.52 10.68 -12.53
N ARG AB 51 -118.26 10.52 -12.16
CA ARG AB 51 -117.17 10.71 -13.12
C ARG AB 51 -117.17 9.61 -14.18
N THR AB 52 -117.53 8.39 -13.81
CA THR AB 52 -117.62 7.32 -14.80
C THR AB 52 -118.70 7.61 -15.83
N TRP AB 53 -119.84 8.16 -15.38
CA TRP AB 53 -120.89 8.52 -16.32
C TRP AB 53 -120.48 9.68 -17.20
N GLU AB 54 -119.83 10.69 -16.63
CA GLU AB 54 -119.47 11.88 -17.40
C GLU AB 54 -118.43 11.56 -18.47
N LYS AB 55 -117.41 10.77 -18.12
CA LYS AB 55 -116.40 10.44 -19.12
C LYS AB 55 -116.92 9.42 -20.13
N LEU AB 56 -117.88 8.58 -19.71
CA LEU AB 56 -118.56 7.73 -20.67
C LEU AB 56 -119.35 8.56 -21.68
N LEU AB 57 -120.06 9.57 -21.20
CA LEU AB 57 -120.82 10.43 -22.11
C LEU AB 57 -119.90 11.24 -23.01
N LEU AB 58 -118.84 11.83 -22.45
CA LEU AB 58 -117.91 12.60 -23.26
C LEU AB 58 -117.23 11.71 -24.29
N ALA AB 59 -116.85 10.49 -23.89
CA ALA AB 59 -116.33 9.54 -24.86
C ALA AB 59 -117.37 9.22 -25.93
N ALA AB 60 -118.62 8.98 -25.49
CA ALA AB 60 -119.68 8.64 -26.43
C ALA AB 60 -119.89 9.74 -27.46
N ARG AB 61 -119.74 11.00 -27.04
CA ARG AB 61 -119.86 12.12 -27.98
C ARG AB 61 -118.80 12.04 -29.06
N ALA AB 62 -117.59 11.61 -28.70
CA ALA AB 62 -116.53 11.45 -29.69
C ALA AB 62 -116.89 10.37 -30.71
N ILE AB 63 -117.48 9.27 -30.25
CA ILE AB 63 -117.80 8.17 -31.15
C ILE AB 63 -118.91 8.57 -32.13
N VAL AB 64 -119.98 9.18 -31.62
CA VAL AB 64 -121.08 9.57 -32.51
C VAL AB 64 -120.62 10.65 -33.50
N ALA AB 65 -119.55 11.38 -33.17
CA ALA AB 65 -119.06 12.42 -34.07
C ALA AB 65 -118.59 11.86 -35.42
N ILE AB 66 -118.11 10.62 -35.46
CA ILE AB 66 -117.66 10.06 -36.74
C ILE AB 66 -118.87 9.58 -37.53
N GLU AB 67 -118.85 9.86 -38.83
CA GLU AB 67 -119.96 9.52 -39.72
C GLU AB 67 -119.78 8.21 -40.47
N ASN AB 68 -118.59 7.63 -40.46
CA ASN AB 68 -118.33 6.36 -41.13
C ASN AB 68 -117.98 5.30 -40.09
N PRO AB 69 -118.91 4.41 -39.74
CA PRO AB 69 -118.58 3.36 -38.76
C PRO AB 69 -117.47 2.43 -39.20
N ALA AB 70 -117.27 2.27 -40.51
CA ALA AB 70 -116.18 1.44 -41.01
C ALA AB 70 -114.81 2.09 -40.82
N ASP AB 71 -114.75 3.37 -40.50
CA ASP AB 71 -113.48 4.07 -40.28
C ASP AB 71 -113.16 4.22 -38.80
N VAL AB 72 -113.66 3.30 -37.97
CA VAL AB 72 -113.27 3.22 -36.57
C VAL AB 72 -112.79 1.79 -36.30
N SER AB 73 -111.87 1.65 -35.36
CA SER AB 73 -111.22 0.39 -35.09
C SER AB 73 -111.36 0.04 -33.62
N VAL AB 74 -111.28 -1.25 -33.33
CA VAL AB 74 -111.29 -1.76 -31.96
C VAL AB 74 -110.21 -2.82 -31.86
N ILE AB 75 -109.40 -2.75 -30.79
CA ILE AB 75 -108.20 -3.55 -30.65
C ILE AB 75 -108.23 -4.22 -29.28
N SER AB 76 -107.94 -5.52 -29.25
CA SER AB 76 -107.90 -6.24 -27.98
C SER AB 76 -106.74 -7.21 -27.96
N SER AB 77 -105.85 -7.03 -26.98
CA SER AB 77 -104.77 -7.98 -26.71
C SER AB 77 -105.17 -9.00 -25.66
N ARG AB 78 -105.62 -8.54 -24.49
CA ARG AB 78 -106.15 -9.45 -23.48
C ARG AB 78 -107.40 -10.14 -24.02
N ASN AB 79 -107.48 -11.46 -23.80
CA ASN AB 79 -108.66 -12.19 -24.25
C ASN AB 79 -109.91 -11.83 -23.45
N THR AB 80 -109.74 -11.28 -22.24
CA THR AB 80 -110.89 -10.86 -21.45
C THR AB 80 -111.70 -9.79 -22.17
N GLY AB 81 -111.03 -8.87 -22.86
CA GLY AB 81 -111.73 -7.84 -23.58
C GLY AB 81 -111.96 -8.15 -25.05
N GLN AB 82 -111.44 -9.28 -25.52
CA GLN AB 82 -111.58 -9.62 -26.94
C GLN AB 82 -113.03 -9.83 -27.35
N ARG AB 83 -113.82 -10.50 -26.50
CA ARG AB 83 -115.20 -10.76 -26.86
C ARG AB 83 -116.01 -9.48 -26.91
N ALA AB 84 -115.85 -8.62 -25.90
CA ALA AB 84 -116.55 -7.32 -25.92
C ALA AB 84 -116.06 -6.46 -27.08
N VAL AB 85 -114.75 -6.49 -27.34
CA VAL AB 85 -114.18 -5.76 -28.47
C VAL AB 85 -114.82 -6.23 -29.77
N LEU AB 86 -115.03 -7.54 -29.90
CA LEU AB 86 -115.64 -8.08 -31.10
C LEU AB 86 -117.13 -7.71 -31.18
N LYS AB 87 -117.84 -7.80 -30.05
CA LYS AB 87 -119.26 -7.44 -30.04
C LYS AB 87 -119.46 -5.97 -30.37
N PHE AB 88 -118.63 -5.10 -29.78
CA PHE AB 88 -118.71 -3.68 -30.09
C PHE AB 88 -118.37 -3.44 -31.55
N ALA AB 89 -117.44 -4.23 -32.11
CA ALA AB 89 -117.11 -4.12 -33.51
C ALA AB 89 -118.29 -4.45 -34.41
N ALA AB 90 -119.04 -5.50 -34.05
CA ALA AB 90 -120.18 -5.90 -34.88
C ALA AB 90 -121.39 -5.00 -34.65
N ALA AB 91 -121.56 -4.47 -33.43
CA ALA AB 91 -122.73 -3.67 -33.12
C ALA AB 91 -122.69 -2.29 -33.79
N THR AB 92 -121.54 -1.62 -33.72
CA THR AB 92 -121.42 -0.27 -34.25
C THR AB 92 -120.55 -0.20 -35.51
N GLY AB 93 -120.11 -1.34 -36.03
CA GLY AB 93 -119.36 -1.37 -37.27
C GLY AB 93 -117.86 -1.17 -37.14
N ALA AB 94 -117.31 -1.24 -35.94
CA ALA AB 94 -115.88 -1.11 -35.77
C ALA AB 94 -115.15 -2.30 -36.39
N THR AB 95 -113.91 -2.05 -36.81
CA THR AB 95 -113.08 -3.10 -37.39
C THR AB 95 -112.35 -3.85 -36.29
N PRO AB 96 -112.52 -5.17 -36.18
CA PRO AB 96 -111.92 -5.90 -35.05
C PRO AB 96 -110.52 -6.41 -35.32
N ILE AB 97 -109.64 -6.26 -34.32
CA ILE AB 97 -108.32 -6.88 -34.33
C ILE AB 97 -108.16 -7.61 -33.02
N ALA AB 98 -107.53 -8.78 -33.05
CA ALA AB 98 -107.43 -9.64 -31.89
C ALA AB 98 -106.07 -10.32 -31.89
N GLY AB 99 -105.82 -11.12 -30.85
CA GLY AB 99 -104.54 -11.79 -30.73
C GLY AB 99 -103.40 -10.79 -30.58
N ARG AB 100 -102.39 -10.95 -31.44
CA ARG AB 100 -101.21 -10.09 -31.43
C ARG AB 100 -101.34 -9.01 -32.48
N PHE AB 101 -101.14 -7.77 -32.05
CA PHE AB 101 -101.19 -6.62 -32.95
C PHE AB 101 -99.91 -6.58 -33.76
N THR AB 102 -99.99 -6.97 -35.03
CA THR AB 102 -98.80 -7.01 -35.87
C THR AB 102 -98.23 -5.61 -36.05
N PRO AB 103 -96.90 -5.46 -36.00
CA PRO AB 103 -96.31 -4.14 -36.19
C PRO AB 103 -96.53 -3.62 -37.59
N GLY AB 104 -96.62 -2.29 -37.71
CA GLY AB 104 -96.82 -1.67 -39.01
C GLY AB 104 -98.24 -1.58 -39.47
N THR AB 105 -99.22 -1.89 -38.62
CA THR AB 105 -100.61 -1.78 -39.03
C THR AB 105 -100.97 -0.33 -39.36
N PHE AB 106 -100.52 0.62 -38.55
CA PHE AB 106 -100.85 2.02 -38.75
C PHE AB 106 -99.77 2.78 -39.51
N THR AB 107 -98.51 2.39 -39.36
CA THR AB 107 -97.40 3.09 -39.98
C THR AB 107 -96.97 2.48 -41.31
N ASN AB 108 -96.85 1.16 -41.37
CA ASN AB 108 -96.46 0.49 -42.61
C ASN AB 108 -97.67 0.41 -43.53
N GLN AB 109 -97.56 1.04 -44.70
CA GLN AB 109 -98.65 1.12 -45.66
C GLN AB 109 -98.57 0.04 -46.73
N ILE AB 110 -97.63 -0.89 -46.62
CA ILE AB 110 -97.38 -1.84 -47.69
C ILE AB 110 -98.13 -3.15 -47.47
N GLN AB 111 -98.10 -3.69 -46.27
CA GLN AB 111 -98.71 -4.99 -46.04
C GLN AB 111 -100.24 -4.90 -46.09
N ALA AB 112 -100.87 -6.04 -46.33
CA ALA AB 112 -102.33 -6.10 -46.49
C ALA AB 112 -103.08 -5.82 -45.20
N ALA AB 113 -102.40 -5.81 -44.05
CA ALA AB 113 -103.05 -5.55 -42.78
C ALA AB 113 -103.06 -4.07 -42.41
N PHE AB 114 -102.70 -3.19 -43.35
CA PHE AB 114 -102.59 -1.76 -43.05
C PHE AB 114 -103.97 -1.16 -42.81
N ARG AB 115 -104.16 -0.58 -41.64
CA ARG AB 115 -105.40 0.08 -41.26
C ARG AB 115 -105.09 1.52 -40.88
N GLU AB 116 -105.99 2.44 -41.26
CA GLU AB 116 -105.90 3.84 -40.91
C GLU AB 116 -107.22 4.31 -40.32
N PRO AB 117 -107.53 3.89 -39.09
CA PRO AB 117 -108.78 4.31 -38.46
C PRO AB 117 -108.77 5.79 -38.12
N ARG AB 118 -109.98 6.36 -38.08
CA ARG AB 118 -110.18 7.72 -37.62
C ARG AB 118 -110.49 7.79 -36.13
N LEU AB 119 -110.64 6.65 -35.46
CA LEU AB 119 -110.89 6.60 -34.04
C LEU AB 119 -110.66 5.17 -33.58
N LEU AB 120 -110.08 5.02 -32.40
CA LEU AB 120 -109.83 3.71 -31.80
C LEU AB 120 -110.13 3.77 -30.31
N VAL AB 121 -110.80 2.75 -29.81
CA VAL AB 121 -111.12 2.63 -28.39
C VAL AB 121 -110.29 1.49 -27.82
N VAL AB 122 -109.74 1.72 -26.63
CA VAL AB 122 -108.67 0.89 -26.08
C VAL AB 122 -109.07 0.42 -24.68
N THR AB 123 -109.08 -0.90 -24.50
CA THR AB 123 -109.51 -1.49 -23.24
C THR AB 123 -108.59 -1.07 -22.09
N ASP AB 124 -107.28 -1.09 -22.33
CA ASP AB 124 -106.29 -0.82 -21.29
C ASP AB 124 -104.99 -0.38 -21.95
N PRO AB 125 -104.48 0.80 -21.61
CA PRO AB 125 -103.18 1.22 -22.19
C PRO AB 125 -102.03 0.29 -21.86
N ARG AB 126 -102.06 -0.37 -20.70
CA ARG AB 126 -100.95 -1.24 -20.31
C ARG AB 126 -100.84 -2.45 -21.23
N ALA AB 127 -101.95 -3.15 -21.46
CA ALA AB 127 -101.93 -4.30 -22.37
C ALA AB 127 -101.89 -3.88 -23.83
N ASP AB 128 -102.30 -2.66 -24.14
CA ASP AB 128 -102.35 -2.14 -25.50
C ASP AB 128 -101.34 -1.02 -25.67
N HIS AB 129 -100.13 -1.20 -25.12
CA HIS AB 129 -99.09 -0.20 -25.29
C HIS AB 129 -98.68 -0.11 -26.75
N GLN AB 130 -98.56 -1.25 -27.43
CA GLN AB 130 -98.11 -1.23 -28.82
C GLN AB 130 -99.07 -0.49 -29.74
N PRO AB 131 -100.38 -0.70 -29.71
CA PRO AB 131 -101.26 0.13 -30.54
C PRO AB 131 -101.24 1.61 -30.17
N LEU AB 132 -101.10 1.95 -28.89
CA LEU AB 132 -101.02 3.37 -28.53
C LEU AB 132 -99.73 4.00 -29.00
N THR AB 133 -98.60 3.30 -28.84
CA THR AB 133 -97.34 3.83 -29.35
C THR AB 133 -97.39 3.99 -30.86
N GLU AB 134 -97.98 3.01 -31.55
CA GLU AB 134 -98.16 3.14 -32.99
C GLU AB 134 -99.18 4.22 -33.33
N ALA AB 135 -100.10 4.51 -32.40
CA ALA AB 135 -101.05 5.60 -32.59
C ALA AB 135 -100.38 6.96 -32.55
N SER AB 136 -99.17 7.04 -31.99
CA SER AB 136 -98.48 8.32 -31.85
C SER AB 136 -97.92 8.84 -33.17
N TYR AB 137 -97.95 8.02 -34.22
CA TYR AB 137 -97.41 8.43 -35.51
C TYR AB 137 -98.47 8.71 -36.56
N VAL AB 138 -99.74 8.48 -36.23
CA VAL AB 138 -100.83 8.69 -37.17
C VAL AB 138 -101.86 9.62 -36.55
N ASN AB 139 -101.46 10.34 -35.50
CA ASN AB 139 -102.30 11.31 -34.80
C ASN AB 139 -103.72 10.80 -34.61
N LEU AB 140 -103.83 9.55 -34.19
CA LEU AB 140 -105.11 8.86 -34.14
C LEU AB 140 -105.75 9.09 -32.77
N PRO AB 141 -106.84 9.84 -32.69
CA PRO AB 141 -107.50 10.04 -31.38
C PRO AB 141 -107.96 8.71 -30.81
N THR AB 142 -107.77 8.55 -29.51
CA THR AB 142 -108.09 7.30 -28.86
C THR AB 142 -108.90 7.55 -27.61
N ILE AB 143 -109.76 6.60 -27.28
CA ILE AB 143 -110.53 6.58 -26.04
C ILE AB 143 -110.02 5.41 -25.22
N ALA AB 144 -109.68 5.67 -23.97
CA ALA AB 144 -109.06 4.64 -23.13
C ALA AB 144 -109.90 4.40 -21.90
N LEU AB 145 -110.24 3.14 -21.66
CA LEU AB 145 -110.88 2.70 -20.43
C LEU AB 145 -109.81 2.67 -19.34
N CYS AB 146 -109.58 3.83 -18.75
CA CYS AB 146 -108.45 4.00 -17.84
C CYS AB 146 -108.74 3.41 -16.48
N ASN AB 147 -107.71 2.78 -15.90
CA ASN AB 147 -107.71 2.29 -14.54
C ASN AB 147 -107.07 3.33 -13.63
N THR AB 148 -107.07 3.05 -12.33
CA THR AB 148 -106.41 3.92 -11.38
C THR AB 148 -104.90 3.95 -11.60
N ASP AB 149 -104.34 2.95 -12.29
CA ASP AB 149 -102.91 2.86 -12.54
C ASP AB 149 -102.58 2.74 -14.02
N SER AB 150 -103.54 2.96 -14.91
CA SER AB 150 -103.28 2.81 -16.34
C SER AB 150 -102.35 3.91 -16.82
N PRO AB 151 -101.29 3.57 -17.55
CA PRO AB 151 -100.37 4.61 -18.03
C PRO AB 151 -101.00 5.40 -19.16
N LEU AB 152 -101.36 6.64 -18.87
CA LEU AB 152 -102.06 7.49 -19.83
C LEU AB 152 -101.08 8.13 -20.82
N ARG AB 153 -100.23 7.29 -21.41
CA ARG AB 153 -99.26 7.74 -22.40
C ARG AB 153 -99.91 7.70 -23.77
N TYR AB 154 -99.87 8.85 -24.46
CA TYR AB 154 -100.50 9.02 -25.76
C TYR AB 154 -102.00 8.76 -25.71
N VAL AB 155 -102.63 9.08 -24.58
CA VAL AB 155 -104.08 8.98 -24.45
C VAL AB 155 -104.72 10.31 -24.82
N ASP AB 156 -105.96 10.27 -25.28
CA ASP AB 156 -106.71 11.48 -25.60
C ASP AB 156 -107.90 11.73 -24.70
N ILE AB 157 -108.64 10.69 -24.33
CA ILE AB 157 -109.72 10.81 -23.35
C ILE AB 157 -109.78 9.52 -22.54
N ALA AB 158 -110.20 9.63 -21.29
CA ALA AB 158 -110.13 8.51 -20.36
C ALA AB 158 -111.46 8.33 -19.64
N ILE AB 159 -111.91 7.09 -19.56
CA ILE AB 159 -113.11 6.70 -18.81
C ILE AB 159 -112.67 5.91 -17.60
N PRO AB 160 -112.92 6.38 -16.38
CA PRO AB 160 -112.55 5.59 -15.19
C PRO AB 160 -113.33 4.29 -15.15
N CYS AB 161 -112.65 3.22 -14.74
CA CYS AB 161 -113.22 1.89 -14.81
C CYS AB 161 -112.27 0.90 -14.13
N ASN AB 162 -112.66 -0.37 -14.15
CA ASN AB 162 -111.87 -1.47 -13.62
C ASN AB 162 -111.56 -2.42 -14.77
N ASN AB 163 -110.40 -2.24 -15.40
CA ASN AB 163 -109.98 -3.13 -16.47
C ASN AB 163 -109.57 -4.51 -15.96
N LYS AB 164 -109.20 -4.61 -14.68
CA LYS AB 164 -108.84 -5.92 -14.12
C LYS AB 164 -110.04 -6.84 -14.06
N GLY AB 165 -111.21 -6.32 -13.70
CA GLY AB 165 -112.39 -7.14 -13.58
C GLY AB 165 -112.96 -7.59 -14.92
N ALA AB 166 -113.24 -8.89 -15.04
CA ALA AB 166 -113.79 -9.41 -16.28
C ALA AB 166 -115.20 -8.87 -16.53
N HIS AB 167 -116.03 -8.82 -15.49
CA HIS AB 167 -117.40 -8.33 -15.66
C HIS AB 167 -117.43 -6.82 -15.83
N SER AB 168 -116.49 -6.12 -15.18
CA SER AB 168 -116.44 -4.66 -15.29
C SER AB 168 -116.09 -4.24 -16.72
N VAL AB 169 -115.21 -5.00 -17.38
CA VAL AB 169 -114.85 -4.67 -18.76
C VAL AB 169 -116.05 -4.81 -19.67
N GLY AB 170 -116.74 -5.96 -19.59
CA GLY AB 170 -117.82 -6.22 -20.53
C GLY AB 170 -119.01 -5.31 -20.33
N LEU AB 171 -119.34 -4.98 -19.07
CA LEU AB 171 -120.46 -4.08 -18.80
C LEU AB 171 -120.21 -2.71 -19.42
N MET AB 172 -119.00 -2.18 -19.25
CA MET AB 172 -118.71 -0.83 -19.75
C MET AB 172 -118.77 -0.79 -21.27
N TRP AB 173 -118.31 -1.85 -21.94
CA TRP AB 173 -118.38 -1.90 -23.40
C TRP AB 173 -119.83 -1.90 -23.88
N TRP AB 174 -120.69 -2.67 -23.21
CA TRP AB 174 -122.10 -2.65 -23.56
C TRP AB 174 -122.73 -1.31 -23.22
N MET AB 175 -122.24 -0.65 -22.17
CA MET AB 175 -122.83 0.61 -21.75
C MET AB 175 -122.46 1.74 -22.69
N LEU AB 176 -121.21 1.77 -23.15
CA LEU AB 176 -120.84 2.72 -24.20
C LEU AB 176 -121.61 2.43 -25.48
N ALA AB 177 -121.80 1.14 -25.79
CA ALA AB 177 -122.60 0.78 -26.95
C ALA AB 177 -124.03 1.26 -26.82
N ARG AB 178 -124.61 1.11 -25.63
CA ARG AB 178 -125.98 1.57 -25.42
C ARG AB 178 -126.08 3.09 -25.54
N GLU AB 179 -125.11 3.80 -24.99
CA GLU AB 179 -125.13 5.26 -25.07
C GLU AB 179 -125.02 5.75 -26.50
N VAL AB 180 -124.07 5.21 -27.27
CA VAL AB 180 -123.87 5.70 -28.64
C VAL AB 180 -125.07 5.35 -29.51
N LEU AB 181 -125.69 4.20 -29.27
CA LEU AB 181 -126.88 3.84 -30.04
C LEU AB 181 -128.08 4.67 -29.61
N ARG AB 182 -128.17 5.02 -28.33
CA ARG AB 182 -129.20 5.97 -27.90
C ARG AB 182 -128.97 7.34 -28.53
N MET AB 183 -127.71 7.77 -28.60
CA MET AB 183 -127.39 9.11 -29.07
C MET AB 183 -127.56 9.25 -30.58
N ARG AB 184 -127.25 8.20 -31.34
CA ARG AB 184 -127.31 8.26 -32.80
C ARG AB 184 -128.71 8.01 -33.34
N GLY AB 185 -129.65 7.56 -32.52
CA GLY AB 185 -131.02 7.37 -32.93
C GLY AB 185 -131.37 5.99 -33.43
N THR AB 186 -130.40 5.10 -33.61
CA THR AB 186 -130.72 3.74 -34.03
C THR AB 186 -131.50 2.99 -32.95
N ILE AB 187 -131.13 3.16 -31.69
CA ILE AB 187 -131.81 2.55 -30.56
C ILE AB 187 -132.42 3.66 -29.71
N SER AB 188 -133.71 3.53 -29.41
CA SER AB 188 -134.42 4.59 -28.71
C SER AB 188 -134.00 4.64 -27.24
N ARG AB 189 -134.03 5.85 -26.68
CA ARG AB 189 -133.70 6.08 -25.28
C ARG AB 189 -134.87 5.80 -24.34
N GLU AB 190 -136.09 5.70 -24.86
CA GLU AB 190 -137.26 5.53 -24.01
C GLU AB 190 -137.41 4.12 -23.47
N HIS AB 191 -136.70 3.13 -24.02
CA HIS AB 191 -136.81 1.76 -23.57
C HIS AB 191 -135.43 1.17 -23.35
N PRO AB 192 -135.30 0.25 -22.39
CA PRO AB 192 -133.99 -0.40 -22.18
C PRO AB 192 -133.61 -1.27 -23.36
N TRP AB 193 -132.30 -1.36 -23.61
CA TRP AB 193 -131.81 -2.16 -24.72
C TRP AB 193 -132.05 -3.64 -24.44
N GLU AB 194 -132.50 -4.36 -25.47
CA GLU AB 194 -132.99 -5.72 -25.31
C GLU AB 194 -131.89 -6.78 -25.20
N VAL AB 195 -130.65 -6.46 -25.56
CA VAL AB 195 -129.56 -7.43 -25.49
C VAL AB 195 -128.91 -7.36 -24.13
N MET AB 196 -128.63 -8.52 -23.56
CA MET AB 196 -128.01 -8.59 -22.24
C MET AB 196 -126.56 -8.11 -22.33
N PRO AB 197 -126.04 -7.48 -21.27
CA PRO AB 197 -124.62 -7.09 -21.27
C PRO AB 197 -123.68 -8.27 -21.31
N ASP AB 198 -124.15 -9.47 -20.97
CA ASP AB 198 -123.28 -10.64 -20.89
C ASP AB 198 -122.76 -11.07 -22.25
N LEU AB 199 -123.30 -10.55 -23.35
CA LEU AB 199 -122.74 -10.82 -24.65
C LEU AB 199 -121.32 -10.29 -24.78
N TYR AB 200 -120.96 -9.32 -23.94
CA TYR AB 200 -119.62 -8.73 -23.95
C TYR AB 200 -118.66 -9.41 -22.98
N PHE AB 201 -119.11 -10.39 -22.21
CA PHE AB 201 -118.28 -11.04 -21.20
C PHE AB 201 -117.49 -12.19 -21.81
N TYR AB 202 -116.20 -12.24 -21.53
CA TYR AB 202 -115.33 -13.32 -21.96
C TYR AB 202 -115.25 -14.37 -20.85
N ARG AB 203 -115.50 -15.61 -21.21
CA ARG AB 203 -115.51 -16.72 -20.26
C ARG AB 203 -114.35 -17.67 -20.56
N ASP AB 204 -113.78 -18.24 -19.50
CA ASP AB 204 -112.64 -19.12 -19.66
C ASP AB 204 -113.03 -20.38 -20.43
N PRO AB 205 -112.09 -20.97 -21.17
CA PRO AB 205 -112.42 -22.19 -21.94
C PRO AB 205 -112.92 -23.33 -21.09
N GLU AB 206 -112.37 -23.51 -19.89
CA GLU AB 206 -112.83 -24.60 -19.02
C GLU AB 206 -114.27 -24.37 -18.55
N GLU AB 207 -114.60 -23.12 -18.20
CA GLU AB 207 -115.97 -22.82 -17.79
C GLU AB 207 -116.94 -22.93 -18.95
N ILE AB 208 -116.49 -22.57 -20.15
CA ILE AB 208 -117.34 -22.70 -21.34
C ILE AB 208 -117.66 -24.17 -21.60
N GLU AB 209 -116.64 -25.03 -21.50
CA GLU AB 209 -116.87 -26.46 -21.72
C GLU AB 209 -117.81 -27.04 -20.68
N LYS AB 210 -117.66 -26.63 -19.41
CA LYS AB 210 -118.54 -27.13 -18.36
C LYS AB 210 -119.99 -26.72 -18.61
N GLU AB 211 -120.21 -25.46 -19.01
CA GLU AB 211 -121.57 -24.99 -19.27
C GLU AB 211 -122.17 -25.69 -20.50
N GLU AB 212 -121.37 -25.90 -21.55
CA GLU AB 212 -121.88 -26.57 -22.73
C GLU AB 212 -122.26 -28.01 -22.44
N GLN AB 213 -121.43 -28.73 -21.67
CA GLN AB 213 -121.75 -30.10 -21.31
C GLN AB 213 -122.99 -30.19 -20.44
N ALA AB 214 -123.12 -29.27 -19.49
CA ALA AB 214 -124.28 -29.26 -18.60
C ALA AB 214 -125.50 -28.67 -19.29
N ASP BB 1 -92.20 -79.99 -35.11
CA ASP BB 1 -92.44 -79.49 -36.47
C ASP BB 1 -91.20 -78.79 -37.01
N ILE BB 2 -90.76 -77.76 -36.31
CA ILE BB 2 -89.58 -76.98 -36.69
C ILE BB 2 -88.55 -77.08 -35.59
N LYS BB 3 -87.34 -77.53 -35.94
CA LYS BB 3 -86.27 -77.69 -34.98
C LYS BB 3 -84.97 -77.18 -35.59
N LEU BB 4 -84.03 -76.81 -34.72
CA LEU BB 4 -82.72 -76.34 -35.17
C LEU BB 4 -81.97 -77.48 -35.86
N PHE BB 5 -81.63 -77.28 -37.13
CA PHE BB 5 -81.01 -78.30 -37.97
C PHE BB 5 -81.85 -79.57 -38.06
N GLY BB 6 -83.17 -79.45 -37.84
CA GLY BB 6 -84.02 -80.62 -37.87
C GLY BB 6 -83.81 -81.59 -36.73
N LYS BB 7 -83.21 -81.13 -35.63
CA LYS BB 7 -82.93 -82.01 -34.50
C LYS BB 7 -83.54 -81.46 -33.21
N PRO BB 8 -78.68 -71.23 -37.96
CA PRO BB 8 -78.56 -69.87 -37.42
C PRO BB 8 -78.51 -68.81 -38.52
N HIS BB 9 -78.05 -69.22 -39.70
CA HIS BB 9 -77.87 -68.29 -40.80
C HIS BB 9 -79.21 -67.69 -41.22
N SER BB 10 -79.25 -66.36 -41.34
CA SER BB 10 -80.46 -65.65 -41.73
C SER BB 10 -80.08 -64.24 -42.16
N ALA BB 11 -80.70 -63.77 -43.24
CA ALA BB 11 -80.44 -62.43 -43.76
C ALA BB 11 -81.48 -61.44 -43.26
N GLY BB 12 -81.46 -61.23 -41.95
CA GLY BB 12 -82.38 -60.31 -41.30
C GLY BB 12 -81.73 -58.97 -41.00
N ARG BB 13 -82.56 -57.94 -40.90
CA ARG BB 13 -82.11 -56.59 -40.59
C ARG BB 13 -82.41 -56.28 -39.13
N TYR BB 14 -81.36 -55.90 -38.38
CA TYR BB 14 -81.50 -55.64 -36.96
C TYR BB 14 -80.84 -54.35 -36.49
N ALA BB 15 -80.10 -53.66 -37.36
CA ALA BB 15 -79.37 -52.45 -36.97
C ALA BB 15 -80.11 -51.17 -37.32
N ALA BB 16 -81.37 -51.27 -37.71
CA ALA BB 16 -82.15 -50.10 -38.10
C ALA BB 16 -82.86 -49.43 -36.93
N LYS BB 17 -82.71 -49.96 -35.72
CA LYS BB 17 -83.36 -49.39 -34.54
C LYS BB 17 -82.56 -49.78 -33.30
N ARG BB 18 -82.85 -49.09 -32.20
CA ARG BB 18 -82.13 -49.32 -30.95
C ARG BB 18 -82.37 -50.73 -30.43
N PHE BB 19 -83.62 -51.20 -30.47
CA PHE BB 19 -83.98 -52.53 -29.97
C PHE BB 19 -84.50 -53.44 -31.07
N ARG BB 20 -84.03 -53.26 -32.30
CA ARG BB 20 -84.54 -54.04 -33.42
C ARG BB 20 -83.98 -55.46 -33.44
N LYS BB 21 -82.89 -55.71 -32.70
CA LYS BB 21 -82.26 -57.03 -32.66
C LYS BB 21 -82.85 -57.95 -31.60
N ALA BB 22 -83.77 -57.45 -30.77
CA ALA BB 22 -84.34 -58.27 -29.70
C ALA BB 22 -85.08 -59.49 -30.24
N GLN BB 23 -85.50 -59.46 -31.51
CA GLN BB 23 -86.18 -60.60 -32.11
C GLN BB 23 -85.22 -61.65 -32.66
N CYS BB 24 -83.92 -61.35 -32.73
CA CYS BB 24 -82.97 -62.28 -33.30
C CYS BB 24 -82.76 -63.47 -32.37
N PRO BB 25 -82.73 -64.69 -32.89
CA PRO BB 25 -82.47 -65.86 -32.05
C PRO BB 25 -81.04 -65.85 -31.50
N ILE BB 26 -80.88 -66.47 -30.33
CA ILE BB 26 -79.58 -66.50 -29.68
C ILE BB 26 -78.58 -67.30 -30.50
N VAL BB 27 -79.03 -68.37 -31.16
CA VAL BB 27 -78.11 -69.19 -31.96
C VAL BB 27 -77.53 -68.38 -33.11
N GLU BB 28 -78.37 -67.57 -33.77
CA GLU BB 28 -77.87 -66.68 -34.82
C GLU BB 28 -76.89 -65.66 -34.24
N ARG BB 29 -77.17 -65.17 -33.03
CA ARG BB 29 -76.28 -64.18 -32.41
C ARG BB 29 -74.91 -64.76 -32.14
N LEU BB 30 -74.84 -66.02 -31.72
CA LEU BB 30 -73.55 -66.65 -31.44
C LEU BB 30 -72.71 -66.79 -32.70
N THR BB 31 -73.33 -67.16 -33.83
CA THR BB 31 -72.61 -67.31 -35.08
C THR BB 31 -72.26 -65.99 -35.74
N ASN BB 32 -72.73 -64.87 -35.19
CA ASN BB 32 -72.51 -63.56 -35.77
C ASN BB 32 -71.60 -62.67 -34.92
N SER BB 33 -71.60 -62.85 -33.60
CA SER BB 33 -70.77 -62.06 -32.68
C SER BB 33 -69.35 -62.61 -32.56
N MET BB 34 -68.97 -63.53 -33.43
CA MET BB 34 -67.63 -64.12 -33.36
C MET BB 34 -66.56 -63.05 -33.52
N MET BB 35 -66.64 -62.26 -34.59
CA MET BB 35 -65.68 -61.20 -34.93
C MET BB 35 -64.23 -61.64 -34.74
N MET BB 36 -63.32 -60.65 -34.65
CA MET BB 36 -61.90 -60.84 -34.34
C MET BB 36 -61.16 -61.42 -35.55
N HIS BB 37 -59.94 -60.94 -35.77
CA HIS BB 37 -59.16 -61.27 -36.97
C HIS BB 37 -59.89 -60.84 -38.23
N GLY BB 38 -59.40 -61.27 -39.39
CA GLY BB 38 -60.05 -60.99 -40.64
C GLY BB 38 -60.16 -62.21 -41.52
N ARG BB 39 -59.50 -63.30 -41.11
CA ARG BB 39 -59.51 -64.53 -41.88
C ARG BB 39 -60.86 -65.23 -41.79
N ASN BB 40 -61.25 -65.65 -40.58
CA ASN BB 40 -62.60 -66.20 -40.42
C ASN BB 40 -63.66 -65.13 -40.53
N ASN BB 41 -63.31 -63.87 -40.30
CA ASN BB 41 -64.19 -62.77 -40.64
C ASN BB 41 -64.35 -62.70 -42.15
N GLY BB 42 -65.51 -62.22 -42.60
CA GLY BB 42 -65.86 -62.34 -43.99
C GLY BB 42 -66.33 -63.73 -44.38
N LYS BB 43 -66.59 -64.58 -43.40
CA LYS BB 43 -67.10 -65.93 -43.64
C LYS BB 43 -68.23 -66.20 -42.66
N LYS BB 44 -69.26 -66.91 -43.13
CA LYS BB 44 -70.33 -67.38 -42.26
C LYS BB 44 -70.73 -68.82 -42.49
N LEU BB 45 -70.52 -69.38 -43.67
CA LEU BB 45 -70.92 -70.77 -43.92
C LEU BB 45 -70.11 -71.75 -43.08
N MET BB 46 -68.81 -71.50 -42.94
CA MET BB 46 -67.99 -72.34 -42.08
C MET BB 46 -68.38 -72.18 -40.61
N THR BB 47 -68.78 -70.97 -40.20
CA THR BB 47 -69.16 -70.75 -38.80
C THR BB 47 -70.45 -71.49 -38.45
N VAL BB 48 -71.37 -71.62 -39.42
CA VAL BB 48 -72.64 -72.29 -39.15
C VAL BB 48 -72.40 -73.77 -38.85
N ARG BB 49 -71.55 -74.42 -39.65
CA ARG BB 49 -71.28 -75.84 -39.45
C ARG BB 49 -70.35 -76.07 -38.27
N ILE BB 50 -69.50 -75.10 -37.93
CA ILE BB 50 -68.69 -75.22 -36.72
C ILE BB 50 -69.58 -75.20 -35.48
N VAL BB 51 -70.54 -74.27 -35.44
CA VAL BB 51 -71.50 -74.24 -34.34
C VAL BB 51 -72.33 -75.52 -34.32
N LYS BB 52 -72.66 -76.03 -35.50
CA LYS BB 52 -73.36 -77.32 -35.59
C LYS BB 52 -72.51 -78.43 -34.99
N HIS BB 53 -71.20 -78.38 -35.20
CA HIS BB 53 -70.30 -79.35 -34.58
C HIS BB 53 -70.29 -79.21 -33.06
N ALA BB 54 -70.24 -77.96 -32.58
CA ALA BB 54 -70.17 -77.73 -31.14
C ALA BB 54 -71.45 -78.16 -30.44
N PHE BB 55 -72.60 -77.95 -31.07
CA PHE BB 55 -73.87 -78.38 -30.49
C PHE BB 55 -73.93 -79.90 -30.37
N GLU BB 56 -73.46 -80.61 -31.40
CA GLU BB 56 -73.44 -82.08 -31.35
C GLU BB 56 -72.52 -82.57 -30.24
N ILE BB 57 -71.37 -81.92 -30.07
CA ILE BB 57 -70.43 -82.31 -29.02
C ILE BB 57 -71.00 -81.98 -27.64
N GLY BB 58 -73.23 -64.08 -16.58
CA GLY BB 58 -73.39 -62.66 -16.83
C GLY BB 58 -73.21 -61.80 -15.59
N PRO BB 59 -72.32 -60.80 -15.68
CA PRO BB 59 -72.08 -59.93 -14.53
C PRO BB 59 -73.30 -59.07 -14.20
N ARG BB 60 -73.23 -58.35 -13.08
CA ARG BB 60 -74.38 -57.58 -12.61
C ARG BB 60 -74.04 -56.11 -12.44
N GLU BB 61 -72.74 -55.78 -12.37
CA GLU BB 61 -72.34 -54.40 -12.16
C GLU BB 61 -70.95 -54.19 -12.74
N ASP BB 62 -70.78 -53.11 -13.50
CA ASP BB 62 -69.50 -52.73 -14.09
C ASP BB 62 -69.27 -51.25 -13.91
N SER BB 63 -68.00 -50.85 -13.88
CA SER BB 63 -67.66 -49.45 -13.75
C SER BB 63 -68.00 -48.70 -15.04
N THR BB 64 -68.75 -47.61 -14.90
CA THR BB 64 -69.22 -46.83 -16.04
C THR BB 64 -68.48 -45.51 -16.20
N ARG BB 65 -68.44 -44.68 -15.16
CA ARG BB 65 -67.77 -43.40 -15.26
C ARG BB 65 -66.26 -43.58 -15.33
N ILE BB 66 -65.63 -42.81 -16.23
CA ILE BB 66 -64.19 -42.87 -16.44
C ILE BB 66 -63.62 -41.48 -16.17
N GLY BB 67 -62.57 -41.42 -15.33
CA GLY BB 67 -61.92 -40.17 -15.02
C GLY BB 67 -60.42 -40.22 -15.24
N ARG BB 68 -59.91 -39.37 -16.13
CA ARG BB 68 -58.49 -39.34 -16.48
C ARG BB 68 -57.79 -38.08 -16.05
N ALA BB 69 -58.47 -36.93 -16.07
CA ALA BB 69 -57.82 -35.68 -15.68
C ALA BB 69 -57.44 -35.68 -14.21
N GLY BB 70 -58.32 -36.20 -13.35
CA GLY BB 70 -58.05 -36.24 -11.92
C GLY BB 70 -58.14 -37.64 -11.35
N THR BB 71 -59.01 -37.84 -10.37
CA THR BB 71 -59.20 -39.15 -9.78
C THR BB 71 -59.85 -40.10 -10.78
N VAL BB 72 -59.65 -41.40 -10.54
CA VAL BB 72 -60.17 -42.42 -11.47
C VAL BB 72 -61.70 -42.35 -11.51
N ARG BB 73 -62.33 -42.28 -10.35
CA ARG BB 73 -63.79 -42.24 -10.25
C ARG BB 73 -64.43 -43.39 -11.01
N ARG BB 74 -64.12 -44.60 -10.52
CA ARG BB 74 -64.55 -45.83 -11.19
C ARG BB 74 -66.06 -45.87 -11.34
N GLN BB 75 -66.79 -45.69 -10.25
CA GLN BB 75 -68.25 -45.50 -10.25
C GLN BB 75 -68.95 -46.66 -10.94
N ALA BB 76 -68.84 -47.83 -10.31
CA ALA BB 76 -69.61 -48.98 -10.76
C ALA BB 76 -71.10 -48.68 -10.63
N VAL BB 77 -71.86 -49.01 -11.68
CA VAL BB 77 -73.27 -48.69 -11.77
C VAL BB 77 -74.04 -49.97 -12.11
N ASP BB 78 -75.23 -50.11 -11.53
CA ASP BB 78 -76.08 -51.25 -11.85
C ASP BB 78 -76.36 -51.30 -13.34
N VAL BB 79 -76.37 -52.52 -13.89
CA VAL BB 79 -76.29 -52.72 -15.32
C VAL BB 79 -77.64 -53.20 -15.85
N SER BB 80 -77.83 -53.12 -17.17
CA SER BB 80 -79.02 -53.54 -17.89
C SER BB 80 -78.82 -54.91 -18.52
N PRO BB 81 -79.88 -55.72 -18.61
CA PRO BB 81 -79.71 -57.08 -19.17
C PRO BB 81 -79.24 -57.11 -20.62
N LEU BB 82 -79.63 -56.13 -21.44
CA LEU BB 82 -79.31 -56.21 -22.87
C LEU BB 82 -77.81 -56.13 -23.11
N ARG BB 83 -77.11 -55.21 -22.44
CA ARG BB 83 -75.68 -55.08 -22.64
C ARG BB 83 -74.89 -56.12 -21.86
N ARG BB 84 -75.57 -56.96 -21.07
CA ARG BB 84 -74.89 -58.09 -20.44
C ARG BB 84 -74.97 -59.33 -21.32
N VAL BB 85 -76.05 -59.47 -22.10
CA VAL BB 85 -76.13 -60.55 -23.07
C VAL BB 85 -75.05 -60.38 -24.14
N ASN BB 86 -74.83 -59.13 -24.57
CA ASN BB 86 -73.74 -58.85 -25.49
C ASN BB 86 -72.39 -59.15 -24.86
N GLN BB 87 -72.21 -58.78 -23.59
CA GLN BB 87 -70.96 -59.05 -22.89
C GLN BB 87 -70.73 -60.56 -22.72
N ALA BB 88 -71.79 -61.30 -22.39
CA ALA BB 88 -71.65 -62.74 -22.18
C ALA BB 88 -71.29 -63.47 -23.48
N ILE BB 89 -71.94 -63.11 -24.58
CA ILE BB 89 -71.62 -63.74 -25.86
C ILE BB 89 -70.23 -63.35 -26.33
N TRP BB 90 -69.85 -62.09 -26.11
CA TRP BB 90 -68.50 -61.63 -26.45
C TRP BB 90 -67.44 -62.33 -25.61
N LEU BB 91 -67.71 -62.53 -24.31
CA LEU BB 91 -66.72 -63.14 -23.44
C LEU BB 91 -66.62 -64.65 -23.68
N LEU BB 92 -67.75 -65.31 -23.93
CA LEU BB 92 -67.72 -66.73 -24.25
C LEU BB 92 -66.96 -66.98 -25.55
N CYS BB 93 -67.19 -66.15 -26.55
CA CYS BB 93 -66.54 -66.34 -27.84
C CYS BB 93 -65.07 -65.95 -27.79
N THR BB 94 -64.73 -64.88 -27.06
CA THR BB 94 -63.33 -64.51 -26.91
C THR BB 94 -62.54 -65.59 -26.19
N GLY BB 95 -63.13 -66.18 -25.15
CA GLY BB 95 -62.46 -67.28 -24.47
C GLY BB 95 -62.31 -68.51 -25.34
N ALA BB 96 -63.32 -68.80 -26.15
CA ALA BB 96 -63.24 -69.94 -27.06
C ALA BB 96 -62.14 -69.74 -28.09
N ARG BB 97 -62.02 -68.52 -28.63
CA ARG BB 97 -60.94 -68.23 -29.56
C ARG BB 97 -59.57 -68.35 -28.91
N GLU BB 98 -59.44 -67.88 -27.66
CA GLU BB 98 -58.19 -68.02 -26.94
C GLU BB 98 -57.84 -69.49 -26.73
N ALA BB 99 -58.84 -70.31 -26.39
CA ALA BB 99 -58.58 -71.72 -26.14
C ALA BB 99 -58.16 -72.47 -27.39
N ALA BB 100 -58.82 -72.21 -28.53
CA ALA BB 100 -58.45 -72.84 -29.78
C ALA BB 100 -57.23 -72.19 -30.42
N PHE BB 101 -56.69 -71.13 -29.81
CA PHE BB 101 -55.48 -70.50 -30.30
C PHE BB 101 -54.28 -71.35 -29.88
N ARG BB 102 -53.58 -71.91 -30.87
CA ARG BB 102 -52.39 -72.75 -30.65
C ARG BB 102 -52.74 -74.00 -29.83
N ASN BB 103 -53.64 -74.81 -30.39
CA ASN BB 103 -54.06 -76.04 -29.74
C ASN BB 103 -54.68 -76.97 -30.77
N ILE BB 104 -54.41 -78.27 -30.64
CA ILE BB 104 -55.04 -79.25 -31.52
C ILE BB 104 -56.55 -79.29 -31.33
N LYS BB 105 -57.03 -78.90 -30.15
CA LYS BB 105 -58.46 -78.80 -29.94
C LYS BB 105 -59.04 -77.71 -30.83
N THR BB 106 -60.12 -78.05 -31.55
CA THR BB 106 -60.69 -77.15 -32.53
C THR BB 106 -61.58 -76.11 -31.85
N ILE BB 107 -62.15 -75.23 -32.68
CA ILE BB 107 -63.00 -74.15 -32.16
C ILE BB 107 -64.26 -74.73 -31.53
N ALA BB 108 -64.85 -75.75 -32.16
CA ALA BB 108 -66.06 -76.36 -31.61
C ALA BB 108 -65.81 -76.97 -30.24
N GLU BB 109 -64.74 -77.75 -30.12
CA GLU BB 109 -64.46 -78.41 -28.85
C GLU BB 109 -64.13 -77.39 -27.76
N CYS BB 110 -63.36 -76.36 -28.10
CA CYS BB 110 -63.04 -75.33 -27.12
C CYS BB 110 -64.29 -74.54 -26.72
N LEU BB 111 -65.14 -74.19 -27.67
CA LEU BB 111 -66.36 -73.46 -27.36
C LEU BB 111 -67.31 -74.31 -26.53
N ALA BB 112 -67.44 -75.60 -26.87
CA ALA BB 112 -68.33 -76.48 -26.12
C ALA BB 112 -67.83 -76.66 -24.69
N ASP BB 113 -66.51 -76.79 -24.52
CA ASP BB 113 -65.96 -76.90 -23.17
C ASP BB 113 -66.20 -75.64 -22.36
N GLU BB 114 -66.10 -74.47 -23.00
CA GLU BB 114 -66.27 -73.21 -22.30
C GLU BB 114 -67.71 -73.05 -21.80
N LEU BB 115 -68.70 -73.39 -22.63
CA LEU BB 115 -70.09 -73.26 -22.21
C LEU BB 115 -70.46 -74.31 -21.16
N ILE BB 116 -69.86 -75.50 -21.23
CA ILE BB 116 -70.09 -76.51 -20.21
C ILE BB 116 -69.57 -76.02 -18.86
N ASN BB 117 -68.37 -75.44 -18.85
CA ASN BB 117 -67.81 -74.92 -17.61
C ASN BB 117 -68.63 -73.75 -17.08
N ALA BB 118 -69.10 -72.88 -17.97
CA ALA BB 118 -69.91 -71.74 -17.54
C ALA BB 118 -71.23 -72.21 -16.92
N ALA BB 119 -71.86 -73.22 -17.52
CA ALA BB 119 -73.09 -73.77 -16.97
C ALA BB 119 -72.84 -74.41 -15.60
N LYS BB 120 -71.71 -75.09 -15.44
CA LYS BB 120 -71.38 -75.70 -14.16
C LYS BB 120 -71.19 -74.64 -13.08
N GLY BB 121 -70.55 -73.52 -13.43
CA GLY BB 121 -70.31 -72.46 -12.48
C GLY BB 121 -68.92 -72.44 -11.87
N SER BB 122 -68.01 -73.29 -12.33
CA SER BB 122 -66.65 -73.32 -11.80
C SER BB 122 -65.84 -72.16 -12.36
N SER BB 123 -64.60 -72.03 -11.88
CA SER BB 123 -63.72 -70.93 -12.27
C SER BB 123 -62.68 -71.35 -13.30
N ASN BB 124 -62.94 -72.41 -14.05
CA ASN BB 124 -62.00 -72.87 -15.07
C ASN BB 124 -62.19 -72.20 -16.42
N SER BB 125 -63.26 -71.42 -16.59
CA SER BB 125 -63.55 -70.75 -17.85
C SER BB 125 -63.03 -69.32 -17.82
N TYR BB 126 -62.45 -68.88 -18.93
CA TYR BB 126 -61.92 -67.52 -19.01
C TYR BB 126 -63.03 -66.48 -18.88
N ALA BB 127 -64.18 -66.74 -19.52
CA ALA BB 127 -65.29 -65.79 -19.43
C ALA BB 127 -65.81 -65.70 -18.00
N ILE BB 128 -65.91 -66.84 -17.31
CA ILE BB 128 -66.35 -66.83 -15.91
C ILE BB 128 -65.35 -66.09 -15.04
N LYS BB 129 -64.05 -66.31 -15.28
CA LYS BB 129 -63.03 -65.65 -14.49
C LYS BB 129 -63.07 -64.13 -14.69
N LYS BB 130 -63.28 -63.68 -15.93
CA LYS BB 130 -63.40 -62.26 -16.17
C LYS BB 130 -64.64 -61.67 -15.51
N LYS BB 131 -65.75 -62.43 -15.53
CA LYS BB 131 -66.95 -61.98 -14.85
C LYS BB 131 -66.72 -61.85 -13.35
N ASP BB 132 -66.01 -62.81 -12.75
CA ASP BB 132 -65.67 -62.73 -11.34
C ASP BB 132 -64.78 -61.52 -11.07
N GLU BB 133 -63.82 -61.24 -11.95
CA GLU BB 133 -62.95 -60.09 -11.77
C GLU BB 133 -63.71 -58.78 -11.90
N LEU BB 134 -64.64 -58.70 -12.84
CA LEU BB 134 -65.47 -57.51 -12.95
C LEU BB 134 -66.31 -57.31 -11.69
N GLU BB 135 -66.88 -58.39 -11.16
CA GLU BB 135 -67.69 -58.29 -9.95
C GLU BB 135 -66.83 -57.88 -8.76
N ARG BB 136 -65.61 -58.40 -8.66
CA ARG BB 136 -64.73 -58.06 -7.55
C ARG BB 136 -64.34 -56.59 -7.58
N VAL BB 137 -64.02 -56.06 -8.76
CA VAL BB 137 -63.70 -54.64 -8.88
C VAL BB 137 -64.92 -53.79 -8.57
N ALA BB 138 -66.10 -54.22 -9.04
CA ALA BB 138 -67.33 -53.48 -8.74
C ALA BB 138 -67.64 -53.48 -7.25
N LYS BB 139 -67.39 -54.60 -6.58
CA LYS BB 139 -67.66 -54.68 -5.14
C LYS BB 139 -66.67 -53.86 -4.33
N SER BB 140 -65.42 -53.76 -4.79
CA SER BB 140 -64.41 -53.02 -4.04
C SER BB 140 -64.70 -51.52 -4.04
N ASN BB 141 -65.17 -50.98 -5.15
CA ASN BB 141 -65.41 -49.55 -5.28
C ASN BB 141 -66.85 -49.15 -5.01
N ARG BB 142 -67.68 -50.06 -4.51
CA ARG BB 142 -69.07 -49.74 -4.19
C ARG BB 142 -69.17 -48.67 -3.10
N LEU CB 1 -33.28 -23.23 -93.58
CA LEU CB 1 -32.73 -22.99 -94.91
C LEU CB 1 -33.44 -23.86 -95.94
N MET CB 2 -34.19 -23.21 -96.83
CA MET CB 2 -35.01 -23.90 -97.82
C MET CB 2 -34.53 -23.56 -99.22
N PRO CB 3 -34.38 -24.58 -100.09
CA PRO CB 3 -33.95 -24.38 -101.48
C PRO CB 3 -34.90 -23.50 -102.28
N GLU CB 4 -54.52 -20.26 -103.80
CA GLU CB 4 -55.32 -20.48 -102.60
C GLU CB 4 -55.51 -19.17 -101.82
N GLY CB 5 -54.43 -18.62 -101.31
CA GLY CB 5 -54.45 -17.38 -100.57
C GLY CB 5 -54.34 -17.53 -99.06
N VAL CB 6 -54.58 -18.73 -98.53
CA VAL CB 6 -54.42 -19.01 -97.11
C VAL CB 6 -53.65 -20.30 -96.93
N MET CB 7 -52.89 -20.38 -95.85
CA MET CB 7 -51.98 -21.48 -95.60
C MET CB 7 -52.21 -22.05 -94.22
N VAL CB 8 -52.07 -23.38 -94.11
CA VAL CB 8 -52.23 -24.11 -92.86
C VAL CB 8 -51.01 -25.00 -92.68
N ALA CB 9 -50.40 -24.96 -91.50
CA ALA CB 9 -49.17 -25.68 -91.22
C ALA CB 9 -49.27 -26.40 -89.88
N LYS CB 10 -48.42 -27.41 -89.71
CA LYS CB 10 -48.35 -28.19 -88.49
C LYS CB 10 -47.33 -27.60 -87.53
N LYS CB 11 -47.62 -27.68 -86.24
CA LYS CB 11 -46.69 -27.16 -85.23
C LYS CB 11 -45.43 -27.98 -85.15
N ASP CB 12 -45.54 -29.30 -85.31
CA ASP CB 12 -44.38 -30.17 -85.19
C ASP CB 12 -43.34 -29.84 -86.24
N VAL CB 13 -42.08 -29.73 -85.80
CA VAL CB 13 -40.97 -29.39 -86.68
C VAL CB 13 -40.22 -30.61 -87.18
N HIS CB 14 -40.70 -31.82 -86.84
CA HIS CB 14 -40.02 -33.05 -87.22
C HIS CB 14 -40.97 -34.07 -87.83
N MET CB 15 -41.99 -33.63 -88.55
CA MET CB 15 -42.95 -34.55 -89.17
C MET CB 15 -42.28 -35.34 -90.29
N PRO CB 16 -40.21 -29.50 -96.32
CA PRO CB 16 -40.78 -30.00 -95.06
C PRO CB 16 -41.57 -28.92 -94.32
N ASN CB 17 -42.14 -29.30 -93.17
CA ASN CB 17 -42.88 -28.33 -92.36
C ASN CB 17 -41.96 -27.25 -91.80
N LEU CB 18 -40.72 -27.60 -91.50
CA LEU CB 18 -39.78 -26.61 -90.97
C LEU CB 18 -39.42 -25.56 -92.02
N HIS CB 19 -39.22 -25.99 -93.27
CA HIS CB 19 -38.90 -25.04 -94.33
C HIS CB 19 -40.06 -24.09 -94.59
N VAL CB 20 -41.29 -24.62 -94.59
CA VAL CB 20 -42.46 -23.75 -94.74
C VAL CB 20 -42.58 -22.80 -93.56
N MET CB 21 -42.28 -23.30 -92.35
CA MET CB 21 -42.32 -22.46 -91.17
C MET CB 21 -41.36 -21.28 -91.30
N LYS CB 22 -40.12 -21.55 -91.72
CA LYS CB 22 -39.15 -20.48 -91.92
C LYS CB 22 -39.59 -19.53 -93.02
N ALA CB 23 -40.08 -20.07 -94.14
CA ALA CB 23 -40.45 -19.23 -95.26
C ALA CB 23 -41.62 -18.31 -94.92
N MET CB 24 -42.64 -18.84 -94.25
CA MET CB 24 -43.78 -18.01 -93.90
C MET CB 24 -43.45 -17.08 -92.74
N GLN CB 25 -42.42 -17.42 -91.96
CA GLN CB 25 -41.93 -16.48 -90.94
C GLN CB 25 -41.31 -15.25 -91.60
N SER CB 26 -40.68 -15.43 -92.76
CA SER CB 26 -40.17 -14.30 -93.53
C SER CB 26 -41.31 -13.41 -94.00
N LEU CB 27 -42.40 -14.02 -94.48
CA LEU CB 27 -43.52 -13.24 -95.00
C LEU CB 27 -44.20 -12.43 -93.90
N LYS CB 28 -44.42 -13.05 -92.73
CA LYS CB 28 -45.12 -12.37 -91.65
C LYS CB 28 -44.31 -11.18 -91.12
N SER CB 29 -43.00 -11.36 -90.92
CA SER CB 29 -42.17 -10.27 -90.44
C SER CB 29 -42.06 -9.15 -91.48
N ARG CB 30 -42.01 -9.52 -92.76
CA ARG CB 30 -42.00 -8.51 -93.82
C ARG CB 30 -43.30 -7.72 -93.88
N GLY CB 31 -44.37 -8.24 -93.30
CA GLY CB 31 -45.65 -7.54 -93.27
C GLY CB 31 -46.55 -7.93 -94.43
N TYR CB 32 -46.70 -9.23 -94.66
CA TYR CB 32 -47.52 -9.74 -95.76
C TYR CB 32 -48.66 -10.63 -95.31
N VAL CB 33 -48.51 -11.36 -94.20
CA VAL CB 33 -49.49 -12.34 -93.77
C VAL CB 33 -49.90 -12.06 -92.32
N LYS CB 34 -51.11 -12.46 -91.98
CA LYS CB 34 -51.63 -12.41 -90.62
C LYS CB 34 -51.60 -13.82 -90.03
N GLU CB 35 -51.04 -13.95 -88.84
CA GLU CB 35 -50.85 -15.25 -88.22
C GLU CB 35 -51.90 -15.50 -87.16
N GLN CB 36 -52.15 -16.79 -86.90
CA GLN CB 36 -53.07 -17.21 -85.86
C GLN CB 36 -52.69 -18.63 -85.44
N PHE CB 37 -52.79 -18.92 -84.15
CA PHE CB 37 -52.43 -20.24 -83.62
C PHE CB 37 -53.59 -20.76 -82.79
N ALA CB 38 -53.95 -22.02 -83.02
CA ALA CB 38 -55.00 -22.67 -82.25
C ALA CB 38 -54.83 -24.18 -82.36
N TRP CB 39 -54.57 -24.84 -81.23
CA TRP CB 39 -54.52 -26.30 -81.13
C TRP CB 39 -53.37 -26.87 -81.97
N ARG CB 40 -52.15 -26.39 -81.70
CA ARG CB 40 -50.93 -26.90 -82.35
C ARG CB 40 -51.01 -26.82 -83.87
N HIS CB 41 -51.59 -25.74 -84.40
CA HIS CB 41 -51.68 -25.58 -85.84
C HIS CB 41 -51.64 -24.11 -86.20
N PHE CB 42 -50.92 -23.78 -87.27
CA PHE CB 42 -50.77 -22.41 -87.73
C PHE CB 42 -51.78 -22.11 -88.83
N TYR CB 43 -52.49 -20.99 -88.68
CA TYR CB 43 -53.38 -20.46 -89.71
C TYR CB 43 -52.83 -19.14 -90.22
N TRP CB 44 -52.66 -19.02 -91.54
CA TRP CB 44 -52.07 -17.84 -92.16
C TRP CB 44 -52.99 -17.32 -93.25
N TYR CB 45 -53.21 -16.01 -93.27
CA TYR CB 45 -54.07 -15.39 -94.26
C TYR CB 45 -53.35 -14.23 -94.96
N PRO CB 46 -49.55 -11.15 -113.78
CA PRO CB 46 -50.36 -10.01 -114.20
C PRO CB 46 -51.42 -9.65 -113.17
N PRO CB 47 -51.80 -8.37 -113.12
CA PRO CB 47 -52.81 -7.95 -112.14
C PRO CB 47 -54.16 -8.61 -112.34
N GLU CB 48 -54.52 -8.96 -113.58
CA GLU CB 48 -55.82 -9.56 -113.83
C GLU CB 48 -55.96 -10.91 -113.15
N ILE CB 49 -54.90 -11.73 -113.17
CA ILE CB 49 -54.92 -12.99 -112.44
C ILE CB 49 -54.97 -12.70 -110.95
N VAL CB 50 -55.95 -13.28 -110.26
CA VAL CB 50 -56.18 -13.02 -108.85
C VAL CB 50 -56.32 -14.34 -108.10
N PRO CB 51 -55.97 -14.41 -106.82
CA PRO CB 51 -56.16 -15.65 -106.06
C PRO CB 51 -57.63 -15.98 -105.87
N ALA CB 52 -57.91 -17.15 -105.29
CA ALA CB 52 -59.28 -17.62 -105.11
C ALA CB 52 -60.02 -16.90 -103.98
N THR CB 53 -59.33 -16.10 -103.17
CA THR CB 53 -59.93 -15.43 -102.03
C THR CB 53 -60.49 -14.05 -102.37
N LEU CB 54 -60.68 -13.75 -103.66
CA LEU CB 54 -61.28 -12.49 -104.08
C LEU CB 54 -62.58 -12.71 -104.83
N ARG CB 55 -62.59 -13.56 -105.85
CA ARG CB 55 -63.75 -13.81 -106.68
C ARG CB 55 -64.07 -15.30 -106.68
N ARG CB 56 -65.33 -15.63 -106.38
CA ARG CB 56 -65.80 -17.01 -106.41
C ARG CB 56 -67.20 -17.04 -106.99
N SER CB 57 -67.58 -18.22 -107.49
CA SER CB 57 -68.91 -18.41 -108.04
C SER CB 57 -69.96 -18.26 -106.95
N ARG CB 58 -71.03 -17.53 -107.26
CA ARG CB 58 -72.09 -17.28 -106.29
C ARG CB 58 -73.46 -17.32 -106.96
N LYS DB 1 5.71 -72.83 -80.05
CA LYS DB 1 4.35 -72.49 -79.65
C LYS DB 1 4.30 -72.04 -78.19
N LYS DB 2 3.09 -71.83 -77.69
CA LYS DB 2 2.88 -71.39 -76.31
C LYS DB 2 1.92 -72.34 -75.62
N ARG DB 3 2.13 -72.53 -74.32
CA ARG DB 3 1.30 -73.40 -73.49
C ARG DB 3 0.67 -72.57 -72.39
N THR DB 4 -0.64 -72.35 -72.49
CA THR DB 4 -1.37 -71.64 -71.46
C THR DB 4 -1.58 -72.53 -70.24
N PHE DB 5 -1.78 -71.89 -69.09
CA PHE DB 5 -1.93 -72.62 -67.84
C PHE DB 5 -3.39 -73.00 -67.57
N ARG DB 6 -4.26 -72.00 -67.51
CA ARG DB 6 -5.65 -72.24 -67.13
C ARG DB 6 -6.44 -72.82 -68.30
N LYS DB 7 -7.01 -74.00 -68.10
CA LYS DB 7 -7.84 -74.64 -69.11
C LYS DB 7 -9.31 -74.30 -68.89
N PHE DB 8 -9.60 -73.00 -68.90
CA PHE DB 8 -10.97 -72.53 -68.71
C PHE DB 8 -11.78 -72.80 -69.97
N THR DB 9 -13.00 -73.29 -69.77
CA THR DB 9 -13.91 -73.60 -70.87
C THR DB 9 -15.28 -73.00 -70.59
N TYR DB 10 -15.83 -72.28 -71.56
CA TYR DB 10 -17.19 -71.75 -71.46
C TYR DB 10 -18.16 -72.84 -71.89
N ARG DB 11 -19.04 -73.25 -70.97
CA ARG DB 11 -19.98 -74.34 -71.20
C ARG DB 11 -19.26 -75.64 -71.56
N GLY DB 12 -18.04 -75.82 -71.05
CA GLY DB 12 -17.27 -77.01 -71.39
C GLY DB 12 -16.66 -76.99 -72.77
N VAL DB 13 -16.53 -75.81 -73.38
CA VAL DB 13 -16.01 -75.66 -74.73
C VAL DB 13 -14.70 -74.88 -74.65
N ASP DB 14 -13.67 -75.38 -75.34
CA ASP DB 14 -12.38 -74.71 -75.36
C ASP DB 14 -12.50 -73.33 -76.01
N LEU DB 15 -11.67 -72.40 -75.53
CA LEU DB 15 -11.75 -71.02 -76.00
C LEU DB 15 -11.44 -70.91 -77.49
N ASP DB 16 -10.48 -71.70 -77.98
CA ASP DB 16 -10.15 -71.67 -79.41
C ASP DB 16 -11.33 -72.12 -80.25
N GLN DB 17 -12.05 -73.15 -79.79
CA GLN DB 17 -13.26 -73.59 -80.50
C GLN DB 17 -14.32 -72.50 -80.49
N LEU DB 18 -14.44 -71.78 -79.37
CA LEU DB 18 -15.40 -70.67 -79.30
C LEU DB 18 -15.05 -69.58 -80.29
N LEU DB 19 -13.76 -69.30 -80.48
CA LEU DB 19 -13.34 -68.28 -81.44
C LEU DB 19 -13.74 -68.64 -82.85
N ASP DB 20 -13.61 -69.91 -83.21
CA ASP DB 20 -13.85 -70.37 -84.57
C ASP DB 20 -15.30 -70.78 -84.84
N MET DB 21 -16.18 -70.63 -83.87
CA MET DB 21 -17.54 -71.12 -84.02
C MET DB 21 -18.43 -70.06 -84.66
N SER DB 22 -19.46 -70.51 -85.38
CA SER DB 22 -20.35 -69.63 -86.12
C SER DB 22 -21.40 -69.01 -85.21
N TYR DB 23 -22.12 -68.03 -85.76
CA TYR DB 23 -23.12 -67.30 -84.97
C TYR DB 23 -24.25 -68.21 -84.51
N GLU DB 24 -24.73 -69.09 -85.40
CA GLU DB 24 -25.91 -69.89 -85.07
C GLU DB 24 -25.66 -70.83 -83.90
N GLN DB 25 -24.48 -71.45 -83.86
CA GLN DB 25 -24.16 -72.30 -82.70
C GLN DB 25 -23.76 -71.45 -81.50
N LEU DB 26 -23.26 -70.24 -81.75
CA LEU DB 26 -22.94 -69.35 -80.64
C LEU DB 26 -24.23 -68.81 -80.01
N MET DB 27 -25.32 -68.76 -80.80
CA MET DB 27 -26.65 -68.54 -80.24
C MET DB 27 -26.97 -69.56 -79.16
N GLN DB 28 -26.72 -70.84 -79.46
CA GLN DB 28 -27.14 -71.92 -78.57
C GLN DB 28 -26.35 -71.92 -77.27
N LEU DB 29 -25.08 -71.49 -77.33
CA LEU DB 29 -24.26 -71.49 -76.12
C LEU DB 29 -24.53 -70.28 -75.24
N TYR DB 30 -24.95 -69.16 -75.82
CA TYR DB 30 -25.31 -68.00 -75.03
C TYR DB 30 -26.57 -68.26 -74.20
N SER DB 31 -26.79 -67.37 -73.22
CA SER DB 31 -28.01 -67.39 -72.45
C SER DB 31 -29.16 -66.83 -73.30
N ALA DB 32 -30.32 -66.69 -72.68
CA ALA DB 32 -31.52 -66.28 -73.41
C ALA DB 32 -31.37 -64.88 -74.00
N ARG DB 33 -30.86 -63.94 -73.20
CA ARG DB 33 -30.79 -62.55 -73.64
C ARG DB 33 -29.83 -62.40 -74.83
N GLN DB 34 -28.63 -62.96 -74.72
CA GLN DB 34 -27.65 -62.78 -75.78
C GLN DB 34 -28.16 -63.37 -77.10
N ARG DB 35 -28.83 -64.53 -77.02
CA ARG DB 35 -29.39 -65.12 -78.23
C ARG DB 35 -30.50 -64.25 -78.82
N ARG DB 36 -31.38 -63.71 -77.97
CA ARG DB 36 -32.45 -62.86 -78.48
C ARG DB 36 -31.90 -61.57 -79.08
N ARG DB 37 -30.90 -60.97 -78.44
CA ARG DB 37 -30.30 -59.75 -78.97
C ARG DB 37 -29.67 -59.99 -80.34
N LEU DB 38 -28.96 -61.11 -80.49
CA LEU DB 38 -28.31 -61.40 -81.77
C LEU DB 38 -29.34 -61.75 -82.84
N ASN DB 39 -30.47 -62.33 -82.43
CA ASN DB 39 -31.42 -62.87 -83.40
C ASN DB 39 -32.17 -61.76 -84.14
N ARG DB 40 -32.65 -60.75 -83.40
CA ARG DB 40 -33.38 -59.65 -84.03
C ARG DB 40 -32.50 -58.80 -84.92
N GLY DB 41 -31.19 -58.95 -84.83
CA GLY DB 41 -30.26 -58.28 -85.73
C GLY DB 41 -29.11 -57.64 -84.98
N LEU DB 42 -28.00 -57.48 -85.71
CA LEU DB 42 -26.84 -56.75 -85.25
C LEU DB 42 -26.74 -55.48 -86.07
N ARG DB 43 -26.62 -54.34 -85.39
CA ARG DB 43 -26.79 -53.04 -86.02
C ARG DB 43 -25.45 -52.47 -86.45
N ARG DB 44 -25.49 -51.30 -87.07
CA ARG DB 44 -24.28 -50.67 -87.57
C ARG DB 44 -23.36 -50.20 -86.45
N LYS DB 45 -23.87 -50.08 -85.23
CA LYS DB 45 -23.06 -49.57 -84.13
C LYS DB 45 -21.88 -50.49 -83.81
N GLN DB 46 -22.16 -51.79 -83.60
CA GLN DB 46 -21.07 -52.71 -83.35
C GLN DB 46 -20.45 -53.23 -84.64
N HIS DB 47 -21.06 -52.94 -85.79
CA HIS DB 47 -20.37 -53.19 -87.05
C HIS DB 47 -19.12 -52.33 -87.16
N SER DB 48 -19.22 -51.07 -86.79
CA SER DB 48 -18.05 -50.19 -86.79
C SER DB 48 -17.10 -50.55 -85.65
N LEU DB 49 -17.65 -50.88 -84.48
CA LEU DB 49 -16.81 -51.25 -83.35
C LEU DB 49 -16.01 -52.50 -83.63
N LEU DB 50 -16.65 -53.51 -84.23
CA LEU DB 50 -15.95 -54.76 -84.54
C LEU DB 50 -14.84 -54.53 -85.55
N LYS DB 51 -15.08 -53.66 -86.54
CA LYS DB 51 -14.03 -53.32 -87.50
C LYS DB 51 -12.86 -52.63 -86.81
N ARG DB 52 -13.15 -51.68 -85.92
CA ARG DB 52 -12.08 -50.95 -85.24
C ARG DB 52 -11.29 -51.86 -84.31
N LEU DB 53 -11.98 -52.72 -83.56
CA LEU DB 53 -11.28 -53.58 -82.61
C LEU DB 53 -10.49 -54.66 -83.33
N ARG DB 54 -11.00 -55.15 -84.46
CA ARG DB 54 -10.24 -56.11 -85.26
C ARG DB 54 -8.99 -55.46 -85.85
N LYS DB 55 -9.12 -54.21 -86.32
CA LYS DB 55 -7.96 -53.50 -86.83
C LYS DB 55 -6.94 -53.22 -85.72
N ALA DB 56 -7.42 -52.90 -84.52
CA ALA DB 56 -6.52 -52.57 -83.42
C ALA DB 56 -5.73 -53.80 -82.97
N LYS DB 57 -6.40 -54.94 -82.80
CA LYS DB 57 -5.69 -56.13 -82.35
C LYS DB 57 -4.73 -56.66 -83.42
N LYS DB 58 -5.08 -56.51 -84.69
CA LYS DB 58 -4.17 -56.90 -85.76
C LYS DB 58 -2.91 -56.04 -85.75
N GLU DB 59 -3.07 -54.72 -85.55
CA GLU DB 59 -1.94 -53.80 -85.52
C GLU DB 59 -1.51 -53.57 -84.07
N ALA DB 60 -0.86 -54.59 -83.51
CA ALA DB 60 -0.38 -54.53 -82.14
C ALA DB 60 1.05 -55.03 -82.06
N PRO DB 61 1.85 -54.47 -81.14
CA PRO DB 61 3.21 -54.96 -80.99
C PRO DB 61 3.23 -56.39 -80.49
N PRO DB 62 4.23 -57.18 -80.88
CA PRO DB 62 4.30 -58.57 -80.38
C PRO DB 62 4.52 -58.63 -78.88
N MET DB 63 3.88 -59.62 -78.26
CA MET DB 63 4.00 -59.88 -76.82
C MET DB 63 3.62 -58.66 -75.99
N GLU DB 64 2.71 -57.83 -76.51
CA GLU DB 64 2.21 -56.67 -75.79
C GLU DB 64 0.71 -56.58 -75.97
N LYS DB 65 0.04 -55.98 -74.98
CA LYS DB 65 -1.39 -55.79 -75.06
C LYS DB 65 -1.73 -54.78 -76.15
N PRO DB 66 -2.86 -54.93 -76.83
CA PRO DB 66 -3.23 -54.01 -77.91
C PRO DB 66 -3.50 -52.61 -77.37
N GLU DB 67 -3.46 -51.65 -78.29
CA GLU DB 67 -3.67 -50.26 -77.94
C GLU DB 67 -5.10 -50.03 -77.46
N VAL DB 68 -5.28 -48.99 -76.65
CA VAL DB 68 -6.58 -48.72 -76.05
C VAL DB 68 -7.59 -48.33 -77.12
N VAL DB 69 -8.80 -48.86 -76.99
CA VAL DB 69 -9.92 -48.52 -77.87
C VAL DB 69 -11.09 -48.12 -76.99
N LYS DB 70 -11.67 -46.96 -77.28
CA LYS DB 70 -12.72 -46.38 -76.43
C LYS DB 70 -14.08 -46.54 -77.09
N THR DB 71 -15.05 -46.99 -76.29
CA THR DB 71 -16.41 -47.21 -76.78
C THR DB 71 -17.39 -46.69 -75.74
N HIS DB 72 -18.59 -46.34 -76.21
CA HIS DB 72 -19.64 -45.87 -75.33
C HIS DB 72 -20.71 -46.92 -75.05
N LEU DB 73 -20.71 -48.02 -75.80
CA LEU DB 73 -21.78 -49.00 -75.72
C LEU DB 73 -21.65 -49.98 -74.56
N ARG DB 74 -21.80 -49.48 -73.32
CA ARG DB 74 -21.80 -50.37 -72.16
C ARG DB 74 -22.99 -51.30 -72.13
N ASP DB 75 -23.98 -51.07 -72.99
CA ASP DB 75 -25.17 -51.92 -73.08
C ASP DB 75 -24.95 -53.13 -73.97
N MET DB 76 -23.76 -53.31 -74.52
CA MET DB 76 -23.49 -54.43 -75.42
C MET DB 76 -22.78 -55.56 -74.69
N ILE DB 77 -22.75 -56.70 -75.36
CA ILE DB 77 -22.28 -57.95 -74.78
C ILE DB 77 -20.91 -58.29 -75.37
N ILE DB 78 -20.08 -58.92 -74.55
CA ILE DB 78 -18.75 -59.33 -75.00
C ILE DB 78 -18.91 -60.45 -76.02
N LEU DB 79 -18.21 -60.32 -77.16
CA LEU DB 79 -18.26 -61.41 -78.11
C LEU DB 79 -16.90 -62.11 -78.20
N PRO DB 80 -16.89 -63.42 -78.48
CA PRO DB 80 -15.62 -64.16 -78.46
C PRO DB 80 -14.64 -63.73 -79.54
N GLU DB 81 -15.09 -62.99 -80.55
CA GLU DB 81 -14.22 -62.63 -81.66
C GLU DB 81 -12.97 -61.89 -81.21
N MET DB 82 -13.03 -61.17 -80.10
CA MET DB 82 -11.88 -60.48 -79.54
C MET DB 82 -11.75 -60.76 -78.05
N VAL DB 83 -10.55 -61.12 -77.62
CA VAL DB 83 -10.29 -61.47 -76.23
C VAL DB 83 -8.94 -60.94 -75.83
N GLY DB 84 -8.79 -60.58 -74.55
CA GLY DB 84 -7.51 -60.15 -74.02
C GLY DB 84 -6.97 -58.87 -74.61
N SER DB 85 -7.80 -57.84 -74.71
CA SER DB 85 -7.38 -56.53 -75.20
C SER DB 85 -7.92 -55.45 -74.28
N MET DB 86 -7.49 -54.21 -74.53
CA MET DB 86 -7.81 -53.09 -73.65
C MET DB 86 -8.91 -52.25 -74.27
N VAL DB 87 -10.01 -52.06 -73.52
CA VAL DB 87 -11.17 -51.31 -73.98
C VAL DB 87 -11.57 -50.34 -72.87
N GLY DB 88 -11.84 -49.09 -73.24
CA GLY DB 88 -12.35 -48.10 -72.30
C GLY DB 88 -13.83 -47.85 -72.44
N VAL DB 89 -14.61 -48.31 -71.45
CA VAL DB 89 -16.07 -48.17 -71.50
C VAL DB 89 -16.47 -46.82 -70.93
N TYR DB 90 -17.36 -46.14 -71.63
CA TYR DB 90 -17.88 -44.86 -71.15
C TYR DB 90 -18.74 -45.08 -69.91
N ASN DB 91 -18.28 -44.55 -68.78
CA ASN DB 91 -18.99 -44.67 -67.50
C ASN DB 91 -18.93 -43.30 -66.82
N GLY DB 92 -19.95 -42.48 -67.06
CA GLY DB 92 -19.93 -41.14 -66.51
C GLY DB 92 -18.79 -40.34 -67.08
N LYS DB 93 -17.94 -39.80 -66.19
CA LYS DB 93 -16.80 -39.01 -66.63
C LYS DB 93 -15.62 -39.91 -67.00
N THR DB 94 -15.14 -40.69 -66.03
CA THR DB 94 -13.95 -41.50 -66.24
C THR DB 94 -14.27 -42.64 -67.21
N PHE DB 95 -13.43 -42.78 -68.23
CA PHE DB 95 -13.54 -43.89 -69.18
C PHE DB 95 -12.84 -45.09 -68.56
N ASN DB 96 -13.60 -45.90 -67.82
CA ASN DB 96 -13.02 -47.00 -67.08
C ASN DB 96 -12.38 -47.99 -68.04
N GLN DB 97 -11.07 -48.16 -67.92
CA GLN DB 97 -10.28 -48.97 -68.84
C GLN DB 97 -10.13 -50.37 -68.26
N VAL DB 98 -10.87 -51.32 -68.82
CA VAL DB 98 -10.83 -52.71 -68.38
C VAL DB 98 -10.57 -53.59 -69.60
N GLU DB 99 -9.99 -54.75 -69.35
CA GLU DB 99 -9.73 -55.70 -70.42
C GLU DB 99 -11.00 -56.45 -70.79
N ILE DB 100 -10.91 -57.25 -71.86
CA ILE DB 100 -12.06 -58.05 -72.29
C ILE DB 100 -12.47 -59.02 -71.19
N LYS DB 101 -11.50 -59.59 -70.49
CA LYS DB 101 -11.72 -60.63 -69.49
C LYS DB 101 -12.39 -61.81 -70.19
N PRO DB 102 -11.64 -62.59 -70.99
CA PRO DB 102 -12.27 -63.63 -71.82
C PRO DB 102 -13.12 -64.63 -71.04
N GLU DB 103 -12.83 -64.83 -69.76
CA GLU DB 103 -13.63 -65.70 -68.92
C GLU DB 103 -15.09 -65.23 -68.88
N MET DB 104 -15.28 -63.92 -68.93
CA MET DB 104 -16.61 -63.31 -68.92
C MET DB 104 -17.08 -62.98 -70.33
N ILE DB 105 -17.25 -64.02 -71.15
CA ILE DB 105 -17.76 -63.82 -72.50
C ILE DB 105 -19.24 -63.45 -72.47
N GLY DB 106 -20.02 -64.09 -71.59
CA GLY DB 106 -21.46 -63.92 -71.60
C GLY DB 106 -22.00 -62.81 -70.71
N HIS DB 107 -21.37 -61.64 -70.74
CA HIS DB 107 -21.85 -60.50 -69.98
C HIS DB 107 -21.53 -59.22 -70.74
N TYR DB 108 -21.93 -58.09 -70.16
CA TYR DB 108 -21.82 -56.79 -70.79
C TYR DB 108 -20.51 -56.10 -70.41
N LEU DB 109 -20.07 -55.20 -71.28
CA LEU DB 109 -18.84 -54.45 -71.02
C LEU DB 109 -19.00 -53.54 -69.80
N GLY DB 110 -20.15 -52.90 -69.67
CA GLY DB 110 -20.37 -51.94 -68.60
C GLY DB 110 -20.59 -52.54 -67.22
N GLU DB 111 -20.75 -53.86 -67.13
CA GLU DB 111 -20.92 -54.49 -65.83
C GLU DB 111 -19.67 -54.35 -64.97
N PHE DB 112 -18.48 -54.48 -65.58
CA PHE DB 112 -17.24 -54.38 -64.82
C PHE DB 112 -17.00 -52.98 -64.28
N SER DB 113 -17.71 -51.98 -64.78
CA SER DB 113 -17.60 -50.60 -64.31
C SER DB 113 -18.84 -50.23 -63.52
N ILE DB 114 -18.68 -49.37 -62.52
CA ILE DB 114 -19.77 -48.91 -61.66
C ILE DB 114 -20.04 -47.44 -61.96
N THR DB 115 -21.29 -47.12 -62.27
CA THR DB 115 -21.69 -45.74 -62.53
C THR DB 115 -21.76 -44.91 -61.27
N TYR DB 116 -21.65 -45.52 -60.10
CA TYR DB 116 -21.79 -44.85 -58.82
C TYR DB 116 -20.53 -45.05 -58.00
N LYS DB 117 -20.08 -43.98 -57.35
CA LYS DB 117 -18.98 -44.10 -56.41
C LYS DB 117 -19.51 -44.71 -55.11
N PRO DB 118 -18.78 -45.63 -54.49
CA PRO DB 118 -19.23 -46.19 -53.21
C PRO DB 118 -19.39 -45.08 -52.17
N VAL DB 119 -20.44 -45.19 -51.37
CA VAL DB 119 -20.82 -44.14 -50.44
C VAL DB 119 -20.25 -44.47 -49.06
N LYS DB 120 -19.49 -43.52 -48.52
CA LYS DB 120 -18.97 -43.60 -47.15
C LYS DB 120 -19.56 -42.45 -46.36
N HIS DB 121 -20.48 -42.75 -45.45
CA HIS DB 121 -21.22 -41.72 -44.75
C HIS DB 121 -20.34 -41.04 -43.69
N GLY DB 122 -20.71 -39.81 -43.35
CA GLY DB 122 -19.94 -39.02 -42.43
C GLY DB 122 -20.70 -38.55 -41.21
N ARG DB 123 -20.72 -37.25 -40.97
CA ARG DB 123 -21.34 -36.71 -39.77
C ARG DB 123 -22.86 -36.85 -39.83
N PRO DB 124 -23.52 -37.06 -38.71
CA PRO DB 124 -25.00 -37.09 -38.71
C PRO DB 124 -25.60 -35.71 -38.87
N GLY DB 125 -24.91 -34.69 -38.36
CA GLY DB 125 -25.41 -33.33 -38.48
C GLY DB 125 -26.76 -33.19 -37.81
N ILE DB 126 -27.72 -32.65 -38.56
CA ILE DB 126 -29.13 -32.66 -38.16
C ILE DB 126 -29.96 -32.96 -39.40
N GLY DB 127 -31.02 -33.73 -39.20
CA GLY DB 127 -31.85 -34.15 -40.32
C GLY DB 127 -32.18 -35.62 -40.26
N ALA DB 128 -31.57 -36.32 -39.30
CA ALA DB 128 -31.86 -37.73 -39.07
C ALA DB 128 -32.76 -37.98 -37.87
N THR DB 129 -33.08 -36.93 -37.11
CA THR DB 129 -33.77 -37.11 -35.83
C THR DB 129 -35.21 -36.62 -35.86
N HIS DB 130 -35.50 -35.56 -36.62
CA HIS DB 130 -36.76 -34.84 -36.54
C HIS DB 130 -37.01 -34.33 -35.12
N SER EB 1 -108.81 -80.90 -64.52
CA SER EB 1 -108.13 -82.13 -64.88
C SER EB 1 -106.86 -81.83 -65.69
N LYS EB 2 -106.94 -82.04 -67.00
CA LYS EB 2 -105.82 -81.78 -67.90
C LYS EB 2 -105.97 -80.39 -68.52
N GLY EB 3 -105.71 -79.37 -67.70
CA GLY EB 3 -105.83 -78.01 -68.12
C GLY EB 3 -104.53 -77.46 -68.68
N PRO EB 4 -104.52 -77.19 -69.98
CA PRO EB 4 -103.30 -76.67 -70.62
C PRO EB 4 -103.05 -75.21 -70.29
N LEU EB 5 -101.78 -74.83 -70.38
CA LEU EB 5 -101.33 -73.45 -70.22
C LEU EB 5 -101.71 -72.88 -68.85
N GLN EB 6 -101.77 -73.74 -67.84
CA GLN EB 6 -102.04 -73.30 -66.47
C GLN EB 6 -100.73 -73.10 -65.71
N SER EB 7 -99.89 -72.22 -66.23
CA SER EB 7 -98.57 -71.96 -65.68
C SER EB 7 -98.41 -70.48 -65.36
N VAL EB 8 -97.67 -70.19 -64.30
CA VAL EB 8 -97.37 -68.83 -63.88
C VAL EB 8 -95.88 -68.74 -63.58
N GLN EB 9 -95.27 -67.61 -63.98
CA GLN EB 9 -93.84 -67.40 -63.83
C GLN EB 9 -93.58 -66.22 -62.91
N VAL EB 10 -92.70 -66.41 -61.94
CA VAL EB 10 -92.38 -65.40 -60.94
C VAL EB 10 -90.87 -65.18 -60.93
N PHE EB 11 -90.45 -64.04 -60.39
CA PHE EB 11 -89.04 -63.67 -60.32
C PHE EB 11 -88.70 -63.09 -58.96
N GLY EB 12 -87.46 -63.30 -58.53
CA GLY EB 12 -86.96 -62.75 -57.29
C GLY EB 12 -85.53 -62.27 -57.40
N ARG EB 13 -85.18 -61.22 -56.67
CA ARG EB 13 -83.84 -60.65 -56.71
C ARG EB 13 -83.28 -60.51 -55.31
N LYS EB 14 -82.00 -60.87 -55.17
CA LYS EB 14 -81.26 -60.67 -53.92
C LYS EB 14 -79.83 -60.28 -54.32
N LYS EB 15 -79.59 -58.98 -54.43
CA LYS EB 15 -78.34 -58.42 -54.93
C LYS EB 15 -78.01 -59.00 -56.31
N THR EB 16 -78.87 -58.64 -57.26
CA THR EB 16 -78.74 -59.02 -58.67
C THR EB 16 -78.64 -60.54 -58.83
N ALA EB 17 -79.43 -61.26 -58.04
CA ALA EB 17 -79.56 -62.71 -58.14
C ALA EB 17 -80.96 -63.00 -58.69
N THR EB 18 -81.06 -63.03 -60.02
CA THR EB 18 -82.35 -63.18 -60.70
C THR EB 18 -82.71 -64.67 -60.74
N ALA EB 19 -83.69 -65.06 -59.94
CA ALA EB 19 -84.20 -66.42 -59.91
C ALA EB 19 -85.63 -66.43 -60.44
N VAL EB 20 -85.88 -67.22 -61.48
CA VAL EB 20 -87.18 -67.29 -62.13
C VAL EB 20 -87.77 -68.66 -61.84
N ALA EB 21 -89.04 -68.69 -61.45
CA ALA EB 21 -89.75 -69.93 -61.15
C ALA EB 21 -90.89 -70.11 -62.14
N HIS EB 22 -90.86 -71.21 -62.89
CA HIS EB 22 -91.91 -71.56 -63.86
C HIS EB 22 -92.75 -72.66 -63.23
N CYS EB 23 -93.87 -72.27 -62.62
CA CYS EB 23 -94.71 -73.18 -61.85
C CYS EB 23 -95.94 -73.57 -62.65
N LYS EB 24 -96.21 -74.88 -62.69
CA LYS EB 24 -97.40 -75.41 -63.37
C LYS EB 24 -97.82 -76.69 -62.66
N ARG EB 25 -98.90 -77.29 -63.13
CA ARG EB 25 -99.35 -78.56 -62.60
C ARG EB 25 -98.44 -79.69 -63.05
N GLY EB 26 -98.06 -80.55 -62.12
CA GLY EB 26 -97.16 -81.64 -62.46
C GLY EB 26 -97.09 -82.66 -61.34
N ASN EB 27 -96.16 -83.60 -61.50
CA ASN EB 27 -96.00 -84.67 -60.52
C ASN EB 27 -95.38 -84.18 -59.21
N GLY EB 28 -94.76 -83.00 -59.21
CA GLY EB 28 -94.19 -82.47 -57.99
C GLY EB 28 -92.68 -82.35 -58.01
N LEU EB 29 -92.12 -82.13 -59.20
CA LEU EB 29 -90.67 -82.02 -59.34
C LEU EB 29 -90.23 -80.57 -59.24
N ILE EB 30 -89.26 -80.29 -58.39
CA ILE EB 30 -88.65 -78.98 -58.27
C ILE EB 30 -87.20 -79.10 -58.72
N LYS EB 31 -86.86 -78.43 -59.82
CA LYS EB 31 -85.53 -78.49 -60.38
C LYS EB 31 -84.97 -77.09 -60.58
N VAL EB 32 -83.66 -76.98 -60.45
CA VAL EB 32 -82.91 -75.75 -60.72
C VAL EB 32 -81.87 -76.10 -61.77
N ASN EB 33 -82.04 -75.58 -62.99
CA ASN EB 33 -81.21 -75.95 -64.14
C ASN EB 33 -81.30 -77.44 -64.44
N GLY EB 34 -82.44 -78.05 -64.12
CA GLY EB 34 -82.61 -79.48 -64.27
C GLY EB 34 -82.00 -80.31 -63.15
N ARG EB 35 -81.39 -79.66 -62.15
CA ARG EB 35 -80.73 -80.26 -61.00
C ARG EB 35 -81.67 -80.23 -59.81
N PRO EB 36 -81.79 -81.32 -59.05
CA PRO EB 36 -82.83 -81.39 -58.02
C PRO EB 36 -82.66 -80.32 -56.94
N LEU EB 37 -83.77 -79.98 -56.31
CA LEU EB 37 -83.75 -78.96 -55.25
C LEU EB 37 -82.83 -79.38 -54.11
N GLU EB 38 -82.96 -80.63 -53.65
CA GLU EB 38 -82.10 -81.11 -52.59
C GLU EB 38 -80.64 -81.19 -53.03
N MET EB 39 -80.40 -81.66 -54.25
CA MET EB 39 -79.04 -81.84 -54.77
C MET EB 39 -78.49 -80.51 -55.26
N ILE EB 40 -78.25 -79.62 -54.30
CA ILE EB 40 -77.70 -78.30 -54.55
C ILE EB 40 -76.29 -78.25 -53.96
N GLU EB 41 -75.48 -77.34 -54.47
CA GLU EB 41 -74.10 -77.23 -54.00
C GLU EB 41 -74.02 -76.84 -52.52
N PRO EB 42 -74.75 -75.82 -52.03
CA PRO EB 42 -74.67 -75.52 -50.58
C PRO EB 42 -75.49 -76.49 -49.72
N ARG EB 43 -74.88 -77.65 -49.43
CA ARG EB 43 -75.54 -78.63 -48.57
C ARG EB 43 -75.68 -78.13 -47.14
N THR EB 44 -74.76 -77.27 -46.69
CA THR EB 44 -74.89 -76.68 -45.36
C THR EB 44 -76.13 -75.80 -45.27
N LEU EB 45 -76.40 -75.02 -46.32
CA LEU EB 45 -77.59 -74.18 -46.39
C LEU EB 45 -78.74 -74.88 -47.10
N GLN EB 46 -78.70 -76.22 -47.22
CA GLN EB 46 -79.80 -76.96 -47.82
C GLN EB 46 -81.05 -76.88 -46.96
N TYR EB 47 -80.88 -76.83 -45.63
CA TYR EB 47 -82.03 -76.68 -44.75
C TYR EB 47 -82.76 -75.37 -45.02
N LYS EB 48 -82.01 -74.29 -45.27
CA LYS EB 48 -82.63 -73.03 -45.63
C LYS EB 48 -83.38 -73.14 -46.96
N LEU EB 49 -82.79 -73.84 -47.93
CA LEU EB 49 -83.44 -74.00 -49.22
C LEU EB 49 -84.76 -74.75 -49.10
N LEU EB 50 -84.80 -75.79 -48.29
CA LEU EB 50 -85.98 -76.62 -48.13
C LEU EB 50 -86.98 -76.07 -47.12
N GLU EB 51 -86.76 -74.86 -46.62
CA GLU EB 51 -87.67 -74.28 -45.64
C GLU EB 51 -89.10 -74.13 -46.15
N PRO EB 52 -89.37 -73.63 -47.36
CA PRO EB 52 -90.76 -73.63 -47.83
C PRO EB 52 -91.36 -75.02 -47.92
N VAL EB 53 -90.55 -76.03 -48.26
CA VAL EB 53 -91.06 -77.40 -48.34
C VAL EB 53 -91.49 -77.88 -46.96
N LEU EB 54 -90.67 -77.62 -45.93
CA LEU EB 54 -90.99 -78.07 -44.58
C LEU EB 54 -92.07 -77.22 -43.94
N LEU EB 55 -92.23 -75.97 -44.36
CA LEU EB 55 -93.24 -75.09 -43.77
C LEU EB 55 -94.61 -75.30 -44.37
N LEU EB 56 -94.73 -75.16 -45.68
CA LEU EB 56 -96.00 -75.41 -46.36
C LEU EB 56 -96.20 -76.92 -46.51
N GLY EB 57 -97.32 -77.32 -47.10
CA GLY EB 57 -97.67 -78.72 -47.22
C GLY EB 57 -96.93 -79.40 -48.35
N LYS EB 58 -96.42 -80.61 -48.09
CA LYS EB 58 -95.77 -81.38 -49.14
C LYS EB 58 -96.78 -81.79 -50.22
N GLU EB 59 -98.06 -81.88 -49.87
CA GLU EB 59 -99.08 -82.18 -50.87
C GLU EB 59 -99.17 -81.06 -51.91
N ARG EB 60 -99.06 -79.80 -51.46
CA ARG EB 60 -99.13 -78.68 -52.38
C ARG EB 60 -97.96 -78.69 -53.36
N PHE EB 61 -96.75 -78.93 -52.87
CA PHE EB 61 -95.58 -78.99 -53.72
C PHE EB 61 -95.49 -80.29 -54.52
N ALA EB 62 -96.36 -81.25 -54.24
CA ALA EB 62 -96.48 -82.44 -55.08
C ALA EB 62 -97.50 -82.24 -56.20
N GLY EB 63 -98.56 -81.49 -55.94
CA GLY EB 63 -99.50 -81.17 -57.01
C GLY EB 63 -98.90 -80.25 -58.06
N VAL EB 64 -98.05 -79.33 -57.63
CA VAL EB 64 -97.43 -78.36 -58.54
C VAL EB 64 -95.94 -78.68 -58.67
N ASP EB 65 -95.32 -78.09 -59.69
CA ASP EB 65 -93.90 -78.23 -59.95
C ASP EB 65 -93.29 -76.86 -60.16
N ILE EB 66 -92.00 -76.74 -59.82
CA ILE EB 66 -91.28 -75.48 -59.93
C ILE EB 66 -89.97 -75.73 -60.66
N ARG EB 67 -89.60 -74.80 -61.54
CA ARG EB 67 -88.32 -74.81 -62.24
C ARG EB 67 -87.63 -73.48 -62.00
N VAL EB 68 -86.37 -73.54 -61.55
CA VAL EB 68 -85.61 -72.35 -61.18
C VAL EB 68 -84.42 -72.21 -62.14
N ARG EB 69 -84.25 -71.02 -62.70
CA ARG EB 69 -83.08 -70.67 -63.49
C ARG EB 69 -82.49 -69.38 -62.95
N VAL EB 70 -81.18 -69.39 -62.69
CA VAL EB 70 -80.48 -68.28 -62.05
C VAL EB 70 -79.42 -67.75 -63.00
N LYS EB 71 -79.43 -66.44 -63.24
CA LYS EB 71 -78.41 -65.76 -64.03
C LYS EB 71 -78.01 -64.50 -63.27
N GLY EB 72 -77.06 -64.65 -62.34
CA GLY EB 72 -76.59 -63.55 -61.52
C GLY EB 72 -76.62 -63.85 -60.04
N GLY EB 73 -75.82 -63.12 -59.26
CA GLY EB 73 -75.81 -63.29 -57.82
C GLY EB 73 -74.53 -63.87 -57.25
N GLY EB 74 -74.65 -64.58 -56.13
CA GLY EB 74 -73.51 -65.18 -55.46
C GLY EB 74 -73.76 -66.61 -55.04
N HIS EB 75 -73.53 -66.91 -53.75
CA HIS EB 75 -73.81 -68.23 -53.20
C HIS EB 75 -74.94 -68.19 -52.17
N VAL EB 76 -74.80 -67.38 -51.12
CA VAL EB 76 -75.91 -67.16 -50.20
C VAL EB 76 -77.01 -66.39 -50.91
N ALA EB 77 -76.62 -65.45 -51.78
CA ALA EB 77 -77.60 -64.65 -52.52
C ALA EB 77 -78.43 -65.53 -53.45
N GLN EB 78 -77.80 -66.49 -54.11
CA GLN EB 78 -78.53 -67.34 -55.06
C GLN EB 78 -79.45 -68.31 -54.33
N ILE EB 79 -79.01 -68.84 -53.18
CA ILE EB 79 -79.85 -69.76 -52.42
C ILE EB 79 -81.11 -69.05 -51.95
N TYR EB 80 -80.96 -67.81 -51.46
CA TYR EB 80 -82.12 -67.04 -51.02
C TYR EB 80 -82.98 -66.60 -52.19
N ALA EB 81 -82.36 -66.33 -53.34
CA ALA EB 81 -83.13 -66.00 -54.54
C ALA EB 81 -84.00 -67.18 -54.95
N ILE EB 82 -83.46 -68.40 -54.88
CA ILE EB 82 -84.24 -69.59 -55.20
C ILE EB 82 -85.29 -69.84 -54.13
N ARG EB 83 -84.92 -69.67 -52.86
CA ARG EB 83 -85.85 -69.93 -51.77
C ARG EB 83 -87.05 -69.00 -51.83
N GLN EB 84 -86.81 -67.70 -52.07
CA GLN EB 84 -87.91 -66.78 -52.22
C GLN EB 84 -88.68 -67.01 -53.52
N SER EB 85 -88.04 -67.63 -54.50
CA SER EB 85 -88.70 -67.89 -55.77
C SER EB 85 -89.80 -68.92 -55.63
N ILE EB 86 -89.51 -70.04 -54.97
CA ILE EB 86 -90.50 -71.10 -54.83
C ILE EB 86 -91.62 -70.67 -53.89
N SER EB 87 -91.28 -69.83 -52.90
CA SER EB 87 -92.30 -69.38 -51.94
C SER EB 87 -93.36 -68.52 -52.62
N LYS EB 88 -92.93 -67.54 -53.42
CA LYS EB 88 -93.89 -66.69 -54.11
C LYS EB 88 -94.44 -67.33 -55.38
N ALA EB 89 -93.80 -68.38 -55.89
CA ALA EB 89 -94.39 -69.16 -56.96
C ALA EB 89 -95.58 -69.96 -56.45
N LEU EB 90 -95.44 -70.54 -55.26
CA LEU EB 90 -96.58 -71.23 -54.63
C LEU EB 90 -97.66 -70.23 -54.28
N VAL EB 91 -97.28 -69.03 -53.82
CA VAL EB 91 -98.27 -68.01 -53.47
C VAL EB 91 -99.02 -67.57 -54.71
N ALA EB 92 -98.31 -67.33 -55.82
CA ALA EB 92 -98.97 -66.90 -57.04
C ALA EB 92 -99.90 -67.97 -57.58
N TYR EB 93 -99.48 -69.23 -57.57
CA TYR EB 93 -100.35 -70.31 -58.00
C TYR EB 93 -101.55 -70.47 -57.08
N TYR EB 94 -101.32 -70.34 -55.77
CA TYR EB 94 -102.42 -70.44 -54.81
C TYR EB 94 -103.31 -69.20 -54.87
N GLN EB 95 -102.87 -68.15 -55.56
CA GLN EB 95 -103.71 -66.97 -55.74
C GLN EB 95 -104.63 -67.15 -56.95
N LYS EB 96 -104.11 -67.70 -58.04
CA LYS EB 96 -104.79 -67.66 -59.32
C LYS EB 96 -105.71 -68.86 -59.57
N TYR EB 97 -105.36 -70.05 -59.06
CA TYR EB 97 -106.04 -71.27 -59.47
C TYR EB 97 -106.80 -71.99 -58.37
N VAL EB 98 -106.47 -71.75 -57.10
CA VAL EB 98 -107.13 -72.46 -56.01
C VAL EB 98 -107.82 -71.47 -55.08
N ASP EB 99 -108.44 -71.99 -54.01
CA ASP EB 99 -109.17 -71.14 -53.09
C ASP EB 99 -108.26 -70.10 -52.46
N GLU EB 100 -108.73 -68.86 -52.43
CA GLU EB 100 -107.94 -67.77 -51.86
C GLU EB 100 -107.90 -67.81 -50.34
N ALA EB 101 -108.81 -68.56 -49.71
CA ALA EB 101 -108.75 -68.73 -48.26
C ALA EB 101 -107.46 -69.42 -47.84
N SER EB 102 -107.07 -70.45 -48.59
CA SER EB 102 -105.77 -71.09 -48.35
C SER EB 102 -104.63 -70.19 -48.75
N LYS EB 103 -104.84 -69.32 -49.75
CA LYS EB 103 -103.79 -68.37 -50.13
C LYS EB 103 -103.49 -67.40 -49.00
N LYS EB 104 -104.53 -66.97 -48.28
CA LYS EB 104 -104.33 -66.09 -47.13
C LYS EB 104 -103.60 -66.81 -46.00
N GLU EB 105 -103.93 -68.09 -45.76
CA GLU EB 105 -103.33 -68.78 -44.63
C GLU EB 105 -101.87 -69.12 -44.89
N ILE EB 106 -101.51 -69.48 -46.13
CA ILE EB 106 -100.11 -69.77 -46.42
C ILE EB 106 -99.28 -68.49 -46.40
N LYS EB 107 -99.87 -67.38 -46.87
CA LYS EB 107 -99.16 -66.10 -46.79
C LYS EB 107 -98.98 -65.66 -45.34
N ASP EB 108 -100.01 -65.86 -44.51
CA ASP EB 108 -99.89 -65.52 -43.10
C ASP EB 108 -98.82 -66.36 -42.40
N ILE EB 109 -98.77 -67.66 -42.73
CA ILE EB 109 -97.75 -68.53 -42.15
C ILE EB 109 -96.36 -68.10 -42.60
N LEU EB 110 -96.22 -67.77 -43.90
CA LEU EB 110 -94.92 -67.33 -44.41
C LEU EB 110 -94.47 -66.04 -43.74
N ILE EB 111 -95.38 -65.08 -43.57
CA ILE EB 111 -95.04 -63.83 -42.91
C ILE EB 111 -94.68 -64.08 -41.44
N GLN EB 112 -95.43 -64.96 -40.78
CA GLN EB 112 -95.17 -65.26 -39.37
C GLN EB 112 -93.79 -65.87 -39.19
N TYR EB 113 -93.40 -66.78 -40.08
CA TYR EB 113 -92.08 -67.41 -39.98
C TYR EB 113 -90.98 -66.40 -40.27
N ASP EB 114 -90.98 -65.82 -41.47
CA ASP EB 114 -89.97 -64.85 -41.85
C ASP EB 114 -90.49 -64.01 -43.01
N ARG EB 115 -90.49 -62.68 -42.84
CA ARG EB 115 -91.01 -61.81 -43.88
C ARG EB 115 -90.12 -61.81 -45.12
N THR EB 116 -88.84 -62.16 -44.97
CA THR EB 116 -87.91 -62.09 -46.09
C THR EB 116 -88.22 -63.12 -47.19
N LEU EB 117 -89.11 -64.07 -46.92
CA LEU EB 117 -89.47 -65.05 -47.94
C LEU EB 117 -90.17 -64.41 -49.12
N LEU EB 118 -90.81 -63.25 -48.92
CA LEU EB 118 -91.56 -62.57 -49.96
C LEU EB 118 -90.98 -61.23 -50.38
N VAL EB 119 -90.42 -60.46 -49.45
CA VAL EB 119 -89.91 -59.13 -49.76
C VAL EB 119 -88.52 -59.23 -50.36
N ALA EB 120 -88.24 -58.34 -51.32
CA ALA EB 120 -86.90 -58.15 -51.85
C ALA EB 120 -86.20 -57.07 -51.02
N ASP EB 121 -85.02 -57.39 -50.52
CA ASP EB 121 -84.31 -56.47 -49.64
C ASP EB 121 -83.84 -55.25 -50.42
N PRO EB 122 -84.15 -54.03 -49.97
CA PRO EB 122 -83.72 -52.85 -50.72
C PRO EB 122 -82.22 -52.63 -50.70
N ARG EB 123 -81.53 -53.13 -49.67
CA ARG EB 123 -80.14 -52.76 -49.46
C ARG EB 123 -79.24 -53.33 -50.54
N ARG EB 124 -78.43 -52.46 -51.15
CA ARG EB 124 -77.53 -52.81 -52.24
C ARG EB 124 -76.13 -52.31 -51.90
N CYS EB 125 -75.18 -52.55 -52.80
CA CYS EB 125 -73.81 -52.12 -52.58
C CYS EB 125 -73.72 -50.60 -52.64
N GLU EB 126 -72.93 -50.01 -51.73
CA GLU EB 126 -72.79 -48.56 -51.65
C GLU EB 126 -71.48 -48.11 -52.28
N SER EB 127 -71.59 -47.18 -53.22
CA SER EB 127 -70.45 -46.77 -54.02
C SER EB 127 -69.34 -46.19 -53.15
N LYS EB 128 -68.10 -46.58 -53.45
CA LYS EB 128 -66.94 -46.06 -52.75
C LYS EB 128 -66.79 -44.56 -53.01
N LYS EB 129 -66.23 -43.86 -52.03
CA LYS EB 129 -65.96 -42.44 -52.16
C LYS EB 129 -64.49 -42.16 -51.82
N PHE EB 130 -63.86 -41.35 -52.65
CA PHE EB 130 -62.41 -41.16 -52.62
C PHE EB 130 -61.95 -40.66 -51.26
N GLY EB 131 -60.70 -40.98 -50.93
CA GLY EB 131 -60.12 -40.64 -49.64
C GLY EB 131 -59.95 -41.81 -48.70
N GLY EB 132 -60.49 -42.98 -49.05
CA GLY EB 132 -60.41 -44.15 -48.19
C GLY EB 132 -60.77 -45.45 -48.89
N PRO EB 133 -60.14 -46.55 -48.46
CA PRO EB 133 -60.27 -47.81 -49.23
C PRO EB 133 -61.70 -48.32 -49.32
N GLY EB 134 -62.51 -48.14 -48.28
CA GLY EB 134 -63.89 -48.55 -48.33
C GLY EB 134 -64.80 -47.43 -48.76
N ALA EB 135 -66.09 -47.69 -48.89
CA ALA EB 135 -67.05 -46.65 -49.27
C ALA EB 135 -67.21 -45.62 -48.16
N ARG EB 136 -67.37 -46.08 -46.92
CA ARG EB 136 -67.49 -45.20 -45.76
C ARG EB 136 -66.14 -44.89 -45.13
N ALA EB 137 -65.20 -45.83 -45.18
CA ALA EB 137 -63.93 -45.68 -44.49
C ALA EB 137 -63.12 -44.51 -45.05
N ARG EB 138 -61.99 -44.24 -44.40
CA ARG EB 138 -61.03 -43.25 -44.87
C ARG EB 138 -59.62 -43.83 -44.81
N TYR EB 139 -58.80 -43.45 -45.79
CA TYR EB 139 -57.38 -43.80 -45.79
C TYR EB 139 -56.72 -43.13 -44.61
N GLN EB 140 -56.15 -43.95 -43.72
CA GLN EB 140 -55.52 -43.46 -42.50
C GLN EB 140 -54.48 -42.40 -42.82
N LYS EB 141 -54.60 -41.24 -42.18
CA LYS EB 141 -53.70 -40.12 -42.39
C LYS EB 141 -53.18 -39.63 -41.04
N SER EB 142 -51.94 -39.16 -41.03
CA SER EB 142 -51.32 -38.56 -39.86
C SER EB 142 -50.89 -37.14 -40.20
N TYR EB 143 -50.89 -36.26 -39.19
CA TYR EB 143 -50.47 -34.88 -39.37
C TYR EB 143 -48.99 -34.79 -39.69
N ARG EB 144 -48.16 -35.59 -39.01
CA ARG EB 144 -46.72 -35.62 -39.27
C ARG EB 144 -46.27 -37.01 -39.74
N SER FB 1 -50.28 -99.73 -41.01
CA SER FB 1 -50.06 -98.93 -39.81
C SER FB 1 -49.67 -99.82 -38.63
N LEU FB 2 -48.42 -100.29 -38.64
CA LEU FB 2 -47.93 -101.14 -37.56
C LEU FB 2 -47.77 -100.33 -36.28
N VAL FB 3 -47.92 -101.02 -35.14
CA VAL FB 3 -47.80 -100.36 -33.84
C VAL FB 3 -46.34 -99.95 -33.60
N ILE FB 4 -45.44 -100.93 -33.57
CA ILE FB 4 -44.02 -100.68 -33.38
C ILE FB 4 -43.24 -101.35 -34.50
N PRO FB 5 -43.09 -100.71 -35.65
CA PRO FB 5 -42.32 -101.33 -36.75
C PRO FB 5 -40.88 -101.58 -36.34
N GLU FB 6 -40.33 -102.71 -36.79
CA GLU FB 6 -38.97 -103.08 -36.46
C GLU FB 6 -37.98 -102.27 -37.30
N LYS FB 7 -36.73 -102.24 -36.83
CA LYS FB 7 -35.66 -101.50 -37.48
C LYS FB 7 -36.03 -100.02 -37.64
N PHE FB 8 -36.72 -99.47 -36.64
CA PHE FB 8 -37.11 -98.07 -36.65
C PHE FB 8 -35.97 -97.21 -36.14
N GLN FB 9 -35.63 -96.16 -36.89
CA GLN FB 9 -34.58 -95.23 -36.51
C GLN FB 9 -35.23 -93.86 -36.29
N HIS FB 10 -34.96 -93.27 -35.12
CA HIS FB 10 -35.46 -91.93 -34.84
C HIS FB 10 -34.82 -90.91 -35.79
N ILE FB 11 -33.53 -91.06 -36.07
CA ILE FB 11 -32.80 -90.20 -36.99
C ILE FB 11 -32.02 -91.06 -37.97
N LEU FB 12 -31.60 -90.42 -39.07
CA LEU FB 12 -30.72 -91.06 -40.04
C LEU FB 12 -29.59 -90.08 -40.31
N ARG FB 13 -28.39 -90.61 -40.50
CA ARG FB 13 -27.20 -89.79 -40.70
C ARG FB 13 -26.60 -89.99 -42.09
N VAL FB 14 -27.47 -90.04 -43.11
CA VAL FB 14 -26.99 -90.16 -44.49
C VAL FB 14 -26.62 -88.78 -45.03
N LEU FB 15 -25.66 -88.77 -45.96
CA LEU FB 15 -25.12 -87.54 -46.54
C LEU FB 15 -24.57 -86.60 -45.46
N ASN FB 16 -24.09 -87.17 -44.37
CA ASN FB 16 -23.46 -86.47 -43.24
C ASN FB 16 -24.43 -85.53 -42.52
N THR FB 17 -25.72 -85.52 -42.87
CA THR FB 17 -26.69 -84.63 -42.24
C THR FB 17 -27.87 -85.43 -41.75
N ASN FB 18 -28.40 -85.06 -40.58
CA ASN FB 18 -29.53 -85.75 -40.00
C ASN FB 18 -30.83 -85.38 -40.70
N ILE FB 19 -31.71 -86.37 -40.84
CA ILE FB 19 -33.04 -86.18 -41.41
C ILE FB 19 -34.07 -86.63 -40.38
N ASP FB 20 -35.03 -85.76 -40.08
CA ASP FB 20 -35.99 -85.99 -39.00
C ASP FB 20 -36.89 -87.17 -39.37
N GLY FB 21 -36.66 -88.31 -38.73
CA GLY FB 21 -37.38 -89.52 -39.10
C GLY FB 21 -38.86 -89.47 -38.77
N ARG FB 22 -39.23 -88.71 -37.73
CA ARG FB 22 -40.63 -88.64 -37.32
C ARG FB 22 -41.51 -87.95 -38.36
N ARG FB 23 -40.91 -87.26 -39.33
CA ARG FB 23 -41.66 -86.71 -40.45
C ARG FB 23 -41.63 -87.67 -41.64
N LYS FB 24 -42.47 -87.39 -42.62
CA LYS FB 24 -42.64 -88.29 -43.76
C LYS FB 24 -41.40 -88.28 -44.64
N ILE FB 25 -41.29 -89.33 -45.47
CA ILE FB 25 -40.14 -89.47 -46.37
C ILE FB 25 -40.11 -88.35 -47.40
N ALA FB 26 -41.28 -87.90 -47.88
CA ALA FB 26 -41.34 -86.84 -48.88
C ALA FB 26 -41.00 -85.47 -48.33
N PHE FB 27 -40.85 -85.32 -47.01
CA PHE FB 27 -40.66 -84.02 -46.40
C PHE FB 27 -39.53 -83.99 -45.38
N ALA FB 28 -38.84 -85.11 -45.15
CA ALA FB 28 -37.70 -85.14 -44.24
C ALA FB 28 -36.36 -85.08 -44.97
N ILE FB 29 -36.34 -85.50 -46.24
CA ILE FB 29 -35.12 -85.49 -47.04
C ILE FB 29 -34.85 -84.07 -47.52
N THR FB 30 -35.73 -83.14 -47.17
CA THR FB 30 -35.63 -81.76 -47.62
C THR FB 30 -34.55 -80.97 -46.87
N ALA FB 31 -34.01 -81.51 -45.78
CA ALA FB 31 -32.92 -80.83 -45.07
C ALA FB 31 -31.66 -80.74 -45.92
N ILE FB 32 -31.54 -81.58 -46.95
CA ILE FB 32 -30.45 -81.44 -47.91
C ILE FB 32 -30.66 -80.17 -48.72
N LYS FB 33 -29.60 -79.38 -48.89
CA LYS FB 33 -29.73 -78.12 -49.60
C LYS FB 33 -30.07 -78.32 -51.07
N GLY FB 34 -29.79 -79.49 -51.63
CA GLY FB 34 -30.17 -79.78 -53.00
C GLY FB 34 -31.55 -80.36 -53.18
N VAL FB 35 -32.19 -80.84 -52.11
CA VAL FB 35 -33.48 -81.51 -52.18
C VAL FB 35 -34.50 -80.66 -51.45
N GLY FB 36 -35.50 -80.17 -52.18
CA GLY FB 36 -36.58 -79.41 -51.61
C GLY FB 36 -37.86 -80.23 -51.50
N ARG FB 37 -38.98 -79.51 -51.54
CA ARG FB 37 -40.27 -80.17 -51.38
C ARG FB 37 -40.75 -80.80 -52.68
N ARG FB 38 -40.80 -80.02 -53.77
CA ARG FB 38 -41.27 -80.56 -55.04
C ARG FB 38 -40.32 -81.64 -55.56
N TYR FB 39 -39.00 -81.42 -55.43
CA TYR FB 39 -38.04 -82.41 -55.89
C TYR FB 39 -38.17 -83.70 -55.10
N ALA FB 40 -38.46 -83.61 -53.79
CA ALA FB 40 -38.67 -84.80 -52.99
C ALA FB 40 -39.89 -85.59 -53.47
N HIS FB 41 -40.94 -84.88 -53.89
CA HIS FB 41 -42.12 -85.57 -54.40
C HIS FB 41 -41.83 -86.34 -55.67
N VAL FB 42 -41.11 -85.73 -56.62
CA VAL FB 42 -40.92 -86.36 -57.92
C VAL FB 42 -39.96 -87.55 -57.82
N VAL FB 43 -38.95 -87.46 -56.95
CA VAL FB 43 -38.02 -88.59 -56.81
C VAL FB 43 -38.69 -89.78 -56.15
N LEU FB 44 -39.59 -89.53 -55.19
CA LEU FB 44 -40.34 -90.63 -54.58
C LEU FB 44 -41.26 -91.28 -55.60
N ARG FB 45 -41.85 -90.48 -56.49
CA ARG FB 45 -42.66 -91.04 -57.57
C ARG FB 45 -41.82 -91.91 -58.50
N LYS FB 46 -40.60 -91.48 -58.81
CA LYS FB 46 -39.71 -92.28 -59.63
C LYS FB 46 -39.30 -93.56 -58.92
N ALA FB 47 -39.10 -93.48 -57.60
CA ALA FB 47 -38.71 -94.64 -56.80
C ALA FB 47 -39.90 -95.49 -56.37
N ASP FB 48 -41.11 -95.09 -56.75
CA ASP FB 48 -42.36 -95.77 -56.37
C ASP FB 48 -42.34 -96.23 -54.92
N ILE FB 49 -42.16 -95.25 -54.03
CA ILE FB 49 -42.16 -95.47 -52.59
C ILE FB 49 -43.37 -94.73 -52.00
N ASP FB 50 -44.17 -95.44 -51.22
CA ASP FB 50 -45.37 -94.85 -50.64
C ASP FB 50 -45.02 -93.71 -49.69
N LEU FB 51 -45.83 -92.66 -49.72
CA LEU FB 51 -45.58 -91.47 -48.93
C LEU FB 51 -46.18 -91.53 -47.53
N THR FB 52 -47.00 -92.54 -47.24
CA THR FB 52 -47.61 -92.64 -45.91
C THR FB 52 -46.55 -92.95 -44.85
N LYS FB 53 -45.60 -93.82 -45.16
CA LYS FB 53 -44.55 -94.16 -44.21
C LYS FB 53 -43.61 -92.98 -43.99
N ARG FB 54 -43.04 -92.91 -42.79
CA ARG FB 54 -42.13 -91.83 -42.43
C ARG FB 54 -40.70 -92.22 -42.77
N ALA FB 55 -39.76 -91.33 -42.48
CA ALA FB 55 -38.36 -91.59 -42.80
C ALA FB 55 -37.76 -92.68 -41.93
N GLY FB 56 -38.33 -92.95 -40.77
CA GLY FB 56 -37.82 -93.96 -39.87
C GLY FB 56 -38.24 -95.38 -40.15
N GLU FB 57 -39.09 -95.61 -41.15
CA GLU FB 57 -39.58 -96.94 -41.48
C GLU FB 57 -39.02 -97.50 -42.78
N LEU FB 58 -38.37 -96.68 -43.60
CA LEU FB 58 -37.81 -97.17 -44.85
C LEU FB 58 -36.64 -98.09 -44.59
N THR FB 59 -36.54 -99.15 -45.39
CA THR FB 59 -35.48 -100.12 -45.23
C THR FB 59 -34.16 -99.57 -45.76
N GLU FB 60 -33.07 -100.28 -45.46
CA GLU FB 60 -31.74 -99.84 -45.89
C GLU FB 60 -31.63 -99.84 -47.42
N ASP FB 61 -32.20 -100.86 -48.07
CA ASP FB 61 -32.15 -100.91 -49.52
C ASP FB 61 -32.93 -99.75 -50.14
N GLU FB 62 -34.09 -99.42 -49.58
CA GLU FB 62 -34.87 -98.30 -50.09
C GLU FB 62 -34.12 -96.98 -49.89
N VAL FB 63 -33.46 -96.82 -48.74
CA VAL FB 63 -32.70 -95.60 -48.48
C VAL FB 63 -31.55 -95.47 -49.47
N GLU FB 64 -30.85 -96.58 -49.73
CA GLU FB 64 -29.72 -96.54 -50.65
C GLU FB 64 -30.15 -96.15 -52.06
N ARG FB 65 -31.28 -96.69 -52.52
CA ARG FB 65 -31.79 -96.32 -53.84
C ARG FB 65 -32.20 -94.85 -53.88
N VAL FB 66 -32.75 -94.34 -52.78
CA VAL FB 66 -33.09 -92.92 -52.69
C VAL FB 66 -31.83 -92.07 -52.79
N ILE FB 67 -30.77 -92.48 -52.11
CA ILE FB 67 -29.50 -91.75 -52.17
C ILE FB 67 -28.94 -91.75 -53.58
N THR FB 68 -29.02 -92.90 -54.26
CA THR FB 68 -28.52 -92.97 -55.64
C THR FB 68 -29.31 -92.05 -56.56
N ILE FB 69 -30.63 -91.97 -56.37
CA ILE FB 69 -31.44 -91.04 -57.15
C ILE FB 69 -31.02 -89.60 -56.84
N MET FB 70 -30.70 -89.31 -55.58
CA MET FB 70 -30.22 -87.98 -55.21
C MET FB 70 -28.95 -87.63 -55.97
N GLN FB 71 -27.97 -88.53 -55.95
CA GLN FB 71 -26.64 -88.20 -56.46
C GLN FB 71 -26.64 -88.06 -57.98
N ASN FB 72 -27.32 -88.96 -58.68
CA ASN FB 72 -27.36 -88.98 -60.15
C ASN FB 72 -28.81 -89.06 -60.59
N PRO FB 73 -29.54 -87.94 -60.54
CA PRO FB 73 -30.95 -87.96 -60.95
C PRO FB 73 -31.14 -87.99 -62.46
N ARG FB 74 -30.22 -87.37 -63.19
CA ARG FB 74 -30.31 -87.34 -64.65
C ARG FB 74 -30.13 -88.71 -65.29
N GLN FB 75 -29.60 -89.68 -64.55
CA GLN FB 75 -29.46 -91.03 -65.09
C GLN FB 75 -30.82 -91.66 -65.40
N TYR FB 76 -31.82 -91.37 -64.58
CA TYR FB 76 -33.16 -91.93 -64.72
C TYR FB 76 -34.00 -91.17 -65.74
N LYS FB 77 -33.38 -90.38 -66.62
CA LYS FB 77 -34.07 -89.66 -67.68
C LYS FB 77 -35.15 -88.73 -67.14
N ILE FB 78 -34.84 -88.07 -66.02
CA ILE FB 78 -35.73 -87.06 -65.45
C ILE FB 78 -35.64 -85.82 -66.33
N PRO FB 79 -36.63 -84.94 -66.31
CA PRO FB 79 -36.56 -83.73 -67.15
C PRO FB 79 -35.35 -82.88 -66.82
N ASP FB 80 -34.73 -82.32 -67.86
CA ASP FB 80 -33.50 -81.54 -67.68
C ASP FB 80 -33.78 -80.21 -66.99
N TRP FB 81 -34.93 -79.61 -67.29
CA TRP FB 81 -35.27 -78.31 -66.68
C TRP FB 81 -35.53 -78.42 -65.18
N PHE FB 82 -35.74 -79.64 -64.67
CA PHE FB 82 -35.99 -79.81 -63.24
C PHE FB 82 -34.70 -79.80 -62.43
N LEU FB 83 -33.55 -79.88 -63.09
CA LEU FB 83 -32.26 -79.97 -62.41
C LEU FB 83 -31.94 -78.66 -61.68
N ASN FB 84 -31.12 -78.79 -60.63
CA ASN FB 84 -30.71 -77.63 -59.85
C ASN FB 84 -29.98 -76.62 -60.71
N ARG FB 85 -28.80 -76.99 -61.22
CA ARG FB 85 -28.05 -76.15 -62.13
C ARG FB 85 -28.03 -76.81 -63.50
N GLN FB 86 -28.41 -76.06 -64.53
CA GLN FB 86 -28.43 -76.53 -65.90
C GLN FB 86 -27.47 -75.68 -66.73
N LYS FB 87 -26.70 -76.34 -67.60
CA LYS FB 87 -25.78 -75.65 -68.49
C LYS FB 87 -24.75 -74.84 -67.70
N ASP FB 88 -23.93 -75.57 -66.96
CA ASP FB 88 -22.93 -74.95 -66.11
C ASP FB 88 -21.93 -74.14 -66.94
N VAL FB 89 -21.50 -73.01 -66.38
CA VAL FB 89 -20.55 -72.14 -67.07
C VAL FB 89 -19.21 -72.85 -67.25
N LYS FB 90 -18.81 -73.67 -66.28
CA LYS FB 90 -17.47 -74.27 -66.32
C LYS FB 90 -17.46 -75.56 -67.14
N ASP FB 91 -18.55 -76.33 -67.11
CA ASP FB 91 -18.62 -77.58 -67.84
C ASP FB 91 -20.00 -77.74 -68.45
N GLY FB 92 -20.08 -78.50 -69.54
CA GLY FB 92 -21.33 -78.73 -70.23
C GLY FB 92 -22.21 -79.80 -69.64
N LYS FB 93 -21.79 -80.43 -68.56
CA LYS FB 93 -22.57 -81.48 -67.92
C LYS FB 93 -23.72 -80.89 -67.12
N TYR FB 94 -24.87 -81.53 -67.19
CA TYR FB 94 -26.07 -81.12 -66.45
C TYR FB 94 -26.22 -82.04 -65.24
N SER FB 95 -26.21 -81.45 -64.04
CA SER FB 95 -26.33 -82.26 -62.82
C SER FB 95 -26.83 -81.37 -61.69
N GLN FB 96 -27.31 -82.02 -60.64
CA GLN FB 96 -27.80 -81.34 -59.45
C GLN FB 96 -26.81 -81.50 -58.30
N VAL FB 97 -26.58 -80.42 -57.57
CA VAL FB 97 -25.66 -80.41 -56.44
C VAL FB 97 -26.47 -80.45 -55.15
N LEU FB 98 -25.99 -81.23 -54.18
CA LEU FB 98 -26.72 -81.52 -52.97
C LEU FB 98 -25.92 -81.10 -51.74
N ALA FB 99 -26.55 -80.36 -50.84
CA ALA FB 99 -26.02 -80.04 -49.51
C ALA FB 99 -24.70 -79.30 -49.67
N ASN FB 100 -23.57 -79.86 -49.24
CA ASN FB 100 -22.30 -79.15 -49.31
C ASN FB 100 -21.86 -78.92 -50.75
N GLY FB 101 -22.36 -79.72 -51.69
CA GLY FB 101 -22.06 -79.47 -53.10
C GLY FB 101 -22.66 -78.17 -53.59
N LEU FB 102 -23.89 -77.87 -53.16
CA LEU FB 102 -24.50 -76.59 -53.52
C LEU FB 102 -23.73 -75.43 -52.91
N ASP FB 103 -23.31 -75.56 -51.65
CA ASP FB 103 -22.53 -74.49 -51.02
C ASP FB 103 -21.17 -74.35 -51.68
N ASN FB 104 -20.52 -75.46 -52.01
CA ASN FB 104 -19.23 -75.39 -52.67
C ASN FB 104 -19.33 -74.72 -54.04
N LYS FB 105 -20.36 -75.08 -54.81
CA LYS FB 105 -20.54 -74.45 -56.12
C LYS FB 105 -20.82 -72.97 -55.97
N LEU FB 106 -21.67 -72.59 -55.02
CA LEU FB 106 -22.02 -71.19 -54.83
C LEU FB 106 -20.82 -70.36 -54.44
N ARG FB 107 -19.97 -70.88 -53.55
CA ARG FB 107 -18.76 -70.16 -53.16
C ARG FB 107 -17.78 -70.06 -54.33
N GLU FB 108 -17.72 -71.09 -55.17
CA GLU FB 108 -16.87 -71.02 -56.35
C GLU FB 108 -17.36 -69.96 -57.32
N ASP FB 109 -18.68 -69.82 -57.47
CA ASP FB 109 -19.22 -68.75 -58.29
C ASP FB 109 -18.95 -67.38 -57.67
N LEU FB 110 -19.05 -67.28 -56.34
CA LEU FB 110 -18.86 -65.99 -55.68
C LEU FB 110 -17.42 -65.52 -55.78
N GLU FB 111 -16.46 -66.42 -55.52
CA GLU FB 111 -15.05 -66.05 -55.69
C GLU FB 111 -14.74 -65.76 -57.15
N ARG FB 112 -15.44 -66.41 -58.07
CA ARG FB 112 -15.28 -66.11 -59.49
C ARG FB 112 -15.77 -64.70 -59.81
N LEU FB 113 -16.89 -64.30 -59.21
CA LEU FB 113 -17.42 -62.95 -59.44
C LEU FB 113 -16.48 -61.89 -58.85
N LYS FB 114 -15.85 -62.20 -57.72
CA LYS FB 114 -14.89 -61.26 -57.13
C LYS FB 114 -13.67 -61.09 -58.02
N LYS FB 115 -13.19 -62.19 -58.62
CA LYS FB 115 -12.01 -62.11 -59.47
C LYS FB 115 -12.28 -61.29 -60.73
N ILE FB 116 -13.44 -61.46 -61.35
CA ILE FB 116 -13.76 -60.73 -62.58
C ILE FB 116 -14.07 -59.26 -62.31
N ARG FB 117 -14.41 -58.91 -61.07
CA ARG FB 117 -14.72 -57.52 -60.69
C ARG FB 117 -15.92 -56.99 -61.48
N ALA FB 118 -16.99 -57.76 -61.52
CA ALA FB 118 -18.23 -57.34 -62.16
C ALA FB 118 -19.12 -56.60 -61.15
N HIS FB 119 -20.19 -56.00 -61.66
CA HIS FB 119 -21.08 -55.22 -60.80
C HIS FB 119 -21.79 -56.11 -59.79
N ARG FB 120 -22.25 -57.28 -60.22
CA ARG FB 120 -22.90 -58.21 -59.30
C ARG FB 120 -21.91 -58.72 -58.26
N GLY FB 121 -20.67 -59.02 -58.69
CA GLY FB 121 -19.68 -59.52 -57.75
C GLY FB 121 -19.24 -58.47 -56.73
N LEU FB 122 -19.10 -57.22 -57.19
CA LEU FB 122 -18.69 -56.15 -56.28
C LEU FB 122 -19.71 -55.93 -55.18
N ARG FB 123 -21.01 -55.94 -55.53
CA ARG FB 123 -22.04 -55.73 -54.52
C ARG FB 123 -22.24 -56.96 -53.65
N HIS FB 124 -21.97 -58.15 -54.18
CA HIS FB 124 -21.96 -59.35 -53.35
C HIS FB 124 -20.86 -59.28 -52.30
N PHE FB 125 -19.68 -58.82 -52.70
CA PHE FB 125 -18.60 -58.63 -51.73
C PHE FB 125 -18.96 -57.55 -50.71
N TRP FB 126 -19.64 -56.50 -51.15
CA TRP FB 126 -20.06 -55.42 -50.26
C TRP FB 126 -21.30 -55.77 -49.44
N GLY FB 127 -21.92 -56.92 -49.69
CA GLY FB 127 -23.11 -57.31 -48.95
C GLY FB 127 -24.32 -56.44 -49.20
N LEU FB 128 -24.62 -56.12 -50.45
CA LEU FB 128 -25.69 -55.21 -50.82
C LEU FB 128 -26.70 -55.89 -51.76
N ARG FB 129 -27.56 -55.09 -52.37
CA ARG FB 129 -28.62 -55.60 -53.23
C ARG FB 129 -28.11 -55.91 -54.64
N VAL FB 130 -28.82 -56.80 -55.33
CA VAL FB 130 -28.50 -57.14 -56.71
C VAL FB 130 -29.72 -56.98 -57.60
N ARG FB 131 -30.87 -57.46 -57.13
CA ARG FB 131 -32.09 -57.59 -57.93
C ARG FB 131 -32.96 -56.34 -57.78
N GLY FB 132 -32.32 -55.20 -58.00
CA GLY FB 132 -33.04 -53.93 -58.05
C GLY FB 132 -33.78 -53.56 -56.79
N GLN FB 133 -33.22 -53.85 -55.61
CA GLN FB 133 -33.86 -53.46 -54.37
C GLN FB 133 -33.61 -51.98 -54.08
N HIS FB 134 -34.31 -51.47 -53.07
CA HIS FB 134 -34.21 -50.07 -52.66
C HIS FB 134 -33.62 -50.03 -51.26
N THR FB 135 -32.29 -49.92 -51.17
CA THR FB 135 -31.59 -49.92 -49.89
C THR FB 135 -31.93 -48.72 -49.03
N LYS FB 136 -32.78 -47.82 -49.54
CA LYS FB 136 -33.30 -46.76 -48.69
C LYS FB 136 -34.10 -47.33 -47.53
N THR FB 137 -34.86 -48.41 -47.80
CA THR FB 137 -35.57 -49.13 -46.75
C THR FB 137 -35.35 -50.64 -46.86
N THR FB 138 -34.32 -51.08 -47.60
CA THR FB 138 -33.98 -52.48 -47.72
C THR FB 138 -32.62 -52.73 -47.11
N GLY FB 139 -32.52 -53.79 -46.31
CA GLY FB 139 -31.30 -54.07 -45.58
C GLY FB 139 -31.24 -53.42 -44.22
N ARG FB 140 -32.39 -53.15 -43.59
CA ARG FB 140 -32.43 -52.47 -42.31
C ARG FB 140 -32.33 -53.41 -41.11
N ARG FB 141 -32.19 -54.71 -41.34
CA ARG FB 141 -32.09 -55.68 -40.25
C ARG FB 141 -30.67 -56.24 -40.09
N GLY FB 142 -30.10 -56.80 -41.16
CA GLY FB 142 -28.81 -57.46 -41.05
C GLY FB 142 -27.61 -56.55 -41.04
N ARG FB 143 -27.80 -55.26 -41.28
CA ARG FB 143 -26.71 -54.29 -41.29
C ARG FB 143 -26.99 -53.19 -40.28
N THR FB 144 -25.98 -52.87 -39.47
CA THR FB 144 -26.13 -51.85 -38.44
C THR FB 144 -26.20 -50.46 -39.04
N VAL GB 1 -82.72 -91.64 -64.93
CA VAL GB 1 -82.09 -90.57 -64.16
C VAL GB 1 -80.97 -89.93 -64.97
N THR GB 2 -80.69 -88.66 -64.68
CA THR GB 2 -79.63 -87.91 -65.32
C THR GB 2 -78.45 -87.79 -64.34
N VAL GB 3 -77.42 -87.06 -64.74
CA VAL GB 3 -76.26 -86.87 -63.87
C VAL GB 3 -76.49 -85.79 -62.82
N LYS GB 4 -77.62 -85.09 -62.88
CA LYS GB 4 -77.88 -84.00 -61.96
C LYS GB 4 -78.31 -84.49 -60.58
N ASP GB 5 -79.04 -85.61 -60.51
CA ASP GB 5 -79.61 -86.09 -59.26
C ASP GB 5 -78.65 -87.00 -58.48
N VAL GB 6 -77.35 -86.91 -58.75
CA VAL GB 6 -76.35 -87.67 -58.01
C VAL GB 6 -75.32 -86.70 -57.46
N ASN GB 7 -74.62 -87.13 -56.42
CA ASN GB 7 -73.61 -86.29 -55.80
C ASN GB 7 -72.47 -86.04 -56.79
N GLN GB 8 -72.08 -84.77 -56.94
CA GLN GB 8 -71.04 -84.42 -57.89
C GLN GB 8 -69.70 -85.03 -57.49
N GLN GB 9 -69.37 -85.00 -56.21
CA GLN GB 9 -68.09 -85.54 -55.75
C GLN GB 9 -68.01 -87.05 -55.97
N GLU GB 10 -69.09 -87.77 -55.63
CA GLU GB 10 -69.09 -89.21 -55.81
C GLU GB 10 -69.16 -89.60 -57.28
N PHE GB 11 -69.84 -88.80 -58.10
CA PHE GB 11 -69.90 -89.08 -59.52
C PHE GB 11 -68.52 -88.94 -60.16
N VAL GB 12 -67.76 -87.92 -59.76
CA VAL GB 12 -66.41 -87.74 -60.29
C VAL GB 12 -65.50 -88.88 -59.85
N ARG GB 13 -65.59 -89.27 -58.58
CA ARG GB 13 -64.77 -90.37 -58.08
C ARG GB 13 -65.12 -91.68 -58.79
N ALA GB 14 -66.41 -91.94 -59.01
CA ALA GB 14 -66.82 -93.16 -59.69
C ALA GB 14 -66.35 -93.20 -61.14
N LEU GB 15 -66.45 -92.06 -61.85
CA LEU GB 15 -65.98 -92.01 -63.23
C LEU GB 15 -64.48 -92.18 -63.30
N ALA GB 16 -63.73 -91.60 -62.35
CA ALA GB 16 -62.29 -91.77 -62.32
C ALA GB 16 -61.92 -93.23 -62.09
N ALA GB 17 -62.64 -93.91 -61.20
CA ALA GB 17 -62.41 -95.34 -60.98
C ALA GB 17 -62.74 -96.14 -62.23
N PHE GB 18 -63.81 -95.77 -62.93
CA PHE GB 18 -64.18 -96.48 -64.15
C PHE GB 18 -63.11 -96.32 -65.23
N LEU GB 19 -62.56 -95.11 -65.37
CA LEU GB 19 -61.49 -94.91 -66.34
C LEU GB 19 -60.25 -95.71 -65.97
N LYS GB 20 -59.93 -95.80 -64.68
CA LYS GB 20 -58.80 -96.62 -64.24
C LYS GB 20 -59.03 -98.08 -64.55
N LYS GB 21 -60.26 -98.57 -64.33
CA LYS GB 21 -60.57 -99.97 -64.63
C LYS GB 21 -60.44 -100.26 -66.11
N SER GB 22 -60.94 -99.36 -66.96
CA SER GB 22 -60.84 -99.56 -68.41
C SER GB 22 -59.39 -99.50 -68.87
N GLY GB 23 -58.65 -98.49 -68.42
CA GLY GB 23 -57.25 -98.36 -68.79
C GLY GB 23 -56.99 -98.03 -70.24
N LYS GB 24 -57.95 -97.44 -70.94
CA LYS GB 24 -57.80 -97.13 -72.36
C LYS GB 24 -57.63 -95.65 -72.64
N LEU GB 25 -57.77 -94.78 -71.64
CA LEU GB 25 -57.49 -93.37 -71.82
C LEU GB 25 -56.01 -93.17 -72.11
N LYS GB 26 -55.71 -92.31 -73.08
CA LYS GB 26 -54.32 -92.10 -73.49
C LYS GB 26 -53.54 -91.43 -72.37
N VAL GB 27 -52.39 -92.00 -72.04
CA VAL GB 27 -51.53 -91.52 -70.95
C VAL GB 27 -50.29 -90.89 -71.57
N PRO GB 28 -50.02 -89.61 -71.33
CA PRO GB 28 -48.81 -88.99 -71.85
C PRO GB 28 -47.55 -89.53 -71.17
N GLU GB 29 -46.40 -89.23 -71.79
CA GLU GB 29 -45.14 -89.69 -71.24
C GLU GB 29 -44.86 -89.07 -69.88
N TRP GB 30 -45.19 -87.78 -69.71
CA TRP GB 30 -44.95 -87.07 -68.46
C TRP GB 30 -46.10 -87.43 -67.50
N VAL GB 31 -45.90 -88.50 -66.74
CA VAL GB 31 -46.99 -89.05 -65.93
C VAL GB 31 -47.06 -88.36 -64.57
N ASP GB 32 -46.00 -88.46 -63.78
CA ASP GB 32 -46.02 -87.96 -62.40
C ASP GB 32 -44.81 -87.09 -62.13
N THR GB 33 -44.53 -86.16 -63.04
CA THR GB 33 -43.38 -85.28 -62.91
C THR GB 33 -43.70 -83.83 -63.25
N VAL GB 34 -44.98 -83.50 -63.47
CA VAL GB 34 -45.39 -82.15 -63.83
C VAL GB 34 -46.50 -81.69 -62.90
N LYS GB 35 -46.65 -80.37 -62.77
CA LYS GB 35 -47.70 -79.78 -61.97
C LYS GB 35 -48.99 -79.68 -62.77
N LEU GB 36 -50.11 -79.85 -62.08
CA LEU GB 36 -51.41 -79.70 -62.73
C LEU GB 36 -51.75 -78.24 -62.97
N ALA GB 37 -51.27 -77.35 -62.12
CA ALA GB 37 -51.59 -75.93 -62.22
C ALA GB 37 -50.33 -75.10 -62.07
N LYS GB 38 -50.34 -73.91 -62.68
CA LYS GB 38 -49.22 -72.99 -62.54
C LYS GB 38 -49.10 -72.47 -61.12
N HIS GB 39 -50.23 -72.23 -60.45
CA HIS GB 39 -50.19 -71.56 -59.15
C HIS GB 39 -49.65 -72.47 -58.05
N LYS GB 40 -49.64 -73.79 -58.27
CA LYS GB 40 -49.31 -74.73 -57.20
C LYS GB 40 -47.84 -74.63 -56.81
N GLU GB 41 -47.57 -74.95 -55.55
CA GLU GB 41 -46.22 -75.00 -55.02
C GLU GB 41 -45.65 -76.42 -55.00
N LEU GB 42 -46.42 -77.42 -55.38
CA LEU GB 42 -46.01 -78.81 -55.26
C LEU GB 42 -46.62 -79.63 -56.40
N ALA GB 43 -46.12 -80.85 -56.56
CA ALA GB 43 -46.68 -81.81 -57.48
C ALA GB 43 -48.01 -82.35 -56.92
N PRO GB 44 -48.86 -82.92 -57.77
CA PRO GB 44 -50.12 -83.47 -57.27
C PRO GB 44 -49.90 -84.49 -56.17
N TYR GB 45 -50.73 -84.40 -55.12
CA TYR GB 45 -50.52 -85.20 -53.92
C TYR GB 45 -50.78 -86.68 -54.19
N ASP GB 46 -51.84 -87.00 -54.93
CA ASP GB 46 -52.25 -88.37 -55.17
C ASP GB 46 -52.13 -88.71 -56.65
N GLU GB 47 -51.84 -89.98 -56.92
CA GLU GB 47 -51.75 -90.46 -58.29
C GLU GB 47 -53.13 -90.51 -58.92
N ASN GB 48 -53.18 -90.94 -60.17
CA ASN GB 48 -54.41 -91.01 -60.97
C ASN GB 48 -55.08 -89.65 -61.12
N TRP GB 49 -54.31 -88.56 -60.94
CA TRP GB 49 -54.86 -87.23 -61.17
C TRP GB 49 -55.28 -87.06 -62.63
N PHE GB 50 -54.62 -87.79 -63.55
CA PHE GB 50 -55.03 -87.76 -64.94
C PHE GB 50 -56.43 -88.32 -65.11
N TYR GB 51 -56.76 -89.39 -64.38
CA TYR GB 51 -58.09 -89.98 -64.48
C TYR GB 51 -59.14 -89.13 -63.78
N THR GB 52 -58.81 -88.62 -62.59
CA THR GB 52 -59.77 -87.83 -61.83
C THR GB 52 -60.12 -86.53 -62.55
N ARG GB 53 -59.12 -85.85 -63.11
CA ARG GB 53 -59.37 -84.62 -63.83
C ARG GB 53 -60.09 -84.88 -65.14
N ALA GB 54 -59.77 -85.99 -65.82
CA ALA GB 54 -60.52 -86.35 -67.02
C ALA GB 54 -61.97 -86.66 -66.68
N ALA GB 55 -62.21 -87.24 -65.50
CA ALA GB 55 -63.58 -87.50 -65.07
C ALA GB 55 -64.34 -86.20 -64.87
N SER GB 56 -63.72 -85.23 -64.21
CA SER GB 56 -64.38 -83.94 -64.00
C SER GB 56 -64.54 -83.18 -65.30
N THR GB 57 -63.53 -83.24 -66.18
CA THR GB 57 -63.62 -82.53 -67.45
C THR GB 57 -64.77 -83.05 -68.30
N ALA GB 58 -64.93 -84.37 -68.36
CA ALA GB 58 -66.05 -84.94 -69.12
C ALA GB 58 -67.37 -84.47 -68.54
N ARG GB 59 -67.43 -84.23 -67.23
CA ARG GB 59 -68.66 -83.76 -66.61
C ARG GB 59 -68.94 -82.30 -66.98
N HIS GB 60 -67.90 -81.46 -66.97
CA HIS GB 60 -68.08 -80.06 -67.39
C HIS GB 60 -68.47 -79.98 -68.85
N LEU GB 61 -67.87 -80.81 -69.70
CA LEU GB 61 -68.24 -80.84 -71.11
C LEU GB 61 -69.68 -81.30 -71.29
N TYR GB 62 -70.17 -82.17 -70.40
CA TYR GB 62 -71.56 -82.60 -70.47
C TYR GB 62 -72.51 -81.44 -70.21
N LEU GB 63 -72.21 -80.61 -69.21
CA LEU GB 63 -73.10 -79.49 -68.89
C LEU GB 63 -73.06 -78.42 -69.97
N ARG GB 64 -71.86 -78.11 -70.49
CA ARG GB 64 -71.68 -77.04 -71.45
C ARG GB 64 -70.90 -77.55 -72.65
N GLY GB 65 -71.44 -77.37 -73.85
CA GLY GB 65 -70.80 -77.83 -75.07
C GLY GB 65 -70.04 -76.72 -75.78
N GLY GB 66 -69.26 -77.13 -76.77
CA GLY GB 66 -68.44 -76.18 -77.52
C GLY GB 66 -67.35 -75.55 -76.70
N ALA GB 67 -66.64 -76.34 -75.90
CA ALA GB 67 -65.58 -75.84 -75.04
C ALA GB 67 -64.22 -76.26 -75.59
N GLY GB 68 -63.30 -75.30 -75.70
CA GLY GB 68 -61.98 -75.53 -76.21
C GLY GB 68 -60.90 -75.31 -75.16
N VAL GB 69 -59.69 -75.03 -75.64
CA VAL GB 69 -58.56 -74.82 -74.73
C VAL GB 69 -58.75 -73.55 -73.91
N GLY GB 70 -59.19 -72.47 -74.57
CA GLY GB 70 -59.40 -71.22 -73.84
C GLY GB 70 -60.51 -71.33 -72.81
N SER GB 71 -61.59 -72.04 -73.14
CA SER GB 71 -62.68 -72.22 -72.19
C SER GB 71 -62.22 -73.01 -70.97
N MET GB 72 -61.44 -74.07 -71.19
CA MET GB 72 -61.04 -74.94 -70.09
C MET GB 72 -60.10 -74.22 -69.13
N THR GB 73 -59.17 -73.42 -69.68
CA THR GB 73 -58.20 -72.73 -68.84
C THR GB 73 -58.86 -71.71 -67.91
N LYS GB 74 -59.96 -71.08 -68.34
CA LYS GB 74 -60.69 -70.21 -67.45
C LYS GB 74 -61.31 -71.00 -66.29
N ILE GB 75 -61.78 -72.21 -66.57
CA ILE GB 75 -62.56 -72.95 -65.57
C ILE GB 75 -61.69 -73.34 -64.39
N TYR GB 76 -60.55 -73.96 -64.66
CA TYR GB 76 -59.72 -74.60 -63.65
C TYR GB 76 -58.69 -73.67 -63.04
N GLY GB 77 -58.93 -72.35 -63.07
CA GLY GB 77 -57.95 -71.42 -62.54
C GLY GB 77 -57.70 -71.61 -61.06
N GLY GB 78 -56.53 -71.16 -60.62
CA GLY GB 78 -56.17 -71.35 -59.23
C GLY GB 78 -55.56 -70.15 -58.53
N ARG GB 79 -55.69 -70.13 -57.20
CA ARG GB 79 -55.35 -68.98 -56.38
C ARG GB 79 -53.84 -68.89 -56.25
N GLN GB 80 -53.25 -67.98 -57.02
CA GLN GB 80 -51.80 -67.88 -57.13
C GLN GB 80 -51.28 -66.96 -56.04
N ARG GB 81 -50.53 -67.52 -55.09
CA ARG GB 81 -49.95 -66.75 -53.99
C ARG GB 81 -48.50 -66.46 -54.34
N ASN GB 82 -48.15 -65.18 -54.39
CA ASN GB 82 -46.79 -64.76 -54.78
C ASN GB 82 -46.03 -64.17 -53.59
N GLY GB 83 -46.34 -64.71 -52.41
CA GLY GB 83 -45.55 -64.40 -51.25
C GLY GB 83 -45.68 -62.99 -50.73
N VAL GB 84 -44.64 -62.18 -50.95
CA VAL GB 84 -44.65 -60.79 -50.50
C VAL GB 84 -45.67 -59.96 -51.28
N ARG GB 85 -45.83 -60.21 -52.58
CA ARG GB 85 -46.73 -59.40 -53.39
C ARG GB 85 -48.17 -59.85 -53.18
N PRO GB 86 -49.14 -58.96 -53.38
CA PRO GB 86 -50.55 -59.37 -53.31
C PRO GB 86 -50.85 -60.46 -54.34
N SER GB 87 -51.67 -61.42 -53.92
CA SER GB 87 -51.94 -62.60 -54.73
C SER GB 87 -52.87 -62.26 -55.89
N HIS GB 88 -52.76 -63.03 -56.96
CA HIS GB 88 -53.56 -62.78 -58.15
C HIS GB 88 -54.10 -64.11 -58.67
N PHE GB 89 -54.67 -64.08 -59.87
CA PHE GB 89 -55.38 -65.21 -60.45
C PHE GB 89 -54.59 -65.73 -61.64
N SER GB 90 -54.55 -67.06 -61.77
CA SER GB 90 -53.80 -67.74 -62.81
C SER GB 90 -54.70 -68.76 -63.50
N ARG GB 91 -54.71 -68.76 -64.82
CA ARG GB 91 -55.55 -69.69 -65.57
C ARG GB 91 -54.97 -71.10 -65.52
N GLY GB 92 -55.80 -72.07 -65.88
CA GLY GB 92 -55.36 -73.45 -65.94
C GLY GB 92 -54.35 -73.69 -67.03
N SER GB 93 -53.65 -74.81 -66.92
CA SER GB 93 -52.61 -75.16 -67.88
C SER GB 93 -53.25 -75.62 -69.20
N LYS GB 94 -52.40 -75.78 -70.22
CA LYS GB 94 -52.85 -76.01 -71.58
C LYS GB 94 -52.50 -77.38 -72.12
N SER GB 95 -51.22 -77.76 -72.08
CA SER GB 95 -50.75 -78.91 -72.85
C SER GB 95 -51.26 -80.23 -72.27
N VAL GB 96 -51.33 -80.33 -70.94
CA VAL GB 96 -51.59 -81.63 -70.32
C VAL GB 96 -52.98 -82.12 -70.68
N ALA GB 97 -53.97 -81.24 -70.61
CA ALA GB 97 -55.32 -81.65 -70.95
C ALA GB 97 -55.54 -81.67 -72.46
N ARG GB 98 -54.62 -81.11 -73.24
CA ARG GB 98 -54.65 -81.39 -74.66
C ARG GB 98 -54.40 -82.86 -74.92
N ARG GB 99 -53.56 -83.49 -74.09
CA ARG GB 99 -53.45 -84.95 -74.12
C ARG GB 99 -54.71 -85.62 -73.58
N VAL GB 100 -55.44 -84.93 -72.69
CA VAL GB 100 -56.71 -85.47 -72.19
C VAL GB 100 -57.77 -85.47 -73.27
N LEU GB 101 -57.88 -84.36 -74.02
CA LEU GB 101 -58.87 -84.28 -75.07
C LEU GB 101 -58.46 -85.10 -76.29
N GLN GB 102 -57.16 -85.34 -76.45
CA GLN GB 102 -56.72 -86.35 -77.41
C GLN GB 102 -56.99 -87.75 -76.88
N ALA GB 103 -56.90 -87.94 -75.56
CA ALA GB 103 -57.28 -89.21 -74.95
C ALA GB 103 -58.76 -89.49 -75.14
N LEU GB 104 -59.60 -88.47 -74.93
CA LEU GB 104 -61.03 -88.63 -75.16
C LEU GB 104 -61.34 -88.87 -76.62
N GLU GB 105 -60.59 -88.22 -77.52
CA GLU GB 105 -60.74 -88.51 -78.94
C GLU GB 105 -60.34 -89.94 -79.26
N GLY GB 106 -59.27 -90.43 -78.63
CA GLY GB 106 -58.89 -91.82 -78.83
C GLY GB 106 -59.93 -92.80 -78.32
N LEU GB 107 -60.61 -92.44 -77.23
CA LEU GB 107 -61.67 -93.27 -76.67
C LEU GB 107 -63.01 -93.02 -77.35
N LYS GB 108 -63.07 -92.11 -78.31
CA LYS GB 108 -64.27 -91.84 -79.11
C LYS GB 108 -65.43 -91.37 -78.24
N MET GB 109 -65.21 -90.33 -77.45
CA MET GB 109 -66.28 -89.70 -76.68
C MET GB 109 -66.40 -88.21 -76.93
N VAL GB 110 -65.49 -87.61 -77.70
CA VAL GB 110 -65.59 -86.20 -78.09
C VAL GB 110 -65.48 -86.12 -79.60
N GLU GB 111 -66.13 -85.11 -80.16
CA GLU GB 111 -66.13 -84.88 -81.60
C GLU GB 111 -66.00 -83.39 -81.86
N LYS GB 112 -65.22 -83.04 -82.87
CA LYS GB 112 -64.99 -81.64 -83.19
C LYS GB 112 -66.28 -80.98 -83.68
N ASP GB 113 -66.58 -79.80 -83.13
CA ASP GB 113 -67.80 -79.09 -83.43
C ASP GB 113 -67.71 -78.42 -84.81
N GLN GB 114 -68.84 -77.85 -85.24
CA GLN GB 114 -68.89 -77.25 -86.57
C GLN GB 114 -68.09 -75.96 -86.65
N ASP GB 115 -68.02 -75.20 -85.56
CA ASP GB 115 -67.31 -73.93 -85.55
C ASP GB 115 -66.04 -73.95 -84.71
N GLY GB 116 -65.84 -74.97 -83.90
CA GLY GB 116 -64.68 -75.06 -83.02
C GLY GB 116 -65.10 -75.65 -81.68
N GLY GB 117 -64.13 -76.22 -80.98
CA GLY GB 117 -64.40 -76.87 -79.73
C GLY GB 117 -64.70 -78.35 -79.90
N ARG GB 118 -64.99 -78.99 -78.77
CA ARG GB 118 -65.30 -80.41 -78.74
C ARG GB 118 -66.66 -80.63 -78.08
N LYS GB 119 -67.43 -81.54 -78.67
CA LYS GB 119 -68.80 -81.79 -78.26
C LYS GB 119 -69.00 -83.27 -77.96
N LEU GB 120 -69.85 -83.56 -76.99
CA LEU GB 120 -70.06 -84.93 -76.54
C LEU GB 120 -70.74 -85.77 -77.63
N THR GB 121 -70.19 -86.95 -77.85
CA THR GB 121 -70.74 -87.96 -78.76
C THR GB 121 -71.77 -88.82 -78.04
N PRO GB 122 -72.61 -89.54 -78.78
CA PRO GB 122 -73.54 -90.47 -78.13
C PRO GB 122 -72.87 -91.49 -77.23
N GLN GB 123 -71.69 -91.98 -77.62
CA GLN GB 123 -70.98 -92.95 -76.79
C GLN GB 123 -70.62 -92.37 -75.43
N GLY GB 124 -70.11 -91.12 -75.43
CA GLY GB 124 -69.76 -90.49 -74.17
C GLY GB 124 -70.96 -90.18 -73.30
N GLN GB 125 -72.04 -89.67 -73.90
CA GLN GB 125 -73.23 -89.34 -73.13
C GLN GB 125 -73.86 -90.58 -72.53
N ARG GB 126 -73.90 -91.67 -73.29
CA ARG GB 126 -74.48 -92.92 -72.78
C ARG GB 126 -73.67 -93.45 -71.60
N ASP GB 127 -72.34 -93.39 -71.69
CA ASP GB 127 -71.50 -93.86 -70.59
C ASP GB 127 -71.69 -93.01 -69.34
N LEU GB 128 -71.81 -91.69 -69.52
CA LEU GB 128 -71.96 -90.80 -68.37
C LEU GB 128 -73.30 -91.03 -67.67
N ASP GB 129 -74.34 -91.38 -68.43
CA ASP GB 129 -75.66 -91.55 -67.84
C ASP GB 129 -75.77 -92.88 -67.08
N ARG GB 130 -75.16 -93.95 -67.61
CA ARG GB 130 -75.27 -95.24 -66.94
C ARG GB 130 -74.46 -95.26 -65.65
N ILE GB 131 -73.29 -94.64 -65.63
CA ILE GB 131 -72.52 -94.56 -64.40
C ILE GB 131 -73.23 -93.67 -63.40
N ALA GB 132 -73.97 -92.66 -63.87
CA ALA GB 132 -74.80 -91.86 -62.96
C ALA GB 132 -75.90 -92.70 -62.33
N GLY GB 133 -76.52 -93.58 -63.12
CA GLY GB 133 -77.53 -94.47 -62.56
C GLY GB 133 -76.94 -95.45 -61.57
N GLN GB 134 -75.73 -95.96 -61.85
CA GLN GB 134 -75.05 -96.84 -60.91
C GLN GB 134 -74.70 -96.09 -59.62
N VAL GB 135 -74.30 -94.82 -59.73
CA VAL GB 135 -74.02 -94.01 -58.55
C VAL GB 135 -75.27 -93.83 -57.71
N ALA GB 136 -76.40 -93.53 -58.36
CA ALA GB 136 -77.65 -93.37 -57.63
C ALA GB 136 -78.08 -94.67 -56.98
N ALA GB 137 -77.93 -95.80 -57.69
CA ALA GB 137 -78.28 -97.09 -57.11
C ALA GB 137 -77.40 -97.42 -55.91
N ALA GB 138 -76.09 -97.13 -56.01
CA ALA GB 138 -75.20 -97.37 -54.89
C ALA GB 138 -75.54 -96.49 -53.70
N ASN GB 139 -75.89 -95.22 -53.95
CA ASN GB 139 -76.26 -94.33 -52.85
C ASN GB 139 -77.52 -94.81 -52.15
N LYS GB 140 -78.53 -95.24 -52.93
CA LYS GB 140 -79.76 -95.74 -52.32
C LYS GB 140 -79.51 -97.03 -51.54
N LYS GB 141 -78.71 -97.94 -52.09
CA LYS GB 141 -78.42 -99.20 -51.43
C LYS GB 141 -76.92 -99.50 -51.47
N LEU HB 1 -78.86 -45.25 -85.04
CA LEU HB 1 -79.30 -43.96 -84.50
C LEU HB 1 -78.65 -43.69 -83.15
N THR HB 2 -77.70 -42.76 -83.12
CA THR HB 2 -76.99 -42.42 -81.90
C THR HB 2 -77.33 -41.00 -81.48
N SER HB 3 -77.86 -40.85 -80.27
CA SER HB 3 -78.22 -39.53 -79.76
C SER HB 3 -77.92 -39.49 -78.28
N ARG HB 4 -77.33 -38.37 -77.84
CA ARG HB 4 -77.00 -38.16 -76.44
C ARG HB 4 -78.06 -37.39 -75.68
N ASN HB 5 -79.17 -37.03 -76.32
CA ASN HB 5 -80.30 -36.39 -75.66
C ASN HB 5 -81.48 -37.35 -75.64
N VAL HB 6 -81.95 -37.68 -74.44
CA VAL HB 6 -83.05 -38.62 -74.31
C VAL HB 6 -84.34 -38.04 -74.88
N LYS HB 7 -84.65 -36.79 -74.54
CA LYS HB 7 -85.87 -36.16 -75.03
C LYS HB 7 -85.84 -36.00 -76.54
N SER HB 8 -84.69 -35.58 -77.08
CA SER HB 8 -84.57 -35.43 -78.53
C SER HB 8 -84.68 -36.77 -79.25
N LEU HB 9 -84.04 -37.81 -78.69
CA LEU HB 9 -84.03 -39.12 -79.36
C LEU HB 9 -85.42 -39.73 -79.42
N GLU HB 10 -86.18 -39.62 -78.35
CA GLU HB 10 -87.49 -40.25 -78.26
C GLU HB 10 -88.52 -39.49 -79.10
N GLU HB 11 -82.94 -32.03 -86.61
CA GLU HB 11 -82.38 -31.51 -85.36
C GLU HB 11 -80.93 -31.97 -85.19
N PRO HB 12 -80.01 -31.02 -85.15
CA PRO HB 12 -78.59 -31.37 -84.94
C PRO HB 12 -78.38 -32.05 -83.59
N GLY HB 13 -77.45 -33.00 -83.57
CA GLY HB 13 -77.17 -33.77 -82.38
C GLY HB 13 -77.51 -35.24 -82.47
N VAL HB 14 -78.12 -35.68 -83.58
CA VAL HB 14 -78.43 -37.08 -83.80
C VAL HB 14 -77.83 -37.51 -85.13
N GLU HB 15 -77.13 -38.65 -85.12
CA GLU HB 15 -76.54 -39.21 -86.32
C GLU HB 15 -77.41 -40.37 -86.80
N VAL HB 16 -77.84 -40.31 -88.06
CA VAL HB 16 -78.64 -41.38 -88.64
C VAL HB 16 -77.83 -42.12 -89.69
N MET IB 1 -97.79 38.19 -41.56
CA MET IB 1 -99.21 37.94 -41.82
C MET IB 1 -99.83 39.08 -42.61
N GLN IB 2 -99.37 40.30 -42.33
CA GLN IB 2 -99.89 41.49 -42.99
C GLN IB 2 -98.76 42.47 -43.22
N ASN IB 3 -98.63 42.95 -44.46
CA ASN IB 3 -97.65 43.96 -44.79
C ASN IB 3 -98.22 45.36 -44.50
N ASP IB 4 -97.41 46.39 -44.72
CA ASP IB 4 -97.85 47.75 -44.48
C ASP IB 4 -98.94 48.21 -45.43
N ALA IB 5 -99.12 47.51 -46.55
CA ALA IB 5 -100.17 47.86 -47.51
C ALA IB 5 -101.53 47.29 -47.12
N GLY IB 6 -101.60 46.48 -46.07
CA GLY IB 6 -102.85 45.89 -45.63
C GLY IB 6 -103.18 44.55 -46.25
N GLU IB 7 -102.40 44.10 -47.24
CA GLU IB 7 -102.64 42.80 -47.85
C GLU IB 7 -102.31 41.68 -46.86
N PHE IB 8 -103.00 40.55 -47.03
CA PHE IB 8 -102.80 39.38 -46.18
C PHE IB 8 -101.78 38.48 -46.86
N VAL IB 9 -100.51 38.70 -46.51
CA VAL IB 9 -99.40 38.03 -47.19
C VAL IB 9 -98.87 36.92 -46.27
N ASP IB 10 -99.27 35.69 -46.55
CA ASP IB 10 -98.75 34.53 -45.84
C ASP IB 10 -99.11 33.28 -46.64
N LEU IB 11 -98.50 32.16 -46.27
CA LEU IB 11 -98.76 30.89 -46.93
C LEU IB 11 -100.00 30.21 -46.37
N TYR IB 12 -100.09 30.10 -45.05
CA TYR IB 12 -101.27 29.52 -44.40
C TYR IB 12 -101.28 29.96 -42.95
N VAL IB 13 -102.23 29.44 -42.20
CA VAL IB 13 -102.40 29.74 -40.77
C VAL IB 13 -102.60 28.43 -40.03
N PRO IB 14 -101.55 27.90 -39.40
CA PRO IB 14 -101.70 26.65 -38.66
C PRO IB 14 -102.58 26.81 -37.43
N ARG IB 15 -103.21 25.72 -37.03
CA ARG IB 15 -104.05 25.76 -35.85
C ARG IB 15 -103.20 25.80 -34.58
N LYS IB 16 -103.87 25.67 -33.46
CA LYS IB 16 -103.23 25.70 -32.14
C LYS IB 16 -103.97 24.77 -31.20
N CYS IB 17 -103.29 24.40 -30.13
CA CYS IB 17 -103.96 23.64 -29.07
C CYS IB 17 -104.86 24.56 -28.26
N SER IB 18 -106.01 24.04 -27.87
CA SER IB 18 -106.97 24.81 -27.09
C SER IB 18 -106.63 24.87 -25.61
N ALA IB 19 -105.56 24.20 -25.18
CA ALA IB 19 -105.10 24.25 -23.80
C ALA IB 19 -103.75 24.93 -23.65
N SER IB 20 -102.74 24.46 -24.40
CA SER IB 20 -101.42 25.06 -24.32
C SER IB 20 -101.29 26.34 -25.14
N ASN IB 21 -102.21 26.58 -26.09
CA ASN IB 21 -102.18 27.77 -26.94
C ASN IB 21 -100.85 27.88 -27.67
N ARG IB 22 -100.30 26.74 -28.08
CA ARG IB 22 -99.02 26.70 -28.77
C ARG IB 22 -99.21 26.13 -30.17
N ILE IB 23 -98.45 26.68 -31.13
CA ILE IB 23 -98.59 26.30 -32.52
C ILE IB 23 -98.32 24.80 -32.68
N ILE IB 24 -99.22 24.11 -33.35
CA ILE IB 24 -99.06 22.70 -33.64
C ILE IB 24 -98.17 22.56 -34.88
N ALA IB 25 -97.09 21.78 -34.74
CA ALA IB 25 -96.15 21.64 -35.84
C ALA IB 25 -96.81 20.94 -37.02
N ALA IB 26 -96.44 21.37 -38.23
CA ALA IB 26 -96.99 20.76 -39.43
C ALA IB 26 -96.62 19.29 -39.53
N LYS IB 27 -95.50 18.90 -38.94
CA LYS IB 27 -95.07 17.50 -38.92
C LYS IB 27 -95.21 16.88 -37.54
N ASP IB 28 -96.06 17.46 -36.69
CA ASP IB 28 -96.39 16.85 -35.40
C ASP IB 28 -97.46 15.79 -35.64
N HIS IB 29 -97.05 14.53 -35.63
CA HIS IB 29 -97.95 13.41 -35.94
C HIS IB 29 -98.51 12.76 -34.70
N ALA IB 30 -98.54 13.45 -33.57
CA ALA IB 30 -99.24 12.98 -32.38
C ALA IB 30 -100.32 13.97 -31.92
N SER IB 31 -100.57 15.03 -32.69
CA SER IB 31 -101.55 16.04 -32.32
C SER IB 31 -102.91 15.70 -32.92
N ILE IB 32 -103.94 15.74 -32.10
CA ILE IB 32 -105.27 15.32 -32.51
C ILE IB 32 -106.16 16.54 -32.74
N GLN IB 33 -107.25 16.32 -33.46
CA GLN IB 33 -108.35 17.28 -33.59
C GLN IB 33 -109.63 16.49 -33.32
N MET IB 34 -109.99 16.38 -32.03
CA MET IB 34 -111.11 15.57 -31.62
C MET IB 34 -112.41 16.35 -31.74
N ASN IB 35 -113.43 15.71 -32.32
CA ASN IB 35 -114.75 16.32 -32.45
C ASN IB 35 -115.68 15.71 -31.41
N VAL IB 36 -116.41 16.58 -30.71
CA VAL IB 36 -117.36 16.19 -29.68
C VAL IB 36 -118.75 16.56 -30.16
N ALA IB 37 -119.57 15.55 -30.43
CA ALA IB 37 -120.90 15.79 -30.99
C ALA IB 37 -121.84 16.33 -29.92
N GLU IB 38 -122.80 17.12 -30.36
CA GLU IB 38 -123.77 17.77 -29.49
C GLU IB 38 -125.16 17.24 -29.79
N VAL IB 39 -126.03 17.29 -28.78
CA VAL IB 39 -127.39 16.77 -28.88
C VAL IB 39 -128.35 17.81 -28.32
N ASP IB 40 -129.62 17.65 -28.70
CA ASP IB 40 -130.66 18.53 -28.19
C ASP IB 40 -130.91 18.29 -26.71
N ARG IB 41 -131.42 19.33 -26.04
CA ARG IB 41 -131.67 19.23 -24.60
C ARG IB 41 -132.71 18.16 -24.27
N THR IB 42 -133.76 18.08 -25.08
CA THR IB 42 -134.86 17.14 -24.81
C THR IB 42 -134.71 15.84 -25.58
N THR IB 43 -134.41 15.93 -26.88
CA THR IB 43 -134.36 14.72 -27.71
C THR IB 43 -133.20 13.82 -27.31
N GLY IB 44 -132.02 14.40 -27.10
CA GLY IB 44 -130.84 13.62 -26.79
C GLY IB 44 -130.18 12.97 -27.98
N ARG IB 45 -130.63 13.29 -29.19
CA ARG IB 45 -130.08 12.71 -30.41
C ARG IB 45 -129.16 13.71 -31.09
N PHE IB 46 -128.21 13.18 -31.86
CA PHE IB 46 -127.24 14.02 -32.56
C PHE IB 46 -127.95 14.97 -33.51
N ASN IB 47 -127.57 16.25 -33.44
CA ASN IB 47 -128.19 17.30 -34.24
C ASN IB 47 -127.30 17.79 -35.37
N GLY IB 48 -126.19 17.10 -35.65
CA GLY IB 48 -125.30 17.53 -36.71
C GLY IB 48 -124.32 18.61 -36.33
N GLN IB 49 -124.22 18.97 -35.05
CA GLN IB 49 -123.30 19.99 -34.58
C GLN IB 49 -122.22 19.35 -33.71
N PHE IB 50 -120.98 19.79 -33.92
CA PHE IB 50 -119.84 19.26 -33.18
C PHE IB 50 -118.95 20.40 -32.74
N LYS IB 51 -118.23 20.18 -31.64
CA LYS IB 51 -117.27 21.14 -31.11
C LYS IB 51 -115.87 20.56 -31.24
N THR IB 52 -114.96 21.34 -31.83
CA THR IB 52 -113.60 20.90 -32.07
C THR IB 52 -112.72 21.16 -30.85
N TYR IB 53 -111.73 20.29 -30.68
CA TYR IB 53 -110.73 20.44 -29.62
C TYR IB 53 -109.37 20.10 -30.20
N GLY IB 54 -108.56 21.13 -30.44
CA GLY IB 54 -107.21 20.94 -30.93
C GLY IB 54 -106.26 20.69 -29.77
N ILE IB 55 -105.50 19.61 -29.88
CA ILE IB 55 -104.49 19.26 -28.88
C ILE IB 55 -103.17 19.06 -29.59
N CYS IB 56 -102.13 19.76 -29.14
CA CYS IB 56 -100.81 19.55 -29.69
C CYS IB 56 -100.28 18.20 -29.25
N GLY IB 57 -99.37 17.65 -30.05
CA GLY IB 57 -98.87 16.32 -29.78
C GLY IB 57 -98.18 16.22 -28.44
N ALA IB 58 -97.41 17.24 -28.07
CA ALA IB 58 -96.61 17.18 -26.84
C ALA IB 58 -97.50 17.08 -25.60
N ILE IB 59 -98.58 17.86 -25.56
CA ILE IB 59 -99.45 17.85 -24.38
C ILE IB 59 -100.08 16.48 -24.20
N ARG IB 60 -100.56 15.89 -25.29
CA ARG IB 60 -101.03 14.50 -25.24
C ARG IB 60 -99.90 13.56 -24.85
N ARG IB 61 -98.70 13.78 -25.41
CA ARG IB 61 -97.57 12.90 -25.14
C ARG IB 61 -97.12 12.99 -23.68
N MET IB 62 -97.40 14.09 -23.00
CA MET IB 62 -96.98 14.21 -21.62
C MET IB 62 -98.04 13.64 -20.68
N GLY IB 63 -99.31 13.88 -20.99
CA GLY IB 63 -100.41 13.33 -20.21
C GLY IB 63 -101.43 14.33 -19.72
N GLU IB 64 -101.45 15.54 -20.28
CA GLU IB 64 -102.36 16.58 -19.85
C GLU IB 64 -103.57 16.73 -20.77
N SER IB 65 -103.68 15.91 -21.81
CA SER IB 65 -104.81 16.03 -22.74
C SER IB 65 -106.12 15.66 -22.05
N ASP IB 66 -106.09 14.64 -21.18
CA ASP IB 66 -107.31 14.18 -20.53
C ASP IB 66 -107.89 15.25 -19.61
N ASP IB 67 -107.02 15.98 -18.91
CA ASP IB 67 -107.49 17.05 -18.04
C ASP IB 67 -107.91 18.28 -18.84
N SER IB 68 -107.20 18.57 -19.93
CA SER IB 68 -107.50 19.76 -20.73
C SER IB 68 -108.88 19.67 -21.35
N ILE IB 69 -109.22 18.49 -21.89
CA ILE IB 69 -110.53 18.32 -22.53
C ILE IB 69 -111.65 18.48 -21.50
N LEU IB 70 -111.46 17.89 -20.32
CA LEU IB 70 -112.49 17.94 -19.28
C LEU IB 70 -112.77 19.38 -18.86
N ARG IB 71 -111.72 20.18 -18.67
CA ARG IB 71 -111.90 21.58 -18.33
C ARG IB 71 -112.58 22.35 -19.45
N LEU IB 72 -112.21 22.05 -20.69
CA LEU IB 72 -112.77 22.78 -21.83
C LEU IB 72 -114.24 22.45 -22.03
N ALA IB 73 -114.61 21.17 -21.97
CA ALA IB 73 -116.00 20.79 -22.16
C ALA IB 73 -116.88 21.30 -21.03
N LYS IB 74 -116.39 21.26 -19.79
CA LYS IB 74 -117.15 21.79 -18.66
C LYS IB 74 -117.37 23.28 -18.82
N ALA IB 75 -116.34 24.01 -19.28
CA ALA IB 75 -116.49 25.43 -19.56
C ALA IB 75 -117.50 25.67 -20.67
N ASP IB 76 -117.46 24.83 -21.71
CA ASP IB 76 -118.41 24.95 -22.81
C ASP IB 76 -119.82 24.52 -22.43
N GLY IB 77 -120.00 23.90 -21.28
CA GLY IB 77 -121.31 23.46 -20.81
C GLY IB 77 -121.63 22.01 -21.06
N ILE IB 78 -120.80 21.30 -21.82
CA ILE IB 78 -121.08 19.89 -22.11
C ILE IB 78 -120.97 19.05 -20.84
N VAL IB 79 -119.90 19.22 -20.09
CA VAL IB 79 -119.70 18.47 -18.86
C VAL IB 79 -120.51 19.13 -17.75
N SER IB 80 -121.18 18.31 -16.95
CA SER IB 80 -122.04 18.83 -15.89
C SER IB 80 -121.21 19.63 -14.88
N LYS IB 81 -121.83 20.71 -14.37
CA LYS IB 81 -121.13 21.59 -13.44
C LYS IB 81 -120.77 20.85 -12.15
N ASN IB 82 -121.66 20.00 -11.68
CA ASN IB 82 -121.42 19.20 -10.47
C ASN IB 82 -120.63 17.93 -10.82
N PHE IB 83 -119.45 18.14 -11.38
CA PHE IB 83 -118.59 17.04 -11.80
C PHE IB 83 -117.93 16.37 -10.60
N GLY JB 1 -68.89 30.31 -11.26
CA GLY JB 1 -69.07 30.91 -12.56
C GLY JB 1 -68.44 32.28 -12.67
N LYS JB 2 -68.42 32.82 -13.88
CA LYS JB 2 -67.73 34.08 -14.14
C LYS JB 2 -68.47 35.25 -13.50
N CYS JB 3 -67.69 36.23 -13.04
CA CYS JB 3 -68.25 37.40 -12.38
C CYS JB 3 -68.95 38.30 -13.39
N ARG JB 4 -70.04 38.93 -12.93
CA ARG JB 4 -70.84 39.79 -13.78
C ARG JB 4 -71.08 41.16 -13.19
N GLY JB 5 -70.62 41.43 -11.98
CA GLY JB 5 -70.96 42.68 -11.31
C GLY JB 5 -70.41 43.89 -12.04
N LEU JB 6 -71.05 45.03 -11.79
CA LEU JB 6 -70.76 46.24 -12.55
C LEU JB 6 -69.49 46.94 -12.08
N ARG JB 7 -68.97 46.60 -10.91
CA ARG JB 7 -67.77 47.20 -10.36
C ARG JB 7 -66.64 46.17 -10.22
N THR JB 8 -66.53 45.26 -11.20
CA THR JB 8 -65.48 44.25 -11.24
C THR JB 8 -64.66 44.34 -12.51
N ALA JB 9 -64.69 45.47 -13.21
CA ALA JB 9 -64.00 45.56 -14.51
C ALA JB 9 -62.51 45.35 -14.34
N ARG JB 10 -61.93 45.85 -13.26
CA ARG JB 10 -60.52 45.61 -12.98
C ARG JB 10 -60.25 44.11 -12.86
N LYS JB 11 -61.15 43.39 -12.19
CA LYS JB 11 -61.04 41.94 -12.12
C LYS JB 11 -61.13 41.32 -13.50
N LEU JB 12 -61.97 41.88 -14.37
CA LEU JB 12 -62.08 41.36 -15.73
C LEU JB 12 -60.78 41.57 -16.51
N ARG JB 13 -60.19 42.76 -16.39
CA ARG JB 13 -58.95 43.02 -17.12
C ARG JB 13 -57.79 42.21 -16.54
N SER JB 14 -57.80 41.98 -15.23
CA SER JB 14 -56.73 41.20 -14.62
C SER JB 14 -56.86 39.73 -14.97
N HIS JB 15 -58.08 39.18 -14.87
CA HIS JB 15 -58.29 37.77 -15.17
C HIS JB 15 -58.01 37.50 -16.64
N ARG JB 16 -58.29 38.48 -17.51
CA ARG JB 16 -57.98 38.31 -18.93
C ARG JB 16 -56.49 38.47 -19.20
N ARG JB 17 -55.80 39.32 -18.45
CA ARG JB 17 -54.35 39.47 -18.67
C ARG JB 17 -53.56 38.32 -18.06
N ASP JB 18 -53.98 37.80 -16.90
CA ASP JB 18 -53.26 36.70 -16.28
C ASP JB 18 -53.66 35.35 -16.86
N GLN JB 19 -54.76 35.28 -17.62
CA GLN JB 19 -55.07 34.12 -18.43
C GLN JB 19 -54.63 34.29 -19.88
N LYS JB 20 -54.22 35.49 -20.29
CA LYS JB 20 -53.58 35.63 -21.59
C LYS JB 20 -52.19 35.03 -21.60
N TRP JB 21 -51.60 34.77 -20.44
CA TRP JB 21 -50.34 34.04 -20.39
C TRP JB 21 -50.57 32.53 -20.43
N HIS JB 22 -51.49 32.09 -21.29
CA HIS JB 22 -51.84 30.67 -21.36
C HIS JB 22 -52.07 30.18 -22.78
N ASP JB 23 -51.85 31.00 -23.79
CA ASP JB 23 -52.06 30.61 -25.19
C ASP JB 23 -50.76 30.74 -25.95
N LYS JB 24 -50.45 29.72 -26.75
CA LYS JB 24 -49.14 29.62 -27.39
C LYS JB 24 -48.85 30.78 -28.34
N GLN JB 25 -49.87 31.47 -28.83
CA GLN JB 25 -49.61 32.60 -29.72
C GLN JB 25 -49.26 33.87 -28.97
N TYR JB 26 -50.05 34.25 -27.97
CA TYR JB 26 -49.80 35.52 -27.28
C TYR JB 26 -48.49 35.48 -26.51
N LYS JB 27 -48.30 34.44 -25.68
CA LYS JB 27 -47.13 34.40 -24.81
C LYS JB 27 -45.84 34.29 -25.62
N LYS JB 28 -45.90 33.63 -26.77
CA LYS JB 28 -44.71 33.49 -27.61
C LYS JB 28 -44.25 34.83 -28.12
N ALA JB 29 -45.18 35.72 -28.46
CA ALA JB 29 -44.82 36.99 -29.07
C ALA JB 29 -44.45 38.03 -28.02
N HIS JB 30 -45.15 38.07 -26.89
CA HIS JB 30 -45.04 39.17 -25.94
C HIS JB 30 -44.12 38.88 -24.76
N LEU JB 31 -43.40 37.77 -24.78
CA LEU JB 31 -42.36 37.53 -23.78
C LEU JB 31 -41.01 38.07 -24.20
N GLY JB 32 -40.78 38.28 -25.50
CA GLY JB 32 -39.48 38.65 -25.98
C GLY JB 32 -38.48 37.53 -26.03
N THR JB 33 -38.92 36.29 -25.79
CA THR JB 33 -37.99 35.16 -25.78
C THR JB 33 -37.91 34.47 -27.14
N ALA JB 34 -39.03 34.40 -27.87
CA ALA JB 34 -39.01 33.77 -29.19
C ALA JB 34 -38.15 34.56 -30.17
N LEU JB 35 -38.26 35.88 -30.14
CA LEU JB 35 -37.45 36.71 -31.04
C LEU JB 35 -35.97 36.62 -30.73
N LYS JB 36 -35.60 36.43 -29.47
CA LYS JB 36 -34.20 36.26 -29.10
C LYS JB 36 -33.67 34.88 -29.40
N ALA JB 37 -34.54 33.94 -29.78
CA ALA JB 37 -34.16 32.54 -29.92
C ALA JB 37 -34.09 32.06 -31.36
N ASN JB 38 -34.92 32.59 -32.24
CA ASN JB 38 -34.83 32.22 -33.64
C ASN JB 38 -33.54 32.78 -34.23
N PRO JB 39 -32.85 32.02 -35.08
CA PRO JB 39 -31.60 32.53 -35.67
C PRO JB 39 -31.80 33.80 -36.49
N PHE JB 40 -32.99 34.01 -37.03
CA PHE JB 40 -33.25 35.21 -37.82
C PHE JB 40 -33.25 36.47 -36.95
N GLY JB 41 -33.73 36.37 -35.72
CA GLY JB 41 -33.93 37.57 -34.93
C GLY JB 41 -35.00 38.48 -35.50
N GLY JB 42 -36.13 37.91 -35.92
CA GLY JB 42 -37.20 38.68 -36.49
C GLY JB 42 -37.01 39.09 -37.94
N ALA JB 43 -36.20 38.36 -38.69
CA ALA JB 43 -35.85 38.75 -40.05
C ALA JB 43 -36.55 37.86 -41.07
N SER JB 44 -37.20 38.50 -42.05
CA SER JB 44 -37.81 37.78 -43.16
C SER JB 44 -36.79 37.28 -44.16
N HIS JB 45 -35.65 37.97 -44.28
CA HIS JB 45 -34.53 37.53 -45.09
C HIS JB 45 -33.25 37.70 -44.29
N ALA JB 46 -32.13 37.27 -44.87
CA ALA JB 46 -30.83 37.43 -44.23
C ALA JB 46 -29.73 37.08 -45.21
N LYS JB 47 -28.63 37.84 -45.19
CA LYS JB 47 -27.48 37.56 -46.03
C LYS JB 47 -26.47 36.71 -45.26
N GLY JB 48 -26.26 35.47 -45.73
CA GLY JB 48 -25.33 34.58 -45.09
C GLY JB 48 -24.33 34.04 -46.09
N ILE JB 49 -23.36 33.27 -45.57
CA ILE JB 49 -22.28 32.71 -46.37
C ILE JB 49 -22.46 31.20 -46.45
N VAL JB 50 -22.47 30.67 -47.67
CA VAL JB 50 -22.59 29.23 -47.86
C VAL JB 50 -21.34 28.55 -47.35
N LEU JB 51 -21.49 27.68 -46.36
CA LEU JB 51 -20.37 26.98 -45.74
C LEU JB 51 -20.23 25.55 -46.24
N GLU JB 52 -21.27 24.75 -46.10
CA GLU JB 52 -21.21 23.33 -46.44
C GLU JB 52 -22.44 22.93 -47.24
N LYS JB 53 -22.27 21.94 -48.12
CA LYS JB 53 -23.35 21.33 -48.87
C LYS JB 53 -23.60 19.94 -48.30
N VAL JB 54 -24.83 19.69 -47.85
CA VAL JB 54 -25.17 18.45 -47.18
C VAL JB 54 -26.45 17.89 -47.77
N GLY JB 55 -26.63 16.58 -47.60
CA GLY JB 55 -27.84 15.90 -48.01
C GLY JB 55 -28.57 15.29 -46.83
N VAL JB 56 -29.80 15.73 -46.60
CA VAL JB 56 -30.58 15.29 -45.44
C VAL JB 56 -31.66 14.33 -45.91
N GLU JB 57 -31.85 13.25 -45.16
CA GLU JB 57 -32.91 12.29 -45.48
C GLU JB 57 -34.28 12.91 -45.23
N ALA JB 58 -35.27 12.45 -46.00
CA ALA JB 58 -36.63 12.92 -45.85
C ALA JB 58 -37.28 12.28 -44.63
N LYS JB 59 -38.59 12.50 -44.47
CA LYS JB 59 -39.31 11.95 -43.33
C LYS JB 59 -39.49 10.44 -43.53
N GLN JB 60 -40.17 9.80 -42.58
CA GLN JB 60 -40.37 8.36 -42.66
C GLN JB 60 -41.10 7.91 -43.92
N PRO JB 61 -42.24 8.48 -44.31
CA PRO JB 61 -42.92 7.95 -45.50
C PRO JB 61 -42.20 8.22 -46.81
N ASN JB 62 -41.35 9.25 -46.86
CA ASN JB 62 -40.68 9.63 -48.09
C ASN JB 62 -39.21 9.24 -48.04
N SER JB 63 -38.74 8.54 -49.07
CA SER JB 63 -37.32 8.18 -49.21
C SER JB 63 -36.70 9.15 -50.21
N ALA JB 64 -36.21 10.28 -49.71
CA ALA JB 64 -35.63 11.31 -50.55
C ALA JB 64 -34.43 11.91 -49.82
N ILE JB 65 -33.55 12.54 -50.60
CA ILE JB 65 -32.33 13.15 -50.07
C ILE JB 65 -32.35 14.63 -50.49
N ARG JB 66 -32.89 15.47 -49.62
CA ARG JB 66 -32.94 16.90 -49.91
C ARG JB 66 -31.54 17.50 -49.88
N LYS JB 67 -31.38 18.62 -50.59
CA LYS JB 67 -30.10 19.29 -50.75
C LYS JB 67 -30.10 20.56 -49.92
N CYS JB 68 -29.66 20.46 -48.66
CA CYS JB 68 -29.61 21.59 -47.76
C CYS JB 68 -28.20 22.15 -47.68
N VAL JB 69 -28.11 23.42 -47.30
CA VAL JB 69 -26.85 24.16 -47.21
C VAL JB 69 -26.72 24.73 -45.81
N ARG JB 70 -25.57 24.49 -45.19
CA ARG JB 70 -25.29 25.04 -43.86
C ARG JB 70 -24.73 26.44 -44.02
N VAL JB 71 -25.43 27.44 -43.46
CA VAL JB 71 -25.11 28.84 -43.68
C VAL JB 71 -24.94 29.53 -42.33
N GLN JB 72 -23.87 30.32 -42.20
CA GLN JB 72 -23.63 31.15 -41.05
C GLN JB 72 -24.06 32.58 -41.38
N LEU JB 73 -24.94 33.13 -40.56
CA LEU JB 73 -25.45 34.48 -40.78
C LEU JB 73 -24.43 35.51 -40.31
N ILE JB 74 -24.31 36.60 -41.07
CA ILE JB 74 -23.37 37.66 -40.70
C ILE JB 74 -23.83 38.42 -39.47
N LYS JB 75 -25.13 38.41 -39.18
CA LYS JB 75 -25.67 39.24 -38.09
C LYS JB 75 -25.29 38.70 -36.73
N ASN JB 76 -25.41 37.37 -36.53
CA ASN JB 76 -25.14 36.80 -35.22
C ASN JB 76 -24.38 35.47 -35.29
N GLY JB 77 -23.99 35.01 -36.47
CA GLY JB 77 -23.20 33.81 -36.60
C GLY JB 77 -23.88 32.52 -36.17
N LYS JB 78 -25.13 32.33 -36.60
CA LYS JB 78 -25.87 31.10 -36.31
C LYS JB 78 -25.77 30.16 -37.49
N LYS JB 79 -25.46 28.89 -37.21
CA LYS JB 79 -25.34 27.86 -38.24
C LYS JB 79 -26.70 27.22 -38.46
N ILE JB 80 -27.27 27.41 -39.65
CA ILE JB 80 -28.60 26.94 -39.97
C ILE JB 80 -28.57 26.14 -41.26
N THR JB 81 -29.56 25.26 -41.43
CA THR JB 81 -29.69 24.45 -42.62
C THR JB 81 -30.78 25.02 -43.52
N ALA JB 82 -30.46 25.18 -44.81
CA ALA JB 82 -31.35 25.83 -45.76
C ALA JB 82 -31.40 25.01 -47.05
N PHE JB 83 -32.55 24.39 -47.30
CA PHE JB 83 -32.72 23.61 -48.52
C PHE JB 83 -32.86 24.51 -49.73
N VAL JB 84 -32.31 24.08 -50.85
CA VAL JB 84 -32.40 24.85 -52.10
C VAL JB 84 -33.77 24.61 -52.72
N PRO JB 85 -34.53 25.66 -53.04
CA PRO JB 85 -35.94 25.45 -53.39
C PRO JB 85 -36.18 24.62 -54.64
N ASN JB 86 -35.61 25.01 -55.78
CA ASN JB 86 -35.97 24.43 -57.06
C ASN JB 86 -34.96 23.37 -57.48
N ASP JB 87 -35.40 22.51 -58.41
CA ASP JB 87 -34.56 21.45 -58.94
C ASP JB 87 -33.43 22.03 -59.78
N GLY JB 88 -32.24 21.43 -59.67
CA GLY JB 88 -31.09 21.84 -60.44
C GLY JB 88 -30.36 23.05 -59.91
N CYS JB 89 -30.91 23.74 -58.91
CA CYS JB 89 -30.26 24.93 -58.38
C CYS JB 89 -29.16 24.61 -57.38
N LEU JB 90 -29.09 23.38 -56.89
CA LEU JB 90 -27.95 22.97 -56.07
C LEU JB 90 -26.66 23.04 -56.88
N ASN JB 91 -26.70 22.58 -58.13
CA ASN JB 91 -25.55 22.68 -58.99
C ASN JB 91 -25.34 24.11 -59.48
N PHE JB 92 -26.41 24.90 -59.54
CA PHE JB 92 -26.29 26.30 -59.88
C PHE JB 92 -25.49 27.06 -58.83
N ILE JB 93 -25.76 26.78 -57.56
CA ILE JB 93 -25.07 27.44 -56.46
C ILE JB 93 -23.75 26.73 -56.18
N GLU JB 94 -22.78 27.48 -55.68
CA GLU JB 94 -21.48 26.96 -55.31
C GLU JB 94 -21.13 27.41 -53.89
N GLU JB 95 -20.08 26.82 -53.34
CA GLU JB 95 -19.63 27.17 -52.00
C GLU JB 95 -18.96 28.54 -52.00
N ASN JB 96 -18.81 29.09 -50.79
CA ASN JB 96 -18.18 30.40 -50.59
C ASN JB 96 -18.91 31.49 -51.38
N ASP JB 97 -20.23 31.41 -51.41
CA ASP JB 97 -21.06 32.39 -52.11
C ASP JB 97 -22.07 32.97 -51.13
N GLU JB 98 -22.16 34.30 -51.11
CA GLU JB 98 -23.15 34.96 -50.27
C GLU JB 98 -24.54 34.79 -50.86
N VAL JB 99 -25.50 34.41 -50.03
CA VAL JB 99 -26.86 34.13 -50.45
C VAL JB 99 -27.82 34.84 -49.52
N LEU JB 100 -29.07 34.96 -49.97
CA LEU JB 100 -30.16 35.50 -49.17
C LEU JB 100 -31.08 34.35 -48.77
N VAL JB 101 -31.37 34.26 -47.47
CA VAL JB 101 -32.14 33.15 -46.92
C VAL JB 101 -33.51 33.65 -46.51
N ALA JB 102 -34.56 32.92 -46.93
CA ALA JB 102 -35.93 33.29 -46.64
C ALA JB 102 -36.66 32.13 -45.95
N GLY JB 103 -37.99 32.25 -45.82
CA GLY JB 103 -38.73 31.30 -45.02
C GLY JB 103 -39.30 30.11 -45.79
N PHE JB 104 -39.67 29.09 -45.02
CA PHE JB 104 -40.32 27.89 -45.53
C PHE JB 104 -41.83 27.89 -45.31
N GLY JB 105 -42.34 28.73 -44.42
CA GLY JB 105 -43.74 28.70 -44.06
C GLY JB 105 -43.98 28.22 -42.65
N ARG JB 106 -45.26 28.19 -42.29
CA ARG JB 106 -45.75 27.66 -41.00
C ARG JB 106 -45.26 28.47 -39.81
N LYS JB 107 -44.86 29.73 -40.03
CA LYS JB 107 -44.44 30.64 -38.97
C LYS JB 107 -43.32 30.04 -38.11
N GLY JB 108 -42.18 29.86 -38.76
CA GLY JB 108 -41.03 29.31 -38.08
C GLY JB 108 -41.21 27.86 -37.68
N HIS JB 109 -41.76 27.05 -38.58
CA HIS JB 109 -41.91 25.63 -38.35
C HIS JB 109 -41.40 24.87 -39.57
N ALA JB 110 -40.98 23.63 -39.33
CA ALA JB 110 -40.51 22.77 -40.41
C ALA JB 110 -41.64 22.47 -41.39
N VAL JB 111 -41.32 22.50 -42.67
CA VAL JB 111 -42.30 22.34 -43.74
C VAL JB 111 -41.90 21.16 -44.59
N GLY JB 112 -42.87 20.29 -44.90
CA GLY JB 112 -42.62 19.20 -45.81
C GLY JB 112 -41.92 18.01 -45.19
N ASP JB 113 -40.99 17.41 -45.94
CA ASP JB 113 -40.30 16.20 -45.53
C ASP JB 113 -38.89 16.46 -45.04
N ILE JB 114 -38.51 17.73 -44.86
CA ILE JB 114 -37.16 18.09 -44.43
C ILE JB 114 -37.21 18.39 -42.93
N PRO JB 115 -36.71 17.51 -42.07
CA PRO JB 115 -36.83 17.73 -40.63
C PRO JB 115 -35.82 18.75 -40.14
N GLY JB 116 -36.26 19.59 -39.20
CA GLY JB 116 -35.39 20.61 -38.64
C GLY JB 116 -34.92 21.64 -39.63
N VAL JB 117 -35.59 21.75 -40.78
CA VAL JB 117 -35.20 22.67 -41.83
C VAL JB 117 -36.34 23.66 -42.05
N ARG JB 118 -36.01 24.95 -42.04
CA ARG JB 118 -37.00 26.01 -42.11
C ARG JB 118 -36.57 27.10 -43.08
N PHE JB 119 -35.38 27.01 -43.66
CA PHE JB 119 -34.78 28.11 -44.40
C PHE JB 119 -34.70 27.77 -45.89
N LYS JB 120 -34.91 28.79 -46.72
CA LYS JB 120 -34.83 28.68 -48.17
C LYS JB 120 -33.71 29.58 -48.68
N VAL JB 121 -33.19 29.27 -49.87
CA VAL JB 121 -32.07 30.01 -50.44
C VAL JB 121 -32.52 30.69 -51.73
N VAL JB 122 -32.21 31.99 -51.84
CA VAL JB 122 -32.46 32.80 -53.02
C VAL JB 122 -31.33 33.81 -53.14
N LYS JB 123 -31.30 34.57 -54.25
CA LYS JB 123 -30.31 35.62 -54.46
C LYS JB 123 -28.89 35.10 -54.31
N VAL JB 124 -28.53 34.13 -55.14
CA VAL JB 124 -27.19 33.55 -55.12
C VAL JB 124 -26.26 34.46 -55.91
N ALA JB 125 -25.23 34.98 -55.24
CA ALA JB 125 -24.26 35.89 -55.87
C ALA JB 125 -24.95 37.09 -56.52
N ASN JB 126 -25.89 37.69 -55.79
CA ASN JB 126 -26.60 38.90 -56.19
C ASN JB 126 -27.44 38.72 -57.46
N VAL JB 127 -27.74 37.49 -57.85
CA VAL JB 127 -28.69 37.22 -58.93
C VAL JB 127 -29.69 36.18 -58.42
N SER JB 128 -30.94 36.34 -58.82
CA SER JB 128 -32.01 35.50 -58.30
C SER JB 128 -31.80 34.04 -58.68
N LEU JB 129 -32.08 33.14 -57.73
CA LEU JB 129 -32.03 31.72 -58.03
C LEU JB 129 -33.15 31.29 -58.97
N LEU JB 130 -34.32 31.92 -58.84
CA LEU JB 130 -35.39 31.67 -59.80
C LEU JB 130 -34.99 32.14 -61.20
N ALA JB 131 -34.29 33.28 -61.27
CA ALA JB 131 -33.77 33.74 -62.54
C ALA JB 131 -32.79 32.76 -63.14
N LEU JB 132 -31.91 32.20 -62.30
CA LEU JB 132 -30.96 31.19 -62.79
C LEU JB 132 -31.67 29.93 -63.25
N TYR JB 133 -32.69 29.49 -62.52
CA TYR JB 133 -33.42 28.28 -62.89
C TYR JB 133 -34.16 28.47 -64.22
N LYS JB 134 -34.79 29.63 -64.41
CA LYS JB 134 -35.53 29.91 -65.64
C LYS JB 134 -34.62 30.33 -66.79
N GLY JB 135 -33.35 30.60 -66.52
CA GLY JB 135 -32.44 31.06 -67.57
C GLY JB 135 -32.51 32.53 -67.88
N LYS JB 136 -33.22 33.32 -67.06
CA LYS JB 136 -33.30 34.76 -67.30
C LYS JB 136 -31.94 35.43 -67.18
N LYS JB 137 -31.16 35.04 -66.18
CA LYS JB 137 -29.81 35.57 -65.97
C LYS JB 137 -28.85 34.43 -65.71
N GLU JB 138 -27.57 34.77 -65.60
CA GLU JB 138 -26.52 33.79 -65.37
C GLU JB 138 -25.57 34.31 -64.30
N ARG JB 139 -24.80 33.40 -63.72
CA ARG JB 139 -23.85 33.77 -62.68
C ARG JB 139 -22.79 34.71 -63.25
N PRO JB 140 -22.38 35.73 -62.50
CA PRO JB 140 -21.34 36.64 -62.99
C PRO JB 140 -20.03 35.90 -63.22
N ARG JB 141 -19.30 36.33 -64.24
CA ARG JB 141 -18.02 35.72 -64.58
C ARG JB 141 -16.86 36.55 -64.06
N SER KB 1 -68.75 -39.36 -17.71
CA SER KB 1 -69.29 -38.08 -18.16
C SER KB 1 -69.48 -38.09 -19.68
N GLN KB 2 -69.60 -39.28 -20.25
CA GLN KB 2 -69.77 -39.46 -21.68
C GLN KB 2 -71.17 -39.95 -22.06
N GLY KB 3 -72.12 -39.87 -21.13
CA GLY KB 3 -73.45 -40.40 -21.38
C GLY KB 3 -73.47 -41.90 -21.59
N GLN KB 4 -72.70 -42.65 -20.80
CA GLN KB 4 -72.67 -44.10 -20.96
C GLN KB 4 -73.91 -44.75 -20.34
N CYS KB 5 -74.21 -44.40 -19.09
CA CYS KB 5 -75.35 -44.96 -18.38
C CYS KB 5 -76.55 -44.05 -18.50
N THR KB 6 -77.65 -44.44 -17.86
CA THR KB 6 -78.88 -43.66 -17.88
C THR KB 6 -79.61 -43.75 -16.54
N LEU KB 7 -77.68 -39.34 -8.19
CA LEU KB 7 -77.76 -39.04 -9.61
C LEU KB 7 -76.37 -38.96 -10.24
N HIS LB 1 -25.75 -35.39 -89.45
CA HIS LB 1 -26.76 -34.48 -89.98
C HIS LB 1 -28.14 -35.11 -89.95
N GLN LB 2 -28.58 -35.63 -91.11
CA GLN LB 2 -29.88 -36.28 -91.18
C GLN LB 2 -29.89 -37.60 -90.42
N GLN LB 3 -28.73 -38.21 -90.18
CA GLN LB 3 -28.65 -39.46 -89.43
C GLN LB 3 -28.50 -39.22 -87.93
N LEU LB 4 -28.40 -37.98 -87.48
CA LEU LB 4 -28.35 -37.65 -86.07
C LEU LB 4 -29.52 -36.79 -85.61
N TYR LB 5 -29.87 -35.77 -86.40
CA TYR LB 5 -30.97 -34.85 -86.07
C TYR LB 5 -32.29 -35.61 -86.01
N TRP LB 6 -32.91 -35.66 -84.84
CA TRP LB 6 -34.19 -36.34 -84.64
C TRP LB 6 -34.08 -37.84 -84.92
N SER LB 7 -32.86 -38.37 -84.95
CA SER LB 7 -32.64 -39.77 -85.29
C SER LB 7 -33.20 -40.71 -84.24
N HIS LB 8 -33.57 -40.20 -83.08
CA HIS LB 8 -34.14 -41.04 -82.04
C HIS LB 8 -35.49 -41.57 -82.52
N PRO LB 9 -35.73 -42.89 -82.40
CA PRO LB 9 -36.98 -43.47 -82.92
C PRO LB 9 -38.21 -42.84 -82.28
N ARG LB 10 -39.08 -42.28 -83.12
CA ARG LB 10 -40.22 -41.53 -82.60
C ARG LB 10 -41.34 -42.45 -82.10
N LYS LB 11 -41.50 -43.63 -82.72
CA LYS LB 11 -42.53 -44.56 -82.26
C LYS LB 11 -42.25 -44.98 -80.81
N PHE LB 12 -43.26 -45.63 -80.21
CA PHE LB 12 -43.23 -46.16 -78.85
C PHE LB 12 -42.62 -45.20 -77.82
N GLY LB 13 -42.87 -43.90 -77.97
CA GLY LB 13 -42.34 -42.93 -77.04
C GLY LB 13 -43.42 -42.20 -76.26
N GLN LB 14 -43.31 -42.17 -74.92
CA GLN LB 14 -44.31 -41.48 -74.12
C GLN LB 14 -44.27 -39.97 -74.35
N GLY LB 15 -43.08 -39.37 -74.22
CA GLY LB 15 -42.98 -37.93 -74.41
C GLY LB 15 -43.34 -37.53 -75.82
N SER LB 16 -42.99 -38.36 -76.80
CA SER LB 16 -43.37 -38.11 -78.19
C SER LB 16 -44.88 -38.17 -78.37
N ARG LB 17 -45.60 -38.77 -77.41
CA ARG LB 17 -47.06 -38.72 -77.39
C ARG LB 17 -47.48 -37.47 -76.61
N SER LB 18 -47.95 -36.45 -77.32
CA SER LB 18 -48.18 -35.13 -76.74
C SER LB 18 -49.54 -34.59 -77.15
N CYS LB 19 -50.17 -33.88 -76.22
CA CYS LB 19 -51.52 -33.36 -76.43
C CYS LB 19 -51.54 -32.34 -77.57
N ARG LB 20 -52.64 -32.32 -78.32
CA ARG LB 20 -52.73 -31.53 -79.55
C ARG LB 20 -53.04 -30.07 -79.29
N VAL LB 21 -53.11 -29.62 -78.04
CA VAL LB 21 -53.23 -28.20 -77.73
C VAL LB 21 -52.11 -27.73 -76.80
N CYS LB 22 -51.82 -28.48 -75.72
CA CYS LB 22 -50.89 -28.03 -74.69
C CYS LB 22 -49.47 -28.52 -74.90
N SER LB 23 -49.28 -29.60 -75.67
CA SER LB 23 -47.94 -30.14 -75.95
C SER LB 23 -47.18 -30.46 -74.66
N ASN LB 24 -47.87 -31.07 -73.71
CA ASN LB 24 -47.29 -31.43 -72.43
C ASN LB 24 -47.12 -32.94 -72.33
N ARG LB 25 -46.01 -33.37 -71.76
CA ARG LB 25 -45.65 -34.79 -71.71
C ARG LB 25 -45.79 -35.40 -70.32
N HIS LB 26 -46.45 -34.73 -69.39
CA HIS LB 26 -46.79 -35.29 -68.10
C HIS LB 26 -48.31 -35.42 -67.98
N GLY LB 27 -48.76 -36.60 -67.54
CA GLY LB 27 -50.18 -36.84 -67.32
C GLY LB 27 -51.05 -36.85 -68.56
N LEU LB 28 -50.58 -37.46 -69.64
CA LEU LB 28 -51.38 -37.63 -70.84
C LEU LB 28 -52.47 -38.69 -70.62
N ILE LB 29 -53.63 -38.46 -71.24
CA ILE LB 29 -54.73 -39.40 -71.23
C ILE LB 29 -54.91 -39.93 -72.64
N ARG LB 30 -55.11 -41.25 -72.77
CA ARG LB 30 -55.33 -41.86 -74.08
C ARG LB 30 -56.57 -42.73 -74.12
N LYS LB 31 -57.58 -42.43 -73.30
CA LYS LB 31 -58.85 -43.14 -73.41
C LYS LB 31 -59.58 -42.70 -74.68
N TYR LB 32 -59.97 -43.67 -75.50
CA TYR LB 32 -60.39 -43.42 -76.88
C TYR LB 32 -59.34 -42.63 -77.66
N GLY LB 33 -58.08 -42.73 -77.24
CA GLY LB 33 -56.98 -41.99 -77.87
C GLY LB 33 -57.13 -40.50 -77.78
N LEU LB 34 -57.72 -40.01 -76.68
CA LEU LB 34 -58.20 -38.63 -76.62
C LEU LB 34 -57.09 -37.62 -76.79
N ASN LB 35 -55.85 -37.98 -76.43
CA ASN LB 35 -54.69 -37.10 -76.58
C ASN LB 35 -54.93 -35.78 -75.83
N MET LB 36 -55.32 -35.90 -74.57
CA MET LB 36 -55.77 -34.71 -73.86
C MET LB 36 -55.27 -34.78 -72.42
N CYS LB 37 -54.68 -33.69 -71.95
CA CYS LB 37 -54.23 -33.64 -70.57
C CYS LB 37 -55.43 -33.68 -69.62
N ARG LB 38 -55.17 -34.15 -68.40
CA ARG LB 38 -56.25 -34.31 -67.43
C ARG LB 38 -56.86 -32.96 -67.08
N GLN LB 39 -56.03 -31.94 -66.87
CA GLN LB 39 -56.56 -30.63 -66.53
C GLN LB 39 -57.17 -29.95 -67.75
N CYS LB 40 -56.59 -30.18 -68.93
CA CYS LB 40 -57.13 -29.58 -70.14
C CYS LB 40 -58.48 -30.17 -70.50
N PHE LB 41 -58.68 -31.46 -70.21
CA PHE LB 41 -60.01 -32.05 -70.31
C PHE LB 41 -60.90 -31.59 -69.15
N ARG LB 42 -60.30 -31.24 -68.00
CA ARG LB 42 -61.06 -30.69 -66.89
C ARG LB 42 -61.88 -29.48 -67.32
N GLN LB 43 -61.30 -28.65 -68.18
CA GLN LB 43 -61.92 -27.38 -68.57
C GLN LB 43 -62.79 -27.51 -69.81
N TYR LB 44 -62.54 -28.50 -70.66
CA TYR LB 44 -63.31 -28.71 -71.87
C TYR LB 44 -64.28 -29.89 -71.74
N ALA LB 45 -64.45 -30.42 -70.54
CA ALA LB 45 -65.30 -31.60 -70.35
C ALA LB 45 -66.74 -31.31 -70.75
N LYS LB 46 -67.27 -30.15 -70.34
CA LYS LB 46 -68.62 -29.77 -70.74
C LYS LB 46 -68.74 -29.59 -72.25
N ASP LB 47 -67.61 -29.44 -72.95
CA ASP LB 47 -67.64 -29.26 -74.39
C ASP LB 47 -67.67 -30.60 -75.11
N ILE LB 48 -66.82 -31.54 -74.68
CA ILE LB 48 -66.68 -32.81 -75.39
C ILE LB 48 -67.94 -33.67 -75.21
N GLY LB 49 -68.55 -33.63 -74.03
CA GLY LB 49 -69.68 -34.50 -73.78
C GLY LB 49 -69.73 -35.04 -72.36
N PHE LB 50 -68.76 -34.64 -71.54
CA PHE LB 50 -68.66 -35.13 -70.16
C PHE LB 50 -69.19 -34.07 -69.20
N ILE LB 51 -70.20 -34.46 -68.40
CA ILE LB 51 -70.79 -33.57 -67.40
C ILE LB 51 -70.94 -34.37 -66.11
N LYS LB 52 -70.67 -33.72 -64.97
CA LYS LB 52 -70.60 -34.39 -63.67
C LYS LB 52 -72.01 -34.57 -63.09
N LEU LB 53 -72.76 -35.49 -63.71
CA LEU LB 53 -74.05 -35.88 -63.16
C LEU LB 53 -73.88 -36.71 -61.89
N ASP LB 54 -72.81 -37.47 -61.80
CA ASP LB 54 -72.53 -38.25 -60.60
C ASP LB 54 -71.44 -37.59 -59.76
N LYS MB 1 -112.74 -59.58 -44.83
CA LYS MB 1 -111.50 -59.33 -44.10
C LYS MB 1 -110.30 -59.39 -45.04
N GLY MB 2 -109.29 -58.56 -44.76
CA GLY MB 2 -108.10 -58.52 -45.57
C GLY MB 2 -108.22 -57.75 -46.85
N HIS MB 3 -109.27 -56.94 -47.02
CA HIS MB 3 -109.42 -56.15 -48.23
C HIS MB 3 -108.29 -55.13 -48.36
N ASN MB 4 -107.90 -54.52 -47.24
CA ASN MB 4 -106.73 -53.64 -47.16
C ASN MB 4 -106.84 -52.45 -48.11
N GLY MB 5 -107.83 -51.61 -47.87
CA GLY MB 5 -107.98 -50.40 -48.64
C GLY MB 5 -109.28 -49.70 -48.32
N TRP MB 6 -109.43 -48.51 -48.88
CA TRP MB 6 -110.64 -47.72 -48.75
C TRP MB 6 -111.60 -48.13 -49.86
N VAL MB 7 -112.74 -48.72 -49.48
CA VAL MB 7 -113.65 -49.31 -50.44
C VAL MB 7 -114.33 -48.20 -51.23
N THR MB 8 -113.92 -48.03 -52.49
CA THR MB 8 -114.45 -46.95 -53.31
C THR MB 8 -115.85 -47.27 -53.84
N GLN MB 9 -116.08 -48.51 -54.29
CA GLN MB 9 -117.37 -48.85 -54.88
C GLN MB 9 -117.67 -50.32 -54.64
N ILE MB 10 -118.95 -50.62 -54.40
CA ILE MB 10 -119.44 -51.97 -54.22
C ILE MB 10 -120.64 -52.17 -55.15
N ALA MB 11 -120.76 -53.35 -55.73
CA ALA MB 11 -121.88 -53.68 -56.60
C ALA MB 11 -122.20 -55.15 -56.49
N THR MB 12 -123.44 -55.50 -56.86
CA THR MB 12 -123.93 -56.87 -56.78
C THR MB 12 -124.40 -57.32 -58.16
N THR MB 13 -124.04 -58.54 -58.53
CA THR MB 13 -124.46 -59.11 -59.81
C THR MB 13 -125.92 -59.54 -59.72
N PRO MB 14 -126.79 -59.09 -60.61
CA PRO MB 14 -128.21 -59.46 -60.52
C PRO MB 14 -128.46 -60.96 -60.63
N GLN MB 15 -127.66 -61.67 -61.44
CA GLN MB 15 -127.94 -63.08 -61.67
C GLN MB 15 -127.56 -63.93 -60.47
N PHE MB 16 -126.42 -63.64 -59.84
CA PHE MB 16 -126.00 -64.37 -58.66
C PHE MB 16 -126.15 -63.50 -57.42
N PRO MB 17 -127.11 -63.78 -56.54
CA PRO MB 17 -127.23 -63.00 -55.29
C PRO MB 17 -126.07 -63.23 -54.34
N ASP MB 18 -125.32 -64.31 -54.50
CA ASP MB 18 -124.18 -64.61 -53.64
C ASP MB 18 -122.88 -64.00 -54.15
N MET MB 19 -122.89 -63.36 -55.31
CA MET MB 19 -121.69 -62.78 -55.90
C MET MB 19 -121.76 -61.27 -55.80
N ILE MB 20 -120.74 -60.67 -55.19
CA ILE MB 20 -120.62 -59.22 -55.04
C ILE MB 20 -119.21 -58.82 -55.44
N LEU MB 21 -119.10 -57.74 -56.20
CA LEU MB 21 -117.82 -57.27 -56.71
C LEU MB 21 -117.50 -55.92 -56.08
N SER MB 22 -116.33 -55.81 -55.47
CA SER MB 22 -115.92 -54.61 -54.74
C SER MB 22 -114.58 -54.12 -55.26
N ALA MB 23 -114.46 -52.81 -55.46
CA ALA MB 23 -113.23 -52.16 -55.87
C ALA MB 23 -112.76 -51.21 -54.78
N SER MB 24 -111.45 -51.17 -54.55
CA SER MB 24 -110.91 -50.35 -53.47
C SER MB 24 -109.70 -49.56 -53.95
N ARG MB 25 -109.07 -48.79 -53.06
CA ARG MB 25 -107.90 -48.00 -53.43
C ARG MB 25 -106.76 -48.91 -53.87
N ASP MB 26 -106.51 -50.00 -53.14
CA ASP MB 26 -105.50 -50.93 -53.58
C ASP MB 26 -105.95 -51.65 -54.85
N LYS MB 27 -104.99 -52.22 -55.58
CA LYS MB 27 -105.26 -52.75 -56.91
C LYS MB 27 -106.20 -53.95 -56.88
N THR MB 28 -106.46 -54.55 -55.71
CA THR MB 28 -107.25 -55.78 -55.66
C THR MB 28 -108.73 -55.46 -55.84
N ILE MB 29 -109.31 -55.94 -56.93
CA ILE MB 29 -110.75 -55.94 -57.12
C ILE MB 29 -111.26 -57.32 -56.71
N ILE MB 30 -111.64 -57.47 -55.46
CA ILE MB 30 -111.97 -58.76 -54.87
C ILE MB 30 -113.48 -58.93 -54.92
N MET MB 31 -113.93 -60.09 -55.41
CA MET MB 31 -115.34 -60.43 -55.42
C MET MB 31 -115.59 -61.50 -54.36
N TRP MB 32 -116.52 -61.21 -53.45
CA TRP MB 32 -116.81 -62.07 -52.30
C TRP MB 32 -117.97 -63.01 -52.63
N LYS MB 33 -117.92 -64.20 -52.06
CA LYS MB 33 -119.03 -65.15 -52.14
C LYS MB 33 -119.68 -65.26 -50.76
N LEU MB 34 -121.00 -65.20 -50.74
CA LEU MB 34 -121.75 -65.16 -49.48
C LEU MB 34 -122.06 -66.58 -49.01
N THR MB 35 -121.62 -66.91 -47.80
CA THR MB 35 -121.92 -68.19 -47.18
C THR MB 35 -122.87 -68.09 -45.99
N ARG MB 36 -122.86 -66.97 -45.27
CA ARG MB 36 -123.77 -66.74 -44.14
C ARG MB 36 -123.60 -67.83 -43.08
N ASP MB 37 -122.34 -68.12 -42.73
CA ASP MB 37 -122.04 -69.12 -41.71
C ASP MB 37 -120.69 -68.80 -41.10
N GLU MB 38 -120.43 -69.42 -39.94
CA GLU MB 38 -119.18 -69.24 -39.20
C GLU MB 38 -118.94 -67.77 -38.87
N THR MB 39 -120.01 -67.06 -38.51
CA THR MB 39 -119.98 -65.66 -38.08
C THR MB 39 -119.31 -64.72 -39.09
N ASN MB 40 -119.19 -65.15 -40.35
CA ASN MB 40 -118.69 -64.30 -41.41
C ASN MB 40 -119.67 -64.35 -42.58
N TYR MB 41 -120.04 -63.19 -43.10
CA TYR MB 41 -121.06 -63.14 -44.14
C TYR MB 41 -120.51 -63.61 -45.49
N GLY MB 42 -119.28 -63.22 -45.82
CA GLY MB 42 -118.70 -63.55 -47.11
C GLY MB 42 -117.24 -63.91 -46.99
N ILE MB 43 -116.79 -64.72 -47.94
CA ILE MB 43 -115.40 -65.17 -48.02
C ILE MB 43 -114.84 -64.78 -49.39
N PRO MB 44 -113.64 -64.20 -49.46
CA PRO MB 44 -113.10 -63.78 -50.76
C PRO MB 44 -112.76 -64.95 -51.66
N GLN MB 45 -113.58 -65.16 -52.71
CA GLN MB 45 -113.35 -66.27 -53.62
C GLN MB 45 -112.18 -65.99 -54.56
N ARG MB 46 -112.08 -64.77 -55.08
CA ARG MB 46 -111.07 -64.45 -56.07
C ARG MB 46 -110.81 -62.96 -56.08
N ALA MB 47 -109.55 -62.59 -56.30
CA ALA MB 47 -109.10 -61.21 -56.33
C ALA MB 47 -108.48 -60.89 -57.68
N LEU MB 48 -108.52 -59.62 -58.05
CA LEU MB 48 -108.05 -59.15 -59.35
C LEU MB 48 -106.97 -58.11 -59.12
N ARG MB 49 -105.76 -58.36 -59.61
CA ARG MB 49 -104.71 -57.35 -59.47
C ARG MB 49 -104.79 -56.32 -60.59
N GLY MB 50 -104.63 -56.76 -61.84
CA GLY MB 50 -104.79 -55.87 -62.98
C GLY MB 50 -103.82 -54.71 -62.97
N HIS MB 51 -104.35 -53.53 -63.25
CA HIS MB 51 -103.55 -52.31 -63.36
C HIS MB 51 -103.12 -51.84 -61.97
N SER MB 52 -102.49 -50.67 -61.92
CA SER MB 52 -101.90 -50.13 -60.71
C SER MB 52 -102.73 -48.96 -60.19
N HIS MB 53 -102.23 -48.31 -59.13
CA HIS MB 53 -102.80 -47.11 -58.53
C HIS MB 53 -104.22 -47.35 -58.00
N PHE MB 54 -104.90 -46.27 -57.62
CA PHE MB 54 -106.21 -46.39 -57.01
C PHE MB 54 -107.27 -46.72 -58.06
N VAL MB 55 -108.15 -47.67 -57.74
CA VAL MB 55 -109.25 -48.06 -58.61
C VAL MB 55 -110.49 -47.28 -58.20
N SER MB 56 -111.03 -46.49 -59.13
CA SER MB 56 -112.15 -45.61 -58.80
C SER MB 56 -113.44 -46.40 -58.56
N ASP MB 57 -113.77 -47.32 -59.46
CA ASP MB 57 -115.04 -48.02 -59.39
C ASP MB 57 -115.01 -49.20 -60.36
N VAL MB 58 -116.11 -49.94 -60.40
CA VAL MB 58 -116.27 -51.08 -61.29
C VAL MB 58 -117.76 -51.31 -61.51
N VAL MB 59 -118.11 -51.73 -62.74
CA VAL MB 59 -119.49 -52.02 -63.09
C VAL MB 59 -119.53 -53.40 -63.77
N ILE MB 60 -120.71 -54.00 -63.77
CA ILE MB 60 -120.92 -55.31 -64.37
C ILE MB 60 -122.05 -55.21 -65.39
N SER MB 61 -121.97 -56.05 -66.42
CA SER MB 61 -122.95 -56.05 -67.49
C SER MB 61 -124.21 -56.79 -67.04
N SER MB 62 -125.15 -56.99 -67.96
CA SER MB 62 -126.39 -57.69 -67.64
C SER MB 62 -126.11 -59.16 -67.32
N ASP MB 63 -126.79 -59.66 -66.28
CA ASP MB 63 -126.65 -61.03 -65.80
C ASP MB 63 -125.22 -61.38 -65.40
N GLY MB 64 -124.38 -60.38 -65.21
CA GLY MB 64 -123.01 -60.61 -64.75
C GLY MB 64 -122.16 -61.41 -65.70
N GLN MB 65 -122.30 -61.19 -67.01
CA GLN MB 65 -121.47 -61.91 -67.97
C GLN MB 65 -120.01 -61.45 -67.87
N PHE MB 66 -119.77 -60.14 -67.87
CA PHE MB 66 -118.43 -59.62 -67.70
C PHE MB 66 -118.51 -58.25 -67.05
N ALA MB 67 -117.39 -57.84 -66.46
CA ALA MB 67 -117.28 -56.59 -65.73
C ALA MB 67 -116.32 -55.64 -66.45
N LEU MB 68 -116.19 -54.44 -65.89
CA LEU MB 68 -115.31 -53.42 -66.42
C LEU MB 68 -114.97 -52.46 -65.29
N SER MB 69 -113.68 -52.33 -64.98
CA SER MB 69 -113.21 -51.55 -63.85
C SER MB 69 -112.56 -50.26 -64.34
N GLY MB 70 -113.01 -49.14 -63.79
CA GLY MB 70 -112.36 -47.85 -64.03
C GLY MB 70 -111.41 -47.53 -62.89
N SER MB 71 -110.24 -47.03 -63.24
CA SER MB 71 -109.17 -46.80 -62.28
C SER MB 71 -108.46 -45.48 -62.60
N TRP MB 72 -107.74 -44.97 -61.60
CA TRP MB 72 -106.98 -43.73 -61.75
C TRP MB 72 -105.84 -43.85 -62.77
N ASP MB 73 -105.51 -45.07 -63.18
CA ASP MB 73 -104.47 -45.29 -64.19
C ASP MB 73 -104.75 -44.54 -65.48
N GLY MB 74 -106.03 -44.29 -65.79
CA GLY MB 74 -106.42 -43.63 -67.01
C GLY MB 74 -106.91 -44.55 -68.11
N THR MB 75 -106.93 -45.86 -67.87
CA THR MB 75 -107.41 -46.82 -68.85
C THR MB 75 -108.43 -47.75 -68.20
N LEU MB 76 -109.38 -48.20 -69.01
CA LEU MB 76 -110.42 -49.13 -68.57
C LEU MB 76 -109.97 -50.57 -68.79
N ARG MB 77 -110.50 -51.47 -67.97
CA ARG MB 77 -110.12 -52.88 -68.02
C ARG MB 77 -111.38 -53.74 -67.91
N LEU MB 78 -111.75 -54.39 -69.02
CA LEU MB 78 -112.84 -55.35 -69.03
C LEU MB 78 -112.32 -56.70 -68.51
N TRP MB 79 -113.10 -57.34 -67.64
CA TRP MB 79 -112.74 -58.63 -67.07
C TRP MB 79 -113.87 -59.63 -67.30
N ASP MB 80 -113.49 -60.88 -67.57
CA ASP MB 80 -114.46 -61.95 -67.71
C ASP MB 80 -114.91 -62.44 -66.34
N LEU MB 81 -116.04 -63.16 -66.33
CA LEU MB 81 -116.58 -63.70 -65.09
C LEU MB 81 -115.70 -64.80 -64.51
N THR MB 82 -114.77 -65.35 -65.30
CA THR MB 82 -113.96 -66.46 -64.84
C THR MB 82 -112.91 -65.96 -63.82
N THR MB 83 -112.05 -66.88 -63.40
CA THR MB 83 -111.15 -66.63 -62.28
C THR MB 83 -110.00 -65.73 -62.71
N GLY MB 84 -110.14 -64.43 -62.44
CA GLY MB 84 -109.04 -63.50 -62.60
C GLY MB 84 -108.45 -63.37 -63.99
N THR MB 85 -109.30 -63.24 -65.00
CA THR MB 85 -108.86 -63.11 -66.39
C THR MB 85 -109.24 -61.75 -66.92
N THR MB 86 -108.30 -61.08 -67.58
CA THR MB 86 -108.53 -59.78 -68.20
C THR MB 86 -108.98 -59.99 -69.64
N THR MB 87 -110.17 -59.50 -69.96
CA THR MB 87 -110.70 -59.67 -71.31
C THR MB 87 -110.03 -58.73 -72.30
N ARG MB 88 -110.13 -57.42 -72.06
CA ARG MB 88 -109.54 -56.44 -72.96
C ARG MB 88 -109.35 -55.14 -72.20
N ARG MB 89 -108.38 -54.35 -72.63
CA ARG MB 89 -108.08 -53.06 -72.03
C ARG MB 89 -108.35 -51.94 -73.02
N PHE MB 90 -109.04 -50.90 -72.56
CA PHE MB 90 -109.39 -49.74 -73.39
C PHE MB 90 -108.57 -48.54 -72.96
N VAL MB 91 -107.95 -47.86 -73.92
CA VAL MB 91 -107.13 -46.69 -73.66
C VAL MB 91 -107.75 -45.49 -74.38
N GLY MB 92 -107.39 -44.30 -73.92
CA GLY MB 92 -107.89 -43.08 -74.53
C GLY MB 92 -108.16 -41.95 -73.55
N HIS MB 93 -108.29 -42.27 -72.27
CA HIS MB 93 -108.48 -41.25 -71.24
C HIS MB 93 -107.14 -40.75 -70.73
N THR MB 94 -107.06 -39.44 -70.49
CA THR MB 94 -105.80 -38.83 -70.12
C THR MB 94 -105.33 -39.29 -68.75
N LYS MB 95 -106.20 -39.22 -67.74
CA LYS MB 95 -105.79 -39.49 -66.37
C LYS MB 95 -107.02 -39.54 -65.47
N ASP MB 96 -106.97 -40.41 -64.46
CA ASP MB 96 -107.94 -40.45 -63.36
C ASP MB 96 -109.36 -40.69 -63.88
N VAL MB 97 -109.55 -41.88 -64.46
CA VAL MB 97 -110.89 -42.35 -64.76
C VAL MB 97 -111.65 -42.56 -63.46
N LEU MB 98 -112.82 -41.95 -63.35
CA LEU MB 98 -113.58 -41.94 -62.11
C LEU MB 98 -114.86 -42.75 -62.16
N SER MB 99 -115.70 -42.54 -63.17
CA SER MB 99 -117.00 -43.21 -63.26
C SER MB 99 -117.18 -43.85 -64.62
N VAL MB 100 -117.70 -45.08 -64.62
CA VAL MB 100 -118.07 -45.79 -65.82
C VAL MB 100 -119.43 -46.43 -65.60
N ALA MB 101 -120.13 -46.72 -66.70
CA ALA MB 101 -121.47 -47.28 -66.61
C ALA MB 101 -121.84 -47.94 -67.93
N PHE MB 102 -122.28 -49.20 -67.86
CA PHE MB 102 -122.76 -49.90 -69.04
C PHE MB 102 -124.11 -49.35 -69.49
N SER MB 103 -124.50 -49.71 -70.71
CA SER MB 103 -125.82 -49.37 -71.21
C SER MB 103 -126.80 -50.49 -70.87
N SER MB 104 -128.05 -50.34 -71.34
CA SER MB 104 -129.06 -51.36 -71.07
C SER MB 104 -128.68 -52.68 -71.74
N ASP MB 105 -128.19 -52.63 -72.97
CA ASP MB 105 -127.72 -53.81 -73.68
C ASP MB 105 -126.21 -54.01 -73.55
N ASN MB 106 -125.53 -53.17 -72.78
CA ASN MB 106 -124.09 -53.22 -72.58
C ASN MB 106 -123.30 -53.07 -73.88
N ARG MB 107 -123.93 -52.53 -74.92
CA ARG MB 107 -123.23 -52.34 -76.19
C ARG MB 107 -122.30 -51.14 -76.14
N GLN MB 108 -122.71 -50.07 -75.45
CA GLN MB 108 -121.94 -48.85 -75.35
C GLN MB 108 -121.73 -48.50 -73.88
N ILE MB 109 -120.52 -48.05 -73.55
CA ILE MB 109 -120.14 -47.73 -72.18
C ILE MB 109 -119.73 -46.26 -72.12
N VAL MB 110 -120.28 -45.54 -71.16
CA VAL MB 110 -119.94 -44.14 -70.93
C VAL MB 110 -118.85 -44.05 -69.88
N SER MB 111 -117.82 -43.26 -70.16
CA SER MB 111 -116.70 -43.09 -69.25
C SER MB 111 -116.29 -41.63 -69.13
N SER MB 112 -118.14 -35.76 -61.75
CA SER MB 112 -117.55 -36.67 -60.79
C SER MB 112 -118.17 -38.07 -60.90
N CYS MB 113 -119.48 -38.12 -61.09
CA CYS MB 113 -120.20 -39.39 -61.22
C CYS MB 113 -121.08 -39.34 -62.45
N VAL MB 114 -121.01 -40.40 -63.26
CA VAL MB 114 -121.84 -40.55 -64.45
C VAL MB 114 -122.65 -41.83 -64.28
N ARG MB 115 -123.97 -41.72 -64.42
CA ARG MB 115 -124.88 -42.84 -64.23
C ARG MB 115 -125.70 -43.08 -65.49
N PHE MB 116 -125.98 -44.35 -65.75
CA PHE MB 116 -126.77 -44.76 -66.91
C PHE MB 116 -128.13 -45.27 -66.45
N SER MB 117 -129.18 -44.81 -67.13
CA SER MB 117 -130.53 -45.20 -66.77
C SER MB 117 -130.97 -46.46 -67.50
N ASN MB 118 -120.89 -36.08 -55.47
CA ASN MB 118 -120.03 -37.25 -55.40
C ASN MB 118 -120.64 -38.42 -56.19
N THR MB 119 -121.92 -38.68 -55.96
CA THR MB 119 -122.63 -39.77 -56.61
C THR MB 119 -123.95 -39.27 -57.17
N VAL MB 120 -124.35 -39.84 -58.31
CA VAL MB 120 -125.61 -39.51 -58.97
C VAL MB 120 -126.39 -40.81 -59.14
N THR MB 121 -127.62 -40.84 -58.64
CA THR MB 121 -128.44 -42.04 -58.71
C THR MB 121 -129.93 -41.68 -58.80
N ASN MB 122 -121.49 -38.82 -49.52
CA ASN MB 122 -120.38 -39.53 -50.14
C ASN MB 122 -120.90 -40.63 -51.06
N ALA MB 123 -121.98 -41.28 -50.64
CA ALA MB 123 -122.61 -42.34 -51.42
C ALA MB 123 -124.10 -42.09 -51.49
N LEU MB 124 -124.69 -42.35 -52.66
CA LEU MB 124 -126.12 -42.21 -52.88
C LEU MB 124 -126.61 -43.39 -53.70
N CYS MB 125 -127.71 -44.00 -53.24
CA CYS MB 125 -128.22 -45.19 -53.91
C CYS MB 125 -129.75 -45.19 -53.84
N PHE MB 126 -130.36 -45.76 -54.87
CA PHE MB 126 -131.81 -45.97 -54.92
C PHE MB 126 -132.10 -47.45 -54.74
N SER MB 127 -133.04 -47.76 -53.85
CA SER MB 127 -133.40 -49.15 -53.62
C SER MB 127 -134.05 -49.72 -54.88
N PRO MB 128 -133.71 -50.95 -55.26
CA PRO MB 128 -134.23 -51.52 -56.51
C PRO MB 128 -135.75 -51.76 -56.45
N ASN MB 129 -136.21 -52.42 -55.40
CA ASN MB 129 -137.63 -52.75 -55.26
C ASN MB 129 -138.33 -51.90 -54.22
N ARG MB 130 -137.74 -50.77 -53.82
CA ARG MB 130 -138.34 -49.88 -52.85
C ARG MB 130 -137.98 -48.44 -53.19
N TYR MB 131 -138.78 -47.51 -52.66
CA TYR MB 131 -138.58 -46.09 -52.87
C TYR MB 131 -137.58 -45.50 -51.87
N TRP MB 132 -136.79 -46.33 -51.19
CA TRP MB 132 -135.85 -45.84 -50.20
C TRP MB 132 -134.65 -45.20 -50.85
N LEU MB 133 -134.19 -44.09 -50.27
CA LEU MB 133 -132.97 -43.42 -50.67
C LEU MB 133 -131.98 -43.50 -49.50
N CYS MB 134 -130.81 -44.07 -49.76
CA CYS MB 134 -129.79 -44.26 -48.73
C CYS MB 134 -128.59 -43.37 -49.04
N ALA MB 135 -128.14 -42.62 -48.04
CA ALA MB 135 -126.99 -41.74 -48.17
C ALA MB 135 -125.96 -42.11 -47.11
N ALA MB 136 -124.68 -42.06 -47.48
CA ALA MB 136 -123.58 -42.41 -46.60
C ALA MB 136 -122.70 -41.19 -46.40
N THR MB 137 -123.06 -40.36 -45.43
CA THR MB 137 -122.30 -39.17 -45.08
C THR MB 137 -121.56 -39.44 -43.76
N GLY MB 138 -120.25 -39.30 -43.80
CA GLY MB 138 -119.43 -39.57 -42.64
C GLY MB 138 -119.51 -41.02 -42.21
N PRO MB 139 -119.46 -41.27 -40.90
CA PRO MB 139 -119.54 -42.63 -40.38
C PRO MB 139 -120.93 -43.24 -40.40
N SER MB 140 -121.90 -42.58 -41.01
CA SER MB 140 -123.26 -43.11 -41.10
C SER MB 140 -123.66 -43.34 -42.55
N CYS MB 141 -117.79 -43.94 -44.09
CA CYS MB 141 -118.50 -44.67 -45.14
C CYS MB 141 -118.35 -43.94 -46.48
N THR MB 142 -117.87 -44.67 -47.48
CA THR MB 142 -117.58 -44.11 -48.80
C THR MB 142 -118.27 -44.81 -49.96
N SER MB 143 -118.76 -46.04 -49.75
CA SER MB 143 -119.44 -46.78 -50.80
C SER MB 143 -120.67 -47.48 -50.23
N LEU MB 144 -121.70 -47.59 -51.06
CA LEU MB 144 -122.93 -48.29 -50.70
C LEU MB 144 -123.37 -49.18 -51.85
N ALA MB 145 -124.02 -50.29 -51.52
CA ALA MB 145 -124.54 -51.21 -52.51
C ALA MB 145 -125.78 -51.89 -51.96
N TRP MB 146 -126.67 -52.29 -52.86
CA TRP MB 146 -127.91 -52.96 -52.49
C TRP MB 146 -128.01 -54.29 -53.22
N SER MB 147 -128.67 -55.25 -52.59
CA SER MB 147 -128.91 -56.55 -53.21
C SER MB 147 -129.99 -56.44 -54.28
N ALA MB 148 -130.04 -57.47 -55.13
CA ALA MB 148 -131.04 -57.48 -56.19
C ALA MB 148 -132.46 -57.51 -55.63
N ASP MB 149 -132.69 -58.32 -54.60
CA ASP MB 149 -134.00 -58.36 -53.97
C ASP MB 149 -134.28 -57.10 -53.15
N GLY MB 150 -133.24 -56.53 -52.54
CA GLY MB 150 -133.40 -55.31 -51.76
C GLY MB 150 -133.63 -55.57 -50.29
N GLN MB 151 -132.92 -56.56 -49.73
CA GLN MB 151 -133.05 -56.91 -48.33
C GLN MB 151 -131.76 -56.77 -47.54
N THR MB 152 -130.63 -56.53 -48.18
CA THR MB 152 -129.36 -56.36 -47.50
C THR MB 152 -128.61 -55.17 -48.07
N LEU MB 153 -127.73 -54.59 -47.25
CA LEU MB 153 -126.95 -53.42 -47.62
C LEU MB 153 -125.48 -53.70 -47.36
N PHE MB 154 -124.63 -53.41 -48.35
CA PHE MB 154 -123.19 -53.57 -48.24
C PHE MB 154 -122.55 -52.19 -48.20
N ALA MB 155 -121.94 -51.85 -47.07
CA ALA MB 155 -121.34 -50.53 -46.85
C ALA MB 155 -119.83 -50.67 -46.74
N GLY MB 156 -119.11 -49.92 -47.56
CA GLY MB 156 -117.66 -49.87 -47.47
C GLY MB 156 -117.17 -48.60 -46.80
N TYR MB 157 -116.72 -48.71 -45.55
CA TYR MB 157 -116.30 -47.56 -44.78
C TYR MB 157 -114.87 -47.19 -45.14
N THR MB 158 -114.30 -46.22 -44.42
CA THR MB 158 -112.89 -45.88 -44.63
C THR MB 158 -111.98 -47.04 -44.27
N ASP MB 159 -112.31 -47.75 -43.19
CA ASP MB 159 -111.55 -48.93 -42.82
C ASP MB 159 -111.79 -50.06 -43.82
N ASN MB 160 -110.88 -51.03 -43.83
CA ASN MB 160 -110.97 -52.14 -44.77
C ASN MB 160 -112.14 -53.08 -44.48
N LEU MB 161 -112.79 -52.95 -43.33
CA LEU MB 161 -113.93 -53.79 -42.99
C LEU MB 161 -115.15 -53.40 -43.81
N VAL MB 162 -115.96 -54.39 -44.18
CA VAL MB 162 -117.21 -54.20 -44.87
C VAL MB 162 -118.35 -54.59 -43.94
N ARG MB 163 -119.32 -53.71 -43.79
CA ARG MB 163 -120.43 -53.92 -42.86
C ARG MB 163 -121.68 -54.31 -43.64
N VAL MB 164 -122.33 -55.39 -43.19
CA VAL MB 164 -123.52 -55.92 -43.85
C VAL MB 164 -124.71 -55.68 -42.93
N TRP MB 165 -125.72 -54.99 -43.45
CA TRP MB 165 -126.95 -54.71 -42.71
C TRP MB 165 -128.09 -55.46 -43.39
N GLN MB 166 -128.80 -56.28 -42.61
CA GLN MB 166 -129.95 -57.02 -43.12
C GLN MB 166 -131.23 -56.38 -42.60
N VAL MB 167 -132.17 -56.11 -43.51
CA VAL MB 167 -133.43 -55.49 -43.14
C VAL MB 167 -134.25 -56.47 -42.33
N THR MB 168 -134.69 -56.06 -41.14
CA THR MB 168 -135.45 -56.90 -40.24
C THR MB 168 -136.61 -56.10 -39.66
N ILE MB 169 -137.61 -56.83 -39.16
CA ILE MB 169 -138.81 -56.25 -38.58
C ILE MB 169 -139.51 -55.32 -39.56
N GLU NB 1 -100.65 7.77 -64.15
CA GLU NB 1 -100.11 6.42 -64.08
C GLU NB 1 -99.72 6.06 -62.65
N TRP NB 2 -100.40 6.68 -61.68
CA TRP NB 2 -100.16 6.45 -60.26
C TRP NB 2 -101.46 6.00 -59.59
N ILE NB 3 -101.35 5.05 -58.68
CA ILE NB 3 -102.48 4.50 -57.94
C ILE NB 3 -102.33 4.91 -56.48
N PRO NB 4 -103.31 5.60 -55.89
CA PRO NB 4 -103.26 5.89 -54.46
C PRO NB 4 -103.46 4.63 -53.61
N VAL NB 5 -102.87 4.65 -52.43
CA VAL NB 5 -102.93 3.51 -51.52
C VAL NB 5 -103.32 3.96 -50.11
N THR NB 6 -103.64 5.25 -49.95
CA THR NB 6 -103.97 5.79 -48.65
C THR NB 6 -105.07 6.82 -48.81
N LYS NB 7 -105.59 7.29 -47.67
CA LYS NB 7 -106.69 8.26 -47.69
C LYS NB 7 -106.26 9.56 -48.34
N LEU NB 8 -105.15 10.13 -47.89
CA LEU NB 8 -104.69 11.41 -48.44
C LEU NB 8 -104.35 11.29 -49.91
N GLY NB 9 -103.73 10.17 -50.31
CA GLY NB 9 -103.34 10.01 -51.70
C GLY NB 9 -104.52 9.99 -52.65
N ARG NB 10 -105.61 9.35 -52.24
CA ARG NB 10 -106.81 9.32 -53.07
C ARG NB 10 -107.39 10.72 -53.23
N LEU NB 11 -107.40 11.51 -52.15
CA LEU NB 11 -107.95 12.86 -52.21
C LEU NB 11 -107.17 13.74 -53.17
N VAL NB 12 -105.86 13.50 -53.29
CA VAL NB 12 -105.04 14.30 -54.21
C VAL NB 12 -105.37 13.95 -55.66
N LYS NB 13 -105.56 12.67 -55.96
CA LYS NB 13 -105.77 12.25 -57.34
C LYS NB 13 -107.09 12.76 -57.90
N ASP NB 14 -108.15 12.76 -57.09
CA ASP NB 14 -109.48 13.19 -57.54
C ASP NB 14 -109.72 14.68 -57.28
N MET NB 15 -108.66 15.45 -57.06
CA MET NB 15 -108.72 16.92 -56.96
C MET NB 15 -109.76 17.39 -55.94
N LYS NB 16 -109.80 16.71 -54.79
CA LYS NB 16 -110.59 17.19 -53.67
C LYS NB 16 -109.78 18.03 -52.69
N ILE NB 17 -108.47 18.17 -52.91
CA ILE NB 17 -107.60 18.95 -52.05
C ILE NB 17 -106.90 20.00 -52.90
N LYS NB 18 -106.99 21.27 -52.48
CA LYS NB 18 -106.47 22.36 -53.29
C LYS NB 18 -104.95 22.35 -53.36
N SER NB 19 -104.30 22.23 -52.20
CA SER NB 19 -102.84 22.29 -52.17
C SER NB 19 -102.35 21.60 -50.89
N LEU NB 20 -101.08 21.80 -50.55
CA LEU NB 20 -100.49 21.20 -49.36
C LEU NB 20 -100.75 22.01 -48.09
N GLU NB 21 -101.18 23.26 -48.21
CA GLU NB 21 -101.30 24.13 -47.05
C GLU NB 21 -102.33 23.60 -46.06
N GLU NB 22 -103.44 23.08 -46.57
CA GLU NB 22 -104.45 22.48 -45.70
C GLU NB 22 -103.89 21.26 -44.99
N ILE NB 23 -103.00 20.52 -45.66
CA ILE NB 23 -102.37 19.36 -45.03
C ILE NB 23 -101.51 19.79 -43.84
N TYR NB 24 -100.69 20.84 -44.02
CA TYR NB 24 -99.87 21.34 -42.92
C TYR NB 24 -100.75 21.69 -41.73
N LEU NB 25 -101.92 22.25 -42.01
CA LEU NB 25 -102.82 22.70 -40.96
C LEU NB 25 -103.23 21.55 -40.04
N PHE NB 26 -103.53 20.40 -40.62
CA PHE NB 26 -104.06 19.27 -39.87
C PHE NB 26 -102.97 18.32 -39.38
N SER NB 27 -101.71 18.61 -39.68
CA SER NB 27 -100.56 17.82 -39.21
C SER NB 27 -100.71 16.34 -39.56
N LEU NB 28 -101.34 16.06 -40.68
CA LEU NB 28 -101.52 14.69 -41.14
C LEU NB 28 -100.23 14.18 -41.78
N PRO NB 29 -99.70 13.04 -41.37
CA PRO NB 29 -98.49 12.51 -41.99
C PRO NB 29 -98.70 12.25 -43.48
N ILE NB 30 -97.67 12.57 -44.26
CA ILE NB 30 -97.66 12.32 -45.70
C ILE NB 30 -96.84 11.08 -45.98
N LYS NB 31 -97.35 10.21 -46.85
CA LYS NB 31 -96.68 8.96 -47.16
C LYS NB 31 -96.61 8.67 -48.65
N GLU NB 32 -96.83 9.65 -49.52
CA GLU NB 32 -96.62 9.47 -50.94
C GLU NB 32 -95.92 10.71 -51.49
N SER NB 33 -94.91 10.48 -52.35
CA SER NB 33 -94.26 11.56 -53.06
C SER NB 33 -95.08 12.07 -54.23
N GLU NB 34 -96.08 11.31 -54.68
CA GLU NB 34 -96.91 11.75 -55.80
C GLU NB 34 -97.78 12.95 -55.42
N ILE NB 35 -98.02 13.14 -54.12
CA ILE NB 35 -98.73 14.35 -53.68
C ILE NB 35 -97.92 15.59 -54.02
N ILE NB 36 -96.63 15.57 -53.70
CA ILE NB 36 -95.78 16.73 -53.96
C ILE NB 36 -95.52 16.87 -55.46
N ASP NB 37 -95.32 15.76 -56.16
CA ASP NB 37 -95.01 15.81 -57.58
C ASP NB 37 -96.17 16.41 -58.38
N PHE NB 38 -97.40 16.04 -58.04
CA PHE NB 38 -98.55 16.61 -58.74
C PHE NB 38 -98.69 18.10 -58.46
N PHE NB 39 -98.43 18.53 -57.22
CA PHE NB 39 -98.68 19.91 -56.84
C PHE NB 39 -97.67 20.87 -57.44
N LEU NB 40 -96.37 20.62 -57.18
CA LEU NB 40 -95.33 21.56 -57.57
C LEU NB 40 -94.22 20.90 -58.38
N GLY NB 41 -94.54 19.82 -59.11
CA GLY NB 41 -93.50 19.11 -59.86
C GLY NB 41 -92.85 19.95 -60.94
N ALA NB 42 -93.57 20.95 -61.47
CA ALA NB 42 -93.03 21.80 -62.51
C ALA NB 42 -92.18 22.95 -61.98
N SER NB 43 -92.09 23.11 -60.65
CA SER NB 43 -91.32 24.20 -60.06
C SER NB 43 -90.38 23.73 -58.95
N LEU NB 44 -90.20 22.42 -58.78
CA LEU NB 44 -89.36 21.88 -57.73
C LEU NB 44 -88.01 21.45 -58.32
N LYS NB 45 -86.93 21.83 -57.64
CA LYS NB 45 -85.58 21.44 -58.04
C LYS NB 45 -84.87 20.78 -56.85
N ASP NB 46 -83.97 19.85 -57.17
CA ASP NB 46 -83.26 19.07 -56.17
C ASP NB 46 -81.75 19.15 -56.42
N GLU NB 47 -80.99 19.10 -55.33
CA GLU NB 47 -79.53 19.17 -55.41
C GLU NB 47 -78.92 18.26 -54.36
N VAL NB 48 -78.03 17.37 -54.82
CA VAL NB 48 -77.34 16.45 -53.92
C VAL NB 48 -76.19 17.18 -53.24
N LEU NB 49 -75.99 16.92 -51.96
CA LEU NB 49 -75.00 17.63 -51.17
C LEU NB 49 -73.69 16.86 -51.02
N LYS NB 50 -73.74 15.63 -50.51
CA LYS NB 50 -72.53 14.89 -50.23
C LYS NB 50 -72.80 13.39 -50.29
N ILE NB 51 -71.83 12.64 -50.78
CA ILE NB 51 -71.86 11.17 -50.80
C ILE NB 51 -70.55 10.69 -50.19
N MET NB 52 -70.54 10.41 -48.89
CA MET NB 52 -69.33 9.88 -48.26
C MET NB 52 -69.41 8.36 -48.21
N PRO NB 53 -68.46 7.65 -48.81
CA PRO NB 53 -68.51 6.16 -48.87
C PRO NB 53 -68.24 5.47 -47.53
N VAL NB 54 -69.27 5.43 -46.70
CA VAL NB 54 -69.19 4.76 -45.41
C VAL NB 54 -69.13 3.25 -45.61
N GLN NB 55 -68.57 2.55 -44.62
CA GLN NB 55 -68.31 1.12 -44.76
C GLN NB 55 -68.23 0.48 -43.37
N LYS NB 56 -67.68 -0.74 -43.33
CA LYS NB 56 -67.57 -1.53 -42.11
C LYS NB 56 -66.41 -2.51 -42.23
N GLN NB 57 -66.00 -3.07 -41.08
CA GLN NB 57 -64.76 -3.85 -40.97
C GLN NB 57 -65.02 -5.11 -40.14
N THR NB 58 -65.26 -6.23 -40.83
CA THR NB 58 -65.62 -7.49 -40.19
C THR NB 58 -64.72 -8.62 -40.68
N ARG NB 59 -65.06 -9.87 -40.38
CA ARG NB 59 -64.17 -10.97 -40.75
C ARG NB 59 -63.97 -11.06 -42.27
N ALA NB 60 -64.77 -10.36 -43.06
CA ALA NB 60 -64.58 -10.29 -44.51
C ALA NB 60 -63.85 -9.01 -44.92
N GLY NB 61 -64.31 -7.86 -44.45
CA GLY NB 61 -63.61 -6.62 -44.74
C GLY NB 61 -64.50 -5.41 -45.02
N GLN NB 62 -64.05 -4.56 -45.94
CA GLN NB 62 -64.68 -3.27 -46.23
C GLN NB 62 -65.58 -3.40 -47.45
N ARG NB 63 -66.86 -3.07 -47.27
CA ARG NB 63 -67.82 -2.95 -48.37
C ARG NB 63 -68.57 -1.63 -48.20
N THR NB 64 -68.40 -0.73 -49.17
CA THR NB 64 -68.87 0.64 -49.04
C THR NB 64 -70.34 0.77 -49.41
N ARG NB 65 -71.08 1.49 -48.58
CA ARG NB 65 -72.45 1.90 -48.88
C ARG NB 65 -72.48 3.42 -49.01
N PHE NB 66 -73.28 3.90 -49.95
CA PHE NB 66 -73.31 5.33 -50.29
C PHE NB 66 -74.45 6.03 -49.58
N LYS NB 67 -74.16 7.21 -49.04
CA LYS NB 67 -75.13 8.05 -48.35
C LYS NB 67 -75.47 9.23 -49.22
N ALA NB 68 -76.73 9.67 -49.19
CA ALA NB 68 -77.19 10.71 -50.10
C ALA NB 68 -78.01 11.74 -49.34
N PHE NB 69 -77.55 12.98 -49.36
CA PHE NB 69 -78.35 14.13 -48.92
C PHE NB 69 -78.85 14.89 -50.14
N VAL NB 70 -80.09 15.34 -50.08
CA VAL NB 70 -80.65 16.21 -51.10
C VAL NB 70 -81.79 17.01 -50.48
N ALA NB 71 -81.78 18.32 -50.73
CA ALA NB 71 -82.88 19.19 -50.35
C ALA NB 71 -83.71 19.48 -51.60
N ILE NB 72 -85.03 19.46 -51.45
CA ILE NB 72 -85.95 19.74 -52.54
C ILE NB 72 -86.70 21.01 -52.19
N GLY NB 73 -86.71 21.96 -53.11
CA GLY NB 73 -87.38 23.23 -52.87
C GLY NB 73 -87.80 23.88 -54.17
N ASP NB 74 -88.89 24.64 -54.09
CA ASP NB 74 -89.38 25.43 -55.21
C ASP NB 74 -88.76 26.82 -55.24
N TYR NB 75 -87.84 27.12 -54.32
CA TYR NB 75 -87.23 28.43 -54.17
C TYR NB 75 -88.26 29.50 -53.83
N ASN NB 76 -89.48 29.08 -53.48
CA ASN NB 76 -90.51 30.06 -53.17
C ASN NB 76 -90.97 30.01 -51.72
N GLY NB 77 -91.52 28.87 -51.29
CA GLY NB 77 -91.99 28.78 -49.92
C GLY NB 77 -91.94 27.42 -49.24
N HIS NB 78 -91.37 26.41 -49.89
CA HIS NB 78 -91.47 25.03 -49.41
C HIS NB 78 -90.14 24.31 -49.65
N VAL NB 79 -89.53 23.82 -48.57
CA VAL NB 79 -88.31 23.03 -48.64
C VAL NB 79 -88.39 21.89 -47.64
N GLY NB 80 -87.58 20.86 -47.89
CA GLY NB 80 -87.42 19.76 -46.95
C GLY NB 80 -86.19 18.97 -47.36
N LEU NB 81 -85.64 18.24 -46.39
CA LEU NB 81 -84.42 17.49 -46.62
C LEU NB 81 -84.61 16.03 -46.22
N GLY NB 82 -83.91 15.16 -46.94
CA GLY NB 82 -83.97 13.73 -46.69
C GLY NB 82 -82.63 13.05 -46.91
N VAL NB 83 -82.42 11.91 -46.26
CA VAL NB 83 -81.19 11.15 -46.37
C VAL NB 83 -81.52 9.72 -46.77
N LYS NB 84 -80.55 9.05 -47.39
CA LYS NB 84 -80.76 7.68 -47.85
C LYS NB 84 -79.41 6.97 -47.96
N CYS NB 85 -79.27 5.84 -47.29
CA CYS NB 85 -78.05 5.03 -47.34
C CYS NB 85 -78.39 3.70 -47.97
N SER NB 86 -77.69 3.35 -49.05
CA SER NB 86 -77.94 2.12 -49.79
C SER NB 86 -76.62 1.62 -50.35
N LYS NB 87 -76.69 0.65 -51.26
CA LYS NB 87 -75.50 0.01 -51.81
C LYS NB 87 -74.96 0.69 -53.06
N GLU NB 88 -75.77 1.52 -53.72
CA GLU NB 88 -75.38 2.10 -55.00
C GLU NB 88 -75.54 3.62 -54.95
N VAL NB 89 -74.80 4.30 -55.82
CA VAL NB 89 -74.81 5.77 -55.82
C VAL NB 89 -76.14 6.30 -56.32
N ALA NB 90 -76.66 5.75 -57.42
CA ALA NB 90 -77.88 6.28 -58.00
C ALA NB 90 -79.09 5.94 -57.14
N THR NB 91 -79.14 4.72 -56.60
CA THR NB 91 -80.26 4.33 -55.75
C THR NB 91 -80.39 5.25 -54.55
N ALA NB 92 -79.27 5.58 -53.92
CA ALA NB 92 -79.30 6.50 -52.78
C ALA NB 92 -79.79 7.88 -53.19
N ILE NB 93 -79.31 8.39 -54.33
CA ILE NB 93 -79.67 9.74 -54.76
C ILE NB 93 -81.16 9.82 -55.06
N ARG NB 94 -81.69 8.84 -55.81
CA ARG NB 94 -83.10 8.89 -56.19
C ARG NB 94 -84.00 8.79 -54.97
N GLY NB 95 -83.79 7.78 -54.12
CA GLY NB 95 -84.64 7.60 -52.97
C GLY NB 95 -84.60 8.78 -52.01
N ALA NB 96 -83.41 9.37 -51.83
CA ALA NB 96 -83.27 10.49 -50.91
C ALA NB 96 -84.12 11.67 -51.36
N ILE NB 97 -84.28 11.85 -52.68
CA ILE NB 97 -85.15 12.91 -53.19
C ILE NB 97 -86.60 12.60 -52.87
N ILE NB 98 -86.98 11.32 -52.93
CA ILE NB 98 -88.34 10.93 -52.55
C ILE NB 98 -88.60 11.27 -51.09
N LEU NB 99 -87.66 10.91 -50.21
CA LEU NB 99 -87.83 11.19 -48.78
C LEU NB 99 -87.77 12.68 -48.50
N ALA NB 100 -86.87 13.41 -49.17
CA ALA NB 100 -86.80 14.85 -48.98
C ALA NB 100 -88.10 15.52 -49.38
N LYS NB 101 -88.66 15.11 -50.53
CA LYS NB 101 -89.97 15.61 -50.92
C LYS NB 101 -91.04 15.18 -49.92
N LEU NB 102 -90.92 13.95 -49.41
CA LEU NB 102 -91.92 13.45 -48.47
C LEU NB 102 -91.94 14.27 -47.20
N SER NB 103 -90.77 14.67 -46.71
CA SER NB 103 -90.65 15.39 -45.45
C SER NB 103 -90.67 16.90 -45.63
N ILE NB 104 -91.15 17.41 -46.76
CA ILE NB 104 -91.21 18.85 -46.95
C ILE NB 104 -92.10 19.49 -45.89
N VAL NB 105 -91.66 20.64 -45.41
CA VAL NB 105 -92.26 21.32 -44.26
C VAL NB 105 -92.44 22.78 -44.67
N PRO NB 106 -93.50 23.46 -44.27
CA PRO NB 106 -93.67 24.86 -44.66
C PRO NB 106 -92.54 25.73 -44.13
N VAL NB 107 -92.14 26.69 -44.96
CA VAL NB 107 -91.15 27.69 -44.59
C VAL NB 107 -91.87 29.03 -44.41
N ARG NB 108 -91.97 29.47 -43.18
CA ARG NB 108 -92.67 30.72 -42.88
C ARG NB 108 -91.71 31.88 -43.07
N ARG NB 109 -92.18 32.95 -43.72
CA ARG NB 109 -91.35 34.09 -44.09
C ARG NB 109 -91.90 35.35 -43.48
N GLY NB 110 -91.04 36.37 -43.35
CA GLY NB 110 -91.43 37.65 -42.77
C GLY NB 110 -90.76 38.87 -43.38
N TYR NB 111 -90.78 39.97 -42.63
CA TYR NB 111 -90.24 41.24 -43.09
C TYR NB 111 -89.26 41.77 -42.04
N TRP NB 112 -88.31 42.58 -42.48
CA TRP NB 112 -87.35 43.22 -41.58
C TRP NB 112 -87.50 44.72 -41.69
N GLY NB 113 -87.58 45.39 -40.54
CA GLY NB 113 -87.75 46.82 -40.50
C GLY NB 113 -89.08 47.25 -41.10
N ASN NB 114 -89.02 47.93 -42.24
CA ASN NB 114 -90.24 48.29 -42.95
C ASN NB 114 -90.92 47.05 -43.50
N LYS NB 115 -92.24 47.01 -43.39
CA LYS NB 115 -93.03 45.87 -43.84
C LYS NB 115 -93.44 45.98 -45.30
N ILE NB 116 -93.00 47.03 -46.01
CA ILE NB 116 -93.37 47.18 -47.40
C ILE NB 116 -92.70 46.11 -48.25
N GLY NB 117 -93.24 45.90 -49.45
CA GLY NB 117 -92.69 44.91 -50.36
C GLY NB 117 -93.13 43.49 -50.02
N LYS NB 118 -92.38 42.52 -50.59
CA LYS NB 118 -92.61 41.10 -50.42
C LYS NB 118 -91.70 40.54 -49.33
N PRO NB 119 -92.12 39.47 -48.65
CA PRO NB 119 -91.29 38.90 -47.59
C PRO NB 119 -89.98 38.36 -48.15
N HIS NB 120 -88.89 38.61 -47.41
CA HIS NB 120 -87.57 38.20 -47.85
C HIS NB 120 -86.72 37.57 -46.75
N THR NB 121 -87.10 37.69 -45.49
CA THR NB 121 -86.26 37.24 -44.38
C THR NB 121 -87.14 36.42 -43.44
N VAL NB 122 -86.58 36.04 -42.30
CA VAL NB 122 -87.27 35.19 -41.33
C VAL NB 122 -88.20 36.02 -40.47
N PRO NB 123 -89.23 35.43 -39.86
CA PRO NB 123 -90.04 36.18 -38.90
C PRO NB 123 -89.26 36.62 -37.68
N CYS NB 124 -88.30 35.81 -37.24
CA CYS NB 124 -87.43 36.20 -36.13
C CYS NB 124 -86.22 35.30 -36.16
N LYS NB 125 -85.18 35.73 -35.43
CA LYS NB 125 -83.97 34.91 -35.35
C LYS NB 125 -84.26 33.63 -34.57
N VAL NB 126 -83.88 32.50 -35.16
CA VAL NB 126 -84.36 31.19 -34.72
C VAL NB 126 -83.20 30.22 -34.62
N THR NB 127 -83.40 29.17 -33.81
CA THR NB 127 -82.37 28.19 -33.54
C THR NB 127 -82.88 26.78 -33.80
N GLY NB 128 -81.95 25.90 -34.18
CA GLY NB 128 -82.22 24.49 -34.33
C GLY NB 128 -80.98 23.70 -33.91
N ARG NB 129 -81.18 22.48 -33.42
CA ARG NB 129 -80.10 21.67 -32.90
C ARG NB 129 -80.06 20.31 -33.58
N CYS NB 130 -78.84 19.83 -33.83
CA CYS NB 130 -78.64 18.46 -34.31
C CYS NB 130 -77.24 18.05 -33.88
N GLY NB 131 -77.15 17.15 -32.90
CA GLY NB 131 -75.85 16.86 -32.33
C GLY NB 131 -75.35 18.07 -31.56
N SER NB 132 -74.14 18.50 -31.88
CA SER NB 132 -73.57 19.70 -31.28
C SER NB 132 -73.69 20.93 -32.16
N VAL NB 133 -74.33 20.82 -33.31
CA VAL NB 133 -74.47 21.94 -34.22
C VAL NB 133 -75.70 22.76 -33.85
N LEU NB 134 -75.49 24.04 -33.55
CA LEU NB 134 -76.55 24.99 -33.27
C LEU NB 134 -76.52 26.05 -34.37
N VAL NB 135 -77.52 26.02 -35.25
CA VAL NB 135 -77.59 26.95 -36.37
C VAL NB 135 -78.60 28.03 -36.03
N ARG NB 136 -78.17 29.28 -36.10
CA ARG NB 136 -78.99 30.43 -35.76
C ARG NB 136 -79.17 31.28 -37.00
N LEU NB 137 -80.41 31.38 -37.47
CA LEU NB 137 -80.76 32.23 -38.60
C LEU NB 137 -81.14 33.60 -38.07
N ILE NB 138 -80.54 34.65 -38.63
CA ILE NB 138 -80.72 36.02 -38.15
C ILE NB 138 -81.38 36.82 -39.27
N PRO NB 139 -82.42 37.60 -38.98
CA PRO NB 139 -83.06 38.40 -40.02
C PRO NB 139 -82.08 39.40 -40.64
N ALA NB 140 -82.24 39.64 -41.94
CA ALA NB 140 -81.34 40.51 -42.68
C ALA NB 140 -82.12 41.57 -43.44
N PRO NB 141 -81.54 42.75 -43.62
CA PRO NB 141 -82.18 43.78 -44.45
C PRO NB 141 -82.25 43.34 -45.90
N ARG NB 142 -83.08 44.05 -46.67
CA ARG NB 142 -83.32 43.69 -48.06
C ARG NB 142 -82.07 43.90 -48.90
N GLY NB 143 -81.81 42.96 -49.81
CA GLY NB 143 -80.71 43.08 -50.75
C GLY NB 143 -79.36 42.61 -50.27
N THR NB 144 -79.28 42.01 -49.09
CA THR NB 144 -77.98 41.58 -48.57
C THR NB 144 -77.56 40.23 -49.16
N GLY NB 145 -78.49 39.30 -49.26
CA GLY NB 145 -78.17 37.94 -49.65
C GLY NB 145 -78.02 37.02 -48.45
N ILE NB 146 -77.41 35.87 -48.71
CA ILE NB 146 -77.25 34.83 -47.71
C ILE NB 146 -75.82 34.86 -47.19
N VAL NB 147 -75.67 34.88 -45.87
CA VAL NB 147 -74.36 34.80 -45.22
C VAL NB 147 -74.34 33.50 -44.45
N SER NB 148 -73.80 32.46 -45.07
CA SER NB 148 -73.73 31.12 -44.47
C SER NB 148 -72.76 30.29 -45.30
N ALA NB 149 -72.55 29.05 -44.86
CA ALA NB 149 -71.71 28.13 -45.60
C ALA NB 149 -72.36 27.82 -46.95
N PRO NB 150 -71.57 27.38 -47.93
CA PRO NB 150 -72.14 27.17 -49.27
C PRO NB 150 -73.31 26.20 -49.30
N VAL NB 151 -73.32 25.18 -48.44
CA VAL NB 151 -74.40 24.20 -48.48
C VAL NB 151 -75.67 24.76 -47.83
N PRO NB 152 -75.63 25.30 -46.60
CA PRO NB 152 -76.84 25.98 -46.09
C PRO NB 152 -77.25 27.19 -46.92
N LYS NB 153 -76.32 27.83 -47.63
CA LYS NB 153 -76.69 28.90 -48.55
C LYS NB 153 -77.60 28.36 -49.65
N LYS NB 154 -77.28 27.19 -50.18
CA LYS NB 154 -78.15 26.56 -51.16
C LYS NB 154 -79.48 26.16 -50.53
N LEU NB 155 -79.45 25.69 -49.29
CA LEU NB 155 -80.67 25.25 -48.62
C LEU NB 155 -81.61 26.43 -48.37
N LEU NB 156 -81.07 27.58 -48.00
CA LEU NB 156 -81.91 28.74 -47.71
C LEU NB 156 -82.51 29.32 -48.99
N MET NB 157 -81.73 29.37 -50.07
CA MET NB 157 -82.30 29.75 -51.36
C MET NB 157 -83.30 28.72 -51.87
N MET NB 158 -83.04 27.45 -51.63
CA MET NB 158 -84.01 26.41 -51.99
C MET NB 158 -85.29 26.55 -51.18
N ALA NB 159 -85.18 27.03 -49.94
CA ALA NB 159 -86.36 27.33 -49.14
C ALA NB 159 -87.05 28.60 -49.58
N GLY NB 160 -86.34 29.48 -50.30
CA GLY NB 160 -86.92 30.69 -50.82
C GLY NB 160 -86.61 31.95 -50.05
N ILE NB 161 -85.81 31.87 -48.98
CA ILE NB 161 -85.49 33.05 -48.21
C ILE NB 161 -84.42 33.85 -48.94
N ASP NB 162 -84.69 35.13 -49.18
CA ASP NB 162 -83.81 35.95 -49.99
C ASP NB 162 -82.58 36.44 -49.23
N ASP NB 163 -82.77 37.00 -48.03
CA ASP NB 163 -81.68 37.57 -47.27
C ASP NB 163 -81.60 36.87 -45.91
N CYS NB 164 -80.40 36.46 -45.54
CA CYS NB 164 -80.17 35.79 -44.27
C CYS NB 164 -78.76 36.12 -43.79
N TYR NB 165 -78.60 36.18 -42.47
CA TYR NB 165 -77.32 36.02 -41.81
C TYR NB 165 -77.37 34.76 -40.96
N THR NB 166 -76.26 34.04 -40.91
CA THR NB 166 -76.22 32.78 -40.18
C THR NB 166 -74.99 32.71 -39.29
N SER NB 167 -75.20 32.25 -38.05
CA SER NB 167 -74.12 31.96 -37.11
C SER NB 167 -74.28 30.52 -36.65
N ALA NB 168 -73.16 29.79 -36.62
CA ALA NB 168 -73.18 28.37 -36.29
C ALA NB 168 -72.17 28.07 -35.20
N ARG NB 169 -72.61 27.36 -34.16
CA ARG NB 169 -71.74 26.87 -33.11
C ARG NB 169 -71.75 25.35 -33.14
N GLY NB 170 -70.58 24.75 -33.37
CA GLY NB 170 -70.44 23.32 -33.39
C GLY NB 170 -69.64 22.87 -34.59
N CYS NB 171 -69.58 21.55 -34.77
CA CYS NB 171 -68.80 20.95 -35.86
C CYS NB 171 -69.64 21.00 -37.13
N THR NB 172 -69.59 22.15 -37.80
CA THR NB 172 -70.32 22.32 -39.05
C THR NB 172 -69.71 21.51 -40.20
N ALA NB 173 -68.49 21.01 -40.05
CA ALA NB 173 -67.91 20.15 -41.07
C ALA NB 173 -68.77 18.91 -41.30
N THR NB 174 -69.49 18.47 -40.27
CA THR NB 174 -70.48 17.40 -40.42
C THR NB 174 -71.69 18.00 -41.14
N LEU NB 175 -71.82 17.69 -42.43
CA LEU NB 175 -72.83 18.34 -43.25
C LEU NB 175 -74.24 17.96 -42.80
N GLY NB 176 -74.45 16.68 -42.48
CA GLY NB 176 -75.78 16.24 -42.10
C GLY NB 176 -76.32 16.99 -40.90
N ASN NB 177 -75.51 17.12 -39.86
CA ASN NB 177 -75.94 17.84 -38.68
C ASN NB 177 -76.11 19.33 -38.98
N PHE NB 178 -75.29 19.86 -39.89
CA PHE NB 178 -75.39 21.27 -40.26
C PHE NB 178 -76.74 21.57 -40.94
N ALA NB 179 -77.10 20.79 -41.95
CA ALA NB 179 -78.35 21.02 -42.66
C ALA NB 179 -79.55 20.71 -41.77
N LYS NB 180 -79.47 19.62 -40.99
CA LYS NB 180 -80.59 19.23 -40.15
C LYS NB 180 -80.83 20.23 -39.03
N ALA NB 181 -79.76 20.87 -38.56
CA ALA NB 181 -79.92 21.86 -37.49
C ALA NB 181 -80.56 23.14 -38.01
N THR NB 182 -80.19 23.58 -39.21
CA THR NB 182 -80.84 24.76 -39.78
C THR NB 182 -82.28 24.46 -40.20
N PHE NB 183 -82.55 23.22 -40.62
CA PHE NB 183 -83.92 22.85 -40.96
C PHE NB 183 -84.79 22.80 -39.72
N ASP NB 184 -84.24 22.33 -38.60
CA ASP NB 184 -84.97 22.40 -37.35
C ASP NB 184 -85.29 23.84 -36.99
N ALA NB 185 -84.34 24.75 -37.21
CA ALA NB 185 -84.60 26.17 -36.99
C ALA NB 185 -85.69 26.69 -37.92
N ILE NB 186 -85.62 26.32 -39.21
CA ILE NB 186 -86.62 26.76 -40.16
C ILE NB 186 -87.99 26.19 -39.81
N SER NB 187 -88.02 24.94 -39.37
CA SER NB 187 -89.27 24.34 -38.91
C SER NB 187 -89.74 24.97 -37.62
N LYS NB 188 -88.86 25.70 -36.93
CA LYS NB 188 -89.25 26.38 -35.71
C LYS NB 188 -89.82 27.76 -35.98
N THR NB 189 -89.67 28.27 -37.20
CA THR NB 189 -90.18 29.61 -37.50
C THR NB 189 -91.69 29.64 -37.51
N TYR NB 190 -92.33 28.70 -38.21
CA TYR NB 190 -93.79 28.67 -38.24
C TYR NB 190 -94.36 28.12 -36.94
N SER NB 191 -93.58 27.32 -36.22
CA SER NB 191 -93.98 26.88 -34.88
C SER NB 191 -93.74 27.96 -33.84
N TYR NB 192 -93.03 29.02 -34.19
CA TYR NB 192 -92.76 30.09 -33.23
C TYR NB 192 -94.02 30.94 -33.02
N LEU NB 193 -94.36 31.15 -31.76
CA LEU NB 193 -95.61 31.81 -31.38
C LEU NB 193 -95.38 33.32 -31.42
N THR NB 194 -95.66 33.93 -32.56
CA THR NB 194 -95.54 35.36 -32.79
C THR NB 194 -96.85 36.07 -32.49
N PRO NB 195 -96.80 37.38 -32.20
CA PRO NB 195 -98.05 38.08 -31.83
C PRO NB 195 -99.13 38.04 -32.88
N ASP NB 196 -98.77 38.05 -34.17
CA ASP NB 196 -99.81 37.99 -35.20
C ASP NB 196 -100.48 36.64 -35.30
N LEU NB 197 -99.93 35.61 -34.64
CA LEU NB 197 -100.57 34.31 -34.54
C LEU NB 197 -101.44 34.20 -33.29
N TRP NB 198 -101.54 35.26 -32.49
CA TRP NB 198 -102.37 35.22 -31.30
C TRP NB 198 -103.85 35.18 -31.64
N LYS NB 199 -104.22 35.60 -32.86
CA LYS NB 199 -105.61 35.54 -33.28
C LYS NB 199 -106.12 34.12 -33.23
N GLU NB 200 -107.34 33.96 -32.73
CA GLU NB 200 -107.87 32.63 -32.46
C GLU NB 200 -108.16 31.89 -33.76
N THR NB 201 -107.64 30.67 -33.86
CA THR NB 201 -107.80 29.88 -35.07
C THR NB 201 -109.21 29.31 -35.13
N VAL NB 202 -109.90 29.58 -36.24
CA VAL NB 202 -111.23 29.02 -36.47
C VAL NB 202 -111.04 27.62 -37.03
N PHE NB 203 -111.47 26.61 -36.27
CA PHE NB 203 -111.24 25.23 -36.68
C PHE NB 203 -112.06 24.90 -37.91
N THR NB 204 -111.40 24.32 -38.90
CA THR NB 204 -112.01 23.95 -40.17
C THR NB 204 -112.17 22.44 -40.23
N LYS NB 205 -113.15 21.99 -41.02
CA LYS NB 205 -113.43 20.56 -41.14
C LYS NB 205 -112.19 19.84 -41.67
N SER NB 206 -111.85 18.73 -41.02
CA SER NB 206 -110.73 17.93 -41.46
C SER NB 206 -111.06 17.29 -42.81
N PRO NB 207 -110.05 17.03 -43.65
CA PRO NB 207 -110.33 16.44 -44.97
C PRO NB 207 -111.02 15.10 -44.87
N TYR NB 208 -110.86 14.39 -43.76
CA TYR NB 208 -111.53 13.10 -43.60
C TYR NB 208 -113.03 13.27 -43.51
N GLN NB 209 -113.50 14.15 -42.62
CA GLN NB 209 -114.92 14.37 -42.44
C GLN NB 209 -115.54 15.24 -43.53
N GLU NB 210 -114.77 16.18 -44.08
CA GLU NB 210 -115.27 16.98 -45.20
C GLU NB 210 -115.53 16.10 -46.41
N PHE NB 211 -114.68 15.12 -46.65
CA PHE NB 211 -114.84 14.16 -47.74
C PHE NB 211 -114.79 12.76 -47.13
N THR NB 212 -115.94 12.26 -46.71
CA THR NB 212 -116.05 10.90 -46.19
C THR NB 212 -116.74 9.95 -47.17
N ASP NB 213 -117.81 10.39 -47.82
CA ASP NB 213 -118.49 9.54 -48.79
C ASP NB 213 -117.58 9.17 -49.95
N HIS NB 214 -116.80 10.13 -50.44
CA HIS NB 214 -115.85 9.83 -51.51
C HIS NB 214 -114.77 8.88 -51.02
N LEU NB 215 -114.34 9.04 -49.77
CA LEU NB 215 -113.34 8.15 -49.20
C LEU NB 215 -113.84 6.71 -49.14
N VAL NB 216 -115.10 6.53 -48.74
CA VAL NB 216 -115.66 5.18 -48.63
C VAL NB 216 -115.84 4.56 -50.01
N LYS NB 217 -116.30 5.35 -50.98
CA LYS NB 217 -116.52 4.84 -52.32
C LYS NB 217 -115.21 4.34 -52.94
N THR NB 218 -114.13 5.12 -52.77
CA THR NB 218 -112.86 4.73 -53.35
C THR NB 218 -112.23 3.55 -52.62
N HIS NB 219 -112.37 3.51 -51.29
CA HIS NB 219 -111.79 2.41 -50.52
C HIS NB 219 -112.50 1.09 -50.80
N THR NB 220 -113.82 1.12 -51.00
CA THR NB 220 -114.53 -0.10 -51.37
C THR NB 220 -114.11 -0.58 -52.76
N ARG NB 221 -113.83 0.35 -53.66
CA ARG NB 221 -113.33 -0.02 -54.97
C ARG NB 221 -111.94 -0.65 -54.88
N VAL NB 222 -111.11 -0.17 -53.97
CA VAL NB 222 -109.76 -0.71 -53.79
C VAL NB 222 -109.76 -1.74 -52.68
N MET OB 1 16.63 89.29 -34.67
CA MET OB 1 15.54 90.01 -34.03
C MET OB 1 15.29 91.34 -34.74
N LYS OB 2 14.05 91.53 -35.20
CA LYS OB 2 13.66 92.77 -35.84
C LYS OB 2 13.10 93.75 -34.81
N LEU OB 3 13.43 95.02 -34.99
CA LEU OB 3 13.01 96.08 -34.08
C LEU OB 3 12.14 97.07 -34.85
N ASN OB 4 10.95 97.34 -34.32
CA ASN OB 4 10.01 98.29 -34.89
C ASN OB 4 9.99 99.53 -34.01
N ILE OB 5 10.44 100.65 -34.55
CA ILE OB 5 10.52 101.91 -33.82
C ILE OB 5 9.45 102.85 -34.36
N SER OB 6 8.59 103.32 -33.46
CA SER OB 6 7.50 104.24 -33.81
C SER OB 6 7.66 105.53 -33.02
N PHE OB 7 7.63 106.66 -33.73
CA PHE OB 7 7.75 107.97 -33.12
C PHE OB 7 6.44 108.73 -33.26
N PRO OB 8 5.62 108.79 -32.20
CA PRO OB 8 4.32 109.48 -32.32
C PRO OB 8 4.43 110.97 -32.63
N ALA OB 9 5.50 111.63 -32.20
CA ALA OB 9 5.61 113.07 -32.41
C ALA OB 9 5.68 113.40 -33.90
N THR OB 10 6.46 112.64 -34.66
CA THR OB 10 6.59 112.85 -36.09
C THR OB 10 5.67 111.96 -36.92
N GLY OB 11 4.93 111.06 -36.28
CA GLY OB 11 4.06 110.15 -37.02
C GLY OB 11 4.81 109.21 -37.94
N CYS OB 12 5.98 108.72 -37.51
CA CYS OB 12 6.78 107.83 -38.32
C CYS OB 12 7.42 106.74 -37.46
N LEU OB 13 21.01 94.42 -26.07
CA LEU OB 13 19.76 93.72 -25.82
C LEU OB 13 19.64 93.30 -24.36
N ARG OB 14 20.78 93.23 -23.67
CA ARG OB 14 20.78 92.86 -22.27
C ARG OB 14 20.07 93.90 -21.41
N THR OB 15 20.16 95.18 -21.79
CA THR OB 15 19.45 96.23 -21.05
C THR OB 15 17.94 96.03 -21.13
N PHE OB 16 17.43 95.65 -22.31
CA PHE OB 16 16.00 95.45 -22.46
C PHE OB 16 15.53 94.17 -21.77
N TYR OB 17 16.40 93.17 -21.65
CA TYR OB 17 16.01 91.88 -21.12
C TYR OB 17 15.63 91.97 -19.65
N GLU OB 18 14.70 91.09 -19.24
CA GLU OB 18 14.28 90.93 -17.86
C GLU OB 18 13.70 92.24 -17.30
N LYS OB 19 12.65 92.73 -17.97
CA LYS OB 19 11.95 93.92 -17.53
C LYS OB 19 10.47 93.78 -17.85
N ARG OB 20 9.63 94.45 -17.05
CA ARG OB 20 8.20 94.46 -17.29
C ARG OB 20 7.88 95.28 -18.54
N MET OB 21 6.70 95.02 -19.09
CA MET OB 21 6.27 95.75 -20.28
C MET OB 21 5.92 97.19 -19.93
N ALA OB 22 6.06 98.08 -20.93
CA ALA OB 22 5.78 99.50 -20.77
C ALA OB 22 6.67 100.12 -19.69
N THR OB 23 7.96 99.82 -19.76
CA THR OB 23 8.97 100.37 -18.87
C THR OB 23 9.90 101.26 -19.68
N GLU OB 24 10.06 102.51 -19.24
CA GLU OB 24 10.89 103.47 -19.97
C GLU OB 24 12.36 103.08 -19.81
N VAL OB 25 13.00 102.70 -20.91
CA VAL OB 25 14.39 102.29 -20.93
C VAL OB 25 15.14 103.15 -21.95
N ALA OB 26 16.27 103.68 -21.54
CA ALA OB 26 17.08 104.52 -22.44
C ALA OB 26 17.73 103.67 -23.52
N VAL OB 27 15.19 107.65 -25.17
CA VAL OB 27 14.36 106.83 -24.30
C VAL OB 27 13.22 106.20 -25.10
N VAL OB 28 13.05 104.89 -24.95
CA VAL OB 28 12.01 104.14 -25.65
C VAL OB 28 11.21 103.33 -24.64
N ARG OB 29 9.96 103.03 -25.01
CA ARG OB 29 9.07 102.23 -24.19
C ARG OB 29 8.75 100.94 -24.93
N ILE OB 30 8.93 99.81 -24.25
CA ILE OB 30 8.68 98.50 -24.84
C ILE OB 30 7.18 98.24 -24.80
N SER OB 31 6.48 98.61 -25.87
CA SER OB 31 5.03 98.49 -25.92
C SER OB 31 4.67 97.26 -26.77
N GLY OB 32 4.68 96.11 -26.12
CA GLY OB 32 4.29 94.88 -26.78
C GLY OB 32 5.41 94.27 -27.61
N GLY OB 33 5.07 93.17 -28.26
CA GLY OB 33 6.05 92.44 -29.06
C GLY OB 33 5.40 91.22 -29.67
N ASN OB 34 6.21 90.47 -30.41
CA ASN OB 34 5.75 89.27 -31.11
C ASN OB 34 6.71 88.12 -30.83
N ASP OB 35 6.14 86.94 -30.62
CA ASP OB 35 6.94 85.74 -30.39
C ASP OB 35 7.45 85.17 -31.71
N LYS OB 36 8.14 84.03 -31.63
CA LYS OB 36 8.66 83.39 -32.83
C LYS OB 36 7.52 82.94 -33.74
N GLN OB 37 6.44 82.42 -33.15
CA GLN OB 37 5.29 81.94 -33.91
C GLN OB 37 4.17 82.97 -34.00
N GLY OB 38 4.43 84.21 -33.61
CA GLY OB 38 3.47 85.29 -33.77
C GLY OB 38 2.61 85.61 -32.57
N PHE OB 39 2.88 85.01 -31.42
CA PHE OB 39 2.06 85.24 -30.23
C PHE OB 39 2.45 86.56 -29.59
N PRO OB 40 1.52 87.51 -29.47
CA PRO OB 40 1.83 88.80 -28.87
C PRO OB 40 1.85 88.71 -27.34
N MET OB 41 2.22 89.82 -26.71
CA MET OB 41 2.30 89.90 -25.26
C MET OB 41 1.27 90.90 -24.75
N LYS OB 42 0.51 90.49 -23.75
CA LYS OB 42 -0.61 91.27 -23.23
C LYS OB 42 -0.28 91.77 -21.83
N GLN OB 43 -0.69 93.01 -21.55
CA GLN OB 43 -0.42 93.63 -20.27
C GLN OB 43 -1.06 92.83 -19.13
N GLY OB 44 -0.34 92.77 -18.01
CA GLY OB 44 -0.83 92.11 -16.81
C GLY OB 44 -0.10 90.84 -16.43
N VAL OB 45 0.46 90.12 -17.40
CA VAL OB 45 1.12 88.85 -17.13
C VAL OB 45 2.45 89.15 -16.45
N LEU OB 46 2.51 88.94 -15.13
CA LEU OB 46 3.75 89.15 -14.39
C LEU OB 46 4.83 88.17 -14.83
N THR OB 47 4.46 86.92 -15.06
CA THR OB 47 5.41 85.88 -15.43
C THR OB 47 5.72 85.94 -16.93
N HIS OB 48 6.77 85.23 -17.32
CA HIS OB 48 7.22 85.15 -18.70
C HIS OB 48 6.63 83.90 -19.36
N GLY OB 49 7.13 83.58 -20.55
CA GLY OB 49 6.65 82.42 -21.26
C GLY OB 49 5.30 82.67 -21.91
N ARG OB 50 4.62 81.56 -22.22
CA ARG OB 50 3.30 81.61 -22.83
C ARG OB 50 2.29 81.01 -21.87
N VAL OB 51 1.17 81.71 -21.68
CA VAL OB 51 0.10 81.27 -20.80
C VAL OB 51 -1.21 81.28 -21.60
N ARG OB 52 -2.24 80.68 -21.01
CA ARG OB 52 -3.57 80.62 -21.60
C ARG OB 52 -4.51 81.46 -20.76
N LEU OB 53 -5.20 82.42 -21.40
CA LEU OB 53 -6.03 83.37 -20.70
C LEU OB 53 -7.40 83.45 -21.37
N LEU OB 54 -8.39 83.85 -20.58
CA LEU OB 54 -9.76 84.03 -21.06
C LEU OB 54 -9.97 85.51 -21.41
N LEU OB 55 -10.36 85.78 -22.66
CA LEU OB 55 -10.51 87.14 -23.14
C LEU OB 55 -11.90 87.33 -23.73
N SER OB 56 -12.41 88.54 -23.56
CA SER OB 56 -13.72 88.92 -24.09
C SER OB 56 -13.64 90.39 -24.50
N LYS OB 57 -14.80 91.00 -24.73
CA LYS OB 57 -14.85 92.43 -25.03
C LYS OB 57 -14.28 93.23 -23.88
N GLY OB 58 -13.44 94.21 -24.21
CA GLY OB 58 -12.75 94.99 -23.22
C GLY OB 58 -11.33 94.55 -22.91
N HIS OB 59 -10.78 93.62 -23.69
CA HIS OB 59 -9.42 93.13 -23.51
C HIS OB 59 -8.64 93.33 -24.80
N SER OB 60 -7.38 92.92 -24.80
CA SER OB 60 -6.50 93.06 -25.95
C SER OB 60 -6.16 91.69 -26.53
N CYS OB 61 -5.66 91.72 -27.77
CA CYS OB 61 -5.18 90.56 -28.52
C CYS OB 61 -6.29 89.58 -28.88
N TYR OB 62 -7.55 89.99 -28.83
CA TYR OB 62 -8.66 89.11 -29.20
C TYR OB 62 -9.87 89.96 -29.48
N ARG OB 63 -10.39 89.87 -30.71
CA ARG OB 63 -11.57 90.64 -31.12
C ARG OB 63 -12.79 89.74 -31.04
N PRO OB 64 -13.67 89.92 -30.06
CA PRO OB 64 -14.94 89.18 -30.08
C PRO OB 64 -15.76 89.52 -31.31
N ARG OB 65 -16.43 88.51 -31.84
CA ARG OB 65 -17.21 88.66 -33.06
C ARG OB 65 -18.71 88.78 -32.82
N ARG OB 66 -19.25 88.05 -31.85
CA ARG OB 66 -20.62 88.23 -31.39
C ARG OB 66 -20.60 88.64 -29.93
N THR OB 67 -21.64 89.35 -29.51
CA THR OB 67 -21.65 89.95 -28.18
C THR OB 67 -21.59 88.88 -27.10
N GLY OB 68 -20.70 89.08 -26.13
CA GLY OB 68 -20.53 88.15 -25.04
C GLY OB 68 -19.62 86.97 -25.33
N GLU OB 69 -19.24 86.75 -26.58
CA GLU OB 69 -18.44 85.59 -26.94
C GLU OB 69 -17.06 85.65 -26.32
N ARG OB 70 -16.76 84.70 -25.44
CA ARG OB 70 -15.47 84.58 -24.78
C ARG OB 70 -14.79 83.31 -25.27
N LYS OB 71 -13.54 83.43 -25.71
CA LYS OB 71 -12.76 82.31 -26.21
C LYS OB 71 -11.38 82.33 -25.56
N ARG OB 72 -10.98 81.20 -25.01
CA ARG OB 72 -9.63 81.08 -24.47
C ARG OB 72 -8.61 81.05 -25.60
N LYS OB 73 -7.43 81.63 -25.32
CA LYS OB 73 -6.37 81.68 -26.31
C LYS OB 73 -5.03 81.45 -25.60
N SER OB 74 -3.97 81.48 -26.39
CA SER OB 74 -2.60 81.41 -25.88
C SER OB 74 -1.92 82.74 -26.13
N VAL OB 75 -1.47 83.39 -25.06
CA VAL OB 75 -0.86 84.71 -25.14
C VAL OB 75 0.44 84.71 -24.35
N ARG OB 76 1.44 85.42 -24.86
CA ARG OB 76 2.76 85.47 -24.23
C ARG OB 76 2.78 86.57 -23.17
N GLY OB 77 3.67 86.40 -22.19
CA GLY OB 77 3.68 87.28 -21.04
C GLY OB 77 4.37 88.61 -21.30
N CYS OB 78 4.27 89.50 -20.31
CA CYS OB 78 4.84 90.84 -20.44
C CYS OB 78 6.36 90.84 -20.44
N ILE OB 79 7.00 89.82 -19.87
CA ILE OB 79 8.45 89.85 -19.71
C ILE OB 79 9.13 89.62 -21.05
N VAL OB 80 9.96 90.58 -21.44
CA VAL OB 80 10.70 90.48 -22.69
C VAL OB 80 11.95 89.62 -22.47
N ASP OB 81 12.15 88.62 -23.32
CA ASP OB 81 13.25 87.70 -23.16
C ASP OB 81 14.00 87.49 -24.47
N ALA OB 82 14.92 86.52 -24.50
CA ALA OB 82 15.70 86.22 -25.68
C ALA OB 82 14.97 85.32 -26.67
N ASN OB 83 13.71 84.99 -26.40
CA ASN OB 83 12.92 84.13 -27.28
C ASN OB 83 11.94 84.94 -28.13
N LEU OB 84 12.26 86.21 -28.38
CA LEU OB 84 11.41 87.10 -29.16
C LEU OB 84 11.79 87.04 -30.64
N SER OB 85 10.89 87.55 -31.48
CA SER OB 85 11.14 87.69 -32.91
C SER OB 85 11.13 89.13 -33.36
N VAL OB 86 10.07 89.88 -33.05
CA VAL OB 86 9.97 91.30 -33.38
C VAL OB 86 9.54 92.03 -32.11
N LEU OB 87 10.28 93.08 -31.76
CA LEU OB 87 10.01 93.87 -30.56
C LEU OB 87 9.58 95.28 -30.96
N ASN OB 88 8.65 95.84 -30.20
CA ASN OB 88 8.08 97.15 -30.48
C ASN OB 88 8.65 98.17 -29.50
N LEU OB 89 9.27 99.23 -30.05
CA LEU OB 89 9.83 100.32 -29.27
C LEU OB 89 9.12 101.61 -29.64
N VAL OB 90 8.67 102.36 -28.64
CA VAL OB 90 7.97 103.61 -28.84
C VAL OB 90 8.83 104.74 -28.26
N ILE OB 91 9.24 105.67 -29.13
CA ILE OB 91 10.08 106.77 -28.67
C ILE OB 91 9.26 107.73 -27.82
N VAL OB 92 9.79 108.07 -26.65
CA VAL OB 92 9.14 109.02 -25.76
C VAL OB 92 9.98 110.26 -25.49
N LYS OB 93 11.30 110.20 -25.66
CA LYS OB 93 12.16 111.36 -25.44
C LYS OB 93 13.43 111.26 -26.26
N GLY OB 94 -9.21 115.88 -41.17
CA GLY OB 94 -9.00 116.75 -40.03
C GLY OB 94 -10.10 116.67 -38.99
N PRO OB 95 -10.27 117.72 -38.21
CA PRO OB 95 -11.33 117.73 -37.19
C PRO OB 95 -12.71 117.65 -37.83
N LYS OB 96 -13.61 116.96 -37.15
CA LYS OB 96 -14.98 116.76 -37.65
C LYS OB 96 -16.04 117.27 -36.69
N ARG OB 97 -15.88 117.06 -35.39
CA ARG OB 97 -16.86 117.53 -34.41
C ARG OB 97 -16.75 119.04 -34.25
N ALA OB 98 -17.89 119.68 -34.01
CA ALA OB 98 -17.90 121.12 -33.81
C ALA OB 98 -17.08 121.51 -32.59
N SER OB 99 -17.23 120.77 -31.49
CA SER OB 99 -16.47 121.08 -30.28
C SER OB 99 -14.99 120.81 -30.48
N ARG OB 100 -14.64 119.72 -31.18
CA ARG OB 100 -13.24 119.38 -31.36
C ARG OB 100 -12.50 120.42 -32.19
N ILE OB 101 -13.13 120.91 -33.27
CA ILE OB 101 -12.48 121.91 -34.09
C ILE OB 101 -12.40 123.25 -33.36
N ARG OB 102 -13.40 123.54 -32.52
CA ARG OB 102 -13.36 124.77 -31.73
C ARG OB 102 -12.21 124.75 -30.73
N LYS OB 103 -11.99 123.62 -30.06
CA LYS OB 103 -10.87 123.51 -29.12
C LYS OB 103 -9.53 123.58 -29.84
N LEU OB 104 -9.43 122.92 -31.01
CA LEU OB 104 -8.18 122.92 -31.75
C LEU OB 104 -7.81 124.32 -32.24
N PHE OB 105 -8.81 125.08 -32.69
CA PHE OB 105 -8.60 126.43 -33.22
C PHE OB 105 -8.79 127.51 -32.17
N ASN OB 106 -9.00 127.14 -30.90
CA ASN OB 106 -9.20 128.06 -29.78
C ASN OB 106 -10.14 129.21 -30.15
N LEU OB 107 -11.25 128.87 -30.80
CA LEU OB 107 -12.23 129.86 -31.20
C LEU OB 107 -13.13 130.25 -30.02
N SER OB 108 -14.11 131.10 -30.29
CA SER OB 108 -15.04 131.58 -29.28
C SER OB 108 -16.35 130.79 -29.34
N LYS OB 109 -17.19 131.00 -28.33
CA LYS OB 109 -18.48 130.31 -28.28
C LYS OB 109 -19.37 130.72 -29.44
N GLU OB 110 -19.39 132.01 -29.77
CA GLU OB 110 -20.21 132.53 -30.85
C GLU OB 110 -19.46 132.60 -32.18
N ASP OB 111 -18.21 132.15 -32.22
CA ASP OB 111 -17.43 132.21 -33.45
C ASP OB 111 -17.97 131.21 -34.47
N ASP OB 112 -17.88 131.58 -35.74
CA ASP OB 112 -18.35 130.73 -36.82
C ASP OB 112 -17.45 129.51 -36.99
N VAL OB 113 -18.07 128.39 -37.40
CA VAL OB 113 -17.35 127.14 -37.58
C VAL OB 113 -17.38 126.77 -39.06
N ARG OB 114 -18.41 127.25 -39.76
CA ARG OB 114 -18.58 126.89 -41.17
C ARG OB 114 -17.41 127.41 -42.02
N GLN OB 115 -16.97 128.64 -41.77
CA GLN OB 115 -15.84 129.19 -42.51
C GLN OB 115 -14.54 128.48 -42.15
N TYR OB 116 -14.40 128.07 -40.89
CA TYR OB 116 -13.19 127.41 -40.41
C TYR OB 116 -13.14 125.93 -40.79
N VAL OB 117 -14.11 125.44 -41.55
CA VAL OB 117 -14.13 124.04 -41.96
C VAL OB 117 -12.92 123.75 -42.84
N VAL OB 118 -12.11 122.76 -42.44
CA VAL OB 118 -10.94 122.38 -43.21
C VAL OB 118 -11.37 121.47 -44.34
N ARG OB 119 -11.03 121.85 -45.58
CA ARG OB 119 -11.39 121.09 -46.76
C ARG OB 119 -10.18 120.31 -47.25
N LYS OB 120 -10.27 118.99 -47.19
CA LYS OB 120 -9.17 118.14 -47.61
C LYS OB 120 -9.02 118.19 -49.13
N PRO OB 121 -7.82 118.52 -49.63
CA PRO OB 121 -7.63 118.52 -51.09
C PRO OB 121 -7.63 117.11 -51.66
N LEU OB 122 -8.02 117.02 -52.93
CA LEU OB 122 -8.02 115.74 -53.64
C LEU OB 122 -7.70 116.05 -55.11
N ASN OB 123 -6.46 115.77 -55.50
CA ASN OB 123 -6.02 115.95 -56.88
C ASN OB 123 -6.17 114.61 -57.60
N LYS OB 124 -7.36 114.39 -58.17
CA LYS OB 124 -7.65 113.13 -58.83
C LYS OB 124 -6.74 112.92 -60.03
N GLU OB 125 -6.24 111.69 -60.17
CA GLU OB 125 -5.38 111.38 -61.30
C GLU OB 125 -6.11 111.47 -62.62
N GLY OB 126 -7.40 111.12 -62.65
CA GLY OB 126 -8.19 111.19 -63.85
C GLY OB 126 -8.47 112.60 -64.31
N LYS OB 127 -9.30 113.32 -63.55
CA LYS OB 127 -9.70 114.67 -63.90
C LYS OB 127 -10.44 115.29 -62.73
N LYS OB 128 -10.67 116.60 -62.82
CA LYS OB 128 -11.52 117.37 -61.91
C LYS OB 128 -11.06 117.26 -60.46
N PRO OB 129 -9.94 117.89 -60.09
CA PRO OB 129 -9.57 117.94 -58.67
C PRO OB 129 -10.59 118.74 -57.87
N ARG OB 130 -10.79 118.34 -56.62
CA ARG OB 130 -11.80 118.97 -55.79
C ARG OB 130 -11.43 118.75 -54.33
N THR OB 131 -11.95 119.63 -53.48
CA THR OB 131 -11.72 119.58 -52.03
C THR OB 131 -13.02 119.20 -51.32
N LYS OB 132 -12.95 118.16 -50.49
CA LYS OB 132 -14.12 117.64 -49.78
C LYS OB 132 -14.18 118.19 -48.37
N ALA OB 133 -15.41 118.36 -47.86
CA ALA OB 133 -15.64 118.86 -46.52
C ALA OB 133 -16.51 117.89 -45.74
N PRO OB 134 -16.07 117.39 -44.60
CA PRO OB 134 -16.90 116.46 -43.82
C PRO OB 134 -18.07 117.15 -43.14
N LYS OB 135 -19.09 116.37 -42.84
CA LYS OB 135 -20.23 116.88 -42.09
C LYS OB 135 -19.87 117.06 -40.62
N ILE OB 136 -20.46 118.07 -40.00
CA ILE OB 136 -20.17 118.43 -38.61
C ILE OB 136 -21.26 117.90 -37.71
N GLN OB 137 -20.87 117.25 -36.63
CA GLN OB 137 -21.79 116.74 -35.62
C GLN OB 137 -21.63 117.53 -34.33
N ARG OB 138 -22.64 117.43 -33.46
CA ARG OB 138 -22.69 118.17 -32.19
C ARG OB 138 -22.50 119.67 -32.44
N LEU OB 139 -23.22 120.18 -33.43
CA LEU OB 139 -23.16 121.57 -33.84
C LEU OB 139 -24.55 122.19 -33.76
N VAL OB 140 -24.60 123.49 -33.48
CA VAL OB 140 -25.88 124.21 -33.45
C VAL OB 140 -26.42 124.31 -34.87
N THR OB 141 -27.64 123.81 -35.08
CA THR OB 141 -28.28 123.77 -36.37
C THR OB 141 -29.69 124.34 -36.29
N PRO OB 142 -30.13 125.09 -37.31
CA PRO OB 142 -31.54 125.50 -37.32
C PRO OB 142 -32.51 124.34 -37.33
N ARG OB 143 -32.11 123.18 -37.83
CA ARG OB 143 -33.00 122.02 -37.84
C ARG OB 143 -33.20 121.47 -36.43
N VAL OB 144 -32.13 121.32 -35.65
CA VAL OB 144 -32.28 120.80 -34.30
C VAL OB 144 -32.97 121.83 -33.40
N LEU OB 145 -32.76 123.12 -33.65
CA LEU OB 145 -33.53 124.13 -32.94
C LEU OB 145 -35.01 124.02 -33.27
N GLN OB 146 -35.35 123.74 -34.53
CA GLN OB 146 -36.74 123.49 -34.90
C GLN OB 146 -37.27 122.25 -34.20
N HIS OB 147 -36.45 121.22 -34.07
CA HIS OB 147 -36.86 120.01 -33.37
C HIS OB 147 -37.12 120.29 -31.89
N LYS OB 148 -36.29 121.13 -31.28
CA LYS OB 148 -36.51 121.50 -29.88
C LYS OB 148 -37.81 122.27 -29.71
N ARG OB 149 -38.09 123.20 -30.61
CA ARG OB 149 -39.35 123.93 -30.56
C ARG OB 149 -40.54 123.01 -30.83
N ARG OB 150 -40.38 122.07 -31.76
CA ARG OB 150 -41.43 121.10 -32.02
C ARG OB 150 -41.69 120.22 -30.80
N ARG OB 151 -40.63 119.80 -30.10
CA ARG OB 151 -40.80 119.02 -28.89
C ARG OB 151 -41.51 119.83 -27.80
N ILE OB 152 -41.12 121.09 -27.62
CA ILE OB 152 -41.75 121.92 -26.61
C ILE OB 152 -43.22 122.18 -26.96
N ALA OB 153 -43.51 122.37 -28.25
CA ALA OB 153 -44.89 122.55 -28.69
C ALA OB 153 -45.72 121.30 -28.43
N LEU OB 154 -45.15 120.11 -28.70
CA LEU OB 154 -45.84 118.87 -28.37
C LEU OB 154 -46.06 118.75 -26.87
N LYS OB 155 -45.08 119.19 -26.08
CA LYS OB 155 -45.22 119.17 -24.63
C LYS OB 155 -46.33 120.12 -24.17
N LYS OB 156 -46.45 121.28 -24.81
CA LYS OB 156 -47.45 122.26 -24.42
C LYS OB 156 -48.86 121.75 -24.74
N GLN OB 157 -49.04 121.15 -25.92
CA GLN OB 157 -50.37 120.71 -26.32
C GLN OB 157 -50.82 119.49 -25.52
N ARG OB 158 -49.88 118.62 -25.13
CA ARG OB 158 -50.27 117.45 -24.36
C ARG OB 158 -50.64 117.81 -22.93
N THR OB 159 -49.96 118.81 -22.35
CA THR OB 159 -50.32 119.25 -21.01
C THR OB 159 -51.61 120.08 -21.02
N LYS OB 160 -51.83 120.85 -22.10
CA LYS OB 160 -53.10 121.54 -22.26
C LYS OB 160 -54.25 120.56 -22.36
N LYS OB 161 -54.06 119.46 -23.10
CA LYS OB 161 -55.08 118.43 -23.20
C LYS OB 161 -55.31 117.76 -21.84
N ASN OB 162 -54.24 117.54 -21.07
CA ASN OB 162 -54.39 116.92 -19.75
C ASN OB 162 -55.22 117.80 -18.82
N LYS OB 163 -54.96 119.11 -18.83
CA LYS OB 163 -55.76 120.01 -17.99
C LYS OB 163 -57.19 120.12 -18.49
N GLU OB 164 -57.39 120.12 -19.81
CA GLU OB 164 -58.74 120.21 -20.36
C GLU OB 164 -59.57 118.98 -19.99
N GLU OB 165 -59.00 117.79 -20.11
CA GLU OB 165 -59.74 116.59 -19.74
C GLU OB 165 -59.90 116.48 -18.23
N ALA OB 166 -58.97 117.05 -17.46
CA ALA OB 166 -59.13 117.09 -16.01
C ALA OB 166 -60.33 117.93 -15.61
N ALA OB 167 -60.50 119.09 -16.26
CA ALA OB 167 -61.66 119.92 -15.98
C ALA OB 167 -62.95 119.26 -16.44
N GLU OB 168 -62.91 118.60 -17.61
CA GLU OB 168 -64.10 117.92 -18.12
C GLU OB 168 -64.53 116.79 -17.19
N TYR OB 169 -63.56 116.03 -16.66
CA TYR OB 169 -63.90 114.97 -15.72
C TYR OB 169 -64.43 115.55 -14.41
N ALA OB 170 -63.91 116.70 -13.98
CA ALA OB 170 -64.41 117.34 -12.78
C ALA OB 170 -65.86 117.76 -12.93
N LYS OB 171 -66.21 118.31 -14.10
CA LYS OB 171 -67.60 118.69 -14.35
C LYS OB 171 -68.51 117.48 -14.38
N LEU OB 172 -68.07 116.39 -15.05
CA LEU OB 172 -68.88 115.18 -15.09
C LEU OB 172 -69.02 114.56 -13.71
N LEU OB 173 -67.94 114.58 -12.92
CA LEU OB 173 -68.00 114.06 -11.56
C LEU OB 173 -68.98 114.87 -10.70
N ALA OB 174 -68.95 116.19 -10.84
CA ALA OB 174 -69.88 117.03 -10.09
C ALA OB 174 -71.32 116.78 -10.51
N LYS OB 175 -71.55 116.61 -11.82
CA LYS OB 175 -72.90 116.33 -12.31
C LYS OB 175 -73.41 115.00 -11.77
N ARG OB 176 -72.57 113.97 -11.78
CA ARG OB 176 -72.99 112.67 -11.27
C ARG OB 176 -73.18 112.71 -9.76
N MET OB 177 -72.37 113.50 -9.05
CA MET OB 177 -72.52 113.64 -7.62
C MET OB 177 -73.83 114.34 -7.27
N LYS OB 178 -74.23 115.33 -8.08
CA LYS OB 178 -75.53 115.96 -7.91
C LYS OB 178 -76.65 114.95 -8.16
N GLU OB 179 -76.52 114.13 -9.21
CA GLU OB 179 -77.56 113.15 -9.52
C GLU OB 179 -77.68 112.10 -8.42
N ALA OB 180 -76.55 111.66 -7.86
CA ALA OB 180 -76.58 110.65 -6.81
C ALA OB 180 -77.29 111.16 -5.57
N LYS OB 181 -77.00 112.40 -5.16
CA LYS OB 181 -77.65 112.96 -3.99
C LYS OB 181 -79.11 113.30 -4.25
N GLU OB 182 -79.45 113.62 -5.50
CA GLU OB 182 -80.87 113.78 -5.85
C GLU OB 182 -81.62 112.48 -5.68
N LYS OB 183 -81.01 111.36 -6.09
CA LYS OB 183 -81.62 110.05 -5.86
C LYS OB 183 -81.72 109.75 -4.37
N ARG OB 184 -80.70 110.12 -3.60
CA ARG OB 184 -80.72 109.86 -2.16
C ARG OB 184 -81.84 110.64 -1.47
N GLN OB 185 -82.01 111.91 -1.85
CA GLN OB 185 -83.07 112.71 -1.22
C GLN OB 185 -84.45 112.24 -1.66
N GLU OB 186 -84.55 111.65 -2.86
CA GLU OB 186 -85.82 111.07 -3.28
C GLU OB 186 -86.16 109.84 -2.46
N GLN OB 187 -85.16 109.03 -2.14
CA GLN OB 187 -85.36 107.82 -1.34
C GLN OB 187 -84.80 108.00 0.06
N PRO PB 1 -42.30 69.07 -43.41
CA PRO PB 1 -43.52 69.80 -43.79
C PRO PB 1 -43.57 70.11 -45.28
N VAL PB 2 -44.52 69.49 -45.99
CA VAL PB 2 -44.66 69.66 -47.42
C VAL PB 2 -46.08 70.09 -47.72
N ALA PB 3 -46.27 70.78 -48.84
CA ALA PB 3 -47.58 71.29 -49.26
C ALA PB 3 -48.13 70.35 -50.34
N ARG PB 4 -48.77 69.28 -49.90
CA ARG PB 4 -49.43 68.34 -50.80
C ARG PB 4 -50.62 67.74 -50.06
N SER PB 5 -51.17 66.66 -50.62
CA SER PB 5 -52.43 66.12 -50.10
C SER PB 5 -52.20 65.05 -49.04
N TRP PB 6 -51.48 63.98 -49.40
CA TRP PB 6 -51.38 62.77 -48.59
C TRP PB 6 -52.75 62.12 -48.35
N VAL PB 7 -53.73 62.43 -49.19
CA VAL PB 7 -55.10 61.97 -49.00
C VAL PB 7 -55.54 61.22 -50.26
N CYS PB 8 -55.93 59.97 -50.08
CA CYS PB 8 -56.53 59.14 -51.13
C CYS PB 8 -57.42 58.12 -50.45
N ARG PB 9 -57.98 57.21 -51.24
CA ARG PB 9 -58.73 56.10 -50.66
C ARG PB 9 -58.90 54.99 -51.69
N LYS PB 10 -59.18 53.79 -51.18
CA LYS PB 10 -59.47 52.65 -52.03
C LYS PB 10 -60.90 52.73 -52.55
N THR PB 11 -61.08 52.25 -53.79
CA THR PB 11 -62.37 52.29 -54.46
C THR PB 11 -63.03 50.94 -54.63
N TYR PB 12 -62.30 49.84 -54.44
CA TYR PB 12 -62.85 48.51 -54.62
C TYR PB 12 -62.41 47.61 -53.47
N VAL PB 13 -63.24 46.64 -53.14
CA VAL PB 13 -62.95 45.67 -52.09
C VAL PB 13 -62.96 44.28 -52.72
N THR PB 14 -61.84 43.57 -52.59
CA THR PB 14 -61.79 42.19 -53.06
C THR PB 14 -62.74 41.35 -52.22
N PRO PB 15 -63.56 40.49 -52.84
CA PRO PB 15 -64.51 39.69 -52.06
C PRO PB 15 -63.80 38.80 -51.05
N ARG PB 16 -64.44 38.60 -49.90
CA ARG PB 16 -63.87 37.74 -48.86
C ARG PB 16 -63.66 36.33 -49.38
N ARG PB 17 -64.58 35.83 -50.20
CA ARG PB 17 -64.45 34.50 -50.77
C ARG PB 17 -64.19 34.60 -52.27
N PRO PB 18 -62.94 34.72 -52.70
CA PRO PB 18 -62.63 34.73 -54.12
C PRO PB 18 -62.75 33.34 -54.72
N PHE PB 19 -62.72 33.30 -56.04
CA PHE PB 19 -62.78 32.06 -56.84
C PHE PB 19 -64.08 31.30 -56.63
N GLU PB 20 -65.08 31.90 -56.01
CA GLU PB 20 -66.38 31.27 -55.87
C GLU PB 20 -67.01 31.09 -57.24
N LYS PB 21 -67.40 29.86 -57.55
CA LYS PB 21 -67.90 29.55 -58.89
C LYS PB 21 -69.17 30.34 -59.20
N SER PB 22 -70.07 30.47 -58.23
CA SER PB 22 -71.32 31.19 -58.45
C SER PB 22 -71.07 32.66 -58.75
N ARG PB 23 -70.21 33.30 -57.95
CA ARG PB 23 -69.94 34.72 -58.17
C ARG PB 23 -69.06 34.95 -59.40
N LEU PB 24 -68.21 33.98 -59.73
CA LEU PB 24 -67.40 34.10 -60.95
C LEU PB 24 -68.28 34.12 -62.18
N ASP PB 25 -69.31 33.27 -62.22
CA ASP PB 25 -70.24 33.26 -63.34
C ASP PB 25 -71.06 34.55 -63.39
N GLN PB 26 -71.49 35.05 -62.23
CA GLN PB 26 -72.28 36.27 -62.21
C GLN PB 26 -71.45 37.47 -62.67
N GLU PB 27 -70.21 37.56 -62.20
CA GLU PB 27 -69.35 38.67 -62.62
C GLU PB 27 -68.98 38.55 -64.10
N LEU PB 28 -68.74 37.32 -64.57
CA LEU PB 28 -68.43 37.13 -65.99
C LEU PB 28 -69.62 37.49 -66.87
N LYS PB 29 -70.83 37.14 -66.43
CA LYS PB 29 -72.03 37.51 -67.19
C LYS PB 29 -72.21 39.02 -67.21
N LEU PB 30 -71.96 39.69 -66.08
CA LEU PB 30 -72.02 41.14 -66.05
C LEU PB 30 -70.99 41.76 -66.99
N ILE PB 31 -69.79 41.19 -67.03
CA ILE PB 31 -68.75 41.67 -67.93
C ILE PB 31 -69.20 41.49 -69.39
N GLY PB 32 -69.78 40.34 -69.70
CA GLY PB 32 -70.23 40.09 -71.06
C GLY PB 32 -71.49 40.84 -71.44
N GLU PB 33 -72.17 41.47 -70.48
CA GLU PB 33 -73.37 42.24 -70.79
C GLU PB 33 -73.05 43.71 -71.06
N TYR PB 34 -72.36 44.36 -70.12
CA TYR PB 34 -72.04 45.77 -70.22
C TYR PB 34 -70.65 46.02 -70.80
N GLY PB 35 -69.95 44.97 -71.23
CA GLY PB 35 -68.63 45.14 -71.82
C GLY PB 35 -67.57 45.63 -70.86
N LEU PB 36 -67.55 45.11 -69.63
CA LEU PB 36 -66.55 45.53 -68.67
C LEU PB 36 -65.18 44.99 -69.03
N ARG PB 37 -64.15 45.75 -68.60
CA ARG PB 37 -62.77 45.32 -68.85
C ARG PB 37 -62.40 44.10 -68.02
N ASN PB 38 -62.73 44.12 -66.74
CA ASN PB 38 -62.30 43.08 -65.80
C ASN PB 38 -63.20 43.11 -64.58
N LYS PB 39 -62.83 42.35 -63.55
CA LYS PB 39 -63.64 42.24 -62.35
C LYS PB 39 -63.46 43.41 -61.40
N ARG PB 40 -62.39 44.20 -61.54
CA ARG PB 40 -62.13 45.27 -60.59
C ARG PB 40 -63.23 46.32 -60.62
N GLU PB 41 -63.71 46.68 -61.81
CA GLU PB 41 -64.76 47.67 -61.92
C GLU PB 41 -66.02 47.19 -61.21
N VAL PB 42 -66.31 45.90 -61.27
CA VAL PB 42 -67.41 45.32 -60.48
C VAL PB 42 -67.13 45.51 -59.00
N TRP PB 43 -65.90 45.21 -58.57
CA TRP PB 43 -65.55 45.37 -57.17
C TRP PB 43 -65.70 46.81 -56.72
N ARG PB 44 -65.55 47.76 -57.64
CA ARG PB 44 -65.63 49.18 -57.31
C ARG PB 44 -67.07 49.66 -57.25
N VAL PB 45 -67.84 49.41 -58.31
CA VAL PB 45 -69.21 49.91 -58.37
C VAL PB 45 -70.07 49.22 -57.31
N LYS PB 46 -69.81 47.94 -57.03
CA LYS PB 46 -70.52 47.28 -55.94
C LYS PB 46 -70.13 47.87 -54.60
N PHE PB 47 -68.91 48.42 -54.49
CA PHE PB 47 -68.49 49.04 -53.24
C PHE PB 47 -69.22 50.35 -53.01
N THR PB 48 -69.32 51.20 -54.05
CA THR PB 48 -70.07 52.44 -53.93
C THR PB 48 -71.54 52.17 -53.65
N LEU PB 49 -72.11 51.16 -54.31
CA LEU PB 49 -73.46 50.72 -53.98
C LEU PB 49 -73.55 50.25 -52.53
N ALA PB 50 -72.54 49.51 -52.08
CA ALA PB 50 -72.54 49.01 -50.70
C ALA PB 50 -72.44 50.16 -49.70
N LYS PB 51 -71.66 51.19 -50.03
CA LYS PB 51 -71.44 52.29 -49.10
C LYS PB 51 -72.73 53.07 -48.86
N ILE PB 52 -73.44 53.45 -49.92
CA ILE PB 52 -74.69 54.16 -49.74
C ILE PB 52 -75.79 53.23 -49.22
N ARG PB 53 -75.64 51.92 -49.41
CA ARG PB 53 -76.50 50.97 -48.72
C ARG PB 53 -76.29 51.03 -47.22
N LYS PB 54 -75.02 51.06 -46.79
CA LYS PB 54 -74.72 51.17 -45.36
C LYS PB 54 -75.22 52.48 -44.79
N ALA PB 55 -75.03 53.58 -45.53
CA ALA PB 55 -75.56 54.87 -45.09
C ALA PB 55 -77.07 54.80 -44.93
N ALA PB 56 -77.75 54.06 -45.82
CA ALA PB 56 -79.17 53.84 -45.65
C ALA PB 56 -79.47 53.06 -44.38
N ARG PB 57 -78.67 52.03 -44.09
CA ARG PB 57 -78.89 51.24 -42.88
C ARG PB 57 -78.76 52.11 -41.63
N GLU PB 58 -77.69 52.91 -41.55
CA GLU PB 58 -77.50 53.80 -40.42
C GLU PB 58 -78.62 54.84 -40.35
N LEU PB 59 -79.06 55.31 -41.52
CA LEU PB 59 -80.14 56.28 -41.56
C LEU PB 59 -81.46 55.68 -41.08
N LEU PB 60 -81.72 54.42 -41.43
CA LEU PB 60 -82.90 53.74 -40.92
C LEU PB 60 -82.86 53.61 -39.41
N THR PB 61 -81.72 53.20 -38.86
CA THR PB 61 -81.61 52.97 -37.43
C THR PB 61 -81.74 54.25 -36.62
N LEU PB 62 -81.65 55.41 -37.28
CA LEU PB 62 -81.82 56.68 -36.58
C LEU PB 62 -83.28 56.83 -36.13
N ASP PB 63 -83.49 57.76 -35.20
CA ASP PB 63 -84.81 57.98 -34.64
C ASP PB 63 -85.76 58.54 -35.71
N GLU PB 64 -87.05 58.46 -35.41
CA GLU PB 64 -88.07 58.81 -36.40
C GLU PB 64 -88.04 60.30 -36.72
N LYS PB 65 -88.05 61.15 -35.70
CA LYS PB 65 -88.14 62.59 -35.91
C LYS PB 65 -86.74 63.21 -35.73
N ASP PB 66 -86.01 63.29 -36.83
CA ASP PB 66 -84.66 63.86 -36.84
C ASP PB 66 -84.48 64.73 -38.07
N PRO PB 67 -84.29 66.04 -37.90
CA PRO PB 67 -84.01 66.89 -39.07
C PRO PB 67 -82.78 66.46 -39.84
N ARG PB 68 -81.77 65.91 -39.16
CA ARG PB 68 -80.58 65.42 -39.85
C ARG PB 68 -80.90 64.18 -40.68
N ARG PB 69 -81.84 63.35 -40.21
CA ARG PB 69 -82.24 62.19 -41.00
C ARG PB 69 -82.90 62.63 -42.30
N LEU PB 70 -83.77 63.63 -42.23
CA LEU PB 70 -84.45 64.10 -43.42
C LEU PB 70 -83.48 64.82 -44.35
N PHE PB 71 -82.52 65.55 -43.77
CA PHE PB 71 -81.54 66.26 -44.59
C PHE PB 71 -80.66 65.29 -45.36
N GLU PB 72 -80.06 64.33 -44.66
CA GLU PB 72 -79.21 63.35 -45.34
C GLU PB 72 -80.04 62.43 -46.21
N GLY PB 73 -81.25 62.08 -45.77
CA GLY PB 73 -82.09 61.20 -46.56
C GLY PB 73 -82.46 61.79 -47.90
N ASN PB 74 -83.16 62.94 -47.87
CA ASN PB 74 -83.57 63.59 -49.11
C ASN PB 74 -82.38 63.91 -50.00
N ALA PB 75 -81.26 64.31 -49.41
CA ALA PB 75 -80.08 64.64 -50.19
C ALA PB 75 -79.58 63.41 -50.96
N LEU PB 76 -79.59 62.25 -50.32
CA LEU PB 76 -79.18 61.03 -51.02
C LEU PB 76 -80.15 60.68 -52.14
N LEU PB 77 -81.45 60.92 -51.93
CA LEU PB 77 -82.42 60.67 -52.99
C LEU PB 77 -82.21 61.60 -54.17
N ARG PB 78 -81.85 62.86 -53.91
CA ARG PB 78 -81.63 63.80 -54.99
C ARG PB 78 -80.45 63.38 -55.85
N ARG PB 79 -79.38 62.89 -55.23
CA ARG PB 79 -78.24 62.42 -56.02
C ARG PB 79 -78.61 61.18 -56.81
N LEU PB 80 -79.17 60.17 -56.16
CA LEU PB 80 -79.52 58.93 -56.85
C LEU PB 80 -80.52 59.18 -57.97
N VAL PB 81 -81.36 60.20 -57.83
CA VAL PB 81 -82.26 60.57 -58.91
C VAL PB 81 -81.49 61.20 -60.07
N ARG PB 82 -80.52 62.06 -59.75
CA ARG PB 82 -79.80 62.80 -60.78
C ARG PB 82 -78.64 62.00 -61.40
N ILE PB 83 -78.24 60.88 -60.81
CA ILE PB 83 -77.46 59.89 -61.56
C ILE PB 83 -78.36 58.86 -62.26
N GLY PB 84 -79.48 58.48 -61.67
CA GLY PB 84 -80.49 57.74 -62.37
C GLY PB 84 -80.58 56.25 -62.09
N VAL PB 85 -80.09 55.78 -60.95
CA VAL PB 85 -80.30 54.38 -60.59
C VAL PB 85 -81.59 54.17 -59.81
N LEU PB 86 -82.25 55.26 -59.39
CA LEU PB 86 -83.51 55.19 -58.67
C LEU PB 86 -84.54 56.09 -59.34
N ASP PB 87 -85.77 55.61 -59.40
CA ASP PB 87 -86.87 56.39 -59.96
C ASP PB 87 -87.24 57.54 -59.04
N GLU PB 88 -87.72 58.64 -59.65
CA GLU PB 88 -88.18 59.77 -58.85
C GLU PB 88 -89.52 59.48 -58.19
N GLY PB 89 -90.34 58.63 -58.80
CA GLY PB 89 -91.62 58.28 -58.21
C GLY PB 89 -91.54 57.33 -57.03
N LYS PB 90 -90.37 56.74 -56.80
CA LYS PB 90 -90.12 55.86 -55.65
C LYS PB 90 -89.32 56.57 -54.57
N MET PB 91 -89.64 57.83 -54.30
CA MET PB 91 -88.99 58.64 -53.28
C MET PB 91 -89.37 58.12 -51.89
N LYS PB 92 -88.54 57.22 -51.39
CA LYS PB 92 -88.70 56.66 -50.05
C LYS PB 92 -87.37 56.15 -49.53
N LEU PB 93 -87.18 56.30 -48.22
CA LEU PB 93 -85.92 55.91 -47.59
C LEU PB 93 -85.66 54.42 -47.69
N ASP PB 94 -86.70 53.60 -47.50
CA ASP PB 94 -86.53 52.15 -47.51
C ASP PB 94 -86.22 51.60 -48.89
N TYR PB 95 -86.65 52.29 -49.95
CA TYR PB 95 -86.42 51.80 -51.30
C TYR PB 95 -84.96 51.86 -51.73
N ILE PB 96 -84.12 52.56 -50.97
CA ILE PB 96 -82.70 52.68 -51.32
C ILE PB 96 -82.03 51.31 -51.30
N LEU PB 97 -82.34 50.50 -50.29
CA LEU PB 97 -81.70 49.19 -50.14
C LEU PB 97 -82.09 48.23 -51.26
N GLY PB 98 -83.10 48.55 -52.06
CA GLY PB 98 -83.50 47.70 -53.16
C GLY PB 98 -82.72 47.90 -54.44
N LEU PB 99 -81.72 48.76 -54.44
CA LEU PB 99 -80.94 49.00 -55.65
C LEU PB 99 -80.13 47.77 -56.02
N LYS PB 100 -79.74 47.71 -57.30
CA LYS PB 100 -79.01 46.57 -57.85
C LYS PB 100 -77.74 47.04 -58.53
N ILE PB 101 -76.72 46.17 -58.52
CA ILE PB 101 -75.45 46.51 -59.15
C ILE PB 101 -75.61 46.60 -60.66
N GLU PB 102 -76.43 45.72 -61.26
CA GLU PB 102 -76.69 45.80 -62.69
C GLU PB 102 -77.37 47.11 -63.06
N ASP PB 103 -78.27 47.59 -62.20
CA ASP PB 103 -78.91 48.88 -62.44
C ASP PB 103 -77.90 50.00 -62.47
N PHE PB 104 -76.91 49.97 -61.57
CA PHE PB 104 -75.84 50.96 -61.60
C PHE PB 104 -75.04 50.87 -62.89
N LEU PB 105 -74.82 49.65 -63.39
CA LEU PB 105 -74.11 49.46 -64.64
C LEU PB 105 -74.88 50.01 -65.83
N GLU PB 106 -76.20 50.14 -65.72
CA GLU PB 106 -77.00 50.69 -66.81
C GLU PB 106 -76.77 52.17 -67.02
N ARG PB 107 -76.17 52.87 -66.06
CA ARG PB 107 -76.05 54.32 -66.10
C ARG PB 107 -74.67 54.79 -66.53
N ARG PB 108 -73.82 53.89 -67.03
CA ARG PB 108 -72.50 54.30 -67.51
C ARG PB 108 -72.61 55.02 -68.85
N LEU PB 109 -71.57 55.80 -69.17
CA LEU PB 109 -71.54 56.48 -70.45
C LEU PB 109 -71.47 55.50 -71.61
N GLN PB 110 -70.67 54.44 -71.46
CA GLN PB 110 -70.55 53.44 -72.52
C GLN PB 110 -71.87 52.71 -72.75
N THR PB 111 -72.57 52.36 -71.67
CA THR PB 111 -73.84 51.67 -71.81
C THR PB 111 -74.93 52.59 -72.34
N GLN PB 112 -74.93 53.86 -71.89
CA GLN PB 112 -75.92 54.82 -72.38
C GLN PB 112 -75.68 55.13 -73.85
N VAL PB 113 -74.41 55.24 -74.26
CA VAL PB 113 -74.09 55.47 -75.67
C VAL PB 113 -74.56 54.31 -76.53
N PHE PB 114 -74.30 53.07 -76.07
CA PHE PB 114 -74.74 51.90 -76.82
C PHE PB 114 -76.26 51.82 -76.89
N LYS PB 115 -76.94 52.16 -75.80
CA LYS PB 115 -78.40 52.13 -75.79
C LYS PB 115 -78.97 53.18 -76.73
N LEU PB 116 -78.37 54.38 -76.76
CA LEU PB 116 -78.85 55.42 -77.66
C LEU PB 116 -78.58 55.11 -79.13
N GLY PB 117 -77.66 54.19 -79.41
CA GLY PB 117 -77.40 53.78 -80.77
C GLY PB 117 -76.24 54.49 -81.45
N LEU PB 118 -75.41 55.22 -80.70
CA LEU PB 118 -74.24 55.86 -81.32
C LEU PB 118 -73.23 54.85 -81.84
N ALA PB 119 -73.24 53.63 -81.30
CA ALA PB 119 -72.32 52.59 -81.72
C ALA PB 119 -73.08 51.30 -81.99
N LYS PB 120 -72.49 50.46 -82.84
CA LYS PB 120 -73.13 49.20 -83.19
C LYS PB 120 -73.07 48.19 -82.05
N SER PB 121 -72.06 48.28 -81.20
CA SER PB 121 -71.90 47.36 -80.08
C SER PB 121 -71.39 48.12 -78.86
N ILE PB 122 -71.50 47.48 -77.70
CA ILE PB 122 -71.00 48.09 -76.47
C ILE PB 122 -69.47 48.23 -76.52
N HIS PB 123 -68.77 47.22 -77.04
CA HIS PB 123 -67.34 47.32 -77.21
C HIS PB 123 -66.98 48.36 -78.28
N HIS PB 124 -67.84 48.52 -79.29
CA HIS PB 124 -67.66 49.60 -80.25
C HIS PB 124 -67.76 50.96 -79.57
N ALA PB 125 -68.67 51.09 -78.61
CA ALA PB 125 -68.78 52.33 -77.85
C ALA PB 125 -67.53 52.60 -77.03
N ARG PB 126 -66.98 51.56 -76.39
CA ARG PB 126 -65.77 51.74 -75.59
C ARG PB 126 -64.58 52.11 -76.46
N VAL PB 127 -64.47 51.49 -77.65
CA VAL PB 127 -63.36 51.81 -78.54
C VAL PB 127 -63.44 53.26 -78.99
N LEU PB 128 -64.64 53.70 -79.38
CA LEU PB 128 -64.81 55.09 -79.82
C LEU PB 128 -64.57 56.06 -78.67
N ILE PB 129 -65.07 55.74 -77.47
CA ILE PB 129 -64.87 56.61 -76.32
C ILE PB 129 -63.39 56.70 -75.96
N ARG PB 130 -62.69 55.56 -75.95
CA ARG PB 130 -61.26 55.58 -75.69
C ARG PB 130 -60.51 56.33 -76.79
N GLN PB 131 -61.11 56.45 -77.97
CA GLN PB 131 -60.52 57.18 -79.08
C GLN PB 131 -61.03 58.61 -79.19
N ARG PB 132 -61.81 59.08 -78.21
CA ARG PB 132 -62.25 60.46 -78.12
C ARG PB 132 -63.12 60.87 -79.31
N HIS PB 133 -64.29 60.23 -79.46
CA HIS PB 133 -65.23 60.56 -80.51
C HIS PB 133 -66.62 60.91 -80.01
N ILE PB 134 -66.86 60.83 -78.70
CA ILE PB 134 -68.17 61.11 -78.12
C ILE PB 134 -68.01 62.29 -77.17
N ARG PB 135 -68.91 63.27 -77.30
CA ARG PB 135 -68.86 64.48 -76.50
C ARG PB 135 -70.21 64.74 -75.85
N VAL PB 136 -70.16 65.30 -74.65
CA VAL PB 136 -71.34 65.70 -73.89
C VAL PB 136 -71.14 67.15 -73.44
N ARG PB 137 -72.17 67.97 -73.62
CA ARG PB 137 -72.10 69.40 -73.28
C ARG PB 137 -70.94 70.09 -74.00
N LYS PB 138 -70.75 69.73 -75.28
CA LYS PB 138 -69.69 70.29 -76.12
C LYS PB 138 -68.30 70.05 -75.53
N GLN PB 139 -68.12 68.91 -74.87
CA GLN PB 139 -66.82 68.54 -74.31
C GLN PB 139 -66.61 67.04 -74.51
N VAL PB 140 -65.43 66.68 -75.03
CA VAL PB 140 -65.14 65.28 -75.32
C VAL PB 140 -64.86 64.54 -74.02
N VAL PB 141 -65.54 63.41 -73.83
CA VAL PB 141 -65.36 62.55 -72.66
C VAL PB 141 -64.75 61.24 -73.14
N ASN PB 142 -63.62 60.86 -72.56
CA ASN PB 142 -62.87 59.67 -72.97
C ASN PB 142 -62.85 58.60 -71.89
N ILE PB 143 -63.75 58.66 -70.92
CA ILE PB 143 -63.80 57.70 -69.82
C ILE PB 143 -64.99 56.78 -70.06
N PRO PB 144 -64.77 55.50 -70.36
CA PRO PB 144 -65.92 54.58 -70.45
C PRO PB 144 -66.68 54.44 -69.15
N SER PB 145 -66.01 54.61 -68.00
CA SER PB 145 -66.65 54.52 -66.69
C SER PB 145 -67.23 55.85 -66.23
N PHE PB 146 -67.12 56.90 -67.03
CA PHE PB 146 -67.70 58.19 -66.68
C PHE PB 146 -69.21 58.06 -66.49
N ILE PB 147 -69.73 58.71 -65.47
CA ILE PB 147 -71.14 58.56 -65.10
C ILE PB 147 -71.90 59.78 -65.60
N VAL PB 148 -72.96 59.53 -66.37
CA VAL PB 148 -73.74 60.58 -67.01
C VAL PB 148 -74.94 60.91 -66.14
N ARG PB 149 -75.08 62.18 -65.77
CA ARG PB 149 -76.24 62.60 -64.99
C ARG PB 149 -77.50 62.48 -65.83
N LEU PB 150 -78.60 62.10 -65.17
CA LEU PB 150 -79.89 61.95 -65.85
C LEU PB 150 -80.38 63.25 -66.46
N ASP PB 151 -79.98 64.39 -65.90
CA ASP PB 151 -80.37 65.68 -66.46
C ASP PB 151 -79.76 65.88 -67.85
N SER PB 152 -78.46 65.62 -67.98
CA SER PB 152 -77.77 65.72 -69.26
C SER PB 152 -77.76 64.38 -69.99
N GLN PB 153 -78.94 63.80 -70.18
CA GLN PB 153 -79.07 62.52 -70.85
C GLN PB 153 -79.18 62.65 -72.36
N LYS PB 154 -79.83 63.71 -72.84
CA LYS PB 154 -80.06 63.90 -74.27
C LYS PB 154 -78.96 64.72 -74.94
N HIS PB 155 -77.89 65.06 -74.22
CA HIS PB 155 -76.82 65.90 -74.75
C HIS PB 155 -75.58 65.09 -75.13
N ILE PB 156 -75.77 63.87 -75.64
CA ILE PB 156 -74.67 63.04 -76.11
C ILE PB 156 -74.72 63.02 -77.64
N ASP PB 157 -73.61 63.41 -78.27
CA ASP PB 157 -73.52 63.45 -79.71
C ASP PB 157 -72.06 63.35 -80.10
N PHE PB 158 -71.83 63.05 -81.38
CA PHE PB 158 -70.45 62.98 -81.89
C PHE PB 158 -69.83 64.37 -81.91
N SER PB 159 -68.52 64.42 -81.69
CA SER PB 159 -67.81 65.67 -81.63
C SER PB 159 -67.79 66.36 -82.99
N LEU PB 160 -67.78 67.69 -82.96
CA LEU PB 160 -67.68 68.48 -84.19
C LEU PB 160 -66.27 68.45 -84.79
N ARG PB 161 -65.28 67.94 -84.06
CA ARG PB 161 -63.93 67.78 -84.59
C ARG PB 161 -63.65 66.37 -85.08
N SER PB 162 -64.36 65.38 -84.57
CA SER PB 162 -64.08 63.99 -84.91
C SER PB 162 -64.45 63.71 -86.36
N PRO PB 163 -63.78 62.74 -86.99
CA PRO PB 163 -64.14 62.39 -88.38
C PRO PB 163 -65.55 61.88 -88.53
N TYR PB 164 -66.17 61.35 -87.47
CA TYR PB 164 -67.54 60.88 -87.56
C TYR PB 164 -68.52 62.05 -87.57
N GLY PB 165 -68.41 62.96 -86.61
CA GLY PB 165 -69.29 64.11 -86.54
C GLY PB 165 -68.90 65.22 -87.48
N GLY PB 166 -67.71 65.79 -87.28
CA GLY PB 166 -67.25 66.87 -88.12
C GLY PB 166 -66.96 66.45 -89.55
N GLY PB 167 -66.33 65.29 -89.73
CA GLY PB 167 -66.00 64.80 -91.05
C GLY PB 167 -64.58 65.07 -91.53
N ARG PB 168 -63.71 65.55 -90.65
CA ARG PB 168 -62.33 65.82 -91.05
C ARG PB 168 -61.56 64.52 -91.21
N PRO PB 169 -60.92 64.28 -92.35
CA PRO PB 169 -60.23 63.00 -92.56
C PRO PB 169 -59.06 62.81 -91.61
N GLY PB 170 -58.77 61.54 -91.30
CA GLY PB 170 -57.71 61.17 -90.41
C GLY PB 170 -56.49 60.62 -91.14
N ARG PB 171 -55.66 59.91 -90.39
CA ARG PB 171 -54.41 59.38 -90.96
C ARG PB 171 -54.68 58.39 -92.09
N VAL PB 172 -55.63 57.47 -91.87
CA VAL PB 172 -55.90 56.45 -92.88
C VAL PB 172 -56.56 57.07 -94.10
N LYS PB 173 -57.50 57.98 -93.91
CA LYS PB 173 -58.20 58.58 -95.04
C LYS PB 173 -57.25 59.43 -95.88
N ARG PB 174 -56.38 60.21 -95.24
CA ARG PB 174 -55.44 61.06 -95.98
C ARG PB 174 -54.45 60.21 -96.77
N LYS PB 175 -53.94 59.14 -96.16
CA LYS PB 175 -52.98 58.29 -96.86
C LYS PB 175 -53.62 57.60 -98.05
N ASN PB 176 -54.85 57.11 -97.89
CA ASN PB 176 -55.54 56.44 -99.00
C ASN PB 176 -55.85 57.43 -100.12
N ALA PB 177 -56.30 58.64 -99.76
CA ALA PB 177 -56.61 59.64 -100.78
C ALA PB 177 -55.37 60.09 -101.53
N LYS PB 178 -54.26 60.29 -100.81
CA LYS PB 178 -53.02 60.72 -101.47
C LYS PB 178 -52.48 59.63 -102.39
N LYS PB 179 -52.57 58.37 -101.97
CA LYS PB 179 -52.12 57.27 -102.83
C LYS PB 179 -52.96 57.20 -104.10
N GLY PB 180 -54.28 57.38 -103.98
CA GLY PB 180 -55.13 57.36 -105.15
C GLY PB 180 -54.86 58.53 -106.09
N GLN PB 181 -54.64 59.72 -105.52
CA GLN PB 181 -54.34 60.88 -106.34
C GLN PB 181 -53.01 60.73 -107.07
N GLY PB 182 -52.00 60.16 -106.39
CA GLY PB 182 -50.72 59.94 -107.05
C GLY PB 182 -50.80 58.96 -108.19
N GLY PB 183 -51.56 57.87 -108.00
CA GLY PB 183 -51.72 56.91 -109.07
C GLY PB 183 -52.50 57.47 -110.25
N ALA PB 184 -53.54 58.27 -109.97
CA ALA PB 184 -54.32 58.87 -111.05
C ALA PB 184 -53.48 59.86 -111.85
N GLY PB 185 -52.64 60.65 -111.17
CA GLY PB 185 -51.80 61.62 -111.85
C GLY PB 185 -50.63 60.99 -112.58
N GLY QB 1 -78.20 29.30 3.71
CA GLY QB 1 -78.38 28.30 4.74
C GLY QB 1 -77.78 28.73 6.06
N ARG QB 2 -77.35 27.78 6.88
CA ARG QB 2 -76.67 28.12 8.12
C ARG QB 2 -75.34 28.80 7.83
N MET QB 3 -74.88 29.61 8.79
CA MET QB 3 -73.59 30.27 8.64
C MET QB 3 -72.47 29.26 8.45
N HIS QB 4 -72.20 28.46 9.49
CA HIS QB 4 -71.03 27.60 9.54
C HIS QB 4 -71.40 26.12 9.51
N ALA QB 5 -72.64 25.82 9.17
CA ALA QB 5 -73.10 24.44 9.09
C ALA QB 5 -73.81 24.24 7.76
N PRO QB 6 -73.70 23.06 7.16
CA PRO QB 6 -74.42 22.75 5.92
C PRO QB 6 -75.87 22.33 6.16
N GLY QB 7 -76.57 23.08 7.01
CA GLY QB 7 -77.94 22.77 7.34
C GLY QB 7 -78.94 23.64 6.61
N LYS QB 8 -79.79 23.04 5.79
CA LYS QB 8 -80.87 23.75 5.12
C LYS QB 8 -82.14 23.73 5.96
N GLY QB 9 -82.02 24.13 7.23
CA GLY QB 9 -83.15 24.08 8.12
C GLY QB 9 -84.21 25.12 7.77
N LEU QB 10 -85.46 24.80 8.12
CA LEU QB 10 -86.60 25.69 7.91
C LEU QB 10 -87.50 25.59 9.13
N SER QB 11 -87.22 26.40 10.14
CA SER QB 11 -88.04 26.46 11.35
C SER QB 11 -87.80 27.80 12.02
N GLN QB 12 -88.78 28.70 11.91
CA GLN QB 12 -88.74 29.97 12.62
C GLN QB 12 -90.14 30.27 13.12
N SER QB 13 -90.38 31.52 13.50
CA SER QB 13 -91.67 31.92 14.04
C SER QB 13 -92.58 32.42 12.93
N ALA QB 14 -93.71 31.74 12.75
CA ALA QB 14 -94.71 32.11 11.76
C ALA QB 14 -95.78 32.94 12.48
N LEU QB 15 -95.50 34.22 12.64
CA LEU QB 15 -96.43 35.11 13.33
C LEU QB 15 -97.72 35.23 12.53
N PRO QB 16 -98.88 35.29 13.18
CA PRO QB 16 -100.14 35.35 12.46
C PRO QB 16 -100.35 36.68 11.77
N TYR QB 17 -101.26 36.68 10.79
CA TYR QB 17 -101.58 37.91 10.08
C TYR QB 17 -102.32 38.91 10.97
N ARG QB 18 -103.10 38.41 11.92
CA ARG QB 18 -103.89 39.28 12.80
C ARG QB 18 -102.96 39.89 13.85
N ARG QB 19 -102.60 41.16 13.68
CA ARG QB 19 -101.78 41.86 14.65
C ARG QB 19 -102.54 42.26 15.89
N SER QB 20 -103.87 42.27 15.83
CA SER QB 20 -104.67 42.74 16.95
C SER QB 20 -104.56 41.79 18.14
N VAL QB 21 -104.67 42.35 19.33
CA VAL QB 21 -104.64 41.56 20.57
C VAL QB 21 -105.90 40.69 20.62
N PRO QB 22 -105.78 39.40 20.96
CA PRO QB 22 -106.98 38.57 21.08
C PRO QB 22 -107.94 39.10 22.14
N THR QB 23 -109.24 38.96 21.86
CA THR QB 23 -110.25 39.49 22.77
C THR QB 23 -110.23 38.78 24.13
N TRP QB 24 -110.04 37.46 24.12
CA TRP QB 24 -110.09 36.67 25.34
C TRP QB 24 -108.97 37.02 26.32
N LEU QB 25 -107.92 37.72 25.87
CA LEU QB 25 -106.80 38.05 26.74
C LEU QB 25 -107.23 39.13 27.71
N LYS QB 26 -107.59 38.71 28.93
CA LYS QB 26 -108.01 39.65 29.98
C LYS QB 26 -106.77 40.13 30.75
N LEU QB 27 -105.90 40.80 30.02
CA LEU QB 27 -104.65 41.32 30.56
C LEU QB 27 -104.46 42.76 30.13
N THR QB 28 -103.74 43.52 30.94
CA THR QB 28 -103.48 44.92 30.69
C THR QB 28 -102.01 45.11 30.33
N SER QB 29 -101.73 46.20 29.61
CA SER QB 29 -100.35 46.51 29.25
C SER QB 29 -99.50 46.76 30.48
N ASP QB 30 -100.07 47.40 31.50
CA ASP QB 30 -99.34 47.64 32.73
C ASP QB 30 -98.97 46.33 33.42
N ASP QB 31 -99.90 45.37 33.42
CA ASP QB 31 -99.60 44.06 34.02
C ASP QB 31 -98.55 43.31 33.22
N VAL QB 32 -98.57 43.46 31.89
CA VAL QB 32 -97.55 42.84 31.05
C VAL QB 32 -96.18 43.42 31.38
N LYS QB 33 -96.11 44.75 31.52
CA LYS QB 33 -94.84 45.39 31.88
C LYS QB 33 -94.41 44.99 33.29
N GLU QB 34 -95.37 44.87 34.21
CA GLU QB 34 -95.03 44.46 35.57
C GLU QB 34 -94.48 43.04 35.61
N GLN QB 35 -95.09 42.13 34.84
CA GLN QB 35 -94.56 40.77 34.77
C GLN QB 35 -93.20 40.75 34.08
N ILE QB 36 -92.97 41.68 33.14
CA ILE QB 36 -91.64 41.85 32.56
C ILE QB 36 -90.66 42.30 33.63
N TYR QB 37 -91.08 43.24 34.49
CA TYR QB 37 -90.20 43.73 35.54
C TYR QB 37 -89.84 42.64 36.54
N LYS QB 38 -90.82 41.81 36.91
CA LYS QB 38 -90.56 40.73 37.86
C LYS QB 38 -89.53 39.76 37.30
N LEU QB 39 -89.61 39.47 36.00
CA LEU QB 39 -88.62 38.61 35.38
C LEU QB 39 -87.28 39.33 35.23
N ALA QB 40 -87.31 40.66 35.06
CA ALA QB 40 -86.07 41.42 34.89
C ALA QB 40 -85.26 41.47 36.18
N LYS QB 41 -85.93 41.74 37.31
CA LYS QB 41 -85.22 41.78 38.58
C LYS QB 41 -84.65 40.42 38.95
N LYS QB 42 -85.29 39.33 38.50
CA LYS QB 42 -84.79 37.99 38.81
C LYS QB 42 -83.44 37.73 38.15
N GLY QB 43 -83.16 38.40 37.04
CA GLY QB 43 -81.92 38.17 36.32
C GLY QB 43 -82.06 37.19 35.18
N LEU QB 44 -83.05 37.41 34.30
CA LEU QB 44 -83.34 36.51 33.19
C LEU QB 44 -83.15 37.23 31.86
N THR QB 45 -82.62 36.51 30.88
CA THR QB 45 -82.44 37.06 29.55
C THR QB 45 -83.79 37.25 28.87
N PRO QB 46 -83.95 38.31 28.06
CA PRO QB 46 -85.25 38.56 27.42
C PRO QB 46 -85.69 37.45 26.46
N SER QB 47 -84.76 36.62 25.98
CA SER QB 47 -85.15 35.51 25.11
C SER QB 47 -86.06 34.53 25.83
N GLN QB 48 -85.75 34.25 27.10
CA GLN QB 48 -86.64 33.42 27.91
C GLN QB 48 -87.61 34.23 28.77
N ILE QB 49 -87.46 35.56 28.83
CA ILE QB 49 -88.52 36.39 29.38
C ILE QB 49 -89.75 36.35 28.49
N GLY QB 50 -89.54 36.47 27.17
CA GLY QB 50 -90.65 36.33 26.25
C GLY QB 50 -91.20 34.91 26.22
N VAL QB 51 -90.32 33.91 26.36
CA VAL QB 51 -90.76 32.53 26.33
C VAL QB 51 -91.67 32.22 27.53
N ILE QB 52 -91.27 32.66 28.72
CA ILE QB 52 -92.10 32.45 29.90
C ILE QB 52 -93.42 33.21 29.76
N LEU QB 53 -93.34 34.44 29.24
CA LEU QB 53 -94.56 35.22 29.02
C LEU QB 53 -95.48 34.59 27.98
N ARG QB 54 -94.98 33.67 27.17
CA ARG QB 54 -95.81 33.04 26.15
C ARG QB 54 -96.39 31.72 26.64
N ASP QB 55 -95.58 30.90 27.31
CA ASP QB 55 -96.04 29.60 27.76
C ASP QB 55 -97.10 29.75 28.85
N SER QB 56 -96.81 30.55 29.86
CA SER QB 56 -97.74 30.89 30.91
C SER QB 56 -98.20 32.33 30.74
N HIS QB 57 -99.01 32.80 31.69
CA HIS QB 57 -99.56 34.16 31.72
C HIS QB 57 -100.59 34.37 30.60
N GLY QB 58 -100.16 34.28 29.35
CA GLY QB 58 -101.10 34.28 28.24
C GLY QB 58 -100.89 35.36 27.20
N VAL QB 59 -99.67 35.88 27.11
CA VAL QB 59 -99.34 36.90 26.14
C VAL QB 59 -98.85 36.23 24.86
N ALA QB 60 -99.45 36.59 23.73
CA ALA QB 60 -99.02 36.04 22.45
C ALA QB 60 -97.76 36.75 21.95
N GLN QB 61 -97.82 38.08 21.83
CA GLN QB 61 -96.67 38.88 21.42
C GLN QB 61 -96.62 40.12 22.31
N VAL QB 62 -95.49 40.33 22.97
CA VAL QB 62 -95.32 41.52 23.80
C VAL QB 62 -95.39 42.77 22.93
N ARG QB 63 -94.75 42.73 21.77
CA ARG QB 63 -94.79 43.87 20.85
C ARG QB 63 -96.21 44.17 20.39
N PHE QB 64 -96.98 43.14 20.06
CA PHE QB 64 -98.36 43.37 19.63
C PHE QB 64 -99.20 43.94 20.75
N VAL QB 65 -99.04 43.43 21.97
CA VAL QB 65 -99.89 43.85 23.08
C VAL QB 65 -99.60 45.30 23.47
N THR QB 66 -98.33 45.65 23.62
CA THR QB 66 -97.95 46.98 24.10
C THR QB 66 -97.66 47.95 22.95
N GLY QB 67 -96.68 47.61 22.11
CA GLY QB 67 -96.31 48.49 21.02
C GLY QB 67 -94.81 48.75 20.94
N ASN QB 68 -94.06 48.23 21.91
CA ASN QB 68 -92.62 48.37 21.95
C ASN QB 68 -91.97 47.03 22.27
N LYS QB 69 -90.74 46.87 21.82
CA LYS QB 69 -90.05 45.60 21.95
C LYS QB 69 -89.49 45.44 23.37
N ILE QB 70 -89.24 44.18 23.74
CA ILE QB 70 -88.85 43.86 25.11
C ILE QB 70 -87.55 44.54 25.48
N LEU QB 71 -86.57 44.49 24.58
CA LEU QB 71 -85.30 45.16 24.84
C LEU QB 71 -85.49 46.67 24.87
N ARG QB 72 -86.48 47.18 24.15
CA ARG QB 72 -86.71 48.63 24.10
C ARG QB 72 -87.34 49.14 25.39
N ILE QB 73 -88.23 48.35 25.99
CA ILE QB 73 -88.80 48.72 27.29
C ILE QB 73 -87.72 48.70 28.37
N LEU QB 74 -86.88 47.66 28.34
CA LEU QB 74 -85.81 47.56 29.32
C LEU QB 74 -84.75 48.65 29.11
N LYS QB 75 -84.46 48.99 27.86
CA LYS QB 75 -83.41 49.97 27.58
C LYS QB 75 -83.88 51.40 27.90
N SER QB 76 -85.17 51.67 27.72
CA SER QB 76 -85.70 52.99 28.08
C SER QB 76 -85.61 53.21 29.58
N LYS QB 77 -85.85 52.17 30.38
CA LYS QB 77 -85.70 52.29 31.83
C LYS QB 77 -84.24 52.35 32.24
N GLY QB 78 -83.40 51.48 31.69
CA GLY QB 78 -81.97 51.53 31.93
C GLY QB 78 -81.37 50.35 32.67
N LEU QB 79 -82.13 49.29 32.94
CA LEU QB 79 -81.59 48.14 33.66
C LEU QB 79 -81.09 47.03 32.73
N ALA QB 80 -81.23 47.19 31.42
CA ALA QB 80 -80.80 46.15 30.49
C ALA QB 80 -79.28 46.01 30.53
N PRO QB 81 -78.76 44.78 30.44
CA PRO QB 81 -77.30 44.60 30.43
C PRO QB 81 -76.66 45.25 29.22
N ASP QB 82 -75.44 45.75 29.44
CA ASP QB 82 -74.72 46.44 28.36
C ASP QB 82 -74.39 45.49 27.22
N LEU QB 83 -73.88 44.31 27.55
CA LEU QB 83 -73.55 43.33 26.52
C LEU QB 83 -74.83 42.72 25.96
N PRO QB 84 -75.02 42.72 24.63
CA PRO QB 84 -76.19 42.05 24.06
C PRO QB 84 -76.22 40.57 24.43
N GLU QB 85 -77.44 40.05 24.59
CA GLU QB 85 -77.61 38.68 25.09
C GLU QB 85 -77.04 37.65 24.13
N ASP QB 86 -77.28 37.81 22.82
CA ASP QB 86 -76.73 36.86 21.86
C ASP QB 86 -75.21 36.92 21.86
N LEU QB 87 -74.65 38.12 21.98
CA LEU QB 87 -73.21 38.27 22.06
C LEU QB 87 -72.68 37.64 23.35
N TYR QB 88 -73.45 37.72 24.43
CA TYR QB 88 -73.00 37.20 25.72
C TYR QB 88 -72.87 35.68 25.71
N HIS QB 89 -73.92 34.99 25.29
CA HIS QB 89 -73.96 33.54 25.43
C HIS QB 89 -72.93 32.85 24.54
N LEU QB 90 -72.65 33.42 23.36
CA LEU QB 90 -71.60 32.86 22.51
C LEU QB 90 -70.25 32.89 23.22
N ILE QB 91 -69.99 33.97 23.98
CA ILE QB 91 -68.77 34.04 24.77
C ILE QB 91 -68.80 33.00 25.87
N LYS QB 92 -69.98 32.77 26.48
CA LYS QB 92 -70.09 31.73 27.50
C LYS QB 92 -69.84 30.35 26.91
N LYS QB 93 -70.40 30.07 25.74
CA LYS QB 93 -70.18 28.79 25.10
C LYS QB 93 -68.71 28.58 24.74
N ALA QB 94 -68.07 29.64 24.21
CA ALA QB 94 -66.64 29.57 23.94
C ALA QB 94 -65.85 29.40 25.24
N VAL QB 95 -66.32 30.01 26.32
CA VAL QB 95 -65.71 29.79 27.62
C VAL QB 95 -65.83 28.32 28.01
N ALA QB 96 -67.01 27.73 27.80
CA ALA QB 96 -67.19 26.32 28.12
C ALA QB 96 -66.28 25.45 27.27
N VAL QB 97 -66.11 25.80 25.99
CA VAL QB 97 -65.24 25.02 25.11
C VAL QB 97 -63.80 25.08 25.59
N ARG QB 98 -63.35 26.27 26.00
CA ARG QB 98 -61.96 26.44 26.41
C ARG QB 98 -61.66 25.78 27.75
N LYS QB 99 -62.66 25.69 28.63
CA LYS QB 99 -62.49 24.92 29.86
C LYS QB 99 -62.22 23.46 29.54
N HIS QB 100 -62.96 22.90 28.59
CA HIS QB 100 -62.70 21.54 28.14
C HIS QB 100 -61.42 21.46 27.32
N LEU QB 101 -61.02 22.57 26.69
CA LEU QB 101 -59.81 22.58 25.87
C LEU QB 101 -58.57 22.42 26.72
N GLU QB 102 -58.47 23.17 27.81
CA GLU QB 102 -57.32 23.04 28.70
C GLU QB 102 -57.36 21.76 29.51
N ARG QB 103 -58.55 21.16 29.67
CA ARG QB 103 -58.64 19.85 30.32
C ARG QB 103 -58.14 18.74 29.40
N ASN QB 104 -58.42 18.87 28.09
CA ASN QB 104 -58.05 17.85 27.11
C ASN QB 104 -57.59 18.57 25.85
N ARG QB 105 -56.27 18.67 25.67
CA ARG QB 105 -55.72 19.37 24.51
C ARG QB 105 -55.77 18.53 23.24
N LYS QB 106 -56.03 17.23 23.37
CA LYS QB 106 -56.01 16.34 22.21
C LYS QB 106 -57.28 16.41 21.37
N ASP QB 107 -58.35 17.03 21.87
CA ASP QB 107 -59.62 17.12 21.15
C ASP QB 107 -59.49 18.19 20.08
N LYS QB 108 -59.24 17.75 18.84
CA LYS QB 108 -59.15 18.68 17.73
C LYS QB 108 -60.50 18.99 17.11
N ASP QB 109 -61.55 18.26 17.49
CA ASP QB 109 -62.91 18.66 17.14
C ASP QB 109 -63.32 19.89 17.94
N ALA QB 110 -62.91 19.96 19.20
CA ALA QB 110 -63.22 21.12 20.03
C ALA QB 110 -62.46 22.34 19.56
N LYS QB 111 -61.21 22.17 19.14
CA LYS QB 111 -60.41 23.30 18.68
C LYS QB 111 -61.03 23.94 17.44
N PHE QB 112 -61.50 23.12 16.50
CA PHE QB 112 -62.14 23.64 15.30
C PHE QB 112 -63.43 24.39 15.65
N ARG QB 113 -64.24 23.83 16.54
CA ARG QB 113 -65.49 24.49 16.92
C ARG QB 113 -65.22 25.80 17.65
N LEU QB 114 -64.19 25.82 18.50
CA LEU QB 114 -63.85 27.05 19.21
C LEU QB 114 -63.49 28.16 18.24
N ILE QB 115 -62.69 27.83 17.22
CA ILE QB 115 -62.34 28.82 16.21
C ILE QB 115 -63.58 29.30 15.47
N LEU QB 116 -64.50 28.37 15.17
CA LEU QB 116 -65.74 28.75 14.51
C LEU QB 116 -66.55 29.72 15.37
N ILE QB 117 -66.70 29.41 16.65
CA ILE QB 117 -67.52 30.23 17.54
C ILE QB 117 -66.84 31.58 17.79
N GLU QB 118 -65.51 31.59 17.89
CA GLU QB 118 -64.78 32.84 18.06
C GLU QB 118 -65.14 33.85 16.97
N SER QB 119 -65.08 33.42 15.71
CA SER QB 119 -65.40 34.32 14.61
C SER QB 119 -66.88 34.68 14.58
N ARG QB 120 -67.72 33.83 15.17
CA ARG QB 120 -69.14 34.18 15.32
C ARG QB 120 -69.29 35.41 16.19
N ILE QB 121 -68.49 35.51 17.26
CA ILE QB 121 -68.42 36.75 18.03
C ILE QB 121 -67.84 37.87 17.19
N HIS QB 122 -66.76 37.59 16.46
CA HIS QB 122 -66.01 38.65 15.78
C HIS QB 122 -66.86 39.38 14.75
N ARG QB 123 -67.58 38.63 13.91
CA ARG QB 123 -68.46 39.26 12.93
C ARG QB 123 -69.59 40.02 13.62
N LEU QB 124 -70.15 39.44 14.68
CA LEU QB 124 -71.24 40.09 15.40
C LEU QB 124 -70.76 41.37 16.08
N ALA QB 125 -69.58 41.33 16.70
CA ALA QB 125 -69.07 42.50 17.41
C ALA QB 125 -68.69 43.62 16.44
N ARG QB 126 -68.28 43.27 15.22
CA ARG QB 126 -68.00 44.29 14.22
C ARG QB 126 -69.27 45.05 13.84
N TYR QB 127 -70.37 44.33 13.63
CA TYR QB 127 -71.64 44.99 13.34
C TYR QB 127 -72.10 45.86 14.50
N TYR QB 128 -71.95 45.35 15.74
CA TYR QB 128 -72.31 46.14 16.90
C TYR QB 128 -71.41 47.37 17.04
N LYS QB 129 -70.16 47.28 16.59
CA LYS QB 129 -69.30 48.45 16.56
C LYS QB 129 -69.85 49.51 15.62
N THR QB 130 -70.33 49.09 14.45
CA THR QB 130 -70.87 50.04 13.47
C THR QB 130 -72.17 50.66 13.97
N LYS QB 131 -73.01 49.88 14.65
CA LYS QB 131 -74.29 50.36 15.14
C LYS QB 131 -74.22 50.94 16.55
N ARG QB 132 -73.02 51.10 17.10
CA ARG QB 132 -72.78 51.82 18.35
C ARG QB 132 -73.40 51.13 19.56
N VAL QB 133 -73.68 49.82 19.46
CA VAL QB 133 -74.19 49.10 20.61
C VAL QB 133 -73.11 49.01 21.70
N LEU QB 134 -71.87 48.77 21.31
CA LEU QB 134 -70.73 48.73 22.20
C LEU QB 134 -69.65 49.68 21.71
N PRO QB 135 -68.77 50.14 22.60
CA PRO QB 135 -67.77 51.13 22.20
C PRO QB 135 -66.88 50.59 21.09
N PRO QB 136 -66.40 51.46 20.20
CA PRO QB 136 -65.53 50.99 19.11
C PRO QB 136 -64.25 50.33 19.59
N ASN QB 137 -63.70 50.77 20.72
CA ASN QB 137 -62.48 50.18 21.25
C ASN QB 137 -62.73 48.87 21.99
N TRP QB 138 -63.99 48.46 22.14
CA TRP QB 138 -64.29 47.19 22.77
C TRP QB 138 -63.71 46.05 21.94
N LYS QB 139 -63.01 45.14 22.60
CA LYS QB 139 -62.38 44.01 21.94
C LYS QB 139 -62.64 42.75 22.76
N TYR QB 140 -62.59 41.60 22.08
CA TYR QB 140 -62.81 40.31 22.71
C TYR QB 140 -61.51 39.51 22.68
N GLU QB 141 -61.09 39.03 23.85
CA GLU QB 141 -59.87 38.26 23.97
C GLU QB 141 -60.14 37.04 24.86
N SER QB 142 -59.29 36.02 24.71
CA SER QB 142 -59.45 34.82 25.51
C SER QB 142 -59.19 35.07 26.99
N SER QB 143 -58.25 35.97 27.30
CA SER QB 143 -57.93 36.25 28.70
C SER QB 143 -59.07 36.98 29.39
N THR QB 144 -59.68 37.96 28.72
CA THR QB 144 -60.74 38.76 29.29
C THR QB 144 -62.13 38.17 29.06
N ALA QB 145 -62.23 37.05 28.33
CA ALA QB 145 -63.54 36.45 28.08
C ALA QB 145 -64.17 35.92 29.37
N SER QB 146 -63.35 35.37 30.27
CA SER QB 146 -63.87 34.89 31.54
C SER QB 146 -64.46 36.04 32.36
N ALA QB 147 -63.81 37.20 32.33
CA ALA QB 147 -64.36 38.37 33.01
C ALA QB 147 -65.66 38.84 32.36
N LEU QB 148 -65.76 38.72 31.04
CA LEU QB 148 -66.96 39.17 30.33
C LEU QB 148 -68.17 38.35 30.76
N VAL QB 149 -68.02 37.04 30.90
CA VAL QB 149 -69.14 36.17 31.20
C VAL QB 149 -69.28 36.00 32.71
N ALA QB 150 -70.51 36.18 33.20
CA ALA QB 150 -70.84 36.07 34.62
C ALA QB 150 -70.05 37.05 35.47
N VAL RB 1 -78.31 35.92 0.38
CA VAL RB 1 -78.36 34.63 -0.30
C VAL RB 1 -79.12 34.75 -1.63
N ARG RB 2 -80.11 35.63 -1.69
CA ARG RB 2 -80.82 35.97 -2.93
C ARG RB 2 -80.41 37.38 -3.31
N MET RB 3 -79.53 37.48 -4.32
CA MET RB 3 -79.05 38.79 -4.75
C MET RB 3 -80.09 39.52 -5.61
N ASN RB 4 -80.80 38.80 -6.48
CA ASN RB 4 -81.78 39.40 -7.36
C ASN RB 4 -83.12 38.73 -7.16
N VAL RB 5 -84.19 39.53 -7.20
CA VAL RB 5 -85.54 39.04 -6.98
C VAL RB 5 -86.41 39.20 -8.23
N LEU RB 6 -86.03 40.11 -9.12
CA LEU RB 6 -86.69 40.18 -10.42
C LEU RB 6 -86.19 39.06 -11.33
N ALA RB 7 -84.90 38.71 -11.21
CA ALA RB 7 -84.35 37.63 -12.01
C ALA RB 7 -85.01 36.30 -11.67
N ASP RB 8 -85.24 36.05 -10.38
CA ASP RB 8 -85.96 34.84 -9.99
C ASP RB 8 -87.40 34.86 -10.50
N ALA RB 9 -88.07 36.01 -10.38
CA ALA RB 9 -89.47 36.10 -10.79
C ALA RB 9 -89.62 35.81 -12.28
N LEU RB 10 -88.71 36.36 -13.10
CA LEU RB 10 -88.80 36.14 -14.54
C LEU RB 10 -88.41 34.71 -14.91
N LYS RB 11 -87.51 34.10 -14.14
CA LYS RB 11 -87.14 32.72 -14.40
C LYS RB 11 -88.26 31.76 -14.03
N SER RB 12 -88.87 31.94 -12.87
CA SER RB 12 -89.92 31.03 -12.44
C SER RB 12 -91.15 31.15 -13.33
N ILE RB 13 -91.44 32.35 -13.82
CA ILE RB 13 -92.52 32.53 -14.79
C ILE RB 13 -92.19 31.78 -16.07
N ASN RB 14 -90.95 31.90 -16.56
CA ASN RB 14 -90.54 31.18 -17.75
C ASN RB 14 -90.60 29.68 -17.55
N ASN RB 15 -90.22 29.23 -16.35
CA ASN RB 15 -90.24 27.79 -16.05
C ASN RB 15 -91.65 27.24 -16.00
N ALA RB 16 -92.62 28.08 -15.61
CA ALA RB 16 -94.01 27.62 -15.58
C ALA RB 16 -94.59 27.48 -16.98
N GLU RB 17 -94.35 28.46 -17.84
CA GLU RB 17 -94.94 28.44 -19.19
C GLU RB 17 -94.35 27.31 -20.03
N LYS RB 18 -93.06 27.03 -19.87
CA LYS RB 18 -92.45 25.94 -20.62
C LYS RB 18 -93.14 24.62 -20.32
N ARG RB 19 -93.53 24.39 -19.07
CA ARG RB 19 -94.32 23.21 -18.73
C ARG RB 19 -95.70 23.28 -19.38
N GLY RB 20 -96.33 24.45 -19.36
CA GLY RB 20 -97.64 24.65 -19.94
C GLY RB 20 -98.77 24.93 -18.97
N LYS RB 21 -98.48 25.36 -17.74
CA LYS RB 21 -99.50 25.54 -16.71
C LYS RB 21 -100.30 26.81 -16.97
N ARG RB 22 -101.16 27.17 -16.01
CA ARG RB 22 -102.04 28.31 -16.14
C ARG RB 22 -101.74 29.44 -15.16
N GLN RB 23 -101.03 29.16 -14.07
CA GLN RB 23 -100.71 30.16 -13.07
C GLN RB 23 -99.30 29.94 -12.53
N VAL RB 24 -98.76 30.96 -11.88
CA VAL RB 24 -97.45 30.90 -11.24
C VAL RB 24 -97.58 31.40 -9.81
N LEU RB 25 -96.67 30.98 -8.94
CA LEU RB 25 -96.62 31.40 -7.55
C LEU RB 25 -95.27 32.03 -7.26
N ILE RB 26 -95.23 33.35 -7.19
CA ILE RB 26 -94.00 34.11 -6.96
C ILE RB 26 -93.92 34.39 -5.46
N ARG RB 27 -92.96 33.76 -4.79
CA ARG RB 27 -92.78 34.02 -3.36
C ARG RB 27 -92.45 35.47 -3.04
N PRO RB 28 -91.56 36.16 -3.75
CA PRO RB 28 -91.34 37.57 -3.47
C PRO RB 28 -92.23 38.47 -4.32
N CYS RB 29 -92.17 39.76 -4.02
CA CYS RB 29 -92.89 40.76 -4.79
C CYS RB 29 -92.27 42.12 -4.54
N SER RB 30 -91.70 42.71 -5.59
CA SER RB 30 -91.13 44.05 -5.52
C SER RB 30 -91.93 44.94 -6.45
N LYS RB 31 -91.97 46.24 -6.14
CA LYS RB 31 -92.67 47.16 -7.03
C LYS RB 31 -91.97 47.23 -8.38
N VAL RB 32 -90.68 46.89 -8.43
CA VAL RB 32 -89.99 46.77 -9.70
C VAL RB 32 -90.61 45.65 -10.53
N ILE RB 33 -90.93 44.52 -9.89
CA ILE RB 33 -91.51 43.40 -10.62
C ILE RB 33 -92.89 43.75 -11.15
N VAL RB 34 -93.73 44.38 -10.33
CA VAL RB 34 -95.08 44.68 -10.79
C VAL RB 34 -95.06 45.75 -11.88
N ARG RB 35 -94.08 46.66 -11.84
CA ARG RB 35 -93.92 47.60 -12.94
C ARG RB 35 -93.39 46.91 -14.19
N PHE RB 36 -92.79 45.73 -14.02
CA PHE RB 36 -92.47 44.88 -15.17
C PHE RB 36 -93.70 44.15 -15.68
N LEU RB 37 -94.61 43.75 -14.77
CA LEU RB 37 -95.80 43.03 -15.18
C LEU RB 37 -96.82 43.96 -15.83
N THR RB 38 -96.81 45.24 -15.49
CA THR RB 38 -97.71 46.19 -16.14
C THR RB 38 -97.33 46.40 -17.60
N VAL RB 39 -96.05 46.33 -17.93
CA VAL RB 39 -95.65 46.33 -19.34
C VAL RB 39 -96.11 45.05 -20.02
N MET RB 40 -96.07 43.93 -19.28
CA MET RB 40 -96.59 42.68 -19.80
C MET RB 40 -98.09 42.76 -20.03
N MET RB 41 -98.78 43.57 -19.23
CA MET RB 41 -100.21 43.78 -19.43
C MET RB 41 -100.49 44.44 -20.77
N LYS RB 42 -99.83 45.56 -21.03
CA LYS RB 42 -100.15 46.37 -22.19
C LYS RB 42 -99.75 45.69 -23.47
N HIS RB 43 -98.68 44.90 -23.45
CA HIS RB 43 -98.19 44.20 -24.62
C HIS RB 43 -98.82 42.82 -24.79
N GLY RB 44 -99.64 42.38 -23.83
CA GLY RB 44 -100.42 41.17 -23.98
C GLY RB 44 -99.63 39.87 -24.02
N TYR RB 45 -98.65 39.71 -23.13
CA TYR RB 45 -97.88 38.48 -23.07
C TYR RB 45 -98.21 37.60 -21.88
N ILE RB 46 -98.95 38.12 -20.90
CA ILE RB 46 -99.56 37.34 -19.82
C ILE RB 46 -100.85 38.04 -19.40
N GLY RB 47 -101.70 37.31 -18.69
CA GLY RB 47 -102.94 37.85 -18.20
C GLY RB 47 -102.79 38.48 -16.82
N GLU RB 48 -103.93 38.82 -16.23
CA GLU RB 48 -103.98 39.56 -14.97
C GLU RB 48 -103.23 38.82 -13.87
N PHE RB 49 -102.97 39.53 -12.77
CA PHE RB 49 -102.29 38.95 -11.63
C PHE RB 49 -102.73 39.66 -10.37
N GLU RB 50 -102.54 38.99 -9.23
CA GLU RB 50 -102.88 39.53 -7.92
C GLU RB 50 -101.70 39.43 -6.98
N ILE RB 51 -101.70 40.29 -5.97
CA ILE RB 51 -100.66 40.36 -4.95
C ILE RB 51 -101.28 39.96 -3.62
N ILE RB 52 -100.74 38.90 -3.01
CA ILE RB 52 -101.15 38.48 -1.67
C ILE RB 52 -100.36 39.30 -0.66
N ASP RB 53 -101.07 40.00 0.22
CA ASP RB 53 -100.43 40.84 1.23
C ASP RB 53 -100.23 40.00 2.49
N ASP RB 54 -99.06 39.35 2.57
CA ASP RB 54 -98.69 38.58 3.74
C ASP RB 54 -97.75 39.33 4.66
N HIS RB 55 -97.59 40.64 4.46
CA HIS RB 55 -96.79 41.52 5.30
C HIS RB 55 -95.30 41.20 5.23
N ARG RB 56 -94.91 40.25 4.38
CA ARG RB 56 -93.51 39.84 4.25
C ARG RB 56 -93.15 39.83 2.76
N ALA RB 57 -92.77 40.99 2.24
CA ALA RB 57 -92.35 41.19 0.85
C ALA RB 57 -93.42 40.83 -0.17
N GLY RB 58 -94.63 40.47 0.28
CA GLY RB 58 -95.71 40.13 -0.63
C GLY RB 58 -95.50 38.86 -1.43
N LYS RB 59 -96.58 38.35 -2.02
CA LYS RB 59 -96.54 37.21 -2.92
C LYS RB 59 -97.32 37.57 -4.17
N ILE RB 60 -96.95 36.98 -5.30
CA ILE RB 60 -97.61 37.23 -6.58
C ILE RB 60 -98.20 35.94 -7.10
N VAL RB 61 -99.45 36.00 -7.51
CA VAL RB 61 -100.06 34.96 -8.34
C VAL RB 61 -100.32 35.60 -9.70
N VAL RB 62 -99.87 34.93 -10.77
CA VAL RB 62 -99.96 35.47 -12.12
C VAL RB 62 -100.67 34.46 -13.00
N ASN RB 63 -101.67 34.92 -13.72
CA ASN RB 63 -102.35 34.07 -14.69
C ASN RB 63 -101.72 34.27 -16.06
N LEU RB 64 -101.57 33.16 -16.78
CA LEU RB 64 -100.86 33.12 -18.04
C LEU RB 64 -101.76 32.65 -19.17
N THR RB 65 -101.61 33.26 -20.34
CA THR RB 65 -102.23 32.77 -21.56
C THR RB 65 -101.29 31.91 -22.38
N GLY RB 66 -100.09 31.63 -21.88
CA GLY RB 66 -99.13 30.85 -22.64
C GLY RB 66 -98.65 31.53 -23.90
N ARG RB 67 -98.71 32.85 -23.95
CA ARG RB 67 -98.33 33.62 -25.13
C ARG RB 67 -96.87 34.04 -25.14
N LEU RB 68 -96.11 33.74 -24.09
CA LEU RB 68 -94.75 34.22 -23.94
C LEU RB 68 -93.75 33.09 -24.17
N ASN RB 69 -92.75 33.35 -25.00
CA ASN RB 69 -91.69 32.38 -25.27
C ASN RB 69 -90.61 32.44 -24.20
N LYS RB 70 -89.94 33.57 -24.07
CA LYS RB 70 -88.87 33.75 -23.10
C LYS RB 70 -88.96 35.13 -22.48
N CYS RB 71 -88.74 35.20 -21.17
CA CYS RB 71 -88.59 36.44 -20.44
C CYS RB 71 -87.31 36.36 -19.62
N GLY RB 72 -86.42 37.33 -19.80
CA GLY RB 72 -85.10 37.26 -19.24
C GLY RB 72 -84.73 38.53 -18.48
N VAL RB 73 -83.57 38.47 -17.85
CA VAL RB 73 -83.06 39.54 -17.00
C VAL RB 73 -81.65 39.87 -17.46
N ILE RB 74 -81.28 41.14 -17.34
CA ILE RB 74 -79.89 41.57 -17.38
C ILE RB 74 -79.54 42.00 -15.96
N SER RB 75 -79.03 41.06 -15.17
CA SER RB 75 -78.81 41.32 -13.75
C SER RB 75 -77.90 42.51 -13.49
N PRO RB 76 -76.78 42.70 -14.19
CA PRO RB 76 -76.09 43.98 -14.08
C PRO RB 76 -76.93 45.06 -14.75
N ARG RB 77 -77.34 46.06 -13.96
CA ARG RB 77 -78.22 47.11 -14.44
C ARG RB 77 -77.39 48.07 -15.29
N PHE RB 78 -77.17 47.66 -16.54
CA PHE RB 78 -76.30 48.41 -17.43
C PHE RB 78 -76.91 49.75 -17.79
N ASP RB 79 -76.08 50.80 -17.81
CA ASP RB 79 -76.54 52.15 -18.11
C ASP RB 79 -76.71 52.29 -19.61
N VAL RB 80 -77.91 52.01 -20.08
CA VAL RB 80 -78.24 52.12 -21.51
C VAL RB 80 -78.61 53.57 -21.82
N GLN RB 81 -78.07 54.08 -22.92
CA GLN RB 81 -78.41 55.41 -23.40
C GLN RB 81 -79.17 55.30 -24.71
N LEU RB 82 -79.56 56.45 -25.26
CA LEU RB 82 -80.27 56.47 -26.53
C LEU RB 82 -79.36 56.06 -27.70
N LYS RB 83 -78.05 56.22 -27.57
CA LYS RB 83 -77.15 55.83 -28.64
C LYS RB 83 -77.03 54.32 -28.76
N ASP RB 84 -76.99 53.62 -27.63
CA ASP RB 84 -76.77 52.17 -27.62
C ASP RB 84 -78.05 51.37 -27.41
N LEU RB 85 -79.19 52.03 -27.22
CA LEU RB 85 -80.43 51.29 -27.01
C LEU RB 85 -80.83 50.52 -28.26
N GLU RB 86 -80.59 51.11 -29.44
CA GLU RB 86 -80.85 50.37 -30.67
C GLU RB 86 -79.97 49.15 -30.78
N LYS RB 87 -78.74 49.24 -30.27
CA LYS RB 87 -77.82 48.11 -30.31
C LYS RB 87 -78.32 46.96 -29.45
N TRP RB 88 -78.88 47.28 -28.28
CA TRP RB 88 -79.44 46.23 -27.43
C TRP RB 88 -80.59 45.52 -28.12
N GLN RB 89 -81.36 46.25 -28.93
CA GLN RB 89 -82.49 45.64 -29.64
C GLN RB 89 -82.02 44.57 -30.61
N ASN RB 90 -81.05 44.91 -31.46
CA ASN RB 90 -80.57 43.94 -32.44
C ASN RB 90 -79.70 42.86 -31.81
N ASN RB 91 -79.25 43.06 -30.57
CA ASN RB 91 -78.51 42.05 -29.83
C ASN RB 91 -79.40 41.12 -29.03
N LEU RB 92 -80.60 41.56 -28.66
CA LEU RB 92 -81.43 40.84 -27.71
C LEU RB 92 -82.78 40.43 -28.26
N LEU RB 93 -83.43 41.30 -29.02
CA LEU RB 93 -84.78 41.01 -29.49
C LEU RB 93 -84.75 40.01 -30.66
N PRO RB 94 -85.68 39.06 -30.68
CA PRO RB 94 -85.71 38.09 -31.80
C PRO RB 94 -86.01 38.73 -33.14
N SER RB 95 -86.73 39.84 -33.15
CA SER RB 95 -87.05 40.55 -34.38
C SER RB 95 -87.52 41.95 -34.01
N ARG RB 96 -87.52 42.84 -35.00
CA ARG RB 96 -88.04 44.18 -34.79
C ARG RB 96 -89.55 44.24 -34.96
N GLN RB 97 -90.18 43.14 -35.37
CA GLN RB 97 -91.63 43.10 -35.53
C GLN RB 97 -92.33 43.11 -34.17
N PHE RB 98 -91.70 42.51 -33.16
CA PHE RB 98 -92.29 42.35 -31.84
C PHE RB 98 -91.17 42.38 -30.80
N GLY RB 99 -91.47 41.94 -29.59
CA GLY RB 99 -90.49 41.89 -28.53
C GLY RB 99 -90.21 43.25 -27.93
N PHE RB 100 -89.79 43.23 -26.67
CA PHE RB 100 -89.62 44.46 -25.91
C PHE RB 100 -88.46 44.32 -24.94
N ILE RB 101 -87.67 45.38 -24.81
CA ILE RB 101 -86.60 45.49 -23.84
C ILE RB 101 -87.01 46.56 -22.84
N VAL RB 102 -87.11 46.19 -21.57
CA VAL RB 102 -87.61 47.06 -20.52
C VAL RB 102 -86.44 47.57 -19.70
N LEU RB 103 -86.51 48.84 -19.29
CA LEU RB 103 -85.42 49.48 -18.59
C LEU RB 103 -85.95 50.60 -17.69
N THR RB 104 -85.27 50.82 -16.57
CA THR RB 104 -85.71 51.76 -15.53
C THR RB 104 -85.30 53.18 -15.92
N THR RB 105 -86.09 53.77 -16.82
CA THR RB 105 -85.91 55.16 -17.18
C THR RB 105 -86.19 56.04 -15.96
N SER RB 106 -85.55 57.22 -15.93
CA SER RB 106 -85.84 58.19 -14.87
C SER RB 106 -87.30 58.60 -14.84
N ALA RB 107 -88.02 58.43 -15.96
CA ALA RB 107 -89.45 58.69 -16.02
C ALA RB 107 -90.27 57.55 -15.46
N GLY RB 108 -89.65 56.42 -15.12
CA GLY RB 108 -90.32 55.24 -14.63
C GLY RB 108 -89.87 54.01 -15.39
N ILE RB 109 -90.46 52.89 -15.03
CA ILE RB 109 -90.17 51.63 -15.71
C ILE RB 109 -90.98 51.60 -17.01
N MET RB 110 -90.27 51.57 -18.14
CA MET RB 110 -90.90 51.66 -19.44
C MET RB 110 -90.23 50.68 -20.40
N ASP RB 111 -90.96 50.32 -21.45
CA ASP RB 111 -90.40 49.55 -22.55
C ASP RB 111 -89.55 50.44 -23.45
N HIS RB 112 -88.79 49.80 -24.34
CA HIS RB 112 -87.79 50.54 -25.11
C HIS RB 112 -88.44 51.48 -26.12
N GLU RB 113 -89.58 51.08 -26.68
CA GLU RB 113 -90.28 51.96 -27.61
C GLU RB 113 -90.77 53.23 -26.92
N GLU RB 114 -91.27 53.10 -25.69
CA GLU RB 114 -91.67 54.28 -24.92
C GLU RB 114 -90.46 55.13 -24.56
N ALA RB 115 -89.31 54.48 -24.36
CA ALA RB 115 -88.09 55.23 -24.03
C ALA RB 115 -87.67 56.14 -25.17
N ARG RB 116 -87.75 55.64 -26.42
CA ARG RB 116 -87.39 56.47 -27.56
C ARG RB 116 -88.33 57.66 -27.71
N ARG RB 117 -89.62 57.44 -27.50
CA ARG RB 117 -90.58 58.53 -27.57
C ARG RB 117 -90.34 59.57 -26.49
N LYS RB 118 -90.00 59.12 -25.27
CA LYS RB 118 -89.68 60.03 -24.19
C LYS RB 118 -88.28 60.63 -24.31
N HIS RB 119 -87.46 60.14 -25.24
CA HIS RB 119 -86.09 60.60 -25.43
C HIS RB 119 -85.27 60.46 -24.14
N THR RB 120 -85.49 59.35 -23.42
CA THR RB 120 -84.82 59.10 -22.15
C THR RB 120 -84.43 57.64 -22.05
N GLY RB 121 -83.17 57.40 -21.69
CA GLY RB 121 -82.67 56.07 -21.41
C GLY RB 121 -82.74 55.75 -19.93
N GLY RB 122 -81.87 54.83 -19.51
CA GLY RB 122 -81.84 54.45 -18.11
C GLY RB 122 -80.92 53.28 -17.86
N LYS RB 123 -81.36 52.40 -16.96
CA LYS RB 123 -80.67 51.15 -16.67
C LYS RB 123 -81.50 49.98 -17.18
N ILE RB 124 -80.88 49.09 -17.96
CA ILE RB 124 -81.59 47.94 -18.48
C ILE RB 124 -81.94 46.98 -17.35
N LEU RB 125 -83.10 46.35 -17.47
CA LEU RB 125 -83.58 45.41 -16.45
C LEU RB 125 -83.89 44.03 -17.01
N GLY RB 126 -84.51 43.95 -18.17
CA GLY RB 126 -84.89 42.66 -18.72
C GLY RB 126 -85.56 42.82 -20.06
N PHE RB 127 -86.07 41.69 -20.57
CA PHE RB 127 -86.65 41.63 -21.90
C PHE RB 127 -87.63 40.47 -21.96
N PHE RB 128 -88.50 40.51 -22.97
CA PHE RB 128 -89.43 39.42 -23.20
C PHE RB 128 -89.91 39.47 -24.65
N PHE RB 129 -90.33 38.31 -25.16
CA PHE RB 129 -90.81 38.19 -26.52
C PHE RB 129 -91.60 36.90 -26.72
N ASN SB 1 -59.14 84.71 -89.06
CA ASN SB 1 -59.74 83.38 -89.16
C ASN SB 1 -61.22 83.41 -88.82
N ASP SB 2 -61.60 84.38 -87.98
CA ASP SB 2 -62.98 84.56 -87.53
C ASP SB 2 -63.52 83.30 -86.86
N THR SB 3 -62.66 82.59 -86.13
CA THR SB 3 -63.05 81.39 -85.42
C THR SB 3 -62.64 81.47 -83.96
N VAL SB 4 -61.58 82.20 -83.69
CA VAL SB 4 -61.07 82.36 -82.33
C VAL SB 4 -61.64 83.65 -81.74
N THR SB 5 -62.34 83.53 -80.62
CA THR SB 5 -62.97 84.66 -79.94
C THR SB 5 -62.48 84.73 -78.50
N ILE SB 6 -62.42 85.95 -77.98
CA ILE SB 6 -61.88 86.21 -76.64
C ILE SB 6 -63.01 86.74 -75.76
N ARG SB 7 -63.26 86.06 -74.64
CA ARG SB 7 -64.19 86.49 -73.63
C ARG SB 7 -63.45 86.74 -72.32
N THR SB 8 -64.08 87.50 -71.43
CA THR SB 8 -63.48 87.83 -70.14
C THR SB 8 -64.49 87.59 -69.03
N ARG SB 9 -63.97 87.36 -67.82
CA ARG SB 9 -64.79 87.15 -66.64
C ARG SB 9 -64.09 87.74 -65.42
N LYS SB 10 -64.89 88.04 -64.40
CA LYS SB 10 -64.38 88.56 -63.13
C LYS SB 10 -63.54 89.83 -63.35
N PHE SB 11 -64.13 90.80 -64.04
CA PHE SB 11 -63.42 92.04 -64.32
C PHE SB 11 -63.55 93.01 -63.15
N MET SB 12 -62.41 93.44 -62.62
CA MET SB 12 -62.39 94.38 -61.51
C MET SB 12 -61.19 95.30 -61.67
N THR SB 13 -61.40 96.60 -61.50
CA THR SB 13 -60.34 97.59 -61.61
C THR SB 13 -59.69 97.78 -60.24
N ASN SB 14 -58.39 97.63 -60.18
CA ASN SB 14 -57.62 97.87 -58.96
C ASN SB 14 -56.80 99.15 -59.16
N ARG SB 15 -57.33 100.26 -58.67
CA ARG SB 15 -56.59 101.52 -58.70
C ARG SB 15 -55.46 101.58 -57.69
N LEU SB 16 -55.44 100.65 -56.72
CA LEU SB 16 -54.30 100.58 -55.80
C LEU SB 16 -53.03 100.19 -56.54
N LEU SB 17 -53.13 99.22 -57.46
CA LEU SB 17 -52.00 98.84 -58.31
C LEU SB 17 -52.08 99.45 -59.70
N GLN SB 18 -53.12 100.24 -59.97
CA GLN SB 18 -53.33 100.87 -61.28
C GLN SB 18 -53.32 99.82 -62.39
N ARG SB 19 -54.21 98.83 -62.27
CA ARG SB 19 -54.33 97.77 -63.25
C ARG SB 19 -55.78 97.29 -63.29
N LYS SB 20 -56.04 96.32 -64.17
CA LYS SB 20 -57.37 95.75 -64.35
C LYS SB 20 -57.24 94.24 -64.41
N GLN SB 21 -57.57 93.56 -63.32
CA GLN SB 21 -57.50 92.11 -63.28
C GLN SB 21 -58.71 91.49 -63.98
N MET SB 22 -58.45 90.45 -64.76
CA MET SB 22 -59.48 89.78 -65.54
C MET SB 22 -59.16 88.28 -65.56
N VAL SB 23 -60.10 87.51 -66.09
CA VAL SB 23 -59.90 86.11 -66.41
C VAL SB 23 -60.24 85.91 -67.88
N ILE SB 24 -59.25 85.55 -68.68
CA ILE SB 24 -59.36 85.54 -70.13
C ILE SB 24 -59.71 84.14 -70.60
N ASP SB 25 -60.78 84.03 -71.38
CA ASP SB 25 -61.22 82.77 -71.97
C ASP SB 25 -61.07 82.87 -73.48
N VAL SB 26 -60.42 81.88 -74.08
CA VAL SB 26 -60.17 81.83 -75.51
C VAL SB 26 -60.87 80.60 -76.08
N LEU SB 27 -61.67 80.81 -77.13
CA LEU SB 27 -62.45 79.75 -77.76
C LEU SB 27 -61.97 79.58 -79.20
N HIS SB 28 -61.31 78.44 -79.47
CA HIS SB 28 -60.87 78.11 -80.82
C HIS SB 28 -61.42 76.73 -81.19
N PRO SB 29 -62.16 76.61 -82.29
CA PRO SB 29 -62.80 75.33 -82.62
C PRO SB 29 -61.80 74.23 -82.98
N GLY SB 30 -60.89 74.50 -83.92
CA GLY SB 30 -59.99 73.48 -84.39
C GLY SB 30 -58.53 73.90 -84.44
N LYS SB 31 -58.18 74.94 -83.70
CA LYS SB 31 -56.81 75.41 -83.63
C LYS SB 31 -56.26 75.19 -82.23
N ALA SB 32 -54.93 75.27 -82.12
CA ALA SB 32 -54.26 75.08 -80.84
C ALA SB 32 -54.37 76.34 -80.00
N THR SB 33 -53.62 76.35 -78.90
CA THR SB 33 -53.57 77.54 -78.04
C THR SB 33 -52.91 78.69 -78.78
N VAL SB 34 -53.59 79.82 -78.85
CA VAL SB 34 -53.09 80.99 -79.56
C VAL SB 34 -51.89 81.55 -78.79
N PRO SB 35 -50.90 82.13 -79.47
CA PRO SB 35 -49.76 82.71 -78.76
C PRO SB 35 -50.19 83.86 -77.88
N LYS SB 36 -49.44 84.06 -76.79
CA LYS SB 36 -49.75 85.14 -75.86
C LYS SB 36 -49.65 86.51 -76.53
N THR SB 37 -48.78 86.63 -77.54
CA THR SB 37 -48.66 87.90 -78.26
C THR SB 37 -49.96 88.25 -78.97
N GLU SB 38 -50.59 87.27 -79.60
CA GLU SB 38 -51.87 87.52 -80.28
C GLU SB 38 -52.98 87.80 -79.27
N ILE SB 39 -52.91 87.17 -78.09
CA ILE SB 39 -53.91 87.42 -77.06
C ILE SB 39 -53.84 88.87 -76.60
N ARG SB 40 -52.63 89.38 -76.38
CA ARG SB 40 -52.47 90.78 -75.98
C ARG SB 40 -52.95 91.72 -77.07
N GLU SB 41 -52.64 91.40 -78.33
CA GLU SB 41 -53.02 92.29 -79.43
C GLU SB 41 -54.54 92.36 -79.59
N LYS SB 42 -55.21 91.21 -79.61
CA LYS SB 42 -56.65 91.20 -79.82
C LYS SB 42 -57.39 91.83 -78.66
N LEU SB 43 -56.98 91.55 -77.42
CA LEU SB 43 -57.65 92.13 -76.26
C LEU SB 43 -57.47 93.64 -76.22
N ALA SB 44 -56.28 94.13 -76.57
CA ALA SB 44 -56.05 95.58 -76.60
C ALA SB 44 -56.84 96.23 -77.73
N LYS SB 45 -57.00 95.52 -78.85
CA LYS SB 45 -57.74 96.08 -79.98
C LYS SB 45 -59.19 96.32 -79.62
N MET SB 46 -59.82 95.36 -78.94
CA MET SB 46 -61.21 95.49 -78.54
C MET SB 46 -61.41 96.37 -77.31
N TYR SB 47 -60.34 96.63 -76.56
CA TYR SB 47 -60.37 97.57 -75.45
C TYR SB 47 -59.94 98.97 -75.84
N LYS SB 48 -59.64 99.19 -77.13
CA LYS SB 48 -59.26 100.50 -77.65
C LYS SB 48 -58.04 101.05 -76.93
N THR SB 49 -57.09 100.16 -76.61
CA THR SB 49 -55.85 100.56 -75.95
C THR SB 49 -54.65 100.01 -76.71
N THR SB 50 -53.45 100.21 -76.16
CA THR SB 50 -52.25 99.72 -76.82
C THR SB 50 -51.81 98.39 -76.22
N PRO SB 51 -51.23 97.50 -77.03
CA PRO SB 51 -50.75 96.19 -76.54
C PRO SB 51 -49.36 96.26 -75.89
N ASP SB 52 -49.20 97.19 -74.97
CA ASP SB 52 -47.94 97.37 -74.24
C ASP SB 52 -48.11 97.34 -72.73
N VAL SB 53 -49.22 97.86 -72.22
CA VAL SB 53 -49.49 97.87 -70.79
C VAL SB 53 -50.37 96.68 -70.43
N ILE SB 54 -50.46 95.72 -71.33
CA ILE SB 54 -51.30 94.53 -71.15
C ILE SB 54 -50.40 93.32 -70.97
N PHE SB 55 -50.65 92.53 -69.93
CA PHE SB 55 -49.86 91.35 -69.60
C PHE SB 55 -50.81 90.17 -69.44
N VAL SB 56 -50.43 89.02 -69.99
CA VAL SB 56 -51.22 87.80 -69.90
C VAL SB 56 -50.31 86.66 -69.44
N PHE SB 57 -50.88 85.72 -68.68
CA PHE SB 57 -50.13 84.56 -68.19
C PHE SB 57 -51.12 83.52 -67.69
N GLY SB 58 -50.59 82.36 -67.31
CA GLY SB 58 -51.38 81.33 -66.66
C GLY SB 58 -52.51 80.77 -67.50
N PHE SB 59 -52.25 80.45 -68.76
CA PHE SB 59 -53.27 79.92 -69.66
C PHE SB 59 -53.27 78.40 -69.60
N ARG SB 60 -54.39 77.83 -69.16
CA ARG SB 60 -54.58 76.38 -69.10
C ARG SB 60 -55.73 76.00 -70.03
N THR SB 61 -55.52 74.93 -70.81
CA THR SB 61 -56.48 74.49 -71.80
C THR SB 61 -57.27 73.31 -71.25
N HIS SB 62 -58.60 73.36 -71.43
CA HIS SB 62 -59.46 72.27 -70.99
C HIS SB 62 -59.19 71.02 -71.82
N PHE SB 63 -59.55 69.88 -71.24
CA PHE SB 63 -59.36 68.59 -71.91
C PHE SB 63 -60.11 68.58 -73.24
N GLY SB 64 -59.45 68.08 -74.28
CA GLY SB 64 -59.99 68.11 -75.62
C GLY SB 64 -59.75 69.40 -76.38
N GLY SB 65 -59.08 70.37 -75.77
CA GLY SB 65 -58.80 71.63 -76.43
C GLY SB 65 -60.00 72.55 -76.50
N GLY SB 66 -59.83 73.63 -77.26
CA GLY SB 66 -60.89 74.58 -77.48
C GLY SB 66 -60.87 75.76 -76.53
N LYS SB 67 -61.06 75.51 -75.24
CA LYS SB 67 -61.19 76.55 -74.24
C LYS SB 67 -59.92 76.66 -73.42
N THR SB 68 -59.37 77.87 -73.30
CA THR SB 68 -58.21 78.15 -72.47
C THR SB 68 -58.55 79.29 -71.53
N THR SB 69 -58.19 79.13 -70.26
CA THR SB 69 -58.47 80.13 -69.23
C THR SB 69 -57.17 80.66 -68.65
N GLY SB 70 -57.08 81.97 -68.49
CA GLY SB 70 -55.88 82.61 -67.98
C GLY SB 70 -56.14 83.88 -67.20
N PHE SB 71 -55.08 84.61 -66.89
CA PHE SB 71 -55.17 85.87 -66.17
C PHE SB 71 -54.63 87.00 -67.03
N GLY SB 72 -55.25 88.17 -66.93
CA GLY SB 72 -54.82 89.33 -67.68
C GLY SB 72 -54.91 90.59 -66.85
N MET SB 73 -53.89 91.44 -66.98
CA MET SB 73 -53.84 92.72 -66.29
C MET SB 73 -53.69 93.83 -67.32
N ILE SB 74 -54.45 94.91 -67.14
CA ILE SB 74 -54.43 96.07 -68.03
C ILE SB 74 -54.04 97.27 -67.18
N TYR SB 75 -52.75 97.58 -67.14
CA TYR SB 75 -52.25 98.67 -66.31
C TYR SB 75 -52.58 100.02 -66.94
N ASP SB 76 -52.88 101.00 -66.09
CA ASP SB 76 -53.23 102.33 -66.58
C ASP SB 76 -52.06 103.00 -67.29
N SER SB 77 -50.86 102.88 -66.73
CA SER SB 77 -49.67 103.50 -67.29
C SER SB 77 -48.52 102.51 -67.32
N LEU SB 78 -47.59 102.71 -68.26
CA LEU SB 78 -46.43 101.84 -68.35
C LEU SB 78 -45.54 101.99 -67.12
N ASP SB 79 -45.38 103.22 -66.63
CA ASP SB 79 -44.56 103.42 -65.43
C ASP SB 79 -45.16 102.72 -64.22
N TYR SB 80 -46.48 102.78 -64.07
CA TYR SB 80 -47.12 102.06 -62.98
C TYR SB 80 -46.98 100.56 -63.14
N ALA SB 81 -47.02 100.07 -64.38
CA ALA SB 81 -46.80 98.65 -64.62
C ALA SB 81 -45.40 98.22 -64.21
N LYS SB 82 -44.39 99.05 -64.52
CA LYS SB 82 -43.02 98.74 -64.13
C LYS SB 82 -42.87 98.70 -62.62
N LYS SB 83 -43.49 99.67 -61.93
CA LYS SB 83 -43.43 99.69 -60.46
C LYS SB 83 -44.13 98.50 -59.85
N ASN SB 84 -45.27 98.09 -60.42
CA ASN SB 84 -46.08 97.01 -59.88
C ASN SB 84 -46.12 95.87 -60.89
N GLU SB 85 -45.12 94.99 -60.82
CA GLU SB 85 -45.07 93.76 -61.63
C GLU SB 85 -43.91 92.90 -61.16
N PRO SB 86 -44.09 91.58 -61.06
CA PRO SB 86 -42.94 90.70 -60.82
C PRO SB 86 -41.92 90.82 -61.94
N LYS SB 87 -40.64 90.74 -61.57
CA LYS SB 87 -39.57 90.97 -62.53
C LYS SB 87 -39.54 89.90 -63.62
N HIS SB 88 -39.85 88.65 -63.27
CA HIS SB 88 -39.86 87.59 -64.28
C HIS SB 88 -40.94 87.81 -65.31
N ARG SB 89 -42.12 88.28 -64.89
CA ARG SB 89 -43.18 88.59 -65.84
C ARG SB 89 -42.75 89.72 -66.78
N LEU SB 90 -42.04 90.71 -66.24
CA LEU SB 90 -41.51 91.78 -67.09
C LEU SB 90 -40.51 91.24 -68.11
N ALA SB 91 -39.66 90.30 -67.67
CA ALA SB 91 -38.67 89.72 -68.58
C ALA SB 91 -39.29 88.84 -69.65
N ARG SB 92 -40.55 88.41 -69.47
CA ARG SB 92 -41.20 87.58 -70.48
C ARG SB 92 -41.35 88.32 -71.80
N HIS SB 93 -41.78 89.59 -71.73
CA HIS SB 93 -41.92 90.41 -72.92
C HIS SB 93 -40.72 91.32 -73.17
N GLY SB 94 -39.72 91.29 -72.30
CA GLY SB 94 -38.49 92.05 -72.55
C GLY SB 94 -38.49 93.44 -71.96
N LEU SB 95 -38.77 93.57 -70.66
CA LEU SB 95 -38.70 94.86 -69.99
C LEU SB 95 -37.65 94.90 -68.88
N TYR SB 96 -37.14 93.75 -68.44
CA TYR SB 96 -36.13 93.71 -67.39
C TYR SB 96 -35.20 92.52 -67.64
N GLU SB 97 -33.94 92.69 -67.25
CA GLU SB 97 -32.93 91.65 -67.39
C GLU SB 97 -32.40 91.27 -66.00
N LYS SB 98 -32.37 89.98 -65.72
CA LYS SB 98 -31.90 89.49 -64.44
C LYS SB 98 -30.39 89.22 -64.50
N LYS SB 99 -29.79 89.11 -63.31
CA LYS SB 99 -28.36 88.85 -63.23
C LYS SB 99 -28.04 87.46 -63.76
N LYS SB 100 -26.93 87.35 -64.49
CA LYS SB 100 -26.50 86.09 -65.07
C LYS SB 100 -25.70 85.23 -64.10
N THR SB 101 -25.37 85.75 -62.92
CA THR SB 101 -24.62 84.98 -61.95
C THR SB 101 -25.46 83.83 -61.40
N SER SB 102 -24.79 82.72 -61.12
CA SER SB 102 -25.46 81.55 -60.56
C SER SB 102 -25.53 81.65 -59.04
N ARG SB 103 -26.61 81.12 -58.48
CA ARG SB 103 -26.79 81.15 -57.03
C ARG SB 103 -25.65 80.45 -56.30
N LYS SB 104 -25.09 79.42 -56.93
CA LYS SB 104 -23.91 78.77 -56.34
C LYS SB 104 -22.73 79.72 -56.25
N GLN SB 105 -22.52 80.53 -57.30
CA GLN SB 105 -21.43 81.49 -57.29
C GLN SB 105 -21.66 82.58 -56.24
N ARG SB 106 -22.90 83.06 -56.12
CA ARG SB 106 -23.19 84.09 -55.12
C ARG SB 106 -22.97 83.56 -53.71
N LYS SB 107 -23.36 82.31 -53.45
CA LYS SB 107 -23.10 81.71 -52.15
C LYS SB 107 -21.61 81.58 -51.88
N GLU SB 108 -20.84 81.18 -52.90
CA GLU SB 108 -19.40 81.05 -52.74
C GLU SB 108 -18.75 82.40 -52.44
N ARG SB 109 -19.17 83.45 -53.15
CA ARG SB 109 -18.61 84.77 -52.90
C ARG SB 109 -19.05 85.32 -51.54
N LYS SB 110 -20.28 85.02 -51.13
CA LYS SB 110 -20.74 85.45 -49.81
C LYS SB 110 -19.92 84.79 -48.71
N ASN SB 111 -19.62 83.50 -48.86
CA ASN SB 111 -18.81 82.81 -47.87
C ASN SB 111 -17.40 83.36 -47.81
N ARG SB 112 -16.81 83.64 -48.98
CA ARG SB 112 -15.45 84.19 -49.01
C ARG SB 112 -15.41 85.59 -48.39
N MET SB 113 -16.43 86.41 -48.68
CA MET SB 113 -16.46 87.75 -48.09
C MET SB 113 -16.80 87.70 -46.61
N LYS SB 114 -17.45 86.64 -46.15
CA LYS SB 114 -17.72 86.48 -44.73
C LYS SB 114 -16.46 86.07 -43.97
N LYS SB 115 -15.59 85.31 -44.62
CA LYS SB 115 -14.32 84.95 -44.00
C LYS SB 115 -13.45 86.17 -43.75
N VAL SB 116 -13.39 87.08 -44.72
CA VAL SB 116 -12.59 88.29 -44.58
C VAL SB 116 -13.40 89.34 -43.84
N ARG SB 117 -12.72 90.38 -43.34
CA ARG SB 117 -13.38 91.48 -42.66
C ARG SB 117 -12.63 92.75 -42.98
N GLY SB 118 -13.36 93.84 -43.21
CA GLY SB 118 -12.75 95.09 -43.58
C GLY SB 118 -12.68 95.31 -45.07
N THR SB 119 -12.15 94.33 -45.80
CA THR SB 119 -12.02 94.39 -47.25
C THR SB 119 -12.73 93.19 -47.86
N ALA SB 120 -14.04 93.32 -48.08
CA ALA SB 120 -14.78 92.26 -48.77
C ALA SB 120 -14.59 92.35 -50.28
N LYS SB 121 -14.12 93.49 -50.78
CA LYS SB 121 -13.90 93.65 -52.21
C LYS SB 121 -12.66 92.89 -52.68
N ALA SB 122 -11.71 92.65 -51.77
CA ALA SB 122 -10.45 92.01 -52.14
C ALA SB 122 -10.67 90.60 -52.67
N ASN SB 123 -11.52 89.82 -51.99
CA ASN SB 123 -11.77 88.45 -52.42
C ASN SB 123 -12.66 88.42 -53.66
N VAL SB 124 -13.48 89.44 -53.85
CA VAL SB 124 -14.37 89.49 -55.02
C VAL SB 124 -13.54 89.59 -56.30
N GLY SB 125 -12.53 90.46 -56.29
CA GLY SB 125 -11.68 90.62 -57.47
C GLY SB 125 -10.89 89.37 -57.79
N ALA SB 126 -10.30 88.74 -56.77
CA ALA SB 126 -9.52 87.53 -57.00
C ALA SB 126 -10.41 86.37 -57.45
N GLY SB 127 -11.60 86.23 -56.86
CA GLY SB 127 -12.49 85.15 -57.24
C GLY SB 127 -12.99 85.27 -58.66
N LYS SB 128 -13.38 86.48 -59.07
CA LYS SB 128 -13.88 86.69 -60.43
C LYS SB 128 -12.77 86.60 -61.47
N LYS SB 129 -11.52 86.69 -61.05
CA LYS SB 129 -10.39 86.62 -61.99
C LYS SB 129 -9.55 85.37 -61.74
N PRO TB 1 -101.72 17.72 -13.43
CA PRO TB 1 -102.69 18.81 -13.39
C PRO TB 1 -102.08 20.16 -13.78
N LEU TB 2 -102.40 20.61 -15.01
CA LEU TB 2 -101.85 21.88 -15.48
C LEU TB 2 -102.32 23.04 -14.61
N ALA TB 3 -103.61 23.06 -14.27
CA ALA TB 3 -104.19 24.17 -13.53
C ALA TB 3 -104.67 23.67 -12.17
N ARG TB 4 -104.10 24.25 -11.11
CA ARG TB 4 -104.58 24.02 -9.76
C ARG TB 4 -104.70 25.38 -9.07
N ASP TB 5 -105.73 25.52 -8.25
CA ASP TB 5 -106.16 26.83 -7.76
C ASP TB 5 -105.15 27.35 -6.76
N LEU TB 6 -104.20 28.16 -7.24
CA LEU TB 6 -103.24 28.81 -6.37
C LEU TB 6 -103.89 29.94 -5.57
N LEU TB 7 -104.82 30.66 -6.19
CA LEU TB 7 -105.47 31.78 -5.51
C LEU TB 7 -106.41 31.28 -4.41
N HIS TB 8 -107.09 30.17 -4.64
CA HIS TB 8 -107.99 29.57 -3.64
C HIS TB 8 -107.67 28.09 -3.49
N PRO TB 9 -106.56 27.75 -2.86
CA PRO TB 9 -106.29 26.35 -2.54
C PRO TB 9 -107.28 25.85 -1.50
N SER TB 10 -107.58 24.55 -1.58
CA SER TB 10 -108.60 23.98 -0.71
C SER TB 10 -108.17 24.06 0.75
N LEU TB 11 -109.15 24.16 1.65
CA LEU TB 11 -108.85 24.17 3.07
C LEU TB 11 -108.18 22.87 3.52
N GLU TB 12 -108.60 21.73 2.96
CA GLU TB 12 -107.96 20.46 3.31
C GLU TB 12 -106.49 20.45 2.91
N GLU TB 13 -106.18 20.96 1.71
CA GLU TB 13 -104.79 20.98 1.27
C GLU TB 13 -103.99 22.02 2.05
N GLU TB 14 -104.60 23.14 2.41
CA GLU TB 14 -103.88 24.18 3.14
C GLU TB 14 -103.53 23.73 4.55
N LYS TB 15 -104.48 23.11 5.26
CA LYS TB 15 -104.16 22.55 6.56
C LYS TB 15 -103.24 21.34 6.45
N LYS TB 16 -103.24 20.66 5.31
CA LYS TB 16 -102.35 19.51 5.13
C LYS TB 16 -100.91 19.96 4.93
N LYS TB 17 -100.70 21.14 4.36
CA LYS TB 17 -99.35 21.62 4.08
C LYS TB 17 -98.70 22.18 5.34
N HIS TB 18 -97.45 22.61 5.19
CA HIS TB 18 -96.67 23.14 6.30
C HIS TB 18 -97.21 24.50 6.72
N LYS TB 19 -96.80 24.93 7.92
CA LYS TB 19 -97.21 26.25 8.41
C LYS TB 19 -96.60 27.35 7.56
N LYS TB 20 -95.48 27.09 6.89
CA LYS TB 20 -94.94 27.99 5.89
C LYS TB 20 -95.54 27.63 4.53
N LYS TB 21 -95.07 28.30 3.49
CA LYS TB 21 -95.47 28.06 2.10
C LYS TB 21 -96.95 28.29 1.88
N ARG TB 22 -97.65 28.90 2.82
CA ARG TB 22 -99.09 29.07 2.74
C ARG TB 22 -99.46 30.39 2.07
N LEU TB 23 -100.77 30.56 1.84
CA LEU TB 23 -101.26 31.82 1.29
C LEU TB 23 -100.98 32.96 2.26
N VAL TB 24 -101.23 32.76 3.54
CA VAL TB 24 -100.81 33.67 4.61
C VAL TB 24 -100.27 32.81 5.74
N GLN TB 25 -99.01 33.05 6.12
CA GLN TB 25 -98.39 32.19 7.11
C GLN TB 25 -99.02 32.39 8.48
N SER TB 26 -99.40 31.28 9.11
CA SER TB 26 -100.14 31.29 10.35
C SER TB 26 -99.63 30.18 11.26
N PRO TB 27 -99.76 30.33 12.57
CA PRO TB 27 -99.33 29.27 13.47
C PRO TB 27 -100.15 28.00 13.33
N ASN TB 28 -99.52 26.88 13.62
CA ASN TB 28 -100.24 25.63 13.87
C ASN TB 28 -100.56 25.45 15.35
N SER TB 29 -100.18 26.42 16.18
CA SER TB 29 -100.42 26.37 17.61
C SER TB 29 -101.64 27.20 17.98
N TYR TB 30 -102.06 27.09 19.24
CA TYR TB 30 -103.30 27.70 19.69
C TYR TB 30 -103.20 28.02 21.17
N PHE TB 31 -104.22 28.71 21.67
CA PHE TB 31 -104.39 28.97 23.09
C PHE TB 31 -105.52 28.09 23.61
N MET TB 32 -105.42 27.68 24.88
CA MET TB 32 -106.36 26.74 25.50
C MET TB 32 -106.31 26.91 27.01
N ASP TB 33 -107.49 26.89 27.64
CA ASP TB 33 -107.65 27.19 29.06
C ASP TB 33 -107.66 25.92 29.90
N VAL TB 34 -106.94 25.96 31.02
CA VAL TB 34 -106.64 24.80 31.85
C VAL TB 34 -107.61 24.74 33.01
N LYS TB 35 -108.24 23.59 33.18
CA LYS TB 35 -108.93 23.23 34.41
C LYS TB 35 -108.36 21.93 34.93
N CYS TB 36 -107.79 21.96 36.14
CA CYS TB 36 -107.16 20.81 36.79
C CYS TB 36 -108.04 20.28 37.92
N PRO TB 37 -108.14 18.95 38.09
CA PRO TB 37 -108.96 18.42 39.18
C PRO TB 37 -108.48 18.91 40.54
N GLY TB 38 -109.44 19.20 41.41
CA GLY TB 38 -109.12 19.74 42.72
C GLY TB 38 -108.81 21.21 42.77
N CYS TB 39 -108.94 21.92 41.64
CA CYS TB 39 -108.65 23.34 41.59
C CYS TB 39 -109.73 24.06 40.79
N TYR TB 40 -109.94 25.33 41.13
CA TYR TB 40 -110.92 26.17 40.46
C TYR TB 40 -110.30 27.16 39.48
N LYS TB 41 -109.05 27.55 39.69
CA LYS TB 41 -108.43 28.57 38.85
C LYS TB 41 -108.29 28.08 37.41
N ILE TB 42 -108.43 29.00 36.46
CA ILE TB 42 -108.33 28.72 35.04
C ILE TB 42 -107.03 29.34 34.52
N THR TB 43 -106.15 28.49 34.01
CA THR TB 43 -104.86 28.92 33.49
C THR TB 43 -104.96 29.08 31.97
N THR TB 44 -103.98 29.77 31.39
CA THR TB 44 -103.85 29.91 29.95
C THR TB 44 -102.50 29.33 29.52
N VAL TB 45 -102.54 28.30 28.69
CA VAL TB 45 -101.34 27.63 28.19
C VAL TB 45 -101.37 27.64 26.67
N PHE TB 46 -100.28 28.10 26.06
CA PHE TB 46 -100.15 28.16 24.62
C PHE TB 46 -99.57 26.86 24.10
N SER TB 47 -100.07 26.41 22.96
CA SER TB 47 -99.63 25.13 22.39
C SER TB 47 -98.14 25.17 22.08
N HIS TB 48 -97.52 23.99 22.09
CA HIS TB 48 -96.07 23.85 21.91
C HIS TB 48 -95.32 24.56 23.04
N ALA TB 49 -95.61 24.14 24.28
CA ALA TB 49 -95.01 24.78 25.45
C ALA TB 49 -93.65 24.17 25.78
N GLN TB 50 -92.75 25.02 26.29
CA GLN TB 50 -91.38 24.63 26.56
C GLN TB 50 -90.93 24.90 27.98
N THR TB 51 -91.77 25.49 28.83
CA THR TB 51 -91.41 25.75 30.21
C THR TB 51 -92.49 25.18 31.12
N VAL TB 52 -92.10 24.91 32.36
CA VAL TB 52 -92.99 24.28 33.33
C VAL TB 52 -94.13 25.24 33.67
N VAL TB 53 -95.35 24.74 33.64
CA VAL TB 53 -96.54 25.50 33.97
C VAL TB 53 -97.13 24.90 35.23
N LEU TB 54 -96.92 25.55 36.36
CA LEU TB 54 -97.38 25.05 37.65
C LEU TB 54 -98.52 25.95 38.17
N CYS TB 55 -99.64 25.32 38.53
CA CYS TB 55 -100.79 26.08 39.01
C CYS TB 55 -100.48 26.64 40.40
N VAL TB 56 -100.78 27.93 40.59
CA VAL TB 56 -100.52 28.56 41.88
C VAL TB 56 -101.43 28.00 42.96
N GLY TB 57 -102.72 27.90 42.68
CA GLY TB 57 -103.68 27.40 43.66
C GLY TB 57 -103.56 25.91 43.93
N CYS TB 58 -103.43 25.12 42.85
CA CYS TB 58 -103.36 23.67 43.00
C CYS TB 58 -101.99 23.19 43.48
N SER TB 59 -100.95 23.99 43.28
CA SER TB 59 -99.58 23.62 43.64
C SER TB 59 -99.17 22.30 42.98
N THR TB 60 -99.60 22.12 41.73
CA THR TB 60 -99.29 20.91 40.96
C THR TB 60 -98.96 21.31 39.53
N VAL TB 61 -98.08 20.53 38.91
CA VAL TB 61 -97.70 20.78 37.53
C VAL TB 61 -98.88 20.45 36.61
N LEU TB 62 -98.97 21.19 35.51
CA LEU TB 62 -100.04 21.01 34.53
C LEU TB 62 -99.56 20.33 33.25
N CYS TB 63 -98.41 20.76 32.71
CA CYS TB 63 -97.88 20.20 31.48
C CYS TB 63 -96.36 20.14 31.55
N GLN TB 64 -95.80 18.98 31.19
CA GLN TB 64 -94.35 18.81 31.10
C GLN TB 64 -93.96 18.74 29.64
N PRO TB 65 -93.13 19.67 29.14
CA PRO TB 65 -92.74 19.62 27.73
C PRO TB 65 -91.90 18.39 27.41
N THR TB 66 -92.48 17.47 26.64
CA THR TB 66 -91.81 16.23 26.25
C THR TB 66 -91.59 16.18 24.74
N GLY TB 67 -91.35 17.34 24.13
CA GLY TB 67 -91.24 17.43 22.70
C GLY TB 67 -92.58 17.62 22.04
N GLY TB 68 -92.68 18.60 21.15
CA GLY TB 68 -93.96 18.87 20.53
C GLY TB 68 -94.93 19.53 21.49
N LYS TB 69 -96.19 19.14 21.40
CA LYS TB 69 -97.22 19.66 22.29
C LYS TB 69 -96.90 19.26 23.73
N ALA TB 70 -97.13 20.19 24.66
CA ALA TB 70 -96.86 19.91 26.07
C ALA TB 70 -97.83 18.84 26.59
N ARG TB 71 -97.31 17.63 26.78
CA ARG TB 71 -98.12 16.53 27.31
C ARG TB 71 -98.55 16.89 28.73
N LEU TB 72 -99.83 17.18 28.91
CA LEU TB 72 -100.36 17.59 30.20
C LEU TB 72 -100.59 16.37 31.08
N THR TB 73 -101.25 16.57 32.22
CA THR TB 73 -101.51 15.49 33.16
C THR TB 73 -102.76 14.71 32.73
N GLU TB 74 -103.10 13.68 33.51
CA GLU TB 74 -104.24 12.82 33.15
C GLU TB 74 -105.56 13.53 33.42
N GLY TB 75 -105.75 14.04 34.63
CA GLY TB 75 -107.04 14.54 35.04
C GLY TB 75 -107.44 15.87 34.40
N CYS TB 76 -106.46 16.67 33.98
CA CYS TB 76 -106.77 17.98 33.45
C CYS TB 76 -107.38 17.87 32.06
N SER TB 77 -108.43 18.66 31.82
CA SER TB 77 -109.15 18.68 30.55
C SER TB 77 -108.72 19.89 29.74
N PHE TB 78 -108.72 19.72 28.42
CA PHE TB 78 -108.30 20.73 27.47
C PHE TB 78 -109.48 21.24 26.66
N ARG TB 79 -109.55 22.55 26.48
CA ARG TB 79 -110.58 23.20 25.66
C ARG TB 79 -109.91 24.26 24.81
N ARG TB 80 -109.74 23.97 23.52
CA ARG TB 80 -109.01 24.86 22.62
C ARG TB 80 -109.84 26.11 22.35
N LYS TB 81 -109.35 27.26 22.80
CA LYS TB 81 -110.06 28.51 22.60
C LYS TB 81 -109.67 29.14 21.27
N GLN TB 82 -110.51 30.09 20.82
CA GLN TB 82 -110.26 30.88 19.61
C GLN TB 82 -110.00 29.98 18.42
N HIS TB 83 -110.95 29.07 18.15
CA HIS TB 83 -110.88 28.13 17.04
C HIS TB 83 -109.64 27.23 17.12
N SER UB 1 -24.33 10.91 -53.74
CA SER UB 1 -25.35 11.46 -52.85
C SER UB 1 -25.89 12.78 -53.38
N LEU UB 2 -25.00 13.75 -53.54
CA LEU UB 2 -25.36 15.08 -54.02
C LEU UB 2 -25.14 15.24 -55.52
N ALA UB 3 -24.75 14.17 -56.22
CA ALA UB 3 -24.46 14.24 -57.64
C ALA UB 3 -25.68 13.96 -58.53
N ARG UB 4 -26.82 13.60 -57.94
CA ARG UB 4 -28.01 13.29 -58.70
C ARG UB 4 -28.98 14.46 -58.80
N ALA UB 5 -28.58 15.64 -58.32
CA ALA UB 5 -29.46 16.80 -58.40
C ALA UB 5 -29.70 17.19 -59.86
N GLY UB 6 -30.97 17.43 -60.20
CA GLY UB 6 -31.32 17.80 -61.56
C GLY UB 6 -31.18 16.71 -62.59
N LYS UB 7 -31.20 15.44 -62.18
CA LYS UB 7 -31.00 14.35 -63.13
C LYS UB 7 -32.14 14.27 -64.14
N VAL UB 8 -33.39 14.39 -63.66
CA VAL UB 8 -34.52 14.27 -64.56
C VAL UB 8 -34.60 15.47 -65.50
N ARG UB 9 -34.23 16.66 -65.02
CA ARG UB 9 -34.33 17.85 -65.84
C ARG UB 9 -33.43 17.78 -67.06
N GLY UB 10 -32.21 17.27 -66.89
CA GLY UB 10 -31.32 17.13 -68.03
C GLY UB 10 -31.61 15.94 -68.91
N GLN UB 11 -32.26 14.92 -68.36
CA GLN UB 11 -32.54 13.70 -69.12
C GLN UB 11 -33.65 13.89 -70.15
N THR UB 12 -34.73 14.57 -69.78
CA THR UB 12 -35.84 14.75 -70.71
C THR UB 12 -35.42 15.66 -71.86
N PRO UB 13 -35.91 15.41 -73.07
CA PRO UB 13 -35.52 16.25 -74.21
C PRO UB 13 -36.00 17.69 -74.05
N LYS UB 14 -35.22 18.62 -74.59
CA LYS UB 14 -35.55 20.04 -74.55
C LYS UB 14 -36.39 20.38 -75.78
N VAL UB 15 -37.69 20.20 -75.64
CA VAL UB 15 -38.61 20.49 -76.75
C VAL UB 15 -38.74 21.99 -76.91
N ALA UB 16 -38.52 22.47 -78.14
CA ALA UB 16 -38.59 23.91 -78.41
C ALA UB 16 -40.02 24.42 -78.28
N LYS UB 17 -40.14 25.70 -77.94
CA LYS UB 17 -41.46 26.32 -77.81
C LYS UB 17 -42.13 26.41 -79.17
N GLN UB 18 -43.27 25.73 -79.31
CA GLN UB 18 -44.00 25.73 -80.56
C GLN UB 18 -44.64 27.09 -80.83
N GLU UB 19 -44.81 27.41 -82.11
CA GLU UB 19 -45.40 28.68 -82.49
C GLU UB 19 -46.89 28.68 -82.19
N LYS UB 20 -47.32 29.57 -81.29
CA LYS UB 20 -48.72 29.71 -80.93
C LYS UB 20 -49.15 31.14 -81.22
N LYS UB 21 -50.24 31.28 -81.99
CA LYS UB 21 -50.79 32.60 -82.27
C LYS UB 21 -51.12 33.32 -80.98
N LYS UB 22 -50.76 34.60 -80.91
CA LYS UB 22 -50.96 35.35 -79.68
C LYS UB 22 -52.44 35.42 -79.34
N LYS UB 23 -52.75 35.28 -78.06
CA LYS UB 23 -54.13 35.33 -77.60
C LYS UB 23 -54.49 36.76 -77.21
N LYS UB 24 -55.78 37.07 -77.30
CA LYS UB 24 -56.23 38.43 -77.03
C LYS UB 24 -55.97 38.80 -75.58
N THR UB 25 -55.77 40.09 -75.34
CA THR UB 25 -55.40 40.61 -74.03
C THR UB 25 -56.43 41.61 -73.57
N GLY UB 26 -56.69 41.62 -72.25
CA GLY UB 26 -57.57 42.61 -71.65
C GLY UB 26 -59.04 42.42 -71.96
N ARG UB 27 -59.66 43.46 -72.52
CA ARG UB 27 -61.10 43.44 -72.75
C ARG UB 27 -61.49 42.38 -73.77
N ALA UB 28 -60.69 42.23 -74.84
CA ALA UB 28 -61.04 41.29 -75.90
C ALA UB 28 -61.02 39.85 -75.40
N LYS UB 29 -60.05 39.51 -74.54
CA LYS UB 29 -60.01 38.17 -73.98
C LYS UB 29 -61.21 37.89 -73.08
N ARG UB 30 -61.59 38.87 -72.27
CA ARG UB 30 -62.73 38.69 -71.38
C ARG UB 30 -64.02 38.49 -72.17
N ARG UB 31 -64.20 39.27 -73.24
CA ARG UB 31 -65.36 39.11 -74.10
C ARG UB 31 -65.34 37.76 -74.81
N MET UB 32 -64.16 37.33 -75.25
CA MET UB 32 -64.04 36.06 -75.97
C MET UB 32 -64.41 34.89 -75.07
N GLN UB 33 -63.86 34.85 -73.86
CA GLN UB 33 -64.15 33.73 -72.96
C GLN UB 33 -65.62 33.71 -72.53
N TYR UB 34 -66.26 34.87 -72.49
CA TYR UB 34 -67.70 34.91 -72.22
C TYR UB 34 -68.49 34.29 -73.37
N ASN UB 35 -68.07 34.55 -74.61
CA ASN UB 35 -68.76 33.99 -75.76
C ASN UB 35 -68.66 32.46 -75.77
N ARG UB 36 -67.51 31.92 -75.40
CA ARG UB 36 -67.31 30.47 -75.35
C ARG UB 36 -68.19 29.83 -74.28
N PRO UB 37 -64.09 23.68 -69.91
CA PRO UB 37 -63.68 24.01 -71.28
C PRO UB 37 -62.53 23.12 -71.78
N ASN UB 38 -61.69 22.65 -70.87
CA ASN UB 38 -60.57 21.77 -71.23
C ASN UB 38 -60.99 20.31 -71.15
N ALA UB 39 -61.86 19.93 -72.09
CA ALA UB 39 -62.41 18.57 -72.15
C ALA UB 39 -61.40 17.67 -72.85
N ASN UB 40 -60.52 17.06 -72.06
CA ASN UB 40 -59.51 16.13 -72.56
C ASN UB 40 -60.03 14.70 -72.57
N SER UB 41 -61.20 14.50 -73.17
CA SER UB 41 -61.81 13.18 -73.22
C SER UB 41 -62.90 13.13 -74.29
N THR WB 1 -64.70 5.57 -19.88
CA THR WB 1 -66.13 5.43 -19.52
C THR WB 1 -66.31 4.44 -18.36
N LYS WB 2 -67.52 4.36 -17.80
CA LYS WB 2 -67.74 3.42 -16.71
C LYS WB 2 -68.37 2.16 -17.25
N LYS WB 3 -67.63 1.06 -17.19
CA LYS WB 3 -68.18 -0.22 -17.61
C LYS WB 3 -69.29 -0.64 -16.67
N ARG WB 4 -69.06 -0.37 -15.39
CA ARG WB 4 -70.02 -0.70 -14.34
C ARG WB 4 -70.44 0.54 -13.54
N ARG WB 5 -71.74 0.74 -13.38
CA ARG WB 5 -72.26 1.85 -12.57
C ARG WB 5 -71.75 1.71 -11.13
N ASN WB 6 -71.74 0.46 -10.66
CA ASN WB 6 -71.29 0.08 -9.32
C ASN WB 6 -69.77 0.23 -9.14
N ASN WB 7 -69.05 0.26 -10.27
CA ASN WB 7 -67.59 0.25 -10.27
C ASN WB 7 -67.04 -1.03 -9.62
N GLY WB 8 -67.72 -2.14 -9.93
CA GLY WB 8 -67.34 -3.49 -9.48
C GLY WB 8 -67.73 -3.87 -8.06
N ARG WB 9 -67.42 -3.04 -7.10
CA ARG WB 9 -67.73 -3.36 -5.71
C ARG WB 9 -69.11 -2.85 -5.28
N ALA WB 10 -69.55 -3.33 -4.12
CA ALA WB 10 -70.83 -2.95 -3.56
C ALA WB 10 -70.73 -1.72 -2.66
N LYS WB 11 -69.52 -1.18 -2.51
CA LYS WB 11 -69.35 -0.03 -1.62
C LYS WB 11 -69.56 1.31 -2.32
N LYS WB 12 -70.71 1.92 -2.07
CA LYS WB 12 -70.99 3.24 -2.60
C LYS WB 12 -71.05 4.29 -1.47
N GLY WB 13 -71.47 3.84 -0.27
CA GLY WB 13 -71.57 4.74 0.86
C GLY WB 13 -70.26 5.03 1.61
N ARG WB 14 -69.64 3.98 2.15
CA ARG WB 14 -68.40 4.09 2.94
C ARG WB 14 -67.10 4.22 2.11
N GLY WB 15 -66.05 4.71 2.76
CA GLY WB 15 -64.75 4.91 2.13
C GLY WB 15 -63.80 3.68 2.06
N HIS WB 16 -63.85 2.74 3.02
CA HIS WB 16 -62.88 1.62 3.00
C HIS WB 16 -63.48 0.24 3.38
N VAL WB 17 -62.89 -0.82 2.80
CA VAL WB 17 -63.29 -2.23 3.03
C VAL WB 17 -62.08 -3.11 3.39
N GLN WB 18 -62.17 -3.90 4.47
CA GLN WB 18 -61.03 -4.78 4.85
C GLN WB 18 -60.87 -5.93 3.85
N PRO WB 19 -59.63 -6.16 3.35
CA PRO WB 19 -59.39 -7.22 2.36
C PRO WB 19 -59.48 -8.68 2.84
N ILE WB 20 -59.88 -9.55 1.91
CA ILE WB 20 -59.96 -11.00 2.12
C ILE WB 20 -59.13 -11.75 1.06
N ARG WB 21 -58.29 -12.67 1.47
CA ARG WB 21 -57.43 -13.43 0.54
C ARG WB 21 -58.22 -14.32 -0.45
N CYS WB 22 -57.79 -14.32 -1.71
CA CYS WB 22 -58.38 -15.19 -2.72
C CYS WB 22 -58.01 -16.64 -2.44
N THR WB 23 -58.93 -17.56 -2.67
CA THR WB 23 -58.64 -18.99 -2.51
C THR WB 23 -57.72 -19.59 -3.59
N ASN WB 24 -58.02 -19.36 -4.87
CA ASN WB 24 -57.18 -19.91 -5.97
C ASN WB 24 -55.77 -19.28 -6.10
N CYS WB 25 -55.62 -17.97 -5.96
CA CYS WB 25 -54.25 -17.46 -6.06
C CYS WB 25 -53.67 -16.73 -4.85
N ALA WB 26 -54.44 -16.58 -3.78
CA ALA WB 26 -53.91 -15.95 -2.56
C ALA WB 26 -53.61 -14.44 -2.76
N ARG WB 27 -54.50 -13.75 -3.48
CA ARG WB 27 -54.37 -12.30 -3.73
C ARG WB 27 -55.41 -11.50 -2.95
N CYS WB 28 -54.98 -10.44 -2.28
CA CYS WB 28 -55.91 -9.64 -1.51
C CYS WB 28 -56.85 -8.81 -2.41
N VAL WB 29 -58.14 -8.92 -2.11
CA VAL WB 29 -59.19 -8.21 -2.83
C VAL WB 29 -60.27 -7.74 -1.84
N PRO WB 30 -60.90 -6.56 -2.02
CA PRO WB 30 -61.95 -6.16 -1.09
C PRO WB 30 -63.09 -7.19 -1.10
N LYS WB 31 -63.61 -7.50 0.08
CA LYS WB 31 -64.67 -8.49 0.22
C LYS WB 31 -65.89 -8.22 -0.67
N ASP WB 32 -66.41 -7.00 -0.63
CA ASP WB 32 -67.65 -6.66 -1.33
C ASP WB 32 -67.52 -6.76 -2.85
N LYS WB 33 -66.30 -6.61 -3.34
CA LYS WB 33 -66.04 -6.68 -4.78
C LYS WB 33 -65.71 -8.09 -5.29
N ALA WB 34 -65.30 -8.97 -4.39
CA ALA WB 34 -64.92 -10.32 -4.78
C ALA WB 34 -66.09 -11.23 -4.99
N ILE WB 35 -65.87 -12.32 -5.73
CA ILE WB 35 -66.95 -13.25 -5.94
C ILE WB 35 -66.89 -14.21 -4.76
N LYS WB 36 -67.88 -14.06 -3.88
CA LYS WB 36 -67.98 -14.86 -2.67
C LYS WB 36 -69.22 -15.73 -2.73
N LYS WB 37 -69.03 -17.02 -2.51
CA LYS WB 37 -70.11 -17.99 -2.61
C LYS WB 37 -70.05 -18.97 -1.46
N PHE WB 38 -71.20 -19.51 -1.09
CA PHE WB 38 -71.26 -20.49 -0.04
C PHE WB 38 -71.28 -21.85 -0.72
N VAL WB 39 -70.37 -22.72 -0.34
CA VAL WB 39 -70.34 -24.04 -0.93
C VAL WB 39 -70.71 -25.09 0.10
N ILE WB 40 -71.74 -25.88 -0.21
CA ILE WB 40 -72.07 -27.00 0.62
C ILE WB 40 -71.77 -28.25 -0.18
N ARG WB 41 -70.82 -29.03 0.30
CA ARG WB 41 -70.46 -30.27 -0.36
C ARG WB 41 -70.55 -31.38 0.66
N ASN WB 42 -71.20 -32.47 0.30
CA ASN WB 42 -71.29 -33.58 1.20
C ASN WB 42 -69.87 -34.05 1.50
N ILE WB 43 -69.63 -34.58 2.68
CA ILE WB 43 -68.29 -35.05 3.05
C ILE WB 43 -67.84 -36.13 2.08
N VAL WB 44 -68.81 -36.91 1.66
CA VAL WB 44 -68.60 -38.04 0.78
C VAL WB 44 -69.37 -37.85 -0.54
N GLU WB 45 -68.70 -38.16 -1.65
CA GLU WB 45 -69.29 -37.97 -2.97
C GLU WB 45 -70.53 -38.85 -3.14
N ALA WB 46 -71.54 -38.31 -3.80
CA ALA WB 46 -72.84 -38.96 -3.88
C ALA WB 46 -72.73 -40.38 -4.41
N ALA WB 47 -71.90 -40.61 -5.41
CA ALA WB 47 -71.68 -41.95 -5.91
C ALA WB 47 -70.93 -42.81 -4.87
N ALA WB 48 -69.94 -42.20 -4.20
CA ALA WB 48 -69.11 -42.89 -3.20
C ALA WB 48 -69.76 -43.02 -1.80
N VAL WB 49 -70.88 -42.34 -1.55
CA VAL WB 49 -71.54 -42.39 -0.23
C VAL WB 49 -71.97 -43.81 0.14
N ARG WB 50 -72.49 -44.53 -0.85
CA ARG WB 50 -72.96 -45.89 -0.64
C ARG WB 50 -71.88 -46.86 -0.15
N ASP WB 51 -70.66 -46.76 -0.67
CA ASP WB 51 -69.60 -47.67 -0.20
C ASP WB 51 -69.34 -47.48 1.29
N ILE WB 52 -69.34 -46.23 1.74
CA ILE WB 52 -69.17 -45.92 3.15
C ILE WB 52 -70.40 -46.34 3.97
N SER WB 53 -71.58 -46.11 3.41
CA SER WB 53 -72.85 -46.46 4.06
C SER WB 53 -72.96 -47.96 4.35
N GLU WB 54 -72.50 -48.77 3.40
CA GLU WB 54 -72.56 -50.22 3.57
C GLU WB 54 -71.69 -50.68 4.75
N ALA WB 55 -70.54 -50.05 4.90
CA ALA WB 55 -69.64 -50.36 6.01
C ALA WB 55 -70.03 -49.63 7.30
N SER WB 56 -70.97 -48.67 7.20
CA SER WB 56 -71.38 -47.89 8.36
C SER WB 56 -72.19 -48.69 9.40
N VAL WB 57 -71.76 -48.55 10.64
CA VAL WB 57 -72.41 -49.17 11.81
C VAL WB 57 -73.77 -48.51 12.10
N PHE WB 58 -73.83 -47.18 11.95
CA PHE WB 58 -75.03 -46.39 12.26
C PHE WB 58 -76.27 -46.75 11.46
N ASP WB 59 -77.38 -46.74 12.17
CA ASP WB 59 -78.70 -47.06 11.62
C ASP WB 59 -79.24 -45.91 10.76
N ALA WB 60 -78.41 -45.47 9.80
CA ALA WB 60 -78.72 -44.38 8.87
C ALA WB 60 -79.01 -43.04 9.58
N TYR WB 61 -78.26 -42.75 10.63
CA TYR WB 61 -78.42 -41.48 11.36
C TYR WB 61 -77.26 -40.51 11.14
N VAL WB 62 -76.28 -40.84 10.31
CA VAL WB 62 -75.17 -39.91 10.14
C VAL WB 62 -75.03 -39.44 8.69
N LEU WB 63 -75.17 -38.12 8.53
CA LEU WB 63 -75.02 -37.47 7.24
C LEU WB 63 -74.19 -36.18 7.40
N PRO WB 64 -72.88 -36.27 7.67
CA PRO WB 64 -72.06 -35.07 7.82
C PRO WB 64 -71.98 -34.23 6.54
N LYS WB 65 -72.03 -32.92 6.68
CA LYS WB 65 -71.92 -32.04 5.53
C LYS WB 65 -70.72 -31.12 5.66
N LEU WB 66 -70.02 -30.91 4.58
CA LEU WB 66 -68.89 -30.00 4.58
C LEU WB 66 -69.33 -28.66 4.00
N TYR WB 67 -69.22 -27.61 4.78
CA TYR WB 67 -69.63 -26.30 4.31
C TYR WB 67 -68.36 -25.43 4.31
N VAL WB 68 -67.95 -24.91 3.20
CA VAL WB 68 -66.74 -24.09 3.16
C VAL WB 68 -66.95 -22.76 2.44
N LYS WB 69 -66.55 -21.67 3.08
CA LYS WB 69 -66.69 -20.37 2.43
C LYS WB 69 -65.72 -20.27 1.24
N LEU WB 70 -66.20 -19.68 0.16
CA LEU WB 70 -65.39 -19.55 -1.05
C LEU WB 70 -65.20 -18.08 -1.44
N HIS WB 71 -63.95 -17.70 -1.69
CA HIS WB 71 -63.65 -16.32 -2.08
C HIS WB 71 -62.67 -16.26 -3.26
N TYR WB 72 -63.16 -15.76 -4.39
CA TYR WB 72 -62.34 -15.60 -5.57
C TYR WB 72 -62.36 -14.13 -5.91
N CYS WB 73 -61.20 -13.61 -6.26
CA CYS WB 73 -61.07 -12.27 -6.76
C CYS WB 73 -61.46 -12.43 -8.22
N VAL WB 74 -61.31 -11.36 -8.99
CA VAL WB 74 -61.88 -11.37 -10.34
C VAL WB 74 -60.90 -11.90 -11.40
N SER WB 75 -59.59 -11.70 -11.21
CA SER WB 75 -58.61 -12.20 -12.18
C SER WB 75 -58.71 -13.74 -12.35
N CYS WB 76 -58.87 -14.46 -11.25
CA CYS WB 76 -59.03 -15.91 -11.35
C CYS WB 76 -60.46 -16.44 -11.19
N ALA WB 77 -61.42 -15.55 -11.03
CA ALA WB 77 -62.81 -15.94 -11.04
C ALA WB 77 -63.13 -16.52 -12.41
N ILE WB 78 -62.59 -15.87 -13.44
CA ILE WB 78 -62.79 -16.31 -14.82
C ILE WB 78 -62.19 -17.68 -15.10
N HIS WB 79 -60.98 -17.91 -14.59
CA HIS WB 79 -60.26 -19.16 -14.82
C HIS WB 79 -61.03 -20.29 -14.22
N SER WB 80 -61.62 -20.04 -13.06
CA SER WB 80 -62.42 -21.04 -12.38
C SER WB 80 -63.63 -21.34 -13.26
N LYS WB 81 -63.94 -20.41 -14.15
CA LYS WB 81 -65.04 -20.48 -15.10
C LYS WB 81 -66.29 -19.85 -14.53
N VAL WB 82 -66.22 -19.46 -13.26
CA VAL WB 82 -67.35 -18.79 -12.64
C VAL WB 82 -67.36 -17.38 -13.21
N VAL WB 83 -68.51 -16.73 -13.21
CA VAL WB 83 -68.56 -15.36 -13.74
C VAL WB 83 -68.13 -15.20 -15.20
N ARG WB 84 -68.62 -16.08 -16.08
CA ARG WB 84 -68.27 -15.98 -17.49
C ARG WB 84 -68.78 -14.63 -17.96
N ASN WB 85 -68.08 -14.02 -18.90
CA ASN WB 85 -68.47 -12.70 -19.39
C ASN WB 85 -69.85 -12.58 -20.02
N ARG WB 86 -70.54 -11.53 -19.62
CA ARG WB 86 -71.89 -11.19 -20.10
C ARG WB 86 -72.01 -10.17 -21.24
N SER WB 87 -73.18 -10.24 -21.88
CA SER WB 87 -73.61 -9.35 -22.96
C SER WB 87 -73.88 -7.92 -22.44
N ARG WB 88 -73.99 -6.96 -23.36
CA ARG WB 88 -74.11 -5.53 -23.01
C ARG WB 88 -75.35 -5.22 -22.13
N GLU WB 89 -76.47 -5.86 -22.45
CA GLU WB 89 -77.64 -5.78 -21.59
C GLU WB 89 -77.53 -6.81 -20.48
N ALA WB 90 -76.60 -7.76 -20.68
CA ALA WB 90 -76.38 -8.88 -19.77
C ALA WB 90 -75.93 -8.45 -18.38
N ARG WB 91 -75.11 -7.41 -18.32
CA ARG WB 91 -74.44 -7.01 -17.09
C ARG WB 91 -75.44 -6.66 -15.99
N LYS WB 92 -76.58 -6.13 -16.37
CA LYS WB 92 -77.45 -5.57 -15.39
C LYS WB 92 -78.24 -6.65 -14.66
N ASP WB 93 -77.69 -7.86 -14.54
CA ASP WB 93 -78.46 -8.97 -13.97
C ASP WB 93 -78.32 -9.19 -12.46
N ARG WB 94 -78.61 -10.42 -12.02
CA ARG WB 94 -78.56 -10.78 -10.60
C ARG WB 94 -78.26 -12.27 -10.41
N THR WB 95 -78.69 -12.82 -9.28
CA THR WB 95 -78.49 -14.25 -8.97
C THR WB 95 -78.86 -15.08 -10.20
N PRO WB 96 -78.38 -16.32 -10.29
CA PRO WB 96 -78.60 -17.05 -11.54
C PRO WB 96 -78.61 -18.59 -11.45
N PRO WB 97 -79.54 -19.27 -12.25
CA PRO WB 97 -80.68 -19.79 -11.51
C PRO WB 97 -80.48 -21.27 -11.40
N GLY XB 1 -59.58 -51.34 29.11
CA GLY XB 1 -60.97 -50.98 28.97
C GLY XB 1 -61.74 -51.04 30.28
N PRO XB 2 -62.90 -50.42 30.33
CA PRO XB 2 -63.71 -50.42 31.56
C PRO XB 2 -64.58 -51.66 31.67
N GLN XB 3 -64.99 -51.95 32.90
CA GLN XB 3 -65.86 -53.08 33.19
C GLN XB 3 -67.30 -52.56 33.18
N VAL XB 4 -67.99 -52.73 32.04
CA VAL XB 4 -69.34 -52.25 31.87
C VAL XB 4 -70.21 -53.38 31.33
N ALA XB 5 -71.51 -53.24 31.54
CA ALA XB 5 -72.45 -54.22 31.03
C ALA XB 5 -72.61 -54.10 29.52
N GLU XB 6 -73.00 -55.20 28.88
CA GLU XB 6 -73.22 -55.20 27.44
C GLU XB 6 -74.41 -54.34 27.03
N GLY XB 7 -75.33 -54.07 27.96
CA GLY XB 7 -76.49 -53.25 27.63
C GLY XB 7 -76.18 -51.78 27.48
N GLU XB 8 -75.08 -51.31 28.06
CA GLU XB 8 -74.68 -49.92 27.98
C GLU XB 8 -73.48 -49.78 27.05
N ASN XB 9 -72.97 -48.54 26.96
CA ASN XB 9 -71.94 -48.18 26.00
C ASN XB 9 -70.86 -47.35 26.68
N VAL XB 10 -69.62 -47.52 26.22
CA VAL XB 10 -68.49 -46.72 26.70
C VAL XB 10 -68.44 -45.45 25.87
N PHE XB 11 -68.69 -44.31 26.51
CA PHE XB 11 -68.85 -43.04 25.80
C PHE XB 11 -67.59 -42.21 25.91
N GLY XB 12 -67.33 -41.42 24.87
CA GLY XB 12 -66.21 -40.51 24.85
C GLY XB 12 -66.39 -39.42 23.82
N VAL XB 13 -65.47 -38.46 23.76
CA VAL XB 13 -65.57 -37.35 22.84
C VAL XB 13 -64.51 -37.51 21.75
N CYS XB 14 -64.84 -37.03 20.55
CA CYS XB 14 -63.97 -37.17 19.38
C CYS XB 14 -63.96 -35.86 18.62
N HIS XB 15 -62.78 -35.42 18.21
CA HIS XB 15 -62.61 -34.16 17.47
C HIS XB 15 -62.09 -34.46 16.08
N ILE XB 16 -62.69 -33.84 15.06
CA ILE XB 16 -62.28 -34.00 13.67
C ILE XB 16 -61.79 -32.65 13.18
N PHE XB 17 -60.50 -32.39 13.33
CA PHE XB 17 -59.89 -31.15 12.86
C PHE XB 17 -59.65 -31.30 11.36
N ALA XB 18 -60.32 -30.47 10.57
CA ALA XB 18 -60.29 -30.58 9.12
C ALA XB 18 -59.50 -29.42 8.52
N SER XB 19 -58.60 -29.75 7.61
CA SER XB 19 -57.79 -28.77 6.89
C SER XB 19 -57.66 -29.22 5.44
N PHE XB 20 -57.18 -28.31 4.60
CA PHE XB 20 -57.01 -28.59 3.19
C PHE XB 20 -55.70 -29.31 2.89
N ASN XB 21 -54.86 -29.53 3.90
CA ASN XB 21 -53.60 -30.22 3.74
C ASN XB 21 -53.54 -31.56 4.45
N ASP XB 22 -54.06 -31.66 5.67
CA ASP XB 22 -54.05 -32.92 6.39
C ASP XB 22 -55.16 -32.92 7.42
N THR XB 23 -56.03 -33.92 7.33
CA THR XB 23 -57.12 -34.10 8.27
C THR XB 23 -56.63 -34.85 9.51
N PHE XB 24 -57.21 -34.51 10.65
CA PHE XB 24 -56.82 -35.08 11.93
C PHE XB 24 -58.06 -35.57 12.67
N VAL XB 25 -58.06 -36.84 13.04
CA VAL XB 25 -59.12 -37.44 13.83
C VAL XB 25 -58.49 -37.93 15.13
N HIS XB 26 -59.11 -37.58 16.26
CA HIS XB 26 -58.50 -37.76 17.58
C HIS XB 26 -59.60 -38.05 18.60
N VAL XB 27 -59.35 -39.03 19.46
CA VAL XB 27 -60.35 -39.55 20.40
C VAL XB 27 -59.74 -39.59 21.79
N THR XB 28 -60.49 -39.08 22.79
CA THR XB 28 -60.09 -39.14 24.19
C THR XB 28 -61.31 -39.42 25.05
N ASP XB 29 -61.10 -39.34 26.36
CA ASP XB 29 -62.18 -39.45 27.34
C ASP XB 29 -63.02 -38.18 27.28
N LEU XB 30 -64.01 -38.07 28.17
CA LEU XB 30 -64.92 -36.93 28.12
C LEU XB 30 -64.17 -35.62 28.23
N SER XB 31 -63.46 -35.42 29.35
CA SER XB 31 -62.72 -34.18 29.55
C SER XB 31 -61.60 -34.02 28.52
N GLY XB 32 -61.05 -35.11 28.03
CA GLY XB 32 -59.93 -35.06 27.11
C GLY XB 32 -58.57 -35.00 27.77
N LYS XB 33 -58.50 -34.95 29.10
CA LYS XB 33 -57.21 -34.93 29.78
C LYS XB 33 -56.44 -36.22 29.50
N GLU XB 34 -57.08 -37.37 29.67
CA GLU XB 34 -56.49 -38.63 29.27
C GLU XB 34 -56.80 -38.90 27.79
N THR XB 35 -55.92 -39.64 27.15
CA THR XB 35 -55.96 -39.77 25.70
C THR XB 35 -56.05 -41.24 25.29
N ILE XB 36 -56.87 -41.50 24.28
CA ILE XB 36 -57.10 -42.85 23.80
C ILE XB 36 -56.27 -43.16 22.55
N CYS XB 37 -56.32 -42.29 21.55
CA CYS XB 37 -55.65 -42.58 20.28
C CYS XB 37 -55.53 -41.29 19.46
N ARG XB 38 -54.80 -41.40 18.36
CA ARG XB 38 -54.81 -40.38 17.31
C ARG XB 38 -54.37 -41.03 16.00
N VAL XB 39 -55.14 -40.83 14.94
CA VAL XB 39 -54.75 -41.24 13.60
C VAL XB 39 -55.01 -40.09 12.63
N THR XB 40 -54.12 -39.95 11.65
CA THR XB 40 -54.20 -38.91 10.63
C THR XB 40 -53.97 -39.54 9.27
N GLY XB 41 -54.12 -38.73 8.22
CA GLY XB 41 -53.81 -39.20 6.87
C GLY XB 41 -52.33 -39.20 6.55
N GLY XB 42 -51.50 -38.65 7.43
CA GLY XB 42 -50.08 -38.54 7.15
C GLY XB 42 -49.35 -39.87 7.22
N MET XB 43 -49.53 -40.61 8.32
CA MET XB 43 -48.90 -41.91 8.49
C MET XB 43 -49.43 -42.93 7.49
N LYS XB 44 -50.52 -42.62 6.80
CA LYS XB 44 -51.15 -43.59 5.91
C LYS XB 44 -50.35 -43.77 4.62
N VAL XB 45 -49.91 -42.66 4.02
CA VAL XB 45 -49.38 -42.66 2.66
C VAL XB 45 -47.95 -42.17 2.67
N LYS XB 46 -47.12 -42.78 1.82
CA LYS XB 46 -45.71 -42.40 1.70
C LYS XB 46 -45.58 -40.94 1.27
N ALA XB 47 -46.43 -40.49 0.35
CA ALA XB 47 -46.34 -39.16 -0.21
C ALA XB 47 -47.17 -38.18 0.62
N ASP XB 48 -46.59 -37.02 0.92
CA ASP XB 48 -47.31 -35.99 1.68
C ASP XB 48 -48.46 -35.39 0.89
N ARG XB 49 -48.55 -35.69 -0.41
CA ARG XB 49 -49.60 -35.11 -1.25
C ARG XB 49 -50.99 -35.58 -0.83
N ASP XB 50 -51.14 -36.87 -0.52
CA ASP XB 50 -52.46 -37.47 -0.32
C ASP XB 50 -52.84 -37.54 1.15
N GLU XB 51 -52.27 -36.69 1.99
CA GLU XB 51 -52.66 -36.62 3.39
C GLU XB 51 -54.05 -36.02 3.54
N SER XB 52 -54.50 -35.25 2.55
CA SER XB 52 -55.80 -34.61 2.56
C SER XB 52 -56.80 -35.29 1.61
N SER XB 53 -56.36 -36.30 0.86
CA SER XB 53 -57.26 -37.00 -0.04
C SER XB 53 -58.23 -37.87 0.76
N PRO XB 54 -59.45 -38.08 0.24
CA PRO XB 54 -60.42 -38.91 0.97
C PRO XB 54 -59.93 -40.32 1.25
N TYR XB 55 -59.24 -40.96 0.30
CA TYR XB 55 -58.94 -42.39 0.43
C TYR XB 55 -58.02 -42.66 1.62
N ALA XB 56 -57.04 -41.77 1.85
CA ALA XB 56 -56.18 -41.94 3.01
C ALA XB 56 -56.93 -41.66 4.30
N ALA XB 57 -57.93 -40.78 4.26
CA ALA XB 57 -58.72 -40.48 5.46
C ALA XB 57 -59.55 -41.68 5.89
N MET XB 58 -60.09 -42.43 4.92
CA MET XB 58 -60.83 -43.65 5.25
C MET XB 58 -59.91 -44.71 5.87
N LEU XB 59 -58.71 -44.85 5.32
CA LEU XB 59 -57.75 -45.80 5.89
C LEU XB 59 -57.33 -45.36 7.29
N ALA XB 60 -57.16 -44.05 7.49
CA ALA XB 60 -56.86 -43.52 8.83
C ALA XB 60 -58.04 -43.72 9.78
N ALA XB 61 -59.26 -43.53 9.27
CA ALA XB 61 -60.44 -43.72 10.10
C ALA XB 61 -60.59 -45.17 10.53
N GLN XB 62 -60.31 -46.10 9.62
CA GLN XB 62 -60.33 -47.52 9.98
C GLN XB 62 -59.29 -47.83 11.05
N ASP XB 63 -58.16 -47.12 11.02
CA ASP XB 63 -57.16 -47.27 12.06
C ASP XB 63 -57.72 -46.87 13.42
N VAL XB 64 -58.48 -45.78 13.46
CA VAL XB 64 -59.15 -45.38 14.71
C VAL XB 64 -60.09 -46.48 15.17
N ALA XB 65 -60.91 -47.00 14.25
CA ALA XB 65 -61.96 -47.93 14.61
C ALA XB 65 -61.41 -49.22 15.20
N GLN XB 66 -60.38 -49.79 14.57
CA GLN XB 66 -59.91 -51.10 15.02
C GLN XB 66 -59.10 -50.98 16.31
N ARG XB 67 -58.24 -49.97 16.41
CA ARG XB 67 -57.41 -49.84 17.61
C ARG XB 67 -58.23 -49.42 18.82
N CYS XB 68 -59.25 -48.59 18.61
CA CYS XB 68 -60.13 -48.21 19.72
C CYS XB 68 -61.11 -49.34 20.06
N LYS XB 69 -61.51 -50.14 19.08
CA LYS XB 69 -62.31 -51.33 19.38
C LYS XB 69 -61.52 -52.32 20.22
N GLU XB 70 -60.21 -52.41 20.01
CA GLU XB 70 -59.37 -53.28 20.81
C GLU XB 70 -59.40 -52.86 22.28
N LEU XB 71 -59.32 -51.55 22.53
CA LEU XB 71 -59.26 -51.06 23.91
C LEU XB 71 -60.55 -51.35 24.67
N GLY XB 72 -61.70 -51.16 24.01
CA GLY XB 72 -62.96 -51.39 24.68
C GLY XB 72 -63.85 -50.16 24.75
N ILE XB 73 -63.72 -49.26 23.77
CA ILE XB 73 -64.56 -48.08 23.67
C ILE XB 73 -65.31 -48.12 22.35
N THR XB 74 -66.63 -47.90 22.41
CA THR XB 74 -67.49 -48.00 21.25
C THR XB 74 -68.21 -46.70 20.93
N ALA XB 75 -68.82 -46.06 21.92
CA ALA XB 75 -69.63 -44.87 21.71
C ALA XB 75 -68.76 -43.62 21.73
N LEU XB 76 -68.90 -42.79 20.70
CA LEU XB 76 -68.13 -41.56 20.58
C LEU XB 76 -69.01 -40.44 20.04
N HIS XB 77 -69.01 -39.31 20.75
CA HIS XB 77 -69.60 -38.08 20.23
C HIS XB 77 -68.60 -37.39 19.32
N ILE XB 78 -69.11 -36.45 18.52
CA ILE XB 78 -68.32 -35.76 17.51
C ILE XB 78 -68.33 -34.27 17.80
N LYS XB 79 -67.15 -33.65 17.78
CA LYS XB 79 -67.00 -32.20 17.80
C LYS XB 79 -66.11 -31.80 16.64
N LEU XB 80 -66.65 -30.99 15.73
CA LEU XB 80 -65.96 -30.63 14.50
C LEU XB 80 -65.16 -29.34 14.70
N ARG XB 81 -64.00 -29.29 14.05
CA ARG XB 81 -63.22 -28.07 13.97
C ARG XB 81 -62.69 -27.92 12.54
N ALA XB 82 -62.72 -26.69 12.04
CA ALA XB 82 -62.01 -26.35 10.83
C ALA XB 82 -60.58 -25.97 11.20
N THR XB 83 -59.85 -25.36 10.26
CA THR XB 83 -58.56 -24.77 10.61
C THR XB 83 -58.73 -23.71 11.69
N GLY XB 84 -59.81 -22.92 11.60
CA GLY XB 84 -60.21 -22.05 12.69
C GLY XB 84 -59.42 -20.76 12.78
N GLY XB 85 -59.78 -20.00 13.82
CA GLY XB 85 -59.05 -18.78 14.15
C GLY XB 85 -59.09 -17.77 13.03
N ASN XB 86 -57.92 -17.57 12.40
CA ASN XB 86 -57.85 -16.69 11.24
C ASN XB 86 -58.14 -17.44 9.94
N ARG XB 87 -57.74 -18.71 9.87
CA ARG XB 87 -57.87 -19.45 8.62
C ARG XB 87 -59.34 -19.77 8.40
N THR XB 88 -59.63 -20.55 7.35
CA THR XB 88 -61.00 -20.74 6.89
C THR XB 88 -61.86 -21.39 7.98
N LYS XB 89 -63.13 -21.00 8.00
CA LYS XB 89 -64.12 -21.65 8.86
C LYS XB 89 -64.69 -22.92 8.23
N THR XB 90 -64.34 -23.21 6.98
CA THR XB 90 -64.92 -24.34 6.26
C THR XB 90 -64.02 -25.57 6.41
N PRO XB 91 -64.54 -26.68 6.91
CA PRO XB 91 -63.73 -27.91 7.03
C PRO XB 91 -63.29 -28.41 5.66
N GLY XB 92 -62.12 -29.07 5.64
CA GLY XB 92 -61.52 -29.52 4.41
C GLY XB 92 -62.10 -30.83 3.91
N PRO XB 93 -61.60 -31.28 2.76
CA PRO XB 93 -62.14 -32.50 2.14
C PRO XB 93 -61.99 -33.75 2.99
N GLY XB 94 -61.03 -33.79 3.92
CA GLY XB 94 -60.77 -34.99 4.69
C GLY XB 94 -61.70 -35.19 5.86
N ALA XB 95 -62.94 -34.72 5.74
CA ALA XB 95 -63.93 -34.86 6.80
C ALA XB 95 -65.05 -35.82 6.44
N GLN XB 96 -65.51 -35.80 5.19
CA GLN XB 96 -66.60 -36.69 4.79
C GLN XB 96 -66.13 -38.14 4.76
N SER XB 97 -64.99 -38.39 4.12
CA SER XB 97 -64.50 -39.76 3.98
C SER XB 97 -64.12 -40.37 5.32
N ALA XB 98 -63.43 -39.61 6.18
CA ALA XB 98 -63.05 -40.12 7.48
C ALA XB 98 -64.28 -40.45 8.32
N LEU XB 99 -65.30 -39.60 8.26
CA LEU XB 99 -66.53 -39.87 9.01
C LEU XB 99 -67.35 -41.00 8.37
N ARG XB 100 -67.19 -41.21 7.06
CA ARG XB 100 -67.88 -42.33 6.42
C ARG XB 100 -67.36 -43.67 6.93
N ALA XB 101 -66.04 -43.81 7.01
CA ALA XB 101 -65.46 -45.08 7.45
C ALA XB 101 -65.77 -45.35 8.91
N LEU XB 102 -65.66 -44.33 9.77
CA LEU XB 102 -65.97 -44.51 11.19
C LEU XB 102 -67.45 -44.76 11.41
N ALA XB 103 -68.27 -44.56 10.39
CA ALA XB 103 -69.67 -44.97 10.47
C ALA XB 103 -69.86 -46.39 9.93
N ARG XB 104 -69.12 -46.74 8.87
CA ARG XB 104 -69.24 -48.09 8.29
C ARG XB 104 -68.61 -49.16 9.18
N SER XB 105 -67.59 -48.81 9.96
CA SER XB 105 -66.95 -49.78 10.83
C SER XB 105 -67.86 -50.25 11.96
N GLY XB 106 -68.96 -49.55 12.21
CA GLY XB 106 -69.93 -49.96 13.21
C GLY XB 106 -69.84 -49.22 14.53
N MET XB 107 -68.86 -48.33 14.71
CA MET XB 107 -68.77 -47.58 15.95
C MET XB 107 -69.94 -46.62 16.10
N LYS XB 108 -70.36 -46.44 17.34
CA LYS XB 108 -71.51 -45.58 17.64
C LYS XB 108 -71.11 -44.12 17.64
N ILE XB 109 -71.92 -43.30 16.97
CA ILE XB 109 -71.69 -41.86 16.86
C ILE XB 109 -73.00 -41.15 17.18
N GLY XB 110 -72.94 -40.21 18.13
CA GLY XB 110 -74.15 -39.55 18.60
C GLY XB 110 -74.21 -38.07 18.31
N ARG XB 111 -74.06 -37.26 19.35
CA ARG XB 111 -74.18 -35.81 19.23
C ARG XB 111 -73.07 -35.24 18.35
N ILE XB 112 -73.36 -34.11 17.71
CA ILE XB 112 -72.41 -33.43 16.84
C ILE XB 112 -72.35 -31.97 17.24
N GLU XB 113 -71.14 -31.43 17.34
CA GLU XB 113 -70.91 -30.03 17.70
C GLU XB 113 -69.91 -29.41 16.76
N ASP XB 114 -69.85 -28.08 16.78
CA ASP XB 114 -68.78 -27.32 16.14
C ASP XB 114 -68.09 -26.49 17.22
N VAL XB 115 -66.81 -26.76 17.45
CA VAL XB 115 -66.03 -26.01 18.44
C VAL XB 115 -64.86 -25.35 17.73
N THR XB 116 -65.05 -25.00 16.46
CA THR XB 116 -64.04 -24.27 15.72
C THR XB 116 -63.78 -22.93 16.41
N PRO XB 117 -62.52 -22.53 16.60
CA PRO XB 117 -62.25 -21.22 17.21
C PRO XB 117 -62.74 -20.08 16.33
N ILE XB 118 -63.75 -19.35 16.78
CA ILE XB 118 -64.29 -18.24 16.00
C ILE XB 118 -64.04 -16.93 16.75
N PRO XB 119 -63.01 -16.18 16.39
CA PRO XB 119 -62.70 -14.94 17.12
C PRO XB 119 -63.77 -13.88 16.94
N SER XB 120 -63.90 -13.02 17.95
CA SER XB 120 -64.56 -11.73 17.73
C SER XB 120 -63.84 -10.98 16.62
N ASP XB 121 -62.52 -10.84 16.75
CA ASP XB 121 -61.64 -10.53 15.63
C ASP XB 121 -60.23 -10.92 16.04
N SER XB 122 -59.65 -11.89 15.34
CA SER XB 122 -58.29 -12.28 15.63
C SER XB 122 -57.36 -11.22 15.04
N THR XB 123 -56.06 -11.46 15.10
CA THR XB 123 -55.09 -10.45 14.70
C THR XB 123 -54.96 -10.43 13.19
N ARG XB 124 -53.95 -9.73 12.69
CA ARG XB 124 -53.75 -9.62 11.25
C ARG XB 124 -53.50 -10.99 10.64
N ARG XB 125 -54.00 -11.17 9.41
CA ARG XB 125 -53.99 -12.46 8.74
C ARG XB 125 -52.77 -12.55 7.82
N LYS XB 126 -52.03 -13.68 7.98
CA LYS XB 126 -50.81 -13.96 7.19
C LYS XB 126 -51.10 -13.76 5.71
N GLY XB 127 -50.07 -13.81 4.89
CA GLY XB 127 -50.21 -13.44 3.47
C GLY XB 127 -49.72 -12.02 3.31
N GLY XB 128 -50.38 -11.01 3.89
CA GLY XB 128 -50.06 -9.60 3.59
C GLY XB 128 -51.30 -8.90 3.07
N ARG XB 129 -51.46 -8.72 1.74
CA ARG XB 129 -52.72 -8.15 1.17
C ARG XB 129 -52.69 -8.04 -0.37
N ARG XB 130 -51.58 -8.40 -1.05
CA ARG XB 130 -51.49 -8.13 -2.52
C ARG XB 130 -50.83 -9.22 -3.37
N GLY XB 131 -51.28 -9.36 -4.63
CA GLY XB 131 -50.70 -10.29 -5.63
C GLY XB 131 -50.96 -11.77 -5.40
N ARG XB 132 -50.83 -12.60 -6.37
CA ARG XB 132 -51.12 -13.99 -5.96
C ARG XB 132 -49.90 -14.80 -6.34
N ARG XB 133 -50.05 -15.64 -7.33
CA ARG XB 133 -48.94 -16.52 -7.71
C ARG XB 133 -48.86 -16.46 -9.24
ZN ZN YB . 17.61 0.94 61.83
ZN ZN ZB . 48.22 22.18 -45.70
ZN ZN AC . 20.51 -75.92 6.69
ZN ZN BC . -45.60 20.43 47.43
ZN ZN CC . -51.56 -30.51 -75.24
MG MG DC . -48.10 -33.72 -69.78
ZN ZN EC . -57.57 -15.03 -7.34
#